data_9RCW
#
_entry.id   9RCW
#
_cell.length_a   1.00
_cell.length_b   1.00
_cell.length_c   1.00
_cell.angle_alpha   90.00
_cell.angle_beta   90.00
_cell.angle_gamma   90.00
#
_symmetry.space_group_name_H-M   'P 1'
#
loop_
_entity.id
_entity.type
_entity.pdbx_description
1 polymer 'Nanobody 9657'
2 polymer 'Peptidyl-prolyl cis-trans isomerase FKBP1B'
3 polymer 'Ryanodine receptor 1'
4 non-polymer 'ZINC ION'
5 non-polymer "ADENOSINE-5'-TRIPHOSPHATE"
6 non-polymer CAFFEINE
7 non-polymer 'CALCIUM ION'
8 non-polymer '(2S)-3-(hexadecanoyloxy)-2-[(9Z)-octadec-9-enoyloxy]propyl 2-(trimethylammonio)ethyl phosphate'
#
loop_
_entity_poly.entity_id
_entity_poly.type
_entity_poly.pdbx_seq_one_letter_code
_entity_poly.pdbx_strand_id
1 'polypeptide(L)'
;QVQLQESGGGLMQAGGSLRLSCTASGSIFSINSMGWYRQAPGKQRELVATITSGNSINYADSVKGRFTISRDNAKNTVYL
QMNSLKPEDTAVYYCNADRVPNGYNPWGTPNDEYDYWGQGTQVTVS
;
H,K,D,B
2 'polypeptide(L)'
;GVEIETISPGDGRTFPKKGQTCVVHYTGMLQNGKKFDSSRDRNKPFKFRIGKQEVIKGFEEGAAQMSLGQRAKLTCTPDV
AYGATGHPGVIPPNATLIFDVELLNLE
;
I,L,E,F
3 'polypeptide(L)'
;VQFLRTDDEVVLQCSATVLKEQLKLCLAAEGFGNRLCFLEPTSNAQNVPPDLAICCFTLEQSLSVRALQEMLANTVEAGV
ESSQGGGHRTLLYGHAILLRHAHSRMYLSCLTTSRSMTDKLAFDVGLQEDATGEACWWTMHPASKQRSEGEKVRVGDDLI
LVSVSSERYLHLSTASGELQVDASFMQTLWNMNPICSCCEEGYVTGGHVLRLFHGHMDECLTISAADSDDQRRLVYYEGG
AVCTHARSLWRLEPLRISWSGSHLRWGQPLRIRHVTTGRYLALTEDQGLVVVDACKAHTKATSFCFRVSKEKLDTAPKRD
VEGMGPPEIKYGESLCFVQHVASGLWLTYAAPDPKALRLGVLKKKAILHQEGHMDDALFLTRCQQEESQAARMIHSTAGL
YNQFIKGLDSFSGKPRGSGPPAGPALPIEAVILSLQDLIGYFEPPSEELQHEEKQSKLRSLRNRQSLFQEEGMLSLVLNC
IDRLNVYTTAAHFAEYAGEEAAESWKEIVNLLYELLASLIRGNRANCALFSTNLDWVVSKLDRLEASSGILEVLYCVLIE
SPEVLNIIQENHIKSIISLLDKHGRNHKVLDVLCSLCVCNGVAVRSNQDLITENLLPGRELLLQTNLINYVTSIRPNIFV
GRAEGSTQYGKWYFEVMVDEVVPFLTAQATHLRVGWALTEGYSPYPGGGEGWGGNGVGDDLYSYGFDGLHLWTGHVARPV
TSPGQHLLAPEDVVSCCLDLSVPSISFRINGCPVQGVFEAFNLDGLFFPVVSFSAGVKVRFLLGGRHGEFKFLPPPGYAP
CHEAVLPRERLRLEPIKEYRREGPRGPHLVGPSRCLSHTDFVPCPVDTVQIVLPPHLERIREKLAENIHELWALTRIEQG
WTYGPVRDDNKRLHPCLVNFHSLPEPERNYNLQMSGETLKTLLALGCHVGMADEKAEDNLKKTKLPKTYMMSNGYKPAPL
DLSHVRLTPAQTTLVDRLAENGHNVWARDRVAQGWSYSAVQDIPARRNPRLVPYRLLDEATKRSNRDSLCQAVRTLLGYG
YNIEPPDQEPSQVENQSRWDRVRIFRAEKSYTVQSGRWYFEFEAVTTGEMRVGWARPELRPDVELGADELAYVFNGHRGQ
RWHLGSEPFGRPWQSGDVVGCMIDLTENTIIFTLNGEVLMSDSGSETAFREIEIGDGFLPVCSLGPGQVGHLNLGQDVSS
LRFFAICGLQEGFEPFAINMQRPVTTWFSKSLPQFEPVPPEHPHYEVARMDGTVDTPPCLRLAHRTWGSQNSLVEMLFLR
LSLPVQFHQHFRCTAGATPLAPPGLQPPAEDEARAAEPDPDYENLRRSAGGWGEAEGGKEGTAKEGTPGGTPQPGVEAQP
VRAENEKDATTEKNKKRGFLFKAKKAAMMTQPPATPALPRLPHDVVPADNRDDPEIILNTTTYYYSVRVFAGQEPSCVWV
GWVTPDYHQHDMNFDLSKVRAVTVTMGDEQGNVHSSLKCSNCYMVWGGDFVSPGQQGRISHTDLVIGCLVDLATGLMTFT
ANGKESNTFFQVEPNTKLFPAVFVLPTHQNVIQFELGKQKNIMPLSAAMFLSERKNPAPQCPPRLEVQMLMPVSWSRMPN
HFLQVETRRAGERLGWAVQCQDPLTMMALHIPEENRCMDILELSERLDLQRFHSHTLRLYRAVCALGNNRVAHALCSHVD
QAQLLHALEDAHLPGPLRAGYYDLLISIHLESACRSRRSMLSEYIVPLTPETRAITLFPPGRKGGNARRHGLPGVGVTTS
LRPPHHFSPPCFVAALPAAGVAEAPARLSPAIPLEALRDKALRMLGEAVRDGGQHARDPVGGSVEFQFVPVLKLVSTLLV
MGIFGDEDVKQILKMIEPEVFTEEEEEEEEEEEEEEEEEEDEEEKEEDEEEEEKEDAEKEEEEAPEGEKEDLEEGLLQMK
LPESVKLQMCNLLEYFCDQELQHRVESLAAFAERYVDKLQANQRSRYALLMRAFTMSAAETARRTREFRSPPQEQINMLL
HFKDEADEEDCPLPEDIRQDLQDFHQDLLAHCGIQLEGEEEEPEEETSLSSRLRSLLETVRLVKKKEEKPEEELPAEEKK
PQSLQELVSHMVVRWAQEDYVQSPELVRAMFSLLHRQYDGLGELLRALPRAYTISPSSVEDTMSLLECLGQIRSLLIVQM
GPQEENLMIQSIGNIMNNKVFYQHPNLMRALGMHETVMEVMVNVLGGGETKEIRFPKMVTSCCRFLCYFCRISRQNQRSM
FDHLSYLLENSGIGLGMQGSTPLDVAAASVIDNNELALALQEQDLEKVVSYLAGCGLQSCPMLLAKGYPDIGWNPCGGER
YLDFLRFAVFVNGESVEENANVVVRLLIRKPECFGPALRGEGGSGLLAAIEEAIRISEDPARDGPGVRRDRRREHFGEEP
PEENRVHLGHAIMSFYAALIDLLGRCAPEMHLIQAGKGEALRIRAILRSLVPLDDLVGIISLPLQIPTLGKDGALVQPKM
SASFVPDHKASMVLFLDRVYGIENQDFLLHVLDVGFLPDMRAAASLDTATFSTTEMALALNRYLCLAVLPLITKCAPLFA
GTEHRAIMVDSMLHTVYRLSRGRSLTKAQRDVIEDCLMALCRYIRPSMLQHLLRRLVFDVPILNEFAKMPLKLLTNHYER
CWKYYCLPTGWANFGVTSEEELHLTRKLFWGIFDSLAHKKYDQELYRMAMPCLCAIAGALPPDYVDASYSSKAEKKATVD
AEGNFDPRPVETLNVIIPEKLDSFINKFAEYTHEKWAFDKIQNNWSYGENVDEELKTHPMLRPYKTFSEKDKEIYRWPIK
ESLKAMIAWEWTIEKAREGEEERTEKKKTRKISQTAQTYDPREGYNPQPPDLSGVTLSRELQAMAEQLAENYHNTWGRKK
KQELEAKGGGTHPLLVPYDTLTAKEKARDREKAQELLKFLQMNGYAVTRGLKDMELDTSSIEKRFAFGFLQQLLRWMDIS
QEFIAHLEAVVSSGRVEKSPHEQEIKFFAKILLPLINQYFTNHCLYFLSTPAKVLGSGGHASNKEKEMITSLFCKLAALV
RHRVSLFGTDAPAVVNCLHILARSLDARTVMKSGPEIVKAGLRSFFESASEDIEKMVENLRLGKVSQARTQVKGVGQNLT
YTTVALLPVLTTLFQHIAQHQFGDDVILDDVQVSCYRTLCSIYSLGTTKNTYVEKLRPALGECLARLAAAMPVAFLEPQL
NEYNACSVYTTKSPRERAILGLPNSVEEMCPDIPVLDRLMADIGGLAESGARYTEMPHVIEITLPMLCSYLPRWWERGPE
APPPALPAGAPPPCTAVTSDHLNSLLGNILRIIVNNLGIDEATWMKRLAVFAQPIVSRARPELLHSHFIPTIGRLRKRAG
KVVAEEEQLRLEAKAEAEEGELLVRDEFSVLCRDLYALYPLLIRYVDNNRAHWLTEPNANAEELFRMVGEIFIYWSKSHN
FKREEQNFVVQNEINNMSFLTADSKSKMAKAGDAQSGGSDQERTKKKRRGDRYSVQTSLIVATLKKMLPIGLNMCAPTDQ
DLIMLAKTRYALKDTDEEVREFLQNNLHLQGKVEGSPSLRWQMALYRGLPGREEDADDPEKIVRRVQEVSAVLYHLEQTE
HPYKSKKAVWHKLLSKQRRRAVVACFRMTPLYNLPTHRACNMFLESYKAAWILTEDHSFEDRMIDDLSKAGEQEEEEEEV
EEKKPDPLHQLVLHFSRTALTEKSKLDEDYLYMAYADIMAKSCHLEEGGENGEAEEEEVEVSFEEKEMEKQRLLYQQSRL
HTRGAAEMVLQMISACKGETGAMVSSTLKLGISILNGGNAEVQQKMLDYLKDKKEVGFFQSIQALMQTCSVLDLNAFERQ
NKAEGLGMVNEDGTVINRQNGEKVMADDEFTQDLFRFLQLLCEGHNNDFQNYLRTQTGNTTTINIIICTVDYLLRLQESI
SDFYWYYSGKDVIEEQGKRNFSKAMSVAKQVFNSLTEYIQGPCTGNQQSLAHSRLWDAVVGFLHVFAHMMMKLAQDSSQI
ELLKELLDLQKDMVVMLLSLLEGNVVNGMIARQMVDMLVESSSNVEMILKFFDMFLKLKDIVGSEAFQDYVTDPRGLISK
KDFQKAMDSQKQFTGPEIQFLLSCSEADENEMINFEEFANRFQEPARDIGFNVAVLLTNLSEHVPHDPRLRNFLELAESI
LEYFRPYLGRIEIMGASRRIERIYFEISETNRAQWEMPQVKESKRQFIFDVVNEGGEAEKMELFVSFCEDTIFEMQIAAQ
ISEPEGEPEADEDEGMGEAAAEGAEEGAAGAEGAAGTVAAGATARLAAAAARALRGLSYRSLRRRVRRLRRLTAREAATA
LAALLWAVVARAGAAGAGAAAGALRLLWGSLFGGGLVEGAKKVTVTELLAGMPDPTSDEVHGEQPAGPGGDADGAGEGEG
EGDAAEGDGDEEVAGHEAGPGGAEGVVAVADGGPFRPEGAGGLGDMGDTTPAEPPTPEGSPILKRKLGVDGEEEELVPEP
EPEPEPEPEKADEENGEKEEVPEAPPEPPKKAPPSPPAKKEEAGGAGMEFWGELEVQRVKFLNYLSRNFYTLRFLALFLA
FAINFILLFYKVSDSPPGEDDMEGSAAGDLAGAGSGGGSGWGSGAGEEAEGDEDENMVYYFLEESTGYMEPALWCLSLLH
TLVAFLCIIGYNCLKVPLVIFKREKELARKLEFDGLYITEQPGDDDVKGQWDRLVLNTPSFPSNYWDKFVKRKVLDKHGD
IFGRERIAELLGMDLASLEITAHNERKPDPPPGLLTWLMSIDVKYQIWKFGVIFTDNSFLYLGWYMVMSLLGHYNNFFFA
AHLLDIAMGVKTLRTILSSVTHNGKQLVMTVGLLAVVVYLYTVVAFNFFRKFYNKSEDEDEPDMKCDDMMTCYLFHMYVG
VRAGGGIGDEIEDPAGDEYELYRVVFDITFFFFVIVILLAIIQGLIIDAFGELRDQQEQVKEDMETKCFICGIGSDYFDT
TPHGFETHTLEEHNLANYMFFLMYLINKDETEHTGQESYVWKMYQERCWDFFPAGDCFRKQYEDQLS
;
G,J,C,A
#
loop_
_chem_comp.id
_chem_comp.type
_chem_comp.name
_chem_comp.formula
ATP non-polymer ADENOSINE-5'-TRIPHOSPHATE 'C10 H16 N5 O13 P3'
CA non-polymer 'CALCIUM ION' 'Ca 2'
CFF non-polymer CAFFEINE 'C8 H10 N4 O2'
POV non-polymer '(2S)-3-(hexadecanoyloxy)-2-[(9Z)-octadec-9-enoyloxy]propyl 2-(trimethylammonio)ethyl phosphate' 'C42 H82 N O8 P'
ZN non-polymer 'ZINC ION' 'Zn 2'
#
# COMPACT_ATOMS: atom_id res chain seq x y z
N GLN A 1 95.87 -87.80 -89.65
CA GLN A 1 96.80 -88.46 -88.77
C GLN A 1 97.95 -89.02 -89.61
N VAL A 2 98.21 -90.32 -89.47
CA VAL A 2 99.08 -91.04 -90.39
C VAL A 2 98.45 -91.05 -91.78
N GLN A 3 99.08 -90.39 -92.73
CA GLN A 3 98.37 -89.71 -93.80
C GLN A 3 99.17 -90.03 -95.07
N LEU A 4 99.33 -91.33 -95.32
CA LEU A 4 100.38 -91.79 -96.24
C LEU A 4 99.94 -91.64 -97.68
N GLN A 5 100.91 -91.57 -98.59
CA GLN A 5 100.60 -91.41 -100.00
C GLN A 5 100.55 -92.77 -100.69
N GLU A 6 99.42 -93.06 -101.33
CA GLU A 6 99.24 -94.28 -102.11
C GLU A 6 99.42 -93.96 -103.59
N SER A 7 100.35 -94.65 -104.24
CA SER A 7 100.66 -94.42 -105.64
C SER A 7 101.28 -95.68 -106.21
N GLY A 8 101.69 -95.59 -107.47
CA GLY A 8 102.33 -96.70 -108.13
C GLY A 8 101.43 -97.34 -109.17
N GLY A 9 102.05 -97.98 -110.17
CA GLY A 9 101.29 -98.57 -111.24
C GLY A 9 100.71 -97.52 -112.17
N GLY A 10 99.62 -97.88 -112.83
CA GLY A 10 98.96 -96.98 -113.75
C GLY A 10 98.37 -97.77 -114.92
N LEU A 11 98.22 -97.07 -116.04
CA LEU A 11 97.73 -97.72 -117.25
C LEU A 11 98.83 -98.59 -117.84
N MET A 12 98.49 -99.82 -118.19
CA MET A 12 99.47 -100.77 -118.68
C MET A 12 98.74 -101.87 -119.45
N GLN A 13 99.49 -102.61 -120.25
CA GLN A 13 98.94 -103.75 -120.97
C GLN A 13 99.00 -105.00 -120.10
N ALA A 14 98.53 -106.12 -120.64
CA ALA A 14 98.53 -107.37 -119.90
C ALA A 14 99.94 -107.83 -119.59
N GLY A 15 100.14 -108.37 -118.39
CA GLY A 15 101.45 -108.80 -117.95
C GLY A 15 102.45 -107.67 -117.83
N GLY A 16 102.00 -106.51 -117.36
CA GLY A 16 102.88 -105.36 -117.24
C GLY A 16 103.63 -105.30 -115.93
N SER A 17 104.95 -105.23 -115.99
CA SER A 17 105.78 -105.17 -114.79
C SER A 17 105.65 -103.78 -114.19
N LEU A 18 104.92 -103.66 -113.09
CA LEU A 18 104.69 -102.37 -112.46
C LEU A 18 105.21 -102.40 -111.03
N ARG A 19 106.01 -101.38 -110.68
CA ARG A 19 106.49 -101.18 -109.32
C ARG A 19 105.59 -100.17 -108.64
N LEU A 20 104.68 -100.66 -107.81
CA LEU A 20 103.76 -99.81 -107.06
C LEU A 20 104.46 -99.37 -105.78
N SER A 21 105.11 -98.21 -105.84
CA SER A 21 105.83 -97.68 -104.70
C SER A 21 104.91 -96.74 -103.93
N CYS A 22 104.33 -97.26 -102.85
CA CYS A 22 103.50 -96.47 -101.95
C CYS A 22 104.38 -95.84 -100.89
N THR A 23 104.35 -94.52 -100.80
CA THR A 23 105.26 -93.78 -99.94
C THR A 23 104.59 -93.45 -98.62
N ALA A 24 105.32 -93.64 -97.53
CA ALA A 24 104.83 -93.30 -96.19
C ALA A 24 105.91 -92.55 -95.44
N SER A 25 105.53 -91.42 -94.85
CA SER A 25 106.43 -90.63 -94.03
C SER A 25 105.60 -89.84 -93.02
N GLY A 26 106.28 -89.14 -92.13
CA GLY A 26 105.60 -88.35 -91.12
C GLY A 26 104.82 -89.18 -90.12
N SER A 27 105.22 -90.42 -89.90
CA SER A 27 104.49 -91.34 -89.04
C SER A 27 105.45 -92.04 -88.10
N ILE A 28 105.25 -91.89 -86.80
CA ILE A 28 106.03 -92.63 -85.82
C ILE A 28 105.31 -93.93 -85.41
N PHE A 29 103.99 -93.90 -85.35
CA PHE A 29 103.19 -95.05 -84.94
C PHE A 29 102.81 -95.89 -86.16
N SER A 30 102.31 -97.10 -85.90
CA SER A 30 101.80 -98.01 -86.92
C SER A 30 102.85 -98.29 -88.00
N ILE A 31 104.05 -98.66 -87.55
CA ILE A 31 105.17 -98.92 -88.45
C ILE A 31 105.47 -100.41 -88.55
N ASN A 32 104.62 -101.26 -87.99
CA ASN A 32 104.90 -102.69 -87.97
C ASN A 32 104.52 -103.36 -89.28
N SER A 33 103.24 -103.31 -89.64
CA SER A 33 102.73 -103.95 -90.83
C SER A 33 102.22 -102.90 -91.81
N MET A 34 102.63 -103.01 -93.07
CA MET A 34 102.29 -102.06 -94.12
C MET A 34 101.54 -102.84 -95.20
N GLY A 35 100.22 -102.87 -95.08
CA GLY A 35 99.42 -103.71 -95.95
C GLY A 35 99.04 -103.03 -97.25
N TRP A 36 98.76 -103.87 -98.24
CA TRP A 36 98.27 -103.46 -99.55
C TRP A 36 96.89 -104.05 -99.77
N TYR A 37 95.94 -103.21 -100.18
CA TYR A 37 94.57 -103.60 -100.42
C TYR A 37 94.21 -103.22 -101.85
N ARG A 38 93.08 -103.74 -102.34
CA ARG A 38 92.77 -103.59 -103.76
C ARG A 38 91.28 -103.75 -103.94
N GLN A 39 90.63 -102.75 -104.54
CA GLN A 39 89.23 -102.86 -104.94
C GLN A 39 89.20 -103.34 -106.38
N ALA A 40 88.87 -104.62 -106.57
CA ALA A 40 88.55 -105.14 -107.87
C ALA A 40 87.21 -104.55 -108.34
N PRO A 41 86.95 -104.54 -109.64
CA PRO A 41 85.69 -103.96 -110.14
C PRO A 41 84.48 -104.66 -109.54
N GLY A 42 83.71 -103.93 -108.75
CA GLY A 42 82.57 -104.48 -108.04
C GLY A 42 82.95 -105.47 -106.96
N LYS A 43 84.01 -105.18 -106.20
CA LYS A 43 84.47 -106.06 -105.14
C LYS A 43 84.88 -105.21 -103.94
N GLN A 44 85.00 -105.88 -102.79
CA GLN A 44 85.40 -105.20 -101.56
C GLN A 44 86.91 -105.05 -101.52
N ARG A 45 87.44 -104.57 -100.40
CA ARG A 45 88.87 -104.30 -100.28
C ARG A 45 89.59 -105.63 -100.03
N GLU A 46 90.24 -106.15 -101.07
CA GLU A 46 90.93 -107.43 -101.00
C GLU A 46 92.39 -107.17 -100.68
N LEU A 47 92.90 -107.71 -99.58
CA LEU A 47 94.34 -107.52 -99.36
C LEU A 47 95.13 -108.43 -100.27
N VAL A 48 96.23 -107.89 -100.76
CA VAL A 48 97.06 -108.54 -101.75
C VAL A 48 98.41 -108.92 -101.14
N ALA A 49 99.03 -108.02 -100.38
CA ALA A 49 100.31 -108.32 -99.72
C ALA A 49 100.51 -107.33 -98.59
N THR A 50 100.68 -107.84 -97.37
CA THR A 50 100.95 -107.02 -96.19
C THR A 50 102.39 -107.26 -95.75
N ILE A 51 103.28 -106.36 -96.16
CA ILE A 51 104.66 -106.44 -95.71
C ILE A 51 104.72 -106.15 -94.22
N THR A 52 105.75 -106.67 -93.57
CA THR A 52 105.90 -106.55 -92.13
C THR A 52 107.36 -106.19 -91.86
N SER A 53 107.63 -105.70 -90.64
CA SER A 53 108.98 -105.26 -90.30
C SER A 53 109.97 -106.39 -90.50
N GLY A 54 111.13 -106.05 -91.05
CA GLY A 54 112.06 -107.06 -91.52
C GLY A 54 111.75 -107.60 -92.89
N ASN A 55 110.89 -106.92 -93.66
CA ASN A 55 110.54 -107.29 -95.03
C ASN A 55 109.93 -108.69 -95.07
N SER A 56 108.81 -108.85 -94.38
CA SER A 56 108.12 -110.13 -94.25
C SER A 56 106.80 -110.05 -95.01
N ILE A 57 106.74 -110.73 -96.15
CA ILE A 57 105.55 -110.73 -97.00
C ILE A 57 104.47 -111.60 -96.37
N ASN A 58 103.23 -111.12 -96.40
CA ASN A 58 102.09 -111.87 -95.90
C ASN A 58 101.33 -112.52 -97.05
N TYR A 59 100.86 -113.74 -96.82
CA TYR A 59 100.14 -114.54 -97.82
C TYR A 59 98.79 -114.96 -97.23
N ALA A 60 97.77 -114.14 -97.48
CA ALA A 60 96.41 -114.47 -97.07
C ALA A 60 95.44 -114.57 -98.24
N ASP A 61 95.62 -113.73 -99.27
CA ASP A 61 94.75 -113.75 -100.44
C ASP A 61 95.60 -113.39 -101.66
N SER A 62 95.35 -114.09 -102.77
CA SER A 62 96.07 -113.91 -104.03
C SER A 62 97.57 -114.16 -103.84
N VAL A 63 97.89 -115.30 -103.23
CA VAL A 63 99.27 -115.67 -103.04
C VAL A 63 99.92 -115.99 -104.38
N LYS A 64 99.13 -116.47 -105.35
CA LYS A 64 99.67 -116.86 -106.64
C LYS A 64 100.30 -115.70 -107.39
N GLY A 65 99.67 -114.52 -107.33
CA GLY A 65 100.24 -113.36 -107.98
C GLY A 65 101.61 -113.03 -107.43
N ARG A 66 102.55 -112.74 -108.33
CA ARG A 66 103.91 -112.36 -107.95
C ARG A 66 103.93 -110.88 -107.56
N PHE A 67 103.41 -110.65 -106.36
CA PHE A 67 103.35 -109.30 -105.81
C PHE A 67 104.73 -108.79 -105.40
N THR A 68 105.54 -109.64 -104.78
CA THR A 68 106.91 -109.31 -104.38
C THR A 68 106.99 -107.93 -103.71
N ILE A 69 106.40 -107.86 -102.53
CA ILE A 69 106.34 -106.62 -101.77
C ILE A 69 107.57 -106.51 -100.89
N SER A 70 108.12 -105.30 -100.79
CA SER A 70 109.31 -105.05 -99.98
C SER A 70 109.21 -103.68 -99.36
N ARG A 71 109.87 -103.51 -98.22
CA ARG A 71 109.84 -102.23 -97.51
C ARG A 71 111.04 -102.19 -96.58
N ASP A 72 111.55 -100.97 -96.35
CA ASP A 72 112.56 -100.72 -95.33
C ASP A 72 111.95 -99.82 -94.27
N ASN A 73 112.19 -100.16 -93.00
CA ASN A 73 111.67 -99.35 -91.91
C ASN A 73 112.42 -98.04 -91.74
N ALA A 74 113.54 -97.86 -92.45
CA ALA A 74 114.30 -96.61 -92.36
C ALA A 74 113.48 -95.42 -92.87
N LYS A 75 112.79 -95.59 -93.99
CA LYS A 75 111.95 -94.54 -94.55
C LYS A 75 110.48 -94.92 -94.60
N ASN A 76 110.13 -96.15 -94.24
CA ASN A 76 108.75 -96.66 -94.19
C ASN A 76 108.07 -96.66 -95.55
N THR A 77 108.83 -96.51 -96.64
CA THR A 77 108.25 -96.50 -97.98
C THR A 77 108.22 -97.93 -98.51
N VAL A 78 107.03 -98.38 -98.93
CA VAL A 78 106.83 -99.73 -99.43
C VAL A 78 106.82 -99.71 -100.95
N TYR A 79 107.22 -100.83 -101.55
CA TYR A 79 107.25 -100.98 -103.01
C TYR A 79 106.83 -102.39 -103.36
N LEU A 80 105.84 -102.49 -104.25
CA LEU A 80 105.19 -103.75 -104.60
C LEU A 80 105.53 -104.06 -106.05
N GLN A 81 106.27 -105.14 -106.28
CA GLN A 81 106.69 -105.52 -107.64
C GLN A 81 105.71 -106.48 -108.29
N MET A 82 104.58 -105.93 -108.70
CA MET A 82 103.51 -106.68 -109.34
C MET A 82 103.67 -106.71 -110.84
N ASN A 83 103.98 -107.89 -111.39
CA ASN A 83 103.96 -108.07 -112.83
C ASN A 83 102.67 -108.67 -113.36
N SER A 84 102.15 -109.71 -112.71
CA SER A 84 101.00 -110.41 -113.27
C SER A 84 99.82 -109.46 -113.36
N LEU A 85 99.34 -109.22 -114.58
CA LEU A 85 98.27 -108.27 -114.80
C LEU A 85 97.12 -109.03 -115.44
N LYS A 86 96.31 -109.65 -114.60
CA LYS A 86 95.11 -110.35 -115.01
C LYS A 86 94.00 -109.35 -115.32
N PRO A 87 92.96 -109.75 -116.05
CA PRO A 87 91.85 -108.81 -116.31
C PRO A 87 91.21 -108.26 -115.05
N GLU A 88 91.05 -109.07 -114.00
CA GLU A 88 90.51 -108.57 -112.74
C GLU A 88 91.45 -107.62 -112.03
N ASP A 89 92.71 -107.51 -112.48
CA ASP A 89 93.62 -106.50 -111.97
C ASP A 89 93.32 -105.12 -112.53
N THR A 90 92.42 -105.00 -113.51
CA THR A 90 91.95 -103.69 -113.95
C THR A 90 91.06 -103.15 -112.83
N ALA A 91 91.66 -102.37 -111.93
CA ALA A 91 91.05 -102.12 -110.63
C ALA A 91 91.82 -101.01 -109.95
N VAL A 92 91.49 -100.74 -108.69
CA VAL A 92 92.18 -99.70 -107.94
C VAL A 92 92.90 -100.32 -106.76
N TYR A 93 93.96 -99.64 -106.31
CA TYR A 93 94.87 -100.12 -105.29
C TYR A 93 94.89 -99.16 -104.11
N TYR A 94 95.24 -99.71 -102.94
CA TYR A 94 95.23 -98.94 -101.70
C TYR A 94 96.35 -99.42 -100.81
N CYS A 95 96.75 -98.55 -99.88
CA CYS A 95 97.94 -98.77 -99.06
C CYS A 95 97.61 -98.36 -97.63
N ASN A 96 97.57 -99.33 -96.71
CA ASN A 96 97.21 -99.05 -95.33
C ASN A 96 98.38 -99.36 -94.41
N ALA A 97 98.46 -98.61 -93.30
CA ALA A 97 99.50 -98.78 -92.31
C ALA A 97 98.87 -99.08 -90.95
N ASP A 98 99.40 -100.09 -90.26
CA ASP A 98 98.91 -100.47 -88.95
C ASP A 98 100.03 -101.17 -88.19
N ARG A 99 99.88 -101.22 -86.87
CA ARG A 99 100.88 -101.83 -86.00
C ARG A 99 100.46 -103.21 -85.51
N VAL A 100 99.53 -103.85 -86.22
CA VAL A 100 99.15 -105.24 -85.94
C VAL A 100 99.50 -106.08 -87.16
N PRO A 101 100.55 -106.91 -87.10
CA PRO A 101 100.87 -107.78 -88.23
C PRO A 101 99.72 -108.71 -88.56
N ASN A 102 99.50 -108.91 -89.85
CA ASN A 102 98.37 -109.73 -90.29
C ASN A 102 98.60 -111.19 -89.92
N GLY A 103 97.54 -111.87 -89.50
CA GLY A 103 97.66 -113.21 -89.00
C GLY A 103 98.21 -113.31 -87.60
N TYR A 104 98.13 -112.23 -86.82
CA TYR A 104 98.59 -112.26 -85.42
C TYR A 104 97.82 -111.16 -84.68
N ASN A 105 96.82 -111.56 -83.90
CA ASN A 105 96.02 -110.62 -83.12
C ASN A 105 95.48 -111.32 -81.90
N PRO A 106 96.21 -111.29 -80.78
CA PRO A 106 95.73 -111.90 -79.54
C PRO A 106 95.02 -110.95 -78.58
N TRP A 107 94.87 -109.68 -78.92
CA TRP A 107 94.29 -108.71 -78.00
C TRP A 107 92.77 -108.56 -78.20
N GLY A 108 92.36 -108.14 -79.39
CA GLY A 108 90.95 -107.90 -79.63
C GLY A 108 90.79 -107.02 -80.86
N THR A 109 89.56 -106.51 -80.99
CA THR A 109 89.17 -105.72 -82.16
C THR A 109 89.73 -104.29 -82.20
N PRO A 110 89.95 -103.57 -81.08
CA PRO A 110 90.57 -102.24 -81.20
C PRO A 110 91.92 -102.24 -81.89
N ASN A 111 92.73 -103.26 -81.65
CA ASN A 111 94.04 -103.33 -82.28
C ASN A 111 93.92 -103.41 -83.80
N ASP A 112 92.94 -104.18 -84.29
CA ASP A 112 92.65 -104.19 -85.72
C ASP A 112 92.11 -102.83 -86.16
N GLU A 113 91.32 -102.18 -85.30
CA GLU A 113 90.74 -100.89 -85.65
C GLU A 113 91.81 -99.83 -85.90
N TYR A 114 92.96 -99.94 -85.24
CA TYR A 114 94.07 -99.02 -85.51
C TYR A 114 94.64 -99.34 -86.89
N ASP A 115 94.27 -98.53 -87.88
CA ASP A 115 94.79 -98.68 -89.23
C ASP A 115 94.49 -97.41 -90.03
N TYR A 116 95.37 -97.10 -90.98
CA TYR A 116 95.35 -95.83 -91.69
C TYR A 116 95.37 -96.12 -93.19
N TRP A 117 94.22 -96.05 -93.85
CA TRP A 117 94.11 -96.41 -95.26
C TRP A 117 94.81 -95.36 -96.13
N GLY A 118 94.82 -95.64 -97.43
CA GLY A 118 95.51 -94.81 -98.40
C GLY A 118 94.58 -94.05 -99.33
N GLN A 119 95.22 -93.34 -100.27
CA GLN A 119 94.48 -92.51 -101.23
C GLN A 119 93.67 -93.35 -102.20
N GLY A 120 94.35 -94.17 -103.00
CA GLY A 120 93.70 -94.95 -104.02
C GLY A 120 94.11 -94.54 -105.43
N THR A 121 94.70 -95.47 -106.17
CA THR A 121 95.13 -95.20 -107.53
C THR A 121 94.78 -96.37 -108.43
N GLN A 122 94.58 -96.08 -109.71
CA GLN A 122 94.20 -97.11 -110.68
C GLN A 122 95.41 -97.78 -111.29
N VAL A 123 95.34 -99.11 -111.37
CA VAL A 123 96.24 -99.91 -112.20
C VAL A 123 95.37 -100.61 -113.22
N THR A 124 95.43 -100.17 -114.47
CA THR A 124 94.54 -100.63 -115.52
C THR A 124 95.26 -101.61 -116.43
N VAL A 125 94.61 -102.73 -116.73
CA VAL A 125 95.16 -103.79 -117.56
C VAL A 125 94.46 -103.76 -118.90
N SER A 126 95.24 -103.67 -119.97
CA SER A 126 94.69 -103.64 -121.32
C SER A 126 95.43 -104.62 -122.23
N GLY B 1 46.48 -49.69 -107.46
CA GLY B 1 47.07 -50.90 -107.99
C GLY B 1 47.46 -51.89 -106.90
N VAL B 2 47.28 -53.17 -107.18
CA VAL B 2 47.54 -54.21 -106.18
C VAL B 2 48.64 -55.12 -106.67
N GLU B 3 49.29 -55.78 -105.73
CA GLU B 3 50.24 -56.86 -106.01
C GLU B 3 49.56 -58.16 -105.63
N ILE B 4 49.05 -58.87 -106.63
CA ILE B 4 48.37 -60.14 -106.41
C ILE B 4 49.38 -61.27 -106.54
N GLU B 5 49.50 -62.09 -105.49
CA GLU B 5 50.42 -63.22 -105.49
C GLU B 5 49.63 -64.48 -105.14
N THR B 6 49.66 -65.47 -106.02
CA THR B 6 48.93 -66.70 -105.79
C THR B 6 49.53 -67.48 -104.63
N ILE B 7 48.67 -68.13 -103.85
CA ILE B 7 49.09 -68.93 -102.71
C ILE B 7 48.97 -70.42 -103.01
N SER B 8 47.76 -70.88 -103.35
CA SER B 8 47.53 -72.25 -103.77
C SER B 8 46.80 -72.22 -105.10
N PRO B 9 47.26 -72.97 -106.10
CA PRO B 9 46.61 -72.94 -107.41
C PRO B 9 45.19 -73.50 -107.35
N GLY B 10 44.36 -73.00 -108.25
CA GLY B 10 43.00 -73.49 -108.38
C GLY B 10 42.68 -73.95 -109.79
N ASP B 11 41.51 -73.55 -110.30
CA ASP B 11 41.17 -73.87 -111.68
C ASP B 11 42.04 -73.10 -112.65
N GLY B 12 42.25 -71.81 -112.40
CA GLY B 12 43.09 -70.99 -113.27
C GLY B 12 42.53 -70.75 -114.65
N ARG B 13 41.25 -71.02 -114.86
CA ARG B 13 40.68 -71.02 -116.20
C ARG B 13 39.40 -70.20 -116.31
N THR B 14 38.60 -70.12 -115.25
CA THR B 14 37.42 -69.27 -115.23
C THR B 14 37.71 -68.03 -114.39
N PHE B 15 37.78 -66.86 -115.05
CA PHE B 15 37.97 -65.60 -114.36
C PHE B 15 36.67 -64.80 -114.35
N PRO B 16 36.40 -64.06 -113.26
CA PRO B 16 35.15 -63.28 -113.20
C PRO B 16 35.08 -62.24 -114.30
N LYS B 17 33.90 -62.10 -114.88
CA LYS B 17 33.65 -61.10 -115.90
C LYS B 17 32.87 -59.93 -115.32
N LYS B 18 32.86 -58.83 -116.07
CA LYS B 18 32.18 -57.62 -115.60
C LYS B 18 30.66 -57.82 -115.68
N GLY B 19 30.00 -57.75 -114.54
CA GLY B 19 28.57 -57.97 -114.45
C GLY B 19 28.14 -59.24 -113.74
N GLN B 20 28.97 -59.79 -112.85
CA GLN B 20 28.65 -61.02 -112.14
C GLN B 20 28.93 -60.83 -110.65
N THR B 21 27.96 -61.19 -109.81
CA THR B 21 28.14 -61.16 -108.37
C THR B 21 28.93 -62.39 -107.93
N CYS B 22 30.18 -62.18 -107.54
CA CYS B 22 31.05 -63.27 -107.12
C CYS B 22 31.02 -63.40 -105.60
N VAL B 23 31.17 -64.64 -105.13
CA VAL B 23 31.17 -64.97 -103.71
C VAL B 23 32.59 -65.34 -103.31
N VAL B 24 33.12 -64.65 -102.30
CA VAL B 24 34.48 -64.85 -101.84
C VAL B 24 34.51 -64.85 -100.32
N HIS B 25 35.37 -65.69 -99.75
CA HIS B 25 35.68 -65.64 -98.33
C HIS B 25 37.17 -65.36 -98.18
N TYR B 26 37.52 -64.57 -97.17
CA TYR B 26 38.82 -63.92 -97.12
C TYR B 26 39.22 -63.70 -95.67
N THR B 27 40.49 -63.38 -95.48
CA THR B 27 41.02 -62.91 -94.19
C THR B 27 41.89 -61.70 -94.52
N GLY B 28 41.36 -60.51 -94.27
CA GLY B 28 42.07 -59.28 -94.59
C GLY B 28 42.95 -58.81 -93.45
N MET B 29 44.15 -58.34 -93.80
CA MET B 29 45.09 -57.80 -92.84
C MET B 29 45.61 -56.46 -93.31
N LEU B 30 46.36 -55.80 -92.41
CA LEU B 30 47.18 -54.65 -92.76
C LEU B 30 48.58 -55.14 -93.08
N GLN B 31 49.48 -54.21 -93.40
CA GLN B 31 50.84 -54.59 -93.76
C GLN B 31 51.58 -55.22 -92.58
N ASN B 32 51.15 -54.91 -91.35
CA ASN B 32 51.82 -55.44 -90.17
C ASN B 32 51.52 -56.93 -90.03
N GLY B 33 50.32 -57.37 -90.44
CA GLY B 33 49.92 -58.75 -90.25
C GLY B 33 48.66 -58.87 -89.42
N LYS B 34 47.68 -58.02 -89.72
CA LYS B 34 46.71 -57.58 -88.73
C LYS B 34 45.30 -58.09 -89.12
N LYS B 35 44.89 -59.18 -88.51
CA LYS B 35 43.59 -59.81 -88.80
C LYS B 35 42.48 -58.96 -88.20
N PHE B 36 41.77 -58.21 -89.03
CA PHE B 36 40.61 -57.44 -88.58
C PHE B 36 39.31 -57.79 -89.29
N ASP B 37 39.35 -58.15 -90.57
CA ASP B 37 38.14 -58.45 -91.34
C ASP B 37 38.29 -59.86 -91.86
N SER B 38 37.66 -60.83 -91.20
CA SER B 38 37.79 -62.24 -91.56
C SER B 38 36.40 -62.85 -91.73
N SER B 39 35.93 -62.92 -92.98
CA SER B 39 34.68 -63.60 -93.26
C SER B 39 34.75 -65.09 -92.93
N ARG B 40 35.95 -65.67 -92.91
CA ARG B 40 36.09 -67.04 -92.44
C ARG B 40 35.75 -67.16 -90.96
N ASP B 41 36.23 -66.21 -90.14
CA ASP B 41 35.88 -66.20 -88.73
C ASP B 41 34.39 -65.95 -88.54
N ARG B 42 33.82 -65.05 -89.34
CA ARG B 42 32.38 -64.79 -89.25
C ARG B 42 31.54 -65.90 -89.87
N ASN B 43 32.17 -66.86 -90.55
CA ASN B 43 31.50 -68.00 -91.20
C ASN B 43 30.50 -67.56 -92.26
N LYS B 44 30.67 -66.37 -92.81
CA LYS B 44 29.73 -65.81 -93.79
C LYS B 44 30.51 -65.24 -94.97
N PRO B 45 30.43 -65.86 -96.15
CA PRO B 45 31.12 -65.30 -97.32
C PRO B 45 30.47 -64.01 -97.78
N PHE B 46 31.22 -63.25 -98.58
CA PHE B 46 30.84 -61.93 -99.03
C PHE B 46 30.63 -61.93 -100.54
N LYS B 47 29.58 -61.23 -100.98
CA LYS B 47 29.21 -61.16 -102.38
C LYS B 47 29.49 -59.76 -102.92
N PHE B 48 29.99 -59.69 -104.15
CA PHE B 48 30.31 -58.40 -104.76
C PHE B 48 30.04 -58.42 -106.26
N ARG B 49 29.40 -57.36 -106.74
CA ARG B 49 29.28 -57.11 -108.17
C ARG B 49 30.54 -56.43 -108.68
N ILE B 50 31.02 -56.86 -109.85
CA ILE B 50 32.09 -56.18 -110.56
C ILE B 50 31.44 -55.27 -111.59
N GLY B 51 31.80 -53.99 -111.55
CA GLY B 51 31.17 -53.00 -112.40
C GLY B 51 30.47 -51.92 -111.60
N LYS B 52 29.76 -52.33 -110.54
CA LYS B 52 29.25 -51.38 -109.57
C LYS B 52 30.30 -50.96 -108.55
N GLN B 53 31.31 -51.79 -108.35
CA GLN B 53 32.37 -51.55 -107.36
C GLN B 53 31.79 -51.33 -105.96
N GLU B 54 30.83 -52.18 -105.58
CA GLU B 54 30.34 -52.19 -104.21
C GLU B 54 31.41 -52.65 -103.22
N VAL B 55 32.43 -53.36 -103.71
CA VAL B 55 33.57 -53.78 -102.91
C VAL B 55 34.69 -52.77 -103.16
N ILE B 56 35.69 -52.75 -102.26
CA ILE B 56 36.83 -51.88 -102.43
C ILE B 56 37.52 -52.19 -103.76
N LYS B 57 38.04 -51.14 -104.41
CA LYS B 57 38.41 -51.24 -105.82
C LYS B 57 39.60 -52.17 -106.02
N GLY B 58 40.59 -52.13 -105.13
CA GLY B 58 41.74 -53.01 -105.26
C GLY B 58 41.37 -54.48 -105.12
N PHE B 59 40.51 -54.79 -104.14
CA PHE B 59 39.99 -56.15 -104.00
C PHE B 59 39.21 -56.55 -105.24
N GLU B 60 38.45 -55.62 -105.82
CA GLU B 60 37.70 -55.93 -107.02
C GLU B 60 38.62 -56.29 -108.18
N GLU B 61 39.70 -55.53 -108.37
CA GLU B 61 40.64 -55.81 -109.45
C GLU B 61 41.33 -57.16 -109.23
N GLY B 62 41.83 -57.40 -108.02
CA GLY B 62 42.49 -58.68 -107.74
C GLY B 62 41.56 -59.86 -107.86
N ALA B 63 40.29 -59.66 -107.48
CA ALA B 63 39.31 -60.74 -107.56
C ALA B 63 38.95 -61.04 -109.01
N ALA B 64 38.88 -60.01 -109.84
CA ALA B 64 38.71 -60.24 -111.28
C ALA B 64 39.91 -61.00 -111.84
N GLN B 65 41.11 -60.70 -111.33
CA GLN B 65 42.31 -61.35 -111.87
C GLN B 65 42.53 -62.77 -111.34
N MET B 66 41.90 -63.17 -110.24
CA MET B 66 42.09 -64.56 -109.83
C MET B 66 40.99 -65.43 -110.43
N SER B 67 41.07 -66.73 -110.18
CA SER B 67 40.17 -67.73 -110.73
C SER B 67 39.50 -68.51 -109.61
N LEU B 68 38.49 -69.29 -109.98
CA LEU B 68 37.75 -70.11 -109.01
C LEU B 68 38.65 -71.20 -108.45
N GLY B 69 38.45 -71.50 -107.17
CA GLY B 69 39.22 -72.52 -106.48
C GLY B 69 40.61 -72.09 -106.06
N GLN B 70 41.00 -70.86 -106.35
CA GLN B 70 42.37 -70.40 -106.12
C GLN B 70 42.38 -69.25 -105.14
N ARG B 71 43.44 -69.21 -104.33
CA ARG B 71 43.65 -68.19 -103.31
C ARG B 71 44.85 -67.32 -103.66
N ALA B 72 44.73 -66.03 -103.37
CA ALA B 72 45.81 -65.10 -103.65
C ALA B 72 45.81 -64.00 -102.60
N LYS B 73 47.01 -63.52 -102.27
CA LYS B 73 47.17 -62.37 -101.41
C LYS B 73 47.21 -61.11 -102.26
N LEU B 74 46.24 -60.23 -102.04
CA LEU B 74 46.13 -58.97 -102.75
C LEU B 74 46.77 -57.90 -101.87
N THR B 75 47.93 -57.40 -102.28
CA THR B 75 48.60 -56.32 -101.57
C THR B 75 48.04 -55.00 -102.09
N CYS B 76 47.15 -54.39 -101.31
CA CYS B 76 46.40 -53.22 -101.74
C CYS B 76 47.12 -51.94 -101.33
N THR B 77 47.53 -51.18 -102.33
CA THR B 77 48.12 -49.86 -102.13
C THR B 77 47.07 -48.90 -101.56
N PRO B 78 47.47 -47.93 -100.73
CA PRO B 78 46.50 -47.00 -100.15
C PRO B 78 45.67 -46.20 -101.16
N ASP B 79 45.99 -46.24 -102.46
CA ASP B 79 45.15 -45.56 -103.43
C ASP B 79 43.80 -46.23 -103.63
N VAL B 80 43.59 -47.43 -103.07
CA VAL B 80 42.24 -48.00 -103.04
C VAL B 80 41.40 -47.16 -102.08
N ALA B 81 40.08 -47.24 -102.19
CA ALA B 81 39.22 -46.27 -101.51
C ALA B 81 39.26 -46.45 -99.99
N TYR B 82 38.72 -45.44 -99.31
CA TYR B 82 39.01 -45.07 -97.92
C TYR B 82 40.50 -45.23 -97.60
N GLY B 83 41.35 -44.88 -98.56
CA GLY B 83 42.78 -44.78 -98.30
C GLY B 83 43.15 -43.52 -97.56
N ALA B 84 42.26 -42.53 -97.56
CA ALA B 84 42.32 -41.38 -96.68
C ALA B 84 40.96 -41.22 -96.04
N THR B 85 40.93 -40.97 -94.73
CA THR B 85 39.71 -40.95 -93.93
C THR B 85 38.99 -42.30 -94.09
N GLY B 86 39.63 -43.31 -93.52
CA GLY B 86 39.16 -44.68 -93.64
C GLY B 86 37.94 -44.94 -92.77
N HIS B 87 37.50 -46.20 -92.81
CA HIS B 87 36.35 -46.64 -92.05
C HIS B 87 36.64 -46.46 -90.57
N PRO B 88 35.85 -45.69 -89.83
CA PRO B 88 36.21 -45.36 -88.45
C PRO B 88 36.16 -46.58 -87.54
N GLY B 89 37.12 -46.63 -86.61
CA GLY B 89 37.17 -47.65 -85.59
C GLY B 89 37.85 -48.94 -85.99
N VAL B 90 38.11 -49.16 -87.27
CA VAL B 90 38.71 -50.40 -87.75
C VAL B 90 40.06 -50.15 -88.42
N ILE B 91 40.17 -49.09 -89.22
CA ILE B 91 41.32 -48.85 -90.06
C ILE B 91 41.73 -47.39 -89.89
N PRO B 92 42.97 -47.09 -89.51
CA PRO B 92 43.40 -45.70 -89.45
C PRO B 92 43.35 -45.08 -90.83
N PRO B 93 43.18 -43.75 -90.91
CA PRO B 93 42.77 -43.14 -92.19
C PRO B 93 43.70 -43.41 -93.36
N ASN B 94 45.01 -43.45 -93.14
CA ASN B 94 45.97 -43.72 -94.21
C ASN B 94 46.79 -44.94 -93.85
N ALA B 95 46.57 -46.04 -94.56
CA ALA B 95 47.30 -47.29 -94.33
C ALA B 95 47.09 -48.20 -95.53
N THR B 96 47.85 -49.30 -95.54
CA THR B 96 47.84 -50.28 -96.61
C THR B 96 46.80 -51.37 -96.33
N LEU B 97 46.72 -52.36 -97.21
CA LEU B 97 45.88 -53.52 -96.97
C LEU B 97 46.53 -54.75 -97.60
N ILE B 98 46.12 -55.92 -97.11
CA ILE B 98 46.39 -57.20 -97.77
C ILE B 98 45.18 -58.10 -97.56
N PHE B 99 44.91 -58.97 -98.54
CA PHE B 99 43.74 -59.84 -98.49
C PHE B 99 44.09 -61.20 -99.06
N ASP B 100 44.14 -62.24 -98.21
CA ASP B 100 44.44 -63.58 -98.67
C ASP B 100 43.21 -64.31 -99.22
N VAL B 101 42.51 -63.67 -100.15
CA VAL B 101 41.18 -64.10 -100.54
C VAL B 101 41.28 -65.25 -101.55
N GLU B 102 40.41 -66.25 -101.38
CA GLU B 102 40.19 -67.27 -102.39
C GLU B 102 38.78 -67.17 -102.93
N LEU B 103 38.61 -67.52 -104.20
CA LEU B 103 37.30 -67.54 -104.82
C LEU B 103 36.74 -68.96 -104.83
N LEU B 104 35.47 -69.10 -104.51
CA LEU B 104 34.80 -70.40 -104.47
C LEU B 104 33.42 -70.28 -105.09
N ASN B 105 33.14 -71.15 -106.07
CA ASN B 105 31.83 -71.27 -106.70
C ASN B 105 31.39 -69.93 -107.31
N LEU B 106 32.17 -69.53 -108.31
CA LEU B 106 31.94 -68.28 -109.01
C LEU B 106 30.56 -68.25 -109.66
N GLU B 107 29.81 -67.19 -109.38
CA GLU B 107 28.50 -67.00 -110.00
C GLU B 107 28.62 -66.12 -111.25
N VAL C 1 28.53 -15.29 -4.55
CA VAL C 1 29.25 -16.47 -4.09
C VAL C 1 29.11 -17.60 -5.11
N GLN C 2 28.98 -17.23 -6.38
CA GLN C 2 28.85 -18.23 -7.43
C GLN C 2 30.14 -19.02 -7.59
N PHE C 3 30.00 -20.31 -7.87
CA PHE C 3 31.13 -21.19 -8.12
C PHE C 3 31.08 -21.67 -9.56
N LEU C 4 32.26 -21.94 -10.11
CA LEU C 4 32.32 -22.56 -11.43
C LEU C 4 31.72 -23.96 -11.37
N ARG C 5 31.01 -24.34 -12.43
CA ARG C 5 30.34 -25.62 -12.49
C ARG C 5 30.78 -26.36 -13.74
N THR C 6 30.52 -27.66 -13.75
CA THR C 6 30.77 -28.46 -14.94
C THR C 6 29.83 -28.03 -16.05
N ASP C 7 30.30 -28.18 -17.29
CA ASP C 7 29.50 -27.99 -18.50
C ASP C 7 29.09 -26.52 -18.67
N ASP C 8 30.05 -25.62 -18.47
CA ASP C 8 29.86 -24.21 -18.76
C ASP C 8 31.03 -23.70 -19.59
N GLU C 9 30.87 -22.52 -20.18
CA GLU C 9 31.89 -21.94 -21.03
C GLU C 9 32.71 -20.94 -20.21
N VAL C 10 34.03 -21.07 -20.29
CA VAL C 10 34.94 -20.37 -19.40
C VAL C 10 36.22 -20.08 -20.15
N VAL C 11 36.90 -18.99 -19.78
CA VAL C 11 38.14 -18.58 -20.42
C VAL C 11 39.27 -18.59 -19.41
N LEU C 12 40.45 -18.97 -19.86
CA LEU C 12 41.64 -19.04 -19.02
C LEU C 12 42.53 -17.83 -19.31
N GLN C 13 42.83 -17.06 -18.27
CA GLN C 13 43.60 -15.83 -18.40
C GLN C 13 44.77 -15.84 -17.43
N CYS C 14 45.77 -15.03 -17.75
CA CYS C 14 46.93 -14.85 -16.88
C CYS C 14 47.40 -13.42 -16.99
N SER C 15 47.80 -12.85 -15.85
CA SER C 15 48.28 -11.48 -15.80
C SER C 15 49.79 -11.49 -15.57
N ALA C 16 50.53 -10.87 -16.47
CA ALA C 16 51.97 -10.75 -16.36
C ALA C 16 52.38 -9.31 -16.63
N THR C 17 53.35 -8.82 -15.86
CA THR C 17 53.82 -7.44 -15.97
C THR C 17 55.17 -7.45 -16.68
N VAL C 18 55.20 -6.92 -17.89
CA VAL C 18 56.42 -6.82 -18.67
C VAL C 18 56.59 -5.37 -19.13
N LEU C 19 57.81 -4.84 -18.98
CA LEU C 19 58.13 -3.45 -19.32
C LEU C 19 57.24 -2.47 -18.57
N LYS C 20 56.97 -2.78 -17.29
CA LYS C 20 56.11 -1.98 -16.43
C LYS C 20 54.69 -1.84 -17.00
N GLU C 21 54.25 -2.83 -17.77
CA GLU C 21 52.91 -2.87 -18.34
C GLU C 21 52.26 -4.18 -17.91
N GLN C 22 51.10 -4.08 -17.26
CA GLN C 22 50.43 -5.24 -16.69
C GLN C 22 49.51 -5.84 -17.74
N LEU C 23 50.11 -6.61 -18.65
CA LEU C 23 49.35 -7.26 -19.69
C LEU C 23 48.52 -8.41 -19.11
N LYS C 24 47.29 -8.55 -19.63
CA LYS C 24 46.42 -9.67 -19.31
C LYS C 24 46.20 -10.45 -20.59
N LEU C 25 46.68 -11.68 -20.64
CA LEU C 25 46.54 -12.52 -21.81
C LEU C 25 45.53 -13.62 -21.54
N CYS C 26 44.91 -14.12 -22.61
CA CYS C 26 43.99 -15.23 -22.53
C CYS C 26 44.46 -16.32 -23.49
N LEU C 27 44.43 -17.56 -23.02
CA LEU C 27 44.92 -18.67 -23.83
C LEU C 27 43.92 -18.99 -24.95
N ALA C 28 44.45 -19.41 -26.10
CA ALA C 28 43.62 -19.71 -27.25
C ALA C 28 44.40 -20.60 -28.20
N ALA C 29 43.68 -21.15 -29.18
CA ALA C 29 44.26 -21.97 -30.24
C ALA C 29 43.21 -22.22 -31.30
N GLU C 30 43.61 -22.08 -32.57
CA GLU C 30 42.65 -22.36 -33.64
C GLU C 30 42.40 -23.86 -33.78
N GLY C 31 43.36 -24.69 -33.37
CA GLY C 31 43.18 -26.13 -33.45
C GLY C 31 43.49 -26.72 -34.80
N PHE C 32 42.66 -26.43 -35.80
CA PHE C 32 42.78 -27.04 -37.11
C PHE C 32 43.92 -26.40 -37.88
N GLY C 33 44.92 -27.20 -38.24
CA GLY C 33 46.09 -26.72 -38.92
C GLY C 33 47.20 -26.27 -38.00
N ASN C 34 46.88 -25.95 -36.75
CA ASN C 34 47.88 -25.54 -35.77
C ASN C 34 47.32 -25.98 -34.42
N ARG C 35 47.75 -27.16 -33.96
CA ARG C 35 47.27 -27.66 -32.66
C ARG C 35 47.80 -26.82 -31.51
N LEU C 36 48.95 -26.17 -31.69
CA LEU C 36 49.60 -25.45 -30.60
C LEU C 36 48.75 -24.27 -30.15
N CYS C 37 48.86 -23.96 -28.85
CA CYS C 37 48.11 -22.87 -28.25
C CYS C 37 49.01 -21.67 -27.97
N PHE C 38 48.48 -20.49 -28.21
CA PHE C 38 49.14 -19.23 -27.92
C PHE C 38 48.14 -18.31 -27.24
N LEU C 39 48.65 -17.32 -26.53
CA LEU C 39 47.80 -16.42 -25.75
C LEU C 39 47.69 -15.07 -26.45
N GLU C 40 46.47 -14.64 -26.65
CA GLU C 40 46.39 -13.30 -27.18
C GLU C 40 46.06 -12.31 -26.08
N PRO C 41 46.52 -11.07 -26.18
CA PRO C 41 46.22 -10.10 -25.12
C PRO C 41 44.76 -9.68 -25.16
N THR C 42 44.09 -9.79 -24.01
CA THR C 42 42.76 -9.23 -23.85
C THR C 42 42.80 -7.78 -23.40
N SER C 43 43.94 -7.31 -22.92
CA SER C 43 44.10 -5.91 -22.58
C SER C 43 44.18 -5.07 -23.84
N ASN C 44 43.96 -3.76 -23.68
CA ASN C 44 43.95 -2.80 -24.79
C ASN C 44 42.91 -3.17 -25.84
N ALA C 45 41.73 -3.57 -25.37
CA ALA C 45 40.65 -3.92 -26.28
C ALA C 45 40.18 -2.71 -27.09
N GLN C 46 40.36 -1.51 -26.56
CA GLN C 46 39.92 -0.31 -27.25
C GLN C 46 40.70 -0.08 -28.54
N ASN C 47 42.02 -0.26 -28.49
CA ASN C 47 42.86 -0.09 -29.66
C ASN C 47 42.86 -1.36 -30.52
N VAL C 48 43.25 -2.47 -29.93
CA VAL C 48 43.28 -3.76 -30.61
C VAL C 48 42.29 -4.69 -29.90
N PRO C 49 41.10 -4.87 -30.46
CA PRO C 49 40.12 -5.77 -29.85
C PRO C 49 40.59 -7.20 -29.88
N PRO C 50 40.31 -7.98 -28.84
CA PRO C 50 40.80 -9.37 -28.78
C PRO C 50 40.02 -10.31 -29.68
N ASP C 51 40.36 -11.59 -29.61
CA ASP C 51 39.65 -12.64 -30.34
C ASP C 51 39.05 -13.61 -29.33
N LEU C 52 37.73 -13.72 -29.33
CA LEU C 52 37.02 -14.46 -28.30
C LEU C 52 36.46 -15.79 -28.79
N ALA C 53 36.42 -16.01 -30.12
CA ALA C 53 35.77 -17.21 -30.64
C ALA C 53 36.59 -18.47 -30.37
N ILE C 54 37.91 -18.35 -30.25
CA ILE C 54 38.80 -19.49 -30.09
C ILE C 54 39.45 -19.55 -28.72
N CYS C 55 39.16 -18.60 -27.84
CA CYS C 55 39.73 -18.58 -26.50
C CYS C 55 38.79 -19.13 -25.44
N CYS C 56 37.58 -19.55 -25.81
CA CYS C 56 36.59 -20.03 -24.87
C CYS C 56 36.61 -21.56 -24.81
N PHE C 57 36.35 -22.08 -23.62
CA PHE C 57 36.57 -23.49 -23.30
C PHE C 57 35.40 -24.00 -22.47
N THR C 58 34.99 -25.24 -22.75
CA THR C 58 33.88 -25.87 -22.04
C THR C 58 34.42 -26.94 -21.11
N LEU C 59 34.04 -26.87 -19.84
CA LEU C 59 34.36 -27.94 -18.91
C LEU C 59 33.56 -29.19 -19.25
N GLU C 60 34.20 -30.35 -19.16
CA GLU C 60 33.53 -31.62 -19.41
C GLU C 60 33.38 -32.46 -18.16
N GLN C 61 34.47 -32.69 -17.43
CA GLN C 61 34.43 -33.44 -16.19
C GLN C 61 35.37 -32.80 -15.20
N SER C 62 35.04 -32.93 -13.92
CA SER C 62 35.84 -32.42 -12.81
C SER C 62 36.15 -33.54 -11.84
N LEU C 63 36.60 -34.66 -12.40
CA LEU C 63 36.70 -35.90 -11.66
C LEU C 63 37.83 -35.84 -10.63
N SER C 64 37.71 -36.67 -9.60
CA SER C 64 38.75 -36.78 -8.59
C SER C 64 39.91 -37.62 -9.13
N VAL C 65 41.01 -37.61 -8.38
CA VAL C 65 42.23 -38.24 -8.87
C VAL C 65 42.08 -39.76 -8.95
N ARG C 66 41.58 -40.37 -7.87
CA ARG C 66 41.42 -41.83 -7.87
C ARG C 66 40.42 -42.28 -8.92
N ALA C 67 39.30 -41.55 -9.03
CA ALA C 67 38.33 -41.88 -10.06
C ALA C 67 38.90 -41.68 -11.45
N LEU C 68 39.83 -40.74 -11.60
CA LEU C 68 40.52 -40.57 -12.88
C LEU C 68 41.33 -41.81 -13.21
N GLN C 69 42.09 -42.32 -12.25
CA GLN C 69 42.87 -43.53 -12.51
C GLN C 69 41.97 -44.70 -12.86
N GLU C 70 40.83 -44.81 -12.18
CA GLU C 70 39.92 -45.91 -12.48
C GLU C 70 39.29 -45.78 -13.86
N MET C 71 38.92 -44.56 -14.24
CA MET C 71 38.35 -44.34 -15.56
C MET C 71 39.37 -44.63 -16.65
N LEU C 72 40.63 -44.25 -16.41
CA LEU C 72 41.70 -44.57 -17.34
C LEU C 72 41.88 -46.09 -17.45
N ALA C 73 41.83 -46.79 -16.33
CA ALA C 73 42.01 -48.24 -16.35
C ALA C 73 40.84 -48.93 -17.05
N ASN C 74 39.66 -48.36 -17.00
CA ASN C 74 38.51 -48.93 -17.70
C ASN C 74 38.53 -48.56 -19.17
N GLY C 87 24.55 -34.13 -14.96
CA GLY C 87 25.71 -33.97 -14.10
C GLY C 87 25.79 -32.61 -13.44
N HIS C 88 26.61 -31.74 -14.03
CA HIS C 88 26.81 -30.37 -13.54
C HIS C 88 27.30 -30.37 -12.09
N ARG C 89 28.44 -30.99 -11.87
CA ARG C 89 29.07 -31.03 -10.56
C ARG C 89 29.73 -29.68 -10.28
N THR C 90 30.45 -29.60 -9.17
CA THR C 90 31.18 -28.39 -8.81
C THR C 90 32.64 -28.74 -8.61
N LEU C 91 33.52 -27.80 -8.97
CA LEU C 91 34.95 -28.05 -8.93
C LEU C 91 35.51 -27.77 -7.54
N LEU C 92 36.48 -28.60 -7.14
CA LEU C 92 37.18 -28.44 -5.87
C LEU C 92 38.67 -28.62 -6.12
N TYR C 93 39.48 -28.00 -5.26
CA TYR C 93 40.92 -28.14 -5.40
C TYR C 93 41.33 -29.59 -5.22
N GLY C 94 42.33 -30.01 -5.99
CA GLY C 94 42.76 -31.39 -6.01
C GLY C 94 42.09 -32.23 -7.08
N HIS C 95 41.02 -31.73 -7.69
CA HIS C 95 40.35 -32.43 -8.78
C HIS C 95 41.05 -32.15 -10.10
N ALA C 96 41.04 -33.15 -10.97
CA ALA C 96 41.57 -32.99 -12.31
C ALA C 96 40.41 -32.81 -13.29
N ILE C 97 40.61 -31.96 -14.29
CA ILE C 97 39.51 -31.52 -15.13
C ILE C 97 39.83 -31.80 -16.60
N LEU C 98 38.78 -31.79 -17.41
CA LEU C 98 38.88 -31.98 -18.84
C LEU C 98 38.27 -30.78 -19.54
N LEU C 99 39.03 -30.17 -20.44
CA LEU C 99 38.61 -28.96 -21.15
C LEU C 99 38.46 -29.26 -22.63
N ARG C 100 37.33 -28.84 -23.19
CA ARG C 100 37.04 -29.01 -24.61
C ARG C 100 36.99 -27.65 -25.28
N HIS C 101 37.53 -27.59 -26.50
CA HIS C 101 37.54 -26.34 -27.23
C HIS C 101 36.14 -26.03 -27.75
N ALA C 102 35.86 -24.74 -27.93
CA ALA C 102 34.53 -24.35 -28.38
C ALA C 102 34.37 -24.58 -29.87
N HIS C 103 35.19 -23.91 -30.68
CA HIS C 103 35.08 -24.05 -32.12
C HIS C 103 35.57 -25.42 -32.59
N SER C 104 36.62 -25.94 -31.95
CA SER C 104 37.30 -27.12 -32.44
C SER C 104 36.69 -28.42 -31.96
N ARG C 105 36.02 -28.40 -30.81
CA ARG C 105 35.49 -29.61 -30.16
C ARG C 105 36.60 -30.60 -29.83
N MET C 106 37.83 -30.11 -29.68
CA MET C 106 38.99 -30.93 -29.35
C MET C 106 39.46 -30.63 -27.94
N TYR C 107 39.87 -31.66 -27.23
CA TYR C 107 40.20 -31.53 -25.82
C TYR C 107 41.61 -31.02 -25.65
N LEU C 108 41.77 -29.99 -24.83
CA LEU C 108 43.10 -29.40 -24.61
C LEU C 108 44.00 -30.41 -23.93
N SER C 109 45.30 -30.32 -24.23
CA SER C 109 46.21 -31.39 -23.89
C SER C 109 47.61 -30.83 -23.68
N CYS C 110 48.47 -31.65 -23.08
CA CYS C 110 49.90 -31.39 -23.02
C CYS C 110 50.59 -32.37 -23.98
N LEU C 111 51.31 -31.84 -24.95
CA LEU C 111 51.92 -32.65 -26.00
C LEU C 111 53.36 -32.99 -25.64
N THR C 112 53.88 -34.01 -26.32
CA THR C 112 55.28 -34.41 -26.14
C THR C 112 56.25 -33.58 -26.95
N THR C 113 55.76 -32.83 -27.94
CA THR C 113 56.63 -31.95 -28.71
C THR C 113 57.13 -30.80 -27.84
N SER C 114 58.31 -30.30 -28.18
CA SER C 114 59.03 -29.34 -27.34
C SER C 114 59.61 -28.20 -28.16
N ARG C 115 58.79 -27.57 -29.00
CA ARG C 115 59.29 -26.45 -29.81
C ARG C 115 59.65 -25.23 -28.97
N SER C 116 59.27 -25.21 -27.69
CA SER C 116 59.75 -24.16 -26.78
C SER C 116 61.24 -24.38 -26.53
N MET C 117 62.07 -23.54 -27.13
CA MET C 117 63.52 -23.72 -27.04
C MET C 117 64.07 -23.34 -25.68
N THR C 118 63.34 -22.50 -24.92
CA THR C 118 63.91 -21.85 -23.75
C THR C 118 64.32 -22.86 -22.67
N ASP C 119 63.49 -23.88 -22.44
CA ASP C 119 63.74 -24.80 -21.34
C ASP C 119 63.52 -26.21 -21.87
N LYS C 120 64.46 -27.11 -21.56
CA LYS C 120 64.36 -28.49 -22.03
C LYS C 120 63.14 -29.18 -21.46
N LEU C 121 62.86 -28.96 -20.17
CA LEU C 121 61.72 -29.59 -19.52
C LEU C 121 60.40 -28.99 -19.95
N ALA C 122 60.42 -27.80 -20.55
CA ALA C 122 59.18 -27.16 -20.98
C ALA C 122 58.59 -27.91 -22.16
N PHE C 123 57.35 -28.36 -22.00
CA PHE C 123 56.65 -29.10 -23.04
C PHE C 123 55.62 -28.19 -23.71
N ASP C 124 55.27 -28.54 -24.93
CA ASP C 124 54.27 -27.78 -25.66
C ASP C 124 52.88 -28.12 -25.19
N VAL C 125 52.00 -27.13 -25.22
CA VAL C 125 50.59 -27.32 -24.89
C VAL C 125 49.79 -27.16 -26.17
N GLY C 126 49.02 -28.19 -26.53
CA GLY C 126 48.25 -28.17 -27.75
C GLY C 126 46.99 -28.99 -27.61
N LEU C 127 46.05 -28.75 -28.51
CA LEU C 127 44.80 -29.48 -28.51
C LEU C 127 45.02 -30.91 -29.00
N GLN C 128 44.13 -31.80 -28.57
CA GLN C 128 44.17 -33.20 -28.92
C GLN C 128 42.82 -33.60 -29.50
N GLU C 129 42.85 -34.48 -30.50
CA GLU C 129 41.61 -34.86 -31.20
C GLU C 129 40.64 -35.58 -30.27
N ASP C 130 41.15 -36.46 -29.42
CA ASP C 130 40.32 -37.25 -28.53
C ASP C 130 40.68 -36.93 -27.08
N ALA C 131 40.13 -37.71 -26.16
CA ALA C 131 40.41 -37.56 -24.74
C ALA C 131 40.70 -38.89 -24.05
N THR C 132 40.87 -39.98 -24.81
CA THR C 132 41.09 -41.28 -24.21
C THR C 132 42.40 -41.34 -23.44
N GLY C 133 43.41 -40.60 -23.88
CA GLY C 133 44.66 -40.55 -23.16
C GLY C 133 44.55 -39.72 -21.91
N GLU C 134 45.56 -39.85 -21.05
CA GLU C 134 45.63 -39.07 -19.82
C GLU C 134 46.22 -37.69 -20.04
N ALA C 135 46.53 -37.33 -21.29
CA ALA C 135 47.19 -36.07 -21.56
C ALA C 135 46.28 -34.86 -21.43
N CYS C 136 44.98 -35.07 -21.28
CA CYS C 136 44.01 -33.98 -21.32
C CYS C 136 43.39 -33.69 -19.96
N TRP C 137 44.10 -33.99 -18.88
CA TRP C 137 43.56 -33.82 -17.53
C TRP C 137 44.50 -32.94 -16.72
N TRP C 138 43.91 -32.06 -15.90
CA TRP C 138 44.65 -31.00 -15.23
C TRP C 138 44.18 -30.89 -13.80
N THR C 139 45.04 -31.27 -12.85
CA THR C 139 44.70 -31.19 -11.43
C THR C 139 44.97 -29.78 -10.93
N MET C 140 43.91 -29.06 -10.61
CA MET C 140 44.05 -27.72 -10.04
C MET C 140 44.47 -27.81 -8.57
N HIS C 141 45.19 -26.80 -8.12
CA HIS C 141 45.69 -26.72 -6.77
C HIS C 141 45.47 -25.33 -6.21
N PRO C 142 45.44 -25.19 -4.88
CA PRO C 142 45.20 -23.87 -4.29
C PRO C 142 46.36 -22.92 -4.55
N ALA C 143 46.02 -21.64 -4.68
CA ALA C 143 47.03 -20.62 -4.90
C ALA C 143 47.64 -20.17 -3.58
N SER C 144 46.80 -19.82 -2.62
CA SER C 144 47.23 -19.35 -1.30
C SER C 144 46.88 -20.37 -0.24
N LYS C 145 47.45 -20.18 0.96
CA LYS C 145 47.10 -21.02 2.09
C LYS C 145 45.66 -20.81 2.53
N GLN C 146 45.08 -19.64 2.23
CA GLN C 146 43.68 -19.39 2.56
C GLN C 146 42.76 -20.38 1.87
N ARG C 147 43.13 -20.84 0.68
CA ARG C 147 42.40 -21.88 -0.02
C ARG C 147 43.06 -23.22 0.26
N SER C 148 42.25 -24.21 0.59
CA SER C 148 42.75 -25.54 0.93
C SER C 148 42.22 -26.56 -0.07
N GLU C 149 42.97 -27.65 -0.22
CA GLU C 149 42.54 -28.73 -1.09
C GLU C 149 41.23 -29.32 -0.57
N GLY C 150 40.28 -29.53 -1.47
CA GLY C 150 38.95 -29.94 -1.09
C GLY C 150 37.97 -28.80 -0.87
N GLU C 151 38.34 -27.59 -1.26
CA GLU C 151 37.47 -26.43 -1.15
C GLU C 151 36.92 -26.06 -2.51
N LYS C 152 35.68 -25.60 -2.53
CA LYS C 152 35.04 -25.18 -3.77
C LYS C 152 35.75 -23.95 -4.33
N VAL C 153 35.86 -23.88 -5.66
CA VAL C 153 36.44 -22.73 -6.35
C VAL C 153 35.31 -21.84 -6.84
N ARG C 154 35.43 -20.56 -6.59
CA ARG C 154 34.40 -19.59 -6.98
C ARG C 154 34.84 -18.83 -8.22
N VAL C 155 33.89 -18.06 -8.78
CA VAL C 155 34.16 -17.30 -9.98
C VAL C 155 35.25 -16.27 -9.70
N GLY C 156 36.19 -16.13 -10.63
CA GLY C 156 37.30 -15.22 -10.44
C GLY C 156 38.24 -15.62 -9.33
N ASP C 157 38.57 -16.90 -9.23
CA ASP C 157 39.55 -17.40 -8.29
C ASP C 157 40.83 -17.76 -9.02
N ASP C 158 41.97 -17.36 -8.47
CA ASP C 158 43.25 -17.70 -9.05
C ASP C 158 43.75 -19.05 -8.54
N LEU C 159 44.33 -19.83 -9.45
CA LEU C 159 44.67 -21.20 -9.12
C LEU C 159 45.81 -21.66 -10.01
N ILE C 160 46.47 -22.73 -9.58
CA ILE C 160 47.64 -23.29 -10.27
C ILE C 160 47.21 -24.58 -10.93
N LEU C 161 47.22 -24.60 -12.26
CA LEU C 161 46.85 -25.78 -13.04
C LEU C 161 48.09 -26.64 -13.23
N VAL C 162 48.13 -27.78 -12.55
CA VAL C 162 49.24 -28.71 -12.65
C VAL C 162 48.82 -29.88 -13.51
N SER C 163 49.66 -30.25 -14.47
CA SER C 163 49.32 -31.29 -15.43
C SER C 163 49.25 -32.66 -14.77
N VAL C 164 48.42 -33.52 -15.35
CA VAL C 164 48.44 -34.94 -14.99
C VAL C 164 49.34 -35.72 -15.94
N SER C 165 49.40 -35.32 -17.22
CA SER C 165 50.25 -36.01 -18.17
C SER C 165 51.73 -35.86 -17.80
N SER C 166 52.17 -34.63 -17.58
CA SER C 166 53.58 -34.34 -17.41
C SER C 166 53.94 -33.88 -16.01
N GLU C 167 52.95 -33.75 -15.13
CA GLU C 167 53.16 -33.29 -13.75
C GLU C 167 53.87 -31.93 -13.74
N ARG C 168 53.46 -31.05 -14.64
CA ARG C 168 54.12 -29.78 -14.86
C ARG C 168 53.09 -28.66 -14.86
N TYR C 169 53.47 -27.51 -14.32
CA TYR C 169 52.56 -26.38 -14.26
C TYR C 169 52.28 -25.82 -15.66
N LEU C 170 51.15 -25.14 -15.78
CA LEU C 170 50.90 -24.27 -16.93
C LEU C 170 51.63 -22.96 -16.70
N HIS C 171 52.64 -22.69 -17.53
CA HIS C 171 53.54 -21.57 -17.31
C HIS C 171 53.53 -20.62 -18.50
N LEU C 172 53.63 -19.32 -18.17
CA LEU C 172 53.78 -18.26 -19.17
C LEU C 172 55.25 -17.99 -19.40
N SER C 173 55.78 -18.45 -20.53
CA SER C 173 57.15 -18.19 -20.90
C SER C 173 57.20 -16.92 -21.75
N THR C 174 57.72 -15.84 -21.17
CA THR C 174 57.86 -14.57 -21.85
C THR C 174 59.31 -14.21 -22.15
N ALA C 175 60.25 -15.11 -21.86
CA ALA C 175 61.66 -14.84 -22.18
C ALA C 175 61.87 -14.73 -23.68
N SER C 176 61.16 -15.55 -24.46
CA SER C 176 61.23 -15.46 -25.90
C SER C 176 60.67 -14.14 -26.42
N GLY C 177 59.78 -13.50 -25.66
CA GLY C 177 59.17 -12.27 -26.07
C GLY C 177 57.87 -12.43 -26.84
N GLU C 178 57.56 -13.64 -27.31
CA GLU C 178 56.27 -13.91 -27.93
C GLU C 178 55.19 -14.22 -26.92
N LEU C 179 55.53 -14.36 -25.64
CA LEU C 179 54.61 -14.72 -24.56
C LEU C 179 53.89 -16.03 -24.89
N GLN C 180 54.68 -17.10 -24.95
CA GLN C 180 54.14 -18.42 -25.23
C GLN C 180 53.73 -19.10 -23.94
N VAL C 181 52.97 -20.19 -24.09
CA VAL C 181 52.54 -21.02 -22.98
C VAL C 181 53.22 -22.37 -23.09
N ASP C 182 53.79 -22.85 -21.99
CA ASP C 182 54.45 -24.14 -21.98
C ASP C 182 54.30 -24.78 -20.61
N ALA C 183 54.35 -26.10 -20.59
CA ALA C 183 54.30 -26.86 -19.35
C ALA C 183 55.73 -26.94 -18.81
N SER C 184 56.08 -25.96 -17.98
CA SER C 184 57.38 -25.92 -17.31
C SER C 184 57.16 -25.72 -15.82
N PHE C 185 58.26 -25.71 -15.07
CA PHE C 185 58.15 -25.82 -13.63
C PHE C 185 58.10 -24.48 -12.91
N MET C 186 58.28 -23.38 -13.62
CA MET C 186 58.00 -22.08 -13.02
C MET C 186 56.50 -21.94 -12.86
N GLN C 187 56.01 -22.08 -11.63
CA GLN C 187 54.58 -22.08 -11.39
C GLN C 187 53.97 -20.75 -11.81
N THR C 188 52.78 -20.80 -12.39
CA THR C 188 52.14 -19.62 -12.93
C THR C 188 50.67 -19.64 -12.57
N LEU C 189 50.19 -18.54 -12.00
CA LEU C 189 48.80 -18.45 -11.61
C LEU C 189 47.91 -18.33 -12.84
N TRP C 190 46.65 -18.69 -12.68
CA TRP C 190 45.69 -18.63 -13.76
C TRP C 190 44.32 -18.26 -13.21
N ASN C 191 43.56 -17.54 -14.01
CA ASN C 191 42.22 -17.10 -13.66
C ASN C 191 41.23 -17.74 -14.61
N MET C 192 40.17 -18.31 -14.06
CA MET C 192 39.21 -19.10 -14.83
C MET C 192 37.87 -18.38 -14.75
N ASN C 193 37.54 -17.62 -15.79
CA ASN C 193 36.40 -16.70 -15.74
C ASN C 193 35.27 -17.20 -16.63
N PRO C 194 34.10 -17.53 -16.08
CA PRO C 194 33.00 -18.05 -16.90
C PRO C 194 32.33 -16.94 -17.70
N ILE C 195 32.32 -17.09 -19.03
CA ILE C 195 31.73 -16.06 -19.86
C ILE C 195 30.20 -16.07 -19.74
N CYS C 196 29.60 -17.24 -19.51
CA CYS C 196 28.15 -17.37 -19.45
C CYS C 196 27.67 -17.01 -18.06
N SER C 197 27.64 -15.71 -17.78
CA SER C 197 27.15 -15.23 -16.49
C SER C 197 25.67 -15.54 -16.31
N CYS C 198 24.89 -15.42 -17.38
CA CYS C 198 23.47 -15.75 -17.37
C CYS C 198 23.18 -16.70 -18.52
N CYS C 199 22.53 -17.82 -18.20
CA CYS C 199 22.23 -18.88 -19.16
C CYS C 199 20.72 -18.95 -19.34
N GLU C 200 20.21 -18.29 -20.38
CA GLU C 200 18.78 -18.26 -20.69
C GLU C 200 18.56 -18.82 -22.08
N GLU C 201 17.72 -19.84 -22.18
CA GLU C 201 17.39 -20.43 -23.47
C GLU C 201 16.49 -19.49 -24.28
N GLY C 202 16.77 -19.38 -25.57
CA GLY C 202 15.96 -18.57 -26.45
C GLY C 202 16.26 -17.09 -26.41
N TYR C 203 17.29 -16.68 -25.69
CA TYR C 203 17.66 -15.27 -25.58
C TYR C 203 19.06 -15.07 -26.15
N VAL C 204 19.27 -13.91 -26.77
CA VAL C 204 20.57 -13.59 -27.35
C VAL C 204 21.58 -13.38 -26.24
N THR C 205 22.78 -13.89 -26.45
CA THR C 205 23.85 -13.81 -25.46
C THR C 205 25.14 -13.42 -26.16
N GLY C 206 26.07 -12.85 -25.41
CA GLY C 206 27.33 -12.43 -25.99
C GLY C 206 28.18 -13.60 -26.43
N GLY C 207 29.03 -13.33 -27.41
CA GLY C 207 29.87 -14.38 -27.98
C GLY C 207 29.11 -15.39 -28.80
N HIS C 208 27.92 -15.04 -29.27
CA HIS C 208 27.04 -15.97 -29.98
C HIS C 208 26.95 -15.52 -31.43
N VAL C 209 27.52 -16.31 -32.35
CA VAL C 209 27.35 -16.00 -33.76
C VAL C 209 25.90 -16.26 -34.13
N LEU C 210 25.39 -15.47 -35.08
CA LEU C 210 23.99 -15.53 -35.47
C LEU C 210 23.82 -14.83 -36.80
N ARG C 211 22.57 -14.63 -37.19
CA ARG C 211 22.21 -14.01 -38.46
C ARG C 211 21.16 -12.96 -38.20
N LEU C 212 21.28 -11.83 -38.89
CA LEU C 212 20.41 -10.67 -38.68
C LEU C 212 19.52 -10.49 -39.90
N PHE C 213 18.32 -11.07 -39.86
CA PHE C 213 17.34 -10.85 -40.91
C PHE C 213 16.60 -9.55 -40.62
N HIS C 214 16.84 -8.52 -41.44
CA HIS C 214 16.17 -7.24 -41.27
C HIS C 214 14.69 -7.40 -41.56
N GLY C 215 13.86 -7.21 -40.53
CA GLY C 215 12.42 -7.27 -40.71
C GLY C 215 11.92 -8.60 -41.18
N HIS C 216 11.54 -8.66 -42.46
CA HIS C 216 11.06 -9.90 -43.05
C HIS C 216 12.17 -10.95 -43.07
N MET C 217 11.74 -12.21 -43.19
CA MET C 217 12.68 -13.33 -43.22
C MET C 217 13.51 -13.34 -44.49
N ASP C 218 13.07 -12.64 -45.55
CA ASP C 218 13.65 -12.81 -46.87
C ASP C 218 15.05 -12.23 -46.96
N GLU C 219 15.29 -11.08 -46.31
CA GLU C 219 16.56 -10.39 -46.42
C GLU C 219 17.31 -10.42 -45.09
N CYS C 220 18.62 -10.20 -45.18
CA CYS C 220 19.48 -10.25 -44.01
C CYS C 220 20.71 -9.40 -44.27
N LEU C 221 21.52 -9.24 -43.22
CA LEU C 221 22.76 -8.47 -43.31
C LEU C 221 23.83 -9.33 -43.99
N THR C 222 24.34 -8.86 -45.12
CA THR C 222 25.26 -9.63 -45.94
C THR C 222 26.60 -8.89 -46.06
N ILE C 223 27.44 -9.38 -46.96
CA ILE C 223 28.75 -8.80 -47.23
C ILE C 223 28.88 -8.82 -48.76
N SER C 224 29.95 -8.19 -49.26
CA SER C 224 30.27 -8.24 -50.69
C SER C 224 30.26 -9.67 -51.20
N ALA C 225 29.80 -9.85 -52.44
CA ALA C 225 29.57 -11.19 -52.99
C ALA C 225 30.87 -11.98 -53.08
N ALA C 226 31.80 -11.53 -53.92
CA ALA C 226 33.08 -12.19 -54.09
C ALA C 226 34.13 -11.53 -53.20
N ASP C 227 35.37 -11.98 -53.34
CA ASP C 227 36.46 -11.42 -52.55
C ASP C 227 36.91 -10.05 -53.06
N SER C 228 36.61 -9.72 -54.31
CA SER C 228 37.12 -8.50 -54.91
C SER C 228 36.03 -7.60 -55.49
N ASP C 229 34.77 -8.02 -55.43
CA ASP C 229 33.69 -7.20 -56.00
C ASP C 229 33.57 -5.87 -55.29
N ASP C 230 33.66 -5.87 -53.96
CA ASP C 230 33.73 -4.63 -53.18
C ASP C 230 34.90 -4.65 -52.21
N GLN C 231 35.93 -5.46 -52.49
CA GLN C 231 37.14 -5.59 -51.68
C GLN C 231 36.80 -6.14 -50.28
N ARG C 232 35.64 -6.81 -50.16
CA ARG C 232 35.17 -7.35 -48.89
C ARG C 232 35.03 -6.25 -47.83
N ARG C 233 34.53 -5.10 -48.25
CA ARG C 233 34.36 -3.96 -47.37
C ARG C 233 32.94 -3.43 -47.34
N LEU C 234 32.25 -3.40 -48.48
CA LEU C 234 30.90 -2.85 -48.55
C LEU C 234 29.88 -3.85 -48.03
N VAL C 235 29.06 -3.41 -47.09
CA VAL C 235 28.05 -4.24 -46.46
C VAL C 235 26.71 -3.92 -47.11
N TYR C 236 25.86 -4.95 -47.26
CA TYR C 236 24.61 -4.79 -47.99
C TYR C 236 23.43 -5.34 -47.22
N TYR C 237 22.27 -5.41 -47.86
CA TYR C 237 21.03 -5.94 -47.28
C TYR C 237 20.41 -6.98 -48.20
N GLU C 238 21.25 -7.81 -48.82
CA GLU C 238 20.80 -8.71 -49.86
C GLU C 238 19.85 -9.75 -49.30
N GLY C 239 18.80 -10.05 -50.06
CA GLY C 239 17.83 -11.07 -49.67
C GLY C 239 17.70 -12.19 -50.68
N GLY C 240 17.83 -13.42 -50.20
CA GLY C 240 17.73 -14.58 -51.07
C GLY C 240 18.41 -15.81 -50.52
N ALA C 241 19.11 -16.54 -51.39
CA ALA C 241 19.80 -17.76 -50.97
C ALA C 241 21.02 -17.48 -50.11
N VAL C 242 21.42 -16.21 -49.98
CA VAL C 242 22.59 -15.85 -49.18
C VAL C 242 22.40 -16.12 -47.70
N CYS C 243 21.17 -16.32 -47.24
CA CYS C 243 20.95 -16.59 -45.82
C CYS C 243 21.63 -17.90 -45.40
N THR C 244 21.62 -18.90 -46.28
CA THR C 244 22.29 -20.15 -45.98
C THR C 244 23.81 -20.01 -46.01
N HIS C 245 24.32 -19.12 -46.85
CA HIS C 245 25.76 -19.00 -47.05
C HIS C 245 26.44 -18.41 -45.83
N ALA C 246 27.77 -18.57 -45.78
CA ALA C 246 28.56 -17.99 -44.71
C ALA C 246 28.65 -16.47 -44.79
N ARG C 247 28.28 -15.88 -45.93
CA ARG C 247 28.27 -14.43 -46.05
C ARG C 247 27.31 -13.80 -45.05
N SER C 248 26.14 -14.40 -44.88
CA SER C 248 25.17 -13.95 -43.88
C SER C 248 25.52 -14.57 -42.54
N LEU C 249 26.42 -13.91 -41.80
CA LEU C 249 26.81 -14.40 -40.48
C LEU C 249 27.53 -13.29 -39.73
N TRP C 250 27.11 -13.02 -38.50
CA TRP C 250 27.74 -11.99 -37.68
C TRP C 250 27.81 -12.46 -36.24
N ARG C 251 28.96 -12.27 -35.61
CA ARG C 251 29.16 -12.58 -34.20
C ARG C 251 29.13 -11.28 -33.41
N LEU C 252 28.25 -11.21 -32.42
CA LEU C 252 28.18 -10.05 -31.53
C LEU C 252 29.09 -10.32 -30.34
N GLU C 253 30.26 -9.71 -30.35
CA GLU C 253 31.17 -9.79 -29.22
C GLU C 253 30.96 -8.57 -28.34
N PRO C 254 30.58 -8.74 -27.07
CA PRO C 254 30.46 -7.58 -26.18
C PRO C 254 31.80 -6.88 -25.99
N LEU C 255 31.89 -5.63 -26.48
CA LEU C 255 33.11 -4.85 -26.31
C LEU C 255 33.42 -4.65 -24.84
N ARG C 256 32.40 -4.46 -24.02
CA ARG C 256 32.54 -4.40 -22.58
C ARG C 256 33.19 -5.67 -22.06
N ILE C 257 34.43 -5.54 -21.56
CA ILE C 257 35.16 -6.70 -21.09
C ILE C 257 34.49 -7.29 -19.85
N SER C 258 33.91 -6.43 -19.01
CA SER C 258 33.02 -6.92 -17.97
C SER C 258 31.78 -7.50 -18.62
N TRP C 259 31.30 -8.61 -18.05
CA TRP C 259 30.17 -9.37 -18.60
C TRP C 259 30.43 -9.76 -20.06
N SER C 260 31.66 -10.13 -20.37
CA SER C 260 32.00 -10.58 -21.71
C SER C 260 31.33 -11.93 -21.98
N GLY C 261 30.52 -11.99 -23.03
CA GLY C 261 29.78 -13.19 -23.33
C GLY C 261 28.52 -13.38 -22.51
N SER C 262 28.22 -12.47 -21.60
CA SER C 262 27.04 -12.56 -20.75
C SER C 262 25.82 -12.10 -21.55
N HIS C 263 24.67 -12.03 -20.89
CA HIS C 263 23.46 -11.53 -21.55
C HIS C 263 23.65 -10.14 -22.12
N LEU C 264 23.16 -9.94 -23.33
CA LEU C 264 23.21 -8.64 -23.99
C LEU C 264 22.11 -7.79 -23.38
N ARG C 265 22.50 -6.72 -22.68
CA ARG C 265 21.51 -5.80 -22.15
C ARG C 265 21.14 -4.77 -23.21
N TRP C 266 19.93 -4.22 -23.08
CA TRP C 266 19.46 -3.23 -24.03
C TRP C 266 20.39 -2.03 -24.08
N GLY C 267 20.74 -1.60 -25.29
CA GLY C 267 21.60 -0.45 -25.46
C GLY C 267 23.01 -0.61 -24.95
N GLN C 268 23.64 -1.74 -25.26
CA GLN C 268 24.98 -1.91 -24.72
C GLN C 268 26.02 -1.87 -25.83
N PRO C 269 27.16 -1.23 -25.59
CA PRO C 269 28.23 -1.23 -26.58
C PRO C 269 28.76 -2.63 -26.83
N LEU C 270 29.09 -2.90 -28.09
CA LEU C 270 29.43 -4.24 -28.55
C LEU C 270 29.92 -4.12 -29.99
N ARG C 271 30.53 -5.18 -30.48
CA ARG C 271 31.18 -5.19 -31.79
C ARG C 271 30.58 -6.30 -32.65
N ILE C 272 30.10 -5.95 -33.83
CA ILE C 272 29.68 -6.94 -34.82
C ILE C 272 30.92 -7.41 -35.59
N ARG C 273 31.06 -8.71 -35.78
CA ARG C 273 32.16 -9.28 -36.53
C ARG C 273 31.63 -10.14 -37.65
N HIS C 274 32.28 -10.09 -38.83
CA HIS C 274 31.80 -10.90 -39.93
C HIS C 274 32.08 -12.39 -39.73
N VAL C 275 33.09 -12.71 -38.90
CA VAL C 275 33.62 -14.06 -38.67
C VAL C 275 34.28 -14.63 -39.91
N THR C 276 33.55 -14.68 -41.04
CA THR C 276 34.06 -15.29 -42.25
C THR C 276 35.31 -14.59 -42.76
N THR C 277 35.35 -13.26 -42.66
CA THR C 277 36.53 -12.49 -43.02
C THR C 277 37.27 -11.93 -41.83
N GLY C 278 36.73 -12.06 -40.62
CA GLY C 278 37.37 -11.52 -39.43
C GLY C 278 37.42 -10.01 -39.42
N ARG C 279 36.37 -9.35 -39.89
CA ARG C 279 36.33 -7.89 -39.96
C ARG C 279 35.18 -7.37 -39.11
N TYR C 280 35.49 -6.43 -38.22
CA TYR C 280 34.49 -5.80 -37.37
C TYR C 280 33.71 -4.75 -38.16
N LEU C 281 32.39 -4.91 -38.21
CA LEU C 281 31.54 -3.88 -38.81
C LEU C 281 31.61 -2.61 -37.97
N ALA C 282 31.74 -1.46 -38.64
CA ALA C 282 32.02 -0.23 -37.93
C ALA C 282 31.56 0.98 -38.74
N LEU C 283 31.47 2.11 -38.06
CA LEU C 283 31.15 3.38 -38.70
C LEU C 283 32.35 3.88 -39.49
N THR C 284 32.10 4.32 -40.72
CA THR C 284 33.15 4.86 -41.57
C THR C 284 32.77 6.28 -41.98
N GLU C 285 33.78 7.02 -42.45
CA GLU C 285 33.60 8.42 -42.81
C GLU C 285 33.36 8.65 -44.28
N ASP C 286 33.93 7.81 -45.15
CA ASP C 286 33.70 7.96 -46.59
C ASP C 286 32.34 7.42 -47.02
N GLN C 287 31.70 6.59 -46.21
CA GLN C 287 30.40 6.02 -46.51
C GLN C 287 29.62 5.95 -45.21
N GLY C 288 28.48 5.27 -45.23
CA GLY C 288 27.68 5.12 -44.03
C GLY C 288 28.36 4.29 -42.97
N LEU C 289 28.53 3.00 -43.24
CA LEU C 289 29.27 2.12 -42.35
C LEU C 289 29.79 0.94 -43.16
N VAL C 290 31.02 0.51 -42.86
CA VAL C 290 31.64 -0.62 -43.55
C VAL C 290 32.37 -1.48 -42.54
N VAL C 291 32.70 -2.69 -42.95
CA VAL C 291 33.54 -3.55 -42.12
C VAL C 291 34.98 -3.05 -42.19
N VAL C 292 35.72 -3.23 -41.10
CA VAL C 292 37.10 -2.82 -41.00
C VAL C 292 37.91 -3.96 -40.40
N ASP C 293 39.22 -3.90 -40.60
CA ASP C 293 40.11 -4.86 -39.98
C ASP C 293 40.15 -4.61 -38.48
N ALA C 294 40.60 -5.62 -37.73
CA ALA C 294 40.73 -5.47 -36.28
C ALA C 294 41.75 -4.40 -35.93
N CYS C 295 42.71 -4.14 -36.82
CA CYS C 295 43.63 -3.02 -36.63
C CYS C 295 42.89 -1.69 -36.68
N LYS C 296 41.94 -1.57 -37.61
CA LYS C 296 41.13 -0.36 -37.75
C LYS C 296 39.91 -0.36 -36.83
N ALA C 297 39.74 -1.40 -36.02
CA ALA C 297 38.57 -1.53 -35.15
C ALA C 297 38.86 -0.86 -33.82
N HIS C 298 38.11 0.20 -33.53
CA HIS C 298 38.22 0.90 -32.25
C HIS C 298 36.81 1.19 -31.74
N THR C 299 36.72 1.50 -30.45
CA THR C 299 35.41 1.70 -29.82
C THR C 299 34.66 2.88 -30.43
N LYS C 300 35.37 3.86 -30.97
CA LYS C 300 34.70 4.99 -31.60
C LYS C 300 33.99 4.62 -32.89
N ALA C 301 34.31 3.47 -33.48
CA ALA C 301 33.71 3.06 -34.73
C ALA C 301 32.91 1.78 -34.64
N THR C 302 33.38 0.79 -33.89
CA THR C 302 32.76 -0.53 -33.86
C THR C 302 31.64 -0.66 -32.84
N SER C 303 31.39 0.37 -32.03
CA SER C 303 30.42 0.25 -30.95
C SER C 303 29.01 0.48 -31.48
N PHE C 304 28.17 -0.54 -31.35
CA PHE C 304 26.76 -0.44 -31.64
C PHE C 304 25.96 -0.90 -30.42
N CYS C 305 24.65 -0.73 -30.49
CA CYS C 305 23.77 -1.09 -29.39
C CYS C 305 22.37 -1.27 -29.93
N PHE C 306 21.57 -2.05 -29.20
CA PHE C 306 20.24 -2.44 -29.64
C PHE C 306 19.22 -1.58 -28.93
N ARG C 307 18.37 -0.89 -29.69
CA ARG C 307 17.43 0.07 -29.14
C ARG C 307 16.01 -0.47 -29.24
N VAL C 308 15.25 -0.30 -28.15
CA VAL C 308 13.88 -0.81 -28.10
C VAL C 308 13.00 -0.05 -29.08
N SER C 309 13.05 1.28 -29.05
CA SER C 309 12.21 2.13 -29.87
C SER C 309 13.06 3.13 -30.62
N LYS C 310 12.62 3.49 -31.83
CA LYS C 310 13.38 4.44 -32.61
C LYS C 310 13.36 5.83 -31.99
N GLU C 311 12.25 6.21 -31.36
CA GLU C 311 12.23 7.42 -30.55
C GLU C 311 13.12 7.25 -29.34
N LYS C 312 13.77 8.32 -28.93
CA LYS C 312 14.62 8.29 -27.74
C LYS C 312 13.74 8.12 -26.51
N LEU C 313 13.90 6.98 -25.83
CA LEU C 313 13.12 6.64 -24.64
C LEU C 313 11.62 6.69 -24.90
N GLU C 328 16.40 -10.08 -21.27
CA GLU C 328 16.06 -8.82 -21.93
C GLU C 328 15.73 -9.06 -23.39
N ILE C 329 16.73 -8.89 -24.26
CA ILE C 329 16.52 -9.08 -25.69
C ILE C 329 16.40 -10.56 -26.00
N LYS C 330 15.34 -10.93 -26.71
CA LYS C 330 15.01 -12.31 -27.00
C LYS C 330 15.27 -12.63 -28.47
N TYR C 331 15.70 -13.86 -28.73
CA TYR C 331 15.90 -14.30 -30.11
C TYR C 331 14.62 -14.21 -30.91
N GLY C 332 13.49 -14.61 -30.32
CA GLY C 332 12.21 -14.48 -30.98
C GLY C 332 11.60 -13.11 -30.73
N GLU C 333 10.98 -12.57 -31.78
CA GLU C 333 10.31 -11.26 -31.74
C GLU C 333 11.27 -10.17 -31.26
N SER C 334 12.47 -10.16 -31.84
CA SER C 334 13.47 -9.17 -31.48
C SER C 334 13.00 -7.76 -31.82
N LEU C 335 12.86 -7.48 -33.11
CA LEU C 335 12.36 -6.20 -33.62
C LEU C 335 13.09 -5.01 -33.00
N CYS C 336 14.42 -5.11 -32.94
CA CYS C 336 15.25 -4.09 -32.33
C CYS C 336 15.89 -3.24 -33.41
N PHE C 337 15.70 -1.93 -33.32
CA PHE C 337 16.37 -0.98 -34.19
C PHE C 337 17.77 -0.71 -33.63
N VAL C 338 18.77 -1.35 -34.22
CA VAL C 338 20.15 -1.16 -33.79
C VAL C 338 20.63 0.25 -34.16
N GLN C 339 21.57 0.76 -33.36
CA GLN C 339 22.05 2.13 -33.50
C GLN C 339 23.51 2.19 -33.07
N HIS C 340 24.27 3.06 -33.74
CA HIS C 340 25.65 3.27 -33.34
C HIS C 340 25.72 3.96 -31.99
N VAL C 341 26.83 3.79 -31.30
CA VAL C 341 26.99 4.26 -29.92
C VAL C 341 27.73 5.58 -29.84
N ALA C 342 28.90 5.68 -30.49
CA ALA C 342 29.69 6.89 -30.41
C ALA C 342 29.00 8.06 -31.10
N SER C 343 28.22 7.79 -32.15
CA SER C 343 27.48 8.82 -32.86
C SER C 343 26.00 8.47 -32.85
N GLY C 344 25.18 9.47 -33.17
CA GLY C 344 23.75 9.30 -33.30
C GLY C 344 23.29 8.84 -34.66
N LEU C 345 24.22 8.49 -35.55
CA LEU C 345 23.85 8.00 -36.88
C LEU C 345 23.09 6.68 -36.77
N TRP C 346 22.14 6.49 -37.68
CA TRP C 346 21.25 5.34 -37.63
C TRP C 346 21.41 4.49 -38.88
N LEU C 347 21.56 3.18 -38.69
CA LEU C 347 21.70 2.24 -39.79
C LEU C 347 20.39 2.15 -40.56
N THR C 348 20.39 2.60 -41.81
CA THR C 348 19.23 2.55 -42.67
C THR C 348 19.64 2.02 -44.04
N TYR C 349 18.68 1.42 -44.74
CA TYR C 349 18.93 0.91 -46.07
C TYR C 349 18.98 2.04 -47.08
N ALA C 350 19.76 1.84 -48.15
CA ALA C 350 19.80 2.83 -49.22
C ALA C 350 18.57 2.77 -50.12
N ALA C 351 17.99 1.58 -50.28
CA ALA C 351 16.86 1.30 -51.16
C ALA C 351 17.13 1.77 -52.59
N PRO C 352 18.04 1.12 -53.32
CA PRO C 352 18.33 1.57 -54.68
C PRO C 352 17.31 1.05 -55.68
N ASP C 353 16.88 1.94 -56.58
CA ASP C 353 15.96 1.57 -57.64
C ASP C 353 16.62 1.78 -59.01
N LYS C 355 16.31 -6.93 -62.37
CA LYS C 355 16.04 -5.67 -63.06
C LYS C 355 17.33 -5.10 -63.62
N ALA C 356 17.24 -4.42 -64.75
CA ALA C 356 18.44 -3.89 -65.40
C ALA C 356 19.10 -2.79 -64.57
N LEU C 357 18.29 -1.88 -64.01
CA LEU C 357 18.86 -0.76 -63.27
C LEU C 357 19.60 -1.23 -62.02
N ARG C 358 19.01 -2.16 -61.28
CA ARG C 358 19.66 -2.77 -60.13
C ARG C 358 19.18 -4.20 -60.02
N LEU C 359 20.06 -5.07 -59.50
CA LEU C 359 19.80 -6.50 -59.49
C LEU C 359 18.52 -6.84 -58.74
N GLY C 360 17.98 -8.03 -59.02
CA GLY C 360 16.73 -8.43 -58.41
C GLY C 360 16.80 -8.50 -56.89
N VAL C 361 17.93 -8.96 -56.36
CA VAL C 361 18.16 -8.86 -54.93
C VAL C 361 18.25 -7.40 -54.54
N LEU C 362 17.77 -7.09 -53.33
CA LEU C 362 17.62 -5.69 -52.92
C LEU C 362 18.96 -4.97 -52.90
N LYS C 363 19.97 -5.58 -52.28
CA LYS C 363 21.33 -5.03 -52.23
C LYS C 363 21.32 -3.60 -51.68
N LYS C 364 20.44 -3.35 -50.72
CA LYS C 364 20.27 -2.02 -50.13
C LYS C 364 21.43 -1.77 -49.18
N LYS C 365 22.49 -1.12 -49.66
CA LYS C 365 23.66 -0.90 -48.83
C LYS C 365 23.29 -0.06 -47.61
N ALA C 366 23.87 -0.44 -46.46
CA ALA C 366 23.53 0.20 -45.21
C ALA C 366 24.33 1.48 -45.04
N ILE C 367 23.64 2.54 -44.58
CA ILE C 367 24.25 3.84 -44.35
C ILE C 367 23.96 4.24 -42.91
N LEU C 368 24.97 4.81 -42.25
CA LEU C 368 24.80 5.37 -40.91
C LEU C 368 24.42 6.84 -41.06
N HIS C 369 23.16 7.14 -40.75
CA HIS C 369 22.59 8.45 -40.99
C HIS C 369 21.43 8.60 -40.02
N GLN C 370 21.39 9.72 -39.30
CA GLN C 370 20.51 9.83 -38.13
C GLN C 370 19.03 9.83 -38.49
N GLU C 371 18.68 9.87 -39.77
CA GLU C 371 17.29 9.76 -40.19
C GLU C 371 16.69 8.44 -39.73
N GLY C 372 15.43 8.48 -39.32
CA GLY C 372 14.71 7.29 -38.93
C GLY C 372 13.84 6.75 -40.03
N HIS C 373 14.29 5.69 -40.69
CA HIS C 373 13.54 5.12 -41.80
C HIS C 373 12.37 4.29 -41.28
N MET C 374 11.60 3.72 -42.20
CA MET C 374 10.36 3.03 -41.84
C MET C 374 10.65 1.76 -41.05
N ASP C 375 11.58 0.94 -41.55
CA ASP C 375 11.96 -0.31 -40.88
C ASP C 375 13.45 -0.29 -40.58
N ASP C 376 13.78 -0.15 -39.30
CA ASP C 376 15.14 -0.39 -38.81
C ASP C 376 15.20 -1.58 -37.88
N ALA C 377 14.09 -2.30 -37.72
CA ALA C 377 14.08 -3.47 -36.86
C ALA C 377 14.83 -4.62 -37.51
N LEU C 378 15.34 -5.52 -36.67
CA LEU C 378 16.06 -6.68 -37.16
C LEU C 378 15.69 -7.88 -36.30
N PHE C 379 15.90 -9.07 -36.88
CA PHE C 379 15.59 -10.34 -36.24
C PHE C 379 16.90 -11.10 -36.05
N LEU C 380 17.17 -11.51 -34.81
CA LEU C 380 18.38 -12.24 -34.48
C LEU C 380 18.04 -13.72 -34.41
N THR C 381 18.53 -14.48 -35.38
CA THR C 381 18.33 -15.93 -35.42
C THR C 381 19.68 -16.60 -35.39
N ARG C 382 19.92 -17.42 -34.37
CA ARG C 382 21.19 -18.13 -34.27
C ARG C 382 21.32 -19.15 -35.39
N CYS C 383 22.56 -19.40 -35.80
CA CYS C 383 22.86 -20.44 -36.75
C CYS C 383 23.38 -21.67 -36.02
N GLN C 384 23.50 -22.78 -36.76
CA GLN C 384 23.91 -24.03 -36.17
C GLN C 384 25.40 -24.00 -35.81
N GLN C 385 25.77 -24.83 -34.84
CA GLN C 385 27.17 -25.00 -34.51
C GLN C 385 27.97 -25.53 -35.69
N GLU C 386 27.33 -26.34 -36.55
CA GLU C 386 27.98 -26.78 -37.77
C GLU C 386 28.31 -25.59 -38.67
N GLU C 387 27.36 -24.67 -38.82
CA GLU C 387 27.60 -23.50 -39.65
C GLU C 387 28.69 -22.62 -39.07
N SER C 388 28.64 -22.39 -37.76
CA SER C 388 29.66 -21.56 -37.12
C SER C 388 31.04 -22.17 -37.25
N GLN C 389 31.15 -23.47 -37.00
CA GLN C 389 32.44 -24.15 -37.12
C GLN C 389 32.96 -24.06 -38.54
N ALA C 390 32.10 -24.34 -39.52
CA ALA C 390 32.53 -24.32 -40.92
C ALA C 390 32.98 -22.93 -41.33
N ALA C 391 32.25 -21.90 -40.90
CA ALA C 391 32.62 -20.53 -41.25
C ALA C 391 33.96 -20.16 -40.63
N ARG C 392 34.20 -20.57 -39.39
CA ARG C 392 35.48 -20.26 -38.76
C ARG C 392 36.63 -20.97 -39.47
N MET C 393 36.40 -22.21 -39.90
CA MET C 393 37.39 -22.88 -40.75
C MET C 393 37.64 -22.09 -42.02
N ILE C 394 36.57 -21.59 -42.64
CA ILE C 394 36.73 -20.82 -43.88
C ILE C 394 37.63 -19.62 -43.63
N HIS C 395 37.39 -18.90 -42.53
CA HIS C 395 38.18 -17.72 -42.23
C HIS C 395 39.65 -18.07 -42.02
N SER C 396 39.92 -19.03 -41.12
CA SER C 396 41.30 -19.36 -40.80
C SER C 396 42.03 -19.94 -42.00
N THR C 397 41.37 -20.82 -42.75
CA THR C 397 42.01 -21.47 -43.88
C THR C 397 42.26 -20.48 -45.01
N ALA C 398 41.31 -19.60 -45.28
CA ALA C 398 41.51 -18.58 -46.30
C ALA C 398 42.65 -17.65 -45.94
N GLY C 399 42.74 -17.25 -44.66
CA GLY C 399 43.86 -16.42 -44.25
C GLY C 399 45.19 -17.12 -44.44
N LEU C 400 45.25 -18.39 -44.05
CA LEU C 400 46.50 -19.16 -44.19
C LEU C 400 46.91 -19.25 -45.65
N TYR C 401 45.98 -19.59 -46.53
CA TYR C 401 46.35 -19.80 -47.92
C TYR C 401 46.55 -18.49 -48.67
N ASN C 402 45.90 -17.40 -48.23
CA ASN C 402 46.21 -16.10 -48.80
C ASN C 402 47.64 -15.70 -48.48
N GLN C 403 48.07 -15.90 -47.22
CA GLN C 403 49.45 -15.58 -46.86
C GLN C 403 50.41 -16.50 -47.61
N PHE C 404 50.02 -17.76 -47.82
CA PHE C 404 50.84 -18.67 -48.60
C PHE C 404 50.99 -18.19 -50.04
N ILE C 405 49.89 -17.68 -50.62
CA ILE C 405 49.95 -17.13 -51.97
C ILE C 405 50.86 -15.91 -52.01
N LYS C 406 50.81 -15.06 -50.97
CA LYS C 406 51.69 -13.90 -50.91
C LYS C 406 53.15 -14.33 -50.85
N GLY C 407 53.45 -15.40 -50.11
CA GLY C 407 54.81 -15.93 -50.13
C GLY C 407 55.22 -16.43 -51.50
N LEU C 408 54.29 -17.11 -52.18
CA LEU C 408 54.55 -17.57 -53.54
C LEU C 408 54.90 -16.40 -54.46
N ASP C 409 54.19 -15.29 -54.29
CA ASP C 409 54.48 -14.10 -55.09
C ASP C 409 55.77 -13.43 -54.65
N SER C 410 56.13 -13.55 -53.37
CA SER C 410 57.35 -12.89 -52.88
C SER C 410 58.59 -13.55 -53.47
N PHE C 411 58.60 -14.88 -53.61
CA PHE C 411 59.70 -15.53 -54.32
C PHE C 411 59.31 -15.95 -55.74
N SER C 412 58.30 -15.31 -56.32
CA SER C 412 57.87 -15.61 -57.68
C SER C 412 58.96 -15.22 -58.67
N GLY C 413 59.63 -16.23 -59.24
CA GLY C 413 60.57 -16.00 -60.31
C GLY C 413 61.88 -15.38 -59.91
N LYS C 414 62.15 -15.26 -58.61
CA LYS C 414 63.38 -14.64 -58.15
C LYS C 414 64.34 -15.73 -57.70
N PRO C 415 65.43 -15.98 -58.42
CA PRO C 415 66.36 -17.05 -58.02
C PRO C 415 66.98 -16.79 -56.66
N ARG C 416 67.09 -17.84 -55.87
CA ARG C 416 67.67 -17.76 -54.54
C ARG C 416 69.19 -17.67 -54.58
N GLY C 417 69.83 -18.34 -55.54
CA GLY C 417 71.27 -18.28 -55.65
C GLY C 417 71.97 -19.16 -54.64
N SER C 418 72.53 -18.55 -53.59
CA SER C 418 73.20 -19.29 -52.52
C SER C 418 72.76 -18.88 -51.13
N GLY C 419 72.07 -17.75 -50.97
CA GLY C 419 71.64 -17.30 -49.67
C GLY C 419 70.23 -17.75 -49.33
N PRO C 420 69.55 -16.99 -48.47
CA PRO C 420 68.16 -17.30 -48.14
C PRO C 420 67.26 -17.07 -49.34
N PRO C 421 66.04 -17.63 -49.33
CA PRO C 421 65.09 -17.38 -50.43
C PRO C 421 64.73 -15.91 -50.56
N ALA C 422 64.02 -15.61 -51.65
CA ALA C 422 63.72 -14.22 -51.99
C ALA C 422 62.86 -13.55 -50.92
N GLY C 423 61.83 -14.25 -50.44
CA GLY C 423 60.97 -13.70 -49.41
C GLY C 423 61.33 -14.20 -48.03
N PRO C 424 60.40 -14.05 -47.09
CA PRO C 424 60.62 -14.64 -45.76
C PRO C 424 60.22 -16.10 -45.72
N ALA C 425 60.24 -16.70 -44.53
CA ALA C 425 59.83 -18.10 -44.39
C ALA C 425 58.35 -18.26 -44.69
N LEU C 426 58.00 -19.42 -45.24
CA LEU C 426 56.62 -19.73 -45.59
C LEU C 426 56.12 -20.91 -44.77
N PRO C 427 54.87 -20.90 -44.34
CA PRO C 427 54.35 -22.03 -43.56
C PRO C 427 54.07 -23.25 -44.42
N ILE C 428 54.92 -24.26 -44.31
CA ILE C 428 54.70 -25.52 -45.02
C ILE C 428 53.98 -26.52 -44.14
N GLU C 429 54.42 -26.68 -42.89
CA GLU C 429 53.80 -27.67 -42.02
C GLU C 429 52.39 -27.23 -41.62
N ALA C 430 52.17 -25.93 -41.43
CA ALA C 430 50.84 -25.44 -41.09
C ALA C 430 49.87 -25.73 -42.23
N VAL C 431 50.30 -25.50 -43.47
CA VAL C 431 49.47 -25.82 -44.63
C VAL C 431 49.28 -27.32 -44.73
N ILE C 432 50.28 -28.11 -44.35
CA ILE C 432 50.15 -29.57 -44.39
C ILE C 432 49.05 -30.03 -43.44
N LEU C 433 49.07 -29.54 -42.19
CA LEU C 433 48.04 -29.94 -41.24
C LEU C 433 46.67 -29.44 -41.67
N SER C 434 46.59 -28.21 -42.17
CA SER C 434 45.31 -27.68 -42.64
C SER C 434 44.77 -28.51 -43.80
N LEU C 435 45.65 -28.91 -44.72
CA LEU C 435 45.24 -29.75 -45.83
C LEU C 435 44.70 -31.09 -45.33
N GLN C 436 45.41 -31.70 -44.38
CA GLN C 436 45.02 -33.03 -43.92
C GLN C 436 43.68 -32.99 -43.19
N ASP C 437 43.50 -32.05 -42.26
CA ASP C 437 42.24 -32.08 -41.53
C ASP C 437 41.08 -31.55 -42.35
N LEU C 438 41.33 -30.73 -43.37
CA LEU C 438 40.25 -30.39 -44.29
C LEU C 438 39.83 -31.60 -45.12
N ILE C 439 40.79 -32.40 -45.58
CA ILE C 439 40.46 -33.62 -46.32
C ILE C 439 39.65 -34.55 -45.44
N GLY C 440 40.10 -34.76 -44.20
CA GLY C 440 39.35 -35.60 -43.28
C GLY C 440 37.99 -35.03 -42.96
N TYR C 441 37.88 -33.70 -42.93
CA TYR C 441 36.58 -33.07 -42.71
C TYR C 441 35.62 -33.39 -43.84
N PHE C 442 36.10 -33.35 -45.08
CA PHE C 442 35.25 -33.64 -46.22
C PHE C 442 35.35 -35.08 -46.68
N GLU C 443 35.79 -35.99 -45.81
CA GLU C 443 35.76 -37.41 -46.12
C GLU C 443 34.32 -37.87 -46.32
N PRO C 444 34.06 -38.70 -47.32
CA PRO C 444 32.68 -39.13 -47.61
C PRO C 444 32.13 -39.99 -46.48
N PRO C 445 30.82 -40.07 -46.34
CA PRO C 445 30.24 -40.95 -45.32
C PRO C 445 30.61 -42.40 -45.59
N SER C 446 30.83 -43.14 -44.51
CA SER C 446 31.21 -44.54 -44.61
C SER C 446 30.04 -45.38 -45.13
N GLU C 447 30.35 -46.36 -45.97
CA GLU C 447 29.31 -47.09 -46.67
C GLU C 447 28.57 -48.07 -45.77
N GLU C 448 29.25 -48.62 -44.76
CA GLU C 448 28.62 -49.65 -43.93
C GLU C 448 27.56 -49.09 -43.00
N LEU C 449 27.43 -47.77 -42.90
CA LEU C 449 26.37 -47.18 -42.10
C LEU C 449 25.00 -47.54 -42.70
N GLN C 450 23.99 -47.51 -41.84
CA GLN C 450 22.63 -47.74 -42.29
C GLN C 450 22.15 -46.53 -43.09
N HIS C 451 21.02 -46.73 -43.78
CA HIS C 451 20.53 -45.74 -44.73
C HIS C 451 20.38 -44.37 -44.10
N GLU C 452 19.69 -44.28 -42.98
CA GLU C 452 19.42 -42.98 -42.36
C GLU C 452 20.70 -42.25 -41.97
N GLU C 453 21.66 -42.94 -41.31
CA GLU C 453 22.90 -42.25 -41.00
C GLU C 453 23.57 -41.74 -42.27
N LYS C 454 23.75 -42.59 -43.27
CA LYS C 454 24.61 -42.16 -44.36
C LYS C 454 23.93 -41.07 -45.19
N GLN C 455 22.61 -41.16 -45.34
CA GLN C 455 21.88 -40.10 -46.04
C GLN C 455 21.99 -38.77 -45.31
N SER C 456 21.81 -38.78 -43.98
CA SER C 456 21.93 -37.53 -43.24
C SER C 456 23.35 -36.98 -43.33
N LYS C 457 24.35 -37.85 -43.27
CA LYS C 457 25.73 -37.40 -43.39
C LYS C 457 26.03 -36.91 -44.80
N LEU C 458 25.42 -37.51 -45.81
CA LEU C 458 25.54 -36.99 -47.18
C LEU C 458 24.96 -35.59 -47.28
N ARG C 459 23.80 -35.38 -46.63
CA ARG C 459 23.18 -34.06 -46.65
C ARG C 459 24.09 -33.03 -45.98
N SER C 460 24.62 -33.37 -44.80
CA SER C 460 25.50 -32.45 -44.10
C SER C 460 26.77 -32.17 -44.89
N LEU C 461 27.36 -33.22 -45.47
CA LEU C 461 28.55 -33.05 -46.28
C LEU C 461 28.27 -32.18 -47.50
N ARG C 462 27.11 -32.39 -48.13
CA ARG C 462 26.75 -31.62 -49.31
C ARG C 462 26.64 -30.14 -48.99
N ASN C 463 25.94 -29.80 -47.92
CA ASN C 463 25.79 -28.38 -47.61
C ASN C 463 27.10 -27.78 -47.12
N ARG C 464 27.94 -28.56 -46.43
CA ARG C 464 29.25 -28.06 -46.04
C ARG C 464 30.13 -27.78 -47.25
N GLN C 465 30.07 -28.67 -48.24
CA GLN C 465 30.78 -28.42 -49.50
C GLN C 465 30.27 -27.16 -50.17
N SER C 466 28.95 -26.96 -50.14
CA SER C 466 28.38 -25.75 -50.73
C SER C 466 28.87 -24.50 -50.00
N LEU C 467 28.92 -24.55 -48.66
CA LEU C 467 29.38 -23.41 -47.90
C LEU C 467 30.83 -23.08 -48.20
N PHE C 468 31.69 -24.10 -48.27
CA PHE C 468 33.10 -23.83 -48.56
C PHE C 468 33.30 -23.38 -50.00
N GLN C 469 32.48 -23.87 -50.94
CA GLN C 469 32.65 -23.47 -52.33
C GLN C 469 32.17 -22.04 -52.57
N GLU C 470 31.09 -21.64 -51.90
CA GLU C 470 30.49 -20.34 -52.14
C GLU C 470 31.33 -19.19 -51.60
N GLU C 471 32.39 -19.47 -50.84
CA GLU C 471 33.22 -18.41 -50.29
C GLU C 471 34.55 -18.28 -51.02
N GLY C 472 34.64 -18.78 -52.25
CA GLY C 472 35.84 -18.63 -53.03
C GLY C 472 36.99 -19.52 -52.62
N MET C 473 36.76 -20.46 -51.71
CA MET C 473 37.81 -21.37 -51.31
C MET C 473 38.25 -22.26 -52.47
N LEU C 474 37.29 -22.66 -53.31
CA LEU C 474 37.62 -23.49 -54.46
C LEU C 474 38.59 -22.78 -55.39
N SER C 475 38.28 -21.54 -55.75
CA SER C 475 39.19 -20.75 -56.58
C SER C 475 40.51 -20.51 -55.86
N LEU C 476 40.47 -20.38 -54.54
CA LEU C 476 41.71 -20.18 -53.78
C LEU C 476 42.66 -21.35 -53.94
N VAL C 477 42.16 -22.57 -53.74
CA VAL C 477 43.02 -23.75 -53.89
C VAL C 477 43.43 -23.94 -55.35
N LEU C 478 42.58 -23.56 -56.29
CA LEU C 478 43.00 -23.59 -57.70
C LEU C 478 44.16 -22.64 -57.95
N ASN C 479 44.13 -21.46 -57.34
CA ASN C 479 45.27 -20.55 -57.47
C ASN C 479 46.51 -21.14 -56.84
N CYS C 480 46.37 -21.77 -55.67
CA CYS C 480 47.52 -22.41 -55.02
C CYS C 480 48.14 -23.46 -55.93
N ILE C 481 47.31 -24.29 -56.54
CA ILE C 481 47.85 -25.40 -57.32
C ILE C 481 48.49 -24.87 -58.61
N ASP C 482 47.97 -23.75 -59.14
CA ASP C 482 48.59 -23.11 -60.29
C ASP C 482 50.00 -22.62 -59.98
N ARG C 483 50.13 -21.81 -58.92
CA ARG C 483 51.43 -21.24 -58.61
C ARG C 483 52.39 -22.27 -58.05
N LEU C 484 51.91 -23.45 -57.66
CA LEU C 484 52.83 -24.54 -57.38
C LEU C 484 53.19 -25.30 -58.64
N ASN C 485 52.32 -25.27 -59.66
CA ASN C 485 52.67 -25.88 -60.94
C ASN C 485 53.80 -25.12 -61.63
N VAL C 486 53.76 -23.78 -61.57
CA VAL C 486 54.75 -22.99 -62.29
C VAL C 486 56.18 -23.26 -61.85
N TYR C 487 56.38 -23.95 -60.73
CA TYR C 487 57.67 -24.55 -60.40
C TYR C 487 57.56 -26.01 -60.81
N THR C 488 58.15 -26.36 -61.96
CA THR C 488 57.88 -27.64 -62.58
C THR C 488 58.40 -28.81 -61.76
N THR C 489 59.50 -28.63 -61.04
CA THR C 489 60.12 -29.73 -60.32
C THR C 489 60.56 -29.24 -58.94
N ALA C 490 60.78 -30.21 -58.05
CA ALA C 490 61.34 -29.87 -56.74
C ALA C 490 62.69 -29.19 -56.86
N ALA C 491 63.45 -29.50 -57.91
CA ALA C 491 64.68 -28.77 -58.17
C ALA C 491 64.41 -27.30 -58.44
N HIS C 492 63.37 -27.01 -59.24
CA HIS C 492 62.97 -25.63 -59.47
C HIS C 492 62.55 -24.96 -58.18
N PHE C 493 61.79 -25.67 -57.35
CA PHE C 493 61.34 -25.12 -56.07
C PHE C 493 62.53 -24.81 -55.18
N ALA C 494 63.57 -25.65 -55.22
CA ALA C 494 64.78 -25.37 -54.47
C ALA C 494 65.51 -24.16 -55.04
N GLU C 495 65.53 -24.01 -56.37
CA GLU C 495 66.25 -22.90 -56.97
C GLU C 495 65.61 -21.56 -56.61
N TYR C 496 64.29 -21.45 -56.68
CA TYR C 496 63.66 -20.17 -56.36
C TYR C 496 63.30 -20.05 -54.89
N ALA C 497 62.43 -20.92 -54.40
CA ALA C 497 61.88 -20.76 -53.05
C ALA C 497 62.78 -21.36 -51.98
N GLY C 498 63.77 -22.15 -52.33
CA GLY C 498 64.63 -22.70 -51.31
C GLY C 498 64.47 -24.20 -51.18
N GLU C 499 65.56 -24.86 -50.80
CA GLU C 499 65.55 -26.32 -50.69
C GLU C 499 64.65 -26.78 -49.56
N GLU C 500 64.65 -26.06 -48.43
CA GLU C 500 63.83 -26.46 -47.28
C GLU C 500 62.35 -26.43 -47.63
N ALA C 501 61.92 -25.43 -48.40
CA ALA C 501 60.53 -25.39 -48.84
C ALA C 501 60.28 -26.42 -49.93
N ALA C 502 61.28 -26.71 -50.75
CA ALA C 502 61.14 -27.73 -51.79
C ALA C 502 61.05 -29.14 -51.22
N GLU C 503 61.43 -29.32 -49.95
CA GLU C 503 61.36 -30.65 -49.34
C GLU C 503 59.95 -31.20 -49.33
N SER C 504 58.93 -30.34 -49.17
CA SER C 504 57.56 -30.79 -49.01
C SER C 504 56.67 -30.41 -50.19
N TRP C 505 57.25 -29.97 -51.31
CA TRP C 505 56.45 -29.53 -52.45
C TRP C 505 55.57 -30.66 -52.98
N LYS C 506 56.14 -31.87 -53.12
CA LYS C 506 55.40 -32.99 -53.67
C LYS C 506 54.17 -33.30 -52.83
N GLU C 507 54.35 -33.36 -51.51
CA GLU C 507 53.23 -33.65 -50.62
C GLU C 507 52.18 -32.54 -50.69
N ILE C 508 52.62 -31.28 -50.69
CA ILE C 508 51.65 -30.19 -50.67
C ILE C 508 50.81 -30.22 -51.95
N VAL C 509 51.44 -30.43 -53.10
CA VAL C 509 50.69 -30.47 -54.36
C VAL C 509 49.73 -31.65 -54.37
N ASN C 510 50.19 -32.82 -53.92
CA ASN C 510 49.34 -34.01 -53.92
C ASN C 510 48.10 -33.79 -53.06
N LEU C 511 48.29 -33.39 -51.80
CA LEU C 511 47.16 -33.15 -50.93
C LEU C 511 46.27 -32.02 -51.41
N LEU C 512 46.80 -31.06 -52.17
CA LEU C 512 45.93 -30.08 -52.79
C LEU C 512 44.97 -30.74 -53.79
N TYR C 513 45.49 -31.68 -54.58
CA TYR C 513 44.60 -32.35 -55.54
C TYR C 513 43.53 -33.17 -54.84
N GLU C 514 43.88 -33.91 -53.78
CA GLU C 514 42.81 -34.64 -53.09
C GLU C 514 41.88 -33.71 -52.33
N LEU C 515 42.34 -32.54 -51.89
CA LEU C 515 41.43 -31.56 -51.32
C LEU C 515 40.41 -31.09 -52.35
N LEU C 516 40.88 -30.79 -53.55
CA LEU C 516 39.97 -30.40 -54.63
C LEU C 516 38.96 -31.49 -54.93
N ALA C 517 39.43 -32.73 -55.00
CA ALA C 517 38.54 -33.85 -55.27
C ALA C 517 37.51 -34.02 -54.17
N SER C 518 37.93 -33.86 -52.91
CA SER C 518 37.00 -33.97 -51.80
C SER C 518 35.94 -32.88 -51.86
N LEU C 519 36.33 -31.64 -52.20
CA LEU C 519 35.37 -30.55 -52.24
C LEU C 519 34.34 -30.76 -53.33
N ILE C 520 34.76 -31.26 -54.50
CA ILE C 520 33.80 -31.38 -55.60
C ILE C 520 33.05 -32.71 -55.66
N ARG C 521 33.55 -33.75 -54.99
CA ARG C 521 32.95 -35.07 -55.14
C ARG C 521 31.63 -35.13 -54.40
N GLY C 522 30.60 -35.61 -55.08
CA GLY C 522 29.28 -35.75 -54.50
C GLY C 522 28.40 -34.52 -54.62
N ASN C 523 28.94 -33.40 -55.07
CA ASN C 523 28.16 -32.19 -55.33
C ASN C 523 28.14 -31.92 -56.82
N ARG C 524 26.93 -31.76 -57.37
CA ARG C 524 26.82 -31.49 -58.79
C ARG C 524 27.17 -30.05 -59.12
N ALA C 525 26.83 -29.10 -58.24
CA ALA C 525 27.01 -27.70 -58.56
C ALA C 525 28.48 -27.31 -58.58
N ASN C 526 29.24 -27.74 -57.57
CA ASN C 526 30.64 -27.38 -57.49
C ASN C 526 31.42 -27.93 -58.68
N CYS C 527 31.10 -29.15 -59.09
CA CYS C 527 31.75 -29.75 -60.24
C CYS C 527 31.18 -29.26 -61.57
N ALA C 528 29.97 -28.73 -61.58
CA ALA C 528 29.45 -28.12 -62.80
C ALA C 528 30.10 -26.77 -63.03
N LEU C 529 30.58 -26.12 -61.96
CA LEU C 529 31.37 -24.92 -62.11
C LEU C 529 32.66 -25.17 -62.88
N PHE C 530 33.12 -26.42 -62.92
CA PHE C 530 34.36 -26.77 -63.60
C PHE C 530 34.22 -26.82 -65.11
N SER C 531 33.07 -26.44 -65.67
CA SER C 531 32.90 -26.43 -67.11
C SER C 531 33.86 -25.43 -67.78
N THR C 532 34.02 -24.25 -67.17
CA THR C 532 34.93 -23.27 -67.72
C THR C 532 36.39 -23.68 -67.55
N ASN C 533 36.71 -24.38 -66.46
CA ASN C 533 38.07 -24.85 -66.20
C ASN C 533 38.26 -26.30 -66.61
N LEU C 534 37.46 -26.78 -67.56
CA LEU C 534 37.64 -28.15 -68.05
C LEU C 534 39.01 -28.36 -68.67
N ASP C 535 39.44 -27.41 -69.51
CA ASP C 535 40.77 -27.51 -70.10
C ASP C 535 41.86 -27.35 -69.03
N TRP C 536 41.54 -26.64 -67.95
CA TRP C 536 42.51 -26.44 -66.88
C TRP C 536 42.92 -27.75 -66.24
N VAL C 537 41.96 -28.65 -66.03
CA VAL C 537 42.27 -29.96 -65.45
C VAL C 537 43.09 -30.79 -66.43
N VAL C 538 42.66 -30.83 -67.69
CA VAL C 538 43.26 -31.71 -68.67
C VAL C 538 44.68 -31.27 -69.00
N SER C 539 44.98 -29.98 -68.88
CA SER C 539 46.30 -29.48 -69.21
C SER C 539 47.36 -30.07 -68.29
N LYS C 540 47.06 -30.17 -67.00
CA LYS C 540 48.01 -30.67 -66.02
C LYS C 540 47.96 -32.18 -65.90
N LEU C 541 47.21 -32.86 -66.77
CA LEU C 541 46.97 -34.29 -66.61
C LEU C 541 48.24 -35.10 -66.81
N ASP C 542 49.07 -34.69 -67.75
CA ASP C 542 50.29 -35.43 -68.08
C ASP C 542 51.41 -35.22 -67.09
N ARG C 543 51.21 -34.36 -66.09
CA ARG C 543 52.28 -34.07 -65.13
C ARG C 543 52.66 -35.31 -64.33
N LEU C 544 53.95 -35.42 -64.02
CA LEU C 544 54.47 -36.64 -63.42
C LEU C 544 54.11 -36.76 -61.93
N GLU C 545 53.86 -35.65 -61.25
CA GLU C 545 53.62 -35.67 -59.82
C GLU C 545 52.12 -35.73 -59.54
N ALA C 546 51.72 -36.69 -58.71
CA ALA C 546 50.32 -36.87 -58.30
C ALA C 546 49.39 -37.01 -59.49
N SER C 547 49.84 -37.75 -60.51
CA SER C 547 49.05 -37.94 -61.72
C SER C 547 47.71 -38.60 -61.40
N SER C 548 47.71 -39.56 -60.48
CA SER C 548 46.45 -40.12 -60.00
C SER C 548 45.59 -39.06 -59.32
N GLY C 549 46.23 -38.07 -58.69
CA GLY C 549 45.47 -36.97 -58.12
C GLY C 549 44.69 -36.19 -59.17
N ILE C 550 45.37 -35.73 -60.22
CA ILE C 550 44.62 -35.00 -61.26
C ILE C 550 43.59 -35.91 -61.91
N LEU C 551 43.94 -37.18 -62.10
CA LEU C 551 43.03 -38.08 -62.81
C LEU C 551 41.78 -38.35 -61.99
N GLU C 552 41.92 -38.50 -60.68
CA GLU C 552 40.75 -38.66 -59.83
C GLU C 552 39.89 -37.41 -59.82
N VAL C 553 40.53 -36.23 -59.79
CA VAL C 553 39.78 -34.98 -59.86
C VAL C 553 38.97 -34.94 -61.15
N LEU C 554 39.59 -35.31 -62.26
CA LEU C 554 38.90 -35.35 -63.54
C LEU C 554 37.75 -36.34 -63.50
N TYR C 555 37.97 -37.50 -62.89
CA TYR C 555 36.92 -38.53 -62.85
C TYR C 555 35.69 -38.01 -62.13
N CYS C 556 35.90 -37.37 -60.98
CA CYS C 556 34.77 -36.80 -60.25
C CYS C 556 34.05 -35.75 -61.08
N VAL C 557 34.82 -34.91 -61.79
CA VAL C 557 34.22 -33.88 -62.63
C VAL C 557 33.28 -34.50 -63.66
N LEU C 558 33.77 -35.50 -64.39
CA LEU C 558 32.97 -36.06 -65.48
C LEU C 558 31.79 -36.86 -64.97
N ILE C 559 31.94 -37.60 -63.86
CA ILE C 559 30.81 -38.41 -63.40
C ILE C 559 29.71 -37.52 -62.83
N GLU C 560 30.08 -36.48 -62.09
CA GLU C 560 29.07 -35.67 -61.41
C GLU C 560 28.54 -34.53 -62.25
N SER C 561 29.17 -34.18 -63.37
CA SER C 561 28.67 -33.12 -64.23
C SER C 561 28.36 -33.66 -65.62
N PRO C 562 27.13 -33.52 -66.10
CA PRO C 562 26.82 -33.96 -67.47
C PRO C 562 27.07 -32.87 -68.51
N GLU C 563 27.84 -31.83 -68.15
CA GLU C 563 28.11 -30.73 -69.06
C GLU C 563 29.57 -30.58 -69.44
N VAL C 564 30.51 -30.90 -68.55
CA VAL C 564 31.91 -30.94 -68.94
C VAL C 564 32.11 -31.95 -70.05
N LEU C 565 31.46 -33.11 -69.93
CA LEU C 565 31.50 -34.10 -70.97
C LEU C 565 30.76 -33.63 -72.23
N ASN C 566 29.79 -32.73 -72.08
CA ASN C 566 29.17 -32.13 -73.25
C ASN C 566 30.18 -31.29 -74.02
N ILE C 567 31.03 -30.56 -73.31
CA ILE C 567 32.01 -29.69 -73.95
C ILE C 567 33.37 -30.36 -74.09
N ILE C 568 33.46 -31.67 -73.86
CA ILE C 568 34.69 -32.40 -74.09
C ILE C 568 35.02 -32.40 -75.58
N GLN C 569 36.29 -32.18 -75.91
CA GLN C 569 36.74 -32.07 -77.29
C GLN C 569 37.75 -33.15 -77.63
N GLU C 570 38.05 -33.22 -78.93
CA GLU C 570 38.93 -34.26 -79.47
C GLU C 570 40.32 -34.18 -78.85
N ASN C 571 40.87 -32.97 -78.73
CA ASN C 571 42.20 -32.84 -78.13
C ASN C 571 42.21 -33.30 -76.68
N HIS C 572 41.11 -33.08 -75.95
CA HIS C 572 41.02 -33.60 -74.59
C HIS C 572 41.08 -35.13 -74.59
N ILE C 573 40.36 -35.75 -75.52
CA ILE C 573 40.39 -37.21 -75.60
C ILE C 573 41.79 -37.70 -75.96
N LYS C 574 42.49 -36.96 -76.82
CA LYS C 574 43.87 -37.30 -77.11
C LYS C 574 44.74 -37.21 -75.87
N SER C 575 44.45 -36.25 -74.99
CA SER C 575 45.22 -36.14 -73.75
C SER C 575 44.98 -37.34 -72.85
N ILE C 576 43.74 -37.83 -72.76
CA ILE C 576 43.48 -39.02 -71.95
C ILE C 576 44.21 -40.22 -72.54
N ILE C 577 44.16 -40.37 -73.86
CA ILE C 577 44.87 -41.48 -74.49
C ILE C 577 46.39 -41.29 -74.31
N SER C 578 46.84 -40.04 -74.19
CA SER C 578 48.24 -39.81 -73.84
C SER C 578 48.56 -40.35 -72.45
N LEU C 579 47.63 -40.19 -71.51
CA LEU C 579 47.83 -40.81 -70.20
C LEU C 579 47.96 -42.32 -70.32
N LEU C 580 47.09 -42.94 -71.11
CA LEU C 580 47.16 -44.38 -71.28
C LEU C 580 48.45 -44.81 -71.97
N ASP C 581 48.98 -43.98 -72.86
CA ASP C 581 50.18 -44.33 -73.62
C ASP C 581 51.46 -43.86 -72.95
N LYS C 582 51.37 -43.17 -71.83
CA LYS C 582 52.54 -42.62 -71.17
C LYS C 582 52.74 -43.14 -69.76
N HIS C 583 51.66 -43.27 -68.98
CA HIS C 583 51.78 -43.69 -67.59
C HIS C 583 51.61 -45.18 -67.41
N GLY C 584 50.99 -45.87 -68.37
CA GLY C 584 50.87 -47.31 -68.31
C GLY C 584 49.44 -47.73 -68.54
N ARG C 585 49.16 -48.99 -68.24
CA ARG C 585 47.84 -49.57 -68.41
C ARG C 585 47.12 -49.55 -67.07
N ASN C 586 46.08 -48.72 -66.95
CA ASN C 586 45.32 -48.60 -65.73
C ASN C 586 43.84 -48.72 -66.04
N HIS C 587 43.10 -49.29 -65.09
CA HIS C 587 41.65 -49.36 -65.22
C HIS C 587 41.00 -48.02 -64.94
N LYS C 588 41.59 -47.21 -64.06
CA LYS C 588 40.96 -45.94 -63.72
C LYS C 588 41.00 -44.97 -64.89
N VAL C 589 42.01 -45.08 -65.76
CA VAL C 589 42.04 -44.26 -66.96
C VAL C 589 40.90 -44.66 -67.89
N LEU C 590 40.61 -45.95 -67.99
CA LEU C 590 39.50 -46.40 -68.82
C LEU C 590 38.17 -45.95 -68.27
N ASP C 591 38.02 -45.95 -66.94
CA ASP C 591 36.82 -45.40 -66.34
C ASP C 591 36.68 -43.91 -66.63
N VAL C 592 37.79 -43.18 -66.54
CA VAL C 592 37.77 -41.75 -66.87
C VAL C 592 37.39 -41.56 -68.32
N LEU C 593 37.95 -42.38 -69.22
CA LEU C 593 37.62 -42.29 -70.63
C LEU C 593 36.15 -42.50 -70.87
N CYS C 594 35.57 -43.54 -70.29
CA CYS C 594 34.26 -43.92 -70.77
C CYS C 594 33.17 -43.38 -69.82
N SER C 595 33.55 -42.59 -68.83
CA SER C 595 32.54 -41.70 -68.26
C SER C 595 31.97 -40.77 -69.32
N LEU C 596 32.72 -40.55 -70.41
CA LEU C 596 32.26 -39.83 -71.58
C LEU C 596 31.42 -40.69 -72.52
N CYS C 597 31.35 -42.01 -72.31
CA CYS C 597 30.47 -42.84 -73.12
C CYS C 597 29.03 -42.36 -73.05
N VAL C 598 28.51 -42.19 -71.84
CA VAL C 598 27.11 -41.83 -71.60
C VAL C 598 27.02 -40.93 -70.38
N CYS C 599 25.84 -40.37 -70.17
CA CYS C 599 25.56 -39.57 -68.98
C CYS C 599 24.08 -39.64 -68.68
N ASN C 600 23.74 -40.16 -67.51
CA ASN C 600 22.35 -40.29 -67.06
C ASN C 600 21.49 -41.04 -68.07
N GLY C 601 22.10 -42.04 -68.71
CA GLY C 601 21.39 -42.80 -69.73
C GLY C 601 21.19 -42.07 -71.04
N VAL C 602 22.03 -41.10 -71.35
CA VAL C 602 21.96 -40.35 -72.60
C VAL C 602 23.26 -40.56 -73.35
N ALA C 603 23.16 -41.09 -74.58
CA ALA C 603 24.35 -41.32 -75.38
C ALA C 603 24.90 -40.00 -75.91
N VAL C 604 26.23 -39.92 -75.99
CA VAL C 604 26.91 -38.75 -76.51
C VAL C 604 27.66 -39.22 -77.76
N ARG C 605 27.03 -39.05 -78.93
CA ARG C 605 27.59 -39.60 -80.16
C ARG C 605 28.95 -38.98 -80.47
N SER C 606 29.13 -37.71 -80.14
CA SER C 606 30.39 -37.03 -80.44
C SER C 606 31.55 -37.71 -79.70
N ASN C 607 31.42 -37.87 -78.38
CA ASN C 607 32.49 -38.50 -77.62
C ASN C 607 32.62 -39.98 -77.95
N GLN C 608 31.51 -40.65 -78.24
CA GLN C 608 31.58 -42.06 -78.60
C GLN C 608 32.38 -42.26 -79.88
N ASP C 609 32.10 -41.47 -80.92
CA ASP C 609 32.83 -41.66 -82.16
C ASP C 609 34.29 -41.20 -82.02
N LEU C 610 34.54 -40.15 -81.25
CA LEU C 610 35.91 -39.69 -81.07
C LEU C 610 36.75 -40.74 -80.34
N ILE C 611 36.21 -41.32 -79.27
CA ILE C 611 36.94 -42.34 -78.53
C ILE C 611 37.18 -43.56 -79.41
N THR C 612 36.16 -43.97 -80.17
CA THR C 612 36.32 -45.12 -81.05
C THR C 612 37.41 -44.86 -82.08
N GLU C 613 37.33 -43.72 -82.78
CA GLU C 613 38.26 -43.44 -83.86
C GLU C 613 39.68 -43.21 -83.35
N ASN C 614 39.84 -42.78 -82.11
CA ASN C 614 41.15 -42.43 -81.60
C ASN C 614 41.79 -43.54 -80.77
N LEU C 615 41.06 -44.62 -80.47
CA LEU C 615 41.66 -45.75 -79.78
C LEU C 615 41.62 -47.03 -80.60
N LEU C 616 40.49 -47.35 -81.21
CA LEU C 616 40.29 -48.63 -81.87
C LEU C 616 41.05 -48.81 -83.19
N PRO C 617 41.28 -47.77 -84.00
CA PRO C 617 42.20 -47.99 -85.13
C PRO C 617 43.67 -48.00 -84.74
N GLY C 618 44.05 -47.28 -83.70
CA GLY C 618 45.45 -47.19 -83.32
C GLY C 618 46.04 -48.50 -82.87
N ARG C 619 45.50 -49.07 -81.80
CA ARG C 619 45.85 -50.40 -81.30
C ARG C 619 47.35 -50.55 -81.04
N GLU C 620 47.78 -49.81 -80.04
CA GLU C 620 49.00 -50.08 -79.30
C GLU C 620 48.76 -50.22 -77.82
N LEU C 621 47.61 -49.77 -77.31
CA LEU C 621 47.30 -49.74 -75.89
C LEU C 621 46.44 -50.91 -75.47
N LEU C 622 45.24 -51.02 -76.04
CA LEU C 622 44.32 -52.07 -75.63
C LEU C 622 44.80 -53.43 -76.14
N LEU C 623 44.77 -54.41 -75.25
CA LEU C 623 45.14 -55.77 -75.61
C LEU C 623 44.06 -56.37 -76.52
N GLN C 624 44.49 -57.22 -77.45
CA GLN C 624 43.58 -57.80 -78.43
C GLN C 624 43.54 -59.31 -78.30
N THR C 625 42.39 -59.87 -78.61
CA THR C 625 42.12 -61.28 -78.36
C THR C 625 41.62 -61.92 -79.64
N ASN C 626 42.16 -63.09 -79.96
CA ASN C 626 41.81 -63.79 -81.19
C ASN C 626 41.58 -65.26 -80.90
N LEU C 627 41.02 -65.96 -81.89
CA LEU C 627 40.93 -67.42 -81.85
C LEU C 627 41.97 -68.00 -82.79
N ILE C 628 42.74 -68.95 -82.30
CA ILE C 628 43.72 -69.69 -83.09
C ILE C 628 43.47 -71.17 -82.86
N ASN C 629 44.29 -72.00 -83.51
CA ASN C 629 44.27 -73.43 -83.29
C ASN C 629 45.67 -73.90 -82.90
N TYR C 630 45.71 -74.94 -82.07
CA TYR C 630 46.97 -75.43 -81.53
C TYR C 630 47.83 -76.04 -82.62
N VAL C 631 49.14 -76.04 -82.39
CA VAL C 631 50.10 -76.66 -83.29
C VAL C 631 50.93 -77.67 -82.51
N THR C 632 51.52 -78.60 -83.25
CA THR C 632 52.37 -79.64 -82.67
C THR C 632 53.57 -79.84 -83.57
N SER C 633 54.75 -79.95 -82.96
CA SER C 633 55.99 -80.20 -83.70
C SER C 633 56.55 -81.56 -83.31
N ILE C 634 56.84 -82.37 -84.32
CA ILE C 634 57.32 -83.73 -84.12
C ILE C 634 58.67 -83.88 -84.82
N ARG C 635 59.59 -84.57 -84.16
CA ARG C 635 60.94 -84.76 -84.67
C ARG C 635 61.30 -86.23 -84.65
N PRO C 636 62.20 -86.66 -85.54
CA PRO C 636 62.88 -87.94 -85.35
C PRO C 636 64.00 -87.76 -84.34
N ASN C 637 64.31 -88.85 -83.62
CA ASN C 637 65.35 -88.81 -82.60
C ASN C 637 66.72 -89.02 -83.27
N ILE C 638 67.09 -88.03 -84.08
CA ILE C 638 68.32 -88.04 -84.87
C ILE C 638 68.95 -86.67 -84.72
N PHE C 639 69.97 -86.58 -83.86
CA PHE C 639 70.60 -85.31 -83.50
C PHE C 639 72.02 -85.31 -84.04
N VAL C 640 72.31 -84.39 -84.96
CA VAL C 640 73.60 -84.34 -85.64
C VAL C 640 74.10 -82.90 -85.64
N GLY C 641 75.38 -82.73 -85.27
CA GLY C 641 75.98 -81.41 -85.21
C GLY C 641 77.46 -81.46 -85.52
N ARG C 642 78.06 -80.28 -85.57
CA ARG C 642 79.46 -80.12 -85.93
C ARG C 642 80.17 -79.35 -84.82
N ALA C 643 81.37 -79.81 -84.48
CA ALA C 643 82.28 -79.08 -83.61
C ALA C 643 83.70 -79.46 -83.99
N GLU C 644 84.67 -78.86 -83.30
CA GLU C 644 86.07 -79.14 -83.56
C GLU C 644 86.39 -80.59 -83.20
N GLY C 645 86.68 -81.40 -84.21
CA GLY C 645 87.01 -82.80 -83.98
C GLY C 645 85.83 -83.69 -83.68
N SER C 646 84.63 -83.30 -84.07
CA SER C 646 83.46 -84.13 -83.81
C SER C 646 83.52 -85.42 -84.62
N THR C 647 82.83 -86.44 -84.11
CA THR C 647 82.76 -87.74 -84.75
C THR C 647 81.58 -87.86 -85.71
N GLN C 648 80.83 -86.79 -85.92
CA GLN C 648 79.63 -86.82 -86.74
C GLN C 648 79.90 -86.25 -88.13
N TYR C 649 79.11 -86.71 -89.10
CA TYR C 649 79.15 -86.18 -90.44
C TYR C 649 78.32 -84.89 -90.52
N GLY C 650 78.71 -84.02 -91.44
CA GLY C 650 78.05 -82.73 -91.56
C GLY C 650 76.80 -82.72 -92.42
N LYS C 651 76.76 -83.58 -93.43
CA LYS C 651 75.71 -83.55 -94.44
C LYS C 651 74.66 -84.61 -94.16
N TRP C 652 73.39 -84.21 -94.19
CA TRP C 652 72.27 -85.13 -93.99
C TRP C 652 71.11 -84.71 -94.87
N TYR C 653 70.18 -85.64 -95.06
CA TYR C 653 69.11 -85.47 -96.04
C TYR C 653 67.89 -86.25 -95.57
N PHE C 654 66.71 -85.67 -95.78
CA PHE C 654 65.46 -86.34 -95.41
C PHE C 654 64.33 -85.79 -96.28
N GLU C 655 63.18 -86.44 -96.18
CA GLU C 655 62.01 -86.02 -96.94
C GLU C 655 60.76 -86.10 -96.08
N VAL C 656 59.75 -85.33 -96.47
CA VAL C 656 58.40 -85.47 -95.94
C VAL C 656 57.44 -85.48 -97.12
N MET C 657 56.46 -86.38 -97.09
CA MET C 657 55.45 -86.39 -98.15
C MET C 657 54.08 -86.26 -97.52
N VAL C 658 53.27 -85.36 -98.07
CA VAL C 658 51.96 -85.08 -97.52
C VAL C 658 50.97 -86.11 -98.02
N ASP C 659 50.26 -86.75 -97.10
CA ASP C 659 49.20 -87.66 -97.49
C ASP C 659 47.92 -86.90 -97.77
N GLU C 660 47.50 -86.04 -96.85
CA GLU C 660 46.31 -85.22 -97.03
C GLU C 660 46.36 -84.04 -96.09
N VAL C 661 45.96 -82.86 -96.58
CA VAL C 661 45.76 -81.68 -95.76
C VAL C 661 44.34 -81.20 -95.95
N VAL C 662 43.80 -80.56 -94.91
CA VAL C 662 42.47 -79.97 -94.98
C VAL C 662 42.63 -78.47 -94.83
N PRO C 663 42.71 -77.71 -95.92
CA PRO C 663 42.96 -76.27 -95.80
C PRO C 663 41.77 -75.56 -95.15
N PHE C 664 42.09 -74.53 -94.37
CA PHE C 664 41.09 -73.72 -93.68
C PHE C 664 40.19 -74.57 -92.80
N LEU C 665 40.78 -75.54 -92.11
CA LEU C 665 40.01 -76.32 -91.15
C LEU C 665 39.69 -75.47 -89.93
N THR C 666 38.41 -75.51 -89.52
CA THR C 666 37.90 -74.75 -88.38
C THR C 666 38.30 -73.28 -88.45
N ALA C 667 38.11 -72.69 -89.63
CA ALA C 667 38.28 -71.26 -89.88
C ALA C 667 39.70 -70.78 -89.61
N GLN C 668 40.67 -71.65 -89.87
CA GLN C 668 42.07 -71.23 -89.86
C GLN C 668 42.87 -72.20 -90.71
N ALA C 669 43.79 -71.65 -91.51
CA ALA C 669 44.59 -72.47 -92.39
C ALA C 669 45.51 -73.39 -91.60
N THR C 670 45.65 -74.63 -92.08
CA THR C 670 46.50 -75.62 -91.42
C THR C 670 47.95 -75.22 -91.62
N HIS C 671 48.54 -74.60 -90.62
CA HIS C 671 49.95 -74.25 -90.68
C HIS C 671 50.79 -75.51 -90.75
N LEU C 672 51.75 -75.54 -91.67
CA LEU C 672 52.55 -76.74 -91.90
C LEU C 672 53.92 -76.33 -92.42
N ARG C 673 54.94 -76.48 -91.58
CA ARG C 673 56.32 -76.19 -91.97
C ARG C 673 57.20 -77.37 -91.62
N VAL C 674 58.23 -77.58 -92.44
CA VAL C 674 59.21 -78.64 -92.21
C VAL C 674 60.60 -78.02 -92.34
N GLY C 675 61.48 -78.34 -91.41
CA GLY C 675 62.84 -77.82 -91.45
C GLY C 675 63.77 -78.46 -90.44
N TRP C 676 64.74 -77.69 -89.97
CA TRP C 676 65.71 -78.16 -88.99
C TRP C 676 65.63 -77.31 -87.73
N ALA C 677 65.85 -77.94 -86.59
CA ALA C 677 65.72 -77.28 -85.30
C ALA C 677 66.82 -77.75 -84.36
N LEU C 678 67.07 -76.93 -83.35
CA LEU C 678 68.15 -77.15 -82.39
C LEU C 678 67.58 -77.61 -81.06
N THR C 679 68.19 -78.63 -80.47
CA THR C 679 67.75 -79.09 -79.15
C THR C 679 67.93 -78.01 -78.10
N GLU C 680 69.04 -77.28 -78.15
CA GLU C 680 69.38 -76.28 -77.13
C GLU C 680 68.90 -74.91 -77.60
N GLY C 681 67.67 -74.57 -77.24
CA GLY C 681 67.14 -73.25 -77.56
C GLY C 681 65.75 -73.26 -78.16
N TYR C 682 65.43 -74.26 -78.98
CA TYR C 682 64.11 -74.35 -79.58
C TYR C 682 63.22 -75.19 -78.69
N SER C 683 62.37 -74.52 -77.91
CA SER C 683 61.39 -75.18 -77.07
C SER C 683 60.01 -74.75 -77.51
N PRO C 684 59.32 -75.53 -78.32
CA PRO C 684 57.97 -75.19 -78.81
C PRO C 684 56.87 -75.57 -77.80
N TYR C 685 56.72 -74.75 -76.79
CA TYR C 685 55.73 -75.02 -75.75
C TYR C 685 54.33 -74.78 -76.30
N PRO C 686 53.42 -75.76 -76.19
CA PRO C 686 52.07 -75.58 -76.73
C PRO C 686 51.34 -74.42 -76.06
N GLY C 687 50.64 -73.65 -76.88
CA GLY C 687 49.86 -72.54 -76.37
C GLY C 687 50.69 -71.28 -76.20
N GLY C 688 50.25 -70.19 -76.80
CA GLY C 688 50.93 -68.93 -76.65
C GLY C 688 52.27 -68.91 -77.37
N GLY C 689 53.02 -67.85 -77.10
CA GLY C 689 54.33 -67.67 -77.68
C GLY C 689 54.41 -66.36 -78.43
N GLU C 690 55.39 -66.27 -79.32
CA GLU C 690 55.60 -65.06 -80.09
C GLU C 690 54.49 -64.89 -81.12
N GLY C 691 54.37 -63.65 -81.63
CA GLY C 691 53.32 -63.35 -82.59
C GLY C 691 51.95 -63.59 -82.00
N TRP C 692 51.11 -64.29 -82.75
CA TRP C 692 49.81 -64.73 -82.26
C TRP C 692 49.82 -66.23 -81.97
N GLY C 693 50.92 -66.73 -81.44
CA GLY C 693 50.96 -68.12 -81.08
C GLY C 693 51.01 -69.00 -82.31
N GLY C 694 50.67 -70.27 -82.10
CA GLY C 694 50.80 -71.25 -83.17
C GLY C 694 52.23 -71.37 -83.64
N ASN C 695 53.18 -71.26 -82.73
CA ASN C 695 54.59 -71.17 -83.08
C ASN C 695 55.06 -72.49 -83.69
N GLY C 696 55.57 -72.43 -84.91
CA GLY C 696 56.00 -73.62 -85.62
C GLY C 696 57.50 -73.70 -85.80
N VAL C 697 57.94 -74.22 -86.94
CA VAL C 697 59.37 -74.34 -87.19
C VAL C 697 60.02 -72.97 -87.29
N GLY C 698 59.46 -72.09 -88.12
CA GLY C 698 60.14 -70.86 -88.42
C GLY C 698 59.62 -69.66 -87.66
N ASP C 699 59.18 -69.87 -86.43
CA ASP C 699 58.76 -68.78 -85.57
C ASP C 699 59.81 -68.44 -84.52
N ASP C 700 61.07 -68.78 -84.80
CA ASP C 700 62.18 -68.51 -83.90
C ASP C 700 63.46 -68.58 -84.72
N LEU C 701 64.54 -68.02 -84.17
CA LEU C 701 65.82 -68.07 -84.84
C LEU C 701 66.59 -69.36 -84.56
N TYR C 702 66.05 -70.24 -83.73
CA TYR C 702 66.66 -71.54 -83.47
C TYR C 702 66.14 -72.64 -84.39
N SER C 703 65.24 -72.32 -85.32
CA SER C 703 64.79 -73.30 -86.29
C SER C 703 64.37 -72.59 -87.57
N TYR C 704 64.58 -73.27 -88.69
CA TYR C 704 64.34 -72.73 -90.03
C TYR C 704 63.52 -73.72 -90.81
N GLY C 705 62.50 -73.23 -91.52
CA GLY C 705 61.54 -74.09 -92.19
C GLY C 705 61.07 -73.51 -93.50
N PHE C 706 60.19 -74.25 -94.16
CA PHE C 706 59.69 -73.90 -95.48
C PHE C 706 58.31 -74.51 -95.64
N ASP C 707 57.28 -73.67 -95.69
CA ASP C 707 55.90 -74.13 -95.73
C ASP C 707 55.36 -74.32 -97.12
N GLY C 708 56.17 -74.12 -98.15
CA GLY C 708 55.71 -74.23 -99.52
C GLY C 708 55.93 -72.98 -100.33
N LEU C 709 55.70 -71.82 -99.70
CA LEU C 709 55.92 -70.54 -100.37
C LEU C 709 56.87 -69.62 -99.63
N HIS C 710 57.14 -69.86 -98.35
CA HIS C 710 57.98 -68.99 -97.55
C HIS C 710 59.00 -69.80 -96.77
N LEU C 711 60.15 -69.18 -96.54
CA LEU C 711 61.15 -69.71 -95.62
C LEU C 711 60.95 -68.98 -94.29
N TRP C 712 60.19 -69.61 -93.39
CA TRP C 712 59.87 -68.99 -92.12
C TRP C 712 61.10 -68.95 -91.21
N THR C 713 61.33 -67.79 -90.60
CA THR C 713 62.40 -67.63 -89.62
C THR C 713 62.11 -66.37 -88.82
N GLY C 714 62.26 -66.45 -87.50
CA GLY C 714 62.01 -65.30 -86.64
C GLY C 714 60.59 -64.79 -86.72
N HIS C 715 59.62 -65.69 -86.86
CA HIS C 715 58.20 -65.36 -86.97
C HIS C 715 57.90 -64.49 -88.18
N VAL C 716 58.73 -64.57 -89.22
CA VAL C 716 58.58 -63.75 -90.42
C VAL C 716 58.61 -64.66 -91.63
N ALA C 717 57.62 -64.51 -92.51
CA ALA C 717 57.59 -65.25 -93.76
C ALA C 717 58.44 -64.55 -94.82
N ARG C 718 58.93 -65.34 -95.76
CA ARG C 718 59.82 -64.84 -96.82
C ARG C 718 59.46 -65.50 -98.13
N PRO C 719 58.69 -64.83 -98.99
CA PRO C 719 58.25 -65.44 -100.24
C PRO C 719 59.43 -65.82 -101.13
N VAL C 720 59.31 -66.95 -101.81
CA VAL C 720 60.37 -67.47 -102.66
C VAL C 720 59.74 -68.10 -103.89
N THR C 721 60.39 -67.92 -105.04
CA THR C 721 59.90 -68.48 -106.29
C THR C 721 60.26 -69.96 -106.38
N SER C 722 59.30 -70.78 -106.76
CA SER C 722 59.49 -72.20 -106.99
C SER C 722 58.67 -72.60 -108.21
N PRO C 723 59.06 -73.68 -108.90
CA PRO C 723 58.25 -74.14 -110.04
C PRO C 723 56.81 -74.47 -109.67
N GLY C 724 56.60 -75.08 -108.51
CA GLY C 724 55.26 -75.34 -108.02
C GLY C 724 54.99 -74.64 -106.72
N GLN C 725 54.11 -73.64 -106.74
CA GLN C 725 53.78 -72.86 -105.55
C GLN C 725 52.37 -73.28 -105.12
N HIS C 726 52.30 -74.34 -104.31
CA HIS C 726 51.04 -74.89 -103.85
C HIS C 726 50.93 -74.98 -102.34
N LEU C 727 51.98 -74.61 -101.61
CA LEU C 727 51.96 -74.55 -100.14
C LEU C 727 51.66 -75.92 -99.54
N LEU C 728 52.39 -76.93 -99.99
CA LEU C 728 52.21 -78.33 -99.56
C LEU C 728 50.78 -78.81 -99.76
N ALA C 729 50.38 -78.86 -101.02
CA ALA C 729 49.17 -79.56 -101.41
C ALA C 729 49.36 -81.05 -101.15
N PRO C 730 48.27 -81.82 -101.00
CA PRO C 730 48.42 -83.25 -100.71
C PRO C 730 49.06 -84.01 -101.86
N GLU C 731 49.62 -85.16 -101.51
CA GLU C 731 50.34 -86.04 -102.45
C GLU C 731 51.53 -85.33 -103.08
N ASP C 732 52.19 -84.48 -102.32
CA ASP C 732 53.42 -83.82 -102.73
C ASP C 732 54.55 -84.20 -101.79
N VAL C 733 55.72 -84.47 -102.35
CA VAL C 733 56.90 -84.87 -101.60
C VAL C 733 57.91 -83.74 -101.65
N VAL C 734 58.39 -83.32 -100.48
CA VAL C 734 59.37 -82.25 -100.37
C VAL C 734 60.59 -82.80 -99.64
N SER C 735 61.76 -82.63 -100.25
CA SER C 735 63.03 -83.02 -99.67
C SER C 735 63.68 -81.83 -98.99
N CYS C 736 64.51 -82.12 -97.99
CA CYS C 736 65.27 -81.08 -97.32
C CYS C 736 66.61 -81.66 -96.90
N CYS C 737 67.68 -80.94 -97.22
CA CYS C 737 69.03 -81.37 -96.91
C CYS C 737 69.77 -80.28 -96.16
N LEU C 738 70.77 -80.69 -95.39
CA LEU C 738 71.50 -79.79 -94.50
C LEU C 738 72.98 -80.15 -94.53
N ASP C 739 73.83 -79.13 -94.51
CA ASP C 739 75.27 -79.28 -94.45
C ASP C 739 75.79 -78.50 -93.25
N LEU C 740 76.60 -79.16 -92.43
CA LEU C 740 77.18 -78.57 -91.22
C LEU C 740 78.62 -78.12 -91.41
N SER C 741 79.38 -78.81 -92.27
CA SER C 741 80.77 -78.41 -92.51
C SER C 741 80.84 -77.01 -93.07
N VAL C 742 79.96 -76.68 -94.00
CA VAL C 742 79.62 -75.31 -94.34
C VAL C 742 78.13 -75.14 -94.04
N PRO C 743 77.74 -74.17 -93.20
CA PRO C 743 76.32 -74.04 -92.83
C PRO C 743 75.42 -73.80 -94.03
N SER C 744 74.55 -74.77 -94.33
CA SER C 744 73.66 -74.65 -95.48
C SER C 744 72.41 -75.48 -95.25
N ILE C 745 71.27 -74.90 -95.61
CA ILE C 745 69.98 -75.60 -95.58
C ILE C 745 69.31 -75.39 -96.92
N SER C 746 68.90 -76.48 -97.56
CA SER C 746 68.29 -76.42 -98.87
C SER C 746 67.04 -77.29 -98.91
N PHE C 747 66.09 -76.89 -99.75
CA PHE C 747 64.84 -77.61 -99.92
C PHE C 747 64.62 -77.90 -101.39
N ARG C 748 63.99 -79.05 -101.65
CA ARG C 748 63.68 -79.52 -103.00
C ARG C 748 62.20 -79.89 -103.02
N ILE C 749 61.36 -78.95 -103.43
CA ILE C 749 59.92 -79.17 -103.48
C ILE C 749 59.59 -79.91 -104.77
N ASN C 750 59.00 -81.11 -104.63
CA ASN C 750 58.64 -81.97 -105.76
C ASN C 750 59.84 -82.26 -106.65
N GLY C 751 61.00 -82.45 -106.03
CA GLY C 751 62.22 -82.70 -106.77
C GLY C 751 62.90 -81.43 -107.24
N CYS C 752 62.12 -80.41 -107.58
CA CYS C 752 62.67 -79.16 -108.05
C CYS C 752 63.17 -78.33 -106.87
N PRO C 753 64.45 -77.99 -106.81
CA PRO C 753 64.96 -77.22 -105.67
C PRO C 753 64.38 -75.81 -105.65
N VAL C 754 64.21 -75.29 -104.44
CA VAL C 754 63.74 -73.92 -104.29
C VAL C 754 64.89 -72.95 -104.52
N GLN C 755 64.55 -71.70 -104.77
CA GLN C 755 65.54 -70.67 -105.07
C GLN C 755 66.12 -70.02 -103.82
N GLY C 756 65.76 -70.50 -102.63
CA GLY C 756 66.25 -69.95 -101.38
C GLY C 756 67.16 -70.94 -100.67
N VAL C 757 68.14 -70.40 -99.96
CA VAL C 757 69.09 -71.19 -99.18
C VAL C 757 69.34 -70.46 -97.87
N PHE C 758 69.31 -71.22 -96.77
CA PHE C 758 69.64 -70.69 -95.46
C PHE C 758 71.13 -70.86 -95.21
N GLU C 759 71.77 -69.82 -94.67
CA GLU C 759 73.21 -69.87 -94.52
C GLU C 759 73.62 -68.90 -93.42
N ALA C 760 74.86 -69.08 -92.92
CA ALA C 760 75.50 -68.21 -91.94
C ALA C 760 74.83 -68.26 -90.58
N PHE C 761 74.27 -69.41 -90.24
CA PHE C 761 73.65 -69.64 -88.94
C PHE C 761 74.63 -70.30 -88.00
N ASN C 762 74.46 -70.04 -86.71
CA ASN C 762 75.35 -70.61 -85.70
C ASN C 762 75.24 -72.12 -85.66
N LEU C 763 76.34 -72.77 -85.32
CA LEU C 763 76.44 -74.22 -85.37
C LEU C 763 76.40 -74.87 -83.99
N ASP C 764 75.88 -74.16 -82.99
CA ASP C 764 75.84 -74.70 -81.64
C ASP C 764 74.87 -75.86 -81.54
N GLY C 765 75.20 -76.80 -80.64
CA GLY C 765 74.29 -77.89 -80.31
C GLY C 765 74.11 -78.88 -81.45
N LEU C 766 72.95 -79.53 -81.45
CA LEU C 766 72.64 -80.59 -82.40
C LEU C 766 71.37 -80.25 -83.17
N PHE C 767 71.39 -80.53 -84.46
CA PHE C 767 70.27 -80.24 -85.35
C PHE C 767 69.49 -81.51 -85.66
N PHE C 768 68.16 -81.38 -85.72
CA PHE C 768 67.27 -82.49 -86.00
C PHE C 768 66.17 -82.01 -86.93
N PRO C 769 65.62 -82.90 -87.77
CA PRO C 769 64.47 -82.52 -88.58
C PRO C 769 63.25 -82.28 -87.68
N VAL C 770 62.41 -81.36 -88.12
CA VAL C 770 61.22 -80.99 -87.37
C VAL C 770 60.07 -80.75 -88.35
N VAL C 771 58.89 -81.26 -88.03
CA VAL C 771 57.67 -80.93 -88.74
C VAL C 771 56.70 -80.30 -87.75
N SER C 772 56.31 -79.06 -88.03
CA SER C 772 55.31 -78.35 -87.23
C SER C 772 54.01 -78.30 -88.02
N PHE C 773 52.93 -78.71 -87.39
CA PHE C 773 51.67 -78.88 -88.09
C PHE C 773 50.51 -78.51 -87.18
N SER C 774 49.48 -77.95 -87.79
CA SER C 774 48.18 -77.81 -87.17
C SER C 774 47.42 -79.14 -87.29
N ALA C 775 46.28 -79.22 -86.63
CA ALA C 775 45.49 -80.43 -86.67
C ALA C 775 44.86 -80.63 -88.04
N GLY C 776 44.30 -81.81 -88.25
CA GLY C 776 43.72 -82.17 -89.54
C GLY C 776 44.74 -82.33 -90.64
N VAL C 777 45.87 -82.96 -90.35
CA VAL C 777 46.95 -83.15 -91.32
C VAL C 777 47.44 -84.59 -91.23
N LYS C 778 47.98 -85.08 -92.35
CA LYS C 778 48.64 -86.38 -92.40
C LYS C 778 49.89 -86.24 -93.25
N VAL C 779 51.03 -86.62 -92.69
CA VAL C 779 52.31 -86.57 -93.39
C VAL C 779 53.02 -87.90 -93.18
N ARG C 780 54.12 -88.08 -93.91
CA ARG C 780 55.01 -89.22 -93.70
C ARG C 780 56.44 -88.73 -93.69
N PHE C 781 57.21 -89.23 -92.73
CA PHE C 781 58.61 -88.88 -92.53
C PHE C 781 59.46 -89.92 -93.26
N LEU C 782 60.08 -89.52 -94.36
CA LEU C 782 60.92 -90.40 -95.15
C LEU C 782 62.38 -90.18 -94.76
N LEU C 783 63.02 -91.25 -94.28
CA LEU C 783 64.41 -91.21 -93.84
C LEU C 783 65.33 -92.00 -94.74
N GLY C 784 64.80 -92.69 -95.74
CA GLY C 784 65.61 -93.41 -96.70
C GLY C 784 66.19 -94.69 -96.11
N GLY C 785 66.72 -95.51 -97.01
CA GLY C 785 67.35 -96.75 -96.59
C GLY C 785 66.34 -97.72 -95.97
N ARG C 786 66.55 -98.03 -94.70
CA ARG C 786 65.70 -99.01 -94.02
C ARG C 786 64.33 -98.42 -93.70
N HIS C 787 64.30 -97.38 -92.88
CA HIS C 787 63.04 -96.79 -92.44
C HIS C 787 62.55 -95.85 -93.54
N GLY C 788 61.68 -96.37 -94.40
CA GLY C 788 61.23 -95.62 -95.56
C GLY C 788 62.28 -95.62 -96.65
N GLU C 789 61.88 -95.11 -97.82
CA GLU C 789 62.79 -94.96 -98.94
C GLU C 789 62.60 -93.58 -99.55
N PHE C 790 63.73 -92.96 -99.91
CA PHE C 790 63.68 -91.64 -100.52
C PHE C 790 63.01 -91.71 -101.89
N LYS C 791 62.00 -90.88 -102.09
CA LYS C 791 61.41 -90.73 -103.42
C LYS C 791 62.44 -90.17 -104.41
N PHE C 792 63.24 -89.22 -103.95
CA PHE C 792 64.28 -88.60 -104.75
C PHE C 792 65.63 -88.86 -104.08
N LEU C 793 66.61 -89.24 -104.89
CA LEU C 793 67.92 -89.56 -104.35
C LEU C 793 68.60 -88.28 -103.85
N PRO C 794 69.36 -88.36 -102.76
CA PRO C 794 69.97 -87.15 -102.22
C PRO C 794 71.03 -86.60 -103.15
N PRO C 795 71.30 -85.30 -103.10
CA PRO C 795 72.41 -84.74 -103.86
C PRO C 795 73.73 -85.27 -103.32
N PRO C 796 74.77 -85.28 -104.14
CA PRO C 796 76.06 -85.87 -103.71
C PRO C 796 76.61 -85.20 -102.46
N GLY C 797 76.92 -86.01 -101.46
CA GLY C 797 77.44 -85.51 -100.20
C GLY C 797 76.53 -85.76 -99.02
N TYR C 798 75.23 -85.60 -99.22
CA TYR C 798 74.26 -85.72 -98.14
C TYR C 798 73.88 -87.18 -97.92
N ALA C 799 73.87 -87.60 -96.64
CA ALA C 799 73.62 -88.97 -96.25
C ALA C 799 72.23 -89.14 -95.68
N PRO C 800 71.63 -90.34 -95.82
CA PRO C 800 70.34 -90.59 -95.20
C PRO C 800 70.42 -90.50 -93.68
N CYS C 801 69.36 -89.96 -93.07
CA CYS C 801 69.36 -89.74 -91.63
C CYS C 801 69.12 -91.02 -90.84
N HIS C 802 68.57 -92.07 -91.48
CA HIS C 802 68.26 -93.29 -90.76
C HIS C 802 69.52 -93.96 -90.21
N GLU C 803 70.66 -93.74 -90.86
CA GLU C 803 71.92 -94.31 -90.41
C GLU C 803 72.55 -93.54 -89.26
N ALA C 804 71.99 -92.41 -88.88
CA ALA C 804 72.52 -91.62 -87.78
C ALA C 804 71.90 -92.01 -86.44
N VAL C 805 71.06 -93.04 -86.40
CA VAL C 805 70.42 -93.45 -85.17
C VAL C 805 71.47 -94.04 -84.22
N LEU C 806 71.37 -93.67 -82.94
CA LEU C 806 72.37 -94.06 -81.97
C LEU C 806 72.30 -95.57 -81.70
N PRO C 807 73.42 -96.18 -81.29
CA PRO C 807 73.44 -97.65 -81.14
C PRO C 807 72.41 -98.22 -80.17
N ARG C 808 72.20 -97.58 -79.03
CA ARG C 808 71.22 -98.08 -78.07
C ARG C 808 69.85 -97.45 -78.24
N GLU C 809 69.69 -96.55 -79.20
CA GLU C 809 68.40 -95.89 -79.43
C GLU C 809 67.74 -96.46 -80.67
N ARG C 810 66.43 -96.68 -80.57
CA ARG C 810 65.62 -97.09 -81.70
C ARG C 810 64.90 -95.88 -82.27
N LEU C 811 64.67 -95.91 -83.58
CA LEU C 811 64.05 -94.77 -84.25
C LEU C 811 62.62 -94.59 -83.76
N ARG C 812 62.38 -93.49 -83.05
CA ARG C 812 61.07 -93.20 -82.46
C ARG C 812 60.70 -91.76 -82.74
N LEU C 813 59.46 -91.53 -83.17
CA LEU C 813 58.93 -90.18 -83.33
C LEU C 813 58.33 -89.74 -82.01
N GLU C 814 58.75 -88.57 -81.53
CA GLU C 814 58.39 -88.08 -80.22
C GLU C 814 58.17 -86.57 -80.26
N PRO C 815 57.38 -86.03 -79.36
CA PRO C 815 57.28 -84.57 -79.24
C PRO C 815 58.61 -83.97 -78.79
N ILE C 816 58.87 -82.77 -79.27
CA ILE C 816 60.19 -82.16 -79.06
C ILE C 816 60.41 -81.81 -77.60
N LYS C 817 59.62 -80.87 -77.07
CA LYS C 817 59.75 -80.41 -75.70
C LYS C 817 58.39 -80.57 -75.04
N GLU C 818 58.14 -81.74 -74.48
CA GLU C 818 56.84 -82.08 -73.92
C GLU C 818 56.89 -82.08 -72.40
N TYR C 819 55.76 -81.74 -71.78
CA TYR C 819 55.59 -81.80 -70.34
C TYR C 819 54.42 -82.68 -69.93
N ARG C 820 53.83 -83.41 -70.88
CA ARG C 820 52.69 -84.25 -70.57
C ARG C 820 52.65 -85.39 -71.57
N ARG C 821 52.25 -86.57 -71.11
CA ARG C 821 52.07 -87.73 -71.98
C ARG C 821 50.89 -88.53 -71.47
N GLU C 822 50.66 -89.67 -72.11
CA GLU C 822 49.58 -90.58 -71.74
C GLU C 822 50.18 -91.92 -71.31
N GLY C 823 49.65 -92.47 -70.24
CA GLY C 823 50.05 -93.78 -69.77
C GLY C 823 48.86 -94.66 -69.46
N PRO C 824 49.06 -95.65 -68.59
CA PRO C 824 47.95 -96.56 -68.24
C PRO C 824 46.86 -95.87 -67.43
N ARG C 825 47.24 -95.16 -66.37
CA ARG C 825 46.24 -94.53 -65.51
C ARG C 825 45.61 -93.31 -66.17
N GLY C 826 46.36 -92.60 -67.01
CA GLY C 826 45.84 -91.44 -67.68
C GLY C 826 46.93 -90.44 -68.04
N PRO C 827 46.66 -89.16 -67.82
CA PRO C 827 47.68 -88.14 -68.08
C PRO C 827 48.85 -88.26 -67.11
N HIS C 828 50.05 -88.41 -67.66
CA HIS C 828 51.27 -88.51 -66.88
C HIS C 828 52.11 -87.26 -67.09
N LEU C 829 52.43 -86.58 -66.00
CA LEU C 829 53.30 -85.42 -66.06
C LEU C 829 54.74 -85.86 -66.16
N VAL C 830 55.47 -85.33 -67.13
CA VAL C 830 56.89 -85.61 -67.27
C VAL C 830 57.66 -84.32 -67.06
N GLY C 831 58.89 -84.47 -66.58
CA GLY C 831 59.74 -83.33 -66.34
C GLY C 831 60.57 -83.01 -67.56
N PRO C 832 61.74 -82.44 -67.34
CA PRO C 832 62.66 -82.17 -68.45
C PRO C 832 63.28 -83.45 -68.99
N SER C 833 64.24 -83.33 -69.91
CA SER C 833 64.89 -84.49 -70.48
C SER C 833 66.40 -84.27 -70.51
N ARG C 834 67.14 -85.36 -70.47
CA ARG C 834 68.59 -85.33 -70.60
C ARG C 834 68.94 -85.26 -72.08
N CYS C 835 69.41 -84.10 -72.53
CA CYS C 835 69.67 -83.85 -73.94
C CYS C 835 71.17 -83.88 -74.21
N LEU C 836 71.52 -84.28 -75.43
CA LEU C 836 72.90 -84.39 -75.85
C LEU C 836 73.37 -83.07 -76.47
N SER C 837 74.64 -83.04 -76.87
CA SER C 837 75.23 -81.88 -77.52
C SER C 837 76.36 -82.36 -78.41
N HIS C 838 77.20 -81.42 -78.84
CA HIS C 838 78.44 -81.77 -79.52
C HIS C 838 79.55 -82.12 -78.53
N THR C 839 79.44 -81.67 -77.28
CA THR C 839 80.47 -81.94 -76.29
C THR C 839 80.57 -83.42 -75.98
N ASP C 840 79.44 -84.11 -75.84
CA ASP C 840 79.47 -85.55 -75.59
C ASP C 840 79.60 -86.37 -76.88
N PHE C 841 79.48 -85.73 -78.04
CA PHE C 841 79.76 -86.37 -79.31
C PHE C 841 81.21 -86.23 -79.73
N VAL C 842 81.98 -85.36 -79.06
CA VAL C 842 83.41 -85.26 -79.29
C VAL C 842 84.13 -86.06 -78.21
N PRO C 843 85.19 -86.79 -78.55
CA PRO C 843 85.97 -87.48 -77.50
C PRO C 843 87.18 -86.68 -77.06
N CYS C 844 87.47 -86.71 -75.75
CA CYS C 844 88.63 -86.04 -75.18
C CYS C 844 89.39 -87.02 -74.30
N PRO C 845 90.34 -87.75 -74.87
CA PRO C 845 91.06 -88.77 -74.11
C PRO C 845 92.23 -88.17 -73.33
N VAL C 846 92.87 -89.02 -72.53
CA VAL C 846 94.04 -88.65 -71.74
C VAL C 846 95.29 -89.08 -72.50
N ASP C 847 96.24 -88.17 -72.66
CA ASP C 847 97.48 -88.48 -73.35
C ASP C 847 98.34 -89.38 -72.46
N THR C 848 98.66 -90.57 -72.95
CA THR C 848 99.46 -91.52 -72.20
C THR C 848 100.86 -91.72 -72.76
N VAL C 849 101.23 -90.97 -73.80
CA VAL C 849 102.59 -91.08 -74.35
C VAL C 849 103.60 -90.24 -73.58
N GLN C 850 103.14 -89.42 -72.63
CA GLN C 850 104.01 -88.58 -71.83
C GLN C 850 104.29 -89.16 -70.45
N ILE C 851 104.02 -90.45 -70.26
CA ILE C 851 104.12 -91.09 -68.95
C ILE C 851 105.50 -91.73 -68.83
N VAL C 852 106.19 -91.46 -67.71
CA VAL C 852 107.52 -92.01 -67.50
C VAL C 852 107.43 -93.52 -67.25
N LEU C 853 108.52 -94.21 -67.55
CA LEU C 853 108.54 -95.66 -67.45
C LEU C 853 109.32 -96.09 -66.21
N PRO C 854 108.68 -96.64 -65.19
CA PRO C 854 109.41 -97.17 -64.04
C PRO C 854 110.02 -98.52 -64.37
N PRO C 855 110.84 -99.09 -63.47
CA PRO C 855 111.28 -100.48 -63.69
C PRO C 855 110.14 -101.48 -63.73
N HIS C 856 109.04 -101.19 -63.03
CA HIS C 856 107.89 -102.09 -63.03
C HIS C 856 107.27 -102.21 -64.42
N LEU C 857 107.40 -101.16 -65.23
CA LEU C 857 107.01 -101.22 -66.63
C LEU C 857 107.61 -102.46 -67.30
N GLU C 858 108.94 -102.56 -67.31
CA GLU C 858 109.59 -103.72 -67.89
C GLU C 858 109.39 -104.98 -67.05
N ARG C 859 109.04 -104.82 -65.77
CA ARG C 859 108.78 -105.99 -64.93
C ARG C 859 107.60 -106.80 -65.46
N ILE C 860 106.49 -106.12 -65.79
CA ILE C 860 105.27 -106.82 -66.19
C ILE C 860 105.01 -106.75 -67.69
N ARG C 861 105.74 -105.91 -68.43
CA ARG C 861 105.47 -105.70 -69.85
C ARG C 861 105.58 -107.00 -70.65
N GLU C 862 106.43 -107.92 -70.24
CA GLU C 862 106.61 -109.16 -70.98
C GLU C 862 105.91 -110.36 -70.36
N LYS C 863 105.67 -110.36 -69.06
CA LYS C 863 104.86 -111.44 -68.50
C LYS C 863 103.42 -111.32 -68.94
N LEU C 864 102.91 -110.08 -69.02
CA LEU C 864 101.60 -109.85 -69.64
C LEU C 864 101.60 -110.31 -71.09
N ALA C 865 102.68 -110.05 -71.81
CA ALA C 865 102.77 -110.48 -73.21
C ALA C 865 102.78 -111.99 -73.32
N GLU C 866 103.44 -112.68 -72.38
CA GLU C 866 103.48 -114.14 -72.41
C GLU C 866 102.09 -114.74 -72.17
N ASN C 867 101.37 -114.22 -71.18
CA ASN C 867 99.99 -114.66 -71.00
C ASN C 867 99.13 -114.27 -72.19
N ILE C 868 99.45 -113.15 -72.85
CA ILE C 868 98.76 -112.76 -74.07
C ILE C 868 98.97 -113.79 -75.17
N HIS C 869 100.19 -114.32 -75.28
CA HIS C 869 100.46 -115.39 -76.23
C HIS C 869 99.71 -116.66 -75.86
N GLU C 870 99.53 -116.91 -74.55
CA GLU C 870 98.71 -118.03 -74.13
C GLU C 870 97.26 -117.86 -74.61
N LEU C 871 96.73 -116.64 -74.48
CA LEU C 871 95.40 -116.38 -75.02
C LEU C 871 95.38 -116.46 -76.54
N TRP C 872 96.51 -116.15 -77.20
CA TRP C 872 96.58 -116.32 -78.65
C TRP C 872 96.40 -117.78 -79.04
N ALA C 873 97.10 -118.67 -78.34
CA ALA C 873 96.91 -120.10 -78.55
C ALA C 873 95.48 -120.50 -78.22
N LEU C 874 94.91 -119.94 -77.16
CA LEU C 874 93.54 -120.26 -76.79
C LEU C 874 92.56 -119.84 -77.88
N THR C 875 92.76 -118.67 -78.47
CA THR C 875 91.84 -118.18 -79.49
C THR C 875 91.95 -119.00 -80.78
N ARG C 876 93.16 -119.36 -81.18
CA ARG C 876 93.27 -120.17 -82.40
C ARG C 876 92.75 -121.58 -82.17
N ILE C 877 92.84 -122.10 -80.94
CA ILE C 877 92.24 -123.39 -80.62
C ILE C 877 90.71 -123.28 -80.68
N GLU C 878 90.15 -122.24 -80.06
CA GLU C 878 88.70 -122.09 -80.03
C GLU C 878 88.14 -121.83 -81.43
N GLN C 879 88.91 -121.21 -82.30
CA GLN C 879 88.48 -120.99 -83.68
C GLN C 879 88.72 -122.25 -84.49
N GLY C 880 88.58 -122.15 -85.80
CA GLY C 880 88.82 -123.27 -86.69
C GLY C 880 90.28 -123.53 -87.01
N TRP C 881 91.19 -122.76 -86.43
CA TRP C 881 92.60 -122.89 -86.69
C TRP C 881 93.19 -124.07 -85.91
N THR C 882 94.44 -124.41 -86.23
CA THR C 882 95.11 -125.56 -85.64
C THR C 882 96.57 -125.17 -85.36
N TYR C 883 97.40 -126.19 -85.11
CA TYR C 883 98.80 -125.98 -84.74
C TYR C 883 99.69 -125.99 -85.96
N GLY C 884 100.69 -125.09 -85.97
CA GLY C 884 101.64 -125.02 -87.04
C GLY C 884 102.89 -124.23 -86.65
N PRO C 885 104.00 -124.49 -87.33
CA PRO C 885 105.22 -123.72 -87.04
C PRO C 885 105.28 -122.37 -87.75
N VAL C 886 104.63 -122.27 -88.92
CA VAL C 886 104.84 -121.13 -89.81
C VAL C 886 104.06 -119.91 -89.34
N ARG C 887 104.33 -118.76 -89.93
CA ARG C 887 103.84 -117.47 -89.44
C ARG C 887 102.59 -117.04 -90.21
N ASP C 888 101.53 -117.85 -90.11
CA ASP C 888 100.27 -117.51 -90.80
C ASP C 888 99.13 -118.18 -90.04
N ASP C 889 98.43 -117.41 -89.21
CA ASP C 889 97.31 -117.95 -88.46
C ASP C 889 96.17 -118.38 -89.37
N ASN C 890 96.00 -117.71 -90.51
CA ASN C 890 94.91 -118.01 -91.42
C ASN C 890 95.01 -119.41 -92.02
N LYS C 891 96.20 -120.01 -92.01
CA LYS C 891 96.43 -121.34 -92.56
C LYS C 891 96.69 -122.38 -91.49
N ARG C 892 96.14 -122.15 -90.29
CA ARG C 892 96.24 -123.08 -89.15
C ARG C 892 97.69 -123.24 -88.69
N LEU C 893 98.39 -122.12 -88.58
CA LEU C 893 99.79 -122.10 -88.18
C LEU C 893 100.02 -121.09 -87.07
N HIS C 894 100.97 -121.39 -86.19
CA HIS C 894 101.34 -120.55 -85.06
C HIS C 894 102.70 -119.92 -85.31
N PRO C 895 102.80 -118.59 -85.42
CA PRO C 895 104.10 -117.97 -85.75
C PRO C 895 105.20 -118.24 -84.74
N CYS C 896 104.88 -118.24 -83.44
CA CYS C 896 105.93 -118.38 -82.43
C CYS C 896 106.49 -119.79 -82.39
N LEU C 897 105.61 -120.81 -82.47
CA LEU C 897 105.95 -122.23 -82.46
C LEU C 897 106.64 -122.68 -81.17
N VAL C 898 106.72 -121.81 -80.16
CA VAL C 898 107.24 -122.15 -78.84
C VAL C 898 106.30 -121.50 -77.83
N ASN C 899 106.26 -122.07 -76.62
CA ASN C 899 105.48 -121.48 -75.54
C ASN C 899 105.88 -120.03 -75.31
N PHE C 900 107.17 -119.79 -75.12
CA PHE C 900 107.70 -118.43 -75.11
C PHE C 900 107.80 -117.99 -76.57
N HIS C 901 107.35 -116.77 -76.85
CA HIS C 901 107.30 -116.30 -78.23
C HIS C 901 108.72 -116.16 -78.80
N SER C 902 109.07 -117.07 -79.70
CA SER C 902 110.34 -116.99 -80.43
C SER C 902 110.15 -116.12 -81.67
N LEU C 903 109.71 -114.89 -81.41
CA LEU C 903 109.13 -113.89 -82.28
C LEU C 903 110.20 -112.95 -82.82
N PRO C 904 110.13 -112.55 -84.08
CA PRO C 904 111.16 -111.66 -84.62
C PRO C 904 110.93 -110.22 -84.23
N GLU C 905 111.73 -109.31 -84.78
CA GLU C 905 111.59 -107.88 -84.49
C GLU C 905 110.18 -107.31 -84.72
N PRO C 906 109.44 -107.64 -85.80
CA PRO C 906 108.09 -107.09 -85.96
C PRO C 906 107.12 -107.43 -84.84
N GLU C 907 106.84 -108.72 -84.64
CA GLU C 907 105.78 -109.11 -83.72
C GLU C 907 106.19 -108.99 -82.26
N ARG C 908 107.49 -109.11 -81.96
CA ARG C 908 107.95 -108.88 -80.59
C ARG C 908 107.67 -107.44 -80.17
N ASN C 909 108.00 -106.48 -81.05
CA ASN C 909 107.69 -105.07 -80.80
C ASN C 909 106.18 -104.87 -80.82
N TYR C 910 105.47 -105.61 -81.67
CA TYR C 910 104.02 -105.55 -81.73
C TYR C 910 103.38 -105.77 -80.37
N ASN C 911 103.77 -106.84 -79.67
CA ASN C 911 103.23 -107.05 -78.33
C ASN C 911 103.89 -106.13 -77.29
N LEU C 912 105.18 -105.83 -77.49
CA LEU C 912 105.91 -104.96 -76.55
C LEU C 912 105.21 -103.63 -76.36
N GLN C 913 104.91 -102.95 -77.47
CA GLN C 913 104.44 -101.57 -77.39
C GLN C 913 103.04 -101.48 -76.80
N MET C 914 102.16 -102.42 -77.12
CA MET C 914 100.81 -102.36 -76.56
C MET C 914 100.75 -102.81 -75.11
N SER C 915 101.57 -103.79 -74.70
CA SER C 915 101.65 -104.09 -73.27
C SER C 915 102.15 -102.89 -72.50
N GLY C 916 103.19 -102.23 -73.02
CA GLY C 916 103.66 -101.00 -72.40
C GLY C 916 102.61 -99.93 -72.36
N GLU C 917 101.86 -99.75 -73.46
CA GLU C 917 100.83 -98.72 -73.52
C GLU C 917 99.70 -98.99 -72.53
N THR C 918 99.36 -100.25 -72.31
CA THR C 918 98.40 -100.58 -71.27
C THR C 918 98.91 -100.11 -69.90
N LEU C 919 100.19 -100.35 -69.63
CA LEU C 919 100.76 -99.83 -68.39
C LEU C 919 100.78 -98.30 -68.36
N LYS C 920 100.97 -97.67 -69.52
CA LYS C 920 100.96 -96.20 -69.60
C LYS C 920 99.59 -95.63 -69.25
N THR C 921 98.52 -96.25 -69.79
CA THR C 921 97.17 -95.79 -69.44
C THR C 921 96.88 -96.02 -67.97
N LEU C 922 97.36 -97.14 -67.41
CA LEU C 922 97.21 -97.38 -65.97
C LEU C 922 97.85 -96.24 -65.17
N LEU C 923 99.11 -95.94 -65.46
CA LEU C 923 99.82 -94.91 -64.71
C LEU C 923 99.19 -93.54 -64.90
N ALA C 924 98.78 -93.22 -66.13
CA ALA C 924 98.20 -91.92 -66.41
C ALA C 924 96.87 -91.73 -65.68
N LEU C 925 96.02 -92.74 -65.67
CA LEU C 925 94.69 -92.62 -65.10
C LEU C 925 94.66 -92.92 -63.60
N GLY C 926 95.77 -93.35 -63.01
CA GLY C 926 95.87 -93.42 -61.56
C GLY C 926 96.07 -94.80 -60.97
N CYS C 927 96.04 -95.87 -61.76
CA CYS C 927 96.35 -97.19 -61.25
C CYS C 927 97.81 -97.26 -60.82
N HIS C 928 98.06 -97.93 -59.69
CA HIS C 928 99.42 -98.09 -59.21
C HIS C 928 100.16 -99.12 -60.06
N VAL C 929 101.48 -99.15 -59.90
CA VAL C 929 102.34 -99.99 -60.73
C VAL C 929 103.24 -100.83 -59.82
N GLY C 930 103.61 -102.00 -60.31
CA GLY C 930 104.38 -102.99 -59.58
C GLY C 930 103.53 -104.22 -59.31
N MET C 931 104.14 -105.40 -59.46
CA MET C 931 103.44 -106.67 -59.29
C MET C 931 104.25 -107.55 -58.34
N ALA C 932 104.02 -107.37 -57.04
CA ALA C 932 104.64 -108.20 -56.01
C ALA C 932 103.73 -109.39 -55.76
N ASP C 933 104.04 -110.53 -56.39
CA ASP C 933 103.15 -111.68 -56.32
C ASP C 933 103.18 -112.36 -54.96
N GLU C 934 104.34 -112.38 -54.30
CA GLU C 934 104.54 -113.11 -53.04
C GLU C 934 104.12 -114.57 -53.18
N LYS C 935 104.84 -115.27 -54.05
CA LYS C 935 104.63 -116.67 -54.41
C LYS C 935 103.33 -116.92 -55.14
N ALA C 936 102.64 -115.87 -55.60
CA ALA C 936 101.45 -116.08 -56.41
C ALA C 936 101.79 -116.62 -57.79
N GLU C 937 102.97 -116.27 -58.33
CA GLU C 937 103.41 -116.86 -59.58
C GLU C 937 103.64 -118.35 -59.43
N ASP C 938 104.22 -118.77 -58.30
CA ASP C 938 104.34 -120.19 -58.02
C ASP C 938 102.98 -120.85 -57.84
N ASN C 939 102.05 -120.15 -57.20
CA ASN C 939 100.69 -120.66 -57.04
C ASN C 939 100.01 -120.79 -58.40
N LEU C 940 100.39 -119.97 -59.37
CA LEU C 940 99.75 -119.97 -60.68
C LEU C 940 100.03 -121.31 -61.37
N LYS C 941 98.96 -122.02 -61.74
CA LYS C 941 99.09 -123.38 -62.24
C LYS C 941 99.89 -123.45 -63.53
N LYS C 942 99.50 -122.65 -64.54
CA LYS C 942 100.05 -122.75 -65.89
C LYS C 942 99.90 -124.17 -66.45
N THR C 943 98.73 -124.77 -66.22
CA THR C 943 98.51 -126.16 -66.61
C THR C 943 97.23 -126.37 -67.44
N LYS C 944 96.47 -125.31 -67.72
CA LYS C 944 95.24 -125.45 -68.49
C LYS C 944 95.60 -125.41 -69.98
N LEU C 945 96.09 -126.55 -70.47
CA LEU C 945 96.57 -126.68 -71.83
C LEU C 945 95.69 -127.66 -72.59
N PRO C 946 95.11 -127.25 -73.74
CA PRO C 946 94.27 -128.19 -74.49
C PRO C 946 95.00 -129.39 -75.05
N LYS C 947 96.34 -129.31 -75.17
CA LYS C 947 97.19 -130.40 -75.65
C LYS C 947 96.85 -130.83 -77.07
N THR C 948 96.22 -129.95 -77.86
CA THR C 948 95.93 -130.26 -79.24
C THR C 948 97.17 -130.14 -80.13
N TYR C 949 98.20 -129.43 -79.66
CA TYR C 949 99.42 -129.26 -80.43
C TYR C 949 100.09 -130.60 -80.67
N MET C 950 100.56 -130.80 -81.90
CA MET C 950 101.20 -132.05 -82.31
C MET C 950 102.71 -132.00 -82.22
N MET C 951 103.30 -130.81 -82.09
CA MET C 951 104.74 -130.65 -82.05
C MET C 951 105.06 -129.60 -80.99
N SER C 952 106.28 -129.05 -81.06
CA SER C 952 106.70 -128.03 -80.10
C SER C 952 105.93 -126.73 -80.26
N ASN C 953 105.14 -126.58 -81.33
CA ASN C 953 104.35 -125.37 -81.53
C ASN C 953 103.33 -125.18 -80.42
N GLY C 954 103.07 -123.91 -80.10
CA GLY C 954 102.13 -123.57 -79.05
C GLY C 954 102.57 -124.03 -77.67
N TYR C 955 101.84 -124.99 -77.12
CA TYR C 955 102.10 -125.53 -75.78
C TYR C 955 102.07 -124.42 -74.72
N LYS C 956 101.14 -123.49 -74.87
CA LYS C 956 100.98 -122.39 -73.92
C LYS C 956 99.75 -122.64 -73.06
N PRO C 957 99.90 -122.97 -71.78
CA PRO C 957 98.73 -123.26 -70.95
C PRO C 957 98.24 -122.03 -70.19
N ALA C 958 96.93 -122.02 -69.97
CA ALA C 958 96.33 -120.96 -69.16
C ALA C 958 96.65 -121.21 -67.69
N PRO C 959 96.94 -120.15 -66.92
CA PRO C 959 97.32 -120.32 -65.51
C PRO C 959 96.18 -120.17 -64.51
N LEU C 960 94.93 -120.08 -64.96
CA LEU C 960 93.76 -119.94 -64.08
C LEU C 960 93.86 -118.67 -63.24
N ASP C 961 94.07 -117.54 -63.93
CA ASP C 961 94.22 -116.26 -63.25
C ASP C 961 92.96 -115.87 -62.48
N LEU C 962 91.80 -115.98 -63.12
CA LEU C 962 90.55 -115.61 -62.46
C LEU C 962 90.23 -116.56 -61.31
N SER C 963 90.49 -117.86 -61.50
CA SER C 963 90.21 -118.82 -60.45
C SER C 963 91.09 -118.59 -59.23
N HIS C 964 92.35 -118.20 -59.45
CA HIS C 964 93.24 -117.92 -58.32
C HIS C 964 92.88 -116.59 -57.65
N VAL C 965 92.58 -115.56 -58.43
CA VAL C 965 92.21 -114.25 -57.90
C VAL C 965 91.15 -113.64 -58.79
N ARG C 966 90.03 -113.24 -58.18
CA ARG C 966 88.89 -112.69 -58.92
C ARG C 966 88.91 -111.17 -58.88
N LEU C 967 88.13 -110.58 -59.78
CA LEU C 967 88.07 -109.14 -59.91
C LEU C 967 87.17 -108.53 -58.84
N THR C 968 87.28 -107.21 -58.68
CA THR C 968 86.49 -106.43 -57.74
C THR C 968 85.75 -105.33 -58.50
N PRO C 969 84.60 -104.87 -58.00
CA PRO C 969 83.82 -103.87 -58.76
C PRO C 969 84.58 -102.58 -59.05
N ALA C 970 85.44 -102.13 -58.13
CA ALA C 970 86.28 -100.98 -58.43
C ALA C 970 87.18 -101.25 -59.62
N GLN C 971 87.77 -102.44 -59.68
CA GLN C 971 88.61 -102.80 -60.81
C GLN C 971 87.81 -102.95 -62.09
N THR C 972 86.56 -103.39 -62.01
CA THR C 972 85.74 -103.48 -63.22
C THR C 972 85.43 -102.10 -63.77
N THR C 973 85.12 -101.14 -62.90
CA THR C 973 84.94 -99.76 -63.39
C THR C 973 86.26 -99.20 -63.93
N LEU C 974 87.38 -99.59 -63.36
CA LEU C 974 88.67 -99.22 -63.95
C LEU C 974 88.80 -99.80 -65.35
N VAL C 975 88.35 -101.03 -65.55
CA VAL C 975 88.36 -101.64 -66.89
C VAL C 975 87.50 -100.82 -67.84
N ASP C 976 86.32 -100.40 -67.38
CA ASP C 976 85.42 -99.63 -68.24
C ASP C 976 86.05 -98.32 -68.67
N ARG C 977 86.66 -97.58 -67.74
CA ARG C 977 87.23 -96.30 -68.14
C ARG C 977 88.54 -96.47 -68.92
N LEU C 978 89.27 -97.56 -68.69
CA LEU C 978 90.46 -97.83 -69.49
C LEU C 978 90.08 -98.13 -70.94
N ALA C 979 89.09 -99.00 -71.14
CA ALA C 979 88.60 -99.26 -72.49
C ALA C 979 87.97 -98.01 -73.10
N GLU C 980 87.38 -97.15 -72.27
CA GLU C 980 86.89 -95.87 -72.74
C GLU C 980 88.04 -95.00 -73.26
N ASN C 981 89.16 -94.98 -72.55
CA ASN C 981 90.30 -94.19 -72.98
C ASN C 981 90.88 -94.73 -74.29
N GLY C 982 90.96 -96.05 -74.42
CA GLY C 982 91.40 -96.63 -75.69
C GLY C 982 90.44 -96.32 -76.82
N HIS C 983 89.14 -96.39 -76.54
CA HIS C 983 88.14 -96.02 -77.54
C HIS C 983 88.29 -94.56 -77.93
N ASN C 984 88.59 -93.70 -76.97
CA ASN C 984 88.67 -92.27 -77.25
C ASN C 984 89.93 -91.91 -78.02
N VAL C 985 91.06 -92.55 -77.73
CA VAL C 985 92.26 -92.27 -78.50
C VAL C 985 92.11 -92.81 -79.93
N TRP C 986 91.48 -93.98 -80.08
CA TRP C 986 91.27 -94.51 -81.42
C TRP C 986 90.32 -93.61 -82.20
N ALA C 987 89.24 -93.14 -81.55
CA ALA C 987 88.33 -92.21 -82.19
C ALA C 987 89.02 -90.90 -82.52
N ARG C 988 89.93 -90.46 -81.64
CA ARG C 988 90.65 -89.21 -81.88
C ARG C 988 91.50 -89.30 -83.15
N ASP C 989 92.23 -90.39 -83.32
CA ASP C 989 93.07 -90.50 -84.52
C ASP C 989 92.22 -90.71 -85.77
N ARG C 990 91.11 -91.47 -85.65
CA ARG C 990 90.23 -91.64 -86.81
C ARG C 990 89.62 -90.32 -87.23
N VAL C 991 89.24 -89.48 -86.26
CA VAL C 991 88.71 -88.16 -86.58
C VAL C 991 89.80 -87.27 -87.16
N ALA C 992 91.03 -87.39 -86.64
CA ALA C 992 92.12 -86.56 -87.13
C ALA C 992 92.43 -86.85 -88.60
N GLN C 993 92.45 -88.12 -88.98
CA GLN C 993 92.57 -88.42 -90.40
C GLN C 993 91.27 -88.16 -91.15
N GLY C 994 90.16 -88.07 -90.45
CA GLY C 994 88.87 -87.74 -91.03
C GLY C 994 87.98 -88.96 -91.21
N TRP C 995 87.08 -89.18 -90.25
CA TRP C 995 86.14 -90.29 -90.31
C TRP C 995 84.76 -89.76 -89.88
N SER C 996 83.73 -90.52 -90.23
CA SER C 996 82.35 -90.13 -89.94
C SER C 996 81.59 -91.31 -89.35
N TYR C 997 80.62 -91.00 -88.49
CA TYR C 997 79.77 -92.01 -87.89
C TYR C 997 78.60 -92.32 -88.81
N SER C 998 78.37 -93.61 -89.06
CA SER C 998 77.25 -94.07 -89.85
C SER C 998 76.95 -95.51 -89.50
N ALA C 999 75.67 -95.85 -89.39
CA ALA C 999 75.26 -97.19 -88.97
C ALA C 999 75.74 -98.28 -89.92
N VAL C 1000 76.00 -97.93 -91.18
CA VAL C 1000 76.62 -98.86 -92.12
C VAL C 1000 78.09 -98.47 -92.25
N GLN C 1001 78.97 -99.45 -92.05
CA GLN C 1001 80.41 -99.19 -92.03
C GLN C 1001 80.93 -99.14 -93.46
N ASP C 1002 80.91 -97.95 -94.04
CA ASP C 1002 81.41 -97.73 -95.40
C ASP C 1002 82.91 -97.43 -95.30
N ILE C 1003 83.71 -98.49 -95.40
CA ILE C 1003 85.16 -98.34 -95.27
C ILE C 1003 85.75 -97.38 -96.32
N PRO C 1004 85.40 -97.46 -97.61
CA PRO C 1004 85.92 -96.46 -98.56
C PRO C 1004 85.50 -95.04 -98.26
N ALA C 1005 84.41 -94.84 -97.51
CA ALA C 1005 83.96 -93.51 -97.12
C ALA C 1005 84.41 -93.14 -95.72
N ARG C 1006 85.23 -93.97 -95.08
CA ARG C 1006 85.70 -93.77 -93.71
C ARG C 1006 84.51 -93.66 -92.74
N ARG C 1007 83.46 -94.41 -93.03
CA ARG C 1007 82.24 -94.44 -92.25
C ARG C 1007 82.26 -95.66 -91.33
N ASN C 1008 81.89 -95.46 -90.08
CA ASN C 1008 81.94 -96.56 -89.12
C ASN C 1008 81.00 -96.30 -87.94
N PRO C 1009 80.16 -97.27 -87.57
CA PRO C 1009 79.16 -97.06 -86.53
C PRO C 1009 79.69 -97.12 -85.10
N ARG C 1010 81.00 -97.19 -84.90
CA ARG C 1010 81.56 -97.36 -83.57
C ARG C 1010 82.69 -96.39 -83.28
N LEU C 1011 82.73 -95.24 -83.96
CA LEU C 1011 83.78 -94.26 -83.73
C LEU C 1011 83.34 -93.09 -82.88
N VAL C 1012 82.07 -93.03 -82.50
CA VAL C 1012 81.58 -92.00 -81.58
C VAL C 1012 82.15 -92.32 -80.20
N PRO C 1013 82.25 -91.34 -79.28
CA PRO C 1013 82.85 -91.61 -77.96
C PRO C 1013 82.24 -92.79 -77.21
N TYR C 1014 83.01 -93.35 -76.27
CA TYR C 1014 82.69 -94.63 -75.67
C TYR C 1014 81.36 -94.62 -74.92
N ARG C 1015 80.89 -93.46 -74.49
CA ARG C 1015 79.62 -93.36 -73.77
C ARG C 1015 78.41 -93.54 -74.65
N LEU C 1016 78.55 -93.92 -75.92
CA LEU C 1016 77.42 -94.06 -76.83
C LEU C 1016 77.31 -95.43 -77.49
N LEU C 1017 78.37 -96.22 -77.52
CA LEU C 1017 78.31 -97.52 -78.18
C LEU C 1017 77.48 -98.51 -77.38
N ASP C 1018 76.86 -99.45 -78.10
CA ASP C 1018 75.99 -100.45 -77.51
C ASP C 1018 76.81 -101.41 -76.63
N GLU C 1019 76.08 -102.25 -75.90
CA GLU C 1019 76.71 -103.16 -74.95
C GLU C 1019 77.60 -104.20 -75.62
N ALA C 1020 77.37 -104.49 -76.90
CA ALA C 1020 78.22 -105.46 -77.59
C ALA C 1020 79.62 -104.92 -77.79
N THR C 1021 79.74 -103.69 -78.29
CA THR C 1021 81.06 -103.08 -78.49
C THR C 1021 81.77 -102.87 -77.16
N LYS C 1022 81.02 -102.42 -76.15
CA LYS C 1022 81.62 -102.20 -74.82
C LYS C 1022 82.19 -103.49 -74.26
N ARG C 1023 81.38 -104.56 -74.25
CA ARG C 1023 81.83 -105.83 -73.71
C ARG C 1023 82.99 -106.41 -74.54
N SER C 1024 82.91 -106.29 -75.86
CA SER C 1024 83.97 -106.82 -76.72
C SER C 1024 85.27 -106.02 -76.59
N ASN C 1025 85.20 -104.77 -76.14
CA ASN C 1025 86.41 -103.99 -75.93
C ASN C 1025 86.91 -104.03 -74.49
N ARG C 1026 86.11 -104.54 -73.54
CA ARG C 1026 86.56 -104.61 -72.17
C ARG C 1026 86.79 -106.02 -71.65
N ASP C 1027 86.34 -107.06 -72.36
CA ASP C 1027 86.51 -108.42 -71.86
C ASP C 1027 87.98 -108.84 -71.86
N SER C 1028 88.71 -108.53 -72.93
CA SER C 1028 90.15 -108.80 -72.95
C SER C 1028 90.89 -107.99 -71.91
N LEU C 1029 90.43 -106.78 -71.64
CA LEU C 1029 90.99 -105.98 -70.57
C LEU C 1029 90.76 -106.62 -69.21
N CYS C 1030 89.57 -107.20 -69.01
CA CYS C 1030 89.29 -107.93 -67.78
C CYS C 1030 90.23 -109.12 -67.63
N GLN C 1031 90.47 -109.85 -68.73
CA GLN C 1031 91.43 -110.94 -68.69
C GLN C 1031 92.83 -110.46 -68.33
N ALA C 1032 93.23 -109.30 -68.87
CA ALA C 1032 94.50 -108.71 -68.48
C ALA C 1032 94.53 -108.39 -66.99
N VAL C 1033 93.40 -107.94 -66.45
CA VAL C 1033 93.32 -107.67 -65.02
C VAL C 1033 93.44 -108.95 -64.21
N ARG C 1034 92.86 -110.05 -64.71
CA ARG C 1034 93.07 -111.34 -64.06
C ARG C 1034 94.55 -111.71 -64.04
N THR C 1035 95.24 -111.44 -65.16
CA THR C 1035 96.67 -111.72 -65.22
C THR C 1035 97.44 -110.89 -64.20
N LEU C 1036 97.08 -109.61 -64.04
CA LEU C 1036 97.71 -108.79 -63.02
C LEU C 1036 97.45 -109.32 -61.61
N LEU C 1037 96.21 -109.73 -61.34
CA LEU C 1037 95.88 -110.27 -60.03
C LEU C 1037 96.64 -111.56 -59.75
N GLY C 1038 96.78 -112.41 -60.77
CA GLY C 1038 97.62 -113.58 -60.63
C GLY C 1038 99.08 -113.24 -60.38
N TYR C 1039 99.54 -112.14 -60.96
CA TYR C 1039 100.88 -111.63 -60.69
C TYR C 1039 100.96 -110.83 -59.40
N GLY C 1040 99.87 -110.73 -58.65
CA GLY C 1040 99.90 -110.02 -57.38
C GLY C 1040 100.14 -108.54 -57.52
N TYR C 1041 99.45 -107.91 -58.46
CA TYR C 1041 99.66 -106.49 -58.73
C TYR C 1041 99.24 -105.64 -57.54
N ASN C 1042 100.04 -104.62 -57.24
CA ASN C 1042 99.74 -103.65 -56.20
C ASN C 1042 98.88 -102.50 -56.72
N ILE C 1043 98.14 -102.73 -57.81
CA ILE C 1043 97.30 -101.70 -58.40
C ILE C 1043 96.19 -101.32 -57.44
N GLU C 1044 96.00 -100.02 -57.23
CA GLU C 1044 94.95 -99.52 -56.35
C GLU C 1044 94.12 -98.50 -57.13
N PRO C 1045 92.79 -98.63 -57.12
CA PRO C 1045 91.94 -97.66 -57.81
C PRO C 1045 92.11 -96.27 -57.23
N PRO C 1046 92.09 -95.22 -58.07
CA PRO C 1046 92.19 -93.81 -57.69
C PRO C 1046 91.25 -93.42 -56.55
N ASN C 1055 75.49 -66.91 -62.43
CA ASN C 1055 75.23 -68.16 -61.72
C ASN C 1055 74.12 -68.95 -62.41
N GLN C 1056 74.31 -70.25 -62.56
CA GLN C 1056 73.34 -71.12 -63.22
C GLN C 1056 72.84 -72.14 -62.19
N SER C 1057 71.58 -72.00 -61.79
CA SER C 1057 70.96 -72.90 -60.83
C SER C 1057 70.38 -74.14 -61.49
N ARG C 1058 70.48 -74.25 -62.82
CA ARG C 1058 69.94 -75.36 -63.59
C ARG C 1058 68.42 -75.47 -63.39
N TRP C 1059 67.74 -74.37 -63.68
CA TRP C 1059 66.29 -74.39 -63.71
C TRP C 1059 65.75 -75.21 -64.87
N ASP C 1060 66.56 -75.42 -65.90
CA ASP C 1060 66.11 -76.18 -67.06
C ASP C 1060 65.85 -77.64 -66.72
N ARG C 1061 66.58 -78.18 -65.75
CA ARG C 1061 66.44 -79.58 -65.37
C ARG C 1061 65.35 -79.83 -64.34
N VAL C 1062 64.66 -78.79 -63.88
CA VAL C 1062 63.62 -78.94 -62.88
C VAL C 1062 62.33 -78.31 -63.40
N ARG C 1063 61.21 -78.91 -63.05
CA ARG C 1063 59.89 -78.41 -63.45
C ARG C 1063 58.94 -78.52 -62.27
N ILE C 1064 58.27 -77.41 -61.96
CA ILE C 1064 57.33 -77.34 -60.85
C ILE C 1064 55.92 -77.35 -61.42
N PHE C 1065 55.07 -78.22 -60.89
CA PHE C 1065 53.68 -78.33 -61.29
C PHE C 1065 52.81 -78.07 -60.09
N ARG C 1066 51.91 -77.09 -60.18
CA ARG C 1066 51.09 -76.70 -59.05
C ARG C 1066 49.66 -76.49 -59.51
N ALA C 1067 48.70 -76.88 -58.67
CA ALA C 1067 47.30 -76.62 -58.99
C ALA C 1067 47.01 -75.12 -59.01
N GLU C 1068 45.99 -74.73 -59.79
CA GLU C 1068 45.71 -73.31 -59.97
C GLU C 1068 45.33 -72.64 -58.66
N LYS C 1069 45.73 -71.38 -58.51
CA LYS C 1069 45.54 -70.64 -57.27
C LYS C 1069 44.08 -70.39 -56.92
N SER C 1070 43.14 -70.72 -57.81
CA SER C 1070 41.74 -70.63 -57.45
C SER C 1070 41.28 -71.82 -56.63
N TYR C 1071 42.11 -72.85 -56.49
CA TYR C 1071 41.74 -74.07 -55.77
C TYR C 1071 42.41 -74.14 -54.39
N THR C 1072 42.89 -73.02 -53.88
CA THR C 1072 43.54 -73.03 -52.57
C THR C 1072 42.56 -73.44 -51.49
N VAL C 1073 43.09 -74.13 -50.48
CA VAL C 1073 42.29 -74.55 -49.33
C VAL C 1073 42.93 -73.95 -48.09
N GLN C 1074 42.11 -73.31 -47.27
CA GLN C 1074 42.54 -72.80 -45.98
C GLN C 1074 41.87 -73.50 -44.82
N SER C 1075 41.01 -74.47 -45.09
CA SER C 1075 40.35 -75.25 -44.05
C SER C 1075 39.97 -76.60 -44.63
N GLY C 1076 39.93 -77.61 -43.77
CA GLY C 1076 39.59 -78.95 -44.17
C GLY C 1076 40.79 -79.88 -44.15
N ARG C 1077 40.51 -81.13 -44.50
CA ARG C 1077 41.52 -82.20 -44.52
C ARG C 1077 41.50 -82.83 -45.90
N TRP C 1078 42.63 -82.75 -46.61
CA TRP C 1078 42.68 -83.13 -48.02
C TRP C 1078 43.76 -84.17 -48.26
N TYR C 1079 43.71 -84.76 -49.45
CA TYR C 1079 44.51 -85.94 -49.80
C TYR C 1079 44.64 -85.98 -51.31
N PHE C 1080 45.88 -86.05 -51.80
CA PHE C 1080 46.14 -86.15 -53.24
C PHE C 1080 47.33 -87.06 -53.47
N GLU C 1081 47.19 -87.98 -54.42
CA GLU C 1081 48.21 -88.99 -54.66
C GLU C 1081 49.20 -88.55 -55.71
N PHE C 1082 50.43 -89.04 -55.57
CA PHE C 1082 51.46 -88.90 -56.59
C PHE C 1082 52.01 -90.29 -56.88
N GLU C 1083 51.79 -90.77 -58.10
CA GLU C 1083 52.27 -92.08 -58.51
C GLU C 1083 53.62 -91.92 -59.18
N ALA C 1084 54.54 -92.84 -58.87
CA ALA C 1084 55.90 -92.80 -59.41
C ALA C 1084 56.02 -93.79 -60.56
N VAL C 1085 56.46 -93.32 -61.71
CA VAL C 1085 56.78 -94.21 -62.83
C VAL C 1085 58.26 -94.49 -62.90
N THR C 1086 59.09 -93.46 -62.77
CA THR C 1086 60.53 -93.60 -62.69
C THR C 1086 60.98 -93.23 -61.28
N THR C 1087 62.23 -93.55 -60.98
CA THR C 1087 62.83 -93.24 -59.68
C THR C 1087 63.89 -92.16 -59.90
N GLY C 1088 63.59 -90.95 -59.48
CA GLY C 1088 64.52 -89.85 -59.59
C GLY C 1088 64.23 -88.83 -58.52
N GLU C 1089 64.68 -87.60 -58.77
CA GLU C 1089 64.46 -86.49 -57.85
C GLU C 1089 63.03 -86.00 -58.02
N MET C 1090 62.10 -86.70 -57.37
CA MET C 1090 60.69 -86.37 -57.41
C MET C 1090 60.27 -85.87 -56.03
N ARG C 1091 59.76 -84.64 -55.99
CA ARG C 1091 59.32 -83.98 -54.78
C ARG C 1091 57.81 -83.80 -54.85
N VAL C 1092 57.13 -83.94 -53.73
CA VAL C 1092 55.67 -83.85 -53.72
C VAL C 1092 55.24 -83.27 -52.38
N GLY C 1093 54.19 -82.46 -52.40
CA GLY C 1093 53.71 -81.91 -51.14
C GLY C 1093 52.76 -80.74 -51.38
N TRP C 1094 52.70 -79.86 -50.39
CA TRP C 1094 51.80 -78.70 -50.42
C TRP C 1094 52.62 -77.43 -50.35
N ALA C 1095 52.25 -76.45 -51.16
CA ALA C 1095 53.01 -75.21 -51.25
C ALA C 1095 52.07 -74.02 -51.12
N ARG C 1096 52.61 -72.94 -50.57
CA ARG C 1096 51.88 -71.68 -50.55
C ARG C 1096 51.71 -71.18 -51.98
N PRO C 1097 50.58 -70.54 -52.29
CA PRO C 1097 50.28 -70.19 -53.69
C PRO C 1097 51.25 -69.20 -54.29
N GLU C 1098 52.02 -68.48 -53.47
CA GLU C 1098 52.92 -67.43 -53.96
C GLU C 1098 54.36 -67.92 -54.03
N LEU C 1099 54.57 -69.22 -54.26
CA LEU C 1099 55.91 -69.77 -54.30
C LEU C 1099 56.67 -69.24 -55.52
N ARG C 1100 57.96 -69.03 -55.33
CA ARG C 1100 58.77 -68.46 -56.39
C ARG C 1100 59.18 -69.55 -57.38
N PRO C 1101 59.00 -69.34 -58.68
CA PRO C 1101 59.29 -70.42 -59.64
C PRO C 1101 60.78 -70.68 -59.82
N ASP C 1102 61.63 -69.68 -59.64
CA ASP C 1102 63.06 -69.88 -59.88
C ASP C 1102 63.68 -70.80 -58.83
N VAL C 1103 63.40 -70.56 -57.56
CA VAL C 1103 63.98 -71.33 -56.48
C VAL C 1103 63.24 -72.66 -56.34
N GLU C 1104 63.98 -73.71 -56.04
CA GLU C 1104 63.42 -75.06 -55.99
C GLU C 1104 62.55 -75.24 -54.75
N LEU C 1105 61.79 -76.33 -54.75
CA LEU C 1105 60.91 -76.63 -53.63
C LEU C 1105 61.69 -76.99 -52.39
N GLY C 1106 61.15 -76.59 -51.23
CA GLY C 1106 61.77 -76.85 -49.96
C GLY C 1106 62.80 -75.83 -49.54
N ALA C 1107 63.54 -75.26 -50.49
CA ALA C 1107 64.51 -74.24 -50.14
C ALA C 1107 63.83 -73.02 -49.57
N ASP C 1108 62.66 -72.67 -50.10
CA ASP C 1108 61.87 -71.56 -49.59
C ASP C 1108 60.97 -72.03 -48.47
N GLU C 1109 60.54 -71.07 -47.64
CA GLU C 1109 59.58 -71.38 -46.59
C GLU C 1109 58.17 -71.53 -47.13
N LEU C 1110 57.94 -71.23 -48.41
CA LEU C 1110 56.62 -71.35 -49.02
C LEU C 1110 56.37 -72.72 -49.61
N ALA C 1111 57.10 -73.75 -49.18
CA ALA C 1111 56.93 -75.08 -49.75
C ALA C 1111 57.15 -76.12 -48.65
N TYR C 1112 56.09 -76.81 -48.25
CA TYR C 1112 56.20 -77.99 -47.41
C TYR C 1112 56.19 -79.18 -48.34
N VAL C 1113 57.37 -79.62 -48.76
CA VAL C 1113 57.50 -80.64 -49.78
C VAL C 1113 58.36 -81.76 -49.23
N PHE C 1114 58.24 -82.94 -49.83
CA PHE C 1114 59.01 -84.11 -49.42
C PHE C 1114 59.62 -84.73 -50.67
N ASN C 1115 60.93 -84.90 -50.66
CA ASN C 1115 61.67 -85.50 -51.77
C ASN C 1115 61.76 -87.00 -51.53
N GLY C 1116 61.08 -87.77 -52.37
CA GLY C 1116 61.06 -89.21 -52.20
C GLY C 1116 62.21 -89.96 -52.82
N HIS C 1117 63.15 -89.26 -53.45
CA HIS C 1117 64.34 -89.93 -53.97
C HIS C 1117 65.14 -90.54 -52.83
N ARG C 1118 65.26 -89.82 -51.71
CA ARG C 1118 65.90 -90.33 -50.51
C ARG C 1118 64.96 -90.31 -49.31
N GLY C 1119 63.70 -89.96 -49.52
CA GLY C 1119 62.72 -89.91 -48.45
C GLY C 1119 62.71 -88.65 -47.62
N GLN C 1120 63.61 -87.71 -47.90
CA GLN C 1120 63.84 -86.60 -46.99
C GLN C 1120 62.85 -85.48 -47.20
N ARG C 1121 62.32 -84.96 -46.09
CA ARG C 1121 61.37 -83.86 -46.16
C ARG C 1121 62.11 -82.53 -46.24
N TRP C 1122 61.35 -81.47 -46.57
CA TRP C 1122 61.92 -80.17 -46.90
C TRP C 1122 60.89 -79.11 -46.54
N HIS C 1123 61.16 -78.33 -45.49
CA HIS C 1123 60.41 -77.12 -45.23
C HIS C 1123 61.29 -75.88 -45.38
N LEU C 1124 62.41 -75.83 -44.68
CA LEU C 1124 63.40 -74.79 -44.88
C LEU C 1124 64.77 -75.37 -45.20
N GLY C 1125 64.86 -76.69 -45.30
CA GLY C 1125 66.11 -77.34 -45.62
C GLY C 1125 65.91 -78.84 -45.68
N SER C 1126 66.99 -79.56 -45.95
CA SER C 1126 66.93 -81.01 -46.00
C SER C 1126 66.72 -81.57 -44.60
N GLU C 1127 65.82 -82.55 -44.48
CA GLU C 1127 65.60 -83.23 -43.22
C GLU C 1127 65.38 -84.71 -43.46
N PRO C 1128 66.24 -85.58 -42.92
CA PRO C 1128 66.05 -87.02 -43.10
C PRO C 1128 64.71 -87.48 -42.53
N PHE C 1129 64.04 -88.34 -43.28
CA PHE C 1129 62.69 -88.76 -42.95
C PHE C 1129 62.36 -89.94 -43.85
N GLY C 1130 61.44 -90.79 -43.40
CA GLY C 1130 60.86 -91.86 -44.20
C GLY C 1130 61.89 -92.78 -44.81
N ARG C 1131 61.56 -93.30 -45.98
CA ARG C 1131 62.45 -94.15 -46.74
C ARG C 1131 62.40 -93.76 -48.21
N PRO C 1132 63.49 -93.97 -48.95
CA PRO C 1132 63.44 -93.78 -50.40
C PRO C 1132 62.47 -94.76 -51.02
N TRP C 1133 61.85 -94.33 -52.12
CA TRP C 1133 60.84 -95.13 -52.79
C TRP C 1133 61.40 -95.77 -54.05
N GLN C 1134 60.53 -96.49 -54.76
CA GLN C 1134 60.87 -97.15 -56.01
C GLN C 1134 59.80 -96.85 -57.05
N SER C 1135 59.98 -97.39 -58.24
CA SER C 1135 58.97 -97.28 -59.27
C SER C 1135 57.70 -98.02 -58.87
N GLY C 1136 56.56 -97.44 -59.20
CA GLY C 1136 55.27 -98.02 -58.85
C GLY C 1136 54.73 -97.61 -57.50
N ASP C 1137 55.49 -96.84 -56.72
CA ASP C 1137 55.03 -96.41 -55.41
C ASP C 1137 54.16 -95.16 -55.53
N VAL C 1138 53.09 -95.12 -54.73
CA VAL C 1138 52.19 -93.98 -54.66
C VAL C 1138 52.33 -93.34 -53.29
N VAL C 1139 52.39 -92.01 -53.27
CA VAL C 1139 52.53 -91.26 -52.03
C VAL C 1139 51.26 -90.43 -51.82
N GLY C 1140 50.70 -90.52 -50.61
CA GLY C 1140 49.35 -90.04 -50.32
C GLY C 1140 49.20 -88.58 -49.96
N CYS C 1141 50.15 -88.03 -49.20
CA CYS C 1141 50.26 -86.59 -48.95
C CYS C 1141 48.98 -85.99 -48.38
N MET C 1142 48.54 -86.50 -47.23
CA MET C 1142 47.38 -85.88 -46.59
C MET C 1142 47.82 -84.63 -45.84
N ILE C 1143 46.94 -83.64 -45.81
CA ILE C 1143 47.15 -82.43 -45.03
C ILE C 1143 45.88 -82.16 -44.24
N ASP C 1144 46.03 -81.68 -43.01
CA ASP C 1144 44.90 -81.27 -42.20
C ASP C 1144 45.21 -79.90 -41.59
N LEU C 1145 44.40 -78.90 -41.97
CA LEU C 1145 44.57 -77.55 -41.49
C LEU C 1145 43.89 -77.32 -40.15
N THR C 1146 43.11 -78.29 -39.67
CA THR C 1146 42.56 -78.20 -38.32
C THR C 1146 43.65 -78.48 -37.28
N GLU C 1147 44.50 -79.47 -37.54
CA GLU C 1147 45.62 -79.79 -36.68
C GLU C 1147 46.94 -79.21 -37.18
N ASN C 1148 46.92 -78.48 -38.29
CA ASN C 1148 48.08 -77.76 -38.81
C ASN C 1148 49.25 -78.69 -39.11
N THR C 1149 48.97 -79.83 -39.73
CA THR C 1149 50.03 -80.79 -40.01
C THR C 1149 49.86 -81.40 -41.40
N ILE C 1150 50.94 -82.02 -41.87
CA ILE C 1150 50.96 -82.78 -43.12
C ILE C 1150 51.59 -84.14 -42.84
N ILE C 1151 50.94 -85.20 -43.32
CA ILE C 1151 51.38 -86.56 -43.09
C ILE C 1151 51.47 -87.26 -44.44
N PHE C 1152 52.61 -87.90 -44.70
CA PHE C 1152 52.85 -88.61 -45.96
C PHE C 1152 52.71 -90.11 -45.75
N THR C 1153 52.08 -90.77 -46.71
CA THR C 1153 52.00 -92.23 -46.74
C THR C 1153 52.67 -92.73 -48.01
N LEU C 1154 53.39 -93.84 -47.89
CA LEU C 1154 54.05 -94.48 -49.03
C LEU C 1154 53.45 -95.87 -49.18
N ASN C 1155 52.73 -96.09 -50.29
CA ASN C 1155 52.05 -97.35 -50.57
C ASN C 1155 51.08 -97.73 -49.46
N GLY C 1156 50.36 -96.74 -48.94
CA GLY C 1156 49.35 -96.98 -47.93
C GLY C 1156 49.87 -97.11 -46.53
N GLU C 1157 51.17 -97.00 -46.31
CA GLU C 1157 51.78 -97.11 -44.99
C GLU C 1157 52.39 -95.76 -44.62
N VAL C 1158 52.09 -95.29 -43.42
CA VAL C 1158 52.53 -93.96 -43.00
C VAL C 1158 54.05 -93.95 -42.90
N LEU C 1159 54.68 -93.03 -43.63
CA LEU C 1159 56.12 -92.84 -43.51
C LEU C 1159 56.45 -92.30 -42.12
N MET C 1160 57.59 -92.76 -41.59
CA MET C 1160 57.97 -92.48 -40.21
C MET C 1160 59.25 -91.65 -40.19
N SER C 1161 59.27 -90.65 -39.31
CA SER C 1161 60.45 -89.80 -39.19
C SER C 1161 61.52 -90.50 -38.36
N ASP C 1162 62.69 -89.87 -38.29
CA ASP C 1162 63.78 -90.41 -37.50
C ASP C 1162 63.44 -90.44 -36.01
N SER C 1163 62.74 -89.40 -35.54
CA SER C 1163 62.33 -89.33 -34.14
C SER C 1163 61.11 -90.19 -33.85
N GLY C 1164 60.46 -90.73 -34.87
CA GLY C 1164 59.27 -91.55 -34.66
C GLY C 1164 57.97 -90.80 -34.71
N SER C 1165 57.96 -89.57 -35.22
CA SER C 1165 56.75 -88.77 -35.30
C SER C 1165 56.01 -89.05 -36.60
N GLU C 1166 54.69 -89.20 -36.50
CA GLU C 1166 53.89 -89.51 -37.68
C GLU C 1166 53.84 -88.32 -38.63
N THR C 1167 53.56 -87.13 -38.11
CA THR C 1167 53.45 -85.95 -38.95
C THR C 1167 54.83 -85.46 -39.34
N ALA C 1168 55.00 -85.16 -40.63
CA ALA C 1168 56.29 -84.66 -41.10
C ALA C 1168 56.52 -83.21 -40.67
N PHE C 1169 55.49 -82.38 -40.76
CA PHE C 1169 55.58 -80.97 -40.40
C PHE C 1169 54.48 -80.62 -39.43
N ARG C 1170 54.78 -79.73 -38.48
CA ARG C 1170 53.83 -79.29 -37.48
C ARG C 1170 53.88 -77.77 -37.37
N GLU C 1171 52.97 -77.23 -36.56
CA GLU C 1171 52.92 -75.79 -36.25
C GLU C 1171 52.83 -74.94 -37.51
N ILE C 1172 51.99 -75.36 -38.45
CA ILE C 1172 51.80 -74.64 -39.69
C ILE C 1172 50.73 -73.57 -39.49
N GLU C 1173 51.09 -72.32 -39.72
CA GLU C 1173 50.13 -71.24 -39.65
C GLU C 1173 49.13 -71.35 -40.80
N ILE C 1174 47.99 -70.67 -40.64
CA ILE C 1174 46.92 -70.79 -41.62
C ILE C 1174 47.34 -70.21 -42.96
N GLY C 1175 48.19 -69.19 -42.96
CA GLY C 1175 48.72 -68.54 -44.14
C GLY C 1175 47.66 -68.11 -45.12
N ASP C 1176 48.03 -68.07 -46.39
CA ASP C 1176 47.08 -67.78 -47.46
C ASP C 1176 46.39 -69.03 -47.98
N GLY C 1177 46.81 -70.21 -47.54
CA GLY C 1177 46.32 -71.47 -48.06
C GLY C 1177 47.44 -72.32 -48.60
N PHE C 1178 47.08 -73.49 -49.10
CA PHE C 1178 48.06 -74.42 -49.62
C PHE C 1178 47.51 -75.11 -50.85
N LEU C 1179 48.41 -75.48 -51.75
CA LEU C 1179 48.09 -76.03 -53.05
C LEU C 1179 48.92 -77.28 -53.31
N PRO C 1180 48.35 -78.26 -53.99
CA PRO C 1180 49.13 -79.44 -54.38
C PRO C 1180 50.24 -79.03 -55.34
N VAL C 1181 51.47 -79.48 -55.04
CA VAL C 1181 52.65 -79.14 -55.80
C VAL C 1181 53.54 -80.37 -55.93
N CYS C 1182 54.26 -80.44 -57.05
CA CYS C 1182 55.20 -81.51 -57.28
C CYS C 1182 56.33 -81.01 -58.17
N SER C 1183 57.55 -81.43 -57.87
CA SER C 1183 58.73 -81.08 -58.64
C SER C 1183 59.31 -82.33 -59.26
N LEU C 1184 59.61 -82.27 -60.56
CA LEU C 1184 60.14 -83.39 -61.30
C LEU C 1184 61.56 -83.09 -61.74
N GLY C 1185 62.48 -84.00 -61.46
CA GLY C 1185 63.83 -83.88 -61.95
C GLY C 1185 63.95 -84.29 -63.40
N PRO C 1186 65.17 -84.24 -63.92
CA PRO C 1186 65.39 -84.52 -65.35
C PRO C 1186 65.09 -85.98 -65.67
N GLY C 1187 64.19 -86.19 -66.63
CA GLY C 1187 63.82 -87.54 -67.02
C GLY C 1187 63.05 -88.29 -65.97
N GLN C 1188 62.04 -87.65 -65.37
CA GLN C 1188 61.20 -88.28 -64.37
C GLN C 1188 59.75 -88.23 -64.83
N VAL C 1189 59.01 -89.31 -64.55
CA VAL C 1189 57.62 -89.42 -64.94
C VAL C 1189 56.77 -89.72 -63.71
N GLY C 1190 55.73 -88.93 -63.51
CA GLY C 1190 54.83 -89.12 -62.39
C GLY C 1190 53.39 -88.95 -62.83
N HIS C 1191 52.50 -89.34 -61.92
CA HIS C 1191 51.05 -89.23 -62.14
C HIS C 1191 50.46 -88.49 -60.94
N LEU C 1192 50.16 -87.21 -61.12
CA LEU C 1192 49.62 -86.38 -60.03
C LEU C 1192 48.11 -86.55 -60.01
N ASN C 1193 47.64 -87.58 -59.30
CA ASN C 1193 46.21 -87.85 -59.21
C ASN C 1193 45.66 -87.04 -58.05
N LEU C 1194 45.05 -85.89 -58.36
CA LEU C 1194 44.52 -85.05 -57.30
C LEU C 1194 43.37 -85.72 -56.56
N GLY C 1195 42.64 -86.60 -57.23
CA GLY C 1195 41.57 -87.32 -56.57
C GLY C 1195 40.22 -87.01 -57.18
N GLN C 1196 40.21 -86.69 -58.48
CA GLN C 1196 38.96 -86.40 -59.16
C GLN C 1196 38.04 -87.61 -59.16
N ASP C 1197 38.58 -88.80 -59.38
CA ASP C 1197 37.81 -90.03 -59.41
C ASP C 1197 38.32 -90.97 -58.33
N VAL C 1198 37.39 -91.44 -57.49
CA VAL C 1198 37.76 -92.24 -56.32
C VAL C 1198 38.27 -93.61 -56.73
N SER C 1199 37.64 -94.23 -57.74
CA SER C 1199 38.08 -95.56 -58.18
C SER C 1199 39.49 -95.49 -58.75
N SER C 1200 39.81 -94.42 -59.47
CA SER C 1200 41.18 -94.21 -59.90
C SER C 1200 42.09 -93.91 -58.74
N LEU C 1201 41.57 -93.28 -57.69
CA LEU C 1201 42.37 -92.98 -56.50
C LEU C 1201 42.62 -94.24 -55.68
N ARG C 1202 43.77 -94.88 -55.92
CA ARG C 1202 44.13 -96.08 -55.20
C ARG C 1202 44.60 -95.74 -53.78
N PHE C 1203 44.49 -96.73 -52.90
CA PHE C 1203 45.03 -96.70 -51.54
C PHE C 1203 44.40 -95.61 -50.66
N PHE C 1204 43.38 -94.91 -51.17
CA PHE C 1204 42.70 -93.92 -50.36
C PHE C 1204 41.96 -94.58 -49.20
N ALA C 1205 41.32 -95.73 -49.47
CA ALA C 1205 40.71 -96.50 -48.39
C ALA C 1205 41.76 -97.06 -47.45
N ILE C 1206 42.95 -97.36 -47.96
CA ILE C 1206 44.03 -97.83 -47.11
C ILE C 1206 44.44 -96.73 -46.12
N CYS C 1207 44.52 -95.50 -46.59
CA CYS C 1207 44.84 -94.39 -45.69
C CYS C 1207 44.11 -93.14 -46.19
N GLY C 1208 42.97 -92.84 -45.55
CA GLY C 1208 42.31 -91.58 -45.76
C GLY C 1208 40.79 -91.64 -45.75
N LEU C 1209 40.22 -92.79 -46.10
CA LEU C 1209 38.77 -92.90 -46.15
C LEU C 1209 38.17 -92.82 -44.76
N GLN C 1210 38.70 -93.60 -43.81
CA GLN C 1210 38.21 -93.57 -42.45
C GLN C 1210 38.95 -92.56 -41.57
N GLU C 1211 40.04 -91.98 -42.08
CA GLU C 1211 40.77 -90.98 -41.32
C GLU C 1211 40.14 -89.59 -41.45
N GLY C 1212 39.08 -89.45 -42.24
CA GLY C 1212 38.40 -88.20 -42.40
C GLY C 1212 38.98 -87.28 -43.46
N PHE C 1213 40.07 -87.67 -44.10
CA PHE C 1213 40.63 -86.87 -45.16
C PHE C 1213 39.78 -87.02 -46.43
N GLU C 1214 39.88 -86.02 -47.30
CA GLU C 1214 39.01 -85.98 -48.45
C GLU C 1214 39.85 -85.85 -49.71
N PRO C 1215 39.45 -86.48 -50.81
CA PRO C 1215 40.21 -86.33 -52.06
C PRO C 1215 40.17 -84.88 -52.53
N PHE C 1216 41.36 -84.31 -52.71
CA PHE C 1216 41.46 -82.94 -53.17
C PHE C 1216 40.79 -82.79 -54.51
N ALA C 1217 39.83 -81.87 -54.59
CA ALA C 1217 39.12 -81.57 -55.83
C ALA C 1217 38.43 -82.81 -56.39
N ILE C 1218 37.47 -83.30 -55.63
CA ILE C 1218 36.74 -84.52 -56.00
C ILE C 1218 35.40 -84.19 -56.65
N ASN C 1219 34.61 -83.32 -56.04
CA ASN C 1219 33.29 -83.02 -56.58
C ASN C 1219 33.33 -82.11 -57.79
N MET C 1220 34.45 -81.44 -58.04
CA MET C 1220 34.54 -80.54 -59.18
C MET C 1220 34.50 -81.34 -60.47
N GLN C 1221 33.55 -81.00 -61.34
CA GLN C 1221 33.29 -81.81 -62.53
C GLN C 1221 34.43 -81.68 -63.53
N ARG C 1222 34.87 -80.47 -63.79
CA ARG C 1222 35.95 -80.32 -64.75
C ARG C 1222 37.29 -80.67 -64.11
N PRO C 1223 38.24 -81.15 -64.91
CA PRO C 1223 39.58 -81.43 -64.36
C PRO C 1223 40.26 -80.17 -63.89
N VAL C 1224 41.13 -80.33 -62.89
CA VAL C 1224 41.82 -79.19 -62.29
C VAL C 1224 42.91 -78.71 -63.23
N THR C 1225 42.86 -77.43 -63.58
CA THR C 1225 43.95 -76.84 -64.36
C THR C 1225 45.19 -76.70 -63.49
N THR C 1226 46.35 -76.90 -64.11
CA THR C 1226 47.62 -76.85 -63.42
C THR C 1226 48.58 -75.93 -64.16
N TRP C 1227 49.59 -75.47 -63.43
CA TRP C 1227 50.57 -74.52 -63.93
C TRP C 1227 51.95 -75.12 -63.80
N PHE C 1228 52.72 -75.09 -64.89
CA PHE C 1228 54.07 -75.61 -64.90
C PHE C 1228 55.05 -74.45 -65.01
N SER C 1229 56.24 -74.66 -64.46
CA SER C 1229 57.28 -73.64 -64.51
C SER C 1229 57.92 -73.65 -65.89
N LYS C 1230 57.41 -72.79 -66.76
CA LYS C 1230 58.02 -72.59 -68.06
C LYS C 1230 59.46 -72.13 -67.92
N SER C 1231 60.37 -72.83 -68.60
CA SER C 1231 61.79 -72.56 -68.53
C SER C 1231 62.24 -71.48 -69.50
N LEU C 1232 61.35 -70.99 -70.36
CA LEU C 1232 61.73 -69.96 -71.31
C LEU C 1232 61.95 -68.66 -70.56
N PRO C 1233 63.13 -68.08 -70.59
CA PRO C 1233 63.36 -66.81 -69.88
C PRO C 1233 62.57 -65.68 -70.52
N GLN C 1234 62.14 -64.75 -69.67
CA GLN C 1234 61.31 -63.66 -70.15
C GLN C 1234 61.66 -62.39 -69.41
N PHE C 1235 61.52 -61.25 -70.09
CA PHE C 1235 61.74 -59.98 -69.44
C PHE C 1235 60.54 -59.64 -68.57
N GLU C 1236 60.81 -59.26 -67.33
CA GLU C 1236 59.79 -58.76 -66.42
C GLU C 1236 60.26 -57.45 -65.83
N PRO C 1237 59.33 -56.57 -65.43
CA PRO C 1237 59.73 -55.28 -64.86
C PRO C 1237 60.55 -55.47 -63.61
N VAL C 1238 61.43 -54.50 -63.35
CA VAL C 1238 62.34 -54.63 -62.21
C VAL C 1238 61.52 -54.65 -60.92
N PRO C 1239 61.84 -55.54 -59.98
CA PRO C 1239 61.14 -55.53 -58.70
C PRO C 1239 61.81 -54.57 -57.73
N PRO C 1240 61.06 -53.63 -57.17
CA PRO C 1240 61.61 -52.82 -56.06
C PRO C 1240 61.93 -53.66 -54.84
N GLU C 1241 61.30 -54.83 -54.71
CA GLU C 1241 61.53 -55.76 -53.61
C GLU C 1241 62.80 -56.58 -53.79
N HIS C 1242 63.48 -56.44 -54.91
CA HIS C 1242 64.72 -57.18 -55.13
C HIS C 1242 65.77 -56.70 -54.14
N PRO C 1243 66.39 -57.60 -53.37
CA PRO C 1243 67.37 -57.17 -52.37
C PRO C 1243 68.76 -56.94 -52.93
N HIS C 1244 68.99 -57.20 -54.20
CA HIS C 1244 70.31 -57.09 -54.78
C HIS C 1244 70.46 -55.96 -55.79
N TYR C 1245 69.40 -55.61 -56.51
CA TYR C 1245 69.48 -54.60 -57.57
C TYR C 1245 68.56 -53.44 -57.24
N GLU C 1246 69.00 -52.23 -57.61
CA GLU C 1246 68.22 -51.02 -57.37
C GLU C 1246 68.26 -50.17 -58.62
N VAL C 1247 67.15 -49.47 -58.89
CA VAL C 1247 67.08 -48.51 -59.99
C VAL C 1247 66.62 -47.18 -59.42
N ALA C 1248 67.32 -46.11 -59.78
CA ALA C 1248 66.97 -44.75 -59.38
C ALA C 1248 66.63 -43.97 -60.64
N ARG C 1249 65.43 -43.40 -60.67
CA ARG C 1249 64.95 -42.63 -61.81
C ARG C 1249 65.00 -41.15 -61.47
N MET C 1250 65.72 -40.38 -62.27
CA MET C 1250 65.83 -38.93 -62.08
C MET C 1250 65.49 -38.22 -63.37
N ASP C 1251 64.62 -37.22 -63.27
CA ASP C 1251 64.17 -36.41 -64.38
C ASP C 1251 64.49 -34.93 -64.13
N GLY C 1252 64.27 -34.12 -65.16
CA GLY C 1252 64.55 -32.70 -65.07
C GLY C 1252 66.01 -32.38 -64.89
N THR C 1253 66.89 -33.32 -65.20
CA THR C 1253 68.31 -33.15 -64.95
C THR C 1253 68.90 -32.07 -65.87
N VAL C 1254 69.80 -31.27 -65.31
CA VAL C 1254 70.41 -30.15 -66.03
C VAL C 1254 71.74 -30.63 -66.59
N ASP C 1255 71.98 -30.33 -67.88
CA ASP C 1255 73.19 -30.72 -68.60
C ASP C 1255 73.29 -32.26 -68.63
N THR C 1256 72.14 -32.92 -68.53
CA THR C 1256 72.05 -34.36 -68.45
C THR C 1256 70.66 -34.74 -68.94
N PRO C 1257 70.51 -35.77 -69.76
CA PRO C 1257 69.17 -36.25 -70.10
C PRO C 1257 68.55 -36.97 -68.91
N PRO C 1258 67.23 -37.15 -68.91
CA PRO C 1258 66.61 -37.98 -67.87
C PRO C 1258 67.20 -39.38 -67.87
N CYS C 1259 67.45 -39.89 -66.66
CA CYS C 1259 68.30 -41.05 -66.51
C CYS C 1259 67.71 -42.04 -65.52
N LEU C 1260 68.05 -43.31 -65.71
CA LEU C 1260 67.70 -44.39 -64.81
C LEU C 1260 68.99 -45.15 -64.49
N ARG C 1261 69.44 -45.06 -63.24
CA ARG C 1261 70.69 -45.67 -62.83
C ARG C 1261 70.43 -47.00 -62.15
N LEU C 1262 71.03 -48.06 -62.68
CA LEU C 1262 71.01 -49.37 -62.05
C LEU C 1262 72.27 -49.52 -61.21
N ALA C 1263 72.09 -49.78 -59.93
CA ALA C 1263 73.18 -49.95 -58.98
C ALA C 1263 72.97 -51.22 -58.17
N HIS C 1264 74.06 -51.72 -57.61
CA HIS C 1264 74.04 -52.94 -56.80
C HIS C 1264 73.83 -52.56 -55.35
N ARG C 1265 72.71 -53.03 -54.78
CA ARG C 1265 72.37 -52.69 -53.40
C ARG C 1265 73.31 -53.35 -52.41
N THR C 1266 73.86 -54.51 -52.75
CA THR C 1266 74.68 -55.29 -51.82
C THR C 1266 75.95 -55.77 -52.53
N TRP C 1267 76.58 -54.86 -53.27
CA TRP C 1267 77.82 -55.20 -53.95
C TRP C 1267 78.94 -55.40 -52.94
N GLY C 1268 79.74 -56.44 -53.16
CA GLY C 1268 80.87 -56.73 -52.29
C GLY C 1268 80.47 -57.07 -50.86
N SER C 1269 79.43 -57.89 -50.70
CA SER C 1269 78.95 -58.29 -49.38
C SER C 1269 78.75 -59.79 -49.35
N GLN C 1270 78.44 -60.31 -48.16
CA GLN C 1270 78.22 -61.73 -48.00
C GLN C 1270 76.92 -62.15 -48.67
N ASN C 1271 76.94 -63.32 -49.32
CA ASN C 1271 75.78 -63.90 -49.99
C ASN C 1271 75.21 -62.95 -51.05
N SER C 1272 76.11 -62.30 -51.80
CA SER C 1272 75.71 -61.38 -52.85
C SER C 1272 75.77 -62.11 -54.19
N LEU C 1273 74.66 -62.09 -54.93
CA LEU C 1273 74.57 -62.78 -56.21
C LEU C 1273 75.05 -61.83 -57.30
N VAL C 1274 76.03 -62.28 -58.08
CA VAL C 1274 76.54 -61.51 -59.21
C VAL C 1274 76.49 -62.42 -60.43
N GLU C 1275 75.70 -62.03 -61.43
CA GLU C 1275 75.51 -62.82 -62.64
C GLU C 1275 75.36 -61.84 -63.79
N MET C 1276 75.04 -62.37 -64.98
CA MET C 1276 74.80 -61.53 -66.13
C MET C 1276 73.43 -60.86 -66.00
N LEU C 1277 73.42 -59.54 -66.06
CA LEU C 1277 72.20 -58.75 -65.96
C LEU C 1277 71.76 -58.35 -67.35
N PHE C 1278 70.55 -58.75 -67.72
CA PHE C 1278 69.99 -58.53 -69.05
C PHE C 1278 68.88 -57.49 -68.91
N LEU C 1279 69.17 -56.26 -69.34
CA LEU C 1279 68.20 -55.18 -69.24
C LEU C 1279 67.47 -54.99 -70.57
N ARG C 1280 66.31 -54.38 -70.49
CA ARG C 1280 65.54 -54.03 -71.69
C ARG C 1280 64.54 -52.94 -71.30
N LEU C 1281 64.60 -51.81 -71.98
CA LEU C 1281 63.58 -50.79 -71.77
C LEU C 1281 62.24 -51.31 -72.28
N SER C 1282 61.18 -51.01 -71.52
CA SER C 1282 59.91 -51.68 -71.74
C SER C 1282 59.30 -51.34 -73.11
N LEU C 1283 59.36 -50.08 -73.50
CA LEU C 1283 58.60 -49.68 -74.68
C LEU C 1283 59.32 -50.07 -75.98
N PRO C 1284 58.58 -50.45 -77.01
CA PRO C 1284 59.20 -50.82 -78.28
C PRO C 1284 59.56 -49.60 -79.12
N VAL C 1285 60.34 -49.86 -80.17
CA VAL C 1285 60.57 -48.90 -81.25
C VAL C 1285 60.34 -49.64 -82.57
N GLN C 1286 59.40 -49.15 -83.37
CA GLN C 1286 59.01 -49.79 -84.61
C GLN C 1286 59.45 -48.93 -85.79
N PHE C 1287 59.96 -49.58 -86.82
CA PHE C 1287 60.31 -48.87 -88.04
C PHE C 1287 59.04 -48.44 -88.77
N HIS C 1288 59.21 -47.56 -89.76
CA HIS C 1288 58.09 -47.22 -90.61
C HIS C 1288 57.77 -48.40 -91.53
N GLN C 1289 56.62 -48.30 -92.21
CA GLN C 1289 56.12 -49.41 -93.01
C GLN C 1289 57.06 -49.75 -94.15
N HIS C 1290 57.68 -48.74 -94.76
CA HIS C 1290 58.60 -48.98 -95.86
C HIS C 1290 59.69 -47.92 -95.83
N PHE C 1291 60.81 -48.24 -96.48
CA PHE C 1291 61.98 -47.36 -96.51
C PHE C 1291 61.94 -46.52 -97.79
N ARG C 1292 60.96 -45.61 -97.84
CA ARG C 1292 60.76 -44.80 -99.03
C ARG C 1292 61.82 -43.72 -99.17
N CYS C 1293 62.20 -43.07 -98.07
CA CYS C 1293 63.20 -42.01 -98.09
C CYS C 1293 63.92 -41.99 -96.75
N THR C 1294 65.24 -41.95 -96.80
CA THR C 1294 66.07 -41.99 -95.60
C THR C 1294 65.77 -40.83 -94.66
N ASN C 1410 73.67 -30.09 -80.93
CA ASN C 1410 74.47 -28.90 -81.14
C ASN C 1410 73.62 -27.74 -81.61
N ARG C 1411 72.54 -27.47 -80.88
CA ARG C 1411 71.55 -26.43 -81.21
C ARG C 1411 71.08 -26.58 -82.66
N ASP C 1412 70.44 -27.71 -82.91
CA ASP C 1412 70.09 -28.10 -84.27
C ASP C 1412 68.98 -27.21 -84.83
N ASP C 1413 68.88 -27.21 -86.15
CA ASP C 1413 67.83 -26.46 -86.83
C ASP C 1413 66.48 -27.06 -86.48
N PRO C 1414 65.51 -26.26 -86.01
CA PRO C 1414 64.20 -26.81 -85.67
C PRO C 1414 63.50 -27.54 -86.81
N GLU C 1415 63.60 -27.02 -88.04
CA GLU C 1415 62.96 -27.70 -89.16
C GLU C 1415 63.67 -28.99 -89.51
N ILE C 1416 65.00 -29.04 -89.36
CA ILE C 1416 65.74 -30.27 -89.61
C ILE C 1416 65.40 -31.31 -88.55
N ILE C 1417 65.23 -30.87 -87.31
CA ILE C 1417 64.80 -31.77 -86.25
C ILE C 1417 63.41 -32.31 -86.55
N LEU C 1418 62.50 -31.45 -87.00
CA LEU C 1418 61.15 -31.91 -87.36
C LEU C 1418 61.19 -32.84 -88.56
N ASN C 1419 62.20 -32.72 -89.41
CA ASN C 1419 62.32 -33.57 -90.59
C ASN C 1419 63.14 -34.83 -90.34
N THR C 1420 63.77 -34.96 -89.18
CA THR C 1420 64.69 -36.07 -88.97
C THR C 1420 63.94 -37.39 -88.83
N THR C 1421 64.69 -38.48 -88.93
CA THR C 1421 64.13 -39.82 -88.79
C THR C 1421 64.88 -40.66 -87.75
N THR C 1422 66.06 -40.24 -87.32
CA THR C 1422 66.86 -41.05 -86.41
C THR C 1422 66.58 -40.69 -84.95
N TYR C 1423 66.99 -41.62 -84.08
CA TYR C 1423 66.84 -41.50 -82.62
C TYR C 1423 68.09 -42.09 -82.00
N TYR C 1424 68.33 -41.74 -80.74
CA TYR C 1424 69.63 -42.01 -80.13
C TYR C 1424 69.47 -42.09 -78.62
N TYR C 1425 69.87 -43.20 -78.01
CA TYR C 1425 69.96 -43.25 -76.56
C TYR C 1425 71.41 -43.44 -76.17
N SER C 1426 71.71 -43.23 -74.89
CA SER C 1426 73.08 -43.38 -74.43
C SER C 1426 73.10 -44.08 -73.09
N VAL C 1427 73.86 -45.17 -73.00
CA VAL C 1427 74.12 -45.82 -71.73
C VAL C 1427 75.47 -45.35 -71.23
N ARG C 1428 75.55 -45.00 -69.95
CA ARG C 1428 76.77 -44.48 -69.36
C ARG C 1428 77.31 -45.53 -68.40
N VAL C 1429 78.57 -45.91 -68.60
CA VAL C 1429 79.24 -46.91 -67.78
C VAL C 1429 80.06 -46.19 -66.72
N PHE C 1430 79.90 -46.60 -65.46
CA PHE C 1430 80.52 -45.93 -64.34
C PHE C 1430 81.94 -46.41 -64.09
N ALA C 1431 82.65 -45.66 -63.26
CA ALA C 1431 83.97 -46.08 -62.82
C ALA C 1431 83.87 -47.32 -61.96
N GLY C 1432 84.83 -48.22 -62.13
CA GLY C 1432 84.81 -49.51 -61.47
C GLY C 1432 84.05 -50.59 -62.20
N GLN C 1433 83.41 -50.27 -63.32
CA GLN C 1433 82.71 -51.24 -64.14
C GLN C 1433 83.56 -51.55 -65.36
N GLU C 1434 83.76 -52.83 -65.64
CA GLU C 1434 84.60 -53.24 -66.76
C GLU C 1434 83.87 -53.02 -68.08
N PRO C 1435 84.43 -52.24 -69.01
CA PRO C 1435 83.79 -52.08 -70.32
C PRO C 1435 83.72 -53.37 -71.11
N SER C 1436 84.55 -54.36 -70.80
CA SER C 1436 84.50 -55.63 -71.50
C SER C 1436 83.31 -56.48 -71.10
N CYS C 1437 82.60 -56.11 -70.04
CA CYS C 1437 81.41 -56.83 -69.59
C CYS C 1437 80.12 -56.10 -69.96
N VAL C 1438 80.17 -55.12 -70.85
CA VAL C 1438 79.03 -54.29 -71.20
C VAL C 1438 78.69 -54.52 -72.66
N TRP C 1439 77.43 -54.81 -72.93
CA TRP C 1439 76.95 -55.08 -74.29
C TRP C 1439 75.76 -54.18 -74.57
N VAL C 1440 75.87 -53.31 -75.57
CA VAL C 1440 74.87 -52.30 -75.87
C VAL C 1440 74.32 -52.55 -77.27
N GLY C 1441 73.00 -52.56 -77.40
CA GLY C 1441 72.40 -52.79 -78.69
C GLY C 1441 70.88 -52.78 -78.71
N TRP C 1442 70.28 -53.78 -79.34
CA TRP C 1442 68.86 -53.76 -79.69
C TRP C 1442 68.34 -55.18 -79.64
N VAL C 1443 67.33 -55.43 -78.82
CA VAL C 1443 66.76 -56.77 -78.67
C VAL C 1443 65.38 -56.80 -79.31
N THR C 1444 65.16 -57.80 -80.15
CA THR C 1444 63.82 -58.11 -80.61
C THR C 1444 63.03 -58.73 -79.47
N PRO C 1445 61.69 -58.80 -79.59
CA PRO C 1445 60.92 -59.52 -78.58
C PRO C 1445 61.36 -60.97 -78.44
N ASP C 1446 61.84 -61.57 -79.53
CA ASP C 1446 62.38 -62.93 -79.47
C ASP C 1446 63.84 -62.82 -79.02
N TYR C 1447 64.02 -62.71 -77.71
CA TYR C 1447 65.33 -62.86 -77.09
C TYR C 1447 65.15 -63.65 -75.81
N HIS C 1448 65.70 -64.86 -75.77
CA HIS C 1448 65.51 -65.76 -74.63
C HIS C 1448 66.81 -66.48 -74.30
N GLN C 1449 67.91 -65.73 -74.24
CA GLN C 1449 69.21 -66.26 -73.86
C GLN C 1449 69.62 -65.68 -72.52
N HIS C 1450 69.76 -66.56 -71.52
CA HIS C 1450 70.02 -66.16 -70.14
C HIS C 1450 71.39 -66.62 -69.65
N ASP C 1451 72.22 -67.18 -70.53
CA ASP C 1451 73.50 -67.72 -70.09
C ASP C 1451 74.38 -66.62 -69.51
N MET C 1452 75.01 -66.91 -68.38
CA MET C 1452 75.72 -65.93 -67.58
C MET C 1452 77.18 -65.78 -67.98
N ASN C 1453 77.71 -66.68 -68.80
CA ASN C 1453 79.01 -66.47 -69.44
C ASN C 1453 78.79 -65.96 -70.87
N PHE C 1454 78.17 -64.78 -70.93
CA PHE C 1454 77.68 -64.27 -72.20
C PHE C 1454 78.81 -63.92 -73.15
N ASP C 1455 78.66 -64.34 -74.40
CA ASP C 1455 79.62 -64.04 -75.45
C ASP C 1455 78.88 -63.55 -76.69
N LEU C 1456 79.46 -62.55 -77.34
CA LEU C 1456 78.84 -62.02 -78.56
C LEU C 1456 78.82 -63.06 -79.68
N SER C 1457 79.65 -64.10 -79.58
CA SER C 1457 79.63 -65.16 -80.57
C SER C 1457 78.40 -66.04 -80.42
N LYS C 1458 77.86 -66.13 -79.21
CA LYS C 1458 76.70 -67.00 -78.97
C LYS C 1458 75.41 -66.46 -79.54
N VAL C 1459 75.38 -65.20 -79.97
CA VAL C 1459 74.14 -64.64 -80.50
C VAL C 1459 73.78 -65.33 -81.82
N ARG C 1460 72.49 -65.31 -82.14
CA ARG C 1460 71.98 -65.99 -83.32
C ARG C 1460 71.71 -64.97 -84.42
N ALA C 1461 72.53 -65.02 -85.47
CA ALA C 1461 72.29 -64.29 -86.70
C ALA C 1461 72.26 -65.28 -87.84
N VAL C 1462 71.28 -65.13 -88.73
CA VAL C 1462 71.07 -66.06 -89.82
C VAL C 1462 70.71 -65.27 -91.07
N THR C 1463 71.22 -65.72 -92.22
CA THR C 1463 70.97 -65.04 -93.49
C THR C 1463 70.22 -65.98 -94.43
N VAL C 1464 69.38 -65.39 -95.26
CA VAL C 1464 68.59 -66.09 -96.26
C VAL C 1464 68.94 -65.53 -97.62
N THR C 1465 69.24 -66.40 -98.58
CA THR C 1465 69.63 -65.99 -99.92
C THR C 1465 68.67 -66.58 -100.94
N MET C 1466 67.99 -65.72 -101.68
CA MET C 1466 67.09 -66.12 -102.74
C MET C 1466 67.63 -65.61 -104.06
N GLY C 1467 67.63 -66.48 -105.08
CA GLY C 1467 68.21 -66.11 -106.36
C GLY C 1467 67.62 -66.84 -107.55
N ASP C 1468 68.35 -66.86 -108.66
CA ASP C 1468 67.92 -67.64 -109.82
C ASP C 1468 68.00 -69.13 -109.53
N GLU C 1469 67.04 -69.87 -110.06
CA GLU C 1469 67.03 -71.32 -109.85
C GLU C 1469 68.19 -71.99 -110.57
N GLN C 1470 68.64 -71.44 -111.70
CA GLN C 1470 69.73 -72.04 -112.45
C GLN C 1470 71.10 -71.73 -111.84
N GLY C 1471 71.17 -70.89 -110.82
CA GLY C 1471 72.43 -70.69 -110.13
C GLY C 1471 73.02 -69.29 -110.16
N ASN C 1472 72.16 -68.26 -110.18
CA ASN C 1472 72.61 -66.87 -110.16
C ASN C 1472 71.87 -66.20 -108.99
N VAL C 1473 72.43 -66.31 -107.78
CA VAL C 1473 71.81 -65.71 -106.62
C VAL C 1473 71.97 -64.19 -106.66
N HIS C 1474 70.88 -63.48 -106.35
CA HIS C 1474 70.88 -62.02 -106.38
C HIS C 1474 70.48 -61.39 -105.06
N SER C 1475 69.47 -61.92 -104.39
CA SER C 1475 68.92 -61.31 -103.17
C SER C 1475 69.44 -62.05 -101.94
N SER C 1476 69.92 -61.27 -100.96
CA SER C 1476 70.35 -61.82 -99.68
C SER C 1476 69.85 -60.90 -98.59
N LEU C 1477 69.53 -61.48 -97.43
CA LEU C 1477 68.96 -60.73 -96.33
C LEU C 1477 69.37 -61.39 -95.03
N LYS C 1478 70.02 -60.62 -94.15
CA LYS C 1478 70.47 -61.13 -92.86
C LYS C 1478 69.57 -60.59 -91.75
N CYS C 1479 69.41 -61.41 -90.70
CA CYS C 1479 68.62 -61.01 -89.53
C CYS C 1479 69.27 -61.59 -88.28
N SER C 1480 68.92 -60.99 -87.15
CA SER C 1480 69.40 -61.44 -85.86
C SER C 1480 68.36 -61.12 -84.80
N ASN C 1481 68.36 -61.91 -83.74
CA ASN C 1481 67.47 -61.67 -82.61
C ASN C 1481 68.04 -60.68 -81.60
N CYS C 1482 69.24 -60.16 -81.85
CA CYS C 1482 69.90 -59.24 -80.93
C CYS C 1482 70.90 -58.42 -81.73
N TYR C 1483 71.22 -57.25 -81.20
CA TYR C 1483 72.09 -56.31 -81.92
C TYR C 1483 73.07 -55.61 -81.00
N MET C 1484 73.52 -56.27 -79.93
CA MET C 1484 74.56 -55.68 -79.10
C MET C 1484 75.92 -55.75 -79.78
N VAL C 1485 76.88 -55.01 -79.22
CA VAL C 1485 78.27 -55.09 -79.60
C VAL C 1485 79.09 -55.27 -78.34
N TRP C 1486 80.29 -55.82 -78.49
CA TRP C 1486 81.13 -56.12 -77.34
C TRP C 1486 81.84 -54.85 -76.88
N GLY C 1487 81.59 -54.47 -75.62
CA GLY C 1487 82.15 -53.24 -75.10
C GLY C 1487 83.67 -53.26 -75.01
N GLY C 1488 84.25 -54.44 -74.74
CA GLY C 1488 85.69 -54.55 -74.78
C GLY C 1488 86.25 -54.27 -76.16
N ASP C 1489 85.57 -54.78 -77.19
CA ASP C 1489 85.97 -54.47 -78.56
C ASP C 1489 85.88 -52.98 -78.84
N PHE C 1490 84.86 -52.32 -78.30
CA PHE C 1490 84.69 -50.91 -78.58
C PHE C 1490 85.69 -50.04 -77.82
N VAL C 1491 85.97 -50.37 -76.56
CA VAL C 1491 86.92 -49.56 -75.79
C VAL C 1491 88.35 -49.76 -76.30
N SER C 1492 88.71 -51.01 -76.63
CA SER C 1492 90.04 -51.35 -77.16
C SER C 1492 91.16 -50.83 -76.26
N PRO C 1493 90.93 -50.88 -74.95
CA PRO C 1493 91.93 -50.39 -74.01
C PRO C 1493 93.17 -51.28 -74.00
N GLY C 1494 92.98 -52.59 -74.07
CA GLY C 1494 94.06 -53.58 -74.08
C GLY C 1494 95.02 -53.43 -72.91
N ARG C 1498 94.36 -52.44 -63.93
CA ARG C 1498 93.82 -51.92 -65.18
C ARG C 1498 92.42 -51.37 -64.99
N ILE C 1499 92.18 -50.71 -63.86
CA ILE C 1499 90.88 -50.13 -63.57
C ILE C 1499 90.68 -48.90 -64.43
N SER C 1500 89.60 -48.89 -65.21
CA SER C 1500 89.28 -47.78 -66.10
C SER C 1500 88.27 -46.89 -65.43
N HIS C 1501 88.71 -45.72 -64.97
CA HIS C 1501 87.81 -44.75 -64.35
C HIS C 1501 87.06 -43.90 -65.37
N THR C 1502 87.41 -43.99 -66.65
CA THR C 1502 86.73 -43.22 -67.68
C THR C 1502 85.31 -43.74 -67.88
N ASP C 1503 84.38 -42.81 -68.10
CA ASP C 1503 82.98 -43.14 -68.30
C ASP C 1503 82.67 -43.16 -69.78
N LEU C 1504 82.26 -44.31 -70.29
CA LEU C 1504 81.94 -44.50 -71.69
C LEU C 1504 80.43 -44.33 -71.87
N VAL C 1505 80.04 -43.39 -72.72
CA VAL C 1505 78.65 -43.21 -73.12
C VAL C 1505 78.49 -43.95 -74.45
N ILE C 1506 78.20 -45.24 -74.36
CA ILE C 1506 78.15 -46.09 -75.56
C ILE C 1506 76.71 -46.00 -76.08
N GLY C 1507 76.47 -44.96 -76.85
CA GLY C 1507 75.14 -44.71 -77.34
C GLY C 1507 74.85 -45.39 -78.66
N CYS C 1508 73.55 -45.55 -78.95
CA CYS C 1508 73.10 -46.24 -80.15
C CYS C 1508 72.13 -45.37 -80.94
N LEU C 1509 72.33 -45.39 -82.26
CA LEU C 1509 71.49 -44.72 -83.25
C LEU C 1509 70.53 -45.72 -83.88
N VAL C 1510 69.35 -45.23 -84.25
CA VAL C 1510 68.40 -46.02 -85.02
C VAL C 1510 67.52 -45.07 -85.83
N ASP C 1511 67.41 -45.32 -87.14
CA ASP C 1511 66.58 -44.50 -88.00
C ASP C 1511 65.45 -45.36 -88.55
N LEU C 1512 64.23 -44.82 -88.52
CA LEU C 1512 63.07 -45.57 -88.97
C LEU C 1512 63.05 -45.78 -90.47
N ALA C 1513 63.96 -45.13 -91.21
CA ALA C 1513 64.13 -45.35 -92.63
C ALA C 1513 65.50 -45.94 -92.89
N THR C 1514 65.56 -46.83 -93.89
CA THR C 1514 66.73 -47.55 -94.40
C THR C 1514 67.42 -48.42 -93.35
N GLY C 1515 66.89 -48.47 -92.12
CA GLY C 1515 67.34 -49.42 -91.12
C GLY C 1515 68.81 -49.34 -90.75
N LEU C 1516 69.46 -48.21 -90.99
CA LEU C 1516 70.90 -48.08 -90.75
C LEU C 1516 71.13 -47.73 -89.29
N MET C 1517 71.56 -48.73 -88.51
CA MET C 1517 71.83 -48.55 -87.09
C MET C 1517 73.34 -48.48 -86.90
N THR C 1518 73.83 -47.30 -86.52
CA THR C 1518 75.22 -47.05 -86.20
C THR C 1518 75.34 -46.75 -84.72
N PHE C 1519 76.57 -46.78 -84.20
CA PHE C 1519 76.77 -46.63 -82.77
C PHE C 1519 77.74 -45.48 -82.54
N THR C 1520 77.91 -45.09 -81.27
CA THR C 1520 78.85 -44.02 -80.94
C THR C 1520 79.39 -44.26 -79.54
N ALA C 1521 80.67 -44.58 -79.44
CA ALA C 1521 81.33 -44.81 -78.17
C ALA C 1521 82.22 -43.63 -77.81
N ASN C 1522 82.05 -43.12 -76.59
CA ASN C 1522 82.77 -41.96 -76.04
C ASN C 1522 82.97 -40.86 -77.08
N GLY C 1523 81.87 -40.49 -77.73
CA GLY C 1523 81.90 -39.43 -78.72
C GLY C 1523 82.73 -39.74 -79.95
N LYS C 1524 82.70 -40.99 -80.41
CA LYS C 1524 83.41 -41.39 -81.61
C LYS C 1524 82.52 -42.30 -82.43
N GLU C 1525 82.42 -42.03 -83.73
CA GLU C 1525 81.57 -42.83 -84.60
C GLU C 1525 82.10 -44.26 -84.68
N SER C 1526 81.17 -45.21 -84.83
CA SER C 1526 81.49 -46.63 -84.77
C SER C 1526 81.66 -47.21 -86.15
N ASN C 1527 82.63 -48.11 -86.29
CA ASN C 1527 82.91 -48.76 -87.57
C ASN C 1527 81.94 -49.88 -87.90
N THR C 1528 81.06 -50.26 -86.98
CA THR C 1528 80.10 -51.34 -87.22
C THR C 1528 78.71 -50.74 -87.40
N PHE C 1529 77.90 -51.42 -88.21
CA PHE C 1529 76.55 -50.97 -88.52
C PHE C 1529 75.66 -52.17 -88.72
N PHE C 1530 74.35 -51.95 -88.60
CA PHE C 1530 73.37 -53.00 -88.78
C PHE C 1530 72.25 -52.52 -89.70
N GLN C 1531 71.59 -53.48 -90.35
CA GLN C 1531 70.58 -53.20 -91.35
C GLN C 1531 69.44 -54.18 -91.17
N VAL C 1532 68.25 -53.65 -90.87
CA VAL C 1532 67.07 -54.49 -90.63
C VAL C 1532 65.93 -54.01 -91.52
N GLU C 1533 65.03 -54.95 -91.84
CA GLU C 1533 63.86 -54.65 -92.64
C GLU C 1533 62.90 -53.76 -91.87
N PRO C 1534 61.97 -53.09 -92.56
CA PRO C 1534 60.97 -52.29 -91.85
C PRO C 1534 60.12 -53.12 -90.91
N ASN C 1535 59.60 -52.45 -89.88
CA ASN C 1535 58.72 -53.04 -88.87
C ASN C 1535 59.42 -54.15 -88.10
N THR C 1536 60.51 -53.77 -87.42
CA THR C 1536 61.29 -54.73 -86.66
C THR C 1536 60.88 -54.81 -85.20
N LYS C 1537 60.36 -53.73 -84.63
CA LYS C 1537 59.92 -53.67 -83.23
C LYS C 1537 61.04 -54.05 -82.27
N LEU C 1538 62.08 -53.22 -82.24
CA LEU C 1538 63.23 -53.46 -81.40
C LEU C 1538 63.02 -52.89 -80.01
N PHE C 1539 63.99 -53.10 -79.12
CA PHE C 1539 63.95 -52.64 -77.75
C PHE C 1539 65.34 -52.20 -77.31
N PRO C 1540 65.45 -51.06 -76.64
CA PRO C 1540 66.74 -50.68 -76.05
C PRO C 1540 67.16 -51.70 -75.01
N ALA C 1541 68.46 -51.99 -74.96
CA ALA C 1541 68.96 -53.02 -74.07
C ALA C 1541 70.41 -52.75 -73.71
N VAL C 1542 70.82 -53.27 -72.56
CA VAL C 1542 72.23 -53.31 -72.19
C VAL C 1542 72.43 -54.47 -71.23
N PHE C 1543 73.54 -55.17 -71.39
CA PHE C 1543 73.89 -56.34 -70.59
C PHE C 1543 75.13 -55.98 -69.78
N VAL C 1544 75.18 -56.44 -68.52
CA VAL C 1544 76.30 -56.04 -67.66
C VAL C 1544 76.60 -57.14 -66.66
N LEU C 1545 77.89 -57.25 -66.31
CA LEU C 1545 78.33 -58.06 -65.18
C LEU C 1545 78.70 -57.11 -64.05
N PRO C 1546 77.93 -57.07 -62.96
CA PRO C 1546 78.18 -56.06 -61.92
C PRO C 1546 79.54 -56.24 -61.26
N THR C 1547 80.37 -55.19 -61.33
CA THR C 1547 81.70 -55.19 -60.73
C THR C 1547 81.95 -53.95 -59.88
N HIS C 1548 80.92 -53.16 -59.58
CA HIS C 1548 81.10 -51.92 -58.84
C HIS C 1548 79.76 -51.54 -58.24
N GLN C 1549 79.79 -50.62 -57.28
CA GLN C 1549 78.55 -50.14 -56.66
C GLN C 1549 77.65 -49.47 -57.69
N ASN C 1550 78.23 -48.62 -58.53
CA ASN C 1550 77.52 -48.03 -59.67
C ASN C 1550 77.79 -48.87 -60.90
N VAL C 1551 76.75 -49.20 -61.65
CA VAL C 1551 76.88 -50.22 -62.68
C VAL C 1551 76.44 -49.69 -64.05
N ILE C 1552 75.22 -49.16 -64.15
CA ILE C 1552 74.67 -48.67 -65.41
C ILE C 1552 73.90 -47.38 -65.17
N GLN C 1553 73.95 -46.47 -66.15
CA GLN C 1553 73.00 -45.36 -66.18
C GLN C 1553 72.41 -45.26 -67.59
N PHE C 1554 71.18 -45.74 -67.75
CA PHE C 1554 70.40 -45.40 -68.94
C PHE C 1554 70.22 -43.89 -69.00
N GLU C 1555 70.34 -43.34 -70.21
CA GLU C 1555 70.15 -41.91 -70.43
C GLU C 1555 69.36 -41.73 -71.71
N LEU C 1556 68.23 -41.03 -71.61
CA LEU C 1556 67.35 -40.81 -72.75
C LEU C 1556 67.29 -39.32 -73.04
N GLY C 1557 67.89 -38.91 -74.16
CA GLY C 1557 67.92 -37.52 -74.54
C GLY C 1557 68.22 -37.38 -76.01
N LYS C 1558 68.34 -36.14 -76.45
CA LYS C 1558 68.60 -35.82 -77.84
C LYS C 1558 70.08 -35.50 -78.06
N GLN C 1559 70.45 -35.41 -79.32
CA GLN C 1559 71.83 -35.11 -79.71
C GLN C 1559 71.77 -34.38 -81.06
N LYS C 1560 72.89 -34.36 -81.77
CA LYS C 1560 72.96 -33.64 -83.04
C LYS C 1560 72.02 -34.27 -84.07
N ASN C 1561 71.07 -33.46 -84.56
CA ASN C 1561 70.07 -33.89 -85.54
C ASN C 1561 69.35 -35.15 -85.09
N ILE C 1562 69.03 -35.20 -83.80
CA ILE C 1562 68.57 -36.43 -83.16
C ILE C 1562 67.31 -36.13 -82.37
N MET C 1563 66.27 -36.89 -82.64
CA MET C 1563 64.95 -36.94 -82.02
C MET C 1563 65.02 -37.89 -80.82
N PRO C 1564 64.54 -37.50 -79.64
CA PRO C 1564 64.72 -38.35 -78.46
C PRO C 1564 63.99 -39.67 -78.57
N LEU C 1565 64.54 -40.69 -77.90
CA LEU C 1565 63.93 -42.01 -77.91
C LEU C 1565 62.56 -42.00 -77.27
N SER C 1566 62.32 -41.10 -76.32
CA SER C 1566 60.99 -40.94 -75.77
C SER C 1566 60.01 -40.50 -76.85
N ALA C 1567 60.42 -39.57 -77.70
CA ALA C 1567 59.60 -39.18 -78.85
C ALA C 1567 59.44 -40.33 -79.82
N ALA C 1568 60.40 -41.27 -79.85
CA ALA C 1568 60.23 -42.45 -80.68
C ALA C 1568 59.15 -43.38 -80.13
N MET C 1569 59.21 -43.68 -78.83
CA MET C 1569 58.32 -44.69 -78.30
C MET C 1569 56.93 -44.18 -77.98
N PHE C 1570 56.75 -42.86 -77.87
CA PHE C 1570 55.44 -42.29 -77.59
C PHE C 1570 54.98 -41.45 -78.77
N LEU C 1571 53.80 -41.77 -79.29
CA LEU C 1571 53.30 -41.08 -80.47
C LEU C 1571 52.83 -39.67 -80.15
N SER C 1572 52.38 -39.43 -78.91
CA SER C 1572 51.83 -38.13 -78.55
C SER C 1572 52.90 -37.04 -78.62
N GLU C 1573 54.12 -37.35 -78.21
CA GLU C 1573 55.20 -36.37 -78.18
C GLU C 1573 56.20 -36.58 -79.30
N ARG C 1574 55.74 -37.08 -80.45
CA ARG C 1574 56.65 -37.32 -81.58
C ARG C 1574 57.26 -36.03 -82.11
N LYS C 1575 56.61 -34.89 -81.90
CA LYS C 1575 57.18 -33.61 -82.33
C LYS C 1575 57.94 -32.91 -81.22
N ASN C 1576 57.77 -33.32 -79.97
CA ASN C 1576 58.44 -32.68 -78.85
C ASN C 1576 59.89 -33.14 -78.81
N PRO C 1577 60.87 -32.23 -78.90
CA PRO C 1577 62.27 -32.64 -78.77
C PRO C 1577 62.76 -32.78 -77.34
N ALA C 1578 61.99 -32.31 -76.37
CA ALA C 1578 62.42 -32.39 -74.99
C ALA C 1578 62.38 -33.84 -74.51
N PRO C 1579 63.48 -34.37 -74.00
CA PRO C 1579 63.45 -35.74 -73.46
C PRO C 1579 62.54 -35.84 -72.25
N GLN C 1580 61.95 -37.03 -72.08
CA GLN C 1580 60.97 -37.24 -71.04
C GLN C 1580 61.01 -38.71 -70.62
N CYS C 1581 60.76 -38.97 -69.34
CA CYS C 1581 60.70 -40.33 -68.80
C CYS C 1581 59.37 -40.55 -68.10
N PRO C 1582 58.31 -40.84 -68.86
CA PRO C 1582 57.04 -41.18 -68.24
C PRO C 1582 57.12 -42.52 -67.54
N PRO C 1583 56.19 -42.79 -66.61
CA PRO C 1583 56.30 -44.02 -65.80
C PRO C 1583 56.22 -45.31 -66.59
N ARG C 1584 55.70 -45.30 -67.81
CA ARG C 1584 55.57 -46.55 -68.55
C ARG C 1584 56.94 -47.12 -68.90
N LEU C 1585 57.86 -46.29 -69.37
CA LEU C 1585 59.19 -46.77 -69.71
C LEU C 1585 59.93 -47.15 -68.44
N GLU C 1586 60.51 -48.35 -68.43
CA GLU C 1586 61.19 -48.82 -67.24
C GLU C 1586 62.15 -49.94 -67.62
N VAL C 1587 63.08 -50.21 -66.72
CA VAL C 1587 64.05 -51.28 -66.90
C VAL C 1587 63.37 -52.61 -66.63
N GLN C 1588 63.52 -53.53 -67.57
CA GLN C 1588 63.00 -54.89 -67.43
C GLN C 1588 64.17 -55.84 -67.43
N MET C 1589 64.25 -56.69 -66.41
CA MET C 1589 65.32 -57.67 -66.32
C MET C 1589 64.83 -59.02 -66.79
N LEU C 1590 65.73 -59.78 -67.40
CA LEU C 1590 65.41 -61.17 -67.71
C LEU C 1590 65.23 -61.98 -66.43
N MET C 1591 64.24 -62.87 -66.46
CA MET C 1591 64.00 -63.84 -65.41
C MET C 1591 64.09 -65.24 -66.01
N PRO C 1592 64.71 -66.19 -65.29
CA PRO C 1592 64.95 -67.52 -65.87
C PRO C 1592 63.68 -68.29 -66.20
N VAL C 1593 62.78 -68.47 -65.23
CA VAL C 1593 61.57 -69.24 -65.43
C VAL C 1593 60.37 -68.43 -64.97
N SER C 1594 59.21 -68.83 -65.45
CA SER C 1594 57.96 -68.19 -65.07
C SER C 1594 56.83 -69.19 -65.21
N TRP C 1595 55.75 -68.95 -64.47
CA TRP C 1595 54.63 -69.88 -64.49
C TRP C 1595 53.87 -69.79 -65.80
N SER C 1596 53.25 -70.92 -66.18
CA SER C 1596 52.43 -70.95 -67.38
C SER C 1596 51.38 -72.04 -67.25
N ARG C 1597 50.20 -71.76 -67.76
CA ARG C 1597 49.08 -72.68 -67.66
C ARG C 1597 49.24 -73.85 -68.62
N MET C 1598 48.84 -75.05 -68.18
CA MET C 1598 48.76 -76.18 -69.09
C MET C 1598 47.34 -76.31 -69.60
N PRO C 1599 47.13 -76.33 -70.91
CA PRO C 1599 45.76 -76.45 -71.45
C PRO C 1599 45.10 -77.73 -70.99
N ASN C 1600 43.79 -77.64 -70.77
CA ASN C 1600 43.03 -78.80 -70.29
C ASN C 1600 42.94 -79.90 -71.34
N HIS C 1601 43.19 -79.59 -72.61
CA HIS C 1601 43.16 -80.59 -73.66
C HIS C 1601 44.33 -80.38 -74.60
N PHE C 1602 44.97 -81.48 -74.97
CA PHE C 1602 46.11 -81.47 -75.88
C PHE C 1602 45.77 -82.23 -77.15
N LEU C 1603 46.45 -81.86 -78.24
CA LEU C 1603 46.21 -82.50 -79.52
C LEU C 1603 46.63 -83.96 -79.46
N GLN C 1604 45.77 -84.84 -79.93
CA GLN C 1604 46.13 -86.25 -80.07
C GLN C 1604 46.83 -86.45 -81.40
N VAL C 1605 47.91 -87.23 -81.38
CA VAL C 1605 48.69 -87.52 -82.58
C VAL C 1605 48.95 -89.02 -82.63
N GLU C 1606 48.73 -89.63 -83.80
CA GLU C 1606 49.04 -91.03 -84.03
C GLU C 1606 50.21 -91.11 -84.99
N THR C 1607 51.33 -91.65 -84.51
CA THR C 1607 52.53 -91.82 -85.31
C THR C 1607 52.94 -93.28 -85.30
N ARG C 1608 53.17 -93.84 -86.48
CA ARG C 1608 53.60 -95.23 -86.57
C ARG C 1608 54.21 -95.48 -87.94
N ARG C 1609 55.09 -96.48 -88.00
CA ARG C 1609 55.66 -96.92 -89.27
C ARG C 1609 54.79 -97.99 -89.91
N ALA C 1610 54.79 -98.00 -91.23
CA ALA C 1610 53.98 -98.93 -92.01
C ALA C 1610 54.81 -99.99 -92.74
N GLY C 1611 55.91 -99.60 -93.38
CA GLY C 1611 56.71 -100.57 -94.09
C GLY C 1611 58.11 -100.03 -94.34
N GLU C 1612 58.94 -100.88 -94.94
CA GLU C 1612 60.29 -100.47 -95.33
C GLU C 1612 60.27 -99.43 -96.44
N ARG C 1613 59.18 -99.36 -97.21
CA ARG C 1613 59.03 -98.41 -98.31
C ARG C 1613 58.24 -97.18 -97.88
N LEU C 1614 57.11 -97.37 -97.21
CA LEU C 1614 56.29 -96.24 -96.78
C LEU C 1614 56.94 -95.48 -95.63
N GLY C 1615 57.46 -96.20 -94.64
CA GLY C 1615 58.12 -95.56 -93.53
C GLY C 1615 57.15 -95.10 -92.45
N TRP C 1616 57.60 -94.12 -91.68
CA TRP C 1616 56.80 -93.57 -90.59
C TRP C 1616 55.79 -92.56 -91.11
N ALA C 1617 54.62 -92.56 -90.47
CA ALA C 1617 53.53 -91.66 -90.80
C ALA C 1617 53.02 -90.97 -89.55
N VAL C 1618 52.73 -89.68 -89.67
CA VAL C 1618 52.24 -88.84 -88.59
C VAL C 1618 50.84 -88.37 -88.97
N GLN C 1619 49.89 -88.52 -88.06
CA GLN C 1619 48.50 -88.19 -88.34
C GLN C 1619 47.89 -87.44 -87.16
N CYS C 1620 47.21 -86.33 -87.44
CA CYS C 1620 46.45 -85.60 -86.43
C CYS C 1620 45.13 -85.18 -87.06
N GLN C 1621 44.03 -85.46 -86.37
CA GLN C 1621 42.71 -85.20 -86.94
C GLN C 1621 41.86 -84.25 -86.12
N ASP C 1622 41.75 -84.47 -84.82
CA ASP C 1622 40.86 -83.66 -83.99
C ASP C 1622 41.43 -82.25 -83.84
N PRO C 1623 40.70 -81.21 -84.22
CA PRO C 1623 41.21 -79.84 -84.07
C PRO C 1623 40.92 -79.26 -82.69
N LEU C 1624 41.88 -78.53 -82.17
CA LEU C 1624 41.75 -77.83 -80.91
C LEU C 1624 41.97 -76.34 -81.13
N THR C 1625 41.09 -75.53 -80.57
CA THR C 1625 41.13 -74.08 -80.72
C THR C 1625 41.37 -73.42 -79.37
N MET C 1626 42.21 -72.39 -79.37
CA MET C 1626 42.54 -71.67 -78.16
C MET C 1626 42.37 -70.18 -78.39
N MET C 1627 41.81 -69.50 -77.41
CA MET C 1627 41.71 -68.05 -77.42
C MET C 1627 43.00 -67.45 -76.88
N ALA C 1628 43.54 -66.47 -77.60
CA ALA C 1628 44.85 -65.90 -77.27
C ALA C 1628 44.72 -64.40 -77.03
N LEU C 1629 45.34 -63.94 -75.95
CA LEU C 1629 45.41 -62.52 -75.63
C LEU C 1629 46.80 -62.01 -75.98
N HIS C 1630 46.88 -61.11 -76.94
CA HIS C 1630 48.15 -60.60 -77.44
C HIS C 1630 48.47 -59.24 -76.82
N ILE C 1631 49.60 -59.15 -76.15
CA ILE C 1631 50.09 -57.87 -75.65
C ILE C 1631 50.79 -57.16 -76.81
N PRO C 1632 50.33 -55.97 -77.21
CA PRO C 1632 50.92 -55.33 -78.39
C PRO C 1632 52.39 -55.00 -78.26
N GLU C 1633 52.85 -54.58 -77.08
CA GLU C 1633 54.23 -54.11 -76.96
C GLU C 1633 55.23 -55.28 -77.04
N GLU C 1634 54.94 -56.37 -76.34
CA GLU C 1634 55.87 -57.50 -76.31
C GLU C 1634 55.70 -58.42 -77.51
N ASN C 1635 54.66 -58.21 -78.33
CA ASN C 1635 54.40 -59.04 -79.51
C ASN C 1635 54.30 -60.51 -79.15
N ARG C 1636 53.75 -60.80 -77.99
CA ARG C 1636 53.52 -62.17 -77.55
C ARG C 1636 52.08 -62.30 -77.06
N CYS C 1637 51.57 -63.52 -77.15
CA CYS C 1637 50.22 -63.81 -76.70
C CYS C 1637 50.26 -64.89 -75.63
N MET C 1638 49.42 -64.74 -74.62
CA MET C 1638 49.18 -65.76 -73.63
C MET C 1638 47.81 -66.37 -73.87
N ASP C 1639 47.54 -67.48 -73.19
CA ASP C 1639 46.19 -68.02 -73.20
C ASP C 1639 45.30 -67.07 -72.41
N ILE C 1640 44.07 -66.89 -72.89
CA ILE C 1640 43.17 -65.97 -72.20
C ILE C 1640 42.83 -66.49 -70.82
N LEU C 1641 42.82 -67.82 -70.64
CA LEU C 1641 42.55 -68.40 -69.34
C LEU C 1641 43.71 -68.22 -68.38
N GLU C 1642 44.89 -67.85 -68.87
CA GLU C 1642 46.04 -67.58 -68.00
C GLU C 1642 45.81 -66.36 -67.13
N LEU C 1643 44.86 -65.50 -67.49
CA LEU C 1643 44.56 -64.33 -66.68
C LEU C 1643 43.89 -64.69 -65.36
N SER C 1644 43.50 -65.95 -65.17
CA SER C 1644 42.85 -66.35 -63.92
C SER C 1644 43.73 -66.16 -62.71
N GLU C 1645 45.05 -66.07 -62.88
CA GLU C 1645 45.92 -65.66 -61.79
C GLU C 1645 46.60 -64.31 -62.02
N ARG C 1646 46.67 -63.84 -63.27
CA ARG C 1646 47.15 -62.48 -63.54
C ARG C 1646 45.99 -61.53 -63.33
N LEU C 1647 45.85 -61.04 -62.09
CA LEU C 1647 44.68 -60.26 -61.74
C LEU C 1647 44.74 -58.84 -62.30
N ASP C 1648 45.93 -58.28 -62.46
CA ASP C 1648 46.04 -56.93 -63.01
C ASP C 1648 45.62 -56.89 -64.49
N LEU C 1649 46.12 -57.85 -65.28
CA LEU C 1649 45.69 -57.94 -66.67
C LEU C 1649 44.21 -58.31 -66.76
N GLN C 1650 43.72 -59.10 -65.80
CA GLN C 1650 42.29 -59.37 -65.74
C GLN C 1650 41.49 -58.11 -65.52
N ARG C 1651 41.95 -57.25 -64.61
CA ARG C 1651 41.28 -55.98 -64.36
C ARG C 1651 41.25 -55.14 -65.61
N PHE C 1652 42.39 -55.02 -66.28
CA PHE C 1652 42.44 -54.16 -67.47
C PHE C 1652 41.58 -54.71 -68.59
N HIS C 1653 41.56 -56.03 -68.78
CA HIS C 1653 40.75 -56.56 -69.87
C HIS C 1653 39.26 -56.50 -69.55
N SER C 1654 38.88 -56.67 -68.28
CA SER C 1654 37.48 -56.48 -67.93
C SER C 1654 37.04 -55.04 -68.18
N HIS C 1655 37.90 -54.08 -67.82
CA HIS C 1655 37.56 -52.69 -68.08
C HIS C 1655 37.60 -52.37 -69.58
N THR C 1656 38.44 -53.07 -70.35
CA THR C 1656 38.43 -52.90 -71.79
C THR C 1656 37.11 -53.40 -72.38
N LEU C 1657 36.60 -54.52 -71.88
CA LEU C 1657 35.28 -54.97 -72.32
C LEU C 1657 34.20 -53.96 -71.93
N ARG C 1658 34.36 -53.31 -70.78
CA ARG C 1658 33.42 -52.26 -70.39
C ARG C 1658 33.47 -51.09 -71.36
N LEU C 1659 34.68 -50.68 -71.76
CA LEU C 1659 34.83 -49.64 -72.78
C LEU C 1659 34.15 -50.05 -74.08
N TYR C 1660 34.37 -51.29 -74.51
CA TYR C 1660 33.76 -51.75 -75.76
C TYR C 1660 32.25 -51.78 -75.68
N ARG C 1661 31.71 -52.20 -74.53
CA ARG C 1661 30.26 -52.21 -74.38
C ARG C 1661 29.69 -50.81 -74.47
N ALA C 1662 30.32 -49.86 -73.79
CA ALA C 1662 29.67 -48.57 -73.65
C ALA C 1662 30.06 -47.56 -74.72
N VAL C 1663 31.00 -47.87 -75.61
CA VAL C 1663 31.15 -46.99 -76.77
C VAL C 1663 30.03 -47.27 -77.78
N CYS C 1664 29.56 -48.50 -77.86
CA CYS C 1664 28.45 -48.85 -78.73
C CYS C 1664 27.14 -48.97 -77.98
N ALA C 1665 27.12 -48.61 -76.70
CA ALA C 1665 25.88 -48.61 -75.95
C ALA C 1665 24.92 -47.57 -76.49
N LEU C 1666 23.62 -47.83 -76.31
CA LEU C 1666 22.55 -46.91 -76.67
C LEU C 1666 22.50 -46.67 -78.18
N GLY C 1667 22.50 -47.76 -78.93
CA GLY C 1667 22.20 -47.73 -80.36
C GLY C 1667 23.19 -47.02 -81.24
N ASN C 1668 24.49 -47.20 -81.01
CA ASN C 1668 25.51 -46.69 -81.91
C ASN C 1668 25.95 -47.84 -82.82
N ASN C 1669 25.11 -48.15 -83.80
CA ASN C 1669 25.36 -49.31 -84.65
C ASN C 1669 26.60 -49.13 -85.51
N ARG C 1670 26.94 -47.90 -85.86
CA ARG C 1670 28.18 -47.66 -86.59
C ARG C 1670 29.40 -48.10 -85.79
N VAL C 1671 29.47 -47.69 -84.52
CA VAL C 1671 30.59 -48.09 -83.68
C VAL C 1671 30.50 -49.57 -83.34
N ALA C 1672 29.29 -50.12 -83.23
CA ALA C 1672 29.17 -51.56 -83.00
C ALA C 1672 29.74 -52.35 -84.17
N HIS C 1673 29.47 -51.92 -85.40
CA HIS C 1673 30.12 -52.52 -86.55
C HIS C 1673 31.63 -52.36 -86.47
N ALA C 1674 32.10 -51.17 -86.08
CA ALA C 1674 33.54 -50.97 -85.90
C ALA C 1674 34.12 -51.94 -84.88
N LEU C 1675 33.34 -52.31 -83.86
CA LEU C 1675 33.80 -53.24 -82.84
C LEU C 1675 33.84 -54.68 -83.33
N CYS C 1676 32.98 -55.03 -84.29
CA CYS C 1676 32.93 -56.43 -84.73
C CYS C 1676 34.26 -56.89 -85.32
N SER C 1677 35.06 -55.96 -85.84
CA SER C 1677 36.40 -56.34 -86.30
C SER C 1677 37.28 -56.76 -85.13
N HIS C 1678 37.24 -55.99 -84.04
CA HIS C 1678 38.01 -56.34 -82.85
C HIS C 1678 37.55 -57.64 -82.24
N VAL C 1679 36.25 -57.83 -82.13
CA VAL C 1679 35.66 -58.97 -81.44
C VAL C 1679 34.78 -59.70 -82.44
N ASP C 1680 35.27 -60.84 -82.92
CA ASP C 1680 34.61 -61.57 -84.00
C ASP C 1680 33.44 -62.41 -83.46
N GLN C 1681 32.61 -62.87 -84.39
CA GLN C 1681 31.46 -63.68 -84.00
C GLN C 1681 31.88 -65.04 -83.45
N ALA C 1682 32.80 -65.72 -84.16
CA ALA C 1682 33.28 -67.01 -83.69
C ALA C 1682 34.03 -66.86 -82.38
N GLN C 1683 34.79 -65.78 -82.26
CA GLN C 1683 35.42 -65.41 -80.99
C GLN C 1683 34.39 -65.36 -79.86
N LEU C 1684 33.29 -64.65 -80.08
CA LEU C 1684 32.26 -64.52 -79.05
C LEU C 1684 31.62 -65.86 -78.74
N LEU C 1685 31.38 -66.68 -79.76
CA LEU C 1685 30.76 -67.98 -79.52
C LEU C 1685 31.66 -68.88 -78.67
N HIS C 1686 32.97 -68.87 -78.94
CA HIS C 1686 33.86 -69.69 -78.13
C HIS C 1686 33.94 -69.17 -76.71
N ALA C 1687 34.00 -67.84 -76.54
CA ALA C 1687 34.02 -67.27 -75.19
C ALA C 1687 32.72 -67.55 -74.45
N LEU C 1688 31.64 -67.74 -75.18
CA LEU C 1688 30.38 -68.15 -74.55
C LEU C 1688 30.44 -69.61 -74.12
N GLU C 1689 30.96 -70.48 -74.98
CA GLU C 1689 30.86 -71.91 -74.74
C GLU C 1689 31.81 -72.37 -73.64
N ASP C 1690 33.04 -71.83 -73.60
CA ASP C 1690 34.04 -72.37 -72.70
C ASP C 1690 33.67 -72.12 -71.24
N ALA C 1691 34.23 -72.96 -70.37
CA ALA C 1691 33.92 -72.90 -68.95
C ALA C 1691 35.08 -72.44 -68.09
N HIS C 1692 36.30 -72.49 -68.59
CA HIS C 1692 37.46 -72.07 -67.81
C HIS C 1692 37.71 -70.57 -67.89
N LEU C 1693 36.88 -69.85 -68.63
CA LEU C 1693 36.99 -68.40 -68.66
C LEU C 1693 36.72 -67.85 -67.27
N PRO C 1694 37.48 -66.87 -66.80
CA PRO C 1694 37.24 -66.29 -65.48
C PRO C 1694 35.89 -65.59 -65.42
N GLY C 1695 35.49 -65.26 -64.20
CA GLY C 1695 34.22 -64.63 -63.95
C GLY C 1695 34.01 -63.31 -64.65
N PRO C 1696 34.84 -62.30 -64.31
CA PRO C 1696 34.66 -60.98 -64.94
C PRO C 1696 34.74 -61.00 -66.44
N LEU C 1697 35.62 -61.82 -67.01
CA LEU C 1697 35.71 -61.90 -68.46
C LEU C 1697 34.48 -62.59 -69.05
N ARG C 1698 33.95 -63.60 -68.35
CA ARG C 1698 32.76 -64.27 -68.86
C ARG C 1698 31.58 -63.32 -68.91
N ALA C 1699 31.34 -62.59 -67.81
CA ALA C 1699 30.26 -61.63 -67.78
C ALA C 1699 30.47 -60.52 -68.80
N GLY C 1700 31.72 -60.05 -68.92
CA GLY C 1700 32.01 -59.00 -69.88
C GLY C 1700 31.75 -59.43 -71.31
N TYR C 1701 32.14 -60.65 -71.66
CA TYR C 1701 31.95 -61.11 -73.04
C TYR C 1701 30.49 -61.35 -73.36
N TYR C 1702 29.73 -61.90 -72.40
CA TYR C 1702 28.30 -62.07 -72.63
C TYR C 1702 27.63 -60.72 -72.85
N ASP C 1703 27.94 -59.75 -71.97
CA ASP C 1703 27.32 -58.44 -72.10
C ASP C 1703 27.82 -57.71 -73.33
N LEU C 1704 29.04 -58.00 -73.79
CA LEU C 1704 29.53 -57.41 -75.03
C LEU C 1704 28.79 -57.95 -76.24
N LEU C 1705 28.54 -59.26 -76.27
CA LEU C 1705 27.74 -59.83 -77.35
C LEU C 1705 26.36 -59.19 -77.38
N ILE C 1706 25.71 -59.11 -76.22
CA ILE C 1706 24.38 -58.51 -76.15
C ILE C 1706 24.42 -57.05 -76.58
N SER C 1707 25.49 -56.34 -76.21
CA SER C 1707 25.54 -54.92 -76.49
C SER C 1707 25.81 -54.64 -77.97
N ILE C 1708 26.70 -55.40 -78.60
CA ILE C 1708 27.05 -55.09 -79.99
C ILE C 1708 26.16 -55.80 -80.99
N HIS C 1709 25.32 -56.73 -80.56
CA HIS C 1709 24.48 -57.42 -81.52
C HIS C 1709 22.98 -57.34 -81.23
N LEU C 1710 22.58 -57.21 -79.97
CA LEU C 1710 21.17 -57.34 -79.63
C LEU C 1710 20.58 -56.16 -78.87
N GLU C 1711 21.39 -55.19 -78.44
CA GLU C 1711 20.88 -54.16 -77.54
C GLU C 1711 19.84 -53.28 -78.22
N SER C 1712 20.17 -52.76 -79.41
CA SER C 1712 19.26 -51.85 -80.08
C SER C 1712 17.96 -52.55 -80.48
N ALA C 1713 18.07 -53.77 -81.01
CA ALA C 1713 16.87 -54.51 -81.40
C ALA C 1713 16.00 -54.84 -80.19
N CYS C 1714 16.63 -55.26 -79.08
CA CYS C 1714 15.88 -55.58 -77.88
C CYS C 1714 15.17 -54.35 -77.33
N ARG C 1715 15.85 -53.21 -77.32
CA ARG C 1715 15.22 -51.97 -76.86
C ARG C 1715 14.05 -51.58 -77.76
N SER C 1716 14.24 -51.71 -79.07
CA SER C 1716 13.18 -51.34 -80.00
C SER C 1716 11.94 -52.20 -79.80
N ARG C 1717 12.12 -53.50 -79.59
CA ARG C 1717 10.96 -54.36 -79.35
C ARG C 1717 10.34 -54.07 -77.98
N ARG C 1718 11.18 -53.80 -76.98
CA ARG C 1718 10.67 -53.56 -75.63
C ARG C 1718 9.80 -52.32 -75.59
N SER C 1719 10.18 -51.27 -76.32
CA SER C 1719 9.36 -50.07 -76.33
C SER C 1719 7.99 -50.30 -76.96
N MET C 1720 7.82 -51.36 -77.74
CA MET C 1720 6.52 -51.65 -78.35
C MET C 1720 5.71 -52.70 -77.60
N LEU C 1721 6.32 -53.49 -76.71
CA LEU C 1721 5.53 -54.47 -75.98
C LEU C 1721 4.45 -53.85 -75.09
N SER C 1722 4.54 -52.55 -74.82
CA SER C 1722 3.54 -51.91 -73.98
C SER C 1722 2.17 -51.87 -74.64
N GLU C 1723 2.11 -51.72 -75.96
CA GLU C 1723 0.85 -51.61 -76.68
C GLU C 1723 0.44 -52.98 -77.23
N TYR C 1724 -0.83 -53.07 -77.61
CA TYR C 1724 -1.39 -54.34 -78.10
C TYR C 1724 -2.26 -54.10 -79.33
N ILE C 1725 -1.72 -53.38 -80.31
CA ILE C 1725 -2.42 -53.19 -81.57
C ILE C 1725 -2.62 -54.53 -82.25
N VAL C 1726 -3.86 -54.96 -82.39
CA VAL C 1726 -4.20 -56.28 -82.93
C VAL C 1726 -5.10 -56.09 -84.13
N PRO C 1727 -4.77 -56.66 -85.30
CA PRO C 1727 -5.65 -56.53 -86.46
C PRO C 1727 -6.64 -57.67 -86.56
N LEU C 1728 -7.51 -57.64 -87.58
CA LEU C 1728 -8.49 -58.70 -87.82
C LEU C 1728 -7.94 -59.67 -88.87
N THR C 1729 -7.51 -60.84 -88.42
CA THR C 1729 -7.06 -61.90 -89.29
C THR C 1729 -7.71 -63.20 -88.87
N PRO C 1730 -7.74 -64.20 -89.77
CA PRO C 1730 -8.17 -65.54 -89.33
C PRO C 1730 -7.30 -66.11 -88.22
N GLU C 1731 -6.04 -65.69 -88.11
CA GLU C 1731 -5.26 -66.05 -86.94
C GLU C 1731 -5.73 -65.28 -85.71
N THR C 1732 -6.29 -64.09 -85.89
CA THR C 1732 -6.79 -63.30 -84.77
C THR C 1732 -8.05 -63.92 -84.18
N ARG C 1733 -8.90 -64.51 -85.02
CA ARG C 1733 -10.04 -65.22 -84.43
C ARG C 1733 -9.66 -66.57 -83.83
N ALA C 1734 -8.41 -67.00 -83.98
CA ALA C 1734 -7.99 -68.30 -83.47
C ALA C 1734 -7.78 -68.29 -81.95
N ILE C 1735 -7.33 -67.18 -81.38
CA ILE C 1735 -7.00 -67.17 -79.95
C ILE C 1735 -8.26 -67.26 -79.12
N THR C 1736 -8.27 -68.19 -78.18
CA THR C 1736 -9.27 -68.26 -77.13
C THR C 1736 -8.57 -68.17 -75.78
N LEU C 1737 -9.33 -67.75 -74.77
CA LEU C 1737 -8.75 -67.62 -73.43
C LEU C 1737 -8.29 -68.96 -72.88
N PHE C 1738 -9.17 -69.95 -72.92
CA PHE C 1738 -8.79 -71.29 -72.49
C PHE C 1738 -8.71 -72.20 -73.72
N PRO C 1739 -7.52 -72.68 -74.08
CA PRO C 1739 -7.42 -73.64 -75.17
C PRO C 1739 -8.19 -74.91 -74.86
N PRO C 1740 -8.84 -75.51 -75.85
CA PRO C 1740 -9.67 -76.70 -75.60
C PRO C 1740 -8.79 -77.86 -75.16
N GLY C 1741 -9.00 -78.32 -73.93
CA GLY C 1741 -8.25 -79.46 -73.44
C GLY C 1741 -8.66 -80.75 -74.13
N ARG C 1742 -7.66 -81.54 -74.50
CA ARG C 1742 -7.88 -82.82 -75.16
C ARG C 1742 -7.95 -83.99 -74.20
N LYS C 1743 -7.85 -83.74 -72.90
CA LYS C 1743 -7.94 -84.79 -71.89
C LYS C 1743 -9.32 -84.84 -71.23
N GLY C 1744 -10.29 -84.09 -71.75
CA GLY C 1744 -11.63 -84.08 -71.18
C GLY C 1744 -11.74 -83.17 -69.97
N GLY C 1745 -11.08 -83.54 -68.88
CA GLY C 1745 -11.00 -82.73 -67.69
C GLY C 1745 -9.87 -81.73 -67.67
N ASN C 1746 -9.13 -81.60 -68.78
CA ASN C 1746 -8.02 -80.67 -68.88
C ASN C 1746 -8.47 -79.21 -68.99
N ALA C 1747 -9.77 -78.96 -69.12
CA ALA C 1747 -10.27 -77.60 -69.20
C ALA C 1747 -10.05 -76.87 -67.88
N ARG C 1748 -10.25 -75.55 -67.93
CA ARG C 1748 -10.06 -74.66 -66.79
C ARG C 1748 -8.62 -74.67 -66.28
N ARG C 1749 -7.68 -75.00 -67.15
CA ARG C 1749 -6.26 -74.91 -66.86
C ARG C 1749 -5.62 -74.03 -67.91
N HIS C 1750 -4.79 -73.08 -67.47
CA HIS C 1750 -4.18 -72.13 -68.38
C HIS C 1750 -3.23 -72.84 -69.34
N GLY C 1751 -3.25 -72.41 -70.59
CA GLY C 1751 -2.18 -72.77 -71.50
C GLY C 1751 -0.87 -72.12 -71.07
N LEU C 1752 0.23 -72.76 -71.44
CA LEU C 1752 1.53 -72.29 -70.99
C LEU C 1752 1.82 -70.91 -71.60
N PRO C 1753 2.36 -69.99 -70.81
CA PRO C 1753 2.62 -68.64 -71.32
C PRO C 1753 3.69 -68.67 -72.40
N GLY C 1754 3.37 -68.12 -73.56
CA GLY C 1754 4.31 -68.03 -74.65
C GLY C 1754 4.20 -69.12 -75.70
N VAL C 1755 3.27 -70.06 -75.54
CA VAL C 1755 3.09 -71.11 -76.55
C VAL C 1755 1.95 -70.81 -77.51
N GLY C 1756 1.16 -69.78 -77.25
CA GLY C 1756 0.04 -69.45 -78.11
C GLY C 1756 0.45 -68.64 -79.32
N VAL C 1757 -0.56 -68.26 -80.09
CA VAL C 1757 -0.38 -67.45 -81.29
C VAL C 1757 -0.49 -65.98 -80.93
N THR C 1758 0.52 -65.20 -81.29
CA THR C 1758 0.54 -63.78 -81.02
C THR C 1758 0.26 -63.01 -82.32
N THR C 1759 -0.67 -62.08 -82.26
CA THR C 1759 -1.06 -61.29 -83.42
C THR C 1759 -0.82 -59.81 -83.26
N SER C 1760 -0.32 -59.36 -82.11
CA SER C 1760 -0.03 -57.94 -81.93
C SER C 1760 1.06 -57.50 -82.89
N LEU C 1761 0.84 -56.37 -83.54
CA LEU C 1761 1.74 -55.92 -84.59
C LEU C 1761 3.05 -55.43 -83.98
N ARG C 1762 4.15 -56.08 -84.34
CA ARG C 1762 5.46 -55.73 -83.87
C ARG C 1762 6.35 -55.39 -85.06
N PRO C 1763 7.08 -54.28 -85.02
CA PRO C 1763 8.02 -53.97 -86.10
C PRO C 1763 9.12 -55.00 -86.17
N PRO C 1764 9.29 -55.67 -87.31
CA PRO C 1764 10.25 -56.77 -87.39
C PRO C 1764 11.68 -56.29 -87.24
N HIS C 1765 12.53 -57.20 -86.77
CA HIS C 1765 13.92 -56.85 -86.50
C HIS C 1765 14.68 -56.63 -87.81
N HIS C 1766 15.61 -55.69 -87.79
CA HIS C 1766 16.46 -55.39 -88.93
C HIS C 1766 17.92 -55.49 -88.52
N PHE C 1767 18.68 -56.31 -89.26
CA PHE C 1767 20.12 -56.42 -89.06
C PHE C 1767 20.81 -56.40 -90.41
N SER C 1768 21.92 -55.65 -90.49
CA SER C 1768 22.75 -55.65 -91.68
C SER C 1768 24.00 -56.47 -91.41
N PRO C 1769 24.28 -57.49 -92.20
CA PRO C 1769 25.47 -58.32 -91.97
C PRO C 1769 26.73 -57.49 -92.00
N PRO C 1770 27.69 -57.78 -91.11
CA PRO C 1770 28.91 -56.97 -91.04
C PRO C 1770 29.80 -57.16 -92.26
N CYS C 1771 29.91 -56.11 -93.08
CA CYS C 1771 30.79 -56.11 -94.23
C CYS C 1771 31.67 -54.87 -94.18
N PHE C 1772 32.96 -55.04 -94.46
CA PHE C 1772 33.91 -53.95 -94.30
C PHE C 1772 34.76 -53.80 -95.54
N VAL C 1773 34.88 -54.89 -96.31
CA VAL C 1773 35.60 -54.83 -97.57
C VAL C 1773 34.83 -54.02 -98.61
N ALA C 1774 33.55 -53.76 -98.37
CA ALA C 1774 32.76 -52.97 -99.30
C ALA C 1774 33.29 -51.54 -99.39
N ALA C 1775 33.19 -50.96 -100.59
CA ALA C 1775 33.65 -49.61 -100.84
C ALA C 1775 32.71 -48.63 -100.15
N LEU C 1776 33.14 -48.12 -99.01
CA LEU C 1776 32.32 -47.19 -98.24
C LEU C 1776 32.24 -45.85 -98.95
N PRO C 1777 31.04 -45.36 -99.28
CA PRO C 1777 30.88 -44.07 -99.96
C PRO C 1777 30.78 -42.90 -98.98
N GLU C 1783 22.72 -37.00 -92.87
CA GLU C 1783 23.18 -37.26 -94.22
C GLU C 1783 23.17 -38.75 -94.53
N ALA C 1784 24.05 -39.49 -93.87
CA ALA C 1784 24.11 -40.93 -94.06
C ALA C 1784 22.87 -41.60 -93.48
N PRO C 1785 22.38 -42.66 -94.12
CA PRO C 1785 21.21 -43.37 -93.58
C PRO C 1785 21.53 -44.06 -92.27
N ALA C 1786 20.48 -44.31 -91.49
CA ALA C 1786 20.63 -44.91 -90.17
C ALA C 1786 21.26 -46.29 -90.28
N ARG C 1787 22.44 -46.44 -89.67
CA ARG C 1787 23.16 -47.71 -89.74
C ARG C 1787 22.44 -48.78 -88.94
N LEU C 1788 22.34 -49.97 -89.53
CA LEU C 1788 21.70 -51.08 -88.85
C LEU C 1788 22.70 -51.75 -87.91
N SER C 1789 22.18 -52.55 -86.99
CA SER C 1789 23.03 -53.29 -86.07
C SER C 1789 23.67 -54.47 -86.78
N PRO C 1790 24.88 -54.86 -86.38
CA PRO C 1790 25.52 -56.04 -86.97
C PRO C 1790 24.72 -57.30 -86.69
N ALA C 1791 24.76 -58.22 -87.66
CA ALA C 1791 23.95 -59.42 -87.59
C ALA C 1791 24.74 -60.57 -86.98
N ILE C 1792 24.03 -61.65 -86.69
CA ILE C 1792 24.58 -62.86 -86.08
C ILE C 1792 23.47 -63.91 -86.17
N PRO C 1793 23.78 -65.20 -86.36
CA PRO C 1793 22.71 -66.19 -86.48
C PRO C 1793 21.84 -66.30 -85.23
N LEU C 1794 20.58 -65.86 -85.33
CA LEU C 1794 19.70 -65.86 -84.17
C LEU C 1794 19.30 -67.27 -83.76
N GLU C 1795 19.01 -68.14 -84.74
CA GLU C 1795 18.62 -69.50 -84.41
C GLU C 1795 19.77 -70.28 -83.79
N ALA C 1796 20.99 -70.07 -84.29
CA ALA C 1796 22.15 -70.72 -83.69
C ALA C 1796 22.40 -70.21 -82.29
N LEU C 1797 22.30 -68.89 -82.09
CA LEU C 1797 22.45 -68.34 -80.74
C LEU C 1797 21.36 -68.88 -79.82
N ARG C 1798 20.15 -69.05 -80.34
CA ARG C 1798 19.03 -69.51 -79.55
C ARG C 1798 19.27 -70.93 -79.03
N ASP C 1799 19.60 -71.85 -79.94
CA ASP C 1799 19.84 -73.23 -79.52
C ASP C 1799 21.08 -73.32 -78.63
N LYS C 1800 22.12 -72.55 -78.96
CA LYS C 1800 23.36 -72.60 -78.19
C LYS C 1800 23.14 -72.10 -76.77
N ALA C 1801 22.41 -71.01 -76.60
CA ALA C 1801 22.16 -70.47 -75.26
C ALA C 1801 21.20 -71.36 -74.48
N LEU C 1802 20.21 -71.94 -75.15
CA LEU C 1802 19.32 -72.88 -74.46
C LEU C 1802 20.11 -74.06 -73.92
N ARG C 1803 21.00 -74.61 -74.73
CA ARG C 1803 21.84 -75.72 -74.27
C ARG C 1803 22.76 -75.29 -73.15
N MET C 1804 23.31 -74.07 -73.24
CA MET C 1804 24.21 -73.60 -72.19
C MET C 1804 23.50 -73.48 -70.86
N LEU C 1805 22.30 -72.92 -70.84
CA LEU C 1805 21.61 -72.80 -69.57
C LEU C 1805 21.09 -74.16 -69.10
N GLY C 1806 20.85 -75.09 -70.02
CA GLY C 1806 20.51 -76.44 -69.61
C GLY C 1806 21.63 -77.13 -68.86
N GLU C 1807 22.84 -77.04 -69.40
CA GLU C 1807 23.97 -77.64 -68.70
C GLU C 1807 24.32 -76.88 -67.43
N ALA C 1808 24.04 -75.57 -67.40
CA ALA C 1808 24.23 -74.81 -66.17
C ALA C 1808 23.28 -75.28 -65.08
N VAL C 1809 22.01 -75.53 -65.44
CA VAL C 1809 21.04 -76.04 -64.48
C VAL C 1809 21.44 -77.44 -64.01
N ARG C 1810 21.93 -78.28 -64.93
CA ARG C 1810 22.38 -79.60 -64.54
C ARG C 1810 23.56 -79.53 -63.59
N ASP C 1811 24.50 -78.62 -63.85
CA ASP C 1811 25.65 -78.45 -62.95
C ASP C 1811 25.21 -77.98 -61.57
N GLY C 1812 24.27 -77.03 -61.53
CA GLY C 1812 23.71 -76.61 -60.26
C GLY C 1812 22.98 -77.72 -59.55
N GLY C 1813 22.43 -78.67 -60.31
CA GLY C 1813 21.89 -79.87 -59.69
C GLY C 1813 22.97 -80.76 -59.09
N GLN C 1814 24.08 -80.92 -59.80
CA GLN C 1814 25.16 -81.78 -59.32
C GLN C 1814 25.91 -81.19 -58.14
N HIS C 1815 25.75 -79.89 -57.86
CA HIS C 1815 26.36 -79.25 -56.69
C HIS C 1815 27.88 -79.33 -56.72
N ALA C 1816 28.46 -78.97 -57.87
CA ALA C 1816 29.90 -79.00 -57.99
C ALA C 1816 30.53 -77.88 -57.15
N ARG C 1817 31.79 -78.07 -56.81
CA ARG C 1817 32.57 -77.06 -56.11
C ARG C 1817 33.38 -76.20 -57.06
N ASP C 1818 33.10 -76.28 -58.36
CA ASP C 1818 33.79 -75.48 -59.38
C ASP C 1818 32.83 -74.77 -60.35
N PRO C 1819 32.00 -73.86 -59.82
CA PRO C 1819 31.01 -73.20 -60.67
C PRO C 1819 31.67 -72.45 -61.82
N VAL C 1820 31.00 -72.48 -62.98
CA VAL C 1820 31.58 -71.95 -64.20
C VAL C 1820 31.82 -70.46 -64.05
N GLY C 1821 33.09 -70.06 -64.08
CA GLY C 1821 33.47 -68.68 -63.89
C GLY C 1821 33.93 -68.36 -62.49
N GLY C 1822 33.58 -69.18 -61.51
CA GLY C 1822 34.06 -68.99 -60.16
C GLY C 1822 32.97 -69.01 -59.11
N SER C 1823 31.78 -68.54 -59.47
CA SER C 1823 30.68 -68.44 -58.53
C SER C 1823 29.38 -68.76 -59.25
N VAL C 1824 28.37 -69.13 -58.47
CA VAL C 1824 27.05 -69.39 -59.04
C VAL C 1824 26.50 -68.14 -59.71
N GLU C 1825 26.81 -66.97 -59.15
CA GLU C 1825 26.40 -65.71 -59.77
C GLU C 1825 26.99 -65.58 -61.16
N PHE C 1826 28.32 -65.73 -61.29
CA PHE C 1826 28.93 -65.59 -62.60
C PHE C 1826 28.55 -66.73 -63.53
N GLN C 1827 28.10 -67.85 -62.98
CA GLN C 1827 27.65 -68.94 -63.84
C GLN C 1827 26.28 -68.65 -64.43
N PHE C 1828 25.40 -68.01 -63.68
CA PHE C 1828 24.01 -67.89 -64.11
C PHE C 1828 23.62 -66.52 -64.66
N VAL C 1829 24.08 -65.41 -64.07
CA VAL C 1829 23.60 -64.10 -64.50
C VAL C 1829 23.89 -63.79 -65.97
N PRO C 1830 25.06 -64.11 -66.55
CA PRO C 1830 25.23 -63.76 -67.97
C PRO C 1830 24.34 -64.58 -68.88
N VAL C 1831 24.20 -65.87 -68.60
CA VAL C 1831 23.35 -66.72 -69.43
C VAL C 1831 21.89 -66.29 -69.29
N LEU C 1832 21.47 -65.92 -68.09
CA LEU C 1832 20.09 -65.47 -67.91
C LEU C 1832 19.85 -64.12 -68.58
N LYS C 1833 20.86 -63.26 -68.64
CA LYS C 1833 20.72 -62.05 -69.46
C LYS C 1833 20.50 -62.41 -70.92
N LEU C 1834 21.25 -63.40 -71.42
CA LEU C 1834 21.07 -63.81 -72.81
C LEU C 1834 19.65 -64.35 -73.04
N VAL C 1835 19.18 -65.21 -72.13
CA VAL C 1835 17.87 -65.81 -72.31
C VAL C 1835 16.78 -64.75 -72.23
N SER C 1836 16.90 -63.80 -71.29
CA SER C 1836 15.90 -62.75 -71.17
C SER C 1836 15.88 -61.86 -72.40
N THR C 1837 17.06 -61.48 -72.90
CA THR C 1837 17.10 -60.63 -74.09
C THR C 1837 16.49 -61.34 -75.29
N LEU C 1838 16.84 -62.61 -75.48
CA LEU C 1838 16.29 -63.34 -76.61
C LEU C 1838 14.79 -63.56 -76.45
N LEU C 1839 14.33 -63.81 -75.21
CA LEU C 1839 12.92 -64.03 -74.98
C LEU C 1839 12.10 -62.80 -75.31
N VAL C 1840 12.54 -61.63 -74.83
CA VAL C 1840 11.81 -60.41 -75.15
C VAL C 1840 12.00 -60.02 -76.61
N MET C 1841 13.03 -60.55 -77.26
CA MET C 1841 13.21 -60.29 -78.68
C MET C 1841 12.43 -61.27 -79.55
N GLY C 1842 11.78 -62.25 -78.95
CA GLY C 1842 10.86 -63.12 -79.67
C GLY C 1842 11.50 -64.18 -80.52
N ILE C 1843 12.78 -64.47 -80.31
CA ILE C 1843 13.48 -65.44 -81.14
C ILE C 1843 12.98 -66.86 -80.86
N PHE C 1844 12.71 -67.18 -79.60
CA PHE C 1844 12.40 -68.55 -79.23
C PHE C 1844 11.05 -68.98 -79.78
N GLY C 1845 11.00 -70.21 -80.29
CA GLY C 1845 9.78 -70.78 -80.82
C GLY C 1845 8.97 -71.47 -79.74
N ASP C 1846 7.88 -72.11 -80.18
CA ASP C 1846 6.93 -72.71 -79.25
C ASP C 1846 7.58 -73.84 -78.44
N GLU C 1847 8.21 -74.78 -79.13
CA GLU C 1847 8.85 -75.88 -78.43
C GLU C 1847 9.98 -75.38 -77.55
N ASP C 1848 10.68 -74.33 -78.00
CA ASP C 1848 11.80 -73.81 -77.23
C ASP C 1848 11.33 -73.16 -75.93
N VAL C 1849 10.27 -72.36 -75.99
CA VAL C 1849 9.79 -71.76 -74.74
C VAL C 1849 9.16 -72.83 -73.87
N LYS C 1850 8.66 -73.91 -74.48
CA LYS C 1850 8.21 -75.05 -73.67
C LYS C 1850 9.37 -75.63 -72.87
N GLN C 1851 10.53 -75.80 -73.52
CA GLN C 1851 11.71 -76.26 -72.79
C GLN C 1851 12.11 -75.27 -71.70
N ILE C 1852 12.08 -73.98 -72.00
CA ILE C 1852 12.48 -72.97 -71.02
C ILE C 1852 11.55 -73.00 -69.81
N LEU C 1853 10.24 -73.11 -70.06
CA LEU C 1853 9.27 -73.17 -68.96
C LEU C 1853 9.50 -74.39 -68.09
N LYS C 1854 9.59 -75.57 -68.71
CA LYS C 1854 9.78 -76.80 -67.95
C LYS C 1854 11.10 -76.80 -67.21
N MET C 1855 12.11 -76.12 -67.75
CA MET C 1855 13.44 -76.12 -67.16
C MET C 1855 13.65 -74.98 -66.18
N ILE C 1856 12.74 -74.00 -66.14
CA ILE C 1856 12.59 -73.17 -64.95
C ILE C 1856 11.90 -73.95 -63.84
N GLU C 1857 10.79 -74.62 -64.16
CA GLU C 1857 10.09 -75.40 -63.15
C GLU C 1857 9.36 -76.59 -63.78
N PRO C 1858 9.85 -77.80 -63.57
CA PRO C 1858 9.31 -78.96 -64.29
C PRO C 1858 7.90 -79.36 -63.89
N GLU C 1859 7.68 -79.55 -62.58
CA GLU C 1859 6.45 -80.16 -62.11
C GLU C 1859 5.23 -79.30 -62.42
N VAL C 1860 5.32 -78.00 -62.15
CA VAL C 1860 4.17 -77.13 -62.34
C VAL C 1860 3.90 -76.87 -63.81
N PHE C 1861 4.95 -76.81 -64.63
CA PHE C 1861 4.83 -76.27 -65.98
C PHE C 1861 4.88 -77.33 -67.07
N THR C 1862 4.84 -78.60 -66.72
CA THR C 1862 4.80 -79.65 -67.73
C THR C 1862 3.37 -79.92 -68.15
N GLU C 1863 3.22 -80.50 -69.35
CA GLU C 1863 1.91 -80.78 -69.91
C GLU C 1863 1.42 -82.14 -69.42
N GLU C 1864 0.29 -82.59 -69.97
CA GLU C 1864 -0.27 -83.89 -69.61
C GLU C 1864 0.47 -85.01 -70.32
N LEU C 1912 14.37 -85.34 -57.86
CA LEU C 1912 14.28 -85.61 -59.29
C LEU C 1912 14.80 -84.44 -60.11
N GLU C 1913 13.97 -83.93 -61.02
CA GLU C 1913 14.34 -82.79 -61.84
C GLU C 1913 14.32 -81.52 -60.98
N GLU C 1914 15.49 -80.95 -60.74
CA GLU C 1914 15.61 -79.75 -59.91
C GLU C 1914 15.40 -78.52 -60.79
N GLY C 1915 14.34 -77.76 -60.50
CA GLY C 1915 14.10 -76.56 -61.25
C GLY C 1915 14.99 -75.40 -60.82
N LEU C 1916 15.08 -74.42 -61.71
CA LEU C 1916 15.88 -73.24 -61.42
C LEU C 1916 15.28 -72.46 -60.26
N LEU C 1917 13.95 -72.39 -60.18
CA LEU C 1917 13.31 -71.88 -58.98
C LEU C 1917 13.55 -72.81 -57.80
N GLN C 1918 13.58 -74.11 -58.05
CA GLN C 1918 13.62 -75.09 -56.97
C GLN C 1918 14.89 -74.98 -56.14
N MET C 1919 16.04 -74.85 -56.80
CA MET C 1919 17.29 -74.83 -56.05
C MET C 1919 17.62 -73.42 -55.58
N LYS C 1920 18.38 -73.34 -54.48
CA LYS C 1920 18.64 -72.07 -53.83
C LYS C 1920 19.55 -71.20 -54.68
N LEU C 1921 19.45 -69.89 -54.48
CA LEU C 1921 20.02 -68.95 -55.43
C LEU C 1921 20.59 -67.76 -54.68
N PRO C 1922 21.58 -67.08 -55.26
CA PRO C 1922 22.03 -65.79 -54.72
C PRO C 1922 21.13 -64.66 -55.21
N GLU C 1923 21.49 -63.44 -54.85
CA GLU C 1923 20.61 -62.30 -55.10
C GLU C 1923 20.54 -61.96 -56.57
N SER C 1924 21.68 -61.84 -57.24
CA SER C 1924 21.70 -61.36 -58.62
C SER C 1924 20.99 -62.33 -59.55
N VAL C 1925 21.16 -63.63 -59.31
CA VAL C 1925 20.47 -64.61 -60.14
C VAL C 1925 18.97 -64.53 -59.90
N LYS C 1926 18.55 -64.25 -58.67
CA LYS C 1926 17.14 -64.03 -58.41
C LYS C 1926 16.62 -62.82 -59.17
N LEU C 1927 17.43 -61.75 -59.25
CA LEU C 1927 17.01 -60.57 -59.99
C LEU C 1927 16.78 -60.89 -61.45
N GLN C 1928 17.72 -61.60 -62.07
CA GLN C 1928 17.55 -61.96 -63.47
C GLN C 1928 16.42 -62.97 -63.65
N MET C 1929 16.19 -63.81 -62.66
CA MET C 1929 15.06 -64.74 -62.71
C MET C 1929 13.74 -63.99 -62.70
N CYS C 1930 13.65 -62.94 -61.90
CA CYS C 1930 12.45 -62.11 -61.90
C CYS C 1930 12.27 -61.38 -63.23
N ASN C 1931 13.36 -60.87 -63.80
CA ASN C 1931 13.24 -60.23 -65.12
C ASN C 1931 12.85 -61.24 -66.18
N LEU C 1932 13.18 -62.51 -65.99
CA LEU C 1932 12.72 -63.53 -66.93
C LEU C 1932 11.24 -63.83 -66.72
N LEU C 1933 10.80 -63.94 -65.46
CA LEU C 1933 9.40 -64.27 -65.18
C LEU C 1933 8.47 -63.14 -65.56
N GLU C 1934 8.97 -61.90 -65.51
CA GLU C 1934 8.14 -60.77 -65.92
C GLU C 1934 7.74 -60.89 -67.38
N TYR C 1935 8.61 -61.45 -68.22
CA TYR C 1935 8.25 -61.66 -69.62
C TYR C 1935 7.09 -62.62 -69.73
N PHE C 1936 7.09 -63.71 -68.96
CA PHE C 1936 6.01 -64.67 -69.08
C PHE C 1936 4.70 -64.12 -68.56
N CYS C 1937 4.74 -63.33 -67.49
CA CYS C 1937 3.52 -62.64 -67.06
C CYS C 1937 3.02 -61.68 -68.12
N ASP C 1938 3.95 -60.97 -68.78
CA ASP C 1938 3.57 -60.05 -69.83
C ASP C 1938 2.91 -60.79 -70.99
N GLN C 1939 3.42 -61.98 -71.33
CA GLN C 1939 2.78 -62.78 -72.37
C GLN C 1939 1.42 -63.29 -71.95
N GLU C 1940 1.25 -63.61 -70.67
CA GLU C 1940 -0.08 -63.98 -70.19
C GLU C 1940 -1.06 -62.83 -70.37
N LEU C 1941 -0.65 -61.62 -70.01
CA LEU C 1941 -1.50 -60.45 -70.17
C LEU C 1941 -1.79 -60.18 -71.64
N GLN C 1942 -0.77 -60.29 -72.50
CA GLN C 1942 -0.96 -60.09 -73.93
C GLN C 1942 -1.92 -61.12 -74.51
N HIS C 1943 -1.82 -62.36 -74.06
CA HIS C 1943 -2.76 -63.39 -74.49
C HIS C 1943 -4.18 -63.04 -74.07
N ARG C 1944 -4.34 -62.52 -72.85
CA ARG C 1944 -5.68 -62.17 -72.39
C ARG C 1944 -6.28 -61.03 -73.20
N VAL C 1945 -5.50 -59.98 -73.46
CA VAL C 1945 -6.06 -58.86 -74.22
C VAL C 1945 -6.33 -59.26 -75.67
N GLU C 1946 -5.48 -60.10 -76.24
CA GLU C 1946 -5.73 -60.61 -77.59
C GLU C 1946 -7.00 -61.44 -77.63
N SER C 1947 -7.21 -62.28 -76.61
CA SER C 1947 -8.44 -63.06 -76.54
C SER C 1947 -9.66 -62.16 -76.40
N LEU C 1948 -9.51 -61.06 -75.65
CA LEU C 1948 -10.60 -60.11 -75.52
C LEU C 1948 -10.93 -59.46 -76.86
N ALA C 1949 -9.90 -59.14 -77.65
CA ALA C 1949 -10.15 -58.58 -78.98
C ALA C 1949 -10.81 -59.61 -79.89
N ALA C 1950 -10.41 -60.88 -79.78
CA ALA C 1950 -11.03 -61.94 -80.57
C ALA C 1950 -12.50 -62.08 -80.22
N PHE C 1951 -12.83 -62.02 -78.93
CA PHE C 1951 -14.24 -62.05 -78.56
C PHE C 1951 -14.96 -60.79 -79.01
N ALA C 1952 -14.26 -59.66 -79.06
CA ALA C 1952 -14.87 -58.44 -79.55
C ALA C 1952 -15.31 -58.58 -81.00
N GLU C 1953 -14.44 -59.15 -81.84
CA GLU C 1953 -14.80 -59.32 -83.24
C GLU C 1953 -15.84 -60.41 -83.42
N ARG C 1954 -15.84 -61.43 -82.56
CA ARG C 1954 -16.92 -62.42 -82.64
C ARG C 1954 -18.25 -61.83 -82.22
N TYR C 1955 -18.24 -60.89 -81.27
CA TYR C 1955 -19.47 -60.39 -80.68
C TYR C 1955 -20.09 -59.26 -81.49
N VAL C 1956 -19.26 -58.47 -82.19
CA VAL C 1956 -19.82 -57.35 -82.94
C VAL C 1956 -20.70 -57.86 -84.08
N ASP C 1957 -20.33 -58.99 -84.68
CA ASP C 1957 -21.15 -59.55 -85.76
C ASP C 1957 -22.53 -59.93 -85.25
N LYS C 1958 -22.59 -60.60 -84.09
CA LYS C 1958 -23.88 -60.96 -83.52
C LYS C 1958 -24.69 -59.71 -83.16
N LEU C 1959 -24.02 -58.71 -82.60
CA LEU C 1959 -24.73 -57.48 -82.21
C LEU C 1959 -25.29 -56.76 -83.42
N GLN C 1960 -24.51 -56.68 -84.50
CA GLN C 1960 -25.01 -56.06 -85.72
C GLN C 1960 -26.16 -56.85 -86.31
N ALA C 1961 -26.10 -58.18 -86.25
CA ALA C 1961 -27.21 -58.99 -86.76
C ALA C 1961 -28.49 -58.75 -85.98
N ASN C 1962 -28.40 -58.71 -84.65
CA ASN C 1962 -29.59 -58.44 -83.83
C ASN C 1962 -30.11 -57.04 -84.08
N GLN C 1963 -29.21 -56.07 -84.24
CA GLN C 1963 -29.64 -54.72 -84.56
C GLN C 1963 -30.32 -54.66 -85.92
N ARG C 1964 -29.84 -55.45 -86.89
CA ARG C 1964 -30.52 -55.55 -88.18
C ARG C 1964 -31.93 -56.09 -88.04
N SER C 1965 -32.11 -57.14 -87.23
CA SER C 1965 -33.44 -57.71 -87.08
C SER C 1965 -34.40 -56.73 -86.42
N ARG C 1966 -33.95 -56.03 -85.37
CA ARG C 1966 -34.80 -55.04 -84.73
C ARG C 1966 -35.07 -53.85 -85.63
N TYR C 1967 -34.07 -53.46 -86.44
CA TYR C 1967 -34.26 -52.38 -87.41
C TYR C 1967 -35.29 -52.74 -88.46
N ALA C 1968 -35.23 -53.97 -88.97
CA ALA C 1968 -36.21 -54.44 -89.94
C ALA C 1968 -37.60 -54.47 -89.32
N LEU C 1969 -37.71 -54.91 -88.07
CA LEU C 1969 -39.01 -54.91 -87.41
C LEU C 1969 -39.54 -53.49 -87.20
N LEU C 1970 -38.65 -52.54 -86.89
CA LEU C 1970 -39.07 -51.16 -86.69
C LEU C 1970 -39.61 -50.55 -87.99
N MET C 1971 -38.90 -50.77 -89.10
CA MET C 1971 -39.40 -50.28 -90.38
C MET C 1971 -40.60 -51.07 -90.87
N ARG C 1972 -40.79 -52.30 -90.38
CA ARG C 1972 -41.97 -53.07 -90.74
C ARG C 1972 -43.21 -52.57 -90.01
N ALA C 1973 -43.08 -52.25 -88.73
CA ALA C 1973 -44.22 -51.80 -87.93
C ALA C 1973 -43.75 -50.70 -86.98
N PHE C 1974 -44.16 -49.46 -87.27
CA PHE C 1974 -43.83 -48.32 -86.42
C PHE C 1974 -45.07 -47.53 -86.02
N THR C 1975 -46.26 -48.15 -86.12
CA THR C 1975 -47.49 -47.46 -85.76
C THR C 1975 -47.55 -47.14 -84.27
N MET C 1976 -47.09 -48.07 -83.43
CA MET C 1976 -47.07 -47.86 -81.99
C MET C 1976 -46.05 -46.77 -81.66
N SER C 1977 -46.56 -45.60 -81.24
CA SER C 1977 -45.71 -44.43 -81.06
C SER C 1977 -44.70 -44.63 -79.93
N ALA C 1978 -45.12 -45.28 -78.84
CA ALA C 1978 -44.23 -45.46 -77.70
C ALA C 1978 -43.04 -46.35 -78.06
N ALA C 1979 -43.32 -47.50 -78.69
CA ALA C 1979 -42.23 -48.39 -79.09
C ALA C 1979 -41.39 -47.77 -80.21
N GLU C 1980 -42.03 -47.02 -81.11
CA GLU C 1980 -41.29 -46.35 -82.18
C GLU C 1980 -40.32 -45.32 -81.62
N THR C 1981 -40.76 -44.54 -80.63
CA THR C 1981 -39.88 -43.56 -80.01
C THR C 1981 -38.78 -44.24 -79.20
N ALA C 1982 -39.12 -45.35 -78.53
CA ALA C 1982 -38.10 -46.10 -77.79
C ALA C 1982 -37.01 -46.61 -78.72
N ARG C 1983 -37.40 -47.16 -79.87
CA ARG C 1983 -36.42 -47.58 -80.86
C ARG C 1983 -35.66 -46.39 -81.43
N ARG C 1984 -36.36 -45.29 -81.70
CA ARG C 1984 -35.74 -44.09 -82.26
C ARG C 1984 -34.79 -43.41 -81.30
N THR C 1985 -34.84 -43.77 -80.01
CA THR C 1985 -33.84 -43.32 -79.06
C THR C 1985 -32.74 -44.34 -78.83
N ARG C 1986 -33.06 -45.64 -78.84
CA ARG C 1986 -32.09 -46.68 -78.52
C ARG C 1986 -31.24 -47.07 -79.73
N GLU C 1987 -31.88 -47.58 -80.78
CA GLU C 1987 -31.16 -48.05 -81.97
C GLU C 1987 -31.33 -47.09 -83.15
N PHE C 1988 -31.66 -45.83 -82.88
CA PHE C 1988 -31.68 -44.76 -83.85
C PHE C 1988 -31.31 -43.46 -83.16
N ARG C 1989 -30.83 -42.51 -83.96
CA ARG C 1989 -30.68 -41.11 -83.55
C ARG C 1989 -29.80 -40.94 -82.31
N SER C 1990 -28.88 -41.89 -82.10
CA SER C 1990 -27.96 -41.84 -80.97
C SER C 1990 -26.55 -42.10 -81.48
N PRO C 1991 -25.54 -41.57 -80.81
CA PRO C 1991 -24.17 -41.91 -81.15
C PRO C 1991 -23.94 -43.40 -81.00
N PRO C 1992 -23.12 -44.00 -81.87
CA PRO C 1992 -22.87 -45.44 -81.77
C PRO C 1992 -22.31 -45.85 -80.42
N GLN C 1993 -21.52 -45.00 -79.78
CA GLN C 1993 -21.02 -45.30 -78.44
C GLN C 1993 -22.16 -45.43 -77.45
N GLU C 1994 -23.13 -44.50 -77.50
CA GLU C 1994 -24.28 -44.59 -76.61
C GLU C 1994 -25.13 -45.81 -76.93
N GLN C 1995 -25.27 -46.13 -78.23
CA GLN C 1995 -26.07 -47.28 -78.64
C GLN C 1995 -25.47 -48.56 -78.10
N ILE C 1996 -24.16 -48.75 -78.29
CA ILE C 1996 -23.53 -49.97 -77.82
C ILE C 1996 -23.50 -50.00 -76.29
N ASN C 1997 -23.37 -48.84 -75.65
CA ASN C 1997 -23.38 -48.81 -74.20
C ASN C 1997 -24.74 -49.25 -73.65
N MET C 1998 -25.82 -48.73 -74.23
CA MET C 1998 -27.15 -49.10 -73.78
C MET C 1998 -27.43 -50.57 -74.05
N LEU C 1999 -27.00 -51.08 -75.20
CA LEU C 1999 -27.24 -52.49 -75.50
C LEU C 1999 -26.42 -53.38 -74.58
N LEU C 2000 -25.18 -52.99 -74.28
CA LEU C 2000 -24.28 -53.81 -73.49
C LEU C 2000 -24.52 -53.68 -72.00
N HIS C 2001 -25.34 -52.72 -71.57
CA HIS C 2001 -25.66 -52.55 -70.15
C HIS C 2001 -26.73 -53.58 -69.76
N PHE C 2002 -26.29 -54.81 -69.51
CA PHE C 2002 -27.20 -55.84 -69.02
C PHE C 2002 -26.58 -56.77 -67.99
N LYS C 2003 -25.39 -56.48 -67.48
CA LYS C 2003 -24.72 -57.43 -66.59
C LYS C 2003 -25.53 -57.65 -65.31
N ASP C 2004 -26.09 -56.59 -64.75
CA ASP C 2004 -26.99 -56.72 -63.61
C ASP C 2004 -28.30 -57.36 -64.07
N GLU C 2005 -28.90 -58.17 -63.19
CA GLU C 2005 -30.13 -58.87 -63.54
C GLU C 2005 -31.28 -57.90 -63.78
N ALA C 2006 -31.38 -56.86 -62.95
CA ALA C 2006 -32.45 -55.88 -63.14
C ALA C 2006 -32.31 -55.15 -64.46
N ASP C 2007 -31.08 -54.84 -64.85
CA ASP C 2007 -30.85 -54.25 -66.16
C ASP C 2007 -31.18 -55.23 -67.28
N GLU C 2008 -30.80 -56.50 -67.11
CA GLU C 2008 -31.06 -57.53 -68.11
C GLU C 2008 -32.53 -57.87 -68.23
N GLU C 2009 -33.37 -57.43 -67.29
CA GLU C 2009 -34.80 -57.65 -67.39
C GLU C 2009 -35.39 -57.05 -68.66
N ASP C 2010 -34.91 -55.86 -69.05
CA ASP C 2010 -35.38 -55.16 -70.25
C ASP C 2010 -34.18 -54.69 -71.05
N CYS C 2011 -33.72 -55.52 -71.98
CA CYS C 2011 -32.64 -55.18 -72.90
C CYS C 2011 -32.95 -55.75 -74.27
N PRO C 2012 -32.52 -55.07 -75.35
CA PRO C 2012 -32.83 -55.56 -76.70
C PRO C 2012 -32.04 -56.81 -77.10
N LEU C 2013 -31.03 -57.21 -76.33
CA LEU C 2013 -30.23 -58.36 -76.71
C LEU C 2013 -31.02 -59.66 -76.53
N PRO C 2014 -30.74 -60.67 -77.34
CA PRO C 2014 -31.37 -61.98 -77.15
C PRO C 2014 -30.68 -62.78 -76.06
N GLU C 2015 -31.35 -63.86 -75.66
CA GLU C 2015 -30.85 -64.67 -74.56
C GLU C 2015 -29.57 -65.41 -74.93
N ASP C 2016 -29.47 -65.85 -76.19
CA ASP C 2016 -28.27 -66.57 -76.62
C ASP C 2016 -27.04 -65.67 -76.58
N ILE C 2017 -27.14 -64.47 -77.15
CA ILE C 2017 -26.02 -63.53 -77.15
C ILE C 2017 -25.71 -63.10 -75.72
N ARG C 2018 -26.75 -62.86 -74.92
CA ARG C 2018 -26.57 -62.52 -73.51
C ARG C 2018 -25.76 -63.59 -72.79
N GLN C 2019 -26.16 -64.85 -72.91
CA GLN C 2019 -25.48 -65.93 -72.21
C GLN C 2019 -24.06 -66.12 -72.74
N ASP C 2020 -23.83 -65.88 -74.03
CA ASP C 2020 -22.47 -65.95 -74.55
C ASP C 2020 -21.56 -64.95 -73.87
N LEU C 2021 -22.04 -63.72 -73.70
CA LEU C 2021 -21.21 -62.71 -73.04
C LEU C 2021 -21.01 -63.03 -71.57
N GLN C 2022 -22.05 -63.52 -70.89
CA GLN C 2022 -21.87 -63.90 -69.49
C GLN C 2022 -20.86 -65.03 -69.34
N ASP C 2023 -20.90 -66.01 -70.25
CA ASP C 2023 -19.91 -67.07 -70.24
C ASP C 2023 -18.51 -66.53 -70.44
N PHE C 2024 -18.36 -65.58 -71.37
CA PHE C 2024 -17.02 -65.02 -71.59
C PHE C 2024 -16.52 -64.26 -70.37
N HIS C 2025 -17.40 -63.52 -69.70
CA HIS C 2025 -16.98 -62.83 -68.49
C HIS C 2025 -16.56 -63.83 -67.43
N GLN C 2026 -17.30 -64.93 -67.30
CA GLN C 2026 -16.93 -65.94 -66.31
C GLN C 2026 -15.57 -66.57 -66.61
N ASP C 2027 -15.30 -66.86 -67.89
CA ASP C 2027 -13.99 -67.45 -68.17
C ASP C 2027 -12.88 -66.41 -68.10
N LEU C 2028 -13.20 -65.12 -68.29
CA LEU C 2028 -12.19 -64.09 -68.05
C LEU C 2028 -11.81 -64.03 -66.58
N LEU C 2029 -12.80 -64.11 -65.69
CA LEU C 2029 -12.51 -64.18 -64.26
C LEU C 2029 -11.72 -65.44 -63.93
N ALA C 2030 -12.07 -66.56 -64.55
CA ALA C 2030 -11.34 -67.81 -64.31
C ALA C 2030 -9.88 -67.68 -64.75
N HIS C 2031 -9.64 -67.06 -65.91
CA HIS C 2031 -8.27 -66.89 -66.38
C HIS C 2031 -7.50 -65.91 -65.52
N CYS C 2032 -8.16 -64.90 -64.96
CA CYS C 2032 -7.50 -64.01 -64.02
C CYS C 2032 -7.40 -64.61 -62.62
N GLY C 2033 -7.96 -65.80 -62.40
CA GLY C 2033 -7.86 -66.44 -61.11
C GLY C 2033 -8.75 -65.85 -60.05
N ILE C 2034 -9.82 -65.17 -60.45
CA ILE C 2034 -10.73 -64.55 -59.48
C ILE C 2034 -11.42 -65.62 -58.65
N GLN C 2035 -11.91 -66.68 -59.30
CA GLN C 2035 -12.62 -67.78 -58.65
C GLN C 2035 -13.83 -67.30 -57.85
N LYS C 2079 1.84 -76.58 -50.15
CA LYS C 2079 1.02 -77.37 -51.06
C LYS C 2079 1.75 -77.59 -52.39
N LYS C 2080 1.01 -77.58 -53.48
CA LYS C 2080 1.57 -77.81 -54.81
C LYS C 2080 1.06 -76.71 -55.73
N PRO C 2081 1.95 -75.93 -56.36
CA PRO C 2081 1.50 -74.93 -57.33
C PRO C 2081 0.87 -75.59 -58.54
N GLN C 2082 -0.08 -74.89 -59.14
CA GLN C 2082 -0.77 -75.39 -60.33
C GLN C 2082 -0.69 -74.43 -61.50
N SER C 2083 -0.79 -73.13 -61.27
CA SER C 2083 -0.79 -72.14 -62.32
C SER C 2083 0.35 -71.16 -62.12
N LEU C 2084 0.59 -70.34 -63.14
CA LEU C 2084 1.65 -69.34 -63.07
C LEU C 2084 1.42 -68.37 -61.92
N GLN C 2085 0.17 -67.97 -61.69
CA GLN C 2085 -0.12 -67.01 -60.63
C GLN C 2085 0.28 -67.55 -59.27
N GLU C 2086 -0.18 -68.76 -58.95
CA GLU C 2086 0.18 -69.36 -57.66
C GLU C 2086 1.67 -69.61 -57.58
N LEU C 2087 2.29 -69.99 -58.71
CA LEU C 2087 3.71 -70.26 -58.72
C LEU C 2087 4.52 -69.02 -58.34
N VAL C 2088 4.27 -67.89 -59.02
CA VAL C 2088 5.04 -66.68 -58.74
C VAL C 2088 4.71 -66.13 -57.36
N SER C 2089 3.44 -66.20 -56.95
CA SER C 2089 3.08 -65.67 -55.64
C SER C 2089 3.80 -66.44 -54.53
N HIS C 2090 3.70 -67.76 -54.56
CA HIS C 2090 4.34 -68.57 -53.52
C HIS C 2090 5.85 -68.44 -53.60
N MET C 2091 6.41 -68.35 -54.81
CA MET C 2091 7.85 -68.20 -54.96
C MET C 2091 8.35 -66.89 -54.36
N VAL C 2092 7.65 -65.79 -54.63
CA VAL C 2092 8.10 -64.49 -54.14
C VAL C 2092 7.99 -64.43 -52.63
N VAL C 2093 6.89 -64.94 -52.07
CA VAL C 2093 6.75 -64.96 -50.62
C VAL C 2093 7.84 -65.82 -49.99
N ARG C 2094 8.15 -66.96 -50.60
CA ARG C 2094 9.20 -67.82 -50.06
C ARG C 2094 10.55 -67.12 -50.11
N TRP C 2095 10.84 -66.41 -51.20
CA TRP C 2095 12.09 -65.67 -51.30
C TRP C 2095 12.20 -64.62 -50.20
N ALA C 2096 11.10 -63.92 -49.92
CA ALA C 2096 11.14 -62.91 -48.87
C ALA C 2096 11.27 -63.53 -47.49
N GLN C 2097 10.67 -64.70 -47.28
CA GLN C 2097 10.77 -65.35 -45.98
C GLN C 2097 12.14 -65.96 -45.74
N GLU C 2098 12.83 -66.38 -46.80
CA GLU C 2098 14.09 -67.07 -46.64
C GLU C 2098 15.15 -66.18 -46.00
N ASP C 2099 15.24 -64.93 -46.46
CA ASP C 2099 16.31 -64.06 -45.95
C ASP C 2099 15.93 -62.62 -46.20
N TYR C 2100 16.65 -61.73 -45.52
CA TYR C 2100 16.44 -60.29 -45.62
C TYR C 2100 17.17 -59.79 -46.87
N VAL C 2101 16.43 -59.62 -47.96
CA VAL C 2101 17.04 -59.16 -49.20
C VAL C 2101 17.58 -57.74 -49.03
N GLN C 2102 18.70 -57.45 -49.70
CA GLN C 2102 19.34 -56.15 -49.54
C GLN C 2102 19.66 -55.48 -50.87
N SER C 2103 19.19 -56.02 -51.98
CA SER C 2103 19.37 -55.36 -53.27
C SER C 2103 18.07 -54.68 -53.66
N PRO C 2104 18.00 -53.35 -53.62
CA PRO C 2104 16.70 -52.66 -53.78
C PRO C 2104 16.00 -53.00 -55.08
N GLU C 2105 16.75 -53.14 -56.17
CA GLU C 2105 16.14 -53.47 -57.45
C GLU C 2105 15.46 -54.83 -57.38
N LEU C 2106 16.11 -55.79 -56.72
CA LEU C 2106 15.46 -57.09 -56.52
C LEU C 2106 14.20 -56.93 -55.69
N VAL C 2107 14.23 -56.11 -54.64
CA VAL C 2107 13.07 -55.97 -53.78
C VAL C 2107 11.86 -55.48 -54.58
N ARG C 2108 12.04 -54.39 -55.33
CA ARG C 2108 10.91 -53.88 -56.10
C ARG C 2108 10.55 -54.83 -57.22
N ALA C 2109 11.51 -55.62 -57.72
CA ALA C 2109 11.17 -56.60 -58.73
C ALA C 2109 10.19 -57.63 -58.19
N MET C 2110 10.53 -58.25 -57.04
CA MET C 2110 9.66 -59.32 -56.56
C MET C 2110 8.30 -58.77 -56.15
N PHE C 2111 8.26 -57.57 -55.58
CA PHE C 2111 6.96 -57.05 -55.17
C PHE C 2111 6.15 -56.56 -56.36
N SER C 2112 6.79 -56.08 -57.42
CA SER C 2112 6.04 -55.73 -58.62
C SER C 2112 5.40 -56.97 -59.24
N LEU C 2113 6.17 -58.05 -59.36
CA LEU C 2113 5.59 -59.30 -59.86
C LEU C 2113 4.49 -59.80 -58.94
N LEU C 2114 4.68 -59.70 -57.63
CA LEU C 2114 3.67 -60.17 -56.69
C LEU C 2114 2.37 -59.39 -56.85
N HIS C 2115 2.47 -58.07 -56.97
CA HIS C 2115 1.27 -57.26 -57.14
C HIS C 2115 0.56 -57.61 -58.45
N ARG C 2116 1.32 -57.82 -59.52
CA ARG C 2116 0.71 -58.16 -60.80
C ARG C 2116 0.00 -59.51 -60.72
N GLN C 2117 0.60 -60.49 -60.06
CA GLN C 2117 -0.03 -61.80 -59.96
C GLN C 2117 -1.29 -61.74 -59.12
N TYR C 2118 -1.27 -61.01 -58.00
CA TYR C 2118 -2.44 -60.99 -57.13
C TYR C 2118 -3.58 -60.19 -57.75
N ASP C 2119 -3.28 -59.03 -58.34
CA ASP C 2119 -4.30 -58.19 -58.94
C ASP C 2119 -4.17 -58.36 -60.45
N GLY C 2120 -4.89 -59.35 -60.98
CA GLY C 2120 -4.84 -59.61 -62.41
C GLY C 2120 -5.79 -58.74 -63.19
N LEU C 2121 -6.99 -58.55 -62.65
CA LEU C 2121 -8.01 -57.78 -63.34
C LEU C 2121 -7.58 -56.32 -63.50
N GLY C 2122 -6.97 -55.74 -62.48
CA GLY C 2122 -6.51 -54.37 -62.57
C GLY C 2122 -5.45 -54.17 -63.63
N GLU C 2123 -4.60 -55.16 -63.83
CA GLU C 2123 -3.61 -55.08 -64.91
C GLU C 2123 -4.29 -55.04 -66.27
N LEU C 2124 -5.33 -55.85 -66.45
CA LEU C 2124 -6.09 -55.80 -67.70
C LEU C 2124 -6.78 -54.46 -67.85
N LEU C 2125 -7.29 -53.90 -66.75
CA LEU C 2125 -7.92 -52.59 -66.78
C LEU C 2125 -6.94 -51.51 -67.21
N ARG C 2126 -5.70 -51.59 -66.73
CA ARG C 2126 -4.69 -50.62 -67.13
C ARG C 2126 -4.16 -50.87 -68.54
N ALA C 2127 -4.27 -52.10 -69.03
CA ALA C 2127 -3.74 -52.41 -70.34
C ALA C 2127 -4.71 -52.03 -71.46
N LEU C 2128 -6.01 -52.11 -71.21
CA LEU C 2128 -6.98 -51.83 -72.25
C LEU C 2128 -6.92 -50.43 -72.86
N PRO C 2129 -6.52 -49.37 -72.14
CA PRO C 2129 -6.34 -48.09 -72.84
C PRO C 2129 -5.35 -48.15 -73.99
N ARG C 2130 -4.29 -48.94 -73.86
CA ARG C 2130 -3.32 -49.05 -74.94
C ARG C 2130 -3.76 -50.02 -76.04
N ALA C 2131 -4.77 -50.85 -75.77
CA ALA C 2131 -5.21 -51.82 -76.76
C ALA C 2131 -6.01 -51.12 -77.86
N TYR C 2132 -5.69 -51.45 -79.11
CA TYR C 2132 -6.40 -50.90 -80.26
C TYR C 2132 -6.58 -52.01 -81.29
N THR C 2133 -7.63 -51.88 -82.08
CA THR C 2133 -7.96 -52.87 -83.11
C THR C 2133 -8.07 -52.16 -84.45
N ILE C 2134 -7.41 -52.72 -85.47
CA ILE C 2134 -7.35 -52.12 -86.79
C ILE C 2134 -7.73 -53.13 -87.85
N SER C 2135 -8.22 -52.62 -88.98
CA SER C 2135 -8.59 -53.48 -90.09
C SER C 2135 -7.34 -54.08 -90.74
N PRO C 2136 -7.44 -55.29 -91.28
CA PRO C 2136 -6.26 -55.90 -91.92
C PRO C 2136 -5.75 -55.13 -93.12
N SER C 2137 -6.61 -54.37 -93.81
CA SER C 2137 -6.20 -53.70 -95.03
C SER C 2137 -5.20 -52.57 -94.78
N SER C 2138 -5.11 -52.08 -93.54
CA SER C 2138 -4.20 -51.00 -93.22
C SER C 2138 -2.94 -51.48 -92.49
N VAL C 2139 -2.73 -52.79 -92.43
CA VAL C 2139 -1.69 -53.35 -91.57
C VAL C 2139 -0.32 -52.83 -91.97
N GLU C 2140 -0.02 -52.84 -93.27
CA GLU C 2140 1.31 -52.40 -93.72
C GLU C 2140 1.55 -50.94 -93.37
N ASP C 2141 0.53 -50.10 -93.55
CA ASP C 2141 0.68 -48.67 -93.24
C ASP C 2141 0.96 -48.47 -91.75
N THR C 2142 0.27 -49.23 -90.89
CA THR C 2142 0.58 -49.12 -89.47
C THR C 2142 1.94 -49.72 -89.12
N MET C 2143 2.44 -50.67 -89.90
CA MET C 2143 3.79 -51.16 -89.65
C MET C 2143 4.81 -50.08 -89.93
N SER C 2144 4.62 -49.33 -91.03
CA SER C 2144 5.48 -48.18 -91.28
C SER C 2144 5.32 -47.13 -90.18
N LEU C 2145 4.09 -46.94 -89.72
CA LEU C 2145 3.80 -46.05 -88.59
C LEU C 2145 4.64 -46.42 -87.38
N LEU C 2146 4.59 -47.71 -86.99
CA LEU C 2146 5.32 -48.16 -85.81
C LEU C 2146 6.83 -48.08 -86.02
N GLU C 2147 7.30 -48.31 -87.24
CA GLU C 2147 8.73 -48.17 -87.51
C GLU C 2147 9.20 -46.74 -87.33
N CYS C 2148 8.46 -45.78 -87.90
CA CYS C 2148 8.82 -44.38 -87.74
C CYS C 2148 8.84 -43.98 -86.27
N LEU C 2149 7.77 -44.32 -85.55
CA LEU C 2149 7.74 -44.12 -84.10
C LEU C 2149 8.89 -44.84 -83.42
N GLY C 2150 9.34 -45.95 -84.00
CA GLY C 2150 10.47 -46.67 -83.46
C GLY C 2150 11.71 -45.81 -83.38
N GLN C 2151 12.11 -45.19 -84.50
CA GLN C 2151 13.30 -44.35 -84.37
C GLN C 2151 13.04 -43.06 -83.60
N ILE C 2152 11.80 -42.54 -83.58
CA ILE C 2152 11.59 -41.37 -82.71
C ILE C 2152 11.90 -41.73 -81.26
N ARG C 2153 11.42 -42.88 -80.79
CA ARG C 2153 11.77 -43.31 -79.44
C ARG C 2153 13.24 -43.67 -79.33
N SER C 2154 13.86 -44.17 -80.41
CA SER C 2154 15.26 -44.58 -80.34
C SER C 2154 16.18 -43.40 -80.11
N LEU C 2155 16.05 -42.35 -80.91
CA LEU C 2155 16.85 -41.15 -80.68
C LEU C 2155 16.19 -40.19 -79.70
N LEU C 2156 15.12 -40.61 -79.02
CA LEU C 2156 14.66 -39.84 -77.86
C LEU C 2156 15.73 -39.79 -76.77
N ILE C 2157 16.35 -40.93 -76.47
CA ILE C 2157 17.34 -41.00 -75.39
C ILE C 2157 18.71 -40.52 -75.79
N VAL C 2158 18.95 -40.32 -77.08
CA VAL C 2158 20.24 -39.87 -77.58
C VAL C 2158 20.25 -38.36 -77.62
N GLN C 2159 21.39 -37.77 -77.30
CA GLN C 2159 21.56 -36.33 -77.45
C GLN C 2159 21.43 -35.93 -78.91
N MET C 2160 20.88 -34.75 -79.15
CA MET C 2160 20.60 -34.30 -80.50
C MET C 2160 21.88 -33.91 -81.22
N GLY C 2161 22.02 -34.40 -82.46
CA GLY C 2161 23.12 -34.02 -83.32
C GLY C 2161 22.62 -33.72 -84.71
N PRO C 2162 23.52 -33.42 -85.64
CA PRO C 2162 23.10 -33.08 -87.00
C PRO C 2162 22.39 -34.21 -87.73
N GLN C 2163 23.06 -35.36 -87.86
CA GLN C 2163 22.45 -36.49 -88.56
C GLN C 2163 21.27 -37.05 -87.78
N GLU C 2164 21.31 -36.96 -86.45
CA GLU C 2164 20.18 -37.37 -85.64
C GLU C 2164 18.97 -36.50 -85.93
N GLU C 2165 19.18 -35.18 -86.00
CA GLU C 2165 18.11 -34.25 -86.32
C GLU C 2165 17.53 -34.56 -87.70
N ASN C 2166 18.41 -34.79 -88.68
CA ASN C 2166 17.96 -35.08 -90.03
C ASN C 2166 17.14 -36.37 -90.07
N LEU C 2167 17.58 -37.38 -89.33
CA LEU C 2167 16.86 -38.65 -89.29
C LEU C 2167 15.45 -38.43 -88.73
N MET C 2168 15.32 -37.66 -87.66
CA MET C 2168 13.98 -37.47 -87.12
C MET C 2168 13.14 -36.50 -87.93
N ILE C 2169 13.75 -35.57 -88.67
CA ILE C 2169 12.98 -34.80 -89.66
C ILE C 2169 12.38 -35.75 -90.68
N GLN C 2170 13.17 -36.72 -91.15
CA GLN C 2170 12.66 -37.68 -92.11
C GLN C 2170 11.54 -38.51 -91.51
N SER C 2171 11.67 -38.88 -90.23
CA SER C 2171 10.63 -39.69 -89.61
C SER C 2171 9.34 -38.89 -89.44
N ILE C 2172 9.45 -37.60 -89.13
CA ILE C 2172 8.26 -36.76 -89.08
C ILE C 2172 7.65 -36.60 -90.47
N GLY C 2173 8.48 -36.52 -91.51
CA GLY C 2173 7.94 -36.47 -92.86
C GLY C 2173 7.17 -37.72 -93.22
N ASN C 2174 7.71 -38.89 -92.87
CA ASN C 2174 6.99 -40.12 -93.13
C ASN C 2174 5.76 -40.25 -92.25
N ILE C 2175 5.82 -39.71 -91.03
CA ILE C 2175 4.67 -39.77 -90.15
C ILE C 2175 3.55 -38.89 -90.71
N MET C 2176 3.90 -37.83 -91.45
CA MET C 2176 2.92 -37.14 -92.26
C MET C 2176 2.33 -38.07 -93.31
N ASN C 2177 3.20 -38.72 -94.07
CA ASN C 2177 2.79 -39.46 -95.26
C ASN C 2177 1.79 -40.55 -94.91
N ASN C 2178 1.99 -41.21 -93.75
CA ASN C 2178 1.12 -42.32 -93.38
C ASN C 2178 -0.33 -41.89 -93.30
N LYS C 2179 -1.21 -42.69 -93.91
CA LYS C 2179 -2.63 -42.39 -93.97
C LYS C 2179 -3.34 -42.71 -92.65
N VAL C 2180 -2.83 -43.70 -91.91
CA VAL C 2180 -3.43 -44.07 -90.64
C VAL C 2180 -3.29 -42.93 -89.63
N PHE C 2181 -2.34 -42.02 -89.84
CA PHE C 2181 -2.28 -40.79 -89.05
C PHE C 2181 -3.61 -40.06 -89.08
N TYR C 2182 -4.23 -39.94 -90.26
CA TYR C 2182 -5.52 -39.27 -90.31
C TYR C 2182 -6.68 -40.20 -89.98
N GLN C 2183 -6.65 -41.43 -90.50
CA GLN C 2183 -7.83 -42.27 -90.36
C GLN C 2183 -7.91 -43.01 -89.03
N HIS C 2184 -6.93 -42.81 -88.13
CA HIS C 2184 -7.00 -43.38 -86.78
C HIS C 2184 -6.35 -42.42 -85.81
N PRO C 2185 -7.11 -41.50 -85.23
CA PRO C 2185 -6.56 -40.61 -84.20
C PRO C 2185 -6.61 -41.21 -82.81
N ASN C 2186 -7.55 -42.12 -82.56
CA ASN C 2186 -7.60 -42.78 -81.27
C ASN C 2186 -6.37 -43.64 -81.03
N LEU C 2187 -5.93 -44.36 -82.07
CA LEU C 2187 -4.68 -45.11 -81.94
C LEU C 2187 -3.49 -44.18 -81.88
N MET C 2188 -3.60 -42.99 -82.47
CA MET C 2188 -2.57 -41.97 -82.30
C MET C 2188 -2.40 -41.63 -80.83
N ARG C 2189 -3.51 -41.42 -80.13
CA ARG C 2189 -3.43 -41.14 -78.69
C ARG C 2189 -2.95 -42.35 -77.91
N ALA C 2190 -3.41 -43.55 -78.29
CA ALA C 2190 -3.01 -44.75 -77.56
C ALA C 2190 -1.51 -44.99 -77.65
N LEU C 2191 -0.93 -44.83 -78.84
CA LEU C 2191 0.51 -44.88 -78.97
C LEU C 2191 1.16 -43.68 -78.26
N GLY C 2192 0.46 -42.56 -78.23
CA GLY C 2192 0.93 -41.39 -77.50
C GLY C 2192 2.22 -40.81 -78.03
N MET C 2193 2.39 -40.74 -79.35
CA MET C 2193 3.59 -40.12 -79.87
C MET C 2193 3.59 -38.60 -79.69
N HIS C 2194 2.44 -38.01 -79.37
CA HIS C 2194 2.46 -36.59 -79.01
C HIS C 2194 3.27 -36.38 -77.73
N GLU C 2195 3.15 -37.31 -76.77
CA GLU C 2195 3.98 -37.26 -75.58
C GLU C 2195 5.46 -37.38 -75.94
N THR C 2196 5.78 -38.30 -76.85
CA THR C 2196 7.17 -38.52 -77.24
C THR C 2196 7.76 -37.28 -77.88
N VAL C 2197 7.04 -36.71 -78.86
CA VAL C 2197 7.60 -35.55 -79.55
C VAL C 2197 7.64 -34.36 -78.61
N MET C 2198 6.68 -34.26 -77.68
CA MET C 2198 6.75 -33.19 -76.70
C MET C 2198 8.02 -33.31 -75.87
N GLU C 2199 8.38 -34.52 -75.47
CA GLU C 2199 9.57 -34.67 -74.68
C GLU C 2199 10.82 -34.39 -75.52
N VAL C 2200 10.74 -34.62 -76.84
CA VAL C 2200 11.82 -34.20 -77.72
C VAL C 2200 11.97 -32.68 -77.70
N MET C 2201 10.84 -31.96 -77.76
CA MET C 2201 10.83 -30.53 -77.48
C MET C 2201 11.53 -30.18 -76.17
N VAL C 2202 11.23 -30.91 -75.10
CA VAL C 2202 11.92 -30.62 -73.84
C VAL C 2202 13.44 -30.67 -74.00
N ASN C 2203 13.95 -31.67 -74.73
CA ASN C 2203 15.37 -31.65 -75.06
C ASN C 2203 15.78 -30.38 -75.80
N VAL C 2204 15.21 -30.14 -76.98
CA VAL C 2204 15.78 -29.08 -77.83
C VAL C 2204 15.55 -27.71 -77.22
N LEU C 2205 14.34 -27.43 -76.75
CA LEU C 2205 14.07 -26.15 -76.10
C LEU C 2205 14.88 -25.99 -74.83
N GLY C 2206 15.00 -27.04 -74.03
CA GLY C 2206 15.79 -27.00 -72.83
C GLY C 2206 17.19 -27.53 -73.05
N ILE C 2213 17.06 -21.80 -79.53
CA ILE C 2213 18.30 -21.83 -78.76
C ILE C 2213 19.28 -22.82 -79.40
N ARG C 2214 18.73 -23.80 -80.13
CA ARG C 2214 19.51 -24.81 -80.82
C ARG C 2214 18.55 -25.60 -81.71
N PHE C 2215 19.08 -26.07 -82.84
CA PHE C 2215 18.32 -26.82 -83.85
C PHE C 2215 17.06 -26.07 -84.26
N PRO C 2216 17.19 -24.94 -84.95
CA PRO C 2216 15.99 -24.25 -85.43
C PRO C 2216 15.17 -25.08 -86.40
N LYS C 2217 15.79 -26.03 -87.09
CA LYS C 2217 15.01 -26.94 -87.92
C LYS C 2217 14.11 -27.83 -87.06
N MET C 2218 14.61 -28.27 -85.91
CA MET C 2218 13.78 -29.02 -84.98
C MET C 2218 12.61 -28.18 -84.48
N VAL C 2219 12.90 -26.93 -84.09
CA VAL C 2219 11.82 -26.08 -83.61
C VAL C 2219 10.87 -25.74 -84.75
N THR C 2220 11.33 -25.76 -85.99
CA THR C 2220 10.44 -25.57 -87.12
C THR C 2220 9.59 -26.81 -87.36
N SER C 2221 10.12 -27.99 -87.09
CA SER C 2221 9.36 -29.22 -87.29
C SER C 2221 8.44 -29.53 -86.12
N CYS C 2222 8.50 -28.76 -85.03
CA CYS C 2222 7.64 -29.05 -83.88
C CYS C 2222 6.16 -28.90 -84.24
N CYS C 2223 5.74 -27.68 -84.61
CA CYS C 2223 4.36 -27.45 -84.99
C CYS C 2223 3.96 -28.29 -86.20
N ARG C 2224 4.91 -28.58 -87.10
CA ARG C 2224 4.56 -29.27 -88.32
C ARG C 2224 3.84 -30.57 -88.05
N PHE C 2225 4.21 -31.26 -86.97
CA PHE C 2225 3.49 -32.47 -86.57
C PHE C 2225 2.52 -32.21 -85.43
N LEU C 2226 2.92 -31.44 -84.43
CA LEU C 2226 2.08 -31.24 -83.25
C LEU C 2226 0.78 -30.53 -83.61
N CYS C 2227 0.87 -29.49 -84.43
CA CYS C 2227 -0.30 -28.67 -84.76
C CYS C 2227 -1.23 -29.43 -85.70
N TYR C 2228 -0.66 -30.15 -86.65
CA TYR C 2228 -1.49 -30.99 -87.51
C TYR C 2228 -2.19 -32.06 -86.69
N PHE C 2229 -1.50 -32.57 -85.66
CA PHE C 2229 -2.14 -33.49 -84.72
C PHE C 2229 -3.31 -32.83 -84.01
N CYS C 2230 -3.17 -31.56 -83.65
CA CYS C 2230 -4.30 -30.83 -83.09
C CYS C 2230 -5.45 -30.75 -84.07
N ARG C 2231 -5.15 -30.46 -85.35
CA ARG C 2231 -6.20 -30.34 -86.34
C ARG C 2231 -6.88 -31.66 -86.65
N ILE C 2232 -6.24 -32.78 -86.32
CA ILE C 2232 -6.78 -34.09 -86.71
C ILE C 2232 -8.15 -34.33 -86.08
N SER C 2233 -8.27 -34.09 -84.78
CA SER C 2233 -9.54 -34.34 -84.10
C SER C 2233 -9.62 -33.46 -82.87
N ARG C 2234 -10.83 -33.35 -82.33
CA ARG C 2234 -11.05 -32.50 -81.17
C ARG C 2234 -10.40 -33.07 -79.93
N GLN C 2235 -10.45 -34.40 -79.76
CA GLN C 2235 -9.85 -35.01 -78.58
C GLN C 2235 -8.34 -34.81 -78.55
N ASN C 2236 -7.71 -34.87 -79.72
CA ASN C 2236 -6.28 -34.59 -79.80
C ASN C 2236 -5.99 -33.17 -79.34
N GLN C 2237 -6.89 -32.23 -79.66
CA GLN C 2237 -6.72 -30.85 -79.22
C GLN C 2237 -6.85 -30.74 -77.71
N ARG C 2238 -7.75 -31.52 -77.12
CA ARG C 2238 -7.83 -31.61 -75.65
C ARG C 2238 -6.52 -32.11 -75.07
N SER C 2239 -5.96 -33.18 -75.66
CA SER C 2239 -4.72 -33.75 -75.15
C SER C 2239 -3.60 -32.74 -75.21
N MET C 2240 -3.50 -32.00 -76.31
CA MET C 2240 -2.47 -30.97 -76.40
C MET C 2240 -2.77 -29.78 -75.50
N PHE C 2241 -4.03 -29.54 -75.17
CA PHE C 2241 -4.35 -28.46 -74.25
C PHE C 2241 -3.87 -28.78 -72.85
N ASP C 2242 -3.79 -30.07 -72.50
CA ASP C 2242 -3.29 -30.44 -71.19
C ASP C 2242 -1.87 -29.96 -70.94
N HIS C 2243 -1.10 -29.66 -71.99
CA HIS C 2243 0.27 -29.20 -71.85
C HIS C 2243 0.42 -27.71 -72.13
N LEU C 2244 -0.68 -26.95 -72.10
CA LEU C 2244 -0.63 -25.56 -72.53
C LEU C 2244 0.25 -24.71 -71.62
N SER C 2245 0.41 -25.11 -70.35
CA SER C 2245 1.21 -24.32 -69.43
C SER C 2245 2.67 -24.30 -69.86
N TYR C 2246 3.19 -25.42 -70.36
CA TYR C 2246 4.60 -25.52 -70.69
C TYR C 2246 4.94 -24.72 -71.94
N LEU C 2247 4.07 -24.80 -72.96
CA LEU C 2247 4.32 -24.10 -74.21
C LEU C 2247 4.39 -22.60 -73.97
N LEU C 2248 3.46 -22.05 -73.21
CA LEU C 2248 3.54 -20.65 -72.83
C LEU C 2248 4.63 -20.39 -71.81
N GLU C 2249 5.07 -21.43 -71.08
CA GLU C 2249 6.16 -21.24 -70.14
C GLU C 2249 7.44 -20.86 -70.85
N ASN C 2250 7.76 -21.54 -71.96
CA ASN C 2250 8.95 -21.19 -72.73
C ASN C 2250 8.60 -20.46 -74.02
N SER C 2251 7.39 -19.94 -74.14
CA SER C 2251 7.00 -19.23 -75.34
C SER C 2251 7.86 -17.98 -75.51
N GLY C 2252 8.61 -17.95 -76.59
CA GLY C 2252 9.49 -16.82 -76.86
C GLY C 2252 9.59 -16.59 -78.36
N ILE C 2253 9.83 -15.34 -78.73
CA ILE C 2253 9.97 -15.01 -80.15
C ILE C 2253 11.27 -15.58 -80.70
N GLY C 2254 12.32 -15.63 -79.89
CA GLY C 2254 13.54 -16.32 -80.28
C GLY C 2254 13.36 -17.81 -80.47
N LEU C 2255 12.31 -18.38 -79.90
CA LEU C 2255 11.97 -19.78 -80.09
C LEU C 2255 11.03 -19.89 -81.30
N GLY C 2256 11.44 -20.64 -82.32
CA GLY C 2256 10.64 -20.76 -83.51
C GLY C 2256 10.51 -19.45 -84.27
N MET C 2257 11.64 -18.80 -84.54
CA MET C 2257 11.62 -17.49 -85.18
C MET C 2257 11.02 -17.54 -86.57
N GLN C 2258 11.20 -18.65 -87.28
CA GLN C 2258 10.75 -18.79 -88.66
C GLN C 2258 9.66 -19.85 -88.74
N GLY C 2259 8.54 -19.50 -89.37
CA GLY C 2259 7.47 -20.45 -89.62
C GLY C 2259 6.80 -20.97 -88.38
N SER C 2260 7.04 -22.23 -88.06
CA SER C 2260 6.37 -22.89 -86.94
C SER C 2260 6.93 -22.41 -85.61
N THR C 2261 6.12 -22.51 -84.57
CA THR C 2261 6.47 -21.93 -83.28
C THR C 2261 5.75 -22.67 -82.16
N PRO C 2262 6.36 -22.75 -80.97
CA PRO C 2262 5.57 -23.11 -79.78
C PRO C 2262 4.39 -22.20 -79.55
N LEU C 2263 4.51 -20.93 -79.92
CA LEU C 2263 3.36 -20.04 -79.93
C LEU C 2263 2.26 -20.61 -80.81
N ASP C 2264 2.65 -21.16 -81.96
CA ASP C 2264 1.69 -21.66 -82.91
C ASP C 2264 1.00 -22.92 -82.39
N VAL C 2265 1.73 -23.80 -81.71
CA VAL C 2265 1.02 -24.97 -81.18
C VAL C 2265 0.12 -24.56 -80.02
N ALA C 2266 0.53 -23.58 -79.24
CA ALA C 2266 -0.35 -23.08 -78.17
C ALA C 2266 -1.66 -22.56 -78.75
N ALA C 2267 -1.59 -21.77 -79.82
CA ALA C 2267 -2.82 -21.25 -80.42
C ALA C 2267 -3.62 -22.35 -81.10
N ALA C 2268 -2.94 -23.28 -81.77
CA ALA C 2268 -3.62 -24.39 -82.43
C ALA C 2268 -4.36 -25.28 -81.44
N SER C 2269 -3.95 -25.28 -80.19
CA SER C 2269 -4.67 -26.04 -79.17
C SER C 2269 -5.98 -25.37 -78.76
N VAL C 2270 -6.16 -24.08 -79.05
CA VAL C 2270 -7.35 -23.35 -78.64
C VAL C 2270 -8.22 -22.95 -79.82
N ILE C 2271 -7.77 -23.18 -81.05
CA ILE C 2271 -8.55 -22.78 -82.22
C ILE C 2271 -9.88 -23.52 -82.27
N ASP C 2272 -10.97 -22.75 -82.33
CA ASP C 2272 -12.30 -23.26 -82.66
C ASP C 2272 -12.76 -24.32 -81.66
N ASN C 2273 -12.67 -23.97 -80.37
CA ASN C 2273 -13.14 -24.87 -79.32
C ASN C 2273 -13.60 -24.01 -78.14
N ASN C 2274 -14.91 -23.86 -78.00
CA ASN C 2274 -15.45 -23.07 -76.91
C ASN C 2274 -15.11 -23.69 -75.56
N GLU C 2275 -15.15 -25.02 -75.48
CA GLU C 2275 -14.92 -25.69 -74.21
C GLU C 2275 -13.50 -25.46 -73.72
N LEU C 2276 -12.51 -25.60 -74.61
CA LEU C 2276 -11.14 -25.30 -74.21
C LEU C 2276 -10.91 -23.82 -74.00
N ALA C 2277 -11.64 -22.97 -74.73
CA ALA C 2277 -11.55 -21.53 -74.48
C ALA C 2277 -12.03 -21.21 -73.08
N LEU C 2278 -13.13 -21.83 -72.64
CA LEU C 2278 -13.64 -21.60 -71.29
C LEU C 2278 -12.73 -22.21 -70.25
N ALA C 2279 -12.22 -23.41 -70.49
CA ALA C 2279 -11.34 -24.07 -69.55
C ALA C 2279 -9.99 -23.39 -69.43
N LEU C 2280 -9.65 -22.53 -70.39
CA LEU C 2280 -8.39 -21.81 -70.36
C LEU C 2280 -8.29 -20.95 -69.10
N GLN C 2281 -7.38 -21.34 -68.20
CA GLN C 2281 -7.23 -20.63 -66.95
C GLN C 2281 -6.44 -19.33 -67.14
N GLU C 2282 -6.63 -18.42 -66.21
CA GLU C 2282 -6.26 -17.02 -66.44
C GLU C 2282 -4.78 -16.74 -66.21
N GLN C 2283 -4.05 -17.64 -65.54
CA GLN C 2283 -2.63 -17.38 -65.33
C GLN C 2283 -1.83 -17.58 -66.61
N ASP C 2284 -2.32 -18.40 -67.54
CA ASP C 2284 -1.72 -18.44 -68.87
C ASP C 2284 -1.84 -17.08 -69.54
N LEU C 2285 -3.00 -16.44 -69.38
CA LEU C 2285 -3.17 -15.10 -69.90
C LEU C 2285 -2.23 -14.12 -69.21
N GLU C 2286 -1.94 -14.35 -67.92
CA GLU C 2286 -0.92 -13.55 -67.24
C GLU C 2286 0.43 -13.73 -67.93
N LYS C 2287 0.79 -14.96 -68.28
CA LYS C 2287 2.07 -15.20 -68.94
C LYS C 2287 2.15 -14.42 -70.25
N VAL C 2288 1.11 -14.52 -71.08
CA VAL C 2288 1.21 -13.92 -72.40
C VAL C 2288 1.13 -12.40 -72.32
N VAL C 2289 0.39 -11.83 -71.36
CA VAL C 2289 0.39 -10.37 -71.25
C VAL C 2289 1.75 -9.87 -70.77
N SER C 2290 2.40 -10.62 -69.87
CA SER C 2290 3.74 -10.24 -69.45
C SER C 2290 4.72 -10.27 -70.62
N TYR C 2291 4.62 -11.29 -71.46
CA TYR C 2291 5.50 -11.36 -72.62
C TYR C 2291 5.20 -10.25 -73.62
N LEU C 2292 3.93 -9.91 -73.80
CA LEU C 2292 3.57 -8.81 -74.69
C LEU C 2292 4.15 -7.49 -74.16
N ALA C 2293 4.08 -7.29 -72.85
CA ALA C 2293 4.69 -6.11 -72.25
C ALA C 2293 6.20 -6.11 -72.46
N GLY C 2294 6.82 -7.29 -72.37
CA GLY C 2294 8.24 -7.39 -72.64
C GLY C 2294 8.60 -6.94 -74.05
N CYS C 2295 7.77 -7.34 -75.02
CA CYS C 2295 7.99 -6.86 -76.39
C CYS C 2295 7.80 -5.35 -76.49
N GLY C 2296 6.76 -4.82 -75.84
CA GLY C 2296 6.53 -3.40 -75.88
C GLY C 2296 7.58 -2.57 -75.16
N LEU C 2297 8.36 -3.21 -74.28
CA LEU C 2297 9.38 -2.48 -73.53
C LEU C 2297 10.58 -2.15 -74.40
N GLN C 2298 11.02 -3.09 -75.24
CA GLN C 2298 12.30 -2.96 -75.94
C GLN C 2298 12.17 -3.55 -77.34
N SER C 2299 12.94 -3.01 -78.27
CA SER C 2299 12.94 -3.48 -79.64
C SER C 2299 13.51 -4.91 -79.71
N CYS C 2300 13.22 -5.58 -80.81
CA CYS C 2300 13.57 -6.99 -80.96
C CYS C 2300 15.08 -7.18 -81.00
N PRO C 2301 15.65 -8.00 -80.11
CA PRO C 2301 17.10 -8.27 -80.18
C PRO C 2301 17.53 -8.89 -81.50
N MET C 2302 16.71 -9.75 -82.08
CA MET C 2302 17.02 -10.32 -83.38
C MET C 2302 17.04 -9.23 -84.46
N LEU C 2303 16.12 -8.27 -84.36
CA LEU C 2303 16.05 -7.19 -85.34
C LEU C 2303 17.29 -6.31 -85.26
N LEU C 2304 17.69 -5.91 -84.05
CA LEU C 2304 18.90 -5.09 -83.93
C LEU C 2304 20.16 -5.88 -84.22
N ALA C 2305 20.12 -7.21 -84.06
CA ALA C 2305 21.22 -8.05 -84.55
C ALA C 2305 21.28 -8.01 -86.07
N LYS C 2306 20.12 -8.02 -86.73
CA LYS C 2306 20.08 -7.81 -88.17
C LYS C 2306 20.56 -6.42 -88.55
N GLY C 2307 20.53 -5.47 -87.62
CA GLY C 2307 21.00 -4.13 -87.89
C GLY C 2307 19.92 -3.12 -88.21
N TYR C 2308 18.65 -3.48 -88.02
CA TYR C 2308 17.57 -2.54 -88.26
C TYR C 2308 17.61 -1.42 -87.22
N PRO C 2309 17.11 -0.23 -87.56
CA PRO C 2309 17.16 0.88 -86.61
C PRO C 2309 16.45 0.56 -85.31
N ASP C 2310 17.00 1.04 -84.20
CA ASP C 2310 16.48 0.73 -82.89
C ASP C 2310 15.13 1.42 -82.68
N ILE C 2311 14.08 0.62 -82.48
CA ILE C 2311 12.75 1.16 -82.28
C ILE C 2311 12.44 1.41 -80.82
N GLY C 2312 13.01 0.60 -79.92
CA GLY C 2312 12.64 0.63 -78.53
C GLY C 2312 11.43 -0.20 -78.18
N TRP C 2313 10.85 -0.91 -79.15
CA TRP C 2313 9.65 -1.72 -78.93
C TRP C 2313 9.44 -2.66 -80.11
N ASN C 2314 9.17 -3.94 -79.81
CA ASN C 2314 9.15 -4.98 -80.83
C ASN C 2314 7.77 -5.09 -81.45
N PRO C 2315 7.63 -4.85 -82.75
CA PRO C 2315 6.33 -5.07 -83.40
C PRO C 2315 6.00 -6.53 -83.68
N CYS C 2316 6.99 -7.29 -84.16
CA CYS C 2316 6.72 -8.63 -84.66
C CYS C 2316 6.27 -9.57 -83.54
N GLY C 2317 7.04 -9.62 -82.46
CA GLY C 2317 6.68 -10.49 -81.35
C GLY C 2317 5.37 -10.09 -80.70
N GLY C 2318 5.14 -8.77 -80.59
CA GLY C 2318 3.87 -8.31 -80.11
C GLY C 2318 2.71 -8.79 -80.96
N GLU C 2319 2.88 -8.78 -82.28
CA GLU C 2319 1.79 -9.21 -83.14
C GLU C 2319 1.57 -10.72 -83.06
N ARG C 2320 2.64 -11.50 -82.86
CA ARG C 2320 2.47 -12.93 -82.59
C ARG C 2320 1.62 -13.15 -81.34
N TYR C 2321 1.97 -12.46 -80.25
CA TYR C 2321 1.24 -12.62 -79.01
C TYR C 2321 -0.21 -12.17 -79.16
N LEU C 2322 -0.44 -11.10 -79.90
CA LEU C 2322 -1.81 -10.64 -80.12
C LEU C 2322 -2.60 -11.64 -80.96
N ASP C 2323 -1.97 -12.32 -81.92
CA ASP C 2323 -2.67 -13.37 -82.64
C ASP C 2323 -3.11 -14.49 -81.71
N PHE C 2324 -2.22 -14.89 -80.81
CA PHE C 2324 -2.61 -15.91 -79.83
C PHE C 2324 -3.76 -15.43 -78.96
N LEU C 2325 -3.71 -14.18 -78.51
CA LEU C 2325 -4.77 -13.66 -77.66
C LEU C 2325 -6.10 -13.59 -78.40
N ARG C 2326 -6.08 -13.22 -79.68
CA ARG C 2326 -7.30 -13.22 -80.47
C ARG C 2326 -7.88 -14.62 -80.57
N PHE C 2327 -7.02 -15.62 -80.80
CA PHE C 2327 -7.51 -16.98 -80.88
C PHE C 2327 -8.08 -17.46 -79.55
N ALA C 2328 -7.55 -16.97 -78.44
CA ALA C 2328 -8.10 -17.32 -77.13
C ALA C 2328 -9.46 -16.68 -76.91
N VAL C 2329 -9.57 -15.38 -77.19
CA VAL C 2329 -10.77 -14.64 -76.84
C VAL C 2329 -11.94 -15.01 -77.76
N PHE C 2330 -11.68 -15.05 -79.05
CA PHE C 2330 -12.73 -15.12 -80.06
C PHE C 2330 -12.84 -16.54 -80.60
N VAL C 2331 -14.06 -17.00 -80.84
CA VAL C 2331 -14.29 -18.34 -81.34
C VAL C 2331 -15.68 -18.42 -81.96
N ASN C 2332 -15.75 -19.05 -83.14
CA ASN C 2332 -17.00 -19.32 -83.84
C ASN C 2332 -17.82 -18.06 -84.08
N GLY C 2333 -17.14 -16.97 -84.44
CA GLY C 2333 -17.85 -15.71 -84.65
C GLY C 2333 -18.43 -15.12 -83.40
N GLU C 2334 -17.92 -15.50 -82.23
CA GLU C 2334 -18.47 -15.08 -80.95
C GLU C 2334 -17.33 -14.64 -80.05
N SER C 2335 -17.66 -13.79 -79.08
CA SER C 2335 -16.70 -13.36 -78.08
C SER C 2335 -17.00 -14.07 -76.77
N VAL C 2336 -16.00 -14.78 -76.26
CA VAL C 2336 -16.14 -15.39 -74.94
C VAL C 2336 -16.00 -14.30 -73.88
N GLU C 2337 -17.02 -14.17 -73.04
CA GLU C 2337 -17.10 -13.03 -72.14
C GLU C 2337 -16.00 -13.07 -71.09
N GLU C 2338 -15.78 -14.23 -70.47
CA GLU C 2338 -14.81 -14.31 -69.38
C GLU C 2338 -13.39 -14.14 -69.90
N ASN C 2339 -13.05 -14.82 -71.00
CA ASN C 2339 -11.73 -14.64 -71.59
C ASN C 2339 -11.52 -13.19 -72.01
N ALA C 2340 -12.55 -12.59 -72.63
CA ALA C 2340 -12.43 -11.18 -73.01
C ALA C 2340 -12.20 -10.30 -71.80
N ASN C 2341 -12.90 -10.59 -70.70
CA ASN C 2341 -12.79 -9.76 -69.50
C ASN C 2341 -11.40 -9.83 -68.90
N VAL C 2342 -10.87 -11.05 -68.73
CA VAL C 2342 -9.55 -11.16 -68.12
C VAL C 2342 -8.49 -10.59 -69.05
N VAL C 2343 -8.66 -10.77 -70.36
CA VAL C 2343 -7.68 -10.26 -71.32
C VAL C 2343 -7.62 -8.74 -71.28
N VAL C 2344 -8.79 -8.09 -71.31
CA VAL C 2344 -8.78 -6.63 -71.30
C VAL C 2344 -8.30 -6.11 -69.95
N ARG C 2345 -8.66 -6.81 -68.87
CA ARG C 2345 -8.21 -6.39 -67.55
C ARG C 2345 -6.69 -6.45 -67.43
N LEU C 2346 -6.07 -7.51 -67.93
CA LEU C 2346 -4.61 -7.62 -67.85
C LEU C 2346 -3.93 -6.64 -68.80
N LEU C 2347 -4.42 -6.53 -70.04
CA LEU C 2347 -3.83 -5.60 -71.00
C LEU C 2347 -3.93 -4.17 -70.49
N ILE C 2348 -5.07 -3.81 -69.91
CA ILE C 2348 -5.24 -2.46 -69.41
C ILE C 2348 -4.47 -2.28 -68.11
N ARG C 2349 -4.21 -3.37 -67.38
CA ARG C 2349 -3.40 -3.29 -66.17
C ARG C 2349 -1.95 -2.95 -66.51
N LYS C 2350 -1.46 -3.46 -67.63
CA LYS C 2350 -0.10 -3.13 -68.05
C LYS C 2350 -0.15 -2.15 -69.21
N PRO C 2351 -0.10 -0.83 -68.93
CA PRO C 2351 -0.32 0.16 -69.99
C PRO C 2351 0.76 0.15 -71.06
N GLU C 2352 1.94 -0.38 -70.76
CA GLU C 2352 3.04 -0.41 -71.71
C GLU C 2352 2.84 -1.45 -72.81
N CYS C 2353 1.77 -2.24 -72.74
CA CYS C 2353 1.50 -3.24 -73.77
C CYS C 2353 1.12 -2.60 -75.09
N PHE C 2354 0.39 -1.48 -75.06
CA PHE C 2354 -0.13 -0.91 -76.29
C PHE C 2354 0.96 -0.25 -77.13
N GLY C 2355 2.08 0.16 -76.52
CA GLY C 2355 3.15 0.76 -77.26
C GLY C 2355 3.22 2.27 -77.05
N PRO C 2356 4.04 2.95 -77.85
CA PRO C 2356 4.15 4.42 -77.71
C PRO C 2356 2.83 5.13 -77.91
N ALA C 2357 2.00 4.66 -78.83
CA ALA C 2357 0.66 5.19 -78.98
C ALA C 2357 -0.24 4.64 -77.86
N LEU C 2358 -1.35 5.33 -77.64
CA LEU C 2358 -2.33 4.96 -76.62
C LEU C 2358 -1.73 4.94 -75.21
N ARG C 2359 -0.75 5.79 -74.95
CA ARG C 2359 -0.24 5.97 -73.61
C ARG C 2359 0.01 7.45 -73.37
N GLY C 2360 -0.33 7.93 -72.18
CA GLY C 2360 -0.21 9.34 -71.89
C GLY C 2360 1.23 9.82 -71.86
N GLU C 2361 2.15 8.97 -71.37
CA GLU C 2361 3.56 9.33 -71.39
C GLU C 2361 4.07 9.46 -72.82
N GLY C 2362 3.64 8.56 -73.71
CA GLY C 2362 4.01 8.69 -75.11
C GLY C 2362 3.43 9.93 -75.76
N GLY C 2363 2.21 10.30 -75.37
CA GLY C 2363 1.60 11.49 -75.92
C GLY C 2363 1.21 11.39 -77.37
N SER C 2364 1.02 10.17 -77.87
CA SER C 2364 0.66 9.94 -79.26
C SER C 2364 -0.52 8.98 -79.32
N GLY C 2365 -1.31 9.11 -80.40
CA GLY C 2365 -2.46 8.27 -80.62
C GLY C 2365 -2.26 7.29 -81.76
N LEU C 2366 -3.36 6.60 -82.08
CA LEU C 2366 -3.34 5.65 -83.20
C LEU C 2366 -3.07 6.37 -84.52
N LEU C 2367 -3.61 7.57 -84.68
CA LEU C 2367 -3.34 8.34 -85.89
C LEU C 2367 -1.85 8.65 -86.02
N ALA C 2368 -1.25 9.18 -84.95
CA ALA C 2368 0.18 9.47 -84.98
C ALA C 2368 1.00 8.22 -85.24
N ALA C 2369 0.55 7.09 -84.70
CA ALA C 2369 1.22 5.82 -84.96
C ALA C 2369 1.20 5.47 -86.43
N ILE C 2370 0.05 5.65 -87.09
CA ILE C 2370 0.00 5.26 -88.49
C ILE C 2370 0.79 6.24 -89.36
N GLU C 2371 0.83 7.52 -88.99
CA GLU C 2371 1.64 8.46 -89.77
C GLU C 2371 3.12 8.12 -89.68
N GLU C 2372 3.63 7.91 -88.46
CA GLU C 2372 5.04 7.57 -88.35
C GLU C 2372 5.35 6.22 -88.99
N ALA C 2373 4.42 5.27 -88.92
CA ALA C 2373 4.64 3.97 -89.58
C ALA C 2373 4.72 4.12 -91.09
N ILE C 2374 3.85 4.96 -91.67
CA ILE C 2374 3.88 5.15 -93.12
C ILE C 2374 5.16 5.88 -93.52
N ARG C 2375 5.64 6.82 -92.70
CA ARG C 2375 6.93 7.45 -93.00
C ARG C 2375 8.07 6.45 -92.97
N ILE C 2376 8.05 5.53 -91.99
CA ILE C 2376 9.06 4.49 -91.91
C ILE C 2376 9.03 3.62 -93.16
N SER C 2377 7.84 3.23 -93.58
CA SER C 2377 7.72 2.45 -94.82
C SER C 2377 8.14 3.26 -96.04
N GLU C 2378 7.98 4.58 -95.96
CA GLU C 2378 8.31 5.43 -97.10
C GLU C 2378 9.82 5.50 -97.32
N ASP C 2379 10.59 5.75 -96.26
CA ASP C 2379 12.03 5.92 -96.43
C ASP C 2379 12.74 4.58 -96.25
N PRO C 2380 13.53 4.13 -97.23
CA PRO C 2380 14.29 2.88 -97.04
C PRO C 2380 15.49 3.05 -96.11
N ALA C 2381 15.81 4.28 -95.70
CA ALA C 2381 16.89 4.46 -94.72
C ALA C 2381 16.53 3.83 -93.39
N ARG C 2382 15.30 4.02 -92.93
CA ARG C 2382 14.84 3.43 -91.67
C ARG C 2382 13.99 2.19 -91.86
N ASP C 2383 13.40 2.00 -93.05
CA ASP C 2383 12.70 0.75 -93.33
C ASP C 2383 13.65 -0.44 -93.35
N GLY C 2384 14.82 -0.26 -93.97
CA GLY C 2384 15.82 -1.31 -94.06
C GLY C 2384 16.81 -1.26 -92.92
N PRO C 2385 17.73 -2.23 -92.88
CA PRO C 2385 18.72 -2.30 -91.81
C PRO C 2385 19.84 -1.28 -91.99
N ASN C 2404 16.32 -8.17 -94.93
CA ASN C 2404 15.85 -7.49 -96.12
C ASN C 2404 14.35 -7.68 -96.31
N ARG C 2405 13.86 -8.88 -95.97
CA ARG C 2405 12.44 -9.18 -96.09
C ARG C 2405 11.60 -8.59 -94.95
N VAL C 2406 12.23 -8.13 -93.88
CA VAL C 2406 11.52 -7.56 -92.74
C VAL C 2406 11.50 -6.05 -92.89
N HIS C 2407 10.32 -5.46 -92.76
CA HIS C 2407 10.12 -4.04 -92.97
C HIS C 2407 9.46 -3.44 -91.73
N LEU C 2408 10.13 -2.45 -91.13
CA LEU C 2408 9.74 -1.98 -89.80
C LEU C 2408 8.38 -1.31 -89.81
N GLY C 2409 8.10 -0.48 -90.82
CA GLY C 2409 6.80 0.18 -90.87
C GLY C 2409 5.65 -0.80 -90.98
N HIS C 2410 5.80 -1.80 -91.87
CA HIS C 2410 4.77 -2.81 -92.01
C HIS C 2410 4.58 -3.60 -90.72
N ALA C 2411 5.69 -3.95 -90.05
CA ALA C 2411 5.57 -4.65 -88.78
C ALA C 2411 4.86 -3.80 -87.73
N ILE C 2412 5.15 -2.50 -87.70
CA ILE C 2412 4.54 -1.63 -86.71
C ILE C 2412 3.04 -1.52 -86.93
N MET C 2413 2.61 -1.21 -88.16
CA MET C 2413 1.16 -1.07 -88.32
C MET C 2413 0.44 -2.40 -88.34
N SER C 2414 1.13 -3.51 -88.64
CA SER C 2414 0.50 -4.81 -88.45
C SER C 2414 0.32 -5.11 -86.96
N PHE C 2415 1.27 -4.68 -86.13
CA PHE C 2415 1.11 -4.83 -84.69
C PHE C 2415 -0.09 -4.04 -84.19
N TYR C 2416 -0.21 -2.78 -84.61
CA TYR C 2416 -1.34 -1.97 -84.16
C TYR C 2416 -2.66 -2.48 -84.74
N ALA C 2417 -2.63 -3.02 -85.96
CA ALA C 2417 -3.82 -3.65 -86.52
C ALA C 2417 -4.24 -4.86 -85.70
N ALA C 2418 -3.27 -5.67 -85.27
CA ALA C 2418 -3.58 -6.81 -84.43
C ALA C 2418 -4.13 -6.38 -83.08
N LEU C 2419 -3.59 -5.30 -82.52
CA LEU C 2419 -4.10 -4.78 -81.24
C LEU C 2419 -5.55 -4.36 -81.39
N ILE C 2420 -5.86 -3.61 -82.44
CA ILE C 2420 -7.23 -3.14 -82.63
C ILE C 2420 -8.16 -4.31 -82.92
N ASP C 2421 -7.70 -5.28 -83.70
CA ASP C 2421 -8.52 -6.45 -83.98
C ASP C 2421 -8.80 -7.25 -82.72
N LEU C 2422 -7.80 -7.34 -81.83
CA LEU C 2422 -8.02 -8.01 -80.56
C LEU C 2422 -9.06 -7.28 -79.72
N LEU C 2423 -8.98 -5.95 -79.66
CA LEU C 2423 -9.97 -5.20 -78.89
C LEU C 2423 -11.36 -5.37 -79.48
N GLY C 2424 -11.47 -5.37 -80.80
CA GLY C 2424 -12.76 -5.61 -81.43
C GLY C 2424 -13.30 -7.00 -81.16
N ARG C 2425 -12.42 -7.98 -81.11
CA ARG C 2425 -12.84 -9.34 -80.76
C ARG C 2425 -13.12 -9.48 -79.27
N CYS C 2426 -12.63 -8.56 -78.44
CA CYS C 2426 -12.99 -8.50 -77.03
C CYS C 2426 -14.20 -7.62 -76.78
N ALA C 2427 -14.75 -6.99 -77.80
CA ALA C 2427 -15.94 -6.17 -77.63
C ALA C 2427 -17.14 -7.03 -77.23
N PRO C 2428 -17.98 -6.55 -76.32
CA PRO C 2428 -19.12 -7.35 -75.89
C PRO C 2428 -20.16 -7.50 -76.98
N GLU C 2429 -21.03 -8.49 -76.79
CA GLU C 2429 -22.06 -8.80 -77.77
C GLU C 2429 -23.20 -7.78 -77.74
N MET C 2430 -23.88 -7.69 -78.89
CA MET C 2430 -24.97 -6.74 -79.03
C MET C 2430 -26.10 -7.05 -78.05
N HIS C 2431 -26.47 -8.32 -77.93
CA HIS C 2431 -27.58 -8.69 -77.05
C HIS C 2431 -27.21 -8.50 -75.59
N LEU C 2432 -25.95 -8.75 -75.23
CA LEU C 2432 -25.52 -8.46 -73.87
C LEU C 2432 -25.60 -6.98 -73.56
N ILE C 2433 -25.18 -6.13 -74.52
CA ILE C 2433 -25.21 -4.70 -74.23
C ILE C 2433 -26.64 -4.19 -74.18
N GLN C 2434 -27.57 -4.84 -74.90
CA GLN C 2434 -28.97 -4.47 -74.77
C GLN C 2434 -29.53 -4.91 -73.42
N ALA C 2435 -29.24 -6.15 -73.01
CA ALA C 2435 -29.72 -6.64 -71.74
C ALA C 2435 -29.14 -5.88 -70.56
N GLY C 2436 -28.00 -5.21 -70.74
CA GLY C 2436 -27.48 -4.34 -69.71
C GLY C 2436 -26.61 -5.03 -68.68
N LYS C 2437 -25.77 -5.96 -69.13
CA LYS C 2437 -24.79 -6.56 -68.23
C LYS C 2437 -23.80 -5.50 -67.78
N GLY C 2438 -23.59 -5.40 -66.47
CA GLY C 2438 -22.74 -4.35 -65.95
C GLY C 2438 -21.31 -4.46 -66.43
N GLU C 2439 -20.75 -5.67 -66.37
CA GLU C 2439 -19.38 -5.87 -66.80
C GLU C 2439 -19.24 -5.63 -68.30
N ALA C 2440 -20.21 -6.06 -69.10
CA ALA C 2440 -20.15 -5.84 -70.54
C ALA C 2440 -20.20 -4.35 -70.86
N LEU C 2441 -21.08 -3.61 -70.18
CA LEU C 2441 -21.15 -2.17 -70.38
C LEU C 2441 -19.83 -1.51 -70.01
N ARG C 2442 -19.22 -1.94 -68.90
CA ARG C 2442 -17.99 -1.29 -68.47
C ARG C 2442 -16.81 -1.67 -69.36
N ILE C 2443 -16.77 -2.90 -69.88
CA ILE C 2443 -15.72 -3.28 -70.82
C ILE C 2443 -15.84 -2.47 -72.09
N ARG C 2444 -17.05 -2.29 -72.60
CA ARG C 2444 -17.23 -1.45 -73.77
C ARG C 2444 -16.86 -0.01 -73.47
N ALA C 2445 -17.11 0.45 -72.25
CA ALA C 2445 -16.68 1.79 -71.85
C ALA C 2445 -15.16 1.91 -71.84
N ILE C 2446 -14.47 0.88 -71.34
CA ILE C 2446 -13.02 0.89 -71.32
C ILE C 2446 -12.46 0.93 -72.74
N LEU C 2447 -13.04 0.13 -73.63
CA LEU C 2447 -12.61 0.15 -75.03
C LEU C 2447 -12.87 1.51 -75.66
N ARG C 2448 -14.02 2.11 -75.34
CA ARG C 2448 -14.35 3.43 -75.86
C ARG C 2448 -13.32 4.47 -75.42
N SER C 2449 -12.95 4.43 -74.13
CA SER C 2449 -11.95 5.37 -73.63
C SER C 2449 -10.59 5.10 -74.24
N LEU C 2450 -10.25 3.83 -74.48
CA LEU C 2450 -8.93 3.49 -74.99
C LEU C 2450 -8.75 3.97 -76.41
N VAL C 2451 -9.72 3.70 -77.29
CA VAL C 2451 -9.53 3.91 -78.70
C VAL C 2451 -10.48 5.01 -79.18
N PRO C 2452 -9.98 6.22 -79.43
CA PRO C 2452 -10.87 7.31 -79.86
C PRO C 2452 -11.31 7.15 -81.31
N LEU C 2453 -12.56 7.54 -81.56
CA LEU C 2453 -13.20 7.30 -82.86
C LEU C 2453 -12.49 8.03 -83.99
N ASP C 2454 -12.03 9.25 -83.73
CA ASP C 2454 -11.40 10.05 -84.78
C ASP C 2454 -10.17 9.37 -85.35
N ASP C 2455 -9.43 8.65 -84.50
CA ASP C 2455 -8.30 7.88 -85.00
C ASP C 2455 -8.73 6.83 -86.00
N LEU C 2456 -9.84 6.12 -85.71
CA LEU C 2456 -10.33 5.10 -86.63
C LEU C 2456 -10.69 5.69 -87.98
N VAL C 2457 -11.50 6.76 -87.98
CA VAL C 2457 -11.93 7.29 -89.27
C VAL C 2457 -10.74 7.86 -90.04
N GLY C 2458 -9.75 8.41 -89.33
CA GLY C 2458 -8.54 8.85 -90.02
C GLY C 2458 -7.78 7.70 -90.66
N ILE C 2459 -7.61 6.59 -89.93
CA ILE C 2459 -6.86 5.47 -90.46
C ILE C 2459 -7.58 4.85 -91.66
N ILE C 2460 -8.92 4.82 -91.62
CA ILE C 2460 -9.63 4.42 -92.83
C ILE C 2460 -9.43 5.44 -93.94
N SER C 2461 -9.31 6.73 -93.61
CA SER C 2461 -9.27 7.73 -94.67
C SER C 2461 -7.96 7.72 -95.43
N LEU C 2462 -6.86 7.29 -94.83
CA LEU C 2462 -5.64 7.16 -95.66
C LEU C 2462 -5.77 5.96 -96.58
N PRO C 2463 -5.66 6.15 -97.91
CA PRO C 2463 -5.90 5.03 -98.83
C PRO C 2463 -4.68 4.16 -99.08
N LEU C 2464 -4.82 3.22 -100.02
CA LEU C 2464 -3.75 2.31 -100.41
C LEU C 2464 -2.84 2.98 -101.44
N GLN C 2465 -1.83 2.24 -101.89
CA GLN C 2465 -0.99 2.64 -103.02
C GLN C 2465 -1.35 1.73 -104.19
N ILE C 2466 -2.14 2.26 -105.10
CA ILE C 2466 -2.68 1.47 -106.22
C ILE C 2466 -1.54 1.08 -107.15
N PRO C 2467 -1.48 -0.16 -107.62
CA PRO C 2467 -0.45 -0.55 -108.58
C PRO C 2467 -0.57 0.26 -109.87
N THR C 2468 0.59 0.60 -110.45
CA THR C 2468 0.64 1.43 -111.64
C THR C 2468 1.22 0.63 -112.81
N LEU C 2469 1.02 1.16 -114.01
CA LEU C 2469 1.56 0.52 -115.20
C LEU C 2469 3.07 0.69 -115.27
N GLY C 2470 3.56 1.90 -115.02
CA GLY C 2470 4.98 2.18 -115.15
C GLY C 2470 5.46 2.09 -116.58
N LYS C 2471 6.33 1.12 -116.86
CA LYS C 2471 6.75 0.85 -118.22
C LYS C 2471 5.61 0.19 -118.99
N ASP C 2472 5.54 0.47 -120.29
CA ASP C 2472 4.51 -0.12 -121.13
C ASP C 2472 4.72 -1.61 -121.27
N GLY C 2473 3.61 -2.36 -121.28
CA GLY C 2473 3.66 -3.80 -121.36
C GLY C 2473 3.96 -4.51 -120.05
N ALA C 2474 4.12 -3.77 -118.95
CA ALA C 2474 4.45 -4.33 -117.65
C ALA C 2474 3.55 -3.73 -116.59
N LEU C 2475 3.45 -4.42 -115.46
CA LEU C 2475 2.62 -4.00 -114.34
C LEU C 2475 3.48 -4.00 -113.07
N VAL C 2476 3.91 -2.81 -112.65
CA VAL C 2476 4.66 -2.68 -111.41
C VAL C 2476 3.68 -2.57 -110.25
N GLN C 2477 3.93 -3.34 -109.19
CA GLN C 2477 3.02 -3.42 -108.08
C GLN C 2477 3.71 -2.96 -106.79
N PRO C 2478 2.97 -2.42 -105.84
CA PRO C 2478 3.57 -2.05 -104.57
C PRO C 2478 3.93 -3.27 -103.75
N LYS C 2479 4.88 -3.09 -102.84
CA LYS C 2479 5.30 -4.16 -101.94
C LYS C 2479 4.36 -4.17 -100.75
N MET C 2480 3.36 -5.05 -100.78
CA MET C 2480 2.41 -5.13 -99.66
C MET C 2480 3.09 -5.56 -98.38
N SER C 2481 4.09 -6.43 -98.48
CA SER C 2481 4.80 -6.88 -97.29
C SER C 2481 5.56 -5.76 -96.59
N ALA C 2482 5.74 -4.61 -97.24
CA ALA C 2482 6.42 -3.47 -96.65
C ALA C 2482 5.53 -2.27 -96.37
N SER C 2483 4.37 -2.19 -97.03
CA SER C 2483 3.53 -1.00 -96.94
C SER C 2483 2.18 -1.33 -96.32
N PHE C 2484 1.29 -0.35 -96.32
CA PHE C 2484 -0.02 -0.49 -95.70
C PHE C 2484 -0.92 -1.31 -96.63
N VAL C 2485 -1.58 -2.31 -96.08
CA VAL C 2485 -2.40 -3.24 -96.87
C VAL C 2485 -3.83 -3.14 -96.36
N PRO C 2486 -4.81 -3.57 -97.18
CA PRO C 2486 -6.21 -3.49 -96.74
C PRO C 2486 -6.55 -4.40 -95.57
N ASP C 2487 -5.69 -5.35 -95.21
CA ASP C 2487 -5.95 -6.17 -94.04
C ASP C 2487 -5.93 -5.33 -92.76
N HIS C 2488 -5.01 -4.37 -92.69
CA HIS C 2488 -5.03 -3.41 -91.58
C HIS C 2488 -6.35 -2.65 -91.56
N LYS C 2489 -6.87 -2.28 -92.72
CA LYS C 2489 -8.16 -1.60 -92.79
C LYS C 2489 -9.29 -2.50 -92.28
N ALA C 2490 -9.25 -3.79 -92.63
CA ALA C 2490 -10.30 -4.70 -92.17
C ALA C 2490 -10.28 -4.84 -90.66
N SER C 2491 -9.10 -5.03 -90.09
CA SER C 2491 -9.00 -5.10 -88.63
C SER C 2491 -9.39 -3.78 -87.98
N MET C 2492 -9.13 -2.66 -88.67
CA MET C 2492 -9.47 -1.36 -88.10
C MET C 2492 -10.98 -1.16 -88.07
N VAL C 2493 -11.66 -1.47 -89.19
CA VAL C 2493 -13.11 -1.29 -89.25
C VAL C 2493 -13.83 -2.35 -88.44
N LEU C 2494 -13.15 -3.43 -88.07
CA LEU C 2494 -13.75 -4.39 -87.15
C LEU C 2494 -14.07 -3.72 -85.81
N PHE C 2495 -13.18 -2.84 -85.34
CA PHE C 2495 -13.46 -2.10 -84.12
C PHE C 2495 -14.68 -1.20 -84.31
N LEU C 2496 -14.84 -0.60 -85.49
CA LEU C 2496 -16.01 0.21 -85.77
C LEU C 2496 -17.29 -0.62 -85.70
N ASP C 2497 -17.30 -1.77 -86.36
CA ASP C 2497 -18.54 -2.56 -86.38
C ASP C 2497 -18.77 -3.35 -85.11
N ARG C 2498 -17.79 -3.38 -84.19
CA ARG C 2498 -17.92 -4.15 -82.97
C ARG C 2498 -18.20 -3.28 -81.74
N VAL C 2499 -17.44 -2.21 -81.55
CA VAL C 2499 -17.55 -1.42 -80.32
C VAL C 2499 -18.51 -0.26 -80.53
N TYR C 2500 -18.17 0.67 -81.42
CA TYR C 2500 -18.96 1.87 -81.57
C TYR C 2500 -20.28 1.59 -82.28
N GLY C 2501 -20.24 0.81 -83.35
CA GLY C 2501 -21.41 0.57 -84.17
C GLY C 2501 -21.72 1.76 -85.06
N ILE C 2502 -22.72 1.56 -85.92
CA ILE C 2502 -23.19 2.60 -86.83
C ILE C 2502 -24.68 2.78 -86.57
N GLU C 2503 -25.03 3.82 -85.81
CA GLU C 2503 -26.41 4.11 -85.49
C GLU C 2503 -26.86 5.49 -85.97
N ASN C 2504 -25.95 6.29 -86.51
CA ASN C 2504 -26.27 7.63 -86.98
C ASN C 2504 -26.11 7.69 -88.49
N GLN C 2505 -27.12 8.24 -89.17
CA GLN C 2505 -27.08 8.32 -90.62
C GLN C 2505 -26.01 9.30 -91.10
N ASP C 2506 -25.89 10.45 -90.43
CA ASP C 2506 -24.85 11.42 -90.79
C ASP C 2506 -23.46 10.82 -90.59
N PHE C 2507 -23.26 10.12 -89.47
CA PHE C 2507 -21.99 9.44 -89.24
C PHE C 2507 -21.75 8.37 -90.30
N LEU C 2508 -22.81 7.68 -90.72
CA LEU C 2508 -22.68 6.65 -91.74
C LEU C 2508 -22.18 7.22 -93.05
N LEU C 2509 -22.86 8.25 -93.56
CA LEU C 2509 -22.44 8.86 -94.81
C LEU C 2509 -21.07 9.51 -94.70
N HIS C 2510 -20.73 10.07 -93.53
CA HIS C 2510 -19.39 10.61 -93.33
C HIS C 2510 -18.35 9.51 -93.44
N VAL C 2511 -18.61 8.35 -92.83
CA VAL C 2511 -17.68 7.24 -92.89
C VAL C 2511 -17.50 6.74 -94.32
N LEU C 2512 -18.60 6.60 -95.06
CA LEU C 2512 -18.49 6.19 -96.44
C LEU C 2512 -17.76 7.23 -97.28
N ASP C 2513 -17.93 8.52 -96.97
CA ASP C 2513 -17.23 9.55 -97.70
C ASP C 2513 -15.72 9.49 -97.45
N VAL C 2514 -15.32 9.27 -96.21
CA VAL C 2514 -13.92 9.34 -95.82
C VAL C 2514 -13.37 7.91 -95.74
N GLY C 2515 -12.64 7.51 -96.78
CA GLY C 2515 -11.87 6.29 -96.74
C GLY C 2515 -12.60 5.01 -97.11
N PHE C 2516 -13.86 5.09 -97.52
CA PHE C 2516 -14.61 3.91 -97.93
C PHE C 2516 -14.92 3.95 -99.42
N LEU C 2517 -15.62 4.99 -99.87
CA LEU C 2517 -15.82 5.20 -101.30
C LEU C 2517 -14.51 5.28 -102.08
N PRO C 2518 -13.44 5.93 -101.60
CA PRO C 2518 -12.16 5.80 -102.31
C PRO C 2518 -11.70 4.36 -102.49
N ASP C 2519 -11.92 3.52 -101.49
CA ASP C 2519 -11.53 2.12 -101.61
C ASP C 2519 -12.35 1.41 -102.69
N MET C 2520 -13.66 1.66 -102.74
CA MET C 2520 -14.46 1.02 -103.77
C MET C 2520 -14.17 1.60 -105.15
N ARG C 2521 -13.80 2.87 -105.23
CA ARG C 2521 -13.32 3.41 -106.51
C ARG C 2521 -12.03 2.72 -106.94
N ALA C 2522 -11.14 2.44 -105.98
CA ALA C 2522 -9.92 1.70 -106.29
C ALA C 2522 -10.25 0.29 -106.79
N ALA C 2523 -11.27 -0.33 -106.20
CA ALA C 2523 -11.72 -1.63 -106.70
C ALA C 2523 -12.22 -1.54 -108.12
N ALA C 2524 -13.02 -0.52 -108.43
CA ALA C 2524 -13.52 -0.34 -109.78
C ALA C 2524 -12.38 -0.07 -110.76
N SER C 2525 -11.38 0.69 -110.32
CA SER C 2525 -10.24 1.00 -111.18
C SER C 2525 -9.39 -0.23 -111.44
N LEU C 2526 -9.25 -1.10 -110.45
CA LEU C 2526 -8.47 -2.32 -110.59
C LEU C 2526 -9.30 -3.49 -111.12
N ASP C 2527 -10.58 -3.28 -111.42
CA ASP C 2527 -11.42 -4.32 -111.98
C ASP C 2527 -10.98 -4.76 -113.36
N THR C 2528 -10.09 -4.02 -114.02
CA THR C 2528 -9.58 -4.44 -115.32
C THR C 2528 -8.78 -5.73 -115.19
N ALA C 2529 -8.78 -6.51 -116.27
CA ALA C 2529 -8.14 -7.82 -116.26
C ALA C 2529 -6.63 -7.74 -116.06
N THR C 2530 -6.01 -6.61 -116.41
CA THR C 2530 -4.58 -6.46 -116.15
C THR C 2530 -4.29 -6.43 -114.66
N PHE C 2531 -5.14 -5.75 -113.89
CA PHE C 2531 -4.97 -5.64 -112.45
C PHE C 2531 -5.85 -6.60 -111.67
N SER C 2532 -6.53 -7.53 -112.35
CA SER C 2532 -7.45 -8.43 -111.66
C SER C 2532 -6.71 -9.41 -110.78
N THR C 2533 -5.58 -9.94 -111.25
CA THR C 2533 -4.80 -10.92 -110.51
C THR C 2533 -3.69 -10.29 -109.69
N THR C 2534 -3.61 -8.97 -109.66
CA THR C 2534 -2.63 -8.28 -108.83
C THR C 2534 -2.89 -8.59 -107.36
N GLU C 2535 -1.81 -8.86 -106.61
CA GLU C 2535 -1.96 -9.32 -105.23
C GLU C 2535 -2.54 -8.23 -104.34
N MET C 2536 -2.17 -6.98 -104.58
CA MET C 2536 -2.80 -5.87 -103.85
C MET C 2536 -4.28 -5.80 -104.16
N ALA C 2537 -4.64 -6.05 -105.42
CA ALA C 2537 -6.05 -6.06 -105.79
C ALA C 2537 -6.80 -7.19 -105.11
N LEU C 2538 -6.16 -8.36 -104.99
CA LEU C 2538 -6.79 -9.47 -104.27
C LEU C 2538 -6.97 -9.13 -102.80
N ALA C 2539 -5.97 -8.49 -102.20
CA ALA C 2539 -6.08 -8.08 -100.80
C ALA C 2539 -7.24 -7.11 -100.60
N LEU C 2540 -7.34 -6.12 -101.47
CA LEU C 2540 -8.45 -5.18 -101.39
C LEU C 2540 -9.78 -5.87 -101.67
N ASN C 2541 -9.77 -6.86 -102.56
CA ASN C 2541 -10.98 -7.59 -102.90
C ASN C 2541 -11.53 -8.34 -101.69
N ARG C 2542 -10.67 -9.11 -101.03
CA ARG C 2542 -11.12 -9.83 -99.84
C ARG C 2542 -11.41 -8.87 -98.69
N TYR C 2543 -10.74 -7.72 -98.65
CA TYR C 2543 -11.08 -6.68 -97.69
C TYR C 2543 -12.52 -6.22 -97.88
N LEU C 2544 -12.90 -5.95 -99.13
CA LEU C 2544 -14.27 -5.57 -99.42
C LEU C 2544 -15.23 -6.64 -98.94
N CYS C 2545 -15.11 -7.85 -99.52
CA CYS C 2545 -16.08 -8.91 -99.26
C CYS C 2545 -16.13 -9.34 -97.80
N LEU C 2546 -15.08 -9.07 -97.02
CA LEU C 2546 -15.08 -9.52 -95.64
C LEU C 2546 -15.57 -8.45 -94.67
N ALA C 2547 -15.10 -7.21 -94.83
CA ALA C 2547 -15.38 -6.20 -93.82
C ALA C 2547 -16.26 -5.07 -94.30
N VAL C 2548 -16.14 -4.67 -95.57
CA VAL C 2548 -16.77 -3.43 -96.01
C VAL C 2548 -18.26 -3.63 -96.24
N LEU C 2549 -18.62 -4.45 -97.22
CA LEU C 2549 -20.02 -4.60 -97.56
C LEU C 2549 -20.85 -5.42 -96.56
N PRO C 2550 -20.29 -6.41 -95.84
CA PRO C 2550 -21.07 -7.01 -94.75
C PRO C 2550 -21.50 -6.01 -93.69
N LEU C 2551 -20.71 -4.96 -93.45
CA LEU C 2551 -21.16 -3.86 -92.61
C LEU C 2551 -22.30 -3.11 -93.28
N ILE C 2552 -22.21 -2.95 -94.61
CA ILE C 2552 -23.22 -2.19 -95.35
C ILE C 2552 -24.58 -2.90 -95.32
N THR C 2553 -24.58 -4.23 -95.35
CA THR C 2553 -25.84 -4.97 -95.34
C THR C 2553 -26.64 -4.69 -94.07
N LYS C 2554 -25.98 -4.67 -92.92
CA LYS C 2554 -26.69 -4.35 -91.69
C LYS C 2554 -26.88 -2.85 -91.50
N CYS C 2555 -26.17 -2.02 -92.26
CA CYS C 2555 -26.44 -0.60 -92.28
C CYS C 2555 -27.46 -0.20 -93.35
N ALA C 2556 -28.01 -1.17 -94.07
CA ALA C 2556 -28.98 -0.86 -95.12
C ALA C 2556 -30.24 -0.15 -94.64
N PRO C 2557 -30.87 -0.51 -93.51
CA PRO C 2557 -32.05 0.28 -93.08
C PRO C 2557 -31.73 1.73 -92.80
N LEU C 2558 -30.52 2.05 -92.35
CA LEU C 2558 -30.14 3.44 -92.13
C LEU C 2558 -30.12 4.24 -93.42
N PHE C 2559 -29.96 3.58 -94.57
CA PHE C 2559 -29.85 4.26 -95.85
C PHE C 2559 -31.18 4.78 -96.37
N ALA C 2560 -32.30 4.41 -95.76
CA ALA C 2560 -33.59 4.90 -96.21
C ALA C 2560 -33.73 6.39 -95.91
N GLY C 2561 -34.35 7.11 -96.83
CA GLY C 2561 -34.53 8.54 -96.65
C GLY C 2561 -33.29 9.37 -96.89
N THR C 2562 -32.36 8.87 -97.70
CA THR C 2562 -31.13 9.61 -98.00
C THR C 2562 -31.36 10.44 -99.25
N GLU C 2563 -31.72 11.71 -99.07
CA GLU C 2563 -31.87 12.65 -100.17
C GLU C 2563 -30.67 13.54 -100.35
N HIS C 2564 -30.13 14.07 -99.26
CA HIS C 2564 -28.89 14.83 -99.30
C HIS C 2564 -27.74 13.91 -99.70
N ARG C 2565 -26.81 14.44 -100.48
CA ARG C 2565 -25.65 13.68 -100.97
C ARG C 2565 -26.10 12.42 -101.70
N ALA C 2566 -27.17 12.57 -102.49
CA ALA C 2566 -27.76 11.43 -103.18
C ALA C 2566 -26.82 10.86 -104.23
N ILE C 2567 -26.10 11.73 -104.94
CA ILE C 2567 -25.18 11.26 -105.96
C ILE C 2567 -24.01 10.48 -105.38
N MET C 2568 -23.65 10.73 -104.11
CA MET C 2568 -22.65 9.91 -103.46
C MET C 2568 -23.13 8.47 -103.30
N VAL C 2569 -24.40 8.30 -102.91
CA VAL C 2569 -25.00 6.97 -102.86
C VAL C 2569 -25.08 6.37 -104.26
N ASP C 2570 -25.32 7.23 -105.26
CA ASP C 2570 -25.35 6.76 -106.65
C ASP C 2570 -24.00 6.18 -107.06
N SER C 2571 -22.92 6.91 -106.76
CA SER C 2571 -21.59 6.43 -107.11
C SER C 2571 -21.23 5.17 -106.33
N MET C 2572 -21.66 5.10 -105.07
CA MET C 2572 -21.44 3.90 -104.27
C MET C 2572 -22.12 2.71 -104.93
N LEU C 2573 -23.38 2.87 -105.34
CA LEU C 2573 -24.08 1.74 -105.95
C LEU C 2573 -23.54 1.43 -107.33
N HIS C 2574 -22.99 2.43 -108.02
CA HIS C 2574 -22.33 2.18 -109.30
C HIS C 2574 -21.14 1.26 -109.11
N THR C 2575 -20.30 1.54 -108.11
CA THR C 2575 -19.16 0.68 -107.85
C THR C 2575 -19.61 -0.68 -107.32
N VAL C 2576 -20.68 -0.72 -106.52
CA VAL C 2576 -21.22 -2.00 -106.06
C VAL C 2576 -21.65 -2.85 -107.25
N TYR C 2577 -22.27 -2.23 -108.25
CA TYR C 2577 -22.63 -2.95 -109.46
C TYR C 2577 -21.39 -3.42 -110.21
N ARG C 2578 -20.34 -2.59 -110.23
CA ARG C 2578 -19.14 -2.96 -110.97
C ARG C 2578 -18.46 -4.18 -110.36
N LEU C 2579 -18.37 -4.26 -109.04
CA LEU C 2579 -17.90 -5.50 -108.44
C LEU C 2579 -18.99 -6.55 -108.32
N SER C 2580 -20.24 -6.21 -108.59
CA SER C 2580 -21.26 -7.24 -108.74
C SER C 2580 -21.01 -8.06 -110.00
N ARG C 2581 -20.62 -7.39 -111.08
CA ARG C 2581 -20.07 -8.10 -112.22
C ARG C 2581 -18.81 -8.83 -111.81
N GLY C 2582 -18.80 -10.15 -112.02
CA GLY C 2582 -17.74 -10.98 -111.49
C GLY C 2582 -16.50 -11.08 -112.37
N ARG C 2583 -15.46 -10.34 -111.99
CA ARG C 2583 -14.18 -10.36 -112.68
C ARG C 2583 -13.11 -10.75 -111.67
N SER C 2584 -12.62 -11.99 -111.77
CA SER C 2584 -11.68 -12.57 -110.83
C SER C 2584 -12.23 -12.52 -109.40
N LEU C 2585 -13.44 -13.05 -109.24
CA LEU C 2585 -14.13 -13.07 -107.96
C LEU C 2585 -14.50 -14.50 -107.58
N THR C 2586 -14.25 -14.83 -106.31
CA THR C 2586 -14.74 -16.08 -105.75
C THR C 2586 -16.25 -16.04 -105.69
N LYS C 2587 -16.88 -17.21 -105.78
CA LYS C 2587 -18.34 -17.28 -105.75
C LYS C 2587 -18.90 -16.71 -104.45
N ALA C 2588 -18.29 -17.05 -103.32
CA ALA C 2588 -18.76 -16.53 -102.04
C ALA C 2588 -18.58 -15.02 -101.96
N GLN C 2589 -17.43 -14.52 -102.43
CA GLN C 2589 -17.19 -13.09 -102.44
C GLN C 2589 -18.24 -12.36 -103.29
N ARG C 2590 -18.48 -12.88 -104.50
CA ARG C 2590 -19.45 -12.27 -105.40
C ARG C 2590 -20.85 -12.30 -104.79
N ASP C 2591 -21.21 -13.41 -104.15
CA ASP C 2591 -22.53 -13.50 -103.52
C ASP C 2591 -22.68 -12.50 -102.39
N VAL C 2592 -21.60 -12.26 -101.63
CA VAL C 2592 -21.63 -11.23 -100.60
C VAL C 2592 -21.89 -9.86 -101.23
N ILE C 2593 -21.18 -9.56 -102.33
CA ILE C 2593 -21.37 -8.28 -103.00
C ILE C 2593 -22.81 -8.13 -103.50
N GLU C 2594 -23.34 -9.21 -104.09
CA GLU C 2594 -24.69 -9.17 -104.65
C GLU C 2594 -25.74 -8.99 -103.57
N ASP C 2595 -25.58 -9.69 -102.44
CA ASP C 2595 -26.54 -9.54 -101.35
C ASP C 2595 -26.47 -8.15 -100.74
N CYS C 2596 -25.26 -7.57 -100.66
CA CYS C 2596 -25.15 -6.18 -100.23
C CYS C 2596 -25.87 -5.25 -101.21
N LEU C 2597 -25.75 -5.52 -102.50
CA LEU C 2597 -26.42 -4.71 -103.50
C LEU C 2597 -27.93 -4.78 -103.35
N MET C 2598 -28.47 -5.98 -103.14
CA MET C 2598 -29.92 -6.11 -102.98
C MET C 2598 -30.40 -5.44 -101.70
N ALA C 2599 -29.64 -5.58 -100.61
CA ALA C 2599 -30.02 -4.94 -99.35
C ALA C 2599 -30.02 -3.42 -99.49
N LEU C 2600 -29.07 -2.88 -100.26
CA LEU C 2600 -29.11 -1.46 -100.56
C LEU C 2600 -30.34 -1.10 -101.40
N CYS C 2601 -30.62 -1.91 -102.42
CA CYS C 2601 -31.68 -1.58 -103.36
C CYS C 2601 -33.05 -1.56 -102.70
N ARG C 2602 -33.22 -2.32 -101.62
CA ARG C 2602 -34.51 -2.34 -100.96
C ARG C 2602 -34.70 -1.21 -99.95
N TYR C 2603 -33.75 -0.27 -99.86
CA TYR C 2603 -33.90 0.87 -98.98
C TYR C 2603 -33.65 2.20 -99.69
N ILE C 2604 -32.81 2.19 -100.73
CA ILE C 2604 -32.59 3.42 -101.49
C ILE C 2604 -33.83 3.72 -102.32
N ARG C 2605 -34.09 5.01 -102.52
CA ARG C 2605 -35.29 5.44 -103.22
C ARG C 2605 -35.21 5.14 -104.72
N PRO C 2606 -36.27 4.62 -105.31
CA PRO C 2606 -36.28 4.44 -106.78
C PRO C 2606 -36.12 5.74 -107.53
N SER C 2607 -36.61 6.85 -106.96
CA SER C 2607 -36.37 8.16 -107.55
C SER C 2607 -34.89 8.53 -107.52
N MET C 2608 -34.10 7.87 -106.68
CA MET C 2608 -32.66 8.07 -106.65
C MET C 2608 -31.92 7.11 -107.57
N LEU C 2609 -32.45 5.91 -107.78
CA LEU C 2609 -31.72 4.86 -108.48
C LEU C 2609 -31.75 4.98 -110.00
N GLN C 2610 -32.03 6.16 -110.58
CA GLN C 2610 -32.26 6.22 -112.02
C GLN C 2610 -30.99 6.00 -112.82
N HIS C 2611 -29.81 6.33 -112.28
CA HIS C 2611 -28.58 6.04 -113.00
C HIS C 2611 -28.27 4.55 -112.97
N LEU C 2612 -28.45 3.91 -111.81
CA LEU C 2612 -28.29 2.46 -111.73
C LEU C 2612 -29.30 1.75 -112.62
N LEU C 2613 -30.52 2.27 -112.68
CA LEU C 2613 -31.52 1.73 -113.60
C LEU C 2613 -31.10 1.94 -115.05
N ARG C 2614 -30.43 3.05 -115.36
CA ARG C 2614 -29.95 3.27 -116.72
C ARG C 2614 -28.93 2.22 -117.11
N ARG C 2615 -27.93 1.99 -116.26
CA ARG C 2615 -26.95 0.93 -116.53
C ARG C 2615 -27.63 -0.42 -116.59
N LEU C 2616 -28.63 -0.64 -115.73
CA LEU C 2616 -29.36 -1.91 -115.71
C LEU C 2616 -30.05 -2.15 -117.05
N VAL C 2617 -30.78 -1.15 -117.54
CA VAL C 2617 -31.41 -1.24 -118.86
C VAL C 2617 -30.37 -1.46 -119.94
N PHE C 2618 -29.16 -0.93 -119.75
CA PHE C 2618 -28.10 -1.18 -120.73
C PHE C 2618 -27.75 -2.67 -120.76
N ASP C 2619 -27.49 -3.26 -119.59
CA ASP C 2619 -26.90 -4.61 -119.60
C ASP C 2619 -27.92 -5.72 -119.81
N VAL C 2620 -29.11 -5.64 -119.20
CA VAL C 2620 -29.96 -6.83 -119.11
C VAL C 2620 -30.52 -7.37 -120.43
N PRO C 2621 -30.83 -6.57 -121.46
CA PRO C 2621 -31.40 -7.18 -122.68
C PRO C 2621 -30.47 -8.14 -123.38
N ILE C 2622 -29.16 -8.05 -123.17
CA ILE C 2622 -28.23 -8.97 -123.79
C ILE C 2622 -28.37 -10.37 -123.20
N LEU C 2623 -29.04 -10.50 -122.05
CA LEU C 2623 -29.21 -11.78 -121.35
C LEU C 2623 -27.86 -12.45 -121.10
N ASN C 2624 -26.93 -11.67 -120.56
CA ASN C 2624 -25.65 -12.21 -120.13
C ASN C 2624 -25.89 -13.27 -119.07
N GLU C 2625 -25.10 -14.34 -119.12
CA GLU C 2625 -25.20 -15.37 -118.10
C GLU C 2625 -24.81 -14.84 -116.73
N PHE C 2626 -24.06 -13.74 -116.67
CA PHE C 2626 -23.70 -13.10 -115.41
C PHE C 2626 -24.72 -12.04 -114.99
N ALA C 2627 -25.74 -11.79 -115.81
CA ALA C 2627 -26.78 -10.82 -115.50
C ALA C 2627 -27.92 -11.41 -114.67
N LYS C 2628 -27.70 -12.58 -114.06
CA LYS C 2628 -28.72 -13.18 -113.20
C LYS C 2628 -29.05 -12.28 -112.03
N MET C 2629 -28.02 -11.77 -111.34
CA MET C 2629 -28.24 -10.85 -110.23
C MET C 2629 -28.96 -9.58 -110.67
N PRO C 2630 -28.57 -8.89 -111.75
CA PRO C 2630 -29.43 -7.79 -112.23
C PRO C 2630 -30.85 -8.22 -112.53
N LEU C 2631 -31.06 -9.46 -112.98
CA LEU C 2631 -32.42 -9.91 -113.28
C LEU C 2631 -33.27 -9.97 -112.01
N LYS C 2632 -32.76 -10.62 -110.97
CA LYS C 2632 -33.51 -10.60 -109.71
C LYS C 2632 -33.50 -9.22 -109.07
N LEU C 2633 -32.55 -8.36 -109.45
CA LEU C 2633 -32.59 -6.97 -109.00
C LEU C 2633 -33.82 -6.26 -109.54
N LEU C 2634 -34.08 -6.41 -110.84
CA LEU C 2634 -35.30 -5.86 -111.41
C LEU C 2634 -36.52 -6.48 -110.76
N THR C 2635 -36.49 -7.80 -110.53
CA THR C 2635 -37.61 -8.47 -109.90
C THR C 2635 -37.93 -7.85 -108.54
N ASN C 2636 -36.91 -7.76 -107.68
CA ASN C 2636 -37.11 -7.24 -106.33
C ASN C 2636 -37.52 -5.78 -106.35
N HIS C 2637 -36.89 -4.97 -107.21
CA HIS C 2637 -37.20 -3.55 -107.27
C HIS C 2637 -38.65 -3.33 -107.66
N TYR C 2638 -39.16 -4.12 -108.60
CA TYR C 2638 -40.50 -3.85 -109.10
C TYR C 2638 -41.59 -4.63 -108.38
N GLU C 2639 -41.24 -5.53 -107.46
CA GLU C 2639 -42.27 -5.98 -106.54
C GLU C 2639 -42.36 -5.07 -105.33
N ARG C 2640 -41.20 -4.60 -104.85
CA ARG C 2640 -41.20 -3.64 -103.75
C ARG C 2640 -41.86 -2.33 -104.15
N CYS C 2641 -41.43 -1.75 -105.26
CA CYS C 2641 -41.92 -0.47 -105.74
C CYS C 2641 -42.67 -0.69 -107.04
N TRP C 2642 -44.00 -0.75 -106.96
CA TRP C 2642 -44.81 -0.89 -108.16
C TRP C 2642 -45.90 0.18 -108.22
N LYS C 2643 -46.43 0.57 -107.05
CA LYS C 2643 -47.41 1.64 -107.02
C LYS C 2643 -46.80 2.96 -107.48
N TYR C 2644 -45.57 3.24 -107.07
CA TYR C 2644 -44.90 4.48 -107.43
C TYR C 2644 -44.69 4.58 -108.94
N TYR C 2645 -44.51 3.45 -109.61
CA TYR C 2645 -44.33 3.44 -111.06
C TYR C 2645 -45.66 3.43 -111.81
N CYS C 2646 -46.66 2.72 -111.29
CA CYS C 2646 -47.88 2.50 -112.07
C CYS C 2646 -48.97 3.52 -111.76
N LEU C 2647 -49.28 3.73 -110.50
CA LEU C 2647 -50.45 4.53 -110.14
C LEU C 2647 -50.19 6.01 -110.41
N PRO C 2648 -51.08 6.69 -111.14
CA PRO C 2648 -50.95 8.16 -111.26
C PRO C 2648 -50.98 8.86 -109.92
N THR C 2649 -51.81 8.37 -109.00
CA THR C 2649 -51.73 8.80 -107.61
C THR C 2649 -50.42 8.34 -107.02
N GLY C 2650 -49.74 9.22 -106.29
CA GLY C 2650 -48.46 8.88 -105.72
C GLY C 2650 -48.57 7.76 -104.70
N TRP C 2651 -47.51 6.95 -104.66
CA TRP C 2651 -47.40 5.91 -103.63
C TRP C 2651 -47.49 6.51 -102.24
N ALA C 2652 -46.50 7.34 -101.89
CA ALA C 2652 -46.32 7.88 -100.56
C ALA C 2652 -45.45 9.11 -100.70
N ASN C 2653 -44.78 9.49 -99.60
CA ASN C 2653 -43.83 10.60 -99.61
C ASN C 2653 -42.86 10.54 -100.79
N PHE C 2654 -42.59 9.34 -101.32
CA PHE C 2654 -41.72 9.23 -102.50
C PHE C 2654 -42.27 10.04 -103.68
N GLY C 2655 -43.54 9.84 -104.01
CA GLY C 2655 -44.21 10.61 -105.05
C GLY C 2655 -44.61 9.73 -106.23
N VAL C 2656 -44.40 10.25 -107.44
CA VAL C 2656 -44.78 9.58 -108.67
C VAL C 2656 -43.54 9.37 -109.52
N THR C 2657 -43.59 8.37 -110.39
CA THR C 2657 -42.44 7.99 -111.19
C THR C 2657 -42.13 9.05 -112.24
N SER C 2658 -40.90 8.99 -112.76
CA SER C 2658 -40.44 9.91 -113.78
C SER C 2658 -40.70 9.34 -115.18
N GLU C 2659 -40.87 10.24 -116.14
CA GLU C 2659 -41.09 9.84 -117.53
C GLU C 2659 -39.88 9.12 -118.09
N GLU C 2660 -38.67 9.59 -117.75
CA GLU C 2660 -37.47 8.94 -118.24
C GLU C 2660 -37.33 7.53 -117.71
N GLU C 2661 -37.58 7.33 -116.41
CA GLU C 2661 -37.55 5.99 -115.83
C GLU C 2661 -38.63 5.10 -116.44
N LEU C 2662 -39.81 5.68 -116.69
CA LEU C 2662 -40.89 4.91 -117.30
C LEU C 2662 -40.49 4.42 -118.69
N HIS C 2663 -39.87 5.30 -119.49
CA HIS C 2663 -39.36 4.88 -120.78
C HIS C 2663 -38.25 3.84 -120.63
N LEU C 2664 -37.44 3.95 -119.58
CA LEU C 2664 -36.36 2.99 -119.37
C LEU C 2664 -36.90 1.59 -119.13
N THR C 2665 -37.86 1.45 -118.22
CA THR C 2665 -38.43 0.13 -117.98
C THR C 2665 -39.26 -0.34 -119.18
N ARG C 2666 -39.84 0.60 -119.92
CA ARG C 2666 -40.55 0.24 -121.15
C ARG C 2666 -39.62 -0.42 -122.16
N LYS C 2667 -38.52 0.25 -122.50
CA LYS C 2667 -37.57 -0.32 -123.44
C LYS C 2667 -36.93 -1.59 -122.88
N LEU C 2668 -36.66 -1.59 -121.57
CA LEU C 2668 -36.23 -2.81 -120.90
C LEU C 2668 -37.16 -3.97 -121.19
N PHE C 2669 -38.47 -3.76 -121.04
CA PHE C 2669 -39.32 -4.92 -120.96
C PHE C 2669 -39.62 -5.46 -122.36
N TRP C 2670 -39.80 -4.55 -123.33
CA TRP C 2670 -39.88 -5.02 -124.72
C TRP C 2670 -38.58 -5.69 -125.16
N GLY C 2671 -37.43 -5.13 -124.78
CA GLY C 2671 -36.16 -5.73 -125.16
C GLY C 2671 -35.96 -7.10 -124.54
N ILE C 2672 -36.29 -7.25 -123.26
CA ILE C 2672 -36.19 -8.56 -122.61
C ILE C 2672 -37.18 -9.54 -123.24
N PHE C 2673 -38.37 -9.05 -123.62
CA PHE C 2673 -39.36 -9.92 -124.24
C PHE C 2673 -38.83 -10.52 -125.53
N ASP C 2674 -38.31 -9.67 -126.42
CA ASP C 2674 -37.83 -10.16 -127.70
C ASP C 2674 -36.53 -10.95 -127.54
N SER C 2675 -35.67 -10.54 -126.60
CA SER C 2675 -34.43 -11.27 -126.38
C SER C 2675 -34.70 -12.66 -125.83
N LEU C 2676 -35.70 -12.80 -124.96
CA LEU C 2676 -36.10 -14.13 -124.50
C LEU C 2676 -36.81 -14.91 -125.60
N ALA C 2677 -37.50 -14.21 -126.50
CA ALA C 2677 -38.14 -14.90 -127.62
C ALA C 2677 -37.13 -15.44 -128.62
N HIS C 2678 -35.96 -14.81 -128.71
CA HIS C 2678 -34.96 -15.22 -129.70
C HIS C 2678 -33.80 -16.03 -129.14
N LYS C 2679 -33.50 -15.91 -127.85
CA LYS C 2679 -32.43 -16.70 -127.26
C LYS C 2679 -32.87 -18.16 -127.18
N LYS C 2680 -31.89 -19.06 -127.22
CA LYS C 2680 -32.18 -20.48 -127.06
C LYS C 2680 -32.82 -20.74 -125.70
N TYR C 2681 -33.74 -21.71 -125.68
CA TYR C 2681 -34.48 -22.03 -124.46
C TYR C 2681 -33.54 -22.57 -123.40
N ASP C 2682 -33.31 -21.77 -122.36
CA ASP C 2682 -32.59 -22.20 -121.17
C ASP C 2682 -33.57 -22.23 -120.02
N GLN C 2683 -33.70 -23.38 -119.35
CA GLN C 2683 -34.68 -23.50 -118.27
C GLN C 2683 -34.35 -22.55 -117.13
N GLU C 2684 -33.08 -22.47 -116.75
CA GLU C 2684 -32.69 -21.62 -115.61
C GLU C 2684 -32.91 -20.15 -115.92
N LEU C 2685 -32.44 -19.69 -117.09
CA LEU C 2685 -32.55 -18.28 -117.44
C LEU C 2685 -34.01 -17.88 -117.61
N TYR C 2686 -34.82 -18.71 -118.27
CA TYR C 2686 -36.24 -18.41 -118.45
C TYR C 2686 -36.98 -18.40 -117.13
N ARG C 2687 -36.67 -19.37 -116.25
CA ARG C 2687 -37.33 -19.44 -114.96
C ARG C 2687 -37.02 -18.23 -114.10
N MET C 2688 -35.77 -17.75 -114.16
CA MET C 2688 -35.42 -16.54 -113.42
C MET C 2688 -35.99 -15.30 -114.10
N ALA C 2689 -36.16 -15.34 -115.41
CA ALA C 2689 -36.60 -14.15 -116.15
C ALA C 2689 -38.10 -13.90 -116.01
N MET C 2690 -38.92 -14.95 -115.93
CA MET C 2690 -40.35 -14.67 -115.99
C MET C 2690 -40.93 -13.96 -114.76
N PRO C 2691 -40.42 -14.12 -113.52
CA PRO C 2691 -40.92 -13.24 -112.46
C PRO C 2691 -40.52 -11.81 -112.68
N CYS C 2692 -39.34 -11.59 -113.26
CA CYS C 2692 -38.92 -10.24 -113.64
C CYS C 2692 -39.87 -9.64 -114.66
N LEU C 2693 -40.26 -10.42 -115.67
CA LEU C 2693 -41.20 -9.92 -116.67
C LEU C 2693 -42.55 -9.59 -116.04
N CYS C 2694 -43.06 -10.47 -115.18
CA CYS C 2694 -44.35 -10.22 -114.54
C CYS C 2694 -44.30 -8.97 -113.66
N ALA C 2695 -43.25 -8.83 -112.85
CA ALA C 2695 -43.15 -7.68 -111.97
C ALA C 2695 -42.96 -6.38 -112.76
N ILE C 2696 -42.12 -6.43 -113.81
CA ILE C 2696 -41.87 -5.25 -114.61
C ILE C 2696 -43.15 -4.79 -115.28
N ALA C 2697 -43.89 -5.73 -115.88
CA ALA C 2697 -45.13 -5.38 -116.55
C ALA C 2697 -46.20 -4.93 -115.57
N GLY C 2698 -46.21 -5.50 -114.36
CA GLY C 2698 -47.18 -5.08 -113.36
C GLY C 2698 -46.95 -3.64 -112.93
N ALA C 2699 -45.69 -3.26 -112.73
CA ALA C 2699 -45.39 -1.89 -112.33
C ALA C 2699 -45.43 -0.91 -113.50
N LEU C 2700 -45.34 -1.38 -114.73
CA LEU C 2700 -45.39 -0.50 -115.89
C LEU C 2700 -46.84 -0.19 -116.21
N PRO C 2701 -47.23 1.10 -116.25
CA PRO C 2701 -48.63 1.42 -116.55
C PRO C 2701 -48.99 1.05 -117.97
N PRO C 2702 -50.23 0.67 -118.23
CA PRO C 2702 -50.62 0.28 -119.60
C PRO C 2702 -50.83 1.46 -120.52
N ASP C 2703 -51.40 2.56 -120.01
CA ASP C 2703 -51.75 3.70 -120.83
C ASP C 2703 -50.57 4.61 -121.12
N TYR C 2704 -49.37 4.25 -120.67
CA TYR C 2704 -48.19 5.07 -120.92
C TYR C 2704 -47.90 5.19 -122.41
N VAL C 2705 -47.62 6.41 -122.84
CA VAL C 2705 -47.23 6.72 -124.22
C VAL C 2705 -45.79 7.21 -124.21
N ASP C 2706 -44.99 6.70 -125.13
CA ASP C 2706 -43.55 6.88 -125.07
C ASP C 2706 -43.14 8.24 -125.61
N ALA C 2707 -41.92 8.65 -125.25
CA ALA C 2707 -41.40 9.93 -125.70
C ALA C 2707 -41.23 9.98 -127.21
N SER C 2708 -40.70 8.89 -127.79
CA SER C 2708 -40.52 8.80 -129.23
C SER C 2708 -40.86 7.38 -129.65
N TYR C 2709 -42.02 7.22 -130.31
CA TYR C 2709 -42.40 5.91 -130.82
C TYR C 2709 -41.43 5.44 -131.90
N SER C 2710 -41.02 6.35 -132.78
CA SER C 2710 -40.07 6.06 -133.85
C SER C 2710 -38.91 7.03 -133.75
N SER C 2711 -37.70 6.49 -133.61
CA SER C 2711 -36.50 7.31 -133.46
C SER C 2711 -35.32 6.53 -134.04
N LYS C 2712 -34.11 6.94 -133.67
CA LYS C 2712 -32.90 6.27 -134.14
C LYS C 2712 -32.86 4.82 -133.65
N ALA C 2713 -33.00 4.61 -132.34
CA ALA C 2713 -32.90 3.30 -131.70
C ALA C 2713 -31.59 2.60 -132.09
N GLU C 2714 -30.49 3.22 -131.69
CA GLU C 2714 -29.17 2.72 -132.04
C GLU C 2714 -28.90 1.36 -131.38
N LYS C 2715 -28.10 0.55 -132.06
CA LYS C 2715 -27.76 -0.81 -131.63
C LYS C 2715 -29.01 -1.66 -131.41
N ASN C 2724 -16.82 -0.12 -123.47
CA ASN C 2724 -18.22 -0.35 -123.14
C ASN C 2724 -19.14 0.08 -124.26
N PHE C 2725 -19.02 1.34 -124.68
CA PHE C 2725 -19.85 1.92 -125.73
C PHE C 2725 -18.96 2.42 -126.86
N ASP C 2726 -19.34 2.12 -128.10
CA ASP C 2726 -18.59 2.51 -129.29
C ASP C 2726 -19.53 3.17 -130.29
N PRO C 2727 -19.87 4.45 -130.08
CA PRO C 2727 -20.75 5.13 -131.03
C PRO C 2727 -20.03 5.40 -132.34
N ARG C 2728 -20.68 5.05 -133.44
CA ARG C 2728 -20.05 5.15 -134.75
C ARG C 2728 -19.88 6.61 -135.14
N PRO C 2729 -18.65 7.07 -135.40
CA PRO C 2729 -18.45 8.46 -135.83
C PRO C 2729 -18.72 8.62 -137.32
N VAL C 2730 -18.72 9.88 -137.75
CA VAL C 2730 -19.03 10.23 -139.14
C VAL C 2730 -17.78 10.82 -139.77
N GLU C 2731 -17.29 10.17 -140.83
CA GLU C 2731 -16.18 10.69 -141.62
C GLU C 2731 -16.70 11.63 -142.71
N THR C 2732 -17.37 12.70 -142.25
CA THR C 2732 -17.94 13.64 -143.19
C THR C 2732 -16.89 14.51 -143.87
N LEU C 2733 -15.66 14.52 -143.35
CA LEU C 2733 -14.55 15.09 -144.10
C LEU C 2733 -14.35 14.33 -145.40
N ASN C 2734 -14.44 13.01 -145.34
CA ASN C 2734 -14.38 12.19 -146.55
C ASN C 2734 -15.67 12.25 -147.35
N VAL C 2735 -16.81 12.40 -146.68
CA VAL C 2735 -18.09 12.49 -147.38
C VAL C 2735 -18.11 13.77 -148.23
N ILE C 2736 -18.53 13.63 -149.49
CA ILE C 2736 -18.54 14.74 -150.42
C ILE C 2736 -19.60 15.75 -149.99
N ILE C 2737 -19.22 17.02 -149.95
CA ILE C 2737 -20.09 18.11 -149.53
C ILE C 2737 -20.24 19.08 -150.69
N PRO C 2738 -21.46 19.31 -151.19
CA PRO C 2738 -21.63 20.31 -152.26
C PRO C 2738 -21.36 21.71 -151.75
N GLU C 2739 -20.96 22.58 -152.68
CA GLU C 2739 -20.67 23.97 -152.37
C GLU C 2739 -21.88 24.89 -152.56
N LYS C 2740 -23.02 24.34 -152.97
CA LYS C 2740 -24.24 25.13 -153.05
C LYS C 2740 -24.78 25.49 -151.66
N LEU C 2741 -24.31 24.81 -150.62
CA LEU C 2741 -24.73 25.07 -149.25
C LEU C 2741 -23.61 25.56 -148.34
N ASP C 2742 -22.35 25.29 -148.69
CA ASP C 2742 -21.21 25.63 -147.83
C ASP C 2742 -21.12 27.13 -147.55
N SER C 2743 -21.68 27.97 -148.43
CA SER C 2743 -21.70 29.40 -148.17
C SER C 2743 -22.48 29.74 -146.90
N PHE C 2744 -23.70 29.22 -146.78
CA PHE C 2744 -24.46 29.51 -145.57
C PHE C 2744 -24.04 28.62 -144.40
N ILE C 2745 -23.33 27.52 -144.65
CA ILE C 2745 -22.68 26.83 -143.54
C ILE C 2745 -21.61 27.72 -142.91
N ASN C 2746 -20.82 28.39 -143.75
CA ASN C 2746 -19.82 29.33 -143.24
C ASN C 2746 -20.50 30.51 -142.56
N LYS C 2747 -21.59 31.02 -143.14
CA LYS C 2747 -22.32 32.12 -142.52
C LYS C 2747 -22.88 31.69 -141.15
N PHE C 2748 -23.32 30.43 -141.05
CA PHE C 2748 -23.78 29.92 -139.76
C PHE C 2748 -22.63 29.74 -138.78
N ALA C 2749 -21.43 29.42 -139.27
CA ALA C 2749 -20.27 29.35 -138.39
C ALA C 2749 -19.96 30.71 -137.78
N GLU C 2750 -19.96 31.75 -138.62
CA GLU C 2750 -19.75 33.10 -138.11
C GLU C 2750 -20.90 33.50 -137.19
N TYR C 2751 -22.13 33.09 -137.51
CA TYR C 2751 -23.29 33.41 -136.68
C TYR C 2751 -23.23 32.71 -135.34
N THR C 2752 -22.70 31.48 -135.29
CA THR C 2752 -22.59 30.78 -134.02
C THR C 2752 -21.48 31.36 -133.15
N HIS C 2753 -20.37 31.82 -133.75
CA HIS C 2753 -19.38 32.53 -132.95
C HIS C 2753 -19.90 33.89 -132.48
N GLU C 2754 -20.70 34.56 -133.32
CA GLU C 2754 -21.38 35.77 -132.88
C GLU C 2754 -22.33 35.48 -131.73
N LYS C 2755 -23.02 34.34 -131.78
CA LYS C 2755 -23.91 33.96 -130.70
C LYS C 2755 -23.12 33.57 -129.45
N TRP C 2756 -21.88 33.09 -129.62
CA TRP C 2756 -20.98 32.91 -128.50
C TRP C 2756 -20.72 34.25 -127.82
N ALA C 2757 -20.42 35.28 -128.61
CA ALA C 2757 -20.26 36.62 -128.05
C ALA C 2757 -21.54 37.13 -127.42
N PHE C 2758 -22.69 36.77 -128.00
CA PHE C 2758 -23.98 37.15 -127.42
C PHE C 2758 -24.18 36.48 -126.07
N ASP C 2759 -23.77 35.21 -125.94
CA ASP C 2759 -23.83 34.54 -124.65
C ASP C 2759 -22.92 35.21 -123.64
N LYS C 2760 -21.75 35.70 -124.09
CA LYS C 2760 -20.88 36.45 -123.20
C LYS C 2760 -21.55 37.74 -122.72
N ILE C 2761 -22.19 38.48 -123.63
CA ILE C 2761 -22.84 39.72 -123.24
C ILE C 2761 -24.07 39.45 -122.37
N GLN C 2762 -24.69 38.27 -122.49
CA GLN C 2762 -25.68 37.85 -121.52
C GLN C 2762 -25.04 37.59 -120.16
N ASN C 2763 -23.84 36.99 -120.17
CA ASN C 2763 -23.07 36.71 -118.98
C ASN C 2763 -22.37 37.95 -118.41
N ASN C 2764 -22.64 39.12 -119.01
CA ASN C 2764 -22.12 40.41 -118.54
C ASN C 2764 -20.61 40.48 -118.66
N TRP C 2765 -20.05 39.79 -119.66
CA TRP C 2765 -18.65 39.83 -120.03
C TRP C 2765 -18.52 40.15 -121.51
N SER C 2766 -19.19 41.24 -121.93
CA SER C 2766 -19.28 41.65 -123.33
C SER C 2766 -17.95 41.53 -124.05
N TYR C 2767 -18.01 40.96 -125.25
CA TYR C 2767 -16.81 40.50 -125.95
C TYR C 2767 -15.83 41.64 -126.21
N GLY C 2768 -14.57 41.40 -125.88
CA GLY C 2768 -13.53 42.39 -126.03
C GLY C 2768 -12.44 41.90 -126.97
N GLU C 2769 -11.77 42.85 -127.62
CA GLU C 2769 -10.78 42.50 -128.64
C GLU C 2769 -9.52 41.89 -128.01
N ASN C 2770 -9.05 42.47 -126.91
CA ASN C 2770 -7.82 42.03 -126.27
C ASN C 2770 -8.13 41.09 -125.10
N VAL C 2771 -7.07 40.58 -124.49
CA VAL C 2771 -7.22 39.69 -123.34
C VAL C 2771 -7.73 40.48 -122.14
N ASP C 2772 -8.72 39.93 -121.46
CA ASP C 2772 -9.27 40.53 -120.25
C ASP C 2772 -9.22 39.48 -119.15
N GLU C 2773 -8.47 39.76 -118.08
CA GLU C 2773 -8.35 38.80 -116.98
C GLU C 2773 -9.66 38.60 -116.25
N GLU C 2774 -10.40 39.70 -116.01
CA GLU C 2774 -11.68 39.60 -115.32
C GLU C 2774 -12.76 38.96 -116.18
N LEU C 2775 -12.54 38.83 -117.49
CA LEU C 2775 -13.57 38.31 -118.37
C LEU C 2775 -13.91 36.86 -118.05
N LYS C 2776 -12.88 36.06 -117.71
CA LYS C 2776 -12.97 34.65 -117.33
C LYS C 2776 -13.49 33.79 -118.49
N THR C 2777 -13.75 34.40 -119.63
CA THR C 2777 -14.27 33.76 -120.83
C THR C 2777 -13.26 33.97 -121.96
N HIS C 2778 -13.69 33.65 -123.19
CA HIS C 2778 -12.93 33.82 -124.42
C HIS C 2778 -12.20 35.14 -124.45
N PRO C 2779 -10.87 35.14 -124.58
CA PRO C 2779 -10.10 36.38 -124.45
C PRO C 2779 -9.77 37.05 -125.78
N MET C 2780 -10.08 36.40 -126.90
CA MET C 2780 -9.63 36.89 -128.20
C MET C 2780 -10.76 37.12 -129.20
N LEU C 2781 -12.01 36.82 -128.86
CA LEU C 2781 -13.09 36.92 -129.84
C LEU C 2781 -13.28 38.38 -130.26
N ARG C 2782 -13.34 38.61 -131.56
CA ARG C 2782 -13.34 39.94 -132.15
C ARG C 2782 -14.37 39.98 -133.25
N PRO C 2783 -14.82 41.18 -133.65
CA PRO C 2783 -15.62 41.29 -134.88
C PRO C 2783 -14.82 40.81 -136.07
N TYR C 2784 -15.54 40.25 -137.05
CA TYR C 2784 -14.90 39.47 -138.12
C TYR C 2784 -13.91 40.27 -138.93
N LYS C 2785 -14.04 41.60 -138.99
CA LYS C 2785 -13.10 42.41 -139.76
C LYS C 2785 -11.69 42.33 -139.17
N THR C 2786 -11.56 42.57 -137.86
CA THR C 2786 -10.27 42.50 -137.19
C THR C 2786 -9.94 41.12 -136.66
N PHE C 2787 -10.89 40.19 -136.70
CA PHE C 2787 -10.68 38.84 -136.20
C PHE C 2787 -9.86 38.07 -137.22
N SER C 2788 -8.67 37.63 -136.83
CA SER C 2788 -7.80 36.89 -137.73
C SER C 2788 -8.47 35.60 -138.17
N GLU C 2789 -8.38 35.30 -139.47
CA GLU C 2789 -9.08 34.14 -140.02
C GLU C 2789 -8.43 32.81 -139.64
N LYS C 2790 -7.25 32.83 -139.02
CA LYS C 2790 -6.64 31.59 -138.55
C LYS C 2790 -7.49 30.93 -137.47
N ASP C 2791 -8.05 31.74 -136.56
CA ASP C 2791 -8.96 31.19 -135.55
C ASP C 2791 -10.38 31.06 -136.09
N LYS C 2792 -10.75 31.88 -137.07
CA LYS C 2792 -12.07 31.74 -137.69
C LYS C 2792 -12.20 30.39 -138.38
N GLU C 2793 -11.12 29.89 -138.96
CA GLU C 2793 -11.15 28.56 -139.57
C GLU C 2793 -11.35 27.47 -138.53
N ILE C 2794 -10.71 27.60 -137.35
CA ILE C 2794 -10.80 26.53 -136.35
C ILE C 2794 -12.07 26.59 -135.53
N TYR C 2795 -12.82 27.71 -135.56
CA TYR C 2795 -14.19 27.67 -135.05
C TYR C 2795 -15.21 27.38 -136.15
N ARG C 2796 -14.85 27.59 -137.42
CA ARG C 2796 -15.74 27.25 -138.53
C ARG C 2796 -15.76 25.76 -138.79
N TRP C 2797 -14.62 25.09 -138.65
CA TRP C 2797 -14.52 23.68 -139.00
C TRP C 2797 -15.44 22.77 -138.17
N PRO C 2798 -15.59 22.93 -136.84
CA PRO C 2798 -16.60 22.13 -136.14
C PRO C 2798 -18.02 22.33 -136.67
N ILE C 2799 -18.38 23.56 -137.03
CA ILE C 2799 -19.69 23.80 -137.63
C ILE C 2799 -19.77 23.14 -138.99
N LYS C 2800 -18.68 23.17 -139.75
CA LYS C 2800 -18.62 22.47 -141.03
C LYS C 2800 -18.89 20.98 -140.84
N GLU C 2801 -18.19 20.35 -139.89
CA GLU C 2801 -18.41 18.93 -139.64
C GLU C 2801 -19.84 18.66 -139.17
N SER C 2802 -20.38 19.56 -138.35
CA SER C 2802 -21.75 19.43 -137.85
C SER C 2802 -22.76 19.35 -138.99
N LEU C 2803 -22.82 20.40 -139.81
CA LEU C 2803 -23.82 20.42 -140.87
C LEU C 2803 -23.48 19.48 -142.02
N LYS C 2804 -22.20 19.18 -142.24
CA LYS C 2804 -21.86 18.19 -143.24
C LYS C 2804 -22.29 16.79 -142.82
N ALA C 2805 -22.20 16.48 -141.52
CA ALA C 2805 -22.79 15.25 -141.02
C ALA C 2805 -24.30 15.28 -141.14
N MET C 2806 -24.90 16.46 -140.91
CA MET C 2806 -26.35 16.59 -141.05
C MET C 2806 -26.80 16.29 -142.48
N ILE C 2807 -26.03 16.75 -143.47
CA ILE C 2807 -26.36 16.40 -144.85
C ILE C 2807 -25.88 14.98 -145.18
N ALA C 2808 -24.99 14.41 -144.36
CA ALA C 2808 -24.51 13.05 -144.60
C ALA C 2808 -25.51 11.99 -144.19
N TRP C 2809 -26.31 12.22 -143.14
CA TRP C 2809 -27.32 11.25 -142.71
C TRP C 2809 -28.59 11.40 -143.54
N GLU C 2810 -28.45 11.16 -144.85
CA GLU C 2810 -29.49 11.18 -145.89
C GLU C 2810 -30.53 12.28 -145.69
N TRP C 2811 -30.08 13.48 -145.32
CA TRP C 2811 -30.94 14.65 -145.23
C TRP C 2811 -30.42 15.71 -146.20
N THR C 2812 -31.33 16.25 -147.01
CA THR C 2812 -30.97 17.21 -148.04
C THR C 2812 -31.40 18.61 -147.59
N ILE C 2813 -30.45 19.54 -147.58
CA ILE C 2813 -30.69 20.93 -147.21
C ILE C 2813 -30.47 21.82 -148.42
N GLU C 2814 -31.20 22.94 -148.44
CA GLU C 2814 -31.03 23.96 -149.47
C GLU C 2814 -31.76 25.22 -149.02
N LYS C 2815 -31.35 26.36 -149.59
CA LYS C 2815 -32.03 27.62 -149.35
C LYS C 2815 -33.50 27.53 -149.76
N ALA C 2816 -34.39 27.65 -148.77
CA ALA C 2816 -35.82 27.66 -149.06
C ALA C 2816 -36.21 28.88 -149.88
N ARG C 2817 -35.71 30.05 -149.50
CA ARG C 2817 -35.86 31.28 -150.28
C ARG C 2817 -34.52 31.66 -150.89
N GLU C 2818 -34.57 32.65 -151.79
CA GLU C 2818 -33.37 33.05 -152.51
C GLU C 2818 -32.33 33.64 -151.56
N GLY C 2819 -31.08 33.22 -151.72
CA GLY C 2819 -30.01 33.70 -150.87
C GLY C 2819 -28.66 33.11 -151.23
N GLU C 2820 -27.76 33.04 -150.25
CA GLU C 2820 -26.43 32.48 -150.45
C GLU C 2820 -26.49 31.02 -150.84
N TYR C 2845 -20.91 41.92 -134.34
CA TYR C 2845 -20.56 40.55 -133.98
C TYR C 2845 -21.41 40.06 -132.81
N ASN C 2846 -22.64 40.58 -132.74
CA ASN C 2846 -23.53 40.28 -131.62
C ASN C 2846 -24.96 40.26 -132.16
N PRO C 2847 -25.50 39.09 -132.47
CA PRO C 2847 -26.87 39.01 -133.00
C PRO C 2847 -27.89 39.00 -131.88
N GLN C 2848 -28.71 40.06 -131.83
CA GLN C 2848 -29.75 40.13 -130.79
C GLN C 2848 -30.80 39.02 -130.93
N PRO C 2849 -31.39 38.76 -132.10
CA PRO C 2849 -32.43 37.71 -132.17
C PRO C 2849 -31.85 36.33 -131.94
N PRO C 2850 -32.35 35.61 -130.93
CA PRO C 2850 -31.89 34.24 -130.70
C PRO C 2850 -32.74 33.22 -131.42
N ASP C 2851 -32.35 31.95 -131.35
CA ASP C 2851 -33.09 30.84 -131.94
C ASP C 2851 -33.70 30.02 -130.80
N LEU C 2852 -34.98 30.25 -130.53
CA LEU C 2852 -35.67 29.55 -129.45
C LEU C 2852 -35.93 28.10 -129.85
N SER C 2853 -35.24 27.17 -129.19
CA SER C 2853 -35.38 25.75 -129.49
C SER C 2853 -36.70 25.15 -129.02
N GLY C 2854 -37.49 25.89 -128.24
CA GLY C 2854 -38.71 25.36 -127.69
C GLY C 2854 -39.96 25.77 -128.43
N VAL C 2855 -39.82 26.25 -129.67
CA VAL C 2855 -40.97 26.64 -130.47
C VAL C 2855 -41.51 25.40 -131.19
N THR C 2856 -42.73 25.50 -131.70
CA THR C 2856 -43.38 24.36 -132.34
C THR C 2856 -42.69 24.00 -133.66
N LEU C 2857 -42.71 22.71 -133.97
CA LEU C 2857 -42.08 22.21 -135.19
C LEU C 2857 -42.69 20.85 -135.54
N SER C 2858 -42.52 20.47 -136.80
CA SER C 2858 -43.12 19.24 -137.31
C SER C 2858 -42.46 18.00 -136.68
N ARG C 2859 -43.23 16.91 -136.67
CA ARG C 2859 -42.79 15.68 -136.01
C ARG C 2859 -41.56 15.08 -136.69
N GLU C 2860 -41.62 14.94 -138.02
CA GLU C 2860 -40.52 14.31 -138.75
C GLU C 2860 -39.24 15.12 -138.66
N LEU C 2861 -39.35 16.44 -138.81
CA LEU C 2861 -38.15 17.28 -138.75
C LEU C 2861 -37.60 17.38 -137.33
N GLN C 2862 -38.47 17.34 -136.31
CA GLN C 2862 -37.98 17.30 -134.95
C GLN C 2862 -37.33 15.96 -134.63
N ALA C 2863 -37.84 14.87 -135.21
CA ALA C 2863 -37.17 13.58 -135.09
C ALA C 2863 -35.80 13.61 -135.75
N MET C 2864 -35.70 14.33 -136.88
CA MET C 2864 -34.39 14.57 -137.49
C MET C 2864 -33.48 15.34 -136.54
N ALA C 2865 -34.04 16.34 -135.83
CA ALA C 2865 -33.25 17.11 -134.88
C ALA C 2865 -32.72 16.23 -133.75
N GLU C 2866 -33.57 15.33 -133.24
CA GLU C 2866 -33.14 14.37 -132.23
C GLU C 2866 -32.06 13.45 -132.78
N GLN C 2867 -32.23 12.98 -134.01
CA GLN C 2867 -31.24 12.12 -134.64
C GLN C 2867 -29.92 12.85 -134.86
N LEU C 2868 -29.98 14.15 -135.13
CA LEU C 2868 -28.78 14.95 -135.33
C LEU C 2868 -28.08 15.25 -134.00
N ALA C 2869 -28.84 15.42 -132.92
CA ALA C 2869 -28.24 15.50 -131.60
C ALA C 2869 -27.55 14.19 -131.24
N GLU C 2870 -28.17 13.07 -131.60
CA GLU C 2870 -27.52 11.77 -131.44
C GLU C 2870 -26.26 11.68 -132.28
N ASN C 2871 -26.30 12.26 -133.49
CA ASN C 2871 -25.12 12.32 -134.34
C ASN C 2871 -23.99 13.08 -133.66
N TYR C 2872 -24.31 14.24 -133.06
CA TYR C 2872 -23.32 14.98 -132.29
C TYR C 2872 -22.77 14.14 -131.16
N HIS C 2873 -23.64 13.42 -130.47
CA HIS C 2873 -23.21 12.60 -129.35
C HIS C 2873 -22.26 11.51 -129.81
N ASN C 2874 -22.54 10.89 -130.96
CA ASN C 2874 -21.60 9.92 -131.53
C ASN C 2874 -20.27 10.57 -131.88
N THR C 2875 -20.33 11.79 -132.44
CA THR C 2875 -19.12 12.46 -132.90
C THR C 2875 -18.14 12.71 -131.75
N TRP C 2876 -18.62 13.29 -130.64
CA TRP C 2876 -17.71 13.44 -129.51
C TRP C 2876 -17.57 12.16 -128.71
N GLY C 2877 -18.49 11.20 -128.87
CA GLY C 2877 -18.43 9.99 -128.10
C GLY C 2877 -17.36 9.03 -128.56
N ARG C 2878 -17.01 9.07 -129.84
CA ARG C 2878 -15.91 8.22 -130.31
C ARG C 2878 -14.58 8.64 -129.68
N LYS C 2879 -14.28 9.94 -129.66
CA LYS C 2879 -13.05 10.36 -128.99
C LYS C 2879 -13.16 10.19 -127.47
N LYS C 2880 -14.36 10.36 -126.92
CA LYS C 2880 -14.54 10.15 -125.48
C LYS C 2880 -14.27 8.69 -125.09
N LYS C 2881 -14.73 7.74 -125.90
CA LYS C 2881 -14.42 6.34 -125.61
C LYS C 2881 -12.99 5.98 -125.99
N GLN C 2882 -12.36 6.72 -126.90
CA GLN C 2882 -10.93 6.55 -127.14
C GLN C 2882 -10.12 6.89 -125.90
N GLU C 2883 -10.52 7.95 -125.19
CA GLU C 2883 -9.87 8.25 -123.92
C GLU C 2883 -10.33 7.31 -122.82
N LEU C 2884 -11.59 6.84 -122.88
CA LEU C 2884 -12.11 5.96 -121.83
C LEU C 2884 -11.41 4.60 -121.85
N GLU C 2885 -11.21 4.03 -123.03
CA GLU C 2885 -10.57 2.73 -123.13
C GLU C 2885 -9.11 2.76 -122.68
N ALA C 2886 -8.48 3.94 -122.70
CA ALA C 2886 -7.15 4.07 -122.11
C ALA C 2886 -7.21 3.89 -120.60
N LYS C 2887 -8.26 4.40 -119.96
CA LYS C 2887 -8.41 4.24 -118.52
C LYS C 2887 -8.68 2.78 -118.15
N GLY C 2888 -9.59 2.13 -118.88
CA GLY C 2888 -9.89 0.74 -118.68
C GLY C 2888 -11.00 0.43 -117.69
N GLY C 2889 -11.52 1.41 -116.99
CA GLY C 2889 -12.57 1.18 -116.01
C GLY C 2889 -13.53 2.33 -115.92
N GLY C 2890 -14.77 2.02 -115.58
CA GLY C 2890 -15.79 3.04 -115.43
C GLY C 2890 -16.27 3.57 -116.77
N THR C 2891 -17.20 4.53 -116.69
CA THR C 2891 -17.72 5.17 -117.88
C THR C 2891 -18.24 6.55 -117.52
N HIS C 2892 -18.23 7.43 -118.51
CA HIS C 2892 -18.77 8.77 -118.37
C HIS C 2892 -20.29 8.71 -118.41
N PRO C 2893 -20.98 9.58 -117.66
CA PRO C 2893 -22.45 9.56 -117.67
C PRO C 2893 -23.05 9.82 -119.04
N LEU C 2894 -22.36 10.55 -119.91
CA LEU C 2894 -22.84 10.80 -121.27
C LEU C 2894 -22.38 9.75 -122.27
N LEU C 2895 -21.59 8.77 -121.83
CA LEU C 2895 -21.12 7.70 -122.73
C LEU C 2895 -22.11 6.55 -122.75
N VAL C 2896 -23.36 6.88 -123.08
CA VAL C 2896 -24.45 5.91 -123.23
C VAL C 2896 -25.27 6.31 -124.44
N PRO C 2897 -26.06 5.37 -124.98
CA PRO C 2897 -26.90 5.71 -126.14
C PRO C 2897 -27.80 6.91 -125.86
N TYR C 2898 -27.93 7.77 -126.88
CA TYR C 2898 -28.54 9.08 -126.69
C TYR C 2898 -30.03 8.96 -126.37
N ASP C 2899 -30.71 7.98 -126.95
CA ASP C 2899 -32.13 7.79 -126.66
C ASP C 2899 -32.34 7.26 -125.25
N THR C 2900 -31.45 6.40 -124.76
CA THR C 2900 -31.64 5.79 -123.45
C THR C 2900 -31.30 6.73 -122.30
N LEU C 2901 -30.38 7.66 -122.51
CA LEU C 2901 -29.89 8.48 -121.41
C LEU C 2901 -30.93 9.50 -120.98
N THR C 2902 -30.68 10.11 -119.81
CA THR C 2902 -31.64 11.00 -119.17
C THR C 2902 -31.74 12.32 -119.92
N ALA C 2903 -32.80 13.07 -119.61
CA ALA C 2903 -33.03 14.35 -120.28
C ALA C 2903 -32.13 15.46 -119.76
N LYS C 2904 -31.66 15.35 -118.51
CA LYS C 2904 -30.87 16.43 -117.92
C LYS C 2904 -29.49 16.56 -118.56
N GLU C 2905 -28.91 15.44 -119.02
CA GLU C 2905 -27.56 15.47 -119.57
C GLU C 2905 -27.51 15.72 -121.07
N LYS C 2906 -28.59 15.40 -121.79
CA LYS C 2906 -28.63 15.64 -123.22
C LYS C 2906 -28.93 17.10 -123.57
N ALA C 2907 -28.85 18.01 -122.58
CA ALA C 2907 -29.27 19.38 -122.79
C ALA C 2907 -28.40 20.08 -123.83
N ARG C 2908 -27.08 19.87 -123.78
CA ARG C 2908 -26.18 20.56 -124.70
C ARG C 2908 -26.41 20.11 -126.13
N ASP C 2909 -26.46 18.80 -126.37
CA ASP C 2909 -26.68 18.28 -127.73
C ASP C 2909 -28.07 18.66 -128.24
N ARG C 2910 -29.09 18.55 -127.38
CA ARG C 2910 -30.44 18.89 -127.79
C ARG C 2910 -30.56 20.37 -128.14
N GLU C 2911 -29.98 21.24 -127.31
CA GLU C 2911 -30.03 22.67 -127.57
C GLU C 2911 -29.27 23.02 -128.85
N LYS C 2912 -28.12 22.40 -129.06
CA LYS C 2912 -27.34 22.67 -130.28
C LYS C 2912 -28.11 22.26 -131.53
N ALA C 2913 -28.61 21.02 -131.56
CA ALA C 2913 -29.32 20.55 -132.75
C ALA C 2913 -30.60 21.33 -132.99
N GLN C 2914 -31.38 21.58 -131.94
CA GLN C 2914 -32.64 22.29 -132.12
C GLN C 2914 -32.42 23.75 -132.45
N GLU C 2915 -31.41 24.39 -131.88
CA GLU C 2915 -31.12 25.78 -132.23
C GLU C 2915 -30.70 25.88 -133.69
N LEU C 2916 -29.92 24.89 -134.17
CA LEU C 2916 -29.60 24.84 -135.59
C LEU C 2916 -30.87 24.73 -136.43
N LEU C 2917 -31.79 23.85 -136.03
CA LEU C 2917 -33.01 23.65 -136.82
C LEU C 2917 -33.91 24.87 -136.80
N LYS C 2918 -34.03 25.55 -135.65
CA LYS C 2918 -34.80 26.78 -135.60
C LYS C 2918 -34.13 27.88 -136.40
N PHE C 2919 -32.80 27.89 -136.43
CA PHE C 2919 -32.07 28.83 -137.29
C PHE C 2919 -32.43 28.57 -138.76
N LEU C 2920 -32.50 27.31 -139.16
CA LEU C 2920 -32.91 26.97 -140.52
C LEU C 2920 -34.33 27.48 -140.80
N GLN C 2921 -35.27 27.16 -139.89
CA GLN C 2921 -36.67 27.52 -140.12
C GLN C 2921 -36.85 29.03 -140.17
N MET C 2922 -36.18 29.77 -139.30
CA MET C 2922 -36.36 31.22 -139.24
C MET C 2922 -35.63 31.92 -140.37
N ASN C 2923 -34.43 31.48 -140.74
CA ASN C 2923 -33.61 32.18 -141.70
C ASN C 2923 -33.80 31.69 -143.13
N GLY C 2924 -34.66 30.70 -143.36
CA GLY C 2924 -34.99 30.30 -144.72
C GLY C 2924 -34.14 29.18 -145.29
N TYR C 2925 -34.06 28.07 -144.56
CA TYR C 2925 -33.37 26.87 -145.02
C TYR C 2925 -34.34 25.70 -144.90
N ALA C 2926 -34.58 25.02 -146.02
CA ALA C 2926 -35.46 23.87 -146.07
C ALA C 2926 -34.64 22.59 -146.13
N VAL C 2927 -34.92 21.66 -145.23
CA VAL C 2927 -34.24 20.38 -145.18
C VAL C 2927 -35.28 19.28 -145.10
N THR C 2928 -35.11 18.23 -145.91
CA THR C 2928 -36.01 17.09 -145.92
C THR C 2928 -35.20 15.81 -145.88
N ARG C 2929 -35.68 14.83 -145.13
CA ARG C 2929 -35.02 13.54 -144.99
C ARG C 2929 -34.92 12.79 -146.32
N LEU C 2936 -44.23 6.07 -137.01
CA LEU C 2936 -44.43 7.24 -137.85
C LEU C 2936 -45.91 7.57 -137.97
N ASP C 2937 -46.29 8.75 -137.47
CA ASP C 2937 -47.68 9.22 -137.50
C ASP C 2937 -48.63 8.24 -136.82
N THR C 2938 -48.19 7.67 -135.70
CA THR C 2938 -48.97 6.70 -134.95
C THR C 2938 -49.86 7.41 -133.94
N SER C 2939 -51.13 6.99 -133.86
CA SER C 2939 -52.06 7.57 -132.92
C SER C 2939 -51.69 7.22 -131.48
N SER C 2940 -52.27 7.95 -130.54
CA SER C 2940 -51.95 7.73 -129.13
C SER C 2940 -52.44 6.39 -128.63
N ILE C 2941 -53.55 5.89 -129.18
CA ILE C 2941 -54.07 4.59 -128.76
C ILE C 2941 -53.07 3.49 -129.07
N GLU C 2942 -52.60 3.45 -130.32
CA GLU C 2942 -51.56 2.50 -130.69
C GLU C 2942 -50.22 2.83 -130.03
N LYS C 2943 -50.01 4.08 -129.66
CA LYS C 2943 -48.79 4.50 -128.97
C LYS C 2943 -48.76 3.99 -127.54
N ARG C 2944 -49.91 3.65 -126.97
CA ARG C 2944 -49.95 3.08 -125.63
C ARG C 2944 -49.28 1.72 -125.60
N PHE C 2945 -48.69 1.38 -124.44
CA PHE C 2945 -48.11 0.06 -124.29
C PHE C 2945 -49.20 -1.01 -124.23
N ALA C 2946 -50.41 -0.64 -123.79
CA ALA C 2946 -51.51 -1.58 -123.88
C ALA C 2946 -51.65 -2.09 -125.31
N PHE C 2947 -51.75 -1.16 -126.28
CA PHE C 2947 -51.84 -1.56 -127.68
C PHE C 2947 -50.57 -2.25 -128.17
N GLY C 2948 -49.40 -1.78 -127.73
CA GLY C 2948 -48.17 -2.40 -128.20
C GLY C 2948 -48.02 -3.84 -127.76
N PHE C 2949 -48.17 -4.09 -126.46
CA PHE C 2949 -48.12 -5.45 -125.94
C PHE C 2949 -49.22 -6.32 -126.54
N LEU C 2950 -50.42 -5.77 -126.69
CA LEU C 2950 -51.51 -6.52 -127.28
C LEU C 2950 -51.24 -6.85 -128.75
N GLN C 2951 -50.51 -5.98 -129.45
CA GLN C 2951 -50.08 -6.30 -130.81
C GLN C 2951 -49.14 -7.49 -130.80
N GLN C 2952 -48.16 -7.52 -129.89
CA GLN C 2952 -47.32 -8.70 -129.76
C GLN C 2952 -48.15 -9.93 -129.43
N LEU C 2953 -49.11 -9.79 -128.53
CA LEU C 2953 -49.95 -10.93 -128.15
C LEU C 2953 -50.74 -11.47 -129.33
N LEU C 2954 -51.42 -10.57 -130.06
CA LEU C 2954 -52.18 -11.00 -131.23
C LEU C 2954 -51.27 -11.70 -132.24
N ARG C 2955 -50.02 -11.25 -132.34
CA ARG C 2955 -49.06 -11.96 -133.18
C ARG C 2955 -48.73 -13.33 -132.60
N TRP C 2956 -48.66 -13.45 -131.27
CA TRP C 2956 -48.30 -14.72 -130.66
C TRP C 2956 -49.32 -15.82 -130.93
N MET C 2957 -50.61 -15.49 -130.96
CA MET C 2957 -51.60 -16.55 -131.11
C MET C 2957 -51.43 -17.37 -132.38
N ASP C 2958 -51.27 -16.73 -133.54
CA ASP C 2958 -51.12 -17.53 -134.76
C ASP C 2958 -49.80 -18.28 -134.79
N ILE C 2959 -48.72 -17.67 -134.26
CA ILE C 2959 -47.44 -18.37 -134.16
C ILE C 2959 -47.60 -19.65 -133.32
N SER C 2960 -48.22 -19.52 -132.15
CA SER C 2960 -48.43 -20.65 -131.26
C SER C 2960 -49.20 -21.76 -131.97
N GLN C 2961 -50.35 -21.40 -132.55
CA GLN C 2961 -51.18 -22.41 -133.21
C GLN C 2961 -50.42 -23.09 -134.34
N GLU C 2962 -49.57 -22.34 -135.05
CA GLU C 2962 -48.76 -22.92 -136.11
C GLU C 2962 -47.93 -24.09 -135.59
N PHE C 2963 -47.08 -23.86 -134.58
CA PHE C 2963 -46.25 -25.00 -134.22
C PHE C 2963 -47.01 -26.08 -133.45
N ILE C 2964 -47.98 -25.70 -132.61
CA ILE C 2964 -48.65 -26.74 -131.81
C ILE C 2964 -49.55 -27.62 -132.67
N ALA C 2965 -50.11 -27.07 -133.75
CA ALA C 2965 -50.94 -27.87 -134.64
C ALA C 2965 -50.10 -28.93 -135.35
N HIS C 2966 -48.98 -28.54 -135.96
CA HIS C 2966 -48.21 -29.60 -136.59
C HIS C 2966 -47.43 -30.42 -135.58
N LEU C 2967 -47.27 -29.93 -134.34
CA LEU C 2967 -46.64 -30.73 -133.29
C LEU C 2967 -47.55 -31.88 -132.88
N GLU C 2968 -48.84 -31.60 -132.65
CA GLU C 2968 -49.74 -32.70 -132.35
C GLU C 2968 -49.91 -33.61 -133.56
N ALA C 2969 -49.83 -33.04 -134.77
CA ALA C 2969 -49.88 -33.88 -135.96
C ALA C 2969 -48.68 -34.83 -136.03
N VAL C 2970 -47.49 -34.33 -135.72
CA VAL C 2970 -46.29 -35.15 -135.86
C VAL C 2970 -46.15 -36.14 -134.71
N VAL C 2971 -46.72 -35.83 -133.53
CA VAL C 2971 -46.72 -36.83 -132.45
C VAL C 2971 -47.85 -37.82 -132.60
N SER C 2972 -48.91 -37.49 -133.35
CA SER C 2972 -49.90 -38.49 -133.70
C SER C 2972 -49.46 -39.34 -134.88
N SER C 2973 -48.47 -38.89 -135.65
CA SER C 2973 -47.91 -39.68 -136.75
C SER C 2973 -46.42 -39.90 -136.50
N GLY C 2974 -46.10 -40.96 -135.75
CA GLY C 2974 -44.73 -41.40 -135.57
C GLY C 2974 -44.02 -40.84 -134.35
N ARG C 2975 -44.58 -39.83 -133.69
CA ARG C 2975 -43.96 -39.20 -132.52
C ARG C 2975 -42.55 -38.71 -132.81
N VAL C 2976 -42.37 -38.07 -133.96
CA VAL C 2976 -41.08 -37.49 -134.32
C VAL C 2976 -40.86 -36.22 -133.51
N GLU C 2977 -39.65 -36.06 -132.97
CA GLU C 2977 -39.29 -34.95 -132.10
C GLU C 2977 -38.97 -33.67 -132.87
N LYS C 2978 -39.33 -33.60 -134.15
CA LYS C 2978 -39.02 -32.43 -134.96
C LYS C 2978 -39.84 -31.23 -134.51
N SER C 2979 -39.16 -30.10 -134.32
CA SER C 2979 -39.79 -28.84 -133.98
C SER C 2979 -39.26 -27.74 -134.89
N PRO C 2980 -40.10 -26.75 -135.23
CA PRO C 2980 -39.62 -25.65 -136.09
C PRO C 2980 -38.61 -24.77 -135.37
N HIS C 2981 -38.97 -24.35 -134.15
CA HIS C 2981 -38.07 -23.60 -133.29
C HIS C 2981 -38.42 -23.99 -131.85
N GLU C 2982 -37.68 -24.97 -131.32
CA GLU C 2982 -37.94 -25.47 -129.97
C GLU C 2982 -37.77 -24.36 -128.94
N GLN C 2983 -36.78 -23.48 -129.14
CA GLN C 2983 -36.56 -22.38 -128.23
C GLN C 2983 -37.81 -21.50 -128.12
N GLU C 2984 -38.45 -21.21 -129.25
CA GLU C 2984 -39.63 -20.35 -129.23
C GLU C 2984 -40.85 -21.10 -128.71
N ILE C 2985 -40.95 -22.40 -129.03
CA ILE C 2985 -42.07 -23.20 -128.56
C ILE C 2985 -42.11 -23.23 -127.04
N LYS C 2986 -40.99 -23.58 -126.41
CA LYS C 2986 -40.94 -23.62 -124.96
C LYS C 2986 -40.83 -22.23 -124.36
N PHE C 2987 -40.39 -21.23 -125.13
CA PHE C 2987 -40.48 -19.86 -124.67
C PHE C 2987 -41.93 -19.49 -124.37
N PHE C 2988 -42.83 -19.75 -125.32
CA PHE C 2988 -44.25 -19.55 -125.05
C PHE C 2988 -44.71 -20.41 -123.88
N ALA C 2989 -44.49 -21.72 -123.96
CA ALA C 2989 -45.08 -22.65 -123.01
C ALA C 2989 -44.57 -22.45 -121.58
N LYS C 2990 -43.42 -21.79 -121.40
CA LYS C 2990 -42.86 -21.61 -120.07
C LYS C 2990 -42.88 -20.17 -119.58
N ILE C 2991 -43.13 -19.19 -120.45
CA ILE C 2991 -43.08 -17.78 -120.08
C ILE C 2991 -44.43 -17.11 -120.22
N LEU C 2992 -45.09 -17.29 -121.36
CA LEU C 2992 -46.22 -16.42 -121.69
C LEU C 2992 -47.47 -16.76 -120.87
N LEU C 2993 -47.66 -18.02 -120.51
CA LEU C 2993 -48.85 -18.39 -119.75
C LEU C 2993 -48.91 -17.74 -118.38
N PRO C 2994 -47.87 -17.80 -117.53
CA PRO C 2994 -47.91 -17.02 -116.28
C PRO C 2994 -47.98 -15.52 -116.51
N LEU C 2995 -47.39 -15.04 -117.61
CA LEU C 2995 -47.36 -13.60 -117.85
C LEU C 2995 -48.75 -13.05 -118.10
N ILE C 2996 -49.52 -13.69 -118.99
CA ILE C 2996 -50.91 -13.28 -119.19
C ILE C 2996 -51.74 -13.57 -117.94
N ASN C 2997 -51.41 -14.66 -117.23
CA ASN C 2997 -52.12 -15.01 -116.01
C ASN C 2997 -52.08 -13.87 -115.01
N GLN C 2998 -50.91 -13.27 -114.81
CA GLN C 2998 -50.82 -12.18 -113.85
C GLN C 2998 -51.21 -10.84 -114.44
N TYR C 2999 -50.99 -10.62 -115.74
CA TYR C 2999 -51.29 -9.31 -116.32
C TYR C 2999 -52.78 -9.06 -116.39
N PHE C 3000 -53.56 -10.06 -116.79
CA PHE C 3000 -54.99 -9.86 -116.89
C PHE C 3000 -55.70 -9.96 -115.55
N THR C 3001 -54.93 -10.06 -114.46
CA THR C 3001 -55.45 -9.88 -113.12
C THR C 3001 -54.98 -8.59 -112.46
N ASN C 3002 -53.76 -8.13 -112.78
CA ASN C 3002 -53.26 -6.88 -112.22
C ASN C 3002 -53.81 -5.68 -112.96
N HIS C 3003 -53.91 -5.75 -114.29
CA HIS C 3003 -54.45 -4.67 -115.11
C HIS C 3003 -55.83 -4.98 -115.65
N CYS C 3004 -56.58 -5.87 -114.99
CA CYS C 3004 -57.94 -6.15 -115.43
C CYS C 3004 -58.84 -4.93 -115.27
N LEU C 3005 -58.60 -4.13 -114.23
CA LEU C 3005 -59.45 -2.99 -113.96
C LEU C 3005 -59.30 -1.92 -115.05
N TYR C 3006 -58.08 -1.71 -115.53
CA TYR C 3006 -57.86 -0.76 -116.61
C TYR C 3006 -58.56 -1.20 -117.89
N PHE C 3007 -58.49 -2.49 -118.21
CA PHE C 3007 -59.18 -3.01 -119.38
C PHE C 3007 -60.69 -2.84 -119.26
N LEU C 3008 -61.23 -3.13 -118.07
CA LEU C 3008 -62.68 -3.00 -117.87
C LEU C 3008 -63.11 -1.55 -117.78
N SER C 3009 -62.19 -0.63 -117.50
CA SER C 3009 -62.56 0.77 -117.34
C SER C 3009 -62.84 1.43 -118.69
N THR C 3010 -63.95 2.17 -118.76
CA THR C 3010 -64.51 2.89 -119.89
C THR C 3010 -64.34 4.40 -119.69
N PRO C 3011 -64.11 5.16 -120.76
CA PRO C 3011 -64.13 6.63 -120.61
C PRO C 3011 -65.46 7.16 -120.10
N ALA C 3012 -66.57 6.47 -120.41
CA ALA C 3012 -67.86 6.86 -119.85
C ALA C 3012 -67.95 6.49 -118.37
N LYS C 3013 -67.85 5.20 -118.07
CA LYS C 3013 -67.86 4.71 -116.70
C LYS C 3013 -66.44 4.31 -116.33
N VAL C 3014 -65.74 5.21 -115.63
CA VAL C 3014 -64.34 4.98 -115.27
C VAL C 3014 -64.29 4.10 -114.03
N LEU C 3015 -64.23 2.78 -114.24
CA LEU C 3015 -64.09 1.87 -113.11
C LEU C 3015 -62.73 1.98 -112.47
N GLY C 3016 -61.68 2.20 -113.27
CA GLY C 3016 -60.34 2.33 -112.74
C GLY C 3016 -60.14 3.64 -112.01
N SER C 3017 -59.03 3.70 -111.27
CA SER C 3017 -58.67 4.91 -110.53
C SER C 3017 -57.91 5.84 -111.47
N GLY C 3018 -58.68 6.52 -112.32
CA GLY C 3018 -58.13 7.47 -113.27
C GLY C 3018 -57.57 6.86 -114.54
N GLY C 3019 -57.66 5.55 -114.70
CA GLY C 3019 -57.11 4.91 -115.89
C GLY C 3019 -58.10 4.02 -116.61
N HIS C 3020 -58.36 4.32 -117.88
CA HIS C 3020 -59.26 3.53 -118.71
C HIS C 3020 -58.62 3.24 -120.05
N ALA C 3021 -58.96 2.08 -120.61
CA ALA C 3021 -58.46 1.71 -121.92
C ALA C 3021 -59.30 2.38 -123.01
N SER C 3022 -58.87 2.22 -124.25
CA SER C 3022 -59.62 2.72 -125.38
C SER C 3022 -60.54 1.63 -125.93
N ASN C 3023 -61.58 2.07 -126.63
CA ASN C 3023 -62.53 1.13 -127.22
C ASN C 3023 -61.84 0.18 -128.19
N LYS C 3024 -60.89 0.70 -128.97
CA LYS C 3024 -60.09 -0.13 -129.86
C LYS C 3024 -59.43 -1.26 -129.08
N GLU C 3025 -58.74 -0.90 -127.99
CA GLU C 3025 -58.11 -1.90 -127.13
C GLU C 3025 -59.12 -2.92 -126.63
N LYS C 3026 -60.35 -2.48 -126.32
CA LYS C 3026 -61.33 -3.39 -125.77
C LYS C 3026 -61.77 -4.44 -126.78
N GLU C 3027 -62.07 -4.03 -128.02
CA GLU C 3027 -62.52 -5.06 -128.95
C GLU C 3027 -61.38 -5.99 -129.34
N MET C 3028 -60.13 -5.51 -129.37
CA MET C 3028 -59.12 -6.47 -129.76
C MET C 3028 -58.53 -7.26 -128.59
N ILE C 3029 -58.80 -6.88 -127.34
CA ILE C 3029 -58.60 -7.87 -126.28
C ILE C 3029 -59.69 -8.93 -126.35
N THR C 3030 -60.91 -8.54 -126.76
CA THR C 3030 -61.95 -9.55 -126.97
C THR C 3030 -61.55 -10.52 -128.07
N SER C 3031 -61.00 -9.99 -129.17
CA SER C 3031 -60.51 -10.88 -130.22
C SER C 3031 -59.29 -11.66 -129.75
N LEU C 3032 -58.48 -11.09 -128.86
CA LEU C 3032 -57.36 -11.82 -128.28
C LEU C 3032 -57.87 -13.05 -127.53
N PHE C 3033 -58.92 -12.87 -126.74
CA PHE C 3033 -59.52 -13.96 -125.99
C PHE C 3033 -60.08 -15.01 -126.96
N CYS C 3034 -60.74 -14.55 -128.02
CA CYS C 3034 -61.29 -15.49 -129.01
C CYS C 3034 -60.19 -16.28 -129.71
N LYS C 3035 -59.08 -15.62 -130.05
CA LYS C 3035 -57.96 -16.32 -130.67
C LYS C 3035 -57.36 -17.35 -129.73
N LEU C 3036 -57.18 -17.01 -128.45
CA LEU C 3036 -56.65 -17.99 -127.51
C LEU C 3036 -57.60 -19.17 -127.32
N ALA C 3037 -58.92 -18.91 -127.35
CA ALA C 3037 -59.86 -20.02 -127.32
C ALA C 3037 -59.73 -20.89 -128.55
N ALA C 3038 -59.60 -20.27 -129.73
CA ALA C 3038 -59.45 -21.02 -130.97
C ALA C 3038 -58.14 -21.81 -131.03
N LEU C 3039 -57.13 -21.38 -130.26
CA LEU C 3039 -55.88 -22.15 -130.19
C LEU C 3039 -56.12 -23.53 -129.60
N VAL C 3040 -56.96 -23.62 -128.58
CA VAL C 3040 -57.19 -24.85 -127.84
C VAL C 3040 -58.59 -25.40 -128.07
N ARG C 3041 -59.29 -24.93 -129.10
CA ARG C 3041 -60.62 -25.45 -129.41
C ARG C 3041 -60.53 -26.94 -129.76
N HIS C 3042 -61.19 -27.76 -128.96
CA HIS C 3042 -61.18 -29.22 -129.11
C HIS C 3042 -59.76 -29.77 -129.07
N ARG C 3043 -58.89 -29.15 -128.27
CA ARG C 3043 -57.48 -29.47 -128.31
C ARG C 3043 -56.81 -29.55 -126.94
N VAL C 3044 -57.54 -29.27 -125.85
CA VAL C 3044 -56.90 -29.19 -124.54
C VAL C 3044 -56.48 -30.57 -124.03
N SER C 3045 -57.01 -31.64 -124.62
CA SER C 3045 -56.56 -32.98 -124.25
C SER C 3045 -55.11 -33.20 -124.62
N LEU C 3046 -54.65 -32.56 -125.70
CA LEU C 3046 -53.24 -32.69 -126.10
C LEU C 3046 -52.31 -32.03 -125.11
N PHE C 3047 -52.68 -30.85 -124.60
CA PHE C 3047 -51.85 -30.11 -123.67
C PHE C 3047 -52.05 -30.67 -122.26
N GLY C 3048 -51.04 -31.36 -121.73
CA GLY C 3048 -51.12 -31.89 -120.39
C GLY C 3048 -50.30 -31.12 -119.37
N THR C 3049 -49.08 -30.73 -119.77
CA THR C 3049 -48.18 -30.07 -118.84
C THR C 3049 -48.60 -28.63 -118.56
N ASP C 3050 -49.22 -27.95 -119.52
CA ASP C 3050 -49.65 -26.58 -119.37
C ASP C 3050 -51.15 -26.45 -119.19
N ALA C 3051 -51.85 -27.57 -118.98
CA ALA C 3051 -53.32 -27.56 -118.93
C ALA C 3051 -53.90 -26.68 -117.82
N PRO C 3052 -53.44 -26.76 -116.56
CA PRO C 3052 -53.96 -25.81 -115.56
C PRO C 3052 -53.68 -24.36 -115.93
N ALA C 3053 -52.51 -24.10 -116.51
CA ALA C 3053 -52.16 -22.74 -116.88
C ALA C 3053 -53.09 -22.19 -117.95
N VAL C 3054 -53.34 -22.95 -119.01
CA VAL C 3054 -54.18 -22.43 -120.08
C VAL C 3054 -55.62 -22.26 -119.61
N VAL C 3055 -56.15 -23.22 -118.85
CA VAL C 3055 -57.54 -23.09 -118.43
C VAL C 3055 -57.70 -21.91 -117.50
N ASN C 3056 -56.73 -21.69 -116.60
CA ASN C 3056 -56.79 -20.55 -115.69
C ASN C 3056 -56.75 -19.24 -116.47
N CYS C 3057 -55.82 -19.12 -117.42
CA CYS C 3057 -55.72 -17.90 -118.22
C CYS C 3057 -57.01 -17.66 -118.98
N LEU C 3058 -57.66 -18.73 -119.45
CA LEU C 3058 -58.94 -18.57 -120.14
C LEU C 3058 -60.03 -18.08 -119.19
N HIS C 3059 -59.99 -18.46 -117.91
CA HIS C 3059 -60.91 -17.83 -116.95
C HIS C 3059 -60.64 -16.33 -116.83
N ILE C 3060 -59.36 -15.95 -116.76
CA ILE C 3060 -59.05 -14.53 -116.58
C ILE C 3060 -59.46 -13.72 -117.79
N LEU C 3061 -59.24 -14.24 -118.99
CA LEU C 3061 -59.72 -13.53 -120.18
C LEU C 3061 -61.23 -13.57 -120.30
N ALA C 3062 -61.89 -14.57 -119.70
CA ALA C 3062 -63.34 -14.53 -119.60
C ALA C 3062 -63.77 -13.35 -118.75
N ARG C 3063 -63.04 -13.06 -117.67
CA ARG C 3063 -63.26 -11.83 -116.95
C ARG C 3063 -62.61 -10.66 -117.68
N SER C 3064 -62.85 -9.44 -117.17
CA SER C 3064 -62.29 -8.20 -117.70
C SER C 3064 -62.59 -8.02 -119.19
N LEU C 3065 -63.82 -8.35 -119.58
CA LEU C 3065 -64.25 -8.25 -120.98
C LEU C 3065 -65.16 -7.03 -121.11
N ASP C 3066 -64.55 -5.88 -121.39
CA ASP C 3066 -65.32 -4.65 -121.62
C ASP C 3066 -65.91 -4.74 -123.01
N ALA C 3067 -67.09 -5.36 -123.10
CA ALA C 3067 -67.75 -5.64 -124.37
C ALA C 3067 -68.91 -4.69 -124.67
N ARG C 3068 -69.18 -3.72 -123.80
CA ARG C 3068 -70.17 -2.70 -124.11
C ARG C 3068 -69.73 -1.88 -125.31
N THR C 3069 -68.42 -1.65 -125.44
CA THR C 3069 -67.85 -0.94 -126.58
C THR C 3069 -67.23 -1.88 -127.59
N VAL C 3070 -67.82 -3.06 -127.78
CA VAL C 3070 -67.34 -4.04 -128.75
C VAL C 3070 -68.28 -4.15 -129.94
N MET C 3071 -69.58 -4.30 -129.68
CA MET C 3071 -70.56 -4.14 -130.75
C MET C 3071 -70.78 -2.68 -131.10
N LYS C 3072 -70.38 -1.76 -130.22
CA LYS C 3072 -70.47 -0.33 -130.46
C LYS C 3072 -69.09 0.20 -130.81
N SER C 3073 -69.02 0.92 -131.94
CA SER C 3073 -67.77 1.47 -132.47
C SER C 3073 -66.69 0.39 -132.58
N GLY C 3074 -67.10 -0.85 -132.86
CA GLY C 3074 -66.20 -1.96 -132.90
C GLY C 3074 -66.30 -2.75 -134.18
N PRO C 3075 -65.25 -3.51 -134.49
CA PRO C 3075 -65.24 -4.28 -135.74
C PRO C 3075 -66.18 -5.48 -135.66
N GLU C 3076 -67.07 -5.58 -136.63
CA GLU C 3076 -67.99 -6.70 -136.70
C GLU C 3076 -67.29 -8.01 -137.04
N ILE C 3077 -66.05 -7.96 -137.52
CA ILE C 3077 -65.26 -9.19 -137.63
C ILE C 3077 -64.95 -9.74 -136.24
N VAL C 3078 -64.60 -8.87 -135.31
CA VAL C 3078 -64.36 -9.30 -133.93
C VAL C 3078 -65.67 -9.75 -133.28
N LYS C 3079 -66.76 -9.03 -133.56
CA LYS C 3079 -68.06 -9.49 -133.08
C LYS C 3079 -68.42 -10.86 -133.66
N ALA C 3080 -68.07 -11.09 -134.93
CA ALA C 3080 -68.26 -12.41 -135.53
C ALA C 3080 -67.36 -13.45 -134.89
N GLY C 3081 -66.19 -13.04 -134.40
CA GLY C 3081 -65.36 -13.96 -133.63
C GLY C 3081 -66.02 -14.36 -132.33
N LEU C 3082 -66.69 -13.41 -131.66
CA LEU C 3082 -67.46 -13.75 -130.47
C LEU C 3082 -68.63 -14.66 -130.82
N ARG C 3083 -69.32 -14.39 -131.93
CA ARG C 3083 -70.41 -15.26 -132.36
C ARG C 3083 -69.90 -16.65 -132.69
N SER C 3084 -68.73 -16.75 -133.31
CA SER C 3084 -68.15 -18.06 -133.62
C SER C 3084 -67.76 -18.79 -132.35
N PHE C 3085 -67.27 -18.06 -131.34
CA PHE C 3085 -67.03 -18.64 -130.03
C PHE C 3085 -68.30 -19.27 -129.49
N PHE C 3086 -69.40 -18.51 -129.47
CA PHE C 3086 -70.64 -19.02 -128.91
C PHE C 3086 -71.21 -20.17 -129.73
N GLU C 3087 -71.15 -20.08 -131.05
CA GLU C 3087 -71.71 -21.13 -131.89
C GLU C 3087 -70.87 -22.41 -131.80
N SER C 3088 -69.54 -22.28 -131.73
CA SER C 3088 -68.70 -23.46 -131.55
C SER C 3088 -68.94 -24.09 -130.19
N ALA C 3089 -69.12 -23.28 -129.15
CA ALA C 3089 -69.45 -23.82 -127.83
C ALA C 3089 -70.79 -24.54 -127.86
N SER C 3090 -71.79 -23.97 -128.55
CA SER C 3090 -73.09 -24.61 -128.63
C SER C 3090 -73.01 -25.92 -129.41
N GLU C 3091 -72.26 -25.94 -130.51
CA GLU C 3091 -72.09 -27.17 -131.27
C GLU C 3091 -71.38 -28.24 -130.46
N ASP C 3092 -70.33 -27.85 -129.72
CA ASP C 3092 -69.59 -28.83 -128.96
C ASP C 3092 -70.39 -29.34 -127.77
N ILE C 3093 -71.19 -28.47 -127.14
CA ILE C 3093 -72.02 -28.95 -126.03
C ILE C 3093 -73.14 -29.84 -126.56
N GLU C 3094 -73.62 -29.57 -127.77
CA GLU C 3094 -74.60 -30.48 -128.37
C GLU C 3094 -73.99 -31.84 -128.64
N LYS C 3095 -72.75 -31.87 -129.15
CA LYS C 3095 -72.04 -33.14 -129.28
C LYS C 3095 -71.84 -33.79 -127.92
N MET C 3096 -71.59 -32.98 -126.90
CA MET C 3096 -71.40 -33.50 -125.56
C MET C 3096 -72.67 -34.18 -125.04
N VAL C 3097 -73.82 -33.55 -125.23
CA VAL C 3097 -75.06 -34.16 -124.75
C VAL C 3097 -75.40 -35.41 -125.55
N GLU C 3098 -75.03 -35.45 -126.84
CA GLU C 3098 -75.25 -36.64 -127.64
C GLU C 3098 -74.40 -37.81 -127.12
N ASN C 3099 -73.14 -37.57 -126.79
CA ASN C 3099 -72.31 -38.63 -126.25
C ASN C 3099 -72.70 -38.97 -124.81
N LEU C 3100 -73.20 -37.99 -124.07
CA LEU C 3100 -73.53 -38.19 -122.66
C LEU C 3100 -74.82 -38.97 -122.46
N ARG C 3101 -75.79 -38.78 -123.36
CA ARG C 3101 -77.10 -39.45 -123.36
C ARG C 3101 -77.69 -39.75 -121.98
N GLN C 3117 -60.57 -36.60 -125.32
CA GLN C 3117 -61.65 -36.54 -126.29
C GLN C 3117 -62.37 -35.20 -126.15
N ASN C 3118 -63.29 -34.91 -127.09
CA ASN C 3118 -64.02 -33.65 -127.03
C ASN C 3118 -64.90 -33.57 -125.78
N LEU C 3119 -65.37 -34.71 -125.28
CA LEU C 3119 -66.16 -34.72 -124.07
C LEU C 3119 -65.32 -34.32 -122.85
N THR C 3120 -64.10 -34.84 -122.76
CA THR C 3120 -63.21 -34.42 -121.69
C THR C 3120 -62.79 -32.97 -121.87
N TYR C 3121 -62.66 -32.50 -123.12
CA TYR C 3121 -62.44 -31.08 -123.37
C TYR C 3121 -63.58 -30.24 -122.79
N THR C 3122 -64.82 -30.66 -123.03
CA THR C 3122 -65.96 -30.00 -122.41
C THR C 3122 -65.90 -30.07 -120.89
N THR C 3123 -65.36 -31.17 -120.37
CA THR C 3123 -65.29 -31.34 -118.92
C THR C 3123 -64.32 -30.34 -118.29
N VAL C 3124 -63.12 -30.21 -118.84
CA VAL C 3124 -62.08 -29.42 -118.16
C VAL C 3124 -62.07 -27.97 -118.62
N ALA C 3125 -62.14 -27.72 -119.94
CA ALA C 3125 -61.85 -26.40 -120.47
C ALA C 3125 -63.11 -25.57 -120.71
N LEU C 3126 -64.03 -26.06 -121.55
CA LEU C 3126 -65.11 -25.22 -122.02
C LEU C 3126 -66.09 -24.86 -120.90
N LEU C 3127 -66.48 -25.86 -120.09
CA LEU C 3127 -67.50 -25.62 -119.07
C LEU C 3127 -67.10 -24.58 -118.03
N PRO C 3128 -65.93 -24.64 -117.39
CA PRO C 3128 -65.63 -23.62 -116.37
C PRO C 3128 -65.41 -22.24 -116.95
N VAL C 3129 -64.77 -22.15 -118.11
CA VAL C 3129 -64.52 -20.86 -118.73
C VAL C 3129 -65.82 -20.22 -119.17
N LEU C 3130 -66.74 -21.02 -119.71
CA LEU C 3130 -68.02 -20.48 -120.14
C LEU C 3130 -68.86 -20.06 -118.93
N THR C 3131 -68.75 -20.82 -117.83
CA THR C 3131 -69.39 -20.39 -116.59
C THR C 3131 -68.82 -19.06 -116.11
N THR C 3132 -67.51 -18.88 -116.25
CA THR C 3132 -66.88 -17.61 -115.89
C THR C 3132 -67.39 -16.48 -116.78
N LEU C 3133 -67.58 -16.77 -118.07
CA LEU C 3133 -68.16 -15.78 -118.98
C LEU C 3133 -69.57 -15.38 -118.55
N PHE C 3134 -70.39 -16.37 -118.21
CA PHE C 3134 -71.75 -16.06 -117.76
C PHE C 3134 -71.73 -15.27 -116.45
N GLN C 3135 -70.81 -15.61 -115.55
CA GLN C 3135 -70.61 -14.83 -114.33
C GLN C 3135 -70.23 -13.39 -114.65
N HIS C 3136 -69.32 -13.21 -115.60
CA HIS C 3136 -68.85 -11.87 -115.96
C HIS C 3136 -69.98 -11.04 -116.55
N ILE C 3137 -70.76 -11.64 -117.46
CA ILE C 3137 -71.87 -10.92 -118.08
C ILE C 3137 -72.91 -10.54 -117.04
N ALA C 3138 -73.23 -11.47 -116.14
CA ALA C 3138 -74.20 -11.18 -115.10
C ALA C 3138 -73.72 -10.07 -114.17
N GLN C 3139 -72.43 -10.09 -113.82
CA GLN C 3139 -71.91 -9.13 -112.86
C GLN C 3139 -71.81 -7.73 -113.46
N HIS C 3140 -71.34 -7.61 -114.70
CA HIS C 3140 -71.15 -6.31 -115.33
C HIS C 3140 -72.28 -5.95 -116.30
N GLN C 3141 -73.40 -6.66 -116.24
CA GLN C 3141 -74.60 -6.42 -117.04
C GLN C 3141 -74.25 -6.11 -118.51
N PHE C 3142 -73.56 -7.07 -119.13
CA PHE C 3142 -73.17 -6.96 -120.53
C PHE C 3142 -74.01 -7.86 -121.43
N GLY C 3143 -75.24 -8.20 -121.01
CA GLY C 3143 -76.09 -9.03 -121.83
C GLY C 3143 -76.54 -8.37 -123.11
N ASP C 3144 -76.71 -7.04 -123.08
CA ASP C 3144 -77.19 -6.33 -124.27
C ASP C 3144 -76.12 -6.23 -125.35
N ASP C 3145 -74.86 -6.47 -125.03
CA ASP C 3145 -73.79 -6.34 -126.00
C ASP C 3145 -73.09 -7.65 -126.34
N VAL C 3146 -73.06 -8.61 -125.43
CA VAL C 3146 -72.37 -9.87 -125.67
C VAL C 3146 -73.32 -10.83 -126.39
N ILE C 3147 -74.45 -11.14 -125.77
CA ILE C 3147 -75.39 -12.11 -126.28
C ILE C 3147 -76.49 -11.37 -127.03
N LEU C 3148 -76.46 -11.46 -128.35
CA LEU C 3148 -77.44 -10.82 -129.22
C LEU C 3148 -77.28 -11.42 -130.61
N ASP C 3149 -78.33 -11.27 -131.43
CA ASP C 3149 -78.40 -11.80 -132.80
C ASP C 3149 -78.24 -13.32 -132.71
N ASP C 3150 -77.34 -13.93 -133.48
CA ASP C 3150 -77.21 -15.38 -133.50
C ASP C 3150 -76.66 -15.93 -132.19
N VAL C 3151 -76.01 -15.10 -131.38
CA VAL C 3151 -75.53 -15.55 -130.08
C VAL C 3151 -76.70 -15.94 -129.19
N GLN C 3152 -77.82 -15.23 -129.32
CA GLN C 3152 -79.02 -15.59 -128.57
C GLN C 3152 -79.51 -16.98 -128.94
N VAL C 3153 -79.51 -17.30 -130.24
CA VAL C 3153 -79.97 -18.61 -130.69
C VAL C 3153 -79.01 -19.70 -130.23
N SER C 3154 -77.70 -19.43 -130.31
CA SER C 3154 -76.72 -20.41 -129.86
C SER C 3154 -76.85 -20.67 -128.37
N CYS C 3155 -77.06 -19.62 -127.57
CA CYS C 3155 -77.32 -19.82 -126.14
C CYS C 3155 -78.64 -20.52 -125.90
N TYR C 3156 -79.62 -20.31 -126.77
CA TYR C 3156 -80.90 -21.00 -126.64
C TYR C 3156 -80.73 -22.50 -126.78
N ARG C 3157 -80.03 -22.93 -127.83
CA ARG C 3157 -79.82 -24.37 -127.98
C ARG C 3157 -78.87 -24.91 -126.92
N THR C 3158 -77.94 -24.08 -126.43
CA THR C 3158 -77.08 -24.50 -125.34
C THR C 3158 -77.89 -24.77 -124.07
N LEU C 3159 -78.78 -23.86 -123.70
CA LEU C 3159 -79.57 -24.06 -122.49
C LEU C 3159 -80.53 -25.23 -122.67
N CYS C 3160 -81.08 -25.42 -123.87
CA CYS C 3160 -81.92 -26.58 -124.11
C CYS C 3160 -81.14 -27.88 -123.94
N SER C 3161 -79.92 -27.94 -124.47
CA SER C 3161 -79.12 -29.16 -124.35
C SER C 3161 -78.65 -29.38 -122.92
N ILE C 3162 -78.35 -28.32 -122.18
CA ILE C 3162 -77.94 -28.48 -120.79
C ILE C 3162 -79.12 -28.95 -119.94
N TYR C 3163 -80.33 -28.45 -120.22
CA TYR C 3163 -81.48 -28.98 -119.50
C TYR C 3163 -81.79 -30.41 -119.93
N SER C 3164 -81.42 -30.78 -121.16
CA SER C 3164 -81.49 -32.19 -121.54
C SER C 3164 -80.50 -33.03 -120.74
N LEU C 3165 -79.32 -32.49 -120.45
CA LEU C 3165 -78.40 -33.15 -119.54
C LEU C 3165 -79.02 -33.30 -118.15
N GLY C 3166 -79.73 -32.27 -117.69
CA GLY C 3166 -80.47 -32.39 -116.44
C GLY C 3166 -81.51 -33.48 -116.51
N THR C 3167 -82.13 -33.67 -117.67
CA THR C 3167 -83.09 -34.76 -117.85
C THR C 3167 -82.42 -36.12 -117.75
N THR C 3168 -81.29 -36.28 -118.44
CA THR C 3168 -80.61 -37.59 -118.49
C THR C 3168 -80.09 -37.98 -117.12
N LYS C 3169 -80.13 -39.29 -116.83
CA LYS C 3169 -79.88 -39.80 -115.49
C LYS C 3169 -78.65 -40.70 -115.40
N ASN C 3170 -77.75 -40.64 -116.38
CA ASN C 3170 -76.59 -41.52 -116.33
C ASN C 3170 -75.56 -41.00 -115.32
N THR C 3171 -74.62 -41.88 -114.96
CA THR C 3171 -73.69 -41.58 -113.89
C THR C 3171 -72.72 -40.47 -114.27
N TYR C 3172 -72.29 -40.44 -115.53
CA TYR C 3172 -71.32 -39.43 -115.96
C TYR C 3172 -71.93 -38.04 -115.92
N VAL C 3173 -73.16 -37.87 -116.41
CA VAL C 3173 -73.81 -36.57 -116.29
C VAL C 3173 -74.12 -36.26 -114.83
N GLU C 3174 -74.39 -37.28 -114.01
CA GLU C 3174 -74.63 -37.03 -112.60
C GLU C 3174 -73.39 -36.44 -111.93
N LYS C 3175 -72.22 -36.99 -112.25
CA LYS C 3175 -70.97 -36.44 -111.72
C LYS C 3175 -70.73 -35.02 -112.24
N LEU C 3176 -71.04 -34.77 -113.50
CA LEU C 3176 -70.81 -33.45 -114.10
C LEU C 3176 -71.87 -32.43 -113.72
N ARG C 3177 -72.96 -32.86 -113.07
CA ARG C 3177 -74.07 -31.96 -112.75
C ARG C 3177 -73.71 -30.71 -111.94
N PRO C 3178 -72.80 -30.75 -110.95
CA PRO C 3178 -72.45 -29.48 -110.26
C PRO C 3178 -71.98 -28.36 -111.17
N ALA C 3179 -71.07 -28.67 -112.10
CA ALA C 3179 -70.57 -27.64 -113.01
C ALA C 3179 -71.67 -27.18 -113.96
N LEU C 3180 -72.55 -28.10 -114.38
CA LEU C 3180 -73.68 -27.72 -115.21
C LEU C 3180 -74.62 -26.77 -114.48
N GLY C 3181 -74.87 -27.02 -113.19
CA GLY C 3181 -75.71 -26.13 -112.42
C GLY C 3181 -75.08 -24.77 -112.21
N GLU C 3182 -73.77 -24.73 -111.96
CA GLU C 3182 -73.06 -23.46 -111.89
C GLU C 3182 -73.20 -22.69 -113.19
N CYS C 3183 -73.00 -23.37 -114.32
CA CYS C 3183 -73.09 -22.72 -115.62
C CYS C 3183 -74.50 -22.21 -115.89
N LEU C 3184 -75.52 -23.00 -115.52
CA LEU C 3184 -76.90 -22.60 -115.82
C LEU C 3184 -77.36 -21.49 -114.90
N ALA C 3185 -76.94 -21.51 -113.63
CA ALA C 3185 -77.27 -20.40 -112.74
C ALA C 3185 -76.64 -19.10 -113.23
N ARG C 3186 -75.37 -19.17 -113.62
CA ARG C 3186 -74.70 -17.98 -114.14
C ARG C 3186 -75.33 -17.53 -115.46
N LEU C 3187 -75.76 -18.51 -116.28
CA LEU C 3187 -76.46 -18.19 -117.52
C LEU C 3187 -77.76 -17.46 -117.26
N ALA C 3188 -78.54 -17.94 -116.28
CA ALA C 3188 -79.81 -17.30 -115.97
C ALA C 3188 -79.60 -15.91 -115.37
N ALA C 3189 -78.53 -15.75 -114.58
CA ALA C 3189 -78.23 -14.43 -114.04
C ALA C 3189 -77.76 -13.47 -115.14
N ALA C 3190 -77.16 -13.99 -116.20
CA ALA C 3190 -76.74 -13.18 -117.34
C ALA C 3190 -77.75 -13.20 -118.49
N MET C 3191 -78.92 -13.77 -118.26
CA MET C 3191 -79.88 -14.02 -119.34
C MET C 3191 -80.86 -12.87 -119.41
N PRO C 3192 -80.96 -12.16 -120.54
CA PRO C 3192 -81.92 -11.05 -120.65
C PRO C 3192 -83.29 -11.42 -121.20
N VAL C 3193 -83.61 -12.70 -121.37
CA VAL C 3193 -84.89 -13.14 -121.93
C VAL C 3193 -85.52 -14.12 -120.95
N ALA C 3194 -86.82 -13.93 -120.68
CA ALA C 3194 -87.55 -14.79 -119.75
C ALA C 3194 -87.88 -16.11 -120.45
N PHE C 3195 -86.90 -17.01 -120.43
CA PHE C 3195 -87.11 -18.34 -121.02
C PHE C 3195 -88.14 -19.13 -120.23
N LEU C 3196 -87.98 -19.20 -118.92
CA LEU C 3196 -89.02 -19.72 -118.05
C LEU C 3196 -90.20 -18.74 -118.03
N GLU C 3197 -91.40 -19.28 -117.80
CA GLU C 3197 -92.65 -18.56 -117.92
C GLU C 3197 -92.72 -17.92 -119.30
N PRO C 3198 -92.93 -18.70 -120.36
CA PRO C 3198 -92.96 -18.13 -121.71
C PRO C 3198 -94.33 -17.58 -122.07
N GLN C 3199 -95.19 -17.37 -121.08
CA GLN C 3199 -96.52 -16.87 -121.33
C GLN C 3199 -96.49 -15.44 -121.87
N LEU C 3200 -95.66 -14.58 -121.28
CA LEU C 3200 -95.54 -13.19 -121.69
C LEU C 3200 -94.14 -12.87 -122.23
N ASN C 3201 -93.50 -13.87 -122.84
CA ASN C 3201 -92.16 -13.68 -123.37
C ASN C 3201 -92.12 -12.71 -124.54
N GLU C 3202 -93.24 -12.49 -125.23
CA GLU C 3202 -93.29 -11.53 -126.31
C GLU C 3202 -93.14 -10.10 -125.83
N TYR C 3203 -93.47 -9.83 -124.56
CA TYR C 3203 -93.31 -8.48 -124.02
C TYR C 3203 -91.85 -8.15 -123.79
N ASN C 3204 -91.03 -9.16 -123.48
CA ASN C 3204 -89.60 -8.95 -123.30
C ASN C 3204 -88.97 -8.56 -124.63
N ALA C 3205 -88.30 -7.41 -124.66
CA ALA C 3205 -87.74 -6.90 -125.90
C ALA C 3205 -86.60 -7.79 -126.40
N CYS C 3206 -85.76 -8.30 -125.48
CA CYS C 3206 -84.55 -9.01 -125.87
C CYS C 3206 -84.81 -10.35 -126.54
N SER C 3207 -86.05 -10.85 -126.52
CA SER C 3207 -86.34 -12.10 -127.20
C SER C 3207 -86.25 -11.93 -128.72
N VAL C 3208 -85.84 -13.01 -129.40
CA VAL C 3208 -85.68 -12.97 -130.85
C VAL C 3208 -87.01 -12.72 -131.55
N TYR C 3209 -88.10 -13.23 -130.99
CA TYR C 3209 -89.42 -13.05 -131.58
C TYR C 3209 -90.01 -11.68 -131.27
N THR C 3210 -89.28 -10.82 -130.57
CA THR C 3210 -89.64 -9.41 -130.42
C THR C 3210 -88.73 -8.48 -131.20
N THR C 3211 -87.43 -8.72 -131.20
CA THR C 3211 -86.49 -7.85 -131.90
C THR C 3211 -86.03 -8.42 -133.24
N LYS C 3212 -85.59 -9.68 -133.27
CA LYS C 3212 -85.02 -10.25 -134.47
C LYS C 3212 -86.08 -10.43 -135.55
N SER C 3213 -85.63 -10.53 -136.80
CA SER C 3213 -86.51 -10.46 -137.96
C SER C 3213 -87.23 -11.79 -138.21
N PRO C 3214 -88.48 -11.74 -138.67
CA PRO C 3214 -89.16 -12.98 -139.09
C PRO C 3214 -88.43 -13.70 -140.20
N ARG C 3215 -87.81 -12.96 -141.12
CA ARG C 3215 -87.05 -13.58 -142.20
C ARG C 3215 -85.86 -14.38 -141.66
N GLU C 3216 -85.16 -13.82 -140.65
CA GLU C 3216 -84.03 -14.56 -140.10
C GLU C 3216 -84.50 -15.75 -139.29
N ARG C 3217 -85.69 -15.66 -138.66
CA ARG C 3217 -86.27 -16.85 -138.06
C ARG C 3217 -86.53 -17.93 -139.10
N ALA C 3218 -87.05 -17.52 -140.27
CA ALA C 3218 -87.33 -18.49 -141.32
C ALA C 3218 -86.05 -19.16 -141.82
N ILE C 3219 -84.97 -18.38 -141.98
CA ILE C 3219 -83.74 -18.96 -142.50
C ILE C 3219 -82.93 -19.70 -141.42
N LEU C 3220 -83.17 -19.41 -140.14
CA LEU C 3220 -82.51 -20.13 -139.06
C LEU C 3220 -83.32 -21.30 -138.55
N GLY C 3221 -84.55 -21.49 -139.04
CA GLY C 3221 -85.38 -22.58 -138.58
C GLY C 3221 -86.09 -22.32 -137.28
N LEU C 3222 -86.13 -21.08 -136.82
CA LEU C 3222 -86.84 -20.76 -135.60
C LEU C 3222 -88.33 -20.97 -135.78
N PRO C 3223 -88.99 -21.73 -134.90
CA PRO C 3223 -90.42 -22.01 -135.06
C PRO C 3223 -91.36 -20.89 -134.66
N ASN C 3224 -90.83 -19.67 -134.49
CA ASN C 3224 -91.62 -18.48 -134.13
C ASN C 3224 -92.38 -18.69 -132.82
N SER C 3225 -91.80 -19.46 -131.91
CA SER C 3225 -92.41 -19.74 -130.61
C SER C 3225 -91.33 -20.27 -129.69
N VAL C 3226 -91.11 -19.61 -128.56
CA VAL C 3226 -90.05 -20.02 -127.64
C VAL C 3226 -90.36 -21.40 -127.05
N GLU C 3227 -91.64 -21.67 -126.79
CA GLU C 3227 -92.03 -23.00 -126.34
C GLU C 3227 -91.68 -24.06 -127.40
N GLU C 3228 -91.82 -23.73 -128.68
CA GLU C 3228 -91.45 -24.65 -129.73
C GLU C 3228 -89.94 -24.73 -129.92
N MET C 3229 -89.19 -23.70 -129.56
CA MET C 3229 -87.73 -23.81 -129.48
C MET C 3229 -87.34 -24.83 -128.42
N CYS C 3230 -87.68 -24.56 -127.16
CA CYS C 3230 -87.25 -25.38 -126.03
C CYS C 3230 -88.49 -25.77 -125.22
N PRO C 3231 -89.21 -26.79 -125.65
CA PRO C 3231 -90.30 -27.33 -124.82
C PRO C 3231 -89.81 -28.17 -123.66
N ASP C 3232 -88.50 -28.42 -123.57
CA ASP C 3232 -87.96 -29.19 -122.47
C ASP C 3232 -88.20 -28.48 -121.13
N ILE C 3233 -88.01 -27.16 -121.10
CA ILE C 3233 -88.17 -26.40 -119.87
C ILE C 3233 -89.66 -26.15 -119.64
N PRO C 3234 -90.23 -26.69 -118.56
CA PRO C 3234 -91.67 -26.51 -118.30
C PRO C 3234 -91.98 -25.22 -117.56
N VAL C 3235 -93.24 -25.06 -117.14
CA VAL C 3235 -93.69 -23.83 -116.52
C VAL C 3235 -93.27 -23.79 -115.05
N LEU C 3236 -93.00 -22.57 -114.57
CA LEU C 3236 -92.60 -22.37 -113.18
C LEU C 3236 -93.67 -22.86 -112.21
N ASP C 3237 -94.93 -22.80 -112.62
CA ASP C 3237 -96.00 -23.32 -111.76
C ASP C 3237 -95.86 -24.83 -111.56
N ARG C 3238 -95.49 -25.55 -112.62
CA ARG C 3238 -95.30 -26.99 -112.47
C ARG C 3238 -94.03 -27.30 -111.68
N LEU C 3239 -92.98 -26.48 -111.81
CA LEU C 3239 -91.83 -26.64 -110.92
C LEU C 3239 -92.23 -26.43 -109.46
N MET C 3240 -93.09 -25.44 -109.21
CA MET C 3240 -93.63 -25.25 -107.86
C MET C 3240 -94.39 -26.49 -107.38
N ALA C 3241 -95.25 -27.04 -108.23
CA ALA C 3241 -96.02 -28.21 -107.84
C ALA C 3241 -95.13 -29.40 -107.53
N ASP C 3242 -94.11 -29.62 -108.36
CA ASP C 3242 -93.21 -30.76 -108.18
C ASP C 3242 -92.39 -30.61 -106.90
N ILE C 3243 -91.81 -29.42 -106.68
CA ILE C 3243 -90.99 -29.24 -105.49
C ILE C 3243 -91.85 -29.25 -104.23
N GLY C 3244 -93.09 -28.77 -104.32
CA GLY C 3244 -93.99 -28.86 -103.18
C GLY C 3244 -94.34 -30.30 -102.84
N GLY C 3245 -94.57 -31.12 -103.87
CA GLY C 3245 -94.82 -32.53 -103.62
C GLY C 3245 -93.63 -33.23 -103.01
N LEU C 3246 -92.43 -32.93 -103.49
CA LEU C 3246 -91.23 -33.53 -102.91
C LEU C 3246 -91.04 -33.09 -101.46
N ALA C 3247 -91.28 -31.81 -101.18
CA ALA C 3247 -91.17 -31.30 -99.81
C ALA C 3247 -92.18 -31.96 -98.89
N GLU C 3248 -93.42 -32.12 -99.36
CA GLU C 3248 -94.44 -32.77 -98.54
C GLU C 3248 -94.14 -34.25 -98.33
N SER C 3249 -93.57 -34.91 -99.33
CA SER C 3249 -93.23 -36.32 -99.22
C SER C 3249 -91.95 -36.56 -98.44
N GLY C 3250 -91.17 -35.51 -98.16
CA GLY C 3250 -89.88 -35.73 -97.52
C GLY C 3250 -88.92 -36.45 -98.42
N ALA C 3251 -88.95 -36.15 -99.72
CA ALA C 3251 -88.17 -36.87 -100.71
C ALA C 3251 -86.68 -36.55 -100.55
N ARG C 3252 -85.85 -37.42 -101.11
CA ARG C 3252 -84.43 -37.43 -100.81
C ARG C 3252 -83.61 -36.83 -101.95
N TYR C 3253 -82.39 -36.41 -101.60
CA TYR C 3253 -81.43 -35.94 -102.59
C TYR C 3253 -81.15 -37.01 -103.63
N THR C 3254 -81.12 -38.28 -103.21
CA THR C 3254 -80.94 -39.37 -104.17
C THR C 3254 -82.10 -39.44 -105.15
N GLU C 3255 -83.32 -39.11 -104.69
CA GLU C 3255 -84.46 -39.10 -105.59
C GLU C 3255 -84.40 -37.92 -106.55
N MET C 3256 -83.89 -36.77 -106.10
CA MET C 3256 -83.92 -35.58 -106.94
C MET C 3256 -82.56 -34.92 -107.23
N PRO C 3257 -81.52 -35.70 -107.60
CA PRO C 3257 -80.22 -35.07 -107.87
C PRO C 3257 -80.26 -34.10 -109.04
N HIS C 3258 -81.14 -34.34 -110.01
CA HIS C 3258 -81.25 -33.45 -111.16
C HIS C 3258 -81.75 -32.06 -110.75
N VAL C 3259 -82.76 -32.01 -109.87
CA VAL C 3259 -83.30 -30.73 -109.43
C VAL C 3259 -82.23 -29.92 -108.72
N ILE C 3260 -81.51 -30.56 -107.78
CA ILE C 3260 -80.55 -29.87 -106.93
C ILE C 3260 -79.45 -29.24 -107.76
N GLU C 3261 -78.92 -29.97 -108.73
CA GLU C 3261 -77.74 -29.56 -109.47
C GLU C 3261 -78.07 -28.98 -110.84
N ILE C 3262 -79.35 -28.81 -111.17
CA ILE C 3262 -79.71 -28.16 -112.43
C ILE C 3262 -80.71 -27.04 -112.20
N THR C 3263 -81.87 -27.37 -111.63
CA THR C 3263 -83.00 -26.44 -111.68
C THR C 3263 -83.07 -25.51 -110.49
N LEU C 3264 -82.66 -25.96 -109.31
CA LEU C 3264 -82.54 -25.04 -108.18
C LEU C 3264 -81.56 -23.90 -108.43
N PRO C 3265 -80.36 -24.11 -108.98
CA PRO C 3265 -79.52 -22.95 -109.34
C PRO C 3265 -80.19 -22.01 -110.32
N MET C 3266 -80.88 -22.56 -111.33
CA MET C 3266 -81.56 -21.73 -112.31
C MET C 3266 -82.66 -20.89 -111.67
N LEU C 3267 -83.46 -21.51 -110.81
CA LEU C 3267 -84.57 -20.80 -110.17
C LEU C 3267 -84.07 -19.72 -109.22
N CYS C 3268 -83.12 -20.08 -108.35
CA CYS C 3268 -82.61 -19.11 -107.38
C CYS C 3268 -81.79 -18.02 -108.04
N SER C 3269 -81.35 -18.20 -109.28
CA SER C 3269 -80.75 -17.12 -110.05
C SER C 3269 -81.74 -16.44 -110.99
N TYR C 3270 -82.95 -16.97 -111.11
CA TYR C 3270 -83.95 -16.42 -112.02
C TYR C 3270 -84.84 -15.41 -111.30
N LEU C 3271 -85.33 -15.75 -110.11
CA LEU C 3271 -86.14 -14.79 -109.36
C LEU C 3271 -85.43 -13.47 -109.06
N PRO C 3272 -84.17 -13.42 -108.62
CA PRO C 3272 -83.54 -12.11 -108.42
C PRO C 3272 -83.20 -11.40 -109.71
N ARG C 3273 -82.82 -12.13 -110.76
CA ARG C 3273 -82.51 -11.50 -112.04
C ARG C 3273 -83.76 -10.87 -112.64
N TRP C 3274 -84.90 -11.53 -112.50
CA TRP C 3274 -86.17 -11.05 -113.04
C TRP C 3274 -87.09 -10.49 -111.98
N TRP C 3275 -86.53 -10.07 -110.84
CA TRP C 3275 -87.34 -9.47 -109.78
C TRP C 3275 -87.88 -8.11 -110.18
N GLU C 3276 -87.21 -7.42 -111.10
CA GLU C 3276 -87.70 -6.16 -111.64
C GLU C 3276 -88.57 -6.36 -112.87
N ARG C 3277 -88.38 -7.47 -113.60
CA ARG C 3277 -89.23 -7.78 -114.74
C ARG C 3277 -90.51 -8.48 -114.34
N GLY C 3278 -90.68 -8.83 -113.06
CA GLY C 3278 -91.88 -9.47 -112.60
C GLY C 3278 -92.73 -8.54 -111.76
N PRO C 3279 -93.86 -9.06 -111.25
CA PRO C 3279 -94.72 -8.24 -110.39
C PRO C 3279 -94.13 -7.94 -109.02
N GLU C 3280 -92.97 -8.52 -108.70
CA GLU C 3280 -92.30 -8.18 -107.45
C GLU C 3280 -91.90 -6.70 -107.42
N ALA C 3281 -91.45 -6.19 -108.57
CA ALA C 3281 -91.10 -4.77 -108.70
C ALA C 3281 -91.87 -4.16 -109.85
N PRO C 3282 -92.98 -3.49 -109.59
CA PRO C 3282 -93.56 -2.61 -110.60
C PRO C 3282 -92.57 -1.52 -110.95
N PRO C 3283 -92.48 -1.13 -112.22
CA PRO C 3283 -91.42 -0.21 -112.65
C PRO C 3283 -91.55 1.14 -111.98
N PRO C 3284 -90.57 1.51 -111.15
CA PRO C 3284 -90.60 2.86 -110.55
C PRO C 3284 -90.55 3.97 -111.58
N ALA C 3285 -89.85 3.76 -112.68
CA ALA C 3285 -89.85 4.70 -113.82
C ALA C 3285 -91.05 4.35 -114.69
N LEU C 3286 -92.17 5.02 -114.42
CA LEU C 3286 -93.42 4.71 -115.12
C LEU C 3286 -93.34 4.91 -116.63
N PRO C 3287 -92.80 6.01 -117.17
CA PRO C 3287 -92.73 6.10 -118.64
C PRO C 3287 -91.75 5.12 -119.26
N ALA C 3288 -90.60 4.90 -118.63
CA ALA C 3288 -89.61 3.98 -119.18
C ALA C 3288 -90.12 2.55 -119.18
N GLY C 3289 -90.80 2.14 -118.11
CA GLY C 3289 -91.35 0.80 -118.03
C GLY C 3289 -92.75 0.70 -118.59
N ALA C 3290 -92.92 1.14 -119.83
CA ALA C 3290 -94.23 1.10 -120.47
C ALA C 3290 -94.81 -0.32 -120.59
N PRO C 3291 -94.07 -1.34 -121.07
CA PRO C 3291 -94.69 -2.66 -121.19
C PRO C 3291 -95.00 -3.25 -119.82
N PRO C 3292 -96.04 -4.07 -119.71
CA PRO C 3292 -96.31 -4.75 -118.45
C PRO C 3292 -95.18 -5.72 -118.13
N PRO C 3293 -94.96 -6.00 -116.84
CA PRO C 3293 -93.93 -6.98 -116.46
C PRO C 3293 -94.07 -8.31 -117.17
N CYS C 3294 -93.10 -8.64 -118.02
CA CYS C 3294 -93.17 -9.88 -118.79
C CYS C 3294 -93.01 -11.11 -117.90
N THR C 3295 -92.19 -11.01 -116.85
CA THR C 3295 -91.98 -12.12 -115.95
C THR C 3295 -93.09 -12.17 -114.90
N ALA C 3296 -93.30 -13.35 -114.33
CA ALA C 3296 -94.37 -13.56 -113.37
C ALA C 3296 -93.88 -13.78 -111.94
N VAL C 3297 -92.57 -13.72 -111.69
CA VAL C 3297 -92.05 -13.97 -110.35
C VAL C 3297 -92.33 -12.76 -109.46
N THR C 3298 -92.90 -13.02 -108.30
CA THR C 3298 -93.27 -11.97 -107.34
C THR C 3298 -92.51 -12.17 -106.04
N SER C 3299 -92.72 -11.25 -105.10
CA SER C 3299 -92.22 -11.46 -103.75
C SER C 3299 -92.89 -12.65 -103.09
N ASP C 3300 -94.16 -12.90 -103.40
CA ASP C 3300 -94.83 -14.11 -102.94
C ASP C 3300 -94.15 -15.35 -103.51
N HIS C 3301 -93.80 -15.32 -104.80
CA HIS C 3301 -93.10 -16.45 -105.41
C HIS C 3301 -91.75 -16.67 -104.76
N LEU C 3302 -91.03 -15.59 -104.48
CA LEU C 3302 -89.72 -15.70 -103.84
C LEU C 3302 -89.84 -16.27 -102.43
N ASN C 3303 -90.85 -15.81 -101.67
CA ASN C 3303 -91.08 -16.33 -100.33
C ASN C 3303 -91.41 -17.82 -100.39
N SER C 3304 -92.29 -18.19 -101.31
CA SER C 3304 -92.70 -19.60 -101.42
C SER C 3304 -91.53 -20.49 -101.83
N LEU C 3305 -90.70 -20.03 -102.77
CA LEU C 3305 -89.55 -20.84 -103.17
C LEU C 3305 -88.55 -20.97 -102.02
N LEU C 3306 -88.39 -19.92 -101.23
CA LEU C 3306 -87.57 -20.03 -100.03
C LEU C 3306 -88.15 -21.05 -99.07
N GLY C 3307 -89.48 -21.10 -98.97
CA GLY C 3307 -90.13 -22.11 -98.17
C GLY C 3307 -89.85 -23.52 -98.67
N ASN C 3308 -89.85 -23.70 -99.99
CA ASN C 3308 -89.51 -25.00 -100.57
C ASN C 3308 -88.07 -25.39 -100.24
N ILE C 3309 -87.14 -24.43 -100.33
CA ILE C 3309 -85.74 -24.73 -100.04
C ILE C 3309 -85.57 -25.11 -98.59
N LEU C 3310 -86.18 -24.33 -97.69
CA LEU C 3310 -86.15 -24.67 -96.26
C LEU C 3310 -86.76 -26.04 -96.02
N ARG C 3311 -87.81 -26.37 -96.77
CA ARG C 3311 -88.46 -27.66 -96.62
C ARG C 3311 -87.55 -28.81 -97.04
N ILE C 3312 -86.80 -28.66 -98.13
CA ILE C 3312 -85.96 -29.78 -98.55
C ILE C 3312 -84.80 -29.97 -97.57
N ILE C 3313 -84.22 -28.88 -97.07
CA ILE C 3313 -83.14 -29.04 -96.09
C ILE C 3313 -83.67 -29.68 -94.81
N VAL C 3314 -84.86 -29.28 -94.37
CA VAL C 3314 -85.41 -29.90 -93.16
C VAL C 3314 -85.84 -31.33 -93.44
N ASN C 3315 -86.10 -31.68 -94.71
CA ASN C 3315 -86.39 -33.07 -95.05
C ASN C 3315 -85.17 -33.95 -94.85
N ASN C 3316 -83.99 -33.49 -95.24
CA ASN C 3316 -82.83 -34.38 -95.16
C ASN C 3316 -81.65 -33.73 -94.42
N LEU C 3317 -81.88 -33.15 -93.25
CA LEU C 3317 -80.75 -33.09 -92.31
C LEU C 3317 -80.36 -34.49 -91.85
N GLY C 3318 -81.32 -35.41 -91.78
CA GLY C 3318 -81.06 -36.71 -91.16
C GLY C 3318 -80.03 -37.54 -91.90
N ILE C 3319 -80.07 -37.52 -93.24
CA ILE C 3319 -79.09 -38.28 -94.01
C ILE C 3319 -77.74 -37.57 -93.95
N ASP C 3320 -76.67 -38.36 -94.10
CA ASP C 3320 -75.31 -37.84 -94.06
C ASP C 3320 -74.59 -37.91 -95.39
N GLU C 3321 -75.17 -38.57 -96.39
CA GLU C 3321 -74.51 -38.76 -97.68
C GLU C 3321 -74.87 -37.66 -98.68
N ALA C 3322 -74.70 -36.41 -98.27
CA ALA C 3322 -75.03 -35.28 -99.14
C ALA C 3322 -74.04 -34.16 -98.85
N THR C 3323 -73.09 -33.95 -99.76
CA THR C 3323 -72.11 -32.89 -99.65
C THR C 3323 -72.40 -31.73 -100.60
N TRP C 3324 -73.60 -31.69 -101.18
CA TRP C 3324 -73.99 -30.62 -102.08
C TRP C 3324 -74.63 -29.45 -101.34
N MET C 3325 -74.68 -29.51 -100.00
CA MET C 3325 -75.24 -28.41 -99.22
C MET C 3325 -74.43 -27.13 -99.39
N LYS C 3326 -73.12 -27.26 -99.62
CA LYS C 3326 -72.28 -26.08 -99.81
C LYS C 3326 -72.70 -25.29 -101.04
N ARG C 3327 -72.80 -25.96 -102.18
CA ARG C 3327 -73.24 -25.29 -103.40
C ARG C 3327 -74.69 -24.87 -103.32
N LEU C 3328 -75.53 -25.65 -102.63
CA LEU C 3328 -76.92 -25.27 -102.45
C LEU C 3328 -77.03 -23.95 -101.69
N ALA C 3329 -76.27 -23.80 -100.61
CA ALA C 3329 -76.30 -22.56 -99.84
C ALA C 3329 -75.71 -21.40 -100.63
N VAL C 3330 -74.65 -21.66 -101.38
CA VAL C 3330 -74.05 -20.60 -102.20
C VAL C 3330 -75.05 -20.10 -103.23
N PHE C 3331 -75.75 -21.01 -103.90
CA PHE C 3331 -76.76 -20.60 -104.87
C PHE C 3331 -77.93 -19.89 -104.20
N ALA C 3332 -78.37 -20.39 -103.04
CA ALA C 3332 -79.53 -19.83 -102.36
C ALA C 3332 -79.23 -18.56 -101.59
N GLN C 3333 -77.97 -18.15 -101.52
CA GLN C 3333 -77.62 -16.94 -100.76
C GLN C 3333 -78.35 -15.69 -101.25
N PRO C 3334 -78.43 -15.38 -102.55
CA PRO C 3334 -79.25 -14.23 -102.94
C PRO C 3334 -80.74 -14.47 -102.79
N ILE C 3335 -81.20 -15.72 -102.89
CA ILE C 3335 -82.64 -16.00 -102.84
C ILE C 3335 -83.18 -15.98 -101.42
N VAL C 3336 -82.32 -15.96 -100.40
CA VAL C 3336 -82.80 -15.76 -99.04
C VAL C 3336 -83.03 -14.30 -98.72
N SER C 3337 -82.59 -13.40 -99.60
CA SER C 3337 -82.90 -11.98 -99.44
C SER C 3337 -84.35 -11.70 -99.81
N ARG C 3338 -84.90 -10.64 -99.21
CA ARG C 3338 -86.28 -10.21 -99.43
C ARG C 3338 -87.27 -11.33 -99.09
N ALA C 3339 -87.22 -11.76 -97.83
CA ALA C 3339 -88.05 -12.84 -97.34
C ALA C 3339 -89.09 -12.30 -96.36
N ARG C 3340 -90.30 -12.83 -96.44
CA ARG C 3340 -91.39 -12.31 -95.64
C ARG C 3340 -91.23 -12.70 -94.18
N PRO C 3341 -91.71 -11.87 -93.25
CA PRO C 3341 -91.46 -12.12 -91.83
C PRO C 3341 -92.05 -13.42 -91.29
N GLU C 3342 -93.22 -13.85 -91.78
CA GLU C 3342 -93.83 -15.07 -91.28
C GLU C 3342 -93.02 -16.30 -91.64
N LEU C 3343 -92.10 -16.18 -92.60
CA LEU C 3343 -91.22 -17.30 -92.95
C LEU C 3343 -90.40 -17.75 -91.75
N LEU C 3344 -90.14 -16.85 -90.80
CA LEU C 3344 -89.42 -17.18 -89.58
C LEU C 3344 -90.13 -18.30 -88.84
N HIS C 3345 -91.33 -18.04 -88.33
CA HIS C 3345 -92.05 -19.06 -87.58
C HIS C 3345 -92.48 -20.23 -88.45
N SER C 3346 -92.62 -20.03 -89.76
CA SER C 3346 -93.00 -21.15 -90.62
C SER C 3346 -91.88 -22.17 -90.74
N HIS C 3347 -90.65 -21.71 -91.02
CA HIS C 3347 -89.59 -22.66 -91.32
C HIS C 3347 -88.31 -22.43 -90.53
N PHE C 3348 -87.91 -21.18 -90.30
CA PHE C 3348 -86.63 -20.92 -89.66
C PHE C 3348 -86.64 -21.34 -88.20
N ILE C 3349 -87.72 -21.02 -87.48
CA ILE C 3349 -87.84 -21.47 -86.09
C ILE C 3349 -87.95 -22.99 -85.99
N PRO C 3350 -88.79 -23.68 -86.77
CA PRO C 3350 -88.79 -25.15 -86.69
C PRO C 3350 -87.44 -25.79 -86.98
N THR C 3351 -86.71 -25.28 -87.98
CA THR C 3351 -85.41 -25.87 -88.30
C THR C 3351 -84.40 -25.63 -87.19
N ILE C 3352 -84.29 -24.39 -86.72
CA ILE C 3352 -83.33 -24.07 -85.68
C ILE C 3352 -83.68 -24.80 -84.38
N GLY C 3353 -84.97 -25.02 -84.13
CA GLY C 3353 -85.36 -25.86 -83.01
C GLY C 3353 -84.97 -27.31 -83.22
N ARG C 3354 -85.05 -27.79 -84.46
CA ARG C 3354 -84.67 -29.17 -84.76
C ARG C 3354 -83.19 -29.40 -84.46
N LEU C 3355 -82.31 -28.53 -84.96
CA LEU C 3355 -80.90 -28.70 -84.63
C LEU C 3355 -80.57 -28.30 -83.20
N ARG C 3356 -81.40 -27.50 -82.54
CA ARG C 3356 -81.21 -27.29 -81.11
C ARG C 3356 -81.45 -28.58 -80.33
N LYS C 3357 -82.56 -29.27 -80.65
CA LYS C 3357 -82.84 -30.56 -80.03
C LYS C 3357 -81.76 -31.58 -80.38
N ARG C 3358 -81.33 -31.61 -81.64
CA ARG C 3358 -80.29 -32.55 -82.05
C ARG C 3358 -78.99 -32.27 -81.33
N ALA C 3359 -78.61 -30.99 -81.21
CA ALA C 3359 -77.39 -30.64 -80.50
C ALA C 3359 -77.47 -31.04 -79.04
N GLY C 3360 -78.62 -30.80 -78.40
CA GLY C 3360 -78.78 -31.19 -77.01
C GLY C 3360 -78.66 -32.70 -76.81
N LYS C 3361 -79.31 -33.47 -77.69
CA LYS C 3361 -79.26 -34.92 -77.57
C LYS C 3361 -77.85 -35.45 -77.85
N VAL C 3362 -77.18 -34.92 -78.88
CA VAL C 3362 -75.85 -35.40 -79.22
C VAL C 3362 -74.83 -35.03 -78.15
N VAL C 3363 -74.96 -33.84 -77.56
CA VAL C 3363 -74.08 -33.47 -76.46
C VAL C 3363 -74.39 -34.31 -75.23
N ALA C 3364 -75.64 -34.74 -75.03
CA ALA C 3364 -75.95 -35.68 -73.96
C ALA C 3364 -75.25 -37.02 -74.20
N GLU C 3365 -75.24 -37.49 -75.45
CA GLU C 3365 -74.50 -38.69 -75.79
C GLU C 3365 -73.00 -38.50 -75.55
N GLU C 3366 -72.47 -37.34 -75.93
CA GLU C 3366 -71.08 -37.03 -75.65
C GLU C 3366 -70.82 -36.88 -74.15
N GLU C 3367 -71.87 -36.58 -73.37
CA GLU C 3367 -71.74 -36.52 -71.92
C GLU C 3367 -71.55 -37.92 -71.35
N GLN C 3368 -72.39 -38.87 -71.77
CA GLN C 3368 -72.19 -40.24 -71.33
C GLN C 3368 -70.88 -40.81 -71.87
N LEU C 3369 -70.39 -40.28 -73.00
CA LEU C 3369 -69.09 -40.71 -73.50
C LEU C 3369 -67.95 -40.16 -72.65
N ARG C 3370 -67.99 -38.86 -72.33
CA ARG C 3370 -66.89 -38.27 -71.57
C ARG C 3370 -66.93 -38.70 -70.11
N LEU C 3371 -68.05 -39.30 -69.67
CA LEU C 3371 -68.07 -39.97 -68.37
C LEU C 3371 -66.99 -41.04 -68.28
N GLU C 3372 -66.64 -41.66 -69.41
CA GLU C 3372 -65.61 -42.71 -69.46
C GLU C 3372 -64.46 -42.26 -70.35
N ALA C 3373 -63.36 -43.01 -70.28
CA ALA C 3373 -62.19 -42.74 -71.12
C ALA C 3373 -61.39 -44.04 -71.25
N LYS C 3374 -61.55 -44.71 -72.39
CA LYS C 3374 -60.85 -45.96 -72.70
C LYS C 3374 -61.01 -46.22 -74.19
N ALA C 3375 -60.63 -47.42 -74.63
CA ALA C 3375 -60.74 -47.77 -76.05
C ALA C 3375 -62.19 -47.80 -76.51
N GLU C 3376 -63.10 -48.31 -75.66
CA GLU C 3376 -64.52 -48.24 -75.98
C GLU C 3376 -64.99 -46.80 -76.10
N ALA C 3377 -64.48 -45.93 -75.21
CA ALA C 3377 -64.74 -44.51 -75.36
C ALA C 3377 -64.13 -43.96 -76.65
N GLU C 3378 -63.06 -44.59 -77.16
CA GLU C 3378 -62.48 -44.13 -78.41
C GLU C 3378 -63.34 -44.50 -79.61
N GLU C 3379 -63.88 -45.72 -79.64
CA GLU C 3379 -64.75 -46.08 -80.76
C GLU C 3379 -66.06 -45.30 -80.71
N GLY C 3380 -66.61 -45.11 -79.51
CA GLY C 3380 -67.74 -44.21 -79.38
C GLY C 3380 -67.38 -42.78 -79.76
N GLU C 3381 -66.12 -42.38 -79.51
CA GLU C 3381 -65.66 -41.07 -79.93
C GLU C 3381 -65.64 -40.96 -81.46
N LEU C 3382 -65.25 -42.03 -82.15
CA LEU C 3382 -65.34 -42.03 -83.60
C LEU C 3382 -66.78 -41.84 -84.07
N LEU C 3383 -67.72 -42.54 -83.43
CA LEU C 3383 -69.12 -42.41 -83.81
C LEU C 3383 -69.62 -40.98 -83.59
N VAL C 3384 -69.34 -40.41 -82.41
CA VAL C 3384 -69.83 -39.06 -82.12
C VAL C 3384 -69.03 -38.00 -82.85
N ARG C 3385 -67.83 -38.31 -83.33
CA ARG C 3385 -67.10 -37.36 -84.17
C ARG C 3385 -67.67 -37.31 -85.57
N ASP C 3386 -68.12 -38.46 -86.09
CA ASP C 3386 -68.92 -38.42 -87.32
C ASP C 3386 -70.21 -37.66 -87.09
N GLU C 3387 -70.85 -37.86 -85.94
CA GLU C 3387 -72.05 -37.10 -85.60
C GLU C 3387 -71.76 -35.61 -85.54
N PHE C 3388 -70.62 -35.25 -84.95
CA PHE C 3388 -70.22 -33.85 -84.88
C PHE C 3388 -69.93 -33.28 -86.26
N SER C 3389 -69.35 -34.08 -87.16
CA SER C 3389 -69.09 -33.58 -88.50
C SER C 3389 -70.38 -33.30 -89.24
N VAL C 3390 -71.39 -34.16 -89.08
CA VAL C 3390 -72.71 -33.85 -89.63
C VAL C 3390 -73.28 -32.59 -88.98
N LEU C 3391 -73.08 -32.44 -87.68
CA LEU C 3391 -73.57 -31.24 -86.98
C LEU C 3391 -72.96 -29.98 -87.57
N CYS C 3392 -71.63 -29.93 -87.69
CA CYS C 3392 -70.99 -28.77 -88.29
C CYS C 3392 -71.45 -28.58 -89.73
N ARG C 3393 -71.57 -29.68 -90.48
CA ARG C 3393 -71.98 -29.59 -91.88
C ARG C 3393 -73.32 -28.88 -92.03
N ASP C 3394 -74.33 -29.28 -91.25
CA ASP C 3394 -75.61 -28.63 -91.46
C ASP C 3394 -75.71 -27.27 -90.76
N LEU C 3395 -74.95 -27.06 -89.66
CA LEU C 3395 -74.93 -25.71 -89.07
C LEU C 3395 -74.44 -24.68 -90.07
N TYR C 3396 -73.28 -24.91 -90.67
CA TYR C 3396 -72.79 -23.99 -91.69
C TYR C 3396 -73.29 -24.32 -93.09
N ALA C 3397 -74.31 -25.18 -93.19
CA ALA C 3397 -75.11 -25.26 -94.40
C ALA C 3397 -76.31 -24.32 -94.36
N LEU C 3398 -76.96 -24.19 -93.20
CA LEU C 3398 -78.15 -23.34 -93.13
C LEU C 3398 -77.91 -21.97 -92.51
N TYR C 3399 -76.85 -21.80 -91.72
CA TYR C 3399 -76.56 -20.49 -91.15
C TYR C 3399 -76.35 -19.37 -92.17
N PRO C 3400 -75.62 -19.57 -93.29
CA PRO C 3400 -75.42 -18.44 -94.22
C PRO C 3400 -76.71 -17.84 -94.75
N LEU C 3401 -77.74 -18.65 -94.97
CA LEU C 3401 -79.04 -18.10 -95.33
C LEU C 3401 -79.66 -17.35 -94.16
N LEU C 3402 -79.50 -17.89 -92.95
CA LEU C 3402 -80.11 -17.30 -91.76
C LEU C 3402 -79.56 -15.90 -91.49
N ILE C 3403 -78.26 -15.69 -91.71
CA ILE C 3403 -77.68 -14.39 -91.38
C ILE C 3403 -78.27 -13.30 -92.27
N ARG C 3404 -78.54 -13.60 -93.54
CA ARG C 3404 -79.15 -12.60 -94.40
C ARG C 3404 -80.61 -12.41 -94.03
N TYR C 3405 -81.30 -13.48 -93.64
CA TYR C 3405 -82.69 -13.32 -93.21
C TYR C 3405 -82.80 -12.42 -92.00
N VAL C 3406 -81.94 -12.62 -91.01
CA VAL C 3406 -82.02 -11.82 -89.79
C VAL C 3406 -81.47 -10.42 -90.06
N ASP C 3407 -80.57 -10.28 -91.03
CA ASP C 3407 -80.15 -8.94 -91.44
C ASP C 3407 -81.32 -8.18 -92.06
N ASN C 3408 -82.15 -8.87 -92.85
CA ASN C 3408 -83.31 -8.23 -93.44
C ASN C 3408 -84.32 -7.82 -92.39
N ASN C 3409 -84.61 -8.68 -91.43
CA ASN C 3409 -85.69 -8.45 -90.49
C ASN C 3409 -85.23 -7.98 -89.12
N ARG C 3410 -83.96 -7.58 -88.97
CA ARG C 3410 -83.49 -7.13 -87.67
C ARG C 3410 -84.09 -5.78 -87.29
N ALA C 3411 -84.33 -4.92 -88.28
CA ALA C 3411 -84.90 -3.61 -87.99
C ALA C 3411 -86.28 -3.72 -87.39
N HIS C 3412 -87.11 -4.64 -87.92
CA HIS C 3412 -88.45 -4.83 -87.38
C HIS C 3412 -88.41 -5.36 -85.95
N TRP C 3413 -87.52 -6.31 -85.67
CA TRP C 3413 -87.41 -6.85 -84.32
C TRP C 3413 -86.89 -5.79 -83.35
N LEU C 3414 -85.97 -4.94 -83.79
CA LEU C 3414 -85.44 -3.89 -82.92
C LEU C 3414 -86.48 -2.81 -82.67
N THR C 3415 -87.33 -2.52 -83.65
CA THR C 3415 -88.40 -1.54 -83.42
C THR C 3415 -89.49 -2.12 -82.53
N GLU C 3416 -89.82 -3.40 -82.72
CA GLU C 3416 -90.81 -4.08 -81.89
C GLU C 3416 -90.30 -5.48 -81.57
N PRO C 3417 -90.09 -5.81 -80.29
CA PRO C 3417 -89.61 -7.15 -79.94
C PRO C 3417 -90.58 -8.24 -80.38
N ASN C 3418 -90.11 -9.11 -81.27
CA ASN C 3418 -90.90 -10.19 -81.83
C ASN C 3418 -90.51 -11.50 -81.15
N ALA C 3419 -91.50 -12.16 -80.53
CA ALA C 3419 -91.23 -13.35 -79.72
C ALA C 3419 -90.60 -14.46 -80.54
N ASN C 3420 -90.93 -14.53 -81.83
CA ASN C 3420 -90.30 -15.52 -82.70
C ASN C 3420 -88.80 -15.27 -82.80
N ALA C 3421 -88.41 -14.00 -82.96
CA ALA C 3421 -86.99 -13.66 -83.01
C ALA C 3421 -86.31 -13.92 -81.67
N GLU C 3422 -86.98 -13.62 -80.55
CA GLU C 3422 -86.35 -13.84 -79.26
C GLU C 3422 -86.17 -15.33 -79.00
N GLU C 3423 -87.15 -16.15 -79.39
CA GLU C 3423 -87.00 -17.59 -79.27
C GLU C 3423 -85.89 -18.10 -80.18
N LEU C 3424 -85.75 -17.53 -81.37
CA LEU C 3424 -84.65 -17.89 -82.25
C LEU C 3424 -83.30 -17.58 -81.61
N PHE C 3425 -83.19 -16.44 -80.94
CA PHE C 3425 -81.96 -16.12 -80.22
C PHE C 3425 -81.73 -17.10 -79.08
N ARG C 3426 -82.81 -17.51 -78.40
CA ARG C 3426 -82.69 -18.51 -77.36
C ARG C 3426 -82.15 -19.82 -77.90
N MET C 3427 -82.65 -20.25 -79.06
CA MET C 3427 -82.21 -21.50 -79.66
C MET C 3427 -80.73 -21.43 -80.03
N VAL C 3428 -80.34 -20.39 -80.78
CA VAL C 3428 -78.94 -20.28 -81.19
C VAL C 3428 -78.04 -20.08 -79.98
N GLY C 3429 -78.56 -19.47 -78.91
CA GLY C 3429 -77.78 -19.37 -77.68
C GLY C 3429 -77.54 -20.72 -77.04
N GLU C 3430 -78.55 -21.59 -77.04
CA GLU C 3430 -78.35 -22.93 -76.49
C GLU C 3430 -77.34 -23.71 -77.32
N ILE C 3431 -77.37 -23.58 -78.64
CA ILE C 3431 -76.34 -24.20 -79.46
C ILE C 3431 -74.97 -23.61 -79.15
N PHE C 3432 -74.91 -22.31 -78.85
CA PHE C 3432 -73.65 -21.70 -78.47
C PHE C 3432 -73.11 -22.29 -77.17
N ILE C 3433 -73.99 -22.50 -76.18
CA ILE C 3433 -73.57 -23.11 -74.93
C ILE C 3433 -73.08 -24.53 -75.17
N TYR C 3434 -73.78 -25.28 -76.02
CA TYR C 3434 -73.34 -26.63 -76.34
C TYR C 3434 -71.98 -26.64 -77.01
N TRP C 3435 -71.76 -25.69 -77.93
CA TRP C 3435 -70.48 -25.61 -78.63
C TRP C 3435 -69.36 -25.26 -77.67
N SER C 3436 -69.62 -24.38 -76.70
CA SER C 3436 -68.60 -24.04 -75.73
C SER C 3436 -68.31 -25.21 -74.80
N LYS C 3437 -69.35 -25.94 -74.39
CA LYS C 3437 -69.15 -27.04 -73.45
C LYS C 3437 -68.57 -28.29 -74.10
N SER C 3438 -68.67 -28.42 -75.42
CA SER C 3438 -68.21 -29.61 -76.12
C SER C 3438 -66.89 -29.32 -76.81
N HIS C 3439 -65.81 -29.91 -76.29
CA HIS C 3439 -64.49 -29.69 -76.88
C HIS C 3439 -64.38 -30.36 -78.25
N ASN C 3440 -64.84 -31.61 -78.37
CA ASN C 3440 -64.71 -32.33 -79.63
C ASN C 3440 -65.56 -31.69 -80.72
N PHE C 3441 -66.63 -30.99 -80.35
CA PHE C 3441 -67.42 -30.24 -81.32
C PHE C 3441 -66.56 -29.18 -81.97
N LYS C 3442 -65.77 -28.46 -81.17
CA LYS C 3442 -64.93 -27.39 -81.71
C LYS C 3442 -63.85 -27.94 -82.64
N ARG C 3443 -63.19 -29.03 -82.25
CA ARG C 3443 -62.12 -29.54 -83.10
C ARG C 3443 -62.65 -30.18 -84.36
N GLU C 3444 -63.83 -30.82 -84.31
CA GLU C 3444 -64.46 -31.27 -85.54
C GLU C 3444 -64.89 -30.12 -86.42
N GLU C 3445 -65.33 -29.01 -85.81
CA GLU C 3445 -65.59 -27.79 -86.59
C GLU C 3445 -64.35 -27.35 -87.34
N GLN C 3446 -63.23 -27.21 -86.63
CA GLN C 3446 -61.97 -26.80 -87.23
C GLN C 3446 -61.55 -27.78 -88.32
N ASN C 3447 -61.61 -29.07 -88.03
CA ASN C 3447 -61.20 -30.10 -88.99
C ASN C 3447 -62.03 -29.99 -90.26
N PHE C 3448 -63.36 -29.98 -90.12
CA PHE C 3448 -64.21 -29.99 -91.30
C PHE C 3448 -64.02 -28.72 -92.12
N VAL C 3449 -64.04 -27.55 -91.46
CA VAL C 3449 -64.04 -26.30 -92.21
C VAL C 3449 -62.71 -26.11 -92.95
N VAL C 3450 -61.59 -26.45 -92.30
CA VAL C 3450 -60.31 -26.17 -92.95
C VAL C 3450 -59.96 -27.25 -93.96
N GLN C 3451 -60.16 -28.53 -93.61
CA GLN C 3451 -59.80 -29.60 -94.53
C GLN C 3451 -60.68 -29.56 -95.79
N ASN C 3452 -61.97 -29.28 -95.64
CA ASN C 3452 -62.87 -29.24 -96.78
C ASN C 3452 -62.94 -27.84 -97.38
N GLU C 3453 -62.26 -26.86 -96.78
CA GLU C 3453 -62.11 -25.50 -97.32
C GLU C 3453 -63.46 -24.78 -97.39
N ILE C 3454 -64.27 -24.94 -96.34
CA ILE C 3454 -65.43 -24.08 -96.14
C ILE C 3454 -65.02 -22.71 -95.62
N ASN C 3455 -63.79 -22.57 -95.11
CA ASN C 3455 -63.39 -21.32 -94.47
C ASN C 3455 -63.40 -20.15 -95.44
N ASN C 3456 -63.05 -20.39 -96.71
CA ASN C 3456 -63.10 -19.32 -97.71
C ASN C 3456 -64.53 -18.86 -97.93
N MET C 3457 -65.47 -19.80 -98.03
CA MET C 3457 -66.88 -19.44 -98.18
C MET C 3457 -67.40 -18.76 -96.93
N SER C 3458 -66.90 -19.16 -95.75
CA SER C 3458 -67.29 -18.51 -94.51
C SER C 3458 -66.82 -17.05 -94.48
N PHE C 3459 -65.58 -16.79 -94.91
CA PHE C 3459 -65.09 -15.42 -94.96
C PHE C 3459 -65.87 -14.60 -95.97
N LEU C 3460 -66.18 -15.18 -97.13
CA LEU C 3460 -66.96 -14.45 -98.12
C LEU C 3460 -68.36 -14.15 -97.61
N THR C 3461 -68.99 -15.12 -96.95
CA THR C 3461 -70.33 -14.93 -96.40
C THR C 3461 -70.33 -13.87 -95.31
N ALA C 3462 -69.31 -13.88 -94.45
CA ALA C 3462 -69.23 -12.88 -93.39
C ALA C 3462 -68.92 -11.50 -93.95
N ASP C 3463 -68.20 -11.42 -95.08
CA ASP C 3463 -67.90 -10.12 -95.67
C ASP C 3463 -69.11 -9.53 -96.37
N SER C 3464 -69.92 -10.37 -97.03
CA SER C 3464 -71.08 -9.84 -97.74
C SER C 3464 -72.27 -9.66 -96.80
N LYS C 3465 -72.71 -10.75 -96.17
CA LYS C 3465 -73.85 -10.76 -95.24
C LYS C 3465 -75.11 -10.14 -95.83
N SER C 3494 -61.72 -19.38 -88.88
CA SER C 3494 -61.22 -19.27 -87.51
C SER C 3494 -62.37 -19.35 -86.50
N VAL C 3495 -62.02 -19.23 -85.22
CA VAL C 3495 -63.02 -19.27 -84.16
C VAL C 3495 -63.87 -18.01 -84.19
N GLN C 3496 -63.24 -16.84 -84.37
CA GLN C 3496 -63.99 -15.59 -84.42
C GLN C 3496 -64.92 -15.54 -85.63
N THR C 3497 -64.47 -16.07 -86.76
CA THR C 3497 -65.25 -16.07 -87.99
C THR C 3497 -66.13 -17.31 -88.14
N SER C 3498 -66.18 -18.18 -87.13
CA SER C 3498 -67.08 -19.32 -87.18
C SER C 3498 -68.53 -18.84 -87.21
N LEU C 3499 -69.36 -19.53 -88.00
CA LEU C 3499 -70.70 -19.01 -88.25
C LEU C 3499 -71.61 -19.11 -87.04
N ILE C 3500 -71.35 -20.01 -86.09
CA ILE C 3500 -72.18 -20.05 -84.90
C ILE C 3500 -71.98 -18.80 -84.06
N VAL C 3501 -70.72 -18.43 -83.80
CA VAL C 3501 -70.48 -17.20 -83.05
C VAL C 3501 -70.85 -15.99 -83.91
N ALA C 3502 -70.78 -16.12 -85.23
CA ALA C 3502 -71.15 -15.02 -86.12
C ALA C 3502 -72.65 -14.76 -86.06
N THR C 3503 -73.47 -15.81 -86.09
CA THR C 3503 -74.90 -15.63 -85.91
C THR C 3503 -75.18 -15.06 -84.54
N LEU C 3504 -74.48 -15.56 -83.52
CA LEU C 3504 -74.73 -15.07 -82.16
C LEU C 3504 -74.45 -13.58 -82.06
N LYS C 3505 -73.31 -13.12 -82.59
CA LYS C 3505 -73.00 -11.69 -82.55
C LYS C 3505 -73.89 -10.88 -83.47
N LYS C 3506 -74.48 -11.51 -84.49
CA LYS C 3506 -75.49 -10.83 -85.28
C LYS C 3506 -76.79 -10.65 -84.49
N MET C 3507 -77.07 -11.54 -83.55
CA MET C 3507 -78.30 -11.49 -82.77
C MET C 3507 -78.14 -10.99 -81.34
N LEU C 3508 -76.96 -10.52 -80.93
CA LEU C 3508 -76.91 -9.79 -79.66
C LEU C 3508 -77.80 -8.55 -79.58
N PRO C 3509 -77.95 -7.70 -80.60
CA PRO C 3509 -78.94 -6.62 -80.45
C PRO C 3509 -80.34 -7.14 -80.15
N ILE C 3510 -80.73 -8.21 -80.83
CA ILE C 3510 -81.99 -8.86 -80.52
C ILE C 3510 -81.96 -9.46 -79.13
N GLY C 3511 -80.84 -10.08 -78.76
CA GLY C 3511 -80.63 -10.80 -77.52
C GLY C 3511 -80.39 -9.94 -76.31
N LEU C 3512 -80.28 -8.62 -76.49
CA LEU C 3512 -80.35 -7.66 -75.40
C LEU C 3512 -81.55 -6.75 -75.54
N ASN C 3513 -82.37 -6.93 -76.59
CA ASN C 3513 -83.56 -6.11 -76.73
C ASN C 3513 -84.62 -6.42 -75.67
N MET C 3514 -84.70 -7.68 -75.21
CA MET C 3514 -85.74 -8.01 -74.23
C MET C 3514 -85.45 -7.33 -72.90
N CYS C 3515 -84.22 -7.48 -72.40
CA CYS C 3515 -83.92 -7.15 -71.01
C CYS C 3515 -83.95 -5.65 -70.79
N ALA C 3516 -84.43 -5.24 -69.62
CA ALA C 3516 -84.44 -3.85 -69.24
C ALA C 3516 -83.05 -3.39 -68.80
N PRO C 3517 -82.71 -2.13 -69.02
CA PRO C 3517 -81.45 -1.60 -68.47
C PRO C 3517 -81.40 -1.67 -66.95
N THR C 3518 -82.54 -1.50 -66.27
CA THR C 3518 -82.54 -1.63 -64.82
C THR C 3518 -82.24 -3.05 -64.36
N ASP C 3519 -82.41 -4.03 -65.25
CA ASP C 3519 -82.14 -5.42 -64.93
C ASP C 3519 -80.65 -5.74 -64.91
N GLN C 3520 -79.80 -4.81 -65.33
CA GLN C 3520 -78.38 -5.09 -65.50
C GLN C 3520 -77.68 -5.38 -64.18
N ASP C 3521 -78.22 -4.91 -63.05
CA ASP C 3521 -77.70 -5.31 -61.75
C ASP C 3521 -77.89 -6.81 -61.54
N LEU C 3522 -79.09 -7.31 -61.79
CA LEU C 3522 -79.33 -8.74 -61.71
C LEU C 3522 -78.51 -9.49 -62.75
N ILE C 3523 -78.27 -8.85 -63.90
CA ILE C 3523 -77.39 -9.45 -64.91
C ILE C 3523 -76.00 -9.67 -64.34
N MET C 3524 -75.46 -8.68 -63.63
CA MET C 3524 -74.11 -8.82 -63.07
C MET C 3524 -74.06 -9.87 -61.98
N LEU C 3525 -75.08 -9.92 -61.12
CA LEU C 3525 -75.11 -10.94 -60.07
C LEU C 3525 -75.17 -12.33 -60.67
N ALA C 3526 -76.03 -12.53 -61.66
CA ALA C 3526 -76.05 -13.79 -62.39
C ALA C 3526 -74.77 -14.01 -63.17
N LYS C 3527 -74.05 -12.95 -63.53
CA LYS C 3527 -72.82 -13.08 -64.28
C LYS C 3527 -71.78 -13.80 -63.43
N THR C 3528 -71.62 -13.34 -62.19
CA THR C 3528 -70.75 -14.05 -61.24
C THR C 3528 -71.32 -15.43 -60.92
N ARG C 3529 -72.64 -15.59 -60.93
CA ARG C 3529 -73.23 -16.88 -60.63
C ARG C 3529 -72.83 -17.94 -61.65
N TYR C 3530 -72.86 -17.60 -62.95
CA TYR C 3530 -72.30 -18.49 -63.96
C TYR C 3530 -70.78 -18.54 -63.91
N ALA C 3531 -70.13 -17.50 -63.40
CA ALA C 3531 -68.68 -17.57 -63.24
C ALA C 3531 -68.28 -18.63 -62.22
N LEU C 3532 -69.16 -18.95 -61.27
CA LEU C 3532 -68.89 -20.00 -60.29
C LEU C 3532 -69.08 -21.40 -60.85
N LYS C 3533 -69.36 -21.55 -62.15
CA LYS C 3533 -69.52 -22.85 -62.82
C LYS C 3533 -70.65 -23.67 -62.21
N ASP C 3534 -71.78 -23.03 -61.97
CA ASP C 3534 -72.95 -23.71 -61.45
C ASP C 3534 -73.88 -24.14 -62.58
N THR C 3535 -74.79 -25.05 -62.26
CA THR C 3535 -75.75 -25.54 -63.25
C THR C 3535 -76.86 -24.52 -63.46
N ASP C 3536 -77.65 -24.74 -64.50
CA ASP C 3536 -78.70 -23.80 -64.87
C ASP C 3536 -79.73 -23.66 -63.75
N GLU C 3537 -80.15 -24.78 -63.16
CA GLU C 3537 -81.09 -24.70 -62.05
C GLU C 3537 -80.50 -23.93 -60.87
N GLU C 3538 -79.23 -24.19 -60.54
CA GLU C 3538 -78.62 -23.54 -59.39
C GLU C 3538 -78.49 -22.03 -59.60
N VAL C 3539 -78.06 -21.62 -60.79
CA VAL C 3539 -77.92 -20.19 -61.05
C VAL C 3539 -79.28 -19.50 -61.06
N ARG C 3540 -80.31 -20.18 -61.56
CA ARG C 3540 -81.64 -19.59 -61.49
C ARG C 3540 -82.15 -19.50 -60.06
N GLU C 3541 -81.85 -20.50 -59.22
CA GLU C 3541 -82.27 -20.42 -57.82
C GLU C 3541 -81.60 -19.26 -57.10
N PHE C 3542 -80.29 -19.08 -57.31
CA PHE C 3542 -79.63 -17.93 -56.71
C PHE C 3542 -80.11 -16.62 -57.34
N LEU C 3543 -80.56 -16.67 -58.58
CA LEU C 3543 -81.16 -15.50 -59.21
C LEU C 3543 -82.45 -15.11 -58.49
N GLN C 3544 -83.29 -16.09 -58.15
CA GLN C 3544 -84.48 -15.79 -57.35
C GLN C 3544 -84.09 -15.30 -55.96
N ASN C 3545 -83.01 -15.86 -55.39
CA ASN C 3545 -82.54 -15.42 -54.09
C ASN C 3545 -82.02 -13.99 -54.14
N ASN C 3546 -81.56 -13.53 -55.30
CA ASN C 3546 -81.05 -12.18 -55.48
C ASN C 3546 -82.01 -11.31 -56.29
N LEU C 3547 -83.28 -11.74 -56.41
CA LEU C 3547 -84.25 -11.01 -57.23
C LEU C 3547 -84.53 -9.62 -56.68
N HIS C 3548 -84.61 -9.48 -55.35
CA HIS C 3548 -85.03 -8.23 -54.75
C HIS C 3548 -84.03 -7.10 -54.94
N LEU C 3549 -82.80 -7.41 -55.36
CA LEU C 3549 -81.78 -6.37 -55.58
C LEU C 3549 -81.92 -5.77 -56.99
N GLN C 3550 -83.13 -5.35 -57.32
CA GLN C 3550 -83.40 -4.76 -58.62
C GLN C 3550 -82.84 -3.34 -58.69
N GLY C 3551 -82.32 -2.99 -59.87
CA GLY C 3551 -81.83 -1.65 -60.07
C GLY C 3551 -82.93 -0.61 -59.95
N LYS C 3552 -82.52 0.63 -59.66
CA LYS C 3552 -83.44 1.71 -59.39
C LYS C 3552 -83.32 2.76 -60.49
N VAL C 3553 -84.46 3.16 -61.05
CA VAL C 3553 -84.47 4.12 -62.15
C VAL C 3553 -83.97 5.48 -61.67
N GLU C 3554 -84.41 5.91 -60.48
CA GLU C 3554 -84.02 7.20 -59.94
C GLU C 3554 -82.57 7.23 -59.48
N GLY C 3555 -81.89 6.09 -59.44
CA GLY C 3555 -80.53 6.07 -58.92
C GLY C 3555 -79.55 6.89 -59.75
N SER C 3556 -79.60 6.74 -61.07
CA SER C 3556 -78.69 7.47 -61.94
C SER C 3556 -79.43 7.97 -63.16
N PRO C 3557 -79.25 9.24 -63.54
CA PRO C 3557 -79.89 9.74 -64.77
C PRO C 3557 -79.36 9.09 -66.02
N SER C 3558 -78.19 8.44 -65.97
CA SER C 3558 -77.67 7.75 -67.14
C SER C 3558 -78.60 6.62 -67.57
N LEU C 3559 -79.17 5.90 -66.60
CA LEU C 3559 -80.13 4.86 -66.91
C LEU C 3559 -81.56 5.37 -66.92
N ARG C 3560 -81.79 6.61 -66.49
CA ARG C 3560 -83.14 7.18 -66.50
C ARG C 3560 -83.68 7.29 -67.92
N TRP C 3561 -82.93 7.92 -68.82
CA TRP C 3561 -83.38 8.04 -70.20
C TRP C 3561 -83.36 6.70 -70.91
N GLN C 3562 -82.47 5.78 -70.52
CA GLN C 3562 -82.52 4.43 -71.07
C GLN C 3562 -83.82 3.75 -70.70
N MET C 3563 -84.27 3.94 -69.45
CA MET C 3563 -85.58 3.45 -69.04
C MET C 3563 -86.68 4.13 -69.83
N ALA C 3564 -86.50 5.41 -70.15
CA ALA C 3564 -87.48 6.11 -70.99
C ALA C 3564 -87.59 5.46 -72.36
N LEU C 3565 -86.45 5.13 -72.97
CA LEU C 3565 -86.45 4.42 -74.25
C LEU C 3565 -87.13 3.06 -74.12
N TYR C 3566 -86.80 2.34 -73.07
CA TYR C 3566 -87.26 0.96 -72.93
C TYR C 3566 -88.76 0.90 -72.63
N ARG C 3567 -89.28 1.89 -71.92
CA ARG C 3567 -90.72 1.97 -71.70
C ARG C 3567 -91.46 2.52 -72.91
N GLY C 3568 -90.86 3.46 -73.63
CA GLY C 3568 -91.47 4.00 -74.83
C GLY C 3568 -91.30 3.15 -76.06
N LEU C 3569 -90.62 2.02 -75.95
CA LEU C 3569 -90.48 1.11 -77.07
C LEU C 3569 -91.86 0.57 -77.46
N PRO C 3570 -92.25 0.68 -78.73
CA PRO C 3570 -93.64 0.32 -79.11
C PRO C 3570 -94.00 -1.12 -78.85
N GLY C 3571 -93.07 -2.06 -79.01
CA GLY C 3571 -93.37 -3.45 -78.77
C GLY C 3571 -93.46 -3.83 -77.32
N ARG C 3572 -93.02 -2.96 -76.41
CA ARG C 3572 -93.11 -3.23 -74.99
C ARG C 3572 -94.56 -3.15 -74.52
N GLU C 3573 -94.89 -3.99 -73.53
CA GLU C 3573 -96.22 -4.03 -72.96
C GLU C 3573 -96.11 -3.97 -71.44
N GLU C 3574 -97.17 -3.47 -70.80
CA GLU C 3574 -97.17 -3.31 -69.35
C GLU C 3574 -97.33 -4.62 -68.60
N ASP C 3575 -97.80 -5.68 -69.26
CA ASP C 3575 -97.95 -6.97 -68.61
C ASP C 3575 -96.67 -7.80 -68.60
N ALA C 3576 -95.60 -7.30 -69.23
CA ALA C 3576 -94.33 -8.01 -69.29
C ALA C 3576 -93.46 -7.80 -68.06
N ASP C 3577 -94.05 -7.31 -66.97
CA ASP C 3577 -93.34 -7.12 -65.72
C ASP C 3577 -93.37 -8.37 -64.84
N ASP C 3578 -93.63 -9.53 -65.42
CA ASP C 3578 -93.69 -10.77 -64.64
C ASP C 3578 -92.28 -11.17 -64.23
N PRO C 3579 -92.02 -11.33 -62.92
CA PRO C 3579 -90.66 -11.70 -62.49
C PRO C 3579 -90.18 -13.01 -63.06
N GLU C 3580 -91.08 -13.93 -63.37
CA GLU C 3580 -90.69 -15.22 -63.94
C GLU C 3580 -90.10 -15.05 -65.33
N LYS C 3581 -90.79 -14.33 -66.21
CA LYS C 3581 -90.23 -14.05 -67.53
C LYS C 3581 -88.94 -13.27 -67.43
N ILE C 3582 -88.89 -12.31 -66.48
CA ILE C 3582 -87.68 -11.51 -66.29
C ILE C 3582 -86.51 -12.38 -65.90
N VAL C 3583 -86.70 -13.30 -64.95
CA VAL C 3583 -85.58 -14.10 -64.47
C VAL C 3583 -85.13 -15.09 -65.55
N ARG C 3584 -86.08 -15.67 -66.30
CA ARG C 3584 -85.69 -16.57 -67.38
C ARG C 3584 -84.84 -15.84 -68.42
N ARG C 3585 -85.26 -14.62 -68.80
CA ARG C 3585 -84.52 -13.92 -69.85
C ARG C 3585 -83.16 -13.45 -69.36
N VAL C 3586 -83.05 -13.03 -68.09
CA VAL C 3586 -81.74 -12.56 -67.64
C VAL C 3586 -80.77 -13.73 -67.51
N GLN C 3587 -81.22 -14.89 -67.01
CA GLN C 3587 -80.30 -16.01 -66.91
C GLN C 3587 -79.90 -16.51 -68.29
N GLU C 3588 -80.82 -16.48 -69.25
CA GLU C 3588 -80.47 -16.91 -70.61
C GLU C 3588 -79.44 -15.97 -71.22
N VAL C 3589 -79.66 -14.66 -71.10
CA VAL C 3589 -78.70 -13.69 -71.63
C VAL C 3589 -77.35 -13.83 -70.93
N SER C 3590 -77.38 -14.11 -69.62
CA SER C 3590 -76.15 -14.31 -68.87
C SER C 3590 -75.36 -15.49 -69.42
N ALA C 3591 -76.04 -16.62 -69.66
CA ALA C 3591 -75.37 -17.79 -70.21
C ALA C 3591 -74.74 -17.45 -71.57
N VAL C 3592 -75.51 -16.84 -72.46
CA VAL C 3592 -75.03 -16.56 -73.81
C VAL C 3592 -73.80 -15.67 -73.77
N LEU C 3593 -73.91 -14.50 -73.13
CA LEU C 3593 -72.81 -13.56 -73.28
C LEU C 3593 -71.64 -13.92 -72.35
N TYR C 3594 -71.86 -14.77 -71.33
CA TYR C 3594 -70.74 -15.23 -70.52
C TYR C 3594 -69.88 -16.20 -71.32
N HIS C 3595 -70.51 -17.16 -72.00
CA HIS C 3595 -69.71 -18.03 -72.87
C HIS C 3595 -69.15 -17.24 -74.05
N LEU C 3596 -69.85 -16.19 -74.47
CA LEU C 3596 -69.34 -15.34 -75.54
C LEU C 3596 -68.07 -14.62 -75.12
N GLU C 3597 -68.07 -14.01 -73.93
CA GLU C 3597 -66.85 -13.36 -73.47
C GLU C 3597 -65.77 -14.38 -73.16
N GLN C 3598 -66.15 -15.60 -72.81
CA GLN C 3598 -65.16 -16.67 -72.68
C GLN C 3598 -64.46 -16.93 -73.99
N THR C 3599 -65.22 -16.93 -75.10
CA THR C 3599 -64.58 -17.18 -76.39
C THR C 3599 -63.78 -15.98 -76.87
N GLU C 3600 -64.20 -14.76 -76.53
CA GLU C 3600 -63.38 -13.60 -76.90
C GLU C 3600 -62.09 -13.53 -76.10
N HIS C 3601 -62.15 -13.86 -74.81
CA HIS C 3601 -60.98 -13.84 -73.93
C HIS C 3601 -60.84 -15.22 -73.31
N PRO C 3602 -60.24 -16.18 -74.03
CA PRO C 3602 -60.03 -17.53 -73.50
C PRO C 3602 -58.69 -17.68 -72.80
N THR C 3629 -25.21 -43.58 -88.45
CA THR C 3629 -25.76 -43.59 -87.10
C THR C 3629 -26.09 -45.01 -86.58
N PRO C 3630 -26.67 -45.89 -87.40
CA PRO C 3630 -26.75 -47.30 -86.98
C PRO C 3630 -25.36 -47.88 -86.79
N LEU C 3631 -25.24 -48.78 -85.82
CA LEU C 3631 -23.94 -49.37 -85.53
C LEU C 3631 -23.46 -50.31 -86.62
N TYR C 3632 -24.37 -50.79 -87.48
CA TYR C 3632 -23.97 -51.79 -88.47
C TYR C 3632 -23.13 -51.17 -89.58
N ASN C 3633 -23.43 -49.93 -89.97
CA ASN C 3633 -22.68 -49.31 -91.06
C ASN C 3633 -21.32 -48.80 -90.62
N LEU C 3634 -21.04 -48.81 -89.32
CA LEU C 3634 -19.72 -48.46 -88.82
C LEU C 3634 -18.71 -49.54 -89.22
N PRO C 3635 -17.45 -49.19 -89.39
CA PRO C 3635 -16.44 -50.21 -89.70
C PRO C 3635 -16.31 -51.22 -88.58
N THR C 3636 -15.93 -52.45 -88.96
CA THR C 3636 -15.88 -53.55 -87.99
C THR C 3636 -14.85 -53.27 -86.89
N HIS C 3637 -13.67 -52.79 -87.28
CA HIS C 3637 -12.63 -52.53 -86.28
C HIS C 3637 -13.03 -51.42 -85.33
N ARG C 3638 -13.65 -50.36 -85.85
CA ARG C 3638 -14.08 -49.27 -84.99
C ARG C 3638 -15.20 -49.72 -84.05
N ALA C 3639 -16.10 -50.58 -84.56
CA ALA C 3639 -17.12 -51.16 -83.71
C ALA C 3639 -16.50 -51.97 -82.59
N CYS C 3640 -15.43 -52.71 -82.90
CA CYS C 3640 -14.72 -53.45 -81.86
C CYS C 3640 -14.11 -52.51 -80.83
N ASN C 3641 -13.60 -51.36 -81.28
CA ASN C 3641 -13.05 -50.40 -80.33
C ASN C 3641 -14.12 -49.87 -79.39
N MET C 3642 -15.30 -49.53 -79.92
CA MET C 3642 -16.39 -49.09 -79.04
C MET C 3642 -16.80 -50.19 -78.08
N PHE C 3643 -16.86 -51.43 -78.57
CA PHE C 3643 -17.21 -52.55 -77.70
C PHE C 3643 -16.20 -52.72 -76.58
N LEU C 3644 -14.91 -52.63 -76.91
CA LEU C 3644 -13.88 -52.81 -75.88
C LEU C 3644 -13.96 -51.71 -74.84
N GLU C 3645 -14.13 -50.46 -75.29
CA GLU C 3645 -14.18 -49.34 -74.36
C GLU C 3645 -15.38 -49.47 -73.42
N SER C 3646 -16.56 -49.75 -73.98
CA SER C 3646 -17.75 -49.79 -73.14
C SER C 3646 -17.77 -51.03 -72.26
N TYR C 3647 -17.24 -52.16 -72.74
CA TYR C 3647 -17.13 -53.35 -71.91
C TYR C 3647 -16.19 -53.09 -70.74
N LYS C 3648 -15.06 -52.43 -71.00
CA LYS C 3648 -14.14 -52.07 -69.93
C LYS C 3648 -14.82 -51.18 -68.90
N ALA C 3649 -15.60 -50.20 -69.35
CA ALA C 3649 -16.22 -49.27 -68.43
C ALA C 3649 -17.44 -49.84 -67.72
N ALA C 3650 -18.04 -50.92 -68.24
CA ALA C 3650 -19.31 -51.38 -67.71
C ALA C 3650 -19.25 -52.72 -67.00
N TRP C 3651 -18.28 -53.58 -67.30
CA TRP C 3651 -18.22 -54.89 -66.66
C TRP C 3651 -17.00 -55.05 -65.77
N ILE C 3652 -15.80 -54.85 -66.31
CA ILE C 3652 -14.59 -55.13 -65.54
C ILE C 3652 -14.44 -54.11 -64.41
N LEU C 3653 -14.69 -52.83 -64.70
CA LEU C 3653 -14.56 -51.79 -63.70
C LEU C 3653 -15.51 -52.01 -62.53
N THR C 3654 -16.76 -52.38 -62.82
CA THR C 3654 -17.72 -52.67 -61.76
C THR C 3654 -17.49 -54.02 -61.11
N GLU C 3655 -16.69 -54.88 -61.72
CA GLU C 3655 -16.44 -56.21 -61.16
C GLU C 3655 -15.40 -56.05 -60.05
N ASP C 3656 -15.89 -55.82 -58.84
CA ASP C 3656 -14.98 -55.64 -57.71
C ASP C 3656 -14.46 -56.97 -57.20
N HIS C 3657 -13.31 -56.93 -56.54
CA HIS C 3657 -12.69 -58.14 -56.02
C HIS C 3657 -11.80 -57.76 -54.86
N SER C 3658 -11.94 -58.49 -53.76
CA SER C 3658 -11.17 -58.20 -52.55
C SER C 3658 -9.99 -59.16 -52.48
N PHE C 3659 -8.79 -58.60 -52.47
CA PHE C 3659 -7.57 -59.36 -52.28
C PHE C 3659 -6.63 -58.70 -51.28
N GLU C 3660 -6.92 -57.48 -50.82
CA GLU C 3660 -6.01 -56.77 -49.94
C GLU C 3660 -5.84 -57.50 -48.62
N ASP C 3661 -6.93 -57.97 -48.03
CA ASP C 3661 -6.81 -58.67 -46.76
C ASP C 3661 -6.03 -59.97 -46.90
N ARG C 3662 -6.29 -60.74 -47.96
CA ARG C 3662 -5.58 -61.98 -48.16
C ARG C 3662 -4.10 -61.74 -48.39
N MET C 3663 -3.77 -60.73 -49.20
CA MET C 3663 -2.39 -60.53 -49.58
C MET C 3663 -1.58 -59.89 -48.46
N ILE C 3664 -2.19 -58.99 -47.69
CA ILE C 3664 -1.51 -58.46 -46.51
C ILE C 3664 -1.29 -59.57 -45.48
N ASP C 3665 -2.27 -60.45 -45.30
CA ASP C 3665 -2.07 -61.57 -44.38
C ASP C 3665 -0.94 -62.47 -44.84
N ASP C 3666 -0.88 -62.77 -46.15
CA ASP C 3666 0.17 -63.64 -46.66
C ASP C 3666 1.54 -62.98 -46.55
N LEU C 3667 1.61 -61.66 -46.71
CA LEU C 3667 2.88 -60.98 -46.53
C LEU C 3667 3.26 -60.90 -45.05
N SER C 3668 2.29 -60.87 -44.16
CA SER C 3668 2.60 -60.76 -42.74
C SER C 3668 3.01 -62.07 -42.11
N LYS C 3669 2.63 -63.21 -42.69
CA LYS C 3669 3.11 -64.49 -42.18
C LYS C 3669 4.62 -64.57 -42.35
N ALA C 3670 5.32 -64.95 -41.28
CA ALA C 3670 6.77 -64.91 -41.27
C ALA C 3670 7.41 -66.16 -41.89
N GLY C 3671 6.64 -67.21 -42.13
CA GLY C 3671 7.19 -68.40 -42.73
C GLY C 3671 7.76 -69.39 -41.73
N GLU C 3672 8.95 -69.92 -42.04
CA GLU C 3672 9.59 -70.93 -41.20
C GLU C 3672 10.84 -70.41 -40.51
N GLN C 3673 11.11 -69.11 -40.61
CA GLN C 3673 12.35 -68.55 -40.08
C GLN C 3673 12.46 -68.75 -38.56
N GLU C 3674 11.35 -68.56 -37.83
CA GLU C 3674 11.38 -68.78 -36.40
C GLU C 3674 11.54 -70.27 -36.08
N GLU C 3675 11.00 -71.14 -36.93
CA GLU C 3675 11.18 -72.57 -36.74
C GLU C 3675 12.65 -72.97 -36.87
N GLU C 3676 13.35 -72.39 -37.84
CA GLU C 3676 14.77 -72.72 -37.99
C GLU C 3676 15.61 -72.09 -36.89
N GLU C 3677 15.24 -70.88 -36.43
CA GLU C 3677 15.98 -70.21 -35.35
C GLU C 3677 14.99 -69.62 -34.36
N GLU C 3678 14.57 -70.44 -33.38
CA GLU C 3678 13.81 -69.91 -32.27
C GLU C 3678 14.67 -69.03 -31.37
N GLU C 3679 15.88 -69.49 -31.06
CA GLU C 3679 16.74 -68.84 -30.07
C GLU C 3679 17.40 -67.56 -30.58
N VAL C 3680 17.28 -67.26 -31.87
CA VAL C 3680 17.90 -66.07 -32.44
C VAL C 3680 16.90 -64.92 -32.39
N GLU C 3681 17.27 -63.83 -31.73
CA GLU C 3681 16.47 -62.62 -31.70
C GLU C 3681 16.93 -61.65 -32.78
N GLU C 3682 16.17 -60.56 -32.94
CA GLU C 3682 16.35 -59.60 -34.02
C GLU C 3682 16.33 -60.31 -35.37
N LYS C 3683 15.29 -61.13 -35.56
CA LYS C 3683 15.18 -61.96 -36.75
C LYS C 3683 14.98 -61.10 -37.99
N LYS C 3684 15.06 -61.76 -39.14
CA LYS C 3684 14.83 -61.07 -40.40
C LYS C 3684 13.40 -60.55 -40.44
N PRO C 3685 13.16 -59.39 -41.04
CA PRO C 3685 11.80 -58.87 -41.11
C PRO C 3685 10.89 -59.75 -41.96
N ASP C 3686 9.59 -59.68 -41.66
CA ASP C 3686 8.58 -60.35 -42.46
C ASP C 3686 8.56 -59.74 -43.86
N PRO C 3687 7.99 -60.43 -44.85
CA PRO C 3687 7.92 -59.85 -46.20
C PRO C 3687 7.26 -58.49 -46.24
N LEU C 3688 6.18 -58.32 -45.48
CA LEU C 3688 5.53 -57.01 -45.40
C LEU C 3688 6.45 -55.98 -44.78
N HIS C 3689 7.20 -56.38 -43.75
CA HIS C 3689 8.13 -55.46 -43.12
C HIS C 3689 9.22 -55.02 -44.09
N GLN C 3690 9.73 -55.97 -44.89
CA GLN C 3690 10.73 -55.60 -45.89
C GLN C 3690 10.16 -54.65 -46.92
N LEU C 3691 8.91 -54.87 -47.31
CA LEU C 3691 8.26 -53.98 -48.28
C LEU C 3691 8.15 -52.56 -47.74
N VAL C 3692 7.66 -52.42 -46.51
CA VAL C 3692 7.53 -51.10 -45.91
C VAL C 3692 8.90 -50.46 -45.73
N LEU C 3693 9.90 -51.26 -45.38
CA LEU C 3693 11.25 -50.74 -45.26
C LEU C 3693 11.77 -50.22 -46.58
N HIS C 3694 11.42 -50.91 -47.68
CA HIS C 3694 11.85 -50.45 -48.99
C HIS C 3694 11.26 -49.10 -49.33
N PHE C 3695 9.96 -48.93 -49.06
CA PHE C 3695 9.33 -47.64 -49.32
C PHE C 3695 9.90 -46.55 -48.43
N SER C 3696 10.22 -46.90 -47.18
CA SER C 3696 10.86 -45.94 -46.29
C SER C 3696 12.23 -45.52 -46.83
N ARG C 3697 12.94 -46.47 -47.42
CA ARG C 3697 14.26 -46.19 -47.99
C ARG C 3697 14.15 -45.21 -49.15
N THR C 3698 13.21 -45.46 -50.07
CA THR C 3698 13.01 -44.55 -51.18
C THR C 3698 12.50 -43.19 -50.70
N ALA C 3699 11.77 -43.17 -49.58
CA ALA C 3699 11.30 -41.90 -49.04
C ALA C 3699 12.44 -41.10 -48.44
N LEU C 3700 13.34 -41.76 -47.71
CA LEU C 3700 14.42 -41.08 -47.03
C LEU C 3700 15.60 -40.75 -47.94
N THR C 3701 15.61 -41.26 -49.17
CA THR C 3701 16.67 -40.88 -50.09
C THR C 3701 16.56 -39.40 -50.42
N GLU C 3702 17.70 -38.79 -50.75
CA GLU C 3702 17.77 -37.37 -51.01
C GLU C 3702 17.47 -37.10 -52.48
N LYS C 3703 16.46 -36.27 -52.73
CA LYS C 3703 16.04 -35.98 -54.09
C LYS C 3703 15.25 -34.67 -54.08
N SER C 3704 15.27 -33.98 -55.23
CA SER C 3704 14.58 -32.70 -55.35
C SER C 3704 13.07 -32.86 -55.19
N LYS C 3705 12.51 -33.90 -55.79
CA LYS C 3705 11.07 -34.15 -55.69
C LYS C 3705 10.83 -35.64 -55.71
N LEU C 3706 9.66 -36.04 -55.20
CA LEU C 3706 9.28 -37.44 -55.16
C LEU C 3706 8.57 -37.80 -56.46
N ASP C 3707 9.24 -38.57 -57.30
CA ASP C 3707 8.66 -38.97 -58.57
C ASP C 3707 7.51 -39.93 -58.34
N GLU C 3708 6.45 -39.78 -59.13
CA GLU C 3708 5.29 -40.63 -58.98
C GLU C 3708 5.60 -42.05 -59.44
N ASP C 3709 5.20 -43.04 -58.65
CA ASP C 3709 5.35 -44.43 -59.09
C ASP C 3709 4.15 -45.26 -58.68
N TYR C 3710 3.65 -46.05 -59.63
CA TYR C 3710 2.45 -46.85 -59.39
C TYR C 3710 2.71 -47.99 -58.44
N LEU C 3711 3.97 -48.37 -58.23
CA LEU C 3711 4.27 -49.43 -57.28
C LEU C 3711 3.85 -49.03 -55.88
N TYR C 3712 4.34 -47.87 -55.41
CA TYR C 3712 3.94 -47.43 -54.09
C TYR C 3712 2.48 -47.00 -54.07
N MET C 3713 1.97 -46.42 -55.17
CA MET C 3713 0.55 -46.07 -55.19
C MET C 3713 -0.32 -47.30 -54.94
N ALA C 3714 -0.05 -48.39 -55.66
CA ALA C 3714 -0.84 -49.60 -55.50
C ALA C 3714 -0.67 -50.18 -54.11
N TYR C 3715 0.55 -50.18 -53.59
CA TYR C 3715 0.77 -50.82 -52.29
C TYR C 3715 0.17 -50.02 -51.14
N ALA C 3716 0.26 -48.69 -51.19
CA ALA C 3716 -0.39 -47.88 -50.17
C ALA C 3716 -1.90 -48.02 -50.24
N ASP C 3717 -2.45 -48.13 -51.46
CA ASP C 3717 -3.88 -48.35 -51.61
C ASP C 3717 -4.26 -49.69 -50.98
N ILE C 3718 -3.46 -50.73 -51.21
CA ILE C 3718 -3.75 -52.04 -50.64
C ILE C 3718 -3.70 -51.99 -49.13
N MET C 3719 -2.66 -51.35 -48.59
CA MET C 3719 -2.49 -51.33 -47.14
C MET C 3719 -3.56 -50.48 -46.46
N ALA C 3720 -4.12 -49.50 -47.17
CA ALA C 3720 -5.25 -48.77 -46.61
C ALA C 3720 -6.52 -49.60 -46.64
N LYS C 3721 -6.77 -50.29 -47.75
CA LYS C 3721 -8.00 -51.09 -47.82
C LYS C 3721 -7.95 -52.32 -46.94
N SER C 3722 -6.78 -52.70 -46.44
CA SER C 3722 -6.74 -53.79 -45.46
C SER C 3722 -7.33 -53.35 -44.12
N CYS C 3723 -6.99 -52.14 -43.66
CA CYS C 3723 -7.51 -51.65 -42.39
C CYS C 3723 -8.94 -51.15 -42.52
N HIS C 3724 -9.33 -50.63 -43.69
CA HIS C 3724 -10.69 -50.12 -43.87
C HIS C 3724 -11.76 -51.20 -43.82
N LEU C 3725 -11.40 -52.47 -43.62
CA LEU C 3725 -12.41 -53.51 -43.51
C LEU C 3725 -13.33 -53.23 -42.33
N GLU C 3726 -12.75 -52.94 -41.18
CA GLU C 3726 -13.56 -52.64 -40.00
C GLU C 3726 -14.05 -51.20 -39.97
N GLU C 3727 -13.53 -50.33 -40.83
CA GLU C 3727 -14.04 -48.97 -40.91
C GLU C 3727 -15.46 -48.96 -41.48
N GLY C 3728 -15.68 -49.66 -42.60
CA GLY C 3728 -17.01 -49.80 -43.13
C GLY C 3728 -17.83 -50.88 -42.48
N GLY C 3729 -17.19 -51.80 -41.77
CA GLY C 3729 -17.88 -52.88 -41.09
C GLY C 3729 -17.52 -54.24 -41.61
N GLU C 3730 -17.40 -54.38 -42.93
CA GLU C 3730 -17.10 -55.66 -43.55
C GLU C 3730 -15.65 -56.07 -43.33
N GLU C 3737 -32.00 -46.85 -40.17
CA GLU C 3737 -31.49 -48.03 -40.83
C GLU C 3737 -30.31 -48.61 -40.05
N GLU C 3738 -29.58 -47.75 -39.36
CA GLU C 3738 -28.46 -48.17 -38.52
C GLU C 3738 -29.02 -48.55 -37.15
N VAL C 3739 -29.39 -49.82 -37.00
CA VAL C 3739 -29.99 -50.32 -35.78
C VAL C 3739 -28.94 -50.34 -34.67
N GLU C 3740 -29.39 -50.51 -33.43
CA GLU C 3740 -28.47 -50.54 -32.30
C GLU C 3740 -27.56 -51.75 -32.39
N VAL C 3741 -26.34 -51.58 -31.86
CA VAL C 3741 -25.31 -52.61 -31.90
C VAL C 3741 -24.95 -52.97 -30.47
N SER C 3742 -24.75 -54.27 -30.23
CA SER C 3742 -24.35 -54.72 -28.90
C SER C 3742 -23.02 -54.10 -28.51
N PHE C 3743 -22.86 -53.81 -27.23
CA PHE C 3743 -21.59 -53.29 -26.74
C PHE C 3743 -20.46 -54.27 -27.00
N GLU C 3744 -20.76 -55.56 -26.84
CA GLU C 3744 -19.77 -56.60 -27.16
C GLU C 3744 -19.36 -56.51 -28.63
N GLU C 3745 -20.33 -56.37 -29.53
CA GLU C 3745 -20.01 -56.32 -30.95
C GLU C 3745 -19.21 -55.07 -31.29
N LYS C 3746 -19.58 -53.92 -30.71
CA LYS C 3746 -18.86 -52.69 -30.98
C LYS C 3746 -17.42 -52.77 -30.50
N GLU C 3747 -17.21 -53.29 -29.28
CA GLU C 3747 -15.86 -53.41 -28.76
C GLU C 3747 -15.05 -54.40 -29.57
N MET C 3748 -15.66 -55.49 -30.03
CA MET C 3748 -14.91 -56.44 -30.84
C MET C 3748 -14.58 -55.88 -32.21
N GLU C 3749 -15.43 -55.00 -32.75
CA GLU C 3749 -15.07 -54.32 -33.99
C GLU C 3749 -13.88 -53.39 -33.77
N LYS C 3750 -13.84 -52.69 -32.64
CA LYS C 3750 -12.66 -51.91 -32.32
C LYS C 3750 -11.44 -52.79 -32.19
N GLN C 3751 -11.60 -53.99 -31.63
CA GLN C 3751 -10.46 -54.90 -31.50
C GLN C 3751 -9.97 -55.37 -32.86
N ARG C 3752 -10.88 -55.70 -33.78
CA ARG C 3752 -10.47 -56.09 -35.12
C ARG C 3752 -9.72 -54.96 -35.80
N LEU C 3753 -10.22 -53.74 -35.69
CA LEU C 3753 -9.55 -52.61 -36.31
C LEU C 3753 -8.19 -52.37 -35.68
N LEU C 3754 -8.08 -52.53 -34.36
CA LEU C 3754 -6.80 -52.36 -33.71
C LEU C 3754 -5.80 -53.40 -34.18
N TYR C 3755 -6.25 -54.64 -34.38
CA TYR C 3755 -5.35 -55.66 -34.88
C TYR C 3755 -4.87 -55.33 -36.29
N GLN C 3756 -5.80 -54.97 -37.16
CA GLN C 3756 -5.43 -54.68 -38.54
C GLN C 3756 -4.53 -53.46 -38.64
N GLN C 3757 -4.67 -52.52 -37.71
CA GLN C 3757 -3.75 -51.39 -37.67
C GLN C 3757 -2.40 -51.78 -37.09
N SER C 3758 -2.38 -52.73 -36.15
CA SER C 3758 -1.12 -53.19 -35.60
C SER C 3758 -0.31 -53.94 -36.64
N ARG C 3759 -1.00 -54.65 -37.53
CA ARG C 3759 -0.33 -55.42 -38.57
C ARG C 3759 0.56 -54.54 -39.44
N LEU C 3760 0.23 -53.25 -39.54
CA LEU C 3760 1.03 -52.31 -40.31
C LEU C 3760 1.90 -51.40 -39.47
N HIS C 3761 1.42 -50.95 -38.31
CA HIS C 3761 2.22 -49.99 -37.57
C HIS C 3761 3.27 -50.64 -36.70
N THR C 3762 3.25 -51.96 -36.52
CA THR C 3762 4.41 -52.62 -35.93
C THR C 3762 5.48 -52.91 -36.97
N ARG C 3763 5.23 -52.53 -38.22
CA ARG C 3763 6.13 -52.81 -39.33
C ARG C 3763 6.61 -51.54 -40.02
N GLY C 3764 6.59 -50.41 -39.32
CA GLY C 3764 7.18 -49.18 -39.82
C GLY C 3764 6.29 -48.32 -40.66
N ALA C 3765 5.02 -48.68 -40.86
CA ALA C 3765 4.14 -47.87 -41.69
C ALA C 3765 3.90 -46.50 -41.06
N ALA C 3766 3.85 -46.45 -39.73
CA ALA C 3766 3.61 -45.19 -39.04
C ALA C 3766 4.73 -44.20 -39.31
N GLU C 3767 5.96 -44.68 -39.39
CA GLU C 3767 7.06 -43.80 -39.76
C GLU C 3767 7.06 -43.51 -41.26
N MET C 3768 6.67 -44.48 -42.08
CA MET C 3768 6.83 -44.30 -43.52
C MET C 3768 5.88 -43.24 -44.06
N VAL C 3769 4.68 -43.14 -43.49
CA VAL C 3769 3.76 -42.09 -43.95
C VAL C 3769 4.32 -40.72 -43.63
N LEU C 3770 4.91 -40.55 -42.44
CA LEU C 3770 5.55 -39.30 -42.11
C LEU C 3770 6.70 -39.00 -43.06
N GLN C 3771 7.50 -40.00 -43.37
CA GLN C 3771 8.65 -39.79 -44.23
C GLN C 3771 8.23 -39.35 -45.62
N MET C 3772 7.17 -39.96 -46.17
CA MET C 3772 6.77 -39.59 -47.51
C MET C 3772 6.04 -38.25 -47.55
N ILE C 3773 5.28 -37.91 -46.50
CA ILE C 3773 4.71 -36.57 -46.45
C ILE C 3773 5.81 -35.53 -46.39
N SER C 3774 6.88 -35.80 -45.62
CA SER C 3774 7.99 -34.86 -45.59
C SER C 3774 8.74 -34.83 -46.91
N ALA C 3775 8.77 -35.95 -47.63
CA ALA C 3775 9.52 -36.01 -48.88
C ALA C 3775 8.80 -35.29 -50.01
N CYS C 3776 7.47 -35.31 -50.03
CA CYS C 3776 6.74 -34.66 -51.11
C CYS C 3776 6.93 -33.14 -51.09
N LYS C 3777 7.28 -32.57 -49.94
CA LYS C 3777 7.59 -31.14 -49.81
C LYS C 3777 6.45 -30.26 -50.31
N GLY C 3778 5.21 -30.66 -50.00
CA GLY C 3778 4.08 -29.85 -50.38
C GLY C 3778 3.72 -29.90 -51.84
N GLU C 3779 4.14 -30.93 -52.56
CA GLU C 3779 3.75 -31.11 -53.95
C GLU C 3779 2.44 -31.90 -53.98
N THR C 3780 1.35 -31.23 -54.32
CA THR C 3780 0.07 -31.90 -54.44
C THR C 3780 0.12 -32.92 -55.56
N GLY C 3781 -0.33 -34.14 -55.27
CA GLY C 3781 -0.31 -35.18 -56.28
C GLY C 3781 -0.84 -36.48 -55.70
N ALA C 3782 -0.88 -37.49 -56.57
CA ALA C 3782 -1.40 -38.78 -56.15
C ALA C 3782 -0.53 -39.42 -55.09
N MET C 3783 0.76 -39.09 -55.04
CA MET C 3783 1.64 -39.63 -54.02
C MET C 3783 1.24 -39.14 -52.63
N VAL C 3784 1.09 -37.84 -52.45
CA VAL C 3784 0.70 -37.35 -51.14
C VAL C 3784 -0.73 -37.75 -50.85
N SER C 3785 -1.56 -37.90 -51.88
CA SER C 3785 -2.93 -38.35 -51.66
C SER C 3785 -2.95 -39.77 -51.10
N SER C 3786 -2.18 -40.68 -51.70
CA SER C 3786 -2.15 -42.05 -51.21
C SER C 3786 -1.53 -42.13 -49.82
N THR C 3787 -0.50 -41.35 -49.57
CA THR C 3787 0.11 -41.35 -48.25
C THR C 3787 -0.88 -40.88 -47.19
N LEU C 3788 -1.63 -39.81 -47.49
CA LEU C 3788 -2.61 -39.32 -46.53
C LEU C 3788 -3.71 -40.32 -46.29
N LYS C 3789 -4.19 -40.99 -47.34
CA LYS C 3789 -5.22 -42.00 -47.17
C LYS C 3789 -4.72 -43.16 -46.31
N LEU C 3790 -3.47 -43.58 -46.52
CA LEU C 3790 -2.92 -44.62 -45.67
C LEU C 3790 -2.81 -44.18 -44.22
N GLY C 3791 -2.35 -42.95 -44.00
CA GLY C 3791 -2.23 -42.46 -42.64
C GLY C 3791 -3.55 -42.41 -41.92
N ILE C 3792 -4.61 -42.01 -42.64
CA ILE C 3792 -5.95 -42.05 -42.08
C ILE C 3792 -6.35 -43.48 -41.75
N SER C 3793 -5.99 -44.42 -42.62
CA SER C 3793 -6.34 -45.82 -42.37
C SER C 3793 -5.68 -46.34 -41.11
N ILE C 3794 -4.41 -45.98 -40.88
CA ILE C 3794 -3.75 -46.43 -39.66
C ILE C 3794 -4.31 -45.73 -38.44
N LEU C 3795 -4.62 -44.45 -38.54
CA LEU C 3795 -5.01 -43.66 -37.39
C LEU C 3795 -6.51 -43.66 -37.14
N ASN C 3796 -7.29 -44.43 -37.89
CA ASN C 3796 -8.72 -44.46 -37.69
C ASN C 3796 -9.07 -44.89 -36.27
N GLY C 3797 -10.05 -44.23 -35.69
CA GLY C 3797 -10.40 -44.48 -34.31
C GLY C 3797 -9.49 -43.81 -33.31
N GLY C 3798 -8.51 -43.04 -33.77
CA GLY C 3798 -7.62 -42.33 -32.88
C GLY C 3798 -6.82 -43.22 -31.97
N ASN C 3799 -6.32 -44.34 -32.48
CA ASN C 3799 -5.56 -45.27 -31.65
C ASN C 3799 -4.26 -44.64 -31.20
N ALA C 3800 -3.88 -44.91 -29.96
CA ALA C 3800 -2.80 -44.17 -29.32
C ALA C 3800 -1.42 -44.69 -29.66
N GLU C 3801 -1.31 -45.96 -30.07
CA GLU C 3801 0.01 -46.50 -30.38
C GLU C 3801 0.62 -45.79 -31.59
N VAL C 3802 -0.15 -45.62 -32.65
CA VAL C 3802 0.37 -44.97 -33.85
C VAL C 3802 0.64 -43.50 -33.58
N GLN C 3803 -0.20 -42.86 -32.78
CA GLN C 3803 0.05 -41.48 -32.40
C GLN C 3803 1.37 -41.37 -31.65
N GLN C 3804 1.63 -42.30 -30.73
CA GLN C 3804 2.87 -42.26 -29.97
C GLN C 3804 4.08 -42.50 -30.86
N LYS C 3805 3.98 -43.44 -31.80
CA LYS C 3805 5.09 -43.71 -32.69
C LYS C 3805 5.36 -42.52 -33.60
N MET C 3806 4.32 -41.88 -34.10
CA MET C 3806 4.49 -40.69 -34.94
C MET C 3806 5.14 -39.57 -34.16
N LEU C 3807 4.67 -39.32 -32.93
CA LEU C 3807 5.24 -38.26 -32.12
C LEU C 3807 6.69 -38.54 -31.78
N ASP C 3808 7.01 -39.78 -31.42
CA ASP C 3808 8.38 -40.14 -31.09
C ASP C 3808 9.29 -39.95 -32.30
N TYR C 3809 8.83 -40.37 -33.47
CA TYR C 3809 9.64 -40.21 -34.67
C TYR C 3809 9.93 -38.75 -34.96
N LEU C 3810 8.90 -37.90 -34.91
CA LEU C 3810 9.11 -36.48 -35.20
C LEU C 3810 10.01 -35.83 -34.16
N LYS C 3811 9.79 -36.13 -32.88
CA LYS C 3811 10.60 -35.50 -31.84
C LYS C 3811 12.05 -35.97 -31.89
N ASP C 3812 12.29 -37.19 -32.37
CA ASP C 3812 13.66 -37.68 -32.38
C ASP C 3812 14.40 -37.21 -33.63
N LYS C 3813 13.78 -37.34 -34.80
CA LYS C 3813 14.44 -36.89 -36.03
C LYS C 3813 14.53 -35.37 -36.11
N LYS C 3814 13.74 -34.63 -35.32
CA LYS C 3814 13.82 -33.18 -35.21
C LYS C 3814 13.56 -32.48 -36.53
N GLU C 3815 12.97 -33.18 -37.49
CA GLU C 3815 12.86 -32.65 -38.84
C GLU C 3815 11.77 -31.58 -38.93
N VAL C 3816 11.95 -30.64 -39.84
CA VAL C 3816 10.95 -29.63 -40.14
C VAL C 3816 10.30 -29.84 -41.49
N GLY C 3817 10.78 -30.80 -42.28
CA GLY C 3817 10.21 -31.01 -43.59
C GLY C 3817 8.75 -31.44 -43.54
N PHE C 3818 8.40 -32.24 -42.54
CA PHE C 3818 7.03 -32.73 -42.44
C PHE C 3818 6.04 -31.59 -42.22
N PHE C 3819 6.33 -30.71 -41.26
CA PHE C 3819 5.39 -29.65 -40.96
C PHE C 3819 5.42 -28.55 -42.01
N GLN C 3820 6.57 -28.30 -42.62
CA GLN C 3820 6.59 -27.38 -43.74
C GLN C 3820 5.77 -27.91 -44.91
N SER C 3821 5.84 -29.23 -45.14
CA SER C 3821 5.03 -29.83 -46.19
C SER C 3821 3.54 -29.72 -45.90
N ILE C 3822 3.14 -29.93 -44.64
CA ILE C 3822 1.73 -29.81 -44.28
C ILE C 3822 1.26 -28.38 -44.50
N GLN C 3823 2.06 -27.39 -44.08
CA GLN C 3823 1.69 -26.00 -44.30
C GLN C 3823 1.55 -25.70 -45.78
N ALA C 3824 2.47 -26.19 -46.60
CA ALA C 3824 2.42 -25.92 -48.03
C ALA C 3824 1.17 -26.54 -48.66
N LEU C 3825 0.86 -27.78 -48.29
CA LEU C 3825 -0.32 -28.43 -48.85
C LEU C 3825 -1.59 -27.69 -48.47
N MET C 3826 -1.68 -27.26 -47.22
CA MET C 3826 -2.87 -26.54 -46.77
C MET C 3826 -2.98 -25.19 -47.46
N GLN C 3827 -1.86 -24.55 -47.79
CA GLN C 3827 -1.94 -23.31 -48.54
C GLN C 3827 -2.32 -23.55 -50.00
N THR C 3828 -2.02 -24.73 -50.54
CA THR C 3828 -2.40 -25.04 -51.91
C THR C 3828 -3.77 -25.70 -52.00
N CYS C 3829 -4.45 -25.92 -50.88
CA CYS C 3829 -5.84 -26.35 -50.93
C CYS C 3829 -6.70 -25.24 -51.52
N SER C 3830 -7.73 -25.63 -52.27
CA SER C 3830 -8.55 -24.69 -53.00
C SER C 3830 -9.85 -24.39 -52.26
N VAL C 3831 -10.53 -23.34 -52.71
CA VAL C 3831 -11.77 -22.86 -52.11
C VAL C 3831 -12.82 -22.72 -53.20
N LEU C 3832 -13.97 -22.17 -52.85
CA LEU C 3832 -15.02 -21.95 -53.84
C LEU C 3832 -14.63 -20.77 -54.74
N ASP C 3833 -14.53 -21.02 -56.05
CA ASP C 3833 -13.93 -20.05 -56.95
C ASP C 3833 -14.90 -18.98 -57.43
N LEU C 3834 -16.10 -19.39 -57.87
CA LEU C 3834 -17.16 -18.53 -58.40
C LEU C 3834 -16.84 -17.99 -59.78
N ASN C 3835 -15.62 -18.19 -60.27
CA ASN C 3835 -15.30 -17.91 -61.66
C ASN C 3835 -15.28 -19.19 -62.49
N ALA C 3836 -14.59 -20.21 -62.00
CA ALA C 3836 -14.70 -21.52 -62.61
C ALA C 3836 -16.13 -22.03 -62.57
N PHE C 3837 -16.93 -21.55 -61.62
CA PHE C 3837 -18.34 -21.93 -61.61
C PHE C 3837 -19.07 -21.40 -62.84
N GLU C 3838 -18.90 -20.11 -63.14
CA GLU C 3838 -19.56 -19.55 -64.32
C GLU C 3838 -19.03 -20.20 -65.59
N ARG C 3839 -17.73 -20.43 -65.65
CA ARG C 3839 -17.14 -21.06 -66.83
C ARG C 3839 -17.68 -22.47 -67.02
N GLN C 3840 -17.78 -23.24 -65.93
CA GLN C 3840 -18.27 -24.61 -66.05
C GLN C 3840 -19.75 -24.64 -66.37
N ASN C 3841 -20.52 -23.71 -65.81
CA ASN C 3841 -21.95 -23.64 -66.13
C ASN C 3841 -22.17 -23.33 -67.59
N LYS C 3842 -21.42 -22.37 -68.14
CA LYS C 3842 -21.57 -22.06 -69.55
C LYS C 3842 -21.09 -23.21 -70.42
N ALA C 3843 -20.02 -23.90 -69.99
CA ALA C 3843 -19.51 -25.03 -70.75
C ALA C 3843 -20.52 -26.18 -70.79
N GLU C 3844 -21.16 -26.46 -69.66
CA GLU C 3844 -22.15 -27.53 -69.64
C GLU C 3844 -23.42 -27.12 -70.39
N GLY C 3845 -23.76 -25.82 -70.38
CA GLY C 3845 -24.88 -25.36 -71.17
C GLY C 3845 -24.60 -25.33 -72.65
N LEU C 3846 -23.33 -25.35 -73.03
CA LEU C 3846 -22.96 -25.34 -74.45
C LEU C 3846 -23.48 -26.59 -75.15
N GLY C 3847 -23.00 -27.76 -74.75
CA GLY C 3847 -23.52 -29.02 -75.25
C GLY C 3847 -23.36 -29.29 -76.72
N MET C 3848 -22.17 -29.07 -77.28
CA MET C 3848 -21.91 -29.38 -78.67
C MET C 3848 -21.46 -30.83 -78.84
N VAL C 3849 -21.42 -31.27 -80.09
CA VAL C 3849 -21.02 -32.62 -80.45
C VAL C 3849 -19.56 -32.58 -80.87
N ASN C 3850 -18.70 -33.24 -80.09
CA ASN C 3850 -17.28 -33.35 -80.40
C ASN C 3850 -17.01 -34.69 -81.08
N GLU C 3851 -15.73 -35.03 -81.21
CA GLU C 3851 -15.36 -36.37 -81.67
C GLU C 3851 -15.80 -37.44 -80.68
N ASP C 3852 -15.85 -37.10 -79.39
CA ASP C 3852 -16.22 -38.07 -78.37
C ASP C 3852 -17.71 -38.43 -78.39
N GLY C 3853 -18.53 -37.70 -79.15
CA GLY C 3853 -19.94 -37.97 -79.26
C GLY C 3853 -20.75 -36.71 -79.04
N THR C 3854 -22.06 -36.89 -78.88
CA THR C 3854 -22.94 -35.75 -78.63
C THR C 3854 -22.63 -35.08 -77.30
N VAL C 3855 -22.38 -35.88 -76.26
CA VAL C 3855 -22.03 -35.35 -74.95
C VAL C 3855 -20.52 -35.23 -74.87
N ILE C 3856 -20.05 -34.10 -74.36
CA ILE C 3856 -18.61 -33.85 -74.22
C ILE C 3856 -18.15 -34.56 -72.95
N ASN C 3857 -17.58 -35.75 -73.11
CA ASN C 3857 -17.03 -36.49 -71.98
C ASN C 3857 -15.64 -36.02 -71.58
N ARG C 3858 -15.00 -35.16 -72.39
CA ARG C 3858 -13.66 -34.68 -72.12
C ARG C 3858 -13.65 -33.31 -71.45
N GLN C 3859 -14.80 -32.84 -71.00
CA GLN C 3859 -14.84 -31.62 -70.20
C GLN C 3859 -14.11 -31.83 -68.88
N ASN C 3860 -13.54 -30.75 -68.36
CA ASN C 3860 -13.04 -30.77 -66.99
C ASN C 3860 -14.23 -30.99 -66.06
N GLY C 3861 -14.22 -32.11 -65.35
CA GLY C 3861 -15.38 -32.49 -64.56
C GLY C 3861 -15.75 -31.47 -63.51
N GLU C 3862 -14.92 -31.34 -62.47
CA GLU C 3862 -15.15 -30.38 -61.40
C GLU C 3862 -13.99 -29.41 -61.38
N LYS C 3863 -14.21 -28.19 -61.87
CA LYS C 3863 -13.21 -27.14 -61.74
C LYS C 3863 -13.50 -26.21 -60.57
N VAL C 3864 -14.74 -26.14 -60.12
CA VAL C 3864 -15.12 -25.20 -59.08
C VAL C 3864 -14.52 -25.59 -57.74
N MET C 3865 -14.59 -26.86 -57.38
CA MET C 3865 -13.99 -27.36 -56.15
C MET C 3865 -13.24 -28.63 -56.50
N ALA C 3866 -11.99 -28.48 -56.90
CA ALA C 3866 -11.13 -29.62 -57.13
C ALA C 3866 -10.33 -29.94 -55.89
N ASP C 3867 -9.89 -31.19 -55.78
CA ASP C 3867 -9.16 -31.68 -54.61
C ASP C 3867 -9.96 -31.49 -53.33
N ASP C 3868 -11.29 -31.53 -53.42
CA ASP C 3868 -12.11 -31.51 -52.22
C ASP C 3868 -11.85 -32.76 -51.39
N GLU C 3869 -11.74 -33.89 -52.05
CA GLU C 3869 -11.48 -35.13 -51.33
C GLU C 3869 -10.07 -35.13 -50.75
N PHE C 3870 -9.12 -34.48 -51.44
CA PHE C 3870 -7.79 -34.31 -50.89
C PHE C 3870 -7.81 -33.45 -49.63
N THR C 3871 -8.50 -32.31 -49.65
CA THR C 3871 -8.44 -31.44 -48.48
C THR C 3871 -9.24 -32.00 -47.32
N GLN C 3872 -10.31 -32.74 -47.60
CA GLN C 3872 -10.97 -33.48 -46.53
C GLN C 3872 -10.03 -34.51 -45.92
N ASP C 3873 -9.25 -35.21 -46.75
CA ASP C 3873 -8.32 -36.19 -46.20
C ASP C 3873 -7.20 -35.52 -45.43
N LEU C 3874 -6.75 -34.35 -45.88
CA LEU C 3874 -5.69 -33.66 -45.17
C LEU C 3874 -6.12 -33.23 -43.78
N PHE C 3875 -7.29 -32.61 -43.67
CA PHE C 3875 -7.73 -32.19 -42.34
C PHE C 3875 -8.21 -33.37 -41.51
N ARG C 3876 -8.67 -34.44 -42.15
CA ARG C 3876 -8.96 -35.66 -41.40
C ARG C 3876 -7.69 -36.22 -40.79
N PHE C 3877 -6.58 -36.19 -41.52
CA PHE C 3877 -5.31 -36.66 -40.98
C PHE C 3877 -4.87 -35.80 -39.80
N LEU C 3878 -4.95 -34.48 -39.95
CA LEU C 3878 -4.57 -33.61 -38.85
C LEU C 3878 -5.48 -33.78 -37.64
N GLN C 3879 -6.74 -34.12 -37.87
CA GLN C 3879 -7.63 -34.41 -36.74
C GLN C 3879 -7.22 -35.70 -36.05
N LEU C 3880 -6.99 -36.75 -36.83
CA LEU C 3880 -6.67 -38.03 -36.24
C LEU C 3880 -5.33 -38.04 -35.53
N LEU C 3881 -4.46 -37.07 -35.83
CA LEU C 3881 -3.25 -36.94 -35.03
C LEU C 3881 -3.58 -36.61 -33.59
N CYS C 3882 -4.52 -35.71 -33.36
CA CYS C 3882 -4.88 -35.26 -32.02
C CYS C 3882 -6.13 -35.92 -31.47
N GLU C 3883 -6.69 -36.91 -32.16
CA GLU C 3883 -7.87 -37.56 -31.64
C GLU C 3883 -7.55 -38.33 -30.36
N GLY C 3884 -8.58 -38.56 -29.56
CA GLY C 3884 -8.37 -39.14 -28.26
C GLY C 3884 -7.79 -38.21 -27.23
N HIS C 3885 -7.78 -36.91 -27.51
CA HIS C 3885 -7.26 -35.89 -26.60
C HIS C 3885 -5.81 -36.16 -26.23
N ASN C 3886 -4.97 -36.20 -27.26
CA ASN C 3886 -3.55 -36.48 -27.09
C ASN C 3886 -2.83 -35.15 -26.92
N ASN C 3887 -2.71 -34.71 -25.66
CA ASN C 3887 -2.23 -33.37 -25.36
C ASN C 3887 -0.82 -33.13 -25.88
N ASP C 3888 0.00 -34.17 -25.91
CA ASP C 3888 1.36 -34.01 -26.40
C ASP C 3888 1.36 -33.64 -27.87
N PHE C 3889 0.58 -34.34 -28.69
CA PHE C 3889 0.53 -34.01 -30.10
C PHE C 3889 -0.17 -32.68 -30.35
N GLN C 3890 -1.13 -32.33 -29.50
CA GLN C 3890 -1.79 -31.03 -29.64
C GLN C 3890 -0.81 -29.90 -29.42
N ASN C 3891 -0.01 -29.99 -28.35
CA ASN C 3891 1.02 -28.98 -28.12
C ASN C 3891 2.07 -29.01 -29.21
N TYR C 3892 2.39 -30.19 -29.74
CA TYR C 3892 3.35 -30.28 -30.83
C TYR C 3892 2.85 -29.55 -32.06
N LEU C 3893 1.57 -29.69 -32.39
CA LEU C 3893 1.01 -28.98 -33.53
C LEU C 3893 1.07 -27.47 -33.32
N ARG C 3894 0.85 -27.02 -32.09
CA ARG C 3894 0.91 -25.57 -31.86
C ARG C 3894 2.34 -25.07 -32.02
N THR C 3895 3.26 -25.55 -31.19
CA THR C 3895 4.67 -25.20 -31.31
C THR C 3895 5.51 -26.46 -31.17
N GLN C 3896 6.49 -26.61 -32.05
CA GLN C 3896 7.40 -27.75 -32.03
C GLN C 3896 8.73 -27.28 -31.44
N THR C 3897 8.82 -27.33 -30.11
CA THR C 3897 10.08 -27.03 -29.46
C THR C 3897 11.08 -28.14 -29.72
N GLY C 3898 12.34 -27.77 -29.88
CA GLY C 3898 13.36 -28.72 -30.26
C GLY C 3898 13.82 -28.51 -31.68
N ASN C 3899 12.88 -28.23 -32.57
CA ASN C 3899 13.25 -27.89 -33.94
C ASN C 3899 13.70 -26.45 -34.01
N THR C 3900 14.40 -26.12 -35.10
CA THR C 3900 14.86 -24.76 -35.31
C THR C 3900 13.75 -23.82 -35.71
N THR C 3901 12.74 -24.32 -36.42
CA THR C 3901 11.65 -23.50 -36.93
C THR C 3901 10.32 -24.09 -36.50
N THR C 3902 9.38 -23.23 -36.12
CA THR C 3902 8.07 -23.64 -35.65
C THR C 3902 6.99 -23.18 -36.60
N ILE C 3903 6.09 -24.09 -36.95
CA ILE C 3903 4.96 -23.80 -37.83
C ILE C 3903 3.69 -24.07 -37.05
N ASN C 3904 2.89 -23.03 -36.84
CA ASN C 3904 1.69 -23.14 -36.02
C ASN C 3904 0.56 -23.66 -36.90
N ILE C 3905 0.38 -24.98 -36.89
CA ILE C 3905 -0.63 -25.62 -37.73
C ILE C 3905 -2.02 -25.18 -37.34
N ILE C 3906 -2.24 -24.89 -36.06
CA ILE C 3906 -3.57 -24.45 -35.62
C ILE C 3906 -3.93 -23.13 -36.28
N ILE C 3907 -3.02 -22.17 -36.25
CA ILE C 3907 -3.27 -20.87 -36.86
C ILE C 3907 -3.40 -21.00 -38.37
N CYS C 3908 -2.59 -21.87 -38.98
CA CYS C 3908 -2.71 -22.09 -40.43
C CYS C 3908 -4.07 -22.69 -40.78
N THR C 3909 -4.59 -23.60 -39.95
CA THR C 3909 -5.92 -24.14 -40.18
C THR C 3909 -6.97 -23.04 -40.08
N VAL C 3910 -6.83 -22.15 -39.11
CA VAL C 3910 -7.75 -21.04 -38.98
C VAL C 3910 -7.72 -20.17 -40.23
N ASP C 3911 -6.54 -19.96 -40.79
CA ASP C 3911 -6.44 -19.15 -42.00
C ASP C 3911 -7.14 -19.81 -43.17
N TYR C 3912 -6.99 -21.12 -43.32
CA TYR C 3912 -7.73 -21.79 -44.38
C TYR C 3912 -9.23 -21.68 -44.15
N LEU C 3913 -9.65 -21.78 -42.90
CA LEU C 3913 -11.08 -21.62 -42.60
C LEU C 3913 -11.57 -20.24 -42.98
N LEU C 3914 -10.76 -19.21 -42.73
CA LEU C 3914 -11.15 -17.86 -43.10
C LEU C 3914 -11.30 -17.73 -44.60
N ARG C 3915 -10.40 -18.34 -45.36
CA ARG C 3915 -10.53 -18.31 -46.82
C ARG C 3915 -11.80 -19.01 -47.27
N LEU C 3916 -12.10 -20.17 -46.68
CA LEU C 3916 -13.31 -20.89 -47.05
C LEU C 3916 -14.56 -20.09 -46.69
N GLN C 3917 -14.53 -19.39 -45.56
CA GLN C 3917 -15.67 -18.57 -45.17
C GLN C 3917 -15.92 -17.46 -46.17
N GLU C 3918 -14.86 -16.78 -46.61
CA GLU C 3918 -15.04 -15.72 -47.60
C GLU C 3918 -15.57 -16.28 -48.91
N SER C 3919 -15.09 -17.45 -49.32
CA SER C 3919 -15.56 -18.03 -50.57
C SER C 3919 -17.04 -18.43 -50.48
N ILE C 3920 -17.46 -18.96 -49.33
CA ILE C 3920 -18.87 -19.31 -49.16
C ILE C 3920 -19.74 -18.06 -49.14
N SER C 3921 -19.26 -16.99 -48.49
CA SER C 3921 -20.01 -15.74 -48.51
C SER C 3921 -20.18 -15.21 -49.92
N ASP C 3922 -19.10 -15.26 -50.72
CA ASP C 3922 -19.20 -14.80 -52.10
C ASP C 3922 -20.18 -15.66 -52.89
N PHE C 3923 -20.18 -16.97 -52.67
CA PHE C 3923 -21.13 -17.82 -53.35
C PHE C 3923 -22.56 -17.47 -52.97
N TYR C 3924 -22.78 -17.20 -51.68
CA TYR C 3924 -24.12 -16.82 -51.25
C TYR C 3924 -24.54 -15.51 -51.89
N TRP C 3925 -23.64 -14.54 -51.99
CA TRP C 3925 -23.98 -13.30 -52.68
C TRP C 3925 -24.32 -13.57 -54.14
N TYR C 3926 -23.61 -14.51 -54.76
CA TYR C 3926 -23.92 -14.84 -56.15
C TYR C 3926 -25.35 -15.35 -56.29
N TYR C 3927 -25.81 -16.15 -55.34
CA TYR C 3927 -27.18 -16.63 -55.38
C TYR C 3927 -28.15 -15.77 -54.60
N SER C 3928 -27.72 -14.63 -54.07
CA SER C 3928 -28.59 -13.82 -53.22
C SER C 3928 -29.80 -13.32 -53.98
N GLY C 3929 -29.61 -12.90 -55.23
CA GLY C 3929 -30.74 -12.40 -56.01
C GLY C 3929 -31.61 -13.49 -56.59
N LYS C 3930 -31.02 -14.66 -56.88
CA LYS C 3930 -31.78 -15.73 -57.50
C LYS C 3930 -32.84 -16.27 -56.54
N ASP C 3931 -34.00 -16.62 -57.10
CA ASP C 3931 -35.07 -17.16 -56.27
C ASP C 3931 -34.78 -18.59 -55.82
N VAL C 3932 -34.30 -19.44 -56.73
CA VAL C 3932 -34.10 -20.86 -56.45
C VAL C 3932 -32.69 -21.24 -56.89
N ILE C 3933 -31.95 -21.87 -55.99
CA ILE C 3933 -30.61 -22.37 -56.33
C ILE C 3933 -30.76 -23.63 -57.16
N GLU C 3934 -30.10 -23.65 -58.32
CA GLU C 3934 -30.22 -24.78 -59.22
C GLU C 3934 -29.34 -25.93 -58.76
N GLU C 3935 -29.35 -27.01 -59.54
CA GLU C 3935 -28.76 -28.27 -59.09
C GLU C 3935 -27.25 -28.17 -58.93
N GLN C 3936 -26.58 -27.48 -59.86
CA GLN C 3936 -25.14 -27.31 -59.74
C GLN C 3936 -24.78 -26.48 -58.52
N GLY C 3937 -25.56 -25.43 -58.24
CA GLY C 3937 -25.31 -24.64 -57.05
C GLY C 3937 -25.49 -25.44 -55.77
N LYS C 3938 -26.51 -26.30 -55.75
CA LYS C 3938 -26.71 -27.16 -54.58
C LYS C 3938 -25.53 -28.12 -54.40
N ARG C 3939 -25.04 -28.71 -55.49
CA ARG C 3939 -23.90 -29.61 -55.38
C ARG C 3939 -22.66 -28.87 -54.88
N ASN C 3940 -22.44 -27.65 -55.36
CA ASN C 3940 -21.25 -26.93 -54.96
C ASN C 3940 -21.32 -26.48 -53.52
N PHE C 3941 -22.50 -26.08 -53.06
CA PHE C 3941 -22.66 -25.81 -51.64
C PHE C 3941 -22.44 -27.06 -50.81
N SER C 3942 -22.88 -28.22 -51.31
CA SER C 3942 -22.64 -29.46 -50.57
C SER C 3942 -21.16 -29.73 -50.42
N LYS C 3943 -20.38 -29.56 -51.49
CA LYS C 3943 -18.93 -29.77 -51.40
C LYS C 3943 -18.31 -28.82 -50.40
N ALA C 3944 -18.60 -27.52 -50.54
CA ALA C 3944 -17.95 -26.54 -49.67
C ALA C 3944 -18.36 -26.72 -48.22
N MET C 3945 -19.63 -27.04 -47.98
CA MET C 3945 -20.09 -27.19 -46.61
C MET C 3945 -19.56 -28.47 -45.98
N SER C 3946 -19.41 -29.54 -46.75
CA SER C 3946 -18.79 -30.74 -46.21
C SER C 3946 -17.34 -30.51 -45.83
N VAL C 3947 -16.60 -29.79 -46.68
CA VAL C 3947 -15.22 -29.46 -46.35
C VAL C 3947 -15.16 -28.57 -45.12
N ALA C 3948 -16.09 -27.62 -45.01
CA ALA C 3948 -16.14 -26.78 -43.81
C ALA C 3948 -16.48 -27.60 -42.57
N LYS C 3949 -17.31 -28.62 -42.71
CA LYS C 3949 -17.59 -29.51 -41.59
C LYS C 3949 -16.34 -30.24 -41.15
N GLN C 3950 -15.54 -30.73 -42.09
CA GLN C 3950 -14.31 -31.42 -41.71
C GLN C 3950 -13.31 -30.47 -41.07
N VAL C 3951 -13.19 -29.25 -41.59
CA VAL C 3951 -12.29 -28.27 -40.99
C VAL C 3951 -12.74 -27.93 -39.58
N PHE C 3952 -14.05 -27.77 -39.39
CA PHE C 3952 -14.56 -27.47 -38.06
C PHE C 3952 -14.30 -28.61 -37.10
N ASN C 3953 -14.48 -29.86 -37.54
CA ASN C 3953 -14.21 -30.99 -36.67
C ASN C 3953 -12.75 -31.05 -36.26
N SER C 3954 -11.84 -30.78 -37.19
CA SER C 3954 -10.42 -30.81 -36.83
C SER C 3954 -10.05 -29.66 -35.90
N LEU C 3955 -10.62 -28.47 -36.12
CA LEU C 3955 -10.39 -27.37 -35.19
C LEU C 3955 -10.93 -27.70 -33.81
N THR C 3956 -12.08 -28.37 -33.75
CA THR C 3956 -12.60 -28.82 -32.46
C THR C 3956 -11.66 -29.81 -31.81
N GLU C 3957 -11.12 -30.75 -32.59
CA GLU C 3957 -10.26 -31.77 -32.02
C GLU C 3957 -8.94 -31.20 -31.54
N TYR C 3958 -8.52 -30.04 -32.06
CA TYR C 3958 -7.32 -29.41 -31.54
C TYR C 3958 -7.48 -28.89 -30.13
N ILE C 3959 -8.71 -28.72 -29.64
CA ILE C 3959 -8.95 -28.09 -28.35
C ILE C 3959 -9.94 -28.84 -27.49
N GLN C 3960 -10.41 -30.02 -27.90
CA GLN C 3960 -11.42 -30.71 -27.11
C GLN C 3960 -10.85 -31.13 -25.76
N GLY C 3961 -9.69 -31.77 -25.76
CA GLY C 3961 -8.94 -31.89 -24.55
C GLY C 3961 -8.61 -30.49 -24.11
N PRO C 3962 -8.72 -30.19 -22.82
CA PRO C 3962 -8.50 -28.82 -22.36
C PRO C 3962 -7.04 -28.40 -22.41
N CYS C 3963 -6.55 -28.13 -23.62
CA CYS C 3963 -5.18 -27.66 -23.81
C CYS C 3963 -5.22 -26.15 -23.83
N THR C 3964 -4.79 -25.54 -22.72
CA THR C 3964 -4.89 -24.10 -22.58
C THR C 3964 -4.08 -23.39 -23.65
N GLY C 3965 -3.00 -23.99 -24.12
CA GLY C 3965 -2.20 -23.36 -25.16
C GLY C 3965 -2.97 -23.16 -26.44
N ASN C 3966 -3.65 -24.21 -26.91
CA ASN C 3966 -4.40 -24.07 -28.15
C ASN C 3966 -5.66 -23.24 -27.94
N GLN C 3967 -6.27 -23.30 -26.76
CA GLN C 3967 -7.42 -22.44 -26.50
C GLN C 3967 -7.02 -20.97 -26.57
N GLN C 3968 -5.90 -20.60 -25.96
CA GLN C 3968 -5.44 -19.21 -26.05
C GLN C 3968 -5.04 -18.85 -27.47
N SER C 3969 -4.41 -19.78 -28.18
CA SER C 3969 -3.99 -19.49 -29.56
C SER C 3969 -5.18 -19.22 -30.45
N LEU C 3970 -6.24 -20.02 -30.32
CA LEU C 3970 -7.43 -19.77 -31.12
C LEU C 3970 -8.16 -18.52 -30.67
N ALA C 3971 -8.12 -18.21 -29.37
CA ALA C 3971 -8.75 -16.98 -28.90
C ALA C 3971 -8.07 -15.76 -29.49
N HIS C 3972 -6.75 -15.77 -29.59
CA HIS C 3972 -6.02 -14.65 -30.16
C HIS C 3972 -5.90 -14.70 -31.67
N SER C 3973 -6.33 -15.79 -32.31
CA SER C 3973 -6.19 -15.92 -33.75
C SER C 3973 -7.32 -15.15 -34.44
N ARG C 3974 -7.45 -15.33 -35.75
CA ARG C 3974 -8.51 -14.72 -36.54
C ARG C 3974 -9.75 -15.59 -36.60
N LEU C 3975 -9.96 -16.46 -35.62
CA LEU C 3975 -11.12 -17.34 -35.65
C LEU C 3975 -12.43 -16.57 -35.54
N TRP C 3976 -12.43 -15.48 -34.77
CA TRP C 3976 -13.68 -14.77 -34.51
C TRP C 3976 -14.25 -14.19 -35.80
N ASP C 3977 -13.38 -13.69 -36.67
CA ASP C 3977 -13.84 -13.16 -37.95
C ASP C 3977 -14.50 -14.24 -38.79
N ALA C 3978 -13.90 -15.44 -38.82
CA ALA C 3978 -14.47 -16.55 -39.56
C ALA C 3978 -15.82 -16.95 -38.99
N VAL C 3979 -15.94 -16.95 -37.66
CA VAL C 3979 -17.20 -17.32 -37.05
C VAL C 3979 -18.28 -16.29 -37.37
N VAL C 3980 -17.94 -15.01 -37.32
CA VAL C 3980 -18.91 -13.96 -37.62
C VAL C 3980 -19.38 -14.08 -39.06
N GLY C 3981 -18.45 -14.30 -39.98
CA GLY C 3981 -18.84 -14.51 -41.37
C GLY C 3981 -19.76 -15.70 -41.55
N PHE C 3982 -19.43 -16.81 -40.91
CA PHE C 3982 -20.27 -18.00 -41.03
C PHE C 3982 -21.64 -17.76 -40.43
N LEU C 3983 -21.71 -17.00 -39.34
CA LEU C 3983 -23.00 -16.69 -38.74
C LEU C 3983 -23.87 -15.89 -39.71
N HIS C 3984 -23.27 -14.92 -40.40
CA HIS C 3984 -24.04 -14.16 -41.39
C HIS C 3984 -24.52 -15.06 -42.51
N VAL C 3985 -23.63 -15.92 -43.01
CA VAL C 3985 -24.01 -16.80 -44.12
C VAL C 3985 -25.17 -17.69 -43.72
N PHE C 3986 -25.11 -18.27 -42.52
CA PHE C 3986 -26.21 -19.12 -42.09
C PHE C 3986 -27.47 -18.32 -41.83
N ALA C 3987 -27.34 -17.14 -41.22
CA ALA C 3987 -28.52 -16.36 -40.89
C ALA C 3987 -29.32 -15.98 -42.12
N HIS C 3988 -28.66 -15.81 -43.26
CA HIS C 3988 -29.42 -15.53 -44.47
C HIS C 3988 -29.74 -16.79 -45.28
N MET C 3989 -28.84 -17.77 -45.28
CA MET C 3989 -29.04 -18.96 -46.10
C MET C 3989 -30.17 -19.81 -45.56
N MET C 3990 -30.37 -19.81 -44.24
CA MET C 3990 -31.47 -20.58 -43.65
C MET C 3990 -32.81 -20.09 -44.17
N MET C 3991 -33.04 -18.78 -44.13
CA MET C 3991 -34.28 -18.24 -44.66
C MET C 3991 -34.39 -18.49 -46.16
N LYS C 3992 -33.29 -18.32 -46.88
CA LYS C 3992 -33.31 -18.46 -48.33
C LYS C 3992 -33.71 -19.86 -48.74
N LEU C 3993 -33.25 -20.88 -48.00
CA LEU C 3993 -33.66 -22.25 -48.31
C LEU C 3993 -35.01 -22.59 -47.72
N ALA C 3994 -35.37 -22.01 -46.57
CA ALA C 3994 -36.64 -22.34 -45.94
C ALA C 3994 -37.82 -21.83 -46.75
N GLN C 3995 -37.60 -20.87 -47.64
CA GLN C 3995 -38.68 -20.40 -48.50
C GLN C 3995 -38.95 -21.34 -49.67
N ASP C 3996 -38.46 -22.57 -49.64
CA ASP C 3996 -38.67 -23.51 -50.73
C ASP C 3996 -38.55 -24.92 -50.17
N SER C 3997 -39.25 -25.86 -50.81
CA SER C 3997 -39.28 -27.24 -50.34
C SER C 3997 -38.22 -28.12 -51.00
N SER C 3998 -37.87 -27.86 -52.25
CA SER C 3998 -36.94 -28.72 -52.98
C SER C 3998 -35.51 -28.61 -52.47
N GLN C 3999 -35.22 -27.64 -51.60
CA GLN C 3999 -33.88 -27.44 -51.07
C GLN C 3999 -33.75 -27.97 -49.64
N ILE C 4000 -34.63 -28.88 -49.23
CA ILE C 4000 -34.64 -29.32 -47.85
C ILE C 4000 -33.38 -30.09 -47.50
N GLU C 4001 -32.81 -30.85 -48.44
CA GLU C 4001 -31.59 -31.58 -48.15
C GLU C 4001 -30.43 -30.62 -47.93
N LEU C 4002 -30.33 -29.58 -48.76
CA LEU C 4002 -29.29 -28.57 -48.55
C LEU C 4002 -29.48 -27.88 -47.22
N LEU C 4003 -30.73 -27.63 -46.83
CA LEU C 4003 -30.95 -26.98 -45.54
C LEU C 4003 -30.53 -27.88 -44.38
N LYS C 4004 -30.81 -29.19 -44.48
CA LYS C 4004 -30.37 -30.10 -43.42
C LYS C 4004 -28.86 -30.11 -43.29
N GLU C 4005 -28.16 -30.15 -44.42
CA GLU C 4005 -26.70 -30.13 -44.36
C GLU C 4005 -26.19 -28.80 -43.81
N LEU C 4006 -26.85 -27.71 -44.15
CA LEU C 4006 -26.47 -26.40 -43.63
C LEU C 4006 -26.60 -26.34 -42.12
N LEU C 4007 -27.72 -26.86 -41.60
CA LEU C 4007 -27.93 -26.86 -40.16
C LEU C 4007 -26.91 -27.75 -39.46
N ASP C 4008 -26.55 -28.87 -40.09
CA ASP C 4008 -25.51 -29.72 -39.51
C ASP C 4008 -24.19 -28.99 -39.39
N LEU C 4009 -23.81 -28.23 -40.42
CA LEU C 4009 -22.58 -27.46 -40.36
C LEU C 4009 -22.65 -26.42 -39.24
N GLN C 4010 -23.80 -25.77 -39.09
CA GLN C 4010 -23.95 -24.80 -38.02
C GLN C 4010 -23.81 -25.45 -36.65
N LYS C 4011 -24.33 -26.67 -36.50
CA LYS C 4011 -24.16 -27.40 -35.26
C LYS C 4011 -22.69 -27.65 -34.97
N ASP C 4012 -21.92 -28.00 -35.99
CA ASP C 4012 -20.50 -28.25 -35.77
C ASP C 4012 -19.76 -26.99 -35.36
N MET C 4013 -20.15 -25.83 -35.91
CA MET C 4013 -19.56 -24.59 -35.42
C MET C 4013 -19.86 -24.39 -33.95
N VAL C 4014 -21.09 -24.63 -33.53
CA VAL C 4014 -21.45 -24.40 -32.14
C VAL C 4014 -20.69 -25.37 -31.23
N VAL C 4015 -20.48 -26.60 -31.70
CA VAL C 4015 -19.70 -27.55 -30.92
C VAL C 4015 -18.27 -27.06 -30.75
N MET C 4016 -17.70 -26.48 -31.80
CA MET C 4016 -16.35 -25.92 -31.67
C MET C 4016 -16.33 -24.78 -30.67
N LEU C 4017 -17.36 -23.94 -30.67
CA LEU C 4017 -17.42 -22.86 -29.69
C LEU C 4017 -17.48 -23.40 -28.27
N LEU C 4018 -18.27 -24.45 -28.07
CA LEU C 4018 -18.34 -25.06 -26.74
C LEU C 4018 -16.99 -25.62 -26.32
N SER C 4019 -16.25 -26.21 -27.27
CA SER C 4019 -14.94 -26.72 -26.95
C SER C 4019 -13.98 -25.61 -26.56
N LEU C 4020 -14.09 -24.45 -27.22
CA LEU C 4020 -13.34 -23.29 -26.75
C LEU C 4020 -13.75 -22.92 -25.33
N LEU C 4021 -15.02 -23.10 -25.01
CA LEU C 4021 -15.53 -22.71 -23.71
C LEU C 4021 -15.22 -23.72 -22.62
N GLU C 4022 -14.64 -24.87 -22.95
CA GLU C 4022 -14.28 -25.85 -21.93
C GLU C 4022 -13.28 -25.27 -20.94
N GLY C 4023 -13.40 -25.69 -19.68
CA GLY C 4023 -12.46 -25.29 -18.66
C GLY C 4023 -12.41 -23.80 -18.43
N ASN C 4024 -13.57 -23.17 -18.36
CA ASN C 4024 -13.67 -21.72 -18.30
C ASN C 4024 -13.96 -21.26 -16.88
N VAL C 4025 -13.17 -20.32 -16.38
CA VAL C 4025 -13.47 -19.69 -15.11
C VAL C 4025 -14.56 -18.65 -15.31
N VAL C 4026 -15.17 -18.22 -14.21
CA VAL C 4026 -16.19 -17.18 -14.28
C VAL C 4026 -15.53 -15.88 -14.73
N ASN C 4027 -16.16 -15.20 -15.69
CA ASN C 4027 -15.62 -14.00 -16.31
C ASN C 4027 -14.26 -14.25 -16.93
N GLY C 4028 -14.11 -15.45 -17.52
CA GLY C 4028 -12.91 -15.74 -18.28
C GLY C 4028 -12.85 -14.93 -19.55
N MET C 4029 -11.62 -14.66 -20.00
CA MET C 4029 -11.45 -13.79 -21.16
C MET C 4029 -12.02 -14.43 -22.42
N ILE C 4030 -11.99 -15.76 -22.51
CA ILE C 4030 -12.59 -16.42 -23.67
C ILE C 4030 -14.10 -16.21 -23.69
N ALA C 4031 -14.74 -16.33 -22.53
CA ALA C 4031 -16.18 -16.08 -22.47
C ALA C 4031 -16.50 -14.64 -22.82
N ARG C 4032 -15.72 -13.69 -22.32
CA ARG C 4032 -15.97 -12.30 -22.67
C ARG C 4032 -15.78 -12.06 -24.16
N GLN C 4033 -14.74 -12.66 -24.75
CA GLN C 4033 -14.52 -12.49 -26.18
C GLN C 4033 -15.66 -13.10 -26.98
N MET C 4034 -16.19 -14.24 -26.55
CA MET C 4034 -17.30 -14.83 -27.28
C MET C 4034 -18.55 -13.96 -27.19
N VAL C 4035 -18.76 -13.33 -26.03
CA VAL C 4035 -19.88 -12.40 -25.92
C VAL C 4035 -19.67 -11.20 -26.84
N ASP C 4036 -18.44 -10.68 -26.90
CA ASP C 4036 -18.15 -9.56 -27.80
C ASP C 4036 -18.40 -9.95 -29.25
N MET C 4037 -18.01 -11.17 -29.63
CA MET C 4037 -18.28 -11.66 -30.97
C MET C 4037 -19.78 -11.74 -31.25
N LEU C 4038 -20.54 -12.25 -30.28
CA LEU C 4038 -21.99 -12.38 -30.47
C LEU C 4038 -22.63 -11.01 -30.66
N VAL C 4039 -22.25 -10.04 -29.82
CA VAL C 4039 -22.85 -8.71 -29.94
C VAL C 4039 -22.29 -7.93 -31.11
N GLU C 4040 -21.20 -8.39 -31.72
CA GLU C 4040 -20.76 -7.77 -32.96
C GLU C 4040 -21.50 -8.37 -34.15
N SER C 4041 -21.97 -9.60 -34.01
CA SER C 4041 -22.83 -10.24 -35.00
C SER C 4041 -24.27 -10.32 -34.51
N SER C 4042 -24.72 -9.29 -33.78
CA SER C 4042 -26.05 -9.29 -33.16
C SER C 4042 -27.16 -9.59 -34.14
N SER C 4043 -27.17 -8.91 -35.29
CA SER C 4043 -28.28 -9.06 -36.22
C SER C 4043 -28.41 -10.49 -36.73
N ASN C 4044 -27.28 -11.11 -37.08
CA ASN C 4044 -27.29 -12.46 -37.59
C ASN C 4044 -27.81 -13.44 -36.55
N VAL C 4045 -27.34 -13.30 -35.30
CA VAL C 4045 -27.81 -14.18 -34.24
C VAL C 4045 -29.30 -13.97 -34.01
N GLU C 4046 -29.77 -12.72 -34.12
CA GLU C 4046 -31.19 -12.46 -33.97
C GLU C 4046 -32.00 -13.15 -35.05
N MET C 4047 -31.51 -13.15 -36.29
CA MET C 4047 -32.21 -13.85 -37.36
C MET C 4047 -32.26 -15.35 -37.09
N ILE C 4048 -31.16 -15.92 -36.60
CA ILE C 4048 -31.14 -17.36 -36.31
C ILE C 4048 -32.14 -17.70 -35.21
N LEU C 4049 -32.08 -16.96 -34.10
CA LEU C 4049 -32.97 -17.24 -32.98
C LEU C 4049 -34.42 -17.05 -33.36
N LYS C 4050 -34.72 -16.02 -34.15
CA LYS C 4050 -36.09 -15.83 -34.62
C LYS C 4050 -36.51 -16.97 -35.51
N PHE C 4051 -35.61 -17.48 -36.36
CA PHE C 4051 -35.96 -18.59 -37.22
C PHE C 4051 -36.33 -19.83 -36.42
N PHE C 4052 -35.59 -20.12 -35.35
CA PHE C 4052 -35.92 -21.30 -34.55
C PHE C 4052 -37.23 -21.09 -33.80
N ASP C 4053 -37.36 -19.99 -33.07
CA ASP C 4053 -38.53 -19.84 -32.23
C ASP C 4053 -39.81 -19.57 -33.03
N MET C 4054 -39.68 -19.11 -34.28
CA MET C 4054 -40.86 -18.91 -35.09
C MET C 4054 -41.51 -20.24 -35.44
N PHE C 4055 -40.71 -21.23 -35.80
CA PHE C 4055 -41.27 -22.54 -36.10
C PHE C 4055 -41.66 -23.30 -34.84
N LEU C 4056 -41.00 -23.03 -33.70
CA LEU C 4056 -41.49 -23.61 -32.46
C LEU C 4056 -42.88 -23.08 -32.10
N LYS C 4057 -43.07 -21.77 -32.21
CA LYS C 4057 -44.40 -21.21 -32.00
C LYS C 4057 -45.38 -21.69 -33.05
N LEU C 4058 -44.91 -21.92 -34.28
CA LEU C 4058 -45.80 -22.42 -35.32
C LEU C 4058 -46.31 -23.81 -34.97
N LYS C 4059 -45.43 -24.68 -34.47
CA LYS C 4059 -45.88 -25.99 -34.04
C LYS C 4059 -46.88 -25.86 -32.90
N ASP C 4060 -46.62 -24.95 -31.96
CA ASP C 4060 -47.55 -24.76 -30.85
C ASP C 4060 -48.90 -24.26 -31.34
N ILE C 4061 -48.91 -23.33 -32.28
CA ILE C 4061 -50.18 -22.77 -32.77
C ILE C 4061 -50.95 -23.80 -33.57
N VAL C 4062 -50.26 -24.59 -34.40
CA VAL C 4062 -50.94 -25.63 -35.15
C VAL C 4062 -51.56 -26.63 -34.18
N GLY C 4063 -50.86 -26.97 -33.10
CA GLY C 4063 -51.45 -27.80 -32.07
C GLY C 4063 -52.58 -27.14 -31.30
N SER C 4064 -52.58 -25.80 -31.25
CA SER C 4064 -53.64 -25.08 -30.56
C SER C 4064 -54.98 -25.32 -31.27
N GLU C 4065 -56.05 -25.11 -30.52
CA GLU C 4065 -57.37 -25.47 -31.03
C GLU C 4065 -58.04 -24.34 -31.77
N ALA C 4066 -57.65 -23.08 -31.52
CA ALA C 4066 -58.19 -21.98 -32.29
C ALA C 4066 -57.80 -22.09 -33.77
N PHE C 4067 -56.59 -22.56 -34.04
CA PHE C 4067 -56.21 -22.81 -35.43
C PHE C 4067 -57.09 -23.90 -36.03
N GLN C 4068 -57.41 -24.92 -35.24
CA GLN C 4068 -58.37 -25.93 -35.70
C GLN C 4068 -59.74 -25.32 -35.97
N ASP C 4069 -60.09 -24.26 -35.25
CA ASP C 4069 -61.33 -23.55 -35.53
C ASP C 4069 -61.27 -22.93 -36.92
N TYR C 4070 -60.16 -22.26 -37.24
CA TYR C 4070 -60.07 -21.64 -38.56
C TYR C 4070 -59.96 -22.67 -39.67
N VAL C 4071 -59.44 -23.86 -39.39
CA VAL C 4071 -59.39 -24.91 -40.40
C VAL C 4071 -60.81 -25.41 -40.67
N THR C 4072 -61.18 -25.45 -41.95
CA THR C 4072 -62.53 -25.82 -42.33
C THR C 4072 -62.63 -26.86 -43.44
N ASP C 4073 -61.60 -27.02 -44.28
CA ASP C 4073 -61.69 -27.99 -45.36
C ASP C 4073 -61.72 -29.41 -44.80
N PRO C 4074 -62.58 -30.28 -45.34
CA PRO C 4074 -62.68 -31.65 -44.81
C PRO C 4074 -61.41 -32.47 -44.91
N ARG C 4075 -60.60 -32.27 -45.96
CA ARG C 4075 -59.45 -33.12 -46.23
C ARG C 4075 -58.19 -32.63 -45.53
N GLY C 4076 -58.33 -31.89 -44.44
CA GLY C 4076 -57.19 -31.18 -43.89
C GLY C 4076 -57.02 -29.86 -44.61
N LEU C 4077 -55.79 -29.37 -44.65
CA LEU C 4077 -55.39 -28.21 -45.44
C LEU C 4077 -56.04 -26.93 -44.92
N ILE C 4078 -55.63 -25.78 -45.46
CA ILE C 4078 -56.18 -24.50 -45.05
C ILE C 4078 -55.84 -23.49 -46.13
N SER C 4079 -56.80 -22.62 -46.44
CA SER C 4079 -56.56 -21.56 -47.42
C SER C 4079 -55.50 -20.60 -46.91
N LYS C 4080 -54.79 -19.97 -47.85
CA LYS C 4080 -53.75 -19.02 -47.47
C LYS C 4080 -54.33 -17.82 -46.74
N LYS C 4081 -55.51 -17.36 -47.16
CA LYS C 4081 -56.17 -16.27 -46.46
C LYS C 4081 -56.57 -16.67 -45.05
N ASP C 4082 -57.10 -17.89 -44.88
CA ASP C 4082 -57.46 -18.37 -43.55
C ASP C 4082 -56.23 -18.49 -42.67
N PHE C 4083 -55.12 -18.97 -43.24
CA PHE C 4083 -53.86 -19.01 -42.51
C PHE C 4083 -53.45 -17.63 -42.05
N GLN C 4084 -53.55 -16.64 -42.94
CA GLN C 4084 -53.15 -15.29 -42.59
C GLN C 4084 -53.96 -14.75 -41.43
N LYS C 4085 -55.28 -14.87 -41.49
CA LYS C 4085 -56.09 -14.27 -40.43
C LYS C 4085 -56.00 -15.07 -39.13
N ALA C 4086 -55.88 -16.39 -39.21
CA ALA C 4086 -55.77 -17.19 -37.99
C ALA C 4086 -54.47 -16.87 -37.26
N MET C 4087 -53.35 -16.91 -37.98
CA MET C 4087 -52.07 -16.60 -37.36
C MET C 4087 -51.94 -15.13 -37.01
N ASP C 4088 -52.80 -14.27 -37.55
CA ASP C 4088 -52.87 -12.91 -37.05
C ASP C 4088 -53.67 -12.83 -35.76
N SER C 4089 -54.73 -13.63 -35.64
CA SER C 4089 -55.56 -13.61 -34.44
C SER C 4089 -54.81 -14.16 -33.24
N GLN C 4090 -53.89 -15.10 -33.44
CA GLN C 4090 -53.06 -15.54 -32.33
C GLN C 4090 -52.18 -14.42 -31.78
N LYS C 4091 -51.92 -13.39 -32.58
CA LYS C 4091 -51.24 -12.17 -32.14
C LYS C 4091 -49.88 -12.47 -31.51
N GLN C 4092 -49.14 -13.39 -32.13
CA GLN C 4092 -47.77 -13.66 -31.72
C GLN C 4092 -46.74 -13.34 -32.79
N PHE C 4093 -47.14 -13.27 -34.06
CA PHE C 4093 -46.24 -12.94 -35.15
C PHE C 4093 -46.61 -11.58 -35.73
N THR C 4094 -45.61 -10.81 -36.11
CA THR C 4094 -45.85 -9.54 -36.78
C THR C 4094 -46.16 -9.79 -38.24
N GLY C 4095 -46.39 -8.70 -38.98
CA GLY C 4095 -46.68 -8.79 -40.39
C GLY C 4095 -45.58 -9.41 -41.24
N PRO C 4096 -44.33 -8.94 -41.08
CA PRO C 4096 -43.24 -9.58 -41.84
C PRO C 4096 -43.08 -11.06 -41.56
N GLU C 4097 -43.15 -11.48 -40.30
CA GLU C 4097 -43.04 -12.90 -40.00
C GLU C 4097 -44.24 -13.66 -40.53
N ILE C 4098 -45.40 -13.02 -40.58
CA ILE C 4098 -46.59 -13.66 -41.14
C ILE C 4098 -46.37 -13.95 -42.61
N GLN C 4099 -45.87 -12.95 -43.35
CA GLN C 4099 -45.61 -13.15 -44.76
C GLN C 4099 -44.49 -14.15 -44.99
N PHE C 4100 -43.50 -14.17 -44.09
CA PHE C 4100 -42.40 -15.12 -44.23
C PHE C 4100 -42.90 -16.55 -44.03
N LEU C 4101 -43.80 -16.77 -43.08
CA LEU C 4101 -44.40 -18.09 -42.91
C LEU C 4101 -45.23 -18.47 -44.12
N LEU C 4102 -45.95 -17.51 -44.69
CA LEU C 4102 -46.70 -17.79 -45.91
C LEU C 4102 -45.77 -18.20 -47.04
N SER C 4103 -44.62 -17.52 -47.15
CA SER C 4103 -43.64 -17.88 -48.17
C SER C 4103 -43.07 -19.27 -47.91
N CYS C 4104 -42.73 -19.58 -46.66
CA CYS C 4104 -42.15 -20.87 -46.33
C CYS C 4104 -43.15 -22.01 -46.41
N SER C 4105 -44.44 -21.71 -46.46
CA SER C 4105 -45.43 -22.76 -46.59
C SER C 4105 -45.29 -23.42 -47.95
N GLU C 4106 -45.84 -24.63 -48.07
CA GLU C 4106 -45.79 -25.33 -49.34
C GLU C 4106 -46.55 -24.58 -50.42
N ALA C 4107 -47.69 -23.99 -50.05
CA ALA C 4107 -48.50 -23.20 -50.96
C ALA C 4107 -48.88 -24.00 -52.21
N ASP C 4108 -49.43 -25.19 -51.97
CA ASP C 4108 -49.96 -26.01 -53.04
C ASP C 4108 -51.04 -25.23 -53.78
N GLU C 4109 -51.11 -25.43 -55.09
CA GLU C 4109 -52.06 -24.72 -55.95
C GLU C 4109 -53.46 -24.75 -55.36
N ASN C 4110 -54.20 -23.66 -55.60
CA ASN C 4110 -55.44 -23.27 -54.91
C ASN C 4110 -55.18 -22.83 -53.48
N GLU C 4111 -53.95 -22.43 -53.18
CA GLU C 4111 -53.57 -21.88 -51.87
C GLU C 4111 -53.88 -22.84 -50.73
N MET C 4112 -53.65 -24.12 -50.96
CA MET C 4112 -53.88 -25.14 -49.95
C MET C 4112 -52.57 -25.43 -49.23
N ILE C 4113 -52.56 -25.26 -47.91
CA ILE C 4113 -51.38 -25.48 -47.08
C ILE C 4113 -51.67 -26.64 -46.15
N ASN C 4114 -50.89 -27.71 -46.28
CA ASN C 4114 -51.00 -28.82 -45.34
C ASN C 4114 -50.24 -28.43 -44.08
N PHE C 4115 -50.99 -27.92 -43.09
CA PHE C 4115 -50.34 -27.31 -41.93
C PHE C 4115 -49.59 -28.35 -41.09
N GLU C 4116 -50.05 -29.60 -41.08
CA GLU C 4116 -49.37 -30.62 -40.28
C GLU C 4116 -47.95 -30.87 -40.80
N GLU C 4117 -47.82 -31.15 -42.10
CA GLU C 4117 -46.51 -31.36 -42.68
C GLU C 4117 -45.69 -30.07 -42.69
N PHE C 4118 -46.36 -28.93 -42.85
CA PHE C 4118 -45.67 -27.65 -42.77
C PHE C 4118 -45.04 -27.46 -41.40
N ALA C 4119 -45.76 -27.79 -40.33
CA ALA C 4119 -45.23 -27.63 -39.00
C ALA C 4119 -44.09 -28.61 -38.73
N ASN C 4120 -44.18 -29.82 -39.27
CA ASN C 4120 -43.18 -30.84 -38.98
C ASN C 4120 -42.00 -30.82 -39.93
N ARG C 4121 -42.00 -29.96 -40.95
CA ARG C 4121 -40.86 -29.91 -41.88
C ARG C 4121 -39.57 -29.52 -41.18
N PHE C 4122 -39.63 -28.51 -40.31
CA PHE C 4122 -38.43 -27.96 -39.69
C PHE C 4122 -38.34 -28.32 -38.21
N GLN C 4123 -38.86 -29.48 -37.82
CA GLN C 4123 -38.80 -29.85 -36.42
C GLN C 4123 -37.58 -30.72 -36.14
N GLU C 4124 -37.34 -31.73 -36.98
CA GLU C 4124 -36.22 -32.64 -36.75
C GLU C 4124 -34.89 -32.07 -37.22
N PRO C 4125 -34.75 -31.53 -38.44
CA PRO C 4125 -33.43 -31.02 -38.84
C PRO C 4125 -32.91 -29.90 -37.98
N ALA C 4126 -33.77 -29.07 -37.43
CA ALA C 4126 -33.33 -27.92 -36.64
C ALA C 4126 -33.20 -28.23 -35.16
N ARG C 4127 -33.44 -29.48 -34.74
CA ARG C 4127 -33.38 -29.80 -33.33
C ARG C 4127 -31.95 -29.82 -32.81
N ASP C 4128 -31.04 -30.46 -33.54
CA ASP C 4128 -29.68 -30.61 -33.06
C ASP C 4128 -28.97 -29.27 -32.94
N ILE C 4129 -29.16 -28.38 -33.91
CA ILE C 4129 -28.55 -27.05 -33.83
C ILE C 4129 -29.24 -26.22 -32.75
N GLY C 4130 -30.56 -26.35 -32.63
CA GLY C 4130 -31.27 -25.57 -31.63
C GLY C 4130 -30.84 -25.90 -30.21
N PHE C 4131 -30.66 -27.19 -29.93
CA PHE C 4131 -30.22 -27.58 -28.60
C PHE C 4131 -28.83 -27.04 -28.30
N ASN C 4132 -27.92 -27.12 -29.26
CA ASN C 4132 -26.57 -26.63 -29.01
C ASN C 4132 -26.54 -25.12 -28.88
N VAL C 4133 -27.43 -24.41 -29.57
CA VAL C 4133 -27.53 -22.98 -29.36
C VAL C 4133 -28.01 -22.69 -27.94
N ALA C 4134 -28.99 -23.46 -27.47
CA ALA C 4134 -29.46 -23.31 -26.10
C ALA C 4134 -28.33 -23.57 -25.10
N VAL C 4135 -27.54 -24.61 -25.35
CA VAL C 4135 -26.43 -24.93 -24.46
C VAL C 4135 -25.40 -23.82 -24.47
N LEU C 4136 -25.11 -23.28 -25.65
CA LEU C 4136 -24.12 -22.21 -25.75
C LEU C 4136 -24.57 -20.97 -24.98
N LEU C 4137 -25.83 -20.59 -25.14
CA LEU C 4137 -26.32 -19.40 -24.46
C LEU C 4137 -26.40 -19.61 -22.95
N THR C 4138 -26.80 -20.81 -22.53
CA THR C 4138 -26.82 -21.10 -21.10
C THR C 4138 -25.42 -21.09 -20.51
N ASN C 4139 -24.46 -21.69 -21.20
CA ASN C 4139 -23.09 -21.73 -20.73
C ASN C 4139 -22.51 -20.32 -20.60
N LEU C 4140 -22.78 -19.48 -21.60
CA LEU C 4140 -22.32 -18.10 -21.52
C LEU C 4140 -23.01 -17.35 -20.40
N SER C 4141 -24.33 -17.53 -20.26
CA SER C 4141 -25.06 -16.75 -19.27
C SER C 4141 -24.67 -17.14 -17.86
N GLU C 4142 -24.22 -18.37 -17.64
CA GLU C 4142 -23.81 -18.78 -16.31
C GLU C 4142 -22.33 -18.58 -16.04
N HIS C 4143 -21.50 -18.41 -17.08
CA HIS C 4143 -20.09 -18.18 -16.85
C HIS C 4143 -19.65 -16.73 -16.97
N VAL C 4144 -20.46 -15.87 -17.58
CA VAL C 4144 -20.21 -14.44 -17.46
C VAL C 4144 -21.54 -13.77 -17.11
N PRO C 4145 -21.93 -13.79 -15.85
CA PRO C 4145 -23.18 -13.16 -15.44
C PRO C 4145 -22.98 -11.65 -15.27
N HIS C 4146 -24.09 -10.96 -14.97
CA HIS C 4146 -24.11 -9.51 -14.83
C HIS C 4146 -23.59 -8.82 -16.07
N ASP C 4147 -23.89 -9.39 -17.24
CA ASP C 4147 -23.46 -8.81 -18.50
C ASP C 4147 -24.63 -8.10 -19.15
N PRO C 4148 -24.54 -6.78 -19.37
CA PRO C 4148 -25.67 -6.06 -19.96
C PRO C 4148 -26.03 -6.53 -21.36
N ARG C 4149 -25.05 -6.98 -22.14
CA ARG C 4149 -25.32 -7.35 -23.53
C ARG C 4149 -26.01 -8.69 -23.64
N LEU C 4150 -25.64 -9.66 -22.80
CA LEU C 4150 -26.08 -11.03 -23.00
C LEU C 4150 -27.53 -11.26 -22.60
N ARG C 4151 -28.09 -10.43 -21.71
CA ARG C 4151 -29.48 -10.62 -21.33
C ARG C 4151 -30.41 -10.39 -22.51
N ASN C 4152 -30.01 -9.55 -23.45
CA ASN C 4152 -30.82 -9.33 -24.64
C ASN C 4152 -30.95 -10.62 -25.45
N PHE C 4153 -29.83 -11.32 -25.64
CA PHE C 4153 -29.89 -12.60 -26.35
C PHE C 4153 -30.70 -13.63 -25.57
N LEU C 4154 -30.57 -13.63 -24.25
CA LEU C 4154 -31.34 -14.57 -23.44
C LEU C 4154 -32.84 -14.34 -23.62
N GLU C 4155 -33.25 -13.07 -23.59
CA GLU C 4155 -34.66 -12.75 -23.77
C GLU C 4155 -35.14 -13.08 -25.18
N LEU C 4156 -34.29 -12.86 -26.19
CA LEU C 4156 -34.68 -13.20 -27.55
C LEU C 4156 -34.79 -14.71 -27.74
N ALA C 4157 -33.97 -15.48 -27.03
CA ALA C 4157 -33.99 -16.93 -27.14
C ALA C 4157 -34.76 -17.58 -26.00
N GLU C 4158 -35.67 -16.85 -25.37
CA GLU C 4158 -36.46 -17.40 -24.28
C GLU C 4158 -37.27 -18.62 -24.73
N SER C 4159 -37.80 -18.59 -25.95
CA SER C 4159 -38.62 -19.70 -26.42
C SER C 4159 -37.79 -20.96 -26.58
N ILE C 4160 -36.56 -20.83 -27.11
CA ILE C 4160 -35.70 -21.99 -27.29
C ILE C 4160 -35.34 -22.61 -25.95
N LEU C 4161 -34.95 -21.78 -24.99
CA LEU C 4161 -34.57 -22.28 -23.68
C LEU C 4161 -35.73 -22.94 -22.98
N GLU C 4162 -36.93 -22.39 -23.12
CA GLU C 4162 -38.09 -23.00 -22.49
C GLU C 4162 -38.46 -24.31 -23.15
N TYR C 4163 -38.27 -24.43 -24.46
CA TYR C 4163 -38.56 -25.70 -25.11
C TYR C 4163 -37.56 -26.77 -24.73
N PHE C 4164 -36.27 -26.40 -24.66
CA PHE C 4164 -35.22 -27.35 -24.32
C PHE C 4164 -34.90 -27.35 -22.83
N ARG C 4165 -35.79 -26.82 -22.01
CA ARG C 4165 -35.59 -26.90 -20.56
C ARG C 4165 -35.55 -28.34 -20.05
N PRO C 4166 -36.45 -29.25 -20.45
CA PRO C 4166 -36.31 -30.62 -19.95
C PRO C 4166 -35.05 -31.33 -20.42
N TYR C 4167 -34.64 -31.11 -21.66
CA TYR C 4167 -33.56 -31.91 -22.22
C TYR C 4167 -32.17 -31.40 -21.88
N LEU C 4168 -32.04 -30.21 -21.31
CA LEU C 4168 -30.76 -29.65 -20.94
C LEU C 4168 -30.42 -30.09 -19.53
N GLY C 4169 -29.41 -30.94 -19.38
CA GLY C 4169 -28.97 -31.40 -18.08
C GLY C 4169 -27.60 -30.85 -17.75
N ARG C 4170 -27.50 -30.21 -16.59
CA ARG C 4170 -26.26 -29.65 -16.12
C ARG C 4170 -25.84 -30.35 -14.84
N ILE C 4171 -24.58 -30.76 -14.77
CA ILE C 4171 -24.00 -31.37 -13.58
C ILE C 4171 -22.70 -30.64 -13.27
N GLU C 4172 -22.08 -30.98 -12.15
CA GLU C 4172 -20.80 -30.40 -11.79
C GLU C 4172 -19.84 -31.50 -11.43
N ILE C 4173 -18.63 -31.44 -11.98
CA ILE C 4173 -17.61 -32.44 -11.71
C ILE C 4173 -16.40 -31.75 -11.11
N MET C 4174 -15.59 -32.55 -10.40
CA MET C 4174 -14.41 -32.01 -9.74
C MET C 4174 -13.35 -31.61 -10.75
N GLY C 4175 -13.19 -32.41 -11.81
CA GLY C 4175 -12.31 -32.05 -12.91
C GLY C 4175 -10.85 -32.05 -12.52
N ALA C 4176 -10.02 -31.64 -13.47
CA ALA C 4176 -8.60 -31.48 -13.20
C ALA C 4176 -8.34 -30.19 -12.43
N SER C 4177 -7.23 -30.17 -11.70
CA SER C 4177 -6.80 -29.04 -10.88
C SER C 4177 -7.79 -28.71 -9.76
N ARG C 4178 -8.69 -29.65 -9.46
CA ARG C 4178 -9.65 -29.52 -8.36
C ARG C 4178 -10.49 -28.25 -8.49
N ARG C 4179 -10.90 -27.93 -9.71
CA ARG C 4179 -11.82 -26.83 -9.95
C ARG C 4179 -13.16 -27.40 -10.39
N ILE C 4180 -14.22 -27.09 -9.65
CA ILE C 4180 -15.54 -27.57 -10.03
C ILE C 4180 -15.92 -26.97 -11.37
N GLU C 4181 -16.25 -27.83 -12.33
CA GLU C 4181 -16.64 -27.41 -13.67
C GLU C 4181 -18.06 -27.87 -13.92
N ARG C 4182 -18.83 -27.06 -14.63
CA ARG C 4182 -20.19 -27.44 -14.97
C ARG C 4182 -20.22 -28.04 -16.37
N ILE C 4183 -20.96 -29.13 -16.52
CA ILE C 4183 -21.06 -29.87 -17.77
C ILE C 4183 -22.51 -29.88 -18.21
N TYR C 4184 -22.74 -29.53 -19.47
CA TYR C 4184 -24.08 -29.52 -20.05
C TYR C 4184 -24.19 -30.63 -21.08
N PHE C 4185 -25.35 -31.25 -21.15
CA PHE C 4185 -25.55 -32.36 -22.07
C PHE C 4185 -27.04 -32.55 -22.31
N GLU C 4186 -27.37 -33.54 -23.14
CA GLU C 4186 -28.73 -33.80 -23.57
C GLU C 4186 -29.28 -35.05 -22.91
N ILE C 4187 -30.47 -34.95 -22.34
CA ILE C 4187 -31.24 -36.11 -21.93
C ILE C 4187 -32.29 -36.37 -23.00
N SER C 4188 -32.26 -37.57 -23.56
CA SER C 4188 -33.27 -37.91 -24.55
C SER C 4188 -34.63 -38.07 -23.88
N GLU C 4189 -35.68 -37.92 -24.69
CA GLU C 4189 -37.03 -38.06 -24.18
C GLU C 4189 -37.27 -39.46 -23.63
N THR C 4190 -36.71 -40.47 -24.30
CA THR C 4190 -36.86 -41.84 -23.81
C THR C 4190 -36.22 -42.02 -22.44
N ASN C 4191 -35.03 -41.45 -22.25
CA ASN C 4191 -34.36 -41.57 -20.96
C ASN C 4191 -35.16 -40.88 -19.86
N ARG C 4192 -35.65 -39.68 -20.13
CA ARG C 4192 -36.42 -38.97 -19.10
C ARG C 4192 -37.72 -39.70 -18.78
N ALA C 4193 -38.40 -40.22 -19.81
CA ALA C 4193 -39.66 -40.92 -19.56
C ALA C 4193 -39.43 -42.18 -18.74
N GLN C 4194 -38.46 -43.00 -19.14
CA GLN C 4194 -38.22 -44.24 -18.41
C GLN C 4194 -37.70 -43.97 -17.01
N TRP C 4195 -37.03 -42.84 -16.79
CA TRP C 4195 -36.60 -42.51 -15.44
C TRP C 4195 -37.77 -42.04 -14.59
N GLU C 4196 -38.73 -41.35 -15.17
CA GLU C 4196 -39.89 -40.93 -14.41
C GLU C 4196 -40.95 -42.02 -14.28
N MET C 4197 -40.71 -43.18 -14.87
CA MET C 4197 -41.60 -44.32 -14.68
C MET C 4197 -41.68 -44.65 -13.18
N PRO C 4198 -42.88 -44.93 -12.66
CA PRO C 4198 -43.05 -45.03 -11.19
C PRO C 4198 -42.25 -46.12 -10.50
N GLN C 4199 -41.99 -47.25 -11.16
CA GLN C 4199 -41.19 -48.30 -10.54
C GLN C 4199 -39.78 -47.79 -10.25
N VAL C 4200 -39.21 -47.01 -11.18
CA VAL C 4200 -37.90 -46.43 -10.94
C VAL C 4200 -37.96 -45.40 -9.82
N LYS C 4201 -39.07 -44.67 -9.70
CA LYS C 4201 -39.23 -43.77 -8.56
C LYS C 4201 -39.20 -44.54 -7.24
N GLU C 4202 -39.89 -45.67 -7.18
CA GLU C 4202 -39.87 -46.48 -5.97
C GLU C 4202 -38.48 -46.99 -5.67
N SER C 4203 -37.77 -47.44 -6.71
CA SER C 4203 -36.41 -47.92 -6.52
C SER C 4203 -35.50 -46.81 -6.03
N LYS C 4204 -35.69 -45.60 -6.54
CA LYS C 4204 -34.88 -44.47 -6.09
C LYS C 4204 -35.12 -44.15 -4.63
N ARG C 4205 -36.38 -44.14 -4.19
CA ARG C 4205 -36.66 -43.87 -2.79
C ARG C 4205 -36.09 -44.97 -1.89
N GLN C 4206 -36.20 -46.22 -2.33
CA GLN C 4206 -35.62 -47.31 -1.55
C GLN C 4206 -34.11 -47.16 -1.42
N PHE C 4207 -33.44 -46.83 -2.53
CA PHE C 4207 -31.99 -46.65 -2.49
C PHE C 4207 -31.61 -45.49 -1.59
N ILE C 4208 -32.38 -44.41 -1.63
CA ILE C 4208 -32.06 -43.24 -0.82
C ILE C 4208 -32.17 -43.58 0.66
N PHE C 4209 -33.21 -44.33 1.03
CA PHE C 4209 -33.33 -44.78 2.40
C PHE C 4209 -32.16 -45.68 2.79
N ASP C 4210 -31.77 -46.60 1.90
CA ASP C 4210 -30.68 -47.52 2.22
C ASP C 4210 -29.38 -46.76 2.45
N VAL C 4211 -29.12 -45.72 1.67
CA VAL C 4211 -27.88 -44.97 1.84
C VAL C 4211 -27.91 -44.15 3.12
N VAL C 4212 -28.96 -43.35 3.31
CA VAL C 4212 -28.95 -42.41 4.42
C VAL C 4212 -29.08 -43.14 5.75
N ASN C 4213 -29.91 -44.18 5.80
CA ASN C 4213 -30.19 -44.83 7.08
C ASN C 4213 -29.12 -45.87 7.42
N GLU C 4214 -28.87 -46.82 6.52
CA GLU C 4214 -27.99 -47.94 6.84
C GLU C 4214 -26.53 -47.52 6.98
N GLY C 4215 -26.20 -46.29 6.63
CA GLY C 4215 -24.86 -45.78 6.85
C GLY C 4215 -23.99 -45.91 5.63
N GLY C 4216 -22.79 -45.37 5.77
CA GLY C 4216 -21.85 -45.33 4.67
C GLY C 4216 -21.64 -43.91 4.18
N GLU C 4217 -20.50 -43.32 4.54
CA GLU C 4217 -20.15 -41.98 4.08
C GLU C 4217 -19.07 -42.01 3.00
N ALA C 4218 -18.00 -42.78 3.23
CA ALA C 4218 -16.97 -42.91 2.20
C ALA C 4218 -17.46 -43.73 1.02
N GLU C 4219 -18.31 -44.72 1.26
CA GLU C 4219 -18.82 -45.57 0.19
C GLU C 4219 -20.13 -45.07 -0.38
N LYS C 4220 -20.51 -43.82 -0.08
CA LYS C 4220 -21.78 -43.30 -0.60
C LYS C 4220 -21.76 -43.23 -2.12
N MET C 4221 -20.65 -42.80 -2.70
CA MET C 4221 -20.57 -42.72 -4.16
C MET C 4221 -20.42 -44.09 -4.79
N GLU C 4222 -19.72 -45.01 -4.13
CA GLU C 4222 -19.76 -46.41 -4.53
C GLU C 4222 -21.19 -46.91 -4.66
N LEU C 4223 -22.00 -46.68 -3.62
CA LEU C 4223 -23.36 -47.18 -3.64
C LEU C 4223 -24.21 -46.45 -4.67
N PHE C 4224 -23.94 -45.15 -4.86
CA PHE C 4224 -24.69 -44.40 -5.86
C PHE C 4224 -24.42 -44.94 -7.25
N VAL C 4225 -23.17 -45.19 -7.60
CA VAL C 4225 -22.86 -45.66 -8.94
C VAL C 4225 -23.36 -47.08 -9.14
N SER C 4226 -23.32 -47.90 -8.09
CA SER C 4226 -23.93 -49.23 -8.21
C SER C 4226 -25.42 -49.11 -8.47
N PHE C 4227 -26.08 -48.17 -7.80
CA PHE C 4227 -27.48 -47.89 -8.08
C PHE C 4227 -27.66 -47.44 -9.52
N CYS C 4228 -26.73 -46.64 -10.03
CA CYS C 4228 -26.82 -46.21 -11.42
C CYS C 4228 -26.79 -47.40 -12.36
N GLU C 4229 -25.87 -48.33 -12.11
CA GLU C 4229 -25.71 -49.47 -13.00
C GLU C 4229 -26.97 -50.33 -13.04
N ASP C 4230 -27.48 -50.72 -11.87
CA ASP C 4230 -28.62 -51.63 -11.94
C ASP C 4230 -29.91 -50.91 -12.28
N THR C 4231 -30.02 -49.60 -12.05
CA THR C 4231 -31.15 -48.87 -12.60
C THR C 4231 -31.12 -48.86 -14.11
N ILE C 4232 -29.95 -48.63 -14.71
CA ILE C 4232 -29.85 -48.69 -16.17
C ILE C 4232 -30.27 -50.07 -16.66
N PHE C 4233 -29.92 -51.12 -15.91
CA PHE C 4233 -30.37 -52.45 -16.28
C PHE C 4233 -31.89 -52.56 -16.21
N GLU C 4234 -32.50 -51.99 -15.17
CA GLU C 4234 -33.96 -52.00 -15.05
C GLU C 4234 -34.63 -51.33 -16.24
N MET C 4235 -34.16 -50.16 -16.63
CA MET C 4235 -34.79 -49.47 -17.75
C MET C 4235 -34.57 -50.21 -19.05
N GLN C 4236 -33.44 -50.90 -19.20
CA GLN C 4236 -33.27 -51.77 -20.35
C GLN C 4236 -34.29 -52.90 -20.33
N ILE C 4237 -34.54 -53.49 -19.16
CA ILE C 4237 -35.51 -54.57 -19.05
C ILE C 4237 -36.91 -54.09 -19.39
N ALA C 4238 -37.28 -52.92 -18.87
CA ALA C 4238 -38.61 -52.39 -19.13
C ALA C 4238 -38.80 -52.05 -20.60
N ALA C 4239 -37.76 -51.49 -21.23
CA ALA C 4239 -37.83 -51.24 -22.67
C ALA C 4239 -37.99 -52.53 -23.45
N GLN C 4240 -37.34 -53.60 -22.99
CA GLN C 4240 -37.50 -54.90 -23.66
C GLN C 4240 -38.91 -55.42 -23.52
N ILE C 4241 -39.50 -55.32 -22.33
CA ILE C 4241 -40.83 -55.86 -22.08
C ILE C 4241 -41.95 -54.94 -22.51
N SER C 4242 -41.64 -53.75 -23.02
CA SER C 4242 -42.67 -52.82 -23.43
C SER C 4242 -43.51 -53.40 -24.56
N GLU C 4243 -44.80 -53.05 -24.55
CA GLU C 4243 -45.76 -53.57 -25.52
C GLU C 4243 -45.41 -53.16 -26.95
N PHE C 4530 -44.68 -72.38 -37.24
CA PHE C 4530 -44.07 -73.47 -36.48
C PHE C 4530 -43.12 -72.94 -35.41
N TRP C 4531 -41.81 -73.03 -35.66
CA TRP C 4531 -40.85 -72.61 -34.65
C TRP C 4531 -40.85 -71.10 -34.47
N GLY C 4532 -40.87 -70.35 -35.56
CA GLY C 4532 -40.94 -68.89 -35.44
C GLY C 4532 -42.23 -68.44 -34.79
N GLU C 4533 -43.35 -69.07 -35.16
CA GLU C 4533 -44.62 -68.75 -34.53
C GLU C 4533 -44.59 -69.04 -33.03
N LEU C 4534 -44.01 -70.20 -32.66
CA LEU C 4534 -43.92 -70.54 -31.25
C LEU C 4534 -43.06 -69.53 -30.49
N GLU C 4535 -41.93 -69.14 -31.06
CA GLU C 4535 -41.05 -68.20 -30.38
C GLU C 4535 -41.70 -66.84 -30.20
N VAL C 4536 -42.37 -66.34 -31.25
CA VAL C 4536 -42.97 -65.01 -31.12
C VAL C 4536 -44.15 -65.02 -30.16
N GLN C 4537 -44.97 -66.08 -30.20
CA GLN C 4537 -46.06 -66.19 -29.23
C GLN C 4537 -45.51 -66.32 -27.82
N ARG C 4538 -44.44 -67.08 -27.65
CA ARG C 4538 -43.85 -67.26 -26.33
C ARG C 4538 -43.33 -65.95 -25.77
N VAL C 4539 -42.62 -65.17 -26.58
CA VAL C 4539 -42.07 -63.92 -26.05
C VAL C 4539 -43.19 -62.92 -25.79
N LYS C 4540 -44.28 -62.96 -26.57
CA LYS C 4540 -45.43 -62.13 -26.22
C LYS C 4540 -46.01 -62.54 -24.88
N PHE C 4541 -46.12 -63.85 -24.63
CA PHE C 4541 -46.65 -64.33 -23.36
C PHE C 4541 -45.80 -63.89 -22.19
N LEU C 4542 -44.49 -64.09 -22.31
CA LEU C 4542 -43.57 -63.71 -21.23
C LEU C 4542 -43.58 -62.21 -21.00
N ASN C 4543 -43.62 -61.42 -22.07
CA ASN C 4543 -43.65 -59.97 -21.90
C ASN C 4543 -44.94 -59.52 -21.24
N TYR C 4544 -46.07 -60.13 -21.62
CA TYR C 4544 -47.34 -59.77 -20.98
C TYR C 4544 -47.33 -60.10 -19.50
N LEU C 4545 -46.81 -61.28 -19.14
CA LEU C 4545 -46.71 -61.63 -17.74
C LEU C 4545 -45.81 -60.66 -16.99
N SER C 4546 -44.68 -60.29 -17.59
CA SER C 4546 -43.75 -59.41 -16.91
C SER C 4546 -44.35 -58.03 -16.70
N ARG C 4547 -45.08 -57.51 -17.69
CA ARG C 4547 -45.75 -56.24 -17.50
C ARG C 4547 -46.80 -56.31 -16.39
N ASN C 4548 -47.61 -57.37 -16.39
CA ASN C 4548 -48.71 -57.48 -15.45
C ASN C 4548 -48.37 -58.36 -14.26
N PHE C 4549 -47.11 -58.37 -13.83
CA PHE C 4549 -46.73 -59.17 -12.67
C PHE C 4549 -47.45 -58.70 -11.41
N TYR C 4550 -47.47 -57.39 -11.17
CA TYR C 4550 -48.07 -56.89 -9.94
C TYR C 4550 -49.57 -57.11 -9.92
N THR C 4551 -50.24 -56.93 -11.07
CA THR C 4551 -51.67 -57.17 -11.11
C THR C 4551 -52.00 -58.63 -10.91
N LEU C 4552 -51.13 -59.54 -11.36
CA LEU C 4552 -51.34 -60.95 -11.05
C LEU C 4552 -51.16 -61.23 -9.56
N ARG C 4553 -50.24 -60.52 -8.90
CA ARG C 4553 -50.10 -60.67 -7.46
C ARG C 4553 -51.34 -60.20 -6.72
N PHE C 4554 -51.89 -59.05 -7.12
CA PHE C 4554 -53.14 -58.59 -6.55
C PHE C 4554 -54.27 -59.56 -6.83
N LEU C 4555 -54.30 -60.11 -8.04
CA LEU C 4555 -55.35 -61.06 -8.40
C LEU C 4555 -55.27 -62.31 -7.54
N ALA C 4556 -54.05 -62.79 -7.28
CA ALA C 4556 -53.89 -63.97 -6.43
C ALA C 4556 -54.34 -63.68 -5.01
N LEU C 4557 -54.05 -62.47 -4.50
CA LEU C 4557 -54.53 -62.10 -3.18
C LEU C 4557 -56.05 -62.06 -3.13
N PHE C 4558 -56.67 -61.47 -4.16
CA PHE C 4558 -58.13 -61.40 -4.21
C PHE C 4558 -58.74 -62.79 -4.28
N LEU C 4559 -58.11 -63.69 -5.02
CA LEU C 4559 -58.60 -65.06 -5.10
C LEU C 4559 -58.45 -65.79 -3.78
N ALA C 4560 -57.37 -65.53 -3.05
CA ALA C 4560 -57.23 -66.15 -1.74
C ALA C 4560 -58.32 -65.68 -0.79
N PHE C 4561 -58.65 -64.39 -0.84
CA PHE C 4561 -59.75 -63.90 -0.02
C PHE C 4561 -61.08 -64.53 -0.43
N ALA C 4562 -61.33 -64.67 -1.72
CA ALA C 4562 -62.58 -65.27 -2.17
C ALA C 4562 -62.68 -66.73 -1.74
N ILE C 4563 -61.59 -67.49 -1.90
CA ILE C 4563 -61.61 -68.89 -1.53
C ILE C 4563 -61.84 -69.05 -0.04
N ASN C 4564 -61.20 -68.22 0.77
CA ASN C 4564 -61.40 -68.33 2.21
C ASN C 4564 -62.79 -67.86 2.63
N PHE C 4565 -63.36 -66.90 1.91
CA PHE C 4565 -64.74 -66.51 2.20
C PHE C 4565 -65.69 -67.65 1.90
N ILE C 4566 -65.43 -68.41 0.83
CA ILE C 4566 -66.21 -69.62 0.58
C ILE C 4566 -66.00 -70.63 1.71
N LEU C 4567 -64.75 -70.82 2.13
CA LEU C 4567 -64.45 -71.78 3.19
C LEU C 4567 -65.10 -71.41 4.51
N LEU C 4568 -65.50 -70.15 4.67
CA LEU C 4568 -66.20 -69.76 5.89
C LEU C 4568 -67.56 -70.44 6.03
N PHE C 4569 -68.00 -71.20 5.03
CA PHE C 4569 -69.26 -71.93 5.13
C PHE C 4569 -69.06 -73.43 5.30
N TYR C 4570 -67.84 -73.88 5.56
CA TYR C 4570 -67.60 -75.30 5.76
C TYR C 4570 -68.28 -75.77 7.05
N LYS C 4571 -68.70 -77.02 7.04
CA LYS C 4571 -69.38 -77.59 8.20
C LYS C 4571 -69.09 -79.08 8.23
N VAL C 4572 -69.18 -79.67 9.42
CA VAL C 4572 -68.89 -81.09 9.59
C VAL C 4572 -70.07 -81.77 10.24
N SER C 4573 -70.41 -82.96 9.74
CA SER C 4573 -71.43 -83.81 10.35
C SER C 4573 -71.00 -85.26 10.22
N ASP C 4574 -71.51 -86.10 11.11
CA ASP C 4574 -71.25 -87.53 11.00
C ASP C 4574 -72.06 -88.16 9.88
N SER C 4575 -73.26 -87.65 9.61
CA SER C 4575 -74.07 -88.17 8.53
C SER C 4575 -73.49 -87.75 7.18
N PRO C 4576 -73.75 -88.50 6.12
CA PRO C 4576 -73.32 -88.08 4.79
C PRO C 4576 -73.98 -86.78 4.40
N PRO C 4577 -73.31 -85.95 3.58
CA PRO C 4577 -73.76 -84.65 3.08
C PRO C 4577 -75.18 -84.66 2.52
N ASN C 4616 -68.48 -92.55 13.67
CA ASN C 4616 -67.07 -92.60 13.99
C ASN C 4616 -66.24 -91.87 12.94
N MET C 4617 -66.81 -91.70 11.75
CA MET C 4617 -66.14 -91.02 10.65
C MET C 4617 -66.93 -89.77 10.30
N VAL C 4618 -66.21 -88.66 10.14
CA VAL C 4618 -66.82 -87.36 9.93
C VAL C 4618 -66.86 -87.04 8.45
N TYR C 4619 -67.68 -86.07 8.10
CA TYR C 4619 -67.87 -85.63 6.73
C TYR C 4619 -67.87 -84.11 6.69
N TYR C 4620 -67.01 -83.54 5.85
CA TYR C 4620 -66.92 -82.10 5.67
C TYR C 4620 -67.69 -81.73 4.41
N PHE C 4621 -68.72 -80.91 4.56
CA PHE C 4621 -69.48 -80.44 3.42
C PHE C 4621 -69.60 -78.92 3.48
N LEU C 4622 -69.59 -78.30 2.31
CA LEU C 4622 -69.72 -76.85 2.17
C LEU C 4622 -71.20 -76.50 2.22
N GLU C 4623 -71.71 -76.40 3.45
CA GLU C 4623 -73.10 -76.07 3.66
C GLU C 4623 -73.41 -74.68 3.09
N GLU C 4624 -74.46 -74.58 2.29
CA GLU C 4624 -74.77 -73.35 1.57
C GLU C 4624 -76.21 -73.41 1.07
N SER C 4625 -76.75 -72.23 0.80
CA SER C 4625 -78.10 -72.10 0.28
C SER C 4625 -78.14 -71.71 -1.20
N THR C 4626 -77.06 -71.12 -1.72
CA THR C 4626 -77.06 -70.69 -3.12
C THR C 4626 -77.16 -71.87 -4.07
N GLY C 4627 -76.42 -72.95 -3.79
CA GLY C 4627 -76.38 -74.09 -4.67
C GLY C 4627 -75.26 -74.07 -5.68
N TYR C 4628 -74.51 -72.98 -5.77
CA TYR C 4628 -73.41 -72.85 -6.73
C TYR C 4628 -72.06 -72.77 -6.05
N MET C 4629 -72.02 -72.85 -4.72
CA MET C 4629 -70.80 -72.47 -4.00
C MET C 4629 -69.71 -73.52 -4.17
N GLU C 4630 -70.06 -74.80 -4.20
CA GLU C 4630 -69.02 -75.81 -4.42
C GLU C 4630 -68.42 -75.69 -5.81
N PRO C 4631 -69.19 -75.55 -6.91
CA PRO C 4631 -68.55 -75.27 -8.20
C PRO C 4631 -67.72 -74.01 -8.19
N ALA C 4632 -68.18 -72.97 -7.49
CA ALA C 4632 -67.38 -71.76 -7.37
C ALA C 4632 -66.05 -72.06 -6.69
N LEU C 4633 -66.06 -72.87 -5.64
CA LEU C 4633 -64.84 -73.21 -4.95
C LEU C 4633 -63.87 -73.95 -5.87
N TRP C 4634 -64.37 -74.93 -6.61
CA TRP C 4634 -63.48 -75.71 -7.47
C TRP C 4634 -62.90 -74.86 -8.60
N CYS C 4635 -63.74 -74.04 -9.23
CA CYS C 4635 -63.24 -73.15 -10.27
C CYS C 4635 -62.24 -72.15 -9.73
N LEU C 4636 -62.53 -71.59 -8.55
CA LEU C 4636 -61.62 -70.60 -7.96
C LEU C 4636 -60.30 -71.24 -7.55
N SER C 4637 -60.33 -72.50 -7.11
CA SER C 4637 -59.08 -73.17 -6.76
C SER C 4637 -58.20 -73.37 -7.98
N LEU C 4638 -58.79 -73.81 -9.10
CA LEU C 4638 -58.01 -73.96 -10.33
C LEU C 4638 -57.47 -72.62 -10.79
N LEU C 4639 -58.30 -71.57 -10.76
CA LEU C 4639 -57.85 -70.26 -11.19
C LEU C 4639 -56.73 -69.74 -10.31
N HIS C 4640 -56.81 -69.97 -9.00
CA HIS C 4640 -55.76 -69.52 -8.09
C HIS C 4640 -54.44 -70.19 -8.39
N THR C 4641 -54.45 -71.51 -8.60
CA THR C 4641 -53.19 -72.19 -8.89
C THR C 4641 -52.58 -71.68 -10.19
N LEU C 4642 -53.39 -71.46 -11.22
CA LEU C 4642 -52.87 -70.96 -12.47
C LEU C 4642 -52.30 -69.55 -12.32
N VAL C 4643 -52.98 -68.68 -11.58
CA VAL C 4643 -52.49 -67.32 -11.40
C VAL C 4643 -51.18 -67.33 -10.62
N ALA C 4644 -51.06 -68.21 -9.64
CA ALA C 4644 -49.80 -68.31 -8.90
C ALA C 4644 -48.67 -68.80 -9.80
N PHE C 4645 -48.97 -69.72 -10.72
CA PHE C 4645 -47.97 -70.16 -11.68
C PHE C 4645 -47.51 -69.02 -12.56
N LEU C 4646 -48.45 -68.22 -13.04
CA LEU C 4646 -48.08 -67.07 -13.85
C LEU C 4646 -47.27 -66.07 -13.03
N CYS C 4647 -47.52 -65.98 -11.73
CA CYS C 4647 -46.70 -65.11 -10.89
C CYS C 4647 -45.27 -65.62 -10.82
N ILE C 4648 -45.09 -66.95 -10.70
CA ILE C 4648 -43.74 -67.52 -10.70
C ILE C 4648 -43.02 -67.18 -12.01
N ILE C 4649 -43.68 -67.43 -13.13
CA ILE C 4649 -43.06 -67.20 -14.43
C ILE C 4649 -42.77 -65.72 -14.63
N GLY C 4650 -43.71 -64.86 -14.27
CA GLY C 4650 -43.49 -63.42 -14.42
C GLY C 4650 -42.34 -62.92 -13.57
N TYR C 4651 -42.25 -63.41 -12.32
CA TYR C 4651 -41.11 -63.05 -11.50
C TYR C 4651 -39.81 -63.52 -12.13
N ASN C 4652 -39.78 -64.76 -12.61
CA ASN C 4652 -38.57 -65.30 -13.19
C ASN C 4652 -38.12 -64.54 -14.41
N CYS C 4653 -39.05 -63.96 -15.17
CA CYS C 4653 -38.70 -63.22 -16.37
C CYS C 4653 -38.58 -61.72 -16.14
N LEU C 4654 -38.92 -61.22 -14.95
CA LEU C 4654 -38.85 -59.79 -14.69
C LEU C 4654 -37.80 -59.41 -13.65
N LYS C 4655 -37.85 -60.01 -12.46
CA LYS C 4655 -36.97 -59.58 -11.39
C LYS C 4655 -35.72 -60.43 -11.24
N VAL C 4656 -35.72 -61.65 -11.78
CA VAL C 4656 -34.53 -62.49 -11.70
C VAL C 4656 -33.33 -61.90 -12.41
N PRO C 4657 -33.45 -61.33 -13.62
CA PRO C 4657 -32.27 -60.74 -14.25
C PRO C 4657 -31.57 -59.69 -13.41
N LEU C 4658 -32.29 -58.94 -12.58
CA LEU C 4658 -31.60 -58.00 -11.68
C LEU C 4658 -30.75 -58.73 -10.66
N VAL C 4659 -31.27 -59.84 -10.10
CA VAL C 4659 -30.50 -60.59 -9.11
C VAL C 4659 -29.25 -61.18 -9.74
N ILE C 4660 -29.38 -61.73 -10.96
CA ILE C 4660 -28.22 -62.24 -11.68
C ILE C 4660 -27.23 -61.13 -11.97
N PHE C 4661 -27.74 -59.97 -12.40
CA PHE C 4661 -26.86 -58.84 -12.70
C PHE C 4661 -26.09 -58.41 -11.47
N LYS C 4662 -26.75 -58.32 -10.33
CA LYS C 4662 -26.07 -57.94 -9.09
C LYS C 4662 -25.00 -58.97 -8.73
N ARG C 4663 -25.33 -60.25 -8.82
CA ARG C 4663 -24.37 -61.27 -8.42
C ARG C 4663 -23.15 -61.27 -9.32
N GLU C 4664 -23.35 -61.18 -10.63
CA GLU C 4664 -22.22 -61.20 -11.55
C GLU C 4664 -21.43 -59.90 -11.48
N LYS C 4665 -22.08 -58.78 -11.22
CA LYS C 4665 -21.36 -57.54 -11.03
C LYS C 4665 -20.43 -57.64 -9.84
N GLU C 4666 -20.94 -58.14 -8.71
CA GLU C 4666 -20.11 -58.28 -7.52
C GLU C 4666 -18.97 -59.26 -7.76
N LEU C 4667 -19.25 -60.36 -8.46
CA LEU C 4667 -18.19 -61.32 -8.75
C LEU C 4667 -17.12 -60.71 -9.64
N ALA C 4668 -17.52 -59.93 -10.64
CA ALA C 4668 -16.53 -59.32 -11.53
C ALA C 4668 -15.67 -58.32 -10.79
N ARG C 4669 -16.27 -57.51 -9.92
CA ARG C 4669 -15.47 -56.55 -9.15
C ARG C 4669 -14.51 -57.29 -8.22
N LYS C 4670 -14.98 -58.34 -7.55
CA LYS C 4670 -14.12 -59.08 -6.65
C LYS C 4670 -13.01 -59.82 -7.39
N LEU C 4671 -13.27 -60.26 -8.62
CA LEU C 4671 -12.22 -60.91 -9.39
C LEU C 4671 -11.18 -59.92 -9.85
N GLU C 4672 -11.62 -58.75 -10.32
CA GLU C 4672 -10.67 -57.84 -10.95
C GLU C 4672 -9.90 -57.00 -9.94
N PHE C 4673 -10.56 -56.52 -8.88
CA PHE C 4673 -9.93 -55.61 -7.94
C PHE C 4673 -9.56 -56.24 -6.62
N ASP C 4674 -9.88 -57.51 -6.41
CA ASP C 4674 -9.54 -58.17 -5.15
C ASP C 4674 -8.80 -59.47 -5.40
N GLY C 4675 -9.06 -60.11 -6.53
CA GLY C 4675 -8.50 -61.41 -6.80
C GLY C 4675 -8.97 -62.43 -5.80
N LEU C 4676 -10.28 -62.45 -5.53
CA LEU C 4676 -10.79 -63.32 -4.48
C LEU C 4676 -10.69 -64.80 -4.83
N TYR C 4677 -10.49 -65.13 -6.10
CA TYR C 4677 -10.20 -66.50 -6.48
C TYR C 4677 -8.83 -66.64 -7.10
N ILE C 4678 -8.06 -65.56 -7.19
CA ILE C 4678 -6.74 -65.60 -7.78
C ILE C 4678 -5.72 -65.64 -6.66
N THR C 4679 -5.71 -64.59 -5.84
CA THR C 4679 -4.68 -64.42 -4.82
C THR C 4679 -5.18 -64.59 -3.40
N GLU C 4680 -6.47 -64.38 -3.13
CA GLU C 4680 -6.99 -64.42 -1.77
C GLU C 4680 -8.28 -65.25 -1.76
N GLN C 4681 -8.14 -66.55 -1.55
CA GLN C 4681 -9.29 -67.45 -1.57
C GLN C 4681 -10.27 -67.09 -0.45
N PRO C 4682 -11.56 -67.29 -0.68
CA PRO C 4682 -12.57 -66.93 0.33
C PRO C 4682 -12.65 -67.98 1.43
N GLY C 4683 -13.36 -67.60 2.49
CA GLY C 4683 -13.52 -68.49 3.62
C GLY C 4683 -14.36 -69.71 3.30
N ASP C 4684 -14.23 -70.73 4.16
CA ASP C 4684 -14.95 -71.97 3.93
C ASP C 4684 -16.44 -71.81 4.19
N ASP C 4685 -16.81 -71.05 5.22
CA ASP C 4685 -18.22 -70.88 5.56
C ASP C 4685 -18.93 -69.87 4.68
N ASP C 4686 -18.20 -69.13 3.84
CA ASP C 4686 -18.81 -68.17 2.92
C ASP C 4686 -19.40 -68.98 1.78
N VAL C 4687 -20.69 -69.32 1.92
CA VAL C 4687 -21.35 -70.17 0.94
C VAL C 4687 -21.44 -69.47 -0.40
N LYS C 4688 -21.63 -68.15 -0.40
CA LYS C 4688 -21.67 -67.40 -1.65
C LYS C 4688 -20.36 -67.52 -2.40
N GLY C 4689 -19.25 -67.31 -1.71
CA GLY C 4689 -17.95 -67.43 -2.36
C GLY C 4689 -17.66 -68.85 -2.81
N GLN C 4690 -18.07 -69.84 -2.02
CA GLN C 4690 -17.81 -71.22 -2.41
C GLN C 4690 -18.71 -71.65 -3.56
N TRP C 4691 -19.88 -71.04 -3.69
CA TRP C 4691 -20.78 -71.40 -4.78
C TRP C 4691 -20.43 -70.69 -6.07
N ASP C 4692 -19.80 -69.53 -6.00
CA ASP C 4692 -19.49 -68.80 -7.22
C ASP C 4692 -18.43 -69.48 -8.07
N ARG C 4693 -17.69 -70.45 -7.53
CA ARG C 4693 -16.64 -71.10 -8.31
C ARG C 4693 -17.19 -71.85 -9.50
N LEU C 4694 -18.46 -72.22 -9.48
CA LEU C 4694 -19.03 -72.96 -10.59
C LEU C 4694 -19.06 -72.15 -11.87
N VAL C 4695 -19.22 -70.83 -11.75
CA VAL C 4695 -19.47 -70.00 -12.92
C VAL C 4695 -18.20 -69.40 -13.51
N LEU C 4696 -17.04 -69.60 -12.87
CA LEU C 4696 -15.81 -69.00 -13.38
C LEU C 4696 -15.44 -69.56 -14.74
N ASN C 4697 -15.38 -70.88 -14.86
CA ASN C 4697 -14.89 -71.50 -16.08
C ASN C 4697 -15.97 -71.70 -17.13
N THR C 4698 -17.20 -71.29 -16.86
CA THR C 4698 -18.25 -71.41 -17.86
C THR C 4698 -18.01 -70.42 -18.99
N PRO C 4699 -18.34 -70.79 -20.23
CA PRO C 4699 -18.09 -69.87 -21.36
C PRO C 4699 -19.00 -68.66 -21.38
N SER C 4700 -20.07 -68.66 -20.60
CA SER C 4700 -21.06 -67.59 -20.61
C SER C 4700 -21.17 -66.92 -19.25
N PHE C 4701 -20.02 -66.69 -18.61
CA PHE C 4701 -20.03 -66.06 -17.29
C PHE C 4701 -20.64 -64.66 -17.30
N PRO C 4702 -20.18 -63.70 -18.11
CA PRO C 4702 -20.73 -62.35 -17.97
C PRO C 4702 -21.96 -62.12 -18.84
N SER C 4703 -22.99 -62.93 -18.63
CA SER C 4703 -24.28 -62.72 -19.27
C SER C 4703 -25.19 -61.98 -18.30
N ASN C 4704 -26.06 -61.13 -18.86
CA ASN C 4704 -26.81 -60.15 -18.06
C ASN C 4704 -25.87 -59.23 -17.30
N TYR C 4705 -24.76 -58.87 -17.95
CA TYR C 4705 -23.79 -57.93 -17.40
C TYR C 4705 -23.23 -57.12 -18.56
N TRP C 4706 -22.94 -55.85 -18.30
CA TRP C 4706 -22.70 -54.95 -19.43
C TRP C 4706 -21.39 -55.26 -20.15
N ASP C 4707 -20.32 -55.55 -19.42
CA ASP C 4707 -19.09 -55.92 -20.10
C ASP C 4707 -18.98 -57.43 -20.23
N LYS C 4708 -18.25 -57.86 -21.26
CA LYS C 4708 -18.00 -59.27 -21.50
C LYS C 4708 -16.51 -59.58 -21.49
N PHE C 4709 -15.68 -58.60 -21.18
CA PHE C 4709 -14.23 -58.74 -21.24
C PHE C 4709 -13.61 -58.77 -19.85
N VAL C 4710 -14.40 -59.06 -18.82
CA VAL C 4710 -13.85 -59.14 -17.48
C VAL C 4710 -12.85 -60.28 -17.38
N LYS C 4711 -13.08 -61.37 -18.13
CA LYS C 4711 -12.13 -62.47 -18.15
C LYS C 4711 -10.78 -61.99 -18.68
N ARG C 4712 -10.80 -61.24 -19.77
CA ARG C 4712 -9.55 -60.77 -20.36
C ARG C 4712 -8.87 -59.75 -19.48
N LYS C 4713 -9.63 -58.91 -18.79
CA LYS C 4713 -9.02 -57.96 -17.88
C LYS C 4713 -8.36 -58.66 -16.69
N VAL C 4714 -9.00 -59.70 -16.16
CA VAL C 4714 -8.37 -60.45 -15.08
C VAL C 4714 -7.09 -61.12 -15.56
N LEU C 4715 -7.13 -61.70 -16.77
CA LEU C 4715 -5.94 -62.34 -17.32
C LEU C 4715 -4.81 -61.34 -17.52
N ASP C 4716 -5.13 -60.13 -17.98
CA ASP C 4716 -4.10 -59.13 -18.16
C ASP C 4716 -3.60 -58.56 -16.84
N LYS C 4717 -4.41 -58.62 -15.78
CA LYS C 4717 -4.01 -58.00 -14.52
C LYS C 4717 -3.23 -58.97 -13.64
N HIS C 4718 -3.81 -60.11 -13.29
CA HIS C 4718 -3.16 -61.08 -12.41
C HIS C 4718 -2.50 -62.22 -13.16
N GLY C 4719 -2.46 -62.17 -14.49
CA GLY C 4719 -1.89 -63.27 -15.23
C GLY C 4719 -0.40 -63.43 -15.02
N ASP C 4720 0.34 -62.32 -15.03
CA ASP C 4720 1.79 -62.39 -14.97
C ASP C 4720 2.34 -62.62 -13.58
N ILE C 4721 1.55 -62.47 -12.54
CA ILE C 4721 2.02 -62.76 -11.18
C ILE C 4721 1.72 -64.20 -10.83
N PHE C 4722 0.45 -64.57 -10.84
CA PHE C 4722 0.03 -65.87 -10.32
C PHE C 4722 0.01 -66.95 -11.40
N GLY C 4723 0.18 -66.58 -12.67
CA GLY C 4723 0.33 -67.57 -13.72
C GLY C 4723 -0.72 -67.51 -14.80
N ARG C 4724 -0.32 -67.17 -16.02
CA ARG C 4724 -1.29 -66.99 -17.11
C ARG C 4724 -2.01 -68.28 -17.44
N GLU C 4725 -1.29 -69.41 -17.43
CA GLU C 4725 -1.94 -70.67 -17.73
C GLU C 4725 -2.93 -71.05 -16.64
N ARG C 4726 -2.60 -70.73 -15.38
CA ARG C 4726 -3.54 -70.97 -14.30
C ARG C 4726 -4.78 -70.09 -14.42
N ILE C 4727 -4.60 -68.84 -14.87
CA ILE C 4727 -5.74 -67.98 -15.13
C ILE C 4727 -6.63 -68.58 -16.21
N ALA C 4728 -6.02 -69.09 -17.28
CA ALA C 4728 -6.80 -69.69 -18.34
C ALA C 4728 -7.58 -70.91 -17.85
N GLU C 4729 -6.93 -71.76 -17.05
CA GLU C 4729 -7.62 -72.93 -16.53
C GLU C 4729 -8.75 -72.53 -15.59
N LEU C 4730 -8.51 -71.54 -14.74
CA LEU C 4730 -9.53 -71.14 -13.77
C LEU C 4730 -10.72 -70.49 -14.45
N LEU C 4731 -10.48 -69.68 -15.47
CA LEU C 4731 -11.54 -68.95 -16.14
C LEU C 4731 -12.10 -69.67 -17.34
N GLY C 4732 -11.66 -70.89 -17.62
CA GLY C 4732 -12.19 -71.61 -18.77
C GLY C 4732 -11.84 -70.92 -20.07
N MET C 4733 -10.62 -70.41 -20.18
CA MET C 4733 -10.17 -69.57 -21.26
C MET C 4733 -9.26 -70.36 -22.18
N ASP C 4734 -9.30 -70.04 -23.47
CA ASP C 4734 -8.43 -70.66 -24.45
C ASP C 4734 -7.51 -69.57 -24.99
N LEU C 4735 -6.23 -69.66 -24.65
CA LEU C 4735 -5.29 -68.58 -24.93
C LEU C 4735 -5.14 -68.35 -26.43
N ALA C 4736 -5.01 -69.43 -27.20
CA ALA C 4736 -4.91 -69.28 -28.65
C ALA C 4736 -6.21 -68.79 -29.25
N SER C 4737 -7.34 -69.32 -28.79
CA SER C 4737 -8.62 -68.97 -29.38
C SER C 4737 -8.97 -67.50 -29.18
N LEU C 4738 -8.56 -66.91 -28.05
CA LEU C 4738 -8.79 -65.47 -27.88
C LEU C 4738 -8.05 -64.67 -28.95
N GLU C 4739 -6.79 -65.03 -29.22
CA GLU C 4739 -6.02 -64.27 -30.18
C GLU C 4739 -6.52 -64.50 -31.60
N ILE C 4740 -7.11 -65.66 -31.87
CA ILE C 4740 -7.65 -65.86 -33.21
C ILE C 4740 -9.01 -65.17 -33.37
N THR C 4741 -9.82 -65.09 -32.32
CA THR C 4741 -11.04 -64.29 -32.41
C THR C 4741 -10.74 -62.81 -32.40
N ALA C 4742 -9.54 -62.41 -31.97
CA ALA C 4742 -9.14 -61.01 -32.08
C ALA C 4742 -9.05 -60.58 -33.54
N HIS C 4743 -8.50 -61.44 -34.40
CA HIS C 4743 -8.26 -61.04 -35.78
C HIS C 4743 -9.32 -61.52 -36.76
N ASN C 4744 -10.05 -62.58 -36.44
CA ASN C 4744 -11.11 -63.06 -37.31
C ASN C 4744 -12.18 -63.74 -36.47
N GLU C 4745 -13.43 -63.34 -36.68
CA GLU C 4745 -14.55 -63.80 -35.86
C GLU C 4745 -15.74 -64.05 -36.79
N ARG C 4746 -15.84 -65.26 -37.31
CA ARG C 4746 -16.99 -65.65 -38.11
C ARG C 4746 -18.22 -65.73 -37.21
N LYS C 4747 -19.35 -65.24 -37.71
CA LYS C 4747 -20.59 -65.21 -36.95
C LYS C 4747 -21.72 -65.83 -37.77
N PRO C 4748 -21.70 -67.16 -37.96
CA PRO C 4748 -22.80 -67.80 -38.67
C PRO C 4748 -23.88 -68.30 -37.73
N ASP C 4749 -24.93 -68.92 -38.27
CA ASP C 4749 -25.95 -69.62 -37.49
C ASP C 4749 -26.16 -70.98 -38.13
N PRO C 4750 -25.29 -71.95 -37.83
CA PRO C 4750 -25.39 -73.28 -38.46
C PRO C 4750 -26.68 -74.01 -38.11
N PRO C 4751 -27.01 -74.26 -36.83
CA PRO C 4751 -28.18 -75.10 -36.55
C PRO C 4751 -29.46 -74.29 -36.47
N PRO C 4752 -30.43 -74.56 -37.35
CA PRO C 4752 -31.67 -73.78 -37.33
C PRO C 4752 -32.75 -74.39 -36.44
N GLY C 4753 -32.62 -75.66 -36.11
CA GLY C 4753 -33.69 -76.40 -35.46
C GLY C 4753 -33.76 -76.17 -33.97
N LEU C 4754 -34.52 -77.04 -33.30
CA LEU C 4754 -34.63 -76.99 -31.86
C LEU C 4754 -33.40 -77.56 -31.18
N LEU C 4755 -32.69 -78.48 -31.84
CA LEU C 4755 -31.55 -79.17 -31.24
C LEU C 4755 -30.45 -78.20 -30.82
N THR C 4756 -30.37 -77.02 -31.43
CA THR C 4756 -29.38 -76.04 -31.00
C THR C 4756 -29.66 -75.56 -29.58
N TRP C 4757 -30.93 -75.52 -29.16
CA TRP C 4757 -31.23 -75.09 -27.81
C TRP C 4757 -30.88 -76.16 -26.79
N LEU C 4758 -30.79 -77.42 -27.20
CA LEU C 4758 -30.29 -78.47 -26.33
C LEU C 4758 -28.77 -78.57 -26.36
N MET C 4759 -28.13 -78.13 -27.43
CA MET C 4759 -26.68 -78.28 -27.53
C MET C 4759 -25.92 -77.06 -27.01
N SER C 4760 -26.36 -75.86 -27.37
CA SER C 4760 -25.67 -74.65 -26.94
C SER C 4760 -25.93 -74.29 -25.49
N ILE C 4761 -26.83 -75.01 -24.82
CA ILE C 4761 -27.10 -74.72 -23.41
C ILE C 4761 -25.84 -75.02 -22.60
N ASP C 4762 -25.65 -74.26 -21.54
CA ASP C 4762 -24.47 -74.36 -20.69
C ASP C 4762 -24.94 -74.93 -19.35
N VAL C 4763 -24.66 -76.21 -19.14
CA VAL C 4763 -25.22 -76.90 -17.99
C VAL C 4763 -24.68 -76.32 -16.69
N LYS C 4764 -23.38 -76.09 -16.63
CA LYS C 4764 -22.78 -75.60 -15.39
C LYS C 4764 -23.29 -74.21 -15.04
N TYR C 4765 -23.38 -73.33 -16.03
CA TYR C 4765 -23.91 -72.00 -15.76
C TYR C 4765 -25.36 -72.06 -15.33
N GLN C 4766 -26.14 -72.96 -15.93
CA GLN C 4766 -27.54 -73.10 -15.53
C GLN C 4766 -27.65 -73.59 -14.09
N ILE C 4767 -26.77 -74.51 -13.69
CA ILE C 4767 -26.76 -74.97 -12.30
C ILE C 4767 -26.44 -73.80 -11.37
N TRP C 4768 -25.44 -72.99 -11.73
CA TRP C 4768 -25.12 -71.83 -10.91
C TRP C 4768 -26.28 -70.85 -10.85
N LYS C 4769 -26.93 -70.60 -11.98
CA LYS C 4769 -28.05 -69.66 -12.00
C LYS C 4769 -29.18 -70.16 -11.12
N PHE C 4770 -29.49 -71.45 -11.19
CA PHE C 4770 -30.53 -72.00 -10.33
C PHE C 4770 -30.15 -71.89 -8.87
N GLY C 4771 -28.87 -72.12 -8.55
CA GLY C 4771 -28.43 -71.93 -7.19
C GLY C 4771 -28.59 -70.50 -6.72
N VAL C 4772 -28.42 -69.54 -7.61
CA VAL C 4772 -28.58 -68.14 -7.23
C VAL C 4772 -30.05 -67.82 -6.98
N ILE C 4773 -30.95 -68.26 -7.85
CA ILE C 4773 -32.34 -67.86 -7.67
C ILE C 4773 -32.98 -68.61 -6.52
N PHE C 4774 -32.71 -69.92 -6.39
CA PHE C 4774 -33.35 -70.73 -5.37
C PHE C 4774 -32.87 -70.44 -3.97
N THR C 4775 -32.01 -69.46 -3.76
CA THR C 4775 -31.70 -68.98 -2.43
C THR C 4775 -32.24 -67.58 -2.18
N ASP C 4776 -32.73 -66.90 -3.20
CA ASP C 4776 -33.33 -65.59 -3.02
C ASP C 4776 -34.60 -65.69 -2.19
N ASN C 4777 -34.79 -64.73 -1.28
CA ASN C 4777 -35.94 -64.78 -0.38
C ASN C 4777 -37.24 -64.64 -1.13
N SER C 4778 -37.31 -63.73 -2.10
CA SER C 4778 -38.56 -63.49 -2.80
C SER C 4778 -38.99 -64.70 -3.60
N PHE C 4779 -38.06 -65.32 -4.32
CA PHE C 4779 -38.43 -66.47 -5.14
C PHE C 4779 -38.80 -67.66 -4.27
N LEU C 4780 -38.16 -67.82 -3.11
CA LEU C 4780 -38.57 -68.89 -2.21
C LEU C 4780 -39.97 -68.65 -1.66
N TYR C 4781 -40.31 -67.39 -1.38
CA TYR C 4781 -41.66 -67.09 -0.95
C TYR C 4781 -42.68 -67.42 -2.03
N LEU C 4782 -42.36 -67.09 -3.28
CA LEU C 4782 -43.29 -67.42 -4.36
C LEU C 4782 -43.35 -68.92 -4.60
N GLY C 4783 -42.24 -69.63 -4.41
CA GLY C 4783 -42.28 -71.08 -4.52
C GLY C 4783 -43.12 -71.71 -3.43
N TRP C 4784 -43.05 -71.17 -2.22
CA TRP C 4784 -43.91 -71.66 -1.15
C TRP C 4784 -45.36 -71.31 -1.42
N TYR C 4785 -45.59 -70.20 -2.12
CA TYR C 4785 -46.94 -69.88 -2.56
C TYR C 4785 -47.45 -70.93 -3.54
N MET C 4786 -46.60 -71.35 -4.48
CA MET C 4786 -46.88 -72.51 -5.32
C MET C 4786 -47.22 -73.75 -4.51
N VAL C 4787 -46.38 -74.10 -3.55
CA VAL C 4787 -46.57 -75.35 -2.81
C VAL C 4787 -47.89 -75.33 -2.07
N MET C 4788 -48.22 -74.22 -1.44
CA MET C 4788 -49.50 -74.14 -0.73
C MET C 4788 -50.67 -74.14 -1.71
N SER C 4789 -50.52 -73.51 -2.87
CA SER C 4789 -51.59 -73.55 -3.85
C SER C 4789 -51.86 -74.96 -4.34
N LEU C 4790 -50.80 -75.74 -4.57
CA LEU C 4790 -50.99 -77.13 -4.98
C LEU C 4790 -51.60 -77.95 -3.85
N LEU C 4791 -51.10 -77.80 -2.64
CA LEU C 4791 -51.64 -78.57 -1.52
C LEU C 4791 -53.06 -78.18 -1.19
N GLY C 4792 -53.50 -77.00 -1.60
CA GLY C 4792 -54.89 -76.63 -1.41
C GLY C 4792 -55.84 -77.52 -2.16
N HIS C 4793 -55.39 -78.14 -3.25
CA HIS C 4793 -56.21 -79.11 -3.94
C HIS C 4793 -56.31 -80.40 -3.15
N TYR C 4794 -55.25 -80.79 -2.46
CA TYR C 4794 -55.31 -81.95 -1.58
C TYR C 4794 -56.28 -81.70 -0.43
N ASN C 4795 -56.16 -80.56 0.23
CA ASN C 4795 -57.11 -80.16 1.25
C ASN C 4795 -57.44 -78.68 1.08
N ASN C 4796 -58.74 -78.37 1.02
CA ASN C 4796 -59.14 -77.02 0.67
C ASN C 4796 -58.74 -76.00 1.72
N PHE C 4797 -58.58 -76.41 2.97
CA PHE C 4797 -58.23 -75.44 4.00
C PHE C 4797 -56.79 -74.96 3.90
N PHE C 4798 -55.95 -75.59 3.09
CA PHE C 4798 -54.59 -75.11 2.92
C PHE C 4798 -54.55 -73.76 2.23
N PHE C 4799 -55.65 -73.33 1.60
CA PHE C 4799 -55.68 -72.00 1.01
C PHE C 4799 -55.73 -70.90 2.05
N ALA C 4800 -55.93 -71.24 3.32
CA ALA C 4800 -55.92 -70.21 4.35
C ALA C 4800 -54.51 -69.65 4.55
N ALA C 4801 -53.48 -70.44 4.27
CA ALA C 4801 -52.11 -69.95 4.42
C ALA C 4801 -51.79 -68.82 3.47
N HIS C 4802 -52.58 -68.65 2.40
CA HIS C 4802 -52.35 -67.57 1.47
C HIS C 4802 -52.88 -66.24 1.97
N LEU C 4803 -53.61 -66.23 3.10
CA LEU C 4803 -54.05 -64.96 3.66
C LEU C 4803 -52.89 -64.14 4.17
N LEU C 4804 -51.79 -64.79 4.55
CA LEU C 4804 -50.60 -64.09 5.01
C LEU C 4804 -49.92 -63.30 3.90
N ASP C 4805 -50.38 -63.45 2.66
CA ASP C 4805 -49.80 -62.69 1.56
C ASP C 4805 -50.01 -61.19 1.74
N ILE C 4806 -51.03 -60.77 2.49
CA ILE C 4806 -51.22 -59.34 2.74
C ILE C 4806 -50.03 -58.77 3.51
N ALA C 4807 -49.42 -59.58 4.38
CA ALA C 4807 -48.27 -59.14 5.15
C ALA C 4807 -47.07 -58.86 4.26
N MET C 4808 -46.96 -59.57 3.14
CA MET C 4808 -45.95 -59.25 2.14
C MET C 4808 -46.51 -58.36 1.04
N GLY C 4809 -47.77 -57.97 1.16
CA GLY C 4809 -48.49 -57.17 0.20
C GLY C 4809 -48.56 -55.73 0.67
N VAL C 4810 -49.67 -55.35 1.32
CA VAL C 4810 -49.93 -53.95 1.63
C VAL C 4810 -48.83 -53.39 2.51
N LYS C 4811 -48.37 -52.18 2.17
CA LYS C 4811 -47.13 -51.65 2.73
C LYS C 4811 -47.24 -51.36 4.21
N THR C 4812 -48.40 -50.88 4.67
CA THR C 4812 -48.52 -50.53 6.09
C THR C 4812 -48.44 -51.77 6.97
N LEU C 4813 -49.01 -52.89 6.51
CA LEU C 4813 -48.82 -54.14 7.26
C LEU C 4813 -47.37 -54.58 7.22
N ARG C 4814 -46.66 -54.28 6.13
CA ARG C 4814 -45.23 -54.57 6.09
C ARG C 4814 -44.48 -53.78 7.15
N THR C 4815 -44.87 -52.51 7.36
CA THR C 4815 -44.16 -51.72 8.36
C THR C 4815 -44.51 -52.15 9.78
N ILE C 4816 -45.76 -52.55 10.01
CA ILE C 4816 -46.13 -53.05 11.34
C ILE C 4816 -45.37 -54.33 11.65
N LEU C 4817 -45.33 -55.26 10.69
CA LEU C 4817 -44.54 -56.45 10.90
C LEU C 4817 -43.06 -56.14 10.99
N SER C 4818 -42.60 -55.07 10.33
CA SER C 4818 -41.19 -54.73 10.44
C SER C 4818 -40.86 -54.19 11.82
N SER C 4819 -41.80 -53.49 12.46
CA SER C 4819 -41.60 -53.11 13.85
C SER C 4819 -41.55 -54.34 14.75
N VAL C 4820 -42.42 -55.31 14.50
CA VAL C 4820 -42.39 -56.52 15.32
C VAL C 4820 -41.09 -57.27 15.14
N THR C 4821 -40.61 -57.38 13.90
CA THR C 4821 -39.44 -58.18 13.59
C THR C 4821 -38.13 -57.41 13.68
N HIS C 4822 -38.17 -56.12 14.02
CA HIS C 4822 -36.94 -55.35 14.13
C HIS C 4822 -36.10 -55.83 15.32
N ASN C 4823 -36.75 -56.18 16.42
CA ASN C 4823 -36.07 -56.68 17.61
C ASN C 4823 -36.40 -58.14 17.84
N GLY C 4824 -36.42 -58.93 16.76
CA GLY C 4824 -36.82 -60.31 16.87
C GLY C 4824 -35.89 -61.14 17.73
N LYS C 4825 -34.59 -60.91 17.58
CA LYS C 4825 -33.63 -61.63 18.42
C LYS C 4825 -33.84 -61.29 19.89
N GLN C 4826 -34.08 -60.01 20.19
CA GLN C 4826 -34.35 -59.63 21.57
C GLN C 4826 -35.61 -60.32 22.09
N LEU C 4827 -36.66 -60.41 21.27
CA LEU C 4827 -37.87 -61.08 21.72
C LEU C 4827 -37.63 -62.55 21.99
N VAL C 4828 -36.87 -63.22 21.13
CA VAL C 4828 -36.61 -64.64 21.32
C VAL C 4828 -35.80 -64.86 22.59
N MET C 4829 -34.77 -64.04 22.83
CA MET C 4829 -34.01 -64.18 24.05
C MET C 4829 -34.84 -63.84 25.28
N THR C 4830 -35.80 -62.93 25.16
CA THR C 4830 -36.66 -62.62 26.29
C THR C 4830 -37.54 -63.80 26.64
N VAL C 4831 -38.12 -64.48 25.64
CA VAL C 4831 -38.93 -65.65 25.98
C VAL C 4831 -38.04 -66.81 26.43
N GLY C 4832 -36.77 -66.84 26.01
CA GLY C 4832 -35.86 -67.80 26.60
C GLY C 4832 -35.61 -67.55 28.07
N LEU C 4833 -35.42 -66.28 28.43
CA LEU C 4833 -35.32 -65.93 29.84
C LEU C 4833 -36.61 -66.24 30.57
N LEU C 4834 -37.75 -66.10 29.90
CA LEU C 4834 -39.02 -66.47 30.51
C LEU C 4834 -39.05 -67.96 30.84
N ALA C 4835 -38.60 -68.80 29.90
CA ALA C 4835 -38.55 -70.23 30.16
C ALA C 4835 -37.61 -70.56 31.31
N VAL C 4836 -36.47 -69.86 31.37
CA VAL C 4836 -35.51 -70.13 32.44
C VAL C 4836 -36.09 -69.76 33.80
N VAL C 4837 -36.69 -68.58 33.92
CA VAL C 4837 -37.19 -68.17 35.22
C VAL C 4837 -38.39 -69.00 35.63
N VAL C 4838 -39.24 -69.39 34.68
CA VAL C 4838 -40.37 -70.23 35.03
C VAL C 4838 -39.89 -71.61 35.49
N TYR C 4839 -38.82 -72.12 34.86
CA TYR C 4839 -38.24 -73.37 35.34
C TYR C 4839 -37.64 -73.20 36.73
N LEU C 4840 -37.03 -72.04 37.00
CA LEU C 4840 -36.49 -71.80 38.34
C LEU C 4840 -37.60 -71.73 39.37
N TYR C 4841 -38.79 -71.32 38.97
CA TYR C 4841 -39.92 -71.42 39.89
C TYR C 4841 -40.42 -72.84 39.99
N THR C 4842 -40.26 -73.64 38.94
CA THR C 4842 -40.70 -75.04 38.99
C THR C 4842 -39.85 -75.85 39.96
N VAL C 4843 -38.53 -75.65 39.95
CA VAL C 4843 -37.67 -76.42 40.83
C VAL C 4843 -37.94 -76.10 42.29
N VAL C 4844 -38.49 -74.93 42.59
CA VAL C 4844 -38.78 -74.55 43.96
C VAL C 4844 -40.24 -74.77 44.31
N ALA C 4845 -41.10 -75.02 43.32
CA ALA C 4845 -42.46 -75.46 43.62
C ALA C 4845 -42.55 -76.95 43.78
N PHE C 4846 -41.71 -77.72 43.09
CA PHE C 4846 -41.75 -79.18 43.21
C PHE C 4846 -41.26 -79.58 44.60
N ASN C 4847 -40.15 -78.99 45.04
CA ASN C 4847 -39.52 -79.42 46.29
C ASN C 4847 -40.37 -79.05 47.51
N PHE C 4848 -40.99 -77.88 47.50
CA PHE C 4848 -41.66 -77.37 48.70
C PHE C 4848 -43.17 -77.33 48.54
N PHE C 4849 -43.66 -76.61 47.54
CA PHE C 4849 -45.09 -76.35 47.40
C PHE C 4849 -45.69 -77.38 46.45
N ARG C 4850 -45.66 -78.63 46.88
CA ARG C 4850 -46.05 -79.71 45.98
C ARG C 4850 -47.51 -80.09 46.15
N LYS C 4851 -48.01 -80.09 47.38
CA LYS C 4851 -49.38 -80.51 47.64
C LYS C 4851 -50.39 -79.51 47.11
N PHE C 4852 -49.98 -78.26 46.88
CA PHE C 4852 -50.94 -77.24 46.49
C PHE C 4852 -51.40 -77.36 45.05
N TYR C 4853 -50.64 -78.04 44.20
CA TYR C 4853 -50.94 -78.12 42.77
C TYR C 4853 -51.96 -79.22 42.49
N ASN C 4854 -53.13 -79.06 43.08
CA ASN C 4854 -54.24 -79.98 42.90
C ASN C 4854 -55.23 -79.38 41.92
N LYS C 4855 -55.58 -80.14 40.89
CA LYS C 4855 -56.54 -79.69 39.90
C LYS C 4855 -57.70 -80.68 39.77
N SER C 4856 -58.03 -81.36 40.87
CA SER C 4856 -59.11 -82.35 40.87
C SER C 4856 -59.98 -82.12 42.10
N GLU C 4857 -61.25 -81.84 41.87
CA GLU C 4857 -62.21 -81.77 42.97
C GLU C 4857 -62.68 -83.15 43.42
N ASP C 4858 -62.37 -84.19 42.65
CA ASP C 4858 -62.70 -85.57 43.03
C ASP C 4858 -61.64 -86.07 43.99
N GLU C 4859 -61.97 -86.13 45.29
CA GLU C 4859 -61.02 -86.54 46.30
C GLU C 4859 -60.57 -87.98 46.12
N ASP C 4860 -61.37 -88.80 45.44
CA ASP C 4860 -60.99 -90.19 45.21
C ASP C 4860 -59.76 -90.29 44.31
N GLU C 4861 -59.68 -89.44 43.28
CA GLU C 4861 -58.60 -89.46 42.31
C GLU C 4861 -57.92 -88.10 42.27
N PRO C 4862 -56.92 -87.88 43.11
CA PRO C 4862 -56.16 -86.63 43.04
C PRO C 4862 -55.40 -86.54 41.73
N ASP C 4863 -55.19 -85.30 41.28
CA ASP C 4863 -54.57 -85.01 39.99
C ASP C 4863 -53.41 -84.05 40.18
N MET C 4864 -52.49 -84.39 41.08
CA MET C 4864 -51.28 -83.60 41.31
C MET C 4864 -50.61 -83.25 39.99
N LYS C 4865 -50.56 -81.96 39.70
CA LYS C 4865 -49.92 -81.48 38.49
C LYS C 4865 -48.47 -81.11 38.70
N CYS C 4866 -47.93 -81.33 39.89
CA CYS C 4866 -46.51 -81.07 40.16
C CYS C 4866 -45.90 -82.21 40.94
N ASP C 4867 -46.21 -83.45 40.56
CA ASP C 4867 -45.53 -84.60 41.09
C ASP C 4867 -44.43 -85.09 40.17
N ASP C 4868 -44.15 -84.36 39.11
CA ASP C 4868 -43.17 -84.74 38.10
C ASP C 4868 -42.64 -83.46 37.49
N MET C 4869 -41.34 -83.42 37.22
CA MET C 4869 -40.74 -82.20 36.64
C MET C 4869 -41.39 -81.83 35.33
N MET C 4870 -41.59 -82.80 34.44
CA MET C 4870 -42.08 -82.47 33.12
C MET C 4870 -43.47 -81.86 33.18
N THR C 4871 -44.37 -82.49 33.94
CA THR C 4871 -45.72 -81.95 33.99
C THR C 4871 -45.82 -80.71 34.87
N CYS C 4872 -44.93 -80.53 35.84
CA CYS C 4872 -44.98 -79.31 36.64
C CYS C 4872 -44.47 -78.12 35.83
N TYR C 4873 -43.37 -78.29 35.10
CA TYR C 4873 -42.89 -77.25 34.21
C TYR C 4873 -43.92 -76.95 33.13
N LEU C 4874 -44.57 -77.98 32.60
CA LEU C 4874 -45.63 -77.74 31.63
C LEU C 4874 -46.77 -76.97 32.25
N PHE C 4875 -47.15 -77.30 33.48
CA PHE C 4875 -48.22 -76.58 34.15
C PHE C 4875 -47.85 -75.12 34.35
N HIS C 4876 -46.61 -74.85 34.77
CA HIS C 4876 -46.22 -73.47 35.01
C HIS C 4876 -46.20 -72.68 33.71
N MET C 4877 -45.50 -73.19 32.70
CA MET C 4877 -45.46 -72.51 31.41
C MET C 4877 -46.82 -72.35 30.75
N TYR C 4878 -47.72 -73.30 30.92
CA TYR C 4878 -48.98 -73.19 30.20
C TYR C 4878 -50.00 -72.35 30.97
N VAL C 4879 -50.12 -72.55 32.28
CA VAL C 4879 -51.16 -71.87 33.04
C VAL C 4879 -50.63 -70.62 33.72
N GLY C 4880 -49.47 -70.71 34.38
CA GLY C 4880 -49.02 -69.60 35.20
C GLY C 4880 -48.64 -68.37 34.38
N VAL C 4881 -48.07 -68.58 33.20
CA VAL C 4881 -47.74 -67.44 32.36
C VAL C 4881 -49.00 -66.78 31.81
N ARG C 4882 -49.98 -67.59 31.41
CA ARG C 4882 -51.18 -67.05 30.79
C ARG C 4882 -52.20 -66.54 31.79
N ALA C 4883 -52.06 -66.84 33.07
CA ALA C 4883 -53.02 -66.36 34.05
C ALA C 4883 -52.93 -64.85 34.19
N GLY C 4884 -54.07 -64.23 34.50
CA GLY C 4884 -54.09 -62.79 34.71
C GLY C 4884 -53.25 -62.37 35.89
N GLY C 4885 -53.41 -63.06 37.00
CA GLY C 4885 -52.48 -62.99 38.11
C GLY C 4885 -51.34 -63.95 37.86
N GLY C 4886 -50.56 -64.20 38.90
CA GLY C 4886 -49.46 -65.14 38.82
C GLY C 4886 -49.96 -66.56 38.84
N ILE C 4887 -49.15 -67.45 39.39
CA ILE C 4887 -49.58 -68.82 39.64
C ILE C 4887 -50.50 -68.92 40.84
N GLY C 4888 -50.59 -67.84 41.64
CA GLY C 4888 -51.32 -67.91 42.89
C GLY C 4888 -52.82 -68.05 42.73
N ASP C 4889 -53.36 -67.74 41.56
CA ASP C 4889 -54.79 -67.87 41.34
C ASP C 4889 -55.18 -69.19 40.68
N GLU C 4890 -54.22 -70.09 40.45
CA GLU C 4890 -54.50 -71.35 39.79
C GLU C 4890 -54.19 -72.56 40.65
N ILE C 4891 -53.79 -72.38 41.91
CA ILE C 4891 -53.44 -73.47 42.80
C ILE C 4891 -54.23 -73.31 44.09
N GLU C 4892 -53.94 -74.20 45.03
CA GLU C 4892 -54.68 -74.23 46.30
C GLU C 4892 -54.41 -72.97 47.11
N ASP C 4893 -55.40 -72.56 47.87
CA ASP C 4893 -55.29 -71.40 48.74
C ASP C 4893 -54.22 -71.65 49.79
N PRO C 4894 -53.20 -70.80 49.91
CA PRO C 4894 -52.14 -71.02 50.90
C PRO C 4894 -52.50 -70.62 52.31
N ALA C 4895 -53.72 -70.15 52.56
CA ALA C 4895 -54.09 -69.75 53.91
C ALA C 4895 -54.21 -70.98 54.81
N GLY C 4896 -53.81 -70.81 56.07
CA GLY C 4896 -53.86 -71.90 57.02
C GLY C 4896 -52.86 -72.99 56.73
N ASP C 4897 -51.58 -72.64 56.76
CA ASP C 4897 -50.52 -73.59 56.46
C ASP C 4897 -49.22 -73.06 57.07
N GLU C 4898 -48.30 -73.98 57.34
CA GLU C 4898 -47.00 -73.57 57.86
C GLU C 4898 -46.15 -72.88 56.80
N TYR C 4899 -46.51 -73.00 55.53
CA TYR C 4899 -45.79 -72.36 54.44
C TYR C 4899 -46.58 -71.20 53.85
N GLU C 4900 -47.40 -70.54 54.66
CA GLU C 4900 -48.26 -69.49 54.16
C GLU C 4900 -47.44 -68.31 53.65
N LEU C 4901 -46.52 -67.81 54.47
CA LEU C 4901 -45.72 -66.66 54.07
C LEU C 4901 -44.80 -67.01 52.92
N TYR C 4902 -44.25 -68.23 52.92
CA TYR C 4902 -43.38 -68.64 51.82
C TYR C 4902 -44.15 -68.68 50.51
N ARG C 4903 -45.37 -69.21 50.52
CA ARG C 4903 -46.16 -69.24 49.29
C ARG C 4903 -46.60 -67.85 48.87
N VAL C 4904 -46.86 -66.95 49.83
CA VAL C 4904 -47.22 -65.58 49.46
C VAL C 4904 -46.05 -64.92 48.75
N VAL C 4905 -44.84 -65.08 49.29
CA VAL C 4905 -43.66 -64.55 48.61
C VAL C 4905 -43.51 -65.20 47.25
N PHE C 4906 -43.77 -66.50 47.15
CA PHE C 4906 -43.63 -67.22 45.89
C PHE C 4906 -44.55 -66.67 44.82
N ASP C 4907 -45.84 -66.54 45.13
CA ASP C 4907 -46.79 -66.05 44.14
C ASP C 4907 -46.56 -64.59 43.81
N ILE C 4908 -46.25 -63.77 44.80
CA ILE C 4908 -46.05 -62.35 44.52
C ILE C 4908 -44.83 -62.14 43.65
N THR C 4909 -43.73 -62.84 43.93
CA THR C 4909 -42.56 -62.67 43.07
C THR C 4909 -42.79 -63.27 41.69
N PHE C 4910 -43.57 -64.35 41.59
CA PHE C 4910 -43.92 -64.87 40.28
C PHE C 4910 -44.69 -63.85 39.48
N PHE C 4911 -45.68 -63.22 40.11
CA PHE C 4911 -46.46 -62.18 39.45
C PHE C 4911 -45.59 -60.98 39.09
N PHE C 4912 -44.68 -60.60 39.98
CA PHE C 4912 -43.90 -59.39 39.74
C PHE C 4912 -42.81 -59.60 38.70
N PHE C 4913 -42.18 -60.77 38.67
CA PHE C 4913 -41.10 -60.97 37.72
C PHE C 4913 -41.58 -61.54 36.40
N VAL C 4914 -42.48 -62.52 36.42
CA VAL C 4914 -42.87 -63.19 35.19
C VAL C 4914 -43.99 -62.45 34.49
N ILE C 4915 -44.95 -61.92 35.22
CA ILE C 4915 -46.14 -61.36 34.59
C ILE C 4915 -45.98 -59.89 34.25
N VAL C 4916 -45.71 -59.05 35.26
CA VAL C 4916 -45.74 -57.62 34.99
C VAL C 4916 -44.40 -57.14 34.44
N ILE C 4917 -43.29 -57.77 34.83
CA ILE C 4917 -42.00 -57.33 34.31
C ILE C 4917 -41.71 -58.01 32.98
N LEU C 4918 -41.68 -59.34 32.98
CA LEU C 4918 -41.17 -60.04 31.81
C LEU C 4918 -42.14 -60.09 30.64
N LEU C 4919 -43.39 -59.68 30.83
CA LEU C 4919 -44.22 -59.43 29.66
C LEU C 4919 -44.21 -57.98 29.26
N ALA C 4920 -43.87 -57.08 30.19
CA ALA C 4920 -43.67 -55.69 29.81
C ALA C 4920 -42.44 -55.53 28.93
N ILE C 4921 -41.44 -56.39 29.09
CA ILE C 4921 -40.32 -56.36 28.16
C ILE C 4921 -40.78 -56.78 26.78
N ILE C 4922 -41.64 -57.80 26.70
CA ILE C 4922 -42.15 -58.24 25.41
C ILE C 4922 -42.95 -57.14 24.73
N GLN C 4923 -43.78 -56.44 25.50
CA GLN C 4923 -44.50 -55.29 24.95
C GLN C 4923 -43.56 -54.14 24.64
N GLY C 4924 -42.51 -53.97 25.44
CA GLY C 4924 -41.65 -52.82 25.28
C GLY C 4924 -40.70 -52.91 24.12
N LEU C 4925 -40.34 -54.13 23.71
CA LEU C 4925 -39.48 -54.27 22.54
C LEU C 4925 -40.17 -53.73 21.30
N ILE C 4926 -41.44 -54.06 21.12
CA ILE C 4926 -42.14 -53.53 19.95
C ILE C 4926 -42.57 -52.09 20.18
N ILE C 4927 -42.81 -51.68 21.43
CA ILE C 4927 -43.05 -50.28 21.73
C ILE C 4927 -41.89 -49.42 21.26
N ASP C 4928 -40.68 -49.86 21.58
CA ASP C 4928 -39.48 -49.14 21.20
C ASP C 4928 -39.17 -49.32 19.72
N ALA C 4929 -39.61 -50.42 19.13
CA ALA C 4929 -39.39 -50.62 17.70
C ALA C 4929 -40.19 -49.63 16.87
N PHE C 4930 -41.37 -49.23 17.36
CA PHE C 4930 -42.09 -48.17 16.65
C PHE C 4930 -41.30 -46.87 16.68
N GLY C 4931 -40.59 -46.61 17.76
CA GLY C 4931 -39.64 -45.51 17.78
C GLY C 4931 -38.48 -45.69 16.82
N GLU C 4932 -38.05 -46.94 16.64
CA GLU C 4932 -37.01 -47.23 15.65
C GLU C 4932 -37.44 -46.73 14.27
N LEU C 4933 -38.56 -47.24 13.76
CA LEU C 4933 -38.98 -46.86 12.42
C LEU C 4933 -39.38 -45.39 12.35
N ARG C 4934 -40.00 -44.85 13.41
CA ARG C 4934 -40.11 -43.41 13.58
C ARG C 4934 -38.84 -42.67 13.19
N ASP C 4935 -37.80 -42.89 13.98
CA ASP C 4935 -36.61 -42.06 13.86
C ASP C 4935 -35.87 -42.34 12.57
N GLN C 4936 -36.04 -43.53 12.00
CA GLN C 4936 -35.41 -43.79 10.71
C GLN C 4936 -36.05 -42.95 9.61
N GLN C 4937 -37.38 -42.96 9.51
CA GLN C 4937 -38.02 -42.14 8.48
C GLN C 4937 -37.76 -40.66 8.71
N GLU C 4938 -37.85 -40.21 9.97
CA GLU C 4938 -37.61 -38.80 10.26
C GLU C 4938 -36.16 -38.41 9.95
N GLN C 4939 -35.21 -39.28 10.25
CA GLN C 4939 -33.82 -38.96 9.96
C GLN C 4939 -33.57 -38.88 8.46
N VAL C 4940 -34.15 -39.80 7.69
CA VAL C 4940 -33.96 -39.77 6.24
C VAL C 4940 -34.55 -38.49 5.65
N LYS C 4941 -35.80 -38.18 6.02
CA LYS C 4941 -36.45 -36.98 5.49
C LYS C 4941 -35.71 -35.72 5.92
N GLU C 4942 -35.26 -35.67 7.18
CA GLU C 4942 -34.52 -34.51 7.65
C GLU C 4942 -33.21 -34.37 6.88
N ASP C 4943 -32.50 -35.47 6.66
CA ASP C 4943 -31.22 -35.41 5.97
C ASP C 4943 -31.38 -34.93 4.54
N MET C 4944 -32.43 -35.39 3.85
CA MET C 4944 -32.72 -34.83 2.54
C MET C 4944 -33.03 -33.34 2.63
N GLU C 4945 -33.75 -32.93 3.67
CA GLU C 4945 -34.15 -31.52 3.75
C GLU C 4945 -32.97 -30.60 4.05
N THR C 4946 -31.98 -31.07 4.80
CA THR C 4946 -30.98 -30.14 5.32
C THR C 4946 -29.67 -30.15 4.54
N LYS C 4947 -29.30 -31.25 3.90
CA LYS C 4947 -27.99 -31.34 3.26
C LYS C 4947 -28.14 -31.91 1.85
N CYS C 4948 -27.23 -31.51 0.97
CA CYS C 4948 -27.25 -32.02 -0.38
C CYS C 4948 -26.72 -33.44 -0.41
N PHE C 4949 -27.39 -34.30 -1.18
CA PHE C 4949 -27.00 -35.70 -1.23
C PHE C 4949 -25.63 -35.88 -1.87
N ILE C 4950 -25.25 -35.03 -2.81
CA ILE C 4950 -23.99 -35.21 -3.53
C ILE C 4950 -22.86 -34.48 -2.84
N CYS C 4951 -22.95 -33.15 -2.77
CA CYS C 4951 -21.81 -32.39 -2.24
C CYS C 4951 -21.74 -32.44 -0.73
N GLY C 4952 -22.87 -32.53 -0.04
CA GLY C 4952 -22.87 -32.57 1.40
C GLY C 4952 -22.87 -31.21 2.07
N ILE C 4953 -22.81 -30.12 1.30
CA ILE C 4953 -22.88 -28.79 1.88
C ILE C 4953 -24.28 -28.57 2.45
N GLY C 4954 -24.35 -28.05 3.66
CA GLY C 4954 -25.63 -27.87 4.31
C GLY C 4954 -26.43 -26.73 3.70
N SER C 4955 -27.73 -26.78 3.92
CA SER C 4955 -28.63 -25.77 3.39
C SER C 4955 -28.46 -24.43 4.07
N ASP C 4956 -27.84 -24.41 5.25
CA ASP C 4956 -27.55 -23.14 5.90
C ASP C 4956 -26.58 -22.29 5.09
N TYR C 4957 -25.86 -22.90 4.15
CA TYR C 4957 -25.03 -22.16 3.22
C TYR C 4957 -25.81 -21.73 1.98
N PHE C 4958 -26.57 -22.65 1.39
CA PHE C 4958 -27.21 -22.34 0.13
C PHE C 4958 -28.36 -21.35 0.31
N ASP C 4959 -29.11 -21.47 1.41
CA ASP C 4959 -30.28 -20.64 1.60
C ASP C 4959 -29.96 -19.18 1.86
N THR C 4960 -28.68 -18.80 1.88
CA THR C 4960 -28.32 -17.39 1.94
C THR C 4960 -28.92 -16.63 0.77
N THR C 4961 -28.77 -17.17 -0.43
CA THR C 4961 -29.52 -16.73 -1.57
C THR C 4961 -30.95 -17.29 -1.49
N PRO C 4962 -31.96 -16.52 -1.85
CA PRO C 4962 -33.33 -17.04 -1.80
C PRO C 4962 -33.50 -18.29 -2.64
N HIS C 4963 -34.16 -19.29 -2.07
CA HIS C 4963 -34.36 -20.60 -2.69
C HIS C 4963 -33.02 -21.22 -3.10
N GLY C 4964 -31.97 -20.95 -2.33
CA GLY C 4964 -30.65 -21.39 -2.72
C GLY C 4964 -30.52 -22.91 -2.74
N PHE C 4965 -31.03 -23.57 -1.70
CA PHE C 4965 -30.94 -25.01 -1.66
C PHE C 4965 -31.85 -25.67 -2.69
N GLU C 4966 -33.03 -25.09 -2.92
CA GLU C 4966 -33.90 -25.59 -3.97
C GLU C 4966 -33.21 -25.54 -5.32
N THR C 4967 -32.57 -24.41 -5.62
CA THR C 4967 -31.83 -24.29 -6.87
C THR C 4967 -30.67 -25.27 -6.92
N HIS C 4968 -29.95 -25.44 -5.81
CA HIS C 4968 -28.77 -26.30 -5.81
C HIS C 4968 -29.13 -27.75 -6.06
N THR C 4969 -30.28 -28.20 -5.56
CA THR C 4969 -30.69 -29.58 -5.76
C THR C 4969 -31.71 -29.74 -6.88
N LEU C 4970 -31.98 -28.70 -7.64
CA LEU C 4970 -32.75 -28.90 -8.87
C LEU C 4970 -31.97 -28.59 -10.13
N GLU C 4971 -30.91 -27.80 -10.06
CA GLU C 4971 -30.10 -27.50 -11.23
C GLU C 4971 -28.65 -27.93 -11.07
N GLU C 4972 -27.98 -27.51 -10.00
CA GLU C 4972 -26.54 -27.71 -9.91
C GLU C 4972 -26.18 -29.18 -9.69
N HIS C 4973 -26.57 -29.73 -8.56
CA HIS C 4973 -26.31 -31.13 -8.23
C HIS C 4973 -27.65 -31.84 -8.16
N ASN C 4974 -27.97 -32.61 -9.19
CA ASN C 4974 -29.20 -33.39 -9.20
C ASN C 4974 -28.85 -34.82 -9.54
N LEU C 4975 -29.21 -35.76 -8.65
CA LEU C 4975 -28.82 -37.14 -8.88
C LEU C 4975 -29.48 -37.72 -10.12
N ALA C 4976 -30.65 -37.19 -10.49
CA ALA C 4976 -31.22 -37.58 -11.78
C ALA C 4976 -30.33 -37.13 -12.93
N ASN C 4977 -29.71 -35.97 -12.80
CA ASN C 4977 -28.79 -35.53 -13.83
C ASN C 4977 -27.54 -36.40 -13.89
N TYR C 4978 -27.09 -36.93 -12.76
CA TYR C 4978 -25.94 -37.85 -12.82
C TYR C 4978 -26.31 -39.18 -13.45
N MET C 4979 -27.51 -39.70 -13.13
CA MET C 4979 -28.14 -40.74 -13.94
C MET C 4979 -27.96 -40.49 -15.42
N PHE C 4980 -28.46 -39.34 -15.85
CA PHE C 4980 -28.55 -39.06 -17.28
C PHE C 4980 -27.17 -38.86 -17.88
N PHE C 4981 -26.21 -38.33 -17.11
CA PHE C 4981 -24.86 -38.20 -17.62
C PHE C 4981 -24.24 -39.56 -17.89
N LEU C 4982 -24.40 -40.50 -16.96
CA LEU C 4982 -23.85 -41.84 -17.20
C LEU C 4982 -24.50 -42.47 -18.42
N MET C 4983 -25.81 -42.31 -18.57
CA MET C 4983 -26.50 -42.86 -19.72
C MET C 4983 -25.98 -42.23 -21.00
N TYR C 4984 -25.74 -40.93 -20.97
CA TYR C 4984 -25.33 -40.19 -22.15
C TYR C 4984 -23.90 -40.55 -22.55
N LEU C 4985 -23.01 -40.76 -21.58
CA LEU C 4985 -21.67 -41.23 -21.89
C LEU C 4985 -21.71 -42.61 -22.54
N ILE C 4986 -22.52 -43.52 -22.01
CA ILE C 4986 -22.60 -44.85 -22.59
C ILE C 4986 -23.13 -44.79 -24.01
N ASN C 4987 -24.15 -43.98 -24.24
CA ASN C 4987 -24.75 -43.92 -25.57
C ASN C 4987 -23.82 -43.25 -26.58
N LYS C 4988 -23.11 -42.22 -26.16
CA LYS C 4988 -22.31 -41.44 -27.10
C LYS C 4988 -21.12 -42.27 -27.60
N ASP C 4989 -20.76 -42.04 -28.86
CA ASP C 4989 -19.64 -42.73 -29.47
C ASP C 4989 -18.35 -42.33 -28.78
N GLU C 4990 -17.49 -43.30 -28.50
CA GLU C 4990 -16.28 -43.04 -27.73
C GLU C 4990 -15.37 -42.04 -28.40
N THR C 4991 -15.36 -41.99 -29.72
CA THR C 4991 -14.51 -41.04 -30.41
C THR C 4991 -15.08 -39.62 -30.41
N GLU C 4992 -16.35 -39.47 -30.01
CA GLU C 4992 -17.02 -38.18 -30.04
C GLU C 4992 -17.11 -37.51 -28.67
N HIS C 4993 -16.56 -38.13 -27.63
CA HIS C 4993 -16.61 -37.52 -26.30
C HIS C 4993 -15.85 -36.21 -26.30
N THR C 4994 -16.38 -35.23 -25.57
CA THR C 4994 -15.63 -34.01 -25.35
C THR C 4994 -14.55 -34.27 -24.31
N GLY C 4995 -13.75 -33.24 -24.00
CA GLY C 4995 -12.65 -33.45 -23.07
C GLY C 4995 -13.14 -33.80 -21.68
N GLN C 4996 -14.11 -33.06 -21.18
CA GLN C 4996 -14.65 -33.33 -19.85
C GLN C 4996 -15.34 -34.68 -19.80
N GLU C 4997 -16.09 -35.03 -20.84
CA GLU C 4997 -16.75 -36.33 -20.86
C GLU C 4997 -15.75 -37.46 -20.93
N SER C 4998 -14.63 -37.29 -21.65
CA SER C 4998 -13.61 -38.32 -21.66
C SER C 4998 -12.98 -38.47 -20.28
N TYR C 4999 -12.79 -37.36 -19.57
CA TYR C 4999 -12.27 -37.43 -18.21
C TYR C 4999 -13.20 -38.25 -17.31
N VAL C 5000 -14.49 -37.91 -17.32
CA VAL C 5000 -15.45 -38.64 -16.51
C VAL C 5000 -15.54 -40.09 -16.94
N TRP C 5001 -15.46 -40.34 -18.24
CA TRP C 5001 -15.54 -41.71 -18.74
C TRP C 5001 -14.35 -42.53 -18.29
N LYS C 5002 -13.15 -41.96 -18.32
CA LYS C 5002 -11.99 -42.77 -17.95
C LYS C 5002 -12.02 -43.10 -16.47
N MET C 5003 -12.51 -42.20 -15.62
CA MET C 5003 -12.61 -42.68 -14.23
C MET C 5003 -13.88 -43.46 -13.96
N TYR C 5004 -14.86 -43.47 -14.86
CA TYR C 5004 -15.94 -44.45 -14.72
C TYR C 5004 -15.42 -45.85 -15.00
N GLN C 5005 -14.58 -46.01 -16.01
CA GLN C 5005 -14.02 -47.33 -16.28
C GLN C 5005 -12.97 -47.72 -15.25
N GLU C 5006 -12.17 -46.75 -14.81
CA GLU C 5006 -11.16 -47.01 -13.79
C GLU C 5006 -11.77 -47.17 -12.41
N ARG C 5007 -13.02 -46.74 -12.22
CA ARG C 5007 -13.72 -46.79 -10.94
C ARG C 5007 -12.98 -45.97 -9.88
N CYS C 5008 -12.87 -44.68 -10.17
CA CYS C 5008 -12.28 -43.71 -9.25
C CYS C 5008 -13.25 -42.54 -9.13
N TRP C 5009 -13.98 -42.48 -8.02
CA TRP C 5009 -15.06 -41.51 -7.86
C TRP C 5009 -14.57 -40.18 -7.34
N ASP C 5010 -13.55 -39.64 -7.99
CA ASP C 5010 -13.05 -38.32 -7.61
C ASP C 5010 -13.85 -37.20 -8.25
N PHE C 5011 -14.49 -37.46 -9.38
CA PHE C 5011 -15.16 -36.39 -10.10
C PHE C 5011 -16.47 -35.96 -9.45
N PHE C 5012 -17.00 -36.71 -8.51
CA PHE C 5012 -18.16 -36.23 -7.79
C PHE C 5012 -17.75 -35.10 -6.86
N PRO C 5013 -18.40 -33.94 -6.92
CA PRO C 5013 -18.00 -32.84 -6.04
C PRO C 5013 -18.33 -33.17 -4.60
N ALA C 5014 -17.31 -33.22 -3.76
CA ALA C 5014 -17.48 -33.55 -2.35
C ALA C 5014 -16.97 -32.38 -1.52
N GLY C 5015 -17.86 -31.79 -0.72
CA GLY C 5015 -17.47 -30.66 0.10
C GLY C 5015 -17.28 -29.38 -0.65
N ASP C 5016 -17.68 -29.31 -1.92
CA ASP C 5016 -17.47 -28.11 -2.71
C ASP C 5016 -18.54 -28.04 -3.79
N CYS C 5017 -18.75 -26.84 -4.33
CA CYS C 5017 -19.70 -26.63 -5.39
C CYS C 5017 -19.28 -25.40 -6.18
N PHE C 5018 -19.99 -25.14 -7.27
CA PHE C 5018 -19.67 -23.97 -8.10
C PHE C 5018 -19.86 -22.68 -7.33
N ARG C 5019 -20.94 -22.58 -6.56
CA ARG C 5019 -21.21 -21.37 -5.80
C ARG C 5019 -20.12 -21.11 -4.76
N LYS C 5020 -19.69 -22.17 -4.07
CA LYS C 5020 -18.60 -22.01 -3.11
C LYS C 5020 -17.29 -21.71 -3.80
N GLN C 5021 -17.08 -22.27 -5.00
CA GLN C 5021 -15.84 -22.06 -5.73
C GLN C 5021 -15.70 -20.61 -6.17
N TYR C 5022 -16.76 -20.03 -6.70
CA TYR C 5022 -16.75 -18.66 -7.18
C TYR C 5022 -17.69 -17.83 -6.32
N GLU C 5023 -17.14 -17.18 -5.30
CA GLU C 5023 -17.88 -16.22 -4.48
C GLU C 5023 -17.47 -14.79 -4.73
N ASP C 5024 -16.17 -14.54 -4.90
CA ASP C 5024 -15.71 -13.19 -5.18
C ASP C 5024 -16.25 -12.69 -6.51
N GLN C 5025 -16.47 -13.58 -7.47
CA GLN C 5025 -17.07 -13.23 -8.75
C GLN C 5025 -18.58 -13.40 -8.75
N LEU C 5026 -19.17 -13.70 -7.59
CA LEU C 5026 -20.61 -13.85 -7.45
C LEU C 5026 -21.15 -14.91 -8.41
N SER C 5027 -20.56 -16.10 -8.33
CA SER C 5027 -20.96 -17.27 -9.12
C SER C 5027 -20.92 -17.01 -10.61
N GLN D 1 115.95 2.57 107.52
CA GLN D 1 115.47 3.35 108.64
C GLN D 1 116.67 3.69 109.54
N VAL D 2 116.56 3.34 110.82
CA VAL D 2 117.71 3.36 111.73
C VAL D 2 118.73 2.32 111.27
N GLN D 3 119.89 2.77 110.83
CA GLN D 3 120.62 2.11 109.77
C GLN D 3 122.08 2.12 110.24
N LEU D 4 122.30 1.55 111.43
CA LEU D 4 123.53 1.83 112.18
C LEU D 4 124.69 1.00 111.65
N GLN D 5 125.90 1.46 111.89
CA GLN D 5 127.08 0.74 111.43
C GLN D 5 127.60 -0.19 112.52
N GLU D 6 127.72 -1.47 112.19
CA GLU D 6 128.29 -2.47 113.07
C GLU D 6 129.74 -2.74 112.66
N SER D 7 130.65 -2.57 113.61
CA SER D 7 132.07 -2.75 113.35
C SER D 7 132.78 -3.05 114.67
N GLY D 8 134.10 -3.16 114.60
CA GLY D 8 134.89 -3.41 115.78
C GLY D 8 135.43 -4.83 115.81
N GLY D 9 136.55 -4.99 116.51
CA GLY D 9 137.19 -6.29 116.55
C GLY D 9 137.87 -6.63 115.24
N GLY D 10 138.01 -7.92 114.98
CA GLY D 10 138.66 -8.38 113.76
C GLY D 10 139.44 -9.65 114.04
N LEU D 11 140.45 -9.88 113.20
CA LEU D 11 141.32 -11.04 113.39
C LEU D 11 142.24 -10.78 114.58
N MET D 12 142.36 -11.77 115.47
CA MET D 12 143.14 -11.61 116.69
C MET D 12 143.48 -12.99 117.22
N GLN D 13 144.47 -13.03 118.11
CA GLN D 13 144.83 -14.28 118.76
C GLN D 13 143.97 -14.48 120.01
N ALA D 14 144.23 -15.58 120.72
CA ALA D 14 143.46 -15.88 121.93
C ALA D 14 143.72 -14.84 123.01
N GLY D 15 142.67 -14.48 123.73
CA GLY D 15 142.76 -13.46 124.76
C GLY D 15 143.12 -12.09 124.23
N GLY D 16 142.59 -11.73 123.06
CA GLY D 16 142.89 -10.46 122.45
C GLY D 16 142.00 -9.33 122.91
N SER D 17 142.59 -8.26 123.43
CA SER D 17 141.82 -7.11 123.92
C SER D 17 141.31 -6.33 122.72
N LEU D 18 140.01 -6.45 122.42
CA LEU D 18 139.43 -5.79 121.26
C LEU D 18 138.32 -4.85 121.72
N ARG D 19 138.39 -3.61 121.23
CA ARG D 19 137.35 -2.61 121.45
C ARG D 19 136.43 -2.60 120.24
N LEU D 20 135.28 -3.24 120.38
CA LEU D 20 134.28 -3.30 119.32
C LEU D 20 133.41 -2.06 119.42
N SER D 21 133.81 -1.02 118.67
CA SER D 21 133.08 0.25 118.68
C SER D 21 132.06 0.24 117.55
N CYS D 22 130.81 -0.07 117.89
CA CYS D 22 129.71 -0.03 116.94
C CYS D 22 129.13 1.38 116.93
N THR D 23 129.12 2.01 115.75
CA THR D 23 128.74 3.41 115.62
C THR D 23 127.28 3.51 115.20
N ALA D 24 126.57 4.43 115.85
CA ALA D 24 125.17 4.71 115.51
C ALA D 24 124.96 6.20 115.43
N SER D 25 124.33 6.65 114.35
CA SER D 25 123.99 8.05 114.15
C SER D 25 122.79 8.12 113.23
N GLY D 26 122.30 9.34 113.02
CA GLY D 26 121.14 9.54 112.16
C GLY D 26 119.87 8.92 112.67
N SER D 27 119.74 8.75 113.99
CA SER D 27 118.60 8.06 114.58
C SER D 27 118.10 8.87 115.77
N ILE D 28 116.83 9.27 115.71
CA ILE D 28 116.20 9.93 116.86
C ILE D 28 115.46 8.91 117.73
N PHE D 29 114.87 7.88 117.12
CA PHE D 29 114.11 6.86 117.84
C PHE D 29 115.03 5.72 118.25
N SER D 30 114.51 4.86 119.13
CA SER D 30 115.18 3.63 119.57
C SER D 30 116.57 3.93 120.14
N ILE D 31 116.63 4.89 121.06
CA ILE D 31 117.88 5.32 121.68
C ILE D 31 117.99 4.84 123.11
N ASN D 32 117.08 3.98 123.56
CA ASN D 32 117.09 3.56 124.97
C ASN D 32 118.11 2.44 125.20
N SER D 33 117.93 1.30 124.53
CA SER D 33 118.77 0.14 124.71
C SER D 33 119.53 -0.16 123.42
N MET D 34 120.82 -0.36 123.53
CA MET D 34 121.72 -0.59 122.39
C MET D 34 122.36 -1.96 122.60
N GLY D 35 121.71 -2.98 122.06
CA GLY D 35 122.14 -4.35 122.32
C GLY D 35 123.23 -4.83 121.38
N TRP D 36 123.98 -5.82 121.87
CA TRP D 36 124.99 -6.52 121.11
C TRP D 36 124.60 -7.99 120.98
N TYR D 37 124.66 -8.51 119.76
CA TYR D 37 124.30 -9.89 119.45
C TYR D 37 125.49 -10.55 118.77
N ARG D 38 125.46 -11.87 118.65
CA ARG D 38 126.63 -12.59 118.19
C ARG D 38 126.20 -13.94 117.64
N GLN D 39 126.56 -14.21 116.39
CA GLN D 39 126.35 -15.53 115.80
C GLN D 39 127.63 -16.34 116.02
N ALA D 40 127.59 -17.25 116.98
CA ALA D 40 128.62 -18.26 117.12
C ALA D 40 128.55 -19.23 115.94
N PRO D 41 129.64 -19.93 115.63
CA PRO D 41 129.62 -20.86 114.49
C PRO D 41 128.54 -21.92 114.66
N GLY D 42 127.57 -21.90 113.76
CA GLY D 42 126.43 -22.79 113.84
C GLY D 42 125.52 -22.53 115.03
N LYS D 43 125.28 -21.27 115.35
CA LYS D 43 124.44 -20.90 116.48
C LYS D 43 123.55 -19.73 116.08
N GLN D 44 122.50 -19.50 116.87
CA GLN D 44 121.58 -18.39 116.62
C GLN D 44 122.16 -17.10 117.17
N ARG D 45 121.38 -16.03 117.13
CA ARG D 45 121.85 -14.71 117.55
C ARG D 45 121.83 -14.67 119.08
N GLU D 46 123.00 -14.77 119.69
CA GLU D 46 123.16 -14.80 121.14
C GLU D 46 123.45 -13.38 121.60
N LEU D 47 122.61 -12.79 122.45
CA LEU D 47 122.99 -11.49 122.96
C LEU D 47 124.10 -11.61 124.00
N VAL D 48 125.01 -10.67 123.94
CA VAL D 48 126.21 -10.68 124.77
C VAL D 48 126.17 -9.54 125.79
N ALA D 49 125.78 -8.34 125.36
CA ALA D 49 125.66 -7.21 126.28
C ALA D 49 124.76 -6.16 125.65
N THR D 50 123.68 -5.79 126.35
CA THR D 50 122.76 -4.75 125.91
C THR D 50 122.93 -3.54 126.82
N ILE D 51 123.72 -2.56 126.37
CA ILE D 51 123.85 -1.32 127.12
C ILE D 51 122.53 -0.57 127.09
N THR D 52 122.31 0.25 128.10
CA THR D 52 121.06 0.97 128.26
C THR D 52 121.41 2.42 128.62
N SER D 53 120.45 3.32 128.47
CA SER D 53 120.69 4.74 128.74
C SER D 53 121.20 4.93 130.15
N GLY D 54 122.19 5.81 130.30
CA GLY D 54 122.93 5.91 131.54
C GLY D 54 124.03 4.88 131.68
N ASN D 55 124.43 4.21 130.60
CA ASN D 55 125.52 3.24 130.58
C ASN D 55 125.23 2.09 131.55
N SER D 56 124.13 1.39 131.28
CA SER D 56 123.66 0.29 132.12
C SER D 56 123.84 -1.02 131.36
N ILE D 57 124.81 -1.82 131.78
CA ILE D 57 125.11 -3.09 131.13
C ILE D 57 124.04 -4.11 131.50
N ASN D 58 123.62 -4.91 130.53
CA ASN D 58 122.65 -5.97 130.75
C ASN D 58 123.37 -7.32 130.82
N TYR D 59 122.90 -8.18 131.73
CA TYR D 59 123.47 -9.50 131.97
C TYR D 59 122.37 -10.55 131.82
N ALA D 60 122.23 -11.07 130.61
CA ALA D 60 121.29 -12.16 130.33
C ALA D 60 121.98 -13.43 129.84
N ASP D 61 123.04 -13.30 129.04
CA ASP D 61 123.76 -14.44 128.51
C ASP D 61 125.24 -14.07 128.40
N SER D 62 126.11 -15.02 128.76
CA SER D 62 127.56 -14.83 128.75
C SER D 62 127.97 -13.67 129.67
N VAL D 63 127.46 -13.72 130.90
CA VAL D 63 127.83 -12.70 131.89
C VAL D 63 129.30 -12.84 132.28
N LYS D 64 129.84 -14.06 132.21
CA LYS D 64 131.21 -14.31 132.63
C LYS D 64 132.22 -13.55 131.78
N GLY D 65 131.98 -13.49 130.46
CA GLY D 65 132.87 -12.74 129.59
C GLY D 65 132.94 -11.27 130.00
N ARG D 66 134.16 -10.74 130.04
CA ARG D 66 134.39 -9.32 130.36
C ARG D 66 134.12 -8.47 129.12
N PHE D 67 132.82 -8.33 128.84
CA PHE D 67 132.38 -7.54 127.70
C PHE D 67 132.59 -6.05 127.92
N THR D 68 132.29 -5.55 129.11
CA THR D 68 132.50 -4.15 129.48
C THR D 68 132.00 -3.20 128.40
N ILE D 69 130.68 -3.19 128.23
CA ILE D 69 130.06 -2.38 127.21
C ILE D 69 129.74 -1.00 127.78
N SER D 70 129.94 0.04 126.97
CA SER D 70 129.70 1.41 127.39
C SER D 70 129.17 2.19 126.21
N ARG D 71 128.40 3.25 126.51
CA ARG D 71 127.82 4.08 125.47
C ARG D 71 127.45 5.42 126.09
N ASP D 72 127.52 6.48 125.28
CA ASP D 72 127.00 7.78 125.65
C ASP D 72 125.85 8.12 124.72
N ASN D 73 124.76 8.63 125.30
CA ASN D 73 123.61 9.01 124.50
C ASN D 73 123.83 10.29 123.70
N ALA D 74 124.94 10.99 123.94
CA ALA D 74 125.24 12.21 123.18
C ALA D 74 125.44 11.92 121.70
N LYS D 75 126.19 10.86 121.39
CA LYS D 75 126.43 10.46 120.01
C LYS D 75 125.87 9.09 119.68
N ASN D 76 125.32 8.37 120.66
CA ASN D 76 124.70 7.06 120.50
C ASN D 76 125.67 5.99 120.02
N THR D 77 126.97 6.25 120.07
CA THR D 77 127.97 5.28 119.63
C THR D 77 128.35 4.39 120.81
N VAL D 78 128.24 3.08 120.61
CA VAL D 78 128.53 2.10 121.65
C VAL D 78 129.91 1.52 121.42
N TYR D 79 130.56 1.10 122.51
CA TYR D 79 131.90 0.50 122.46
C TYR D 79 131.96 -0.63 123.47
N LEU D 80 132.37 -1.81 123.00
CA LEU D 80 132.36 -3.04 123.78
C LEU D 80 133.80 -3.46 124.01
N GLN D 81 134.24 -3.47 125.26
CA GLN D 81 135.62 -3.81 125.59
C GLN D 81 135.77 -5.30 125.93
N MET D 82 135.72 -6.09 124.87
CA MET D 82 135.83 -7.55 124.97
C MET D 82 137.28 -8.02 124.87
N ASN D 83 137.83 -8.51 125.98
CA ASN D 83 139.12 -9.16 125.93
C ASN D 83 139.05 -10.67 125.81
N SER D 84 138.20 -11.32 126.58
CA SER D 84 138.19 -12.77 126.61
C SER D 84 137.87 -13.32 125.23
N LEU D 85 138.81 -14.06 124.65
CA LEU D 85 138.64 -14.56 123.29
C LEU D 85 138.72 -16.07 123.38
N LYS D 86 137.59 -16.69 123.67
CA LYS D 86 137.45 -18.13 123.70
C LYS D 86 137.34 -18.67 122.27
N PRO D 87 137.58 -19.98 122.06
CA PRO D 87 137.43 -20.53 120.70
C PRO D 87 136.06 -20.30 120.09
N GLU D 88 134.99 -20.40 120.88
CA GLU D 88 133.65 -20.13 120.37
C GLU D 88 133.43 -18.66 120.05
N ASP D 89 134.34 -17.78 120.47
CA ASP D 89 134.31 -16.38 120.04
C ASP D 89 134.79 -16.20 118.60
N THR D 90 135.33 -17.24 117.96
CA THR D 90 135.63 -17.17 116.54
C THR D 90 134.28 -17.20 115.82
N ALA D 91 133.75 -16.03 115.51
CA ALA D 91 132.32 -15.91 115.20
C ALA D 91 132.08 -14.51 114.65
N VAL D 92 130.81 -14.17 114.43
CA VAL D 92 130.48 -12.85 113.92
C VAL D 92 129.63 -12.11 114.95
N TYR D 93 129.68 -10.79 114.89
CA TYR D 93 129.10 -9.88 115.86
C TYR D 93 128.07 -8.98 115.18
N TYR D 94 127.12 -8.50 115.97
CA TYR D 94 126.03 -7.69 115.45
C TYR D 94 125.63 -6.66 116.50
N CYS D 95 124.99 -5.59 116.05
CA CYS D 95 124.70 -4.43 116.87
C CYS D 95 123.29 -3.96 116.56
N ASN D 96 122.38 -4.10 117.51
CA ASN D 96 120.98 -3.72 117.30
C ASN D 96 120.58 -2.58 118.22
N ALA D 97 119.65 -1.75 117.75
CA ALA D 97 119.14 -0.62 118.50
C ALA D 97 117.64 -0.75 118.66
N ASP D 98 117.15 -0.52 119.89
CA ASP D 98 115.74 -0.59 120.18
C ASP D 98 115.44 0.28 121.40
N ARG D 99 114.17 0.63 121.55
CA ARG D 99 113.74 1.48 122.66
C ARG D 99 113.04 0.68 123.76
N VAL D 100 113.27 -0.62 123.81
CA VAL D 100 112.78 -1.46 124.91
C VAL D 100 113.99 -2.04 125.64
N PRO D 101 114.30 -1.55 126.85
CA PRO D 101 115.41 -2.13 127.61
C PRO D 101 115.19 -3.62 127.88
N ASN D 102 116.27 -4.38 127.79
CA ASN D 102 116.18 -5.82 127.95
C ASN D 102 115.84 -6.17 129.40
N GLY D 103 114.98 -7.18 129.57
CA GLY D 103 114.49 -7.52 130.88
C GLY D 103 113.42 -6.58 131.40
N TYR D 104 112.74 -5.86 130.52
CA TYR D 104 111.64 -4.97 130.93
C TYR D 104 110.74 -4.79 129.73
N ASN D 105 109.59 -5.48 129.74
CA ASN D 105 108.63 -5.38 128.65
C ASN D 105 107.23 -5.68 129.20
N PRO D 106 106.52 -4.66 129.65
CA PRO D 106 105.15 -4.86 130.14
C PRO D 106 104.04 -4.61 129.12
N TRP D 107 104.38 -4.27 127.87
CA TRP D 107 103.36 -3.94 126.87
C TRP D 107 102.95 -5.16 126.05
N GLY D 108 103.89 -5.75 125.33
CA GLY D 108 103.58 -6.86 124.45
C GLY D 108 104.68 -7.06 123.44
N THR D 109 104.36 -7.85 122.41
CA THR D 109 105.31 -8.23 121.38
C THR D 109 105.67 -7.13 120.37
N PRO D 110 104.76 -6.21 119.98
CA PRO D 110 105.21 -5.14 119.05
C PRO D 110 106.38 -4.31 119.57
N ASN D 111 106.43 -4.05 120.88
CA ASN D 111 107.52 -3.28 121.44
C ASN D 111 108.85 -3.99 121.25
N ASP D 112 108.86 -5.32 121.42
CA ASP D 112 110.06 -6.10 121.10
C ASP D 112 110.32 -6.06 119.61
N GLU D 113 109.26 -6.07 118.79
CA GLU D 113 109.43 -6.06 117.34
C GLU D 113 110.15 -4.83 116.85
N TYR D 114 110.00 -3.70 117.55
CA TYR D 114 110.74 -2.48 117.21
C TYR D 114 112.22 -2.70 117.55
N ASP D 115 113.03 -3.00 116.54
CA ASP D 115 114.47 -3.17 116.71
C ASP D 115 115.14 -3.12 115.35
N TYR D 116 116.39 -2.64 115.35
CA TYR D 116 117.12 -2.34 114.12
C TYR D 116 118.48 -3.02 114.17
N TRP D 117 118.61 -4.17 113.51
CA TRP D 117 119.84 -4.94 113.59
C TRP D 117 120.98 -4.25 112.86
N GLY D 118 122.16 -4.86 112.93
CA GLY D 118 123.38 -4.29 112.38
C GLY D 118 123.91 -5.04 111.16
N GLN D 119 125.06 -4.56 110.69
CA GLN D 119 125.69 -5.12 109.50
C GLN D 119 126.20 -6.54 109.76
N GLY D 120 127.15 -6.68 110.67
CA GLY D 120 127.78 -7.95 110.93
C GLY D 120 129.25 -7.96 110.56
N THR D 121 130.12 -8.21 111.55
CA THR D 121 131.56 -8.24 111.32
C THR D 121 132.16 -9.42 112.08
N GLN D 122 133.27 -9.93 111.56
CA GLN D 122 133.94 -11.08 112.16
C GLN D 122 134.95 -10.66 113.22
N VAL D 123 134.91 -11.35 114.35
CA VAL D 123 135.97 -11.32 115.35
C VAL D 123 136.51 -12.74 115.44
N THR D 124 137.71 -12.95 114.91
CA THR D 124 138.29 -14.28 114.78
C THR D 124 139.34 -14.50 115.85
N VAL D 125 139.29 -15.66 116.50
CA VAL D 125 140.20 -16.02 117.57
C VAL D 125 141.16 -17.08 117.06
N SER D 126 142.45 -16.82 117.17
CA SER D 126 143.47 -17.77 116.72
C SER D 126 144.53 -17.97 117.80
N GLY E 1 114.09 -27.03 49.59
CA GLY E 1 114.74 -27.31 50.87
C GLY E 1 113.83 -27.02 52.05
N VAL E 2 113.92 -27.84 53.08
CA VAL E 2 113.04 -27.73 54.23
C VAL E 2 113.87 -27.44 55.48
N GLU E 3 113.21 -26.83 56.47
CA GLU E 3 113.77 -26.66 57.80
C GLU E 3 113.08 -27.66 58.72
N ILE E 4 113.75 -28.77 59.01
CA ILE E 4 113.19 -29.81 59.86
C ILE E 4 113.64 -29.54 61.29
N GLU E 5 112.67 -29.41 62.20
CA GLU E 5 112.95 -29.18 63.61
C GLU E 5 112.24 -30.24 64.43
N THR E 6 113.00 -31.00 65.21
CA THR E 6 112.41 -32.06 66.02
C THR E 6 111.54 -31.48 67.13
N ILE E 7 110.44 -32.16 67.43
CA ILE E 7 109.51 -31.75 68.46
C ILE E 7 109.64 -32.64 69.70
N SER E 8 109.44 -33.95 69.54
CA SER E 8 109.64 -34.90 70.61
C SER E 8 110.58 -36.00 70.10
N PRO E 9 111.63 -36.33 70.85
CA PRO E 9 112.58 -37.35 70.38
C PRO E 9 111.93 -38.72 70.26
N GLY E 10 112.46 -39.52 69.34
CA GLY E 10 112.00 -40.88 69.17
C GLY E 10 113.15 -41.88 69.26
N ASP E 11 113.17 -42.84 68.34
CA ASP E 11 114.28 -43.79 68.30
C ASP E 11 115.57 -43.11 67.87
N GLY E 12 115.51 -42.26 66.85
CA GLY E 12 116.68 -41.55 66.38
C GLY E 12 117.74 -42.42 65.74
N ARG E 13 117.41 -43.65 65.40
CA ARG E 13 118.42 -44.62 64.99
C ARG E 13 118.08 -45.33 63.69
N THR E 14 116.80 -45.54 63.40
CA THR E 14 116.35 -46.11 62.12
C THR E 14 115.78 -44.99 61.24
N PHE E 15 116.49 -44.67 60.16
CA PHE E 15 116.03 -43.69 59.20
C PHE E 15 115.55 -44.37 57.93
N PRO E 16 114.50 -43.85 57.28
CA PRO E 16 113.99 -44.48 56.06
C PRO E 16 115.04 -44.48 54.95
N LYS E 17 115.12 -45.60 54.24
CA LYS E 17 116.03 -45.75 53.11
C LYS E 17 115.26 -45.63 51.81
N LYS E 18 116.01 -45.42 50.72
CA LYS E 18 115.39 -45.26 49.41
C LYS E 18 114.86 -46.61 48.92
N GLY E 19 113.55 -46.67 48.71
CA GLY E 19 112.90 -47.89 48.29
C GLY E 19 111.99 -48.54 49.32
N GLN E 20 111.47 -47.79 50.29
CA GLN E 20 110.60 -48.32 51.32
C GLN E 20 109.36 -47.44 51.47
N THR E 21 108.19 -48.07 51.48
CA THR E 21 106.93 -47.35 51.70
C THR E 21 106.77 -47.11 53.19
N CYS E 22 106.91 -45.86 53.61
CA CYS E 22 106.80 -45.48 55.00
C CYS E 22 105.39 -44.98 55.30
N VAL E 23 104.94 -45.24 56.52
CA VAL E 23 103.62 -44.84 56.99
C VAL E 23 103.78 -43.71 57.99
N VAL E 24 103.11 -42.59 57.73
CA VAL E 24 103.22 -41.40 58.57
C VAL E 24 101.84 -40.81 58.77
N HIS E 25 101.59 -40.27 59.95
CA HIS E 25 100.43 -39.45 60.22
C HIS E 25 100.89 -38.07 60.65
N TYR E 26 100.16 -37.05 60.21
CA TYR E 26 100.66 -35.68 60.22
C TYR E 26 99.51 -34.71 60.36
N THR E 27 99.85 -33.46 60.66
CA THR E 27 98.92 -32.34 60.64
C THR E 27 99.63 -31.21 59.90
N GLY E 28 99.27 -31.02 58.64
CA GLY E 28 99.93 -30.02 57.81
C GLY E 28 99.27 -28.65 57.91
N MET E 29 100.09 -27.62 57.97
CA MET E 29 99.62 -26.24 58.03
C MET E 29 100.34 -25.39 57.00
N LEU E 30 99.86 -24.16 56.84
CA LEU E 30 100.57 -23.12 56.13
C LEU E 30 101.39 -22.31 57.14
N GLN E 31 102.09 -21.28 56.67
CA GLN E 31 102.94 -20.50 57.56
C GLN E 31 102.10 -19.74 58.59
N ASN E 32 100.84 -19.47 58.27
CA ASN E 32 99.98 -18.73 59.18
C ASN E 32 99.63 -19.58 60.40
N GLY E 33 99.51 -20.91 60.23
CA GLY E 33 99.09 -21.78 61.30
C GLY E 33 97.82 -22.53 60.96
N LYS E 34 97.76 -23.06 59.75
CA LYS E 34 96.51 -23.28 59.04
C LYS E 34 96.27 -24.78 58.84
N LYS E 35 95.47 -25.38 59.71
CA LYS E 35 95.19 -26.82 59.66
C LYS E 35 94.26 -27.10 58.49
N PHE E 36 94.79 -27.67 57.41
CA PHE E 36 93.97 -28.08 56.28
C PHE E 36 94.08 -29.56 55.94
N ASP E 37 95.24 -30.18 56.11
CA ASP E 37 95.45 -31.58 55.75
C ASP E 37 95.90 -32.30 57.02
N SER E 38 94.98 -32.99 57.69
CA SER E 38 95.27 -33.65 58.95
C SER E 38 94.84 -35.12 58.88
N SER E 39 95.79 -35.99 58.58
CA SER E 39 95.51 -37.42 58.60
C SER E 39 95.14 -37.90 60.00
N ARG E 40 95.57 -37.19 61.05
CA ARG E 40 95.09 -37.51 62.38
C ARG E 40 93.59 -37.28 62.52
N ASP E 41 93.10 -36.16 61.99
CA ASP E 41 91.66 -35.91 62.01
C ASP E 41 90.91 -36.92 61.15
N ARG E 42 91.48 -37.28 60.01
CA ARG E 42 90.86 -38.29 59.16
C ARG E 42 91.02 -39.71 59.70
N ASN E 43 91.83 -39.89 60.76
CA ASN E 43 92.08 -41.18 61.39
C ASN E 43 92.68 -42.20 60.43
N LYS E 44 93.34 -41.74 59.37
CA LYS E 44 93.90 -42.62 58.34
C LYS E 44 95.33 -42.19 58.03
N PRO E 45 96.34 -42.98 58.40
CA PRO E 45 97.71 -42.61 58.06
C PRO E 45 97.97 -42.72 56.56
N PHE E 46 99.05 -42.09 56.13
CA PHE E 46 99.39 -41.97 54.72
C PHE E 46 100.69 -42.71 54.44
N LYS E 47 100.73 -43.43 53.31
CA LYS E 47 101.88 -44.22 52.91
C LYS E 47 102.57 -43.58 51.71
N PHE E 48 103.91 -43.60 51.72
CA PHE E 48 104.67 -42.99 50.63
C PHE E 48 105.94 -43.79 50.35
N ARG E 49 106.20 -44.03 49.07
CA ARG E 49 107.48 -44.56 48.61
C ARG E 49 108.49 -43.42 48.49
N ILE E 50 109.71 -43.67 48.94
CA ILE E 50 110.83 -42.77 48.71
C ILE E 50 111.58 -43.27 47.49
N GLY E 51 111.77 -42.39 46.51
CA GLY E 51 112.37 -42.79 45.25
C GLY E 51 111.42 -42.56 44.08
N LYS E 52 110.15 -42.91 44.27
CA LYS E 52 109.13 -42.54 43.31
C LYS E 52 108.63 -41.11 43.53
N GLN E 53 108.79 -40.58 44.74
CA GLN E 53 108.31 -39.25 45.11
C GLN E 53 106.82 -39.09 44.83
N GLU E 54 106.04 -40.09 45.23
CA GLU E 54 104.59 -39.97 45.18
C GLU E 54 104.08 -38.94 46.19
N VAL E 55 104.88 -38.62 47.20
CA VAL E 55 104.56 -37.58 48.17
C VAL E 55 105.30 -36.32 47.72
N ILE E 56 104.87 -35.17 48.26
CA ILE E 56 105.53 -33.91 47.95
C ILE E 56 107.01 -34.00 48.36
N LYS E 57 107.87 -33.36 47.58
CA LYS E 57 109.31 -33.63 47.66
C LYS E 57 109.90 -33.17 48.98
N GLY E 58 109.47 -32.01 49.48
CA GLY E 58 109.99 -31.53 50.75
C GLY E 58 109.62 -32.43 51.92
N PHE E 59 108.37 -32.90 51.94
CA PHE E 59 107.94 -33.87 52.94
C PHE E 59 108.74 -35.16 52.81
N GLU E 60 109.04 -35.57 51.58
CA GLU E 60 109.83 -36.78 51.37
C GLU E 60 111.22 -36.63 51.96
N GLU E 61 111.88 -35.49 51.72
CA GLU E 61 113.21 -35.26 52.26
C GLU E 61 113.19 -35.23 53.78
N GLY E 62 112.27 -34.47 54.37
CA GLY E 62 112.19 -34.40 55.83
C GLY E 62 111.85 -35.74 56.45
N ALA E 63 111.01 -36.53 55.78
CA ALA E 63 110.64 -37.83 56.30
C ALA E 63 111.80 -38.81 56.23
N ALA E 64 112.61 -38.72 55.18
CA ALA E 64 113.84 -39.50 55.13
C ALA E 64 114.77 -39.09 56.26
N GLN E 65 114.81 -37.80 56.59
CA GLN E 65 115.72 -37.32 57.62
C GLN E 65 115.24 -37.58 59.04
N MET E 66 113.95 -37.85 59.27
CA MET E 66 113.57 -38.15 60.64
C MET E 66 113.63 -39.67 60.86
N SER E 67 113.34 -40.09 62.09
CA SER E 67 113.42 -41.48 62.51
C SER E 67 112.07 -41.95 63.05
N LEU E 68 111.97 -43.26 63.26
CA LEU E 68 110.74 -43.84 63.79
C LEU E 68 110.50 -43.39 65.23
N GLY E 69 109.23 -43.21 65.56
CA GLY E 69 108.83 -42.78 66.89
C GLY E 69 109.04 -41.30 67.17
N GLN E 70 109.53 -40.54 66.20
CA GLN E 70 109.90 -39.15 66.43
C GLN E 70 109.06 -38.25 65.52
N ARG E 71 108.75 -37.06 66.04
CA ARG E 71 107.95 -36.05 65.36
C ARG E 71 108.81 -34.83 65.07
N ALA E 72 108.59 -34.23 63.90
CA ALA E 72 109.33 -33.04 63.50
C ALA E 72 108.43 -32.15 62.65
N LYS E 73 108.63 -30.85 62.80
CA LYS E 73 107.98 -29.86 61.94
C LYS E 73 108.87 -29.60 60.74
N LEU E 74 108.35 -29.91 59.56
CA LEU E 74 109.04 -29.69 58.29
C LEU E 74 108.55 -28.36 57.72
N THR E 75 109.41 -27.35 57.73
CA THR E 75 109.10 -26.05 57.15
C THR E 75 109.44 -26.11 55.67
N CYS E 76 108.41 -26.27 54.84
CA CYS E 76 108.59 -26.51 53.41
C CYS E 76 108.57 -25.20 52.64
N THR E 77 109.71 -24.90 52.01
CA THR E 77 109.86 -23.76 51.12
C THR E 77 108.97 -23.96 49.88
N PRO E 78 108.43 -22.88 49.30
CA PRO E 78 107.58 -23.03 48.10
C PRO E 78 108.23 -23.73 46.91
N ASP E 79 109.54 -23.98 46.92
CA ASP E 79 110.15 -24.73 45.83
C ASP E 79 109.76 -26.21 45.82
N VAL E 80 109.07 -26.70 46.85
CA VAL E 80 108.48 -28.03 46.79
C VAL E 80 107.33 -27.97 45.78
N ALA E 81 106.89 -29.12 45.27
CA ALA E 81 106.00 -29.11 44.12
C ALA E 81 104.61 -28.58 44.48
N TYR E 82 103.84 -28.30 43.43
CA TYR E 82 102.71 -27.37 43.39
C TYR E 82 102.99 -26.12 44.23
N GLY E 83 104.24 -25.65 44.17
CA GLY E 83 104.56 -24.35 44.74
C GLY E 83 104.11 -23.20 43.87
N ALA E 84 103.83 -23.47 42.59
CA ALA E 84 103.13 -22.57 41.70
C ALA E 84 102.00 -23.37 41.05
N THR E 85 100.82 -22.77 40.98
CA THR E 85 99.60 -23.45 40.53
C THR E 85 99.37 -24.70 41.39
N GLY E 86 99.05 -24.42 42.65
CA GLY E 86 98.87 -25.45 43.64
C GLY E 86 97.58 -26.23 43.46
N HIS E 87 97.37 -27.17 44.38
CA HIS E 87 96.17 -28.00 44.36
C HIS E 87 94.94 -27.12 44.52
N PRO E 88 94.01 -27.13 43.57
CA PRO E 88 92.90 -26.18 43.61
C PRO E 88 91.97 -26.41 44.79
N GLY E 89 91.49 -25.31 45.36
CA GLY E 89 90.51 -25.34 46.42
C GLY E 89 91.06 -25.52 47.82
N VAL E 90 92.33 -25.89 47.97
CA VAL E 90 92.92 -26.14 49.27
C VAL E 90 94.09 -25.20 49.56
N ILE E 91 94.93 -24.94 48.56
CA ILE E 91 96.18 -24.21 48.75
C ILE E 91 96.26 -23.17 47.65
N PRO E 92 96.43 -21.88 47.97
CA PRO E 92 96.64 -20.89 46.93
C PRO E 92 97.92 -21.18 46.17
N PRO E 93 98.01 -20.75 44.90
CA PRO E 93 99.06 -21.29 44.02
C PRO E 93 100.48 -21.11 44.53
N ASN E 94 100.80 -19.98 45.17
CA ASN E 94 102.15 -19.73 45.68
C ASN E 94 102.06 -19.48 47.18
N ALA E 95 102.54 -20.42 47.98
CA ALA E 95 102.54 -20.30 49.43
C ALA E 95 103.50 -21.34 50.01
N THR E 96 103.73 -21.23 51.32
CA THR E 96 104.64 -22.08 52.05
C THR E 96 103.91 -23.29 52.61
N LEU E 97 104.63 -24.14 53.34
CA LEU E 97 103.99 -25.25 54.04
C LEU E 97 104.74 -25.53 55.34
N ILE E 98 104.07 -26.19 56.27
CA ILE E 98 104.69 -26.80 57.45
C ILE E 98 103.96 -28.10 57.74
N PHE E 99 104.69 -29.08 58.28
CA PHE E 99 104.12 -30.39 58.55
C PHE E 99 104.70 -30.94 59.85
N ASP E 100 103.87 -31.04 60.90
CA ASP E 100 104.32 -31.58 62.17
C ASP E 100 104.30 -33.11 62.22
N VAL E 101 104.91 -33.74 61.23
CA VAL E 101 104.73 -35.16 60.98
C VAL E 101 105.60 -35.98 61.92
N GLU E 102 105.04 -37.06 62.46
CA GLU E 102 105.82 -38.09 63.14
C GLU E 102 105.76 -39.39 62.36
N LEU E 103 106.84 -40.16 62.47
CA LEU E 103 106.89 -41.47 61.82
C LEU E 103 106.58 -42.56 62.85
N LEU E 104 105.78 -43.53 62.45
CA LEU E 104 105.39 -44.62 63.32
C LEU E 104 105.42 -45.93 62.54
N ASN E 105 106.15 -46.92 63.07
CA ASN E 105 106.21 -48.29 62.54
C ASN E 105 106.67 -48.27 61.07
N LEU E 106 107.92 -47.84 60.93
CA LEU E 106 108.56 -47.72 59.63
C LEU E 106 108.61 -49.07 58.92
N GLU E 107 108.14 -49.11 57.68
CA GLU E 107 108.20 -50.31 56.87
C GLU E 107 109.44 -50.30 55.98
N VAL F 1 14.90 14.20 25.37
CA VAL F 1 14.72 14.42 26.80
C VAL F 1 15.52 13.40 27.60
N GLN F 2 16.65 12.97 27.04
CA GLN F 2 17.50 12.01 27.72
C GLN F 2 18.12 12.63 28.97
N PHE F 3 18.25 11.81 30.01
CA PHE F 3 18.89 12.22 31.26
C PHE F 3 20.15 11.41 31.47
N LEU F 4 21.12 12.02 32.15
CA LEU F 4 22.31 11.28 32.54
C LEU F 4 21.92 10.18 33.53
N ARG F 5 22.58 9.03 33.42
CA ARG F 5 22.28 7.89 34.25
C ARG F 5 23.56 7.41 34.92
N THR F 6 23.39 6.63 35.97
CA THR F 6 24.52 6.00 36.62
C THR F 6 25.19 5.01 35.67
N ASP F 7 26.51 4.84 35.85
CA ASP F 7 27.29 3.81 35.16
C ASP F 7 27.37 4.08 33.66
N ASP F 8 27.63 5.34 33.29
CA ASP F 8 27.89 5.72 31.91
C ASP F 8 29.16 6.55 31.86
N GLU F 9 29.69 6.74 30.66
CA GLU F 9 30.91 7.50 30.46
C GLU F 9 30.56 8.93 30.05
N VAL F 10 31.17 9.90 30.72
CA VAL F 10 30.76 11.29 30.63
C VAL F 10 31.99 12.16 30.82
N VAL F 11 31.98 13.34 30.20
CA VAL F 11 33.10 14.26 30.28
C VAL F 11 32.63 15.56 30.93
N LEU F 12 33.51 16.17 31.72
CA LEU F 12 33.22 17.41 32.42
C LEU F 12 33.92 18.56 31.69
N GLN F 13 33.14 19.56 31.27
CA GLN F 13 33.64 20.68 30.50
C GLN F 13 33.23 21.99 31.15
N CYS F 14 33.98 23.04 30.82
CA CYS F 14 33.68 24.38 31.29
C CYS F 14 34.05 25.38 30.20
N SER F 15 33.22 26.39 30.02
CA SER F 15 33.43 27.43 29.02
C SER F 15 33.84 28.71 29.73
N ALA F 16 35.01 29.24 29.36
CA ALA F 16 35.49 30.49 29.90
C ALA F 16 35.99 31.36 28.76
N THR F 17 35.71 32.66 28.86
CA THR F 17 36.08 33.62 27.82
C THR F 17 37.27 34.43 28.32
N VAL F 18 38.43 34.22 27.69
CA VAL F 18 39.65 34.95 28.02
C VAL F 18 40.20 35.56 26.74
N LEU F 19 40.60 36.85 26.83
CA LEU F 19 41.11 37.60 25.69
C LEU F 19 40.13 37.62 24.53
N LYS F 20 38.84 37.76 24.86
CA LYS F 20 37.74 37.76 23.88
C LYS F 20 37.70 36.47 23.07
N GLU F 21 38.16 35.37 23.66
CA GLU F 21 38.12 34.05 23.03
C GLU F 21 37.41 33.10 23.97
N GLN F 22 36.34 32.47 23.47
CA GLN F 22 35.47 31.62 24.29
C GLN F 22 36.02 30.20 24.28
N LEU F 23 37.05 29.99 25.10
CA LEU F 23 37.65 28.67 25.20
C LEU F 23 36.73 27.71 25.93
N LYS F 24 36.69 26.48 25.45
CA LYS F 24 35.97 25.39 26.12
C LYS F 24 37.02 24.35 26.53
N LEU F 25 37.18 24.17 27.83
CA LEU F 25 38.14 23.22 28.37
C LEU F 25 37.42 22.00 28.94
N CYS F 26 38.11 20.87 28.96
CA CYS F 26 37.60 19.66 29.57
C CYS F 26 38.60 19.18 30.60
N LEU F 27 38.10 18.77 31.76
CA LEU F 27 38.97 18.34 32.84
C LEU F 27 39.56 16.97 32.54
N ALA F 28 40.80 16.76 32.98
CA ALA F 28 41.50 15.51 32.72
C ALA F 28 42.63 15.36 33.72
N ALA F 29 43.20 14.15 33.77
CA ALA F 29 44.35 13.84 34.61
C ALA F 29 44.88 12.48 34.21
N GLU F 30 46.20 12.35 34.09
CA GLU F 30 46.77 11.05 33.78
C GLU F 30 46.71 10.12 34.98
N GLY F 31 46.68 10.66 36.20
CA GLY F 31 46.60 9.84 37.38
C GLY F 31 47.92 9.29 37.86
N PHE F 32 48.51 8.38 37.10
CA PHE F 32 49.71 7.69 37.52
C PHE F 32 50.92 8.59 37.33
N GLY F 33 51.61 8.89 38.43
CA GLY F 33 52.73 9.79 38.42
C GLY F 33 52.37 11.24 38.63
N ASN F 34 51.12 11.61 38.39
CA ASN F 34 50.66 12.98 38.59
C ASN F 34 49.17 12.85 38.93
N ARG F 35 48.86 12.84 40.22
CA ARG F 35 47.47 12.74 40.63
C ARG F 35 46.67 13.98 40.28
N LEU F 36 47.34 15.13 40.17
CA LEU F 36 46.65 16.40 39.97
C LEU F 36 45.96 16.44 38.62
N CYS F 37 44.85 17.16 38.56
CA CYS F 37 44.06 17.30 37.35
C CYS F 37 44.23 18.66 36.72
N PHE F 38 44.30 18.68 35.40
CA PHE F 38 44.38 19.90 34.62
C PHE F 38 43.41 19.78 33.46
N LEU F 39 43.03 20.92 32.88
CA LEU F 39 42.03 20.94 31.83
C LEU F 39 42.70 21.18 30.48
N GLU F 40 42.41 20.33 29.55
CA GLU F 40 42.94 20.66 28.24
C GLU F 40 41.84 21.27 27.37
N PRO F 41 42.19 22.17 26.46
CA PRO F 41 41.17 22.78 25.60
C PRO F 41 40.62 21.78 24.59
N THR F 42 39.30 21.65 24.56
CA THR F 42 38.65 20.89 23.50
C THR F 42 38.35 21.75 22.29
N SER F 43 38.38 23.07 22.44
CA SER F 43 38.23 23.97 21.31
C SER F 43 39.46 23.91 20.42
N ASN F 44 39.30 24.40 19.18
CA ASN F 44 40.36 24.40 18.17
C ASN F 44 40.87 22.98 17.90
N ALA F 45 39.93 22.03 17.81
CA ALA F 45 40.31 20.66 17.52
C ALA F 45 40.93 20.51 16.13
N GLN F 46 40.58 21.41 15.22
CA GLN F 46 41.10 21.32 13.85
C GLN F 46 42.60 21.57 13.81
N ASN F 47 43.08 22.56 14.56
CA ASN F 47 44.51 22.84 14.61
C ASN F 47 45.21 21.95 15.62
N VAL F 48 44.78 21.99 16.86
CA VAL F 48 45.33 21.16 17.93
C VAL F 48 44.23 20.22 18.42
N PRO F 49 44.24 18.96 17.99
CA PRO F 49 43.24 18.00 18.44
C PRO F 49 43.38 17.72 19.92
N PRO F 50 42.26 17.56 20.63
CA PRO F 50 42.33 17.34 22.09
C PRO F 50 42.78 15.94 22.46
N ASP F 51 42.78 15.65 23.76
CA ASP F 51 43.10 14.33 24.29
C ASP F 51 41.88 13.80 25.02
N LEU F 52 41.33 12.69 24.55
CA LEU F 52 40.06 12.18 25.04
C LEU F 52 40.21 10.94 25.91
N ALA F 53 41.38 10.29 25.91
CA ALA F 53 41.52 9.03 26.62
C ALA F 53 41.54 9.22 28.14
N ILE F 54 41.98 10.38 28.62
CA ILE F 54 42.13 10.64 30.04
C ILE F 54 41.15 11.67 30.56
N CYS F 55 40.28 12.20 29.72
CA CYS F 55 39.29 13.19 30.13
C CYS F 55 37.91 12.60 30.36
N CYS F 56 37.74 11.29 30.15
CA CYS F 56 36.45 10.63 30.28
C CYS F 56 36.31 9.98 31.66
N PHE F 57 35.08 10.01 32.18
CA PHE F 57 34.80 9.67 33.57
C PHE F 57 33.54 8.81 33.64
N THR F 58 33.55 7.82 34.51
CA THR F 58 32.42 6.92 34.69
C THR F 58 31.74 7.22 36.01
N LEU F 59 30.43 7.44 35.96
CA LEU F 59 29.65 7.58 37.18
C LEU F 59 29.55 6.23 37.89
N GLU F 60 29.68 6.25 39.21
CA GLU F 60 29.55 5.05 40.02
C GLU F 60 28.30 5.03 40.88
N GLN F 61 28.08 6.08 41.66
CA GLN F 61 26.88 6.18 42.48
C GLN F 61 26.39 7.63 42.46
N SER F 62 25.09 7.80 42.60
CA SER F 62 24.44 9.11 42.65
C SER F 62 23.61 9.22 43.92
N LEU F 63 24.24 8.85 45.03
CA LEU F 63 23.54 8.66 46.29
C LEU F 63 23.07 9.99 46.86
N SER F 64 22.03 9.92 47.68
CA SER F 64 21.52 11.09 48.39
C SER F 64 22.43 11.44 49.56
N VAL F 65 22.21 12.61 50.14
CA VAL F 65 23.12 13.12 51.16
C VAL F 65 23.04 12.28 52.43
N ARG F 66 21.82 12.01 52.91
CA ARG F 66 21.66 11.24 54.13
C ARG F 66 22.18 9.81 53.95
N ALA F 67 21.88 9.20 52.81
CA ALA F 67 22.40 7.87 52.53
C ALA F 67 23.91 7.89 52.41
N LEU F 68 24.48 9.01 51.95
CA LEU F 68 25.93 9.13 51.92
C LEU F 68 26.51 9.09 53.33
N GLN F 69 25.90 9.84 54.25
CA GLN F 69 26.39 9.82 55.63
C GLN F 69 26.27 8.43 56.24
N GLU F 70 25.18 7.73 55.94
CA GLU F 70 25.02 6.38 56.47
C GLU F 70 26.04 5.41 55.89
N MET F 71 26.29 5.51 54.58
CA MET F 71 27.28 4.64 53.96
C MET F 71 28.68 4.92 54.51
N LEU F 72 28.99 6.19 54.76
CA LEU F 72 30.26 6.53 55.39
C LEU F 72 30.35 5.96 56.79
N ALA F 73 29.26 6.03 57.55
CA ALA F 73 29.26 5.50 58.91
C ALA F 73 29.39 3.99 58.93
N ASN F 74 28.89 3.31 57.90
CA ASN F 74 29.02 1.86 57.82
C ASN F 74 30.40 1.47 57.30
N GLY F 87 21.69 -1.57 38.96
CA GLY F 87 21.38 -0.23 39.45
C GLY F 87 20.89 0.70 38.37
N HIS F 88 21.81 1.53 37.86
CA HIS F 88 21.53 2.50 36.80
C HIS F 88 20.40 3.45 37.20
N ARG F 89 20.65 4.17 38.29
CA ARG F 89 19.70 5.17 38.78
C ARG F 89 19.80 6.42 37.90
N THR F 90 19.09 7.47 38.30
CA THR F 90 19.13 8.74 37.59
C THR F 90 19.52 9.83 38.57
N LEU F 91 20.25 10.81 38.06
CA LEU F 91 20.78 11.87 38.92
C LEU F 91 19.76 12.98 39.11
N LEU F 92 19.75 13.55 40.31
CA LEU F 92 18.89 14.67 40.66
C LEU F 92 19.71 15.69 41.42
N TYR F 93 19.29 16.95 41.35
CA TYR F 93 20.00 17.99 42.09
C TYR F 93 19.92 17.74 43.58
N GLY F 94 21.00 18.05 44.29
CA GLY F 94 21.12 17.74 45.69
C GLY F 94 21.78 16.43 45.99
N HIS F 95 21.93 15.56 45.00
CA HIS F 95 22.60 14.28 45.18
C HIS F 95 24.10 14.45 45.05
N ALA F 96 24.84 13.65 45.82
CA ALA F 96 26.29 13.62 45.72
C ALA F 96 26.71 12.41 44.93
N ILE F 97 27.75 12.56 44.11
CA ILE F 97 28.10 11.55 43.13
C ILE F 97 29.54 11.11 43.31
N LEU F 98 29.86 9.96 42.74
CA LEU F 98 31.20 9.39 42.74
C LEU F 98 31.65 9.18 41.31
N LEU F 99 32.82 9.73 40.98
CA LEU F 99 33.36 9.66 39.63
C LEU F 99 34.62 8.82 39.61
N ARG F 100 34.71 7.89 38.67
CA ARG F 100 35.86 7.03 38.50
C ARG F 100 36.55 7.36 37.18
N HIS F 101 37.87 7.34 37.19
CA HIS F 101 38.62 7.63 35.98
C HIS F 101 38.54 6.45 35.03
N ALA F 102 38.65 6.74 33.73
CA ALA F 102 38.55 5.67 32.75
C ALA F 102 39.84 4.85 32.67
N HIS F 103 40.94 5.50 32.31
CA HIS F 103 42.21 4.79 32.19
C HIS F 103 42.75 4.39 33.56
N SER F 104 42.56 5.24 34.57
CA SER F 104 43.23 5.07 35.85
C SER F 104 42.46 4.18 36.81
N ARG F 105 41.14 4.09 36.66
CA ARG F 105 40.27 3.37 37.59
C ARG F 105 40.37 3.94 39.00
N MET F 106 40.76 5.21 39.12
CA MET F 106 40.89 5.89 40.40
C MET F 106 39.80 6.94 40.52
N TYR F 107 39.26 7.08 41.73
CA TYR F 107 38.11 7.95 41.95
C TYR F 107 38.58 9.39 42.13
N LEU F 108 37.95 10.31 41.40
CA LEU F 108 38.31 11.72 41.48
C LEU F 108 38.01 12.25 42.88
N SER F 109 38.81 13.21 43.32
CA SER F 109 38.81 13.60 44.72
C SER F 109 39.24 15.06 44.85
N CYS F 110 38.99 15.61 46.04
CA CYS F 110 39.53 16.89 46.45
C CYS F 110 40.63 16.63 47.48
N LEU F 111 41.84 17.08 47.19
CA LEU F 111 43.00 16.80 48.03
C LEU F 111 43.24 17.93 49.01
N THR F 112 44.02 17.63 50.04
CA THR F 112 44.39 18.63 51.04
C THR F 112 45.58 19.47 50.60
N THR F 113 46.32 19.04 49.59
CA THR F 113 47.43 19.83 49.08
C THR F 113 46.90 21.10 48.40
N SER F 114 47.73 22.14 48.41
CA SER F 114 47.31 23.47 47.99
C SER F 114 48.36 24.14 47.12
N ARG F 115 48.82 23.44 46.08
CA ARG F 115 49.83 24.04 45.20
C ARG F 115 49.28 25.20 44.38
N SER F 116 47.96 25.41 44.37
CA SER F 116 47.39 26.61 43.78
C SER F 116 47.75 27.81 44.65
N MET F 117 48.69 28.63 44.19
CA MET F 117 49.19 29.74 44.99
C MET F 117 48.19 30.89 45.07
N THR F 118 47.25 30.97 44.12
CA THR F 118 46.45 32.18 43.96
C THR F 118 45.58 32.46 45.18
N ASP F 119 44.97 31.43 45.76
CA ASP F 119 44.02 31.64 46.83
C ASP F 119 44.33 30.62 47.92
N LYS F 120 44.38 31.09 49.17
CA LYS F 120 44.69 30.20 50.30
C LYS F 120 43.63 29.13 50.46
N LEU F 121 42.36 29.50 50.32
CA LEU F 121 41.26 28.56 50.47
C LEU F 121 41.15 27.60 49.30
N ALA F 122 41.77 27.93 48.16
CA ALA F 122 41.70 27.06 47.00
C ALA F 122 42.49 25.78 47.25
N PHE F 123 41.81 24.64 47.13
CA PHE F 123 42.43 23.34 47.34
C PHE F 123 42.67 22.66 45.99
N ASP F 124 43.62 21.75 45.98
CA ASP F 124 43.93 21.02 44.76
C ASP F 124 42.90 19.92 44.53
N VAL F 125 42.64 19.65 43.25
CA VAL F 125 41.75 18.57 42.86
C VAL F 125 42.60 17.49 42.19
N GLY F 126 42.55 16.28 42.72
CA GLY F 126 43.35 15.20 42.20
C GLY F 126 42.67 13.86 42.40
N LEU F 127 43.13 12.87 41.65
CA LEU F 127 42.56 11.54 41.76
C LEU F 127 43.02 10.86 43.06
N GLN F 128 42.22 9.91 43.52
CA GLN F 128 42.47 9.17 44.73
C GLN F 128 42.42 7.69 44.43
N GLU F 129 43.29 6.93 45.09
CA GLU F 129 43.41 5.50 44.78
C GLU F 129 42.13 4.76 45.13
N ASP F 130 41.51 5.09 46.25
CA ASP F 130 40.31 4.41 46.72
C ASP F 130 39.15 5.41 46.79
N ALA F 131 38.04 4.96 47.38
CA ALA F 131 36.88 5.81 47.56
C ALA F 131 36.29 5.71 48.97
N THR F 132 36.99 5.06 49.90
CA THR F 132 36.46 4.88 51.24
C THR F 132 36.29 6.20 51.97
N GLY F 133 37.14 7.18 51.69
CA GLY F 133 36.99 8.48 52.28
C GLY F 133 35.85 9.25 51.67
N GLU F 134 35.48 10.34 52.34
CA GLU F 134 34.43 11.22 51.85
C GLU F 134 34.95 12.24 50.85
N ALA F 135 36.23 12.16 50.50
CA ALA F 135 36.83 13.16 49.63
C ALA F 135 36.40 13.03 48.17
N CYS F 136 35.72 11.95 47.81
CA CYS F 136 35.43 11.65 46.42
C CYS F 136 33.96 11.81 46.07
N TRP F 137 33.24 12.66 46.80
CA TRP F 137 31.81 12.84 46.61
C TRP F 137 31.49 14.30 46.34
N TRP F 138 30.56 14.54 45.42
CA TRP F 138 30.32 15.88 44.89
C TRP F 138 28.82 16.11 44.79
N THR F 139 28.29 16.99 45.63
CA THR F 139 26.86 17.30 45.61
C THR F 139 26.60 18.36 44.54
N MET F 140 25.90 17.95 43.47
CA MET F 140 25.52 18.90 42.43
C MET F 140 24.36 19.75 42.89
N HIS F 141 24.31 20.97 42.37
CA HIS F 141 23.27 21.93 42.72
C HIS F 141 22.75 22.60 41.45
N PRO F 142 21.54 23.15 41.50
CA PRO F 142 20.98 23.79 40.31
C PRO F 142 21.74 25.05 39.93
N ALA F 143 21.79 25.30 38.63
CA ALA F 143 22.46 26.50 38.12
C ALA F 143 21.54 27.70 38.16
N SER F 144 20.34 27.57 37.62
CA SER F 144 19.35 28.63 37.58
C SER F 144 18.17 28.29 38.49
N LYS F 145 17.34 29.30 38.72
CA LYS F 145 16.11 29.09 39.48
C LYS F 145 15.12 28.19 38.72
N GLN F 146 15.23 28.14 37.39
CA GLN F 146 14.37 27.26 36.60
C GLN F 146 14.56 25.80 36.98
N ARG F 147 15.78 25.44 37.38
CA ARG F 147 16.06 24.10 37.89
C ARG F 147 16.01 24.13 39.42
N SER F 148 15.31 23.16 40.00
CA SER F 148 15.13 23.10 41.44
C SER F 148 15.76 21.82 41.99
N GLU F 149 16.14 21.87 43.26
CA GLU F 149 16.70 20.68 43.90
C GLU F 149 15.66 19.58 43.94
N GLY F 150 16.09 18.37 43.58
CA GLY F 150 15.15 17.26 43.42
C GLY F 150 14.64 17.08 42.02
N GLU F 151 15.20 17.77 41.04
CA GLU F 151 14.81 17.64 39.65
C GLU F 151 15.85 16.84 38.89
N LYS F 152 15.39 16.05 37.93
CA LYS F 152 16.29 15.25 37.12
C LYS F 152 17.17 16.16 36.25
N VAL F 153 18.41 15.76 36.05
CA VAL F 153 19.34 16.48 35.20
C VAL F 153 19.39 15.78 33.84
N ARG F 154 19.28 16.56 32.77
CA ARG F 154 19.28 16.01 31.43
C ARG F 154 20.62 16.24 30.76
N VAL F 155 20.79 15.61 29.59
CA VAL F 155 22.04 15.71 28.86
C VAL F 155 22.28 17.15 28.46
N GLY F 156 23.52 17.61 28.62
CA GLY F 156 23.85 18.99 28.32
C GLY F 156 23.21 19.99 29.24
N ASP F 157 23.18 19.70 30.53
CA ASP F 157 22.68 20.64 31.54
C ASP F 157 23.86 21.21 32.31
N ASP F 158 23.84 22.53 32.53
CA ASP F 158 24.88 23.19 33.30
C ASP F 158 24.53 23.16 34.79
N LEU F 159 25.55 22.92 35.61
CA LEU F 159 25.31 22.70 37.03
C LEU F 159 26.57 23.06 37.82
N ILE F 160 26.38 23.27 39.11
CA ILE F 160 27.45 23.69 40.01
C ILE F 160 27.81 22.51 40.89
N LEU F 161 29.02 21.98 40.72
CA LEU F 161 29.51 20.86 41.51
C LEU F 161 30.15 21.39 42.79
N VAL F 162 29.49 21.17 43.91
CA VAL F 162 29.96 21.60 45.21
C VAL F 162 30.51 20.39 45.95
N SER F 163 31.72 20.53 46.50
CA SER F 163 32.39 19.41 47.14
C SER F 163 31.69 18.99 48.42
N VAL F 164 31.81 17.71 48.76
CA VAL F 164 31.42 17.23 50.07
C VAL F 164 32.61 17.23 51.03
N SER F 165 33.81 16.96 50.53
CA SER F 165 35.00 16.97 51.37
C SER F 165 35.26 18.35 51.94
N SER F 166 35.32 19.36 51.07
CA SER F 166 35.76 20.68 51.44
C SER F 166 34.65 21.72 51.39
N GLU F 167 33.44 21.33 50.95
CA GLU F 167 32.31 22.25 50.83
C GLU F 167 32.66 23.42 49.94
N ARG F 168 33.37 23.14 48.84
CA ARG F 168 33.91 24.17 47.98
C ARG F 168 33.54 23.85 46.53
N TYR F 169 33.29 24.88 45.74
CA TYR F 169 32.92 24.69 44.35
C TYR F 169 34.11 24.18 43.54
N LEU F 170 33.80 23.53 42.42
CA LEU F 170 34.80 23.28 41.39
C LEU F 170 34.96 24.55 40.58
N HIS F 171 36.14 25.16 40.66
CA HIS F 171 36.37 26.48 40.08
C HIS F 171 37.51 26.45 39.07
N LEU F 172 37.34 27.23 38.00
CA LEU F 172 38.34 27.45 36.97
C LEU F 172 39.18 28.67 37.35
N SER F 173 40.40 28.44 37.83
CA SER F 173 41.33 29.52 38.15
C SER F 173 42.18 29.81 36.92
N THR F 174 41.92 30.93 36.27
CA THR F 174 42.68 31.36 35.10
C THR F 174 43.56 32.57 35.37
N ALA F 175 43.63 33.04 36.62
CA ALA F 175 44.50 34.16 36.95
C ALA F 175 45.97 33.80 36.74
N SER F 176 46.34 32.55 37.06
CA SER F 176 47.70 32.09 36.80
C SER F 176 48.01 32.03 35.31
N GLY F 177 46.99 31.90 34.46
CA GLY F 177 47.19 31.81 33.04
C GLY F 177 47.34 30.41 32.51
N GLU F 178 47.57 29.43 33.39
CA GLU F 178 47.60 28.03 32.98
C GLU F 178 46.22 27.41 32.92
N LEU F 179 45.19 28.13 33.38
CA LEU F 179 43.83 27.63 33.44
C LEU F 179 43.74 26.33 34.25
N GLN F 180 44.05 26.46 35.53
CA GLN F 180 44.02 25.33 36.44
C GLN F 180 42.63 25.18 37.05
N VAL F 181 42.40 24.01 37.67
CA VAL F 181 41.16 23.73 38.37
C VAL F 181 41.47 23.63 39.85
N ASP F 182 40.67 24.29 40.67
CA ASP F 182 40.86 24.22 42.11
C ASP F 182 39.51 24.34 42.80
N ALA F 183 39.43 23.80 44.01
CA ALA F 183 38.24 23.91 44.84
C ALA F 183 38.32 25.22 45.60
N SER F 184 37.76 26.27 45.00
CA SER F 184 37.70 27.58 45.62
C SER F 184 36.26 28.08 45.56
N PHE F 185 36.02 29.25 46.12
CA PHE F 185 34.66 29.67 46.38
C PHE F 185 34.06 30.52 45.27
N MET F 186 34.83 30.89 44.27
CA MET F 186 34.26 31.50 43.07
C MET F 186 33.51 30.41 42.32
N GLN F 187 32.18 30.44 42.40
CA GLN F 187 31.39 29.37 41.81
C GLN F 187 31.59 29.34 40.30
N THR F 188 31.63 28.13 39.75
CA THR F 188 31.93 27.95 38.34
C THR F 188 31.00 26.90 37.77
N LEU F 189 30.34 27.22 36.67
CA LEU F 189 29.42 26.30 36.03
C LEU F 189 30.20 25.16 35.37
N TRP F 190 29.50 24.05 35.16
CA TRP F 190 30.11 22.88 34.54
C TRP F 190 29.07 22.18 33.70
N ASN F 191 29.52 21.57 32.60
CA ASN F 191 28.69 20.83 31.68
C ASN F 191 29.11 19.38 31.69
N MET F 192 28.15 18.48 31.82
CA MET F 192 28.41 17.06 31.99
C MET F 192 27.83 16.33 30.78
N ASN F 193 28.70 16.01 29.81
CA ASN F 193 28.24 15.54 28.51
C ASN F 193 28.56 14.06 28.34
N PRO F 194 27.56 13.19 28.18
CA PRO F 194 27.83 11.74 28.06
C PRO F 194 28.35 11.41 26.67
N ILE F 195 29.54 10.81 26.63
CA ILE F 195 30.12 10.47 25.32
C ILE F 195 29.39 9.30 24.69
N CYS F 196 28.86 8.38 25.50
CA CYS F 196 28.22 7.17 24.99
C CYS F 196 26.77 7.50 24.66
N SER F 197 26.58 8.16 23.53
CA SER F 197 25.22 8.49 23.07
C SER F 197 24.45 7.22 22.72
N CYS F 198 25.12 6.24 22.12
CA CYS F 198 24.51 4.97 21.80
C CYS F 198 25.38 3.85 22.37
N CYS F 199 24.76 2.95 23.12
CA CYS F 199 25.46 1.85 23.79
C CYS F 199 24.99 0.54 23.18
N GLU F 200 25.77 0.03 22.23
CA GLU F 200 25.47 -1.23 21.54
C GLU F 200 26.62 -2.19 21.74
N GLU F 201 26.30 -3.39 22.26
CA GLU F 201 27.31 -4.40 22.47
C GLU F 201 27.73 -5.02 21.14
N GLY F 202 29.03 -5.24 20.98
CA GLY F 202 29.55 -5.86 19.79
C GLY F 202 29.72 -4.94 18.60
N TYR F 203 29.52 -3.64 18.78
CA TYR F 203 29.65 -2.67 17.71
C TYR F 203 30.74 -1.67 18.06
N VAL F 204 31.46 -1.22 17.03
CA VAL F 204 32.54 -0.26 17.23
C VAL F 204 31.95 1.08 17.64
N THR F 205 32.60 1.74 18.59
CA THR F 205 32.14 3.01 19.12
C THR F 205 33.33 3.94 19.24
N GLY F 206 33.06 5.24 19.24
CA GLY F 206 34.12 6.21 19.33
C GLY F 206 34.81 6.20 20.68
N GLY F 207 36.07 6.63 20.68
CA GLY F 207 36.86 6.59 21.90
C GLY F 207 37.24 5.22 22.36
N HIS F 208 37.20 4.24 21.47
CA HIS F 208 37.44 2.84 21.81
C HIS F 208 38.75 2.41 21.16
N VAL F 209 39.76 2.15 21.99
CA VAL F 209 41.00 1.61 21.45
C VAL F 209 40.74 0.17 20.99
N LEU F 210 41.44 -0.23 19.94
CA LEU F 210 41.21 -1.54 19.33
C LEU F 210 42.41 -1.87 18.44
N ARG F 211 42.26 -2.94 17.67
CA ARG F 211 43.31 -3.45 16.79
C ARG F 211 42.70 -3.71 15.42
N LEU F 212 43.45 -3.37 14.37
CA LEU F 212 42.97 -3.45 13.00
C LEU F 212 43.72 -4.57 12.28
N PHE F 213 43.16 -5.77 12.29
CA PHE F 213 43.74 -6.87 11.50
C PHE F 213 43.25 -6.75 10.07
N HIS F 214 44.15 -6.42 9.16
CA HIS F 214 43.79 -6.31 7.75
C HIS F 214 43.44 -7.68 7.20
N GLY F 215 42.18 -7.86 6.81
CA GLY F 215 41.75 -9.10 6.21
C GLY F 215 41.91 -10.31 7.12
N HIS F 216 42.91 -11.13 6.82
CA HIS F 216 43.18 -12.30 7.63
C HIS F 216 43.59 -11.90 9.05
N MET F 217 43.45 -12.85 9.97
CA MET F 217 43.81 -12.63 11.36
C MET F 217 45.30 -12.46 11.56
N ASP F 218 46.11 -12.90 10.60
CA ASP F 218 47.55 -13.03 10.82
C ASP F 218 48.23 -11.66 10.90
N GLU F 219 47.81 -10.72 10.08
CA GLU F 219 48.46 -9.42 10.00
C GLU F 219 47.56 -8.32 10.53
N CYS F 220 48.18 -7.20 10.89
CA CYS F 220 47.47 -6.08 11.49
C CYS F 220 48.26 -4.80 11.23
N LEU F 221 47.64 -3.67 11.57
CA LEU F 221 48.27 -2.37 11.42
C LEU F 221 49.27 -2.17 12.55
N THR F 222 50.54 -1.98 12.20
CA THR F 222 51.62 -1.91 13.17
C THR F 222 52.31 -0.55 13.09
N ILE F 223 53.45 -0.44 13.76
CA ILE F 223 54.27 0.76 13.77
C ILE F 223 55.71 0.28 13.64
N SER F 224 56.65 1.22 13.47
CA SER F 224 58.07 0.90 13.45
C SER F 224 58.45 0.05 14.67
N ALA F 225 59.39 -0.88 14.44
CA ALA F 225 59.71 -1.88 15.46
C ALA F 225 60.27 -1.23 16.72
N ALA F 226 61.44 -0.61 16.60
CA ALA F 226 62.08 0.05 17.73
C ALA F 226 61.74 1.54 17.72
N ASP F 227 62.35 2.27 18.64
CA ASP F 227 62.11 3.71 18.72
C ASP F 227 62.83 4.50 17.64
N SER F 228 63.88 3.92 17.04
CA SER F 228 64.70 4.65 16.08
C SER F 228 64.83 3.96 14.74
N ASP F 229 64.23 2.78 14.56
CA ASP F 229 64.36 2.05 13.30
C ASP F 229 63.74 2.84 12.15
N ASP F 230 62.57 3.44 12.37
CA ASP F 230 61.96 4.35 11.41
C ASP F 230 61.54 5.66 12.07
N GLN F 231 62.18 6.00 13.20
CA GLN F 231 61.93 7.22 13.95
C GLN F 231 60.49 7.25 14.49
N ARG F 232 59.86 6.06 14.60
CA ARG F 232 58.48 5.93 15.05
C ARG F 232 57.53 6.73 14.17
N ARG F 233 57.77 6.68 12.86
CA ARG F 233 56.96 7.41 11.89
C ARG F 233 56.38 6.52 10.80
N LEU F 234 57.14 5.54 10.33
CA LEU F 234 56.68 4.69 9.24
C LEU F 234 55.74 3.61 9.75
N VAL F 235 54.57 3.52 9.15
CA VAL F 235 53.53 2.57 9.52
C VAL F 235 53.60 1.38 8.57
N TYR F 236 53.34 0.18 9.09
CA TYR F 236 53.51 -1.03 8.31
C TYR F 236 52.28 -1.93 8.38
N TYR F 237 52.40 -3.15 7.86
CA TYR F 237 51.33 -4.14 7.86
C TYR F 237 51.85 -5.47 8.40
N GLU F 238 52.72 -5.41 9.40
CA GLU F 238 53.43 -6.60 9.87
C GLU F 238 52.47 -7.61 10.47
N GLY F 239 52.71 -8.89 10.17
CA GLY F 239 51.91 -9.96 10.70
C GLY F 239 52.70 -10.97 11.50
N GLY F 240 52.25 -11.24 12.73
CA GLY F 240 52.94 -12.19 13.58
C GLY F 240 52.65 -11.98 15.06
N ALA F 241 53.68 -12.09 15.89
CA ALA F 241 53.51 -11.93 17.33
C ALA F 241 53.24 -10.49 17.73
N VAL F 242 53.35 -9.53 16.80
CA VAL F 242 53.13 -8.13 17.11
C VAL F 242 51.68 -7.82 17.46
N CYS F 243 50.74 -8.73 17.17
CA CYS F 243 49.35 -8.48 17.51
C CYS F 243 49.17 -8.37 19.02
N THR F 244 49.92 -9.16 19.78
CA THR F 244 49.83 -9.08 21.24
C THR F 244 50.49 -7.80 21.76
N HIS F 245 51.53 -7.32 21.09
CA HIS F 245 52.30 -6.19 21.59
C HIS F 245 51.50 -4.90 21.52
N ALA F 246 51.98 -3.89 22.24
CA ALA F 246 51.36 -2.57 22.22
C ALA F 246 51.56 -1.84 20.90
N ARG F 247 52.48 -2.31 20.05
CA ARG F 247 52.66 -1.70 18.74
C ARG F 247 51.41 -1.81 17.90
N SER F 248 50.73 -2.96 17.95
CA SER F 248 49.45 -3.14 17.27
C SER F 248 48.34 -2.62 18.16
N LEU F 249 48.07 -1.32 18.06
CA LEU F 249 46.99 -0.71 18.85
C LEU F 249 46.68 0.66 18.27
N TRP F 250 45.39 0.93 18.03
CA TRP F 250 44.96 2.21 17.50
C TRP F 250 43.65 2.62 18.15
N ARG F 251 43.56 3.88 18.57
CA ARG F 251 42.35 4.45 19.12
C ARG F 251 41.68 5.31 18.07
N LEU F 252 40.43 5.01 17.75
CA LEU F 252 39.65 5.83 16.82
C LEU F 252 38.93 6.90 17.62
N GLU F 253 39.45 8.12 17.57
CA GLU F 253 38.79 9.25 18.21
C GLU F 253 37.95 9.97 17.15
N PRO F 254 36.65 10.08 17.31
CA PRO F 254 35.86 10.86 16.35
C PRO F 254 36.27 12.32 16.34
N LEU F 255 36.82 12.77 15.21
CA LEU F 255 37.21 14.17 15.07
C LEU F 255 36.01 15.09 15.22
N ARG F 256 34.85 14.66 14.72
CA ARG F 256 33.60 15.37 14.93
C ARG F 256 33.32 15.52 16.42
N ILE F 257 33.38 16.76 16.91
CA ILE F 257 33.18 17.01 18.33
C ILE F 257 31.74 16.68 18.74
N SER F 258 30.79 16.94 17.84
CA SER F 258 29.44 16.40 18.02
C SER F 258 29.49 14.88 17.91
N TRP F 259 28.73 14.21 18.77
CA TRP F 259 28.73 12.75 18.88
C TRP F 259 30.13 12.21 19.12
N SER F 260 30.89 12.92 19.96
CA SER F 260 32.23 12.46 20.32
C SER F 260 32.13 11.21 21.19
N GLY F 261 32.75 10.13 20.75
CA GLY F 261 32.65 8.86 21.44
C GLY F 261 31.37 8.10 21.19
N SER F 262 30.47 8.62 20.36
CA SER F 262 29.22 7.97 20.06
C SER F 262 29.47 6.88 19.01
N HIS F 263 28.42 6.25 18.52
CA HIS F 263 28.54 5.25 17.47
C HIS F 263 29.22 5.81 16.24
N LEU F 264 30.14 5.04 15.68
CA LEU F 264 30.83 5.40 14.45
C LEU F 264 29.89 5.14 13.29
N ARG F 265 29.46 6.20 12.62
CA ARG F 265 28.63 6.06 11.43
C ARG F 265 29.50 5.80 10.21
N TRP F 266 28.92 5.14 9.22
CA TRP F 266 29.66 4.83 7.99
C TRP F 266 30.15 6.12 7.33
N GLY F 267 31.41 6.12 6.93
CA GLY F 267 32.00 7.25 6.25
C GLY F 267 32.08 8.51 7.08
N GLN F 268 32.57 8.39 8.32
CA GLN F 268 32.61 9.59 9.13
C GLN F 268 34.04 10.02 9.40
N PRO F 269 34.33 11.32 9.35
CA PRO F 269 35.67 11.80 9.68
C PRO F 269 36.03 11.49 11.12
N LEU F 270 37.30 11.13 11.34
CA LEU F 270 37.78 10.62 12.61
C LEU F 270 39.29 10.52 12.51
N ARG F 271 39.94 10.33 13.66
CA ARG F 271 41.39 10.34 13.77
C ARG F 271 41.86 9.02 14.38
N ILE F 272 42.77 8.34 13.69
CA ILE F 272 43.45 7.18 14.25
C ILE F 272 44.62 7.66 15.09
N ARG F 273 44.78 7.09 16.29
CA ARG F 273 45.88 7.44 17.17
C ARG F 273 46.63 6.18 17.55
N HIS F 274 47.97 6.28 17.63
CA HIS F 274 48.75 5.10 17.99
C HIS F 274 48.57 4.73 19.46
N VAL F 275 48.22 5.70 20.30
CA VAL F 275 48.14 5.61 21.77
C VAL F 275 49.53 5.40 22.39
N THR F 276 50.24 4.36 21.95
CA THR F 276 51.52 4.02 22.56
C THR F 276 52.53 5.14 22.40
N THR F 277 52.53 5.82 21.25
CA THR F 277 53.39 6.97 21.03
C THR F 277 52.63 8.29 21.02
N GLY F 278 51.31 8.25 21.07
CA GLY F 278 50.52 9.48 21.03
C GLY F 278 50.61 10.22 19.71
N ARG F 279 50.65 9.49 18.60
CA ARG F 279 50.78 10.08 17.28
C ARG F 279 49.56 9.73 16.43
N TYR F 280 48.93 10.75 15.86
CA TYR F 280 47.79 10.56 14.97
C TYR F 280 48.25 10.10 13.60
N LEU F 281 47.75 8.95 13.15
CA LEU F 281 48.00 8.51 11.79
C LEU F 281 47.35 9.47 10.80
N ALA F 282 48.08 9.83 9.75
CA ALA F 282 47.61 10.89 8.87
C ALA F 282 48.23 10.75 7.48
N LEU F 283 47.64 11.47 6.53
CA LEU F 283 48.17 11.53 5.18
C LEU F 283 49.41 12.40 5.14
N THR F 284 50.45 11.92 4.47
CA THR F 284 51.68 12.68 4.33
C THR F 284 52.00 12.87 2.85
N GLU F 285 52.86 13.83 2.56
CA GLU F 285 53.19 14.19 1.18
C GLU F 285 54.47 13.53 0.68
N ASP F 286 55.44 13.27 1.55
CA ASP F 286 56.65 12.59 1.12
C ASP F 286 56.47 11.09 0.93
N GLN F 287 55.42 10.51 1.52
CA GLN F 287 55.14 9.08 1.42
C GLN F 287 53.62 8.93 1.31
N GLY F 288 53.14 7.70 1.42
CA GLY F 288 51.71 7.45 1.37
C GLY F 288 50.97 8.04 2.56
N LEU F 289 51.21 7.49 3.75
CA LEU F 289 50.67 8.03 4.98
C LEU F 289 51.54 7.60 6.14
N VAL F 290 51.75 8.50 7.09
CA VAL F 290 52.56 8.22 8.27
C VAL F 290 51.88 8.82 9.50
N VAL F 291 52.33 8.38 10.65
CA VAL F 291 51.87 8.97 11.90
C VAL F 291 52.54 10.33 12.07
N VAL F 292 51.84 11.26 12.71
CA VAL F 292 52.34 12.60 12.96
C VAL F 292 52.06 12.96 14.41
N ASP F 293 52.78 13.96 14.89
CA ASP F 293 52.52 14.49 16.22
C ASP F 293 51.18 15.22 16.23
N ALA F 294 50.62 15.40 17.42
CA ALA F 294 49.36 16.14 17.55
C ALA F 294 49.52 17.59 17.09
N CYS F 295 50.74 18.12 17.16
CA CYS F 295 51.00 19.44 16.58
C CYS F 295 50.83 19.42 15.07
N LYS F 296 51.28 18.36 14.42
CA LYS F 296 51.16 18.20 12.98
C LYS F 296 49.83 17.58 12.58
N ALA F 297 48.96 17.29 13.53
CA ALA F 297 47.69 16.63 13.26
C ALA F 297 46.62 17.68 12.98
N HIS F 298 46.11 17.68 11.75
CA HIS F 298 45.03 18.57 11.35
C HIS F 298 44.01 17.77 10.55
N THR F 299 42.82 18.34 10.41
CA THR F 299 41.72 17.63 9.75
C THR F 299 42.03 17.32 8.29
N LYS F 300 42.88 18.13 7.66
CA LYS F 300 43.23 17.86 6.27
C LYS F 300 44.11 16.62 6.12
N ALA F 301 44.70 16.12 7.19
CA ALA F 301 45.58 14.96 7.12
C ALA F 301 45.10 13.77 7.93
N THR F 302 44.55 14.01 9.12
CA THR F 302 44.19 12.92 10.02
C THR F 302 42.80 12.36 9.79
N SER F 303 42.01 12.94 8.88
CA SER F 303 40.63 12.54 8.71
C SER F 303 40.54 11.30 7.83
N PHE F 304 40.03 10.21 8.39
CA PHE F 304 39.73 9.00 7.64
C PHE F 304 38.27 8.62 7.87
N CYS F 305 37.80 7.63 7.13
CA CYS F 305 36.42 7.19 7.22
C CYS F 305 36.33 5.76 6.71
N PHE F 306 35.29 5.06 7.15
CA PHE F 306 35.13 3.64 6.86
C PHE F 306 34.11 3.48 5.74
N ARG F 307 34.50 2.82 4.65
CA ARG F 307 33.67 2.71 3.47
C ARG F 307 33.15 1.30 3.32
N VAL F 308 31.86 1.19 2.99
CA VAL F 308 31.23 -0.12 2.85
C VAL F 308 31.81 -0.87 1.65
N SER F 309 31.87 -0.20 0.50
CA SER F 309 32.32 -0.82 -0.74
C SER F 309 33.41 0.03 -1.35
N LYS F 310 34.35 -0.63 -2.04
CA LYS F 310 35.44 0.11 -2.66
C LYS F 310 34.94 0.95 -3.83
N GLU F 311 33.94 0.48 -4.55
CA GLU F 311 33.26 1.32 -5.53
C GLU F 311 32.50 2.44 -4.82
N LYS F 312 32.46 3.61 -5.43
CA LYS F 312 31.73 4.73 -4.87
C LYS F 312 30.23 4.44 -4.93
N LEU F 313 29.61 4.31 -3.76
CA LEU F 313 28.19 3.99 -3.63
C LEU F 313 27.83 2.70 -4.36
N GLU F 328 25.50 0.34 13.14
CA GLU F 328 26.03 0.38 11.79
C GLU F 328 27.22 -0.56 11.64
N ILE F 329 28.42 -0.02 11.81
CA ILE F 329 29.63 -0.82 11.69
C ILE F 329 29.77 -1.71 12.92
N LYS F 330 29.98 -3.00 12.68
CA LYS F 330 30.02 -4.00 13.73
C LYS F 330 31.45 -4.50 13.91
N TYR F 331 31.79 -4.83 15.16
CA TYR F 331 33.11 -5.40 15.46
C TYR F 331 33.32 -6.70 14.70
N GLY F 332 32.31 -7.55 14.64
CA GLY F 332 32.38 -8.79 13.88
C GLY F 332 31.98 -8.56 12.44
N GLU F 333 32.72 -9.22 11.54
CA GLU F 333 32.48 -9.14 10.09
C GLU F 333 32.51 -7.70 9.60
N SER F 334 33.52 -6.95 10.03
CA SER F 334 33.66 -5.55 9.64
C SER F 334 33.86 -5.42 8.14
N LEU F 335 34.99 -5.91 7.65
CA LEU F 335 35.32 -5.93 6.22
C LEU F 335 35.12 -4.56 5.57
N CYS F 336 35.61 -3.53 6.24
CA CYS F 336 35.45 -2.16 5.79
C CYS F 336 36.75 -1.67 5.16
N PHE F 337 36.66 -1.20 3.92
CA PHE F 337 37.78 -0.56 3.24
C PHE F 337 37.85 0.90 3.69
N VAL F 338 38.77 1.19 4.61
CA VAL F 338 38.96 2.54 5.10
C VAL F 338 39.56 3.42 4.01
N GLN F 339 39.25 4.71 4.07
CA GLN F 339 39.64 5.67 3.04
C GLN F 339 39.86 7.03 3.69
N HIS F 340 40.82 7.78 3.15
CA HIS F 340 41.04 9.14 3.61
C HIS F 340 39.86 10.03 3.22
N VAL F 341 39.69 11.12 3.95
CA VAL F 341 38.52 11.98 3.80
C VAL F 341 38.83 13.21 2.95
N ALA F 342 39.90 13.94 3.29
CA ALA F 342 40.22 15.16 2.56
C ALA F 342 40.64 14.87 1.12
N SER F 343 41.25 13.72 0.89
CA SER F 343 41.67 13.30 -0.44
C SER F 343 41.03 11.96 -0.79
N GLY F 344 41.05 11.63 -2.08
CA GLY F 344 40.57 10.37 -2.57
C GLY F 344 41.60 9.26 -2.55
N LEU F 345 42.77 9.49 -1.95
CA LEU F 345 43.79 8.47 -1.86
C LEU F 345 43.31 7.30 -1.00
N TRP F 346 43.74 6.10 -1.37
CA TRP F 346 43.27 4.88 -0.73
C TRP F 346 44.43 4.14 -0.08
N LEU F 347 44.24 3.74 1.18
CA LEU F 347 45.25 3.00 1.92
C LEU F 347 45.40 1.61 1.33
N THR F 348 46.57 1.34 0.76
CA THR F 348 46.89 0.04 0.18
C THR F 348 48.27 -0.40 0.63
N TYR F 349 48.47 -1.71 0.65
CA TYR F 349 49.77 -2.25 1.03
C TYR F 349 50.77 -2.11 -0.10
N ALA F 350 52.05 -1.99 0.27
CA ALA F 350 53.10 -1.91 -0.74
C ALA F 350 53.41 -3.28 -1.33
N ALA F 351 53.25 -4.34 -0.55
CA ALA F 351 53.58 -5.72 -0.92
C ALA F 351 55.01 -5.84 -1.43
N PRO F 352 56.01 -5.70 -0.56
CA PRO F 352 57.41 -5.79 -1.01
C PRO F 352 57.87 -7.23 -1.13
N ASP F 353 58.55 -7.51 -2.24
CA ASP F 353 59.13 -8.83 -2.46
C ASP F 353 60.66 -8.75 -2.56
N LYS F 355 63.09 -14.24 4.60
CA LYS F 355 63.68 -14.15 3.26
C LYS F 355 64.76 -13.06 3.24
N ALA F 356 65.80 -13.28 2.44
CA ALA F 356 66.91 -12.32 2.39
C ALA F 356 66.47 -10.98 1.82
N LEU F 357 65.69 -10.99 0.75
CA LEU F 357 65.30 -9.74 0.09
C LEU F 357 64.45 -8.88 1.01
N ARG F 358 63.48 -9.49 1.69
CA ARG F 358 62.66 -8.79 2.66
C ARG F 358 62.28 -9.78 3.74
N LEU F 359 62.12 -9.28 4.97
CA LEU F 359 61.92 -10.12 6.14
C LEU F 359 60.68 -11.01 5.98
N GLY F 360 60.66 -12.10 6.77
CA GLY F 360 59.57 -13.05 6.66
C GLY F 360 58.22 -12.44 6.96
N VAL F 361 58.16 -11.52 7.94
CA VAL F 361 56.96 -10.75 8.15
C VAL F 361 56.72 -9.85 6.94
N LEU F 362 55.44 -9.63 6.63
CA LEU F 362 55.09 -8.97 5.38
C LEU F 362 55.66 -7.55 5.32
N LYS F 363 55.47 -6.77 6.40
CA LYS F 363 56.00 -5.41 6.50
C LYS F 363 55.60 -4.56 5.30
N LYS F 364 54.37 -4.78 4.82
CA LYS F 364 53.84 -4.08 3.66
C LYS F 364 53.46 -2.67 4.07
N LYS F 365 54.37 -1.72 3.88
CA LYS F 365 54.10 -0.36 4.31
C LYS F 365 52.88 0.20 3.59
N ALA F 366 52.06 0.94 4.32
CA ALA F 366 50.80 1.45 3.78
C ALA F 366 51.05 2.74 3.01
N ILE F 367 50.42 2.83 1.85
CA ILE F 367 50.52 4.01 0.98
C ILE F 367 49.13 4.52 0.69
N LEU F 368 48.97 5.84 0.71
CA LEU F 368 47.71 6.47 0.33
C LEU F 368 47.77 6.78 -1.15
N HIS F 369 47.00 6.02 -1.94
CA HIS F 369 47.07 6.06 -3.38
C HIS F 369 45.72 5.58 -3.89
N GLN F 370 45.10 6.33 -4.80
CA GLN F 370 43.68 6.13 -5.12
C GLN F 370 43.40 4.80 -5.81
N GLU F 371 44.44 4.05 -6.18
CA GLU F 371 44.24 2.72 -6.75
C GLU F 371 43.50 1.81 -5.76
N GLY F 372 42.62 0.99 -6.30
CA GLY F 372 41.90 0.02 -5.49
C GLY F 372 42.53 -1.36 -5.54
N HIS F 373 43.25 -1.73 -4.50
CA HIS F 373 43.92 -3.03 -4.46
C HIS F 373 42.91 -4.14 -4.17
N MET F 374 43.41 -5.37 -4.14
CA MET F 374 42.53 -6.53 -4.01
C MET F 374 41.86 -6.58 -2.64
N ASP F 375 42.64 -6.39 -1.57
CA ASP F 375 42.12 -6.41 -0.20
C ASP F 375 42.45 -5.08 0.47
N ASP F 376 41.43 -4.25 0.67
CA ASP F 376 41.53 -3.08 1.53
C ASP F 376 40.63 -3.21 2.75
N ALA F 377 39.99 -4.36 2.93
CA ALA F 377 39.14 -4.57 4.09
C ALA F 377 39.96 -4.73 5.35
N LEU F 378 39.36 -4.41 6.49
CA LEU F 378 40.03 -4.56 7.77
C LEU F 378 39.03 -5.07 8.79
N PHE F 379 39.57 -5.65 9.86
CA PHE F 379 38.80 -6.23 10.94
C PHE F 379 39.11 -5.46 12.21
N LEU F 380 38.07 -4.95 12.86
CA LEU F 380 38.22 -4.17 14.09
C LEU F 380 37.94 -5.09 15.27
N THR F 381 38.98 -5.42 16.02
CA THR F 381 38.84 -6.25 17.22
C THR F 381 39.33 -5.45 18.41
N ARG F 382 38.45 -5.24 19.39
CA ARG F 382 38.84 -4.51 20.58
C ARG F 382 39.85 -5.30 21.39
N CYS F 383 40.71 -4.57 22.10
CA CYS F 383 41.65 -5.17 23.02
C CYS F 383 41.11 -5.03 24.45
N GLN F 384 41.79 -5.72 25.38
CA GLN F 384 41.34 -5.73 26.76
C GLN F 384 41.62 -4.38 27.42
N GLN F 385 40.84 -4.09 28.46
CA GLN F 385 41.10 -2.90 29.27
C GLN F 385 42.46 -2.97 29.92
N GLU F 386 42.94 -4.18 30.24
CA GLU F 386 44.30 -4.34 30.75
C GLU F 386 45.32 -3.87 29.71
N GLU F 387 45.12 -4.28 28.46
CA GLU F 387 46.04 -3.88 27.40
C GLU F 387 46.01 -2.37 27.17
N SER F 388 44.81 -1.80 27.14
CA SER F 388 44.69 -0.36 26.92
C SER F 388 45.34 0.42 28.05
N GLN F 389 45.08 0.01 29.29
CA GLN F 389 45.68 0.69 30.44
C GLN F 389 47.19 0.60 30.40
N ALA F 390 47.71 -0.59 30.14
CA ALA F 390 49.16 -0.78 30.11
C ALA F 390 49.80 0.05 29.01
N ALA F 391 49.18 0.10 27.83
CA ALA F 391 49.72 0.88 26.73
C ALA F 391 49.72 2.36 27.06
N ARG F 392 48.66 2.85 27.71
CA ARG F 392 48.63 4.26 28.08
C ARG F 392 49.70 4.59 29.11
N MET F 393 49.93 3.67 30.06
CA MET F 393 51.08 3.83 30.96
C MET F 393 52.38 3.90 30.19
N ILE F 394 52.54 3.03 29.19
CA ILE F 394 53.77 3.03 28.41
C ILE F 394 53.98 4.39 27.77
N HIS F 395 52.92 4.95 27.18
CA HIS F 395 53.04 6.23 26.51
C HIS F 395 53.43 7.33 27.49
N SER F 396 52.67 7.46 28.58
CA SER F 396 52.92 8.55 29.53
C SER F 396 54.28 8.42 30.19
N THR F 397 54.63 7.19 30.59
CA THR F 397 55.89 6.96 31.28
C THR F 397 57.07 7.18 30.36
N ALA F 398 56.99 6.71 29.12
CA ALA F 398 58.06 6.93 28.16
C ALA F 398 58.24 8.41 27.88
N GLY F 399 57.15 9.15 27.74
CA GLY F 399 57.27 10.59 27.55
C GLY F 399 57.94 11.28 28.72
N LEU F 400 57.55 10.90 29.95
CA LEU F 400 58.14 11.50 31.14
C LEU F 400 59.63 11.22 31.21
N TYR F 401 60.03 9.98 30.98
CA TYR F 401 61.44 9.64 31.13
C TYR F 401 62.28 10.11 29.94
N ASN F 402 61.68 10.24 28.76
CA ASN F 402 62.40 10.87 27.65
C ASN F 402 62.70 12.32 27.96
N GLN F 403 61.73 13.07 28.50
CA GLN F 403 61.99 14.45 28.86
C GLN F 403 63.00 14.52 30.00
N PHE F 404 62.96 13.56 30.92
CA PHE F 404 63.95 13.50 31.99
C PHE F 404 65.35 13.27 31.42
N ILE F 405 65.46 12.40 30.41
CA ILE F 405 66.74 12.17 29.76
C ILE F 405 67.22 13.44 29.07
N LYS F 406 66.31 14.19 28.43
CA LYS F 406 66.69 15.44 27.80
C LYS F 406 67.20 16.45 28.81
N GLY F 407 66.58 16.48 30.00
CA GLY F 407 67.12 17.33 31.06
C GLY F 407 68.51 16.89 31.49
N LEU F 408 68.71 15.58 31.61
CA LEU F 408 70.04 15.05 31.94
C LEU F 408 71.08 15.51 30.92
N ASP F 409 70.70 15.51 29.64
CA ASP F 409 71.61 15.97 28.60
C ASP F 409 71.77 17.49 28.63
N SER F 410 70.75 18.21 29.07
CA SER F 410 70.85 19.67 29.09
C SER F 410 71.85 20.14 30.12
N PHE F 411 71.90 19.50 31.29
CA PHE F 411 72.96 19.81 32.25
C PHE F 411 74.07 18.76 32.26
N SER F 412 74.22 18.01 31.17
CA SER F 412 75.27 17.00 31.06
C SER F 412 76.64 17.67 31.06
N GLY F 413 77.37 17.53 32.16
CA GLY F 413 78.75 17.97 32.23
C GLY F 413 78.95 19.46 32.29
N LYS F 414 77.89 20.24 32.48
CA LYS F 414 78.00 21.69 32.53
C LYS F 414 77.92 22.14 33.98
N PRO F 415 79.01 22.62 34.57
CA PRO F 415 78.96 23.03 35.99
C PRO F 415 77.99 24.18 36.22
N ARG F 416 77.26 24.09 37.32
CA ARG F 416 76.28 25.11 37.67
C ARG F 416 76.95 26.35 38.25
N GLY F 417 78.04 26.19 38.99
CA GLY F 417 78.72 27.34 39.55
C GLY F 417 78.04 27.89 40.78
N SER F 418 77.36 29.02 40.63
CA SER F 418 76.61 29.64 41.72
C SER F 418 75.19 30.02 41.36
N GLY F 419 74.83 30.03 40.07
CA GLY F 419 73.49 30.39 39.67
C GLY F 419 72.57 29.19 39.50
N PRO F 420 71.57 29.32 38.66
CA PRO F 420 70.68 28.19 38.36
C PRO F 420 71.42 27.10 37.61
N PRO F 421 70.88 25.88 37.57
CA PRO F 421 71.51 24.81 36.79
C PRO F 421 71.56 25.14 35.30
N ALA F 422 72.28 24.28 34.58
CA ALA F 422 72.55 24.53 33.16
C ALA F 422 71.27 24.57 32.35
N GLY F 423 70.37 23.62 32.58
CA GLY F 423 69.12 23.57 31.85
C GLY F 423 67.98 24.15 32.66
N PRO F 424 66.74 23.85 32.25
CA PRO F 424 65.58 24.27 33.05
C PRO F 424 65.30 23.30 34.18
N ALA F 425 64.20 23.50 34.89
CA ALA F 425 63.82 22.60 35.97
C ALA F 425 63.48 21.22 35.43
N LEU F 426 63.77 20.20 36.24
CA LEU F 426 63.51 18.83 35.86
C LEU F 426 62.50 18.20 36.81
N PRO F 427 61.59 17.37 36.31
CA PRO F 427 60.60 16.74 37.20
C PRO F 427 61.20 15.63 38.04
N ILE F 428 61.39 15.90 39.33
CA ILE F 428 61.87 14.87 40.25
C ILE F 428 60.72 14.17 40.95
N GLU F 429 59.75 14.95 41.46
CA GLU F 429 58.65 14.34 42.19
C GLU F 429 57.73 13.57 41.24
N ALA F 430 57.55 14.06 40.02
CA ALA F 430 56.72 13.34 39.05
C ALA F 430 57.35 11.99 38.73
N VAL F 431 58.66 11.95 38.53
CA VAL F 431 59.36 10.70 38.30
C VAL F 431 59.29 9.82 39.54
N ILE F 432 59.31 10.41 40.73
CA ILE F 432 59.21 9.63 41.96
C ILE F 432 57.87 8.91 42.03
N LEU F 433 56.77 9.64 41.77
CA LEU F 433 55.47 9.00 41.80
C LEU F 433 55.32 7.95 40.71
N SER F 434 55.82 8.25 39.51
CA SER F 434 55.75 7.28 38.42
C SER F 434 56.54 6.02 38.76
N LEU F 435 57.71 6.19 39.38
CA LEU F 435 58.52 5.05 39.79
C LEU F 435 57.76 4.21 40.81
N GLN F 436 57.16 4.86 41.79
CA GLN F 436 56.49 4.13 42.87
C GLN F 436 55.29 3.35 42.36
N ASP F 437 54.42 4.00 41.57
CA ASP F 437 53.23 3.25 41.15
C ASP F 437 53.54 2.24 40.06
N LEU F 438 54.62 2.43 39.30
CA LEU F 438 55.04 1.35 38.39
C LEU F 438 55.55 0.14 39.18
N ILE F 439 56.31 0.38 40.24
CA ILE F 439 56.79 -0.72 41.08
C ILE F 439 55.60 -1.46 41.68
N GLY F 440 54.64 -0.71 42.23
CA GLY F 440 53.45 -1.34 42.77
C GLY F 440 52.63 -2.05 41.73
N TYR F 441 52.64 -1.52 40.49
CA TYR F 441 51.94 -2.19 39.40
C TYR F 441 52.56 -3.55 39.12
N PHE F 442 53.89 -3.62 39.11
CA PHE F 442 54.57 -4.88 38.84
C PHE F 442 54.95 -5.64 40.11
N GLU F 443 54.28 -5.35 41.22
CA GLU F 443 54.47 -6.14 42.43
C GLU F 443 54.04 -7.59 42.19
N PRO F 444 54.80 -8.56 42.67
CA PRO F 444 54.47 -9.97 42.41
C PRO F 444 53.17 -10.36 43.10
N PRO F 445 52.50 -11.40 42.62
CA PRO F 445 51.29 -11.87 43.29
C PRO F 445 51.60 -12.33 44.71
N SER F 446 50.66 -12.07 45.61
CA SER F 446 50.83 -12.44 47.00
C SER F 446 50.77 -13.96 47.17
N GLU F 447 51.61 -14.48 48.06
CA GLU F 447 51.78 -15.93 48.16
C GLU F 447 50.61 -16.61 48.83
N GLU F 448 49.93 -15.92 49.76
CA GLU F 448 48.86 -16.57 50.52
C GLU F 448 47.61 -16.81 49.68
N LEU F 449 47.55 -16.28 48.47
CA LEU F 449 46.42 -16.55 47.60
C LEU F 449 46.38 -18.04 47.23
N GLN F 450 45.19 -18.51 46.89
CA GLN F 450 45.03 -19.88 46.43
C GLN F 450 45.63 -20.03 45.04
N HIS F 451 45.79 -21.30 44.63
CA HIS F 451 46.51 -21.60 43.41
C HIS F 451 45.96 -20.85 42.20
N GLU F 452 44.66 -20.93 41.98
CA GLU F 452 44.06 -20.32 40.80
C GLU F 452 44.26 -18.82 40.76
N GLU F 453 44.02 -18.10 41.88
CA GLU F 453 44.28 -16.67 41.85
C GLU F 453 45.74 -16.40 41.51
N LYS F 454 46.68 -17.02 42.20
CA LYS F 454 48.05 -16.57 42.05
C LYS F 454 48.59 -16.93 40.67
N GLN F 455 48.18 -18.10 40.15
CA GLN F 455 48.58 -18.47 38.80
C GLN F 455 48.03 -17.50 37.76
N SER F 456 46.75 -17.13 37.88
CA SER F 456 46.20 -16.18 36.92
C SER F 456 46.89 -14.83 37.04
N LYS F 457 47.20 -14.39 38.26
CA LYS F 457 47.89 -13.13 38.44
C LYS F 457 49.32 -13.21 37.93
N LEU F 458 49.97 -14.38 38.06
CA LEU F 458 51.29 -14.56 37.46
C LEU F 458 51.22 -14.44 35.95
N ARG F 459 50.18 -15.01 35.34
CA ARG F 459 50.02 -14.91 33.90
C ARG F 459 49.83 -13.47 33.47
N SER F 460 48.96 -12.75 34.17
CA SER F 460 48.72 -11.35 33.83
C SER F 460 49.98 -10.51 34.03
N LEU F 461 50.69 -10.74 35.14
CA LEU F 461 51.92 -10.01 35.39
C LEU F 461 52.98 -10.32 34.33
N ARG F 462 53.06 -11.59 33.92
CA ARG F 462 54.04 -11.98 32.92
C ARG F 462 53.79 -11.29 31.59
N ASN F 463 52.54 -11.27 31.13
CA ASN F 463 52.28 -10.62 29.85
C ASN F 463 52.40 -9.11 29.96
N ARG F 464 52.07 -8.53 31.12
CA ARG F 464 52.28 -7.09 31.29
C ARG F 464 53.75 -6.74 31.26
N GLN F 465 54.59 -7.56 31.88
CA GLN F 465 56.03 -7.37 31.80
C GLN F 465 56.51 -7.47 30.36
N SER F 466 55.96 -8.43 29.62
CA SER F 466 56.32 -8.57 28.20
C SER F 466 55.93 -7.32 27.42
N LEU F 467 54.74 -6.80 27.66
CA LEU F 467 54.29 -5.60 26.95
C LEU F 467 55.19 -4.41 27.25
N PHE F 468 55.53 -4.21 28.52
CA PHE F 468 56.39 -3.08 28.85
C PHE F 468 57.81 -3.27 28.34
N GLN F 469 58.30 -4.51 28.29
CA GLN F 469 59.66 -4.72 27.82
C GLN F 469 59.76 -4.56 26.31
N GLU F 470 58.74 -4.99 25.58
CA GLU F 470 58.80 -4.97 24.12
C GLU F 470 58.70 -3.57 23.54
N GLU F 471 58.43 -2.55 24.34
CA GLU F 471 58.33 -1.18 23.84
C GLU F 471 59.54 -0.34 24.22
N GLY F 472 60.67 -0.97 24.52
CA GLY F 472 61.88 -0.25 24.80
C GLY F 472 61.93 0.43 26.15
N MET F 473 60.94 0.17 27.01
CA MET F 473 60.96 0.76 28.35
C MET F 473 62.14 0.26 29.16
N LEU F 474 62.49 -1.02 28.98
CA LEU F 474 63.62 -1.58 29.71
C LEU F 474 64.91 -0.83 29.37
N SER F 475 65.18 -0.66 28.07
CA SER F 475 66.35 0.11 27.66
C SER F 475 66.25 1.56 28.12
N LEU F 476 65.04 2.10 28.17
CA LEU F 476 64.86 3.47 28.63
C LEU F 476 65.33 3.64 30.07
N VAL F 477 64.88 2.75 30.96
CA VAL F 477 65.30 2.87 32.36
C VAL F 477 66.78 2.54 32.51
N LEU F 478 67.33 1.67 31.66
CA LEU F 478 68.77 1.44 31.68
C LEU F 478 69.52 2.71 31.31
N ASN F 479 69.03 3.46 30.32
CA ASN F 479 69.65 4.73 30.00
C ASN F 479 69.55 5.71 31.16
N CYS F 480 68.39 5.76 31.81
CA CYS F 480 68.24 6.64 32.97
C CYS F 480 69.25 6.32 34.05
N ILE F 481 69.43 5.03 34.34
CA ILE F 481 70.30 4.66 35.45
C ILE F 481 71.75 4.92 35.08
N ASP F 482 72.09 4.80 33.79
CA ASP F 482 73.45 5.14 33.34
C ASP F 482 73.75 6.62 33.55
N ARG F 483 72.88 7.50 33.04
CA ARG F 483 73.17 8.93 33.13
C ARG F 483 72.99 9.45 34.55
N LEU F 484 72.37 8.67 35.44
CA LEU F 484 72.43 9.03 36.85
C LEU F 484 73.68 8.49 37.51
N ASN F 485 74.25 7.41 36.97
CA ASN F 485 75.53 6.91 37.48
C ASN F 485 76.66 7.90 37.20
N VAL F 486 76.67 8.49 36.01
CA VAL F 486 77.77 9.37 35.63
C VAL F 486 77.94 10.57 36.55
N TYR F 487 76.97 10.85 37.40
CA TYR F 487 77.15 11.74 38.55
C TYR F 487 77.40 10.83 39.74
N THR F 488 78.66 10.70 40.15
CA THR F 488 79.05 9.65 41.08
C THR F 488 78.46 9.86 42.47
N THR F 489 78.25 11.11 42.89
CA THR F 489 77.78 11.38 44.24
C THR F 489 76.74 12.49 44.18
N ALA F 490 75.95 12.58 45.26
CA ALA F 490 75.01 13.69 45.39
C ALA F 490 75.70 15.04 45.35
N ALA F 491 76.96 15.10 45.81
CA ALA F 491 77.73 16.32 45.67
C ALA F 491 77.96 16.66 44.20
N HIS F 492 78.28 15.65 43.38
CA HIS F 492 78.41 15.86 41.94
C HIS F 492 77.09 16.33 41.35
N PHE F 493 75.99 15.72 41.77
CA PHE F 493 74.69 16.11 41.24
C PHE F 493 74.36 17.55 41.63
N ALA F 494 74.77 17.98 42.81
CA ALA F 494 74.61 19.37 43.20
C ALA F 494 75.48 20.29 42.36
N GLU F 495 76.72 19.86 42.05
CA GLU F 495 77.62 20.70 41.28
C GLU F 495 77.12 20.95 39.88
N TYR F 496 76.65 19.90 39.19
CA TYR F 496 76.17 20.10 37.83
C TYR F 496 74.68 20.44 37.76
N ALA F 497 73.83 19.52 38.23
CA ALA F 497 72.39 19.69 38.04
C ALA F 497 71.74 20.55 39.10
N GLY F 498 72.42 20.85 40.19
CA GLY F 498 71.81 21.69 41.20
C GLY F 498 71.55 20.92 42.47
N GLU F 499 71.61 21.65 43.60
CA GLU F 499 71.41 21.03 44.90
C GLU F 499 69.99 20.53 45.08
N GLU F 500 69.01 21.30 44.59
CA GLU F 500 67.60 20.90 44.75
C GLU F 500 67.31 19.59 44.03
N ALA F 501 67.90 19.40 42.84
CA ALA F 501 67.74 18.13 42.15
C ALA F 501 68.57 17.04 42.80
N ALA F 502 69.72 17.38 43.38
CA ALA F 502 70.54 16.41 44.08
C ALA F 502 69.91 15.93 45.38
N GLU F 503 68.90 16.63 45.88
CA GLU F 503 68.23 16.22 47.12
C GLU F 503 67.62 14.84 46.99
N SER F 504 67.10 14.48 45.81
CA SER F 504 66.37 13.23 45.63
C SER F 504 67.11 12.24 44.74
N TRP F 505 68.39 12.46 44.45
CA TRP F 505 69.12 11.58 43.55
C TRP F 505 69.19 10.16 44.10
N LYS F 506 69.47 10.02 45.40
CA LYS F 506 69.61 8.70 46.00
C LYS F 506 68.32 7.90 45.86
N GLU F 507 67.19 8.52 46.17
CA GLU F 507 65.91 7.84 46.07
C GLU F 507 65.60 7.47 44.62
N ILE F 508 65.86 8.40 43.69
CA ILE F 508 65.52 8.11 42.29
C ILE F 508 66.32 6.94 41.78
N VAL F 509 67.62 6.90 42.08
CA VAL F 509 68.46 5.79 41.62
C VAL F 509 68.02 4.48 42.25
N ASN F 510 67.73 4.50 43.55
CA ASN F 510 67.31 3.28 44.24
C ASN F 510 66.04 2.71 43.62
N LEU F 511 64.99 3.54 43.53
CA LEU F 511 63.74 3.07 42.94
C LEU F 511 63.88 2.69 41.48
N LEU F 512 64.85 3.26 40.75
CA LEU F 512 65.12 2.75 39.41
C LEU F 512 65.61 1.31 39.45
N TYR F 513 66.47 0.98 40.39
CA TYR F 513 66.94 -0.40 40.47
C TYR F 513 65.82 -1.36 40.83
N GLU F 514 64.96 -1.01 41.79
CA GLU F 514 63.86 -1.94 42.06
C GLU F 514 62.84 -1.97 40.94
N LEU F 515 62.69 -0.89 40.17
CA LEU F 515 61.85 -0.96 38.97
C LEU F 515 62.40 -1.96 37.98
N LEU F 516 63.71 -1.92 37.74
CA LEU F 516 64.34 -2.88 36.85
C LEU F 516 64.14 -4.30 37.34
N ALA F 517 64.33 -4.52 38.65
CA ALA F 517 64.15 -5.84 39.21
C ALA F 517 62.71 -6.32 39.06
N SER F 518 61.74 -5.42 39.27
CA SER F 518 60.35 -5.79 39.12
C SER F 518 60.03 -6.17 37.68
N LEU F 519 60.57 -5.42 36.72
CA LEU F 519 60.29 -5.72 35.32
C LEU F 519 60.84 -7.07 34.90
N ILE F 520 62.05 -7.41 35.36
CA ILE F 520 62.66 -8.66 34.90
C ILE F 520 62.32 -9.88 35.75
N ARG F 521 61.87 -9.70 36.99
CA ARG F 521 61.68 -10.83 37.88
C ARG F 521 60.46 -11.63 37.46
N GLY F 522 60.63 -12.94 37.34
CA GLY F 522 59.55 -13.84 36.97
C GLY F 522 59.38 -14.04 35.48
N ASN F 523 60.08 -13.27 34.65
CA ASN F 523 60.06 -13.44 33.21
C ASN F 523 61.42 -13.92 32.74
N ARG F 524 61.44 -15.03 32.00
CA ARG F 524 62.71 -15.55 31.53
C ARG F 524 63.24 -14.74 30.34
N ALA F 525 62.35 -14.25 29.47
CA ALA F 525 62.79 -13.59 28.26
C ALA F 525 63.43 -12.24 28.55
N ASN F 526 62.79 -11.43 29.40
CA ASN F 526 63.33 -10.10 29.71
C ASN F 526 64.69 -10.20 30.36
N CYS F 527 64.86 -11.17 31.27
CA CYS F 527 66.14 -11.37 31.92
C CYS F 527 67.15 -12.11 31.05
N ALA F 528 66.69 -12.85 30.05
CA ALA F 528 67.63 -13.46 29.11
C ALA F 528 68.19 -12.41 28.15
N LEU F 529 67.44 -11.33 27.93
CA LEU F 529 67.97 -10.20 27.18
C LEU F 529 69.17 -9.58 27.87
N PHE F 530 69.34 -9.80 29.17
CA PHE F 530 70.43 -9.22 29.93
C PHE F 530 71.76 -9.95 29.71
N SER F 531 71.82 -10.91 28.79
CA SER F 531 73.07 -11.60 28.51
C SER F 531 74.11 -10.64 27.94
N THR F 532 73.69 -9.73 27.05
CA THR F 532 74.63 -8.77 26.49
C THR F 532 75.04 -7.72 27.52
N ASN F 533 74.14 -7.36 28.44
CA ASN F 533 74.43 -6.38 29.48
C ASN F 533 74.80 -7.04 30.80
N LEU F 534 75.32 -8.27 30.75
CA LEU F 534 75.75 -8.94 31.97
C LEU F 534 76.86 -8.17 32.66
N ASP F 535 77.87 -7.73 31.90
CA ASP F 535 78.93 -6.92 32.48
C ASP F 535 78.41 -5.58 32.95
N TRP F 536 77.34 -5.09 32.35
CA TRP F 536 76.77 -3.80 32.73
C TRP F 536 76.27 -3.82 34.17
N VAL F 537 75.64 -4.92 34.57
CA VAL F 537 75.17 -5.03 35.96
C VAL F 537 76.34 -5.13 36.91
N VAL F 538 77.32 -5.99 36.58
CA VAL F 538 78.41 -6.28 37.49
C VAL F 538 79.31 -5.07 37.68
N SER F 539 79.40 -4.20 36.67
CA SER F 539 80.27 -3.04 36.77
C SER F 539 79.82 -2.10 37.87
N LYS F 540 78.52 -1.88 38.01
CA LYS F 540 77.98 -0.97 39.01
C LYS F 540 77.77 -1.65 40.35
N LEU F 541 78.22 -2.89 40.51
CA LEU F 541 77.89 -3.67 41.69
C LEU F 541 78.55 -3.11 42.93
N ASP F 542 79.77 -2.61 42.81
CA ASP F 542 80.53 -2.11 43.95
C ASP F 542 80.09 -0.72 44.39
N ARG F 543 79.15 -0.10 43.68
CA ARG F 543 78.72 1.26 44.01
C ARG F 543 78.08 1.31 45.39
N LEU F 544 78.32 2.41 46.10
CA LEU F 544 77.90 2.51 47.49
C LEU F 544 76.40 2.74 47.64
N GLU F 545 75.74 3.32 46.64
CA GLU F 545 74.33 3.68 46.76
C GLU F 545 73.47 2.55 46.20
N ALA F 546 72.50 2.11 46.99
CA ALA F 546 71.53 1.07 46.60
C ALA F 546 72.23 -0.21 46.16
N SER F 547 73.31 -0.57 46.88
CA SER F 547 74.07 -1.77 46.52
C SER F 547 73.19 -3.01 46.57
N SER F 548 72.30 -3.09 47.55
CA SER F 548 71.32 -4.17 47.57
C SER F 548 70.41 -4.12 46.36
N GLY F 549 70.15 -2.91 45.83
CA GLY F 549 69.39 -2.80 44.60
C GLY F 549 70.07 -3.48 43.42
N ILE F 550 71.33 -3.14 43.16
CA ILE F 550 72.02 -3.81 42.04
C ILE F 550 72.14 -5.30 42.31
N LEU F 551 72.38 -5.67 43.57
CA LEU F 551 72.61 -7.08 43.88
C LEU F 551 71.33 -7.89 43.69
N GLU F 552 70.18 -7.34 44.06
CA GLU F 552 68.92 -8.02 43.82
C GLU F 552 68.64 -8.14 42.33
N VAL F 553 68.94 -7.08 41.56
CA VAL F 553 68.77 -7.15 40.11
C VAL F 553 69.61 -8.27 39.54
N LEU F 554 70.87 -8.37 40.00
CA LEU F 554 71.74 -9.44 39.56
C LEU F 554 71.18 -10.80 39.93
N TYR F 555 70.65 -10.91 41.16
CA TYR F 555 70.12 -12.20 41.61
C TYR F 555 68.99 -12.68 40.72
N CYS F 556 68.07 -11.77 40.39
CA CYS F 556 66.97 -12.13 39.50
C CYS F 556 67.50 -12.56 38.13
N VAL F 557 68.51 -11.84 37.62
CA VAL F 557 69.09 -12.19 36.33
C VAL F 557 69.61 -13.61 36.33
N LEU F 558 70.42 -13.96 37.34
CA LEU F 558 71.05 -15.27 37.34
C LEU F 558 70.06 -16.39 37.60
N ILE F 559 69.06 -16.17 38.48
CA ILE F 559 68.14 -17.27 38.77
C ILE F 559 67.23 -17.53 37.57
N GLU F 560 66.76 -16.47 36.91
CA GLU F 560 65.78 -16.66 35.86
C GLU F 560 66.40 -16.89 34.48
N SER F 561 67.69 -16.65 34.31
CA SER F 561 68.33 -16.90 33.01
C SER F 561 69.44 -17.94 33.17
N PRO F 562 69.38 -19.05 32.45
CA PRO F 562 70.48 -20.03 32.51
C PRO F 562 71.59 -19.73 31.51
N GLU F 563 71.64 -18.52 30.97
CA GLU F 563 72.64 -18.15 29.97
C GLU F 563 73.59 -17.06 30.43
N VAL F 564 73.13 -16.10 31.24
CA VAL F 564 74.06 -15.14 31.83
C VAL F 564 75.10 -15.87 32.66
N LEU F 565 74.66 -16.87 33.43
CA LEU F 565 75.58 -17.70 34.18
C LEU F 565 76.44 -18.56 33.28
N ASN F 566 75.95 -18.88 32.07
CA ASN F 566 76.80 -19.56 31.10
C ASN F 566 77.96 -18.67 30.68
N ILE F 567 77.71 -17.38 30.50
CA ILE F 567 78.74 -16.44 30.07
C ILE F 567 79.38 -15.71 31.23
N ILE F 568 79.14 -16.14 32.47
CA ILE F 568 79.81 -15.57 33.63
C ILE F 568 81.31 -15.89 33.56
N GLN F 569 82.13 -14.89 33.87
CA GLN F 569 83.58 -15.02 33.78
C GLN F 569 84.25 -14.83 35.15
N GLU F 570 85.55 -15.12 35.15
CA GLU F 570 86.33 -15.10 36.38
C GLU F 570 86.35 -13.71 37.01
N ASN F 571 86.53 -12.67 36.19
CA ASN F 571 86.52 -11.31 36.73
C ASN F 571 85.18 -10.95 37.34
N HIS F 572 84.08 -11.45 36.78
CA HIS F 572 82.78 -11.23 37.38
C HIS F 572 82.71 -11.88 38.76
N ILE F 573 83.22 -13.11 38.88
CA ILE F 573 83.23 -13.76 40.19
C ILE F 573 84.11 -13.01 41.17
N LYS F 574 85.22 -12.44 40.69
CA LYS F 574 86.02 -11.60 41.56
C LYS F 574 85.25 -10.38 42.03
N SER F 575 84.39 -9.83 41.17
CA SER F 575 83.57 -8.69 41.58
C SER F 575 82.60 -9.08 42.68
N ILE F 576 81.98 -10.25 42.58
CA ILE F 576 81.07 -10.69 43.64
C ILE F 576 81.83 -10.88 44.94
N ILE F 577 83.00 -11.51 44.88
CA ILE F 577 83.81 -11.67 46.09
C ILE F 577 84.28 -10.31 46.59
N SER F 578 84.42 -9.32 45.71
CA SER F 578 84.68 -7.96 46.15
C SER F 578 83.52 -7.41 46.97
N LEU F 579 82.29 -7.72 46.56
CA LEU F 579 81.14 -7.33 47.37
C LEU F 579 81.21 -7.96 48.75
N LEU F 580 81.54 -9.24 48.81
CA LEU F 580 81.64 -9.91 50.11
C LEU F 580 82.77 -9.34 50.95
N ASP F 581 83.85 -8.88 50.33
CA ASP F 581 85.01 -8.37 51.05
C ASP F 581 84.95 -6.86 51.28
N LYS F 582 83.94 -6.19 50.78
CA LYS F 582 83.84 -4.74 50.90
C LYS F 582 82.60 -4.28 51.64
N HIS F 583 81.45 -4.89 51.39
CA HIS F 583 80.21 -4.46 52.01
C HIS F 583 79.88 -5.21 53.29
N GLY F 584 80.47 -6.37 53.51
CA GLY F 584 80.29 -7.11 54.73
C GLY F 584 79.89 -8.53 54.45
N ARG F 585 79.42 -9.21 55.49
CA ARG F 585 79.00 -10.61 55.41
C ARG F 585 77.49 -10.65 55.27
N ASN F 586 77.02 -11.06 54.10
CA ASN F 586 75.59 -11.15 53.83
C ASN F 586 75.26 -12.51 53.25
N HIS F 587 74.06 -12.99 53.56
CA HIS F 587 73.59 -14.23 52.98
C HIS F 587 73.15 -14.04 51.54
N LYS F 588 72.62 -12.86 51.20
CA LYS F 588 72.14 -12.66 49.84
C LYS F 588 73.28 -12.64 48.84
N VAL F 589 74.47 -12.21 49.25
CA VAL F 589 75.63 -12.29 48.36
C VAL F 589 75.99 -13.74 48.10
N LEU F 590 75.89 -14.60 49.12
CA LEU F 590 76.17 -16.02 48.92
C LEU F 590 75.14 -16.66 48.00
N ASP F 591 73.88 -16.27 48.13
CA ASP F 591 72.86 -16.75 47.19
C ASP F 591 73.16 -16.30 45.77
N VAL F 592 73.58 -15.05 45.61
CA VAL F 592 73.95 -14.54 44.29
C VAL F 592 75.13 -15.32 43.75
N LEU F 593 76.12 -15.60 44.60
CA LEU F 593 77.28 -16.36 44.18
C LEU F 593 76.88 -17.74 43.70
N CYS F 594 76.06 -18.45 44.45
CA CYS F 594 75.94 -19.85 44.14
C CYS F 594 74.67 -20.12 43.33
N SER F 595 73.96 -19.07 42.92
CA SER F 595 73.09 -19.26 41.78
C SER F 595 73.87 -19.70 40.55
N LEU F 596 75.18 -19.42 40.53
CA LEU F 596 76.10 -19.92 39.53
C LEU F 596 76.56 -21.35 39.79
N CYS F 597 76.27 -21.92 40.98
CA CYS F 597 76.60 -23.33 41.22
C CYS F 597 75.98 -24.23 40.16
N VAL F 598 74.67 -24.10 39.96
CA VAL F 598 73.91 -24.96 39.07
C VAL F 598 72.82 -24.16 38.40
N CYS F 599 72.17 -24.77 37.42
CA CYS F 599 71.02 -24.17 36.74
C CYS F 599 70.14 -25.28 36.20
N ASN F 600 68.89 -25.34 36.67
CA ASN F 600 67.91 -26.33 36.25
C ASN F 600 68.45 -27.75 36.41
N GLY F 601 69.22 -27.97 37.47
CA GLY F 601 69.81 -29.27 37.69
C GLY F 601 70.97 -29.61 36.77
N VAL F 602 71.65 -28.61 36.23
CA VAL F 602 72.81 -28.83 35.37
C VAL F 602 74.01 -28.16 36.02
N ALA F 603 75.05 -28.95 36.27
CA ALA F 603 76.26 -28.41 36.89
C ALA F 603 77.04 -27.58 35.88
N VAL F 604 77.65 -26.51 36.37
CA VAL F 604 78.49 -25.64 35.56
C VAL F 604 79.89 -25.73 36.13
N ARG F 605 80.71 -26.61 35.55
CA ARG F 605 82.03 -26.89 36.09
C ARG F 605 82.90 -25.64 36.10
N SER F 606 82.75 -24.79 35.09
CA SER F 606 83.58 -23.58 35.01
C SER F 606 83.34 -22.67 36.21
N ASN F 607 82.08 -22.34 36.48
CA ASN F 607 81.78 -21.48 37.60
C ASN F 607 82.04 -22.17 38.93
N GLN F 608 81.83 -23.48 39.00
CA GLN F 608 82.09 -24.20 40.25
C GLN F 608 83.57 -24.15 40.60
N ASP F 609 84.45 -24.41 39.63
CA ASP F 609 85.88 -24.39 39.94
C ASP F 609 86.36 -22.97 40.19
N LEU F 610 85.82 -21.99 39.46
CA LEU F 610 86.25 -20.61 39.68
C LEU F 610 85.87 -20.12 41.07
N ILE F 611 84.64 -20.40 41.50
CA ILE F 611 84.20 -19.99 42.83
C ILE F 611 85.04 -20.70 43.90
N THR F 612 85.27 -22.00 43.72
CA THR F 612 86.08 -22.73 44.69
C THR F 612 87.48 -22.14 44.79
N GLU F 613 88.15 -21.95 43.64
CA GLU F 613 89.54 -21.50 43.65
C GLU F 613 89.66 -20.06 44.13
N ASN F 614 88.62 -19.26 43.98
CA ASN F 614 88.72 -17.85 44.33
C ASN F 614 88.15 -17.52 45.70
N LEU F 615 87.53 -18.47 46.39
CA LEU F 615 87.07 -18.24 47.75
C LEU F 615 87.73 -19.17 48.75
N LEU F 616 87.81 -20.46 48.47
CA LEU F 616 88.25 -21.46 49.43
C LEU F 616 89.75 -21.44 49.73
N PRO F 617 90.65 -21.09 48.80
CA PRO F 617 92.03 -20.89 49.23
C PRO F 617 92.28 -19.57 49.94
N GLY F 618 91.52 -18.53 49.61
CA GLY F 618 91.75 -17.22 50.18
C GLY F 618 91.51 -17.16 51.68
N ARG F 619 90.29 -17.45 52.09
CA ARG F 619 89.90 -17.57 53.50
C ARG F 619 90.26 -16.34 54.33
N GLU F 620 89.57 -15.27 53.98
CA GLU F 620 89.38 -14.12 54.86
C GLU F 620 87.92 -13.81 55.09
N LEU F 621 87.02 -14.32 54.25
CA LEU F 621 85.60 -14.01 54.29
C LEU F 621 84.79 -15.08 55.03
N LEU F 622 84.82 -16.30 54.52
CA LEU F 622 84.01 -17.37 55.11
C LEU F 622 84.58 -17.78 56.45
N LEU F 623 83.71 -17.92 57.43
CA LEU F 623 84.11 -18.38 58.76
C LEU F 623 84.47 -19.86 58.70
N GLN F 624 85.44 -20.26 59.50
CA GLN F 624 85.93 -21.64 59.48
C GLN F 624 85.71 -22.30 60.84
N THR F 625 85.49 -23.60 60.79
CA THR F 625 85.07 -24.36 61.96
C THR F 625 86.00 -25.54 62.13
N ASN F 626 86.44 -25.77 63.36
CA ASN F 626 87.39 -26.84 63.67
C ASN F 626 86.94 -27.58 64.91
N LEU F 627 87.57 -28.72 65.17
CA LEU F 627 87.42 -29.45 66.41
C LEU F 627 88.66 -29.24 67.26
N ILE F 628 88.47 -28.85 68.51
CA ILE F 628 89.55 -28.72 69.47
C ILE F 628 89.16 -29.50 70.72
N ASN F 629 90.04 -29.47 71.72
CA ASN F 629 89.74 -30.05 73.02
C ASN F 629 89.92 -28.99 74.10
N TYR F 630 89.12 -29.11 75.16
CA TYR F 630 89.13 -28.11 76.21
C TYR F 630 90.44 -28.12 76.99
N VAL F 631 90.75 -26.97 77.59
CA VAL F 631 91.93 -26.83 78.43
C VAL F 631 91.50 -26.32 79.80
N THR F 632 92.36 -26.55 80.78
CA THR F 632 92.12 -26.12 82.15
C THR F 632 93.43 -25.59 82.74
N SER F 633 93.35 -24.48 83.44
CA SER F 633 94.50 -23.87 84.09
C SER F 633 94.30 -23.89 85.59
N ILE F 634 95.29 -24.41 86.30
CA ILE F 634 95.24 -24.57 87.75
C ILE F 634 96.41 -23.82 88.36
N ARG F 635 96.15 -23.14 89.47
CA ARG F 635 97.16 -22.34 90.16
C ARG F 635 97.20 -22.71 91.64
N PRO F 636 98.35 -22.54 92.28
CA PRO F 636 98.37 -22.48 93.74
C PRO F 636 97.92 -21.11 94.21
N ASN F 637 97.32 -21.08 95.41
CA ASN F 637 96.83 -19.83 95.98
C ASN F 637 97.99 -19.10 96.67
N ILE F 638 98.93 -18.66 95.84
CA ILE F 638 100.15 -17.99 96.26
C ILE F 638 100.34 -16.79 95.35
N PHE F 639 99.98 -15.60 95.82
CA PHE F 639 99.99 -14.39 95.02
C PHE F 639 101.05 -13.45 95.56
N VAL F 640 102.07 -13.17 94.75
CA VAL F 640 103.21 -12.37 95.16
C VAL F 640 103.50 -11.31 94.12
N GLY F 641 103.70 -10.07 94.55
CA GLY F 641 103.96 -8.96 93.66
C GLY F 641 104.85 -7.93 94.30
N ARG F 642 105.22 -6.92 93.50
CA ARG F 642 106.11 -5.85 93.93
C ARG F 642 105.44 -4.51 93.70
N ALA F 643 105.59 -3.62 94.68
CA ALA F 643 105.21 -2.23 94.54
C ALA F 643 106.11 -1.41 95.45
N GLU F 644 105.91 -0.09 95.44
CA GLU F 644 106.72 0.81 96.26
C GLU F 644 106.42 0.53 97.74
N GLY F 645 107.42 0.03 98.45
CA GLY F 645 107.26 -0.25 99.86
C GLY F 645 106.45 -1.49 100.19
N SER F 646 106.35 -2.43 99.26
CA SER F 646 105.59 -3.65 99.52
C SER F 646 106.27 -4.50 100.58
N THR F 647 105.46 -5.31 101.26
CA THR F 647 105.94 -6.21 102.30
C THR F 647 106.33 -7.58 101.76
N GLN F 648 106.28 -7.78 100.45
CA GLN F 648 106.54 -9.08 99.84
C GLN F 648 107.95 -9.14 99.26
N TYR F 649 108.47 -10.36 99.19
CA TYR F 649 109.76 -10.60 98.54
C TYR F 649 109.57 -10.72 97.04
N GLY F 650 110.61 -10.37 96.29
CA GLY F 650 110.53 -10.36 94.85
C GLY F 650 110.79 -11.69 94.18
N LYS F 651 111.65 -12.51 94.78
CA LYS F 651 112.14 -13.73 94.16
C LYS F 651 111.39 -14.94 94.69
N TRP F 652 110.93 -15.79 93.78
CA TRP F 652 110.25 -17.03 94.14
C TRP F 652 110.59 -18.11 93.13
N TYR F 653 110.35 -19.36 93.53
CA TYR F 653 110.80 -20.51 92.78
C TYR F 653 109.84 -21.67 93.00
N PHE F 654 109.58 -22.43 91.94
CA PHE F 654 108.69 -23.59 92.05
C PHE F 654 109.05 -24.59 90.95
N GLU F 655 108.45 -25.78 91.03
CA GLU F 655 108.69 -26.82 90.05
C GLU F 655 107.39 -27.51 89.70
N VAL F 656 107.38 -28.14 88.52
CA VAL F 656 106.34 -29.08 88.13
C VAL F 656 107.03 -30.31 87.56
N MET F 657 106.54 -31.49 87.92
CA MET F 657 107.10 -32.72 87.36
C MET F 657 105.98 -33.52 86.73
N VAL F 658 106.21 -33.97 85.50
CA VAL F 658 105.18 -34.67 84.75
C VAL F 658 105.17 -36.13 85.18
N ASP F 659 104.00 -36.64 85.57
CA ASP F 659 103.88 -38.06 85.86
C ASP F 659 103.66 -38.84 84.57
N GLU F 660 102.69 -38.42 83.76
CA GLU F 660 102.42 -39.08 82.49
C GLU F 660 101.64 -38.14 81.58
N VAL F 661 102.00 -38.13 80.30
CA VAL F 661 101.25 -37.43 79.28
C VAL F 661 100.86 -38.43 78.21
N VAL F 662 99.74 -38.17 77.54
CA VAL F 662 99.29 -39.00 76.43
C VAL F 662 99.30 -38.12 75.19
N PRO F 663 100.37 -38.14 74.40
CA PRO F 663 100.44 -37.25 73.24
C PRO F 663 99.42 -37.62 72.19
N PHE F 664 98.90 -36.59 71.51
CA PHE F 664 97.91 -36.76 70.45
C PHE F 664 96.69 -37.53 70.93
N LEU F 665 96.23 -37.23 72.15
CA LEU F 665 95.01 -37.83 72.65
C LEU F 665 93.81 -37.23 71.92
N THR F 666 92.91 -38.11 71.45
CA THR F 666 91.71 -37.73 70.71
C THR F 666 92.02 -36.77 69.57
N ALA F 667 93.06 -37.12 68.81
CA ALA F 667 93.43 -36.44 67.56
C ALA F 667 93.80 -34.97 67.80
N GLN F 668 94.37 -34.68 68.96
CA GLN F 668 94.95 -33.37 69.20
C GLN F 668 95.99 -33.49 70.29
N ALA F 669 97.13 -32.82 70.09
CA ALA F 669 98.23 -32.88 71.05
C ALA F 669 97.81 -32.26 72.38
N THR F 670 98.24 -32.89 73.47
CA THR F 670 97.93 -32.40 74.80
C THR F 670 98.74 -31.14 75.06
N HIS F 671 98.09 -29.99 74.90
CA HIS F 671 98.74 -28.72 75.20
C HIS F 671 99.08 -28.65 76.68
N LEU F 672 100.31 -28.25 76.98
CA LEU F 672 100.77 -28.24 78.38
C LEU F 672 101.83 -27.16 78.52
N ARG F 673 101.48 -26.09 79.24
CA ARG F 673 102.40 -25.00 79.51
C ARG F 673 102.38 -24.69 81.00
N VAL F 674 103.54 -24.28 81.52
CA VAL F 674 103.67 -23.88 82.91
C VAL F 674 104.39 -22.54 82.95
N GLY F 675 103.87 -21.61 83.75
CA GLY F 675 104.50 -20.31 83.89
C GLY F 675 103.92 -19.46 84.99
N TRP F 676 103.93 -18.14 84.79
CA TRP F 676 103.41 -17.19 85.77
C TRP F 676 102.28 -16.39 85.15
N ALA F 677 101.28 -16.05 85.98
CA ALA F 677 100.10 -15.36 85.50
C ALA F 677 99.66 -14.32 86.53
N LEU F 678 98.89 -13.35 86.06
CA LEU F 678 98.45 -12.22 86.85
C LEU F 678 96.97 -12.38 87.19
N THR F 679 96.62 -12.12 88.45
CA THR F 679 95.22 -12.17 88.86
C THR F 679 94.39 -11.13 88.11
N GLU F 680 94.94 -9.92 87.94
CA GLU F 680 94.21 -8.81 87.35
C GLU F 680 94.53 -8.75 85.86
N GLY F 681 93.71 -9.44 85.06
CA GLY F 681 93.86 -9.39 83.62
C GLY F 681 93.84 -10.74 82.93
N TYR F 682 94.39 -11.76 83.57
CA TYR F 682 94.41 -13.10 82.99
C TYR F 682 93.17 -13.85 83.48
N SER F 683 92.16 -13.92 82.62
CA SER F 683 90.95 -14.69 82.89
C SER F 683 90.82 -15.78 81.84
N PRO F 684 91.24 -17.00 82.13
CA PRO F 684 91.14 -18.11 81.17
C PRO F 684 89.77 -18.78 81.18
N TYR F 685 88.81 -18.13 80.51
CA TYR F 685 87.45 -18.65 80.47
C TYR F 685 87.40 -19.88 79.58
N PRO F 686 86.87 -21.00 80.06
CA PRO F 686 86.83 -22.22 79.23
C PRO F 686 85.99 -22.02 77.99
N GLY F 687 86.47 -22.55 76.88
CA GLY F 687 85.77 -22.47 75.62
C GLY F 687 86.02 -21.18 74.88
N GLY F 688 86.46 -21.27 73.64
CA GLY F 688 86.67 -20.09 72.83
C GLY F 688 87.86 -19.28 73.31
N GLY F 689 87.99 -18.09 72.72
CA GLY F 689 89.06 -17.19 73.05
C GLY F 689 89.86 -16.83 71.82
N GLU F 690 91.08 -16.34 72.05
CA GLU F 690 91.93 -15.92 70.95
C GLU F 690 92.43 -17.13 70.18
N GLY F 691 92.90 -16.87 68.96
CA GLY F 691 93.38 -17.94 68.08
C GLY F 691 92.26 -18.92 67.79
N TRP F 692 92.57 -20.21 67.94
CA TRP F 692 91.57 -21.26 67.84
C TRP F 692 91.22 -21.82 69.21
N GLY F 693 91.15 -20.95 70.21
CA GLY F 693 90.76 -21.42 71.52
C GLY F 693 91.85 -22.26 72.15
N GLY F 694 91.45 -23.03 73.16
CA GLY F 694 92.41 -23.77 73.95
C GLY F 694 93.43 -22.86 74.60
N ASN F 695 92.98 -21.70 75.05
CA ASN F 695 93.90 -20.67 75.53
C ASN F 695 94.55 -21.12 76.83
N GLY F 696 95.88 -21.15 76.83
CA GLY F 696 96.63 -21.62 77.98
C GLY F 696 97.40 -20.52 78.68
N VAL F 697 98.60 -20.86 79.17
CA VAL F 697 99.41 -19.86 79.87
C VAL F 697 99.84 -18.76 78.91
N GLY F 698 100.41 -19.13 77.78
CA GLY F 698 101.04 -18.13 76.93
C GLY F 698 100.21 -17.72 75.74
N ASP F 699 98.88 -17.69 75.91
CA ASP F 699 97.99 -17.20 74.87
C ASP F 699 97.49 -15.79 75.18
N ASP F 700 98.23 -15.04 75.98
CA ASP F 700 97.89 -13.68 76.35
C ASP F 700 99.15 -13.00 76.87
N LEU F 701 99.11 -11.68 76.91
CA LEU F 701 100.26 -10.92 77.42
C LEU F 701 100.24 -10.79 78.94
N TYR F 702 99.20 -11.30 79.61
CA TYR F 702 99.15 -11.29 81.05
C TYR F 702 99.71 -12.56 81.68
N SER F 703 100.21 -13.51 80.87
CA SER F 703 100.86 -14.68 81.42
C SER F 703 101.89 -15.19 80.43
N TYR F 704 102.96 -15.77 80.97
CA TYR F 704 104.10 -16.23 80.20
C TYR F 704 104.43 -17.65 80.62
N GLY F 705 104.69 -18.52 79.63
CA GLY F 705 104.86 -19.93 79.90
C GLY F 705 105.89 -20.57 78.98
N PHE F 706 106.09 -21.87 79.18
CA PHE F 706 107.12 -22.61 78.46
C PHE F 706 106.66 -24.06 78.39
N ASP F 707 106.33 -24.52 77.18
CA ASP F 707 105.77 -25.85 76.98
C ASP F 707 106.82 -26.92 76.71
N GLY F 708 108.11 -26.57 76.74
CA GLY F 708 109.15 -27.53 76.47
C GLY F 708 110.05 -27.08 75.33
N LEU F 709 109.46 -26.51 74.29
CA LEU F 709 110.23 -26.01 73.15
C LEU F 709 109.99 -24.54 72.84
N HIS F 710 108.92 -23.94 73.36
CA HIS F 710 108.58 -22.57 73.06
C HIS F 710 108.24 -21.81 74.33
N LEU F 711 108.53 -20.51 74.32
CA LEU F 711 108.07 -19.58 75.35
C LEU F 711 106.83 -18.91 74.79
N TRP F 712 105.67 -19.45 75.15
CA TRP F 712 104.40 -18.94 74.64
C TRP F 712 104.08 -17.60 75.26
N THR F 713 103.69 -16.64 74.42
CA THR F 713 103.23 -15.33 74.87
C THR F 713 102.46 -14.67 73.73
N GLY F 714 101.32 -14.08 74.06
CA GLY F 714 100.49 -13.43 73.05
C GLY F 714 100.03 -14.37 71.96
N HIS F 715 99.70 -15.61 72.32
CA HIS F 715 99.23 -16.64 71.40
C HIS F 715 100.28 -16.95 70.32
N VAL F 716 101.55 -16.72 70.61
CA VAL F 716 102.62 -16.95 69.65
C VAL F 716 103.70 -17.80 70.30
N ALA F 717 104.10 -18.87 69.61
CA ALA F 717 105.19 -19.71 70.10
C ALA F 717 106.53 -19.11 69.70
N ARG F 718 107.56 -19.45 70.48
CA ARG F 718 108.90 -18.92 70.27
C ARG F 718 109.92 -20.03 70.53
N PRO F 719 110.42 -20.66 69.46
CA PRO F 719 111.36 -21.78 69.65
C PRO F 719 112.61 -21.34 70.37
N VAL F 720 113.12 -22.23 71.24
CA VAL F 720 114.29 -21.94 72.04
C VAL F 720 115.13 -23.21 72.16
N THR F 721 116.45 -23.06 72.11
CA THR F 721 117.36 -24.18 72.23
C THR F 721 117.51 -24.60 73.70
N SER F 722 117.41 -25.89 73.95
CA SER F 722 117.62 -26.46 75.26
C SER F 722 118.37 -27.78 75.09
N PRO F 723 119.09 -28.22 76.13
CA PRO F 723 119.78 -29.53 76.02
C PRO F 723 118.84 -30.69 75.75
N GLY F 724 117.66 -30.69 76.37
CA GLY F 724 116.66 -31.69 76.08
C GLY F 724 115.39 -31.08 75.51
N GLN F 725 115.11 -31.34 74.24
CA GLN F 725 113.94 -30.80 73.56
C GLN F 725 112.95 -31.95 73.39
N HIS F 726 112.12 -32.16 74.41
CA HIS F 726 111.15 -33.25 74.41
C HIS F 726 109.72 -32.78 74.65
N LEU F 727 109.51 -31.49 74.89
CA LEU F 727 108.18 -30.91 75.03
C LEU F 727 107.42 -31.55 76.19
N LEU F 728 108.07 -31.60 77.35
CA LEU F 728 107.53 -32.20 78.57
C LEU F 728 107.10 -33.65 78.36
N ALA F 729 108.09 -34.48 78.05
CA ALA F 729 107.90 -35.92 78.09
C ALA F 729 107.65 -36.35 79.55
N PRO F 730 107.03 -37.51 79.77
CA PRO F 730 106.74 -37.91 81.14
C PRO F 730 108.01 -38.20 81.94
N GLU F 731 107.85 -38.14 83.27
CA GLU F 731 108.95 -38.32 84.22
C GLU F 731 110.06 -37.30 84.02
N ASP F 732 109.67 -36.08 83.66
CA ASP F 732 110.60 -34.95 83.54
C ASP F 732 110.16 -33.86 84.51
N VAL F 733 111.14 -33.25 85.17
CA VAL F 733 110.91 -32.20 86.16
C VAL F 733 111.44 -30.89 85.58
N VAL F 734 110.60 -29.87 85.58
CA VAL F 734 110.96 -28.55 85.08
C VAL F 734 110.76 -27.53 86.19
N SER F 735 111.80 -26.76 86.46
CA SER F 735 111.77 -25.70 87.45
C SER F 735 111.48 -24.37 86.77
N CYS F 736 110.88 -23.44 87.53
CA CYS F 736 110.66 -22.10 87.02
C CYS F 736 110.79 -21.13 88.18
N CYS F 737 111.55 -20.06 87.96
CA CYS F 737 111.80 -19.05 88.98
C CYS F 737 111.48 -17.67 88.42
N LEU F 738 111.15 -16.77 89.33
CA LEU F 738 110.71 -15.43 88.98
C LEU F 738 111.31 -14.41 89.94
N ASP F 739 111.70 -13.26 89.39
CA ASP F 739 112.22 -12.15 90.17
C ASP F 739 111.38 -10.91 89.87
N LEU F 740 110.93 -10.24 90.93
CA LEU F 740 110.10 -9.05 90.81
C LEU F 740 110.87 -7.75 91.03
N SER F 741 111.93 -7.79 91.84
CA SER F 741 112.74 -6.59 92.07
C SER F 741 113.36 -6.10 90.76
N VAL F 742 113.87 -7.03 89.96
CA VAL F 742 114.11 -6.81 88.55
C VAL F 742 113.25 -7.82 87.78
N PRO F 743 112.38 -7.37 86.88
CA PRO F 743 111.48 -8.30 86.19
C PRO F 743 112.21 -9.38 85.42
N SER F 744 112.08 -10.63 85.87
CA SER F 744 112.78 -11.74 85.21
C SER F 744 112.00 -13.02 85.43
N ILE F 745 111.88 -13.83 84.37
CA ILE F 745 111.30 -15.15 84.44
C ILE F 745 112.26 -16.13 83.77
N SER F 746 112.61 -17.20 84.49
CA SER F 746 113.56 -18.18 83.97
C SER F 746 113.03 -19.57 84.19
N PHE F 747 113.45 -20.48 83.31
CA PHE F 747 113.04 -21.88 83.38
C PHE F 747 114.28 -22.77 83.35
N ARG F 748 114.19 -23.90 84.05
CA ARG F 748 115.26 -24.87 84.16
C ARG F 748 114.66 -26.23 83.83
N ILE F 749 114.75 -26.64 82.57
CA ILE F 749 114.19 -27.92 82.15
C ILE F 749 115.18 -29.02 82.47
N ASN F 750 114.75 -29.98 83.30
CA ASN F 750 115.59 -31.10 83.75
C ASN F 750 116.88 -30.60 84.40
N GLY F 751 116.77 -29.52 85.18
CA GLY F 751 117.93 -28.95 85.82
C GLY F 751 118.70 -28.00 84.93
N CYS F 752 118.75 -28.30 83.63
CA CYS F 752 119.48 -27.47 82.69
C CYS F 752 118.66 -26.25 82.34
N PRO F 753 119.14 -25.04 82.61
CA PRO F 753 118.36 -23.84 82.28
C PRO F 753 118.18 -23.67 80.79
N VAL F 754 117.04 -23.09 80.42
CA VAL F 754 116.79 -22.79 79.02
C VAL F 754 117.53 -21.51 78.63
N GLN F 755 117.69 -21.31 77.33
CA GLN F 755 118.42 -20.17 76.80
C GLN F 755 117.55 -18.93 76.65
N GLY F 756 116.30 -18.97 77.09
CA GLY F 756 115.40 -17.85 76.99
C GLY F 756 115.05 -17.29 78.36
N VAL F 757 114.84 -15.98 78.40
CA VAL F 757 114.47 -15.27 79.63
C VAL F 757 113.42 -14.23 79.28
N PHE F 758 112.36 -14.18 80.08
CA PHE F 758 111.33 -13.17 79.94
C PHE F 758 111.70 -11.95 80.77
N GLU F 759 111.53 -10.76 80.20
CA GLU F 759 111.98 -9.56 80.89
C GLU F 759 111.21 -8.36 80.36
N ALA F 760 111.24 -7.27 81.13
CA ALA F 760 110.67 -5.97 80.77
C ALA F 760 109.14 -6.02 80.71
N PHE F 761 108.54 -6.86 81.54
CA PHE F 761 107.09 -6.95 81.64
C PHE F 761 106.60 -6.09 82.80
N ASN F 762 105.36 -5.60 82.67
CA ASN F 762 104.78 -4.76 83.70
C ASN F 762 104.60 -5.53 85.01
N LEU F 763 104.70 -4.80 86.12
CA LEU F 763 104.71 -5.40 87.45
C LEU F 763 103.41 -5.19 88.19
N ASP F 764 102.31 -4.90 87.47
CA ASP F 764 101.04 -4.64 88.13
C ASP F 764 100.48 -5.91 88.76
N GLY F 765 99.75 -5.73 89.84
CA GLY F 765 99.02 -6.82 90.46
C GLY F 765 99.93 -7.86 91.11
N LEU F 766 99.41 -9.08 91.19
CA LEU F 766 100.08 -10.17 91.86
C LEU F 766 100.29 -11.33 90.90
N PHE F 767 101.46 -11.96 90.98
CA PHE F 767 101.84 -13.06 90.10
C PHE F 767 101.73 -14.39 90.85
N PHE F 768 101.24 -15.41 90.16
CA PHE F 768 101.08 -16.74 90.72
C PHE F 768 101.49 -17.78 89.68
N PRO F 769 101.98 -18.93 90.11
CA PRO F 769 102.27 -20.01 89.16
C PRO F 769 100.99 -20.53 88.55
N VAL F 770 101.08 -20.97 87.30
CA VAL F 770 99.94 -21.46 86.55
C VAL F 770 100.37 -22.64 85.70
N VAL F 771 99.57 -23.71 85.70
CA VAL F 771 99.75 -24.81 84.77
C VAL F 771 98.49 -24.92 83.93
N SER F 772 98.64 -24.77 82.61
CA SER F 772 97.56 -24.95 81.66
C SER F 772 97.75 -26.27 80.94
N PHE F 773 96.70 -27.09 80.92
CA PHE F 773 96.82 -28.45 80.43
C PHE F 773 95.54 -28.86 79.71
N SER F 774 95.71 -29.67 78.68
CA SER F 774 94.62 -30.40 78.08
C SER F 774 94.34 -31.65 78.91
N ALA F 775 93.27 -32.35 78.57
CA ALA F 775 92.92 -33.55 79.32
C ALA F 775 93.91 -34.68 79.02
N GLY F 776 93.79 -35.75 79.80
CA GLY F 776 94.71 -36.87 79.68
C GLY F 776 96.13 -36.55 80.12
N VAL F 777 96.28 -35.81 81.22
CA VAL F 777 97.59 -35.41 81.72
C VAL F 777 97.63 -35.65 83.23
N LYS F 778 98.84 -35.87 83.74
CA LYS F 778 99.08 -35.95 85.17
C LYS F 778 100.38 -35.21 85.49
N VAL F 779 100.31 -34.24 86.39
CA VAL F 779 101.47 -33.48 86.81
C VAL F 779 101.50 -33.42 88.33
N ARG F 780 102.60 -32.90 88.86
CA ARG F 780 102.70 -32.63 90.29
C ARG F 780 103.30 -31.25 90.48
N PHE F 781 102.70 -30.49 91.40
CA PHE F 781 103.12 -29.13 91.72
C PHE F 781 104.06 -29.20 92.92
N LEU F 782 105.35 -28.94 92.68
CA LEU F 782 106.37 -28.97 93.72
C LEU F 782 106.62 -27.56 94.22
N LEU F 783 106.38 -27.33 95.51
CA LEU F 783 106.55 -26.04 96.13
C LEU F 783 107.70 -26.00 97.13
N GLY F 784 108.36 -27.14 97.37
CA GLY F 784 109.51 -27.18 98.23
C GLY F 784 109.15 -27.06 99.70
N GLY F 785 110.13 -27.36 100.53
CA GLY F 785 109.93 -27.26 101.97
C GLY F 785 108.91 -28.26 102.47
N ARG F 786 107.81 -27.74 103.03
CA ARG F 786 106.80 -28.60 103.61
C ARG F 786 105.98 -29.31 102.53
N HIS F 787 105.27 -28.54 101.71
CA HIS F 787 104.39 -29.12 100.70
C HIS F 787 105.25 -29.52 99.50
N GLY F 788 105.65 -30.78 99.46
CA GLY F 788 106.57 -31.26 98.45
C GLY F 788 107.99 -30.84 98.75
N GLU F 789 108.91 -31.38 97.96
CA GLU F 789 110.32 -31.02 98.06
C GLU F 789 110.88 -30.78 96.68
N PHE F 790 111.69 -29.73 96.55
CA PHE F 790 112.32 -29.41 95.28
C PHE F 790 113.28 -30.51 94.87
N LYS F 791 113.10 -31.01 93.64
CA LYS F 791 114.09 -31.94 93.07
C LYS F 791 115.42 -31.24 92.89
N PHE F 792 115.40 -29.99 92.46
CA PHE F 792 116.60 -29.19 92.25
C PHE F 792 116.52 -27.96 93.15
N LEU F 793 117.62 -27.66 93.81
CA LEU F 793 117.65 -26.54 94.74
C LEU F 793 117.55 -25.22 93.97
N PRO F 794 116.85 -24.22 94.52
CA PRO F 794 116.67 -22.98 93.78
C PRO F 794 117.99 -22.24 93.63
N PRO F 795 118.13 -21.43 92.59
CA PRO F 795 119.32 -20.57 92.48
C PRO F 795 119.34 -19.54 93.59
N PRO F 796 120.50 -19.02 93.95
CA PRO F 796 120.59 -18.10 95.09
C PRO F 796 119.73 -16.86 94.91
N GLY F 797 118.89 -16.60 95.90
CA GLY F 797 118.00 -15.46 95.86
C GLY F 797 116.53 -15.84 95.85
N TYR F 798 116.19 -16.91 95.12
CA TYR F 798 114.80 -17.30 94.95
C TYR F 798 114.35 -18.18 96.10
N ALA F 799 113.17 -17.90 96.65
CA ALA F 799 112.63 -18.55 97.82
C ALA F 799 111.52 -19.54 97.45
N PRO F 800 111.35 -20.60 98.23
CA PRO F 800 110.23 -21.52 97.98
C PRO F 800 108.89 -20.82 98.15
N CYS F 801 107.94 -21.19 97.29
CA CYS F 801 106.64 -20.54 97.30
C CYS F 801 105.75 -21.00 98.45
N HIS F 802 106.04 -22.16 99.04
CA HIS F 802 105.18 -22.69 100.10
C HIS F 802 105.17 -21.77 101.32
N GLU F 803 106.24 -21.00 101.53
CA GLU F 803 106.32 -20.09 102.65
C GLU F 803 105.56 -18.79 102.40
N ALA F 804 105.05 -18.56 101.19
CA ALA F 804 104.30 -17.36 100.87
C ALA F 804 102.81 -17.51 101.13
N VAL F 805 102.39 -18.65 101.70
CA VAL F 805 100.96 -18.86 101.96
C VAL F 805 100.50 -17.92 103.06
N LEU F 806 99.32 -17.34 102.87
CA LEU F 806 98.81 -16.34 103.79
C LEU F 806 98.45 -16.97 105.14
N PRO F 807 98.49 -16.19 106.23
CA PRO F 807 98.29 -16.78 107.56
C PRO F 807 96.96 -17.49 107.75
N ARG F 808 95.86 -16.93 107.25
CA ARG F 808 94.56 -17.57 107.40
C ARG F 808 94.19 -18.46 106.22
N GLU F 809 95.05 -18.55 105.21
CA GLU F 809 94.78 -19.36 104.04
C GLU F 809 95.59 -20.64 104.09
N ARG F 810 94.96 -21.74 103.73
CA ARG F 810 95.64 -23.03 103.58
C ARG F 810 95.95 -23.27 102.11
N LEU F 811 97.03 -23.99 101.85
CA LEU F 811 97.47 -24.22 100.47
C LEU F 811 96.44 -25.10 99.77
N ARG F 812 95.76 -24.52 98.77
CA ARG F 812 94.71 -25.21 98.03
C ARG F 812 94.89 -24.95 96.55
N LEU F 813 94.79 -26.01 95.75
CA LEU F 813 94.80 -25.90 94.30
C LEU F 813 93.38 -25.66 93.82
N GLU F 814 93.19 -24.61 93.03
CA GLU F 814 91.86 -24.17 92.62
C GLU F 814 91.90 -23.67 91.19
N PRO F 815 90.77 -23.72 90.48
CA PRO F 815 90.72 -23.09 89.16
C PRO F 815 90.88 -21.59 89.26
N ILE F 816 91.50 -21.00 88.24
CA ILE F 816 91.88 -19.59 88.30
C ILE F 816 90.66 -18.69 88.29
N LYS F 817 89.92 -18.69 87.18
CA LYS F 817 88.73 -17.83 87.02
C LYS F 817 87.57 -18.75 86.66
N GLU F 818 86.88 -19.27 87.67
CA GLU F 818 85.84 -20.25 87.48
C GLU F 818 84.47 -19.62 87.73
N TYR F 819 83.47 -20.14 87.02
CA TYR F 819 82.09 -19.74 87.19
C TYR F 819 81.18 -20.91 87.52
N ARG F 820 81.75 -22.08 87.78
CA ARG F 820 80.97 -23.27 88.07
C ARG F 820 81.80 -24.21 88.93
N ARG F 821 81.15 -24.88 89.87
CA ARG F 821 81.79 -25.88 90.70
C ARG F 821 80.80 -27.00 90.98
N GLU F 822 81.23 -27.96 91.80
CA GLU F 822 80.40 -29.08 92.19
C GLU F 822 80.18 -29.05 93.70
N GLY F 823 78.94 -29.31 94.12
CA GLY F 823 78.61 -29.39 95.51
C GLY F 823 77.79 -30.63 95.82
N PRO F 824 77.03 -30.59 96.92
CA PRO F 824 76.20 -31.74 97.28
C PRO F 824 75.06 -31.99 96.31
N ARG F 825 74.29 -30.96 95.99
CA ARG F 825 73.13 -31.14 95.11
C ARG F 825 73.55 -31.35 93.66
N GLY F 826 74.65 -30.76 93.24
CA GLY F 826 75.13 -30.90 91.88
C GLY F 826 75.95 -29.71 91.43
N PRO F 827 75.72 -29.26 90.20
CA PRO F 827 76.43 -28.07 89.70
C PRO F 827 76.01 -26.82 90.46
N HIS F 828 77.00 -26.14 91.02
CA HIS F 828 76.78 -24.90 91.77
C HIS F 828 77.38 -23.75 90.98
N LEU F 829 76.56 -22.76 90.67
CA LEU F 829 77.03 -21.56 90.01
C LEU F 829 77.68 -20.63 91.02
N VAL F 830 78.89 -20.19 90.72
CA VAL F 830 79.60 -19.23 91.56
C VAL F 830 79.79 -17.95 90.79
N GLY F 831 79.85 -16.84 91.52
CA GLY F 831 80.04 -15.55 90.91
C GLY F 831 81.51 -15.21 90.82
N PRO F 832 81.81 -13.92 90.85
CA PRO F 832 83.22 -13.50 90.86
C PRO F 832 83.89 -13.79 92.19
N SER F 833 85.12 -13.33 92.37
CA SER F 833 85.84 -13.55 93.62
C SER F 833 86.50 -12.25 94.06
N ARG F 834 86.70 -12.14 95.37
CA ARG F 834 87.41 -11.00 95.95
C ARG F 834 88.91 -11.26 95.83
N CYS F 835 89.57 -10.54 94.94
CA CYS F 835 90.97 -10.76 94.65
C CYS F 835 91.84 -9.68 95.29
N LEU F 836 93.06 -10.05 95.63
CA LEU F 836 94.01 -9.15 96.27
C LEU F 836 94.83 -8.42 95.22
N SER F 837 95.72 -7.54 95.68
CA SER F 837 96.62 -6.80 94.81
C SER F 837 97.87 -6.45 95.61
N HIS F 838 98.66 -5.52 95.07
CA HIS F 838 99.76 -4.94 95.84
C HIS F 838 99.29 -3.83 96.77
N THR F 839 98.13 -3.23 96.49
CA THR F 839 97.64 -2.13 97.32
C THR F 839 97.30 -2.61 98.73
N ASP F 840 96.68 -3.77 98.86
CA ASP F 840 96.39 -4.31 100.19
C ASP F 840 97.57 -5.07 100.79
N PHE F 841 98.61 -5.34 100.01
CA PHE F 841 99.85 -5.89 100.53
C PHE F 841 100.83 -4.81 100.98
N VAL F 842 100.58 -3.55 100.63
CA VAL F 842 101.38 -2.44 101.14
C VAL F 842 100.65 -1.81 102.31
N PRO F 843 101.33 -1.42 103.38
CA PRO F 843 100.67 -0.70 104.47
C PRO F 843 100.79 0.80 104.35
N CYS F 844 99.73 1.52 104.68
CA CYS F 844 99.72 2.99 104.67
C CYS F 844 99.18 3.48 106.00
N PRO F 845 100.03 3.71 106.98
CA PRO F 845 99.57 4.12 108.31
C PRO F 845 99.37 5.62 108.39
N VAL F 846 98.86 6.06 109.54
CA VAL F 846 98.64 7.47 109.83
C VAL F 846 99.82 7.98 110.65
N ASP F 847 100.40 9.09 110.23
CA ASP F 847 101.52 9.70 110.95
C ASP F 847 101.01 10.33 112.25
N THR F 848 101.51 9.84 113.38
CA THR F 848 101.10 10.35 114.68
C THR F 848 102.18 11.17 115.39
N VAL F 849 103.32 11.40 114.73
CA VAL F 849 104.36 12.23 115.35
C VAL F 849 104.11 13.71 115.14
N GLN F 850 103.12 14.08 114.35
CA GLN F 850 102.79 15.48 114.09
C GLN F 850 101.61 15.96 114.92
N ILE F 851 101.25 15.24 115.98
CA ILE F 851 100.06 15.54 116.78
C ILE F 851 100.48 16.41 117.97
N VAL F 852 99.76 17.51 118.17
CA VAL F 852 100.08 18.41 119.27
C VAL F 852 99.72 17.75 120.61
N LEU F 853 100.41 18.19 121.66
CA LEU F 853 100.23 17.59 122.97
C LEU F 853 99.41 18.51 123.86
N PRO F 854 98.19 18.13 124.22
CA PRO F 854 97.40 18.94 125.16
C PRO F 854 97.87 18.68 126.59
N PRO F 855 97.36 19.42 127.57
CA PRO F 855 97.66 19.07 128.97
C PRO F 855 97.16 17.69 129.36
N HIS F 856 96.10 17.21 128.72
CA HIS F 856 95.58 15.88 129.02
C HIS F 856 96.58 14.79 128.67
N LEU F 857 97.43 15.06 127.67
CA LEU F 857 98.55 14.17 127.37
C LEU F 857 99.32 13.83 128.64
N GLU F 858 99.87 14.84 129.30
CA GLU F 858 100.61 14.61 130.53
C GLU F 858 99.69 14.21 131.68
N ARG F 859 98.39 14.50 131.57
CA ARG F 859 97.44 14.08 132.61
C ARG F 859 97.40 12.57 132.75
N ILE F 860 97.28 11.86 131.62
CA ILE F 860 97.11 10.40 131.65
C ILE F 860 98.38 9.64 131.27
N ARG F 861 99.40 10.33 130.74
CA ARG F 861 100.60 9.65 130.23
C ARG F 861 101.31 8.84 131.31
N GLU F 862 101.22 9.26 132.58
CA GLU F 862 101.89 8.56 133.65
C GLU F 862 100.98 7.70 134.50
N LYS F 863 99.69 8.01 134.58
CA LYS F 863 98.79 7.09 135.26
C LYS F 863 98.60 5.80 134.45
N LEU F 864 98.55 5.93 133.13
CA LEU F 864 98.59 4.74 132.27
C LEU F 864 99.88 3.97 132.48
N ALA F 865 101.01 4.68 132.61
CA ALA F 865 102.28 4.02 132.84
C ALA F 865 102.30 3.30 134.18
N GLU F 866 101.68 3.88 135.20
CA GLU F 866 101.64 3.24 136.51
C GLU F 866 100.82 1.95 136.48
N ASN F 867 99.65 1.99 135.84
CA ASN F 867 98.90 0.75 135.65
C ASN F 867 99.65 -0.23 134.77
N ILE F 868 100.45 0.28 133.82
CA ILE F 868 101.31 -0.57 133.00
C ILE F 868 102.33 -1.29 133.87
N HIS F 869 102.90 -0.59 134.85
CA HIS F 869 103.81 -1.24 135.79
C HIS F 869 103.09 -2.27 136.64
N GLU F 870 101.83 -2.02 136.96
CA GLU F 870 101.03 -3.03 137.66
C GLU F 870 100.89 -4.29 136.82
N LEU F 871 100.63 -4.12 135.52
CA LEU F 871 100.59 -5.28 134.63
C LEU F 871 101.97 -5.91 134.48
N TRP F 872 103.03 -5.13 134.61
CA TRP F 872 104.38 -5.71 134.59
C TRP F 872 104.58 -6.66 135.75
N ALA F 873 104.18 -6.23 136.95
CA ALA F 873 104.21 -7.12 138.11
C ALA F 873 103.31 -8.32 137.89
N LEU F 874 102.14 -8.10 137.28
CA LEU F 874 101.22 -9.21 137.03
C LEU F 874 101.84 -10.24 136.08
N THR F 875 102.53 -9.76 135.03
CA THR F 875 103.11 -10.68 134.06
C THR F 875 104.28 -11.47 134.66
N ARG F 876 105.12 -10.80 135.45
CA ARG F 876 106.22 -11.56 136.05
C ARG F 876 105.72 -12.53 137.11
N ILE F 877 104.61 -12.21 137.79
CA ILE F 877 104.00 -13.16 138.71
C ILE F 877 103.44 -14.36 137.95
N GLU F 878 102.70 -14.10 136.86
CA GLU F 878 102.10 -15.17 136.09
C GLU F 878 103.15 -16.06 135.43
N GLN F 879 104.31 -15.49 135.09
CA GLN F 879 105.39 -16.27 134.52
C GLN F 879 106.16 -16.97 135.63
N GLY F 880 107.30 -17.54 135.30
CA GLY F 880 108.15 -18.20 136.28
C GLY F 880 109.02 -17.27 137.10
N TRP F 881 108.91 -15.96 136.88
CA TRP F 881 109.72 -14.99 137.59
C TRP F 881 109.18 -14.75 139.00
N THR F 882 109.96 -14.03 139.79
CA THR F 882 109.63 -13.78 141.19
C THR F 882 109.99 -12.33 141.52
N TYR F 883 110.04 -12.03 142.83
CA TYR F 883 110.27 -10.67 143.30
C TYR F 883 111.77 -10.42 143.53
N GLY F 884 112.22 -9.23 143.16
CA GLY F 884 113.59 -8.83 143.36
C GLY F 884 113.79 -7.34 143.26
N PRO F 885 114.85 -6.82 143.88
CA PRO F 885 115.13 -5.38 143.76
C PRO F 885 115.87 -5.00 142.49
N VAL F 886 116.69 -5.92 141.96
CA VAL F 886 117.65 -5.58 140.92
C VAL F 886 116.97 -5.48 139.56
N ARG F 887 117.68 -4.96 138.56
CA ARG F 887 117.10 -4.59 137.27
C ARG F 887 117.32 -5.69 136.23
N ASP F 888 116.76 -6.87 136.51
CA ASP F 888 116.89 -8.00 135.58
C ASP F 888 115.70 -8.92 135.77
N ASP F 889 114.70 -8.80 134.89
CA ASP F 889 113.52 -9.67 135.00
C ASP F 889 113.86 -11.13 134.76
N ASN F 890 114.88 -11.39 133.93
CA ASN F 890 115.24 -12.77 133.59
C ASN F 890 115.74 -13.55 134.80
N LYS F 891 116.18 -12.86 135.85
CA LYS F 891 116.72 -13.49 137.05
C LYS F 891 115.77 -13.35 138.24
N ARG F 892 114.47 -13.22 137.97
CA ARG F 892 113.43 -13.11 139.00
C ARG F 892 113.59 -11.84 139.83
N LEU F 893 113.83 -10.73 139.16
CA LEU F 893 114.05 -9.43 139.80
C LEU F 893 113.18 -8.37 139.15
N HIS F 894 112.75 -7.41 139.96
CA HIS F 894 111.92 -6.29 139.53
C HIS F 894 112.74 -5.00 139.53
N PRO F 895 112.95 -4.37 138.38
CA PRO F 895 113.83 -3.18 138.35
C PRO F 895 113.34 -2.01 139.20
N CYS F 896 112.02 -1.77 139.25
CA CYS F 896 111.51 -0.60 139.96
C CYS F 896 111.63 -0.78 141.47
N LEU F 897 111.29 -1.97 141.98
CA LEU F 897 111.34 -2.34 143.39
C LEU F 897 110.41 -1.49 144.27
N VAL F 898 109.57 -0.65 143.67
CA VAL F 898 108.57 0.14 144.39
C VAL F 898 107.30 0.06 143.54
N ASN F 899 106.14 0.24 144.20
CA ASN F 899 104.88 0.30 143.48
C ASN F 899 104.92 1.37 142.40
N PHE F 900 105.29 2.60 142.78
CA PHE F 900 105.57 3.62 141.79
C PHE F 900 106.96 3.35 141.24
N HIS F 901 107.11 3.43 139.92
CA HIS F 901 108.38 3.07 139.29
C HIS F 901 109.48 4.04 139.71
N SER F 902 110.39 3.58 140.55
CA SER F 902 111.57 4.34 140.93
C SER F 902 112.69 4.11 139.89
N LEU F 903 112.33 4.41 138.65
CA LEU F 903 112.94 4.06 137.38
C LEU F 903 113.93 5.14 136.95
N PRO F 904 115.07 4.77 136.38
CA PRO F 904 116.05 5.79 135.96
C PRO F 904 115.67 6.41 134.63
N GLU F 905 116.55 7.25 134.09
CA GLU F 905 116.31 7.90 132.80
C GLU F 905 115.98 6.93 131.66
N PRO F 906 116.65 5.77 131.48
CA PRO F 906 116.27 4.88 130.37
C PRO F 906 114.83 4.37 130.40
N GLU F 907 114.47 3.66 131.47
CA GLU F 907 113.17 2.98 131.48
C GLU F 907 112.01 3.93 131.75
N ARG F 908 112.26 5.03 132.47
CA ARG F 908 111.22 6.04 132.65
C ARG F 908 110.81 6.64 131.30
N ASN F 909 111.79 7.00 130.47
CA ASN F 909 111.52 7.48 129.12
C ASN F 909 110.93 6.35 128.28
N TYR F 910 111.38 5.12 128.51
CA TYR F 910 110.85 3.94 127.81
C TYR F 910 109.33 3.87 127.92
N ASN F 911 108.79 3.97 129.14
CA ASN F 911 107.34 3.96 129.27
C ASN F 911 106.71 5.30 128.90
N LEU F 912 107.43 6.41 129.15
CA LEU F 912 106.93 7.74 128.85
C LEU F 912 106.55 7.86 127.37
N GLN F 913 107.47 7.49 126.48
CA GLN F 913 107.29 7.78 125.06
C GLN F 913 106.18 6.92 124.46
N MET F 914 106.06 5.66 124.87
CA MET F 914 105.00 4.83 124.30
C MET F 914 103.63 5.14 124.88
N SER F 915 103.53 5.51 126.16
CA SER F 915 102.25 5.99 126.66
C SER F 915 101.82 7.25 125.92
N GLY F 916 102.76 8.17 125.71
CA GLY F 916 102.46 9.35 124.91
C GLY F 916 102.06 9.00 123.50
N GLU F 917 102.76 8.06 122.87
CA GLU F 917 102.46 7.67 121.49
C GLU F 917 101.09 7.02 121.38
N THR F 918 100.66 6.26 122.39
CA THR F 918 99.30 5.75 122.40
C THR F 918 98.30 6.90 122.39
N LEU F 919 98.55 7.93 123.21
CA LEU F 919 97.68 9.10 123.16
C LEU F 919 97.76 9.82 121.80
N LYS F 920 98.93 9.81 121.17
CA LYS F 920 99.07 10.44 119.86
C LYS F 920 98.24 9.72 118.80
N THR F 921 98.25 8.39 118.81
CA THR F 921 97.41 7.65 117.86
C THR F 921 95.93 7.88 118.15
N LEU F 922 95.56 7.96 119.43
CA LEU F 922 94.18 8.30 119.77
C LEU F 922 93.77 9.63 119.15
N LEU F 923 94.57 10.68 119.39
CA LEU F 923 94.23 12.00 118.89
C LEU F 923 94.22 12.04 117.37
N ALA F 924 95.20 11.38 116.73
CA ALA F 924 95.29 11.40 115.28
C ALA F 924 94.10 10.71 114.64
N LEU F 925 93.69 9.56 115.17
CA LEU F 925 92.62 8.78 114.56
C LEU F 925 91.23 9.19 115.02
N GLY F 926 91.12 10.12 115.98
CA GLY F 926 89.84 10.74 116.28
C GLY F 926 89.30 10.49 117.68
N CYS F 927 89.95 9.68 118.50
CA CYS F 927 89.53 9.53 119.89
C CYS F 927 89.73 10.84 120.65
N HIS F 928 88.77 11.17 121.50
CA HIS F 928 88.86 12.37 122.31
C HIS F 928 89.88 12.17 123.43
N VAL F 929 90.28 13.28 124.05
CA VAL F 929 91.33 13.27 125.05
C VAL F 929 90.83 13.95 126.32
N GLY F 930 91.36 13.52 127.46
CA GLY F 930 90.95 14.00 128.77
C GLY F 930 90.29 12.87 129.53
N MET F 931 90.61 12.76 130.82
CA MET F 931 90.09 11.68 131.68
C MET F 931 89.51 12.30 132.94
N ALA F 932 88.23 12.70 132.86
CA ALA F 932 87.50 13.22 134.02
C ALA F 932 86.83 12.05 134.72
N ASP F 933 87.48 11.54 135.77
CA ASP F 933 86.98 10.32 136.42
C ASP F 933 85.71 10.57 137.22
N GLU F 934 85.59 11.75 137.84
CA GLU F 934 84.47 12.07 138.74
C GLU F 934 84.35 11.01 139.84
N LYS F 935 85.39 10.94 140.66
CA LYS F 935 85.56 10.00 141.77
C LYS F 935 85.67 8.55 141.33
N ALA F 936 85.88 8.30 140.03
CA ALA F 936 86.12 6.93 139.58
C ALA F 936 87.48 6.43 140.02
N GLU F 937 88.47 7.32 140.14
CA GLU F 937 89.76 6.92 140.69
C GLU F 937 89.63 6.49 142.14
N ASP F 938 88.81 7.20 142.92
CA ASP F 938 88.52 6.77 144.28
C ASP F 938 87.77 5.45 144.29
N ASN F 939 86.84 5.27 143.35
CA ASN F 939 86.13 4.01 143.24
C ASN F 939 87.07 2.87 142.87
N LEU F 940 88.16 3.18 142.17
CA LEU F 940 89.10 2.15 141.71
C LEU F 940 89.76 1.50 142.93
N LYS F 941 89.62 0.18 143.04
CA LYS F 941 90.05 -0.52 144.24
C LYS F 941 91.55 -0.42 144.47
N LYS F 942 92.36 -0.76 143.45
CA LYS F 942 93.81 -0.89 143.59
C LYS F 942 94.17 -1.86 144.70
N THR F 943 93.45 -2.99 144.77
CA THR F 943 93.63 -3.96 145.84
C THR F 943 93.86 -5.39 145.37
N LYS F 944 93.86 -5.63 144.06
CA LYS F 944 94.06 -6.98 143.53
C LYS F 944 95.56 -7.25 143.46
N LEU F 945 96.14 -7.57 144.61
CA LEU F 945 97.58 -7.76 144.74
C LEU F 945 97.85 -9.21 145.12
N PRO F 946 98.68 -9.94 144.35
CA PRO F 946 98.96 -11.33 144.70
C PRO F 946 99.71 -11.50 146.02
N LYS F 947 100.36 -10.44 146.51
CA LYS F 947 101.08 -10.44 147.79
C LYS F 947 102.22 -11.46 147.83
N THR F 948 102.73 -11.87 146.67
CA THR F 948 103.86 -12.77 146.62
C THR F 948 105.17 -12.07 146.93
N TYR F 949 105.20 -10.74 146.82
CA TYR F 949 106.41 -9.99 147.09
C TYR F 949 106.84 -10.15 148.54
N MET F 950 108.13 -10.34 148.75
CA MET F 950 108.69 -10.55 150.08
C MET F 950 109.24 -9.28 150.71
N MET F 951 109.42 -8.22 149.93
CA MET F 951 110.00 -6.97 150.42
C MET F 951 109.22 -5.82 149.76
N SER F 952 109.80 -4.63 149.80
CA SER F 952 109.17 -3.45 149.20
C SER F 952 109.07 -3.54 147.69
N ASN F 953 109.73 -4.52 147.07
CA ASN F 953 109.66 -4.68 145.62
C ASN F 953 108.24 -4.99 145.16
N GLY F 954 107.91 -4.51 143.97
CA GLY F 954 106.60 -4.69 143.40
C GLY F 954 105.50 -4.01 144.18
N TYR F 955 104.63 -4.82 144.81
CA TYR F 955 103.49 -4.34 145.58
C TYR F 955 102.58 -3.45 144.73
N LYS F 956 102.39 -3.83 143.47
CA LYS F 956 101.52 -3.10 142.56
C LYS F 956 100.22 -3.86 142.37
N PRO F 957 99.10 -3.39 142.90
CA PRO F 957 97.85 -4.14 142.76
C PRO F 957 97.02 -3.69 141.56
N ALA F 958 96.29 -4.64 141.01
CA ALA F 958 95.37 -4.34 139.92
C ALA F 958 94.15 -3.61 140.49
N PRO F 959 93.63 -2.60 139.78
CA PRO F 959 92.48 -1.83 140.29
C PRO F 959 91.11 -2.29 139.80
N LEU F 960 91.02 -3.43 139.11
CA LEU F 960 89.75 -3.96 138.60
C LEU F 960 89.09 -2.98 137.63
N ASP F 961 89.87 -2.57 136.62
CA ASP F 961 89.38 -1.60 135.64
C ASP F 961 88.20 -2.13 134.86
N LEU F 962 88.30 -3.37 134.37
CA LEU F 962 87.21 -3.95 133.58
C LEU F 962 85.98 -4.18 134.44
N SER F 963 86.18 -4.64 135.68
CA SER F 963 85.05 -4.89 136.56
C SER F 963 84.31 -3.60 136.90
N HIS F 964 85.05 -2.50 137.07
CA HIS F 964 84.40 -1.23 137.36
C HIS F 964 83.72 -0.65 136.14
N VAL F 965 84.37 -0.73 134.97
CA VAL F 965 83.81 -0.22 133.73
C VAL F 965 84.22 -1.16 132.60
N ARG F 966 83.24 -1.64 131.83
CA ARG F 966 83.47 -2.58 130.76
C ARG F 966 83.53 -1.86 129.41
N LEU F 967 84.08 -2.57 128.42
CA LEU F 967 84.25 -2.01 127.08
C LEU F 967 82.94 -2.05 126.31
N THR F 968 82.91 -1.30 125.21
CA THR F 968 81.78 -1.22 124.30
C THR F 968 82.24 -1.61 122.89
N PRO F 969 81.33 -2.12 122.05
CA PRO F 969 81.77 -2.59 120.72
C PRO F 969 82.41 -1.52 119.86
N ALA F 970 81.96 -0.27 119.97
CA ALA F 970 82.63 0.82 119.25
C ALA F 970 84.07 0.95 119.73
N GLN F 971 84.29 0.87 121.04
CA GLN F 971 85.65 0.95 121.57
C GLN F 971 86.49 -0.26 121.17
N THR F 972 85.87 -1.45 121.03
CA THR F 972 86.64 -2.60 120.59
C THR F 972 87.10 -2.45 119.15
N THR F 973 86.23 -1.92 118.27
CA THR F 973 86.67 -1.62 116.91
C THR F 973 87.75 -0.54 116.90
N LEU F 974 87.66 0.43 117.83
CA LEU F 974 88.74 1.39 117.98
C LEU F 974 90.04 0.70 118.35
N VAL F 975 89.97 -0.31 119.22
CA VAL F 975 91.15 -1.08 119.58
C VAL F 975 91.72 -1.78 118.35
N ASP F 976 90.84 -2.35 117.53
CA ASP F 976 91.30 -3.06 116.33
C ASP F 976 92.03 -2.14 115.37
N ARG F 977 91.47 -0.95 115.11
CA ARG F 977 92.14 -0.05 114.17
C ARG F 977 93.37 0.60 114.78
N LEU F 978 93.40 0.78 116.10
CA LEU F 978 94.61 1.31 116.74
C LEU F 978 95.76 0.31 116.65
N ALA F 979 95.48 -0.96 116.96
CA ALA F 979 96.49 -2.00 116.80
C ALA F 979 96.86 -2.16 115.33
N GLU F 980 95.92 -1.92 114.42
CA GLU F 980 96.23 -1.92 113.00
C GLU F 980 97.21 -0.81 112.65
N ASN F 981 97.02 0.38 113.22
CA ASN F 981 97.93 1.49 112.95
C ASN F 981 99.32 1.20 113.50
N GLY F 982 99.40 0.61 114.70
CA GLY F 982 100.70 0.21 115.23
C GLY F 982 101.36 -0.86 114.38
N HIS F 983 100.58 -1.84 113.92
CA HIS F 983 101.10 -2.85 113.01
C HIS F 983 101.61 -2.22 111.72
N ASN F 984 100.89 -1.21 111.22
CA ASN F 984 101.25 -0.61 109.95
C ASN F 984 102.50 0.27 110.07
N VAL F 985 102.65 0.99 111.17
CA VAL F 985 103.87 1.78 111.33
C VAL F 985 105.07 0.87 111.55
N TRP F 986 104.90 -0.22 112.30
CA TRP F 986 106.00 -1.17 112.49
C TRP F 986 106.37 -1.83 111.17
N ALA F 987 105.37 -2.22 110.39
CA ALA F 987 105.63 -2.78 109.07
C ALA F 987 106.28 -1.75 108.15
N ARG F 988 105.89 -0.48 108.27
CA ARG F 988 106.46 0.57 107.45
C ARG F 988 107.96 0.71 107.71
N ASP F 989 108.35 0.74 108.98
CA ASP F 989 109.78 0.90 109.27
C ASP F 989 110.56 -0.36 108.93
N ARG F 990 109.97 -1.54 109.13
CA ARG F 990 110.64 -2.78 108.74
C ARG F 990 110.86 -2.83 107.23
N VAL F 991 109.88 -2.38 106.46
CA VAL F 991 110.02 -2.33 105.01
C VAL F 991 111.04 -1.27 104.62
N ALA F 992 111.07 -0.15 105.33
CA ALA F 992 112.00 0.92 105.00
C ALA F 992 113.45 0.47 105.18
N GLN F 993 113.73 -0.24 106.27
CA GLN F 993 115.06 -0.83 106.40
C GLN F 993 115.23 -2.04 105.50
N GLY F 994 114.13 -2.63 105.03
CA GLY F 994 114.16 -3.74 104.10
C GLY F 994 113.90 -5.07 104.75
N TRP F 995 112.64 -5.53 104.71
CA TRP F 995 112.25 -6.81 105.26
C TRP F 995 111.32 -7.51 104.27
N SER F 996 111.17 -8.82 104.43
CA SER F 996 110.36 -9.64 103.53
C SER F 996 109.45 -10.55 104.33
N TYR F 997 108.29 -10.85 103.75
CA TYR F 997 107.33 -11.76 104.37
C TYR F 997 107.68 -13.20 104.01
N SER F 998 107.75 -14.05 105.02
CA SER F 998 107.98 -15.47 104.82
C SER F 998 107.45 -16.23 106.03
N ALA F 999 106.81 -17.38 105.78
CA ALA F 999 106.19 -18.14 106.85
C ALA F 999 107.19 -18.61 107.90
N VAL F 1000 108.46 -18.75 107.54
CA VAL F 1000 109.52 -19.03 108.49
C VAL F 1000 110.26 -17.73 108.78
N GLN F 1001 110.38 -17.39 110.05
CA GLN F 1001 110.96 -16.11 110.45
C GLN F 1001 112.48 -16.23 110.44
N ASP F 1002 113.07 -15.91 109.29
CA ASP F 1002 114.53 -15.94 109.12
C ASP F 1002 115.06 -14.57 109.52
N ILE F 1003 115.43 -14.44 110.80
CA ILE F 1003 115.91 -13.16 111.32
C ILE F 1003 117.16 -12.67 110.58
N PRO F 1004 118.18 -13.49 110.31
CA PRO F 1004 119.32 -12.97 109.52
C PRO F 1004 118.95 -12.56 108.11
N ALA F 1005 117.84 -13.06 107.56
CA ALA F 1005 117.38 -12.67 106.24
C ALA F 1005 116.31 -11.58 106.30
N ARG F 1006 116.02 -11.06 107.49
CA ARG F 1006 114.95 -10.06 107.70
C ARG F 1006 113.60 -10.59 107.23
N ARG F 1007 113.40 -11.89 107.39
CA ARG F 1007 112.18 -12.57 106.99
C ARG F 1007 111.29 -12.75 108.22
N ASN F 1008 110.00 -12.47 108.06
CA ASN F 1008 109.09 -12.56 109.18
C ASN F 1008 107.64 -12.74 108.71
N PRO F 1009 106.92 -13.71 109.26
CA PRO F 1009 105.56 -14.02 108.77
C PRO F 1009 104.48 -13.07 109.26
N ARG F 1010 104.82 -11.97 109.92
CA ARG F 1010 103.82 -11.08 110.51
C ARG F 1010 104.09 -9.62 110.18
N LEU F 1011 104.77 -9.33 109.07
CA LEU F 1011 105.07 -7.95 108.69
C LEU F 1011 104.18 -7.45 107.57
N VAL F 1012 103.30 -8.29 107.02
CA VAL F 1012 102.33 -7.86 106.03
C VAL F 1012 101.30 -7.01 106.75
N PRO F 1013 100.54 -6.13 106.04
CA PRO F 1013 99.57 -5.27 106.72
C PRO F 1013 98.58 -6.00 107.61
N TYR F 1014 98.00 -5.26 108.57
CA TYR F 1014 97.24 -5.87 109.66
C TYR F 1014 96.02 -6.64 109.18
N ARG F 1015 95.51 -6.33 107.99
CA ARG F 1015 94.33 -7.02 107.46
C ARG F 1015 94.64 -8.43 106.97
N LEU F 1016 95.83 -8.96 107.19
CA LEU F 1016 96.19 -10.29 106.69
C LEU F 1016 96.68 -11.26 107.77
N LEU F 1017 97.09 -10.78 108.93
CA LEU F 1017 97.58 -11.67 109.98
C LEU F 1017 96.46 -12.48 110.61
N ASP F 1018 96.81 -13.67 111.07
CA ASP F 1018 95.86 -14.59 111.67
C ASP F 1018 95.34 -14.03 112.99
N GLU F 1019 94.33 -14.72 113.54
CA GLU F 1019 93.66 -14.26 114.75
C GLU F 1019 94.57 -14.28 115.96
N ALA F 1020 95.64 -15.08 115.95
CA ALA F 1020 96.55 -15.11 117.08
C ALA F 1020 97.34 -13.82 117.18
N THR F 1021 97.92 -13.36 116.07
CA THR F 1021 98.66 -12.10 116.08
C THR F 1021 97.75 -10.92 116.38
N LYS F 1022 96.55 -10.92 115.80
CA LYS F 1022 95.61 -9.84 116.05
C LYS F 1022 95.24 -9.74 117.52
N ARG F 1023 94.86 -10.87 118.12
CA ARG F 1023 94.48 -10.88 119.53
C ARG F 1023 95.66 -10.52 120.42
N SER F 1024 96.84 -11.06 120.10
CA SER F 1024 98.03 -10.77 120.91
C SER F 1024 98.49 -9.33 120.79
N ASN F 1025 98.12 -8.64 119.72
CA ASN F 1025 98.46 -7.23 119.57
C ASN F 1025 97.35 -6.29 120.02
N ARG F 1026 96.14 -6.79 120.26
CA ARG F 1026 95.06 -5.93 120.71
C ARG F 1026 94.60 -6.18 122.14
N ASP F 1027 95.00 -7.29 122.77
CA ASP F 1027 94.54 -7.58 124.12
C ASP F 1027 95.12 -6.58 125.13
N SER F 1028 96.41 -6.27 125.02
CA SER F 1028 97.00 -5.26 125.89
C SER F 1028 96.39 -3.89 125.64
N LEU F 1029 96.04 -3.61 124.39
CA LEU F 1029 95.34 -2.37 124.08
C LEU F 1029 93.96 -2.33 124.74
N CYS F 1030 93.26 -3.47 124.76
CA CYS F 1030 91.98 -3.53 125.46
C CYS F 1030 92.16 -3.28 126.95
N GLN F 1031 93.23 -3.83 127.54
CA GLN F 1031 93.51 -3.54 128.95
C GLN F 1031 93.79 -2.06 129.17
N ALA F 1032 94.50 -1.42 128.25
CA ALA F 1032 94.72 0.02 128.32
C ALA F 1032 93.38 0.76 128.26
N VAL F 1033 92.45 0.27 127.44
CA VAL F 1033 91.13 0.89 127.36
C VAL F 1033 90.37 0.71 128.67
N ARG F 1034 90.52 -0.45 129.33
CA ARG F 1034 89.93 -0.61 130.65
C ARG F 1034 90.51 0.40 131.63
N THR F 1035 91.82 0.66 131.54
CA THR F 1035 92.44 1.66 132.40
C THR F 1035 91.88 3.06 132.14
N LEU F 1036 91.65 3.40 130.87
CA LEU F 1036 91.04 4.68 130.55
C LEU F 1036 89.62 4.77 131.10
N LEU F 1037 88.84 3.69 130.96
CA LEU F 1037 87.47 3.69 131.48
C LEU F 1037 87.46 3.83 133.00
N GLY F 1038 88.39 3.16 133.68
CA GLY F 1038 88.54 3.35 135.11
C GLY F 1038 88.93 4.77 135.47
N TYR F 1039 89.71 5.42 134.61
CA TYR F 1039 90.04 6.84 134.78
C TYR F 1039 88.95 7.76 134.28
N GLY F 1040 87.82 7.23 133.82
CA GLY F 1040 86.71 8.05 133.39
C GLY F 1040 87.02 8.87 132.14
N TYR F 1041 87.64 8.24 131.15
CA TYR F 1041 88.06 8.95 129.95
C TYR F 1041 86.85 9.46 129.18
N ASN F 1042 86.96 10.68 128.66
CA ASN F 1042 85.94 11.27 127.81
C ASN F 1042 86.13 10.90 126.34
N ILE F 1043 86.81 9.79 126.07
CA ILE F 1043 87.07 9.36 124.70
C ILE F 1043 85.75 9.00 124.02
N GLU F 1044 85.55 9.52 122.81
CA GLU F 1044 84.36 9.25 122.03
C GLU F 1044 84.79 8.74 120.65
N PRO F 1045 84.23 7.62 120.19
CA PRO F 1045 84.58 7.10 118.86
C PRO F 1045 84.19 8.10 117.78
N PRO F 1046 85.01 8.22 116.72
CA PRO F 1046 84.79 9.10 115.55
C PRO F 1046 83.39 8.96 114.96
N ASN F 1055 83.84 6.05 83.71
CA ASN F 1055 83.01 5.55 84.80
C ASN F 1055 83.15 4.04 84.92
N GLN F 1056 83.28 3.54 86.15
CA GLN F 1056 83.43 2.11 86.41
C GLN F 1056 82.24 1.64 87.23
N SER F 1057 81.37 0.86 86.62
CA SER F 1057 80.19 0.33 87.29
C SER F 1057 80.49 -0.97 88.04
N ARG F 1058 81.73 -1.44 88.01
CA ARG F 1058 82.15 -2.68 88.65
C ARG F 1058 81.34 -3.87 88.11
N TRP F 1059 81.40 -4.04 86.79
CA TRP F 1059 80.82 -5.22 86.18
C TRP F 1059 81.61 -6.48 86.51
N ASP F 1060 82.88 -6.33 86.91
CA ASP F 1060 83.70 -7.48 87.22
C ASP F 1060 83.20 -8.21 88.46
N ARG F 1061 82.57 -7.50 89.39
CA ARG F 1061 82.10 -8.09 90.63
C ARG F 1061 80.71 -8.69 90.52
N VAL F 1062 80.07 -8.59 89.36
CA VAL F 1062 78.72 -9.11 89.17
C VAL F 1062 78.71 -10.05 87.98
N ARG F 1063 77.89 -11.09 88.08
CA ARG F 1063 77.75 -12.07 87.01
C ARG F 1063 76.29 -12.43 86.85
N ILE F 1064 75.79 -12.34 85.62
CA ILE F 1064 74.40 -12.64 85.30
C ILE F 1064 74.34 -14.00 84.61
N PHE F 1065 73.45 -14.86 85.09
CA PHE F 1065 73.26 -16.19 84.53
C PHE F 1065 71.80 -16.30 84.09
N ARG F 1066 71.59 -16.63 82.81
CA ARG F 1066 70.25 -16.66 82.26
C ARG F 1066 70.09 -17.90 81.39
N ALA F 1067 68.91 -18.51 81.43
CA ALA F 1067 68.65 -19.65 80.54
C ALA F 1067 68.63 -19.20 79.09
N GLU F 1068 68.95 -20.13 78.19
CA GLU F 1068 69.09 -19.80 76.77
C GLU F 1068 67.77 -19.29 76.20
N LYS F 1069 67.88 -18.34 75.27
CA LYS F 1069 66.70 -17.67 74.71
C LYS F 1069 65.81 -18.60 73.89
N SER F 1070 66.22 -19.84 73.65
CA SER F 1070 65.33 -20.79 73.02
C SER F 1070 64.32 -21.40 73.98
N TYR F 1071 64.48 -21.14 75.28
CA TYR F 1071 63.59 -21.69 76.30
C TYR F 1071 62.61 -20.67 76.85
N THR F 1072 62.40 -19.56 76.14
CA THR F 1072 61.48 -18.54 76.61
C THR F 1072 60.07 -19.10 76.70
N VAL F 1073 59.32 -18.60 77.68
CA VAL F 1073 57.93 -18.97 77.87
C VAL F 1073 57.08 -17.71 77.79
N GLN F 1074 56.04 -17.76 76.97
CA GLN F 1074 55.08 -16.68 76.88
C GLN F 1074 53.70 -17.09 77.38
N SER F 1075 53.54 -18.33 77.82
CA SER F 1075 52.28 -18.81 78.37
C SER F 1075 52.58 -19.95 79.33
N GLY F 1076 51.72 -20.10 80.33
CA GLY F 1076 51.87 -21.15 81.32
C GLY F 1076 52.29 -20.60 82.67
N ARG F 1077 52.42 -21.51 83.62
CA ARG F 1077 52.79 -21.20 85.00
C ARG F 1077 54.00 -22.03 85.37
N TRP F 1078 55.11 -21.37 85.68
CA TRP F 1078 56.39 -22.04 85.84
C TRP F 1078 57.00 -21.74 87.21
N TYR F 1079 58.02 -22.52 87.54
CA TYR F 1079 58.60 -22.55 88.88
C TYR F 1079 60.04 -23.04 88.79
N PHE F 1080 60.98 -22.26 89.32
CA PHE F 1080 62.38 -22.66 89.32
C PHE F 1080 63.04 -22.22 90.61
N GLU F 1081 63.79 -23.10 91.24
CA GLU F 1081 64.36 -22.83 92.55
C GLU F 1081 65.76 -22.26 92.44
N PHE F 1082 66.09 -21.43 93.44
CA PHE F 1082 67.46 -20.94 93.62
C PHE F 1082 67.85 -21.24 95.05
N GLU F 1083 68.85 -22.10 95.22
CA GLU F 1083 69.35 -22.48 96.53
C GLU F 1083 70.52 -21.57 96.89
N ALA F 1084 70.57 -21.14 98.14
CA ALA F 1084 71.61 -20.24 98.62
C ALA F 1084 72.65 -21.05 99.40
N VAL F 1085 73.91 -20.92 99.02
CA VAL F 1085 75.01 -21.50 99.78
C VAL F 1085 75.66 -20.46 100.68
N THR F 1086 75.94 -19.28 100.13
CA THR F 1086 76.44 -18.15 100.90
C THR F 1086 75.36 -17.07 100.96
N THR F 1087 75.58 -16.10 101.83
CA THR F 1087 74.67 -14.98 101.99
C THR F 1087 75.36 -13.73 101.47
N GLY F 1088 74.92 -13.25 100.32
CA GLY F 1088 75.46 -12.05 99.73
C GLY F 1088 74.43 -11.40 98.84
N GLU F 1089 74.92 -10.58 97.91
CA GLU F 1089 74.05 -9.90 96.95
C GLU F 1089 73.64 -10.89 95.87
N MET F 1090 72.63 -11.70 96.19
CA MET F 1090 72.10 -12.69 95.26
C MET F 1090 70.71 -12.28 94.83
N ARG F 1091 70.54 -12.11 93.53
CA ARG F 1091 69.28 -11.70 92.92
C ARG F 1091 68.76 -12.86 92.09
N VAL F 1092 67.45 -13.04 92.08
CA VAL F 1092 66.85 -14.15 91.35
C VAL F 1092 65.49 -13.72 90.84
N GLY F 1093 65.12 -14.21 89.66
CA GLY F 1093 63.81 -13.86 89.13
C GLY F 1093 63.71 -14.18 87.65
N TRP F 1094 62.83 -13.45 86.97
CA TRP F 1094 62.55 -13.64 85.55
C TRP F 1094 62.90 -12.38 84.79
N ALA F 1095 63.55 -12.55 83.65
CA ALA F 1095 64.01 -11.42 82.85
C ALA F 1095 63.58 -11.58 81.40
N ARG F 1096 63.35 -10.45 80.75
CA ARG F 1096 63.11 -10.46 79.32
C ARG F 1096 64.38 -10.92 78.60
N PRO F 1097 64.23 -11.66 77.50
CA PRO F 1097 65.40 -12.27 76.87
C PRO F 1097 66.41 -11.28 76.32
N GLU F 1098 66.02 -10.03 76.12
CA GLU F 1098 66.89 -9.02 75.52
C GLU F 1098 67.52 -8.11 76.57
N LEU F 1099 67.73 -8.62 77.79
CA LEU F 1099 68.28 -7.81 78.85
C LEU F 1099 69.73 -7.44 78.55
N ARG F 1100 70.10 -6.23 78.95
CA ARG F 1100 71.43 -5.73 78.64
C ARG F 1100 72.43 -6.27 79.66
N PRO F 1101 73.56 -6.83 79.21
CA PRO F 1101 74.49 -7.45 80.16
C PRO F 1101 75.25 -6.46 81.01
N ASP F 1102 75.48 -5.24 80.52
CA ASP F 1102 76.27 -4.27 81.29
C ASP F 1102 75.52 -3.80 82.52
N VAL F 1103 74.26 -3.42 82.36
CA VAL F 1103 73.48 -2.88 83.45
C VAL F 1103 72.97 -4.03 84.33
N GLU F 1104 72.93 -3.79 85.63
CA GLU F 1104 72.59 -4.84 86.59
C GLU F 1104 71.09 -5.13 86.55
N LEU F 1105 70.71 -6.23 87.19
CA LEU F 1105 69.32 -6.66 87.23
C LEU F 1105 68.48 -5.70 88.06
N GLY F 1106 67.23 -5.51 87.63
CA GLY F 1106 66.30 -4.64 88.31
C GLY F 1106 66.40 -3.18 87.91
N ALA F 1107 67.61 -2.69 87.60
CA ALA F 1107 67.75 -1.32 87.15
C ALA F 1107 67.01 -1.09 85.83
N ASP F 1108 67.04 -2.07 84.95
CA ASP F 1108 66.32 -2.01 83.69
C ASP F 1108 64.90 -2.50 83.88
N GLU F 1109 64.02 -2.09 82.96
CA GLU F 1109 62.67 -2.61 82.95
C GLU F 1109 62.57 -4.02 82.40
N LEU F 1110 63.66 -4.56 81.85
CA LEU F 1110 63.67 -5.90 81.30
C LEU F 1110 64.02 -6.96 82.34
N ALA F 1111 63.87 -6.68 83.62
CA ALA F 1111 64.24 -7.63 84.66
C ALA F 1111 63.28 -7.49 85.83
N TYR F 1112 62.44 -8.50 86.03
CA TYR F 1112 61.65 -8.62 87.25
C TYR F 1112 62.43 -9.55 88.17
N VAL F 1113 63.26 -8.95 89.02
CA VAL F 1113 64.19 -9.71 89.84
C VAL F 1113 63.96 -9.32 91.30
N PHE F 1114 64.41 -10.18 92.20
CA PHE F 1114 64.28 -9.93 93.63
C PHE F 1114 65.63 -10.21 94.28
N ASN F 1115 66.14 -9.22 95.00
CA ASN F 1115 67.42 -9.33 95.70
C ASN F 1115 67.16 -9.85 97.11
N GLY F 1116 67.60 -11.07 97.38
CA GLY F 1116 67.35 -11.67 98.67
C GLY F 1116 68.34 -11.33 99.76
N HIS F 1117 69.34 -10.50 99.46
CA HIS F 1117 70.26 -10.05 100.50
C HIS F 1117 69.51 -9.23 101.55
N ARG F 1118 68.59 -8.39 101.12
CA ARG F 1118 67.73 -7.64 102.02
C ARG F 1118 66.24 -7.92 101.76
N GLY F 1119 65.94 -8.86 100.86
CA GLY F 1119 64.56 -9.21 100.56
C GLY F 1119 63.89 -8.32 99.53
N GLN F 1120 64.56 -7.28 99.05
CA GLN F 1120 63.89 -6.23 98.30
C GLN F 1120 63.73 -6.61 96.83
N ARG F 1121 62.54 -6.37 96.29
CA ARG F 1121 62.28 -6.65 94.90
C ARG F 1121 62.74 -5.50 94.01
N TRP F 1122 62.79 -5.76 92.71
CA TRP F 1122 63.39 -4.84 91.75
C TRP F 1122 62.70 -5.04 90.40
N HIS F 1123 61.91 -4.06 89.98
CA HIS F 1123 61.42 -4.00 88.61
C HIS F 1123 62.00 -2.81 87.87
N LEU F 1124 61.81 -1.60 88.41
CA LEU F 1124 62.47 -0.42 87.89
C LEU F 1124 63.28 0.29 88.96
N GLY F 1125 63.34 -0.27 90.15
CA GLY F 1125 64.10 0.32 91.24
C GLY F 1125 63.98 -0.55 92.47
N SER F 1126 64.63 -0.11 93.54
CA SER F 1126 64.56 -0.83 94.80
C SER F 1126 63.17 -0.72 95.41
N GLU F 1127 62.65 -1.84 95.90
CA GLU F 1127 61.36 -1.83 96.58
C GLU F 1127 61.39 -2.78 97.78
N PRO F 1128 61.22 -2.27 98.99
CA PRO F 1128 61.22 -3.14 100.17
C PRO F 1128 60.13 -4.20 100.07
N PHE F 1129 60.50 -5.43 100.44
CA PHE F 1129 59.62 -6.58 100.27
C PHE F 1129 60.24 -7.73 101.05
N GLY F 1130 59.40 -8.67 101.47
CA GLY F 1130 59.83 -9.93 102.05
C GLY F 1130 60.75 -9.75 103.23
N ARG F 1131 61.66 -10.71 103.40
CA ARG F 1131 62.66 -10.67 104.44
C ARG F 1131 64.01 -11.11 103.87
N PRO F 1132 65.11 -10.61 104.42
CA PRO F 1132 66.42 -11.13 104.03
C PRO F 1132 66.54 -12.61 104.39
N TRP F 1133 67.31 -13.32 103.59
CA TRP F 1133 67.45 -14.76 103.76
C TRP F 1133 68.81 -15.09 104.41
N GLN F 1134 69.05 -16.38 104.56
CA GLN F 1134 70.29 -16.90 105.13
C GLN F 1134 70.82 -18.02 104.25
N SER F 1135 71.94 -18.59 104.65
CA SER F 1135 72.49 -19.75 103.96
C SER F 1135 71.56 -20.95 104.13
N GLY F 1136 71.41 -21.73 103.08
CA GLY F 1136 70.54 -22.89 103.08
C GLY F 1136 69.12 -22.61 102.66
N ASP F 1137 68.76 -21.35 102.41
CA ASP F 1137 67.40 -21.01 102.01
C ASP F 1137 67.23 -21.20 100.51
N VAL F 1138 66.07 -21.72 100.12
CA VAL F 1138 65.71 -21.91 98.72
C VAL F 1138 64.55 -20.98 98.40
N VAL F 1139 64.63 -20.31 97.25
CA VAL F 1139 63.59 -19.38 96.82
C VAL F 1139 62.94 -19.94 95.55
N GLY F 1140 61.61 -19.97 95.55
CA GLY F 1140 60.82 -20.71 94.58
C GLY F 1140 60.52 -20.04 93.26
N CYS F 1141 60.23 -18.74 93.30
CA CYS F 1141 60.14 -17.89 92.10
C CYS F 1141 59.12 -18.43 91.07
N MET F 1142 57.87 -18.56 91.50
CA MET F 1142 56.86 -18.97 90.54
C MET F 1142 56.42 -17.76 89.72
N ILE F 1143 56.10 -18.00 88.46
CA ILE F 1143 55.53 -16.98 87.58
C ILE F 1143 54.31 -17.57 86.90
N ASP F 1144 53.28 -16.75 86.72
CA ASP F 1144 52.10 -17.16 85.97
C ASP F 1144 51.75 -16.06 84.97
N LEU F 1145 51.82 -16.41 83.69
CA LEU F 1145 51.53 -15.47 82.61
C LEU F 1145 50.05 -15.39 82.31
N THR F 1146 49.24 -16.27 82.89
CA THR F 1146 47.79 -16.14 82.77
C THR F 1146 47.28 -15.00 83.63
N GLU F 1147 47.80 -14.87 84.84
CA GLU F 1147 47.46 -13.78 85.74
C GLU F 1147 48.48 -12.65 85.72
N ASN F 1148 49.53 -12.77 84.90
CA ASN F 1148 50.51 -11.70 84.71
C ASN F 1148 51.21 -11.31 86.00
N THR F 1149 51.60 -12.29 86.81
CA THR F 1149 52.23 -11.97 88.08
C THR F 1149 53.39 -12.93 88.36
N ILE F 1150 54.23 -12.53 89.31
CA ILE F 1150 55.33 -13.34 89.82
C ILE F 1150 55.25 -13.35 91.34
N ILE F 1151 55.36 -14.53 91.93
CA ILE F 1151 55.26 -14.70 93.38
C ILE F 1151 56.48 -15.48 93.86
N PHE F 1152 57.15 -14.95 94.88
CA PHE F 1152 58.34 -15.57 95.43
C PHE F 1152 58.02 -16.28 96.74
N THR F 1153 58.60 -17.46 96.92
CA THR F 1153 58.52 -18.20 98.18
C THR F 1153 59.91 -18.39 98.75
N LEU F 1154 60.04 -18.26 100.06
CA LEU F 1154 61.30 -18.46 100.76
C LEU F 1154 61.12 -19.63 101.72
N ASN F 1155 61.82 -20.73 101.44
CA ASN F 1155 61.73 -21.97 102.22
C ASN F 1155 60.29 -22.47 102.30
N GLY F 1156 59.58 -22.41 101.17
CA GLY F 1156 58.24 -22.94 101.09
C GLY F 1156 57.16 -22.03 101.63
N GLU F 1157 57.51 -20.85 102.12
CA GLU F 1157 56.54 -19.91 102.66
C GLU F 1157 56.54 -18.66 101.79
N VAL F 1158 55.35 -18.22 101.40
CA VAL F 1158 55.21 -17.10 100.47
C VAL F 1158 55.75 -15.84 101.13
N LEU F 1159 56.72 -15.20 100.49
CA LEU F 1159 57.21 -13.91 100.97
C LEU F 1159 56.11 -12.87 100.82
N MET F 1160 56.06 -11.95 101.79
CA MET F 1160 54.98 -10.99 101.90
C MET F 1160 55.52 -9.57 101.73
N SER F 1161 54.80 -8.76 100.97
CA SER F 1161 55.21 -7.39 100.75
C SER F 1161 54.84 -6.52 101.96
N ASP F 1162 55.30 -5.27 101.91
CA ASP F 1162 54.99 -4.33 102.98
C ASP F 1162 53.50 -4.04 103.06
N SER F 1163 52.84 -3.95 101.90
CA SER F 1163 51.41 -3.71 101.85
C SER F 1163 50.58 -4.96 102.11
N GLY F 1164 51.22 -6.12 102.18
CA GLY F 1164 50.51 -7.37 102.42
C GLY F 1164 50.06 -8.09 101.18
N SER F 1165 50.59 -7.74 100.01
CA SER F 1165 50.22 -8.37 98.76
C SER F 1165 51.09 -9.60 98.51
N GLU F 1166 50.45 -10.69 98.08
CA GLU F 1166 51.18 -11.93 97.84
C GLU F 1166 52.10 -11.81 96.63
N THR F 1167 51.57 -11.29 95.52
CA THR F 1167 52.36 -11.16 94.30
C THR F 1167 53.31 -9.99 94.41
N ALA F 1168 54.58 -10.22 94.04
CA ALA F 1168 55.55 -9.14 94.10
C ALA F 1168 55.34 -8.13 92.97
N PHE F 1169 55.05 -8.62 91.77
CA PHE F 1169 54.84 -7.77 90.60
C PHE F 1169 53.52 -8.12 89.95
N ARG F 1170 52.83 -7.10 89.42
CA ARG F 1170 51.56 -7.27 88.75
C ARG F 1170 51.57 -6.50 87.44
N GLU F 1171 50.49 -6.67 86.67
CA GLU F 1171 50.26 -5.94 85.42
C GLU F 1171 51.43 -6.11 84.44
N ILE F 1172 51.91 -7.34 84.32
CA ILE F 1172 53.02 -7.65 83.42
C ILE F 1172 52.45 -7.95 82.04
N GLU F 1173 52.88 -7.17 81.05
CA GLU F 1173 52.49 -7.44 79.68
C GLU F 1173 53.13 -8.74 79.18
N ILE F 1174 52.56 -9.28 78.11
CA ILE F 1174 53.00 -10.57 77.61
C ILE F 1174 54.43 -10.49 77.09
N GLY F 1175 54.84 -9.35 76.55
CA GLY F 1175 56.16 -9.07 76.04
C GLY F 1175 56.64 -10.13 75.06
N ASP F 1176 57.96 -10.30 75.00
CA ASP F 1176 58.57 -11.34 74.19
C ASP F 1176 58.69 -12.67 74.93
N GLY F 1177 58.39 -12.69 76.22
CA GLY F 1177 58.59 -13.86 77.05
C GLY F 1177 59.49 -13.54 78.23
N PHE F 1178 59.73 -14.57 79.04
CA PHE F 1178 60.55 -14.40 80.22
C PHE F 1178 61.40 -15.64 80.43
N LEU F 1179 62.57 -15.42 81.03
CA LEU F 1179 63.59 -16.43 81.19
C LEU F 1179 64.10 -16.44 82.63
N PRO F 1180 64.43 -17.60 83.16
CA PRO F 1180 65.04 -17.66 84.49
C PRO F 1180 66.39 -16.95 84.48
N VAL F 1181 66.58 -16.07 85.46
CA VAL F 1181 67.78 -15.26 85.56
C VAL F 1181 68.19 -15.15 87.02
N CYS F 1182 69.50 -15.03 87.24
CA CYS F 1182 70.04 -14.85 88.57
C CYS F 1182 71.34 -14.07 88.49
N SER F 1183 71.54 -13.17 89.44
CA SER F 1183 72.74 -12.35 89.53
C SER F 1183 73.47 -12.69 90.82
N LEU F 1184 74.78 -12.94 90.71
CA LEU F 1184 75.59 -13.31 91.85
C LEU F 1184 76.60 -12.19 92.13
N GLY F 1185 76.67 -11.76 93.39
CA GLY F 1185 77.67 -10.81 93.79
C GLY F 1185 79.01 -11.48 94.01
N PRO F 1186 80.00 -10.66 94.42
CA PRO F 1186 81.36 -11.18 94.57
C PRO F 1186 81.45 -12.20 95.69
N GLY F 1187 81.94 -13.38 95.36
CA GLY F 1187 82.08 -14.45 96.33
C GLY F 1187 80.76 -15.01 96.82
N GLN F 1188 79.85 -15.28 95.89
CA GLN F 1188 78.56 -15.86 96.22
C GLN F 1188 78.39 -17.18 95.48
N VAL F 1189 77.76 -18.14 96.16
CA VAL F 1189 77.54 -19.48 95.60
C VAL F 1189 76.06 -19.80 95.68
N GLY F 1190 75.50 -20.20 94.54
CA GLY F 1190 74.10 -20.58 94.47
C GLY F 1190 73.92 -21.83 93.64
N HIS F 1191 72.71 -22.38 93.72
CA HIS F 1191 72.32 -23.56 92.96
C HIS F 1191 71.03 -23.24 92.21
N LEU F 1192 71.14 -22.97 90.92
CA LEU F 1192 69.99 -22.61 90.10
C LEU F 1192 69.35 -23.89 89.60
N ASN F 1193 68.45 -24.46 90.40
CA ASN F 1193 67.77 -25.69 90.03
C ASN F 1193 66.53 -25.32 89.23
N LEU F 1194 66.62 -25.40 87.90
CA LEU F 1194 65.49 -25.04 87.06
C LEU F 1194 64.32 -25.98 87.27
N GLY F 1195 64.57 -27.23 87.65
CA GLY F 1195 63.49 -28.16 87.90
C GLY F 1195 63.52 -29.34 86.96
N GLN F 1196 64.72 -29.70 86.49
CA GLN F 1196 64.84 -30.84 85.60
C GLN F 1196 64.40 -32.12 86.27
N ASP F 1197 64.75 -32.31 87.53
CA ASP F 1197 64.39 -33.50 88.29
C ASP F 1197 63.56 -33.11 89.49
N VAL F 1198 62.39 -33.73 89.63
CA VAL F 1198 61.43 -33.34 90.66
C VAL F 1198 61.94 -33.72 92.04
N SER F 1199 62.56 -34.89 92.18
CA SER F 1199 63.06 -35.31 93.49
C SER F 1199 64.16 -34.38 93.96
N SER F 1200 65.02 -33.91 93.05
CA SER F 1200 65.98 -32.88 93.40
C SER F 1200 65.30 -31.56 93.70
N LEU F 1201 64.18 -31.29 93.06
CA LEU F 1201 63.44 -30.05 93.30
C LEU F 1201 62.72 -30.10 94.64
N ARG F 1202 63.37 -29.57 95.68
CA ARG F 1202 62.79 -29.54 97.00
C ARG F 1202 61.71 -28.46 97.10
N PHE F 1203 60.80 -28.64 98.06
CA PHE F 1203 59.79 -27.67 98.46
C PHE F 1203 58.79 -27.36 97.34
N PHE F 1204 58.88 -28.04 96.20
CA PHE F 1204 57.91 -27.84 95.13
C PHE F 1204 56.52 -28.28 95.56
N ALA F 1205 56.44 -29.41 96.26
CA ALA F 1205 55.17 -29.84 96.83
C ALA F 1205 54.71 -28.88 97.92
N ILE F 1206 55.64 -28.26 98.63
CA ILE F 1206 55.28 -27.27 99.64
C ILE F 1206 54.61 -26.07 98.98
N CYS F 1207 55.14 -25.61 97.85
CA CYS F 1207 54.51 -24.52 97.13
C CYS F 1207 54.73 -24.72 95.63
N GLY F 1208 53.72 -25.26 94.96
CA GLY F 1208 53.70 -25.30 93.52
C GLY F 1208 53.07 -26.54 92.92
N LEU F 1209 53.09 -27.65 93.65
CA LEU F 1209 52.53 -28.89 93.10
C LEU F 1209 51.02 -28.80 92.96
N GLN F 1210 50.34 -28.36 94.01
CA GLN F 1210 48.89 -28.20 93.96
C GLN F 1210 48.46 -26.82 93.51
N GLU F 1211 49.40 -25.87 93.40
CA GLU F 1211 49.06 -24.54 92.92
C GLU F 1211 49.01 -24.47 91.41
N GLY F 1212 49.29 -25.57 90.72
CA GLY F 1212 49.24 -25.61 89.27
C GLY F 1212 50.49 -25.14 88.57
N PHE F 1213 51.49 -24.68 89.30
CA PHE F 1213 52.74 -24.28 88.67
C PHE F 1213 53.54 -25.51 88.27
N GLU F 1214 54.44 -25.33 87.30
CA GLU F 1214 55.13 -26.45 86.73
C GLU F 1214 56.63 -26.21 86.80
N PRO F 1215 57.44 -27.24 87.04
CA PRO F 1215 58.89 -27.05 87.06
C PRO F 1215 59.38 -26.60 85.69
N PHE F 1216 60.07 -25.46 85.68
CA PHE F 1216 60.60 -24.93 84.43
C PHE F 1216 61.57 -25.93 83.82
N ALA F 1217 61.30 -26.31 82.58
CA ALA F 1217 62.15 -27.22 81.83
C ALA F 1217 62.31 -28.55 82.56
N ILE F 1218 61.19 -29.26 82.68
CA ILE F 1218 61.17 -30.54 83.39
C ILE F 1218 61.23 -31.72 82.43
N ASN F 1219 60.40 -31.72 81.40
CA ASN F 1219 60.37 -32.86 80.48
C ASN F 1219 61.55 -32.88 79.52
N MET F 1220 62.27 -31.76 79.37
CA MET F 1220 63.39 -31.74 78.45
C MET F 1220 64.51 -32.63 78.97
N GLN F 1221 64.94 -33.57 78.13
CA GLN F 1221 65.86 -34.61 78.57
C GLN F 1221 67.25 -34.03 78.82
N ARG F 1222 67.73 -33.22 77.90
CA ARG F 1222 69.06 -32.66 78.09
C ARG F 1222 69.01 -31.50 79.09
N PRO F 1223 70.09 -31.25 79.82
CA PRO F 1223 70.12 -30.10 80.73
C PRO F 1223 70.04 -28.80 79.96
N VAL F 1224 69.48 -27.79 80.62
CA VAL F 1224 69.28 -26.49 79.99
C VAL F 1224 70.61 -25.76 79.91
N THR F 1225 70.97 -25.35 78.71
CA THR F 1225 72.16 -24.52 78.54
C THR F 1225 71.89 -23.13 79.08
N THR F 1226 72.91 -22.52 79.67
CA THR F 1226 72.80 -21.20 80.28
C THR F 1226 73.92 -20.30 79.77
N TRP F 1227 73.70 -19.01 79.90
CA TRP F 1227 74.61 -17.98 79.42
C TRP F 1227 75.02 -17.10 80.57
N PHE F 1228 76.32 -16.89 80.72
CA PHE F 1228 76.86 -16.04 81.77
C PHE F 1228 77.41 -14.77 81.16
N SER F 1229 77.40 -13.70 81.94
CA SER F 1229 77.92 -12.41 81.48
C SER F 1229 79.43 -12.46 81.57
N LYS F 1230 80.08 -12.81 80.46
CA LYS F 1230 81.52 -12.73 80.37
C LYS F 1230 82.00 -11.31 80.61
N SER F 1231 82.95 -11.17 81.53
CA SER F 1231 83.49 -9.88 81.92
C SER F 1231 84.62 -9.40 81.02
N LEU F 1232 85.06 -10.21 80.08
CA LEU F 1232 86.15 -9.82 79.20
C LEU F 1232 85.63 -8.76 78.23
N PRO F 1233 86.17 -7.56 78.23
CA PRO F 1233 85.69 -6.53 77.30
C PRO F 1233 86.00 -6.91 75.87
N GLN F 1234 85.12 -6.50 74.97
CA GLN F 1234 85.28 -6.85 73.57
C GLN F 1234 84.82 -5.70 72.69
N PHE F 1235 85.45 -5.56 71.53
CA PHE F 1235 85.01 -4.56 70.58
C PHE F 1235 83.76 -5.03 69.88
N GLU F 1236 82.75 -4.17 69.83
CA GLU F 1236 81.54 -4.41 69.07
C GLU F 1236 81.26 -3.20 68.19
N PRO F 1237 80.58 -3.40 67.07
CA PRO F 1237 80.30 -2.27 66.17
C PRO F 1237 79.48 -1.20 66.86
N VAL F 1238 79.66 0.03 66.42
CA VAL F 1238 78.98 1.15 67.08
C VAL F 1238 77.47 0.98 66.93
N PRO F 1239 76.69 1.20 67.98
CA PRO F 1239 75.24 1.14 67.85
C PRO F 1239 74.69 2.48 67.42
N PRO F 1240 73.92 2.53 66.34
CA PRO F 1240 73.18 3.77 66.01
C PRO F 1240 72.16 4.12 67.07
N GLU F 1241 71.71 3.13 67.85
CA GLU F 1241 70.75 3.32 68.93
C GLU F 1241 71.38 3.90 70.19
N HIS F 1242 72.69 4.07 70.21
CA HIS F 1242 73.36 4.65 71.37
C HIS F 1242 72.91 6.09 71.55
N PRO F 1243 72.40 6.48 72.72
CA PRO F 1243 71.92 7.84 72.90
C PRO F 1243 73.01 8.85 73.22
N HIS F 1244 74.25 8.42 73.38
CA HIS F 1244 75.32 9.31 73.78
C HIS F 1244 76.37 9.55 72.70
N TYR F 1245 76.62 8.58 71.82
CA TYR F 1245 77.66 8.68 70.82
C TYR F 1245 77.05 8.61 69.43
N GLU F 1246 77.63 9.37 68.49
CA GLU F 1246 77.18 9.38 67.11
C GLU F 1246 78.38 9.32 66.19
N VAL F 1247 78.22 8.63 65.06
CA VAL F 1247 79.24 8.58 64.02
C VAL F 1247 78.61 9.04 62.71
N ALA F 1248 79.28 9.96 62.03
CA ALA F 1248 78.86 10.44 60.72
C ALA F 1248 79.90 10.02 59.69
N ARG F 1249 79.48 9.32 58.65
CA ARG F 1249 80.37 8.84 57.61
C ARG F 1249 80.17 9.68 56.35
N MET F 1250 81.24 10.30 55.88
CA MET F 1250 81.18 11.11 54.67
C MET F 1250 82.27 10.67 53.70
N ASP F 1251 81.87 10.46 52.45
CA ASP F 1251 82.75 10.04 51.37
C ASP F 1251 82.74 11.05 50.23
N GLY F 1252 83.63 10.85 49.27
CA GLY F 1252 83.75 11.75 48.15
C GLY F 1252 84.19 13.14 48.52
N THR F 1253 84.79 13.30 49.70
CA THR F 1253 85.15 14.62 50.20
C THR F 1253 86.28 15.22 49.37
N VAL F 1254 86.19 16.52 49.13
CA VAL F 1254 87.16 17.24 48.31
C VAL F 1254 88.19 17.88 49.23
N ASP F 1255 89.47 17.70 48.88
CA ASP F 1255 90.60 18.22 49.66
C ASP F 1255 90.58 17.59 51.06
N THR F 1256 89.98 16.40 51.16
CA THR F 1256 89.79 15.70 52.42
C THR F 1256 89.65 14.23 52.08
N PRO F 1257 90.27 13.33 52.82
CA PRO F 1257 90.01 11.90 52.63
C PRO F 1257 88.63 11.54 53.15
N PRO F 1258 88.09 10.39 52.74
CA PRO F 1258 86.83 9.92 53.35
C PRO F 1258 86.99 9.77 54.85
N CYS F 1259 85.96 10.21 55.58
CA CYS F 1259 86.11 10.42 57.02
C CYS F 1259 84.91 9.88 57.76
N LEU F 1260 85.16 9.51 59.02
CA LEU F 1260 84.12 9.09 59.95
C LEU F 1260 84.31 9.90 61.23
N ARG F 1261 83.37 10.78 61.52
CA ARG F 1261 83.47 11.67 62.67
C ARG F 1261 82.66 11.12 63.83
N LEU F 1262 83.33 10.92 64.96
CA LEU F 1262 82.67 10.55 66.20
C LEU F 1262 82.41 11.82 67.00
N ALA F 1263 81.15 12.06 67.34
CA ALA F 1263 80.73 13.22 68.10
C ALA F 1263 79.83 12.79 69.24
N HIS F 1264 79.73 13.66 70.24
CA HIS F 1264 78.93 13.40 71.43
C HIS F 1264 77.52 13.96 71.21
N ARG F 1265 76.53 13.07 71.21
CA ARG F 1265 75.16 13.49 70.95
C ARG F 1265 74.60 14.34 72.08
N THR F 1266 75.06 14.12 73.31
CA THR F 1266 74.51 14.78 74.49
C THR F 1266 75.65 15.31 75.36
N TRP F 1267 76.63 15.94 74.73
CA TRP F 1267 77.73 16.53 75.48
C TRP F 1267 77.26 17.72 76.29
N GLY F 1268 77.73 17.80 77.53
CA GLY F 1268 77.37 18.92 78.40
C GLY F 1268 75.90 18.99 78.73
N SER F 1269 75.27 17.86 79.03
CA SER F 1269 73.85 17.81 79.35
C SER F 1269 73.66 16.96 80.61
N GLN F 1270 72.42 16.95 81.10
CA GLN F 1270 72.11 16.19 82.29
C GLN F 1270 72.16 14.69 82.00
N ASN F 1271 72.68 13.93 82.97
CA ASN F 1271 72.80 12.47 82.88
C ASN F 1271 73.58 12.04 81.64
N SER F 1272 74.67 12.76 81.35
CA SER F 1272 75.52 12.45 80.21
C SER F 1272 76.72 11.64 80.70
N LEU F 1273 76.93 10.48 80.11
CA LEU F 1273 78.03 9.60 80.49
C LEU F 1273 79.28 9.99 79.71
N VAL F 1274 80.37 10.27 80.42
CA VAL F 1274 81.65 10.59 79.81
C VAL F 1274 82.68 9.67 80.43
N GLU F 1275 83.29 8.81 79.60
CA GLU F 1275 84.27 7.85 80.05
C GLU F 1275 85.32 7.71 78.95
N MET F 1276 86.23 6.75 79.12
CA MET F 1276 87.24 6.50 78.10
C MET F 1276 86.60 5.75 76.93
N LEU F 1277 86.73 6.32 75.74
CA LEU F 1277 86.17 5.74 74.53
C LEU F 1277 87.29 5.02 73.78
N PHE F 1278 87.11 3.73 73.56
CA PHE F 1278 88.11 2.86 72.94
C PHE F 1278 87.60 2.50 71.55
N LEU F 1279 88.17 3.13 70.52
CA LEU F 1279 87.75 2.87 69.15
C LEU F 1279 88.68 1.86 68.49
N ARG F 1280 88.16 1.24 67.44
CA ARG F 1280 88.96 0.31 66.63
C ARG F 1280 88.27 0.16 65.29
N LEU F 1281 88.97 0.46 64.20
CA LEU F 1281 88.42 0.18 62.89
C LEU F 1281 88.31 -1.33 62.69
N SER F 1282 87.20 -1.75 62.08
CA SER F 1282 86.84 -3.17 62.08
C SER F 1282 87.86 -4.01 61.33
N LEU F 1283 88.32 -3.56 60.17
CA LEU F 1283 89.11 -4.45 59.33
C LEU F 1283 90.56 -4.55 59.82
N PRO F 1284 91.18 -5.71 59.68
CA PRO F 1284 92.57 -5.88 60.10
C PRO F 1284 93.55 -5.36 59.06
N VAL F 1285 94.81 -5.26 59.48
CA VAL F 1285 95.94 -5.06 58.58
C VAL F 1285 97.01 -6.09 58.95
N GLN F 1286 97.38 -6.93 57.99
CA GLN F 1286 98.32 -8.01 58.23
C GLN F 1286 99.61 -7.74 57.48
N PHE F 1287 100.74 -8.01 58.15
CA PHE F 1287 102.02 -7.88 57.49
C PHE F 1287 102.20 -8.99 56.46
N HIS F 1288 103.21 -8.84 55.61
CA HIS F 1288 103.56 -9.91 54.71
C HIS F 1288 104.19 -11.07 55.48
N GLN F 1289 104.35 -12.21 54.80
CA GLN F 1289 104.80 -13.42 55.46
C GLN F 1289 106.22 -13.27 56.02
N HIS F 1290 107.08 -12.55 55.31
CA HIS F 1290 108.45 -12.34 55.77
C HIS F 1290 108.93 -10.98 55.30
N PHE F 1291 109.95 -10.47 55.99
CA PHE F 1291 110.51 -9.15 55.70
C PHE F 1291 111.71 -9.30 54.76
N ARG F 1292 111.40 -9.69 53.52
CA ARG F 1292 112.45 -9.95 52.55
C ARG F 1292 113.08 -8.65 52.02
N CYS F 1293 112.27 -7.62 51.77
CA CYS F 1293 112.76 -6.35 51.26
C CYS F 1293 111.83 -5.25 51.74
N THR F 1294 112.41 -4.19 52.28
CA THR F 1294 111.65 -3.08 52.83
C THR F 1294 110.74 -2.42 51.80
N ASN F 1410 102.06 14.11 47.59
CA ASN F 1410 102.66 15.21 46.85
C ASN F 1410 102.80 14.87 45.38
N ARG F 1411 101.70 14.40 44.78
CA ARG F 1411 101.67 13.96 43.38
C ARG F 1411 102.78 12.95 43.11
N ASP F 1412 102.70 11.83 43.81
CA ASP F 1412 103.77 10.85 43.80
C ASP F 1412 103.87 10.14 42.46
N ASP F 1413 105.04 9.54 42.23
CA ASP F 1413 105.27 8.78 41.01
C ASP F 1413 104.37 7.55 41.00
N PRO F 1414 103.59 7.33 39.93
CA PRO F 1414 102.71 6.14 39.90
C PRO F 1414 103.43 4.82 40.08
N GLU F 1415 104.61 4.66 39.49
CA GLU F 1415 105.34 3.40 39.66
C GLU F 1415 105.87 3.25 41.08
N ILE F 1416 106.28 4.36 41.71
CA ILE F 1416 106.73 4.29 43.09
C ILE F 1416 105.57 3.96 44.02
N ILE F 1417 104.39 4.50 43.73
CA ILE F 1417 103.19 4.16 44.49
C ILE F 1417 102.87 2.68 44.32
N LEU F 1418 102.97 2.17 43.09
CA LEU F 1418 102.72 0.75 42.88
C LEU F 1418 103.77 -0.12 43.55
N ASN F 1419 104.97 0.42 43.76
CA ASN F 1419 106.04 -0.32 44.41
C ASN F 1419 106.08 -0.15 45.92
N THR F 1420 105.27 0.75 46.48
CA THR F 1420 105.39 1.07 47.89
C THR F 1420 104.88 -0.07 48.75
N THR F 1421 105.22 0.00 50.04
CA THR F 1421 104.78 -1.00 51.01
C THR F 1421 104.09 -0.39 52.22
N THR F 1422 104.20 0.92 52.42
CA THR F 1422 103.66 1.55 53.62
C THR F 1422 102.23 2.05 53.39
N TYR F 1423 101.54 2.29 54.50
CA TYR F 1423 100.18 2.80 54.54
C TYR F 1423 100.08 3.78 55.69
N TYR F 1424 99.05 4.62 55.66
CA TYR F 1424 99.01 5.77 56.55
C TYR F 1424 97.56 6.19 56.76
N TYR F 1425 97.12 6.25 58.01
CA TYR F 1425 95.82 6.86 58.29
C TYR F 1425 96.05 8.09 59.15
N SER F 1426 95.02 8.92 59.27
CA SER F 1426 95.14 10.14 60.06
C SER F 1426 93.89 10.34 60.89
N VAL F 1427 94.05 10.49 62.19
CA VAL F 1427 92.97 10.90 63.06
C VAL F 1427 93.09 12.40 63.30
N ARG F 1428 91.98 13.12 63.19
CA ARG F 1428 91.96 14.56 63.35
C ARG F 1428 91.25 14.90 64.65
N VAL F 1429 91.93 15.65 65.51
CA VAL F 1429 91.39 16.05 66.81
C VAL F 1429 90.79 17.44 66.67
N PHE F 1430 89.57 17.61 67.15
CA PHE F 1430 88.83 18.85 66.97
C PHE F 1430 89.16 19.87 68.04
N ALA F 1431 88.73 21.10 67.80
CA ALA F 1431 88.85 22.15 68.81
C ALA F 1431 87.96 21.84 70.00
N GLY F 1432 88.45 22.14 71.19
CA GLY F 1432 87.76 21.80 72.42
C GLY F 1432 88.05 20.41 72.94
N GLN F 1433 88.84 19.61 72.22
CA GLN F 1433 89.24 18.29 72.68
C GLN F 1433 90.68 18.35 73.14
N GLU F 1434 90.95 17.83 74.34
CA GLU F 1434 92.28 17.89 74.91
C GLU F 1434 93.20 16.89 74.22
N PRO F 1435 94.32 17.33 73.64
CA PRO F 1435 95.27 16.38 73.04
C PRO F 1435 95.88 15.43 74.04
N SER F 1436 95.89 15.77 75.33
CA SER F 1436 96.43 14.88 76.33
C SER F 1436 95.53 13.69 76.62
N CYS F 1437 94.29 13.70 76.13
CA CYS F 1437 93.36 12.60 76.32
C CYS F 1437 93.21 11.75 75.06
N VAL F 1438 94.10 11.90 74.10
CA VAL F 1438 94.00 11.22 72.81
C VAL F 1438 95.19 10.27 72.67
N TRP F 1439 94.90 9.02 72.33
CA TRP F 1439 95.92 7.99 72.17
C TRP F 1439 95.73 7.34 70.81
N VAL F 1440 96.74 7.44 69.95
CA VAL F 1440 96.66 6.96 68.58
C VAL F 1440 97.71 5.88 68.36
N GLY F 1441 97.28 4.75 67.79
CA GLY F 1441 98.20 3.66 67.54
C GLY F 1441 97.60 2.44 66.87
N TRP F 1442 97.88 1.26 67.42
CA TRP F 1442 97.62 0.00 66.72
C TRP F 1442 97.28 -1.05 67.76
N VAL F 1443 96.10 -1.65 67.67
CA VAL F 1443 95.65 -2.65 68.63
C VAL F 1443 95.68 -4.03 67.97
N THR F 1444 96.29 -4.98 68.65
CA THR F 1444 96.16 -6.38 68.28
C THR F 1444 94.76 -6.85 68.64
N PRO F 1445 94.32 -8.00 68.10
CA PRO F 1445 93.04 -8.56 68.56
C PRO F 1445 93.01 -8.81 70.05
N ASP F 1446 94.16 -9.12 70.65
CA ASP F 1446 94.26 -9.27 72.10
C ASP F 1446 94.44 -7.88 72.69
N TYR F 1447 93.33 -7.17 72.86
CA TYR F 1447 93.30 -5.95 73.65
C TYR F 1447 92.00 -5.95 74.45
N HIS F 1448 92.12 -6.06 75.77
CA HIS F 1448 90.95 -6.17 76.64
C HIS F 1448 91.13 -5.32 77.90
N GLN F 1449 91.58 -4.08 77.72
CA GLN F 1449 91.73 -3.13 78.82
C GLN F 1449 90.70 -2.02 78.66
N HIS F 1450 89.81 -1.91 79.64
CA HIS F 1450 88.68 -0.99 79.58
C HIS F 1450 88.77 0.09 80.66
N ASP F 1451 89.86 0.16 81.40
CA ASP F 1451 89.96 1.12 82.50
C ASP F 1451 89.86 2.55 81.98
N MET F 1452 89.06 3.35 82.68
CA MET F 1452 88.69 4.68 82.21
C MET F 1452 89.65 5.77 82.67
N ASN F 1453 90.57 5.46 83.57
CA ASN F 1453 91.69 6.36 83.87
C ASN F 1453 92.92 5.86 83.13
N PHE F 1454 92.81 5.87 81.79
CA PHE F 1454 93.78 5.21 80.95
C PHE F 1454 95.14 5.91 81.00
N ASP F 1455 96.19 5.12 81.13
CA ASP F 1455 97.56 5.62 81.15
C ASP F 1455 98.40 4.77 80.21
N LEU F 1456 99.30 5.43 79.48
CA LEU F 1456 100.20 4.70 78.58
C LEU F 1456 101.14 3.78 79.33
N SER F 1457 101.33 4.02 80.63
CA SER F 1457 102.16 3.13 81.43
C SER F 1457 101.46 1.80 81.71
N LYS F 1458 100.13 1.79 81.71
CA LYS F 1458 99.39 0.58 82.02
C LYS F 1458 99.43 -0.45 80.90
N VAL F 1459 99.88 -0.07 79.70
CA VAL F 1459 99.89 -1.01 78.60
C VAL F 1459 100.90 -2.13 78.87
N ARG F 1460 100.66 -3.28 78.24
CA ARG F 1460 101.49 -4.46 78.46
C ARG F 1460 102.44 -4.63 77.29
N ALA F 1461 103.72 -4.40 77.54
CA ALA F 1461 104.80 -4.73 76.61
C ALA F 1461 105.77 -5.66 77.32
N VAL F 1462 106.20 -6.71 76.63
CA VAL F 1462 107.05 -7.73 77.23
C VAL F 1462 108.09 -8.15 76.20
N THR F 1463 109.32 -8.39 76.64
CA THR F 1463 110.41 -8.78 75.77
C THR F 1463 110.91 -10.16 76.15
N VAL F 1464 111.35 -10.90 75.13
CA VAL F 1464 111.90 -12.23 75.28
C VAL F 1464 113.33 -12.22 74.74
N THR F 1465 114.26 -12.75 75.52
CA THR F 1465 115.67 -12.77 75.14
C THR F 1465 116.16 -14.21 75.10
N MET F 1466 116.61 -14.65 73.93
CA MET F 1466 117.20 -15.97 73.75
C MET F 1466 118.65 -15.81 73.35
N GLY F 1467 119.53 -16.59 73.99
CA GLY F 1467 120.95 -16.47 73.72
C GLY F 1467 121.76 -17.73 73.95
N ASP F 1468 123.06 -17.58 74.14
CA ASP F 1468 123.90 -18.73 74.48
C ASP F 1468 123.58 -19.22 75.89
N GLU F 1469 123.62 -20.54 76.06
CA GLU F 1469 123.35 -21.13 77.36
C GLU F 1469 124.44 -20.78 78.37
N GLN F 1470 125.67 -20.60 77.91
CA GLN F 1470 126.77 -20.28 78.81
C GLN F 1470 126.80 -18.82 79.23
N GLY F 1471 125.95 -17.97 78.65
CA GLY F 1471 125.84 -16.60 79.11
C GLY F 1471 126.19 -15.53 78.12
N ASN F 1472 125.93 -15.75 76.84
CA ASN F 1472 126.15 -14.74 75.79
C ASN F 1472 124.84 -14.58 75.04
N VAL F 1473 123.96 -13.71 75.55
CA VAL F 1473 122.67 -13.48 74.90
C VAL F 1473 122.86 -12.70 73.61
N HIS F 1474 122.19 -13.12 72.56
CA HIS F 1474 122.30 -12.47 71.25
C HIS F 1474 120.96 -12.00 70.69
N SER F 1475 119.90 -12.79 70.83
CA SER F 1475 118.61 -12.47 70.22
C SER F 1475 117.66 -11.91 71.26
N SER F 1476 117.01 -10.80 70.92
CA SER F 1476 115.98 -10.22 71.77
C SER F 1476 114.83 -9.76 70.88
N LEU F 1477 113.62 -9.83 71.43
CA LEU F 1477 112.42 -9.53 70.65
C LEU F 1477 111.36 -8.99 71.60
N LYS F 1478 110.87 -7.79 71.33
CA LYS F 1478 109.86 -7.16 72.15
C LYS F 1478 108.51 -7.21 71.44
N CYS F 1479 107.44 -7.30 72.23
CA CYS F 1479 106.08 -7.29 71.71
C CYS F 1479 105.16 -6.56 72.67
N SER F 1480 104.03 -6.12 72.14
CA SER F 1480 103.02 -5.45 72.95
C SER F 1480 101.65 -5.72 72.34
N ASN F 1481 100.64 -5.66 73.19
CA ASN F 1481 99.25 -5.83 72.76
C ASN F 1481 98.63 -4.54 72.26
N CYS F 1482 99.37 -3.44 72.30
CA CYS F 1482 98.86 -2.14 71.89
C CYS F 1482 100.04 -1.27 71.48
N TYR F 1483 99.76 -0.26 70.66
CA TYR F 1483 100.82 0.57 70.10
C TYR F 1483 100.42 2.04 70.02
N MET F 1484 99.59 2.51 70.96
CA MET F 1484 99.30 3.93 71.00
C MET F 1484 100.47 4.73 71.55
N VAL F 1485 100.39 6.05 71.39
CA VAL F 1485 101.31 6.98 72.02
C VAL F 1485 100.46 8.05 72.71
N TRP F 1486 101.07 8.71 73.70
CA TRP F 1486 100.35 9.69 74.49
C TRP F 1486 100.29 11.01 73.74
N GLY F 1487 99.07 11.47 73.47
CA GLY F 1487 98.88 12.68 72.69
C GLY F 1487 99.41 13.92 73.38
N GLY F 1488 99.34 13.96 74.71
CA GLY F 1488 99.96 15.06 75.44
C GLY F 1488 101.46 15.10 75.24
N ASP F 1489 102.10 13.92 75.25
CA ASP F 1489 103.52 13.84 74.97
C ASP F 1489 103.83 14.34 73.56
N PHE F 1490 102.95 14.04 72.60
CA PHE F 1490 103.23 14.43 71.23
C PHE F 1490 102.99 15.92 71.00
N VAL F 1491 101.93 16.49 71.59
CA VAL F 1491 101.67 17.91 71.39
C VAL F 1491 102.70 18.76 72.12
N SER F 1492 103.09 18.36 73.35
CA SER F 1492 104.09 19.06 74.16
C SER F 1492 103.75 20.55 74.31
N PRO F 1493 102.46 20.86 74.43
CA PRO F 1493 102.04 22.25 74.56
C PRO F 1493 102.49 22.85 75.89
N GLY F 1494 102.40 22.07 76.96
CA GLY F 1494 102.80 22.48 78.32
C GLY F 1494 102.13 23.78 78.76
N ARG F 1498 93.73 27.17 78.84
CA ARG F 1498 94.68 26.50 77.96
C ARG F 1498 93.97 25.69 76.90
N ILE F 1499 92.87 26.25 76.37
CA ILE F 1499 92.12 25.57 75.33
C ILE F 1499 92.90 25.63 74.02
N SER F 1500 93.16 24.47 73.43
CA SER F 1500 93.92 24.37 72.19
C SER F 1500 92.93 24.22 71.04
N HIS F 1501 92.76 25.29 70.26
CA HIS F 1501 91.89 25.23 69.10
C HIS F 1501 92.56 24.63 67.87
N THR F 1502 93.87 24.37 67.93
CA THR F 1502 94.57 23.78 66.80
C THR F 1502 94.14 22.33 66.61
N ASP F 1503 94.02 21.91 65.35
CA ASP F 1503 93.60 20.56 65.01
C ASP F 1503 94.83 19.73 64.69
N LEU F 1504 95.07 18.68 65.47
CA LEU F 1504 96.20 17.79 65.29
C LEU F 1504 95.75 16.59 64.46
N VAL F 1505 96.43 16.37 63.34
CA VAL F 1505 96.23 15.19 62.52
C VAL F 1505 97.33 14.21 62.92
N ILE F 1506 97.06 13.42 63.95
CA ILE F 1506 98.08 12.53 64.53
C ILE F 1506 97.98 11.22 63.74
N GLY F 1507 98.64 11.19 62.60
CA GLY F 1507 98.56 10.05 61.73
C GLY F 1507 99.60 8.99 62.03
N CYS F 1508 99.33 7.77 61.58
CA CYS F 1508 100.20 6.63 61.82
C CYS F 1508 100.58 5.94 60.52
N LEU F 1509 101.86 5.58 60.43
CA LEU F 1509 102.45 4.82 59.34
C LEU F 1509 102.57 3.36 59.72
N VAL F 1510 102.47 2.49 58.72
CA VAL F 1510 102.74 1.07 58.90
C VAL F 1510 103.17 0.48 57.57
N ASP F 1511 104.30 -0.22 57.56
CA ASP F 1511 104.80 -0.86 56.35
C ASP F 1511 104.78 -2.36 56.54
N LEU F 1512 104.29 -3.09 55.53
CA LEU F 1512 104.19 -4.54 55.63
C LEU F 1512 105.54 -5.22 55.60
N ALA F 1513 106.61 -4.49 55.31
CA ALA F 1513 107.96 -5.01 55.39
C ALA F 1513 108.72 -4.28 56.49
N THR F 1514 109.61 -5.02 57.15
CA THR F 1514 110.50 -4.60 58.23
C THR F 1514 109.78 -4.03 59.45
N GLY F 1515 108.45 -4.01 59.44
CA GLY F 1515 107.67 -3.68 60.61
C GLY F 1515 107.93 -2.33 61.23
N LEU F 1516 108.48 -1.38 60.48
CA LEU F 1516 108.86 -0.08 61.02
C LEU F 1516 107.64 0.82 61.03
N MET F 1517 107.05 1.02 62.20
CA MET F 1517 105.88 1.87 62.37
C MET F 1517 106.32 3.19 62.98
N THR F 1518 106.24 4.27 62.19
CA THR F 1518 106.53 5.62 62.62
C THR F 1518 105.25 6.43 62.61
N PHE F 1519 105.27 7.60 63.24
CA PHE F 1519 104.05 8.37 63.40
C PHE F 1519 104.31 9.77 62.84
N THR F 1520 103.25 10.58 62.73
CA THR F 1520 103.39 11.94 62.23
C THR F 1520 102.32 12.81 62.88
N ALA F 1521 102.74 13.74 63.74
CA ALA F 1521 101.84 14.66 64.41
C ALA F 1521 101.93 16.05 63.79
N ASN F 1522 100.78 16.61 63.44
CA ASN F 1522 100.64 17.93 62.79
C ASN F 1522 101.73 18.18 61.75
N GLY F 1523 101.90 17.22 60.85
CA GLY F 1523 102.88 17.34 59.79
C GLY F 1523 104.32 17.38 60.26
N LYS F 1524 104.65 16.61 61.29
CA LYS F 1524 106.02 16.54 61.80
C LYS F 1524 106.34 15.09 62.10
N GLU F 1525 107.50 14.63 61.64
CA GLU F 1525 107.91 13.25 61.86
C GLU F 1525 108.11 12.99 63.36
N SER F 1526 107.81 11.77 63.76
CA SER F 1526 107.80 11.40 65.18
C SER F 1526 109.11 10.74 65.58
N ASN F 1527 109.58 11.05 66.79
CA ASN F 1527 110.81 10.49 67.29
C ASN F 1527 110.66 9.07 67.84
N THR F 1528 109.44 8.54 67.93
CA THR F 1528 109.20 7.20 68.42
C THR F 1528 108.84 6.28 67.26
N PHE F 1529 109.21 5.01 67.40
CA PHE F 1529 108.97 4.01 66.36
C PHE F 1529 108.72 2.67 67.02
N PHE F 1530 108.09 1.77 66.27
CA PHE F 1530 107.79 0.43 66.75
C PHE F 1530 108.18 -0.60 65.71
N GLN F 1531 108.47 -1.81 66.19
CA GLN F 1531 108.99 -2.88 65.36
C GLN F 1531 108.30 -4.18 65.76
N VAL F 1532 107.56 -4.79 64.82
CA VAL F 1532 106.80 -6.01 65.08
C VAL F 1532 107.18 -7.05 64.04
N GLU F 1533 107.06 -8.32 64.43
CA GLU F 1533 107.34 -9.44 63.55
C GLU F 1533 106.29 -9.50 62.44
N PRO F 1534 106.58 -10.23 61.36
CA PRO F 1534 105.57 -10.38 60.29
C PRO F 1534 104.31 -11.08 60.79
N ASN F 1535 103.20 -10.78 60.11
CA ASN F 1535 101.89 -11.38 60.39
C ASN F 1535 101.42 -11.01 61.80
N THR F 1536 101.25 -9.71 62.03
CA THR F 1536 100.83 -9.22 63.33
C THR F 1536 99.31 -9.03 63.43
N LYS F 1537 98.65 -8.72 62.31
CA LYS F 1537 97.20 -8.51 62.26
C LYS F 1537 96.77 -7.40 63.23
N LEU F 1538 97.22 -6.19 62.94
CA LEU F 1538 96.90 -5.04 63.77
C LEU F 1538 95.58 -4.42 63.36
N PHE F 1539 95.16 -3.39 64.10
CA PHE F 1539 93.91 -2.68 63.85
C PHE F 1539 94.11 -1.20 64.14
N PRO F 1540 93.60 -0.33 63.26
CA PRO F 1540 93.62 1.11 63.58
C PRO F 1540 92.78 1.38 64.81
N ALA F 1541 93.25 2.32 65.64
CA ALA F 1541 92.58 2.59 66.89
C ALA F 1541 92.87 4.02 67.33
N VAL F 1542 91.95 4.56 68.13
CA VAL F 1542 92.18 5.81 68.83
C VAL F 1542 91.31 5.81 70.09
N PHE F 1543 91.88 6.33 71.17
CA PHE F 1543 91.23 6.40 72.47
C PHE F 1543 91.01 7.86 72.81
N VAL F 1544 89.88 8.19 73.42
CA VAL F 1544 89.56 9.59 73.66
C VAL F 1544 88.71 9.74 74.91
N LEU F 1545 88.90 10.85 75.62
CA LEU F 1545 88.01 11.28 76.69
C LEU F 1545 87.19 12.44 76.16
N PRO F 1546 85.89 12.27 75.95
CA PRO F 1546 85.10 13.33 75.29
C PRO F 1546 85.03 14.60 76.14
N THR F 1547 85.51 15.70 75.56
CA THR F 1547 85.50 17.01 76.21
C THR F 1547 84.89 18.10 75.34
N HIS F 1548 84.25 17.75 74.23
CA HIS F 1548 83.71 18.74 73.31
C HIS F 1548 82.64 18.07 72.47
N GLN F 1549 81.83 18.89 71.80
CA GLN F 1549 80.80 18.35 70.93
C GLN F 1549 81.40 17.53 69.79
N ASN F 1550 82.45 18.05 69.17
CA ASN F 1550 83.23 17.31 68.18
C ASN F 1550 84.42 16.67 68.87
N VAL F 1551 84.66 15.39 68.60
CA VAL F 1551 85.59 14.63 69.42
C VAL F 1551 86.69 14.00 68.57
N ILE F 1552 86.31 13.21 67.56
CA ILE F 1552 87.27 12.50 66.71
C ILE F 1552 86.81 12.57 65.26
N GLN F 1553 87.77 12.65 64.34
CA GLN F 1553 87.48 12.37 62.93
C GLN F 1553 88.53 11.40 62.39
N PHE F 1554 88.14 10.12 62.27
CA PHE F 1554 88.91 9.19 61.46
C PHE F 1554 89.00 9.70 60.02
N GLU F 1555 90.18 9.59 59.42
CA GLU F 1555 90.39 10.00 58.03
C GLU F 1555 91.24 8.95 57.35
N LEU F 1556 90.73 8.40 56.25
CA LEU F 1556 91.41 7.34 55.51
C LEU F 1556 91.75 7.86 54.12
N GLY F 1557 93.03 8.08 53.87
CA GLY F 1557 93.47 8.60 52.59
C GLY F 1557 94.95 8.33 52.39
N LYS F 1558 95.47 8.82 51.27
CA LYS F 1558 96.86 8.64 50.91
C LYS F 1558 97.67 9.88 51.24
N GLN F 1559 98.99 9.74 51.16
CA GLN F 1559 99.92 10.83 51.42
C GLN F 1559 101.17 10.58 50.58
N LYS F 1560 102.28 11.22 50.94
CA LYS F 1560 103.50 11.10 50.15
C LYS F 1560 104.02 9.67 50.15
N ASN F 1561 104.13 9.09 48.96
CA ASN F 1561 104.59 7.71 48.76
C ASN F 1561 103.81 6.74 49.64
N ILE F 1562 102.50 6.96 49.73
CA ILE F 1562 101.66 6.27 50.70
C ILE F 1562 100.44 5.70 50.00
N MET F 1563 100.21 4.42 50.18
CA MET F 1563 99.12 3.58 49.75
C MET F 1563 98.00 3.67 50.78
N PRO F 1564 96.75 3.92 50.39
CA PRO F 1564 95.70 4.14 51.39
C PRO F 1564 95.42 2.91 52.23
N LEU F 1565 94.98 3.15 53.47
CA LEU F 1565 94.67 2.06 54.38
C LEU F 1565 93.52 1.21 53.85
N SER F 1566 92.62 1.80 53.09
CA SER F 1566 91.57 1.01 52.45
C SER F 1566 92.18 0.00 51.48
N ALA F 1567 93.18 0.43 50.70
CA ALA F 1567 93.91 -0.50 49.84
C ALA F 1567 94.67 -1.53 50.66
N ALA F 1568 95.03 -1.19 51.90
CA ALA F 1568 95.66 -2.19 52.77
C ALA F 1568 94.66 -3.26 53.21
N MET F 1569 93.48 -2.84 53.68
CA MET F 1569 92.56 -3.81 54.28
C MET F 1569 91.75 -4.57 53.25
N PHE F 1570 91.65 -4.08 52.01
CA PHE F 1570 90.89 -4.76 50.97
C PHE F 1570 91.82 -5.20 49.86
N LEU F 1571 91.80 -6.50 49.55
CA LEU F 1571 92.71 -7.04 48.56
C LEU F 1571 92.31 -6.65 47.15
N SER F 1572 91.02 -6.43 46.92
CA SER F 1572 90.53 -6.14 45.57
C SER F 1572 91.09 -4.82 45.05
N GLU F 1573 91.20 -3.82 45.91
CA GLU F 1573 91.67 -2.50 45.52
C GLU F 1573 93.09 -2.22 46.00
N ARG F 1574 93.92 -3.26 46.08
CA ARG F 1574 95.30 -3.08 46.52
C ARG F 1574 96.11 -2.22 45.58
N LYS F 1575 95.72 -2.13 44.31
CA LYS F 1575 96.41 -1.27 43.36
C LYS F 1575 95.76 0.09 43.22
N ASN F 1576 94.52 0.25 43.67
CA ASN F 1576 93.82 1.51 43.56
C ASN F 1576 94.34 2.49 44.60
N PRO F 1577 94.87 3.65 44.21
CA PRO F 1577 95.31 4.64 45.21
C PRO F 1577 94.19 5.51 45.73
N ALA F 1578 93.03 5.49 45.12
CA ALA F 1578 91.93 6.34 45.57
C ALA F 1578 91.40 5.84 46.90
N PRO F 1579 91.35 6.68 47.93
CA PRO F 1579 90.77 6.24 49.21
C PRO F 1579 89.29 5.92 49.07
N GLN F 1580 88.82 4.99 49.89
CA GLN F 1580 87.46 4.50 49.80
C GLN F 1580 87.02 4.04 51.18
N CYS F 1581 85.73 4.21 51.48
CA CYS F 1581 85.14 3.76 52.74
C CYS F 1581 83.94 2.86 52.45
N PRO F 1582 84.19 1.59 52.15
CA PRO F 1582 83.09 0.65 51.97
C PRO F 1582 82.41 0.38 53.30
N PRO F 1583 81.17 -0.12 53.27
CA PRO F 1583 80.40 -0.28 54.52
C PRO F 1583 81.01 -1.25 55.53
N ARG F 1584 81.91 -2.13 55.12
CA ARG F 1584 82.47 -3.08 56.08
C ARG F 1584 83.30 -2.37 57.13
N LEU F 1585 84.16 -1.44 56.72
CA LEU F 1585 84.99 -0.72 57.69
C LEU F 1585 84.10 0.19 58.52
N GLU F 1586 84.26 0.12 59.84
CA GLU F 1586 83.43 0.91 60.72
C GLU F 1586 84.11 1.03 62.08
N VAL F 1587 83.65 1.99 62.85
CA VAL F 1587 84.15 2.22 64.20
C VAL F 1587 83.55 1.18 65.13
N GLN F 1588 84.41 0.51 65.89
CA GLN F 1588 83.99 -0.47 66.88
C GLN F 1588 84.42 0.03 68.25
N MET F 1589 83.48 0.12 69.17
CA MET F 1589 83.77 0.57 70.52
C MET F 1589 83.91 -0.62 71.44
N LEU F 1590 84.80 -0.48 72.42
CA LEU F 1590 84.86 -1.48 73.48
C LEU F 1590 83.59 -1.50 74.30
N MET F 1591 83.15 -2.71 74.65
CA MET F 1591 82.05 -2.94 75.56
C MET F 1591 82.55 -3.74 76.77
N PRO F 1592 82.08 -3.39 77.98
CA PRO F 1592 82.64 -4.03 79.19
C PRO F 1592 82.37 -5.51 79.27
N VAL F 1593 81.11 -5.93 79.17
CA VAL F 1593 80.76 -7.34 79.30
C VAL F 1593 79.90 -7.76 78.12
N SER F 1594 79.84 -9.07 77.90
CA SER F 1594 79.02 -9.62 76.84
C SER F 1594 78.63 -11.05 77.22
N TRP F 1595 77.53 -11.51 76.64
CA TRP F 1595 77.03 -12.83 76.98
C TRP F 1595 77.92 -13.92 76.39
N SER F 1596 77.96 -15.07 77.07
CA SER F 1596 78.72 -16.21 76.57
C SER F 1596 78.11 -17.49 77.11
N ARG F 1597 78.10 -18.51 76.27
CA ARG F 1597 77.50 -19.80 76.63
C ARG F 1597 78.39 -20.56 77.60
N MET F 1598 77.75 -21.26 78.54
CA MET F 1598 78.47 -22.18 79.39
C MET F 1598 78.35 -23.58 78.81
N PRO F 1599 79.47 -24.27 78.56
CA PRO F 1599 79.38 -25.62 78.00
C PRO F 1599 78.63 -26.56 78.91
N ASN F 1600 77.89 -27.50 78.30
CA ASN F 1600 77.09 -28.44 79.06
C ASN F 1600 77.94 -29.42 79.85
N HIS F 1601 79.22 -29.57 79.50
CA HIS F 1601 80.11 -30.46 80.25
C HIS F 1601 81.46 -29.79 80.43
N PHE F 1602 82.00 -29.91 81.64
CA PHE F 1602 83.28 -29.34 82.00
C PHE F 1602 84.26 -30.46 82.36
N LEU F 1603 85.54 -30.17 82.17
CA LEU F 1603 86.58 -31.13 82.45
C LEU F 1603 86.61 -31.44 83.94
N GLN F 1604 86.64 -32.72 84.29
CA GLN F 1604 86.83 -33.12 85.68
C GLN F 1604 88.32 -33.16 85.97
N VAL F 1605 88.70 -32.64 87.15
CA VAL F 1605 90.08 -32.62 87.58
C VAL F 1605 90.14 -33.11 89.02
N GLU F 1606 91.09 -34.00 89.30
CA GLU F 1606 91.34 -34.49 90.65
C GLU F 1606 92.70 -33.96 91.10
N THR F 1607 92.69 -33.12 92.13
CA THR F 1607 93.89 -32.53 92.69
C THR F 1607 93.97 -32.86 94.17
N ARG F 1608 95.10 -33.40 94.61
CA ARG F 1608 95.29 -33.72 96.02
C ARG F 1608 96.77 -33.87 96.32
N ARG F 1609 97.12 -33.65 97.58
CA ARG F 1609 98.48 -33.87 98.04
C ARG F 1609 98.65 -35.30 98.52
N ALA F 1610 99.86 -35.82 98.36
CA ALA F 1610 100.19 -37.20 98.72
C ALA F 1610 101.12 -37.30 99.92
N GLY F 1611 102.17 -36.48 99.97
CA GLY F 1611 103.10 -36.55 101.08
C GLY F 1611 103.93 -35.28 101.17
N GLU F 1612 104.77 -35.23 102.20
CA GLU F 1612 105.69 -34.12 102.38
C GLU F 1612 106.76 -34.09 101.28
N ARG F 1613 107.03 -35.23 100.65
CA ARG F 1613 108.01 -35.36 99.58
C ARG F 1613 107.38 -35.26 98.20
N LEU F 1614 106.29 -36.00 97.97
CA LEU F 1614 105.62 -35.97 96.67
C LEU F 1614 104.90 -34.66 96.44
N GLY F 1615 104.16 -34.19 97.43
CA GLY F 1615 103.44 -32.93 97.31
C GLY F 1615 102.09 -33.09 96.63
N TRP F 1616 101.63 -31.99 96.06
CA TRP F 1616 100.35 -31.94 95.39
C TRP F 1616 100.46 -32.50 93.97
N ALA F 1617 99.40 -33.19 93.54
CA ALA F 1617 99.32 -33.79 92.22
C ALA F 1617 98.01 -33.40 91.57
N VAL F 1618 98.08 -33.10 90.27
CA VAL F 1618 96.94 -32.70 89.46
C VAL F 1618 96.75 -33.75 88.37
N GLN F 1619 95.51 -34.23 88.23
CA GLN F 1619 95.23 -35.30 87.28
C GLN F 1619 93.95 -34.99 86.53
N CYS F 1620 93.99 -35.14 85.21
CA CYS F 1620 92.80 -35.03 84.36
C CYS F 1620 92.86 -36.16 83.33
N GLN F 1621 91.76 -36.90 83.18
CA GLN F 1621 91.76 -38.06 82.30
C GLN F 1621 90.71 -37.98 81.20
N ASP F 1622 89.48 -37.66 81.53
CA ASP F 1622 88.40 -37.69 80.54
C ASP F 1622 88.58 -36.54 79.56
N PRO F 1623 88.68 -36.80 78.26
CA PRO F 1623 88.83 -35.72 77.28
C PRO F 1623 87.50 -35.16 76.83
N LEU F 1624 87.46 -33.84 76.67
CA LEU F 1624 86.29 -33.14 76.16
C LEU F 1624 86.67 -32.38 74.90
N THR F 1625 85.84 -32.49 73.88
CA THR F 1625 86.08 -31.87 72.60
C THR F 1625 84.99 -30.85 72.30
N MET F 1626 85.38 -29.72 71.74
CA MET F 1626 84.46 -28.64 71.42
C MET F 1626 84.69 -28.21 69.98
N MET F 1627 83.59 -27.96 69.27
CA MET F 1627 83.66 -27.39 67.93
C MET F 1627 83.73 -25.87 68.04
N ALA F 1628 84.66 -25.27 67.31
CA ALA F 1628 84.93 -23.84 67.41
C ALA F 1628 84.74 -23.17 66.05
N LEU F 1629 84.04 -22.04 66.06
CA LEU F 1629 83.86 -21.22 64.87
C LEU F 1629 84.77 -20.00 64.99
N HIS F 1630 85.73 -19.91 64.07
CA HIS F 1630 86.74 -18.85 64.10
C HIS F 1630 86.37 -17.75 63.12
N ILE F 1631 86.24 -16.53 63.63
CA ILE F 1631 86.05 -15.36 62.76
C ILE F 1631 87.43 -14.93 62.29
N PRO F 1632 87.68 -14.92 60.98
CA PRO F 1632 89.04 -14.61 60.49
C PRO F 1632 89.53 -13.22 60.87
N GLU F 1633 88.66 -12.21 60.86
CA GLU F 1633 89.14 -10.85 61.06
C GLU F 1633 89.56 -10.60 62.51
N GLU F 1634 88.74 -11.06 63.46
CA GLU F 1634 89.03 -10.82 64.86
C GLU F 1634 90.00 -11.83 65.45
N ASN F 1635 90.34 -12.89 64.70
CA ASN F 1635 91.25 -13.93 65.15
C ASN F 1635 90.81 -14.54 66.47
N ARG F 1636 89.50 -14.66 66.64
CA ARG F 1636 88.93 -15.29 67.82
C ARG F 1636 87.90 -16.32 67.39
N CYS F 1637 87.69 -17.32 68.23
CA CYS F 1637 86.72 -18.35 67.97
C CYS F 1637 85.70 -18.40 69.09
N MET F 1638 84.45 -18.62 68.73
CA MET F 1638 83.37 -18.88 69.68
C MET F 1638 83.01 -20.36 69.60
N ASP F 1639 82.22 -20.81 70.56
CA ASP F 1639 81.64 -22.14 70.44
C ASP F 1639 80.62 -22.13 69.33
N ILE F 1640 80.56 -23.21 68.55
CA ILE F 1640 79.62 -23.25 67.44
C ILE F 1640 78.19 -23.22 67.96
N LEU F 1641 77.95 -23.76 69.15
CA LEU F 1641 76.62 -23.74 69.73
C LEU F 1641 76.22 -22.36 70.22
N GLU F 1642 77.18 -21.43 70.32
CA GLU F 1642 76.86 -20.06 70.71
C GLU F 1642 76.05 -19.35 69.64
N LEU F 1643 76.04 -19.85 68.41
CA LEU F 1643 75.25 -19.25 67.35
C LEU F 1643 73.75 -19.43 67.57
N SER F 1644 73.35 -20.25 68.55
CA SER F 1644 71.93 -20.48 68.80
C SER F 1644 71.19 -19.21 69.18
N GLU F 1645 71.89 -18.17 69.64
CA GLU F 1645 71.28 -16.87 69.80
C GLU F 1645 71.84 -15.80 68.87
N ARG F 1646 73.03 -16.01 68.31
CA ARG F 1646 73.55 -15.12 67.27
C ARG F 1646 72.94 -15.54 65.95
N LEU F 1647 71.78 -14.95 65.63
CA LEU F 1647 71.03 -15.39 64.47
C LEU F 1647 71.64 -14.92 63.15
N ASP F 1648 72.31 -13.77 63.15
CA ASP F 1648 72.93 -13.29 61.93
C ASP F 1648 74.11 -14.18 61.50
N LEU F 1649 74.98 -14.52 62.46
CA LEU F 1649 76.06 -15.45 62.16
C LEU F 1649 75.52 -16.83 61.84
N GLN F 1650 74.40 -17.21 62.46
CA GLN F 1650 73.75 -18.47 62.10
C GLN F 1650 73.30 -18.44 60.64
N ARG F 1651 72.70 -17.33 60.21
CA ARG F 1651 72.28 -17.20 58.83
C ARG F 1651 73.45 -17.33 57.88
N PHE F 1652 74.54 -16.62 58.19
CA PHE F 1652 75.68 -16.64 57.28
C PHE F 1652 76.33 -18.02 57.24
N HIS F 1653 76.42 -18.71 58.38
CA HIS F 1653 77.05 -20.03 58.35
C HIS F 1653 76.15 -21.07 57.68
N SER F 1654 74.84 -20.96 57.85
CA SER F 1654 73.95 -21.86 57.12
C SER F 1654 74.08 -21.66 55.62
N HIS F 1655 74.17 -20.39 55.18
CA HIS F 1655 74.34 -20.14 53.76
C HIS F 1655 75.74 -20.54 53.29
N THR F 1656 76.73 -20.48 54.16
CA THR F 1656 78.06 -20.98 53.82
C THR F 1656 78.03 -22.49 53.59
N LEU F 1657 77.30 -23.21 54.44
CA LEU F 1657 77.14 -24.64 54.20
C LEU F 1657 76.40 -24.90 52.90
N ARG F 1658 75.45 -24.02 52.55
CA ARG F 1658 74.78 -24.16 51.25
C ARG F 1658 75.76 -23.97 50.10
N LEU F 1659 76.63 -22.97 50.21
CA LEU F 1659 77.68 -22.77 49.21
C LEU F 1659 78.57 -24.00 49.09
N TYR F 1660 78.98 -24.56 50.23
CA TYR F 1660 79.85 -25.74 50.22
C TYR F 1660 79.15 -26.94 49.59
N ARG F 1661 77.87 -27.11 49.89
CA ARG F 1661 77.13 -28.22 49.29
C ARG F 1661 77.05 -28.07 47.78
N ALA F 1662 76.75 -26.88 47.30
CA ALA F 1662 76.43 -26.76 45.88
C ALA F 1662 77.62 -26.41 45.01
N VAL F 1663 78.80 -26.14 45.57
CA VAL F 1663 79.97 -26.07 44.70
C VAL F 1663 80.42 -27.48 44.31
N CYS F 1664 80.22 -28.45 45.20
CA CYS F 1664 80.56 -29.84 44.91
C CYS F 1664 79.33 -30.65 44.55
N ALA F 1665 78.17 -30.01 44.39
CA ALA F 1665 76.98 -30.72 43.96
C ALA F 1665 77.14 -31.22 42.54
N LEU F 1666 76.43 -32.31 42.23
CA LEU F 1666 76.38 -32.89 40.89
C LEU F 1666 77.74 -33.41 40.44
N GLY F 1667 78.36 -34.20 41.31
CA GLY F 1667 79.54 -34.98 40.96
C GLY F 1667 80.80 -34.20 40.63
N ASN F 1668 81.10 -33.15 41.39
CA ASN F 1668 82.38 -32.46 41.26
C ASN F 1668 83.31 -32.97 42.35
N ASN F 1669 83.85 -34.16 42.12
CA ASN F 1669 84.65 -34.83 43.14
C ASN F 1669 85.95 -34.09 43.41
N ARG F 1670 86.49 -33.38 42.41
CA ARG F 1670 87.67 -32.56 42.63
C ARG F 1670 87.40 -31.48 43.67
N VAL F 1671 86.31 -30.74 43.50
CA VAL F 1671 85.97 -29.69 44.46
C VAL F 1671 85.54 -30.30 45.79
N ALA F 1672 84.92 -31.49 45.78
CA ALA F 1672 84.58 -32.15 47.03
C ALA F 1672 85.83 -32.50 47.83
N HIS F 1673 86.86 -32.99 47.15
CA HIS F 1673 88.15 -33.19 47.81
C HIS F 1673 88.70 -31.87 48.34
N ALA F 1674 88.60 -30.81 47.54
CA ALA F 1674 89.03 -29.50 48.01
C ALA F 1674 88.28 -29.08 49.26
N LEU F 1675 87.02 -29.47 49.40
CA LEU F 1675 86.23 -29.13 50.56
C LEU F 1675 86.60 -29.94 51.79
N CYS F 1676 87.10 -31.16 51.61
CA CYS F 1676 87.41 -32.01 52.75
C CYS F 1676 88.45 -31.38 53.67
N SER F 1677 89.32 -30.51 53.13
CA SER F 1677 90.26 -29.80 53.98
C SER F 1677 89.54 -28.82 54.89
N HIS F 1678 88.56 -28.09 54.35
CA HIS F 1678 87.78 -27.15 55.16
C HIS F 1678 86.96 -27.88 56.20
N VAL F 1679 86.30 -28.97 55.81
CA VAL F 1679 85.38 -29.69 56.66
C VAL F 1679 85.90 -31.11 56.80
N ASP F 1680 86.45 -31.43 57.95
CA ASP F 1680 87.13 -32.71 58.17
C ASP F 1680 86.12 -33.81 58.48
N GLN F 1681 86.60 -35.05 58.40
CA GLN F 1681 85.72 -36.19 58.67
C GLN F 1681 85.33 -36.25 60.14
N ALA F 1682 86.30 -36.10 61.04
CA ALA F 1682 85.99 -36.12 62.47
C ALA F 1682 85.12 -34.94 62.85
N GLN F 1683 85.38 -33.78 62.24
CA GLN F 1683 84.50 -32.63 62.34
C GLN F 1683 83.05 -32.98 62.01
N LEU F 1684 82.85 -33.64 60.87
CA LEU F 1684 81.50 -34.00 60.45
C LEU F 1684 80.87 -35.00 61.42
N LEU F 1685 81.65 -35.97 61.90
CA LEU F 1685 81.12 -36.96 62.82
C LEU F 1685 80.66 -36.32 64.12
N HIS F 1686 81.43 -35.38 64.65
CA HIS F 1686 81.02 -34.71 65.87
C HIS F 1686 79.78 -33.86 65.64
N ALA F 1687 79.72 -33.14 64.51
CA ALA F 1687 78.54 -32.35 64.21
C ALA F 1687 77.32 -33.23 63.99
N LEU F 1688 77.52 -34.47 63.58
CA LEU F 1688 76.43 -35.42 63.50
C LEU F 1688 75.97 -35.87 64.87
N GLU F 1689 76.92 -36.17 65.76
CA GLU F 1689 76.57 -36.80 67.03
C GLU F 1689 75.93 -35.82 67.99
N ASP F 1690 76.43 -34.59 68.05
CA ASP F 1690 75.98 -33.67 69.09
C ASP F 1690 74.52 -33.29 68.92
N ALA F 1691 73.90 -32.89 70.03
CA ALA F 1691 72.49 -32.56 70.04
C ALA F 1691 72.20 -31.08 70.25
N HIS F 1692 73.15 -30.32 70.76
CA HIS F 1692 72.93 -28.90 71.00
C HIS F 1692 73.20 -28.05 69.77
N LEU F 1693 73.58 -28.67 68.65
CA LEU F 1693 73.73 -27.95 67.40
C LEU F 1693 72.38 -27.37 66.99
N PRO F 1694 72.33 -26.12 66.53
CA PRO F 1694 71.06 -25.55 66.07
C PRO F 1694 70.49 -26.30 64.88
N GLY F 1695 69.24 -25.99 64.58
CA GLY F 1695 68.52 -26.63 63.51
C GLY F 1695 69.15 -26.47 62.13
N PRO F 1696 69.24 -25.21 61.65
CA PRO F 1696 69.81 -25.01 60.31
C PRO F 1696 71.21 -25.54 60.17
N LEU F 1697 72.05 -25.41 61.19
CA LEU F 1697 73.40 -25.94 61.10
C LEU F 1697 73.39 -27.46 61.09
N ARG F 1698 72.49 -28.09 61.85
CA ARG F 1698 72.43 -29.54 61.87
C ARG F 1698 72.05 -30.08 60.49
N ALA F 1699 70.99 -29.51 59.91
CA ALA F 1699 70.57 -29.94 58.57
C ALA F 1699 71.66 -29.66 57.54
N GLY F 1700 72.31 -28.49 57.65
CA GLY F 1700 73.35 -28.15 56.71
C GLY F 1700 74.53 -29.11 56.78
N TYR F 1701 74.93 -29.50 58.00
CA TYR F 1701 76.09 -30.37 58.12
C TYR F 1701 75.76 -31.78 57.66
N TYR F 1702 74.56 -32.27 57.95
CA TYR F 1702 74.17 -33.59 57.43
C TYR F 1702 74.16 -33.59 55.92
N ASP F 1703 73.56 -32.57 55.32
CA ASP F 1703 73.49 -32.51 53.87
C ASP F 1703 74.86 -32.27 53.25
N LEU F 1704 75.76 -31.61 53.98
CA LEU F 1704 77.12 -31.41 53.50
C LEU F 1704 77.90 -32.73 53.48
N LEU F 1705 77.75 -33.53 54.54
CA LEU F 1705 78.36 -34.85 54.55
C LEU F 1705 77.87 -35.68 53.38
N ILE F 1706 76.55 -35.72 53.18
CA ILE F 1706 75.98 -36.49 52.09
C ILE F 1706 76.48 -35.96 50.74
N SER F 1707 76.61 -34.63 50.62
CA SER F 1707 76.97 -34.06 49.34
C SER F 1707 78.44 -34.28 49.00
N ILE F 1708 79.34 -34.16 49.98
CA ILE F 1708 80.76 -34.27 49.66
C ILE F 1708 81.27 -35.70 49.77
N HIS F 1709 80.49 -36.64 50.29
CA HIS F 1709 80.97 -38.00 50.41
C HIS F 1709 80.11 -39.04 49.73
N LEU F 1710 78.80 -38.82 49.60
CA LEU F 1710 77.91 -39.88 49.15
C LEU F 1710 77.05 -39.52 47.96
N GLU F 1711 77.04 -38.27 47.50
CA GLU F 1711 76.07 -37.87 46.49
C GLU F 1711 76.32 -38.55 45.16
N SER F 1712 77.57 -38.52 44.68
CA SER F 1712 77.86 -39.10 43.38
C SER F 1712 77.66 -40.61 43.39
N ALA F 1713 78.11 -41.29 44.44
CA ALA F 1713 77.93 -42.74 44.52
C ALA F 1713 76.46 -43.11 44.62
N CYS F 1714 75.69 -42.36 45.41
CA CYS F 1714 74.26 -42.65 45.54
C CYS F 1714 73.55 -42.45 44.21
N ARG F 1715 73.87 -41.38 43.49
CA ARG F 1715 73.27 -41.15 42.19
C ARG F 1715 73.64 -42.25 41.21
N SER F 1716 74.90 -42.67 41.22
CA SER F 1716 75.33 -43.72 40.29
C SER F 1716 74.60 -45.02 40.54
N ARG F 1717 74.41 -45.39 41.81
CA ARG F 1717 73.66 -46.61 42.10
C ARG F 1717 72.19 -46.45 41.77
N ARG F 1718 71.63 -45.26 42.02
CA ARG F 1718 70.21 -45.04 41.79
C ARG F 1718 69.87 -45.17 40.31
N SER F 1719 70.75 -44.67 39.44
CA SER F 1719 70.51 -44.78 38.01
C SER F 1719 70.51 -46.23 37.53
N MET F 1720 71.09 -47.15 38.29
CA MET F 1720 71.10 -48.56 37.91
C MET F 1720 70.02 -49.39 38.58
N LEU F 1721 69.42 -48.92 39.67
CA LEU F 1721 68.37 -49.72 40.32
C LEU F 1721 67.17 -49.96 39.41
N SER F 1722 67.03 -49.19 38.33
CA SER F 1722 65.88 -49.37 37.43
C SER F 1722 65.93 -50.71 36.71
N GLU F 1723 67.12 -51.21 36.38
CA GLU F 1723 67.27 -52.45 35.63
C GLU F 1723 67.52 -53.61 36.59
N TYR F 1724 67.35 -54.82 36.07
CA TYR F 1724 67.49 -56.03 36.88
C TYR F 1724 68.27 -57.10 36.13
N ILE F 1725 69.42 -56.72 35.58
CA ILE F 1725 70.29 -57.69 34.92
C ILE F 1725 70.76 -58.71 35.95
N VAL F 1726 70.36 -59.96 35.76
CA VAL F 1726 70.64 -61.04 36.72
C VAL F 1726 71.38 -62.14 35.99
N PRO F 1727 72.53 -62.59 36.47
CA PRO F 1727 73.25 -63.69 35.82
C PRO F 1727 72.87 -65.04 36.39
N LEU F 1728 73.45 -66.12 35.84
CA LEU F 1728 73.20 -67.48 36.32
C LEU F 1728 74.32 -67.87 37.27
N THR F 1729 74.02 -67.89 38.56
CA THR F 1729 74.94 -68.35 39.58
C THR F 1729 74.22 -69.30 40.52
N PRO F 1730 74.97 -70.12 41.28
CA PRO F 1730 74.33 -70.90 42.34
C PRO F 1730 73.62 -70.04 43.37
N GLU F 1731 74.06 -68.80 43.56
CA GLU F 1731 73.29 -67.87 44.38
C GLU F 1731 72.03 -67.42 43.67
N THR F 1732 72.03 -67.41 42.33
CA THR F 1732 70.85 -67.02 41.58
C THR F 1732 69.76 -68.08 41.66
N ARG F 1733 70.14 -69.36 41.70
CA ARG F 1733 69.10 -70.36 41.91
C ARG F 1733 68.64 -70.44 43.37
N ALA F 1734 69.27 -69.68 44.28
CA ALA F 1734 68.89 -69.73 45.68
C ALA F 1734 67.60 -68.98 45.97
N ILE F 1735 67.32 -67.89 45.27
CA ILE F 1735 66.15 -67.07 45.60
C ILE F 1735 64.88 -67.80 45.24
N THR F 1736 63.95 -67.87 46.20
CA THR F 1736 62.59 -68.29 45.97
C THR F 1736 61.66 -67.16 46.38
N LEU F 1737 60.45 -67.19 45.82
CA LEU F 1737 59.47 -66.15 46.13
C LEU F 1737 59.09 -66.17 47.61
N PHE F 1738 58.70 -67.34 48.11
CA PHE F 1738 58.39 -67.48 49.52
C PHE F 1738 59.48 -68.29 50.19
N PRO F 1739 60.27 -67.71 51.08
CA PRO F 1739 61.26 -68.48 51.83
C PRO F 1739 60.58 -69.56 52.67
N PRO F 1740 61.19 -70.74 52.78
CA PRO F 1740 60.56 -71.84 53.52
C PRO F 1740 60.45 -71.50 55.00
N GLY F 1741 59.22 -71.40 55.48
CA GLY F 1741 59.00 -71.11 56.89
C GLY F 1741 59.39 -72.29 57.76
N ARG F 1742 60.09 -71.99 58.85
CA ARG F 1742 60.54 -73.01 59.80
C ARG F 1742 59.56 -73.23 60.94
N LYS F 1743 58.43 -72.52 60.95
CA LYS F 1743 57.41 -72.70 61.98
C LYS F 1743 56.25 -73.56 61.51
N GLY F 1744 56.36 -74.20 60.35
CA GLY F 1744 55.30 -75.04 59.84
C GLY F 1744 54.21 -74.26 59.14
N GLY F 1745 53.47 -73.47 59.91
CA GLY F 1745 52.45 -72.57 59.39
C GLY F 1745 52.96 -71.21 58.99
N ASN F 1746 54.28 -70.99 59.05
CA ASN F 1746 54.87 -69.71 58.69
C ASN F 1746 54.87 -69.46 57.20
N ALA F 1747 54.48 -70.44 56.39
CA ALA F 1747 54.42 -70.26 54.95
C ALA F 1747 53.35 -69.24 54.57
N ARG F 1748 53.39 -68.82 53.30
CA ARG F 1748 52.47 -67.82 52.75
C ARG F 1748 52.59 -66.47 53.46
N ARG F 1749 53.77 -66.20 54.05
CA ARG F 1749 54.08 -64.91 54.62
C ARG F 1749 55.35 -64.40 53.97
N HIS F 1750 55.34 -63.14 53.55
CA HIS F 1750 56.48 -62.57 52.85
C HIS F 1750 57.69 -62.50 53.75
N GLY F 1751 58.86 -62.81 53.18
CA GLY F 1751 60.10 -62.46 53.85
C GLY F 1751 60.28 -60.95 53.90
N LEU F 1752 61.02 -60.50 54.89
CA LEU F 1752 61.17 -59.07 55.10
C LEU F 1752 61.92 -58.45 53.94
N PRO F 1753 61.48 -57.29 53.44
CA PRO F 1753 62.13 -56.67 52.29
C PRO F 1753 63.55 -56.24 52.64
N GLY F 1754 64.50 -56.70 51.84
CA GLY F 1754 65.89 -56.33 52.02
C GLY F 1754 66.74 -57.31 52.79
N VAL F 1755 66.16 -58.43 53.25
CA VAL F 1755 66.94 -59.44 53.96
C VAL F 1755 67.38 -60.59 53.06
N GLY F 1756 66.87 -60.65 51.84
CA GLY F 1756 67.21 -61.74 50.95
C GLY F 1756 68.53 -61.52 50.23
N VAL F 1757 68.84 -62.45 49.34
CA VAL F 1757 70.07 -62.40 48.55
C VAL F 1757 69.77 -61.68 47.24
N THR F 1758 70.55 -60.66 46.94
CA THR F 1758 70.40 -59.89 45.71
C THR F 1758 71.52 -60.27 44.73
N THR F 1759 71.13 -60.58 43.49
CA THR F 1759 72.07 -60.98 42.48
C THR F 1759 72.11 -60.05 41.27
N SER F 1760 71.29 -59.00 41.25
CA SER F 1760 71.33 -58.06 40.14
C SER F 1760 72.68 -57.36 40.10
N LEU F 1761 73.24 -57.28 38.90
CA LEU F 1761 74.59 -56.75 38.74
C LEU F 1761 74.59 -55.25 38.97
N ARG F 1762 75.34 -54.80 39.97
CA ARG F 1762 75.46 -53.40 40.30
C ARG F 1762 76.93 -52.99 40.22
N PRO F 1763 77.25 -51.89 39.55
CA PRO F 1763 78.64 -51.41 39.53
C PRO F 1763 79.09 -51.03 40.93
N PRO F 1764 80.16 -51.63 41.43
CA PRO F 1764 80.56 -51.40 42.83
C PRO F 1764 81.04 -49.97 43.03
N HIS F 1765 80.91 -49.52 44.27
CA HIS F 1765 81.25 -48.14 44.62
C HIS F 1765 82.76 -47.94 44.56
N HIS F 1766 83.17 -46.75 44.13
CA HIS F 1766 84.58 -46.37 44.08
C HIS F 1766 84.79 -45.09 44.87
N PHE F 1767 85.73 -45.14 45.81
CA PHE F 1767 86.13 -43.96 46.58
C PHE F 1767 87.64 -43.91 46.67
N SER F 1768 88.21 -42.73 46.48
CA SER F 1768 89.62 -42.51 46.67
C SER F 1768 89.85 -41.79 47.98
N PRO F 1769 90.64 -42.32 48.91
CA PRO F 1769 90.84 -41.66 50.19
C PRO F 1769 91.44 -40.28 50.00
N PRO F 1770 91.01 -39.30 50.80
CA PRO F 1770 91.49 -37.93 50.61
C PRO F 1770 92.95 -37.77 51.00
N CYS F 1771 93.80 -37.51 50.01
CA CYS F 1771 95.21 -37.26 50.23
C CYS F 1771 95.59 -35.97 49.51
N PHE F 1772 96.37 -35.13 50.18
CA PHE F 1772 96.66 -33.81 49.65
C PHE F 1772 98.15 -33.54 49.71
N VAL F 1773 98.84 -34.23 50.63
CA VAL F 1773 100.29 -34.11 50.72
C VAL F 1773 100.97 -34.76 49.52
N ALA F 1774 100.25 -35.58 48.76
CA ALA F 1774 100.81 -36.22 47.58
C ALA F 1774 101.19 -35.18 46.54
N ALA F 1775 102.28 -35.47 45.82
CA ALA F 1775 102.78 -34.58 44.77
C ALA F 1775 101.82 -34.62 43.59
N LEU F 1776 100.98 -33.61 43.48
CA LEU F 1776 99.99 -33.55 42.40
C LEU F 1776 100.69 -33.28 41.08
N PRO F 1777 100.53 -34.15 40.07
CA PRO F 1777 101.16 -33.95 38.76
C PRO F 1777 100.30 -33.12 37.82
N GLU F 1783 91.77 -34.55 29.90
CA GLU F 1783 93.18 -34.81 30.15
C GLU F 1783 93.38 -35.63 31.43
N ALA F 1784 93.08 -35.00 32.57
CA ALA F 1784 93.20 -35.67 33.84
C ALA F 1784 92.12 -36.76 33.97
N PRO F 1785 92.45 -37.87 34.61
CA PRO F 1785 91.44 -38.93 34.82
C PRO F 1785 90.34 -38.46 35.75
N ALA F 1786 89.19 -39.13 35.63
CA ALA F 1786 88.02 -38.77 36.41
C ALA F 1786 88.29 -38.93 37.90
N ARG F 1787 88.21 -37.82 38.62
CA ARG F 1787 88.49 -37.83 40.06
C ARG F 1787 87.41 -38.59 40.80
N LEU F 1788 87.83 -39.44 41.74
CA LEU F 1788 86.90 -40.18 42.55
C LEU F 1788 86.40 -39.33 43.71
N SER F 1789 85.29 -39.75 44.32
CA SER F 1789 84.77 -39.05 45.47
C SER F 1789 85.62 -39.34 46.71
N PRO F 1790 85.72 -38.39 47.63
CA PRO F 1790 86.45 -38.65 48.87
C PRO F 1790 85.80 -39.75 49.70
N ALA F 1791 86.63 -40.51 50.39
CA ALA F 1791 86.17 -41.67 51.12
C ALA F 1791 85.88 -41.32 52.58
N ILE F 1792 85.25 -42.27 53.26
CA ILE F 1792 84.86 -42.15 54.67
C ILE F 1792 84.43 -43.54 55.10
N PRO F 1793 84.65 -43.95 56.35
CA PRO F 1793 84.27 -45.31 56.75
C PRO F 1793 82.77 -45.58 56.65
N LEU F 1794 82.39 -46.42 55.70
CA LEU F 1794 80.96 -46.68 55.48
C LEU F 1794 80.35 -47.48 56.61
N GLU F 1795 81.06 -48.48 57.12
CA GLU F 1795 80.53 -49.29 58.20
C GLU F 1795 80.38 -48.47 59.48
N ALA F 1796 81.36 -47.60 59.76
CA ALA F 1796 81.25 -46.73 60.92
C ALA F 1796 80.10 -45.75 60.78
N LEU F 1797 79.94 -45.16 59.59
CA LEU F 1797 78.81 -44.28 59.35
C LEU F 1797 77.50 -45.03 59.48
N ARG F 1798 77.48 -46.28 59.03
CA ARG F 1798 76.26 -47.08 59.07
C ARG F 1798 75.81 -47.34 60.50
N ASP F 1799 76.71 -47.84 61.34
CA ASP F 1799 76.35 -48.09 62.73
C ASP F 1799 76.04 -46.80 63.47
N LYS F 1800 76.81 -45.75 63.19
CA LYS F 1800 76.62 -44.48 63.88
C LYS F 1800 75.26 -43.87 63.55
N ALA F 1801 74.87 -43.91 62.28
CA ALA F 1801 73.58 -43.34 61.87
C ALA F 1801 72.43 -44.21 62.36
N LEU F 1802 72.59 -45.53 62.35
CA LEU F 1802 71.55 -46.40 62.89
C LEU F 1802 71.32 -46.10 64.36
N ARG F 1803 72.39 -45.95 65.13
CA ARG F 1803 72.25 -45.60 66.54
C ARG F 1803 71.62 -44.22 66.72
N MET F 1804 72.00 -43.27 65.86
CA MET F 1804 71.44 -41.92 65.98
C MET F 1804 69.94 -41.93 65.75
N LEU F 1805 69.47 -42.63 64.73
CA LEU F 1805 68.03 -42.64 64.50
C LEU F 1805 67.32 -43.48 65.55
N GLY F 1806 68.00 -44.45 66.14
CA GLY F 1806 67.40 -45.19 67.25
C GLY F 1806 67.15 -44.31 68.45
N GLU F 1807 68.14 -43.49 68.83
CA GLU F 1807 67.93 -42.59 69.96
C GLU F 1807 66.96 -41.48 69.60
N ALA F 1808 66.89 -41.09 68.32
CA ALA F 1808 65.89 -40.12 67.90
C ALA F 1808 64.48 -40.68 68.06
N VAL F 1809 64.28 -41.94 67.68
CA VAL F 1809 62.99 -42.58 67.84
C VAL F 1809 62.64 -42.72 69.32
N ARG F 1810 63.63 -43.06 70.15
CA ARG F 1810 63.38 -43.15 71.58
C ARG F 1810 63.00 -41.79 72.16
N ASP F 1811 63.67 -40.72 71.73
CA ASP F 1811 63.33 -39.38 72.21
C ASP F 1811 61.91 -38.99 71.78
N GLY F 1812 61.55 -39.29 70.53
CA GLY F 1812 60.19 -39.06 70.09
C GLY F 1812 59.18 -39.87 70.86
N GLY F 1813 59.59 -41.04 71.37
CA GLY F 1813 58.73 -41.78 72.28
C GLY F 1813 58.58 -41.09 73.63
N GLN F 1814 59.67 -40.54 74.15
CA GLN F 1814 59.63 -39.88 75.45
C GLN F 1814 58.89 -38.54 75.42
N HIS F 1815 58.65 -37.98 74.23
CA HIS F 1815 57.87 -36.75 74.09
C HIS F 1815 58.51 -35.58 74.82
N ALA F 1816 59.81 -35.40 74.60
CA ALA F 1816 60.50 -34.29 75.23
C ALA F 1816 60.07 -32.96 74.62
N ARG F 1817 60.26 -31.89 75.39
CA ARG F 1817 60.00 -30.55 74.92
C ARG F 1817 61.24 -29.87 74.38
N ASP F 1818 62.31 -30.63 74.15
CA ASP F 1818 63.56 -30.13 73.60
C ASP F 1818 64.09 -30.95 72.42
N PRO F 1819 63.33 -30.99 71.32
CA PRO F 1819 63.74 -31.82 70.18
C PRO F 1819 65.10 -31.40 69.64
N VAL F 1820 65.88 -32.39 69.21
CA VAL F 1820 67.26 -32.16 68.83
C VAL F 1820 67.30 -31.23 67.63
N GLY F 1821 67.87 -30.05 67.81
CA GLY F 1821 67.93 -29.04 66.78
C GLY F 1821 66.86 -27.98 66.89
N GLY F 1822 65.78 -28.27 67.61
CA GLY F 1822 64.76 -27.26 67.83
C GLY F 1822 63.35 -27.75 67.53
N SER F 1823 63.23 -28.62 66.54
CA SER F 1823 61.92 -29.10 66.10
C SER F 1823 62.04 -30.56 65.71
N VAL F 1824 60.89 -31.25 65.71
CA VAL F 1824 60.86 -32.64 65.29
C VAL F 1824 61.32 -32.77 63.85
N GLU F 1825 60.99 -31.78 63.02
CA GLU F 1825 61.46 -31.77 61.64
C GLU F 1825 62.99 -31.78 61.58
N PHE F 1826 63.63 -30.83 62.27
CA PHE F 1826 65.08 -30.78 62.25
C PHE F 1826 65.71 -31.96 62.96
N GLN F 1827 64.97 -32.63 63.84
CA GLN F 1827 65.50 -33.81 64.49
C GLN F 1827 65.50 -35.01 63.56
N PHE F 1828 64.49 -35.14 62.70
CA PHE F 1828 64.32 -36.37 61.93
C PHE F 1828 64.74 -36.27 60.47
N VAL F 1829 64.46 -35.17 59.76
CA VAL F 1829 64.73 -35.13 58.33
C VAL F 1829 66.20 -35.32 57.98
N PRO F 1830 67.19 -34.76 58.70
CA PRO F 1830 68.57 -35.01 58.26
C PRO F 1830 69.00 -36.45 58.47
N VAL F 1831 68.61 -37.03 59.60
CA VAL F 1831 68.96 -38.42 59.86
C VAL F 1831 68.27 -39.34 58.87
N LEU F 1832 67.02 -39.05 58.52
CA LEU F 1832 66.33 -39.88 57.54
C LEU F 1832 66.92 -39.73 56.16
N LYS F 1833 67.43 -38.55 55.81
CA LYS F 1833 68.18 -38.44 54.56
C LYS F 1833 69.41 -39.34 54.58
N LEU F 1834 70.11 -39.38 55.72
CA LEU F 1834 71.27 -40.26 55.82
C LEU F 1834 70.89 -41.72 55.66
N VAL F 1835 69.82 -42.14 56.33
CA VAL F 1835 69.41 -43.53 56.27
C VAL F 1835 68.95 -43.90 54.86
N SER F 1836 68.20 -43.00 54.21
CA SER F 1836 67.75 -43.28 52.85
C SER F 1836 68.90 -43.37 51.88
N THR F 1837 69.87 -42.44 51.98
CA THR F 1837 71.02 -42.49 51.08
C THR F 1837 71.82 -43.76 51.29
N LEU F 1838 72.07 -44.13 52.54
CA LEU F 1838 72.82 -45.35 52.79
C LEU F 1838 72.05 -46.58 52.35
N LEU F 1839 70.73 -46.59 52.55
CA LEU F 1839 69.92 -47.73 52.17
C LEU F 1839 69.96 -47.96 50.66
N VAL F 1840 69.77 -46.89 49.88
CA VAL F 1840 69.84 -47.05 48.44
C VAL F 1840 71.26 -47.28 47.98
N MET F 1841 72.25 -46.94 48.79
CA MET F 1841 73.64 -47.24 48.46
C MET F 1841 74.05 -48.64 48.86
N GLY F 1842 73.18 -49.38 49.55
CA GLY F 1842 73.41 -50.79 49.80
C GLY F 1842 74.39 -51.08 50.91
N ILE F 1843 74.70 -50.11 51.76
CA ILE F 1843 75.69 -50.31 52.82
C ILE F 1843 75.15 -51.25 53.89
N PHE F 1844 73.87 -51.11 54.23
CA PHE F 1844 73.33 -51.84 55.38
C PHE F 1844 73.25 -53.33 55.10
N GLY F 1845 73.63 -54.13 56.09
CA GLY F 1845 73.58 -55.57 55.99
C GLY F 1845 72.23 -56.12 56.41
N ASP F 1846 72.15 -57.45 56.43
CA ASP F 1846 70.87 -58.13 56.68
C ASP F 1846 70.34 -57.80 58.08
N GLU F 1847 71.17 -58.00 59.10
CA GLU F 1847 70.73 -57.70 60.46
C GLU F 1847 70.41 -56.22 60.63
N ASP F 1848 71.17 -55.37 59.93
CA ASP F 1848 70.95 -53.94 60.07
C ASP F 1848 69.63 -53.52 59.47
N VAL F 1849 69.28 -54.01 58.28
CA VAL F 1849 67.99 -53.65 57.71
C VAL F 1849 66.88 -54.31 58.51
N LYS F 1850 67.16 -55.43 59.17
CA LYS F 1850 66.18 -56.00 60.09
C LYS F 1850 65.89 -55.02 61.22
N GLN F 1851 66.93 -54.41 61.80
CA GLN F 1851 66.73 -53.40 62.82
C GLN F 1851 65.95 -52.21 62.27
N ILE F 1852 66.30 -51.76 61.05
CA ILE F 1852 65.62 -50.59 60.49
C ILE F 1852 64.14 -50.89 60.26
N LEU F 1853 63.83 -52.09 59.76
CA LEU F 1853 62.43 -52.46 59.54
C LEU F 1853 61.66 -52.50 60.85
N LYS F 1854 62.20 -53.20 61.85
CA LYS F 1854 61.51 -53.31 63.13
C LYS F 1854 61.38 -51.96 63.81
N MET F 1855 62.31 -51.06 63.56
CA MET F 1855 62.31 -49.77 64.23
C MET F 1855 61.57 -48.70 63.44
N ILE F 1856 61.22 -48.96 62.18
CA ILE F 1856 60.13 -48.24 61.54
C ILE F 1856 58.79 -48.72 62.09
N GLU F 1857 58.59 -50.04 62.16
CA GLU F 1857 57.34 -50.57 62.68
C GLU F 1857 57.55 -51.94 63.34
N PRO F 1858 57.49 -52.01 64.66
CA PRO F 1858 57.85 -53.26 65.36
C PRO F 1858 56.88 -54.41 65.16
N GLU F 1859 55.60 -54.16 65.40
CA GLU F 1859 54.63 -55.26 65.48
C GLU F 1859 54.46 -55.96 64.14
N VAL F 1860 54.33 -55.18 63.06
CA VAL F 1860 54.08 -55.78 61.76
C VAL F 1860 55.33 -56.46 61.21
N PHE F 1861 56.51 -55.91 61.49
CA PHE F 1861 57.72 -56.28 60.78
C PHE F 1861 58.68 -57.14 61.59
N THR F 1862 58.27 -57.62 62.75
CA THR F 1862 59.11 -58.52 63.52
C THR F 1862 58.89 -59.96 63.09
N GLU F 1863 59.88 -60.80 63.38
CA GLU F 1863 59.85 -62.19 62.97
C GLU F 1863 59.13 -63.02 64.04
N GLU F 1864 59.14 -64.34 63.87
CA GLU F 1864 58.52 -65.23 64.83
C GLU F 1864 59.40 -65.42 66.06
N LEU F 1912 53.69 -49.59 74.12
CA LEU F 1912 54.94 -50.34 74.13
C LEU F 1912 55.97 -49.71 73.20
N GLU F 1913 56.48 -50.50 72.26
CA GLU F 1913 57.46 -50.00 71.30
C GLU F 1913 56.74 -49.12 70.29
N GLU F 1914 57.03 -47.82 70.31
CA GLU F 1914 56.39 -46.86 69.41
C GLU F 1914 57.17 -46.80 68.10
N GLY F 1915 56.52 -47.19 67.01
CA GLY F 1915 57.17 -47.15 65.73
C GLY F 1915 57.21 -45.74 65.15
N LEU F 1916 58.12 -45.56 64.18
CA LEU F 1916 58.25 -44.27 63.52
C LEU F 1916 56.99 -43.95 62.73
N LEU F 1917 56.38 -44.95 62.10
CA LEU F 1917 55.05 -44.77 61.54
C LEU F 1917 54.02 -44.54 62.63
N GLN F 1918 54.18 -45.21 63.77
CA GLN F 1918 53.15 -45.20 64.81
C GLN F 1918 52.93 -43.80 65.37
N MET F 1919 54.01 -43.09 65.67
CA MET F 1919 53.84 -41.78 66.30
C MET F 1919 53.63 -40.69 65.26
N LYS F 1920 52.93 -39.63 65.67
CA LYS F 1920 52.52 -38.57 64.75
C LYS F 1920 53.72 -37.79 64.24
N LEU F 1921 53.58 -37.20 63.06
CA LEU F 1921 54.73 -36.68 62.34
C LEU F 1921 54.35 -35.39 61.63
N PRO F 1922 55.31 -34.52 61.38
CA PRO F 1922 55.08 -33.37 60.51
C PRO F 1922 55.23 -33.77 59.04
N GLU F 1923 55.11 -32.78 58.17
CA GLU F 1923 55.04 -33.07 56.74
C GLU F 1923 56.38 -33.54 56.19
N SER F 1924 57.46 -32.82 56.50
CA SER F 1924 58.75 -33.13 55.88
C SER F 1924 59.25 -34.50 56.30
N VAL F 1925 59.03 -34.86 57.57
CA VAL F 1925 59.45 -36.18 58.03
C VAL F 1925 58.63 -37.25 57.34
N LYS F 1926 57.35 -36.99 57.08
CA LYS F 1926 56.54 -37.91 56.30
C LYS F 1926 57.10 -38.08 54.90
N LEU F 1927 57.56 -36.98 54.28
CA LEU F 1927 58.14 -37.06 52.95
C LEU F 1927 59.35 -37.96 52.93
N GLN F 1928 60.26 -37.77 53.89
CA GLN F 1928 61.45 -38.62 53.93
C GLN F 1928 61.10 -40.05 54.32
N MET F 1929 60.04 -40.23 55.10
CA MET F 1929 59.58 -41.57 55.43
C MET F 1929 59.08 -42.29 54.19
N CYS F 1930 58.37 -41.58 53.32
CA CYS F 1930 57.92 -42.17 52.06
C CYS F 1930 59.11 -42.50 51.16
N ASN F 1931 60.10 -41.61 51.09
CA ASN F 1931 61.29 -41.92 50.30
C ASN F 1931 62.04 -43.11 50.87
N LEU F 1932 61.93 -43.35 52.17
CA LEU F 1932 62.53 -44.54 52.74
C LEU F 1932 61.72 -45.79 52.40
N LEU F 1933 60.39 -45.71 52.49
CA LEU F 1933 59.56 -46.87 52.21
C LEU F 1933 59.58 -47.24 50.74
N GLU F 1934 59.81 -46.27 49.86
CA GLU F 1934 59.91 -46.57 48.44
C GLU F 1934 61.07 -47.51 48.17
N TYR F 1935 62.16 -47.40 48.93
CA TYR F 1935 63.27 -48.33 48.77
C TYR F 1935 62.84 -49.75 49.10
N PHE F 1936 62.08 -49.93 50.17
CA PHE F 1936 61.69 -51.28 50.55
C PHE F 1936 60.72 -51.88 49.55
N CYS F 1937 59.80 -51.07 49.01
CA CYS F 1937 58.96 -51.57 47.94
C CYS F 1937 59.77 -51.94 46.71
N ASP F 1938 60.80 -51.14 46.40
CA ASP F 1938 61.65 -51.44 45.27
C ASP F 1938 62.40 -52.75 45.48
N GLN F 1939 62.84 -53.02 46.71
CA GLN F 1939 63.49 -54.29 47.00
C GLN F 1939 62.52 -55.45 46.92
N GLU F 1940 61.26 -55.24 47.31
CA GLU F 1940 60.25 -56.29 47.13
C GLU F 1940 60.09 -56.62 45.65
N LEU F 1941 60.00 -55.59 44.81
CA LEU F 1941 59.87 -55.82 43.37
C LEU F 1941 61.11 -56.49 42.79
N GLN F 1942 62.29 -56.07 43.23
CA GLN F 1942 63.53 -56.69 42.76
C GLN F 1942 63.60 -58.14 43.18
N HIS F 1943 63.18 -58.44 44.40
CA HIS F 1943 63.12 -59.83 44.83
C HIS F 1943 62.18 -60.64 43.97
N ARG F 1944 61.04 -60.07 43.61
CA ARG F 1944 60.09 -60.81 42.77
C ARG F 1944 60.65 -61.09 41.39
N VAL F 1945 61.26 -60.09 40.75
CA VAL F 1945 61.79 -60.32 39.40
C VAL F 1945 62.98 -61.28 39.44
N GLU F 1946 63.81 -61.20 40.49
CA GLU F 1946 64.89 -62.16 40.63
C GLU F 1946 64.37 -63.57 40.83
N SER F 1947 63.30 -63.72 41.62
CA SER F 1947 62.70 -65.04 41.78
C SER F 1947 62.12 -65.55 40.47
N LEU F 1948 61.57 -64.64 39.67
CA LEU F 1948 61.06 -65.03 38.36
C LEU F 1948 62.18 -65.53 37.46
N ALA F 1949 63.33 -64.86 37.50
CA ALA F 1949 64.48 -65.33 36.73
C ALA F 1949 64.98 -66.68 37.22
N ALA F 1950 64.97 -66.89 38.54
CA ALA F 1950 65.37 -68.17 39.09
C ALA F 1950 64.45 -69.28 38.63
N PHE F 1951 63.14 -69.03 38.63
CA PHE F 1951 62.23 -70.02 38.09
C PHE F 1951 62.42 -70.20 36.59
N ALA F 1952 62.81 -69.15 35.87
CA ALA F 1952 63.07 -69.27 34.45
C ALA F 1952 64.21 -70.24 34.19
N GLU F 1953 65.30 -70.13 34.96
CA GLU F 1953 66.42 -71.05 34.76
C GLU F 1953 66.10 -72.45 35.26
N ARG F 1954 65.26 -72.58 36.28
CA ARG F 1954 64.83 -73.92 36.69
C ARG F 1954 63.94 -74.56 35.63
N TYR F 1955 63.14 -73.76 34.94
CA TYR F 1955 62.12 -74.29 34.03
C TYR F 1955 62.68 -74.59 32.66
N VAL F 1956 63.69 -73.83 32.20
CA VAL F 1956 64.22 -74.06 30.86
C VAL F 1956 64.86 -75.44 30.77
N ASP F 1957 65.50 -75.89 31.85
CA ASP F 1957 66.11 -77.22 31.85
C ASP F 1957 65.07 -78.31 31.66
N LYS F 1958 63.95 -78.21 32.39
CA LYS F 1958 62.88 -79.18 32.23
C LYS F 1958 62.30 -79.13 30.82
N LEU F 1959 62.11 -77.92 30.29
CA LEU F 1959 61.54 -77.79 28.95
C LEU F 1959 62.45 -78.38 27.90
N GLN F 1960 63.76 -78.13 28.02
CA GLN F 1960 64.70 -78.72 27.07
C GLN F 1960 64.73 -80.24 27.19
N ALA F 1961 64.61 -80.78 28.41
CA ALA F 1961 64.59 -82.22 28.58
C ALA F 1961 63.36 -82.84 27.91
N ASN F 1962 62.19 -82.24 28.11
CA ASN F 1962 60.99 -82.74 27.46
C ASN F 1962 61.07 -82.63 25.95
N GLN F 1963 61.65 -81.53 25.46
CA GLN F 1963 61.83 -81.38 24.03
C GLN F 1963 62.80 -82.43 23.49
N ARG F 1964 63.84 -82.79 24.27
CA ARG F 1964 64.73 -83.87 23.87
C ARG F 1964 63.99 -85.20 23.76
N SER F 1965 63.12 -85.50 24.73
CA SER F 1965 62.41 -86.77 24.68
C SER F 1965 61.47 -86.83 23.48
N ARG F 1966 60.75 -85.75 23.21
CA ARG F 1966 59.86 -85.75 22.04
C ARG F 1966 60.65 -85.76 20.74
N TYR F 1967 61.82 -85.10 20.71
CA TYR F 1967 62.68 -85.13 19.54
C TYR F 1967 63.20 -86.53 19.26
N ALA F 1968 63.62 -87.24 20.32
CA ALA F 1968 64.08 -88.61 20.17
C ALA F 1968 62.95 -89.51 19.68
N LEU F 1969 61.73 -89.31 20.19
CA LEU F 1969 60.60 -90.10 19.72
C LEU F 1969 60.28 -89.80 18.26
N LEU F 1970 60.41 -88.53 17.85
CA LEU F 1970 60.14 -88.17 16.45
C LEU F 1970 61.14 -88.82 15.51
N MET F 1971 62.42 -88.78 15.85
CA MET F 1971 63.41 -89.46 15.02
C MET F 1971 63.32 -90.97 15.12
N ARG F 1972 62.73 -91.49 16.21
CA ARG F 1972 62.53 -92.93 16.33
C ARG F 1972 61.39 -93.41 15.46
N ALA F 1973 60.29 -92.67 15.40
CA ALA F 1973 59.12 -93.07 14.61
C ALA F 1973 58.52 -91.82 13.97
N PHE F 1974 58.68 -91.70 12.65
CA PHE F 1974 58.11 -90.59 11.90
C PHE F 1974 57.28 -91.08 10.72
N THR F 1975 56.86 -92.34 10.72
CA THR F 1975 56.07 -92.89 9.62
C THR F 1975 54.70 -92.21 9.54
N MET F 1976 54.07 -91.95 10.68
CA MET F 1976 52.78 -91.26 10.70
C MET F 1976 52.96 -89.84 10.21
N SER F 1977 52.44 -89.54 9.01
CA SER F 1977 52.69 -88.26 8.37
C SER F 1977 52.05 -87.11 9.14
N ALA F 1978 50.85 -87.32 9.68
CA ALA F 1978 50.17 -86.24 10.40
C ALA F 1978 50.93 -85.84 11.65
N ALA F 1979 51.32 -86.81 12.47
CA ALA F 1979 52.09 -86.50 13.67
C ALA F 1979 53.47 -85.98 13.33
N GLU F 1980 54.08 -86.50 12.26
CA GLU F 1980 55.40 -86.01 11.85
C GLU F 1980 55.34 -84.56 11.42
N THR F 1981 54.30 -84.17 10.67
CA THR F 1981 54.15 -82.78 10.27
C THR F 1981 53.82 -81.89 11.47
N ALA F 1982 53.02 -82.41 12.41
CA ALA F 1982 52.71 -81.65 13.61
C ALA F 1982 53.97 -81.36 14.41
N ARG F 1983 54.84 -82.37 14.58
CA ARG F 1983 56.11 -82.15 15.25
C ARG F 1983 57.01 -81.22 14.44
N ARG F 1984 57.04 -81.39 13.11
CA ARG F 1984 57.87 -80.57 12.24
C ARG F 1984 57.41 -79.13 12.18
N THR F 1985 56.20 -78.83 12.66
CA THR F 1985 55.76 -77.46 12.82
C THR F 1985 55.94 -76.95 14.25
N ARG F 1986 55.75 -77.80 15.25
CA ARG F 1986 55.79 -77.36 16.64
C ARG F 1986 57.21 -77.34 17.19
N GLU F 1987 57.89 -78.48 17.22
CA GLU F 1987 59.23 -78.58 17.79
C GLU F 1987 60.30 -78.73 16.71
N PHE F 1988 59.99 -78.32 15.48
CA PHE F 1988 60.93 -78.23 14.39
C PHE F 1988 60.52 -77.08 13.48
N ARG F 1989 61.50 -76.57 12.72
CA ARG F 1989 61.28 -75.65 11.61
C ARG F 1989 60.51 -74.40 12.02
N SER F 1990 60.64 -74.00 13.28
CA SER F 1990 60.00 -72.81 13.79
C SER F 1990 61.01 -71.99 14.57
N PRO F 1991 60.85 -70.68 14.63
CA PRO F 1991 61.70 -69.86 15.49
C PRO F 1991 61.57 -70.29 16.94
N PRO F 1992 62.66 -70.25 17.70
CA PRO F 1992 62.58 -70.66 19.11
C PRO F 1992 61.56 -69.88 19.92
N GLN F 1993 61.35 -68.61 19.58
CA GLN F 1993 60.31 -67.82 20.25
C GLN F 1993 58.94 -68.42 20.00
N GLU F 1994 58.64 -68.78 18.76
CA GLU F 1994 57.36 -69.41 18.46
C GLU F 1994 57.24 -70.77 19.12
N GLN F 1995 58.34 -71.53 19.16
CA GLN F 1995 58.32 -72.84 19.78
C GLN F 1995 58.00 -72.74 21.26
N ILE F 1996 58.70 -71.85 21.97
CA ILE F 1996 58.46 -71.71 23.40
C ILE F 1996 57.09 -71.12 23.65
N ASN F 1997 56.61 -70.23 22.76
CA ASN F 1997 55.28 -69.66 22.93
C ASN F 1997 54.21 -70.74 22.81
N MET F 1998 54.33 -71.59 21.80
CA MET F 1998 53.35 -72.65 21.60
C MET F 1998 53.39 -73.66 22.75
N LEU F 1999 54.59 -73.99 23.24
CA LEU F 1999 54.69 -74.93 24.35
C LEU F 1999 54.13 -74.32 25.62
N LEU F 2000 54.39 -73.04 25.85
CA LEU F 2000 53.98 -72.38 27.09
C LEU F 2000 52.53 -71.93 27.07
N HIS F 2001 51.86 -71.99 25.92
CA HIS F 2001 50.45 -71.62 25.83
C HIS F 2001 49.60 -72.79 26.33
N PHE F 2002 49.48 -72.90 27.65
CA PHE F 2002 48.61 -73.91 28.23
C PHE F 2002 47.87 -73.43 29.48
N LYS F 2003 47.90 -72.15 29.81
CA LYS F 2003 47.31 -71.70 31.07
C LYS F 2003 45.80 -71.95 31.10
N ASP F 2004 45.13 -71.70 29.99
CA ASP F 2004 43.71 -72.04 29.87
C ASP F 2004 43.56 -73.56 29.81
N GLU F 2005 42.47 -74.07 30.38
CA GLU F 2005 42.24 -75.51 30.42
C GLU F 2005 42.05 -76.08 29.03
N ALA F 2006 41.31 -75.37 28.17
CA ALA F 2006 41.09 -75.87 26.82
C ALA F 2006 42.41 -75.93 26.03
N ASP F 2007 43.28 -74.95 26.24
CA ASP F 2007 44.60 -75.01 25.63
C ASP F 2007 45.43 -76.15 26.21
N GLU F 2008 45.36 -76.36 27.53
CA GLU F 2008 46.10 -77.42 28.19
C GLU F 2008 45.59 -78.80 27.83
N GLU F 2009 44.42 -78.91 27.21
CA GLU F 2009 43.91 -80.21 26.78
C GLU F 2009 44.87 -80.89 25.80
N ASP F 2010 45.49 -80.11 24.90
CA ASP F 2010 46.42 -80.65 23.90
C ASP F 2010 47.68 -79.78 23.89
N CYS F 2011 48.66 -80.14 24.71
CA CYS F 2011 49.95 -79.48 24.74
C CYS F 2011 51.05 -80.51 24.94
N PRO F 2012 52.25 -80.28 24.37
CA PRO F 2012 53.33 -81.27 24.49
C PRO F 2012 53.94 -81.36 25.88
N LEU F 2013 53.62 -80.44 26.78
CA LEU F 2013 54.23 -80.47 28.10
C LEU F 2013 53.67 -81.62 28.93
N PRO F 2014 54.47 -82.17 29.84
CA PRO F 2014 53.96 -83.19 30.75
C PRO F 2014 53.20 -82.58 31.92
N GLU F 2015 52.50 -83.45 32.64
CA GLU F 2015 51.65 -82.99 33.74
C GLU F 2015 52.48 -82.44 34.90
N ASP F 2016 53.64 -83.04 35.17
CA ASP F 2016 54.48 -82.57 36.27
C ASP F 2016 55.00 -81.16 36.00
N ILE F 2017 55.55 -80.93 34.82
CA ILE F 2017 56.05 -79.60 34.47
C ILE F 2017 54.91 -78.60 34.42
N ARG F 2018 53.76 -79.01 33.86
CA ARG F 2018 52.57 -78.17 33.84
C ARG F 2018 52.18 -77.72 35.25
N GLN F 2019 52.06 -78.68 36.18
CA GLN F 2019 51.64 -78.34 37.53
C GLN F 2019 52.68 -77.49 38.23
N ASP F 2020 53.97 -77.70 37.95
CA ASP F 2020 54.99 -76.85 38.53
C ASP F 2020 54.80 -75.39 38.12
N LEU F 2021 54.52 -75.15 36.84
CA LEU F 2021 54.32 -73.78 36.41
C LEU F 2021 53.04 -73.19 36.99
N GLN F 2022 51.97 -73.98 37.06
CA GLN F 2022 50.74 -73.47 37.67
C GLN F 2022 50.96 -73.11 39.12
N ASP F 2023 51.71 -73.94 39.85
CA ASP F 2023 52.04 -73.62 41.24
C ASP F 2023 52.83 -72.33 41.33
N PHE F 2024 53.79 -72.13 40.43
CA PHE F 2024 54.57 -70.90 40.48
C PHE F 2024 53.71 -69.68 40.19
N HIS F 2025 52.78 -69.78 39.24
CA HIS F 2025 51.89 -68.66 38.98
C HIS F 2025 51.03 -68.37 40.20
N GLN F 2026 50.55 -69.41 40.87
CA GLN F 2026 49.74 -69.20 42.07
C GLN F 2026 50.54 -68.51 43.18
N ASP F 2027 51.79 -68.91 43.39
CA ASP F 2027 52.55 -68.23 44.43
C ASP F 2027 53.00 -66.85 44.00
N LEU F 2028 53.12 -66.60 42.70
CA LEU F 2028 53.37 -65.23 42.25
C LEU F 2028 52.19 -64.33 42.56
N LEU F 2029 50.97 -64.81 42.33
CA LEU F 2029 49.79 -64.05 42.72
C LEU F 2029 49.73 -63.86 44.23
N ALA F 2030 50.09 -64.89 44.99
CA ALA F 2030 50.09 -64.77 46.44
C ALA F 2030 51.10 -63.72 46.91
N HIS F 2031 52.28 -63.70 46.29
CA HIS F 2031 53.28 -62.70 46.68
C HIS F 2031 52.87 -61.30 46.26
N CYS F 2032 52.15 -61.16 45.15
CA CYS F 2032 51.61 -59.86 44.78
C CYS F 2032 50.35 -59.51 45.55
N GLY F 2033 49.85 -60.41 46.40
CA GLY F 2033 48.68 -60.13 47.19
C GLY F 2033 47.38 -60.16 46.42
N ILE F 2034 47.34 -60.87 45.29
CA ILE F 2034 46.13 -60.94 44.48
C ILE F 2034 45.03 -61.66 45.25
N GLN F 2035 45.36 -62.78 45.89
CA GLN F 2035 44.42 -63.60 46.65
C GLN F 2035 43.22 -64.04 45.80
N LYS F 2079 42.06 -52.69 61.95
CA LYS F 2079 42.51 -54.05 62.17
C LYS F 2079 44.00 -54.07 62.50
N LYS F 2080 44.70 -55.11 62.02
CA LYS F 2080 46.13 -55.26 62.28
C LYS F 2080 46.83 -55.53 60.95
N PRO F 2081 47.80 -54.71 60.56
CA PRO F 2081 48.56 -55.00 59.34
C PRO F 2081 49.37 -56.27 59.48
N GLN F 2082 49.57 -56.95 58.36
CA GLN F 2082 50.34 -58.18 58.35
C GLN F 2082 51.50 -58.15 57.36
N SER F 2083 51.32 -57.53 56.21
CA SER F 2083 52.33 -57.51 55.17
C SER F 2083 52.67 -56.06 54.82
N LEU F 2084 53.75 -55.89 54.05
CA LEU F 2084 54.16 -54.56 53.63
C LEU F 2084 53.08 -53.86 52.83
N GLN F 2085 52.39 -54.60 51.96
CA GLN F 2085 51.36 -53.98 51.12
C GLN F 2085 50.25 -53.38 51.97
N GLU F 2086 49.70 -54.18 52.89
CA GLU F 2086 48.64 -53.66 53.76
C GLU F 2086 49.17 -52.54 54.64
N LEU F 2087 50.42 -52.66 55.10
CA LEU F 2087 51.00 -51.63 55.96
C LEU F 2087 51.05 -50.28 55.25
N VAL F 2088 51.64 -50.24 54.04
CA VAL F 2088 51.76 -48.96 53.34
C VAL F 2088 50.41 -48.44 52.90
N SER F 2089 49.51 -49.33 52.47
CA SER F 2089 48.20 -48.87 52.02
C SER F 2089 47.43 -48.22 53.17
N HIS F 2090 47.33 -48.91 54.31
CA HIS F 2090 46.62 -48.35 55.45
C HIS F 2090 47.31 -47.11 55.98
N MET F 2091 48.64 -47.09 55.97
CA MET F 2091 49.38 -45.93 56.44
C MET F 2091 49.11 -44.70 55.58
N VAL F 2092 49.14 -44.87 54.26
CA VAL F 2092 48.95 -43.73 53.36
C VAL F 2092 47.53 -43.20 53.47
N VAL F 2093 46.54 -44.10 53.53
CA VAL F 2093 45.16 -43.66 53.69
C VAL F 2093 44.98 -42.93 55.01
N ARG F 2094 45.60 -43.43 56.08
CA ARG F 2094 45.48 -42.77 57.37
C ARG F 2094 46.12 -41.39 57.34
N TRP F 2095 47.27 -41.26 56.67
CA TRP F 2095 47.91 -39.96 56.54
C TRP F 2095 47.01 -38.97 55.82
N ALA F 2096 46.35 -39.43 54.75
CA ALA F 2096 45.47 -38.53 54.01
C ALA F 2096 44.23 -38.17 54.82
N GLN F 2097 43.73 -39.10 55.63
CA GLN F 2097 42.53 -38.80 56.42
C GLN F 2097 42.85 -37.90 57.60
N GLU F 2098 44.08 -37.95 58.12
CA GLU F 2098 44.40 -37.18 59.31
C GLU F 2098 44.31 -35.68 59.06
N ASP F 2099 44.83 -35.21 57.94
CA ASP F 2099 44.86 -33.77 57.70
C ASP F 2099 45.01 -33.51 56.21
N TYR F 2100 44.72 -32.27 55.82
CA TYR F 2100 44.82 -31.83 54.44
C TYR F 2100 46.28 -31.50 54.15
N VAL F 2101 46.99 -32.43 53.52
CA VAL F 2101 48.40 -32.22 53.20
C VAL F 2101 48.54 -31.08 52.20
N GLN F 2102 49.62 -30.31 52.33
CA GLN F 2102 49.82 -29.14 51.48
C GLN F 2102 51.19 -29.09 50.84
N SER F 2103 51.99 -30.15 50.96
CA SER F 2103 53.27 -30.20 50.27
C SER F 2103 53.13 -31.09 49.05
N PRO F 2104 53.15 -30.53 47.83
CA PRO F 2104 52.81 -31.32 46.65
C PRO F 2104 53.68 -32.55 46.45
N GLU F 2105 54.97 -32.43 46.75
CA GLU F 2105 55.87 -33.57 46.60
C GLU F 2105 55.45 -34.70 47.53
N LEU F 2106 55.06 -34.35 48.76
CA LEU F 2106 54.54 -35.38 49.66
C LEU F 2106 53.28 -36.01 49.09
N VAL F 2107 52.38 -35.20 48.51
CA VAL F 2107 51.13 -35.74 48.00
C VAL F 2107 51.39 -36.79 46.93
N ARG F 2108 52.21 -36.44 45.93
CA ARG F 2108 52.48 -37.42 44.88
C ARG F 2108 53.30 -38.58 45.41
N ALA F 2109 54.10 -38.36 46.46
CA ALA F 2109 54.83 -39.47 47.04
C ALA F 2109 53.88 -40.51 47.61
N MET F 2110 52.94 -40.08 48.47
CA MET F 2110 52.07 -41.07 49.11
C MET F 2110 51.19 -41.75 48.09
N PHE F 2111 50.72 -41.02 47.08
CA PHE F 2111 49.85 -41.66 46.11
C PHE F 2111 50.62 -42.56 45.16
N SER F 2112 51.88 -42.24 44.86
CA SER F 2112 52.69 -43.14 44.07
C SER F 2112 52.92 -44.46 44.80
N LEU F 2113 53.28 -44.38 46.08
CA LEU F 2113 53.43 -45.61 46.86
C LEU F 2113 52.11 -46.36 46.96
N LEU F 2114 51.00 -45.65 47.13
CA LEU F 2114 49.71 -46.31 47.25
C LEU F 2114 49.36 -47.06 45.96
N HIS F 2115 49.60 -46.44 44.81
CA HIS F 2115 49.31 -47.10 43.55
C HIS F 2115 50.19 -48.33 43.37
N ARG F 2116 51.47 -48.23 43.73
CA ARG F 2116 52.36 -49.37 43.59
C ARG F 2116 51.93 -50.52 44.50
N GLN F 2117 51.51 -50.22 45.73
CA GLN F 2117 51.09 -51.28 46.62
C GLN F 2117 49.81 -51.95 46.14
N TYR F 2118 48.84 -51.16 45.66
CA TYR F 2118 47.57 -51.76 45.25
C TYR F 2118 47.72 -52.55 43.96
N ASP F 2119 48.43 -52.00 42.98
CA ASP F 2119 48.62 -52.68 41.70
C ASP F 2119 50.04 -53.24 41.70
N GLY F 2120 50.17 -54.48 42.19
CA GLY F 2120 51.47 -55.11 42.25
C GLY F 2120 51.85 -55.78 40.95
N LEU F 2121 50.88 -56.45 40.33
CA LEU F 2121 51.15 -57.18 39.10
C LEU F 2121 51.55 -56.24 37.97
N GLY F 2122 50.90 -55.09 37.88
CA GLY F 2122 51.25 -54.14 36.83
C GLY F 2122 52.65 -53.60 36.97
N GLU F 2123 53.14 -53.45 38.21
CA GLU F 2123 54.52 -53.03 38.40
C GLU F 2123 55.49 -54.09 37.88
N LEU F 2124 55.18 -55.36 38.12
CA LEU F 2124 56.01 -56.43 37.58
C LEU F 2124 55.95 -56.44 36.06
N LEU F 2125 54.77 -56.17 35.50
CA LEU F 2125 54.61 -56.09 34.05
C LEU F 2125 55.47 -54.98 33.46
N ARG F 2126 55.52 -53.84 34.14
CA ARG F 2126 56.36 -52.74 33.65
C ARG F 2126 57.84 -52.98 33.91
N ALA F 2127 58.18 -53.81 34.90
CA ALA F 2127 59.58 -54.03 35.22
C ALA F 2127 60.22 -55.08 34.31
N LEU F 2128 59.45 -56.06 33.85
CA LEU F 2128 60.02 -57.12 33.04
C LEU F 2128 60.67 -56.67 31.73
N PRO F 2129 60.25 -55.59 31.05
CA PRO F 2129 61.04 -55.13 29.89
C PRO F 2129 62.49 -54.81 30.22
N ARG F 2130 62.76 -54.26 31.41
CA ARG F 2130 64.13 -53.96 31.77
C ARG F 2130 64.89 -55.17 32.30
N ALA F 2131 64.20 -56.26 32.63
CA ALA F 2131 64.86 -57.43 33.16
C ALA F 2131 65.58 -58.18 32.05
N TYR F 2132 66.83 -58.56 32.30
CA TYR F 2132 67.61 -59.33 31.34
C TYR F 2132 68.42 -60.37 32.10
N THR F 2133 68.72 -61.47 31.43
CA THR F 2133 69.45 -62.58 32.01
C THR F 2133 70.68 -62.87 31.16
N ILE F 2134 71.84 -63.00 31.80
CA ILE F 2134 73.10 -63.17 31.10
C ILE F 2134 73.86 -64.35 31.69
N SER F 2135 74.72 -64.95 30.87
CA SER F 2135 75.53 -66.07 31.32
C SER F 2135 76.60 -65.59 32.31
N PRO F 2136 76.98 -66.43 33.26
CA PRO F 2136 78.01 -66.02 34.24
C PRO F 2136 79.36 -65.71 33.61
N SER F 2137 79.68 -66.33 32.46
CA SER F 2137 80.99 -66.16 31.87
C SER F 2137 81.23 -64.76 31.33
N SER F 2138 80.18 -63.98 31.12
CA SER F 2138 80.31 -62.63 30.58
C SER F 2138 80.13 -61.56 31.66
N VAL F 2139 80.09 -61.96 32.93
CA VAL F 2139 79.70 -61.05 34.00
C VAL F 2139 80.65 -59.86 34.08
N GLU F 2140 81.96 -60.13 34.05
CA GLU F 2140 82.94 -59.05 34.16
C GLU F 2140 82.80 -58.05 33.02
N ASP F 2141 82.60 -58.56 31.80
CA ASP F 2141 82.45 -57.68 30.65
C ASP F 2141 81.22 -56.79 30.79
N THR F 2142 80.12 -57.34 31.27
CA THR F 2142 78.95 -56.49 31.52
C THR F 2142 79.15 -55.54 32.70
N MET F 2143 80.01 -55.88 33.65
CA MET F 2143 80.31 -54.91 34.70
C MET F 2143 81.05 -53.71 34.15
N SER F 2144 82.01 -53.95 33.25
CA SER F 2144 82.66 -52.83 32.56
C SER F 2144 81.65 -52.06 31.72
N LEU F 2145 80.74 -52.79 31.07
CA LEU F 2145 79.64 -52.18 30.32
C LEU F 2145 78.86 -51.21 31.18
N LEU F 2146 78.41 -51.67 32.35
CA LEU F 2146 77.61 -50.83 33.24
C LEU F 2146 78.41 -49.67 33.79
N GLU F 2147 79.71 -49.87 34.02
CA GLU F 2147 80.54 -48.77 34.50
C GLU F 2147 80.66 -47.67 33.45
N CYS F 2148 80.93 -48.05 32.20
CA CYS F 2148 81.01 -47.06 31.13
C CYS F 2148 79.70 -46.30 30.99
N LEU F 2149 78.58 -47.04 30.92
CA LEU F 2149 77.27 -46.40 30.92
C LEU F 2149 77.07 -45.54 32.17
N GLY F 2150 77.73 -45.91 33.26
CA GLY F 2150 77.65 -45.11 34.47
C GLY F 2150 78.13 -43.69 34.26
N GLN F 2151 79.35 -43.53 33.73
CA GLN F 2151 79.77 -42.14 33.51
C GLN F 2151 79.03 -41.47 32.36
N ILE F 2152 78.54 -42.22 31.37
CA ILE F 2152 77.73 -41.53 30.36
C ILE F 2152 76.52 -40.87 31.01
N ARG F 2153 75.83 -41.60 31.90
CA ARG F 2153 74.72 -41.00 32.61
C ARG F 2153 75.20 -39.93 33.60
N SER F 2154 76.39 -40.07 34.15
CA SER F 2154 76.88 -39.11 35.14
C SER F 2154 77.12 -37.75 34.53
N LEU F 2155 77.86 -37.69 33.42
CA LEU F 2155 78.03 -36.42 32.73
C LEU F 2155 76.93 -36.13 31.72
N LEU F 2156 75.84 -36.91 31.72
CA LEU F 2156 74.65 -36.48 31.01
C LEU F 2156 74.10 -35.18 31.58
N ILE F 2157 74.01 -35.08 32.91
CA ILE F 2157 73.41 -33.91 33.55
C ILE F 2157 74.38 -32.74 33.67
N VAL F 2158 75.65 -32.96 33.40
CA VAL F 2158 76.66 -31.92 33.51
C VAL F 2158 76.80 -31.24 32.16
N GLN F 2159 77.01 -29.92 32.18
CA GLN F 2159 77.30 -29.20 30.95
C GLN F 2159 78.60 -29.69 30.33
N MET F 2160 78.65 -29.69 29.00
CA MET F 2160 79.79 -30.23 28.29
C MET F 2160 81.00 -29.30 28.41
N GLY F 2161 82.15 -29.89 28.73
CA GLY F 2161 83.41 -29.17 28.76
C GLY F 2161 84.49 -29.98 28.08
N PRO F 2162 85.72 -29.48 28.08
CA PRO F 2162 86.81 -30.19 27.40
C PRO F 2162 87.12 -31.55 27.99
N GLN F 2163 87.43 -31.59 29.29
CA GLN F 2163 87.76 -32.86 29.92
C GLN F 2163 86.55 -33.76 30.02
N GLU F 2164 85.35 -33.18 30.16
CA GLU F 2164 84.12 -33.96 30.13
C GLU F 2164 83.95 -34.64 28.78
N GLU F 2165 84.17 -33.90 27.70
CA GLU F 2165 84.08 -34.46 26.36
C GLU F 2165 85.09 -35.59 26.20
N ASN F 2166 86.32 -35.38 26.64
CA ASN F 2166 87.35 -36.40 26.51
C ASN F 2166 86.99 -37.65 27.31
N LEU F 2167 86.43 -37.47 28.51
CA LEU F 2167 86.02 -38.62 29.31
C LEU F 2167 84.96 -39.42 28.59
N MET F 2168 83.98 -38.76 27.99
CA MET F 2168 82.95 -39.54 27.32
C MET F 2168 83.40 -40.09 25.97
N ILE F 2169 84.39 -39.47 25.31
CA ILE F 2169 85.00 -40.13 24.16
C ILE F 2169 85.64 -41.43 24.59
N GLN F 2170 86.34 -41.41 25.74
CA GLN F 2170 86.95 -42.64 26.23
C GLN F 2170 85.89 -43.68 26.57
N SER F 2171 84.77 -43.25 27.14
CA SER F 2171 83.72 -44.20 27.49
C SER F 2171 83.09 -44.81 26.25
N ILE F 2172 82.92 -44.02 25.18
CA ILE F 2172 82.44 -44.58 23.92
C ILE F 2172 83.47 -45.53 23.31
N GLY F 2173 84.76 -45.23 23.47
CA GLY F 2173 85.77 -46.16 23.00
C GLY F 2173 85.70 -47.50 23.73
N ASN F 2174 85.55 -47.45 25.05
CA ASN F 2174 85.43 -48.69 25.80
C ASN F 2174 84.11 -49.39 25.50
N ILE F 2175 83.07 -48.63 25.21
CA ILE F 2175 81.78 -49.24 24.89
C ILE F 2175 81.88 -49.95 23.54
N MET F 2176 82.77 -49.48 22.66
CA MET F 2176 83.14 -50.27 21.49
C MET F 2176 83.80 -51.56 21.91
N ASN F 2177 84.81 -51.46 22.78
CA ASN F 2177 85.69 -52.58 23.08
C ASN F 2177 84.90 -53.74 23.67
N ASN F 2178 83.88 -53.44 24.49
CA ASN F 2178 83.13 -54.49 25.17
C ASN F 2178 82.48 -55.44 24.17
N LYS F 2179 82.65 -56.74 24.41
CA LYS F 2179 82.13 -57.76 23.51
C LYS F 2179 80.63 -57.97 23.68
N VAL F 2180 80.10 -57.72 24.88
CA VAL F 2180 78.68 -57.87 25.12
C VAL F 2180 77.87 -56.87 24.31
N PHE F 2181 78.50 -55.76 23.88
CA PHE F 2181 77.88 -54.85 22.93
C PHE F 2181 77.40 -55.60 21.68
N TYR F 2182 78.23 -56.51 21.15
CA TYR F 2182 77.80 -57.25 19.98
C TYR F 2182 76.98 -58.47 20.36
N GLN F 2183 77.38 -59.21 21.39
CA GLN F 2183 76.72 -60.49 21.64
C GLN F 2183 75.44 -60.36 22.45
N HIS F 2184 75.02 -59.15 22.82
CA HIS F 2184 73.74 -58.94 23.48
C HIS F 2184 73.18 -57.60 23.05
N PRO F 2185 72.39 -57.58 21.98
CA PRO F 2185 71.73 -56.33 21.56
C PRO F 2185 70.40 -56.10 22.27
N ASN F 2186 69.75 -57.17 22.71
CA ASN F 2186 68.51 -57.00 23.45
C ASN F 2186 68.75 -56.31 24.79
N LEU F 2187 69.83 -56.69 25.48
CA LEU F 2187 70.18 -55.99 26.70
C LEU F 2187 70.66 -54.58 26.41
N MET F 2188 71.23 -54.36 25.22
CA MET F 2188 71.55 -53.00 24.78
C MET F 2188 70.30 -52.14 24.76
N ARG F 2189 69.21 -52.66 24.18
CA ARG F 2189 67.96 -51.91 24.17
C ARG F 2189 67.37 -51.77 25.57
N ALA F 2190 67.46 -52.83 26.37
CA ALA F 2190 66.88 -52.77 27.72
C ALA F 2190 67.56 -51.72 28.57
N LEU F 2191 68.90 -51.64 28.53
CA LEU F 2191 69.60 -50.55 29.17
C LEU F 2191 69.29 -49.22 28.49
N GLY F 2192 69.04 -49.26 27.19
CA GLY F 2192 68.64 -48.07 26.46
C GLY F 2192 69.67 -46.97 26.42
N MET F 2193 70.95 -47.32 26.26
CA MET F 2193 71.95 -46.27 26.15
C MET F 2193 71.87 -45.53 24.83
N HIS F 2194 71.15 -46.04 23.84
CA HIS F 2194 70.90 -45.25 22.65
C HIS F 2194 70.08 -44.02 22.98
N GLU F 2195 69.11 -44.16 23.90
CA GLU F 2195 68.37 -43.00 24.38
C GLU F 2195 69.29 -42.01 25.08
N THR F 2196 70.19 -42.52 25.91
CA THR F 2196 71.11 -41.66 26.66
C THR F 2196 72.01 -40.87 25.72
N VAL F 2197 72.63 -41.56 24.77
CA VAL F 2197 73.55 -40.86 23.88
C VAL F 2197 72.78 -39.93 22.97
N MET F 2198 71.55 -40.29 22.59
CA MET F 2198 70.75 -39.37 21.81
C MET F 2198 70.50 -38.08 22.58
N GLU F 2199 70.22 -38.20 23.87
CA GLU F 2199 69.97 -36.99 24.63
C GLU F 2199 71.26 -36.18 24.81
N VAL F 2200 72.41 -36.87 24.80
CA VAL F 2200 73.69 -36.16 24.77
C VAL F 2200 73.81 -35.34 23.49
N MET F 2201 73.45 -35.94 22.35
CA MET F 2201 73.28 -35.19 21.10
C MET F 2201 72.39 -33.97 21.27
N VAL F 2202 71.25 -34.11 21.96
CA VAL F 2202 70.39 -32.95 22.17
C VAL F 2202 71.17 -31.82 22.84
N ASN F 2203 71.97 -32.14 23.86
CA ASN F 2203 72.86 -31.11 24.41
C ASN F 2203 73.77 -30.50 23.36
N VAL F 2204 74.63 -31.30 22.74
CA VAL F 2204 75.70 -30.70 21.92
C VAL F 2204 75.12 -30.02 20.69
N LEU F 2205 74.22 -30.68 19.99
CA LEU F 2205 73.60 -30.08 18.81
C LEU F 2205 72.77 -28.85 19.20
N GLY F 2206 72.03 -28.93 20.31
CA GLY F 2206 71.26 -27.80 20.77
C GLY F 2206 72.00 -27.01 21.82
N ILE F 2213 78.18 -27.02 15.77
CA ILE F 2213 77.99 -25.75 16.44
C ILE F 2213 78.91 -25.66 17.66
N ARG F 2214 79.29 -26.82 18.19
CA ARG F 2214 80.19 -26.93 19.34
C ARG F 2214 80.56 -28.40 19.50
N PHE F 2215 81.78 -28.63 19.98
CA PHE F 2215 82.35 -29.97 20.18
C PHE F 2215 82.25 -30.80 18.91
N PRO F 2216 82.99 -30.45 17.86
CA PRO F 2216 82.99 -31.29 16.65
C PRO F 2216 83.49 -32.69 16.92
N LYS F 2217 84.32 -32.90 17.94
CA LYS F 2217 84.70 -34.26 18.29
C LYS F 2217 83.50 -35.04 18.81
N MET F 2218 82.62 -34.40 19.57
CA MET F 2218 81.40 -35.05 20.00
C MET F 2218 80.51 -35.41 18.82
N VAL F 2219 80.35 -34.46 17.89
CA VAL F 2219 79.52 -34.75 16.73
C VAL F 2219 80.18 -35.81 15.85
N THR F 2220 81.51 -35.92 15.91
CA THR F 2220 82.19 -36.99 15.19
C THR F 2220 82.00 -38.34 15.89
N SER F 2221 81.89 -38.33 17.22
CA SER F 2221 81.69 -39.58 17.94
C SER F 2221 80.22 -40.01 17.98
N CYS F 2222 79.31 -39.19 17.47
CA CYS F 2222 77.90 -39.56 17.52
C CYS F 2222 77.62 -40.82 16.69
N CYS F 2223 77.86 -40.75 15.38
CA CYS F 2223 77.66 -41.91 14.51
C CYS F 2223 78.55 -43.07 14.91
N ARG F 2224 79.73 -42.79 15.46
CA ARG F 2224 80.67 -43.86 15.76
C ARG F 2224 80.05 -44.92 16.65
N PHE F 2225 79.18 -44.51 17.56
CA PHE F 2225 78.45 -45.48 18.37
C PHE F 2225 77.04 -45.72 17.88
N LEU F 2226 76.33 -44.64 17.51
CA LEU F 2226 74.92 -44.77 17.13
C LEU F 2226 74.77 -45.63 15.89
N CYS F 2227 75.61 -45.40 14.88
CA CYS F 2227 75.48 -46.10 13.61
C CYS F 2227 75.91 -47.55 13.73
N TYR F 2228 76.96 -47.80 14.50
CA TYR F 2228 77.36 -49.18 14.76
C TYR F 2228 76.27 -49.91 15.53
N PHE F 2229 75.58 -49.19 16.42
CA PHE F 2229 74.43 -49.75 17.10
C PHE F 2229 73.33 -50.11 16.10
N CYS F 2230 73.13 -49.29 15.08
CA CYS F 2230 72.19 -49.64 14.01
C CYS F 2230 72.63 -50.91 13.30
N ARG F 2231 73.92 -51.04 13.00
CA ARG F 2231 74.41 -52.21 12.29
C ARG F 2231 74.35 -53.47 13.14
N ILE F 2232 74.24 -53.34 14.46
CA ILE F 2232 74.30 -54.52 15.33
C ILE F 2232 73.15 -55.48 15.02
N SER F 2233 71.93 -54.97 14.94
CA SER F 2233 70.79 -55.83 14.72
C SER F 2233 69.67 -55.03 14.07
N ARG F 2234 68.70 -55.74 13.50
CA ARG F 2234 67.60 -55.08 12.82
C ARG F 2234 66.71 -54.33 13.79
N GLN F 2235 66.45 -54.91 14.97
CA GLN F 2235 65.59 -54.24 15.94
C GLN F 2235 66.19 -52.94 16.42
N ASN F 2236 67.51 -52.91 16.59
CA ASN F 2236 68.18 -51.66 16.94
C ASN F 2236 67.95 -50.61 15.87
N GLN F 2237 67.94 -51.02 14.61
CA GLN F 2237 67.69 -50.09 13.52
C GLN F 2237 66.26 -49.56 13.57
N ARG F 2238 65.31 -50.41 13.95
CA ARG F 2238 63.95 -49.95 14.21
C ARG F 2238 63.92 -48.90 15.30
N SER F 2239 64.62 -49.16 16.41
CA SER F 2239 64.63 -48.23 17.52
C SER F 2239 65.20 -46.89 17.11
N MET F 2240 66.28 -46.90 16.34
CA MET F 2240 66.85 -45.65 15.86
C MET F 2240 65.98 -45.00 14.80
N PHE F 2241 65.17 -45.78 14.08
CA PHE F 2241 64.26 -45.18 13.11
C PHE F 2241 63.16 -44.40 13.80
N ASP F 2242 62.80 -44.79 15.02
CA ASP F 2242 61.79 -44.05 15.76
C ASP F 2242 62.16 -42.59 15.97
N HIS F 2243 63.45 -42.25 15.90
CA HIS F 2243 63.91 -40.88 16.11
C HIS F 2243 64.31 -40.19 14.81
N LEU F 2244 63.89 -40.72 13.66
CA LEU F 2244 64.37 -40.21 12.39
C LEU F 2244 63.95 -38.77 12.14
N SER F 2245 62.84 -38.35 12.73
CA SER F 2245 62.38 -36.98 12.52
C SER F 2245 63.36 -35.96 13.07
N TYR F 2246 63.97 -36.25 14.23
CA TYR F 2246 64.84 -35.29 14.89
C TYR F 2246 66.16 -35.14 14.14
N LEU F 2247 66.73 -36.26 13.70
CA LEU F 2247 68.01 -36.23 13.00
C LEU F 2247 67.91 -35.41 11.73
N LEU F 2248 66.86 -35.61 10.95
CA LEU F 2248 66.64 -34.77 9.79
C LEU F 2248 66.17 -33.38 10.18
N GLU F 2249 65.62 -33.21 11.39
CA GLU F 2249 65.21 -31.88 11.83
C GLU F 2249 66.41 -30.96 11.96
N ASN F 2250 67.51 -31.44 12.53
CA ASN F 2250 68.72 -30.63 12.64
C ASN F 2250 69.79 -31.07 11.67
N SER F 2251 69.44 -31.86 10.66
CA SER F 2251 70.41 -32.31 9.68
C SER F 2251 70.99 -31.13 8.93
N GLY F 2252 72.29 -30.93 9.08
CA GLY F 2252 72.96 -29.82 8.41
C GLY F 2252 74.37 -30.22 8.04
N ILE F 2253 74.88 -29.59 7.00
CA ILE F 2253 76.25 -29.88 6.56
C ILE F 2253 77.25 -29.32 7.55
N GLY F 2254 76.93 -28.18 8.18
CA GLY F 2254 77.75 -27.66 9.25
C GLY F 2254 77.76 -28.55 10.48
N LEU F 2255 76.78 -29.43 10.61
CA LEU F 2255 76.75 -30.42 11.68
C LEU F 2255 77.45 -31.68 11.20
N GLY F 2256 78.50 -32.09 11.90
CA GLY F 2256 79.26 -33.25 11.50
C GLY F 2256 79.96 -33.05 10.17
N MET F 2257 80.71 -31.96 10.05
CA MET F 2257 81.36 -31.63 8.78
C MET F 2257 82.39 -32.68 8.38
N GLN F 2258 83.05 -33.31 9.35
CA GLN F 2258 84.10 -34.27 9.08
C GLN F 2258 83.68 -35.66 9.54
N GLY F 2259 83.81 -36.64 8.66
CA GLY F 2259 83.55 -38.02 8.99
C GLY F 2259 82.11 -38.32 9.33
N SER F 2260 81.85 -38.58 10.61
CA SER F 2260 80.53 -38.98 11.06
C SER F 2260 79.57 -37.80 11.07
N THR F 2261 78.27 -38.08 10.93
CA THR F 2261 77.27 -37.04 10.75
C THR F 2261 75.92 -37.51 11.26
N PRO F 2262 75.08 -36.60 11.75
CA PRO F 2262 73.66 -36.94 11.91
C PRO F 2262 73.02 -37.39 10.60
N LEU F 2263 73.47 -36.86 9.48
CA LEU F 2263 73.06 -37.38 8.18
C LEU F 2263 73.38 -38.86 8.10
N ASP F 2264 74.56 -39.24 8.59
CA ASP F 2264 75.00 -40.62 8.48
C ASP F 2264 74.18 -41.54 9.37
N VAL F 2265 73.81 -41.09 10.58
CA VAL F 2265 72.97 -41.98 11.39
C VAL F 2265 71.57 -42.08 10.79
N ALA F 2266 71.07 -40.99 10.19
CA ALA F 2266 69.78 -41.06 9.52
C ALA F 2266 69.79 -42.10 8.41
N ALA F 2267 70.85 -42.10 7.59
CA ALA F 2267 70.92 -43.08 6.51
C ALA F 2267 71.16 -44.49 7.04
N ALA F 2268 71.99 -44.62 8.08
CA ALA F 2268 72.25 -45.93 8.67
C ALA F 2268 71.00 -46.54 9.27
N SER F 2269 70.01 -45.72 9.63
CA SER F 2269 68.75 -46.25 10.13
C SER F 2269 67.88 -46.84 9.02
N VAL F 2270 68.14 -46.51 7.76
CA VAL F 2270 67.33 -46.98 6.64
C VAL F 2270 68.07 -47.96 5.75
N ILE F 2271 69.37 -48.17 5.97
CA ILE F 2271 70.14 -49.08 5.12
C ILE F 2271 69.59 -50.49 5.19
N ASP F 2272 69.26 -51.04 4.03
CA ASP F 2272 68.99 -52.47 3.86
C ASP F 2272 67.81 -52.92 4.73
N ASN F 2273 66.70 -52.20 4.64
CA ASN F 2273 65.51 -52.59 5.39
C ASN F 2273 64.30 -52.11 4.59
N ASN F 2274 63.64 -53.04 3.91
CA ASN F 2274 62.46 -52.68 3.11
C ASN F 2274 61.34 -52.17 3.99
N GLU F 2275 61.17 -52.77 5.17
CA GLU F 2275 60.08 -52.40 6.06
C GLU F 2275 60.22 -50.96 6.53
N LEU F 2276 61.42 -50.57 6.96
CA LEU F 2276 61.63 -49.19 7.36
C LEU F 2276 61.62 -48.25 6.15
N ALA F 2277 62.04 -48.73 4.98
CA ALA F 2277 61.93 -47.91 3.79
C ALA F 2277 60.47 -47.60 3.48
N LEU F 2278 59.59 -48.60 3.61
CA LEU F 2278 58.17 -48.39 3.36
C LEU F 2278 57.56 -47.52 4.46
N ALA F 2279 57.92 -47.77 5.72
CA ALA F 2279 57.38 -46.98 6.82
C ALA F 2279 57.87 -45.55 6.82
N LEU F 2280 58.92 -45.25 6.07
CA LEU F 2280 59.45 -43.90 5.97
C LEU F 2280 58.39 -42.94 5.44
N GLN F 2281 57.92 -42.04 6.29
CA GLN F 2281 56.88 -41.11 5.91
C GLN F 2281 57.46 -39.98 5.06
N GLU F 2282 56.57 -39.34 4.30
CA GLU F 2282 57.02 -38.51 3.18
C GLU F 2282 57.44 -37.10 3.62
N GLN F 2283 57.06 -36.66 4.82
CA GLN F 2283 57.47 -35.32 5.23
C GLN F 2283 58.95 -35.27 5.59
N ASP F 2284 59.56 -36.39 5.98
CA ASP F 2284 61.00 -36.44 6.09
C ASP F 2284 61.65 -36.19 4.73
N LEU F 2285 61.06 -36.76 3.67
CA LEU F 2285 61.54 -36.50 2.33
C LEU F 2285 61.35 -35.03 1.98
N GLU F 2286 60.28 -34.40 2.48
CA GLU F 2286 60.14 -32.96 2.32
C GLU F 2286 61.30 -32.21 2.96
N LYS F 2287 61.68 -32.62 4.16
CA LYS F 2287 62.80 -31.96 4.84
C LYS F 2287 64.07 -32.06 4.01
N VAL F 2288 64.40 -33.26 3.52
CA VAL F 2288 65.68 -33.42 2.85
C VAL F 2288 65.66 -32.75 1.48
N VAL F 2289 64.52 -32.72 0.78
CA VAL F 2289 64.51 -32.01 -0.51
C VAL F 2289 64.65 -30.51 -0.29
N SER F 2290 64.05 -29.98 0.79
CA SER F 2290 64.23 -28.56 1.08
C SER F 2290 65.70 -28.25 1.37
N TYR F 2291 66.36 -29.12 2.13
CA TYR F 2291 67.78 -28.89 2.42
C TYR F 2291 68.64 -29.02 1.16
N LEU F 2292 68.29 -29.96 0.27
CA LEU F 2292 69.01 -30.09 -0.99
C LEU F 2292 68.85 -28.83 -1.84
N ALA F 2293 67.64 -28.28 -1.87
CA ALA F 2293 67.41 -27.03 -2.57
C ALA F 2293 68.21 -25.89 -1.93
N GLY F 2294 68.31 -25.89 -0.60
CA GLY F 2294 69.13 -24.90 0.07
C GLY F 2294 70.59 -24.96 -0.37
N CYS F 2295 71.13 -26.19 -0.51
CA CYS F 2295 72.49 -26.33 -1.03
C CYS F 2295 72.58 -25.83 -2.47
N GLY F 2296 71.60 -26.17 -3.30
CA GLY F 2296 71.62 -25.72 -4.68
C GLY F 2296 71.45 -24.23 -4.85
N LEU F 2297 70.93 -23.56 -3.82
CA LEU F 2297 70.70 -22.12 -3.92
C LEU F 2297 72.00 -21.33 -3.81
N GLN F 2298 72.89 -21.72 -2.90
CA GLN F 2298 74.05 -20.91 -2.55
C GLN F 2298 75.24 -21.84 -2.28
N SER F 2299 76.44 -21.32 -2.56
CA SER F 2299 77.67 -22.08 -2.33
C SER F 2299 77.88 -22.30 -0.83
N CYS F 2300 78.73 -23.26 -0.50
CA CYS F 2300 78.92 -23.67 0.88
C CYS F 2300 79.56 -22.57 1.70
N PRO F 2301 78.93 -22.13 2.81
CA PRO F 2301 79.57 -21.12 3.66
C PRO F 2301 80.91 -21.56 4.22
N MET F 2302 81.06 -22.84 4.55
CA MET F 2302 82.35 -23.35 5.01
C MET F 2302 83.39 -23.26 3.90
N LEU F 2303 82.97 -23.52 2.65
CA LEU F 2303 83.90 -23.46 1.54
C LEU F 2303 84.39 -22.04 1.30
N LEU F 2304 83.47 -21.07 1.28
CA LEU F 2304 83.91 -19.69 1.09
C LEU F 2304 84.64 -19.15 2.31
N ALA F 2305 84.40 -19.72 3.49
CA ALA F 2305 85.24 -19.40 4.65
C ALA F 2305 86.66 -19.92 4.44
N LYS F 2306 86.79 -21.12 3.86
CA LYS F 2306 88.10 -21.62 3.44
C LYS F 2306 88.72 -20.74 2.36
N GLY F 2307 87.91 -19.99 1.62
CA GLY F 2307 88.41 -19.10 0.60
C GLY F 2307 88.34 -19.64 -0.80
N TYR F 2308 87.62 -20.74 -1.02
CA TYR F 2308 87.46 -21.28 -2.35
C TYR F 2308 86.59 -20.33 -3.18
N PRO F 2309 86.76 -20.33 -4.50
CA PRO F 2309 85.99 -19.41 -5.34
C PRO F 2309 84.49 -19.63 -5.19
N ASP F 2310 83.74 -18.53 -5.22
CA ASP F 2310 82.30 -18.59 -4.99
C ASP F 2310 81.60 -19.27 -6.15
N ILE F 2311 80.95 -20.40 -5.87
CA ILE F 2311 80.26 -21.15 -6.91
C ILE F 2311 78.81 -20.71 -7.06
N GLY F 2312 78.18 -20.28 -5.98
CA GLY F 2312 76.75 -20.02 -5.96
C GLY F 2312 75.90 -21.23 -5.71
N TRP F 2313 76.50 -22.39 -5.47
CA TRP F 2313 75.77 -23.64 -5.22
C TRP F 2313 76.71 -24.70 -4.65
N ASN F 2314 76.25 -25.38 -3.60
CA ASN F 2314 77.11 -26.26 -2.82
C ASN F 2314 77.11 -27.66 -3.41
N PRO F 2315 78.24 -28.17 -3.86
CA PRO F 2315 78.30 -29.56 -4.32
C PRO F 2315 78.33 -30.59 -3.20
N CYS F 2316 79.13 -30.33 -2.16
CA CYS F 2316 79.41 -31.35 -1.16
C CYS F 2316 78.15 -31.69 -0.36
N GLY F 2317 77.46 -30.68 0.16
CA GLY F 2317 76.27 -30.94 0.94
C GLY F 2317 75.16 -31.56 0.10
N GLY F 2318 75.05 -31.11 -1.15
CA GLY F 2318 74.10 -31.73 -2.06
C GLY F 2318 74.38 -33.20 -2.25
N GLU F 2319 75.65 -33.58 -2.35
CA GLU F 2319 75.97 -34.98 -2.57
C GLU F 2319 75.73 -35.81 -1.31
N ARG F 2320 75.93 -35.22 -0.13
CA ARG F 2320 75.54 -35.91 1.10
C ARG F 2320 74.03 -36.20 1.11
N TYR F 2321 73.23 -35.18 0.80
CA TYR F 2321 71.78 -35.36 0.79
C TYR F 2321 71.35 -36.38 -0.26
N LEU F 2322 72.00 -36.37 -1.42
CA LEU F 2322 71.68 -37.35 -2.45
C LEU F 2322 72.05 -38.76 -2.02
N ASP F 2323 73.15 -38.92 -1.27
CA ASP F 2323 73.46 -40.26 -0.76
C ASP F 2323 72.37 -40.75 0.19
N PHE F 2324 71.88 -39.86 1.06
CA PHE F 2324 70.77 -40.26 1.93
C PHE F 2324 69.53 -40.63 1.12
N LEU F 2325 69.22 -39.85 0.09
CA LEU F 2325 68.04 -40.13 -0.72
C LEU F 2325 68.18 -41.46 -1.46
N ARG F 2326 69.38 -41.77 -1.95
CA ARG F 2326 69.60 -43.06 -2.59
C ARG F 2326 69.38 -44.20 -1.62
N PHE F 2327 69.88 -44.05 -0.39
CA PHE F 2327 69.68 -45.09 0.60
C PHE F 2327 68.21 -45.25 0.96
N ALA F 2328 67.43 -44.17 0.91
CA ALA F 2328 66.01 -44.27 1.17
C ALA F 2328 65.28 -44.98 0.04
N VAL F 2329 65.56 -44.58 -1.20
CA VAL F 2329 64.80 -45.08 -2.34
C VAL F 2329 65.14 -46.53 -2.64
N PHE F 2330 66.42 -46.86 -2.69
CA PHE F 2330 66.89 -48.12 -3.22
C PHE F 2330 67.27 -49.06 -2.07
N VAL F 2331 66.95 -50.34 -2.24
CA VAL F 2331 67.25 -51.32 -1.20
C VAL F 2331 67.25 -52.71 -1.82
N ASN F 2332 68.25 -53.51 -1.45
CA ASN F 2332 68.37 -54.91 -1.85
C ASN F 2332 68.33 -55.09 -3.38
N GLY F 2333 69.00 -54.19 -4.10
CA GLY F 2333 68.97 -54.27 -5.54
C GLY F 2333 67.62 -53.98 -6.15
N GLU F 2334 66.74 -53.30 -5.43
CA GLU F 2334 65.39 -53.06 -5.87
C GLU F 2334 65.04 -51.60 -5.65
N SER F 2335 64.08 -51.09 -6.41
CA SER F 2335 63.58 -49.74 -6.24
C SER F 2335 62.23 -49.80 -5.55
N VAL F 2336 62.12 -49.11 -4.42
CA VAL F 2336 60.83 -48.99 -3.74
C VAL F 2336 59.99 -47.98 -4.51
N GLU F 2337 58.81 -48.41 -4.95
CA GLU F 2337 58.02 -47.60 -5.87
C GLU F 2337 57.50 -46.33 -5.22
N GLU F 2338 56.96 -46.44 -4.00
CA GLU F 2338 56.37 -45.28 -3.35
C GLU F 2338 57.43 -44.26 -2.96
N ASN F 2339 58.53 -44.72 -2.37
CA ASN F 2339 59.62 -43.81 -2.03
C ASN F 2339 60.18 -43.16 -3.29
N ALA F 2340 60.36 -43.93 -4.35
CA ALA F 2340 60.83 -43.36 -5.60
C ALA F 2340 59.87 -42.31 -6.12
N ASN F 2341 58.57 -42.58 -6.03
CA ASN F 2341 57.58 -41.64 -6.54
C ASN F 2341 57.59 -40.33 -5.79
N VAL F 2342 57.57 -40.39 -4.46
CA VAL F 2342 57.55 -39.14 -3.70
C VAL F 2342 58.86 -38.39 -3.87
N VAL F 2343 59.98 -39.12 -3.97
CA VAL F 2343 61.28 -38.46 -4.12
C VAL F 2343 61.35 -37.73 -5.45
N VAL F 2344 60.94 -38.38 -6.55
CA VAL F 2344 61.02 -37.71 -7.83
C VAL F 2344 60.02 -36.57 -7.90
N ARG F 2345 58.84 -36.74 -7.27
CA ARG F 2345 57.85 -35.67 -7.28
C ARG F 2345 58.36 -34.44 -6.55
N LEU F 2346 59.01 -34.62 -5.39
CA LEU F 2346 59.52 -33.47 -4.66
C LEU F 2346 60.72 -32.85 -5.36
N LEU F 2347 61.65 -33.67 -5.85
CA LEU F 2347 62.82 -33.15 -6.55
C LEU F 2347 62.39 -32.38 -7.79
N ILE F 2348 61.43 -32.91 -8.53
CA ILE F 2348 60.98 -32.24 -9.74
C ILE F 2348 60.12 -31.04 -9.38
N ARG F 2349 59.50 -31.04 -8.19
CA ARG F 2349 58.74 -29.89 -7.74
C ARG F 2349 59.65 -28.70 -7.47
N LYS F 2350 60.84 -28.96 -6.94
CA LYS F 2350 61.80 -27.89 -6.71
C LYS F 2350 62.89 -27.92 -7.78
N PRO F 2351 62.73 -27.20 -8.89
CA PRO F 2351 63.67 -27.33 -10.01
C PRO F 2351 65.07 -26.87 -9.68
N GLU F 2352 65.26 -26.06 -8.65
CA GLU F 2352 66.58 -25.56 -8.27
C GLU F 2352 67.43 -26.61 -7.58
N CYS F 2353 66.88 -27.81 -7.35
CA CYS F 2353 67.65 -28.86 -6.71
C CYS F 2353 68.75 -29.40 -7.63
N PHE F 2354 68.48 -29.47 -8.93
CA PHE F 2354 69.43 -30.10 -9.84
C PHE F 2354 70.67 -29.25 -10.08
N GLY F 2355 70.60 -27.94 -9.87
CA GLY F 2355 71.74 -27.08 -10.04
C GLY F 2355 71.66 -26.26 -11.31
N PRO F 2356 72.76 -25.60 -11.68
CA PRO F 2356 72.77 -24.81 -12.92
C PRO F 2356 72.45 -25.63 -14.16
N ALA F 2357 72.93 -26.86 -14.22
CA ALA F 2357 72.54 -27.74 -15.30
C ALA F 2357 71.13 -28.27 -15.05
N LEU F 2358 70.51 -28.77 -16.12
CA LEU F 2358 69.16 -29.34 -16.07
C LEU F 2358 68.13 -28.32 -15.59
N ARG F 2359 68.33 -27.05 -15.90
CA ARG F 2359 67.33 -26.03 -15.64
C ARG F 2359 67.31 -25.06 -16.82
N GLY F 2360 66.10 -24.66 -17.23
CA GLY F 2360 65.97 -23.80 -18.39
C GLY F 2360 66.56 -22.42 -18.18
N GLU F 2361 66.44 -21.88 -16.97
CA GLU F 2361 67.06 -20.60 -16.66
C GLU F 2361 68.57 -20.68 -16.76
N GLY F 2362 69.15 -21.79 -16.28
CA GLY F 2362 70.59 -21.97 -16.42
C GLY F 2362 71.02 -22.13 -17.86
N GLY F 2363 70.18 -22.78 -18.68
CA GLY F 2363 70.49 -22.95 -20.08
C GLY F 2363 71.66 -23.88 -20.35
N SER F 2364 71.97 -24.77 -19.42
CA SER F 2364 73.07 -25.70 -19.57
C SER F 2364 72.60 -27.11 -19.23
N GLY F 2365 73.26 -28.09 -19.83
CA GLY F 2365 72.94 -29.48 -19.62
C GLY F 2365 74.00 -30.22 -18.83
N LEU F 2366 73.82 -31.54 -18.73
CA LEU F 2366 74.79 -32.38 -18.05
C LEU F 2366 76.14 -32.35 -18.74
N LEU F 2367 76.14 -32.31 -20.07
CA LEU F 2367 77.40 -32.21 -20.80
C LEU F 2367 78.14 -30.92 -20.45
N ALA F 2368 77.44 -29.79 -20.50
CA ALA F 2368 78.06 -28.51 -20.15
C ALA F 2368 78.57 -28.53 -18.72
N ALA F 2369 77.83 -29.19 -17.83
CA ALA F 2369 78.25 -29.32 -16.45
C ALA F 2369 79.58 -30.08 -16.35
N ILE F 2370 79.72 -31.18 -17.10
CA ILE F 2370 80.95 -31.94 -16.97
C ILE F 2370 82.12 -31.19 -17.62
N GLU F 2371 81.87 -30.43 -18.69
CA GLU F 2371 82.97 -29.66 -19.28
C GLU F 2371 83.47 -28.59 -18.32
N GLU F 2372 82.55 -27.80 -17.74
CA GLU F 2372 83.01 -26.78 -16.81
C GLU F 2372 83.64 -27.39 -15.56
N ALA F 2373 83.15 -28.55 -15.11
CA ALA F 2373 83.75 -29.21 -13.96
C ALA F 2373 85.17 -29.67 -14.27
N ILE F 2374 85.40 -30.21 -15.47
CA ILE F 2374 86.73 -30.65 -15.83
C ILE F 2374 87.67 -29.45 -15.97
N ARG F 2375 87.17 -28.32 -16.48
CA ARG F 2375 88.01 -27.13 -16.53
C ARG F 2375 88.38 -26.65 -15.13
N ILE F 2376 87.43 -26.70 -14.19
CA ILE F 2376 87.71 -26.33 -12.81
C ILE F 2376 88.79 -27.24 -12.23
N SER F 2377 88.66 -28.55 -12.45
CA SER F 2377 89.70 -29.46 -11.98
C SER F 2377 91.02 -29.23 -12.70
N GLU F 2378 90.97 -28.74 -13.93
CA GLU F 2378 92.20 -28.52 -14.70
C GLU F 2378 93.02 -27.37 -14.13
N ASP F 2379 92.38 -26.22 -13.87
CA ASP F 2379 93.13 -25.06 -13.42
C ASP F 2379 93.18 -25.02 -11.89
N PRO F 2380 94.37 -24.98 -11.28
CA PRO F 2380 94.43 -24.85 -9.82
C PRO F 2380 94.08 -23.45 -9.32
N ALA F 2381 93.91 -22.48 -10.21
CA ALA F 2381 93.47 -21.16 -9.77
C ALA F 2381 92.07 -21.20 -9.18
N ARG F 2382 91.16 -21.93 -9.82
CA ARG F 2382 89.80 -22.08 -9.32
C ARG F 2382 89.55 -23.41 -8.61
N ASP F 2383 90.38 -24.42 -8.86
CA ASP F 2383 90.27 -25.66 -8.09
C ASP F 2383 90.61 -25.44 -6.63
N GLY F 2384 91.67 -24.66 -6.37
CA GLY F 2384 92.09 -24.38 -5.02
C GLY F 2384 91.46 -23.12 -4.47
N PRO F 2385 91.74 -22.80 -3.20
CA PRO F 2385 91.17 -21.62 -2.55
C PRO F 2385 91.85 -20.32 -3.00
N ASN F 2404 92.70 -27.41 1.19
CA ASN F 2404 93.63 -27.95 0.21
C ASN F 2404 93.18 -29.31 -0.29
N ARG F 2405 92.60 -30.11 0.60
CA ARG F 2405 92.11 -31.44 0.23
C ARG F 2405 90.78 -31.41 -0.49
N VAL F 2406 90.08 -30.27 -0.48
CA VAL F 2406 88.78 -30.14 -1.14
C VAL F 2406 89.00 -29.53 -2.51
N HIS F 2407 88.43 -30.16 -3.54
CA HIS F 2407 88.61 -29.75 -4.92
C HIS F 2407 87.26 -29.54 -5.57
N LEU F 2408 87.04 -28.32 -6.07
CA LEU F 2408 85.70 -27.90 -6.47
C LEU F 2408 85.19 -28.69 -7.66
N GLY F 2409 86.04 -28.94 -8.65
CA GLY F 2409 85.60 -29.69 -9.81
C GLY F 2409 85.18 -31.11 -9.46
N HIS F 2410 85.98 -31.78 -8.63
CA HIS F 2410 85.64 -33.12 -8.20
C HIS F 2410 84.34 -33.14 -7.40
N ALA F 2411 84.15 -32.14 -6.52
CA ALA F 2411 82.91 -32.06 -5.77
C ALA F 2411 81.72 -31.85 -6.69
N ILE F 2412 81.89 -31.01 -7.72
CA ILE F 2412 80.78 -30.71 -8.63
C ILE F 2412 80.37 -31.96 -9.41
N MET F 2413 81.33 -32.64 -10.02
CA MET F 2413 80.91 -33.80 -10.81
C MET F 2413 80.56 -34.99 -9.94
N SER F 2414 81.04 -35.05 -8.69
CA SER F 2414 80.53 -36.07 -7.79
C SER F 2414 79.09 -35.78 -7.40
N PHE F 2415 78.74 -34.50 -7.24
CA PHE F 2415 77.35 -34.13 -6.99
C PHE F 2415 76.46 -34.55 -8.14
N TYR F 2416 76.86 -34.24 -9.36
CA TYR F 2416 76.04 -34.60 -10.51
C TYR F 2416 76.00 -36.11 -10.71
N ALA F 2417 77.09 -36.81 -10.39
CA ALA F 2417 77.09 -38.27 -10.44
C ALA F 2417 76.10 -38.84 -9.42
N ALA F 2418 76.05 -38.26 -8.22
CA ALA F 2418 75.10 -38.70 -7.22
C ALA F 2418 73.67 -38.43 -7.67
N LEU F 2419 73.43 -37.28 -8.31
CA LEU F 2419 72.10 -36.97 -8.81
C LEU F 2419 71.65 -37.99 -9.85
N ILE F 2420 72.53 -38.31 -10.80
CA ILE F 2420 72.18 -39.27 -11.83
C ILE F 2420 71.99 -40.66 -11.25
N ASP F 2421 72.84 -41.03 -10.28
CA ASP F 2421 72.70 -42.34 -9.63
C ASP F 2421 71.38 -42.42 -8.88
N LEU F 2422 70.98 -41.33 -8.23
CA LEU F 2422 69.68 -41.30 -7.56
C LEU F 2422 68.53 -41.48 -8.54
N LEU F 2423 68.60 -40.80 -9.68
CA LEU F 2423 67.54 -40.96 -10.67
C LEU F 2423 67.49 -42.38 -11.22
N GLY F 2424 68.66 -42.98 -11.44
CA GLY F 2424 68.69 -44.36 -11.87
C GLY F 2424 68.13 -45.32 -10.84
N ARG F 2425 68.39 -45.03 -9.56
CA ARG F 2425 67.83 -45.86 -8.51
C ARG F 2425 66.35 -45.56 -8.28
N CYS F 2426 65.85 -44.44 -8.79
CA CYS F 2426 64.42 -44.15 -8.79
C CYS F 2426 63.74 -44.62 -10.07
N ALA F 2427 64.49 -45.18 -11.01
CA ALA F 2427 63.90 -45.69 -12.23
C ALA F 2427 62.99 -46.89 -11.93
N PRO F 2428 61.84 -46.99 -12.59
CA PRO F 2428 60.93 -48.10 -12.33
C PRO F 2428 61.50 -49.44 -12.80
N GLU F 2429 60.91 -50.50 -12.28
CA GLU F 2429 61.37 -51.85 -12.58
C GLU F 2429 60.95 -52.30 -13.97
N MET F 2430 61.71 -53.24 -14.52
CA MET F 2430 61.46 -53.75 -15.86
C MET F 2430 60.08 -54.41 -15.94
N HIS F 2431 59.75 -55.24 -14.94
CA HIS F 2431 58.48 -55.96 -14.97
C HIS F 2431 57.31 -55.01 -14.79
N LEU F 2432 57.48 -53.97 -13.97
CA LEU F 2432 56.44 -52.96 -13.84
C LEU F 2432 56.20 -52.24 -15.16
N ILE F 2433 57.28 -51.89 -15.86
CA ILE F 2433 57.10 -51.15 -17.10
C ILE F 2433 56.50 -52.05 -18.17
N GLN F 2434 56.75 -53.37 -18.10
CA GLN F 2434 56.07 -54.28 -19.03
C GLN F 2434 54.60 -54.40 -18.69
N ALA F 2435 54.26 -54.56 -17.40
CA ALA F 2435 52.87 -54.68 -17.00
C ALA F 2435 52.08 -53.41 -17.26
N GLY F 2436 52.75 -52.27 -17.38
CA GLY F 2436 52.07 -51.05 -17.79
C GLY F 2436 51.45 -50.28 -16.65
N LYS F 2437 52.15 -50.19 -15.53
CA LYS F 2437 51.70 -49.33 -14.44
C LYS F 2437 51.76 -47.88 -14.88
N GLY F 2438 50.65 -47.16 -14.70
CA GLY F 2438 50.58 -45.79 -15.20
C GLY F 2438 51.59 -44.89 -14.53
N GLU F 2439 51.70 -44.97 -13.21
CA GLU F 2439 52.64 -44.12 -12.50
C GLU F 2439 54.07 -44.47 -12.86
N ALA F 2440 54.38 -45.76 -13.00
CA ALA F 2440 55.73 -46.17 -13.38
C ALA F 2440 56.09 -45.66 -14.77
N LEU F 2441 55.15 -45.77 -15.71
CA LEU F 2441 55.40 -45.24 -17.05
C LEU F 2441 55.63 -43.74 -17.02
N ARG F 2442 54.85 -43.02 -16.22
CA ARG F 2442 55.00 -41.57 -16.19
C ARG F 2442 56.27 -41.15 -15.46
N ILE F 2443 56.68 -41.88 -14.44
CA ILE F 2443 57.93 -41.57 -13.77
C ILE F 2443 59.10 -41.79 -14.72
N ARG F 2444 59.08 -42.89 -15.47
CA ARG F 2444 60.12 -43.10 -16.46
C ARG F 2444 60.09 -42.03 -17.53
N ALA F 2445 58.89 -41.55 -17.89
CA ALA F 2445 58.80 -40.44 -18.84
C ALA F 2445 59.40 -39.16 -18.28
N ILE F 2446 59.17 -38.88 -17.00
CA ILE F 2446 59.75 -37.69 -16.37
C ILE F 2446 61.26 -37.78 -16.36
N LEU F 2447 61.80 -38.95 -16.02
CA LEU F 2447 63.25 -39.15 -16.05
C LEU F 2447 63.80 -38.99 -17.45
N ARG F 2448 63.07 -39.51 -18.45
CA ARG F 2448 63.48 -39.38 -19.84
C ARG F 2448 63.56 -37.91 -20.25
N SER F 2449 62.54 -37.14 -19.88
CA SER F 2449 62.54 -35.72 -20.21
C SER F 2449 63.64 -34.98 -19.46
N LEU F 2450 63.91 -35.37 -18.22
CA LEU F 2450 64.90 -34.67 -17.42
C LEU F 2450 66.30 -34.86 -17.95
N VAL F 2451 66.68 -36.10 -18.25
CA VAL F 2451 68.07 -36.40 -18.56
C VAL F 2451 68.18 -36.85 -20.01
N PRO F 2452 68.68 -35.99 -20.91
CA PRO F 2452 68.76 -36.38 -22.33
C PRO F 2452 69.90 -37.37 -22.57
N LEU F 2453 69.64 -38.30 -23.50
CA LEU F 2453 70.55 -39.42 -23.76
C LEU F 2453 71.92 -38.96 -24.24
N ASP F 2454 71.94 -37.93 -25.10
CA ASP F 2454 73.20 -37.47 -25.68
C ASP F 2454 74.17 -37.01 -24.61
N ASP F 2455 73.66 -36.42 -23.53
CA ASP F 2455 74.53 -36.05 -22.42
C ASP F 2455 75.21 -37.26 -21.82
N LEU F 2456 74.45 -38.36 -21.63
CA LEU F 2456 75.03 -39.57 -21.06
C LEU F 2456 76.14 -40.11 -21.93
N VAL F 2457 75.88 -40.28 -23.23
CA VAL F 2457 76.90 -40.88 -24.08
C VAL F 2457 78.13 -39.96 -24.17
N GLY F 2458 77.93 -38.65 -24.13
CA GLY F 2458 79.06 -37.75 -24.09
C GLY F 2458 79.90 -37.92 -22.83
N ILE F 2459 79.23 -38.00 -21.68
CA ILE F 2459 79.96 -38.11 -20.41
C ILE F 2459 80.71 -39.43 -20.34
N ILE F 2460 80.14 -40.50 -20.89
CA ILE F 2460 80.92 -41.72 -21.02
C ILE F 2460 82.09 -41.53 -21.99
N SER F 2461 81.90 -40.73 -23.04
CA SER F 2461 82.93 -40.65 -24.07
C SER F 2461 84.17 -39.89 -23.59
N LEU F 2462 84.05 -38.97 -22.64
CA LEU F 2462 85.29 -38.37 -22.11
C LEU F 2462 86.01 -39.38 -21.23
N PRO F 2463 87.27 -39.72 -21.52
CA PRO F 2463 87.96 -40.78 -20.76
C PRO F 2463 88.63 -40.29 -19.50
N LEU F 2464 89.37 -41.20 -18.85
CA LEU F 2464 90.11 -40.90 -17.63
C LEU F 2464 91.46 -40.26 -17.98
N GLN F 2465 92.24 -39.96 -16.94
CA GLN F 2465 93.63 -39.54 -17.08
C GLN F 2465 94.50 -40.70 -16.60
N ILE F 2466 95.04 -41.46 -17.53
CA ILE F 2466 95.80 -42.68 -17.22
C ILE F 2466 97.08 -42.29 -16.50
N PRO F 2467 97.46 -42.99 -15.44
CA PRO F 2467 98.74 -42.71 -14.79
C PRO F 2467 99.91 -42.94 -15.74
N THR F 2468 100.93 -42.08 -15.62
CA THR F 2468 102.09 -42.12 -16.49
C THR F 2468 103.33 -42.48 -15.70
N LEU F 2469 104.38 -42.88 -16.42
CA LEU F 2469 105.66 -43.18 -15.78
C LEU F 2469 106.34 -41.92 -15.28
N GLY F 2470 106.39 -40.88 -16.11
CA GLY F 2470 107.10 -39.66 -15.76
C GLY F 2470 108.59 -39.89 -15.67
N LYS F 2471 109.14 -39.71 -14.47
CA LYS F 2471 110.54 -40.04 -14.24
C LYS F 2471 110.74 -41.56 -14.25
N ASP F 2472 111.91 -41.99 -14.71
CA ASP F 2472 112.22 -43.41 -14.76
C ASP F 2472 112.35 -43.98 -13.35
N GLY F 2473 111.86 -45.20 -13.17
CA GLY F 2473 111.86 -45.85 -11.87
C GLY F 2473 110.75 -45.42 -10.93
N ALA F 2474 109.87 -44.53 -11.37
CA ALA F 2474 108.79 -44.01 -10.55
C ALA F 2474 107.49 -44.05 -11.32
N LEU F 2475 106.37 -44.00 -10.59
CA LEU F 2475 105.04 -44.04 -11.18
C LEU F 2475 104.24 -42.86 -10.63
N VAL F 2476 104.09 -41.82 -11.44
CA VAL F 2476 103.28 -40.67 -11.05
C VAL F 2476 101.82 -40.96 -11.42
N GLN F 2477 100.92 -40.70 -10.48
CA GLN F 2477 99.52 -41.04 -10.64
C GLN F 2477 98.67 -39.78 -10.58
N PRO F 2478 97.52 -39.75 -11.26
CA PRO F 2478 96.63 -38.61 -11.14
C PRO F 2478 95.97 -38.56 -9.78
N LYS F 2479 95.53 -37.37 -9.41
CA LYS F 2479 94.83 -37.17 -8.15
C LYS F 2479 93.35 -37.45 -8.38
N MET F 2480 92.92 -38.67 -8.04
CA MET F 2480 91.52 -39.04 -8.23
C MET F 2480 90.60 -38.19 -7.37
N SER F 2481 91.04 -37.82 -6.17
CA SER F 2481 90.22 -36.99 -5.30
C SER F 2481 89.97 -35.60 -5.87
N ALA F 2482 90.70 -35.20 -6.91
CA ALA F 2482 90.50 -33.90 -7.54
C ALA F 2482 89.95 -33.97 -8.95
N SER F 2483 90.08 -35.10 -9.63
CA SER F 2483 89.74 -35.21 -11.04
C SER F 2483 88.59 -36.21 -11.24
N PHE F 2484 88.28 -36.47 -12.50
CA PHE F 2484 87.18 -37.34 -12.86
C PHE F 2484 87.61 -38.80 -12.66
N VAL F 2485 86.79 -39.57 -11.97
CA VAL F 2485 87.12 -40.95 -11.61
C VAL F 2485 86.08 -41.87 -12.25
N PRO F 2486 86.40 -43.16 -12.41
CA PRO F 2486 85.44 -44.08 -13.03
C PRO F 2486 84.18 -44.32 -12.21
N ASP F 2487 84.14 -43.91 -10.95
CA ASP F 2487 82.92 -44.04 -10.16
C ASP F 2487 81.82 -43.15 -10.72
N HIS F 2488 82.17 -41.95 -11.18
CA HIS F 2488 81.22 -41.10 -11.88
C HIS F 2488 80.70 -41.80 -13.12
N LYS F 2489 81.57 -42.51 -13.84
CA LYS F 2489 81.15 -43.26 -15.01
C LYS F 2489 80.17 -44.36 -14.63
N ALA F 2490 80.43 -45.07 -13.52
CA ALA F 2490 79.54 -46.14 -13.10
C ALA F 2490 78.15 -45.60 -12.76
N SER F 2491 78.10 -44.51 -12.00
CA SER F 2491 76.82 -43.90 -11.69
C SER F 2491 76.14 -43.36 -12.94
N MET F 2492 76.93 -42.92 -13.92
CA MET F 2492 76.36 -42.39 -15.15
C MET F 2492 75.72 -43.50 -15.99
N VAL F 2493 76.43 -44.61 -16.16
CA VAL F 2493 75.91 -45.71 -16.95
C VAL F 2493 74.82 -46.47 -16.22
N LEU F 2494 74.70 -46.26 -14.90
CA LEU F 2494 73.56 -46.82 -14.18
C LEU F 2494 72.26 -46.26 -14.74
N PHE F 2495 72.24 -44.96 -15.06
CA PHE F 2495 71.06 -44.38 -15.68
C PHE F 2495 70.77 -45.03 -17.04
N LEU F 2496 71.83 -45.33 -17.79
CA LEU F 2496 71.65 -46.02 -19.07
C LEU F 2496 71.02 -47.39 -18.88
N ASP F 2497 71.54 -48.18 -17.96
CA ASP F 2497 71.01 -49.53 -17.80
C ASP F 2497 69.71 -49.58 -17.02
N ARG F 2498 69.28 -48.46 -16.43
CA ARG F 2498 68.06 -48.43 -15.64
C ARG F 2498 66.89 -47.79 -16.36
N VAL F 2499 67.08 -46.62 -16.96
CA VAL F 2499 65.97 -45.88 -17.53
C VAL F 2499 65.82 -46.20 -19.01
N TYR F 2500 66.84 -45.86 -19.81
CA TYR F 2500 66.72 -46.01 -21.25
C TYR F 2500 66.81 -47.47 -21.67
N GLY F 2501 67.76 -48.20 -21.11
CA GLY F 2501 68.01 -49.56 -21.52
C GLY F 2501 68.77 -49.63 -22.83
N ILE F 2502 69.13 -50.85 -23.21
CA ILE F 2502 69.82 -51.10 -24.47
C ILE F 2502 68.99 -52.12 -25.24
N GLU F 2503 68.21 -51.63 -26.21
CA GLU F 2503 67.38 -52.49 -27.03
C GLU F 2503 67.71 -52.41 -28.51
N ASN F 2504 68.62 -51.53 -28.91
CA ASN F 2504 68.99 -51.35 -30.31
C ASN F 2504 70.44 -51.79 -30.50
N GLN F 2505 70.68 -52.60 -31.51
CA GLN F 2505 72.02 -53.10 -31.77
C GLN F 2505 72.94 -51.98 -32.24
N ASP F 2506 72.45 -51.11 -33.12
CA ASP F 2506 73.26 -49.98 -33.58
C ASP F 2506 73.62 -49.06 -32.42
N PHE F 2507 72.64 -48.78 -31.55
CA PHE F 2507 72.91 -47.98 -30.36
C PHE F 2507 73.91 -48.68 -29.46
N LEU F 2508 73.82 -50.01 -29.36
CA LEU F 2508 74.74 -50.76 -28.52
C LEU F 2508 76.17 -50.61 -29.00
N LEU F 2509 76.41 -50.89 -30.28
CA LEU F 2509 77.77 -50.76 -30.82
C LEU F 2509 78.26 -49.32 -30.79
N HIS F 2510 77.36 -48.35 -30.97
CA HIS F 2510 77.76 -46.95 -30.84
C HIS F 2510 78.22 -46.64 -29.42
N VAL F 2511 77.49 -47.16 -28.42
CA VAL F 2511 77.86 -46.92 -27.03
C VAL F 2511 79.21 -47.56 -26.71
N LEU F 2512 79.42 -48.80 -27.18
CA LEU F 2512 80.71 -49.44 -26.95
C LEU F 2512 81.83 -48.70 -27.67
N ASP F 2513 81.55 -48.13 -28.84
CA ASP F 2513 82.56 -47.38 -29.57
C ASP F 2513 82.95 -46.11 -28.83
N VAL F 2514 81.97 -45.40 -28.27
CA VAL F 2514 82.18 -44.09 -27.67
C VAL F 2514 82.25 -44.27 -26.16
N GLY F 2515 83.47 -44.27 -25.63
CA GLY F 2515 83.69 -44.18 -24.19
C GLY F 2515 83.64 -45.49 -23.43
N PHE F 2516 83.51 -46.63 -24.11
CA PHE F 2516 83.51 -47.93 -23.44
C PHE F 2516 84.75 -48.74 -23.81
N LEU F 2517 84.93 -49.00 -25.10
CA LEU F 2517 86.17 -49.62 -25.58
C LEU F 2517 87.42 -48.84 -25.19
N PRO F 2518 87.45 -47.50 -25.23
CA PRO F 2518 88.62 -46.80 -24.66
C PRO F 2518 88.89 -47.16 -23.21
N ASP F 2519 87.83 -47.32 -22.41
CA ASP F 2519 88.02 -47.70 -21.01
C ASP F 2519 88.62 -49.09 -20.89
N MET F 2520 88.15 -50.04 -21.69
CA MET F 2520 88.72 -51.38 -21.62
C MET F 2520 90.14 -51.43 -22.20
N ARG F 2521 90.44 -50.58 -23.18
CA ARG F 2521 91.83 -50.45 -23.62
C ARG F 2521 92.71 -49.89 -22.50
N ALA F 2522 92.18 -48.93 -21.74
CA ALA F 2522 92.92 -48.41 -20.60
C ALA F 2522 93.16 -49.50 -19.56
N ALA F 2523 92.18 -50.38 -19.36
CA ALA F 2523 92.36 -51.51 -18.47
C ALA F 2523 93.46 -52.44 -18.96
N ALA F 2524 93.47 -52.73 -20.26
CA ALA F 2524 94.52 -53.58 -20.83
C ALA F 2524 95.88 -52.92 -20.71
N SER F 2525 95.94 -51.59 -20.88
CA SER F 2525 97.21 -50.88 -20.79
C SER F 2525 97.72 -50.85 -19.35
N LEU F 2526 96.82 -50.75 -18.38
CA LEU F 2526 97.20 -50.74 -16.98
C LEU F 2526 97.27 -52.13 -16.37
N ASP F 2527 97.04 -53.18 -17.16
CA ASP F 2527 97.15 -54.55 -16.68
C ASP F 2527 98.57 -54.93 -16.29
N THR F 2528 99.57 -54.13 -16.65
CA THR F 2528 100.94 -54.42 -16.24
C THR F 2528 101.07 -54.31 -14.72
N ALA F 2529 102.02 -55.09 -14.17
CA ALA F 2529 102.17 -55.16 -12.73
C ALA F 2529 102.62 -53.84 -12.12
N THR F 2530 103.26 -52.96 -12.90
CA THR F 2530 103.62 -51.65 -12.38
C THR F 2530 102.38 -50.82 -12.07
N PHE F 2531 101.36 -50.89 -12.93
CA PHE F 2531 100.13 -50.14 -12.76
C PHE F 2531 99.00 -50.99 -12.18
N SER F 2532 99.29 -52.22 -11.75
CA SER F 2532 98.24 -53.09 -11.25
C SER F 2532 97.68 -52.60 -9.93
N THR F 2533 98.54 -52.13 -9.04
CA THR F 2533 98.12 -51.65 -7.72
C THR F 2533 97.86 -50.16 -7.69
N THR F 2534 97.94 -49.48 -8.82
CA THR F 2534 97.63 -48.06 -8.88
C THR F 2534 96.17 -47.84 -8.52
N GLU F 2535 95.92 -46.81 -7.72
CA GLU F 2535 94.57 -46.60 -7.17
C GLU F 2535 93.58 -46.22 -8.27
N MET F 2536 94.02 -45.45 -9.26
CA MET F 2536 93.16 -45.17 -10.41
C MET F 2536 92.84 -46.45 -11.17
N ALA F 2537 93.83 -47.35 -11.29
CA ALA F 2537 93.60 -48.63 -11.94
C ALA F 2537 92.60 -49.48 -11.16
N LEU F 2538 92.69 -49.45 -9.83
CA LEU F 2538 91.72 -50.17 -9.01
C LEU F 2538 90.32 -49.60 -9.18
N ALA F 2539 90.22 -48.26 -9.24
CA ALA F 2539 88.91 -47.63 -9.45
C ALA F 2539 88.32 -48.04 -10.79
N LEU F 2540 89.13 -48.01 -11.85
CA LEU F 2540 88.66 -48.45 -13.15
C LEU F 2540 88.33 -49.93 -13.16
N ASN F 2541 89.09 -50.73 -12.40
CA ASN F 2541 88.86 -52.15 -12.31
C ASN F 2541 87.50 -52.46 -11.72
N ARG F 2542 87.20 -51.87 -10.57
CA ARG F 2542 85.89 -52.09 -9.96
C ARG F 2542 84.78 -51.45 -10.79
N TYR F 2543 85.08 -50.37 -11.51
CA TYR F 2543 84.12 -49.80 -12.44
C TYR F 2543 83.74 -50.82 -13.50
N LEU F 2544 84.73 -51.48 -14.09
CA LEU F 2544 84.47 -52.54 -15.06
C LEU F 2544 83.58 -53.60 -14.46
N CYS F 2545 84.07 -54.28 -13.41
CA CYS F 2545 83.40 -55.44 -12.86
C CYS F 2545 82.01 -55.10 -12.30
N LEU F 2546 81.75 -53.85 -11.96
CA LEU F 2546 80.47 -53.51 -11.38
C LEU F 2546 79.45 -53.03 -12.40
N ALA F 2547 79.84 -52.16 -13.32
CA ALA F 2547 78.88 -51.53 -14.21
C ALA F 2547 79.03 -51.92 -15.67
N VAL F 2548 80.24 -52.12 -16.15
CA VAL F 2548 80.45 -52.24 -17.59
C VAL F 2548 80.06 -53.63 -18.09
N LEU F 2549 80.76 -54.66 -17.66
CA LEU F 2549 80.48 -56.00 -18.17
C LEU F 2549 79.18 -56.63 -17.66
N PRO F 2550 78.70 -56.36 -16.44
CA PRO F 2550 77.35 -56.84 -16.10
C PRO F 2550 76.27 -56.31 -17.03
N LEU F 2551 76.44 -55.11 -17.57
CA LEU F 2551 75.56 -54.65 -18.64
C LEU F 2551 75.75 -55.49 -19.90
N ILE F 2552 76.99 -55.86 -20.19
CA ILE F 2552 77.30 -56.61 -21.41
C ILE F 2552 76.68 -58.00 -21.36
N THR F 2553 76.63 -58.62 -20.18
CA THR F 2553 76.06 -59.96 -20.08
C THR F 2553 74.60 -59.99 -20.49
N LYS F 2554 73.81 -59.00 -20.06
CA LYS F 2554 72.43 -58.95 -20.48
C LYS F 2554 72.26 -58.35 -21.87
N CYS F 2555 73.30 -57.70 -22.41
CA CYS F 2555 73.28 -57.28 -23.80
C CYS F 2555 73.87 -58.33 -24.74
N ALA F 2556 74.24 -59.50 -24.22
CA ALA F 2556 74.82 -60.54 -25.06
C ALA F 2556 73.90 -61.03 -26.18
N PRO F 2557 72.60 -61.28 -25.98
CA PRO F 2557 71.78 -61.69 -27.13
C PRO F 2557 71.74 -60.67 -28.25
N LEU F 2558 71.84 -59.38 -27.93
CA LEU F 2558 71.87 -58.36 -28.97
C LEU F 2558 73.11 -58.48 -29.86
N PHE F 2559 74.17 -59.10 -29.36
CA PHE F 2559 75.42 -59.20 -30.09
C PHE F 2559 75.39 -60.23 -31.21
N ALA F 2560 74.35 -61.06 -31.28
CA ALA F 2560 74.26 -62.05 -32.35
C ALA F 2560 74.02 -61.37 -33.68
N GLY F 2561 74.65 -61.89 -34.73
CA GLY F 2561 74.50 -61.33 -36.05
C GLY F 2561 75.27 -60.05 -36.29
N THR F 2562 76.35 -59.83 -35.55
CA THR F 2562 77.17 -58.63 -35.71
C THR F 2562 78.27 -58.93 -36.72
N GLU F 2563 78.02 -58.56 -37.98
CA GLU F 2563 79.02 -58.70 -39.04
C GLU F 2563 79.72 -57.39 -39.33
N HIS F 2564 78.97 -56.29 -39.42
CA HIS F 2564 79.57 -54.98 -39.56
C HIS F 2564 80.34 -54.62 -38.29
N ARG F 2565 81.47 -53.94 -38.47
CA ARG F 2565 82.34 -53.54 -37.36
C ARG F 2565 82.75 -54.76 -36.53
N ALA F 2566 83.05 -55.85 -37.24
CA ALA F 2566 83.37 -57.12 -36.58
C ALA F 2566 84.68 -57.02 -35.81
N ILE F 2567 85.67 -56.32 -36.37
CA ILE F 2567 86.95 -56.20 -35.69
C ILE F 2567 86.84 -55.38 -34.40
N MET F 2568 85.85 -54.49 -34.30
CA MET F 2568 85.62 -53.80 -33.04
C MET F 2568 85.20 -54.79 -31.95
N VAL F 2569 84.31 -55.72 -32.30
CA VAL F 2569 83.95 -56.79 -31.36
C VAL F 2569 85.15 -57.67 -31.07
N ASP F 2570 86.02 -57.87 -32.07
CA ASP F 2570 87.24 -58.63 -31.86
C ASP F 2570 88.13 -57.98 -30.82
N SER F 2571 88.35 -56.67 -30.95
CA SER F 2571 89.18 -55.95 -29.99
C SER F 2571 88.54 -55.94 -28.61
N MET F 2572 87.21 -55.81 -28.56
CA MET F 2572 86.51 -55.88 -27.29
C MET F 2572 86.76 -57.22 -26.61
N LEU F 2573 86.64 -58.31 -27.36
CA LEU F 2573 86.84 -59.62 -26.75
C LEU F 2573 88.30 -59.87 -26.42
N HIS F 2574 89.21 -59.24 -27.17
CA HIS F 2574 90.63 -59.32 -26.84
C HIS F 2574 90.89 -58.70 -25.47
N THR F 2575 90.34 -57.52 -25.22
CA THR F 2575 90.51 -56.90 -23.92
C THR F 2575 89.77 -57.66 -22.83
N VAL F 2576 88.60 -58.23 -23.15
CA VAL F 2576 87.89 -59.07 -22.19
C VAL F 2576 88.75 -60.26 -21.79
N TYR F 2577 89.45 -60.86 -22.75
CA TYR F 2577 90.36 -61.95 -22.42
C TYR F 2577 91.52 -61.45 -21.57
N ARG F 2578 92.02 -60.24 -21.86
CA ARG F 2578 93.16 -59.73 -21.11
C ARG F 2578 92.81 -59.51 -19.64
N LEU F 2579 91.64 -58.95 -19.35
CA LEU F 2579 91.21 -58.90 -17.96
C LEU F 2579 90.59 -60.21 -17.48
N SER F 2580 90.35 -61.17 -18.37
CA SER F 2580 90.02 -62.52 -17.92
C SER F 2580 91.22 -63.17 -17.25
N ARG F 2581 92.39 -62.97 -17.83
CA ARG F 2581 93.63 -63.30 -17.12
C ARG F 2581 93.72 -62.46 -15.85
N GLY F 2582 93.84 -63.12 -14.71
CA GLY F 2582 93.74 -62.46 -13.43
C GLY F 2582 95.04 -61.84 -12.94
N ARG F 2583 95.16 -60.52 -13.08
CA ARG F 2583 96.31 -59.77 -12.61
C ARG F 2583 95.80 -58.70 -11.66
N SER F 2584 96.02 -58.92 -10.36
CA SER F 2584 95.52 -58.04 -9.29
C SER F 2584 94.00 -57.91 -9.38
N LEU F 2585 93.33 -59.07 -9.42
CA LEU F 2585 91.88 -59.13 -9.52
C LEU F 2585 91.29 -59.92 -8.36
N THR F 2586 90.23 -59.39 -7.77
CA THR F 2586 89.45 -60.13 -6.79
C THR F 2586 88.77 -61.31 -7.49
N LYS F 2587 88.52 -62.37 -6.72
CA LYS F 2587 87.91 -63.56 -7.30
C LYS F 2587 86.52 -63.25 -7.86
N ALA F 2588 85.71 -62.48 -7.14
CA ALA F 2588 84.39 -62.12 -7.64
C ALA F 2588 84.48 -61.25 -8.88
N GLN F 2589 85.40 -60.29 -8.89
CA GLN F 2589 85.60 -59.45 -10.08
C GLN F 2589 85.97 -60.30 -11.28
N ARG F 2590 86.96 -61.19 -11.10
CA ARG F 2590 87.41 -62.04 -12.19
C ARG F 2590 86.29 -62.94 -12.69
N ASP F 2591 85.49 -63.48 -11.77
CA ASP F 2591 84.38 -64.35 -12.17
C ASP F 2591 83.35 -63.57 -12.98
N VAL F 2592 83.11 -62.31 -12.61
CA VAL F 2592 82.22 -61.46 -13.40
C VAL F 2592 82.76 -61.29 -14.81
N ILE F 2593 84.07 -61.02 -14.92
CA ILE F 2593 84.68 -60.85 -16.24
C ILE F 2593 84.56 -62.12 -17.06
N GLU F 2594 84.81 -63.27 -16.43
CA GLU F 2594 84.78 -64.55 -17.13
C GLU F 2594 83.37 -64.89 -17.59
N ASP F 2595 82.37 -64.64 -16.75
CA ASP F 2595 81.00 -64.93 -17.14
C ASP F 2595 80.55 -64.01 -18.27
N CYS F 2596 80.99 -62.74 -18.24
CA CYS F 2596 80.74 -61.86 -19.37
C CYS F 2596 81.38 -62.39 -20.65
N LEU F 2597 82.60 -62.91 -20.53
CA LEU F 2597 83.28 -63.47 -21.68
C LEU F 2597 82.53 -64.66 -22.26
N MET F 2598 82.05 -65.56 -21.40
CA MET F 2598 81.29 -66.71 -21.89
C MET F 2598 79.97 -66.29 -22.53
N ALA F 2599 79.28 -65.33 -21.92
CA ALA F 2599 78.02 -64.86 -22.48
C ALA F 2599 78.23 -64.23 -23.84
N LEU F 2600 79.34 -63.52 -24.02
CA LEU F 2600 79.68 -63.02 -25.35
C LEU F 2600 79.97 -64.17 -26.30
N CYS F 2601 80.75 -65.16 -25.86
CA CYS F 2601 81.19 -66.23 -26.75
C CYS F 2601 80.03 -67.05 -27.26
N ARG F 2602 78.92 -67.12 -26.51
CA ARG F 2602 77.79 -67.92 -26.97
C ARG F 2602 76.87 -67.15 -27.91
N TYR F 2603 77.23 -65.94 -28.32
CA TYR F 2603 76.42 -65.20 -29.28
C TYR F 2603 77.26 -64.67 -30.45
N ILE F 2604 78.54 -64.39 -30.22
CA ILE F 2604 79.40 -63.96 -31.32
C ILE F 2604 79.65 -65.14 -32.25
N ARG F 2605 79.82 -64.85 -33.54
CA ARG F 2605 79.99 -65.89 -34.53
C ARG F 2605 81.37 -66.53 -34.43
N PRO F 2606 81.45 -67.86 -34.52
CA PRO F 2606 82.77 -68.52 -34.57
C PRO F 2606 83.59 -68.10 -35.76
N SER F 2607 82.94 -67.76 -36.88
CA SER F 2607 83.66 -67.20 -38.03
C SER F 2607 84.25 -65.84 -37.71
N MET F 2608 83.77 -65.17 -36.66
CA MET F 2608 84.34 -63.91 -36.21
C MET F 2608 85.43 -64.12 -35.16
N LEU F 2609 85.33 -65.16 -34.35
CA LEU F 2609 86.20 -65.32 -33.19
C LEU F 2609 87.59 -65.88 -33.53
N GLN F 2610 88.06 -65.79 -34.78
CA GLN F 2610 89.28 -66.51 -35.13
C GLN F 2610 90.53 -65.90 -34.50
N HIS F 2611 90.54 -64.60 -34.20
CA HIS F 2611 91.67 -64.01 -33.50
C HIS F 2611 91.69 -64.44 -32.04
N LEU F 2612 90.52 -64.42 -31.39
CA LEU F 2612 90.43 -64.91 -30.02
C LEU F 2612 90.79 -66.39 -29.95
N LEU F 2613 90.37 -67.16 -30.96
CA LEU F 2613 90.77 -68.56 -31.04
C LEU F 2613 92.27 -68.70 -31.23
N ARG F 2614 92.90 -67.78 -31.98
CA ARG F 2614 94.34 -67.81 -32.15
C ARG F 2614 95.06 -67.62 -30.83
N ARG F 2615 94.67 -66.59 -30.07
CA ARG F 2615 95.26 -66.40 -28.75
C ARG F 2615 94.95 -67.58 -27.83
N LEU F 2616 93.76 -68.15 -27.97
CA LEU F 2616 93.37 -69.29 -27.15
C LEU F 2616 94.29 -70.48 -27.42
N VAL F 2617 94.50 -70.81 -28.70
CA VAL F 2617 95.44 -71.86 -29.08
C VAL F 2617 96.84 -71.55 -28.58
N PHE F 2618 97.19 -70.27 -28.49
CA PHE F 2618 98.49 -69.90 -27.95
C PHE F 2618 98.58 -70.30 -26.47
N ASP F 2619 97.58 -69.91 -25.67
CA ASP F 2619 97.76 -70.05 -24.22
C ASP F 2619 97.47 -71.47 -23.70
N VAL F 2620 96.44 -72.14 -24.21
CA VAL F 2620 95.94 -73.32 -23.51
C VAL F 2620 96.88 -74.53 -23.45
N PRO F 2621 97.74 -74.82 -24.44
CA PRO F 2621 98.59 -76.03 -24.32
C PRO F 2621 99.55 -76.00 -23.15
N ILE F 2622 99.88 -74.81 -22.63
CA ILE F 2622 100.78 -74.72 -21.50
C ILE F 2622 100.11 -75.24 -20.23
N LEU F 2623 98.79 -75.39 -20.25
CA LEU F 2623 98.01 -75.84 -19.09
C LEU F 2623 98.29 -74.97 -17.87
N ASN F 2624 98.23 -73.65 -18.09
CA ASN F 2624 98.33 -72.71 -16.99
C ASN F 2624 97.19 -72.96 -16.00
N GLU F 2625 97.50 -72.83 -14.71
CA GLU F 2625 96.47 -72.98 -13.69
C GLU F 2625 95.41 -71.90 -13.81
N PHE F 2626 95.73 -70.78 -14.45
CA PHE F 2626 94.77 -69.72 -14.69
C PHE F 2626 94.03 -69.88 -16.01
N ALA F 2627 94.36 -70.91 -16.80
CA ALA F 2627 93.71 -71.18 -18.07
C ALA F 2627 92.47 -72.05 -17.92
N LYS F 2628 91.92 -72.16 -16.70
CA LYS F 2628 90.70 -72.93 -16.50
C LYS F 2628 89.54 -72.32 -17.28
N MET F 2629 89.38 -71.00 -17.19
CA MET F 2629 88.31 -70.32 -17.95
C MET F 2629 88.49 -70.49 -19.45
N PRO F 2630 89.69 -70.30 -20.05
CA PRO F 2630 89.83 -70.67 -21.46
C PRO F 2630 89.49 -72.13 -21.74
N LEU F 2631 89.76 -73.03 -20.80
CA LEU F 2631 89.45 -74.44 -21.03
C LEU F 2631 87.95 -74.66 -21.17
N LYS F 2632 87.16 -74.14 -20.22
CA LYS F 2632 85.71 -74.24 -20.40
C LYS F 2632 85.21 -73.37 -21.53
N LEU F 2633 85.99 -72.35 -21.93
CA LEU F 2633 85.65 -71.58 -23.12
C LEU F 2633 85.67 -72.45 -24.36
N LEU F 2634 86.74 -73.23 -24.53
CA LEU F 2634 86.80 -74.20 -25.62
C LEU F 2634 85.67 -75.21 -25.52
N THR F 2635 85.41 -75.68 -24.30
CA THR F 2635 84.33 -76.64 -24.10
C THR F 2635 83.00 -76.09 -24.60
N ASN F 2636 82.63 -74.89 -24.12
CA ASN F 2636 81.35 -74.30 -24.49
C ASN F 2636 81.28 -73.97 -25.97
N HIS F 2637 82.38 -73.43 -26.52
CA HIS F 2637 82.38 -73.07 -27.93
C HIS F 2637 82.16 -74.29 -28.81
N TYR F 2638 82.77 -75.42 -28.47
CA TYR F 2638 82.70 -76.56 -29.36
C TYR F 2638 81.54 -77.51 -29.04
N GLU F 2639 80.80 -77.28 -27.96
CA GLU F 2639 79.52 -77.96 -27.88
C GLU F 2639 78.43 -77.14 -28.56
N ARG F 2640 78.48 -75.81 -28.41
CA ARG F 2640 77.54 -74.94 -29.10
C ARG F 2640 77.71 -75.04 -30.62
N CYS F 2641 78.93 -74.86 -31.09
CA CYS F 2641 79.25 -74.86 -32.51
C CYS F 2641 80.11 -76.07 -32.82
N TRP F 2642 79.49 -77.13 -33.34
CA TRP F 2642 80.25 -78.31 -33.74
C TRP F 2642 79.91 -78.71 -35.16
N LYS F 2643 78.66 -78.53 -35.58
CA LYS F 2643 78.29 -78.81 -36.96
C LYS F 2643 79.04 -77.90 -37.93
N TYR F 2644 79.17 -76.62 -37.58
CA TYR F 2644 79.86 -75.67 -38.45
C TYR F 2644 81.32 -76.04 -38.66
N TYR F 2645 81.94 -76.67 -37.66
CA TYR F 2645 83.33 -77.09 -37.78
C TYR F 2645 83.48 -78.45 -38.45
N CYS F 2646 82.56 -79.38 -38.19
CA CYS F 2646 82.75 -80.75 -38.63
C CYS F 2646 82.09 -81.05 -39.97
N LEU F 2647 80.82 -80.71 -40.12
CA LEU F 2647 80.06 -81.15 -41.29
C LEU F 2647 80.50 -80.37 -42.52
N PRO F 2648 80.83 -81.06 -43.62
CA PRO F 2648 81.09 -80.33 -44.88
C PRO F 2648 79.89 -79.53 -45.33
N THR F 2649 78.69 -80.06 -45.14
CA THR F 2649 77.48 -79.26 -45.29
C THR F 2649 77.45 -78.18 -44.22
N GLY F 2650 77.11 -76.96 -44.62
CA GLY F 2650 77.10 -75.87 -43.68
C GLY F 2650 76.06 -76.07 -42.59
N TRP F 2651 76.40 -75.56 -41.39
CA TRP F 2651 75.46 -75.55 -40.28
C TRP F 2651 74.18 -74.81 -40.66
N ALA F 2652 74.32 -73.51 -40.92
CA ALA F 2652 73.21 -72.60 -41.13
C ALA F 2652 73.76 -71.39 -41.87
N ASN F 2653 73.05 -70.26 -41.77
CA ASN F 2653 73.51 -68.99 -42.34
C ASN F 2653 74.98 -68.70 -42.03
N PHE F 2654 75.51 -69.24 -40.92
CA PHE F 2654 76.93 -69.05 -40.61
C PHE F 2654 77.82 -69.58 -41.73
N GLY F 2655 77.60 -70.82 -42.15
CA GLY F 2655 78.32 -71.41 -43.27
C GLY F 2655 79.18 -72.59 -42.83
N VAL F 2656 80.39 -72.64 -43.36
CA VAL F 2656 81.33 -73.74 -43.11
C VAL F 2656 82.59 -73.16 -42.50
N THR F 2657 83.30 -74.00 -41.75
CA THR F 2657 84.49 -73.56 -41.02
C THR F 2657 85.63 -73.24 -41.98
N SER F 2658 86.61 -72.48 -41.46
CA SER F 2658 87.78 -72.09 -42.22
C SER F 2658 88.90 -73.09 -42.02
N GLU F 2659 89.77 -73.20 -43.03
CA GLU F 2659 90.92 -74.10 -42.96
C GLU F 2659 91.88 -73.67 -41.87
N GLU F 2660 92.08 -72.36 -41.71
CA GLU F 2660 92.99 -71.86 -40.68
C GLU F 2660 92.47 -72.19 -39.29
N GLU F 2661 91.18 -71.97 -39.05
CA GLU F 2661 90.59 -72.34 -37.76
C GLU F 2661 90.65 -73.84 -37.52
N LEU F 2662 90.44 -74.62 -38.58
CA LEU F 2662 90.51 -76.08 -38.46
C LEU F 2662 91.91 -76.52 -38.04
N HIS F 2663 92.93 -75.93 -38.66
CA HIS F 2663 94.30 -76.21 -38.25
C HIS F 2663 94.55 -75.75 -36.82
N LEU F 2664 93.93 -74.63 -36.42
CA LEU F 2664 94.13 -74.11 -35.06
C LEU F 2664 93.61 -75.09 -34.02
N THR F 2665 92.38 -75.58 -34.19
CA THR F 2665 91.85 -76.54 -33.23
C THR F 2665 92.58 -77.87 -33.33
N ARG F 2666 93.07 -78.22 -34.52
CA ARG F 2666 93.88 -79.41 -34.69
C ARG F 2666 95.15 -79.37 -33.83
N LYS F 2667 95.93 -78.30 -33.99
CA LYS F 2667 97.16 -78.16 -33.21
C LYS F 2667 96.84 -78.01 -31.73
N LEU F 2668 95.75 -77.30 -31.42
CA LEU F 2668 95.25 -77.23 -30.06
C LEU F 2668 95.07 -78.62 -29.48
N PHE F 2669 94.41 -79.52 -30.21
CA PHE F 2669 93.92 -80.70 -29.54
C PHE F 2669 95.04 -81.72 -29.39
N TRP F 2670 95.91 -81.83 -30.40
CA TRP F 2670 97.11 -82.64 -30.21
C TRP F 2670 97.99 -82.08 -29.10
N GLY F 2671 98.15 -80.75 -29.06
CA GLY F 2671 98.98 -80.15 -28.02
C GLY F 2671 98.43 -80.38 -26.63
N ILE F 2672 97.12 -80.21 -26.47
CA ILE F 2672 96.49 -80.48 -25.17
C ILE F 2672 96.61 -81.96 -24.82
N PHE F 2673 96.49 -82.84 -25.81
CA PHE F 2673 96.59 -84.27 -25.56
C PHE F 2673 97.96 -84.61 -24.98
N ASP F 2674 99.03 -84.15 -25.63
CA ASP F 2674 100.37 -84.48 -25.16
C ASP F 2674 100.71 -83.73 -23.87
N SER F 2675 100.23 -82.50 -23.73
CA SER F 2675 100.49 -81.75 -22.50
C SER F 2675 99.79 -82.38 -21.31
N LEU F 2676 98.59 -82.92 -21.51
CA LEU F 2676 97.93 -83.65 -20.43
C LEU F 2676 98.59 -85.00 -20.20
N ALA F 2677 99.17 -85.59 -21.24
CA ALA F 2677 99.90 -86.85 -21.07
C ALA F 2677 101.18 -86.67 -20.29
N HIS F 2678 101.79 -85.48 -20.34
CA HIS F 2678 103.07 -85.25 -19.70
C HIS F 2678 102.98 -84.47 -18.39
N LYS F 2679 101.94 -83.68 -18.19
CA LYS F 2679 101.79 -82.94 -16.94
C LYS F 2679 101.45 -83.93 -15.81
N LYS F 2680 101.84 -83.57 -14.59
CA LYS F 2680 101.49 -84.38 -13.44
C LYS F 2680 99.99 -84.49 -13.29
N TYR F 2681 99.53 -85.65 -12.83
CA TYR F 2681 98.10 -85.92 -12.70
C TYR F 2681 97.47 -85.00 -11.66
N ASP F 2682 96.68 -84.04 -12.13
CA ASP F 2682 95.86 -83.20 -11.26
C ASP F 2682 94.40 -83.56 -11.52
N GLN F 2683 93.69 -83.92 -10.45
CA GLN F 2683 92.30 -84.35 -10.62
C GLN F 2683 91.45 -83.21 -11.16
N GLU F 2684 91.62 -82.00 -10.63
CA GLU F 2684 90.79 -80.87 -11.06
C GLU F 2684 91.07 -80.49 -12.50
N LEU F 2685 92.35 -80.36 -12.86
CA LEU F 2685 92.71 -79.96 -14.21
C LEU F 2685 92.29 -81.01 -15.23
N TYR F 2686 92.52 -82.29 -14.93
CA TYR F 2686 92.12 -83.36 -15.85
C TYR F 2686 90.61 -83.43 -15.99
N ARG F 2687 89.89 -83.29 -14.88
CA ARG F 2687 88.43 -83.36 -14.93
C ARG F 2687 87.84 -82.21 -15.74
N MET F 2688 88.42 -81.02 -15.63
CA MET F 2688 87.97 -79.90 -16.46
C MET F 2688 88.42 -80.07 -17.90
N ALA F 2689 89.55 -80.73 -18.13
CA ALA F 2689 90.11 -80.84 -19.47
C ALA F 2689 89.39 -81.86 -20.33
N MET F 2690 88.92 -82.96 -19.74
CA MET F 2690 88.41 -84.02 -20.63
C MET F 2690 87.09 -83.68 -21.34
N PRO F 2691 86.16 -82.87 -20.80
CA PRO F 2691 85.03 -82.46 -21.66
C PRO F 2691 85.50 -81.57 -22.79
N CYS F 2692 86.51 -80.75 -22.55
CA CYS F 2692 87.11 -79.94 -23.61
C CYS F 2692 87.68 -80.83 -24.71
N LEU F 2693 88.39 -81.90 -24.31
CA LEU F 2693 88.95 -82.81 -25.31
C LEU F 2693 87.86 -83.50 -26.11
N CYS F 2694 86.81 -83.97 -25.43
CA CYS F 2694 85.72 -84.64 -26.12
C CYS F 2694 85.00 -83.70 -27.09
N ALA F 2695 84.71 -82.48 -26.65
CA ALA F 2695 84.01 -81.53 -27.50
C ALA F 2695 84.87 -81.10 -28.67
N ILE F 2696 86.16 -80.86 -28.41
CA ILE F 2696 87.07 -80.42 -29.47
C ILE F 2696 87.19 -81.50 -30.53
N ALA F 2697 87.38 -82.76 -30.10
CA ALA F 2697 87.51 -83.86 -31.04
C ALA F 2697 86.19 -84.13 -31.77
N GLY F 2698 85.06 -83.93 -31.10
CA GLY F 2698 83.78 -84.12 -31.76
C GLY F 2698 83.56 -83.12 -32.88
N ALA F 2699 83.92 -81.86 -32.64
CA ALA F 2699 83.75 -80.85 -33.68
C ALA F 2699 84.85 -80.88 -34.73
N LEU F 2700 85.99 -81.51 -34.44
CA LEU F 2700 87.07 -81.59 -35.40
C LEU F 2700 86.80 -82.75 -36.36
N PRO F 2701 86.74 -82.50 -37.68
CA PRO F 2701 86.47 -83.59 -38.62
C PRO F 2701 87.60 -84.59 -38.64
N PRO F 2702 87.31 -85.87 -38.88
CA PRO F 2702 88.37 -86.88 -38.89
C PRO F 2702 89.20 -86.87 -40.16
N ASP F 2703 88.56 -86.64 -41.30
CA ASP F 2703 89.23 -86.71 -42.60
C ASP F 2703 90.03 -85.46 -42.94
N TYR F 2704 90.09 -84.50 -42.03
CA TYR F 2704 90.83 -83.26 -42.28
C TYR F 2704 92.32 -83.56 -42.47
N VAL F 2705 92.90 -82.94 -43.49
CA VAL F 2705 94.33 -83.03 -43.78
C VAL F 2705 94.94 -81.65 -43.59
N ASP F 2706 96.07 -81.59 -42.92
CA ASP F 2706 96.61 -80.33 -42.44
C ASP F 2706 97.36 -79.60 -43.55
N ALA F 2707 97.55 -78.29 -43.34
CA ALA F 2707 98.24 -77.47 -44.32
C ALA F 2707 99.69 -77.90 -44.48
N SER F 2708 100.37 -78.18 -43.37
CA SER F 2708 101.76 -78.64 -43.41
C SER F 2708 101.92 -79.73 -42.36
N TYR F 2709 102.04 -80.98 -42.80
CA TYR F 2709 102.27 -82.08 -41.88
C TYR F 2709 103.62 -81.94 -41.20
N SER F 2710 104.65 -81.54 -41.94
CA SER F 2710 105.99 -81.32 -41.43
C SER F 2710 106.43 -79.90 -41.76
N SER F 2711 106.77 -79.12 -40.74
CA SER F 2711 107.16 -77.73 -40.91
C SER F 2711 108.12 -77.37 -39.80
N LYS F 2712 108.31 -76.06 -39.59
CA LYS F 2712 109.19 -75.59 -38.52
C LYS F 2712 108.68 -76.01 -37.15
N ALA F 2713 107.41 -75.71 -36.85
CA ALA F 2713 106.80 -75.98 -35.55
C ALA F 2713 107.64 -75.40 -34.41
N GLU F 2714 107.76 -74.08 -34.42
CA GLU F 2714 108.60 -73.38 -33.45
C GLU F 2714 108.02 -73.53 -32.04
N LYS F 2715 108.93 -73.52 -31.05
CA LYS F 2715 108.60 -73.69 -29.64
C LYS F 2715 107.84 -74.99 -29.39
N ASN F 2724 105.67 -61.44 -24.36
CA ASN F 2724 104.76 -62.53 -24.72
C ASN F 2724 105.45 -63.51 -25.66
N PHE F 2725 105.95 -63.00 -26.78
CA PHE F 2725 106.60 -63.82 -27.81
C PHE F 2725 108.02 -63.31 -28.02
N ASP F 2726 108.97 -64.23 -28.09
CA ASP F 2726 110.39 -63.93 -28.27
C ASP F 2726 110.95 -64.77 -29.41
N PRO F 2727 110.69 -64.38 -30.67
CA PRO F 2727 111.24 -65.13 -31.79
C PRO F 2727 112.75 -64.95 -31.89
N ARG F 2728 113.46 -66.05 -32.03
CA ARG F 2728 114.92 -66.01 -32.02
C ARG F 2728 115.43 -65.36 -33.30
N PRO F 2729 116.20 -64.27 -33.22
CA PRO F 2729 116.75 -63.64 -34.42
C PRO F 2729 118.00 -64.37 -34.88
N VAL F 2730 118.48 -63.96 -36.05
CA VAL F 2730 119.63 -64.58 -36.70
C VAL F 2730 120.75 -63.56 -36.77
N GLU F 2731 121.87 -63.88 -36.13
CA GLU F 2731 123.07 -63.05 -36.21
C GLU F 2731 123.90 -63.47 -37.43
N THR F 2732 123.29 -63.34 -38.60
CA THR F 2732 123.96 -63.74 -39.83
C THR F 2732 125.05 -62.76 -40.23
N LEU F 2733 125.09 -61.56 -39.64
CA LEU F 2733 126.25 -60.71 -39.77
C LEU F 2733 127.48 -61.40 -39.18
N ASN F 2734 127.31 -62.06 -38.03
CA ASN F 2734 128.39 -62.85 -37.44
C ASN F 2734 128.60 -64.16 -38.17
N VAL F 2735 127.53 -64.75 -38.72
CA VAL F 2735 127.65 -66.01 -39.45
C VAL F 2735 128.49 -65.78 -40.70
N ILE F 2736 129.46 -66.67 -40.93
CA ILE F 2736 130.37 -66.53 -42.07
C ILE F 2736 129.60 -66.75 -43.37
N ILE F 2737 129.80 -65.85 -44.32
CA ILE F 2737 129.11 -65.90 -45.61
C ILE F 2737 130.17 -66.04 -46.70
N PRO F 2738 130.15 -67.10 -47.50
CA PRO F 2738 131.10 -67.20 -48.62
C PRO F 2738 130.83 -66.14 -49.68
N GLU F 2739 131.89 -65.79 -50.40
CA GLU F 2739 131.80 -64.81 -51.48
C GLU F 2739 131.54 -65.44 -52.84
N LYS F 2740 131.42 -66.76 -52.91
CA LYS F 2740 131.03 -67.41 -54.16
C LYS F 2740 129.58 -67.14 -54.52
N LEU F 2741 128.77 -66.66 -53.57
CA LEU F 2741 127.37 -66.36 -53.80
C LEU F 2741 127.02 -64.89 -53.60
N ASP F 2742 127.85 -64.13 -52.87
CA ASP F 2742 127.54 -62.73 -52.56
C ASP F 2742 127.41 -61.87 -53.81
N SER F 2743 128.03 -62.28 -54.92
CA SER F 2743 127.87 -61.54 -56.18
C SER F 2743 126.42 -61.53 -56.63
N PHE F 2744 125.78 -62.70 -56.68
CA PHE F 2744 124.39 -62.70 -57.10
C PHE F 2744 123.44 -62.32 -55.97
N ILE F 2745 123.89 -62.35 -54.71
CA ILE F 2745 123.10 -61.71 -53.67
C ILE F 2745 123.02 -60.20 -53.91
N ASN F 2746 124.15 -59.58 -54.27
CA ASN F 2746 124.14 -58.16 -54.61
C ASN F 2746 123.31 -57.90 -55.86
N LYS F 2747 123.42 -58.77 -56.86
CA LYS F 2747 122.62 -58.63 -58.07
C LYS F 2747 121.13 -58.73 -57.74
N PHE F 2748 120.77 -59.61 -56.81
CA PHE F 2748 119.38 -59.72 -56.38
C PHE F 2748 118.95 -58.50 -55.57
N ALA F 2749 119.87 -57.87 -54.84
CA ALA F 2749 119.54 -56.62 -54.14
C ALA F 2749 119.19 -55.52 -55.13
N GLU F 2750 120.02 -55.38 -56.18
CA GLU F 2750 119.70 -54.41 -57.22
C GLU F 2750 118.42 -54.79 -57.95
N TYR F 2751 118.20 -56.09 -58.16
CA TYR F 2751 116.98 -56.54 -58.83
C TYR F 2751 115.73 -56.31 -58.00
N THR F 2752 115.84 -56.41 -56.67
CA THR F 2752 114.68 -56.14 -55.82
C THR F 2752 114.38 -54.65 -55.74
N HIS F 2753 115.41 -53.79 -55.75
CA HIS F 2753 115.12 -52.36 -55.84
C HIS F 2753 114.56 -51.99 -57.20
N GLU F 2754 115.03 -52.65 -58.26
CA GLU F 2754 114.43 -52.46 -59.57
C GLU F 2754 112.98 -52.92 -59.57
N LYS F 2755 112.68 -54.01 -58.86
CA LYS F 2755 111.31 -54.47 -58.75
C LYS F 2755 110.47 -53.53 -57.89
N TRP F 2756 111.11 -52.83 -56.96
CA TRP F 2756 110.44 -51.74 -56.25
C TRP F 2756 110.00 -50.67 -57.24
N ALA F 2757 110.90 -50.27 -58.13
CA ALA F 2757 110.54 -49.31 -59.17
C ALA F 2757 109.47 -49.87 -60.10
N PHE F 2758 109.51 -51.17 -60.36
CA PHE F 2758 108.47 -51.82 -61.18
C PHE F 2758 107.12 -51.75 -60.48
N ASP F 2759 107.10 -51.95 -59.15
CA ASP F 2759 105.86 -51.80 -58.41
C ASP F 2759 105.35 -50.38 -58.47
N LYS F 2760 106.27 -49.40 -58.46
CA LYS F 2760 105.86 -48.01 -58.62
C LYS F 2760 105.22 -47.78 -59.99
N ILE F 2761 105.83 -48.31 -61.04
CA ILE F 2761 105.27 -48.12 -62.39
C ILE F 2761 103.97 -48.89 -62.56
N GLN F 2762 103.77 -49.97 -61.79
CA GLN F 2762 102.45 -50.58 -61.71
C GLN F 2762 101.46 -49.65 -61.01
N ASN F 2763 101.92 -48.97 -59.97
CA ASN F 2763 101.13 -48.01 -59.21
C ASN F 2763 100.97 -46.67 -59.94
N ASN F 2764 101.47 -46.59 -61.18
CA ASN F 2764 101.33 -45.40 -62.04
C ASN F 2764 102.06 -44.20 -61.46
N TRP F 2765 103.16 -44.46 -60.74
CA TRP F 2765 104.07 -43.45 -60.21
C TRP F 2765 105.49 -43.78 -60.65
N SER F 2766 105.66 -43.99 -61.96
CA SER F 2766 106.92 -44.42 -62.57
C SER F 2766 108.11 -43.69 -61.98
N TYR F 2767 109.15 -44.46 -61.67
CA TYR F 2767 110.25 -43.97 -60.84
C TYR F 2767 110.96 -42.77 -61.46
N GLY F 2768 111.15 -41.74 -60.64
CA GLY F 2768 111.78 -40.52 -61.09
C GLY F 2768 113.04 -40.23 -60.31
N GLU F 2769 113.96 -39.51 -60.96
CA GLU F 2769 115.28 -39.27 -60.36
C GLU F 2769 115.18 -38.29 -59.19
N ASN F 2770 114.41 -37.22 -59.34
CA ASN F 2770 114.30 -36.19 -58.33
C ASN F 2770 113.06 -36.41 -57.47
N VAL F 2771 112.90 -35.55 -56.46
CA VAL F 2771 111.74 -35.63 -55.57
C VAL F 2771 110.49 -35.21 -56.33
N ASP F 2772 109.43 -36.00 -56.19
CA ASP F 2772 108.13 -35.70 -56.78
C ASP F 2772 107.09 -35.71 -55.67
N GLU F 2773 106.44 -34.57 -55.45
CA GLU F 2773 105.44 -34.47 -54.38
C GLU F 2773 104.21 -35.34 -54.69
N GLU F 2774 103.76 -35.34 -55.95
CA GLU F 2774 102.60 -36.14 -56.32
C GLU F 2774 102.91 -37.63 -56.35
N LEU F 2775 104.19 -38.02 -56.31
CA LEU F 2775 104.54 -39.43 -56.43
C LEU F 2775 104.02 -40.23 -55.24
N LYS F 2776 104.09 -39.64 -54.03
CA LYS F 2776 103.63 -40.21 -52.76
C LYS F 2776 104.43 -41.46 -52.37
N THR F 2777 105.39 -41.83 -53.20
CA THR F 2777 106.24 -43.00 -53.02
C THR F 2777 107.69 -42.54 -52.92
N HIS F 2778 108.61 -43.51 -53.00
CA HIS F 2778 110.05 -43.30 -52.99
C HIS F 2778 110.46 -42.11 -53.85
N PRO F 2779 111.11 -41.10 -53.29
CA PRO F 2779 111.38 -39.88 -54.04
C PRO F 2779 112.77 -39.82 -54.67
N MET F 2780 113.63 -40.80 -54.39
CA MET F 2780 115.02 -40.72 -54.81
C MET F 2780 115.49 -41.91 -55.64
N LEU F 2781 114.65 -42.92 -55.87
CA LEU F 2781 115.12 -44.12 -56.56
C LEU F 2781 115.50 -43.77 -58.00
N ARG F 2782 116.67 -44.22 -58.41
CA ARG F 2782 117.28 -43.85 -59.68
C ARG F 2782 117.87 -45.08 -60.33
N PRO F 2783 118.12 -45.05 -61.63
CA PRO F 2783 118.92 -46.12 -62.25
C PRO F 2783 120.30 -46.16 -61.65
N TYR F 2784 120.87 -47.37 -61.60
CA TYR F 2784 122.05 -47.63 -60.78
C TYR F 2784 123.26 -46.78 -61.16
N LYS F 2785 123.33 -46.30 -62.41
CA LYS F 2785 124.46 -45.48 -62.83
C LYS F 2785 124.49 -44.15 -62.07
N THR F 2786 123.36 -43.44 -62.04
CA THR F 2786 123.27 -42.18 -61.33
C THR F 2786 122.84 -42.33 -59.88
N PHE F 2787 122.44 -43.54 -59.47
CA PHE F 2787 122.00 -43.77 -58.10
C PHE F 2787 123.22 -43.88 -57.20
N SER F 2788 123.33 -42.96 -56.24
CA SER F 2788 124.46 -42.95 -55.32
C SER F 2788 124.51 -44.24 -54.52
N GLU F 2789 125.71 -44.80 -54.41
CA GLU F 2789 125.86 -46.10 -53.76
C GLU F 2789 125.71 -46.04 -52.25
N LYS F 2790 125.61 -44.84 -51.67
CA LYS F 2790 125.37 -44.74 -50.23
C LYS F 2790 124.00 -45.30 -49.87
N ASP F 2791 122.99 -45.03 -50.69
CA ASP F 2791 121.67 -45.62 -50.46
C ASP F 2791 121.58 -47.02 -51.04
N LYS F 2792 122.36 -47.33 -52.07
CA LYS F 2792 122.37 -48.69 -52.60
C LYS F 2792 122.87 -49.68 -51.56
N GLU F 2793 123.83 -49.26 -50.72
CA GLU F 2793 124.28 -50.13 -49.64
C GLU F 2793 123.18 -50.37 -48.61
N ILE F 2794 122.39 -49.35 -48.28
CA ILE F 2794 121.38 -49.51 -47.24
C ILE F 2794 120.12 -50.19 -47.73
N TYR F 2795 119.90 -50.30 -49.04
CA TYR F 2795 118.88 -51.21 -49.54
C TYR F 2795 119.44 -52.59 -49.89
N ARG F 2796 120.76 -52.70 -50.09
CA ARG F 2796 121.39 -54.00 -50.33
C ARG F 2796 121.54 -54.79 -49.04
N TRP F 2797 121.84 -54.12 -47.94
CA TRP F 2797 122.11 -54.83 -46.68
C TRP F 2797 120.93 -55.65 -46.15
N PRO F 2798 119.67 -55.18 -46.18
CA PRO F 2798 118.58 -56.09 -45.81
C PRO F 2798 118.48 -57.33 -46.67
N ILE F 2799 118.74 -57.21 -47.98
CA ILE F 2799 118.75 -58.37 -48.85
C ILE F 2799 119.92 -59.28 -48.49
N LYS F 2800 121.07 -58.68 -48.14
CA LYS F 2800 122.21 -59.44 -47.67
C LYS F 2800 121.85 -60.26 -46.45
N GLU F 2801 121.23 -59.63 -45.45
CA GLU F 2801 120.83 -60.35 -44.24
C GLU F 2801 119.81 -61.42 -44.56
N SER F 2802 118.89 -61.14 -45.49
CA SER F 2802 117.87 -62.10 -45.88
C SER F 2802 118.49 -63.38 -46.42
N LEU F 2803 119.27 -63.28 -47.49
CA LEU F 2803 119.82 -64.49 -48.09
C LEU F 2803 120.97 -65.08 -47.27
N LYS F 2804 121.68 -64.28 -46.46
CA LYS F 2804 122.68 -64.84 -45.58
C LYS F 2804 122.03 -65.66 -44.47
N ALA F 2805 120.86 -65.21 -43.97
CA ALA F 2805 120.11 -66.06 -43.06
C ALA F 2805 119.60 -67.31 -43.78
N MET F 2806 119.21 -67.17 -45.05
CA MET F 2806 118.75 -68.33 -45.82
C MET F 2806 119.85 -69.37 -45.94
N ILE F 2807 121.09 -68.93 -46.15
CA ILE F 2807 122.21 -69.89 -46.17
C ILE F 2807 122.61 -70.28 -44.75
N ALA F 2808 122.20 -69.51 -43.74
CA ALA F 2808 122.53 -69.82 -42.36
C ALA F 2808 121.68 -70.96 -41.79
N TRP F 2809 120.42 -71.08 -42.20
CA TRP F 2809 119.56 -72.17 -41.72
C TRP F 2809 119.80 -73.45 -42.52
N GLU F 2810 121.05 -73.94 -42.42
CA GLU F 2810 121.56 -75.16 -43.03
C GLU F 2810 121.03 -75.44 -44.44
N TRP F 2811 120.95 -74.39 -45.26
CA TRP F 2811 120.58 -74.50 -46.66
C TRP F 2811 121.73 -74.00 -47.51
N THR F 2812 122.13 -74.78 -48.51
CA THR F 2812 123.27 -74.46 -49.35
C THR F 2812 122.76 -74.00 -50.71
N ILE F 2813 123.19 -72.80 -51.13
CA ILE F 2813 122.84 -72.23 -52.42
C ILE F 2813 124.08 -72.12 -53.29
N GLU F 2814 123.87 -72.20 -54.60
CA GLU F 2814 124.94 -72.00 -55.57
C GLU F 2814 124.30 -71.84 -56.95
N LYS F 2815 125.05 -71.22 -57.86
CA LYS F 2815 124.63 -71.10 -59.25
C LYS F 2815 124.40 -72.48 -59.87
N ALA F 2816 123.14 -72.75 -60.23
CA ALA F 2816 122.82 -74.01 -60.89
C ALA F 2816 123.48 -74.09 -62.26
N ARG F 2817 123.41 -73.01 -63.03
CA ARG F 2817 124.12 -72.88 -64.29
C ARG F 2817 125.25 -71.87 -64.14
N GLU F 2818 126.10 -71.80 -65.16
CA GLU F 2818 127.27 -70.94 -65.11
C GLU F 2818 126.86 -69.47 -65.05
N GLY F 2819 127.50 -68.72 -64.15
CA GLY F 2819 127.19 -67.31 -63.98
C GLY F 2819 128.03 -66.63 -62.93
N GLU F 2820 127.50 -65.57 -62.34
CA GLU F 2820 128.19 -64.82 -61.29
C GLU F 2820 128.44 -65.69 -60.05
N TYR F 2845 116.31 -49.88 -65.04
CA TYR F 2845 116.05 -50.08 -63.62
C TYR F 2845 114.61 -50.52 -63.40
N ASN F 2846 114.07 -51.25 -64.37
CA ASN F 2846 112.66 -51.67 -64.35
C ASN F 2846 112.58 -53.03 -65.03
N PRO F 2847 112.57 -54.12 -64.26
CA PRO F 2847 112.49 -55.46 -64.86
C PRO F 2847 111.05 -55.84 -65.15
N GLN F 2848 110.73 -56.01 -66.43
CA GLN F 2848 109.36 -56.41 -66.79
C GLN F 2848 108.99 -57.81 -66.30
N PRO F 2849 109.82 -58.85 -66.47
CA PRO F 2849 109.39 -60.18 -66.02
C PRO F 2849 109.34 -60.26 -64.51
N PRO F 2850 108.17 -60.60 -63.95
CA PRO F 2850 108.07 -60.75 -62.49
C PRO F 2850 108.32 -62.18 -62.04
N ASP F 2851 108.35 -62.42 -60.73
CA ASP F 2851 108.52 -63.74 -60.15
C ASP F 2851 107.19 -64.16 -59.54
N LEU F 2852 106.43 -64.98 -60.25
CA LEU F 2852 105.13 -65.43 -59.79
C LEU F 2852 105.30 -66.45 -58.67
N SER F 2853 104.91 -66.07 -57.45
CA SER F 2853 105.06 -66.93 -56.29
C SER F 2853 104.05 -68.08 -56.26
N GLY F 2854 103.06 -68.07 -57.15
CA GLY F 2854 102.03 -69.09 -57.14
C GLY F 2854 102.23 -70.20 -58.15
N VAL F 2855 103.44 -70.34 -58.69
CA VAL F 2855 103.72 -71.40 -59.65
C VAL F 2855 104.08 -72.67 -58.88
N THR F 2856 104.06 -73.81 -59.57
CA THR F 2856 104.32 -75.09 -58.93
C THR F 2856 105.77 -75.21 -58.49
N LEU F 2857 105.98 -75.94 -57.40
CA LEU F 2857 107.32 -76.13 -56.84
C LEU F 2857 107.31 -77.36 -55.96
N SER F 2858 108.50 -77.90 -55.70
CA SER F 2858 108.66 -79.13 -54.94
C SER F 2858 108.28 -78.92 -53.48
N ARG F 2859 107.90 -80.03 -52.83
CA ARG F 2859 107.40 -79.97 -51.46
C ARG F 2859 108.48 -79.54 -50.49
N GLU F 2860 109.67 -80.16 -50.57
CA GLU F 2860 110.75 -79.84 -49.63
C GLU F 2860 111.23 -78.41 -49.79
N LEU F 2861 111.39 -77.95 -51.02
CA LEU F 2861 111.88 -76.59 -51.25
C LEU F 2861 110.82 -75.55 -50.90
N GLN F 2862 109.54 -75.87 -51.10
CA GLN F 2862 108.48 -74.96 -50.66
C GLN F 2862 108.39 -74.94 -49.13
N ALA F 2863 108.64 -76.06 -48.47
CA ALA F 2863 108.73 -76.06 -47.02
C ALA F 2863 109.90 -75.21 -46.54
N MET F 2864 111.01 -75.24 -47.29
CA MET F 2864 112.11 -74.31 -47.02
C MET F 2864 111.65 -72.87 -47.18
N ALA F 2865 110.85 -72.59 -48.20
CA ALA F 2865 110.35 -71.23 -48.41
C ALA F 2865 109.48 -70.77 -47.25
N GLU F 2866 108.61 -71.67 -46.75
CA GLU F 2866 107.82 -71.36 -45.57
C GLU F 2866 108.70 -71.12 -44.35
N GLN F 2867 109.73 -71.95 -44.18
CA GLN F 2867 110.66 -71.79 -43.07
C GLN F 2867 111.44 -70.48 -43.18
N LEU F 2868 111.74 -70.05 -44.40
CA LEU F 2868 112.45 -68.80 -44.61
C LEU F 2868 111.55 -67.59 -44.39
N ALA F 2869 110.26 -67.70 -44.73
CA ALA F 2869 109.31 -66.66 -44.36
C ALA F 2869 109.19 -66.57 -42.84
N GLU F 2870 109.19 -67.72 -42.16
CA GLU F 2870 109.23 -67.72 -40.70
C GLU F 2870 110.52 -67.08 -40.19
N ASN F 2871 111.63 -67.31 -40.89
CA ASN F 2871 112.89 -66.66 -40.55
C ASN F 2871 112.78 -65.15 -40.64
N TYR F 2872 112.16 -64.66 -41.72
CA TYR F 2872 111.92 -63.22 -41.84
C TYR F 2872 111.05 -62.71 -40.70
N HIS F 2873 110.02 -63.48 -40.34
CA HIS F 2873 109.14 -63.08 -39.27
C HIS F 2873 109.88 -62.99 -37.94
N ASN F 2874 110.79 -63.94 -37.68
CA ASN F 2874 111.63 -63.85 -36.50
C ASN F 2874 112.53 -62.62 -36.55
N THR F 2875 113.08 -62.33 -37.73
CA THR F 2875 114.03 -61.22 -37.86
C THR F 2875 113.40 -59.89 -37.50
N TRP F 2876 112.23 -59.58 -38.07
CA TRP F 2876 111.58 -58.35 -37.64
C TRP F 2876 110.83 -58.51 -36.32
N GLY F 2877 110.55 -59.73 -35.91
CA GLY F 2877 109.79 -59.94 -34.69
C GLY F 2877 110.60 -59.69 -33.44
N ARG F 2878 111.92 -59.89 -33.49
CA ARG F 2878 112.74 -59.57 -32.34
C ARG F 2878 112.74 -58.08 -32.04
N LYS F 2879 112.90 -57.23 -33.06
CA LYS F 2879 112.82 -55.80 -32.80
C LYS F 2879 111.39 -55.37 -32.49
N LYS F 2880 110.40 -56.05 -33.09
CA LYS F 2880 109.00 -55.72 -32.78
C LYS F 2880 108.68 -56.02 -31.32
N LYS F 2881 109.17 -57.13 -30.78
CA LYS F 2881 108.96 -57.40 -29.36
C LYS F 2881 109.87 -56.57 -28.47
N GLN F 2882 111.00 -56.09 -28.98
CA GLN F 2882 111.79 -55.11 -28.23
C GLN F 2882 111.00 -53.83 -28.02
N GLU F 2883 110.26 -53.39 -29.04
CA GLU F 2883 109.38 -52.23 -28.84
C GLU F 2883 108.13 -52.61 -28.05
N LEU F 2884 107.64 -53.85 -28.19
CA LEU F 2884 106.44 -54.26 -27.49
C LEU F 2884 106.65 -54.33 -25.98
N GLU F 2885 107.78 -54.88 -25.55
CA GLU F 2885 108.06 -54.99 -24.12
C GLU F 2885 108.25 -53.64 -23.45
N ALA F 2886 108.59 -52.60 -24.23
CA ALA F 2886 108.60 -51.25 -23.70
C ALA F 2886 107.19 -50.79 -23.35
N LYS F 2887 106.21 -51.15 -24.16
CA LYS F 2887 104.82 -50.79 -23.89
C LYS F 2887 104.30 -51.52 -22.66
N GLY F 2888 104.55 -52.83 -22.58
CA GLY F 2888 104.16 -53.63 -21.44
C GLY F 2888 102.80 -54.28 -21.51
N GLY F 2889 102.00 -53.97 -22.52
CA GLY F 2889 100.67 -54.55 -22.62
C GLY F 2889 100.26 -54.75 -24.06
N GLY F 2890 99.42 -55.75 -24.28
CA GLY F 2890 98.93 -56.06 -25.61
C GLY F 2890 99.99 -56.72 -26.48
N THR F 2891 99.58 -57.01 -27.72
CA THR F 2891 100.50 -57.60 -28.68
C THR F 2891 100.04 -57.24 -30.08
N HIS F 2892 101.00 -57.21 -31.00
CA HIS F 2892 100.72 -56.99 -32.41
C HIS F 2892 100.14 -58.26 -33.02
N PRO F 2893 99.22 -58.12 -34.00
CA PRO F 2893 98.63 -59.32 -34.62
C PRO F 2893 99.65 -60.21 -35.30
N LEU F 2894 100.76 -59.67 -35.77
CA LEU F 2894 101.82 -60.47 -36.39
C LEU F 2894 102.86 -60.95 -35.40
N LEU F 2895 102.73 -60.60 -34.12
CA LEU F 2895 103.66 -61.05 -33.08
C LEU F 2895 103.23 -62.39 -32.48
N VAL F 2896 103.04 -63.36 -33.38
CA VAL F 2896 102.66 -64.73 -33.01
C VAL F 2896 103.45 -65.68 -33.89
N PRO F 2897 103.58 -66.95 -33.48
CA PRO F 2897 104.31 -67.92 -34.30
C PRO F 2897 103.77 -67.99 -35.73
N TYR F 2898 104.68 -68.10 -36.69
CA TYR F 2898 104.34 -67.93 -38.09
C TYR F 2898 103.44 -69.04 -38.59
N ASP F 2899 103.62 -70.27 -38.09
CA ASP F 2899 102.77 -71.38 -38.50
C ASP F 2899 101.36 -71.23 -37.93
N THR F 2900 101.23 -70.72 -36.71
CA THR F 2900 99.93 -70.64 -36.05
C THR F 2900 99.08 -69.49 -36.60
N LEU F 2901 99.70 -68.41 -37.05
CA LEU F 2901 98.95 -67.23 -37.41
C LEU F 2901 98.18 -67.42 -38.72
N THR F 2902 97.25 -66.50 -38.99
CA THR F 2902 96.34 -66.62 -40.10
C THR F 2902 97.05 -66.38 -41.43
N ALA F 2903 96.38 -66.78 -42.51
CA ALA F 2903 96.96 -66.64 -43.84
C ALA F 2903 96.93 -65.21 -44.35
N LYS F 2904 95.97 -64.41 -43.89
CA LYS F 2904 95.82 -63.06 -44.43
C LYS F 2904 96.97 -62.15 -44.03
N GLU F 2905 97.57 -62.36 -42.85
CA GLU F 2905 98.61 -61.47 -42.36
C GLU F 2905 100.01 -61.90 -42.77
N LYS F 2906 100.23 -63.19 -43.05
CA LYS F 2906 101.52 -63.67 -43.49
C LYS F 2906 101.80 -63.38 -44.95
N ALA F 2907 100.98 -62.54 -45.59
CA ALA F 2907 101.08 -62.32 -47.03
C ALA F 2907 102.42 -61.71 -47.42
N ARG F 2908 102.90 -60.73 -46.65
CA ARG F 2908 104.14 -60.05 -47.00
C ARG F 2908 105.34 -60.99 -46.90
N ASP F 2909 105.45 -61.72 -45.79
CA ASP F 2909 106.57 -62.65 -45.61
C ASP F 2909 106.50 -63.80 -46.62
N ARG F 2910 105.29 -64.33 -46.85
CA ARG F 2910 105.13 -65.42 -47.80
C ARG F 2910 105.49 -64.99 -49.22
N GLU F 2911 105.01 -63.80 -49.63
CA GLU F 2911 105.32 -63.29 -50.96
C GLU F 2911 106.81 -63.03 -51.11
N LYS F 2912 107.44 -62.46 -50.08
CA LYS F 2912 108.88 -62.18 -50.14
C LYS F 2912 109.68 -63.47 -50.30
N ALA F 2913 109.44 -64.45 -49.42
CA ALA F 2913 110.20 -65.70 -49.46
C ALA F 2913 109.94 -66.46 -50.76
N GLN F 2914 108.69 -66.57 -51.18
CA GLN F 2914 108.37 -67.33 -52.38
C GLN F 2914 108.85 -66.62 -53.63
N GLU F 2915 108.77 -65.28 -53.68
CA GLU F 2915 109.30 -64.57 -54.84
C GLU F 2915 110.80 -64.75 -54.95
N LEU F 2916 111.50 -64.76 -53.80
CA LEU F 2916 112.92 -65.08 -53.82
C LEU F 2916 113.16 -66.47 -54.38
N LEU F 2917 112.37 -67.45 -53.95
CA LEU F 2917 112.58 -68.83 -54.39
C LEU F 2917 112.27 -68.99 -55.89
N LYS F 2918 111.21 -68.34 -56.37
CA LYS F 2918 110.92 -68.37 -57.81
C LYS F 2918 111.99 -67.65 -58.60
N PHE F 2919 112.56 -66.57 -58.03
CA PHE F 2919 113.69 -65.92 -58.66
C PHE F 2919 114.86 -66.88 -58.80
N LEU F 2920 115.13 -67.67 -57.75
CA LEU F 2920 116.18 -68.68 -57.83
C LEU F 2920 115.89 -69.68 -58.93
N GLN F 2921 114.67 -70.24 -58.93
CA GLN F 2921 114.33 -71.29 -59.89
C GLN F 2921 114.38 -70.77 -61.33
N MET F 2922 113.90 -69.56 -61.58
CA MET F 2922 113.85 -69.03 -62.93
C MET F 2922 115.22 -68.56 -63.40
N ASN F 2923 116.02 -67.95 -62.52
CA ASN F 2923 117.28 -67.34 -62.93
C ASN F 2923 118.47 -68.26 -62.78
N GLY F 2924 118.27 -69.50 -62.29
CA GLY F 2924 119.35 -70.46 -62.27
C GLY F 2924 120.15 -70.51 -60.99
N TYR F 2925 119.46 -70.66 -59.87
CA TYR F 2925 120.09 -70.84 -58.57
C TYR F 2925 119.52 -72.10 -57.93
N ALA F 2926 120.42 -73.03 -57.58
CA ALA F 2926 120.03 -74.28 -56.95
C ALA F 2926 120.35 -74.22 -55.46
N VAL F 2927 119.35 -74.51 -54.64
CA VAL F 2927 119.50 -74.54 -53.19
C VAL F 2927 118.94 -75.85 -52.66
N THR F 2928 119.70 -76.49 -51.77
CA THR F 2928 119.28 -77.74 -51.14
C THR F 2928 119.49 -77.65 -49.64
N ARG F 2929 118.55 -78.20 -48.88
CA ARG F 2929 118.63 -78.18 -47.42
C ARG F 2929 119.84 -78.97 -46.90
N LEU F 2936 107.17 -85.89 -43.67
CA LEU F 2936 107.93 -85.82 -44.92
C LEU F 2936 107.45 -86.92 -45.88
N ASP F 2937 106.90 -86.50 -47.02
CA ASP F 2937 106.39 -87.40 -48.05
C ASP F 2937 105.34 -88.35 -47.49
N THR F 2938 104.45 -87.82 -46.65
CA THR F 2938 103.41 -88.60 -46.01
C THR F 2938 102.16 -88.60 -46.90
N SER F 2939 101.55 -89.77 -47.05
CA SER F 2939 100.34 -89.89 -47.86
C SER F 2939 99.17 -89.20 -47.17
N SER F 2940 98.10 -88.96 -47.95
CA SER F 2940 96.93 -88.26 -47.42
C SER F 2940 96.21 -89.08 -46.37
N ILE F 2941 96.22 -90.41 -46.49
CA ILE F 2941 95.56 -91.25 -45.50
C ILE F 2941 96.19 -91.06 -44.13
N GLU F 2942 97.52 -91.18 -44.05
CA GLU F 2942 98.23 -90.93 -42.80
C GLU F 2942 98.19 -89.46 -42.42
N LYS F 2943 98.00 -88.57 -43.41
CA LYS F 2943 97.90 -87.14 -43.15
C LYS F 2943 96.58 -86.78 -42.49
N ARG F 2944 95.56 -87.63 -42.61
CA ARG F 2944 94.30 -87.41 -41.93
C ARG F 2944 94.46 -87.49 -40.42
N PHE F 2945 93.63 -86.71 -39.71
CA PHE F 2945 93.65 -86.78 -38.25
C PHE F 2945 93.10 -88.12 -37.77
N ALA F 2946 92.22 -88.75 -38.56
CA ALA F 2946 91.81 -90.10 -38.22
C ALA F 2946 93.02 -90.99 -38.03
N PHE F 2947 93.91 -91.02 -39.02
CA PHE F 2947 95.12 -91.84 -38.91
C PHE F 2947 96.05 -91.31 -37.81
N GLY F 2948 96.16 -89.99 -37.65
CA GLY F 2948 97.06 -89.46 -36.64
C GLY F 2948 96.63 -89.82 -35.22
N PHE F 2949 95.37 -89.56 -34.89
CA PHE F 2949 94.84 -89.93 -33.59
C PHE F 2949 94.88 -91.43 -33.38
N LEU F 2950 94.56 -92.20 -34.41
CA LEU F 2950 94.62 -93.66 -34.29
C LEU F 2950 96.04 -94.16 -34.09
N GLN F 2951 97.03 -93.45 -34.65
CA GLN F 2951 98.42 -93.77 -34.36
C GLN F 2951 98.74 -93.57 -32.88
N GLN F 2952 98.31 -92.43 -32.32
CA GLN F 2952 98.46 -92.24 -30.88
C GLN F 2952 97.76 -93.34 -30.10
N LEU F 2953 96.54 -93.70 -30.52
CA LEU F 2953 95.78 -94.73 -29.82
C LEU F 2953 96.51 -96.07 -29.85
N LEU F 2954 96.95 -96.50 -31.04
CA LEU F 2954 97.69 -97.75 -31.15
C LEU F 2954 98.93 -97.73 -30.28
N ARG F 2955 99.57 -96.57 -30.14
CA ARG F 2955 100.67 -96.43 -29.21
C ARG F 2955 100.21 -96.57 -27.77
N TRP F 2956 99.01 -96.06 -27.45
CA TRP F 2956 98.53 -96.10 -26.07
C TRP F 2956 98.30 -97.52 -25.58
N MET F 2957 97.83 -98.42 -26.44
CA MET F 2957 97.49 -99.76 -25.94
C MET F 2957 98.68 -100.49 -25.31
N ASP F 2958 99.83 -100.51 -25.97
CA ASP F 2958 100.96 -101.23 -25.38
C ASP F 2958 101.48 -100.51 -24.13
N ILE F 2959 101.48 -99.18 -24.13
CA ILE F 2959 101.86 -98.43 -22.94
C ILE F 2959 100.96 -98.80 -21.75
N SER F 2960 99.64 -98.79 -21.98
CA SER F 2960 98.69 -99.13 -20.93
C SER F 2960 98.95 -100.52 -20.38
N GLN F 2961 99.03 -101.51 -21.28
CA GLN F 2961 99.24 -102.89 -20.85
C GLN F 2961 100.54 -103.02 -20.06
N GLU F 2962 101.57 -102.27 -20.46
CA GLU F 2962 102.84 -102.31 -19.72
C GLU F 2962 102.65 -101.97 -18.25
N PHE F 2963 102.07 -100.78 -17.96
CA PHE F 2963 102.02 -100.50 -16.53
C PHE F 2963 100.95 -101.30 -15.80
N ILE F 2964 99.81 -101.59 -16.43
CA ILE F 2964 98.75 -102.27 -15.70
C ILE F 2964 99.13 -103.73 -15.43
N ALA F 2965 99.91 -104.35 -16.31
CA ALA F 2965 100.33 -105.72 -16.08
C ALA F 2965 101.25 -105.81 -14.87
N HIS F 2966 102.29 -104.97 -14.81
CA HIS F 2966 103.12 -105.07 -13.63
C HIS F 2966 102.46 -104.43 -12.41
N LEU F 2967 101.43 -103.60 -12.60
CA LEU F 2967 100.69 -103.06 -11.48
C LEU F 2967 99.87 -104.13 -10.79
N GLU F 2968 99.16 -104.95 -11.56
CA GLU F 2968 98.46 -106.07 -10.94
C GLU F 2968 99.44 -107.08 -10.37
N ALA F 2969 100.60 -107.24 -11.01
CA ALA F 2969 101.62 -108.12 -10.44
C ALA F 2969 102.11 -107.61 -9.10
N VAL F 2970 102.35 -106.30 -8.98
CA VAL F 2970 102.91 -105.78 -7.75
C VAL F 2970 101.86 -105.66 -6.65
N VAL F 2971 100.58 -105.52 -7.00
CA VAL F 2971 99.54 -105.55 -5.97
C VAL F 2971 99.15 -106.98 -5.60
N SER F 2972 99.43 -107.95 -6.46
CA SER F 2972 99.29 -109.34 -6.04
C SER F 2972 100.50 -109.83 -5.27
N SER F 2973 101.62 -109.13 -5.34
CA SER F 2973 102.81 -109.47 -4.55
C SER F 2973 103.17 -108.28 -3.66
N GLY F 2974 102.56 -108.21 -2.48
CA GLY F 2974 102.93 -107.24 -1.48
C GLY F 2974 102.15 -105.93 -1.49
N ARG F 2975 101.37 -105.67 -2.54
CA ARG F 2975 100.59 -104.43 -2.67
C ARG F 2975 101.46 -103.19 -2.53
N VAL F 2976 102.61 -103.20 -3.18
CA VAL F 2976 103.50 -102.05 -3.18
C VAL F 2976 102.93 -100.98 -4.11
N GLU F 2977 102.93 -99.74 -3.64
CA GLU F 2977 102.36 -98.60 -4.36
C GLU F 2977 103.26 -98.06 -5.46
N LYS F 2978 104.29 -98.82 -5.86
CA LYS F 2978 105.22 -98.36 -6.87
C LYS F 2978 104.54 -98.29 -8.23
N SER F 2979 104.72 -97.16 -8.92
CA SER F 2979 104.22 -96.96 -10.27
C SER F 2979 105.33 -96.39 -11.15
N PRO F 2980 105.36 -96.74 -12.43
CA PRO F 2980 106.39 -96.20 -13.33
C PRO F 2980 106.19 -94.71 -13.57
N HIS F 2981 104.96 -94.34 -13.93
CA HIS F 2981 104.58 -92.94 -14.09
C HIS F 2981 103.11 -92.84 -13.69
N GLU F 2982 102.88 -92.49 -12.42
CA GLU F 2982 101.51 -92.39 -11.91
C GLU F 2982 100.71 -91.35 -12.68
N GLN F 2983 101.35 -90.25 -13.04
CA GLN F 2983 100.66 -89.21 -13.81
C GLN F 2983 100.10 -89.77 -15.12
N GLU F 2984 100.88 -90.59 -15.81
CA GLU F 2984 100.44 -91.14 -17.09
C GLU F 2984 99.43 -92.26 -16.89
N ILE F 2985 99.60 -93.05 -15.82
CA ILE F 2985 98.67 -94.14 -15.52
C ILE F 2985 97.27 -93.58 -15.31
N LYS F 2986 97.14 -92.61 -14.42
CA LYS F 2986 95.83 -92.02 -14.16
C LYS F 2986 95.40 -91.06 -15.26
N PHE F 2987 96.34 -90.57 -16.07
CA PHE F 2987 95.96 -89.84 -17.26
C PHE F 2987 95.13 -90.71 -18.18
N PHE F 2988 95.60 -91.92 -18.47
CA PHE F 2988 94.79 -92.88 -19.23
C PHE F 2988 93.49 -93.18 -18.51
N ALA F 2989 93.58 -93.62 -17.26
CA ALA F 2989 92.42 -94.14 -16.55
C ALA F 2989 91.34 -93.09 -16.32
N LYS F 2990 91.67 -91.81 -16.38
CA LYS F 2990 90.70 -90.76 -16.11
C LYS F 2990 90.33 -89.93 -17.33
N ILE F 2991 91.08 -90.02 -18.43
CA ILE F 2991 90.83 -89.20 -19.61
C ILE F 2991 90.46 -90.03 -20.82
N LEU F 2992 91.21 -91.09 -21.09
CA LEU F 2992 91.11 -91.73 -22.41
C LEU F 2992 89.84 -92.57 -22.54
N LEU F 2993 89.36 -93.16 -21.45
CA LEU F 2993 88.16 -93.99 -21.54
C LEU F 2993 86.92 -93.19 -21.95
N PRO F 2994 86.57 -92.06 -21.33
CA PRO F 2994 85.46 -91.27 -21.87
C PRO F 2994 85.72 -90.72 -23.26
N LEU F 2995 86.99 -90.46 -23.59
CA LEU F 2995 87.31 -89.88 -24.89
C LEU F 2995 87.00 -90.84 -26.01
N ILE F 2996 87.46 -92.09 -25.90
CA ILE F 2996 87.10 -93.09 -26.90
C ILE F 2996 85.61 -93.40 -26.83
N ASN F 2997 85.03 -93.36 -25.62
CA ASN F 2997 83.61 -93.63 -25.44
C ASN F 2997 82.78 -92.68 -26.30
N GLN F 2998 83.11 -91.40 -26.30
CA GLN F 2998 82.33 -90.46 -27.10
C GLN F 2998 82.79 -90.39 -28.54
N TYR F 2999 84.08 -90.62 -28.83
CA TYR F 2999 84.56 -90.49 -30.20
C TYR F 2999 84.03 -91.60 -31.08
N PHE F 3000 84.02 -92.84 -30.59
CA PHE F 3000 83.54 -93.94 -31.40
C PHE F 3000 82.02 -94.02 -31.43
N THR F 3001 81.33 -93.04 -30.87
CA THR F 3001 79.91 -92.84 -31.05
C THR F 3001 79.58 -91.63 -31.91
N ASN F 3002 80.39 -90.57 -31.83
CA ASN F 3002 80.16 -89.39 -32.65
C ASN F 3002 80.68 -89.57 -34.06
N HIS F 3003 81.84 -90.20 -34.22
CA HIS F 3003 82.43 -90.45 -35.53
C HIS F 3003 82.34 -91.92 -35.94
N CYS F 3004 81.39 -92.66 -35.38
CA CYS F 3004 81.22 -94.06 -35.78
C CYS F 3004 80.78 -94.17 -37.24
N LEU F 3005 79.97 -93.21 -37.70
CA LEU F 3005 79.44 -93.27 -39.05
C LEU F 3005 80.55 -93.07 -40.08
N TYR F 3006 81.50 -92.19 -39.80
CA TYR F 3006 82.64 -92.00 -40.71
C TYR F 3006 83.49 -93.25 -40.79
N PHE F 3007 83.73 -93.91 -39.66
CA PHE F 3007 84.50 -95.16 -39.66
C PHE F 3007 83.77 -96.24 -40.45
N LEU F 3008 82.45 -96.35 -40.27
CA LEU F 3008 81.68 -97.37 -40.98
C LEU F 3008 81.51 -97.04 -42.45
N SER F 3009 81.69 -95.77 -42.84
CA SER F 3009 81.48 -95.36 -44.21
C SER F 3009 82.62 -95.82 -45.11
N THR F 3010 82.26 -96.40 -46.26
CA THR F 3010 83.12 -96.95 -47.30
C THR F 3010 83.09 -96.05 -48.53
N PRO F 3011 84.21 -95.94 -49.27
CA PRO F 3011 84.15 -95.24 -50.56
C PRO F 3011 83.17 -95.87 -51.53
N ALA F 3012 82.96 -97.18 -51.46
CA ALA F 3012 81.95 -97.83 -52.29
C ALA F 3012 80.54 -97.49 -51.79
N LYS F 3013 80.23 -97.88 -50.56
CA LYS F 3013 78.95 -97.59 -49.93
C LYS F 3013 79.17 -96.48 -48.91
N VAL F 3014 78.88 -95.24 -49.31
CA VAL F 3014 79.10 -94.08 -48.45
C VAL F 3014 77.94 -93.96 -47.46
N LEU F 3015 78.09 -94.59 -46.29
CA LEU F 3015 77.06 -94.46 -45.27
C LEU F 3015 77.03 -93.05 -44.68
N GLY F 3016 78.20 -92.44 -44.54
CA GLY F 3016 78.26 -91.10 -43.99
C GLY F 3016 77.77 -90.06 -44.97
N SER F 3017 77.54 -88.85 -44.45
CA SER F 3017 77.09 -87.73 -45.26
C SER F 3017 78.30 -87.06 -45.89
N GLY F 3018 78.81 -87.69 -46.94
CA GLY F 3018 79.96 -87.19 -47.67
C GLY F 3018 81.29 -87.50 -47.07
N GLY F 3019 81.34 -88.24 -45.96
CA GLY F 3019 82.60 -88.55 -45.31
C GLY F 3019 82.81 -90.03 -45.06
N HIS F 3020 83.88 -90.59 -45.61
CA HIS F 3020 84.22 -91.99 -45.42
C HIS F 3020 85.69 -92.13 -45.07
N ALA F 3021 85.99 -93.14 -44.26
CA ALA F 3021 87.37 -93.43 -43.90
C ALA F 3021 88.06 -94.22 -45.01
N SER F 3022 89.36 -94.41 -44.85
CA SER F 3022 90.11 -95.24 -45.78
C SER F 3022 90.17 -96.69 -45.29
N ASN F 3023 90.41 -97.59 -46.24
CA ASN F 3023 90.51 -99.01 -45.90
C ASN F 3023 91.61 -99.25 -44.88
N LYS F 3024 92.74 -98.56 -45.04
CA LYS F 3024 93.83 -98.64 -44.07
C LYS F 3024 93.32 -98.32 -42.67
N GLU F 3025 92.64 -97.18 -42.53
CA GLU F 3025 92.05 -96.79 -41.26
C GLU F 3025 91.13 -97.88 -40.72
N LYS F 3026 90.37 -98.54 -41.61
CA LYS F 3026 89.41 -99.52 -41.13
C LYS F 3026 90.10 -100.75 -40.55
N GLU F 3027 91.13 -101.29 -41.21
CA GLU F 3027 91.74 -102.48 -40.61
C GLU F 3027 92.49 -102.13 -39.34
N MET F 3028 93.05 -100.92 -39.23
CA MET F 3028 93.78 -100.70 -38.00
C MET F 3028 92.91 -100.13 -36.88
N ILE F 3029 91.67 -99.69 -37.16
CA ILE F 3029 90.73 -99.56 -36.04
C ILE F 3029 90.29 -100.95 -35.59
N THR F 3030 90.19 -101.91 -36.52
CA THR F 3030 89.90 -103.28 -36.11
C THR F 3030 91.01 -103.83 -35.22
N SER F 3031 92.26 -103.57 -35.60
CA SER F 3031 93.37 -103.99 -34.74
C SER F 3031 93.41 -103.19 -33.45
N LEU F 3032 92.95 -101.93 -33.49
CA LEU F 3032 92.84 -101.14 -32.26
C LEU F 3032 91.88 -101.82 -31.29
N PHE F 3033 90.73 -102.27 -31.80
CA PHE F 3033 89.74 -102.95 -30.99
C PHE F 3033 90.34 -104.25 -30.43
N CYS F 3034 91.06 -105.00 -31.27
CA CYS F 3034 91.68 -106.24 -30.81
C CYS F 3034 92.73 -105.98 -29.73
N LYS F 3035 93.53 -104.93 -29.88
CA LYS F 3035 94.51 -104.58 -28.86
C LYS F 3035 93.84 -104.21 -27.55
N LEU F 3036 92.77 -103.42 -27.61
CA LEU F 3036 92.06 -103.07 -26.37
C LEU F 3036 91.45 -104.29 -25.71
N ALA F 3037 90.95 -105.24 -26.51
CA ALA F 3037 90.47 -106.49 -25.94
C ALA F 3037 91.60 -107.27 -25.27
N ALA F 3038 92.76 -107.32 -25.93
CA ALA F 3038 93.91 -108.02 -25.36
C ALA F 3038 94.45 -107.35 -24.10
N LEU F 3039 94.18 -106.05 -23.93
CA LEU F 3039 94.59 -105.38 -22.71
C LEU F 3039 93.88 -105.96 -21.49
N VAL F 3040 92.60 -106.29 -21.65
CA VAL F 3040 91.77 -106.74 -20.54
C VAL F 3040 91.36 -108.21 -20.69
N ARG F 3041 92.05 -108.95 -21.56
CA ARG F 3041 91.76 -110.37 -21.72
C ARG F 3041 92.03 -111.10 -20.41
N HIS F 3042 90.97 -111.71 -19.85
CA HIS F 3042 91.03 -112.42 -18.57
C HIS F 3042 91.54 -111.51 -17.45
N ARG F 3043 91.21 -110.22 -17.52
CA ARG F 3043 91.80 -109.24 -16.62
C ARG F 3043 90.82 -108.22 -16.07
N VAL F 3044 89.55 -108.25 -16.49
CA VAL F 3044 88.61 -107.20 -16.09
C VAL F 3044 88.25 -107.28 -14.62
N SER F 3045 88.51 -108.42 -13.98
CA SER F 3045 88.27 -108.52 -12.54
C SER F 3045 89.20 -107.60 -11.76
N LEU F 3046 90.40 -107.36 -12.28
CA LEU F 3046 91.33 -106.46 -11.61
C LEU F 3046 90.83 -105.02 -11.65
N PHE F 3047 90.30 -104.59 -12.79
CA PHE F 3047 89.83 -103.21 -12.96
C PHE F 3047 88.43 -103.09 -12.36
N GLY F 3048 88.33 -102.38 -11.23
CA GLY F 3048 87.04 -102.17 -10.60
C GLY F 3048 86.50 -100.77 -10.79
N THR F 3049 87.38 -99.77 -10.66
CA THR F 3049 86.94 -98.38 -10.73
C THR F 3049 86.59 -97.96 -12.15
N ASP F 3050 87.26 -98.52 -13.16
CA ASP F 3050 87.02 -98.19 -14.54
C ASP F 3050 86.25 -99.27 -15.29
N ALA F 3051 85.70 -100.25 -14.57
CA ALA F 3051 85.07 -101.40 -15.22
C ALA F 3051 83.87 -101.03 -16.09
N PRO F 3052 82.90 -100.22 -15.65
CA PRO F 3052 81.83 -99.82 -16.58
C PRO F 3052 82.36 -99.07 -17.79
N ALA F 3053 83.39 -98.25 -17.60
CA ALA F 3053 83.95 -97.49 -18.71
C ALA F 3053 84.56 -98.40 -19.75
N VAL F 3054 85.39 -99.36 -19.33
CA VAL F 3054 86.06 -100.22 -20.31
C VAL F 3054 85.05 -101.11 -21.02
N VAL F 3055 84.08 -101.68 -20.29
CA VAL F 3055 83.14 -102.57 -20.95
C VAL F 3055 82.29 -101.80 -21.95
N ASN F 3056 81.88 -100.57 -21.59
CA ASN F 3056 81.09 -99.75 -22.51
C ASN F 3056 81.90 -99.43 -23.76
N CYS F 3057 83.14 -98.99 -23.59
CA CYS F 3057 83.98 -98.68 -24.74
C CYS F 3057 84.17 -99.90 -25.64
N LEU F 3058 84.27 -101.09 -25.03
CA LEU F 3058 84.38 -102.30 -25.82
C LEU F 3058 83.10 -102.59 -26.60
N HIS F 3059 81.93 -102.24 -26.07
CA HIS F 3059 80.72 -102.31 -26.89
C HIS F 3059 80.80 -101.38 -28.09
N ILE F 3060 81.29 -100.16 -27.86
CA ILE F 3060 81.32 -99.18 -28.96
C ILE F 3060 82.31 -99.61 -30.03
N LEU F 3061 83.46 -100.14 -29.64
CA LEU F 3061 84.39 -100.66 -30.64
C LEU F 3061 83.88 -101.94 -31.29
N ALA F 3062 83.01 -102.69 -30.60
CA ALA F 3062 82.33 -103.80 -31.26
C ALA F 3062 81.45 -103.28 -32.38
N ARG F 3063 80.79 -102.15 -32.16
CA ARG F 3063 80.10 -101.48 -33.25
C ARG F 3063 81.11 -100.72 -34.12
N SER F 3064 80.61 -100.17 -35.23
CA SER F 3064 81.39 -99.36 -36.17
C SER F 3064 82.63 -100.09 -36.66
N LEU F 3065 82.48 -101.38 -36.96
CA LEU F 3065 83.57 -102.22 -37.43
C LEU F 3065 83.40 -102.44 -38.93
N ASP F 3066 83.97 -101.54 -39.73
CA ASP F 3066 83.93 -101.69 -41.18
C ASP F 3066 84.95 -102.76 -41.56
N ALA F 3067 84.52 -104.01 -41.53
CA ALA F 3067 85.40 -105.16 -41.75
C ALA F 3067 85.25 -105.77 -43.13
N ARG F 3068 84.40 -105.22 -43.99
CA ARG F 3068 84.34 -105.67 -45.38
C ARG F 3068 85.66 -105.41 -46.08
N THR F 3069 86.32 -104.31 -45.74
CA THR F 3069 87.63 -103.97 -46.28
C THR F 3069 88.76 -104.29 -45.31
N VAL F 3070 88.63 -105.37 -44.54
CA VAL F 3070 89.65 -105.80 -43.59
C VAL F 3070 90.34 -107.07 -44.08
N MET F 3071 89.56 -108.08 -44.47
CA MET F 3071 90.13 -109.21 -45.19
C MET F 3071 90.45 -108.86 -46.63
N LYS F 3072 89.88 -107.78 -47.14
CA LYS F 3072 90.12 -107.30 -48.49
C LYS F 3072 91.05 -106.09 -48.42
N SER F 3073 92.15 -106.14 -49.18
CA SER F 3073 93.18 -105.10 -49.19
C SER F 3073 93.65 -104.76 -47.78
N GLY F 3074 93.67 -105.76 -46.91
CA GLY F 3074 94.00 -105.55 -45.52
C GLY F 3074 95.08 -106.49 -45.04
N PRO F 3075 95.76 -106.11 -43.95
CA PRO F 3075 96.85 -106.95 -43.44
C PRO F 3075 96.32 -108.20 -42.77
N GLU F 3076 96.85 -109.34 -43.21
CA GLU F 3076 96.47 -110.62 -42.62
C GLU F 3076 96.99 -110.78 -41.20
N ILE F 3077 97.93 -109.95 -40.75
CA ILE F 3077 98.28 -109.92 -39.34
C ILE F 3077 97.11 -109.38 -38.53
N VAL F 3078 96.46 -108.33 -39.02
CA VAL F 3078 95.27 -107.81 -38.34
C VAL F 3078 94.13 -108.81 -38.42
N LYS F 3079 93.97 -109.47 -39.56
CA LYS F 3079 92.98 -110.54 -39.66
C LYS F 3079 93.29 -111.66 -38.68
N ALA F 3080 94.57 -111.98 -38.50
CA ALA F 3080 94.96 -112.96 -37.50
C ALA F 3080 94.68 -112.47 -36.09
N GLY F 3081 94.75 -111.15 -35.88
CA GLY F 3081 94.32 -110.60 -34.59
C GLY F 3081 92.85 -110.82 -34.34
N LEU F 3082 92.03 -110.66 -35.39
CA LEU F 3082 90.61 -110.97 -35.25
C LEU F 3082 90.38 -112.47 -35.00
N ARG F 3083 91.14 -113.32 -35.69
CA ARG F 3083 91.04 -114.76 -35.46
C ARG F 3083 91.46 -115.10 -34.03
N SER F 3084 92.50 -114.44 -33.53
CA SER F 3084 92.94 -114.70 -32.16
C SER F 3084 91.90 -114.22 -31.16
N PHE F 3085 91.23 -113.11 -31.46
CA PHE F 3085 90.10 -112.67 -30.66
C PHE F 3085 89.04 -113.78 -30.57
N PHE F 3086 88.63 -114.30 -31.72
CA PHE F 3086 87.58 -115.31 -31.73
C PHE F 3086 88.02 -116.61 -31.07
N GLU F 3087 89.27 -117.03 -31.31
CA GLU F 3087 89.74 -118.27 -30.73
C GLU F 3087 89.92 -118.15 -29.22
N SER F 3088 90.41 -117.00 -28.74
CA SER F 3088 90.52 -116.78 -27.30
C SER F 3088 89.15 -116.74 -26.65
N ALA F 3089 88.18 -116.12 -27.32
CA ALA F 3089 86.81 -116.11 -26.80
C ALA F 3089 86.24 -117.52 -26.74
N SER F 3090 86.50 -118.32 -27.77
CA SER F 3090 86.01 -119.70 -27.79
C SER F 3090 86.67 -120.53 -26.69
N GLU F 3091 87.98 -120.35 -26.50
CA GLU F 3091 88.68 -121.08 -25.44
C GLU F 3091 88.16 -120.67 -24.07
N ASP F 3092 87.95 -119.38 -23.86
CA ASP F 3092 87.49 -118.92 -22.55
C ASP F 3092 86.05 -119.33 -22.28
N ILE F 3093 85.20 -119.34 -23.31
CA ILE F 3093 83.83 -119.80 -23.10
C ILE F 3093 83.80 -121.30 -22.87
N GLU F 3094 84.72 -122.05 -23.49
CA GLU F 3094 84.82 -123.47 -23.19
C GLU F 3094 85.23 -123.70 -21.74
N LYS F 3095 86.20 -122.93 -21.25
CA LYS F 3095 86.54 -122.98 -19.83
C LYS F 3095 85.34 -122.58 -18.98
N MET F 3096 84.56 -121.61 -19.45
CA MET F 3096 83.38 -121.17 -18.72
C MET F 3096 82.36 -122.30 -18.59
N VAL F 3097 82.10 -123.03 -19.68
CA VAL F 3097 81.11 -124.10 -19.61
C VAL F 3097 81.64 -125.25 -18.76
N GLU F 3098 82.96 -125.47 -18.74
CA GLU F 3098 83.52 -126.50 -17.88
C GLU F 3098 83.34 -126.15 -16.41
N ASN F 3099 83.56 -124.89 -16.03
CA ASN F 3099 83.34 -124.50 -14.64
C ASN F 3099 81.86 -124.41 -14.31
N LEU F 3100 81.03 -124.09 -15.30
CA LEU F 3100 79.61 -123.88 -15.06
C LEU F 3100 78.86 -125.20 -14.91
N ARG F 3101 79.29 -126.24 -15.62
CA ARG F 3101 78.72 -127.61 -15.60
C ARG F 3101 77.20 -127.67 -15.40
N GLN F 3117 87.40 -113.80 -11.20
CA GLN F 3117 87.84 -115.02 -11.87
C GLN F 3117 87.52 -114.94 -13.36
N ASN F 3118 88.01 -115.90 -14.15
CA ASN F 3118 87.72 -115.90 -15.58
C ASN F 3118 86.24 -116.08 -15.86
N LEU F 3119 85.53 -116.78 -14.97
CA LEU F 3119 84.09 -116.94 -15.15
C LEU F 3119 83.36 -115.63 -14.97
N THR F 3120 83.74 -114.85 -13.96
CA THR F 3120 83.15 -113.52 -13.80
C THR F 3120 83.56 -112.59 -14.93
N TYR F 3121 84.78 -112.76 -15.46
CA TYR F 3121 85.18 -112.04 -16.66
C TYR F 3121 84.23 -112.35 -17.82
N THR F 3122 83.92 -113.62 -18.03
CA THR F 3122 82.94 -114.01 -19.03
C THR F 3122 81.58 -113.40 -18.72
N THR F 3123 81.25 -113.27 -17.43
CA THR F 3123 79.95 -112.72 -17.05
C THR F 3123 79.83 -111.24 -17.45
N VAL F 3124 80.82 -110.43 -17.11
CA VAL F 3124 80.67 -108.99 -17.26
C VAL F 3124 81.20 -108.49 -18.61
N ALA F 3125 82.36 -108.95 -19.04
CA ALA F 3125 83.05 -108.33 -20.17
C ALA F 3125 82.80 -109.06 -21.49
N LEU F 3126 83.16 -110.34 -21.56
CA LEU F 3126 83.20 -111.01 -22.86
C LEU F 3126 81.80 -111.19 -23.44
N LEU F 3127 80.85 -111.64 -22.61
CA LEU F 3127 79.52 -111.96 -23.12
C LEU F 3127 78.80 -110.77 -23.74
N PRO F 3128 78.67 -109.60 -23.09
CA PRO F 3128 77.92 -108.51 -23.73
C PRO F 3128 78.63 -107.92 -24.93
N VAL F 3129 79.96 -107.82 -24.89
CA VAL F 3129 80.69 -107.27 -26.02
C VAL F 3129 80.60 -108.21 -27.21
N LEU F 3130 80.68 -109.52 -26.98
CA LEU F 3130 80.57 -110.48 -28.07
C LEU F 3130 79.15 -110.49 -28.64
N THR F 3131 78.15 -110.31 -27.78
CA THR F 3131 76.78 -110.15 -28.26
C THR F 3131 76.66 -108.89 -29.13
N THR F 3132 77.33 -107.81 -28.74
CA THR F 3132 77.33 -106.60 -29.55
C THR F 3132 78.01 -106.84 -30.89
N LEU F 3133 79.08 -107.64 -30.89
CA LEU F 3133 79.73 -107.99 -32.16
C LEU F 3133 78.79 -108.78 -33.07
N PHE F 3134 78.09 -109.76 -32.50
CA PHE F 3134 77.13 -110.53 -33.30
C PHE F 3134 76.00 -109.65 -33.82
N GLN F 3135 75.53 -108.71 -32.98
CA GLN F 3135 74.55 -107.73 -33.42
C GLN F 3135 75.08 -106.90 -34.58
N HIS F 3136 76.32 -106.44 -34.47
CA HIS F 3136 76.92 -105.61 -35.51
C HIS F 3136 77.04 -106.37 -36.83
N ILE F 3137 77.52 -107.61 -36.76
CA ILE F 3137 77.68 -108.42 -37.97
C ILE F 3137 76.33 -108.69 -38.61
N ALA F 3138 75.32 -109.01 -37.80
CA ALA F 3138 73.99 -109.26 -38.34
C ALA F 3138 73.41 -108.01 -38.99
N GLN F 3139 73.62 -106.85 -38.36
CA GLN F 3139 73.00 -105.62 -38.86
C GLN F 3139 73.67 -105.13 -40.14
N HIS F 3140 75.00 -105.19 -40.22
CA HIS F 3140 75.72 -104.69 -41.37
C HIS F 3140 76.17 -105.80 -42.32
N GLN F 3141 75.62 -107.00 -42.16
CA GLN F 3141 75.88 -108.17 -43.02
C GLN F 3141 77.37 -108.32 -43.34
N PHE F 3142 78.16 -108.44 -42.28
CA PHE F 3142 79.60 -108.62 -42.40
C PHE F 3142 80.04 -110.06 -42.09
N GLY F 3143 79.13 -111.02 -42.26
CA GLY F 3143 79.48 -112.41 -42.00
C GLY F 3143 80.51 -112.96 -42.97
N ASP F 3144 80.48 -112.50 -44.22
CA ASP F 3144 81.40 -113.01 -45.23
C ASP F 3144 82.83 -112.54 -45.01
N ASP F 3145 83.05 -111.50 -44.19
CA ASP F 3145 84.39 -110.96 -43.98
C ASP F 3145 84.90 -111.12 -42.56
N VAL F 3146 84.02 -111.19 -41.56
CA VAL F 3146 84.46 -111.30 -40.17
C VAL F 3146 84.67 -112.77 -39.84
N ILE F 3147 83.62 -113.56 -39.97
CA ILE F 3147 83.65 -114.97 -39.58
C ILE F 3147 83.92 -115.80 -40.83
N LEU F 3148 85.14 -116.33 -40.91
CA LEU F 3148 85.57 -117.17 -42.02
C LEU F 3148 86.86 -117.86 -41.61
N ASP F 3149 87.18 -118.93 -42.32
CA ASP F 3149 88.37 -119.77 -42.07
C ASP F 3149 88.27 -120.29 -40.64
N ASP F 3150 89.31 -120.15 -39.80
CA ASP F 3150 89.29 -120.71 -38.46
C ASP F 3150 88.29 -120.02 -37.55
N VAL F 3151 87.86 -118.79 -37.90
CA VAL F 3151 86.85 -118.11 -37.10
C VAL F 3151 85.54 -118.89 -37.14
N GLN F 3152 85.24 -119.52 -38.29
CA GLN F 3152 84.04 -120.34 -38.38
C GLN F 3152 84.11 -121.52 -37.41
N VAL F 3153 85.28 -122.16 -37.31
CA VAL F 3153 85.42 -123.29 -36.40
C VAL F 3153 85.33 -122.84 -34.95
N SER F 3154 85.95 -121.70 -34.63
CA SER F 3154 85.89 -121.19 -33.27
C SER F 3154 84.45 -120.83 -32.88
N CYS F 3155 83.70 -120.21 -33.80
CA CYS F 3155 82.29 -119.95 -33.54
C CYS F 3155 81.49 -121.24 -33.46
N TYR F 3156 81.90 -122.28 -34.20
CA TYR F 3156 81.22 -123.56 -34.13
C TYR F 3156 81.33 -124.16 -32.73
N ARG F 3157 82.54 -124.19 -32.18
CA ARG F 3157 82.68 -124.74 -30.84
C ARG F 3157 82.08 -123.81 -29.79
N THR F 3158 82.06 -122.50 -30.06
CA THR F 3158 81.38 -121.57 -29.16
C THR F 3158 79.88 -121.84 -29.10
N LEU F 3159 79.24 -122.01 -30.25
CA LEU F 3159 77.80 -122.27 -30.25
C LEU F 3159 77.49 -123.64 -29.65
N CYS F 3160 78.36 -124.63 -29.88
CA CYS F 3160 78.17 -125.93 -29.25
C CYS F 3160 78.26 -125.83 -27.73
N SER F 3161 79.24 -125.08 -27.22
CA SER F 3161 79.39 -124.94 -25.78
C SER F 3161 78.26 -124.10 -25.17
N ILE F 3162 77.77 -123.09 -25.88
CA ILE F 3162 76.66 -122.30 -25.37
C ILE F 3162 75.37 -123.14 -25.34
N TYR F 3163 75.17 -124.00 -26.35
CA TYR F 3163 74.02 -124.87 -26.28
C TYR F 3163 74.20 -125.94 -25.21
N SER F 3164 75.44 -126.29 -24.88
CA SER F 3164 75.69 -127.12 -23.71
C SER F 3164 75.31 -126.40 -22.42
N LEU F 3165 75.56 -125.09 -22.36
CA LEU F 3165 75.06 -124.30 -21.24
C LEU F 3165 73.53 -124.32 -21.19
N GLY F 3166 72.89 -124.25 -22.35
CA GLY F 3166 71.45 -124.42 -22.39
C GLY F 3166 71.01 -125.78 -21.88
N THR F 3167 71.81 -126.81 -22.14
CA THR F 3167 71.52 -128.14 -21.61
C THR F 3167 71.63 -128.18 -20.10
N THR F 3168 72.71 -127.63 -19.56
CA THR F 3168 72.96 -127.68 -18.11
C THR F 3168 71.90 -126.90 -17.34
N LYS F 3169 71.54 -127.42 -16.16
CA LYS F 3169 70.39 -126.95 -15.41
C LYS F 3169 70.77 -126.33 -14.07
N ASN F 3170 72.03 -125.95 -13.86
CA ASN F 3170 72.39 -125.40 -12.57
C ASN F 3170 71.93 -123.94 -12.43
N THR F 3171 71.93 -123.45 -11.20
CA THR F 3171 71.35 -122.15 -10.90
C THR F 3171 72.16 -121.02 -11.52
N TYR F 3172 73.49 -121.15 -11.54
CA TYR F 3172 74.32 -120.08 -12.07
C TYR F 3172 74.12 -119.92 -13.57
N VAL F 3173 74.08 -121.04 -14.32
CA VAL F 3173 73.79 -120.91 -15.75
C VAL F 3173 72.34 -120.45 -15.96
N GLU F 3174 71.43 -120.82 -15.05
CA GLU F 3174 70.05 -120.35 -15.18
C GLU F 3174 69.99 -118.83 -15.08
N LYS F 3175 70.73 -118.25 -14.12
CA LYS F 3175 70.78 -116.81 -13.99
C LYS F 3175 71.43 -116.17 -15.22
N LEU F 3176 72.48 -116.80 -15.76
CA LEU F 3176 73.18 -116.24 -16.91
C LEU F 3176 72.46 -116.48 -18.23
N ARG F 3177 71.40 -117.29 -18.24
CA ARG F 3177 70.72 -117.66 -19.47
C ARG F 3177 70.20 -116.49 -20.32
N PRO F 3178 69.66 -115.40 -19.76
CA PRO F 3178 69.25 -114.27 -20.62
C PRO F 3178 70.34 -113.73 -21.54
N ALA F 3179 71.54 -113.50 -21.00
CA ALA F 3179 72.63 -113.00 -21.83
C ALA F 3179 73.07 -114.04 -22.85
N LEU F 3180 73.03 -115.32 -22.47
CA LEU F 3180 73.36 -116.39 -23.42
C LEU F 3180 72.36 -116.41 -24.57
N GLY F 3181 71.08 -116.23 -24.27
CA GLY F 3181 70.08 -116.21 -25.32
C GLY F 3181 70.22 -115.00 -26.24
N GLU F 3182 70.54 -113.84 -25.66
CA GLU F 3182 70.82 -112.67 -26.48
C GLU F 3182 72.00 -112.93 -27.42
N CYS F 3183 73.08 -113.51 -26.86
CA CYS F 3183 74.26 -113.80 -27.66
C CYS F 3183 73.95 -114.80 -28.77
N LEU F 3184 73.17 -115.84 -28.46
CA LEU F 3184 72.91 -116.88 -29.45
C LEU F 3184 71.93 -116.39 -30.52
N ALA F 3185 70.95 -115.57 -30.15
CA ALA F 3185 70.06 -114.97 -31.15
C ALA F 3185 70.84 -114.08 -32.09
N ARG F 3186 71.71 -113.23 -31.54
CA ARG F 3186 72.53 -112.37 -32.38
C ARG F 3186 73.50 -113.19 -33.23
N LEU F 3187 74.01 -114.28 -32.67
CA LEU F 3187 74.88 -115.18 -33.42
C LEU F 3187 74.15 -115.79 -34.60
N ALA F 3188 72.91 -116.27 -34.38
CA ALA F 3188 72.14 -116.87 -35.46
C ALA F 3188 71.77 -115.84 -36.52
N ALA F 3189 71.49 -114.61 -36.09
CA ALA F 3189 71.21 -113.55 -37.06
C ALA F 3189 72.45 -113.17 -37.86
N ALA F 3190 73.64 -113.33 -37.28
CA ALA F 3190 74.89 -113.07 -37.98
C ALA F 3190 75.52 -114.34 -38.55
N MET F 3191 74.80 -115.45 -38.53
CA MET F 3191 75.38 -116.74 -38.87
C MET F 3191 75.11 -117.04 -40.34
N PRO F 3192 76.14 -117.24 -41.17
CA PRO F 3192 75.91 -117.55 -42.58
C PRO F 3192 75.84 -119.03 -42.94
N VAL F 3193 75.79 -119.92 -41.96
CA VAL F 3193 75.74 -121.36 -42.19
C VAL F 3193 74.54 -121.94 -41.46
N ALA F 3194 73.77 -122.79 -42.16
CA ALA F 3194 72.58 -123.41 -41.58
C ALA F 3194 73.00 -124.54 -40.65
N PHE F 3195 73.34 -124.17 -39.42
CA PHE F 3195 73.72 -125.15 -38.41
C PHE F 3195 72.53 -126.03 -38.05
N LEU F 3196 71.39 -125.42 -37.73
CA LEU F 3196 70.15 -126.16 -37.61
C LEU F 3196 69.71 -126.65 -38.98
N GLU F 3197 68.97 -127.77 -38.99
CA GLU F 3197 68.62 -128.51 -40.20
C GLU F 3197 69.88 -128.80 -40.99
N PRO F 3198 70.72 -129.74 -40.53
CA PRO F 3198 71.97 -130.03 -41.24
C PRO F 3198 71.78 -131.01 -42.38
N GLN F 3199 70.53 -131.22 -42.79
CA GLN F 3199 70.25 -132.17 -43.87
C GLN F 3199 70.83 -131.70 -45.19
N LEU F 3200 70.68 -130.42 -45.52
CA LEU F 3200 71.19 -129.85 -46.76
C LEU F 3200 72.25 -128.80 -46.50
N ASN F 3201 73.03 -128.97 -45.43
CA ASN F 3201 74.07 -128.01 -45.08
C ASN F 3201 75.21 -127.99 -46.09
N GLU F 3202 75.38 -129.06 -46.87
CA GLU F 3202 76.41 -129.09 -47.89
C GLU F 3202 76.11 -128.12 -49.03
N TYR F 3203 74.84 -127.78 -49.24
CA TYR F 3203 74.48 -126.84 -50.30
C TYR F 3203 74.89 -125.42 -49.92
N ASN F 3204 74.89 -125.10 -48.63
CA ASN F 3204 75.31 -123.79 -48.16
C ASN F 3204 76.81 -123.62 -48.42
N ALA F 3205 77.17 -122.57 -49.16
CA ALA F 3205 78.57 -122.37 -49.53
C ALA F 3205 79.42 -122.05 -48.32
N CYS F 3206 78.91 -121.25 -47.38
CA CYS F 3206 79.72 -120.75 -46.27
C CYS F 3206 80.14 -121.84 -45.29
N SER F 3207 79.59 -123.04 -45.37
CA SER F 3207 80.03 -124.11 -44.48
C SER F 3207 81.46 -124.55 -44.81
N VAL F 3208 82.17 -124.98 -43.77
CA VAL F 3208 83.57 -125.39 -43.92
C VAL F 3208 83.67 -126.61 -44.82
N TYR F 3209 82.69 -127.51 -44.77
CA TYR F 3209 82.70 -128.71 -45.59
C TYR F 3209 82.26 -128.45 -47.02
N THR F 3210 81.97 -127.19 -47.38
CA THR F 3210 81.75 -126.79 -48.76
C THR F 3210 82.90 -125.95 -49.30
N THR F 3211 83.41 -124.99 -48.52
CA THR F 3211 84.49 -124.12 -48.99
C THR F 3211 85.86 -124.52 -48.46
N LYS F 3212 85.99 -124.76 -47.16
CA LYS F 3212 87.29 -125.02 -46.57
C LYS F 3212 87.83 -126.38 -47.02
N SER F 3213 89.16 -126.55 -46.90
CA SER F 3213 89.86 -127.67 -47.51
C SER F 3213 89.71 -128.94 -46.68
N PRO F 3214 89.62 -130.10 -47.33
CA PRO F 3214 89.65 -131.37 -46.58
C PRO F 3214 90.92 -131.55 -45.78
N ARG F 3215 92.05 -131.06 -46.28
CA ARG F 3215 93.31 -131.16 -45.55
C ARG F 3215 93.25 -130.36 -44.25
N GLU F 3216 92.67 -129.15 -44.30
CA GLU F 3216 92.58 -128.37 -43.08
C GLU F 3216 91.57 -128.98 -42.11
N ARG F 3217 90.53 -129.64 -42.62
CA ARG F 3217 89.67 -130.41 -41.73
C ARG F 3217 90.45 -131.51 -41.04
N ALA F 3218 91.32 -132.20 -41.79
CA ALA F 3218 92.12 -133.27 -41.19
C ALA F 3218 93.06 -132.74 -40.11
N ILE F 3219 93.67 -131.59 -40.35
CA ILE F 3219 94.63 -131.06 -39.37
C ILE F 3219 93.94 -130.33 -38.22
N LEU F 3220 92.69 -129.90 -38.39
CA LEU F 3220 91.93 -129.27 -37.32
C LEU F 3220 91.06 -130.26 -36.56
N GLY F 3221 91.00 -131.52 -37.00
CA GLY F 3221 90.18 -132.50 -36.32
C GLY F 3221 88.72 -132.44 -36.68
N LEU F 3222 88.36 -131.74 -37.74
CA LEU F 3222 86.96 -131.69 -38.16
C LEU F 3222 86.52 -133.06 -38.64
N PRO F 3223 85.40 -133.58 -38.14
CA PRO F 3223 84.95 -134.92 -38.52
C PRO F 3223 84.27 -135.01 -39.88
N ASN F 3224 84.39 -133.97 -40.72
CA ASN F 3224 83.80 -133.93 -42.06
C ASN F 3224 82.29 -134.12 -42.03
N SER F 3225 81.66 -133.65 -40.96
CA SER F 3225 80.21 -133.76 -40.80
C SER F 3225 79.79 -132.78 -39.73
N VAL F 3226 78.88 -131.86 -40.07
CA VAL F 3226 78.45 -130.84 -39.11
C VAL F 3226 77.71 -131.48 -37.94
N GLU F 3227 76.94 -132.54 -38.22
CA GLU F 3227 76.30 -133.28 -37.15
C GLU F 3227 77.32 -133.89 -36.20
N GLU F 3228 78.45 -134.35 -36.73
CA GLU F 3228 79.51 -134.88 -35.89
C GLU F 3228 80.30 -133.78 -35.18
N MET F 3229 80.34 -132.56 -35.73
CA MET F 3229 80.84 -131.42 -34.98
C MET F 3229 79.99 -131.15 -33.76
N CYS F 3230 78.72 -130.81 -33.98
CA CYS F 3230 77.82 -130.40 -32.91
C CYS F 3230 76.55 -131.25 -32.99
N PRO F 3231 76.59 -132.48 -32.45
CA PRO F 3231 75.37 -133.27 -32.33
C PRO F 3231 74.45 -132.81 -31.21
N ASP F 3232 74.89 -131.83 -30.40
CA ASP F 3232 74.06 -131.32 -29.33
C ASP F 3232 72.79 -130.67 -29.88
N ILE F 3233 72.92 -129.90 -30.96
CA ILE F 3233 71.77 -129.22 -31.55
C ILE F 3233 70.97 -130.21 -32.38
N PRO F 3234 69.72 -130.49 -32.00
CA PRO F 3234 68.92 -131.47 -32.75
C PRO F 3234 68.18 -130.85 -33.93
N VAL F 3235 67.30 -131.62 -34.56
CA VAL F 3235 66.61 -131.18 -35.77
C VAL F 3235 65.45 -130.25 -35.42
N LEU F 3236 65.19 -129.30 -36.32
CA LEU F 3236 64.10 -128.35 -36.13
C LEU F 3236 62.75 -129.05 -36.02
N ASP F 3237 62.61 -130.21 -36.68
CA ASP F 3237 61.37 -130.96 -36.56
C ASP F 3237 61.15 -131.45 -35.14
N ARG F 3238 62.23 -131.89 -34.48
CA ARG F 3238 62.08 -132.33 -33.09
C ARG F 3238 61.85 -131.15 -32.16
N LEU F 3239 62.46 -129.98 -32.45
CA LEU F 3239 62.11 -128.79 -31.68
C LEU F 3239 60.64 -128.45 -31.84
N MET F 3240 60.10 -128.59 -33.06
CA MET F 3240 58.67 -128.42 -33.27
C MET F 3240 57.85 -129.40 -32.44
N ALA F 3241 58.24 -130.68 -32.44
CA ALA F 3241 57.50 -131.67 -31.68
C ALA F 3241 57.52 -131.37 -30.19
N ASP F 3242 58.68 -130.99 -29.67
CA ASP F 3242 58.81 -130.70 -28.23
C ASP F 3242 57.98 -129.48 -27.84
N ILE F 3243 58.10 -128.39 -28.61
CA ILE F 3243 57.36 -127.19 -28.25
C ILE F 3243 55.86 -127.40 -28.44
N GLY F 3244 55.46 -128.21 -29.42
CA GLY F 3244 54.05 -128.52 -29.57
C GLY F 3244 53.51 -129.33 -28.40
N GLY F 3245 54.31 -130.29 -27.91
CA GLY F 3245 53.91 -131.04 -26.73
C GLY F 3245 53.79 -130.17 -25.50
N LEU F 3246 54.73 -129.24 -25.32
CA LEU F 3246 54.66 -128.32 -24.18
C LEU F 3246 53.44 -127.41 -24.29
N ALA F 3247 53.16 -126.92 -25.51
CA ALA F 3247 51.99 -126.07 -25.71
C ALA F 3247 50.69 -126.82 -25.43
N GLU F 3248 50.60 -128.07 -25.90
CA GLU F 3248 49.41 -128.86 -25.65
C GLU F 3248 49.26 -129.21 -24.18
N SER F 3249 50.37 -129.45 -23.48
CA SER F 3249 50.32 -129.77 -22.05
C SER F 3249 50.11 -128.54 -21.18
N GLY F 3250 50.24 -127.34 -21.72
CA GLY F 3250 50.17 -126.15 -20.90
C GLY F 3250 51.34 -126.06 -19.95
N ALA F 3251 52.53 -126.45 -20.41
CA ALA F 3251 53.70 -126.53 -19.57
C ALA F 3251 54.19 -125.13 -19.19
N ARG F 3252 54.98 -125.07 -18.13
CA ARG F 3252 55.29 -123.82 -17.45
C ARG F 3252 56.70 -123.33 -17.79
N TYR F 3253 56.90 -122.03 -17.59
CA TYR F 3253 58.22 -121.43 -17.72
C TYR F 3253 59.23 -122.09 -16.79
N THR F 3254 58.79 -122.48 -15.60
CA THR F 3254 59.67 -123.20 -14.68
C THR F 3254 60.08 -124.55 -15.26
N GLU F 3255 59.19 -125.19 -16.02
CA GLU F 3255 59.55 -126.45 -16.65
C GLU F 3255 60.52 -126.25 -17.81
N MET F 3256 60.37 -125.14 -18.54
CA MET F 3256 61.20 -124.95 -19.74
C MET F 3256 62.05 -123.67 -19.76
N PRO F 3257 62.77 -123.34 -18.67
CA PRO F 3257 63.59 -122.12 -18.71
C PRO F 3257 64.69 -122.16 -19.74
N HIS F 3258 65.20 -123.35 -20.06
CA HIS F 3258 66.25 -123.48 -21.06
C HIS F 3258 65.76 -123.09 -22.45
N VAL F 3259 64.54 -123.53 -22.80
CA VAL F 3259 63.99 -123.22 -24.12
C VAL F 3259 63.83 -121.71 -24.28
N ILE F 3260 63.24 -121.07 -23.27
CA ILE F 3260 62.89 -119.66 -23.35
C ILE F 3260 64.14 -118.81 -23.55
N GLU F 3261 65.19 -119.10 -22.80
CA GLU F 3261 66.36 -118.25 -22.75
C GLU F 3261 67.51 -118.78 -23.61
N ILE F 3262 67.30 -119.86 -24.35
CA ILE F 3262 68.34 -120.34 -25.26
C ILE F 3262 67.79 -120.54 -26.67
N THR F 3263 66.77 -121.40 -26.80
CA THR F 3263 66.42 -121.92 -28.12
C THR F 3263 65.35 -121.09 -28.81
N LEU F 3264 64.42 -120.50 -28.07
CA LEU F 3264 63.49 -119.55 -28.68
C LEU F 3264 64.18 -118.35 -29.31
N PRO F 3265 65.17 -117.69 -28.67
CA PRO F 3265 65.90 -116.63 -29.39
C PRO F 3265 66.57 -117.12 -30.66
N MET F 3266 67.17 -118.31 -30.60
CA MET F 3266 67.84 -118.86 -31.78
C MET F 3266 66.86 -119.11 -32.90
N LEU F 3267 65.71 -119.70 -32.58
CA LEU F 3267 64.72 -120.03 -33.61
C LEU F 3267 64.13 -118.77 -34.22
N CYS F 3268 63.70 -117.83 -33.37
CA CYS F 3268 63.08 -116.61 -33.87
C CYS F 3268 64.07 -115.70 -34.57
N SER F 3269 65.38 -115.92 -34.40
CA SER F 3269 66.38 -115.25 -35.20
C SER F 3269 66.87 -116.09 -36.37
N TYR F 3270 66.46 -117.36 -36.45
CA TYR F 3270 66.91 -118.26 -37.50
C TYR F 3270 65.95 -118.24 -38.68
N LEU F 3271 64.64 -118.31 -38.42
CA LEU F 3271 63.69 -118.25 -39.53
C LEU F 3271 63.79 -116.97 -40.35
N PRO F 3272 63.90 -115.76 -39.78
CA PRO F 3272 64.05 -114.59 -40.65
C PRO F 3272 65.41 -114.49 -41.32
N ARG F 3273 66.47 -114.92 -40.64
CA ARG F 3273 67.80 -114.88 -41.25
C ARG F 3273 67.88 -115.84 -42.43
N TRP F 3274 67.24 -117.00 -42.32
CA TRP F 3274 67.25 -118.01 -43.38
C TRP F 3274 65.93 -118.07 -44.13
N TRP F 3275 65.15 -116.99 -44.10
CA TRP F 3275 63.89 -116.97 -44.84
C TRP F 3275 64.12 -116.94 -46.34
N GLU F 3276 65.27 -116.44 -46.79
CA GLU F 3276 65.63 -116.48 -48.20
C GLU F 3276 66.38 -117.74 -48.57
N ARG F 3277 67.06 -118.37 -47.61
CA ARG F 3277 67.73 -119.63 -47.85
C ARG F 3277 66.80 -120.84 -47.74
N GLY F 3278 65.55 -120.63 -47.32
CA GLY F 3278 64.60 -121.69 -47.20
C GLY F 3278 63.54 -121.65 -48.29
N PRO F 3279 62.59 -122.58 -48.25
CA PRO F 3279 61.51 -122.57 -49.24
C PRO F 3279 60.52 -121.43 -49.05
N GLU F 3280 60.66 -120.63 -47.99
CA GLU F 3280 59.81 -119.46 -47.83
C GLU F 3280 60.04 -118.46 -48.96
N ALA F 3281 61.29 -118.31 -49.39
CA ALA F 3281 61.64 -117.43 -50.51
C ALA F 3281 62.41 -118.22 -51.55
N PRO F 3282 61.76 -118.71 -52.59
CA PRO F 3282 62.49 -119.17 -53.77
C PRO F 3282 63.28 -118.01 -54.35
N PRO F 3283 64.50 -118.26 -54.83
CA PRO F 3283 65.37 -117.15 -55.26
C PRO F 3283 64.78 -116.39 -56.42
N PRO F 3284 64.45 -115.11 -56.21
CA PRO F 3284 63.96 -114.29 -57.34
C PRO F 3284 64.99 -114.15 -58.45
N ALA F 3285 66.27 -114.10 -58.11
CA ALA F 3285 67.36 -114.12 -59.10
C ALA F 3285 67.64 -115.58 -59.43
N LEU F 3286 66.98 -116.07 -60.48
CA LEU F 3286 67.09 -117.48 -60.84
C LEU F 3286 68.50 -117.92 -61.19
N PRO F 3287 69.29 -117.20 -62.01
CA PRO F 3287 70.66 -117.67 -62.27
C PRO F 3287 71.57 -117.57 -61.06
N ALA F 3288 71.45 -116.49 -60.27
CA ALA F 3288 72.30 -116.33 -59.10
C ALA F 3288 72.01 -117.39 -58.05
N GLY F 3289 70.73 -117.70 -57.83
CA GLY F 3289 70.36 -118.72 -56.87
C GLY F 3289 70.29 -120.11 -57.47
N ALA F 3290 71.38 -120.53 -58.11
CA ALA F 3290 71.42 -121.86 -58.72
C ALA F 3290 71.22 -123.00 -57.73
N PRO F 3291 71.89 -123.06 -56.57
CA PRO F 3291 71.68 -124.20 -55.69
C PRO F 3291 70.28 -124.19 -55.10
N PRO F 3292 69.70 -125.35 -54.81
CA PRO F 3292 68.40 -125.39 -54.15
C PRO F 3292 68.52 -124.80 -52.75
N PRO F 3293 67.42 -124.25 -52.23
CA PRO F 3293 67.43 -123.70 -50.85
C PRO F 3293 67.93 -124.70 -49.82
N CYS F 3294 69.10 -124.40 -49.23
CA CYS F 3294 69.69 -125.32 -48.26
C CYS F 3294 68.88 -125.40 -46.98
N THR F 3295 68.27 -124.30 -46.57
CA THR F 3295 67.47 -124.29 -45.36
C THR F 3295 66.05 -124.78 -45.66
N ALA F 3296 65.37 -125.27 -44.61
CA ALA F 3296 64.05 -125.85 -44.76
C ALA F 3296 62.94 -125.00 -44.15
N VAL F 3297 63.25 -123.83 -43.60
CA VAL F 3297 62.23 -123.00 -42.97
C VAL F 3297 61.38 -122.34 -44.05
N THR F 3298 60.06 -122.45 -43.91
CA THR F 3298 59.11 -121.91 -44.86
C THR F 3298 58.22 -120.89 -44.17
N SER F 3299 57.33 -120.29 -44.95
CA SER F 3299 56.29 -119.44 -44.36
C SER F 3299 55.35 -120.26 -43.50
N ASP F 3300 55.10 -121.52 -43.87
CA ASP F 3300 54.34 -122.42 -43.03
C ASP F 3300 55.07 -122.66 -41.71
N HIS F 3301 56.39 -122.87 -41.76
CA HIS F 3301 57.16 -123.06 -40.53
C HIS F 3301 57.11 -121.82 -39.66
N LEU F 3302 57.20 -120.64 -40.27
CA LEU F 3302 57.14 -119.39 -39.52
C LEU F 3302 55.77 -119.22 -38.86
N ASN F 3303 54.70 -119.50 -39.60
CA ASN F 3303 53.35 -119.41 -39.06
C ASN F 3303 53.19 -120.37 -37.88
N SER F 3304 53.65 -121.61 -38.06
CA SER F 3304 53.49 -122.61 -37.01
C SER F 3304 54.29 -122.25 -35.76
N LEU F 3305 55.52 -121.72 -35.93
CA LEU F 3305 56.30 -121.33 -34.77
C LEU F 3305 55.67 -120.14 -34.06
N LEU F 3306 55.07 -119.23 -34.82
CA LEU F 3306 54.30 -118.15 -34.19
C LEU F 3306 53.13 -118.71 -33.41
N GLY F 3307 52.50 -119.77 -33.94
CA GLY F 3307 51.43 -120.43 -33.19
C GLY F 3307 51.93 -121.03 -31.90
N ASN F 3308 53.12 -121.63 -31.92
CA ASN F 3308 53.72 -122.16 -30.69
C ASN F 3308 53.98 -121.06 -29.68
N ILE F 3309 54.50 -119.92 -30.14
CA ILE F 3309 54.80 -118.82 -29.22
C ILE F 3309 53.51 -118.28 -28.60
N LEU F 3310 52.49 -118.07 -29.44
CA LEU F 3310 51.18 -117.66 -28.93
C LEU F 3310 50.63 -118.68 -27.93
N ARG F 3311 50.87 -119.96 -28.20
CA ARG F 3311 50.40 -121.01 -27.32
C ARG F 3311 51.08 -120.97 -25.96
N ILE F 3312 52.39 -120.71 -25.92
CA ILE F 3312 53.05 -120.71 -24.62
C ILE F 3312 52.62 -119.48 -23.80
N ILE F 3313 52.47 -118.33 -24.46
CA ILE F 3313 52.00 -117.16 -23.71
C ILE F 3313 50.58 -117.37 -23.20
N VAL F 3314 49.71 -117.97 -24.01
CA VAL F 3314 48.36 -118.23 -23.52
C VAL F 3314 48.36 -119.33 -22.47
N ASN F 3315 49.38 -120.19 -22.46
CA ASN F 3315 49.50 -121.18 -21.39
C ASN F 3315 49.76 -120.53 -20.05
N ASN F 3316 50.63 -119.52 -20.00
CA ASN F 3316 50.97 -118.96 -18.69
C ASN F 3316 50.83 -117.44 -18.65
N LEU F 3317 49.68 -116.90 -19.11
CA LEU F 3317 49.30 -115.61 -18.53
C LEU F 3317 48.95 -115.74 -17.06
N GLY F 3318 48.46 -116.91 -16.65
CA GLY F 3318 47.92 -117.06 -15.29
C GLY F 3318 48.96 -116.88 -14.21
N ILE F 3319 50.16 -117.43 -14.43
CA ILE F 3319 51.22 -117.29 -13.43
C ILE F 3319 51.76 -115.86 -13.46
N ASP F 3320 52.30 -115.42 -12.33
CA ASP F 3320 52.84 -114.08 -12.20
C ASP F 3320 54.34 -114.05 -11.99
N GLU F 3321 54.98 -115.19 -11.80
CA GLU F 3321 56.41 -115.25 -11.52
C GLU F 3321 57.23 -115.43 -12.79
N ALA F 3322 57.00 -114.56 -13.77
CA ALA F 3322 57.73 -114.65 -15.04
C ALA F 3322 57.94 -113.24 -15.57
N THR F 3323 59.16 -112.74 -15.47
CA THR F 3323 59.52 -111.43 -15.97
C THR F 3323 60.34 -111.51 -17.26
N TRP F 3324 60.39 -112.68 -17.90
CA TRP F 3324 61.10 -112.84 -19.16
C TRP F 3324 60.23 -112.54 -20.36
N MET F 3325 58.99 -112.09 -20.15
CA MET F 3325 58.12 -111.75 -21.26
C MET F 3325 58.68 -110.59 -22.07
N LYS F 3326 59.40 -109.67 -21.43
CA LYS F 3326 59.98 -108.53 -22.13
C LYS F 3326 60.99 -108.99 -23.18
N ARG F 3327 61.95 -109.83 -22.79
CA ARG F 3327 62.92 -110.34 -23.75
C ARG F 3327 62.27 -111.28 -24.74
N LEU F 3328 61.26 -112.05 -24.31
CA LEU F 3328 60.54 -112.92 -25.24
C LEU F 3328 59.89 -112.12 -26.35
N ALA F 3329 59.22 -111.01 -26.00
CA ALA F 3329 58.57 -110.18 -27.00
C ALA F 3329 59.61 -109.49 -27.89
N VAL F 3330 60.71 -109.04 -27.30
CA VAL F 3330 61.76 -108.40 -28.10
C VAL F 3330 62.32 -109.38 -29.13
N PHE F 3331 62.59 -110.61 -28.71
CA PHE F 3331 63.09 -111.61 -29.65
C PHE F 3331 62.03 -111.97 -30.70
N ALA F 3332 60.78 -112.09 -30.29
CA ALA F 3332 59.72 -112.52 -31.20
C ALA F 3332 59.21 -111.39 -32.09
N GLN F 3333 59.68 -110.17 -31.89
CA GLN F 3333 59.20 -109.05 -32.71
C GLN F 3333 59.41 -109.26 -34.21
N PRO F 3334 60.59 -109.69 -34.70
CA PRO F 3334 60.68 -109.98 -36.14
C PRO F 3334 59.92 -111.23 -36.55
N ILE F 3335 59.75 -112.20 -35.65
CA ILE F 3335 59.10 -113.45 -36.02
C ILE F 3335 57.58 -113.34 -36.09
N VAL F 3336 57.01 -112.24 -35.59
CA VAL F 3336 55.59 -112.00 -35.77
C VAL F 3336 55.29 -111.40 -37.13
N SER F 3337 56.32 -110.99 -37.88
CA SER F 3337 56.14 -110.54 -39.24
C SER F 3337 55.90 -111.72 -40.17
N ARG F 3338 55.18 -111.44 -41.27
CA ARG F 3338 54.84 -112.44 -42.29
C ARG F 3338 54.07 -113.61 -41.67
N ALA F 3339 52.92 -113.28 -41.10
CA ALA F 3339 52.07 -114.24 -40.43
C ALA F 3339 50.78 -114.44 -41.22
N ARG F 3340 50.34 -115.69 -41.29
CA ARG F 3340 49.19 -116.03 -42.11
C ARG F 3340 47.89 -115.50 -41.49
N PRO F 3341 46.90 -115.15 -42.32
CA PRO F 3341 45.69 -114.51 -41.78
C PRO F 3341 44.89 -115.36 -40.81
N GLU F 3342 44.84 -116.69 -41.01
CA GLU F 3342 44.05 -117.53 -40.12
C GLU F 3342 44.65 -117.59 -38.72
N LEU F 3343 45.91 -117.16 -38.56
CA LEU F 3343 46.52 -117.10 -37.24
C LEU F 3343 45.73 -116.18 -36.30
N LEU F 3344 45.03 -115.20 -36.87
CA LEU F 3344 44.19 -114.30 -36.08
C LEU F 3344 43.16 -115.09 -35.30
N HIS F 3345 42.22 -115.73 -35.99
CA HIS F 3345 41.18 -116.49 -35.29
C HIS F 3345 41.73 -117.70 -34.56
N SER F 3346 42.89 -118.22 -34.97
CA SER F 3346 43.44 -119.37 -34.26
C SER F 3346 43.96 -118.97 -32.88
N HIS F 3347 44.74 -117.90 -32.80
CA HIS F 3347 45.39 -117.59 -31.52
C HIS F 3347 45.21 -116.16 -31.06
N PHE F 3348 45.24 -115.18 -31.97
CA PHE F 3348 45.19 -113.78 -31.56
C PHE F 3348 43.82 -113.42 -30.97
N ILE F 3349 42.74 -113.85 -31.63
CA ILE F 3349 41.40 -113.62 -31.09
C ILE F 3349 41.18 -114.35 -29.78
N PRO F 3350 41.52 -115.65 -29.64
CA PRO F 3350 41.35 -116.28 -28.31
C PRO F 3350 42.14 -115.61 -27.20
N THR F 3351 43.37 -115.17 -27.47
CA THR F 3351 44.15 -114.52 -26.43
C THR F 3351 43.57 -113.16 -26.05
N ILE F 3352 43.26 -112.34 -27.06
CA ILE F 3352 42.72 -111.01 -26.76
C ILE F 3352 41.36 -111.13 -26.09
N GLY F 3353 40.58 -112.17 -26.42
CA GLY F 3353 39.36 -112.43 -25.69
C GLY F 3353 39.62 -112.85 -24.26
N ARG F 3354 40.70 -113.61 -24.03
CA ARG F 3354 41.04 -114.04 -22.68
C ARG F 3354 41.35 -112.85 -21.80
N LEU F 3355 42.23 -111.95 -22.26
CA LEU F 3355 42.49 -110.76 -21.45
C LEU F 3355 41.35 -109.76 -21.46
N ARG F 3356 40.44 -109.81 -22.44
CA ARG F 3356 39.23 -109.00 -22.34
C ARG F 3356 38.36 -109.49 -21.20
N LYS F 3357 38.15 -110.80 -21.11
CA LYS F 3357 37.40 -111.37 -19.99
C LYS F 3357 38.09 -111.10 -18.67
N ARG F 3358 39.42 -111.27 -18.63
CA ARG F 3358 40.16 -111.02 -17.40
C ARG F 3358 40.06 -109.56 -16.98
N ALA F 3359 40.18 -108.63 -17.93
CA ALA F 3359 40.05 -107.22 -17.61
C ALA F 3359 38.65 -106.90 -17.09
N GLY F 3360 37.61 -107.46 -17.72
CA GLY F 3360 36.26 -107.23 -17.25
C GLY F 3360 36.05 -107.74 -15.83
N LYS F 3361 36.53 -108.95 -15.55
CA LYS F 3361 36.37 -109.53 -14.21
C LYS F 3361 37.17 -108.74 -13.17
N VAL F 3362 38.41 -108.36 -13.50
CA VAL F 3362 39.24 -107.65 -12.53
C VAL F 3362 38.70 -106.26 -12.26
N VAL F 3363 38.18 -105.59 -13.30
CA VAL F 3363 37.56 -104.29 -13.09
C VAL F 3363 36.25 -104.43 -12.31
N ALA F 3364 35.55 -105.56 -12.46
CA ALA F 3364 34.39 -105.81 -11.59
C ALA F 3364 34.81 -105.95 -10.13
N GLU F 3365 35.93 -106.64 -9.89
CA GLU F 3365 36.48 -106.72 -8.54
C GLU F 3365 36.88 -105.34 -8.03
N GLU F 3366 37.50 -104.53 -8.88
CA GLU F 3366 37.83 -103.17 -8.51
C GLU F 3366 36.58 -102.32 -8.33
N GLU F 3367 35.46 -102.72 -8.95
CA GLU F 3367 34.19 -102.02 -8.73
C GLU F 3367 33.67 -102.28 -7.33
N GLN F 3368 33.65 -103.55 -6.91
CA GLN F 3368 33.26 -103.84 -5.54
C GLN F 3368 34.25 -103.26 -4.54
N LEU F 3369 35.51 -103.06 -4.96
CA LEU F 3369 36.48 -102.42 -4.08
C LEU F 3369 36.20 -100.92 -3.96
N ARG F 3370 35.96 -100.23 -5.07
CA ARG F 3370 35.76 -98.80 -5.02
C ARG F 3370 34.39 -98.46 -4.45
N LEU F 3371 33.49 -99.44 -4.35
CA LEU F 3371 32.26 -99.27 -3.58
C LEU F 3371 32.56 -98.86 -2.14
N GLU F 3372 33.69 -99.29 -1.59
CA GLU F 3372 34.10 -98.96 -0.23
C GLU F 3372 35.40 -98.17 -0.24
N ALA F 3373 35.74 -97.60 0.91
CA ALA F 3373 37.00 -96.87 1.06
C ALA F 3373 37.38 -96.87 2.55
N LYS F 3374 38.31 -97.74 2.93
CA LYS F 3374 38.80 -97.86 4.29
C LYS F 3374 40.07 -98.69 4.25
N ALA F 3375 40.57 -99.11 5.42
CA ALA F 3375 41.80 -99.89 5.49
C ALA F 3375 41.62 -101.25 4.82
N GLU F 3376 40.45 -101.88 4.99
CA GLU F 3376 40.17 -103.12 4.27
C GLU F 3376 40.17 -102.88 2.77
N ALA F 3377 39.62 -101.74 2.34
CA ALA F 3377 39.73 -101.35 0.94
C ALA F 3377 41.18 -101.13 0.53
N GLU F 3378 42.04 -100.75 1.49
CA GLU F 3378 43.45 -100.55 1.17
C GLU F 3378 44.16 -101.89 0.95
N GLU F 3379 43.91 -102.88 1.80
CA GLU F 3379 44.55 -104.18 1.59
C GLU F 3379 44.01 -104.86 0.33
N GLY F 3380 42.71 -104.75 0.07
CA GLY F 3380 42.18 -105.19 -1.20
C GLY F 3380 42.76 -104.40 -2.35
N GLU F 3381 43.07 -103.12 -2.14
CA GLU F 3381 43.72 -102.31 -3.15
C GLU F 3381 45.11 -102.84 -3.46
N LEU F 3382 45.84 -103.27 -2.43
CA LEU F 3382 47.14 -103.91 -2.67
C LEU F 3382 46.98 -105.17 -3.53
N LEU F 3383 45.97 -105.99 -3.23
CA LEU F 3383 45.75 -107.20 -4.02
C LEU F 3383 45.43 -106.86 -5.47
N VAL F 3384 44.49 -105.93 -5.68
CA VAL F 3384 44.12 -105.61 -7.05
C VAL F 3384 45.18 -104.76 -7.77
N ARG F 3385 46.08 -104.12 -7.03
CA ARG F 3385 47.19 -103.43 -7.67
C ARG F 3385 48.25 -104.41 -8.16
N ASP F 3386 48.47 -105.49 -7.41
CA ASP F 3386 49.27 -106.59 -7.95
C ASP F 3386 48.58 -107.20 -9.16
N GLU F 3387 47.26 -107.35 -9.10
CA GLU F 3387 46.51 -107.85 -10.25
C GLU F 3387 46.66 -106.90 -11.44
N PHE F 3388 46.60 -105.60 -11.19
CA PHE F 3388 46.78 -104.61 -12.25
C PHE F 3388 48.19 -104.67 -12.82
N SER F 3389 49.19 -104.91 -11.99
CA SER F 3389 50.55 -104.99 -12.49
C SER F 3389 50.73 -106.20 -13.41
N VAL F 3390 50.11 -107.32 -13.07
CA VAL F 3390 50.10 -108.46 -13.99
C VAL F 3390 49.35 -108.10 -15.27
N LEU F 3391 48.23 -107.36 -15.14
CA LEU F 3391 47.48 -106.94 -16.31
C LEU F 3391 48.34 -106.10 -17.26
N CYS F 3392 48.99 -105.07 -16.73
CA CYS F 3392 49.86 -104.26 -17.58
C CYS F 3392 51.00 -105.09 -18.14
N ARG F 3393 51.57 -105.99 -17.33
CA ARG F 3393 52.68 -106.81 -17.77
C ARG F 3393 52.32 -107.63 -19.01
N ASP F 3394 51.17 -108.31 -18.98
CA ASP F 3394 50.88 -109.13 -20.16
C ASP F 3394 50.27 -108.32 -21.30
N LEU F 3395 49.59 -107.20 -21.02
CA LEU F 3395 49.14 -106.33 -22.11
C LEU F 3395 50.32 -105.87 -22.96
N TYR F 3396 51.33 -105.27 -22.33
CA TYR F 3396 52.50 -104.86 -23.09
C TYR F 3396 53.55 -105.95 -23.20
N ALA F 3397 53.18 -107.19 -22.89
CA ALA F 3397 53.96 -108.35 -23.34
C ALA F 3397 53.48 -108.86 -24.69
N LEU F 3398 52.17 -108.87 -24.93
CA LEU F 3398 51.66 -109.42 -26.19
C LEU F 3398 51.28 -108.36 -27.22
N TYR F 3399 51.00 -107.12 -26.80
CA TYR F 3399 50.66 -106.08 -27.77
C TYR F 3399 51.76 -105.80 -28.80
N PRO F 3400 53.05 -105.73 -28.47
CA PRO F 3400 54.05 -105.43 -29.51
C PRO F 3400 54.04 -106.40 -30.68
N LEU F 3401 53.78 -107.67 -30.44
CA LEU F 3401 53.60 -108.62 -31.55
C LEU F 3401 52.33 -108.32 -32.33
N LEU F 3402 51.27 -107.96 -31.60
CA LEU F 3402 49.97 -107.73 -32.23
C LEU F 3402 50.02 -106.55 -33.20
N ILE F 3403 50.77 -105.50 -32.85
CA ILE F 3403 50.78 -104.31 -33.71
C ILE F 3403 51.41 -104.63 -35.06
N ARG F 3404 52.44 -105.47 -35.08
CA ARG F 3404 53.03 -105.84 -36.36
C ARG F 3404 52.11 -106.79 -37.12
N TYR F 3405 51.41 -107.68 -36.41
CA TYR F 3405 50.47 -108.56 -37.09
C TYR F 3405 49.36 -107.75 -37.78
N VAL F 3406 48.80 -106.77 -37.07
CA VAL F 3406 47.71 -106.01 -37.67
C VAL F 3406 48.25 -105.04 -38.71
N ASP F 3407 49.51 -104.63 -38.58
CA ASP F 3407 50.13 -103.84 -39.64
C ASP F 3407 50.27 -104.67 -40.91
N ASN F 3408 50.61 -105.96 -40.77
CA ASN F 3408 50.72 -106.84 -41.92
C ASN F 3408 49.36 -107.05 -42.59
N ASN F 3409 48.32 -107.29 -41.81
CA ASN F 3409 47.04 -107.70 -42.36
C ASN F 3409 46.00 -106.58 -42.38
N ARG F 3410 46.41 -105.33 -42.16
CA ARG F 3410 45.44 -104.24 -42.18
C ARG F 3410 44.93 -103.96 -43.58
N ALA F 3411 45.78 -104.14 -44.60
CA ALA F 3411 45.37 -103.90 -45.97
C ALA F 3411 44.25 -104.83 -46.39
N HIS F 3412 44.34 -106.11 -46.00
CA HIS F 3412 43.29 -107.06 -46.34
C HIS F 3412 41.97 -106.71 -45.66
N TRP F 3413 42.03 -106.33 -44.39
CA TRP F 3413 40.81 -105.96 -43.68
C TRP F 3413 40.19 -104.69 -44.24
N LEU F 3414 41.03 -103.74 -44.66
CA LEU F 3414 40.51 -102.50 -45.25
C LEU F 3414 39.91 -102.74 -46.63
N THR F 3415 40.47 -103.67 -47.40
CA THR F 3415 39.89 -103.99 -48.69
C THR F 3415 38.60 -104.79 -48.53
N GLU F 3416 38.57 -105.71 -47.57
CA GLU F 3416 37.36 -106.48 -47.27
C GLU F 3416 37.20 -106.59 -45.76
N PRO F 3417 36.11 -106.08 -45.20
CA PRO F 3417 35.90 -106.16 -43.74
C PRO F 3417 35.84 -107.61 -43.27
N ASN F 3418 36.80 -107.97 -42.41
CA ASN F 3418 36.91 -109.31 -41.87
C ASN F 3418 36.38 -109.32 -40.45
N ALA F 3419 35.38 -110.18 -40.20
CA ALA F 3419 34.68 -110.19 -38.92
C ALA F 3419 35.62 -110.51 -37.77
N ASN F 3420 36.66 -111.31 -38.02
CA ASN F 3420 37.66 -111.57 -36.99
C ASN F 3420 38.37 -110.29 -36.57
N ALA F 3421 38.75 -109.48 -37.55
CA ALA F 3421 39.39 -108.19 -37.25
C ALA F 3421 38.44 -107.25 -36.53
N GLU F 3422 37.16 -107.23 -36.94
CA GLU F 3422 36.22 -106.33 -36.29
C GLU F 3422 35.98 -106.74 -34.84
N GLU F 3423 35.89 -108.05 -34.60
CA GLU F 3423 35.76 -108.54 -33.23
C GLU F 3423 37.00 -108.23 -32.42
N LEU F 3424 38.18 -108.33 -33.04
CA LEU F 3424 39.42 -107.94 -32.35
C LEU F 3424 39.40 -106.47 -31.95
N PHE F 3425 38.90 -105.61 -32.84
CA PHE F 3425 38.77 -104.21 -32.48
C PHE F 3425 37.75 -104.02 -31.36
N ARG F 3426 36.67 -104.81 -31.37
CA ARG F 3426 35.72 -104.75 -30.27
C ARG F 3426 36.37 -105.13 -28.95
N MET F 3427 37.19 -106.17 -28.95
CA MET F 3427 37.85 -106.61 -27.73
C MET F 3427 38.78 -105.55 -27.20
N VAL F 3428 39.68 -105.04 -28.05
CA VAL F 3428 40.63 -104.03 -27.60
C VAL F 3428 39.91 -102.75 -27.22
N GLY F 3429 38.76 -102.47 -27.83
CA GLY F 3429 37.97 -101.33 -27.41
C GLY F 3429 37.40 -101.50 -26.02
N GLU F 3430 36.93 -102.70 -25.69
CA GLU F 3430 36.44 -102.95 -24.34
C GLU F 3430 37.56 -102.80 -23.32
N ILE F 3431 38.76 -103.29 -23.64
CA ILE F 3431 39.90 -103.06 -22.74
C ILE F 3431 40.20 -101.57 -22.63
N PHE F 3432 40.03 -100.82 -23.71
CA PHE F 3432 40.23 -99.37 -23.66
C PHE F 3432 39.24 -98.72 -22.71
N ILE F 3433 37.97 -99.13 -22.78
CA ILE F 3433 36.96 -98.59 -21.89
C ILE F 3433 37.30 -98.92 -20.43
N TYR F 3434 37.75 -100.16 -20.19
CA TYR F 3434 38.13 -100.54 -18.84
C TYR F 3434 39.31 -99.72 -18.34
N TRP F 3435 40.29 -99.46 -19.21
CA TRP F 3435 41.44 -98.67 -18.84
C TRP F 3435 41.04 -97.24 -18.51
N SER F 3436 40.11 -96.68 -19.28
CA SER F 3436 39.66 -95.32 -19.00
C SER F 3436 38.86 -95.26 -17.70
N LYS F 3437 38.02 -96.26 -17.44
CA LYS F 3437 37.18 -96.23 -16.26
C LYS F 3437 37.94 -96.59 -14.98
N SER F 3438 39.10 -97.24 -15.09
CA SER F 3438 39.86 -97.69 -13.92
C SER F 3438 41.04 -96.76 -13.70
N HIS F 3439 40.97 -95.96 -12.65
CA HIS F 3439 42.07 -95.04 -12.34
C HIS F 3439 43.32 -95.78 -11.89
N ASN F 3440 43.17 -96.76 -11.00
CA ASN F 3440 44.32 -97.48 -10.48
C ASN F 3440 45.02 -98.29 -11.56
N PHE F 3441 44.27 -98.68 -12.60
CA PHE F 3441 44.88 -99.35 -13.74
C PHE F 3441 45.90 -98.44 -14.40
N LYS F 3442 45.53 -97.17 -14.60
CA LYS F 3442 46.42 -96.21 -15.25
C LYS F 3442 47.67 -95.95 -14.41
N ARG F 3443 47.53 -95.78 -13.11
CA ARG F 3443 48.70 -95.47 -12.30
C ARG F 3443 49.61 -96.68 -12.14
N GLU F 3444 49.04 -97.89 -12.08
CA GLU F 3444 49.88 -99.08 -12.12
C GLU F 3444 50.57 -99.25 -13.47
N GLU F 3445 49.90 -98.86 -14.55
CA GLU F 3445 50.56 -98.82 -15.85
C GLU F 3445 51.79 -97.91 -15.81
N GLN F 3446 51.60 -96.68 -15.35
CA GLN F 3446 52.69 -95.71 -15.25
C GLN F 3446 53.80 -96.24 -14.35
N ASN F 3447 53.44 -96.76 -13.18
CA ASN F 3447 54.41 -97.27 -12.22
C ASN F 3447 55.24 -98.38 -12.86
N PHE F 3448 54.58 -99.39 -13.43
CA PHE F 3448 55.30 -100.53 -13.96
C PHE F 3448 56.20 -100.12 -15.11
N VAL F 3449 55.66 -99.35 -16.07
CA VAL F 3449 56.41 -99.07 -17.28
C VAL F 3449 57.63 -98.22 -16.98
N VAL F 3450 57.49 -97.22 -16.11
CA VAL F 3450 58.61 -96.32 -15.89
C VAL F 3450 59.62 -96.92 -14.92
N GLN F 3451 59.14 -97.51 -13.81
CA GLN F 3451 60.07 -98.08 -12.83
C GLN F 3451 60.85 -99.24 -13.42
N ASN F 3452 60.21 -100.10 -14.21
CA ASN F 3452 60.88 -101.24 -14.80
C ASN F 3452 61.48 -100.91 -16.17
N GLU F 3453 61.27 -99.67 -16.64
CA GLU F 3453 61.90 -99.15 -17.87
C GLU F 3453 61.44 -99.93 -19.11
N ILE F 3454 60.15 -100.25 -19.17
CA ILE F 3454 59.55 -100.71 -20.41
C ILE F 3454 59.33 -99.56 -21.38
N ASN F 3455 59.37 -98.31 -20.90
CA ASN F 3455 59.02 -97.17 -21.75
C ASN F 3455 59.97 -97.03 -22.93
N ASN F 3456 61.25 -97.34 -22.74
CA ASN F 3456 62.20 -97.28 -23.86
C ASN F 3456 61.84 -98.32 -24.92
N MET F 3457 61.51 -99.54 -24.50
CA MET F 3457 61.08 -100.56 -25.45
C MET F 3457 59.77 -100.18 -26.11
N SER F 3458 58.88 -99.51 -25.38
CA SER F 3458 57.63 -99.04 -25.95
C SER F 3458 57.89 -98.00 -27.04
N PHE F 3459 58.79 -97.06 -26.79
CA PHE F 3459 59.11 -96.05 -27.80
C PHE F 3459 59.76 -96.70 -29.02
N LEU F 3460 60.66 -97.65 -28.79
CA LEU F 3460 61.29 -98.35 -29.92
C LEU F 3460 60.26 -99.13 -30.73
N THR F 3461 59.35 -99.82 -30.05
CA THR F 3461 58.32 -100.60 -30.73
C THR F 3461 57.38 -99.69 -31.52
N ALA F 3462 57.01 -98.56 -30.94
CA ALA F 3462 56.14 -97.62 -31.65
C ALA F 3462 56.86 -96.96 -32.82
N ASP F 3463 58.18 -96.78 -32.73
CA ASP F 3463 58.92 -96.19 -33.84
C ASP F 3463 59.10 -97.17 -34.99
N SER F 3464 59.32 -98.44 -34.69
CA SER F 3464 59.52 -99.41 -35.77
C SER F 3464 58.20 -99.92 -36.31
N LYS F 3465 57.38 -100.53 -35.45
CA LYS F 3465 56.07 -101.09 -35.81
C LYS F 3465 56.13 -102.05 -36.99
N SER F 3494 54.72 -92.79 -21.98
CA SER F 3494 53.68 -91.81 -21.66
C SER F 3494 52.29 -92.37 -21.95
N VAL F 3495 51.27 -91.54 -21.73
CA VAL F 3495 49.90 -91.95 -21.98
C VAL F 3495 49.65 -92.08 -23.49
N GLN F 3496 50.14 -91.11 -24.28
CA GLN F 3496 49.95 -91.16 -25.71
C GLN F 3496 50.68 -92.36 -26.32
N THR F 3497 51.86 -92.67 -25.81
CA THR F 3497 52.66 -93.78 -26.33
C THR F 3497 52.37 -95.11 -25.64
N SER F 3498 51.38 -95.15 -24.74
CA SER F 3498 50.99 -96.40 -24.12
C SER F 3498 50.45 -97.36 -25.18
N LEU F 3499 50.79 -98.64 -25.04
CA LEU F 3499 50.50 -99.58 -26.12
C LEU F 3499 49.03 -99.89 -26.26
N ILE F 3500 48.21 -99.72 -25.22
CA ILE F 3500 46.78 -99.94 -25.37
C ILE F 3500 46.17 -98.89 -26.29
N VAL F 3501 46.48 -97.61 -26.03
CA VAL F 3501 45.96 -96.57 -26.92
C VAL F 3501 46.65 -96.65 -28.28
N ALA F 3502 47.89 -97.17 -28.31
CA ALA F 3502 48.60 -97.31 -29.58
C ALA F 3502 47.96 -98.38 -30.46
N THR F 3503 47.60 -99.53 -29.87
CA THR F 3503 46.86 -100.52 -30.64
C THR F 3503 45.52 -99.96 -31.08
N LEU F 3504 44.85 -99.21 -30.19
CA LEU F 3504 43.54 -98.67 -30.53
C LEU F 3504 43.65 -97.72 -31.72
N LYS F 3505 44.62 -96.82 -31.72
CA LYS F 3505 44.78 -95.90 -32.84
C LYS F 3505 45.31 -96.61 -34.09
N LYS F 3506 45.97 -97.77 -33.91
CA LYS F 3506 46.31 -98.57 -35.08
C LYS F 3506 45.09 -99.22 -35.69
N MET F 3507 44.05 -99.48 -34.88
CA MET F 3507 42.85 -100.15 -35.37
C MET F 3507 41.63 -99.24 -35.53
N LEU F 3508 41.76 -97.92 -35.39
CA LEU F 3508 40.67 -97.06 -35.84
C LEU F 3508 40.31 -97.18 -37.31
N PRO F 3509 41.23 -97.31 -38.29
CA PRO F 3509 40.74 -97.55 -39.66
C PRO F 3509 39.88 -98.80 -39.75
N ILE F 3510 40.28 -99.87 -39.06
CA ILE F 3510 39.45 -101.06 -38.99
C ILE F 3510 38.15 -100.75 -38.25
N GLY F 3511 38.23 -99.99 -37.16
CA GLY F 3511 37.14 -99.67 -36.27
C GLY F 3511 36.19 -98.62 -36.76
N LEU F 3512 36.48 -98.01 -37.91
CA LEU F 3512 35.52 -97.21 -38.64
C LEU F 3512 35.21 -97.81 -39.99
N ASN F 3513 35.82 -98.95 -40.33
CA ASN F 3513 35.51 -99.60 -41.60
C ASN F 3513 34.09 -100.17 -41.63
N MET F 3514 33.56 -100.63 -40.49
CA MET F 3514 32.23 -101.23 -40.52
C MET F 3514 31.16 -100.17 -40.80
N CYS F 3515 31.21 -99.07 -40.07
CA CYS F 3515 30.09 -98.14 -40.04
C CYS F 3515 29.96 -97.38 -41.36
N ALA F 3516 28.72 -97.14 -41.77
CA ALA F 3516 28.45 -96.37 -42.96
C ALA F 3516 28.64 -94.88 -42.69
N PRO F 3517 29.05 -94.12 -43.71
CA PRO F 3517 29.09 -92.66 -43.55
C PRO F 3517 27.73 -92.05 -43.26
N THR F 3518 26.65 -92.63 -43.80
CA THR F 3518 25.31 -92.12 -43.49
C THR F 3518 24.94 -92.36 -42.04
N ASP F 3519 25.62 -93.28 -41.36
CA ASP F 3519 25.36 -93.56 -39.95
C ASP F 3519 25.94 -92.51 -39.02
N GLN F 3520 26.72 -91.56 -39.54
CA GLN F 3520 27.44 -90.61 -38.69
C GLN F 3520 26.50 -89.67 -37.94
N ASP F 3521 25.29 -89.46 -38.45
CA ASP F 3521 24.29 -88.72 -37.69
C ASP F 3521 23.92 -89.46 -36.40
N LEU F 3522 23.64 -90.75 -36.52
CA LEU F 3522 23.39 -91.57 -35.33
C LEU F 3522 24.63 -91.66 -34.46
N ILE F 3523 25.82 -91.60 -35.07
CA ILE F 3523 27.05 -91.58 -34.30
C ILE F 3523 27.09 -90.34 -33.42
N MET F 3524 26.72 -89.18 -33.97
CA MET F 3524 26.75 -87.94 -33.19
C MET F 3524 25.72 -87.95 -32.07
N LEU F 3525 24.51 -88.46 -32.35
CA LEU F 3525 23.49 -88.53 -31.31
C LEU F 3525 23.93 -89.45 -30.18
N ALA F 3526 24.47 -90.62 -30.53
CA ALA F 3526 25.06 -91.49 -29.51
C ALA F 3526 26.28 -90.86 -28.85
N LYS F 3527 26.96 -89.94 -29.55
CA LYS F 3527 28.14 -89.30 -28.99
C LYS F 3527 27.74 -88.47 -27.79
N THR F 3528 26.70 -87.64 -27.95
CA THR F 3528 26.16 -86.91 -26.81
C THR F 3528 25.55 -87.85 -25.78
N ARG F 3529 25.01 -89.01 -26.22
CA ARG F 3529 24.43 -89.95 -25.28
C ARG F 3529 25.47 -90.50 -24.31
N TYR F 3530 26.64 -90.87 -24.81
CA TYR F 3530 27.74 -91.22 -23.91
C TYR F 3530 28.32 -90.01 -23.19
N ALA F 3531 28.18 -88.80 -23.77
CA ALA F 3531 28.62 -87.61 -23.06
C ALA F 3531 27.79 -87.38 -21.79
N LEU F 3532 26.56 -87.86 -21.77
CA LEU F 3532 25.71 -87.74 -20.57
C LEU F 3532 26.06 -88.75 -19.48
N LYS F 3533 27.12 -89.54 -19.66
CA LYS F 3533 27.59 -90.51 -18.66
C LYS F 3533 26.53 -91.56 -18.35
N ASP F 3534 25.88 -92.09 -19.38
CA ASP F 3534 24.89 -93.13 -19.20
C ASP F 3534 25.52 -94.51 -19.39
N THR F 3535 24.80 -95.53 -18.93
CA THR F 3535 25.28 -96.90 -19.04
C THR F 3535 25.08 -97.41 -20.47
N ASP F 3536 25.70 -98.56 -20.75
CA ASP F 3536 25.66 -99.12 -22.11
C ASP F 3536 24.23 -99.45 -22.52
N GLU F 3537 23.45 -100.05 -21.62
CA GLU F 3537 22.06 -100.34 -21.94
C GLU F 3537 21.28 -99.06 -22.21
N GLU F 3538 21.48 -98.03 -21.38
CA GLU F 3538 20.71 -96.80 -21.54
C GLU F 3538 21.05 -96.09 -22.85
N VAL F 3539 22.34 -96.03 -23.21
CA VAL F 3539 22.70 -95.35 -24.45
C VAL F 3539 22.20 -96.15 -25.65
N ARG F 3540 22.20 -97.48 -25.56
CA ARG F 3540 21.63 -98.26 -26.66
C ARG F 3540 20.12 -98.06 -26.76
N GLU F 3541 19.41 -97.95 -25.63
CA GLU F 3541 17.97 -97.71 -25.68
C GLU F 3541 17.66 -96.37 -26.32
N PHE F 3542 18.40 -95.32 -25.95
CA PHE F 3542 18.18 -94.04 -26.60
C PHE F 3542 18.63 -94.06 -28.05
N LEU F 3543 19.59 -94.93 -28.38
CA LEU F 3543 19.97 -95.13 -29.78
C LEU F 3543 18.82 -95.72 -30.59
N GLN F 3544 18.11 -96.70 -30.03
CA GLN F 3544 16.91 -97.19 -30.70
C GLN F 3544 15.83 -96.13 -30.78
N ASN F 3545 15.72 -95.31 -29.73
CA ASN F 3545 14.75 -94.22 -29.74
C ASN F 3545 15.09 -93.16 -30.79
N ASN F 3546 16.37 -93.04 -31.16
CA ASN F 3546 16.82 -92.09 -32.16
C ASN F 3546 17.20 -92.78 -33.47
N LEU F 3547 16.78 -94.04 -33.65
CA LEU F 3547 17.17 -94.81 -34.82
C LEU F 3547 16.64 -94.18 -36.11
N HIS F 3548 15.40 -93.68 -36.08
CA HIS F 3548 14.75 -93.22 -37.30
C HIS F 3548 15.40 -91.96 -37.90
N LEU F 3549 16.26 -91.28 -37.15
CA LEU F 3549 16.94 -90.09 -37.66
C LEU F 3549 18.20 -90.46 -38.44
N GLN F 3550 18.03 -91.38 -39.40
CA GLN F 3550 19.14 -91.83 -40.22
C GLN F 3550 19.52 -90.77 -41.25
N GLY F 3551 20.82 -90.64 -41.49
CA GLY F 3551 21.29 -89.72 -42.51
C GLY F 3551 20.79 -90.08 -43.89
N LYS F 3552 20.76 -89.08 -44.76
CA LYS F 3552 20.21 -89.23 -46.10
C LYS F 3552 21.32 -89.08 -47.13
N VAL F 3553 21.38 -90.04 -48.06
CA VAL F 3553 22.43 -90.03 -49.08
C VAL F 3553 22.27 -88.83 -50.00
N GLU F 3554 21.04 -88.53 -50.41
CA GLU F 3554 20.77 -87.42 -51.31
C GLU F 3554 20.96 -86.06 -50.65
N GLY F 3555 21.13 -86.02 -49.33
CA GLY F 3555 21.20 -84.73 -48.64
C GLY F 3555 22.40 -83.90 -49.06
N SER F 3556 23.59 -84.52 -49.13
CA SER F 3556 24.79 -83.79 -49.50
C SER F 3556 25.63 -84.64 -50.45
N PRO F 3557 26.12 -84.06 -51.55
CA PRO F 3557 27.02 -84.82 -52.44
C PRO F 3557 28.33 -85.19 -51.80
N SER F 3558 28.72 -84.51 -50.72
CA SER F 3558 29.96 -84.87 -50.04
C SER F 3558 29.90 -86.29 -49.49
N LEU F 3559 28.76 -86.70 -48.96
CA LEU F 3559 28.59 -88.06 -48.50
C LEU F 3559 28.03 -88.98 -49.58
N ARG F 3560 27.62 -88.44 -50.73
CA ARG F 3560 27.12 -89.27 -51.81
C ARG F 3560 28.20 -90.21 -52.35
N TRP F 3561 29.36 -89.66 -52.70
CA TRP F 3561 30.44 -90.50 -53.20
C TRP F 3561 31.02 -91.37 -52.10
N GLN F 3562 30.97 -90.92 -50.84
CA GLN F 3562 31.38 -91.78 -49.75
C GLN F 3562 30.46 -93.00 -49.65
N MET F 3563 29.16 -92.79 -49.84
CA MET F 3563 28.23 -93.90 -49.91
C MET F 3563 28.53 -94.79 -51.11
N ALA F 3564 28.97 -94.18 -52.21
CA ALA F 3564 29.37 -94.98 -53.37
C ALA F 3564 30.55 -95.89 -53.04
N LEU F 3565 31.54 -95.36 -52.32
CA LEU F 3565 32.67 -96.18 -51.88
C LEU F 3565 32.19 -97.29 -50.96
N TYR F 3566 31.32 -96.94 -50.01
CA TYR F 3566 30.94 -97.88 -48.97
C TYR F 3566 30.05 -99.00 -49.52
N ARG F 3567 29.24 -98.70 -50.55
CA ARG F 3567 28.46 -99.73 -51.21
C ARG F 3567 29.29 -100.54 -52.18
N GLY F 3568 30.26 -99.91 -52.86
CA GLY F 3568 31.13 -100.62 -53.77
C GLY F 3568 32.27 -101.35 -53.12
N LEU F 3569 32.38 -101.26 -51.80
CA LEU F 3569 33.41 -102.01 -51.08
C LEU F 3569 33.18 -103.50 -51.25
N PRO F 3570 34.17 -104.26 -51.70
CA PRO F 3570 33.93 -105.68 -52.05
C PRO F 3570 33.47 -106.54 -50.87
N GLY F 3571 33.94 -106.27 -49.66
CA GLY F 3571 33.52 -107.05 -48.52
C GLY F 3571 32.13 -106.73 -48.01
N ARG F 3572 31.54 -105.63 -48.47
CA ARG F 3572 30.19 -105.28 -48.07
C ARG F 3572 29.17 -106.23 -48.71
N GLU F 3573 28.09 -106.49 -47.97
CA GLU F 3573 27.02 -107.35 -48.44
C GLU F 3573 25.68 -106.65 -48.24
N GLU F 3574 24.69 -107.03 -49.05
CA GLU F 3574 23.39 -106.38 -49.00
C GLU F 3574 22.56 -106.82 -47.79
N ASP F 3575 22.92 -107.92 -47.15
CA ASP F 3575 22.18 -108.38 -45.97
C ASP F 3575 22.65 -107.72 -44.69
N ALA F 3576 23.69 -106.89 -44.74
CA ALA F 3576 24.23 -106.22 -43.56
C ALA F 3576 23.47 -104.95 -43.21
N ASP F 3577 22.27 -104.77 -43.74
CA ASP F 3577 21.42 -103.63 -43.43
C ASP F 3577 20.53 -103.88 -42.21
N ASP F 3578 20.89 -104.84 -41.38
CA ASP F 3578 20.10 -105.14 -40.19
C ASP F 3578 20.26 -104.04 -39.16
N PRO F 3579 19.18 -103.40 -38.72
CA PRO F 3579 19.32 -102.30 -37.75
C PRO F 3579 19.95 -102.72 -36.44
N GLU F 3580 19.81 -104.00 -36.07
CA GLU F 3580 20.42 -104.48 -34.82
C GLU F 3580 21.94 -104.46 -34.91
N LYS F 3581 22.50 -105.04 -35.98
CA LYS F 3581 23.95 -104.99 -36.16
C LYS F 3581 24.42 -103.55 -36.29
N ILE F 3582 23.64 -102.71 -36.98
CA ILE F 3582 24.00 -101.31 -37.15
C ILE F 3582 24.08 -100.61 -35.79
N VAL F 3583 23.07 -100.81 -34.93
CA VAL F 3583 23.06 -100.09 -33.66
C VAL F 3583 24.16 -100.60 -32.74
N ARG F 3584 24.43 -101.91 -32.75
CA ARG F 3584 25.52 -102.42 -31.93
C ARG F 3584 26.85 -101.82 -32.35
N ARG F 3585 27.10 -101.74 -33.66
CA ARG F 3585 28.39 -101.24 -34.11
C ARG F 3585 28.53 -99.74 -33.88
N VAL F 3586 27.45 -98.97 -34.02
CA VAL F 3586 27.58 -97.53 -33.81
C VAL F 3586 27.81 -97.23 -32.33
N GLN F 3587 27.10 -97.93 -31.43
CA GLN F 3587 27.31 -97.66 -30.01
C GLN F 3587 28.71 -98.10 -29.59
N GLU F 3588 29.21 -99.20 -30.14
CA GLU F 3588 30.56 -99.64 -29.81
C GLU F 3588 31.60 -98.62 -30.27
N VAL F 3589 31.48 -98.15 -31.52
CA VAL F 3589 32.40 -97.15 -32.04
C VAL F 3589 32.30 -95.86 -31.22
N SER F 3590 31.09 -95.51 -30.81
CA SER F 3590 30.89 -94.32 -29.99
C SER F 3590 31.64 -94.44 -28.67
N ALA F 3591 31.52 -95.58 -28.00
CA ALA F 3591 32.23 -95.79 -26.75
C ALA F 3591 33.74 -95.65 -26.94
N VAL F 3592 34.27 -96.34 -27.96
CA VAL F 3592 35.72 -96.35 -28.18
C VAL F 3592 36.24 -94.95 -28.44
N LEU F 3593 35.68 -94.26 -29.43
CA LEU F 3593 36.31 -93.00 -29.80
C LEU F 3593 35.93 -91.87 -28.86
N TYR F 3594 34.87 -92.03 -28.07
CA TYR F 3594 34.55 -91.04 -27.04
C TYR F 3594 35.57 -91.09 -25.93
N HIS F 3595 35.88 -92.28 -25.43
CA HIS F 3595 36.94 -92.38 -24.44
C HIS F 3595 38.30 -92.03 -25.05
N LEU F 3596 38.46 -92.28 -26.36
CA LEU F 3596 39.69 -91.91 -27.03
C LEU F 3596 39.86 -90.39 -27.06
N GLU F 3597 38.82 -89.66 -27.44
CA GLU F 3597 38.92 -88.21 -27.43
C GLU F 3597 39.03 -87.67 -26.00
N GLN F 3598 38.49 -88.41 -25.03
CA GLN F 3598 38.70 -88.03 -23.64
C GLN F 3598 40.18 -88.11 -23.28
N THR F 3599 40.88 -89.14 -23.76
CA THR F 3599 42.30 -89.24 -23.44
C THR F 3599 43.14 -88.24 -24.23
N GLU F 3600 42.73 -87.88 -25.45
CA GLU F 3600 43.46 -86.86 -26.18
C GLU F 3600 43.26 -85.48 -25.56
N HIS F 3601 42.04 -85.17 -25.11
CA HIS F 3601 41.71 -83.89 -24.51
C HIS F 3601 41.12 -84.15 -23.13
N PRO F 3602 41.97 -84.39 -22.12
CA PRO F 3602 41.50 -84.64 -20.75
C PRO F 3602 41.41 -83.34 -19.94
N THR F 3629 67.82 -74.29 15.52
CA THR F 3629 66.37 -74.21 15.46
C THR F 3629 65.68 -74.91 16.66
N PRO F 3630 66.14 -76.11 17.07
CA PRO F 3630 65.64 -76.64 18.34
C PRO F 3630 66.01 -75.72 19.49
N LEU F 3631 65.13 -75.65 20.49
CA LEU F 3631 65.35 -74.76 21.61
C LEU F 3631 66.49 -75.22 22.51
N TYR F 3632 66.87 -76.50 22.43
CA TYR F 3632 67.88 -77.02 23.35
C TYR F 3632 69.27 -76.49 23.01
N ASN F 3633 69.58 -76.33 21.72
CA ASN F 3633 70.90 -75.87 21.35
C ASN F 3633 71.09 -74.37 21.55
N LEU F 3634 70.02 -73.65 21.86
CA LEU F 3634 70.13 -72.24 22.19
C LEU F 3634 70.83 -72.08 23.53
N PRO F 3635 71.52 -70.96 23.74
CA PRO F 3635 72.17 -70.73 25.05
C PRO F 3635 71.13 -70.66 26.16
N THR F 3636 71.56 -71.06 27.36
CA THR F 3636 70.64 -71.13 28.49
C THR F 3636 70.07 -69.76 28.85
N HIS F 3637 70.93 -68.74 28.88
CA HIS F 3637 70.47 -67.40 29.25
C HIS F 3637 69.49 -66.86 28.21
N ARG F 3638 69.78 -67.07 26.92
CA ARG F 3638 68.88 -66.59 25.89
C ARG F 3638 67.55 -67.33 25.94
N ALA F 3639 67.60 -68.64 26.23
CA ALA F 3639 66.37 -69.39 26.43
C ALA F 3639 65.56 -68.82 27.58
N CYS F 3640 66.23 -68.42 28.66
CA CYS F 3640 65.53 -67.79 29.78
C CYS F 3640 64.90 -66.47 29.35
N ASN F 3641 65.58 -65.72 28.47
CA ASN F 3641 65.00 -64.47 27.99
C ASN F 3641 63.73 -64.72 27.18
N MET F 3642 63.75 -65.73 26.29
CA MET F 3642 62.54 -66.06 25.56
C MET F 3642 61.43 -66.51 26.49
N PHE F 3643 61.78 -67.32 27.50
CA PHE F 3643 60.78 -67.77 28.46
C PHE F 3643 60.16 -66.59 29.20
N LEU F 3644 60.98 -65.65 29.65
CA LEU F 3644 60.47 -64.50 30.39
C LEU F 3644 59.54 -63.66 29.52
N GLU F 3645 59.95 -63.40 28.28
CA GLU F 3645 59.15 -62.59 27.38
C GLU F 3645 57.80 -63.24 27.11
N SER F 3646 57.82 -64.53 26.77
CA SER F 3646 56.56 -65.17 26.40
C SER F 3646 55.68 -65.41 27.63
N TYR F 3647 56.28 -65.70 28.78
CA TYR F 3647 55.49 -65.81 30.01
C TYR F 3647 54.82 -64.49 30.35
N LYS F 3648 55.56 -63.39 30.21
CA LYS F 3648 54.97 -62.07 30.44
C LYS F 3648 53.81 -61.81 29.50
N ALA F 3649 53.97 -62.16 28.23
CA ALA F 3649 52.92 -61.89 27.25
C ALA F 3649 51.74 -62.85 27.34
N ALA F 3650 51.92 -64.02 27.96
CA ALA F 3650 50.88 -65.05 27.90
C ALA F 3650 50.19 -65.33 29.21
N TRP F 3651 50.81 -65.06 30.36
CA TRP F 3651 50.17 -65.35 31.64
C TRP F 3651 49.84 -64.10 32.42
N ILE F 3652 50.84 -63.26 32.70
CA ILE F 3652 50.61 -62.12 33.58
C ILE F 3652 49.71 -61.09 32.90
N LEU F 3653 49.94 -60.84 31.61
CA LEU F 3653 49.14 -59.86 30.88
C LEU F 3653 47.68 -60.28 30.82
N THR F 3654 47.41 -61.55 30.58
CA THR F 3654 46.04 -62.05 30.55
C THR F 3654 45.46 -62.22 31.94
N GLU F 3655 46.29 -62.21 32.98
CA GLU F 3655 45.81 -62.39 34.35
C GLU F 3655 45.23 -61.06 34.81
N ASP F 3656 43.94 -60.87 34.56
CA ASP F 3656 43.29 -59.62 34.95
C ASP F 3656 42.96 -59.62 36.43
N HIS F 3657 42.83 -58.41 36.99
CA HIS F 3657 42.55 -58.27 38.40
C HIS F 3657 41.87 -56.93 38.61
N SER F 3658 40.77 -56.94 39.36
CA SER F 3658 40.00 -55.73 39.61
C SER F 3658 40.36 -55.18 40.98
N PHE F 3659 40.87 -53.96 41.00
CA PHE F 3659 41.15 -53.26 42.24
C PHE F 3659 40.66 -51.82 42.20
N GLU F 3660 40.20 -51.32 41.05
CA GLU F 3660 39.81 -49.93 40.94
C GLU F 3660 38.63 -49.60 41.85
N ASP F 3661 37.62 -50.47 41.88
CA ASP F 3661 36.47 -50.20 42.72
C ASP F 3661 36.84 -50.21 44.20
N ARG F 3662 37.66 -51.18 44.62
CA ARG F 3662 38.06 -51.25 46.01
C ARG F 3662 38.89 -50.04 46.41
N MET F 3663 39.82 -49.63 45.54
CA MET F 3663 40.74 -48.58 45.91
C MET F 3663 40.08 -47.21 45.85
N ILE F 3664 39.19 -46.99 44.89
CA ILE F 3664 38.42 -45.75 44.88
C ILE F 3664 37.51 -45.67 46.10
N ASP F 3665 36.89 -46.79 46.49
CA ASP F 3665 36.07 -46.79 47.70
C ASP F 3665 36.90 -46.46 48.93
N ASP F 3666 38.10 -47.06 49.04
CA ASP F 3666 38.94 -46.80 50.20
C ASP F 3666 39.44 -45.36 50.22
N LEU F 3667 39.69 -44.77 49.06
CA LEU F 3667 40.08 -43.38 49.03
C LEU F 3667 38.90 -42.46 49.33
N SER F 3668 37.68 -42.88 49.00
CA SER F 3668 36.53 -42.03 49.23
C SER F 3668 36.04 -42.06 50.67
N LYS F 3669 36.35 -43.10 51.43
CA LYS F 3669 36.01 -43.09 52.85
C LYS F 3669 36.78 -41.99 53.56
N ALA F 3670 36.06 -41.18 54.35
CA ALA F 3670 36.65 -39.99 54.95
C ALA F 3670 37.40 -40.29 56.25
N GLY F 3671 37.25 -41.47 56.81
CA GLY F 3671 37.95 -41.81 58.03
C GLY F 3671 37.22 -41.41 59.30
N GLU F 3672 37.95 -40.82 60.25
CA GLU F 3672 37.39 -40.44 61.54
C GLU F 3672 37.30 -38.93 61.72
N GLN F 3673 37.57 -38.16 60.67
CA GLN F 3673 37.63 -36.70 60.78
C GLN F 3673 36.28 -36.12 61.21
N GLU F 3674 35.17 -36.64 60.66
CA GLU F 3674 33.87 -36.16 61.08
C GLU F 3674 33.55 -36.59 62.50
N GLU F 3675 34.06 -37.74 62.93
CA GLU F 3675 33.88 -38.17 64.32
C GLU F 3675 34.58 -37.22 65.29
N GLU F 3676 35.78 -36.77 64.94
CA GLU F 3676 36.47 -35.84 65.83
C GLU F 3676 35.84 -34.46 65.78
N GLU F 3677 35.36 -34.02 64.62
CA GLU F 3677 34.71 -32.71 64.49
C GLU F 3677 33.43 -32.86 63.67
N GLU F 3678 32.33 -33.18 64.35
CA GLU F 3678 31.02 -33.12 63.71
C GLU F 3678 30.61 -31.68 63.42
N GLU F 3679 30.79 -30.79 64.41
CA GLU F 3679 30.29 -29.43 64.34
C GLU F 3679 31.10 -28.52 63.42
N VAL F 3680 32.23 -28.97 62.92
CA VAL F 3680 33.07 -28.16 62.05
C VAL F 3680 32.69 -28.43 60.60
N GLU F 3681 32.30 -27.37 59.88
CA GLU F 3681 32.01 -27.46 58.45
C GLU F 3681 33.25 -27.06 57.65
N GLU F 3682 33.14 -27.24 56.33
CA GLU F 3682 34.25 -27.09 55.40
C GLU F 3682 35.44 -27.95 55.84
N LYS F 3683 35.14 -29.23 56.09
CA LYS F 3683 36.13 -30.16 56.62
C LYS F 3683 37.23 -30.40 55.59
N LYS F 3684 38.27 -31.09 56.05
CA LYS F 3684 39.37 -31.44 55.15
C LYS F 3684 38.85 -32.38 54.07
N PRO F 3685 39.36 -32.28 52.85
CA PRO F 3685 38.90 -33.16 51.78
C PRO F 3685 39.25 -34.62 52.06
N ASP F 3686 38.46 -35.51 51.47
CA ASP F 3686 38.73 -36.93 51.52
C ASP F 3686 40.03 -37.22 50.77
N PRO F 3687 40.67 -38.37 51.00
CA PRO F 3687 41.90 -38.69 50.27
C PRO F 3687 41.75 -38.61 48.76
N LEU F 3688 40.62 -39.11 48.24
CA LEU F 3688 40.36 -39.01 46.81
C LEU F 3688 40.23 -37.56 46.38
N HIS F 3689 39.57 -36.74 47.21
CA HIS F 3689 39.43 -35.34 46.88
C HIS F 3689 40.78 -34.64 46.83
N GLN F 3690 41.67 -34.97 47.78
CA GLN F 3690 43.01 -34.38 47.75
C GLN F 3690 43.77 -34.81 46.52
N LEU F 3691 43.60 -36.07 46.11
CA LEU F 3691 44.27 -36.56 44.90
C LEU F 3691 43.82 -35.80 43.67
N VAL F 3692 42.51 -35.65 43.50
CA VAL F 3692 41.98 -34.92 42.36
C VAL F 3692 42.41 -33.47 42.40
N LEU F 3693 42.46 -32.89 43.60
CA LEU F 3693 42.92 -31.52 43.74
C LEU F 3693 44.38 -31.38 43.32
N HIS F 3694 45.19 -32.40 43.63
CA HIS F 3694 46.59 -32.36 43.23
C HIS F 3694 46.73 -32.35 41.72
N PHE F 3695 45.97 -33.21 41.04
CA PHE F 3695 46.02 -33.23 39.59
C PHE F 3695 45.51 -31.94 38.99
N SER F 3696 44.47 -31.36 39.60
CA SER F 3696 43.98 -30.06 39.15
C SER F 3696 45.05 -28.98 39.31
N ARG F 3697 45.83 -29.07 40.39
CA ARG F 3697 46.89 -28.10 40.62
C ARG F 3697 47.98 -28.19 39.54
N THR F 3698 48.42 -29.42 39.24
CA THR F 3698 49.40 -29.60 38.18
C THR F 3698 48.83 -29.21 36.81
N ALA F 3699 47.52 -29.35 36.64
CA ALA F 3699 46.90 -28.94 35.38
C ALA F 3699 46.86 -27.43 35.25
N LEU F 3700 46.52 -26.72 36.33
CA LEU F 3700 46.39 -25.28 36.28
C LEU F 3700 47.71 -24.54 36.37
N THR F 3701 48.81 -25.24 36.67
CA THR F 3701 50.11 -24.58 36.66
C THR F 3701 50.45 -24.12 35.25
N GLU F 3702 51.25 -23.06 35.16
CA GLU F 3702 51.59 -22.46 33.89
C GLU F 3702 52.82 -23.15 33.31
N LYS F 3703 52.68 -23.68 32.10
CA LYS F 3703 53.77 -24.41 31.46
C LYS F 3703 53.52 -24.45 29.96
N SER F 3704 54.61 -24.57 29.20
CA SER F 3704 54.51 -24.58 27.75
C SER F 3704 53.74 -25.81 27.25
N LYS F 3705 54.00 -26.97 27.84
CA LYS F 3705 53.30 -28.19 27.45
C LYS F 3705 53.14 -29.07 28.67
N LEU F 3706 52.18 -29.99 28.59
CA LEU F 3706 51.90 -30.91 29.68
C LEU F 3706 52.78 -32.15 29.51
N ASP F 3707 53.78 -32.28 30.38
CA ASP F 3707 54.67 -33.42 30.29
C ASP F 3707 53.93 -34.70 30.68
N GLU F 3708 54.24 -35.78 29.98
CA GLU F 3708 53.57 -37.05 30.26
C GLU F 3708 54.04 -37.61 31.58
N ASP F 3709 53.11 -38.08 32.41
CA ASP F 3709 53.48 -38.77 33.64
C ASP F 3709 52.57 -39.95 33.91
N TYR F 3710 53.20 -41.07 34.27
CA TYR F 3710 52.45 -42.30 34.48
C TYR F 3710 51.60 -42.25 35.75
N LEU F 3711 51.92 -41.32 36.67
CA LEU F 3711 51.11 -41.20 37.87
C LEU F 3711 49.68 -40.80 37.53
N TYR F 3712 49.52 -39.70 36.77
CA TYR F 3712 48.18 -39.31 36.39
C TYR F 3712 47.59 -40.28 35.37
N MET F 3713 48.41 -40.86 34.48
CA MET F 3713 47.88 -41.84 33.56
C MET F 3713 47.22 -43.00 34.31
N ALA F 3714 47.93 -43.56 35.28
CA ALA F 3714 47.39 -44.68 36.04
C ALA F 3714 46.16 -44.27 36.82
N TYR F 3715 46.18 -43.09 37.43
CA TYR F 3715 45.06 -42.70 38.27
C TYR F 3715 43.81 -42.37 37.45
N ALA F 3716 43.97 -41.72 36.31
CA ALA F 3716 42.82 -41.47 35.45
C ALA F 3716 42.26 -42.78 34.90
N ASP F 3717 43.14 -43.74 34.60
CA ASP F 3717 42.68 -45.05 34.15
C ASP F 3717 41.87 -45.72 35.26
N ILE F 3718 42.35 -45.63 36.50
CA ILE F 3718 41.64 -46.24 37.62
C ILE F 3718 40.28 -45.59 37.81
N MET F 3719 40.25 -44.26 37.76
CA MET F 3719 39.00 -43.54 38.02
C MET F 3719 37.99 -43.76 36.89
N ALA F 3720 38.47 -44.03 35.68
CA ALA F 3720 37.53 -44.39 34.62
C ALA F 3720 37.00 -45.81 34.80
N LYS F 3721 37.87 -46.75 35.15
CA LYS F 3721 37.39 -48.12 35.31
C LYS F 3721 36.53 -48.30 36.55
N SER F 3722 36.53 -47.34 37.47
CA SER F 3722 35.59 -47.42 38.59
C SER F 3722 34.16 -47.18 38.13
N CYS F 3723 33.95 -46.18 37.27
CA CYS F 3723 32.61 -45.88 36.78
C CYS F 3723 32.17 -46.85 35.69
N HIS F 3724 33.11 -47.38 34.90
CA HIS F 3724 32.75 -48.31 33.83
C HIS F 3724 32.21 -49.64 34.34
N LEU F 3725 32.09 -49.85 35.64
CA LEU F 3725 31.52 -51.09 36.15
C LEU F 3725 30.09 -51.25 35.66
N GLU F 3726 29.29 -50.20 35.81
CA GLU F 3726 27.90 -50.25 35.36
C GLU F 3726 27.76 -49.99 33.87
N GLU F 3727 28.81 -49.51 33.20
CA GLU F 3727 28.75 -49.34 31.75
C GLU F 3727 28.69 -50.69 31.06
N GLY F 3728 29.58 -51.61 31.43
CA GLY F 3728 29.52 -52.95 30.89
C GLY F 3728 28.53 -53.85 31.59
N GLY F 3729 28.09 -53.47 32.78
CA GLY F 3729 27.12 -54.26 33.54
C GLY F 3729 27.67 -54.78 34.84
N GLU F 3730 28.91 -55.27 34.83
CA GLU F 3730 29.52 -55.85 36.01
C GLU F 3730 29.89 -54.78 37.04
N GLU F 3737 20.88 -62.50 22.15
CA GLU F 3737 21.62 -62.88 23.34
C GLU F 3737 21.35 -61.90 24.48
N GLU F 3738 21.07 -60.65 24.12
CA GLU F 3738 20.73 -59.61 25.10
C GLU F 3738 19.24 -59.71 25.38
N VAL F 3739 18.89 -60.53 26.37
CA VAL F 3739 17.49 -60.76 26.73
C VAL F 3739 16.91 -59.50 27.35
N GLU F 3740 15.58 -59.45 27.49
CA GLU F 3740 14.93 -58.29 28.07
C GLU F 3740 15.31 -58.14 29.53
N VAL F 3741 15.34 -56.89 29.99
CA VAL F 3741 15.74 -56.55 31.34
C VAL F 3741 14.56 -55.85 32.02
N SER F 3742 14.34 -56.19 33.30
CA SER F 3742 13.27 -55.56 34.05
C SER F 3742 13.50 -54.06 34.14
N PHE F 3743 12.41 -53.30 34.13
CA PHE F 3743 12.51 -51.85 34.27
C PHE F 3743 13.14 -51.50 35.61
N GLU F 3744 12.81 -52.26 36.65
CA GLU F 3744 13.45 -52.07 37.95
C GLU F 3744 14.96 -52.26 37.86
N GLU F 3745 15.39 -53.32 37.19
CA GLU F 3745 16.83 -53.59 37.07
C GLU F 3745 17.52 -52.51 36.27
N LYS F 3746 16.92 -52.07 35.16
CA LYS F 3746 17.53 -51.03 34.35
C LYS F 3746 17.66 -49.73 35.12
N GLU F 3747 16.61 -49.33 35.83
CA GLU F 3747 16.68 -48.09 36.60
C GLU F 3747 17.70 -48.20 37.72
N MET F 3748 17.80 -49.37 38.36
CA MET F 3748 18.78 -49.51 39.42
C MET F 3748 20.20 -49.53 38.87
N GLU F 3749 20.40 -50.02 37.65
CA GLU F 3749 21.72 -49.89 37.03
C GLU F 3749 22.05 -48.44 36.76
N LYS F 3750 21.08 -47.65 36.30
CA LYS F 3750 21.32 -46.22 36.15
C LYS F 3750 21.64 -45.59 37.50
N GLN F 3751 21.00 -46.05 38.58
CA GLN F 3751 21.30 -45.50 39.89
C GLN F 3751 22.71 -45.85 40.35
N ARG F 3752 23.15 -47.08 40.10
CA ARG F 3752 24.52 -47.44 40.45
C ARG F 3752 25.52 -46.59 39.68
N LEU F 3753 25.28 -46.41 38.39
CA LEU F 3753 26.18 -45.60 37.59
C LEU F 3753 26.18 -44.15 38.06
N LEU F 3754 25.01 -43.62 38.43
CA LEU F 3754 24.95 -42.26 38.93
C LEU F 3754 25.72 -42.12 40.22
N TYR F 3755 25.64 -43.12 41.09
CA TYR F 3755 26.41 -43.05 42.33
C TYR F 3755 27.91 -43.06 42.05
N GLN F 3756 28.35 -43.98 41.20
CA GLN F 3756 29.78 -44.09 40.92
C GLN F 3756 30.30 -42.86 40.21
N GLN F 3757 29.45 -42.18 39.45
CA GLN F 3757 29.86 -40.92 38.84
C GLN F 3757 29.85 -39.79 39.86
N SER F 3758 28.94 -39.83 40.83
CA SER F 3758 28.94 -38.81 41.88
C SER F 3758 30.17 -38.91 42.75
N ARG F 3759 30.66 -40.13 42.96
CA ARG F 3759 31.84 -40.34 43.79
C ARG F 3759 33.04 -39.57 43.27
N LEU F 3760 33.07 -39.28 41.97
CA LEU F 3760 34.16 -38.52 41.38
C LEU F 3760 33.79 -37.09 41.06
N HIS F 3761 32.57 -36.82 40.61
CA HIS F 3761 32.28 -35.45 40.21
C HIS F 3761 31.87 -34.56 41.37
N THR F 3762 31.62 -35.11 42.55
CA THR F 3762 31.53 -34.25 43.73
C THR F 3762 32.89 -33.93 44.31
N ARG F 3763 33.96 -34.43 43.69
CA ARG F 3763 35.32 -34.27 44.18
C ARG F 3763 36.21 -33.58 43.16
N GLY F 3764 35.63 -32.81 42.24
CA GLY F 3764 36.40 -31.97 41.34
C GLY F 3764 36.86 -32.63 40.06
N ALA F 3765 36.50 -33.88 39.81
CA ALA F 3765 36.94 -34.55 38.59
C ALA F 3765 36.35 -33.87 37.35
N ALA F 3766 35.11 -33.37 37.47
CA ALA F 3766 34.46 -32.72 36.34
C ALA F 3766 35.21 -31.48 35.91
N GLU F 3767 35.77 -30.75 36.86
CA GLU F 3767 36.60 -29.61 36.51
C GLU F 3767 37.98 -30.06 36.04
N MET F 3768 38.52 -31.12 36.62
CA MET F 3768 39.90 -31.48 36.33
C MET F 3768 40.07 -31.97 34.90
N VAL F 3769 39.07 -32.67 34.37
CA VAL F 3769 39.17 -33.11 32.97
C VAL F 3769 39.18 -31.91 32.04
N LEU F 3770 38.35 -30.90 32.31
CA LEU F 3770 38.38 -29.69 31.52
C LEU F 3770 39.74 -29.00 31.62
N GLN F 3771 40.29 -28.93 32.82
CA GLN F 3771 41.56 -28.25 33.01
C GLN F 3771 42.67 -28.93 32.24
N MET F 3772 42.70 -30.26 32.25
CA MET F 3772 43.79 -30.94 31.55
C MET F 3772 43.60 -30.93 30.04
N ILE F 3773 42.36 -30.98 29.55
CA ILE F 3773 42.16 -30.81 28.12
C ILE F 3773 42.61 -29.43 27.68
N SER F 3774 42.33 -28.41 28.49
CA SER F 3774 42.81 -27.07 28.15
C SER F 3774 44.32 -26.97 28.27
N ALA F 3775 44.92 -27.73 29.18
CA ALA F 3775 46.36 -27.64 29.38
C ALA F 3775 47.14 -28.32 28.27
N CYS F 3776 46.62 -29.41 27.71
CA CYS F 3776 47.34 -30.11 26.66
C CYS F 3776 47.49 -29.27 25.40
N LYS F 3777 46.61 -28.29 25.20
CA LYS F 3777 46.70 -27.34 24.08
C LYS F 3777 46.74 -28.05 22.73
N GLY F 3778 45.94 -29.10 22.59
CA GLY F 3778 45.86 -29.80 21.33
C GLY F 3778 47.04 -30.68 21.00
N GLU F 3779 47.81 -31.09 22.01
CA GLU F 3779 48.91 -32.02 21.80
C GLU F 3779 48.36 -33.43 21.93
N THR F 3780 48.26 -34.14 20.81
CA THR F 3780 47.81 -35.52 20.84
C THR F 3780 48.79 -36.37 21.62
N GLY F 3781 48.28 -37.18 22.54
CA GLY F 3781 49.14 -38.02 23.34
C GLY F 3781 48.33 -38.82 24.34
N ALA F 3782 49.05 -39.64 25.11
CA ALA F 3782 48.38 -40.48 26.08
C ALA F 3782 47.73 -39.65 27.19
N MET F 3783 48.24 -38.45 27.44
CA MET F 3783 47.63 -37.59 28.46
C MET F 3783 46.22 -37.16 28.04
N VAL F 3784 46.08 -36.61 26.85
CA VAL F 3784 44.75 -36.19 26.42
C VAL F 3784 43.88 -37.41 26.19
N SER F 3785 44.47 -38.55 25.83
CA SER F 3785 43.68 -39.77 25.66
C SER F 3785 43.08 -40.22 26.99
N SER F 3786 43.90 -40.24 28.05
CA SER F 3786 43.38 -40.64 29.35
C SER F 3786 42.37 -39.66 29.88
N THR F 3787 42.60 -38.36 29.67
CA THR F 3787 41.64 -37.37 30.12
C THR F 3787 40.30 -37.54 29.42
N LEU F 3788 40.33 -37.77 28.10
CA LEU F 3788 39.08 -37.96 27.37
C LEU F 3788 38.36 -39.21 27.83
N LYS F 3789 39.09 -40.29 28.06
CA LYS F 3789 38.45 -41.52 28.53
C LYS F 3789 37.81 -41.31 29.90
N LEU F 3790 38.48 -40.58 30.78
CA LEU F 3790 37.87 -40.28 32.08
C LEU F 3790 36.63 -39.43 31.92
N GLY F 3791 36.68 -38.42 31.06
CA GLY F 3791 35.52 -37.56 30.87
C GLY F 3791 34.32 -38.34 30.35
N ILE F 3792 34.57 -39.28 29.44
CA ILE F 3792 33.51 -40.16 28.96
C ILE F 3792 32.97 -41.00 30.10
N SER F 3793 33.85 -41.47 30.98
CA SER F 3793 33.40 -42.29 32.11
C SER F 3793 32.49 -41.51 33.03
N ILE F 3794 32.82 -40.24 33.29
CA ILE F 3794 31.96 -39.42 34.15
C ILE F 3794 30.64 -39.10 33.45
N LEU F 3795 30.70 -38.80 32.17
CA LEU F 3795 29.53 -38.31 31.45
C LEU F 3795 28.69 -39.42 30.84
N ASN F 3796 29.01 -40.68 31.08
CA ASN F 3796 28.25 -41.78 30.51
C ASN F 3796 26.78 -41.70 30.94
N GLY F 3797 25.89 -41.97 30.00
CA GLY F 3797 24.48 -41.81 30.27
C GLY F 3797 23.97 -40.39 30.20
N GLY F 3798 24.84 -39.43 29.88
CA GLY F 3798 24.44 -38.05 29.76
C GLY F 3798 23.88 -37.47 31.04
N ASN F 3799 24.48 -37.77 32.17
CA ASN F 3799 23.98 -37.27 33.43
C ASN F 3799 24.15 -35.76 33.50
N ALA F 3800 23.15 -35.09 34.09
CA ALA F 3800 23.05 -33.64 33.99
C ALA F 3800 23.90 -32.91 35.00
N GLU F 3801 24.23 -33.54 36.13
CA GLU F 3801 25.03 -32.86 37.13
C GLU F 3801 26.41 -32.51 36.61
N VAL F 3802 27.08 -33.46 35.98
CA VAL F 3802 28.43 -33.21 35.45
C VAL F 3802 28.37 -32.23 34.30
N GLN F 3803 27.33 -32.30 33.47
CA GLN F 3803 27.18 -31.32 32.41
C GLN F 3803 27.03 -29.92 32.99
N GLN F 3804 26.24 -29.79 34.06
CA GLN F 3804 26.06 -28.48 34.67
C GLN F 3804 27.35 -27.96 35.29
N LYS F 3805 28.11 -28.83 35.95
CA LYS F 3805 29.37 -28.41 36.55
C LYS F 3805 30.37 -28.00 35.48
N MET F 3806 30.44 -28.75 34.38
CA MET F 3806 31.34 -28.39 33.29
C MET F 3806 30.96 -27.05 32.68
N LEU F 3807 29.66 -26.85 32.43
CA LEU F 3807 29.22 -25.59 31.84
C LEU F 3807 29.48 -24.42 32.77
N ASP F 3808 29.21 -24.59 34.06
CA ASP F 3808 29.46 -23.52 35.03
C ASP F 3808 30.93 -23.18 35.09
N TYR F 3809 31.79 -24.20 35.09
CA TYR F 3809 33.23 -23.95 35.14
C TYR F 3809 33.69 -23.16 33.92
N LEU F 3810 33.27 -23.59 32.73
CA LEU F 3810 33.70 -22.88 31.52
C LEU F 3810 33.16 -21.46 31.48
N LYS F 3811 31.89 -21.28 31.82
CA LYS F 3811 31.31 -19.93 31.76
C LYS F 3811 31.92 -19.01 32.79
N ASP F 3812 32.38 -19.54 33.92
CA ASP F 3812 32.93 -18.67 34.96
C ASP F 3812 34.39 -18.35 34.69
N LYS F 3813 35.19 -19.36 34.37
CA LYS F 3813 36.61 -19.10 34.08
C LYS F 3813 36.80 -18.38 32.77
N LYS F 3814 35.80 -18.36 31.88
CA LYS F 3814 35.82 -17.60 30.64
C LYS F 3814 36.96 -18.00 29.72
N GLU F 3815 37.56 -19.17 29.94
CA GLU F 3815 38.77 -19.54 29.24
C GLU F 3815 38.47 -19.97 27.81
N VAL F 3816 39.43 -19.74 26.92
CA VAL F 3816 39.34 -20.21 25.54
C VAL F 3816 40.30 -21.35 25.26
N GLY F 3817 41.16 -21.71 26.21
CA GLY F 3817 42.12 -22.77 25.96
C GLY F 3817 41.46 -24.11 25.71
N PHE F 3818 40.35 -24.38 26.42
CA PHE F 3818 39.67 -25.66 26.27
C PHE F 3818 39.13 -25.85 24.86
N PHE F 3819 38.43 -24.85 24.35
CA PHE F 3819 37.83 -25.00 23.02
C PHE F 3819 38.86 -24.89 21.91
N GLN F 3820 39.91 -24.09 22.10
CA GLN F 3820 41.00 -24.08 21.13
C GLN F 3820 41.68 -25.44 21.10
N SER F 3821 41.84 -26.08 22.26
CA SER F 3821 42.44 -27.40 22.30
C SER F 3821 41.57 -28.43 21.60
N ILE F 3822 40.25 -28.36 21.79
CA ILE F 3822 39.36 -29.28 21.11
C ILE F 3822 39.44 -29.11 19.61
N GLN F 3823 39.44 -27.86 19.14
CA GLN F 3823 39.57 -27.61 17.71
C GLN F 3823 40.88 -28.16 17.17
N ALA F 3824 41.97 -27.96 17.90
CA ALA F 3824 43.26 -28.43 17.43
C ALA F 3824 43.29 -29.96 17.36
N LEU F 3825 42.77 -30.64 18.37
CA LEU F 3825 42.77 -32.09 18.36
C LEU F 3825 41.94 -32.62 17.20
N MET F 3826 40.79 -32.01 16.95
CA MET F 3826 39.94 -32.48 15.86
C MET F 3826 40.60 -32.23 14.51
N GLN F 3827 41.39 -31.16 14.39
CA GLN F 3827 42.12 -30.94 13.15
C GLN F 3827 43.28 -31.93 12.99
N THR F 3828 43.82 -32.43 14.09
CA THR F 3828 44.89 -33.41 14.02
C THR F 3828 44.38 -34.84 13.99
N CYS F 3829 43.07 -35.05 14.04
CA CYS F 3829 42.52 -36.38 13.81
C CYS F 3829 42.77 -36.80 12.37
N SER F 3830 43.01 -38.09 12.18
CA SER F 3830 43.40 -38.61 10.87
C SER F 3830 42.21 -39.23 10.15
N VAL F 3831 42.41 -39.47 8.85
CA VAL F 3831 41.37 -40.02 7.97
C VAL F 3831 41.95 -41.22 7.25
N LEU F 3832 41.20 -41.76 6.30
CA LEU F 3832 41.68 -42.88 5.50
C LEU F 3832 42.73 -42.39 4.51
N ASP F 3833 43.95 -42.92 4.58
CA ASP F 3833 45.08 -42.35 3.85
C ASP F 3833 45.17 -42.83 2.41
N LEU F 3834 45.05 -44.15 2.19
CA LEU F 3834 45.16 -44.82 0.90
C LEU F 3834 46.59 -44.85 0.36
N ASN F 3835 47.52 -44.15 1.01
CA ASN F 3835 48.93 -44.30 0.71
C ASN F 3835 49.61 -45.19 1.73
N ALA F 3836 49.40 -44.92 3.01
CA ALA F 3836 49.82 -45.83 4.05
C ALA F 3836 49.17 -47.20 3.88
N PHE F 3837 48.02 -47.26 3.23
CA PHE F 3837 47.41 -48.56 2.95
C PHE F 3837 48.26 -49.38 2.00
N GLU F 3838 48.68 -48.78 0.88
CA GLU F 3838 49.52 -49.50 -0.07
C GLU F 3838 50.86 -49.87 0.57
N ARG F 3839 51.43 -48.94 1.34
CA ARG F 3839 52.71 -49.22 1.99
C ARG F 3839 52.59 -50.36 2.98
N GLN F 3840 51.51 -50.38 3.77
CA GLN F 3840 51.33 -51.43 4.76
C GLN F 3840 51.02 -52.76 4.10
N ASN F 3841 50.25 -52.74 3.01
CA ASN F 3841 49.96 -53.97 2.29
C ASN F 3841 51.22 -54.59 1.71
N LYS F 3842 52.08 -53.76 1.11
CA LYS F 3842 53.32 -54.29 0.57
C LYS F 3842 54.25 -54.75 1.68
N ALA F 3843 54.25 -54.05 2.81
CA ALA F 3843 55.09 -54.45 3.94
C ALA F 3843 54.64 -55.80 4.51
N GLU F 3844 53.34 -55.99 4.65
CA GLU F 3844 52.86 -57.27 5.16
C GLU F 3844 53.05 -58.38 4.15
N GLY F 3845 52.97 -58.06 2.86
CA GLY F 3845 53.26 -59.06 1.85
C GLY F 3845 54.73 -59.40 1.73
N LEU F 3846 55.59 -58.53 2.25
CA LEU F 3846 57.03 -58.78 2.21
C LEU F 3846 57.39 -60.05 2.98
N GLY F 3847 57.15 -60.03 4.29
CA GLY F 3847 57.32 -61.21 5.12
C GLY F 3847 58.72 -61.79 5.23
N MET F 3848 59.71 -60.93 5.47
CA MET F 3848 61.08 -61.42 5.67
C MET F 3848 61.33 -61.76 7.13
N VAL F 3849 62.46 -62.42 7.37
CA VAL F 3849 62.88 -62.86 8.70
C VAL F 3849 63.85 -61.82 9.24
N ASN F 3850 63.46 -61.13 10.29
CA ASN F 3850 64.31 -60.17 10.97
C ASN F 3850 64.96 -60.82 12.19
N GLU F 3851 65.58 -59.99 13.03
CA GLU F 3851 66.08 -60.48 14.31
C GLU F 3851 64.94 -60.93 15.22
N ASP F 3852 63.75 -60.33 15.07
CA ASP F 3852 62.62 -60.67 15.91
C ASP F 3852 62.01 -62.03 15.58
N GLY F 3853 62.42 -62.66 14.48
CA GLY F 3853 61.92 -63.95 14.08
C GLY F 3853 61.47 -63.95 12.64
N THR F 3854 60.77 -65.02 12.25
CA THR F 3854 60.25 -65.11 10.90
C THR F 3854 59.21 -64.04 10.62
N VAL F 3855 58.32 -63.81 11.57
CA VAL F 3855 57.29 -62.77 11.45
C VAL F 3855 57.84 -61.47 12.01
N ILE F 3856 57.63 -60.38 11.27
CA ILE F 3856 58.11 -59.06 11.70
C ILE F 3856 57.10 -58.52 12.71
N ASN F 3857 57.41 -58.67 13.99
CA ASN F 3857 56.56 -58.12 15.05
C ASN F 3857 56.79 -56.64 15.28
N ARG F 3858 57.83 -56.05 14.69
CA ARG F 3858 58.16 -54.65 14.89
C ARG F 3858 57.64 -53.76 13.77
N GLN F 3859 56.78 -54.29 12.90
CA GLN F 3859 56.12 -53.46 11.92
C GLN F 3859 55.20 -52.46 12.61
N ASN F 3860 55.02 -51.31 11.97
CA ASN F 3860 53.97 -50.40 12.38
C ASN F 3860 52.63 -51.08 12.20
N GLY F 3861 51.91 -51.31 13.30
CA GLY F 3861 50.70 -52.11 13.25
C GLY F 3861 49.65 -51.53 12.32
N GLU F 3862 49.05 -50.42 12.70
CA GLU F 3862 48.03 -49.74 11.89
C GLU F 3862 48.55 -48.37 11.54
N LYS F 3863 48.97 -48.18 10.29
CA LYS F 3863 49.33 -46.86 9.80
C LYS F 3863 48.20 -46.21 9.02
N VAL F 3864 47.28 -47.00 8.48
CA VAL F 3864 46.23 -46.47 7.62
C VAL F 3864 45.23 -45.64 8.41
N MET F 3865 44.81 -46.14 9.58
CA MET F 3865 43.89 -45.40 10.44
C MET F 3865 44.45 -45.52 11.86
N ALA F 3866 45.33 -44.60 12.21
CA ALA F 3866 45.84 -44.52 13.57
C ALA F 3866 45.00 -43.54 14.36
N ASP F 3867 45.01 -43.71 15.69
CA ASP F 3867 44.22 -42.90 16.61
C ASP F 3867 42.73 -42.95 16.27
N ASP F 3868 42.27 -44.07 15.71
CA ASP F 3868 40.85 -44.26 15.51
C ASP F 3868 40.12 -44.29 16.84
N GLU F 3869 40.70 -44.97 17.80
CA GLU F 3869 40.09 -45.05 19.11
C GLU F 3869 40.13 -43.69 19.82
N PHE F 3870 41.18 -42.90 19.55
CA PHE F 3870 41.23 -41.53 20.06
C PHE F 3870 40.13 -40.67 19.46
N THR F 3871 39.93 -40.72 18.14
CA THR F 3871 38.95 -39.82 17.55
C THR F 3871 37.52 -40.27 17.87
N GLN F 3872 37.30 -41.58 18.02
CA GLN F 3872 36.01 -42.03 18.54
C GLN F 3872 35.78 -41.51 19.94
N ASP F 3873 36.81 -41.52 20.79
CA ASP F 3873 36.64 -41.00 22.14
C ASP F 3873 36.43 -39.49 22.15
N LEU F 3874 37.09 -38.78 21.24
CA LEU F 3874 36.92 -37.34 21.19
C LEU F 3874 35.49 -36.95 20.81
N PHE F 3875 34.95 -37.57 19.77
CA PHE F 3875 33.59 -37.22 19.38
C PHE F 3875 32.57 -37.82 20.34
N ARG F 3876 32.90 -38.92 21.00
CA ARG F 3876 32.03 -39.41 22.06
C ARG F 3876 31.95 -38.41 23.20
N PHE F 3877 33.09 -37.79 23.55
CA PHE F 3877 33.08 -36.77 24.60
C PHE F 3877 32.25 -35.57 24.18
N LEU F 3878 32.42 -35.09 22.96
CA LEU F 3878 31.61 -33.97 22.50
C LEU F 3878 30.13 -34.31 22.43
N GLN F 3879 29.80 -35.57 22.15
CA GLN F 3879 28.40 -35.98 22.17
C GLN F 3879 27.86 -35.96 23.59
N LEU F 3880 28.60 -36.55 24.53
CA LEU F 3880 28.13 -36.65 25.89
C LEU F 3880 28.03 -35.30 26.57
N LEU F 3881 28.71 -34.28 26.05
CA LEU F 3881 28.48 -32.94 26.58
C LEU F 3881 27.05 -32.49 26.34
N CYS F 3882 26.51 -32.76 25.16
CA CYS F 3882 25.17 -32.32 24.79
C CYS F 3882 24.12 -33.41 24.91
N GLU F 3883 24.47 -34.57 25.45
CA GLU F 3883 23.47 -35.62 25.59
C GLU F 3883 22.39 -35.21 26.58
N GLY F 3884 21.23 -35.83 26.45
CA GLY F 3884 20.10 -35.43 27.24
C GLY F 3884 19.46 -34.14 26.81
N HIS F 3885 19.79 -33.64 25.62
CA HIS F 3885 19.22 -32.42 25.06
C HIS F 3885 19.46 -31.23 25.99
N ASN F 3886 20.74 -30.96 26.25
CA ASN F 3886 21.15 -29.89 27.14
C ASN F 3886 21.36 -28.64 26.29
N ASN F 3887 20.29 -27.86 26.13
CA ASN F 3887 20.29 -26.76 25.18
C ASN F 3887 21.35 -25.72 25.51
N ASP F 3888 21.65 -25.54 26.79
CA ASP F 3888 22.67 -24.56 27.18
C ASP F 3888 24.04 -24.96 26.63
N PHE F 3889 24.41 -26.23 26.80
CA PHE F 3889 25.71 -26.67 26.29
C PHE F 3889 25.72 -26.72 24.78
N GLN F 3890 24.57 -27.00 24.15
CA GLN F 3890 24.50 -27.00 22.70
C GLN F 3890 24.77 -25.60 22.15
N ASN F 3891 24.12 -24.60 22.72
CA ASN F 3891 24.38 -23.23 22.31
C ASN F 3891 25.80 -22.81 22.64
N TYR F 3892 26.35 -23.30 23.76
CA TYR F 3892 27.73 -23.00 24.11
C TYR F 3892 28.69 -23.54 23.06
N LEU F 3893 28.45 -24.76 22.59
CA LEU F 3893 29.31 -25.33 21.56
C LEU F 3893 29.23 -24.52 20.27
N ARG F 3894 28.03 -24.01 19.93
CA ARG F 3894 27.94 -23.22 18.71
C ARG F 3894 28.70 -21.90 18.86
N THR F 3895 28.29 -21.07 19.81
CA THR F 3895 28.99 -19.82 20.09
C THR F 3895 29.14 -19.66 21.60
N GLN F 3896 30.33 -19.27 22.04
CA GLN F 3896 30.62 -19.07 23.45
C GLN F 3896 30.65 -17.56 23.69
N THR F 3897 29.48 -16.99 23.95
CA THR F 3897 29.42 -15.59 24.32
C THR F 3897 29.99 -15.39 25.72
N GLY F 3898 30.67 -14.27 25.92
CA GLY F 3898 31.38 -14.03 27.16
C GLY F 3898 32.87 -14.11 26.97
N ASN F 3899 33.32 -15.09 26.19
CA ASN F 3899 34.73 -15.17 25.86
C ASN F 3899 35.07 -14.17 24.76
N THR F 3900 36.36 -13.90 24.62
CA THR F 3900 36.82 -12.99 23.58
C THR F 3900 36.79 -13.62 22.20
N THR F 3901 36.99 -14.93 22.11
CA THR F 3901 37.07 -15.63 20.84
C THR F 3901 36.09 -16.80 20.85
N THR F 3902 35.41 -17.00 19.72
CA THR F 3902 34.42 -18.06 19.59
C THR F 3902 34.88 -19.09 18.57
N ILE F 3903 34.78 -20.37 18.94
CA ILE F 3903 35.13 -21.48 18.08
C ILE F 3903 33.89 -22.31 17.86
N ASN F 3904 33.44 -22.41 16.62
CA ASN F 3904 32.19 -23.11 16.31
C ASN F 3904 32.50 -24.59 16.16
N ILE F 3905 32.35 -25.32 17.26
CA ILE F 3905 32.67 -26.75 17.27
C ILE F 3905 31.76 -27.52 16.33
N ILE F 3906 30.52 -27.07 16.15
CA ILE F 3906 29.61 -27.76 15.24
C ILE F 3906 30.14 -27.72 13.81
N ILE F 3907 30.54 -26.52 13.36
CA ILE F 3907 31.07 -26.38 12.01
C ILE F 3907 32.38 -27.13 11.87
N CYS F 3908 33.22 -27.12 12.90
CA CYS F 3908 34.47 -27.87 12.85
C CYS F 3908 34.21 -29.37 12.73
N THR F 3909 33.19 -29.87 13.44
CA THR F 3909 32.82 -31.27 13.30
C THR F 3909 32.36 -31.59 11.89
N VAL F 3910 31.59 -30.68 11.29
CA VAL F 3910 31.16 -30.88 9.92
C VAL F 3910 32.36 -30.95 8.99
N ASP F 3911 33.36 -30.11 9.23
CA ASP F 3911 34.56 -30.13 8.40
C ASP F 3911 35.30 -31.45 8.51
N TYR F 3912 35.43 -31.98 9.72
CA TYR F 3912 36.05 -33.30 9.85
C TYR F 3912 35.24 -34.36 9.12
N LEU F 3913 33.91 -34.26 9.20
CA LEU F 3913 33.07 -35.21 8.49
C LEU F 3913 33.30 -35.13 6.98
N LEU F 3914 33.46 -33.92 6.46
CA LEU F 3914 33.71 -33.75 5.05
C LEU F 3914 35.02 -34.40 4.65
N ARG F 3915 36.06 -34.25 5.47
CA ARG F 3915 37.33 -34.91 5.19
C ARG F 3915 37.18 -36.43 5.20
N LEU F 3916 36.45 -36.96 6.18
CA LEU F 3916 36.25 -38.40 6.25
C LEU F 3916 35.47 -38.90 5.04
N GLN F 3917 34.49 -38.12 4.59
CA GLN F 3917 33.71 -38.51 3.42
C GLN F 3917 34.60 -38.60 2.19
N GLU F 3918 35.46 -37.61 1.98
CA GLU F 3918 36.34 -37.65 0.82
C GLU F 3918 37.29 -38.84 0.90
N SER F 3919 37.80 -39.16 2.11
CA SER F 3919 38.71 -40.28 2.23
C SER F 3919 38.00 -41.60 1.96
N ILE F 3920 36.75 -41.74 2.41
CA ILE F 3920 36.01 -42.97 2.13
C ILE F 3920 35.70 -43.09 0.64
N SER F 3921 35.37 -41.98 -0.01
CA SER F 3921 35.14 -42.01 -1.45
C SER F 3921 36.40 -42.45 -2.18
N ASP F 3922 37.56 -41.92 -1.79
CA ASP F 3922 38.81 -42.32 -2.42
C ASP F 3922 39.08 -43.80 -2.21
N PHE F 3923 38.79 -44.31 -1.01
CA PHE F 3923 38.99 -45.73 -0.76
C PHE F 3923 38.07 -46.56 -1.63
N TYR F 3924 36.82 -46.12 -1.80
CA TYR F 3924 35.90 -46.86 -2.67
C TYR F 3924 36.38 -46.85 -4.10
N TRP F 3925 36.92 -45.72 -4.58
CA TRP F 3925 37.46 -45.71 -5.93
C TRP F 3925 38.65 -46.66 -6.05
N TYR F 3926 39.45 -46.77 -4.98
CA TYR F 3926 40.57 -47.70 -5.01
C TYR F 3926 40.08 -49.13 -5.21
N TYR F 3927 38.99 -49.49 -4.57
CA TYR F 3927 38.44 -50.83 -4.74
C TYR F 3927 37.38 -50.93 -5.82
N SER F 3928 37.14 -49.85 -6.56
CA SER F 3928 36.06 -49.85 -7.54
C SER F 3928 36.28 -50.89 -8.63
N GLY F 3929 37.52 -51.04 -9.10
CA GLY F 3929 37.80 -52.02 -10.13
C GLY F 3929 37.92 -53.44 -9.62
N LYS F 3930 38.35 -53.61 -8.38
CA LYS F 3930 38.54 -54.94 -7.83
C LYS F 3930 37.21 -55.66 -7.69
N ASP F 3931 37.22 -56.96 -7.95
CA ASP F 3931 36.00 -57.75 -7.83
C ASP F 3931 35.63 -57.99 -6.36
N VAL F 3932 36.60 -58.34 -5.52
CA VAL F 3932 36.34 -58.71 -4.14
C VAL F 3932 37.30 -57.93 -3.25
N ILE F 3933 36.75 -57.27 -2.23
CA ILE F 3933 37.56 -56.55 -1.26
C ILE F 3933 38.20 -57.57 -0.31
N GLU F 3934 39.52 -57.50 -0.17
CA GLU F 3934 40.23 -58.46 0.65
C GLU F 3934 40.09 -58.09 2.13
N GLU F 3935 40.74 -58.89 2.98
CA GLU F 3935 40.50 -58.82 4.41
C GLU F 3935 40.98 -57.50 5.01
N GLN F 3936 42.14 -57.00 4.56
CA GLN F 3936 42.62 -55.72 5.05
C GLN F 3936 41.71 -54.58 4.63
N GLY F 3937 41.20 -54.63 3.41
CA GLY F 3937 40.26 -53.61 2.97
C GLY F 3937 38.98 -53.63 3.78
N LYS F 3938 38.48 -54.81 4.11
CA LYS F 3938 37.30 -54.91 4.95
C LYS F 3938 37.56 -54.34 6.33
N ARG F 3939 38.72 -54.63 6.92
CA ARG F 3939 39.02 -54.08 8.24
C ARG F 3939 39.11 -52.56 8.19
N ASN F 3940 39.71 -52.02 7.13
CA ASN F 3940 39.89 -50.57 7.07
C ASN F 3940 38.56 -49.87 6.83
N PHE F 3941 37.68 -50.46 6.03
CA PHE F 3941 36.34 -49.91 5.91
C PHE F 3941 35.61 -49.98 7.25
N SER F 3942 35.81 -51.05 8.01
CA SER F 3942 35.16 -51.14 9.32
C SER F 3942 35.61 -50.01 10.23
N LYS F 3943 36.92 -49.73 10.27
CA LYS F 3943 37.42 -48.63 11.09
C LYS F 3943 36.81 -47.30 10.66
N ALA F 3944 36.89 -47.00 9.36
CA ALA F 3944 36.42 -45.70 8.88
C ALA F 3944 34.93 -45.54 9.08
N MET F 3945 34.17 -46.62 8.84
CA MET F 3945 32.73 -46.52 8.96
C MET F 3945 32.30 -46.44 10.41
N SER F 3946 33.00 -47.10 11.32
CA SER F 3946 32.68 -46.94 12.74
C SER F 3946 32.95 -45.52 13.22
N VAL F 3947 34.06 -44.93 12.78
CA VAL F 3947 34.35 -43.54 13.14
C VAL F 3947 33.30 -42.61 12.54
N ALA F 3948 32.87 -42.89 11.31
CA ALA F 3948 31.82 -42.09 10.71
C ALA F 3948 30.50 -42.24 11.45
N LYS F 3949 30.23 -43.44 11.98
CA LYS F 3949 29.04 -43.62 12.81
C LYS F 3949 29.10 -42.78 14.06
N GLN F 3950 30.25 -42.73 14.71
CA GLN F 3950 30.38 -41.91 15.91
C GLN F 3950 30.25 -40.42 15.60
N VAL F 3951 30.84 -39.98 14.49
CA VAL F 3951 30.72 -38.58 14.10
C VAL F 3951 29.28 -38.24 13.79
N PHE F 3952 28.57 -39.14 13.11
CA PHE F 3952 27.17 -38.90 12.81
C PHE F 3952 26.33 -38.83 14.07
N ASN F 3953 26.60 -39.71 15.03
CA ASN F 3953 25.85 -39.68 16.28
C ASN F 3953 26.07 -38.37 17.03
N SER F 3954 27.30 -37.87 17.05
CA SER F 3954 27.55 -36.61 17.75
C SER F 3954 26.91 -35.43 17.01
N LEU F 3955 26.96 -35.44 15.68
CA LEU F 3955 26.27 -34.40 14.93
C LEU F 3955 24.77 -34.45 15.18
N THR F 3956 24.21 -35.64 15.28
CA THR F 3956 22.81 -35.77 15.63
C THR F 3956 22.53 -35.20 17.01
N GLU F 3957 23.41 -35.50 17.98
CA GLU F 3957 23.17 -35.05 19.34
C GLU F 3957 23.32 -33.54 19.47
N TYR F 3958 24.03 -32.90 18.56
CA TYR F 3958 24.08 -31.43 18.59
C TYR F 3958 22.75 -30.78 18.25
N ILE F 3959 21.83 -31.51 17.62
CA ILE F 3959 20.59 -30.91 17.14
C ILE F 3959 19.34 -31.71 17.50
N GLN F 3960 19.46 -32.78 18.29
CA GLN F 3960 18.29 -33.59 18.58
C GLN F 3960 17.27 -32.81 19.38
N GLY F 3961 17.71 -32.18 20.46
CA GLY F 3961 16.91 -31.14 21.06
C GLY F 3961 16.72 -30.08 20.00
N PRO F 3962 15.51 -29.53 19.88
CA PRO F 3962 15.25 -28.56 18.82
C PRO F 3962 15.93 -27.23 19.08
N CYS F 3963 17.25 -27.16 18.88
CA CYS F 3963 18.01 -25.93 19.03
C CYS F 3963 18.08 -25.29 17.67
N THR F 3964 17.29 -24.24 17.47
CA THR F 3964 17.21 -23.61 16.17
C THR F 3964 18.55 -23.05 15.74
N GLY F 3965 19.38 -22.63 16.68
CA GLY F 3965 20.69 -22.11 16.32
C GLY F 3965 21.55 -23.14 15.63
N ASN F 3966 21.66 -24.34 16.20
CA ASN F 3966 22.48 -25.37 15.58
C ASN F 3966 21.83 -25.92 14.32
N GLN F 3967 20.49 -25.97 14.27
CA GLN F 3967 19.85 -26.40 13.04
C GLN F 3967 20.16 -25.46 11.89
N GLN F 3968 20.07 -24.14 12.14
CA GLN F 3968 20.43 -23.18 11.10
C GLN F 3968 21.91 -23.25 10.75
N SER F 3969 22.77 -23.44 11.75
CA SER F 3969 24.19 -23.50 11.49
C SER F 3969 24.54 -24.69 10.60
N LEU F 3970 23.94 -25.85 10.87
CA LEU F 3970 24.20 -27.00 10.02
C LEU F 3970 23.56 -26.84 8.65
N ALA F 3971 22.41 -26.16 8.57
CA ALA F 3971 21.79 -25.93 7.27
C ALA F 3971 22.68 -25.06 6.40
N HIS F 3972 23.31 -24.04 6.97
CA HIS F 3972 24.19 -23.17 6.22
C HIS F 3972 25.62 -23.68 6.11
N SER F 3973 25.96 -24.76 6.79
CA SER F 3973 27.32 -25.27 6.77
C SER F 3973 27.53 -26.10 5.50
N ARG F 3974 28.67 -26.79 5.42
CA ARG F 3974 28.98 -27.67 4.31
C ARG F 3974 28.49 -29.09 4.53
N LEU F 3975 27.46 -29.28 5.35
CA LEU F 3975 26.96 -30.61 5.63
C LEU F 3975 26.37 -31.27 4.39
N TRP F 3976 25.73 -30.49 3.53
CA TRP F 3976 25.03 -31.06 2.38
C TRP F 3976 26.00 -31.75 1.44
N ASP F 3977 27.19 -31.17 1.25
CA ASP F 3977 28.19 -31.79 0.40
C ASP F 3977 28.62 -33.13 0.96
N ALA F 3978 28.82 -33.20 2.28
CA ALA F 3978 29.21 -34.45 2.92
C ALA F 3978 28.12 -35.51 2.76
N VAL F 3979 26.86 -35.09 2.90
CA VAL F 3979 25.76 -36.03 2.77
C VAL F 3979 25.66 -36.55 1.34
N VAL F 3980 25.83 -35.67 0.35
CA VAL F 3980 25.78 -36.11 -1.05
C VAL F 3980 26.89 -37.09 -1.34
N GLY F 3981 28.10 -36.80 -0.86
CA GLY F 3981 29.19 -37.74 -1.05
C GLY F 3981 28.91 -39.09 -0.41
N PHE F 3982 28.40 -39.08 0.81
CA PHE F 3982 28.10 -40.34 1.48
C PHE F 3982 27.00 -41.10 0.76
N LEU F 3983 26.02 -40.39 0.21
CA LEU F 3983 24.97 -41.05 -0.55
C LEU F 3983 25.55 -41.75 -1.77
N HIS F 3984 26.48 -41.11 -2.47
CA HIS F 3984 27.10 -41.76 -3.62
C HIS F 3984 27.89 -43.00 -3.19
N VAL F 3985 28.66 -42.87 -2.10
CA VAL F 3985 29.46 -43.99 -1.64
C VAL F 3985 28.57 -45.18 -1.30
N PHE F 3986 27.47 -44.92 -0.60
CA PHE F 3986 26.58 -46.03 -0.26
C PHE F 3986 25.87 -46.58 -1.48
N ALA F 3987 25.44 -45.71 -2.39
CA ALA F 3987 24.70 -46.16 -3.55
C ALA F 3987 25.51 -47.12 -4.40
N HIS F 3988 26.83 -46.94 -4.43
CA HIS F 3988 27.65 -47.90 -5.18
C HIS F 3988 28.18 -49.03 -4.31
N MET F 3989 28.48 -48.76 -3.04
CA MET F 3989 29.08 -49.78 -2.19
C MET F 3989 28.08 -50.87 -1.84
N MET F 3990 26.79 -50.51 -1.75
CA MET F 3990 25.77 -51.51 -1.46
C MET F 3990 25.72 -52.57 -2.55
N MET F 3991 25.67 -52.15 -3.81
CA MET F 3991 25.68 -53.11 -4.91
C MET F 3991 26.98 -53.89 -4.94
N LYS F 3992 28.10 -53.19 -4.72
CA LYS F 3992 29.40 -53.84 -4.80
C LYS F 3992 29.53 -54.97 -3.78
N LEU F 3993 28.99 -54.77 -2.57
CA LEU F 3993 29.03 -55.84 -1.58
C LEU F 3993 27.91 -56.85 -1.78
N ALA F 3994 26.76 -56.43 -2.29
CA ALA F 3994 25.65 -57.36 -2.47
C ALA F 3994 25.93 -58.38 -3.54
N GLN F 3995 26.89 -58.12 -4.43
CA GLN F 3995 27.26 -59.10 -5.43
C GLN F 3995 28.16 -60.20 -4.88
N ASP F 3996 28.26 -60.35 -3.56
CA ASP F 3996 29.11 -61.37 -2.97
C ASP F 3996 28.58 -61.70 -1.59
N SER F 3997 28.82 -62.94 -1.15
CA SER F 3997 28.29 -63.39 0.13
C SER F 3997 29.27 -63.20 1.29
N SER F 3998 30.58 -63.30 1.03
CA SER F 3998 31.57 -63.21 2.10
C SER F 3998 31.70 -61.82 2.70
N GLN F 3999 31.08 -60.81 2.09
CA GLN F 3999 31.15 -59.44 2.56
C GLN F 3999 29.87 -59.01 3.29
N ILE F 4000 29.09 -59.98 3.77
CA ILE F 4000 27.80 -59.65 4.34
C ILE F 4000 27.94 -58.85 5.63
N GLU F 4001 29.00 -59.11 6.42
CA GLU F 4001 29.19 -58.34 7.64
C GLU F 4001 29.52 -56.89 7.33
N LEU F 4002 30.37 -56.66 6.33
CA LEU F 4002 30.66 -55.29 5.92
C LEU F 4002 29.41 -54.62 5.40
N LEU F 4003 28.56 -55.35 4.69
CA LEU F 4003 27.34 -54.74 4.20
C LEU F 4003 26.39 -54.35 5.34
N LYS F 4004 26.29 -55.21 6.37
CA LYS F 4004 25.47 -54.87 7.51
C LYS F 4004 25.96 -53.61 8.20
N GLU F 4005 27.27 -53.49 8.38
CA GLU F 4005 27.82 -52.29 9.01
C GLU F 4005 27.60 -51.07 8.14
N LEU F 4006 27.70 -51.24 6.82
CA LEU F 4006 27.45 -50.13 5.89
C LEU F 4006 26.03 -49.63 5.99
N LEU F 4007 25.07 -50.55 6.04
CA LEU F 4007 23.67 -50.16 6.15
C LEU F 4007 23.40 -49.48 7.48
N ASP F 4008 24.05 -49.94 8.55
CA ASP F 4008 23.90 -49.28 9.84
C ASP F 4008 24.37 -47.83 9.78
N LEU F 4009 25.52 -47.59 9.14
CA LEU F 4009 25.99 -46.22 8.98
C LEU F 4009 25.01 -45.37 8.19
N GLN F 4010 24.44 -45.94 7.13
CA GLN F 4010 23.46 -45.20 6.34
C GLN F 4010 22.23 -44.86 7.18
N LYS F 4011 21.81 -45.78 8.05
CA LYS F 4011 20.71 -45.49 8.95
C LYS F 4011 21.03 -44.31 9.85
N ASP F 4012 22.26 -44.24 10.37
CA ASP F 4012 22.62 -43.13 11.24
C ASP F 4012 22.63 -41.81 10.49
N MET F 4013 23.03 -41.82 9.21
CA MET F 4013 22.90 -40.59 8.43
C MET F 4013 21.45 -40.15 8.33
N VAL F 4014 20.55 -41.10 8.06
CA VAL F 4014 19.14 -40.74 7.90
C VAL F 4014 18.58 -40.22 9.21
N VAL F 4015 19.01 -40.79 10.33
CA VAL F 4015 18.56 -40.29 11.63
C VAL F 4015 19.02 -38.86 11.84
N MET F 4016 20.25 -38.54 11.43
CA MET F 4016 20.72 -37.17 11.53
C MET F 4016 19.87 -36.23 10.67
N LEU F 4017 19.50 -36.68 9.47
CA LEU F 4017 18.65 -35.85 8.61
C LEU F 4017 17.30 -35.61 9.27
N LEU F 4018 16.72 -36.63 9.89
CA LEU F 4018 15.45 -36.45 10.59
C LEU F 4018 15.60 -35.46 11.72
N SER F 4019 16.72 -35.50 12.44
CA SER F 4019 16.94 -34.56 13.52
C SER F 4019 17.04 -33.14 13.00
N LEU F 4020 17.66 -32.94 11.83
CA LEU F 4020 17.60 -31.64 11.19
C LEU F 4020 16.17 -31.24 10.88
N LEU F 4021 15.35 -32.22 10.52
CA LEU F 4021 13.98 -31.96 10.14
C LEU F 4021 13.04 -31.74 11.32
N GLU F 4022 13.52 -31.93 12.55
CA GLU F 4022 12.69 -31.68 13.71
C GLU F 4022 12.22 -30.24 13.78
N GLY F 4023 11.01 -30.04 14.27
CA GLY F 4023 10.48 -28.70 14.47
C GLY F 4023 10.37 -27.90 13.20
N ASN F 4024 9.88 -28.51 12.14
CA ASN F 4024 9.86 -27.90 10.82
C ASN F 4024 8.47 -27.39 10.49
N VAL F 4025 8.40 -26.13 10.06
CA VAL F 4025 7.15 -25.60 9.54
C VAL F 4025 6.96 -26.08 8.11
N VAL F 4026 5.72 -25.94 7.61
CA VAL F 4026 5.44 -26.31 6.24
C VAL F 4026 6.19 -25.38 5.31
N ASN F 4027 6.84 -25.94 4.30
CA ASN F 4027 7.69 -25.20 3.37
C ASN F 4027 8.81 -24.48 4.11
N GLY F 4028 9.34 -25.12 5.15
CA GLY F 4028 10.50 -24.58 5.83
C GLY F 4028 11.73 -24.66 4.96
N MET F 4029 12.66 -23.73 5.20
CA MET F 4029 13.83 -23.65 4.34
C MET F 4029 14.71 -24.88 4.48
N ILE F 4030 14.73 -25.51 5.66
CA ILE F 4030 15.51 -26.74 5.83
C ILE F 4030 14.92 -27.86 4.98
N ALA F 4031 13.59 -27.98 4.97
CA ALA F 4031 12.96 -28.99 4.13
C ALA F 4031 13.23 -28.74 2.66
N ARG F 4032 13.14 -27.48 2.23
CA ARG F 4032 13.44 -27.19 0.83
C ARG F 4032 14.89 -27.50 0.49
N GLN F 4033 15.81 -27.17 1.40
CA GLN F 4033 17.22 -27.47 1.15
C GLN F 4033 17.46 -28.98 1.08
N MET F 4034 16.78 -29.75 1.92
CA MET F 4034 16.96 -31.19 1.86
C MET F 4034 16.42 -31.75 0.55
N VAL F 4035 15.32 -31.20 0.06
CA VAL F 4035 14.81 -31.63 -1.23
C VAL F 4035 15.80 -31.28 -2.34
N ASP F 4036 16.39 -30.08 -2.27
CA ASP F 4036 17.39 -29.70 -3.27
C ASP F 4036 18.59 -30.62 -3.23
N MET F 4037 19.02 -31.01 -2.03
CA MET F 4037 20.11 -31.97 -1.90
C MET F 4037 19.75 -33.31 -2.52
N LEU F 4038 18.52 -33.79 -2.26
CA LEU F 4038 18.10 -35.08 -2.80
C LEU F 4038 18.08 -35.05 -4.33
N VAL F 4039 17.53 -33.98 -4.91
CA VAL F 4039 17.47 -33.89 -6.36
C VAL F 4039 18.81 -33.56 -6.98
N GLU F 4040 19.78 -33.11 -6.18
CA GLU F 4040 21.13 -32.97 -6.72
C GLU F 4040 21.88 -34.30 -6.67
N SER F 4041 21.49 -35.18 -5.75
CA SER F 4041 22.00 -36.54 -5.70
C SER F 4041 20.96 -37.55 -6.19
N SER F 4042 20.17 -37.16 -7.20
CA SER F 4042 19.07 -37.98 -7.68
C SER F 4042 19.49 -39.40 -8.04
N SER F 4043 20.58 -39.54 -8.80
CA SER F 4043 20.96 -40.86 -9.29
C SER F 4043 21.30 -41.80 -8.15
N ASN F 4044 22.04 -41.31 -7.16
CA ASN F 4044 22.42 -42.13 -6.02
C ASN F 4044 21.19 -42.59 -5.23
N VAL F 4045 20.26 -41.67 -4.98
CA VAL F 4045 19.05 -42.04 -4.26
C VAL F 4045 18.24 -43.04 -5.06
N GLU F 4046 18.23 -42.89 -6.38
CA GLU F 4046 17.52 -43.85 -7.23
C GLU F 4046 18.14 -45.24 -7.10
N MET F 4047 19.47 -45.32 -7.06
CA MET F 4047 20.12 -46.62 -6.89
C MET F 4047 19.77 -47.23 -5.55
N ILE F 4048 19.73 -46.42 -4.49
CA ILE F 4048 19.39 -46.94 -3.17
C ILE F 4048 17.97 -47.47 -3.14
N LEU F 4049 17.03 -46.67 -3.62
CA LEU F 4049 15.63 -47.07 -3.60
C LEU F 4049 15.40 -48.31 -4.46
N LYS F 4050 16.05 -48.37 -5.62
CA LYS F 4050 15.93 -49.56 -6.45
C LYS F 4050 16.51 -50.78 -5.74
N PHE F 4051 17.61 -50.60 -5.00
CA PHE F 4051 18.20 -51.73 -4.28
C PHE F 4051 17.23 -52.27 -3.24
N PHE F 4052 16.56 -51.39 -2.50
CA PHE F 4052 15.62 -51.87 -1.50
C PHE F 4052 14.41 -52.55 -2.15
N ASP F 4053 13.77 -51.87 -3.09
CA ASP F 4053 12.53 -52.43 -3.61
C ASP F 4053 12.76 -53.63 -4.52
N MET F 4054 13.96 -53.81 -5.04
CA MET F 4054 14.24 -54.99 -5.85
C MET F 4054 14.22 -56.24 -5.00
N PHE F 4055 14.81 -56.18 -3.81
CA PHE F 4055 14.78 -57.35 -2.94
C PHE F 4055 13.42 -57.51 -2.25
N LEU F 4056 12.68 -56.43 -2.05
CA LEU F 4056 11.30 -56.59 -1.57
C LEU F 4056 10.45 -57.33 -2.60
N LYS F 4057 10.54 -56.92 -3.86
CA LYS F 4057 9.84 -57.65 -4.92
C LYS F 4057 10.37 -59.07 -5.06
N LEU F 4058 11.67 -59.27 -4.82
CA LEU F 4058 12.23 -60.62 -4.91
C LEU F 4058 11.63 -61.53 -3.84
N LYS F 4059 11.48 -61.03 -2.62
CA LYS F 4059 10.82 -61.81 -1.58
C LYS F 4059 9.38 -62.11 -1.98
N ASP F 4060 8.69 -61.13 -2.55
CA ASP F 4060 7.31 -61.36 -2.96
C ASP F 4060 7.23 -62.40 -4.07
N ILE F 4061 8.14 -62.36 -5.03
CA ILE F 4061 8.09 -63.30 -6.15
C ILE F 4061 8.45 -64.71 -5.68
N VAL F 4062 9.45 -64.83 -4.80
CA VAL F 4062 9.79 -66.13 -4.26
C VAL F 4062 8.60 -66.72 -3.51
N GLY F 4063 7.88 -65.89 -2.76
CA GLY F 4063 6.65 -66.33 -2.13
C GLY F 4063 5.54 -66.63 -3.11
N SER F 4064 5.56 -66.02 -4.29
CA SER F 4064 4.54 -66.28 -5.30
C SER F 4064 4.63 -67.72 -5.76
N GLU F 4065 3.52 -68.21 -6.32
CA GLU F 4065 3.42 -69.62 -6.63
C GLU F 4065 3.90 -69.95 -8.04
N ALA F 4066 3.90 -68.97 -8.95
CA ALA F 4066 4.45 -69.19 -10.28
C ALA F 4066 5.94 -69.51 -10.21
N PHE F 4067 6.65 -68.85 -9.30
CA PHE F 4067 8.05 -69.19 -9.11
C PHE F 4067 8.19 -70.62 -8.60
N GLN F 4068 7.27 -71.05 -7.73
CA GLN F 4068 7.25 -72.44 -7.31
C GLN F 4068 6.97 -73.37 -8.48
N ASP F 4069 6.23 -72.89 -9.48
CA ASP F 4069 6.02 -73.68 -10.69
C ASP F 4069 7.34 -73.89 -11.41
N TYR F 4070 8.13 -72.83 -11.57
CA TYR F 4070 9.40 -72.98 -12.27
C TYR F 4070 10.41 -73.80 -11.45
N VAL F 4071 10.29 -73.80 -10.13
CA VAL F 4071 11.18 -74.63 -9.31
C VAL F 4071 10.82 -76.09 -9.52
N THR F 4072 11.83 -76.91 -9.82
CA THR F 4072 11.60 -78.32 -10.15
C THR F 4072 12.51 -79.29 -9.41
N ASP F 4073 13.68 -78.86 -8.94
CA ASP F 4073 14.58 -79.79 -8.27
C ASP F 4073 13.98 -80.25 -6.94
N PRO F 4074 14.08 -81.54 -6.61
CA PRO F 4074 13.46 -82.04 -5.36
C PRO F 4074 14.03 -81.43 -4.10
N ARG F 4075 15.32 -81.10 -4.07
CA ARG F 4075 15.98 -80.66 -2.84
C ARG F 4075 15.90 -79.15 -2.63
N GLY F 4076 14.88 -78.51 -3.20
CA GLY F 4076 14.89 -77.06 -3.27
C GLY F 4076 15.70 -76.61 -4.47
N LEU F 4077 16.26 -75.40 -4.37
CA LEU F 4077 17.21 -74.86 -5.33
C LEU F 4077 16.54 -74.60 -6.69
N ILE F 4078 17.27 -73.97 -7.60
CA ILE F 4078 16.75 -73.67 -8.93
C ILE F 4078 17.92 -73.35 -9.83
N SER F 4079 17.87 -73.85 -11.07
CA SER F 4079 18.92 -73.56 -12.02
C SER F 4079 18.94 -72.08 -12.36
N LYS F 4080 20.12 -71.58 -12.74
CA LYS F 4080 20.25 -70.17 -13.07
C LYS F 4080 19.41 -69.81 -14.30
N LYS F 4081 19.35 -70.72 -15.28
CA LYS F 4081 18.50 -70.47 -16.44
C LYS F 4081 17.03 -70.43 -16.06
N ASP F 4082 16.60 -71.35 -15.19
CA ASP F 4082 15.21 -71.34 -14.72
C ASP F 4082 14.90 -70.06 -13.96
N PHE F 4083 15.84 -69.61 -13.12
CA PHE F 4083 15.69 -68.33 -12.45
C PHE F 4083 15.51 -67.20 -13.43
N GLN F 4084 16.34 -67.18 -14.48
CA GLN F 4084 16.28 -66.10 -15.46
C GLN F 4084 14.90 -66.06 -16.12
N LYS F 4085 14.42 -67.21 -16.61
CA LYS F 4085 13.15 -67.17 -17.34
C LYS F 4085 11.97 -66.94 -16.42
N ALA F 4086 12.01 -67.49 -15.20
CA ALA F 4086 10.90 -67.28 -14.27
C ALA F 4086 10.78 -65.82 -13.88
N MET F 4087 11.89 -65.21 -13.47
CA MET F 4087 11.87 -63.82 -13.10
C MET F 4087 11.67 -62.90 -14.30
N ASP F 4088 11.87 -63.41 -15.51
CA ASP F 4088 11.47 -62.66 -16.69
C ASP F 4088 9.97 -62.76 -16.92
N SER F 4089 9.38 -63.93 -16.65
CA SER F 4089 7.96 -64.11 -16.87
C SER F 4089 7.12 -63.30 -15.89
N GLN F 4090 7.63 -63.07 -14.68
CA GLN F 4090 6.93 -62.17 -13.77
C GLN F 4090 6.86 -60.75 -14.31
N LYS F 4091 7.76 -60.37 -15.23
CA LYS F 4091 7.70 -59.10 -15.95
C LYS F 4091 7.68 -57.91 -15.01
N GLN F 4092 8.48 -57.97 -13.96
CA GLN F 4092 8.65 -56.83 -13.05
C GLN F 4092 10.07 -56.29 -13.04
N PHE F 4093 11.05 -57.06 -13.45
CA PHE F 4093 12.43 -56.61 -13.51
C PHE F 4093 12.89 -56.52 -14.96
N THR F 4094 13.69 -55.51 -15.26
CA THR F 4094 14.27 -55.39 -16.58
C THR F 4094 15.48 -56.32 -16.71
N GLY F 4095 16.10 -56.30 -17.87
CA GLY F 4095 17.28 -57.11 -18.13
C GLY F 4095 18.46 -56.84 -17.21
N PRO F 4096 18.85 -55.57 -17.05
CA PRO F 4096 19.94 -55.27 -16.12
C PRO F 4096 19.67 -55.71 -14.70
N GLU F 4097 18.47 -55.46 -14.18
CA GLU F 4097 18.17 -55.91 -12.83
C GLU F 4097 18.12 -57.43 -12.74
N ILE F 4098 17.72 -58.08 -13.82
CA ILE F 4098 17.71 -59.54 -13.84
C ILE F 4098 19.13 -60.07 -13.70
N GLN F 4099 20.05 -59.50 -14.47
CA GLN F 4099 21.45 -59.93 -14.39
C GLN F 4099 22.06 -59.57 -13.04
N PHE F 4100 21.64 -58.44 -12.46
CA PHE F 4100 22.15 -58.05 -11.16
C PHE F 4100 21.69 -59.01 -10.08
N LEU F 4101 20.44 -59.46 -10.15
CA LEU F 4101 19.98 -60.47 -9.20
C LEU F 4101 20.72 -61.79 -9.40
N LEU F 4102 20.98 -62.16 -10.65
CA LEU F 4102 21.78 -63.36 -10.89
C LEU F 4102 23.16 -63.23 -10.28
N SER F 4103 23.77 -62.05 -10.40
CA SER F 4103 25.07 -61.81 -9.79
C SER F 4103 24.99 -61.89 -8.27
N CYS F 4104 23.98 -61.27 -7.68
CA CYS F 4104 23.84 -61.26 -6.23
C CYS F 4104 23.45 -62.61 -5.66
N SER F 4105 22.97 -63.53 -6.50
CA SER F 4105 22.64 -64.85 -6.01
C SER F 4105 23.89 -65.57 -5.55
N GLU F 4106 23.70 -66.60 -4.73
CA GLU F 4106 24.84 -67.37 -4.26
C GLU F 4106 25.55 -68.06 -5.40
N ALA F 4107 24.79 -68.56 -6.38
CA ALA F 4107 25.34 -69.21 -7.57
C ALA F 4107 26.27 -70.36 -7.18
N ASP F 4108 25.76 -71.25 -6.34
CA ASP F 4108 26.48 -72.46 -5.98
C ASP F 4108 26.76 -73.26 -7.26
N GLU F 4109 27.91 -73.92 -7.29
CA GLU F 4109 28.35 -74.69 -8.44
C GLU F 4109 27.23 -75.60 -8.96
N ASN F 4110 27.21 -75.79 -10.28
CA ASN F 4110 26.10 -76.34 -11.06
C ASN F 4110 24.93 -75.38 -11.15
N GLU F 4111 25.18 -74.09 -10.92
CA GLU F 4111 24.19 -73.03 -11.07
C GLU F 4111 22.96 -73.28 -10.20
N MET F 4112 23.18 -73.75 -8.98
CA MET F 4112 22.11 -74.01 -8.03
C MET F 4112 21.97 -72.81 -7.10
N ILE F 4113 20.78 -72.22 -7.07
CA ILE F 4113 20.50 -71.06 -6.25
C ILE F 4113 19.46 -71.44 -5.21
N ASN F 4114 19.83 -71.35 -3.94
CA ASN F 4114 18.87 -71.58 -2.86
C ASN F 4114 18.05 -70.31 -2.71
N PHE F 4115 16.88 -70.29 -3.36
CA PHE F 4115 16.12 -69.04 -3.45
C PHE F 4115 15.60 -68.59 -2.09
N GLU F 4116 15.33 -69.51 -1.17
CA GLU F 4116 14.83 -69.12 0.14
C GLU F 4116 15.87 -68.30 0.90
N GLU F 4117 17.08 -68.82 1.04
CA GLU F 4117 18.13 -68.10 1.71
C GLU F 4117 18.54 -66.86 0.92
N PHE F 4118 18.49 -66.94 -0.41
CA PHE F 4118 18.78 -65.77 -1.23
C PHE F 4118 17.79 -64.64 -0.94
N ALA F 4119 16.51 -64.97 -0.81
CA ALA F 4119 15.52 -63.94 -0.54
C ALA F 4119 15.67 -63.38 0.87
N ASN F 4120 16.06 -64.21 1.83
CA ASN F 4120 16.15 -63.76 3.21
C ASN F 4120 17.50 -63.17 3.58
N ARG F 4121 18.48 -63.16 2.67
CA ARG F 4121 19.79 -62.60 3.00
C ARG F 4121 19.71 -61.11 3.30
N PHE F 4122 18.95 -60.37 2.51
CA PHE F 4122 18.89 -58.92 2.62
C PHE F 4122 17.57 -58.44 3.18
N GLN F 4123 16.94 -59.22 4.04
CA GLN F 4123 15.66 -58.80 4.60
C GLN F 4123 15.85 -58.10 5.94
N GLU F 4124 16.65 -58.70 6.82
CA GLU F 4124 16.85 -58.13 8.15
C GLU F 4124 17.85 -56.97 8.17
N PRO F 4125 19.05 -57.10 7.58
CA PRO F 4125 19.99 -55.97 7.64
C PRO F 4125 19.47 -54.69 6.99
N ALA F 4126 18.67 -54.80 5.95
CA ALA F 4126 18.20 -53.62 5.23
C ALA F 4126 16.89 -53.08 5.77
N ARG F 4127 16.34 -53.68 6.83
CA ARG F 4127 15.05 -53.23 7.34
C ARG F 4127 15.16 -51.89 8.05
N ASP F 4128 16.17 -51.74 8.91
CA ASP F 4128 16.27 -50.51 9.71
C ASP F 4128 16.52 -49.29 8.84
N ILE F 4129 17.39 -49.42 7.84
CA ILE F 4129 17.63 -48.30 6.93
C ILE F 4129 16.42 -48.05 6.04
N GLY F 4130 15.77 -49.12 5.60
CA GLY F 4130 14.61 -48.96 4.73
C GLY F 4130 13.48 -48.21 5.41
N PHE F 4131 13.21 -48.54 6.67
CA PHE F 4131 12.16 -47.85 7.40
C PHE F 4131 12.48 -46.37 7.57
N ASN F 4132 13.73 -46.05 7.90
CA ASN F 4132 14.08 -44.64 8.09
C ASN F 4132 14.06 -43.88 6.77
N VAL F 4133 14.36 -44.55 5.66
CA VAL F 4133 14.21 -43.91 4.37
C VAL F 4133 12.75 -43.61 4.10
N ALA F 4134 11.87 -44.56 4.43
CA ALA F 4134 10.43 -44.33 4.28
C ALA F 4134 9.98 -43.16 5.13
N VAL F 4135 10.46 -43.09 6.38
CA VAL F 4135 10.08 -42.00 7.27
C VAL F 4135 10.57 -40.67 6.73
N LEU F 4136 11.81 -40.65 6.21
CA LEU F 4136 12.37 -39.41 5.67
C LEU F 4136 11.54 -38.92 4.48
N LEU F 4137 11.19 -39.82 3.57
CA LEU F 4137 10.45 -39.39 2.39
C LEU F 4137 9.03 -38.99 2.76
N THR F 4138 8.40 -39.68 3.71
CA THR F 4138 7.08 -39.28 4.15
C THR F 4138 7.12 -37.92 4.83
N ASN F 4139 8.11 -37.69 5.69
CA ASN F 4139 8.23 -36.41 6.39
C ASN F 4139 8.43 -35.28 5.40
N LEU F 4140 9.29 -35.48 4.40
CA LEU F 4140 9.48 -34.46 3.39
C LEU F 4140 8.22 -34.25 2.57
N SER F 4141 7.54 -35.33 2.18
CA SER F 4141 6.38 -35.19 1.30
C SER F 4141 5.23 -34.50 2.02
N GLU F 4142 5.16 -34.61 3.33
CA GLU F 4142 4.09 -33.95 4.06
C GLU F 4142 4.46 -32.57 4.57
N HIS F 4143 5.74 -32.23 4.63
CA HIS F 4143 6.12 -30.90 5.08
C HIS F 4143 6.50 -29.95 3.97
N VAL F 4144 6.77 -30.43 2.77
CA VAL F 4144 6.85 -29.55 1.61
C VAL F 4144 6.03 -30.17 0.48
N PRO F 4145 4.72 -29.99 0.51
CA PRO F 4145 3.87 -30.56 -0.54
C PRO F 4145 3.87 -29.65 -1.77
N HIS F 4146 3.20 -30.12 -2.82
CA HIS F 4146 3.14 -29.41 -4.10
C HIS F 4146 4.54 -29.17 -4.67
N ASP F 4147 5.44 -30.12 -4.45
CA ASP F 4147 6.80 -30.00 -4.96
C ASP F 4147 6.96 -30.87 -6.19
N PRO F 4148 7.26 -30.29 -7.35
CA PRO F 4148 7.39 -31.09 -8.57
C PRO F 4148 8.48 -32.14 -8.49
N ARG F 4149 9.56 -31.86 -7.78
CA ARG F 4149 10.69 -32.78 -7.76
C ARG F 4149 10.45 -33.99 -6.88
N LEU F 4150 9.77 -33.81 -5.75
CA LEU F 4150 9.70 -34.86 -4.75
C LEU F 4150 8.73 -35.98 -5.12
N ARG F 4151 7.74 -35.70 -5.97
CA ARG F 4151 6.81 -36.75 -6.35
C ARG F 4151 7.52 -37.86 -7.13
N ASN F 4152 8.60 -37.51 -7.84
CA ASN F 4152 9.37 -38.52 -8.55
C ASN F 4152 9.97 -39.52 -7.57
N PHE F 4153 10.56 -39.03 -6.48
CA PHE F 4153 11.11 -39.93 -5.47
C PHE F 4153 10.02 -40.74 -4.81
N LEU F 4154 8.86 -40.13 -4.56
CA LEU F 4154 7.75 -40.85 -3.95
C LEU F 4154 7.32 -42.01 -4.83
N GLU F 4155 7.20 -41.77 -6.13
CA GLU F 4155 6.80 -42.82 -7.05
C GLU F 4155 7.87 -43.90 -7.17
N LEU F 4156 9.15 -43.50 -7.13
CA LEU F 4156 10.21 -44.51 -7.19
C LEU F 4156 10.26 -45.35 -5.93
N ALA F 4157 9.90 -44.77 -4.78
CA ALA F 4157 9.90 -45.48 -3.51
C ALA F 4157 8.52 -45.96 -3.12
N GLU F 4158 7.61 -46.10 -4.07
CA GLU F 4158 6.26 -46.57 -3.77
C GLU F 4158 6.27 -47.95 -3.10
N SER F 4159 7.17 -48.83 -3.53
CA SER F 4159 7.19 -50.17 -2.96
C SER F 4159 7.62 -50.14 -1.50
N ILE F 4160 8.60 -49.30 -1.16
CA ILE F 4160 9.07 -49.21 0.22
C ILE F 4160 7.95 -48.69 1.11
N LEU F 4161 7.28 -47.63 0.67
CA LEU F 4161 6.21 -47.04 1.48
C LEU F 4161 5.06 -47.99 1.65
N GLU F 4162 4.73 -48.76 0.62
CA GLU F 4162 3.64 -49.72 0.75
C GLU F 4162 4.03 -50.87 1.66
N TYR F 4163 5.29 -51.28 1.67
CA TYR F 4163 5.69 -52.35 2.58
C TYR F 4163 5.68 -51.87 4.02
N PHE F 4164 6.17 -50.65 4.26
CA PHE F 4164 6.23 -50.10 5.61
C PHE F 4164 5.02 -49.26 5.95
N ARG F 4165 3.92 -49.42 5.21
CA ARG F 4165 2.69 -48.74 5.57
C ARG F 4165 2.16 -49.17 6.94
N PRO F 4166 2.10 -50.44 7.30
CA PRO F 4166 1.62 -50.77 8.65
C PRO F 4166 2.52 -50.26 9.77
N TYR F 4167 3.84 -50.30 9.57
CA TYR F 4167 4.74 -50.02 10.68
C TYR F 4167 5.02 -48.54 10.88
N LEU F 4168 4.62 -47.68 9.95
CA LEU F 4168 4.85 -46.25 10.07
C LEU F 4168 3.66 -45.63 10.80
N GLY F 4169 3.90 -45.14 12.02
CA GLY F 4169 2.87 -44.50 12.80
C GLY F 4169 3.16 -43.02 12.95
N ARG F 4170 2.17 -42.21 12.59
CA ARG F 4170 2.29 -40.76 12.69
C ARG F 4170 1.25 -40.26 13.68
N ILE F 4171 1.68 -39.41 14.60
CA ILE F 4171 0.80 -38.75 15.56
C ILE F 4171 1.09 -37.26 15.51
N GLU F 4172 0.30 -36.49 16.25
CA GLU F 4172 0.53 -35.05 16.34
C GLU F 4172 0.53 -34.63 17.79
N ILE F 4173 1.53 -33.86 18.19
CA ILE F 4173 1.63 -33.38 19.55
C ILE F 4173 1.63 -31.87 19.55
N MET F 4174 1.26 -31.31 20.70
CA MET F 4174 1.18 -29.86 20.83
C MET F 4174 2.55 -29.22 20.81
N GLY F 4175 3.53 -29.86 21.44
CA GLY F 4175 4.92 -29.42 21.34
C GLY F 4175 5.15 -28.08 22.02
N ALA F 4176 6.37 -27.61 21.90
CA ALA F 4176 6.72 -26.30 22.42
C ALA F 4176 6.20 -25.21 21.49
N SER F 4177 5.98 -24.02 22.05
CA SER F 4177 5.48 -22.85 21.35
C SER F 4177 4.07 -23.06 20.79
N ARG F 4178 3.37 -24.09 21.27
CA ARG F 4178 1.99 -24.38 20.88
C ARG F 4178 1.84 -24.53 19.38
N ARG F 4179 2.80 -25.18 18.74
CA ARG F 4179 2.72 -25.52 17.33
C ARG F 4179 2.53 -27.02 17.20
N ILE F 4180 1.45 -27.44 16.56
CA ILE F 4180 1.22 -28.86 16.36
C ILE F 4180 2.33 -29.42 15.47
N GLU F 4181 3.02 -30.43 15.96
CA GLU F 4181 4.09 -31.09 15.22
C GLU F 4181 3.73 -32.54 14.99
N ARG F 4182 4.11 -33.06 13.83
CA ARG F 4182 3.85 -34.45 13.53
C ARG F 4182 5.07 -35.29 13.86
N ILE F 4183 4.84 -36.44 14.49
CA ILE F 4183 5.89 -37.34 14.93
C ILE F 4183 5.70 -38.67 14.23
N TYR F 4184 6.78 -39.20 13.65
CA TYR F 4184 6.77 -40.48 12.98
C TYR F 4184 7.59 -41.47 13.78
N PHE F 4185 7.15 -42.72 13.82
CA PHE F 4185 7.84 -43.74 14.59
C PHE F 4185 7.44 -45.12 14.08
N GLU F 4186 8.00 -46.15 14.70
CA GLU F 4186 7.82 -47.52 14.27
C GLU F 4186 6.92 -48.27 15.24
N ILE F 4187 5.93 -48.96 14.71
CA ILE F 4187 5.17 -49.95 15.47
C ILE F 4187 5.70 -51.32 15.10
N SER F 4188 6.16 -52.07 16.09
CA SER F 4188 6.63 -53.41 15.82
C SER F 4188 5.46 -54.32 15.47
N GLU F 4189 5.78 -55.40 14.76
CA GLU F 4189 4.75 -56.35 14.37
C GLU F 4189 4.08 -56.97 15.58
N THR F 4190 4.85 -57.24 16.64
CA THR F 4190 4.26 -57.79 17.85
C THR F 4190 3.28 -56.82 18.48
N ASN F 4191 3.61 -55.54 18.52
CA ASN F 4191 2.71 -54.55 19.09
C ASN F 4191 1.42 -54.46 18.29
N ARG F 4192 1.52 -54.41 16.96
CA ARG F 4192 0.32 -54.31 16.15
C ARG F 4192 -0.53 -55.56 16.27
N ALA F 4193 0.09 -56.74 16.30
CA ALA F 4193 -0.69 -57.97 16.41
C ALA F 4193 -1.42 -58.03 17.74
N GLN F 4194 -0.71 -57.79 18.83
CA GLN F 4194 -1.34 -57.87 20.15
C GLN F 4194 -2.39 -56.80 20.33
N TRP F 4195 -2.25 -55.65 19.65
CA TRP F 4195 -3.29 -54.64 19.73
C TRP F 4195 -4.51 -55.03 18.92
N GLU F 4196 -4.34 -55.72 17.80
CA GLU F 4196 -5.48 -56.16 17.03
C GLU F 4196 -6.09 -57.45 17.56
N MET F 4197 -5.53 -58.02 18.62
CA MET F 4197 -6.13 -59.17 19.27
C MET F 4197 -7.55 -58.81 19.74
N PRO F 4198 -8.53 -59.70 19.54
CA PRO F 4198 -9.94 -59.30 19.75
C PRO F 4198 -10.30 -58.89 21.17
N GLN F 4199 -9.65 -59.46 22.19
CA GLN F 4199 -9.95 -59.03 23.56
C GLN F 4199 -9.61 -57.57 23.76
N VAL F 4200 -8.50 -57.12 23.19
CA VAL F 4200 -8.14 -55.71 23.27
C VAL F 4200 -9.13 -54.86 22.49
N LYS F 4201 -9.65 -55.37 21.38
CA LYS F 4201 -10.70 -54.65 20.66
C LYS F 4201 -11.94 -54.46 21.53
N GLU F 4202 -12.35 -55.51 22.25
CA GLU F 4202 -13.49 -55.39 23.14
C GLU F 4202 -13.21 -54.38 24.25
N SER F 4203 -12.00 -54.43 24.82
CA SER F 4203 -11.65 -53.47 25.86
C SER F 4203 -11.66 -52.05 25.34
N LYS F 4204 -11.20 -51.84 24.10
CA LYS F 4204 -11.21 -50.51 23.51
C LYS F 4204 -12.63 -50.00 23.33
N ARG F 4205 -13.54 -50.85 22.83
CA ARG F 4205 -14.92 -50.39 22.67
C ARG F 4205 -15.56 -50.09 24.02
N GLN F 4206 -15.29 -50.91 25.03
CA GLN F 4206 -15.82 -50.64 26.35
C GLN F 4206 -15.31 -49.32 26.89
N PHE F 4207 -14.01 -49.05 26.73
CA PHE F 4207 -13.45 -47.80 27.21
C PHE F 4207 -14.05 -46.61 26.48
N ILE F 4208 -14.26 -46.75 25.17
CA ILE F 4208 -14.81 -45.65 24.39
C ILE F 4208 -16.21 -45.33 24.85
N PHE F 4209 -17.01 -46.36 25.10
CA PHE F 4209 -18.35 -46.12 25.65
C PHE F 4209 -18.27 -45.44 27.01
N ASP F 4210 -17.36 -45.89 27.88
CA ASP F 4210 -17.26 -45.30 29.20
C ASP F 4210 -16.89 -43.83 29.13
N VAL F 4211 -16.02 -43.46 28.20
CA VAL F 4211 -15.62 -42.06 28.11
C VAL F 4211 -16.75 -41.21 27.55
N VAL F 4212 -17.30 -41.62 26.40
CA VAL F 4212 -18.27 -40.75 25.73
C VAL F 4212 -19.58 -40.67 26.50
N ASN F 4213 -20.01 -41.79 27.06
CA ASN F 4213 -21.32 -41.81 27.71
C ASN F 4213 -21.26 -41.30 29.14
N GLU F 4214 -20.40 -41.88 29.97
CA GLU F 4214 -20.39 -41.56 31.39
C GLU F 4214 -19.90 -40.14 31.67
N GLY F 4215 -19.38 -39.44 30.67
CA GLY F 4215 -19.01 -38.05 30.83
C GLY F 4215 -17.54 -37.88 31.17
N GLY F 4216 -17.14 -36.62 31.23
CA GLY F 4216 -15.76 -36.27 31.44
C GLY F 4216 -15.15 -35.66 30.20
N GLU F 4217 -14.97 -34.34 30.22
CA GLU F 4217 -14.34 -33.63 29.12
C GLU F 4217 -12.92 -33.19 29.47
N ALA F 4218 -12.73 -32.60 30.65
CA ALA F 4218 -11.39 -32.22 31.08
C ALA F 4218 -10.55 -33.44 31.42
N GLU F 4219 -11.17 -34.48 31.97
CA GLU F 4219 -10.47 -35.69 32.35
C GLU F 4219 -10.45 -36.73 31.25
N LYS F 4220 -10.80 -36.37 30.02
CA LYS F 4220 -10.81 -37.34 28.94
C LYS F 4220 -9.42 -37.89 28.68
N MET F 4221 -8.41 -37.02 28.70
CA MET F 4221 -7.05 -37.49 28.45
C MET F 4221 -6.48 -38.23 29.65
N GLU F 4222 -6.85 -37.84 30.86
CA GLU F 4222 -6.58 -38.66 32.04
C GLU F 4222 -7.09 -40.08 31.85
N LEU F 4223 -8.34 -40.22 31.44
CA LEU F 4223 -8.92 -41.55 31.28
C LEU F 4223 -8.27 -42.29 30.12
N PHE F 4224 -7.93 -41.57 29.05
CA PHE F 4224 -7.27 -42.22 27.92
C PHE F 4224 -5.92 -42.80 28.33
N VAL F 4225 -5.11 -42.02 29.04
CA VAL F 4225 -3.78 -42.51 29.41
C VAL F 4225 -3.89 -43.64 30.43
N SER F 4226 -4.88 -43.58 31.33
CA SER F 4226 -5.11 -44.71 32.22
C SER F 4226 -5.47 -45.95 31.42
N PHE F 4227 -6.29 -45.79 30.39
CA PHE F 4227 -6.58 -46.90 29.51
C PHE F 4227 -5.32 -47.41 28.82
N CYS F 4228 -4.43 -46.49 28.45
CA CYS F 4228 -3.18 -46.90 27.84
C CYS F 4228 -2.38 -47.78 28.78
N GLU F 4229 -2.28 -47.37 30.04
CA GLU F 4229 -1.47 -48.11 31.00
C GLU F 4229 -2.00 -49.51 31.20
N ASP F 4230 -3.30 -49.65 31.49
CA ASP F 4230 -3.75 -51.00 31.79
C ASP F 4230 -3.93 -51.85 30.55
N THR F 4231 -4.09 -51.25 29.37
CA THR F 4231 -4.02 -52.04 28.15
C THR F 4231 -2.63 -52.60 27.94
N ILE F 4232 -1.60 -51.79 28.16
CA ILE F 4232 -0.23 -52.31 28.06
C ILE F 4232 -0.03 -53.46 29.03
N PHE F 4233 -0.62 -53.35 30.23
CA PHE F 4233 -0.55 -54.46 31.16
C PHE F 4233 -1.25 -55.71 30.61
N GLU F 4234 -2.41 -55.54 29.98
CA GLU F 4234 -3.10 -56.67 29.37
C GLU F 4234 -2.26 -57.36 28.33
N MET F 4235 -1.65 -56.60 27.43
CA MET F 4235 -0.85 -57.23 26.39
C MET F 4235 0.39 -57.90 26.96
N GLN F 4236 0.95 -57.35 28.04
CA GLN F 4236 2.01 -58.07 28.73
C GLN F 4236 1.51 -59.40 29.29
N ILE F 4237 0.31 -59.40 29.88
CA ILE F 4237 -0.25 -60.63 30.44
C ILE F 4237 -0.49 -61.66 29.34
N ALA F 4238 -1.05 -61.23 28.22
CA ALA F 4238 -1.32 -62.16 27.12
C ALA F 4238 -0.03 -62.72 26.54
N ALA F 4239 1.00 -61.89 26.41
CA ALA F 4239 2.29 -62.38 25.95
C ALA F 4239 2.86 -63.40 26.92
N GLN F 4240 2.66 -63.18 28.22
CA GLN F 4240 3.12 -64.16 29.22
C GLN F 4240 2.38 -65.48 29.08
N ILE F 4241 1.07 -65.44 28.90
CA ILE F 4241 0.27 -66.67 28.84
C ILE F 4241 0.26 -67.31 27.47
N SER F 4242 0.92 -66.72 26.48
CA SER F 4242 0.92 -67.27 25.13
C SER F 4242 1.57 -68.66 25.13
N GLU F 4243 1.07 -69.53 24.27
CA GLU F 4243 1.53 -70.90 24.18
C GLU F 4243 3.00 -70.99 23.77
N PHE F 4530 11.56 -83.11 39.76
CA PHE F 4530 11.06 -82.82 41.09
C PHE F 4530 10.50 -81.41 41.18
N TRP F 4531 11.26 -80.49 41.79
CA TRP F 4531 10.76 -79.14 41.99
C TRP F 4531 10.68 -78.38 40.67
N GLY F 4532 11.71 -78.48 39.84
CA GLY F 4532 11.65 -77.83 38.53
C GLY F 4532 10.56 -78.41 37.66
N GLU F 4533 10.41 -79.74 37.68
CA GLU F 4533 9.32 -80.38 36.92
C GLU F 4533 7.96 -79.90 37.41
N LEU F 4534 7.78 -79.81 38.73
CA LEU F 4534 6.53 -79.34 39.28
C LEU F 4534 6.24 -77.91 38.86
N GLU F 4535 7.25 -77.04 38.93
CA GLU F 4535 7.04 -75.64 38.57
C GLU F 4535 6.69 -75.48 37.10
N VAL F 4536 7.39 -76.20 36.21
CA VAL F 4536 7.11 -76.03 34.79
C VAL F 4536 5.76 -76.61 34.42
N GLN F 4537 5.39 -77.75 35.00
CA GLN F 4537 4.07 -78.30 34.75
C GLN F 4537 2.99 -77.38 35.31
N ARG F 4538 3.23 -76.80 36.47
CA ARG F 4538 2.25 -75.90 37.07
C ARG F 4538 2.03 -74.67 36.22
N VAL F 4539 3.11 -74.06 35.72
CA VAL F 4539 2.92 -72.85 34.92
C VAL F 4539 2.29 -73.19 33.58
N LYS F 4540 2.56 -74.37 33.03
CA LYS F 4540 1.81 -74.79 31.84
C LYS F 4540 0.32 -74.93 32.14
N PHE F 4541 -0.01 -75.51 33.29
CA PHE F 4541 -1.42 -75.68 33.66
C PHE F 4541 -2.11 -74.32 33.80
N LEU F 4542 -1.48 -73.41 34.54
CA LEU F 4542 -2.07 -72.09 34.75
C LEU F 4542 -2.20 -71.32 33.44
N ASN F 4543 -1.19 -71.41 32.57
CA ASN F 4543 -1.28 -70.71 31.30
C ASN F 4543 -2.38 -71.29 30.42
N TYR F 4544 -2.53 -72.62 30.42
CA TYR F 4544 -3.61 -73.23 29.64
C TYR F 4544 -4.97 -72.80 30.14
N LEU F 4545 -5.15 -72.78 31.46
CA LEU F 4545 -6.42 -72.30 32.02
C LEU F 4545 -6.68 -70.85 31.64
N SER F 4546 -5.64 -70.02 31.73
CA SER F 4546 -5.83 -68.60 31.44
C SER F 4546 -6.19 -68.37 29.98
N ARG F 4547 -5.56 -69.12 29.07
CA ARG F 4547 -5.93 -69.00 27.66
C ARG F 4547 -7.36 -69.45 27.43
N ASN F 4548 -7.76 -70.57 28.02
CA ASN F 4548 -9.07 -71.15 27.77
C ASN F 4548 -10.08 -70.81 28.87
N PHE F 4549 -9.96 -69.64 29.48
CA PHE F 4549 -10.91 -69.24 30.52
C PHE F 4549 -12.32 -69.12 29.96
N TYR F 4550 -12.47 -68.45 28.82
CA TYR F 4550 -13.81 -68.23 28.29
C TYR F 4550 -14.45 -69.53 27.83
N THR F 4551 -13.66 -70.42 27.22
CA THR F 4551 -14.22 -71.70 26.80
C THR F 4551 -14.63 -72.55 28.00
N LEU F 4552 -13.91 -72.43 29.12
CA LEU F 4552 -14.36 -73.12 30.32
C LEU F 4552 -15.66 -72.53 30.85
N ARG F 4553 -15.84 -71.21 30.72
CA ARG F 4553 -17.11 -70.60 31.11
C ARG F 4553 -18.26 -71.10 30.26
N PHE F 4554 -18.05 -71.18 28.94
CA PHE F 4554 -19.06 -71.74 28.06
C PHE F 4554 -19.32 -73.21 28.40
N LEU F 4555 -18.26 -73.96 28.70
CA LEU F 4555 -18.41 -75.36 29.04
C LEU F 4555 -19.23 -75.53 30.31
N ALA F 4556 -19.00 -74.68 31.31
CA ALA F 4556 -19.79 -74.75 32.53
C ALA F 4556 -21.25 -74.43 32.27
N LEU F 4557 -21.52 -73.45 31.41
CA LEU F 4557 -22.90 -73.16 31.05
C LEU F 4557 -23.56 -74.34 30.36
N PHE F 4558 -22.85 -74.97 29.43
CA PHE F 4558 -23.38 -76.11 28.72
C PHE F 4558 -23.65 -77.28 29.68
N LEU F 4559 -22.77 -77.46 30.65
CA LEU F 4559 -22.97 -78.51 31.64
C LEU F 4559 -24.16 -78.20 32.54
N ALA F 4560 -24.37 -76.94 32.88
CA ALA F 4560 -25.54 -76.59 33.68
C ALA F 4560 -26.83 -76.89 32.91
N PHE F 4561 -26.85 -76.60 31.62
CA PHE F 4561 -28.01 -76.94 30.81
C PHE F 4561 -28.22 -78.44 30.73
N ALA F 4562 -27.14 -79.20 30.58
CA ALA F 4562 -27.28 -80.65 30.50
C ALA F 4562 -27.79 -81.23 31.82
N ILE F 4563 -27.25 -80.77 32.95
CA ILE F 4563 -27.68 -81.28 34.24
C ILE F 4563 -29.15 -80.96 34.48
N ASN F 4564 -29.58 -79.75 34.13
CA ASN F 4564 -30.98 -79.40 34.35
C ASN F 4564 -31.89 -80.14 33.38
N PHE F 4565 -31.42 -80.44 32.17
CA PHE F 4565 -32.21 -81.26 31.27
C PHE F 4565 -32.40 -82.66 31.83
N ILE F 4566 -31.36 -83.20 32.48
CA ILE F 4566 -31.52 -84.48 33.18
C ILE F 4566 -32.51 -84.34 34.31
N LEU F 4567 -32.41 -83.25 35.08
CA LEU F 4567 -33.31 -83.03 36.22
C LEU F 4567 -34.75 -82.87 35.79
N LEU F 4568 -34.99 -82.56 34.52
CA LEU F 4568 -36.37 -82.48 34.03
C LEU F 4568 -37.08 -83.82 34.07
N PHE F 4569 -36.40 -84.91 34.42
CA PHE F 4569 -37.04 -86.21 34.54
C PHE F 4569 -37.20 -86.66 35.98
N TYR F 4570 -36.96 -85.78 36.95
CA TYR F 4570 -37.14 -86.16 38.34
C TYR F 4570 -38.60 -86.41 38.64
N LYS F 4571 -38.85 -87.33 39.57
CA LYS F 4571 -40.20 -87.68 39.94
C LYS F 4571 -40.21 -88.12 41.40
N VAL F 4572 -41.35 -87.99 42.05
CA VAL F 4572 -41.48 -88.34 43.46
C VAL F 4572 -42.60 -89.34 43.64
N SER F 4573 -42.35 -90.35 44.49
CA SER F 4573 -43.36 -91.31 44.88
C SER F 4573 -43.15 -91.67 46.34
N ASP F 4574 -44.23 -92.12 46.99
CA ASP F 4574 -44.10 -92.61 48.35
C ASP F 4574 -43.45 -93.97 48.41
N SER F 4575 -43.65 -94.81 47.39
CA SER F 4575 -43.02 -96.11 47.35
C SER F 4575 -41.53 -95.97 47.04
N PRO F 4576 -40.73 -96.94 47.45
CA PRO F 4576 -39.31 -96.91 47.08
C PRO F 4576 -39.15 -97.02 45.59
N PRO F 4577 -38.08 -96.41 45.03
CA PRO F 4577 -37.75 -96.39 43.60
C PRO F 4577 -37.81 -97.75 42.92
N ASN F 4616 -45.70 -91.62 54.39
CA ASN F 4616 -45.41 -90.39 55.10
C ASN F 4616 -44.06 -89.79 54.67
N MET F 4617 -43.21 -90.64 54.11
CA MET F 4617 -41.90 -90.22 53.64
C MET F 4617 -41.83 -90.41 52.14
N VAL F 4618 -41.33 -89.40 51.43
CA VAL F 4618 -41.31 -89.39 49.98
C VAL F 4618 -39.96 -89.85 49.48
N TYR F 4619 -39.91 -90.20 48.20
CA TYR F 4619 -38.71 -90.68 47.54
C TYR F 4619 -38.59 -90.01 46.19
N TYR F 4620 -37.45 -89.39 45.94
CA TYR F 4620 -37.16 -88.73 44.67
C TYR F 4620 -36.31 -89.68 43.83
N PHE F 4621 -36.82 -90.06 42.67
CA PHE F 4621 -36.06 -90.90 41.76
C PHE F 4621 -36.08 -90.30 40.37
N LEU F 4622 -34.96 -90.45 39.66
CA LEU F 4622 -34.81 -89.96 38.31
C LEU F 4622 -35.45 -90.97 37.35
N GLU F 4623 -36.77 -90.86 37.21
CA GLU F 4623 -37.51 -91.74 36.33
C GLU F 4623 -37.03 -91.58 34.89
N GLU F 4624 -36.72 -92.69 34.24
CA GLU F 4624 -36.13 -92.66 32.91
C GLU F 4624 -36.26 -94.03 32.26
N SER F 4625 -36.17 -94.03 30.93
CA SER F 4625 -36.23 -95.26 30.16
C SER F 4625 -34.88 -95.69 29.59
N THR F 4626 -33.93 -94.77 29.46
CA THR F 4626 -32.64 -95.11 28.89
C THR F 4626 -31.87 -96.09 29.77
N GLY F 4627 -31.89 -95.87 31.08
CA GLY F 4627 -31.13 -96.70 32.00
C GLY F 4627 -29.76 -96.19 32.33
N TYR F 4628 -29.30 -95.12 31.67
CA TYR F 4628 -27.98 -94.56 31.90
C TYR F 4628 -28.04 -93.17 32.51
N MET F 4629 -29.24 -92.66 32.78
CA MET F 4629 -29.38 -91.24 33.08
C MET F 4629 -28.85 -90.89 34.46
N GLU F 4630 -29.03 -91.77 35.44
CA GLU F 4630 -28.46 -91.48 36.76
C GLU F 4630 -26.94 -91.48 36.73
N PRO F 4631 -26.25 -92.46 36.10
CA PRO F 4631 -24.80 -92.33 35.97
C PRO F 4631 -24.39 -91.08 35.21
N ALA F 4632 -25.16 -90.71 34.18
CA ALA F 4632 -24.88 -89.47 33.46
C ALA F 4632 -24.97 -88.28 34.40
N LEU F 4633 -25.98 -88.25 35.26
CA LEU F 4633 -26.12 -87.14 36.20
C LEU F 4633 -24.94 -87.07 37.15
N TRP F 4634 -24.51 -88.19 37.70
CA TRP F 4634 -23.42 -88.18 38.67
C TRP F 4634 -22.11 -87.76 38.01
N CYS F 4635 -21.82 -88.30 36.83
CA CYS F 4635 -20.62 -87.91 36.10
C CYS F 4635 -20.65 -86.44 35.73
N LEU F 4636 -21.81 -85.96 35.26
CA LEU F 4636 -21.92 -84.55 34.87
C LEU F 4636 -21.79 -83.63 36.06
N SER F 4637 -22.28 -84.04 37.22
CA SER F 4637 -22.13 -83.22 38.42
C SER F 4637 -20.66 -83.07 38.80
N LEU F 4638 -19.92 -84.18 38.79
CA LEU F 4638 -18.49 -84.09 39.08
C LEU F 4638 -17.76 -83.22 38.06
N LEU F 4639 -18.07 -83.41 36.79
CA LEU F 4639 -17.42 -82.63 35.75
C LEU F 4639 -17.73 -81.15 35.91
N HIS F 4640 -18.98 -80.81 36.26
CA HIS F 4640 -19.35 -79.42 36.42
C HIS F 4640 -18.58 -78.77 37.57
N THR F 4641 -18.46 -79.46 38.70
CA THR F 4641 -17.72 -78.87 39.82
C THR F 4641 -16.26 -78.64 39.44
N LEU F 4642 -15.65 -79.60 38.75
CA LEU F 4642 -14.26 -79.44 38.37
C LEU F 4642 -14.08 -78.28 37.38
N VAL F 4643 -14.99 -78.15 36.41
CA VAL F 4643 -14.88 -77.07 35.44
C VAL F 4643 -15.05 -75.73 36.13
N ALA F 4644 -15.95 -75.64 37.11
CA ALA F 4644 -16.11 -74.40 37.84
C ALA F 4644 -14.86 -74.06 38.64
N PHE F 4645 -14.20 -75.07 39.20
CA PHE F 4645 -12.94 -74.84 39.90
C PHE F 4645 -11.88 -74.29 38.96
N LEU F 4646 -11.78 -74.88 37.77
CA LEU F 4646 -10.83 -74.36 36.79
C LEU F 4646 -11.19 -72.95 36.36
N CYS F 4647 -12.48 -72.60 36.36
CA CYS F 4647 -12.85 -71.22 36.07
C CYS F 4647 -12.36 -70.28 37.16
N ILE F 4648 -12.48 -70.69 38.43
CA ILE F 4648 -11.96 -69.86 39.53
C ILE F 4648 -10.45 -69.64 39.35
N ILE F 4649 -9.72 -70.72 39.12
CA ILE F 4649 -8.26 -70.62 39.01
C ILE F 4649 -7.87 -69.79 37.80
N GLY F 4650 -8.54 -70.02 36.66
CA GLY F 4650 -8.23 -69.25 35.48
C GLY F 4650 -8.51 -67.77 35.65
N TYR F 4651 -9.63 -67.44 36.29
CA TYR F 4651 -9.90 -66.04 36.58
C TYR F 4651 -8.83 -65.45 37.47
N ASN F 4652 -8.44 -66.18 38.52
CA ASN F 4652 -7.45 -65.67 39.46
C ASN F 4652 -6.11 -65.45 38.79
N CYS F 4653 -5.77 -66.22 37.78
CA CYS F 4653 -4.49 -66.07 37.11
C CYS F 4653 -4.57 -65.21 35.85
N LEU F 4654 -5.75 -64.79 35.43
CA LEU F 4654 -5.88 -63.99 34.22
C LEU F 4654 -6.38 -62.57 34.48
N LYS F 4655 -7.51 -62.41 35.15
CA LYS F 4655 -8.12 -61.10 35.31
C LYS F 4655 -7.79 -60.43 36.63
N VAL F 4656 -7.37 -61.19 37.64
CA VAL F 4656 -7.01 -60.58 38.93
C VAL F 4656 -5.83 -59.63 38.81
N PRO F 4657 -4.75 -59.93 38.08
CA PRO F 4657 -3.65 -58.95 37.98
C PRO F 4657 -4.08 -57.60 37.48
N LEU F 4658 -5.08 -57.51 36.60
CA LEU F 4658 -5.56 -56.19 36.21
C LEU F 4658 -6.19 -55.44 37.37
N VAL F 4659 -6.98 -56.14 38.20
CA VAL F 4659 -7.60 -55.48 39.34
C VAL F 4659 -6.55 -54.99 40.33
N ILE F 4660 -5.54 -55.82 40.58
CA ILE F 4660 -4.44 -55.40 41.45
C ILE F 4660 -3.70 -54.22 40.85
N PHE F 4661 -3.45 -54.26 39.54
CA PHE F 4661 -2.75 -53.16 38.88
C PHE F 4661 -3.53 -51.86 38.99
N LYS F 4662 -4.85 -51.92 38.78
CA LYS F 4662 -5.66 -50.72 38.91
C LYS F 4662 -5.62 -50.18 40.34
N ARG F 4663 -5.74 -51.06 41.34
CA ARG F 4663 -5.78 -50.60 42.72
C ARG F 4663 -4.46 -49.97 43.12
N GLU F 4664 -3.34 -50.60 42.77
CA GLU F 4664 -2.05 -50.06 43.15
C GLU F 4664 -1.71 -48.81 42.36
N LYS F 4665 -2.16 -48.73 41.10
CA LYS F 4665 -1.95 -47.50 40.35
C LYS F 4665 -2.67 -46.34 41.00
N GLU F 4666 -3.94 -46.55 41.38
CA GLU F 4666 -4.69 -45.48 42.03
C GLU F 4666 -4.06 -45.10 43.36
N LEU F 4667 -3.60 -46.10 44.13
CA LEU F 4667 -2.96 -45.80 45.40
C LEU F 4667 -1.68 -45.01 45.21
N ALA F 4668 -0.88 -45.36 44.20
CA ALA F 4668 0.36 -44.63 43.96
C ALA F 4668 0.10 -43.20 43.55
N ARG F 4669 -0.90 -42.97 42.68
CA ARG F 4669 -1.22 -41.61 42.29
C ARG F 4669 -1.71 -40.80 43.49
N LYS F 4670 -2.57 -41.40 44.32
CA LYS F 4670 -3.08 -40.69 45.47
C LYS F 4670 -2.00 -40.42 46.50
N LEU F 4671 -1.01 -41.31 46.62
CA LEU F 4671 0.07 -41.07 47.54
C LEU F 4671 0.99 -39.96 47.05
N GLU F 4672 1.30 -39.96 45.76
CA GLU F 4672 2.31 -39.03 45.26
C GLU F 4672 1.75 -37.64 45.01
N PHE F 4673 0.55 -37.55 44.44
CA PHE F 4673 0.00 -36.26 44.03
C PHE F 4673 -1.08 -35.74 44.94
N ASP F 4674 -1.48 -36.49 45.96
CA ASP F 4674 -2.52 -36.02 46.86
C ASP F 4674 -2.08 -36.12 48.31
N GLY F 4675 -1.19 -37.05 48.60
CA GLY F 4675 -0.79 -37.30 49.97
C GLY F 4675 -1.95 -37.75 50.82
N LEU F 4676 -2.73 -38.71 50.30
CA LEU F 4676 -3.95 -39.10 50.99
C LEU F 4676 -3.67 -39.83 52.31
N TYR F 4677 -2.45 -40.31 52.51
CA TYR F 4677 -2.06 -40.85 53.80
C TYR F 4677 -0.95 -40.06 54.44
N ILE F 4678 -0.49 -38.99 53.79
CA ILE F 4678 0.58 -38.16 54.33
C ILE F 4678 -0.02 -36.93 54.96
N THR F 4679 -0.71 -36.13 54.15
CA THR F 4679 -1.21 -34.83 54.58
C THR F 4679 -2.73 -34.76 54.71
N GLU F 4680 -3.47 -35.59 53.99
CA GLU F 4680 -4.94 -35.51 54.00
C GLU F 4680 -5.52 -36.90 54.18
N GLN F 4681 -5.72 -37.31 55.43
CA GLN F 4681 -6.22 -38.64 55.72
C GLN F 4681 -7.62 -38.83 55.13
N PRO F 4682 -7.95 -40.05 54.71
CA PRO F 4682 -9.26 -40.29 54.10
C PRO F 4682 -10.35 -40.41 55.15
N GLY F 4683 -11.59 -40.41 54.66
CA GLY F 4683 -12.74 -40.49 55.53
C GLY F 4683 -12.85 -41.85 56.21
N ASP F 4684 -13.64 -41.87 57.28
CA ASP F 4684 -13.80 -43.11 58.05
C ASP F 4684 -14.64 -44.13 57.28
N ASP F 4685 -15.69 -43.68 56.59
CA ASP F 4685 -16.56 -44.60 55.88
C ASP F 4685 -15.99 -45.05 54.54
N ASP F 4686 -14.88 -44.46 54.10
CA ASP F 4686 -14.24 -44.87 52.85
C ASP F 4686 -13.49 -46.16 53.16
N VAL F 4687 -14.16 -47.29 52.91
CA VAL F 4687 -13.59 -48.59 53.24
C VAL F 4687 -12.37 -48.86 52.39
N LYS F 4688 -12.37 -48.42 51.13
CA LYS F 4688 -11.20 -48.59 50.28
C LYS F 4688 -9.98 -47.88 50.86
N GLY F 4689 -10.14 -46.62 51.24
CA GLY F 4689 -9.03 -45.89 51.83
C GLY F 4689 -8.58 -46.48 53.16
N GLN F 4690 -9.53 -46.94 53.96
CA GLN F 4690 -9.15 -47.52 55.25
C GLN F 4690 -8.49 -48.88 55.08
N TRP F 4691 -8.82 -49.60 54.01
CA TRP F 4691 -8.22 -50.90 53.79
C TRP F 4691 -6.85 -50.80 53.14
N ASP F 4692 -6.59 -49.74 52.38
CA ASP F 4692 -5.31 -49.63 51.70
C ASP F 4692 -4.15 -49.42 52.65
N ARG F 4693 -4.39 -49.05 53.91
CA ARG F 4693 -3.29 -48.80 54.83
C ARG F 4693 -2.47 -50.05 55.10
N LEU F 4694 -3.03 -51.24 54.87
CA LEU F 4694 -2.29 -52.46 55.14
C LEU F 4694 -1.09 -52.61 54.22
N VAL F 4695 -1.19 -52.09 53.00
CA VAL F 4695 -0.19 -52.37 51.98
C VAL F 4695 0.91 -51.31 51.93
N LEU F 4696 0.78 -50.22 52.69
CA LEU F 4696 1.79 -49.16 52.62
C LEU F 4696 3.15 -49.64 53.10
N ASN F 4697 3.21 -50.24 54.29
CA ASN F 4697 4.49 -50.60 54.88
C ASN F 4697 4.99 -51.97 54.44
N THR F 4698 4.27 -52.66 53.57
CA THR F 4698 4.73 -53.95 53.08
C THR F 4698 5.93 -53.74 52.15
N PRO F 4699 6.90 -54.66 52.16
CA PRO F 4699 8.08 -54.48 51.30
C PRO F 4699 7.80 -54.67 49.83
N SER F 4700 6.65 -55.23 49.46
CA SER F 4700 6.32 -55.54 48.09
C SER F 4700 5.07 -54.80 47.62
N PHE F 4701 4.97 -53.52 48.01
CA PHE F 4701 3.80 -52.73 47.63
C PHE F 4701 3.64 -52.59 46.13
N PRO F 4702 4.62 -52.10 45.35
CA PRO F 4702 4.35 -51.87 43.93
C PRO F 4702 4.65 -53.09 43.08
N SER F 4703 3.99 -54.21 43.37
CA SER F 4703 4.07 -55.39 42.54
C SER F 4703 2.85 -55.42 41.62
N ASN F 4704 3.06 -55.93 40.40
CA ASN F 4704 2.09 -55.79 39.31
C ASN F 4704 1.82 -54.32 39.02
N TYR F 4705 2.88 -53.52 39.08
CA TYR F 4705 2.83 -52.10 38.75
C TYR F 4705 4.16 -51.75 38.11
N TRP F 4706 4.12 -50.83 37.14
CA TRP F 4706 5.30 -50.67 36.29
C TRP F 4706 6.47 -50.04 37.04
N ASP F 4707 6.23 -49.03 37.86
CA ASP F 4707 7.33 -48.47 38.63
C ASP F 4707 7.41 -49.11 40.01
N LYS F 4708 8.61 -49.13 40.56
CA LYS F 4708 8.85 -49.65 41.90
C LYS F 4708 9.43 -48.60 42.82
N PHE F 4709 9.55 -47.36 42.35
CA PHE F 4709 10.19 -46.28 43.10
C PHE F 4709 9.18 -45.26 43.59
N VAL F 4710 7.90 -45.63 43.64
CA VAL F 4710 6.89 -44.71 44.14
C VAL F 4710 7.14 -44.39 45.61
N LYS F 4711 7.67 -45.35 46.36
CA LYS F 4711 8.01 -45.09 47.75
C LYS F 4711 9.07 -44.00 47.85
N ARG F 4712 10.10 -44.10 47.01
CA ARG F 4712 11.18 -43.12 47.06
C ARG F 4712 10.71 -41.76 46.57
N LYS F 4713 9.82 -41.72 45.58
CA LYS F 4713 9.29 -40.44 45.13
C LYS F 4713 8.44 -39.77 46.21
N VAL F 4714 7.64 -40.55 46.93
CA VAL F 4714 6.86 -39.97 48.03
C VAL F 4714 7.79 -39.44 49.11
N LEU F 4715 8.84 -40.20 49.44
CA LEU F 4715 9.79 -39.75 50.45
C LEU F 4715 10.49 -38.46 50.03
N ASP F 4716 10.85 -38.35 48.75
CA ASP F 4716 11.49 -37.14 48.28
C ASP F 4716 10.52 -35.97 48.18
N LYS F 4717 9.22 -36.23 48.02
CA LYS F 4717 8.27 -35.15 47.82
C LYS F 4717 7.73 -34.61 49.15
N HIS F 4718 7.12 -35.46 49.96
CA HIS F 4718 6.52 -35.05 51.22
C HIS F 4718 7.41 -35.32 52.42
N GLY F 4719 8.64 -35.78 52.21
CA GLY F 4719 9.49 -36.11 53.34
C GLY F 4719 9.90 -34.90 54.16
N ASP F 4720 10.26 -33.81 53.49
CA ASP F 4720 10.80 -32.65 54.19
C ASP F 4720 9.75 -31.76 54.83
N ILE F 4721 8.47 -31.94 54.48
CA ILE F 4721 7.41 -31.17 55.14
C ILE F 4721 6.88 -31.92 56.34
N PHE F 4722 6.36 -33.12 56.11
CA PHE F 4722 5.65 -33.84 57.17
C PHE F 4722 6.56 -34.77 57.97
N GLY F 4723 7.80 -34.95 57.53
CA GLY F 4723 8.77 -35.68 58.33
C GLY F 4723 9.32 -36.93 57.67
N ARG F 4724 10.62 -36.93 57.38
CA ARG F 4724 11.22 -38.04 56.64
C ARG F 4724 11.16 -39.33 57.43
N GLU F 4725 11.38 -39.26 58.75
CA GLU F 4725 11.32 -40.47 59.55
C GLU F 4725 9.89 -41.01 59.61
N ARG F 4726 8.91 -40.12 59.64
CA ARG F 4726 7.52 -40.56 59.60
C ARG F 4726 7.18 -41.21 58.26
N ILE F 4727 7.73 -40.67 57.16
CA ILE F 4727 7.55 -41.29 55.86
C ILE F 4727 8.14 -42.70 55.86
N ALA F 4728 9.33 -42.85 56.43
CA ALA F 4728 9.95 -44.17 56.48
C ALA F 4728 9.12 -45.14 57.28
N GLU F 4729 8.60 -44.70 58.44
CA GLU F 4729 7.78 -45.59 59.25
C GLU F 4729 6.48 -45.95 58.54
N LEU F 4730 5.86 -44.97 57.87
CA LEU F 4730 4.59 -45.23 57.21
C LEU F 4730 4.75 -46.16 56.01
N LEU F 4731 5.83 -45.99 55.27
CA LEU F 4731 6.04 -46.77 54.05
C LEU F 4731 6.87 -48.02 54.28
N GLY F 4732 7.24 -48.33 55.52
CA GLY F 4732 8.03 -49.52 55.76
C GLY F 4732 9.40 -49.43 55.12
N MET F 4733 10.02 -48.27 55.20
CA MET F 4733 11.24 -47.95 54.49
C MET F 4733 12.40 -47.93 55.47
N ASP F 4734 13.58 -48.32 54.99
CA ASP F 4734 14.80 -48.28 55.78
C ASP F 4734 15.72 -47.26 55.13
N LEU F 4735 15.93 -46.13 55.82
CA LEU F 4735 16.63 -45.00 55.22
C LEU F 4735 18.07 -45.35 54.89
N ALA F 4736 18.77 -46.05 55.79
CA ALA F 4736 20.14 -46.45 55.50
C ALA F 4736 20.18 -47.51 54.41
N SER F 4737 19.26 -48.48 54.45
CA SER F 4737 19.30 -49.58 53.50
C SER F 4737 19.06 -49.11 52.08
N LEU F 4738 18.24 -48.08 51.89
CA LEU F 4738 18.08 -47.55 50.53
C LEU F 4738 19.39 -47.00 49.99
N GLU F 4739 20.13 -46.26 50.82
CA GLU F 4739 21.36 -45.67 50.34
C GLU F 4739 22.44 -46.73 50.14
N ILE F 4740 22.38 -47.83 50.88
CA ILE F 4740 23.37 -48.88 50.63
C ILE F 4740 23.01 -49.71 49.40
N THR F 4741 21.72 -49.92 49.13
CA THR F 4741 21.35 -50.58 47.88
C THR F 4741 21.54 -49.66 46.68
N ALA F 4742 21.66 -48.35 46.92
CA ALA F 4742 22.01 -47.43 45.83
C ALA F 4742 23.40 -47.73 45.29
N HIS F 4743 24.36 -48.02 46.17
CA HIS F 4743 25.74 -48.18 45.72
C HIS F 4743 26.17 -49.62 45.55
N ASN F 4744 25.52 -50.56 46.23
CA ASN F 4744 25.86 -51.97 46.07
C ASN F 4744 24.62 -52.81 46.32
N GLU F 4745 24.32 -53.72 45.39
CA GLU F 4745 23.09 -54.51 45.43
C GLU F 4745 23.43 -55.93 44.99
N ARG F 4746 23.80 -56.76 45.97
CA ARG F 4746 24.03 -58.18 45.70
C ARG F 4746 22.71 -58.85 45.36
N LYS F 4747 22.74 -59.73 44.36
CA LYS F 4747 21.53 -60.42 43.90
C LYS F 4747 21.78 -61.92 43.84
N PRO F 4748 21.90 -62.58 45.01
CA PRO F 4748 22.06 -64.03 45.01
C PRO F 4748 20.73 -64.76 45.12
N ASP F 4749 20.76 -66.09 45.13
CA ASP F 4749 19.59 -66.93 45.41
C ASP F 4749 20.01 -67.96 46.45
N PRO F 4750 20.03 -67.59 47.73
CA PRO F 4750 20.49 -68.51 48.78
C PRO F 4750 19.60 -69.75 48.92
N PRO F 4751 18.29 -69.63 49.17
CA PRO F 4751 17.51 -70.84 49.46
C PRO F 4751 16.96 -71.46 48.19
N PRO F 4752 17.36 -72.71 47.88
CA PRO F 4752 16.87 -73.34 46.65
C PRO F 4752 15.58 -74.14 46.84
N GLY F 4753 15.26 -74.49 48.08
CA GLY F 4753 14.20 -75.43 48.37
C GLY F 4753 12.82 -74.79 48.34
N LEU F 4754 11.86 -75.54 48.87
CA LEU F 4754 10.49 -75.05 48.98
C LEU F 4754 10.34 -74.05 50.12
N LEU F 4755 11.19 -74.16 51.15
CA LEU F 4755 11.06 -73.32 52.34
C LEU F 4755 11.18 -71.84 52.02
N THR F 4756 11.84 -71.48 50.92
CA THR F 4756 11.91 -70.08 50.54
C THR F 4756 10.53 -69.53 50.19
N TRP F 4757 9.63 -70.37 49.66
CA TRP F 4757 8.31 -69.89 49.32
C TRP F 4757 7.45 -69.69 50.57
N LEU F 4758 7.80 -70.36 51.67
CA LEU F 4758 7.15 -70.09 52.95
C LEU F 4758 7.78 -68.93 53.70
N MET F 4759 9.05 -68.63 53.43
CA MET F 4759 9.72 -67.57 54.19
C MET F 4759 9.63 -66.21 53.50
N SER F 4760 9.84 -66.15 52.20
CA SER F 4760 9.81 -64.89 51.48
C SER F 4760 8.39 -64.38 51.24
N ILE F 4761 7.37 -65.16 51.59
CA ILE F 4761 6.01 -64.70 51.41
C ILE F 4761 5.76 -63.52 52.34
N ASP F 4762 4.91 -62.61 51.89
CA ASP F 4762 4.62 -61.38 52.61
C ASP F 4762 3.18 -61.48 53.09
N VAL F 4763 3.01 -61.77 54.38
CA VAL F 4763 1.70 -62.08 54.91
C VAL F 4763 0.77 -60.89 54.81
N LYS F 4764 1.26 -59.71 55.19
CA LYS F 4764 0.40 -58.52 55.19
C LYS F 4764 -0.04 -58.17 53.78
N TYR F 4765 0.87 -58.22 52.80
CA TYR F 4765 0.49 -57.94 51.43
C TYR F 4765 -0.50 -58.97 50.92
N GLN F 4766 -0.32 -60.24 51.30
CA GLN F 4766 -1.26 -61.26 50.87
C GLN F 4766 -2.65 -61.02 51.46
N ILE F 4767 -2.71 -60.57 52.71
CA ILE F 4767 -4.00 -60.23 53.31
C ILE F 4767 -4.65 -59.09 52.55
N TRP F 4768 -3.87 -58.06 52.21
CA TRP F 4768 -4.42 -56.96 51.44
C TRP F 4768 -4.89 -57.42 50.07
N LYS F 4769 -4.11 -58.27 49.41
CA LYS F 4769 -4.49 -58.75 48.08
C LYS F 4769 -5.78 -59.54 48.15
N PHE F 4770 -5.93 -60.40 49.15
CA PHE F 4770 -7.16 -61.15 49.30
C PHE F 4770 -8.34 -60.23 49.58
N GLY F 4771 -8.11 -59.18 50.38
CA GLY F 4771 -9.17 -58.21 50.59
C GLY F 4771 -9.58 -57.51 49.32
N VAL F 4772 -8.63 -57.28 48.41
CA VAL F 4772 -8.97 -56.63 47.16
C VAL F 4772 -9.78 -57.56 46.26
N ILE F 4773 -9.38 -58.83 46.15
CA ILE F 4773 -10.08 -59.70 45.22
C ILE F 4773 -11.44 -60.11 45.76
N PHE F 4774 -11.52 -60.43 47.05
CA PHE F 4774 -12.76 -60.92 47.64
C PHE F 4774 -13.83 -59.86 47.78
N THR F 4775 -13.60 -58.63 47.32
CA THR F 4775 -14.66 -57.65 47.21
C THR F 4775 -15.04 -57.36 45.76
N ASP F 4776 -14.26 -57.84 44.81
CA ASP F 4776 -14.60 -57.66 43.40
C ASP F 4776 -15.88 -58.41 43.05
N ASN F 4777 -16.73 -57.76 42.25
CA ASN F 4777 -18.02 -58.36 41.92
C ASN F 4777 -17.86 -59.64 41.12
N SER F 4778 -16.95 -59.65 40.13
CA SER F 4778 -16.82 -60.82 39.28
C SER F 4778 -16.33 -62.03 40.06
N PHE F 4779 -15.33 -61.84 40.92
CA PHE F 4779 -14.79 -62.97 41.67
C PHE F 4779 -15.81 -63.47 42.70
N LEU F 4780 -16.61 -62.58 43.28
CA LEU F 4780 -17.66 -63.05 44.17
C LEU F 4780 -18.72 -63.84 43.43
N TYR F 4781 -19.03 -63.44 42.20
CA TYR F 4781 -19.97 -64.22 41.40
C TYR F 4781 -19.41 -65.60 41.10
N LEU F 4782 -18.13 -65.68 40.76
CA LEU F 4782 -17.54 -66.99 40.50
C LEU F 4782 -17.43 -67.83 41.78
N GLY F 4783 -17.20 -67.18 42.92
CA GLY F 4783 -17.20 -67.91 44.17
C GLY F 4783 -18.57 -68.45 44.53
N TRP F 4784 -19.61 -67.68 44.25
CA TRP F 4784 -20.96 -68.18 44.46
C TRP F 4784 -21.29 -69.29 43.48
N TYR F 4785 -20.69 -69.24 42.29
CA TYR F 4785 -20.80 -70.35 41.36
C TYR F 4785 -20.19 -71.61 41.94
N MET F 4786 -19.01 -71.49 42.56
CA MET F 4786 -18.43 -72.57 43.34
C MET F 4786 -19.38 -73.09 44.40
N VAL F 4787 -19.93 -72.19 45.21
CA VAL F 4787 -20.74 -72.62 46.35
C VAL F 4787 -21.96 -73.39 45.87
N MET F 4788 -22.61 -72.91 44.81
CA MET F 4788 -23.77 -73.62 44.29
C MET F 4788 -23.36 -74.94 43.64
N SER F 4789 -22.20 -74.99 42.99
CA SER F 4789 -21.74 -76.25 42.42
C SER F 4789 -21.49 -77.29 43.49
N LEU F 4790 -20.90 -76.88 44.61
CA LEU F 4790 -20.68 -77.82 45.70
C LEU F 4790 -22.00 -78.25 46.33
N LEU F 4791 -22.89 -77.31 46.58
CA LEU F 4791 -24.17 -77.65 47.19
C LEU F 4791 -25.04 -78.49 46.26
N GLY F 4792 -24.77 -78.47 44.97
CA GLY F 4792 -25.50 -79.34 44.06
C GLY F 4792 -25.26 -80.80 44.33
N HIS F 4793 -24.11 -81.13 44.93
CA HIS F 4793 -23.86 -82.51 45.35
C HIS F 4793 -24.70 -82.87 46.56
N TYR F 4794 -24.93 -81.92 47.46
CA TYR F 4794 -25.82 -82.16 48.58
C TYR F 4794 -27.25 -82.38 48.10
N ASN F 4795 -27.73 -81.50 47.23
CA ASN F 4795 -29.04 -81.69 46.60
C ASN F 4795 -28.92 -81.35 45.12
N ASN F 4796 -29.37 -82.28 44.27
CA ASN F 4796 -29.14 -82.12 42.84
C ASN F 4796 -29.88 -80.93 42.25
N PHE F 4797 -30.97 -80.51 42.87
CA PHE F 4797 -31.71 -79.39 42.30
C PHE F 4797 -31.02 -78.05 42.48
N PHE F 4798 -29.97 -77.98 43.31
CA PHE F 4798 -29.23 -76.74 43.44
C PHE F 4798 -28.51 -76.36 42.16
N PHE F 4799 -28.35 -77.29 41.22
CA PHE F 4799 -27.75 -76.94 39.95
C PHE F 4799 -28.66 -76.08 39.09
N ALA F 4800 -29.92 -75.90 39.47
CA ALA F 4800 -30.79 -75.02 38.71
C ALA F 4800 -30.38 -73.56 38.84
N ALA F 4801 -29.73 -73.20 39.95
CA ALA F 4801 -29.29 -71.83 40.13
C ALA F 4801 -28.23 -71.43 39.13
N HIS F 4802 -27.57 -72.39 38.49
CA HIS F 4802 -26.56 -72.08 37.50
C HIS F 4802 -27.16 -71.71 36.16
N LEU F 4803 -28.47 -71.85 36.00
CA LEU F 4803 -29.10 -71.42 34.76
C LEU F 4803 -29.05 -69.91 34.59
N LEU F 4804 -28.97 -69.18 35.71
CA LEU F 4804 -28.87 -67.72 35.66
C LEU F 4804 -27.54 -67.25 35.11
N ASP F 4805 -26.60 -68.17 34.87
CA ASP F 4805 -25.33 -67.78 34.29
C ASP F 4805 -25.48 -67.20 32.90
N ILE F 4806 -26.56 -67.54 32.18
CA ILE F 4806 -26.78 -66.95 30.86
C ILE F 4806 -26.97 -65.44 30.97
N ALA F 4807 -27.55 -64.98 32.08
CA ALA F 4807 -27.76 -63.55 32.28
C ALA F 4807 -26.45 -62.81 32.44
N MET F 4808 -25.41 -63.47 32.97
CA MET F 4808 -24.08 -62.91 32.98
C MET F 4808 -23.26 -63.39 31.81
N GLY F 4809 -23.86 -64.18 30.92
CA GLY F 4809 -23.23 -64.77 29.75
C GLY F 4809 -23.61 -63.99 28.51
N VAL F 4810 -24.63 -64.45 27.79
CA VAL F 4810 -24.95 -63.90 26.47
C VAL F 4810 -25.25 -62.42 26.57
N LYS F 4811 -24.69 -61.64 25.63
CA LYS F 4811 -24.66 -60.19 25.79
C LYS F 4811 -26.05 -59.57 25.69
N THR F 4812 -26.91 -60.10 24.83
CA THR F 4812 -28.23 -59.49 24.66
C THR F 4812 -29.07 -59.66 25.91
N LEU F 4813 -28.95 -60.79 26.61
CA LEU F 4813 -29.62 -60.91 27.89
C LEU F 4813 -29.02 -59.96 28.91
N ARG F 4814 -27.73 -59.68 28.80
CA ARG F 4814 -27.12 -58.68 29.68
C ARG F 4814 -27.74 -57.32 29.44
N THR F 4815 -28.01 -56.96 28.19
CA THR F 4815 -28.59 -55.65 27.92
C THR F 4815 -30.05 -55.58 28.36
N ILE F 4816 -30.80 -56.67 28.19
CA ILE F 4816 -32.18 -56.67 28.66
C ILE F 4816 -32.23 -56.53 30.18
N LEU F 4817 -31.40 -57.29 30.89
CA LEU F 4817 -31.33 -57.11 32.33
C LEU F 4817 -30.79 -55.74 32.70
N SER F 4818 -29.94 -55.15 31.86
CA SER F 4818 -29.45 -53.82 32.18
C SER F 4818 -30.55 -52.78 32.04
N SER F 4819 -31.47 -52.98 31.09
CA SER F 4819 -32.62 -52.09 31.04
C SER F 4819 -33.49 -52.26 32.28
N VAL F 4820 -33.68 -53.50 32.74
CA VAL F 4820 -34.49 -53.71 33.93
C VAL F 4820 -33.83 -53.08 35.15
N THR F 4821 -32.52 -53.22 35.28
CA THR F 4821 -31.80 -52.76 36.45
C THR F 4821 -31.31 -51.33 36.35
N HIS F 4822 -31.56 -50.65 35.23
CA HIS F 4822 -31.11 -49.26 35.11
C HIS F 4822 -31.87 -48.34 36.06
N ASN F 4823 -33.17 -48.60 36.25
CA ASN F 4823 -34.01 -47.82 37.14
C ASN F 4823 -34.44 -48.66 38.34
N GLY F 4824 -33.50 -49.45 38.87
CA GLY F 4824 -33.85 -50.36 39.95
C GLY F 4824 -34.29 -49.65 41.21
N LYS F 4825 -33.62 -48.56 41.55
CA LYS F 4825 -34.04 -47.80 42.72
C LYS F 4825 -35.43 -47.23 42.53
N GLN F 4826 -35.74 -46.73 41.34
CA GLN F 4826 -37.08 -46.25 41.06
C GLN F 4826 -38.11 -47.36 41.21
N LEU F 4827 -37.79 -48.56 40.71
CA LEU F 4827 -38.74 -49.67 40.84
C LEU F 4827 -38.97 -50.04 42.30
N VAL F 4828 -37.91 -50.06 43.10
CA VAL F 4828 -38.07 -50.42 44.50
C VAL F 4828 -38.90 -49.37 45.23
N MET F 4829 -38.64 -48.10 44.98
CA MET F 4829 -39.47 -47.07 45.61
C MET F 4829 -40.91 -47.10 45.12
N THR F 4830 -41.13 -47.50 43.87
CA THR F 4830 -42.49 -47.62 43.38
C THR F 4830 -43.25 -48.73 44.09
N VAL F 4831 -42.61 -49.89 44.31
CA VAL F 4831 -43.31 -50.93 45.04
C VAL F 4831 -43.43 -50.57 46.52
N GLY F 4832 -42.54 -49.73 47.04
CA GLY F 4832 -42.74 -49.21 48.39
C GLY F 4832 -43.97 -48.33 48.46
N LEU F 4833 -44.15 -47.46 47.47
CA LEU F 4833 -45.37 -46.66 47.39
C LEU F 4833 -46.58 -47.56 47.21
N LEU F 4834 -46.43 -48.67 46.49
CA LEU F 4834 -47.51 -49.62 46.37
C LEU F 4834 -47.92 -50.19 47.71
N ALA F 4835 -46.93 -50.57 48.53
CA ALA F 4835 -47.23 -51.09 49.86
C ALA F 4835 -47.91 -50.03 50.72
N VAL F 4836 -47.47 -48.78 50.61
CA VAL F 4836 -48.06 -47.71 51.41
C VAL F 4836 -49.51 -47.48 51.02
N VAL F 4837 -49.80 -47.38 49.72
CA VAL F 4837 -51.16 -47.09 49.33
C VAL F 4837 -52.08 -48.28 49.59
N VAL F 4838 -51.57 -49.50 49.45
CA VAL F 4838 -52.41 -50.66 49.75
C VAL F 4838 -52.71 -50.72 51.24
N TYR F 4839 -51.74 -50.34 52.08
CA TYR F 4839 -52.01 -50.25 53.51
C TYR F 4839 -53.01 -49.15 53.82
N LEU F 4840 -52.95 -48.04 53.09
CA LEU F 4840 -53.93 -46.97 53.28
C LEU F 4840 -55.32 -47.43 52.89
N TYR F 4841 -55.42 -48.36 51.95
CA TYR F 4841 -56.72 -48.94 51.67
C TYR F 4841 -57.11 -49.96 52.73
N THR F 4842 -56.12 -50.59 53.37
CA THR F 4842 -56.43 -51.56 54.43
C THR F 4842 -57.01 -50.88 55.65
N VAL F 4843 -56.45 -49.73 56.05
CA VAL F 4843 -56.96 -49.06 57.24
C VAL F 4843 -58.38 -48.56 57.04
N VAL F 4844 -58.80 -48.36 55.79
CA VAL F 4844 -60.15 -47.88 55.52
C VAL F 4844 -61.08 -49.02 55.12
N ALA F 4845 -60.54 -50.20 54.84
CA ALA F 4845 -61.38 -51.37 54.67
C ALA F 4845 -61.66 -52.07 55.99
N PHE F 4846 -60.74 -51.99 56.94
CA PHE F 4846 -60.94 -52.64 58.24
C PHE F 4846 -62.03 -51.90 58.99
N ASN F 4847 -61.95 -50.57 59.02
CA ASN F 4847 -62.86 -49.78 59.85
C ASN F 4847 -64.29 -49.81 59.32
N PHE F 4848 -64.47 -49.79 58.01
CA PHE F 4848 -65.80 -49.63 57.43
C PHE F 4848 -66.27 -50.89 56.72
N PHE F 4849 -65.52 -51.34 55.72
CA PHE F 4849 -65.96 -52.43 54.85
C PHE F 4849 -65.39 -53.74 55.37
N ARG F 4850 -65.84 -54.12 56.56
CA ARG F 4850 -65.25 -55.27 57.23
C ARG F 4850 -66.02 -56.55 56.95
N LYS F 4851 -67.35 -56.47 56.91
CA LYS F 4851 -68.16 -57.65 56.72
C LYS F 4851 -68.03 -58.22 55.31
N PHE F 4852 -67.59 -57.42 54.35
CA PHE F 4852 -67.57 -57.87 52.96
C PHE F 4852 -66.44 -58.86 52.68
N TYR F 4853 -65.40 -58.89 53.50
CA TYR F 4853 -64.23 -59.72 53.23
C TYR F 4853 -64.45 -61.14 53.73
N ASN F 4854 -65.46 -61.78 53.16
CA ASN F 4854 -65.80 -63.16 53.47
C ASN F 4854 -65.27 -64.06 52.37
N LYS F 4855 -64.53 -65.09 52.75
CA LYS F 4855 -63.99 -66.04 51.80
C LYS F 4855 -64.40 -67.47 52.15
N SER F 4856 -65.57 -67.62 52.77
CA SER F 4856 -66.07 -68.92 53.17
C SER F 4856 -67.52 -69.04 52.77
N GLU F 4857 -67.83 -70.02 51.92
CA GLU F 4857 -69.22 -70.34 51.61
C GLU F 4857 -69.89 -71.16 52.69
N ASP F 4858 -69.13 -71.70 53.64
CA ASP F 4858 -69.69 -72.43 54.77
C ASP F 4858 -70.16 -71.43 55.82
N GLU F 4859 -71.47 -71.23 55.90
CA GLU F 4859 -72.04 -70.25 56.83
C GLU F 4859 -71.78 -70.62 58.28
N ASP F 4860 -71.52 -71.89 58.56
CA ASP F 4860 -71.23 -72.31 59.94
C ASP F 4860 -69.93 -71.72 60.43
N GLU F 4861 -68.91 -71.67 59.57
CA GLU F 4861 -67.58 -71.19 59.93
C GLU F 4861 -67.19 -70.04 59.01
N PRO F 4862 -67.54 -68.81 59.36
CA PRO F 4862 -67.08 -67.66 58.57
C PRO F 4862 -65.58 -67.51 58.64
N ASP F 4863 -65.01 -66.97 57.57
CA ASP F 4863 -63.57 -66.83 57.40
C ASP F 4863 -63.21 -65.39 57.07
N MET F 4864 -63.68 -64.47 57.90
CA MET F 4864 -63.36 -63.04 57.76
C MET F 4864 -61.86 -62.86 57.56
N LYS F 4865 -61.49 -62.34 56.39
CA LYS F 4865 -60.09 -62.08 56.08
C LYS F 4865 -59.68 -60.66 56.40
N CYS F 4866 -60.56 -59.87 57.00
CA CYS F 4866 -60.20 -58.51 57.42
C CYS F 4866 -60.74 -58.23 58.82
N ASP F 4867 -60.59 -59.19 59.72
CA ASP F 4867 -60.86 -58.97 61.13
C ASP F 4867 -59.61 -58.64 61.91
N ASP F 4868 -58.47 -58.51 61.23
CA ASP F 4868 -57.18 -58.29 61.86
C ASP F 4868 -56.33 -57.52 60.86
N MET F 4869 -55.55 -56.56 61.35
CA MET F 4869 -54.72 -55.76 60.46
C MET F 4869 -53.77 -56.61 59.66
N MET F 4870 -53.09 -57.56 60.31
CA MET F 4870 -52.07 -58.33 59.62
C MET F 4870 -52.66 -59.14 58.49
N THR F 4871 -53.75 -59.84 58.75
CA THR F 4871 -54.32 -60.67 57.70
C THR F 4871 -55.08 -59.84 56.67
N CYS F 4872 -55.60 -58.68 57.04
CA CYS F 4872 -56.27 -57.84 56.03
C CYS F 4872 -55.27 -57.21 55.08
N TYR F 4873 -54.16 -56.70 55.62
CA TYR F 4873 -53.09 -56.18 54.78
C TYR F 4873 -52.51 -57.28 53.91
N LEU F 4874 -52.35 -58.48 54.47
CA LEU F 4874 -51.88 -59.60 53.67
C LEU F 4874 -52.88 -59.94 52.57
N PHE F 4875 -54.17 -59.91 52.88
CA PHE F 4875 -55.17 -60.18 51.85
C PHE F 4875 -55.12 -59.14 50.74
N HIS F 4876 -54.98 -57.87 51.10
CA HIS F 4876 -54.96 -56.83 50.08
C HIS F 4876 -53.72 -56.96 49.20
N MET F 4877 -52.54 -57.02 49.82
CA MET F 4877 -51.31 -57.17 49.05
C MET F 4877 -51.26 -58.45 48.22
N TYR F 4878 -51.84 -59.54 48.71
CA TYR F 4878 -51.69 -60.79 47.96
C TYR F 4878 -52.75 -60.92 46.89
N VAL F 4879 -54.01 -60.61 47.19
CA VAL F 4879 -55.08 -60.83 46.23
C VAL F 4879 -55.41 -59.57 45.44
N GLY F 4880 -55.56 -58.43 46.12
CA GLY F 4880 -56.05 -57.25 45.45
C GLY F 4880 -55.09 -56.71 44.40
N VAL F 4881 -53.79 -56.81 44.67
CA VAL F 4881 -52.82 -56.34 43.68
C VAL F 4881 -52.80 -57.27 42.48
N ARG F 4882 -52.88 -58.58 42.72
CA ARG F 4882 -52.78 -59.54 41.62
C ARG F 4882 -54.07 -59.74 40.86
N ALA F 4883 -55.19 -59.26 41.36
CA ALA F 4883 -56.45 -59.44 40.66
C ALA F 4883 -56.46 -58.63 39.37
N GLY F 4884 -57.17 -59.14 38.37
CA GLY F 4884 -57.27 -58.42 37.11
C GLY F 4884 -57.99 -57.09 37.26
N GLY F 4885 -59.12 -57.11 37.97
CA GLY F 4885 -59.73 -55.89 38.46
C GLY F 4885 -59.11 -55.52 39.78
N GLY F 4886 -59.75 -54.60 40.48
CA GLY F 4886 -59.28 -54.18 41.79
C GLY F 4886 -59.58 -55.22 42.84
N ILE F 4887 -59.80 -54.75 44.07
CA ILE F 4887 -60.28 -55.62 45.12
C ILE F 4887 -61.76 -55.94 44.97
N GLY F 4888 -62.46 -55.22 44.09
CA GLY F 4888 -63.90 -55.35 44.00
C GLY F 4888 -64.38 -56.68 43.46
N ASP F 4889 -63.52 -57.43 42.78
CA ASP F 4889 -63.91 -58.72 42.24
C ASP F 4889 -63.54 -59.88 43.16
N GLU F 4890 -62.99 -59.61 44.34
CA GLU F 4890 -62.57 -60.66 45.25
C GLU F 4890 -63.30 -60.63 46.58
N ILE F 4891 -64.28 -59.73 46.77
CA ILE F 4891 -65.00 -59.60 48.01
C ILE F 4891 -66.50 -59.67 47.71
N GLU F 4892 -67.29 -59.48 48.76
CA GLU F 4892 -68.74 -59.58 48.64
C GLU F 4892 -69.30 -58.49 47.75
N ASP F 4893 -70.37 -58.80 47.05
CA ASP F 4893 -71.06 -57.85 46.20
C ASP F 4893 -71.59 -56.70 47.03
N PRO F 4894 -71.23 -55.45 46.73
CA PRO F 4894 -71.71 -54.31 47.52
C PRO F 4894 -73.13 -53.87 47.21
N ALA F 4895 -73.82 -54.53 46.30
CA ALA F 4895 -75.19 -54.14 45.97
C ALA F 4895 -76.12 -54.43 47.13
N GLY F 4896 -77.10 -53.55 47.33
CA GLY F 4896 -78.05 -53.72 48.41
C GLY F 4896 -77.42 -53.53 49.78
N ASP F 4897 -76.92 -52.32 50.02
CA ASP F 4897 -76.27 -52.01 51.29
C ASP F 4897 -76.26 -50.50 51.47
N GLU F 4898 -76.19 -50.07 52.72
CA GLU F 4898 -76.11 -48.64 53.00
C GLU F 4898 -74.76 -48.06 52.61
N TYR F 4899 -73.75 -48.90 52.38
CA TYR F 4899 -72.43 -48.45 51.98
C TYR F 4899 -72.14 -48.78 50.51
N GLU F 4900 -73.19 -48.84 49.69
CA GLU F 4900 -73.02 -49.24 48.30
C GLU F 4900 -72.15 -48.24 47.53
N LEU F 4901 -72.49 -46.97 47.62
CA LEU F 4901 -71.74 -45.95 46.88
C LEU F 4901 -70.33 -45.82 47.44
N TYR F 4902 -70.18 -45.93 48.76
CA TYR F 4902 -68.85 -45.85 49.35
C TYR F 4902 -67.97 -46.99 48.87
N ARG F 4903 -68.51 -48.20 48.81
CA ARG F 4903 -67.71 -49.32 48.32
C ARG F 4903 -67.42 -49.21 46.83
N VAL F 4904 -68.36 -48.65 46.06
CA VAL F 4904 -68.08 -48.45 44.63
C VAL F 4904 -66.92 -47.49 44.45
N VAL F 4905 -66.92 -46.38 45.20
CA VAL F 4905 -65.80 -45.46 45.15
C VAL F 4905 -64.53 -46.16 45.59
N PHE F 4906 -64.63 -47.00 46.63
CA PHE F 4906 -63.47 -47.70 47.16
C PHE F 4906 -62.83 -48.60 46.11
N ASP F 4907 -63.63 -49.46 45.48
CA ASP F 4907 -63.09 -50.39 44.50
C ASP F 4907 -62.61 -49.67 43.25
N ILE F 4908 -63.34 -48.66 42.80
CA ILE F 4908 -62.92 -47.96 41.58
C ILE F 4908 -61.62 -47.22 41.80
N THR F 4909 -61.47 -46.56 42.94
CA THR F 4909 -60.20 -45.87 43.18
C THR F 4909 -59.06 -46.86 43.43
N PHE F 4910 -59.36 -48.01 44.03
CA PHE F 4910 -58.34 -49.04 44.16
C PHE F 4910 -57.87 -49.51 42.80
N PHE F 4911 -58.81 -49.77 41.90
CA PHE F 4911 -58.46 -50.18 40.55
C PHE F 4911 -57.70 -49.08 39.81
N PHE F 4912 -58.12 -47.83 39.98
CA PHE F 4912 -57.52 -46.75 39.22
C PHE F 4912 -56.14 -46.39 39.73
N PHE F 4913 -55.92 -46.41 41.04
CA PHE F 4913 -54.62 -46.00 41.56
C PHE F 4913 -53.65 -47.16 41.68
N VAL F 4914 -54.09 -48.31 42.15
CA VAL F 4914 -53.17 -49.41 42.42
C VAL F 4914 -52.94 -50.25 41.17
N ILE F 4915 -53.98 -50.49 40.38
CA ILE F 4915 -53.86 -51.45 39.29
C ILE F 4915 -53.39 -50.77 37.99
N VAL F 4916 -54.15 -49.80 37.51
CA VAL F 4916 -53.84 -49.27 36.18
C VAL F 4916 -52.77 -48.19 36.27
N ILE F 4917 -52.70 -47.43 37.36
CA ILE F 4917 -51.68 -46.40 37.46
C ILE F 4917 -50.39 -46.98 38.00
N LEU F 4918 -50.45 -47.57 39.20
CA LEU F 4918 -49.22 -47.94 39.89
C LEU F 4918 -48.55 -49.18 39.35
N LEU F 4919 -49.20 -49.93 38.46
CA LEU F 4919 -48.48 -50.94 37.72
C LEU F 4919 -48.01 -50.42 36.37
N ALA F 4920 -48.67 -49.38 35.85
CA ALA F 4920 -48.16 -48.73 34.65
C ALA F 4920 -46.85 -48.02 34.92
N ILE F 4921 -46.64 -47.55 36.14
CA ILE F 4921 -45.33 -47.00 36.48
C ILE F 4921 -44.28 -48.09 36.45
N ILE F 4922 -44.62 -49.28 36.97
CA ILE F 4922 -43.68 -50.39 36.98
C ILE F 4922 -43.33 -50.79 35.55
N GLN F 4923 -44.33 -50.84 34.67
CA GLN F 4923 -44.05 -51.11 33.27
C GLN F 4923 -43.32 -49.95 32.60
N GLY F 4924 -43.61 -48.72 33.01
CA GLY F 4924 -43.05 -47.57 32.35
C GLY F 4924 -41.60 -47.30 32.69
N LEU F 4925 -41.16 -47.72 33.86
CA LEU F 4925 -39.75 -47.55 34.20
C LEU F 4925 -38.87 -48.34 33.25
N ILE F 4926 -39.24 -49.59 32.96
CA ILE F 4926 -38.43 -50.36 32.03
C ILE F 4926 -38.73 -49.95 30.58
N ILE F 4927 -39.94 -49.48 30.30
CA ILE F 4927 -40.24 -48.93 28.98
C ILE F 4927 -39.29 -47.78 28.66
N ASP F 4928 -39.10 -46.89 29.63
CA ASP F 4928 -38.24 -45.74 29.45
C ASP F 4928 -36.77 -46.15 29.54
N ALA F 4929 -36.48 -47.24 30.24
CA ALA F 4929 -35.10 -47.70 30.32
C ALA F 4929 -34.62 -48.22 28.98
N PHE F 4930 -35.51 -48.79 28.17
CA PHE F 4930 -35.09 -49.16 26.83
C PHE F 4930 -34.72 -47.94 26.02
N GLY F 4931 -35.41 -46.82 26.26
CA GLY F 4931 -34.98 -45.56 25.67
C GLY F 4931 -33.64 -45.08 26.22
N GLU F 4932 -33.37 -45.37 27.50
CA GLU F 4932 -32.06 -45.06 28.05
C GLU F 4932 -30.95 -45.70 27.23
N LEU F 4933 -30.97 -47.03 27.14
CA LEU F 4933 -29.90 -47.72 26.42
C LEU F 4933 -29.91 -47.39 24.93
N ARG F 4934 -31.10 -47.24 24.34
CA ARG F 4934 -31.21 -46.61 23.02
C ARG F 4934 -30.31 -45.41 22.86
N ASP F 4935 -30.60 -44.37 23.63
CA ASP F 4935 -29.97 -43.09 23.38
C ASP F 4935 -28.50 -43.12 23.78
N GLN F 4936 -28.12 -44.01 24.69
CA GLN F 4936 -26.70 -44.13 25.00
C GLN F 4936 -25.91 -44.68 23.83
N GLN F 4937 -26.37 -45.80 23.25
CA GLN F 4937 -25.65 -46.34 22.09
C GLN F 4937 -25.67 -45.36 20.92
N GLU F 4938 -26.82 -44.75 20.66
CA GLU F 4938 -26.90 -43.79 19.56
C GLU F 4938 -26.01 -42.59 19.79
N GLN F 4939 -25.95 -42.10 21.03
CA GLN F 4939 -25.09 -40.94 21.30
C GLN F 4939 -23.62 -41.29 21.14
N VAL F 4940 -23.22 -42.48 21.58
CA VAL F 4940 -21.82 -42.88 21.44
C VAL F 4940 -21.45 -43.01 19.97
N LYS F 4941 -22.27 -43.72 19.20
CA LYS F 4941 -21.99 -43.89 17.79
C LYS F 4941 -22.00 -42.56 17.05
N GLU F 4942 -22.96 -41.70 17.37
CA GLU F 4942 -23.02 -40.40 16.73
C GLU F 4942 -21.79 -39.57 17.05
N ASP F 4943 -21.35 -39.58 18.32
CA ASP F 4943 -20.20 -38.79 18.72
C ASP F 4943 -18.93 -39.26 18.03
N MET F 4944 -18.77 -40.58 17.88
CA MET F 4944 -17.65 -41.07 17.06
C MET F 4944 -17.77 -40.60 15.62
N GLU F 4945 -18.99 -40.60 15.08
CA GLU F 4945 -19.14 -40.25 13.68
C GLU F 4945 -18.89 -38.77 13.42
N THR F 4946 -19.20 -37.89 14.37
CA THR F 4946 -19.20 -36.46 14.06
C THR F 4946 -17.96 -35.72 14.53
N LYS F 4947 -17.29 -36.17 15.57
CA LYS F 4947 -16.18 -35.42 16.14
C LYS F 4947 -14.99 -36.33 16.39
N CYS F 4948 -13.80 -35.76 16.29
CA CYS F 4948 -12.59 -36.53 16.56
C CYS F 4948 -12.44 -36.77 18.05
N PHE F 4949 -12.05 -37.98 18.41
CA PHE F 4949 -11.92 -38.34 19.82
C PHE F 4949 -10.80 -37.57 20.49
N ILE F 4950 -9.74 -37.24 19.77
CA ILE F 4950 -8.58 -36.60 20.37
C ILE F 4950 -8.71 -35.08 20.31
N CYS F 4951 -8.72 -34.52 19.11
CA CYS F 4951 -8.70 -33.07 18.99
C CYS F 4951 -10.06 -32.44 19.29
N GLY F 4952 -11.14 -33.13 18.97
CA GLY F 4952 -12.46 -32.57 19.20
C GLY F 4952 -12.99 -31.71 18.08
N ILE F 4953 -12.21 -31.46 17.03
CA ILE F 4953 -12.69 -30.69 15.89
C ILE F 4953 -13.76 -31.49 15.17
N GLY F 4954 -14.87 -30.84 14.85
CA GLY F 4954 -15.97 -31.53 14.21
C GLY F 4954 -15.67 -31.89 12.78
N SER F 4955 -16.41 -32.89 12.29
CA SER F 4955 -16.23 -33.36 10.92
C SER F 4955 -16.71 -32.35 9.90
N ASP F 4956 -17.53 -31.38 10.30
CA ASP F 4956 -17.93 -30.31 9.40
C ASP F 4956 -16.74 -29.47 8.96
N TYR F 4957 -15.63 -29.53 9.68
CA TYR F 4957 -14.40 -28.89 9.25
C TYR F 4957 -13.57 -29.79 8.36
N PHE F 4958 -13.39 -31.05 8.76
CA PHE F 4958 -12.49 -31.93 8.03
C PHE F 4958 -13.07 -32.32 6.68
N ASP F 4959 -14.38 -32.55 6.61
CA ASP F 4959 -14.98 -33.05 5.38
C ASP F 4959 -15.01 -32.02 4.27
N THR F 4960 -14.49 -30.81 4.49
CA THR F 4960 -14.31 -29.87 3.40
C THR F 4960 -13.44 -30.46 2.30
N THR F 4961 -12.33 -31.04 2.68
CA THR F 4961 -11.56 -31.90 1.79
C THR F 4961 -12.25 -33.26 1.70
N PRO F 4962 -12.29 -33.86 0.51
CA PRO F 4962 -12.93 -35.18 0.38
C PRO F 4962 -12.29 -36.20 1.31
N HIS F 4963 -13.15 -36.97 1.99
CA HIS F 4963 -12.74 -37.95 2.99
C HIS F 4963 -11.85 -37.34 4.06
N GLY F 4964 -12.11 -36.06 4.37
CA GLY F 4964 -11.24 -35.36 5.30
C GLY F 4964 -11.27 -35.94 6.69
N PHE F 4965 -12.46 -36.25 7.20
CA PHE F 4965 -12.54 -36.82 8.54
C PHE F 4965 -12.00 -38.24 8.58
N GLU F 4966 -12.25 -39.02 7.52
CA GLU F 4966 -11.68 -40.35 7.44
C GLU F 4966 -10.16 -40.30 7.51
N THR F 4967 -9.55 -39.38 6.74
CA THR F 4967 -8.11 -39.22 6.78
C THR F 4967 -7.65 -38.76 8.16
N HIS F 4968 -8.38 -37.82 8.77
CA HIS F 4968 -7.94 -37.27 10.05
C HIS F 4968 -7.95 -38.32 11.15
N THR F 4969 -8.90 -39.24 11.11
CA THR F 4969 -8.96 -40.28 12.13
C THR F 4969 -8.36 -41.59 11.69
N LEU F 4970 -7.71 -41.65 10.53
CA LEU F 4970 -6.93 -42.83 10.20
C LEU F 4970 -5.44 -42.56 10.10
N GLU F 4971 -5.03 -41.32 9.86
CA GLU F 4971 -3.62 -40.97 9.78
C GLU F 4971 -3.19 -39.96 10.83
N GLU F 4972 -3.87 -38.81 10.89
CA GLU F 4972 -3.37 -37.70 11.71
C GLU F 4972 -3.51 -38.00 13.19
N HIS F 4973 -4.73 -38.13 13.68
CA HIS F 4973 -5.02 -38.42 15.08
C HIS F 4973 -5.66 -39.80 15.14
N ASN F 4974 -4.89 -40.80 15.55
CA ASN F 4974 -5.43 -42.14 15.70
C ASN F 4974 -5.06 -42.64 17.09
N LEU F 4975 -6.07 -43.01 17.87
CA LEU F 4975 -5.79 -43.40 19.25
C LEU F 4975 -4.96 -44.69 19.29
N ALA F 4976 -5.06 -45.54 18.27
CA ALA F 4976 -4.16 -46.66 18.19
C ALA F 4976 -2.71 -46.20 18.02
N ASN F 4977 -2.51 -45.11 17.27
CA ASN F 4977 -1.16 -44.57 17.14
C ASN F 4977 -0.66 -44.00 18.46
N TYR F 4978 -1.53 -43.43 19.28
CA TYR F 4978 -1.06 -42.94 20.57
C TYR F 4978 -0.73 -44.10 21.52
N MET F 4979 -1.53 -45.17 21.50
CA MET F 4979 -1.10 -46.46 22.04
C MET F 4979 0.34 -46.77 21.69
N PHE F 4980 0.59 -46.83 20.39
CA PHE F 4980 1.87 -47.31 19.90
C PHE F 4980 2.99 -46.36 20.25
N PHE F 4981 2.71 -45.06 20.30
CA PHE F 4981 3.73 -44.10 20.71
C PHE F 4981 4.15 -44.34 22.15
N LEU F 4982 3.19 -44.52 23.04
CA LEU F 4982 3.55 -44.79 24.43
C LEU F 4982 4.36 -46.06 24.55
N MET F 4983 3.97 -47.10 23.81
CA MET F 4983 4.71 -48.35 23.85
C MET F 4983 6.13 -48.15 23.33
N TYR F 4984 6.27 -47.35 22.28
CA TYR F 4984 7.55 -47.14 21.64
C TYR F 4984 8.48 -46.31 22.52
N LEU F 4985 7.94 -45.33 23.23
CA LEU F 4985 8.75 -44.58 24.19
C LEU F 4985 9.25 -45.47 25.31
N ILE F 4986 8.38 -46.34 25.83
CA ILE F 4986 8.80 -47.23 26.91
C ILE F 4986 9.88 -48.18 26.43
N ASN F 4987 9.72 -48.72 25.23
CA ASN F 4987 10.69 -49.69 24.73
C ASN F 4987 12.03 -49.04 24.40
N LYS F 4988 12.00 -47.83 23.85
CA LYS F 4988 13.22 -47.20 23.39
C LYS F 4988 14.12 -46.82 24.56
N ASP F 4989 15.42 -46.92 24.34
CA ASP F 4989 16.40 -46.57 25.36
C ASP F 4989 16.32 -45.08 25.66
N GLU F 4990 16.36 -44.72 26.94
CA GLU F 4990 16.16 -43.33 27.34
C GLU F 4990 17.21 -42.40 26.75
N THR F 4991 18.42 -42.89 26.53
CA THR F 4991 19.45 -42.03 25.95
C THR F 4991 19.29 -41.87 24.45
N GLU F 4992 18.43 -42.64 23.82
CA GLU F 4992 18.25 -42.61 22.37
C GLU F 4992 17.00 -41.86 21.93
N HIS F 4993 16.24 -41.29 22.86
CA HIS F 4993 15.04 -40.54 22.49
C HIS F 4993 15.43 -39.34 21.65
N THR F 4994 14.60 -39.03 20.65
CA THR F 4994 14.78 -37.80 19.92
C THR F 4994 14.26 -36.64 20.77
N GLY F 4995 14.37 -35.41 20.24
CA GLY F 4995 13.95 -34.26 21.04
C GLY F 4995 12.47 -34.27 21.33
N GLN F 4996 11.65 -34.53 20.32
CA GLN F 4996 10.20 -34.57 20.50
C GLN F 4996 9.80 -35.72 21.42
N GLU F 4997 10.43 -36.88 21.25
CA GLU F 4997 10.10 -38.01 22.11
C GLU F 4997 10.50 -37.74 23.56
N SER F 4998 11.62 -37.05 23.77
CA SER F 4998 12.00 -36.69 25.15
C SER F 4998 10.99 -35.72 25.74
N TYR F 4999 10.48 -34.80 24.94
CA TYR F 4999 9.45 -33.88 25.42
C TYR F 4999 8.21 -34.65 25.86
N VAL F 5000 7.70 -35.53 25.00
CA VAL F 5000 6.53 -36.32 25.34
C VAL F 5000 6.80 -37.22 26.53
N TRP F 5001 8.01 -37.77 26.61
CA TRP F 5001 8.36 -38.65 27.72
C TRP F 5001 8.38 -37.89 29.04
N LYS F 5002 8.93 -36.68 29.05
CA LYS F 5002 9.02 -35.98 30.31
C LYS F 5002 7.64 -35.58 30.81
N MET F 5003 6.71 -35.23 29.92
CA MET F 5003 5.39 -34.99 30.48
C MET F 5003 4.57 -36.26 30.67
N TYR F 5004 4.99 -37.40 30.13
CA TYR F 5004 4.37 -38.64 30.55
C TYR F 5004 4.75 -38.98 31.98
N GLN F 5005 6.01 -38.76 32.34
CA GLN F 5005 6.41 -39.03 33.72
C GLN F 5005 5.87 -37.96 34.66
N GLU F 5006 5.85 -36.71 34.23
CA GLU F 5006 5.33 -35.61 35.03
C GLU F 5006 3.80 -35.64 35.10
N ARG F 5007 3.15 -36.38 34.20
CA ARG F 5007 1.69 -36.47 34.12
C ARG F 5007 1.08 -35.10 33.86
N CYS F 5008 1.45 -34.53 32.71
CA CYS F 5008 0.92 -33.26 32.24
C CYS F 5008 0.48 -33.46 30.80
N TRP F 5009 -0.83 -33.59 30.58
CA TRP F 5009 -1.36 -33.96 29.27
C TRP F 5009 -1.55 -32.75 28.37
N ASP F 5010 -0.51 -31.94 28.24
CA ASP F 5010 -0.58 -30.80 27.35
C ASP F 5010 -0.26 -31.19 25.91
N PHE F 5011 0.49 -32.26 25.69
CA PHE F 5011 0.94 -32.58 24.35
C PHE F 5011 -0.15 -33.18 23.49
N PHE F 5012 -1.27 -33.59 24.05
CA PHE F 5012 -2.38 -34.03 23.23
C PHE F 5012 -2.99 -32.81 22.54
N PRO F 5013 -3.14 -32.84 21.21
CA PRO F 5013 -3.70 -31.68 20.52
C PRO F 5013 -5.19 -31.53 20.87
N ALA F 5014 -5.54 -30.41 21.49
CA ALA F 5014 -6.91 -30.15 21.89
C ALA F 5014 -7.38 -28.90 21.19
N GLY F 5015 -8.44 -29.03 20.40
CA GLY F 5015 -8.96 -27.90 19.67
C GLY F 5015 -8.13 -27.44 18.51
N ASP F 5016 -7.14 -28.22 18.10
CA ASP F 5016 -6.26 -27.83 17.02
C ASP F 5016 -5.71 -29.08 16.34
N CYS F 5017 -5.23 -28.89 15.11
CA CYS F 5017 -4.65 -29.98 14.35
C CYS F 5017 -3.68 -29.38 13.33
N PHE F 5018 -2.96 -30.26 12.63
CA PHE F 5018 -2.01 -29.80 11.63
C PHE F 5018 -2.71 -29.06 10.50
N ARG F 5019 -3.85 -29.60 10.05
CA ARG F 5019 -4.59 -28.96 8.96
C ARG F 5019 -5.07 -27.58 9.35
N LYS F 5020 -5.58 -27.43 10.56
CA LYS F 5020 -6.01 -26.13 11.04
C LYS F 5020 -4.82 -25.20 11.25
N GLN F 5021 -3.68 -25.75 11.68
CA GLN F 5021 -2.51 -24.94 11.92
C GLN F 5021 -1.97 -24.34 10.63
N TYR F 5022 -1.87 -25.14 9.58
CA TYR F 5022 -1.35 -24.68 8.30
C TYR F 5022 -2.47 -24.74 7.27
N GLU F 5023 -3.14 -23.60 7.07
CA GLU F 5023 -4.13 -23.46 6.02
C GLU F 5023 -3.66 -22.57 4.88
N ASP F 5024 -2.96 -21.48 5.20
CA ASP F 5024 -2.43 -20.60 4.16
C ASP F 5024 -1.41 -21.32 3.30
N GLN F 5025 -0.69 -22.28 3.86
CA GLN F 5025 0.26 -23.09 3.12
C GLN F 5025 -0.37 -24.37 2.60
N LEU F 5026 -1.68 -24.55 2.77
CA LEU F 5026 -2.41 -25.72 2.30
C LEU F 5026 -1.81 -27.00 2.88
N SER F 5027 -1.71 -27.04 4.20
CA SER F 5027 -1.23 -28.19 4.97
C SER F 5027 0.17 -28.63 4.54
N GLN G 1 -50.49 136.07 63.14
CA GLN G 1 -51.66 136.47 62.38
C GLN G 1 -51.98 137.92 62.72
N VAL G 2 -53.21 138.18 63.16
CA VAL G 2 -53.57 139.45 63.78
C VAL G 2 -52.81 139.63 65.08
N GLN G 3 -51.91 140.60 65.14
CA GLN G 3 -50.68 140.47 65.89
C GLN G 3 -50.52 141.83 66.58
N LEU G 4 -51.55 142.21 67.35
CA LEU G 4 -51.72 143.61 67.74
C LEU G 4 -50.82 143.95 68.91
N GLN G 5 -50.52 145.25 69.06
CA GLN G 5 -49.66 145.69 70.15
C GLN G 5 -50.51 146.11 71.35
N GLU G 6 -50.22 145.49 72.50
CA GLU G 6 -50.85 145.83 73.76
C GLU G 6 -49.92 146.71 74.58
N SER G 7 -50.39 147.90 74.95
CA SER G 7 -49.59 148.86 75.70
C SER G 7 -50.53 149.79 76.46
N GLY G 8 -49.95 150.77 77.11
CA GLY G 8 -50.72 151.75 77.86
C GLY G 8 -50.60 151.56 79.35
N GLY G 9 -50.79 152.65 80.09
CA GLY G 9 -50.65 152.59 81.53
C GLY G 9 -49.19 152.48 81.94
N GLY G 10 -48.97 151.92 83.11
CA GLY G 10 -47.63 151.75 83.63
C GLY G 10 -47.64 151.91 85.14
N LEU G 11 -46.48 152.30 85.68
CA LEU G 11 -46.36 152.55 87.11
C LEU G 11 -47.06 153.86 87.45
N MET G 12 -47.88 153.83 88.50
CA MET G 12 -48.67 155.00 88.86
C MET G 12 -49.09 154.86 90.32
N GLN G 13 -49.50 155.98 90.91
CA GLN G 13 -50.03 155.95 92.26
C GLN G 13 -51.52 155.66 92.24
N ALA G 14 -52.14 155.64 93.42
CA ALA G 14 -53.56 155.35 93.52
C ALA G 14 -54.39 156.44 92.86
N GLY G 15 -55.46 156.03 92.19
CA GLY G 15 -56.30 156.97 91.46
C GLY G 15 -55.59 157.67 90.32
N GLY G 16 -54.72 156.95 89.60
CA GLY G 16 -53.97 157.56 88.53
C GLY G 16 -54.68 157.51 87.19
N SER G 17 -54.86 158.67 86.57
CA SER G 17 -55.54 158.77 85.29
C SER G 17 -54.61 158.25 84.20
N LEU G 18 -54.87 157.04 83.70
CA LEU G 18 -54.02 156.42 82.71
C LEU G 18 -54.82 156.14 81.45
N ARG G 19 -54.27 156.56 80.30
CA ARG G 19 -54.84 156.27 78.99
C ARG G 19 -54.11 155.07 78.42
N LEU G 20 -54.74 153.91 78.50
CA LEU G 20 -54.18 152.66 77.98
C LEU G 20 -54.55 152.57 76.50
N SER G 21 -53.66 153.08 75.65
CA SER G 21 -53.88 153.07 74.21
C SER G 21 -53.26 151.81 73.62
N CYS G 22 -54.10 150.80 73.38
CA CYS G 22 -53.67 149.56 72.74
C CYS G 22 -53.81 149.74 71.23
N THR G 23 -52.70 149.55 70.52
CA THR G 23 -52.67 149.84 69.08
C THR G 23 -52.87 148.55 68.29
N ALA G 24 -53.69 148.64 67.25
CA ALA G 24 -53.93 147.52 66.36
C ALA G 24 -53.86 148.00 64.92
N SER G 25 -53.10 147.27 64.10
CA SER G 25 -52.98 147.56 62.68
C SER G 25 -52.62 146.28 61.96
N GLY G 26 -52.56 146.35 60.63
CA GLY G 26 -52.22 145.19 59.83
C GLY G 26 -53.24 144.08 59.91
N SER G 27 -54.50 144.40 60.19
CA SER G 27 -55.55 143.41 60.37
C SER G 27 -56.79 143.83 59.60
N ILE G 28 -57.23 142.96 58.69
CA ILE G 28 -58.50 143.18 57.99
C ILE G 28 -59.65 142.47 58.69
N PHE G 29 -59.39 141.30 59.26
CA PHE G 29 -60.41 140.51 59.94
C PHE G 29 -60.48 140.87 61.42
N SER G 30 -61.54 140.40 62.07
CA SER G 30 -61.74 140.57 63.52
C SER G 30 -61.68 142.04 63.93
N ILE G 31 -62.45 142.87 63.23
CA ILE G 31 -62.47 144.30 63.47
C ILE G 31 -63.77 144.74 64.16
N ASN G 32 -64.59 143.78 64.59
CA ASN G 32 -65.89 144.13 65.15
C ASN G 32 -65.77 144.53 66.62
N SER G 33 -65.29 143.62 67.46
CA SER G 33 -65.18 143.84 68.90
C SER G 33 -63.72 143.81 69.30
N MET G 34 -63.30 144.81 70.07
CA MET G 34 -61.92 144.98 70.50
C MET G 34 -61.92 144.95 72.03
N GLY G 35 -61.75 143.76 72.59
CA GLY G 35 -61.89 143.58 74.02
C GLY G 35 -60.62 143.88 74.80
N TRP G 36 -60.81 144.22 76.07
CA TRP G 36 -59.75 144.43 77.04
C TRP G 36 -59.88 143.40 78.15
N TYR G 37 -58.77 142.73 78.46
CA TYR G 37 -58.71 141.71 79.50
C TYR G 37 -57.64 142.10 80.50
N ARG G 38 -57.64 141.43 81.65
CA ARG G 38 -56.78 141.87 82.74
C ARG G 38 -56.52 140.70 83.67
N GLN G 39 -55.25 140.38 83.91
CA GLN G 39 -54.87 139.39 84.91
C GLN G 39 -54.60 140.13 86.21
N ALA G 40 -55.55 140.05 87.14
CA ALA G 40 -55.31 140.49 88.50
C ALA G 40 -54.32 139.53 89.17
N PRO G 41 -53.64 139.98 90.23
CA PRO G 41 -52.66 139.10 90.89
C PRO G 41 -53.31 137.82 91.39
N GLY G 42 -52.87 136.70 90.81
CA GLY G 42 -53.47 135.40 91.13
C GLY G 42 -54.90 135.25 90.67
N LYS G 43 -55.22 135.75 89.48
CA LYS G 43 -56.58 135.68 88.94
C LYS G 43 -56.50 135.34 87.45
N GLN G 44 -57.63 134.91 86.90
CA GLN G 44 -57.72 134.57 85.49
C GLN G 44 -57.90 135.84 84.66
N ARG G 45 -58.13 135.68 83.36
CA ARG G 45 -58.24 136.82 82.45
C ARG G 45 -59.65 137.41 82.62
N GLU G 46 -59.73 138.54 83.31
CA GLU G 46 -61.00 139.21 83.59
C GLU G 46 -61.21 140.27 82.53
N LEU G 47 -62.30 140.18 81.76
CA LEU G 47 -62.53 141.28 80.83
C LEU G 47 -63.05 142.50 81.57
N VAL G 48 -62.57 143.65 81.13
CA VAL G 48 -62.84 144.92 81.75
C VAL G 48 -63.73 145.80 80.88
N ALA G 49 -63.42 145.88 79.58
CA ALA G 49 -64.25 146.65 78.64
C ALA G 49 -63.98 146.16 77.23
N THR G 50 -65.03 145.72 76.54
CA THR G 50 -64.94 145.29 75.14
C THR G 50 -65.64 146.32 74.26
N ILE G 51 -64.85 147.22 73.68
CA ILE G 51 -65.40 148.18 72.75
C ILE G 51 -65.87 147.45 71.49
N THR G 52 -66.84 148.03 70.80
CA THR G 52 -67.44 147.42 69.63
C THR G 52 -67.54 148.49 68.56
N SER G 53 -67.76 148.07 67.32
CA SER G 53 -67.81 149.01 66.20
C SER G 53 -68.90 150.06 66.44
N GLY G 54 -68.57 151.31 66.11
CA GLY G 54 -69.41 152.42 66.52
C GLY G 54 -69.15 152.90 67.93
N ASN G 55 -68.03 152.50 68.55
CA ASN G 55 -67.64 152.93 69.89
C ASN G 55 -68.70 152.55 70.92
N SER G 56 -68.93 151.24 71.03
CA SER G 56 -69.95 150.68 71.92
C SER G 56 -69.26 149.94 73.05
N ILE G 57 -69.30 150.52 74.25
CA ILE G 57 -68.66 149.93 75.42
C ILE G 57 -69.49 148.75 75.91
N ASN G 58 -68.81 147.68 76.29
CA ASN G 58 -69.47 146.51 76.85
C ASN G 58 -69.32 146.50 78.37
N TYR G 59 -70.39 146.07 79.05
CA TYR G 59 -70.46 146.03 80.52
C TYR G 59 -70.82 144.61 80.95
N ALA G 60 -69.81 143.79 81.19
CA ALA G 60 -69.99 142.44 81.71
C ALA G 60 -69.34 142.23 83.06
N ASP G 61 -68.17 142.83 83.31
CA ASP G 61 -67.46 142.69 84.57
C ASP G 61 -66.74 144.01 84.86
N SER G 62 -66.77 144.42 86.13
CA SER G 62 -66.17 145.66 86.60
C SER G 62 -66.78 146.87 85.87
N VAL G 63 -68.10 146.92 85.86
CA VAL G 63 -68.81 148.04 85.25
C VAL G 63 -68.57 149.31 86.07
N LYS G 64 -68.35 149.16 87.38
CA LYS G 64 -68.20 150.32 88.26
C LYS G 64 -66.97 151.14 87.91
N GLY G 65 -65.87 150.47 87.57
CA GLY G 65 -64.67 151.20 87.17
C GLY G 65 -64.93 152.08 85.95
N ARG G 66 -64.45 153.32 86.01
CA ARG G 66 -64.57 154.26 84.90
C ARG G 66 -63.49 153.96 83.85
N PHE G 67 -63.75 152.87 83.13
CA PHE G 67 -62.83 152.44 82.07
C PHE G 67 -62.86 153.37 80.87
N THR G 68 -64.05 153.81 80.46
CA THR G 68 -64.23 154.76 79.36
C THR G 68 -63.39 154.37 78.14
N ILE G 69 -63.76 153.25 77.54
CA ILE G 69 -63.03 152.73 76.40
C ILE G 69 -63.61 153.32 75.11
N SER G 70 -62.72 153.64 74.17
CA SER G 70 -63.14 154.22 72.90
C SER G 70 -62.23 153.70 71.80
N ARG G 71 -62.75 153.68 70.58
CA ARG G 71 -61.99 153.19 69.45
C ARG G 71 -62.63 153.74 68.17
N ASP G 72 -61.80 153.97 67.16
CA ASP G 72 -62.27 154.29 65.82
C ASP G 72 -61.87 153.15 64.88
N ASN G 73 -62.81 152.73 64.04
CA ASN G 73 -62.52 151.66 63.08
C ASN G 73 -61.62 152.13 61.94
N ALA G 74 -61.36 153.43 61.83
CA ALA G 74 -60.49 153.93 60.77
C ALA G 74 -59.06 153.39 60.92
N LYS G 75 -58.54 153.40 62.14
CA LYS G 75 -57.21 152.88 62.41
C LYS G 75 -57.21 151.67 63.34
N ASN G 76 -58.37 151.28 63.88
CA ASN G 76 -58.55 150.12 64.74
C ASN G 76 -57.77 150.23 66.06
N THR G 77 -57.28 151.42 66.40
CA THR G 77 -56.53 151.62 67.63
C THR G 77 -57.49 151.96 68.76
N VAL G 78 -57.44 151.20 69.85
CA VAL G 78 -58.33 151.39 70.99
C VAL G 78 -57.58 152.16 72.07
N TYR G 79 -58.35 152.91 72.88
CA TYR G 79 -57.80 153.68 73.99
C TYR G 79 -58.77 153.61 75.16
N LEU G 80 -58.24 153.23 76.32
CA LEU G 80 -59.01 152.95 77.52
C LEU G 80 -58.66 154.01 78.56
N GLN G 81 -59.63 154.85 78.92
CA GLN G 81 -59.40 155.93 79.87
C GLN G 81 -59.72 155.50 81.31
N MET G 82 -58.82 154.69 81.85
CA MET G 82 -58.96 154.16 83.21
C MET G 82 -58.30 155.07 84.24
N ASN G 83 -59.12 155.72 85.07
CA ASN G 83 -58.59 156.44 86.22
C ASN G 83 -58.59 155.66 87.50
N SER G 84 -59.68 154.97 87.81
CA SER G 84 -59.80 154.32 89.11
C SER G 84 -58.69 153.28 89.25
N LEU G 85 -57.82 153.47 90.24
CA LEU G 85 -56.69 152.59 90.44
C LEU G 85 -56.81 152.00 91.83
N LYS G 86 -57.58 150.92 91.93
CA LYS G 86 -57.74 150.17 93.15
C LYS G 86 -56.51 149.29 93.38
N PRO G 87 -56.30 148.81 94.62
CA PRO G 87 -55.16 147.91 94.85
C PRO G 87 -55.14 146.68 93.96
N GLU G 88 -56.30 146.08 93.70
CA GLU G 88 -56.36 144.92 92.80
C GLU G 88 -56.07 145.30 91.36
N ASP G 89 -56.02 146.59 91.03
CA ASP G 89 -55.57 147.03 89.72
C ASP G 89 -54.05 146.94 89.57
N THR G 90 -53.32 146.66 90.65
CA THR G 90 -51.89 146.38 90.51
C THR G 90 -51.77 145.01 89.86
N ALA G 91 -51.64 145.00 88.54
CA ALA G 91 -51.92 143.79 87.77
C ALA G 91 -51.45 144.02 86.34
N VAL G 92 -51.74 143.07 85.46
CA VAL G 92 -51.34 143.20 84.06
C VAL G 92 -52.58 143.26 83.18
N TYR G 93 -52.42 143.87 82.01
CA TYR G 93 -53.49 144.18 81.09
C TYR G 93 -53.23 143.52 79.75
N TYR G 94 -54.32 143.27 79.01
CA TYR G 94 -54.25 142.56 77.74
C TYR G 94 -55.30 143.11 76.80
N CYS G 95 -55.08 142.91 75.51
CA CYS G 95 -55.89 143.52 74.46
C CYS G 95 -56.15 142.47 73.39
N ASN G 96 -57.40 142.05 73.24
CA ASN G 96 -57.74 141.02 72.28
C ASN G 96 -58.68 141.56 71.20
N ALA G 97 -58.57 141.00 70.00
CA ALA G 97 -59.40 141.40 68.87
C ALA G 97 -60.17 140.20 68.35
N ASP G 98 -61.46 140.38 68.11
CA ASP G 98 -62.31 139.33 67.59
C ASP G 98 -63.49 139.95 66.87
N ARG G 99 -64.13 139.16 66.01
CA ARG G 99 -65.26 139.62 65.23
C ARG G 99 -66.59 139.12 65.78
N VAL G 100 -66.63 138.73 67.05
CA VAL G 100 -67.87 138.37 67.73
C VAL G 100 -68.09 139.37 68.87
N PRO G 101 -69.03 140.30 68.74
CA PRO G 101 -69.31 141.22 69.85
C PRO G 101 -69.73 140.47 71.11
N ASN G 102 -69.25 140.96 72.24
CA ASN G 102 -69.52 140.29 73.51
C ASN G 102 -71.00 140.41 73.87
N GLY G 103 -71.55 139.34 74.41
CA GLY G 103 -72.98 139.29 74.68
C GLY G 103 -73.84 139.06 73.45
N TYR G 104 -73.26 138.50 72.39
CA TYR G 104 -74.03 138.19 71.18
C TYR G 104 -73.29 137.07 70.46
N ASN G 105 -73.79 135.85 70.58
CA ASN G 105 -73.19 134.68 69.91
C ASN G 105 -74.27 133.65 69.66
N PRO G 106 -74.91 133.70 68.49
CA PRO G 106 -75.93 132.70 68.13
C PRO G 106 -75.43 131.54 67.29
N TRP G 107 -74.14 131.47 66.97
CA TRP G 107 -73.61 130.43 66.10
C TRP G 107 -73.09 129.23 66.88
N GLY G 108 -72.10 129.45 67.72
CA GLY G 108 -71.49 128.35 68.45
C GLY G 108 -70.12 128.75 68.97
N THR G 109 -69.37 127.74 69.39
CA THR G 109 -68.06 127.94 70.00
C THR G 109 -66.94 128.33 69.05
N PRO G 110 -66.89 127.88 67.77
CA PRO G 110 -65.81 128.37 66.89
C PRO G 110 -65.74 129.87 66.74
N ASN G 111 -66.91 130.53 66.71
CA ASN G 111 -66.94 131.98 66.57
C ASN G 111 -66.26 132.65 67.76
N ASP G 112 -66.50 132.14 68.96
CA ASP G 112 -65.77 132.61 70.13
C ASP G 112 -64.29 132.27 70.02
N GLU G 113 -63.97 131.10 69.45
CA GLU G 113 -62.58 130.67 69.32
C GLU G 113 -61.78 131.64 68.46
N TYR G 114 -62.41 132.30 67.49
CA TYR G 114 -61.72 133.31 66.69
C TYR G 114 -61.45 134.52 67.57
N ASP G 115 -60.21 134.65 68.05
CA ASP G 115 -59.81 135.80 68.86
C ASP G 115 -58.29 135.84 68.92
N TYR G 116 -57.76 137.06 69.04
CA TYR G 116 -56.32 137.32 68.91
C TYR G 116 -55.86 138.12 70.13
N TRP G 117 -55.26 137.45 71.10
CA TRP G 117 -54.88 138.11 72.35
C TRP G 117 -53.71 139.07 72.12
N GLY G 118 -53.34 139.77 73.19
CA GLY G 118 -52.31 140.78 73.14
C GLY G 118 -51.03 140.40 73.87
N GLN G 119 -50.11 141.37 73.89
CA GLN G 119 -48.80 141.16 74.50
C GLN G 119 -48.90 141.02 76.01
N GLY G 120 -49.36 142.09 76.67
CA GLY G 120 -49.41 142.11 78.12
C GLY G 120 -48.49 143.15 78.72
N THR G 121 -49.05 144.11 79.45
CA THR G 121 -48.25 145.16 80.08
C THR G 121 -48.78 145.40 81.50
N GLN G 122 -47.89 145.87 82.36
CA GLN G 122 -48.23 146.12 83.76
C GLN G 122 -48.76 147.52 83.96
N VAL G 123 -49.84 147.61 84.72
CA VAL G 123 -50.33 148.86 85.29
C VAL G 123 -50.27 148.69 86.81
N THR G 124 -49.32 149.35 87.44
CA THR G 124 -49.04 149.16 88.86
C THR G 124 -49.60 150.32 89.66
N VAL G 125 -50.29 150.00 90.76
CA VAL G 125 -50.91 150.98 91.63
C VAL G 125 -50.12 151.07 92.92
N SER G 126 -49.69 152.27 93.27
CA SER G 126 -48.92 152.49 94.48
C SER G 126 -49.48 153.66 95.29
N GLY H 1 -0.19 98.42 80.60
CA GLY H 1 -1.09 99.31 81.31
C GLY H 1 -2.52 99.19 80.84
N VAL H 2 -3.46 99.29 81.77
CA VAL H 2 -4.88 99.10 81.45
C VAL H 2 -5.64 100.39 81.74
N GLU H 3 -6.78 100.53 81.07
CA GLU H 3 -7.74 101.59 81.35
C GLU H 3 -8.92 100.93 82.07
N ILE H 4 -8.96 101.08 83.39
CA ILE H 4 -10.03 100.49 84.20
C ILE H 4 -11.12 101.53 84.37
N GLU H 5 -12.34 101.18 83.97
CA GLU H 5 -13.49 102.07 84.10
C GLU H 5 -14.59 101.33 84.86
N THR H 6 -15.02 101.90 85.98
CA THR H 6 -16.06 101.27 86.78
C THR H 6 -17.39 101.28 86.05
N ILE H 7 -18.16 100.21 86.22
CA ILE H 7 -19.48 100.06 85.60
C ILE H 7 -20.58 100.25 86.63
N SER H 8 -20.59 99.43 87.68
CA SER H 8 -21.53 99.57 88.79
C SER H 8 -20.73 99.62 90.08
N PRO H 9 -20.99 100.59 90.95
CA PRO H 9 -20.22 100.70 92.20
C PRO H 9 -20.46 99.51 93.11
N GLY H 10 -19.44 99.20 93.91
CA GLY H 10 -19.55 98.15 94.91
C GLY H 10 -19.21 98.64 96.30
N ASP H 11 -18.41 97.86 97.03
CA ASP H 11 -17.97 98.28 98.35
C ASP H 11 -17.00 99.46 98.24
N GLY H 12 -16.05 99.39 97.31
CA GLY H 12 -15.10 100.46 97.12
C GLY H 12 -14.12 100.67 98.25
N ARG H 13 -14.02 99.71 99.16
CA ARG H 13 -13.27 99.89 100.40
C ARG H 13 -12.27 98.79 100.67
N THR H 14 -12.56 97.55 100.26
CA THR H 14 -11.61 96.44 100.38
C THR H 14 -11.00 96.16 99.01
N PHE H 15 -9.70 96.44 98.87
CA PHE H 15 -8.97 96.14 97.65
C PHE H 15 -8.05 94.94 97.86
N PRO H 16 -7.89 94.09 96.85
CA PRO H 16 -7.02 92.92 97.00
C PRO H 16 -5.58 93.30 97.30
N LYS H 17 -4.96 92.58 98.22
CA LYS H 17 -3.57 92.79 98.58
C LYS H 17 -2.69 91.72 97.94
N LYS H 18 -1.39 91.98 97.92
CA LYS H 18 -0.45 91.05 97.32
C LYS H 18 -0.29 89.81 98.20
N GLY H 19 -0.66 88.66 97.66
CA GLY H 19 -0.61 87.42 98.39
C GLY H 19 -1.96 86.80 98.72
N GLN H 20 -3.01 87.11 97.97
CA GLN H 20 -4.35 86.58 98.24
C GLN H 20 -4.95 86.06 96.94
N THR H 21 -5.49 84.84 96.98
CA THR H 21 -6.17 84.26 95.83
C THR H 21 -7.58 84.83 95.76
N CYS H 22 -7.82 85.68 94.78
CA CYS H 22 -9.13 86.31 94.60
C CYS H 22 -9.96 85.53 93.59
N VAL H 23 -11.26 85.53 93.81
CA VAL H 23 -12.23 84.84 92.95
C VAL H 23 -13.00 85.89 92.16
N VAL H 24 -12.99 85.77 90.83
CA VAL H 24 -13.63 86.73 89.95
C VAL H 24 -14.37 85.97 88.85
N HIS H 25 -15.52 86.50 88.45
CA HIS H 25 -16.21 86.04 87.24
C HIS H 25 -16.32 87.22 86.29
N TYR H 26 -16.18 86.93 85.00
CA TYR H 26 -15.90 87.96 84.01
C TYR H 26 -16.46 87.53 82.67
N THR H 27 -16.53 88.50 81.75
CA THR H 27 -16.83 88.26 80.35
C THR H 27 -15.80 89.06 79.55
N GLY H 28 -14.80 88.37 79.02
CA GLY H 28 -13.71 89.02 78.30
C GLY H 28 -14.02 89.15 76.82
N MET H 29 -13.67 90.32 76.26
CA MET H 29 -13.85 90.59 74.84
C MET H 29 -12.57 91.14 74.26
N LEU H 30 -12.57 91.26 72.93
CA LEU H 30 -11.57 92.03 72.20
C LEU H 30 -12.10 93.45 72.00
N GLN H 31 -11.32 94.29 71.33
CA GLN H 31 -11.73 95.68 71.13
C GLN H 31 -12.97 95.77 70.24
N ASN H 32 -13.20 94.75 69.40
CA ASN H 32 -14.35 94.76 68.51
C ASN H 32 -15.64 94.57 69.30
N GLY H 33 -15.60 93.81 70.39
CA GLY H 33 -16.80 93.50 71.15
C GLY H 33 -17.07 92.00 71.20
N LYS H 34 -16.01 91.24 71.47
CA LYS H 34 -15.91 89.86 71.01
C LYS H 34 -15.90 88.91 72.21
N LYS H 35 -17.06 88.33 72.53
CA LYS H 35 -17.22 87.43 73.66
C LYS H 35 -16.56 86.11 73.34
N PHE H 36 -15.38 85.84 73.92
CA PHE H 36 -14.72 84.55 73.76
C PHE H 36 -14.45 83.83 75.07
N ASP H 37 -14.15 84.55 76.15
CA ASP H 37 -13.81 83.92 77.43
C ASP H 37 -14.81 84.45 78.45
N SER H 38 -15.83 83.66 78.76
CA SER H 38 -16.90 84.09 79.67
C SER H 38 -17.09 83.05 80.76
N SER H 39 -16.47 83.29 81.92
CA SER H 39 -16.68 82.42 83.07
C SER H 39 -18.13 82.46 83.54
N ARG H 40 -18.87 83.53 83.24
CA ARG H 40 -20.29 83.54 83.53
C ARG H 40 -21.03 82.50 82.68
N ASP H 41 -20.69 82.41 81.39
CA ASP H 41 -21.30 81.39 80.55
C ASP H 41 -20.89 80.00 80.99
N ARG H 42 -19.63 79.83 81.39
CA ARG H 42 -19.17 78.54 81.89
C ARG H 42 -19.68 78.24 83.29
N ASN H 43 -20.31 79.20 83.97
CA ASN H 43 -20.84 79.07 85.32
C ASN H 43 -19.77 78.70 86.34
N LYS H 44 -18.52 79.02 86.05
CA LYS H 44 -17.40 78.67 86.93
C LYS H 44 -16.49 79.88 87.13
N PRO H 45 -16.44 80.46 88.32
CA PRO H 45 -15.54 81.59 88.55
C PRO H 45 -14.09 81.15 88.54
N PHE H 46 -13.21 82.13 88.38
CA PHE H 46 -11.78 81.90 88.21
C PHE H 46 -11.02 82.49 89.40
N LYS H 47 -10.02 81.75 89.88
CA LYS H 47 -9.21 82.14 91.02
C LYS H 47 -7.81 82.52 90.57
N PHE H 48 -7.25 83.57 91.18
CA PHE H 48 -5.92 84.02 90.82
C PHE H 48 -5.18 84.55 92.02
N ARG H 49 -3.91 84.15 92.16
CA ARG H 49 -3.00 84.76 93.12
C ARG H 49 -2.40 86.03 92.54
N ILE H 50 -2.32 87.06 93.36
CA ILE H 50 -1.59 88.28 93.01
C ILE H 50 -0.20 88.17 93.60
N GLY H 51 0.82 88.33 92.76
CA GLY H 51 2.20 88.13 93.18
C GLY H 51 2.86 87.03 92.40
N LYS H 52 2.14 85.92 92.18
CA LYS H 52 2.61 84.89 91.26
C LYS H 52 2.28 85.24 89.81
N GLN H 53 1.27 86.08 89.59
CA GLN H 53 0.81 86.47 88.25
C GLN H 53 0.44 85.24 87.42
N GLU H 54 -0.29 84.31 88.03
CA GLU H 54 -0.86 83.19 87.28
C GLU H 54 -1.92 83.65 86.30
N VAL H 55 -2.49 84.83 86.51
CA VAL H 55 -3.44 85.45 85.59
C VAL H 55 -2.67 86.44 84.73
N ILE H 56 -3.27 86.83 83.61
CA ILE H 56 -2.65 87.82 82.72
C ILE H 56 -2.41 89.11 83.51
N LYS H 57 -1.30 89.79 83.20
CA LYS H 57 -0.78 90.83 84.09
C LYS H 57 -1.71 92.04 84.13
N GLY H 58 -2.28 92.43 82.98
CA GLY H 58 -3.19 93.56 82.98
C GLY H 58 -4.45 93.31 83.79
N PHE H 59 -5.02 92.11 83.65
CA PHE H 59 -6.16 91.72 84.48
C PHE H 59 -5.78 91.72 85.95
N GLU H 60 -4.55 91.28 86.27
CA GLU H 60 -4.10 91.27 87.65
C GLU H 60 -4.04 92.69 88.22
N GLU H 61 -3.49 93.63 87.45
CA GLU H 61 -3.41 95.01 87.92
C GLU H 61 -4.80 95.62 88.11
N GLY H 62 -5.68 95.45 87.12
CA GLY H 62 -7.02 96.00 87.24
C GLY H 62 -7.81 95.36 88.37
N ALA H 63 -7.59 94.06 88.60
CA ALA H 63 -8.29 93.38 89.69
C ALA H 63 -7.80 93.83 91.05
N ALA H 64 -6.49 94.10 91.16
CA ALA H 64 -5.98 94.71 92.38
C ALA H 64 -6.59 96.09 92.59
N GLN H 65 -6.80 96.83 91.51
CA GLN H 65 -7.33 98.18 91.64
C GLN H 65 -8.83 98.24 91.88
N MET H 66 -9.60 97.18 91.57
CA MET H 66 -11.01 97.27 91.89
C MET H 66 -11.27 96.72 93.29
N SER H 67 -12.53 96.77 93.71
CA SER H 67 -12.95 96.38 95.06
C SER H 67 -14.03 95.30 94.96
N LEU H 68 -14.34 94.70 96.11
CA LEU H 68 -15.36 93.67 96.17
C LEU H 68 -16.74 94.24 95.89
N GLY H 69 -17.56 93.45 95.21
CA GLY H 69 -18.90 93.85 94.86
C GLY H 69 -19.00 94.79 93.68
N GLN H 70 -17.88 95.16 93.08
CA GLN H 70 -17.85 96.18 92.04
C GLN H 70 -17.33 95.57 90.74
N ARG H 71 -17.87 96.06 89.62
CA ARG H 71 -17.53 95.63 88.27
C ARG H 71 -16.83 96.76 87.52
N ALA H 72 -15.84 96.39 86.72
CA ALA H 72 -15.11 97.37 85.93
C ALA H 72 -14.68 96.73 84.62
N LYS H 73 -14.65 97.55 83.58
CA LYS H 73 -14.09 97.14 82.29
C LYS H 73 -12.61 97.49 82.27
N LEU H 74 -11.78 96.47 82.13
CA LEU H 74 -10.33 96.61 82.04
C LEU H 74 -9.95 96.61 80.58
N THR H 75 -9.54 97.77 80.06
CA THR H 75 -9.08 97.87 78.68
C THR H 75 -7.59 97.54 78.66
N CYS H 76 -7.28 96.33 78.22
CA CYS H 76 -5.92 95.79 78.31
C CYS H 76 -5.16 96.07 77.02
N THR H 77 -4.10 96.87 77.16
CA THR H 77 -3.17 97.15 76.07
C THR H 77 -2.42 95.87 75.68
N PRO H 78 -2.07 95.71 74.41
CA PRO H 78 -1.35 94.48 73.99
C PRO H 78 -0.04 94.22 74.71
N ASP H 79 0.49 95.15 75.51
CA ASP H 79 1.70 94.86 76.27
C ASP H 79 1.46 93.86 77.40
N VAL H 80 0.21 93.51 77.71
CA VAL H 80 -0.05 92.40 78.63
C VAL H 80 0.38 91.11 77.91
N ALA H 81 0.62 90.04 78.67
CA ALA H 81 1.28 88.87 78.10
C ALA H 81 0.40 88.15 77.08
N TYR H 82 1.04 87.25 76.34
CA TYR H 82 0.66 86.76 75.02
C TYR H 82 0.08 87.88 74.15
N GLY H 83 0.68 89.07 74.26
CA GLY H 83 0.37 90.14 73.33
C GLY H 83 1.04 89.97 72.00
N ALA H 84 2.06 89.13 71.92
CA ALA H 84 2.61 88.62 70.68
C ALA H 84 2.69 87.10 70.80
N THR H 85 2.29 86.40 69.74
CA THR H 85 2.16 84.94 69.74
C THR H 85 1.21 84.54 70.88
N GLY H 86 -0.05 84.90 70.68
CA GLY H 86 -1.07 84.67 71.67
C GLY H 86 -1.50 83.22 71.77
N HIS H 87 -2.46 82.98 72.64
CA HIS H 87 -2.99 81.64 72.87
C HIS H 87 -3.61 81.13 71.57
N PRO H 88 -3.14 80.00 71.04
CA PRO H 88 -3.59 79.58 69.71
C PRO H 88 -5.06 79.19 69.69
N GLY H 89 -5.72 79.55 68.58
CA GLY H 89 -7.08 79.16 68.35
C GLY H 89 -8.13 80.06 68.95
N VAL H 90 -7.76 80.97 69.86
CA VAL H 90 -8.71 81.84 70.52
C VAL H 90 -8.43 83.31 70.25
N ILE H 91 -7.16 83.72 70.24
CA ILE H 91 -6.76 85.11 70.16
C ILE H 91 -5.68 85.23 69.11
N PRO H 92 -5.84 86.07 68.09
CA PRO H 92 -4.75 86.28 67.14
C PRO H 92 -3.55 86.88 67.84
N PRO H 93 -2.33 86.65 67.31
CA PRO H 93 -1.12 86.88 68.12
C PRO H 93 -0.98 88.31 68.65
N ASN H 94 -1.36 89.32 67.89
CA ASN H 94 -1.25 90.71 68.33
C ASN H 94 -2.64 91.35 68.29
N ALA H 95 -3.20 91.62 69.46
CA ALA H 95 -4.51 92.24 69.57
C ALA H 95 -4.70 92.76 70.99
N THR H 96 -5.78 93.52 71.18
CA THR H 96 -6.10 94.14 72.45
C THR H 96 -6.98 93.21 73.30
N LEU H 97 -7.40 93.70 74.46
CA LEU H 97 -8.36 92.96 75.28
C LEU H 97 -9.24 93.94 76.05
N ILE H 98 -10.39 93.46 76.47
CA ILE H 98 -11.23 94.14 77.46
C ILE H 98 -11.87 93.09 78.34
N PHE H 99 -12.10 93.43 79.61
CA PHE H 99 -12.66 92.48 80.57
C PHE H 99 -13.62 93.20 81.50
N ASP H 100 -14.93 92.90 81.38
CA ASP H 100 -15.93 93.52 82.25
C ASP H 100 -16.05 92.82 83.61
N VAL H 101 -14.94 92.63 84.29
CA VAL H 101 -14.87 91.73 85.43
C VAL H 101 -15.40 92.43 86.68
N GLU H 102 -16.17 91.70 87.48
CA GLU H 102 -16.53 92.12 88.82
C GLU H 102 -15.91 91.17 89.84
N LEU H 103 -15.59 91.71 91.01
CA LEU H 103 -15.05 90.90 92.10
C LEU H 103 -16.17 90.57 93.08
N LEU H 104 -16.19 89.32 93.54
CA LEU H 104 -17.21 88.85 94.47
C LEU H 104 -16.56 87.97 95.53
N ASN H 105 -16.79 88.31 96.81
CA ASN H 105 -16.35 87.52 97.96
C ASN H 105 -14.83 87.32 97.93
N LEU H 106 -14.15 88.47 98.07
CA LEU H 106 -12.70 88.50 98.05
C LEU H 106 -12.11 87.66 99.17
N GLU H 107 -11.18 86.78 98.80
CA GLU H 107 -10.48 85.94 99.78
C GLU H 107 -9.16 86.59 100.17
N VAL I 1 -16.24 28.23 -2.63
CA VAL I 1 -17.60 28.75 -2.70
C VAL I 1 -18.06 29.24 -1.34
N GLN I 2 -17.11 29.73 -0.54
CA GLN I 2 -17.44 30.24 0.79
C GLN I 2 -18.29 31.50 0.67
N PHE I 3 -19.23 31.64 1.60
CA PHE I 3 -20.08 32.81 1.69
C PHE I 3 -19.81 33.55 2.99
N LEU I 4 -19.99 34.86 2.97
CA LEU I 4 -19.92 35.64 4.20
C LEU I 4 -21.04 35.21 5.14
N ARG I 5 -20.72 35.18 6.42
CA ARG I 5 -21.68 34.75 7.44
C ARG I 5 -21.79 35.81 8.51
N THR I 6 -22.86 35.73 9.28
CA THR I 6 -23.03 36.60 10.42
C THR I 6 -21.95 36.32 11.46
N ASP I 7 -21.59 37.37 12.21
CA ASP I 7 -20.69 37.27 13.36
C ASP I 7 -19.28 36.86 12.95
N ASP I 8 -18.77 37.50 11.90
CA ASP I 8 -17.39 37.35 11.48
C ASP I 8 -16.77 38.73 11.29
N GLU I 9 -15.45 38.77 11.18
CA GLU I 9 -14.73 40.03 11.01
C GLU I 9 -14.41 40.23 9.53
N VAL I 10 -14.72 41.41 9.02
CA VAL I 10 -14.72 41.67 7.60
C VAL I 10 -14.35 43.14 7.39
N VAL I 11 -13.72 43.43 6.25
CA VAL I 11 -13.28 44.78 5.93
C VAL I 11 -13.99 45.23 4.65
N LEU I 12 -14.32 46.53 4.61
CA LEU I 12 -15.00 47.12 3.47
C LEU I 12 -13.98 47.92 2.65
N GLN I 13 -13.87 47.59 1.37
CA GLN I 13 -12.89 48.20 0.49
C GLN I 13 -13.58 48.72 -0.77
N CYS I 14 -12.90 49.67 -1.42
CA CYS I 14 -13.39 50.21 -2.68
C CYS I 14 -12.18 50.54 -3.56
N SER I 15 -12.31 50.26 -4.85
CA SER I 15 -11.25 50.52 -5.82
C SER I 15 -11.65 51.70 -6.68
N ALA I 16 -10.81 52.74 -6.69
CA ALA I 16 -11.03 53.91 -7.52
C ALA I 16 -9.74 54.25 -8.24
N THR I 17 -9.87 54.66 -9.50
CA THR I 17 -8.72 54.99 -10.34
C THR I 17 -8.64 56.50 -10.47
N VAL I 18 -7.61 57.10 -9.87
CA VAL I 18 -7.36 58.53 -9.94
C VAL I 18 -5.95 58.76 -10.43
N LEU I 19 -5.78 59.70 -11.38
CA LEU I 19 -4.49 60.01 -11.99
C LEU I 19 -3.83 58.76 -12.59
N LYS I 20 -4.66 57.92 -13.23
CA LYS I 20 -4.22 56.67 -13.84
C LYS I 20 -3.57 55.74 -12.83
N GLU I 21 -3.97 55.84 -11.56
CA GLU I 21 -3.50 54.97 -10.50
C GLU I 21 -4.70 54.32 -9.83
N GLN I 22 -4.71 52.99 -9.80
CA GLN I 22 -5.86 52.22 -9.32
C GLN I 22 -5.71 52.02 -7.82
N LEU I 23 -6.05 53.07 -7.06
CA LEU I 23 -5.97 52.99 -5.62
C LEU I 23 -7.07 52.09 -5.07
N LYS I 24 -6.72 51.32 -4.05
CA LYS I 24 -7.68 50.52 -3.30
C LYS I 24 -7.69 51.04 -1.87
N LEU I 25 -8.82 51.59 -1.45
CA LEU I 25 -8.96 52.14 -0.11
C LEU I 25 -9.85 51.22 0.73
N CYS I 26 -9.65 51.28 2.04
CA CYS I 26 -10.49 50.55 2.98
C CYS I 26 -11.05 51.54 3.99
N LEU I 27 -12.34 51.40 4.30
CA LEU I 27 -12.99 52.33 5.21
C LEU I 27 -12.56 52.06 6.65
N ALA I 28 -12.46 53.14 7.43
CA ALA I 28 -12.01 53.03 8.81
C ALA I 28 -12.47 54.26 9.58
N ALA I 29 -12.36 54.18 10.90
CA ALA I 29 -12.67 55.29 11.80
C ALA I 29 -12.17 54.94 13.19
N GLU I 30 -11.52 55.90 13.86
CA GLU I 30 -11.08 55.65 15.22
C GLU I 30 -12.25 55.65 16.20
N GLY I 31 -13.33 56.33 15.87
CA GLY I 31 -14.50 56.35 16.72
C GLY I 31 -14.43 57.35 17.85
N PHE I 32 -13.54 57.11 18.81
CA PHE I 32 -13.47 57.93 20.02
C PHE I 32 -12.77 59.24 19.70
N GLY I 33 -13.47 60.35 19.89
CA GLY I 33 -12.95 61.66 19.58
C GLY I 33 -13.20 62.10 18.16
N ASN I 34 -13.47 61.17 17.25
CA ASN I 34 -13.77 61.51 15.86
C ASN I 34 -14.68 60.38 15.37
N ARG I 35 -15.99 60.63 15.43
CA ARG I 35 -16.94 59.63 14.97
C ARG I 35 -16.88 59.42 13.47
N LEU I 36 -16.44 60.44 12.73
CA LEU I 36 -16.47 60.38 11.27
C LEU I 36 -15.51 59.32 10.75
N CYS I 37 -15.87 58.73 9.62
CA CYS I 37 -15.08 57.68 8.99
C CYS I 37 -14.36 58.20 7.76
N PHE I 38 -13.13 57.76 7.58
CA PHE I 38 -12.31 58.07 6.42
C PHE I 38 -11.66 56.78 5.95
N LEU I 39 -11.22 56.77 4.69
CA LEU I 39 -10.67 55.57 4.09
C LEU I 39 -9.16 55.69 3.97
N GLU I 40 -8.47 54.71 4.48
CA GLU I 40 -7.04 54.78 4.23
C GLU I 40 -6.66 53.83 3.09
N PRO I 41 -5.63 54.17 2.32
CA PRO I 41 -5.24 53.30 1.21
C PRO I 41 -4.60 52.01 1.72
N THR I 42 -5.12 50.88 1.26
CA THR I 42 -4.46 49.60 1.50
C THR I 42 -3.43 49.28 0.44
N SER I 43 -3.47 49.97 -0.70
CA SER I 43 -2.46 49.81 -1.72
C SER I 43 -1.15 50.43 -1.26
N ASN I 44 -0.06 50.04 -1.94
CA ASN I 44 1.29 50.50 -1.62
C ASN I 44 1.66 50.16 -0.17
N ALA I 45 1.31 48.95 0.26
CA ALA I 45 1.65 48.51 1.60
C ALA I 45 3.16 48.40 1.81
N GLN I 46 3.90 48.18 0.73
CA GLN I 46 5.35 48.03 0.85
C GLN I 46 6.02 49.33 1.28
N ASN I 47 5.58 50.45 0.71
CA ASN I 47 6.15 51.75 1.08
C ASN I 47 5.47 52.30 2.32
N VAL I 48 4.15 52.45 2.27
CA VAL I 48 3.35 52.93 3.40
C VAL I 48 2.41 51.81 3.82
N PRO I 49 2.73 51.08 4.89
CA PRO I 49 1.86 50.01 5.37
C PRO I 49 0.55 50.58 5.89
N PRO I 50 -0.57 49.88 5.64
CA PRO I 50 -1.88 50.41 6.07
C PRO I 50 -2.11 50.27 7.56
N ASP I 51 -3.32 50.65 8.00
CA ASP I 51 -3.74 50.51 9.38
C ASP I 51 -4.94 49.57 9.42
N LEU I 52 -4.79 48.44 10.11
CA LEU I 52 -5.79 47.39 10.08
C LEU I 52 -6.59 47.28 11.37
N ALA I 53 -6.15 47.93 12.45
CA ALA I 53 -6.81 47.75 13.74
C ALA I 53 -8.18 48.43 13.79
N ILE I 54 -8.37 49.49 13.01
CA ILE I 54 -9.59 50.28 13.05
C ILE I 54 -10.40 50.17 11.77
N CYS I 55 -9.96 49.39 10.80
CA CYS I 55 -10.69 49.20 9.56
C CYS I 55 -11.48 47.90 9.50
N CYS I 56 -11.44 47.10 10.57
CA CYS I 56 -12.13 45.82 10.61
C CYS I 56 -13.48 45.94 11.32
N PHE I 57 -14.45 45.17 10.84
CA PHE I 57 -15.84 45.33 11.21
C PHE I 57 -16.47 43.96 11.43
N THR I 58 -17.32 43.85 12.44
CA THR I 58 -18.00 42.61 12.77
C THR I 58 -19.46 42.71 12.39
N LEU I 59 -19.93 41.74 11.61
CA LEU I 59 -21.36 41.65 11.32
C LEU I 59 -22.11 41.24 12.58
N GLU I 60 -23.28 41.86 12.80
CA GLU I 60 -24.13 41.53 13.93
C GLU I 60 -25.42 40.84 13.51
N GLN I 61 -26.17 41.45 12.60
CA GLN I 61 -27.40 40.85 12.10
C GLN I 61 -27.49 41.11 10.60
N SER I 62 -28.14 40.19 9.90
CA SER I 62 -28.37 40.28 8.46
C SER I 62 -29.86 40.16 8.19
N LEU I 63 -30.65 40.93 8.93
CA LEU I 63 -32.09 40.76 8.97
C LEU I 63 -32.73 41.22 7.66
N SER I 64 -33.91 40.67 7.38
CA SER I 64 -34.68 41.06 6.22
C SER I 64 -35.36 42.41 6.48
N VAL I 65 -35.92 42.98 5.41
CA VAL I 65 -36.45 44.34 5.50
C VAL I 65 -37.68 44.38 6.39
N ARG I 66 -38.63 43.48 6.16
CA ARG I 66 -39.85 43.47 6.95
C ARG I 66 -39.56 43.17 8.42
N ALA I 67 -38.67 42.22 8.67
CA ALA I 67 -38.29 41.92 10.05
C ALA I 67 -37.55 43.09 10.67
N LEU I 68 -36.85 43.88 9.86
CA LEU I 68 -36.22 45.09 10.37
C LEU I 68 -37.28 46.07 10.86
N GLN I 69 -38.32 46.29 10.05
CA GLN I 69 -39.37 47.21 10.47
C GLN I 69 -40.05 46.72 11.74
N GLU I 70 -40.27 45.40 11.85
CA GLU I 70 -40.90 44.87 13.05
C GLU I 70 -40.01 45.01 14.28
N MET I 71 -38.70 44.76 14.12
CA MET I 71 -37.78 44.92 15.23
C MET I 71 -37.70 46.38 15.68
N LEU I 72 -37.73 47.30 14.72
CA LEU I 72 -37.76 48.72 15.05
C LEU I 72 -39.04 49.08 15.79
N ALA I 73 -40.17 48.54 15.36
CA ALA I 73 -41.44 48.83 16.02
C ALA I 73 -41.50 48.25 17.43
N ASN I 74 -40.80 47.14 17.67
CA ASN I 74 -40.75 46.56 19.01
C ASN I 74 -39.73 47.28 19.88
N GLY I 87 -26.75 31.80 16.24
CA GLY I 87 -27.25 32.36 14.99
C GLY I 87 -26.41 31.97 13.79
N HIS I 88 -25.52 32.87 13.39
CA HIS I 88 -24.60 32.68 12.26
C HIS I 88 -25.39 32.37 10.98
N ARG I 89 -26.23 33.32 10.60
CA ARG I 89 -27.00 33.19 9.37
C ARG I 89 -26.10 33.50 8.17
N THR I 90 -26.69 33.56 6.99
CA THR I 90 -25.96 33.89 5.77
C THR I 90 -26.62 35.08 5.10
N LEU I 91 -25.81 35.92 4.48
CA LEU I 91 -26.31 37.15 3.89
C LEU I 91 -26.84 36.91 2.48
N LEU I 92 -27.91 37.62 2.14
CA LEU I 92 -28.51 37.58 0.82
C LEU I 92 -28.81 39.00 0.37
N TYR I 93 -28.85 39.20 -0.94
CA TYR I 93 -29.17 40.53 -1.46
C TYR I 93 -30.58 40.93 -1.05
N GLY I 94 -30.76 42.20 -0.77
CA GLY I 94 -32.01 42.72 -0.24
C GLY I 94 -32.09 42.76 1.25
N HIS I 95 -31.18 42.10 1.95
CA HIS I 95 -31.14 42.13 3.41
C HIS I 95 -30.40 43.36 3.89
N ALA I 96 -30.85 43.89 5.03
CA ALA I 96 -30.17 45.00 5.67
C ALA I 96 -29.34 44.48 6.83
N ILE I 97 -28.17 45.07 7.03
CA ILE I 97 -27.19 44.51 7.94
C ILE I 97 -26.79 45.55 8.99
N LEU I 98 -26.20 45.05 10.07
CA LEU I 98 -25.69 45.87 11.16
C LEU I 98 -24.22 45.58 11.34
N LEU I 99 -23.40 46.64 11.32
CA LEU I 99 -21.95 46.53 11.42
C LEU I 99 -21.48 47.15 12.72
N ARG I 100 -20.63 46.43 13.45
CA ARG I 100 -20.06 46.90 14.70
C ARG I 100 -18.56 47.09 14.53
N HIS I 101 -18.03 48.15 15.12
CA HIS I 101 -16.61 48.41 15.02
C HIS I 101 -15.83 47.43 15.90
N ALA I 102 -14.59 47.16 15.53
CA ALA I 102 -13.80 46.21 16.28
C ALA I 102 -13.25 46.83 17.56
N HIS I 103 -12.44 47.89 17.41
CA HIS I 103 -11.86 48.53 18.58
C HIS I 103 -12.90 49.32 19.37
N SER I 104 -13.84 49.94 18.66
CA SER I 104 -14.75 50.89 19.28
C SER I 104 -15.99 50.24 19.89
N ARG I 105 -16.40 49.09 19.36
CA ARG I 105 -17.64 48.42 19.74
C ARG I 105 -18.86 49.31 19.48
N MET I 106 -18.73 50.24 18.54
CA MET I 106 -19.81 51.15 18.17
C MET I 106 -20.31 50.81 16.77
N TYR I 107 -21.62 50.91 16.58
CA TYR I 107 -22.23 50.46 15.34
C TYR I 107 -22.13 51.56 14.29
N LEU I 108 -21.67 51.19 13.09
CA LEU I 108 -21.51 52.15 12.02
C LEU I 108 -22.88 52.69 11.61
N SER I 109 -22.89 53.93 11.15
CA SER I 109 -24.15 54.66 11.01
C SER I 109 -24.02 55.71 9.91
N CYS I 110 -25.16 56.22 9.48
CA CYS I 110 -25.24 57.40 8.63
C CYS I 110 -25.75 58.55 9.48
N LEU I 111 -24.96 59.62 9.58
CA LEU I 111 -25.27 60.74 10.44
C LEU I 111 -26.00 61.83 9.68
N THR I 112 -26.65 62.73 10.43
CA THR I 112 -27.34 63.86 9.85
C THR I 112 -26.41 65.03 9.55
N THR I 113 -25.21 65.04 10.12
CA THR I 113 -24.24 66.08 9.82
C THR I 113 -23.77 65.97 8.38
N SER I 114 -23.39 67.12 7.80
CA SER I 114 -23.10 67.22 6.37
C SER I 114 -21.83 68.03 6.12
N ARG I 115 -20.74 67.68 6.80
CA ARG I 115 -19.49 68.41 6.58
C ARG I 115 -18.91 68.19 5.20
N SER I 116 -19.42 67.23 4.44
CA SER I 116 -19.05 67.08 3.03
C SER I 116 -19.63 68.25 2.25
N MET I 117 -18.77 69.19 1.87
CA MET I 117 -19.24 70.41 1.21
C MET I 117 -19.65 70.16 -0.24
N THR I 118 -19.16 69.08 -0.85
CA THR I 118 -19.28 68.92 -2.30
C THR I 118 -20.73 68.82 -2.76
N ASP I 119 -21.56 68.09 -2.03
CA ASP I 119 -22.92 67.83 -2.48
C ASP I 119 -23.84 68.05 -1.29
N LYS I 120 -24.93 68.78 -1.51
CA LYS I 120 -25.88 69.06 -0.43
C LYS I 120 -26.52 67.78 0.09
N LEU I 121 -26.89 66.88 -0.81
CA LEU I 121 -27.53 65.63 -0.43
C LEU I 121 -26.57 64.66 0.21
N ALA I 122 -25.25 64.86 0.04
CA ALA I 122 -24.27 63.96 0.62
C ALA I 122 -24.26 64.11 2.13
N PHE I 123 -24.48 63.00 2.83
CA PHE I 123 -24.49 62.98 4.28
C PHE I 123 -23.21 62.35 4.80
N ASP I 124 -22.87 62.70 6.03
CA ASP I 124 -21.67 62.15 6.65
C ASP I 124 -21.94 60.73 7.14
N VAL I 125 -20.91 59.90 7.09
CA VAL I 125 -20.97 58.54 7.61
C VAL I 125 -20.08 58.48 8.84
N GLY I 126 -20.65 58.09 9.97
CA GLY I 126 -19.90 58.04 11.22
C GLY I 126 -20.45 56.97 12.13
N LEU I 127 -19.63 56.60 13.11
CA LEU I 127 -20.04 55.59 14.06
C LEU I 127 -21.07 56.14 15.04
N GLN I 128 -21.87 55.25 15.60
CA GLN I 128 -22.92 55.59 16.54
C GLN I 128 -22.75 54.76 17.79
N GLU I 129 -23.03 55.37 18.95
CA GLU I 129 -22.80 54.70 20.22
C GLU I 129 -23.67 53.46 20.37
N ASP I 130 -24.92 53.55 19.97
CA ASP I 130 -25.89 52.47 20.11
C ASP I 130 -26.37 52.02 18.73
N ALA I 131 -27.38 51.15 18.72
CA ALA I 131 -27.98 50.68 17.48
C ALA I 131 -29.50 50.70 17.52
N THR I 132 -30.09 51.34 18.54
CA THR I 132 -31.55 51.34 18.65
C THR I 132 -32.21 52.09 17.50
N GLY I 133 -31.54 53.11 16.97
CA GLY I 133 -32.07 53.81 15.83
C GLY I 133 -31.94 53.01 14.55
N GLU I 134 -32.63 53.46 13.51
CA GLU I 134 -32.56 52.82 12.21
C GLU I 134 -31.39 53.32 11.39
N ALA I 135 -30.54 54.17 11.96
CA ALA I 135 -29.45 54.77 11.21
C ALA I 135 -28.31 53.81 10.95
N CYS I 136 -28.31 52.62 11.57
CA CYS I 136 -27.18 51.72 11.51
C CYS I 136 -27.46 50.48 10.67
N TRP I 137 -28.37 50.57 9.71
CA TRP I 137 -28.77 49.42 8.90
C TRP I 137 -28.57 49.73 7.42
N TRP I 138 -28.09 48.73 6.68
CA TRP I 138 -27.64 48.94 5.30
C TRP I 138 -28.14 47.79 4.43
N THR I 139 -29.07 48.09 3.53
CA THR I 139 -29.62 47.09 2.63
C THR I 139 -28.68 46.93 1.43
N MET I 140 -28.03 45.79 1.34
CA MET I 140 -27.18 45.51 0.19
C MET I 140 -28.02 45.13 -1.01
N HIS I 141 -27.51 45.45 -2.19
CA HIS I 141 -28.19 45.18 -3.45
C HIS I 141 -27.21 44.58 -4.45
N PRO I 142 -27.71 43.88 -5.45
CA PRO I 142 -26.81 43.26 -6.43
C PRO I 142 -26.09 44.29 -7.27
N ALA I 143 -24.87 43.94 -7.66
CA ALA I 143 -24.06 44.82 -8.50
C ALA I 143 -24.41 44.65 -9.97
N SER I 144 -24.41 43.41 -10.45
CA SER I 144 -24.72 43.08 -11.82
C SER I 144 -26.04 42.34 -11.91
N LYS I 145 -26.54 42.21 -13.14
CA LYS I 145 -27.74 41.42 -13.38
C LYS I 145 -27.51 39.93 -13.12
N GLN I 146 -26.26 39.48 -13.21
CA GLN I 146 -25.94 38.08 -12.92
C GLN I 146 -26.29 37.72 -11.48
N ARG I 147 -26.18 38.69 -10.57
CA ARG I 147 -26.61 38.51 -9.19
C ARG I 147 -28.02 39.07 -9.03
N SER I 148 -28.88 38.30 -8.39
CA SER I 148 -30.28 38.68 -8.21
C SER I 148 -30.59 38.82 -6.72
N GLU I 149 -31.59 39.64 -6.42
CA GLU I 149 -32.01 39.80 -5.03
C GLU I 149 -32.54 38.49 -4.50
N GLY I 150 -32.10 38.13 -3.29
CA GLY I 150 -32.40 36.83 -2.74
C GLY I 150 -31.35 35.79 -2.98
N GLU I 151 -30.19 36.17 -3.50
CA GLU I 151 -29.08 35.26 -3.74
C GLU I 151 -28.01 35.43 -2.68
N LYS I 152 -27.37 34.33 -2.31
CA LYS I 152 -26.31 34.38 -1.32
C LYS I 152 -25.12 35.16 -1.87
N VAL I 153 -24.45 35.90 -1.00
CA VAL I 153 -23.25 36.64 -1.35
C VAL I 153 -22.03 35.84 -0.90
N ARG I 154 -21.06 35.69 -1.79
CA ARG I 154 -19.86 34.92 -1.49
C ARG I 154 -18.69 35.84 -1.19
N VAL I 155 -17.60 35.24 -0.73
CA VAL I 155 -16.42 36.01 -0.38
C VAL I 155 -15.87 36.69 -1.61
N GLY I 156 -15.48 37.95 -1.45
CA GLY I 156 -14.99 38.72 -2.58
C GLY I 156 -16.04 39.03 -3.62
N ASP I 157 -17.24 39.38 -3.20
CA ASP I 157 -18.31 39.79 -4.11
C ASP I 157 -18.50 41.30 -4.00
N ASP I 158 -18.63 41.96 -5.15
CA ASP I 158 -18.88 43.39 -5.17
C ASP I 158 -20.37 43.68 -5.09
N LEU I 159 -20.73 44.71 -4.32
CA LEU I 159 -22.13 44.97 -4.03
C LEU I 159 -22.31 46.44 -3.70
N ILE I 160 -23.56 46.89 -3.79
CA ILE I 160 -23.91 48.28 -3.57
C ILE I 160 -24.63 48.38 -2.24
N LEU I 161 -24.02 49.05 -1.27
CA LEU I 161 -24.60 49.23 0.05
C LEU I 161 -25.47 50.48 0.04
N VAL I 162 -26.78 50.28 0.10
CA VAL I 162 -27.75 51.37 0.10
C VAL I 162 -28.26 51.55 1.53
N SER I 163 -28.27 52.80 2.00
CA SER I 163 -28.64 53.08 3.38
C SER I 163 -30.12 52.82 3.62
N VAL I 164 -30.45 52.47 4.86
CA VAL I 164 -31.83 52.45 5.30
C VAL I 164 -32.22 53.77 5.95
N SER I 165 -31.29 54.41 6.65
CA SER I 165 -31.57 55.70 7.27
C SER I 165 -31.90 56.76 6.24
N SER I 166 -31.02 56.93 5.25
CA SER I 166 -31.11 58.02 4.31
C SER I 166 -31.46 57.58 2.90
N GLU I 167 -31.58 56.27 2.66
CA GLU I 167 -31.87 55.72 1.34
C GLU I 167 -30.85 56.20 0.31
N ARG I 168 -29.58 56.21 0.72
CA ARG I 168 -28.51 56.78 -0.08
C ARG I 168 -27.36 55.78 -0.15
N TYR I 169 -26.68 55.74 -1.29
CA TYR I 169 -25.58 54.81 -1.47
C TYR I 169 -24.39 55.22 -0.62
N LEU I 170 -23.53 54.24 -0.33
CA LEU I 170 -22.20 54.53 0.19
C LEU I 170 -21.31 54.93 -0.98
N HIS I 171 -20.87 56.19 -1.01
CA HIS I 171 -20.17 56.75 -2.15
C HIS I 171 -18.79 57.24 -1.78
N LEU I 172 -17.84 57.05 -2.70
CA LEU I 172 -16.49 57.56 -2.59
C LEU I 172 -16.42 58.93 -3.27
N SER I 173 -16.37 59.98 -2.46
CA SER I 173 -16.22 61.34 -2.97
C SER I 173 -14.74 61.69 -3.03
N THR I 174 -14.19 61.73 -4.23
CA THR I 174 -12.79 62.09 -4.45
C THR I 174 -12.61 63.44 -5.10
N ALA I 175 -13.69 64.20 -5.31
CA ALA I 175 -13.57 65.54 -5.88
C ALA I 175 -12.80 66.46 -4.95
N SER I 176 -13.01 66.32 -3.64
CA SER I 176 -12.24 67.10 -2.67
C SER I 176 -10.77 66.75 -2.69
N GLY I 177 -10.41 65.54 -3.14
CA GLY I 177 -9.04 65.11 -3.17
C GLY I 177 -8.58 64.39 -1.93
N GLU I 178 -9.34 64.47 -0.83
CA GLU I 178 -9.04 63.70 0.37
C GLU I 178 -9.59 62.29 0.31
N LEU I 179 -10.38 61.97 -0.71
CA LEU I 179 -11.02 60.67 -0.86
C LEU I 179 -11.87 60.33 0.37
N GLN I 180 -12.90 61.13 0.57
CA GLN I 180 -13.80 60.95 1.69
C GLN I 180 -14.94 60.00 1.32
N VAL I 181 -15.66 59.53 2.33
CA VAL I 181 -16.82 58.67 2.14
C VAL I 181 -18.06 59.45 2.57
N ASP I 182 -19.09 59.42 1.74
CA ASP I 182 -20.33 60.10 2.08
C ASP I 182 -21.50 59.34 1.49
N ALA I 183 -22.66 59.51 2.10
CA ALA I 183 -23.90 58.92 1.60
C ALA I 183 -24.48 59.87 0.57
N SER I 184 -24.11 59.67 -0.68
CA SER I 184 -24.63 60.45 -1.79
C SER I 184 -25.13 59.49 -2.87
N PHE I 185 -25.66 60.05 -3.93
CA PHE I 185 -26.43 59.25 -4.87
C PHE I 185 -25.62 58.73 -6.04
N MET I 186 -24.36 59.13 -6.16
CA MET I 186 -23.48 58.48 -7.13
C MET I 186 -23.16 57.09 -6.59
N GLN I 187 -23.77 56.07 -7.17
CA GLN I 187 -23.62 54.72 -6.66
C GLN I 187 -22.16 54.28 -6.75
N THR I 188 -21.72 53.55 -5.73
CA THR I 188 -20.32 53.17 -5.64
C THR I 188 -20.24 51.72 -5.18
N LEU I 189 -19.49 50.91 -5.92
CA LEU I 189 -19.33 49.51 -5.59
C LEU I 189 -18.48 49.36 -4.33
N TRP I 190 -18.63 48.21 -3.67
CA TRP I 190 -17.89 47.93 -2.45
C TRP I 190 -17.58 46.45 -2.40
N ASN I 191 -16.43 46.12 -1.80
CA ASN I 191 -15.98 44.75 -1.65
C ASN I 191 -15.90 44.44 -0.16
N MET I 192 -16.46 43.31 0.23
CA MET I 192 -16.59 42.95 1.64
C MET I 192 -15.77 41.68 1.86
N ASN I 193 -14.55 41.85 2.38
CA ASN I 193 -13.58 40.76 2.43
C ASN I 193 -13.37 40.29 3.86
N PRO I 194 -13.69 39.03 4.17
CA PRO I 194 -13.55 38.53 5.56
C PRO I 194 -12.10 38.27 5.89
N ILE I 195 -11.60 38.93 6.94
CA ILE I 195 -10.20 38.74 7.31
C ILE I 195 -9.99 37.38 7.95
N CYS I 196 -10.99 36.85 8.65
CA CYS I 196 -10.86 35.59 9.37
C CYS I 196 -11.13 34.44 8.40
N SER I 197 -10.13 34.15 7.57
CA SER I 197 -10.25 33.04 6.63
C SER I 197 -10.33 31.71 7.37
N CYS I 198 -9.57 31.57 8.45
CA CYS I 198 -9.59 30.38 9.28
C CYS I 198 -9.82 30.79 10.73
N CYS I 199 -10.81 30.18 11.36
CA CYS I 199 -11.20 30.50 12.74
C CYS I 199 -10.90 29.29 13.61
N GLU I 200 -9.75 29.32 14.29
CA GLU I 200 -9.32 28.24 15.17
C GLU I 200 -9.08 28.80 16.56
N GLU I 201 -9.75 28.22 17.55
CA GLU I 201 -9.59 28.65 18.92
C GLU I 201 -8.25 28.18 19.47
N GLY I 202 -7.59 29.06 20.21
CA GLY I 202 -6.32 28.73 20.83
C GLY I 202 -5.12 28.82 19.91
N TYR I 203 -5.29 29.32 18.69
CA TYR I 203 -4.20 29.46 17.74
C TYR I 203 -4.02 30.92 17.37
N VAL I 204 -2.76 31.30 17.14
CA VAL I 204 -2.46 32.68 16.79
C VAL I 204 -2.99 32.97 15.39
N THR I 205 -3.56 34.17 15.23
CA THR I 205 -4.14 34.57 13.96
C THR I 205 -3.72 36.00 13.67
N GLY I 206 -3.76 36.37 12.39
CA GLY I 206 -3.34 37.70 12.00
C GLY I 206 -4.30 38.77 12.50
N GLY I 207 -3.76 39.97 12.67
CA GLY I 207 -4.54 41.06 13.21
C GLY I 207 -4.89 40.92 14.67
N HIS I 208 -4.15 40.10 15.40
CA HIS I 208 -4.45 39.79 16.80
C HIS I 208 -3.35 40.40 17.66
N VAL I 209 -3.70 41.41 18.44
CA VAL I 209 -2.73 41.94 19.39
C VAL I 209 -2.50 40.91 20.49
N LEU I 210 -1.29 40.89 21.01
CA LEU I 210 -0.90 39.87 21.99
C LEU I 210 0.38 40.34 22.69
N ARG I 211 0.96 39.44 23.47
CA ARG I 211 2.16 39.71 24.24
C ARG I 211 3.15 38.58 24.03
N LEU I 212 4.42 38.92 23.90
CA LEU I 212 5.48 37.96 23.58
C LEU I 212 6.37 37.79 24.80
N PHE I 213 6.08 36.79 25.62
CA PHE I 213 6.95 36.46 26.74
C PHE I 213 8.07 35.56 26.23
N HIS I 214 9.29 36.07 26.20
CA HIS I 214 10.44 35.30 25.74
C HIS I 214 10.71 34.18 26.74
N GLY I 215 10.54 32.93 26.29
CA GLY I 215 10.85 31.79 27.13
C GLY I 215 10.02 31.73 28.39
N HIS I 216 10.64 32.03 29.52
CA HIS I 216 9.95 32.04 30.80
C HIS I 216 8.84 33.09 30.81
N MET I 217 7.90 32.91 31.73
CA MET I 217 6.78 33.85 31.88
C MET I 217 7.23 35.20 32.40
N ASP I 218 8.40 35.27 33.02
CA ASP I 218 8.78 36.46 33.78
C ASP I 218 9.07 37.65 32.88
N GLU I 219 9.69 37.42 31.74
CA GLU I 219 10.11 38.51 30.86
C GLU I 219 9.32 38.49 29.56
N CYS I 220 9.31 39.64 28.88
CA CYS I 220 8.54 39.79 27.66
C CYS I 220 9.17 40.91 26.83
N LEU I 221 8.67 41.06 25.61
CA LEU I 221 9.14 42.10 24.70
C LEU I 221 8.53 43.43 25.12
N THR I 222 9.38 44.40 25.45
CA THR I 222 8.94 45.68 25.99
C THR I 222 9.38 46.81 25.07
N ILE I 223 9.23 48.04 25.56
CA ILE I 223 9.62 49.25 24.85
C ILE I 223 10.30 50.13 25.89
N SER I 224 10.89 51.25 25.44
CA SER I 224 11.47 52.24 26.34
C SER I 224 10.47 52.61 27.43
N ALA I 225 11.01 52.86 28.64
CA ALA I 225 10.15 53.06 29.81
C ALA I 225 9.27 54.30 29.65
N ALA I 226 9.88 55.48 29.59
CA ALA I 226 9.16 56.73 29.44
C ALA I 226 9.12 57.12 27.98
N ASP I 227 8.56 58.30 27.70
CA ASP I 227 8.47 58.79 26.33
C ASP I 227 9.80 59.31 25.80
N SER I 228 10.75 59.65 26.68
CA SER I 228 12.00 60.28 26.26
C SER I 228 13.24 59.54 26.74
N ASP I 229 13.08 58.46 27.52
CA ASP I 229 14.25 57.74 28.03
C ASP I 229 15.08 57.16 26.90
N ASP I 230 14.43 56.57 25.89
CA ASP I 230 15.11 56.13 24.68
C ASP I 230 14.41 56.64 23.43
N GLN I 231 13.67 57.75 23.56
CA GLN I 231 12.95 58.40 22.47
C GLN I 231 11.87 57.46 21.89
N ARG I 232 11.46 56.46 22.69
CA ARG I 232 10.47 55.46 22.27
C ARG I 232 10.95 54.72 21.02
N ARG I 233 12.22 54.38 20.98
CA ARG I 233 12.81 53.69 19.85
C ARG I 233 13.52 52.39 20.24
N LEU I 234 14.21 52.37 21.38
CA LEU I 234 14.96 51.20 21.78
C LEU I 234 14.05 50.17 22.41
N VAL I 235 14.13 48.94 21.88
CA VAL I 235 13.30 47.83 22.34
C VAL I 235 14.13 46.97 23.29
N TYR I 236 13.48 46.42 24.32
CA TYR I 236 14.19 45.69 25.36
C TYR I 236 13.56 44.34 25.64
N TYR I 237 14.02 43.67 26.70
CA TYR I 237 13.52 42.37 27.11
C TYR I 237 13.18 42.39 28.60
N GLU I 238 12.61 43.51 29.06
CA GLU I 238 12.41 43.72 30.49
C GLU I 238 11.42 42.72 31.06
N GLY I 239 11.72 42.22 32.26
CA GLY I 239 10.84 41.29 32.94
C GLY I 239 10.38 41.79 34.30
N GLY I 240 9.06 41.78 34.51
CA GLY I 240 8.51 42.24 35.77
C GLY I 240 7.06 42.66 35.66
N ALA I 241 6.72 43.76 36.32
CA ALA I 241 5.34 44.26 36.31
C ALA I 241 4.95 44.85 34.96
N VAL I 242 5.90 45.02 34.03
CA VAL I 242 5.61 45.59 32.73
C VAL I 242 4.71 44.70 31.87
N CYS I 243 4.55 43.44 32.23
CA CYS I 243 3.68 42.56 31.46
C CYS I 243 2.23 43.05 31.49
N THR I 244 1.80 43.59 32.63
CA THR I 244 0.44 44.12 32.71
C THR I 244 0.31 45.43 31.94
N HIS I 245 1.38 46.21 31.86
CA HIS I 245 1.30 47.54 31.26
C HIS I 245 1.11 47.46 29.76
N ALA I 246 0.71 48.58 29.17
CA ALA I 246 0.54 48.68 27.73
C ALA I 246 1.87 48.66 26.98
N ARG I 247 2.99 48.84 27.68
CA ARG I 247 4.29 48.77 27.04
C ARG I 247 4.54 47.38 26.47
N SER I 248 4.16 46.34 27.21
CA SER I 248 4.25 44.97 26.73
C SER I 248 3.02 44.66 25.89
N LEU I 249 3.06 44.99 24.60
CA LEU I 249 1.95 44.71 23.69
C LEU I 249 2.42 44.86 22.27
N TRP I 250 2.13 43.85 21.43
CA TRP I 250 2.51 43.88 20.04
C TRP I 250 1.40 43.26 19.19
N ARG I 251 1.06 43.92 18.09
CA ARG I 251 0.09 43.42 17.13
C ARG I 251 0.84 42.87 15.92
N LEU I 252 0.59 41.61 15.60
CA LEU I 252 1.17 41.00 14.42
C LEU I 252 0.21 41.21 13.25
N GLU I 253 0.54 42.16 12.39
CA GLU I 253 -0.24 42.38 11.18
C GLU I 253 0.41 41.63 10.03
N PRO I 254 -0.26 40.70 9.39
CA PRO I 254 0.35 40.04 8.21
C PRO I 254 0.60 41.03 7.09
N LEU I 255 1.88 41.24 6.78
CA LEU I 255 2.25 42.13 5.68
C LEU I 255 1.67 41.65 4.37
N ARG I 256 1.64 40.34 4.17
CA ARG I 256 0.97 39.72 3.02
C ARG I 256 -0.49 40.15 2.98
N ILE I 257 -0.83 40.94 1.97
CA ILE I 257 -2.20 41.45 1.85
C ILE I 257 -3.18 40.31 1.58
N SER I 258 -2.73 39.31 0.81
CA SER I 258 -3.47 38.06 0.73
C SER I 258 -3.45 37.37 2.09
N TRP I 259 -4.58 36.78 2.47
CA TRP I 259 -4.76 36.16 3.78
C TRP I 259 -4.44 37.14 4.90
N SER I 260 -4.86 38.40 4.72
CA SER I 260 -4.66 39.40 5.77
C SER I 260 -5.57 39.09 6.95
N GLY I 261 -4.97 38.92 8.12
CA GLY I 261 -5.72 38.54 9.31
C GLY I 261 -6.05 37.08 9.39
N SER I 262 -5.64 36.26 8.42
CA SER I 262 -5.91 34.84 8.41
C SER I 262 -4.91 34.15 9.34
N HIS I 263 -4.93 32.82 9.38
CA HIS I 263 -3.99 32.07 10.18
C HIS I 263 -2.55 32.38 9.80
N LEU I 264 -1.71 32.56 10.82
CA LEU I 264 -0.29 32.81 10.62
C LEU I 264 0.37 31.48 10.28
N ARG I 265 0.87 31.35 9.06
CA ARG I 265 1.60 30.16 8.66
C ARG I 265 3.05 30.27 9.10
N TRP I 266 3.69 29.11 9.29
CA TRP I 266 5.09 29.10 9.72
C TRP I 266 5.96 29.82 8.70
N GLY I 267 6.84 30.68 9.19
CA GLY I 267 7.76 31.40 8.34
C GLY I 267 7.11 32.36 7.37
N GLN I 268 6.18 33.17 7.87
CA GLN I 268 5.52 34.06 6.93
C GLN I 268 5.88 35.51 7.21
N PRO I 269 6.12 36.31 6.17
CA PRO I 269 6.40 37.74 6.37
C PRO I 269 5.21 38.45 7.01
N LEU I 270 5.52 39.37 7.90
CA LEU I 270 4.52 40.03 8.75
C LEU I 270 5.22 41.17 9.48
N ARG I 271 4.43 42.04 10.09
CA ARG I 271 4.92 43.25 10.73
C ARG I 271 4.48 43.27 12.19
N ILE I 272 5.44 43.42 13.09
CA ILE I 272 5.14 43.65 14.50
C ILE I 272 4.88 45.14 14.70
N ARG I 273 3.82 45.47 15.44
CA ARG I 273 3.49 46.86 15.74
C ARG I 273 3.37 47.04 17.24
N HIS I 274 3.85 48.18 17.74
CA HIS I 274 3.78 48.41 19.18
C HIS I 274 2.35 48.68 19.64
N VAL I 275 1.49 49.16 18.74
CA VAL I 275 0.12 49.63 18.99
C VAL I 275 0.10 50.87 19.86
N THR I 276 0.73 50.81 21.03
CA THR I 276 0.69 51.91 21.99
C THR I 276 1.30 53.18 21.40
N THR I 277 2.38 53.04 20.64
CA THR I 277 3.01 54.17 19.97
C THR I 277 2.78 54.16 18.46
N GLY I 278 2.20 53.09 17.92
CA GLY I 278 1.98 53.00 16.48
C GLY I 278 3.25 52.89 15.68
N ARG I 279 4.25 52.17 16.19
CA ARG I 279 5.54 52.03 15.53
C ARG I 279 5.80 50.57 15.20
N TYR I 280 6.12 50.30 13.93
CA TYR I 280 6.44 48.95 13.48
C TYR I 280 7.86 48.58 13.91
N LEU I 281 8.00 47.49 14.65
CA LEU I 281 9.31 46.96 14.97
C LEU I 281 10.01 46.49 13.69
N ALA I 282 11.28 46.83 13.53
CA ALA I 282 11.95 46.59 12.27
C ALA I 282 13.46 46.49 12.47
N LEU I 283 14.13 45.97 11.44
CA LEU I 283 15.58 45.89 11.43
C LEU I 283 16.17 47.28 11.19
N THR I 284 17.18 47.64 11.97
CA THR I 284 17.86 48.91 11.81
C THR I 284 19.35 48.67 11.58
N GLU I 285 20.02 49.69 11.06
CA GLU I 285 21.42 49.59 10.70
C GLU I 285 22.37 50.11 11.77
N ASP I 286 21.96 51.11 12.54
CA ASP I 286 22.80 51.62 13.62
C ASP I 286 22.81 50.71 14.84
N GLN I 287 21.81 49.83 14.98
CA GLN I 287 21.71 48.92 16.11
C GLN I 287 21.18 47.60 15.58
N GLY I 288 20.81 46.69 16.48
CA GLY I 288 20.26 45.42 16.07
C GLY I 288 18.91 45.55 15.39
N LEU I 289 17.90 45.95 16.15
CA LEU I 289 16.59 46.23 15.60
C LEU I 289 15.86 47.19 16.52
N VAL I 290 15.13 48.14 15.94
CA VAL I 290 14.37 49.12 16.71
C VAL I 290 13.01 49.31 16.05
N VAL I 291 12.11 49.93 16.80
CA VAL I 291 10.82 50.31 16.25
C VAL I 291 11.01 51.54 15.36
N VAL I 292 10.20 51.64 14.31
CA VAL I 292 10.25 52.75 13.37
C VAL I 292 8.84 53.24 13.13
N ASP I 293 8.75 54.47 12.62
CA ASP I 293 7.46 55.01 12.22
C ASP I 293 6.95 54.27 10.99
N ALA I 294 5.64 54.37 10.76
CA ALA I 294 5.06 53.74 9.57
C ALA I 294 5.63 54.35 8.28
N CYS I 295 6.09 55.59 8.35
CA CYS I 295 6.79 56.18 7.21
C CYS I 295 8.10 55.44 6.94
N LYS I 296 8.83 55.09 7.99
CA LYS I 296 10.08 54.35 7.88
C LYS I 296 9.86 52.84 7.80
N ALA I 297 8.62 52.38 7.81
CA ALA I 297 8.31 50.96 7.80
C ALA I 297 8.20 50.47 6.37
N HIS I 298 9.11 49.59 5.97
CA HIS I 298 9.08 48.96 4.66
C HIS I 298 9.36 47.48 4.81
N THR I 299 9.02 46.71 3.77
CA THR I 299 9.14 45.26 3.83
C THR I 299 10.57 44.81 4.03
N LYS I 300 11.55 45.60 3.60
CA LYS I 300 12.94 45.24 3.80
C LYS I 300 13.37 45.31 5.26
N ALA I 301 12.60 45.97 6.12
CA ALA I 301 12.96 46.13 7.51
C ALA I 301 11.95 45.52 8.48
N THR I 302 10.66 45.64 8.20
CA THR I 302 9.63 45.22 9.13
C THR I 302 9.24 43.75 8.99
N SER I 303 9.78 43.04 8.00
CA SER I 303 9.34 41.67 7.74
C SER I 303 10.04 40.70 8.69
N PHE I 304 9.26 40.01 9.50
CA PHE I 304 9.76 38.92 10.35
C PHE I 304 8.92 37.68 10.08
N CYS I 305 9.35 36.57 10.66
CA CYS I 305 8.68 35.29 10.45
C CYS I 305 9.03 34.37 11.62
N PHE I 306 8.16 33.40 11.85
CA PHE I 306 8.29 32.52 13.01
C PHE I 306 8.87 31.19 12.55
N ARG I 307 9.98 30.78 13.15
CA ARG I 307 10.72 29.61 12.72
C ARG I 307 10.57 28.48 13.73
N VAL I 308 10.33 27.27 13.22
CA VAL I 308 10.13 26.12 14.10
C VAL I 308 11.42 25.77 14.85
N SER I 309 12.53 25.68 14.12
CA SER I 309 13.80 25.29 14.70
C SER I 309 14.86 26.31 14.33
N LYS I 310 15.82 26.50 15.23
CA LYS I 310 16.89 27.46 14.96
C LYS I 310 17.79 26.99 13.83
N GLU I 311 18.01 25.69 13.71
CA GLU I 311 18.68 25.16 12.53
C GLU I 311 17.78 25.33 11.31
N LYS I 312 18.39 25.59 10.16
CA LYS I 312 17.64 25.72 8.92
C LYS I 312 17.07 24.37 8.53
N LEU I 313 15.74 24.27 8.53
CA LEU I 313 15.03 23.03 8.21
C LEU I 313 15.47 21.87 9.11
N GLU I 328 -1.56 25.72 12.61
CA GLU I 328 -0.11 25.64 12.63
C GLU I 328 0.46 26.11 13.96
N ILE I 329 0.83 27.38 14.02
CA ILE I 329 1.38 27.93 15.25
C ILE I 329 0.27 28.12 16.27
N LYS I 330 0.49 27.62 17.47
CA LYS I 330 -0.51 27.61 18.53
C LYS I 330 -0.11 28.59 19.62
N TYR I 331 -1.13 29.20 20.24
CA TYR I 331 -0.89 30.12 21.35
C TYR I 331 -0.19 29.42 22.50
N GLY I 332 -0.61 28.19 22.82
CA GLY I 332 0.04 27.39 23.84
C GLY I 332 1.22 26.61 23.25
N GLU I 333 2.30 26.55 24.04
CA GLU I 333 3.52 25.84 23.67
C GLU I 333 4.07 26.32 22.32
N SER I 334 4.12 27.65 22.16
CA SER I 334 4.62 28.25 20.92
C SER I 334 6.08 27.87 20.69
N LEU I 335 6.96 28.38 21.54
CA LEU I 335 8.40 28.08 21.51
C LEU I 335 8.99 28.29 20.11
N CYS I 336 8.63 29.41 19.50
CA CYS I 336 9.06 29.72 18.15
C CYS I 336 10.19 30.73 18.19
N PHE I 337 11.31 30.40 17.57
CA PHE I 337 12.42 31.33 17.38
C PHE I 337 12.12 32.22 16.19
N VAL I 338 11.67 33.45 16.46
CA VAL I 338 11.38 34.40 15.40
C VAL I 338 12.68 34.85 14.73
N GLN I 339 12.57 35.22 13.45
CA GLN I 339 13.71 35.57 12.63
C GLN I 339 13.30 36.61 11.60
N HIS I 340 14.21 37.52 11.29
CA HIS I 340 13.96 38.49 10.23
C HIS I 340 13.90 37.79 8.87
N VAL I 341 13.21 38.43 7.93
CA VAL I 341 12.93 37.82 6.63
C VAL I 341 13.90 38.30 5.56
N ALA I 342 14.07 39.62 5.42
CA ALA I 342 14.93 40.15 4.38
C ALA I 342 16.40 39.80 4.62
N SER I 343 16.80 39.68 5.87
CA SER I 343 18.16 39.30 6.24
C SER I 343 18.13 38.06 7.11
N GLY I 344 19.29 37.42 7.23
CA GLY I 344 19.47 36.27 8.08
C GLY I 344 19.81 36.60 9.52
N LEU I 345 19.76 37.88 9.90
CA LEU I 345 20.04 38.27 11.26
C LEU I 345 19.00 37.68 12.21
N TRP I 346 19.43 37.35 13.42
CA TRP I 346 18.58 36.66 14.39
C TRP I 346 18.43 37.51 15.64
N LEU I 347 17.18 37.67 16.09
CA LEU I 347 16.87 38.42 17.29
C LEU I 347 17.39 37.68 18.51
N THR I 348 18.38 38.28 19.18
CA THR I 348 18.96 37.71 20.40
C THR I 348 19.09 38.80 21.45
N TYR I 349 19.07 38.39 22.71
CA TYR I 349 19.22 39.32 23.81
C TYR I 349 20.67 39.75 23.96
N ALA I 350 20.87 40.97 24.45
CA ALA I 350 22.22 41.47 24.71
C ALA I 350 22.81 40.86 25.98
N ALA I 351 21.97 40.56 26.96
CA ALA I 351 22.37 40.05 28.28
C ALA I 351 23.40 40.95 28.94
N PRO I 352 23.02 42.17 29.37
CA PRO I 352 24.00 43.06 29.99
C PRO I 352 24.22 42.73 31.46
N ASP I 353 25.48 42.73 31.86
CA ASP I 353 25.84 42.50 33.25
C ASP I 353 26.56 43.73 33.83
N LYS I 355 20.72 45.97 40.77
CA LYS I 355 22.18 45.96 40.76
C LYS I 355 22.70 47.31 40.26
N ALA I 356 23.85 47.74 40.78
CA ALA I 356 24.39 49.05 40.41
C ALA I 356 24.82 49.08 38.95
N LEU I 357 25.48 48.03 38.46
CA LEU I 357 25.98 48.03 37.10
C LEU I 357 24.85 48.09 36.09
N ARG I 358 23.81 47.30 36.30
CA ARG I 358 22.62 47.35 35.46
C ARG I 358 21.42 47.01 36.33
N LEU I 359 20.27 47.58 35.98
CA LEU I 359 19.07 47.49 36.81
C LEU I 359 18.66 46.03 37.04
N GLY I 360 17.88 45.83 38.10
CA GLY I 360 17.47 44.48 38.47
C GLY I 360 16.68 43.78 37.36
N VAL I 361 15.82 44.54 36.67
CA VAL I 361 15.18 44.01 35.48
C VAL I 361 16.23 43.75 34.41
N LEU I 362 16.01 42.70 33.62
CA LEU I 362 17.05 42.24 32.70
C LEU I 362 17.41 43.32 31.68
N LYS I 363 16.41 43.93 31.05
CA LYS I 363 16.60 45.02 30.09
C LYS I 363 17.58 44.61 28.99
N LYS I 364 17.50 43.34 28.59
CA LYS I 364 18.38 42.78 27.57
C LYS I 364 17.93 43.27 26.21
N LYS I 365 18.53 44.37 25.73
CA LYS I 365 18.12 44.93 24.46
C LYS I 365 18.31 43.92 23.33
N ALA I 366 17.34 43.89 22.43
CA ALA I 366 17.36 42.91 21.35
C ALA I 366 18.23 43.38 20.20
N ILE I 367 19.05 42.47 19.68
CA ILE I 367 19.94 42.75 18.56
C ILE I 367 19.66 41.75 17.46
N LEU I 368 19.65 42.23 16.22
CA LEU I 368 19.52 41.36 15.06
C LEU I 368 20.92 40.96 14.60
N HIS I 369 21.27 39.70 14.83
CA HIS I 369 22.62 39.21 14.62
C HIS I 369 22.50 37.72 14.40
N GLN I 370 23.12 37.21 13.33
CA GLN I 370 22.83 35.86 12.85
C GLN I 370 23.27 34.77 13.81
N GLU I 371 23.98 35.11 14.88
CA GLU I 371 24.34 34.13 15.90
C GLU I 371 23.10 33.50 16.52
N GLY I 372 23.18 32.21 16.79
CA GLY I 372 22.09 31.51 17.45
C GLY I 372 22.32 31.36 18.94
N HIS I 373 21.64 32.18 19.74
CA HIS I 373 21.81 32.15 21.18
C HIS I 373 21.06 30.94 21.78
N MET I 374 21.17 30.80 23.09
CA MET I 374 20.62 29.63 23.76
C MET I 374 19.10 29.60 23.70
N ASP I 375 18.45 30.71 24.02
CA ASP I 375 16.99 30.82 24.00
C ASP I 375 16.59 31.96 23.06
N ASP I 376 16.04 31.59 21.90
CA ASP I 376 15.36 32.53 21.03
C ASP I 376 13.87 32.23 20.92
N ALA I 377 13.38 31.26 21.69
CA ALA I 377 11.97 30.93 21.67
C ALA I 377 11.15 32.01 22.35
N LEU I 378 9.88 32.11 21.96
CA LEU I 378 8.98 33.08 22.56
C LEU I 378 7.61 32.44 22.72
N PHE I 379 6.82 33.02 23.62
CA PHE I 379 5.48 32.56 23.95
C PHE I 379 4.51 33.65 23.57
N LEU I 380 3.52 33.30 22.75
CA LEU I 380 2.51 34.24 22.29
C LEU I 380 1.26 34.06 23.16
N THR I 381 0.98 35.04 24.01
CA THR I 381 -0.21 35.01 24.85
C THR I 381 -1.06 36.24 24.52
N ARG I 382 -2.28 36.00 24.09
CA ARG I 382 -3.17 37.11 23.77
C ARG I 382 -3.55 37.88 25.03
N CYS I 383 -3.80 39.18 24.85
CA CYS I 383 -4.29 40.02 25.93
C CYS I 383 -5.80 40.20 25.77
N GLN I 384 -6.41 40.78 26.79
CA GLN I 384 -7.86 40.96 26.80
C GLN I 384 -8.27 42.05 25.82
N GLN I 385 -9.52 41.96 25.37
CA GLN I 385 -10.07 43.02 24.53
C GLN I 385 -10.13 44.34 25.28
N GLU I 386 -10.29 44.30 26.60
CA GLU I 386 -10.21 45.51 27.41
C GLU I 386 -8.82 46.14 27.29
N GLU I 387 -7.79 45.31 27.39
CA GLU I 387 -6.42 45.82 27.30
C GLU I 387 -6.14 46.39 25.91
N SER I 388 -6.56 45.68 24.87
CA SER I 388 -6.34 46.14 23.51
C SER I 388 -7.06 47.46 23.26
N GLN I 389 -8.31 47.55 23.68
CA GLN I 389 -9.07 48.77 23.49
C GLN I 389 -8.42 49.94 24.22
N ALA I 390 -8.04 49.71 25.49
CA ALA I 390 -7.44 50.78 26.27
C ALA I 390 -6.13 51.24 25.66
N ALA I 391 -5.30 50.31 25.19
CA ALA I 391 -4.04 50.67 24.57
C ALA I 391 -4.26 51.48 23.30
N ARG I 392 -5.24 51.10 22.50
CA ARG I 392 -5.50 51.84 21.28
C ARG I 392 -6.00 53.26 21.60
N MET I 393 -6.82 53.40 22.64
CA MET I 393 -7.17 54.74 23.12
C MET I 393 -5.94 55.51 23.52
N ILE I 394 -5.00 54.87 24.23
CA ILE I 394 -3.79 55.54 24.66
C ILE I 394 -3.05 56.09 23.45
N HIS I 395 -2.90 55.26 22.41
CA HIS I 395 -2.18 55.68 21.23
C HIS I 395 -2.85 56.87 20.55
N SER I 396 -4.14 56.74 20.25
CA SER I 396 -4.83 57.80 19.52
C SER I 396 -4.89 59.08 20.34
N THR I 397 -5.19 58.97 21.63
CA THR I 397 -5.32 60.15 22.48
C THR I 397 -3.98 60.84 22.67
N ALA I 398 -2.91 60.07 22.87
CA ALA I 398 -1.59 60.66 23.02
C ALA I 398 -1.17 61.37 21.74
N GLY I 399 -1.45 60.77 20.58
CA GLY I 399 -1.15 61.45 19.33
C GLY I 399 -1.91 62.76 19.18
N LEU I 400 -3.20 62.74 19.51
CA LEU I 400 -4.01 63.95 19.41
C LEU I 400 -3.47 65.05 20.30
N TYR I 401 -3.18 64.72 21.56
CA TYR I 401 -2.76 65.76 22.48
C TYR I 401 -1.31 66.18 22.28
N ASN I 402 -0.47 65.30 21.73
CA ASN I 402 0.87 65.73 21.33
C ASN I 402 0.80 66.76 20.21
N GLN I 403 -0.05 66.51 19.20
CA GLN I 403 -0.20 67.50 18.14
C GLN I 403 -0.81 68.79 18.68
N PHE I 404 -1.73 68.67 19.64
CA PHE I 404 -2.30 69.85 20.27
C PHE I 404 -1.23 70.65 21.01
N ILE I 405 -0.31 69.96 21.69
CA ILE I 405 0.80 70.63 22.36
C ILE I 405 1.69 71.32 21.34
N LYS I 406 1.94 70.68 20.20
CA LYS I 406 2.75 71.29 19.15
C LYS I 406 2.08 72.56 18.62
N GLY I 407 0.75 72.55 18.48
CA GLY I 407 0.06 73.78 18.12
C GLY I 407 0.20 74.86 19.17
N LEU I 408 0.11 74.46 20.45
CA LEU I 408 0.32 75.42 21.53
C LEU I 408 1.69 76.07 21.44
N ASP I 409 2.70 75.27 21.09
CA ASP I 409 4.05 75.81 20.93
C ASP I 409 4.18 76.64 19.66
N SER I 410 3.40 76.32 18.63
CA SER I 410 3.51 77.06 17.38
C SER I 410 3.00 78.48 17.54
N PHE I 411 1.92 78.69 18.30
CA PHE I 411 1.49 80.04 18.62
C PHE I 411 1.88 80.46 20.03
N SER I 412 2.89 79.82 20.61
CA SER I 412 3.36 80.17 21.95
C SER I 412 3.96 81.57 21.96
N GLY I 413 3.25 82.52 22.55
CA GLY I 413 3.78 83.85 22.76
C GLY I 413 3.88 84.71 21.54
N LYS I 414 3.32 84.29 20.41
CA LYS I 414 3.40 85.05 19.17
C LYS I 414 2.08 85.76 18.94
N PRO I 415 2.01 87.07 19.08
CA PRO I 415 0.73 87.77 18.89
C PRO I 415 0.19 87.60 17.48
N ARG I 416 -1.12 87.40 17.38
CA ARG I 416 -1.79 87.22 16.10
C ARG I 416 -1.97 88.54 15.37
N GLY I 417 -2.21 89.63 16.09
CA GLY I 417 -2.38 90.92 15.44
C GLY I 417 -3.75 91.10 14.82
N SER I 418 -3.82 91.00 13.50
CA SER I 418 -5.08 91.10 12.79
C SER I 418 -5.31 90.00 11.77
N GLY I 419 -4.28 89.21 11.43
CA GLY I 419 -4.44 88.14 10.47
C GLY I 419 -4.73 86.80 11.12
N PRO I 420 -4.36 85.72 10.43
CA PRO I 420 -4.52 84.38 11.02
C PRO I 420 -3.59 84.18 12.20
N PRO I 421 -3.85 83.19 13.05
CA PRO I 421 -2.94 82.90 14.16
C PRO I 421 -1.55 82.52 13.69
N ALA I 422 -0.64 82.43 14.67
CA ALA I 422 0.77 82.21 14.36
C ALA I 422 1.00 80.88 13.66
N GLY I 423 0.36 79.82 14.15
CA GLY I 423 0.51 78.51 13.54
C GLY I 423 -0.66 78.17 12.64
N PRO I 424 -0.80 76.89 12.31
CA PRO I 424 -1.98 76.46 11.54
C PRO I 424 -3.19 76.23 12.45
N ALA I 425 -4.27 75.71 11.88
CA ALA I 425 -5.46 75.42 12.67
C ALA I 425 -5.19 74.31 13.68
N LEU I 426 -5.86 74.39 14.83
CA LEU I 426 -5.70 73.41 15.88
C LEU I 426 -7.02 72.68 16.12
N PRO I 427 -6.99 71.38 16.40
CA PRO I 427 -8.23 70.65 16.65
C PRO I 427 -8.82 70.96 18.01
N ILE I 428 -9.90 71.72 18.04
CA ILE I 428 -10.60 72.01 19.29
C ILE I 428 -11.75 71.04 19.51
N GLU I 429 -12.56 70.81 18.48
CA GLU I 429 -13.71 69.93 18.64
C GLU I 429 -13.27 68.48 18.79
N ALA I 430 -12.19 68.08 18.10
CA ALA I 430 -11.69 66.72 18.26
C ALA I 430 -11.22 66.47 19.68
N VAL I 431 -10.51 67.44 20.25
CA VAL I 431 -10.08 67.34 21.64
C VAL I 431 -11.29 67.37 22.57
N ILE I 432 -12.33 68.12 22.21
CA ILE I 432 -13.55 68.16 23.03
C ILE I 432 -14.19 66.78 23.11
N LEU I 433 -14.36 66.13 21.95
CA LEU I 433 -14.96 64.81 21.94
C LEU I 433 -14.09 63.79 22.66
N SER I 434 -12.76 63.86 22.44
CA SER I 434 -11.86 62.95 23.13
C SER I 434 -11.92 63.14 24.64
N LEU I 435 -11.99 64.39 25.08
CA LEU I 435 -12.11 64.68 26.51
C LEU I 435 -13.39 64.10 27.06
N GLN I 436 -14.50 64.28 26.36
CA GLN I 436 -15.79 63.83 26.88
C GLN I 436 -15.87 62.32 26.96
N ASP I 437 -15.46 61.60 25.90
CA ASP I 437 -15.61 60.16 25.99
C ASP I 437 -14.55 59.51 26.87
N LEU I 438 -13.40 60.17 27.07
CA LEU I 438 -12.47 59.68 28.09
C LEU I 438 -13.04 59.84 29.49
N ILE I 439 -13.69 60.98 29.76
CA ILE I 439 -14.31 61.17 31.06
C ILE I 439 -15.39 60.12 31.29
N GLY I 440 -16.24 59.91 30.28
CA GLY I 440 -17.26 58.88 30.40
C GLY I 440 -16.68 57.48 30.52
N TYR I 441 -15.52 57.26 29.90
CA TYR I 441 -14.85 55.97 30.03
C TYR I 441 -14.42 55.75 31.47
N PHE I 442 -13.87 56.77 32.11
CA PHE I 442 -13.42 56.65 33.50
C PHE I 442 -14.47 57.10 34.50
N GLU I 443 -15.74 57.13 34.12
CA GLU I 443 -16.81 57.39 35.06
C GLU I 443 -16.85 56.29 36.13
N PRO I 444 -17.03 56.65 37.40
CA PRO I 444 -17.01 55.64 38.46
C PRO I 444 -18.18 54.69 38.35
N PRO I 445 -18.08 53.49 38.91
CA PRO I 445 -19.21 52.57 38.90
C PRO I 445 -20.40 53.16 39.64
N SER I 446 -21.60 52.88 39.12
CA SER I 446 -22.82 53.38 39.72
C SER I 446 -23.07 52.71 41.06
N GLU I 447 -23.57 53.50 42.02
CA GLU I 447 -23.69 53.02 43.39
C GLU I 447 -24.82 52.03 43.58
N GLU I 448 -25.90 52.15 42.80
CA GLU I 448 -27.06 51.29 43.02
C GLU I 448 -26.82 49.85 42.58
N LEU I 449 -25.71 49.57 41.90
CA LEU I 449 -25.39 48.21 41.54
C LEU I 449 -25.16 47.36 42.79
N GLN I 450 -25.37 46.06 42.64
CA GLN I 450 -25.09 45.14 43.73
C GLN I 450 -23.59 45.01 43.93
N HIS I 451 -23.22 44.41 45.07
CA HIS I 451 -21.82 44.36 45.49
C HIS I 451 -20.91 43.81 44.41
N GLU I 452 -21.25 42.63 43.89
CA GLU I 452 -20.38 41.97 42.92
C GLU I 452 -20.17 42.80 41.66
N GLU I 453 -21.24 43.36 41.08
CA GLU I 453 -21.04 44.21 39.92
C GLU I 453 -20.11 45.37 40.25
N LYS I 454 -20.40 46.11 41.33
CA LYS I 454 -19.67 47.37 41.48
C LYS I 454 -18.23 47.09 41.86
N GLN I 455 -17.98 46.04 42.65
CA GLN I 455 -16.61 45.66 42.97
C GLN I 455 -15.83 45.26 41.71
N SER I 456 -16.44 44.45 40.85
CA SER I 456 -15.74 44.06 39.63
C SER I 456 -15.48 45.27 38.74
N LYS I 457 -16.44 46.19 38.66
CA LYS I 457 -16.25 47.39 37.86
C LYS I 457 -15.21 48.31 38.48
N LEU I 458 -15.13 48.34 39.82
CA LEU I 458 -14.06 49.09 40.48
C LEU I 458 -12.71 48.51 40.13
N ARG I 459 -12.61 47.18 40.10
CA ARG I 459 -11.35 46.53 39.74
C ARG I 459 -10.96 46.87 38.32
N SER I 460 -11.91 46.76 37.39
CA SER I 460 -11.61 47.08 35.99
C SER I 460 -11.24 48.55 35.83
N LEU I 461 -11.97 49.45 36.49
CA LEU I 461 -11.64 50.86 36.42
C LEU I 461 -10.27 51.15 37.00
N ARG I 462 -9.94 50.48 38.11
CA ARG I 462 -8.65 50.71 38.75
C ARG I 462 -7.50 50.30 37.84
N ASN I 463 -7.60 49.13 37.21
CA ASN I 463 -6.50 48.72 36.35
C ASN I 463 -6.46 49.54 35.07
N ARG I 464 -7.60 49.99 34.57
CA ARG I 464 -7.60 50.88 33.41
C ARG I 464 -6.96 52.21 33.73
N GLN I 465 -7.23 52.75 34.92
CA GLN I 465 -6.55 53.96 35.37
C GLN I 465 -5.06 53.74 35.46
N SER I 466 -4.64 52.57 35.97
CA SER I 466 -3.23 52.26 36.05
C SER I 466 -2.59 52.20 34.67
N LEU I 467 -3.28 51.58 33.71
CA LEU I 467 -2.74 51.49 32.35
C LEU I 467 -2.58 52.86 31.72
N PHE I 468 -3.60 53.72 31.87
CA PHE I 468 -3.48 55.05 31.29
C PHE I 468 -2.44 55.91 32.01
N GLN I 469 -2.27 55.72 33.31
CA GLN I 469 -1.30 56.53 34.03
C GLN I 469 0.13 56.10 33.72
N GLU I 470 0.36 54.79 33.55
CA GLU I 470 1.72 54.29 33.36
C GLU I 470 2.28 54.62 32.00
N GLU I 471 1.50 55.18 31.08
CA GLU I 471 1.99 55.53 29.76
C GLU I 471 2.19 57.03 29.58
N GLY I 472 2.33 57.76 30.68
CA GLY I 472 2.62 59.17 30.60
C GLY I 472 1.44 60.04 30.21
N MET I 473 0.24 59.47 30.12
CA MET I 473 -0.93 60.26 29.79
C MET I 473 -1.22 61.29 30.87
N LEU I 474 -0.99 60.94 32.12
CA LEU I 474 -1.22 61.87 33.22
C LEU I 474 -0.34 63.11 33.07
N SER I 475 0.96 62.90 32.86
CA SER I 475 1.86 64.03 32.62
C SER I 475 1.49 64.79 31.37
N LEU I 476 0.97 64.08 30.36
CA LEU I 476 0.55 64.73 29.12
C LEU I 476 -0.55 65.75 29.38
N VAL I 477 -1.60 65.33 30.09
CA VAL I 477 -2.70 66.26 30.36
C VAL I 477 -2.25 67.36 31.32
N LEU I 478 -1.30 67.06 32.22
CA LEU I 478 -0.75 68.13 33.05
C LEU I 478 -0.03 69.16 32.20
N ASN I 479 0.71 68.73 31.18
CA ASN I 479 1.34 69.68 30.27
C ASN I 479 0.29 70.50 29.52
N CYS I 480 -0.77 69.84 29.06
CA CYS I 480 -1.84 70.56 28.37
C CYS I 480 -2.43 71.65 29.25
N ILE I 481 -2.70 71.33 30.52
CA ILE I 481 -3.38 72.28 31.37
C ILE I 481 -2.43 73.43 31.74
N ASP I 482 -1.12 73.14 31.80
CA ASP I 482 -0.13 74.21 32.02
C ASP I 482 -0.13 75.20 30.87
N ARG I 483 0.04 74.71 29.65
CA ARG I 483 0.15 75.62 28.51
C ARG I 483 -1.17 76.27 28.16
N LEU I 484 -2.28 75.77 28.70
CA LEU I 484 -3.53 76.51 28.62
C LEU I 484 -3.65 77.53 29.74
N ASN I 485 -2.99 77.29 30.87
CA ASN I 485 -2.96 78.29 31.93
C ASN I 485 -2.19 79.53 31.51
N VAL I 486 -1.06 79.34 30.82
CA VAL I 486 -0.21 80.48 30.46
C VAL I 486 -0.92 81.52 29.60
N TYR I 487 -2.08 81.20 29.04
CA TYR I 487 -2.99 82.19 28.49
C TYR I 487 -4.03 82.44 29.58
N THR I 488 -3.90 83.56 30.30
CA THR I 488 -4.65 83.76 31.53
C THR I 488 -6.14 83.90 31.28
N THR I 489 -6.53 84.47 30.14
CA THR I 489 -7.94 84.74 29.87
C THR I 489 -8.25 84.38 28.43
N ALA I 490 -9.56 84.22 28.15
CA ALA I 490 -9.99 84.00 26.77
C ALA I 490 -9.60 85.17 25.87
N ALA I 491 -9.50 86.38 26.44
CA ALA I 491 -8.99 87.50 25.66
C ALA I 491 -7.53 87.26 25.25
N HIS I 492 -6.72 86.75 26.18
CA HIS I 492 -5.34 86.39 25.85
C HIS I 492 -5.31 85.31 24.77
N PHE I 493 -6.16 84.31 24.90
CA PHE I 493 -6.21 83.24 23.91
C PHE I 493 -6.61 83.78 22.54
N ALA I 494 -7.49 84.77 22.51
CA ALA I 494 -7.83 85.41 21.25
C ALA I 494 -6.66 86.21 20.69
N GLU I 495 -5.90 86.88 21.57
CA GLU I 495 -4.79 87.69 21.11
C GLU I 495 -3.68 86.85 20.48
N TYR I 496 -3.32 85.73 21.11
CA TYR I 496 -2.25 84.92 20.53
C TYR I 496 -2.79 83.85 19.57
N ALA I 497 -3.61 82.93 20.08
CA ALA I 497 -4.02 81.78 19.28
C ALA I 497 -5.20 82.06 18.38
N GLY I 498 -5.90 83.17 18.56
CA GLY I 498 -7.01 83.44 17.70
C GLY I 498 -8.33 83.38 18.43
N GLU I 499 -9.29 84.19 17.97
CA GLU I 499 -10.59 84.26 18.62
C GLU I 499 -11.36 82.96 18.46
N GLU I 500 -11.28 82.33 17.29
CA GLU I 500 -12.01 81.09 17.06
C GLU I 500 -11.56 79.98 17.99
N ALA I 501 -10.25 79.91 18.25
CA ALA I 501 -9.75 78.93 19.21
C ALA I 501 -10.07 79.36 20.64
N ALA I 502 -10.11 80.66 20.91
CA ALA I 502 -10.47 81.15 22.23
C ALA I 502 -11.93 80.92 22.56
N GLU I 503 -12.76 80.63 21.57
CA GLU I 503 -14.19 80.39 21.81
C GLU I 503 -14.41 79.22 22.76
N SER I 504 -13.56 78.19 22.69
CA SER I 504 -13.76 76.97 23.46
C SER I 504 -12.70 76.75 24.53
N TRP I 505 -11.91 77.77 24.85
CA TRP I 505 -10.84 77.62 25.83
C TRP I 505 -11.39 77.24 27.21
N LYS I 506 -12.47 77.90 27.63
CA LYS I 506 -13.03 77.65 28.95
C LYS I 506 -13.48 76.20 29.08
N GLU I 507 -14.19 75.69 28.08
CA GLU I 507 -14.66 74.31 28.11
C GLU I 507 -13.48 73.35 28.10
N ILE I 508 -12.47 73.60 27.26
CA ILE I 508 -11.36 72.66 27.18
C ILE I 508 -10.63 72.58 28.50
N VAL I 509 -10.38 73.72 29.14
CA VAL I 509 -9.68 73.71 30.42
C VAL I 509 -10.51 73.00 31.48
N ASN I 510 -11.81 73.28 31.53
CA ASN I 510 -12.67 72.66 32.52
C ASN I 510 -12.67 71.14 32.39
N LEU I 511 -12.97 70.64 31.19
CA LEU I 511 -12.97 69.20 30.97
C LEU I 511 -11.60 68.57 31.17
N LEU I 512 -10.51 69.33 30.99
CA LEU I 512 -9.20 68.79 31.37
C LEU I 512 -9.12 68.54 32.86
N TYR I 513 -9.65 69.46 33.67
CA TYR I 513 -9.61 69.24 35.12
C TYR I 513 -10.44 68.04 35.53
N GLU I 514 -11.65 67.89 34.98
CA GLU I 514 -12.40 66.69 35.36
C GLU I 514 -11.80 65.42 34.79
N LEU I 515 -11.09 65.49 33.65
CA LEU I 515 -10.35 64.32 33.18
C LEU I 515 -9.28 63.92 34.18
N LEU I 516 -8.52 64.90 34.68
CA LEU I 516 -7.50 64.62 35.68
C LEU I 516 -8.12 64.01 36.93
N ALA I 517 -9.24 64.57 37.39
CA ALA I 517 -9.91 64.04 38.57
C ALA I 517 -10.39 62.62 38.34
N SER I 518 -10.92 62.33 37.15
CA SER I 518 -11.36 60.97 36.86
C SER I 518 -10.21 59.99 36.85
N LEU I 519 -9.07 60.39 36.29
CA LEU I 519 -7.93 59.49 36.23
C LEU I 519 -7.40 59.16 37.62
N ILE I 520 -7.34 60.15 38.51
CA ILE I 520 -6.75 59.90 39.82
C ILE I 520 -7.73 59.41 40.88
N ARG I 521 -9.03 59.60 40.69
CA ARG I 521 -9.98 59.28 41.74
C ARG I 521 -10.15 57.78 41.86
N GLY I 522 -10.05 57.28 43.09
CA GLY I 522 -10.20 55.86 43.36
C GLY I 522 -8.92 55.06 43.26
N ASN I 523 -7.84 55.64 42.77
CA ASN I 523 -6.54 54.98 42.71
C ASN I 523 -5.59 55.68 43.66
N ARG I 524 -4.97 54.91 44.55
CA ARG I 524 -4.04 55.50 45.51
C ARG I 524 -2.71 55.84 44.85
N ALA I 525 -2.25 55.01 43.91
CA ALA I 525 -0.92 55.20 43.34
C ALA I 525 -0.85 56.44 42.47
N ASN I 526 -1.84 56.62 41.58
CA ASN I 526 -1.82 57.76 40.67
C ASN I 526 -1.88 59.07 41.44
N CYS I 527 -2.67 59.12 42.50
CA CYS I 527 -2.77 60.31 43.33
C CYS I 527 -1.61 60.44 44.31
N ALA I 528 -0.91 59.35 44.64
CA ALA I 528 0.29 59.47 45.44
C ALA I 528 1.45 60.01 44.63
N LEU I 529 1.40 59.82 43.31
CA LEU I 529 2.36 60.46 42.43
C LEU I 529 2.26 61.99 42.51
N PHE I 530 1.13 62.52 42.95
CA PHE I 530 0.92 63.96 43.02
C PHE I 530 1.62 64.61 44.21
N SER I 531 2.42 63.86 44.96
CA SER I 531 3.16 64.45 46.08
C SER I 531 4.15 65.50 45.60
N THR I 532 4.85 65.23 44.50
CA THR I 532 5.79 66.20 43.96
C THR I 532 5.08 67.40 43.35
N ASN I 533 3.89 67.19 42.76
CA ASN I 533 3.12 68.28 42.17
C ASN I 533 2.03 68.79 43.10
N LEU I 534 2.22 68.62 44.41
CA LEU I 534 1.24 69.14 45.36
C LEU I 534 1.11 70.66 45.26
N ASP I 535 2.25 71.36 45.19
CA ASP I 535 2.19 72.80 45.03
C ASP I 535 1.62 73.19 43.67
N TRP I 536 1.77 72.30 42.68
CA TRP I 536 1.26 72.59 41.34
C TRP I 536 -0.24 72.74 41.35
N VAL I 537 -0.95 71.89 42.10
CA VAL I 537 -2.39 71.99 42.19
C VAL I 537 -2.80 73.26 42.93
N VAL I 538 -2.15 73.53 44.06
CA VAL I 538 -2.55 74.62 44.93
C VAL I 538 -2.29 75.97 44.27
N SER I 539 -1.28 76.03 43.38
CA SER I 539 -0.95 77.30 42.75
C SER I 539 -2.09 77.80 41.87
N LYS I 540 -2.73 76.90 41.13
CA LYS I 540 -3.80 77.28 40.23
C LYS I 540 -5.15 77.32 40.92
N LEU I 541 -5.18 77.17 42.25
CA LEU I 541 -6.44 77.01 42.96
C LEU I 541 -7.27 78.28 42.92
N ASP I 542 -6.63 79.44 42.98
CA ASP I 542 -7.33 80.72 43.03
C ASP I 542 -7.83 81.16 41.66
N ARG I 543 -7.54 80.41 40.60
CA ARG I 543 -7.93 80.82 39.25
C ARG I 543 -9.45 80.86 39.12
N LEU I 544 -9.94 81.83 38.34
CA LEU I 544 -11.37 82.07 38.26
C LEU I 544 -12.11 81.04 37.43
N GLU I 545 -11.43 80.38 36.49
CA GLU I 545 -12.09 79.46 35.59
C GLU I 545 -11.99 78.04 36.13
N ALA I 546 -13.14 77.37 36.20
CA ALA I 546 -13.24 75.97 36.65
C ALA I 546 -12.62 75.78 38.03
N SER I 547 -12.85 76.75 38.93
CA SER I 547 -12.29 76.69 40.27
C SER I 547 -12.77 75.44 41.01
N SER I 548 -14.03 75.07 40.82
CA SER I 548 -14.51 73.80 41.37
C SER I 548 -13.76 72.62 40.75
N GLY I 549 -13.33 72.76 39.49
CA GLY I 549 -12.51 71.72 38.90
C GLY I 549 -11.20 71.50 39.63
N ILE I 550 -10.42 72.57 39.84
CA ILE I 550 -9.16 72.37 40.57
C ILE I 550 -9.45 71.90 41.99
N LEU I 551 -10.52 72.42 42.60
CA LEU I 551 -10.79 72.08 43.99
C LEU I 551 -11.18 70.62 44.14
N GLU I 552 -11.95 70.09 43.20
CA GLU I 552 -12.29 68.68 43.21
C GLU I 552 -11.05 67.82 43.00
N VAL I 553 -10.17 68.24 42.08
CA VAL I 553 -8.92 67.51 41.86
C VAL I 553 -8.12 67.46 43.16
N LEU I 554 -8.04 68.59 43.85
CA LEU I 554 -7.33 68.64 45.11
C LEU I 554 -7.98 67.71 46.13
N TYR I 555 -9.31 67.71 46.18
CA TYR I 555 -10.02 66.89 47.17
C TYR I 555 -9.70 65.42 46.96
N CYS I 556 -9.73 64.96 45.71
CA CYS I 556 -9.38 63.57 45.43
C CYS I 556 -7.95 63.27 45.84
N VAL I 557 -7.03 64.21 45.57
CA VAL I 557 -5.63 64.02 45.96
C VAL I 557 -5.51 63.79 47.45
N LEU I 558 -6.11 64.67 48.25
CA LEU I 558 -5.92 64.58 49.69
C LEU I 558 -6.63 63.37 50.29
N ILE I 559 -7.82 63.02 49.80
CA ILE I 559 -8.53 61.89 50.41
C ILE I 559 -7.83 60.58 50.07
N GLU I 560 -7.36 60.43 48.83
CA GLU I 560 -6.81 59.14 48.43
C GLU I 560 -5.31 59.00 48.71
N SER I 561 -4.61 60.08 49.04
CA SER I 561 -3.19 59.98 49.37
C SER I 561 -2.94 60.45 50.79
N PRO I 562 -2.37 59.63 51.65
CA PRO I 562 -2.03 60.09 53.00
C PRO I 562 -0.65 60.73 53.09
N GLU I 563 -0.07 61.11 51.96
CA GLU I 563 1.26 61.70 51.92
C GLU I 563 1.30 63.13 51.43
N VAL I 564 0.43 63.52 50.49
CA VAL I 564 0.33 64.92 50.12
C VAL I 564 -0.06 65.75 51.34
N LEU I 565 -0.98 65.23 52.14
CA LEU I 565 -1.34 65.89 53.39
C LEU I 565 -0.21 65.84 54.40
N ASN I 566 0.67 64.84 54.30
CA ASN I 566 1.85 64.84 55.14
C ASN I 566 2.77 66.02 54.81
N ILE I 567 2.89 66.32 53.52
CA ILE I 567 3.77 67.40 53.08
C ILE I 567 3.01 68.71 52.87
N ILE I 568 1.76 68.79 53.32
CA ILE I 568 1.01 70.03 53.27
C ILE I 568 1.66 71.07 54.19
N GLN I 569 1.77 72.30 53.70
CA GLN I 569 2.43 73.37 54.44
C GLN I 569 1.48 74.52 54.74
N GLU I 570 1.99 75.43 55.57
CA GLU I 570 1.19 76.55 56.06
C GLU I 570 0.71 77.43 54.92
N ASN I 571 1.58 77.73 53.95
CA ASN I 571 1.17 78.56 52.83
C ASN I 571 0.07 77.89 52.00
N HIS I 572 0.12 76.55 51.89
CA HIS I 572 -0.96 75.84 51.21
C HIS I 572 -2.28 76.03 51.95
N ILE I 573 -2.24 75.94 53.29
CA ILE I 573 -3.46 76.14 54.06
C ILE I 573 -3.97 77.57 53.90
N LYS I 574 -3.05 78.54 53.81
CA LYS I 574 -3.46 79.91 53.54
C LYS I 574 -4.13 80.01 52.18
N SER I 575 -3.67 79.24 51.20
CA SER I 575 -4.31 79.27 49.89
C SER I 575 -5.73 78.72 49.95
N ILE I 576 -5.96 77.66 50.72
CA ILE I 576 -7.32 77.14 50.85
C ILE I 576 -8.22 78.17 51.54
N ILE I 577 -7.71 78.80 52.60
CA ILE I 577 -8.49 79.84 53.25
C ILE I 577 -8.68 81.04 52.32
N SER I 578 -7.76 81.24 51.38
CA SER I 578 -7.98 82.25 50.36
C SER I 578 -9.17 81.88 49.48
N LEU I 579 -9.30 80.60 49.15
CA LEU I 579 -10.50 80.17 48.41
C LEU I 579 -11.77 80.48 49.20
N LEU I 580 -11.75 80.18 50.50
CA LEU I 580 -12.93 80.46 51.32
C LEU I 580 -13.22 81.96 51.41
N ASP I 581 -12.17 82.78 51.40
CA ASP I 581 -12.34 84.23 51.54
C ASP I 581 -12.48 84.96 50.20
N LYS I 582 -12.41 84.25 49.09
CA LYS I 582 -12.47 84.88 47.78
C LYS I 582 -13.62 84.38 46.94
N HIS I 583 -13.90 83.08 46.95
CA HIS I 583 -14.94 82.52 46.11
C HIS I 583 -16.29 82.42 46.80
N GLY I 584 -16.31 82.44 48.13
CA GLY I 584 -17.54 82.44 48.87
C GLY I 584 -17.53 81.36 49.93
N ARG I 585 -18.71 81.09 50.48
CA ARG I 585 -18.89 80.09 51.52
C ARG I 585 -19.38 78.80 50.88
N ASN I 586 -18.52 77.77 50.88
CA ASN I 586 -18.87 76.49 50.29
C ASN I 586 -18.55 75.38 51.28
N HIS I 587 -19.36 74.32 51.23
CA HIS I 587 -19.09 73.15 52.05
C HIS I 587 -17.94 72.32 51.49
N LYS I 588 -17.78 72.31 50.17
CA LYS I 588 -16.73 71.48 49.58
C LYS I 588 -15.34 72.02 49.92
N VAL I 589 -15.22 73.33 50.12
CA VAL I 589 -13.94 73.88 50.57
C VAL I 589 -13.63 73.41 51.98
N LEU I 590 -14.65 73.33 52.83
CA LEU I 590 -14.43 72.84 54.19
C LEU I 590 -14.05 71.36 54.19
N ASP I 591 -14.66 70.57 53.31
CA ASP I 591 -14.25 69.18 53.16
C ASP I 591 -12.81 69.08 52.70
N VAL I 592 -12.42 69.92 51.74
CA VAL I 592 -11.04 69.93 51.27
C VAL I 592 -10.10 70.31 52.41
N LEU I 593 -10.49 71.31 53.20
CA LEU I 593 -9.69 71.74 54.33
C LEU I 593 -9.48 70.61 55.32
N CYS I 594 -10.55 69.92 55.69
CA CYS I 594 -10.39 69.06 56.84
C CYS I 594 -10.19 67.61 56.42
N SER I 595 -10.04 67.36 55.13
CA SER I 595 -9.37 66.12 54.74
C SER I 595 -7.96 66.09 55.31
N LEU I 596 -7.39 67.25 55.63
CA LEU I 596 -6.13 67.37 56.34
C LEU I 596 -6.26 67.20 57.84
N CYS I 597 -7.49 67.16 58.38
CA CYS I 597 -7.66 66.88 59.81
C CYS I 597 -7.01 65.57 60.20
N VAL I 598 -7.34 64.49 59.48
CA VAL I 598 -6.89 63.15 59.81
C VAL I 598 -6.68 62.38 58.51
N CYS I 599 -6.08 61.20 58.65
CA CYS I 599 -5.91 60.30 57.51
C CYS I 599 -5.84 58.87 58.05
N ASN I 600 -6.78 58.04 57.61
CA ASN I 600 -6.85 56.62 58.01
C ASN I 600 -6.86 56.47 59.53
N GLY I 601 -7.53 57.41 60.21
CA GLY I 601 -7.56 57.37 61.65
C GLY I 601 -6.27 57.79 62.33
N VAL I 602 -5.44 58.58 61.67
CA VAL I 602 -4.19 59.08 62.24
C VAL I 602 -4.25 60.60 62.27
N ALA I 603 -4.11 61.18 63.46
CA ALA I 603 -4.15 62.62 63.59
C ALA I 603 -2.86 63.24 63.05
N VAL I 604 -2.99 64.41 62.44
CA VAL I 604 -1.86 65.16 61.91
C VAL I 604 -1.81 66.47 62.69
N ARG I 605 -1.00 66.49 63.75
CA ARG I 605 -0.98 67.65 64.64
C ARG I 605 -0.57 68.91 63.91
N SER I 606 0.35 68.79 62.95
CA SER I 606 0.83 69.96 62.21
C SER I 606 -0.31 70.64 61.48
N ASN I 607 -1.05 69.89 60.66
CA ASN I 607 -2.16 70.48 59.92
C ASN I 607 -3.29 70.89 60.84
N GLN I 608 -3.52 70.15 61.92
CA GLN I 608 -4.58 70.52 62.85
C GLN I 608 -4.30 71.88 63.49
N ASP I 609 -3.07 72.08 63.97
CA ASP I 609 -2.77 73.35 64.62
C ASP I 609 -2.71 74.49 63.61
N LEU I 610 -2.22 74.22 62.39
CA LEU I 610 -2.17 75.27 61.38
C LEU I 610 -3.57 75.72 60.99
N ILE I 611 -4.47 74.78 60.75
CA ILE I 611 -5.84 75.13 60.39
C ILE I 611 -6.51 75.89 61.52
N THR I 612 -6.33 75.42 62.76
CA THR I 612 -6.92 76.12 63.90
C THR I 612 -6.41 77.55 63.99
N GLU I 613 -5.08 77.73 63.97
CA GLU I 613 -4.49 79.04 64.16
C GLU I 613 -4.80 79.98 63.01
N ASN I 614 -5.05 79.46 61.81
CA ASN I 614 -5.24 80.30 60.65
C ASN I 614 -6.70 80.53 60.31
N LEU I 615 -7.64 79.86 60.97
CA LEU I 615 -9.05 80.13 60.76
C LEU I 615 -9.75 80.63 62.01
N LEU I 616 -9.53 79.99 63.15
CA LEU I 616 -10.29 80.26 64.36
C LEU I 616 -9.95 81.60 65.04
N PRO I 617 -8.71 82.11 64.99
CA PRO I 617 -8.53 83.49 65.49
C PRO I 617 -9.00 84.55 64.52
N GLY I 618 -8.95 84.29 63.21
CA GLY I 618 -9.30 85.30 62.23
C GLY I 618 -10.75 85.70 62.27
N ARG I 619 -11.65 84.76 62.05
CA ARG I 619 -13.10 84.92 62.19
C ARG I 619 -13.64 86.09 61.37
N GLU I 620 -13.54 85.89 60.06
CA GLU I 620 -14.35 86.61 59.08
C GLU I 620 -15.14 85.67 58.20
N LEU I 621 -14.77 84.39 58.16
CA LEU I 621 -15.37 83.40 57.26
C LEU I 621 -16.42 82.55 57.97
N LEU I 622 -16.02 81.82 59.00
CA LEU I 622 -16.95 80.92 59.68
C LEU I 622 -17.96 81.71 60.48
N LEU I 623 -19.23 81.33 60.35
CA LEU I 623 -20.29 81.95 61.12
C LEU I 623 -20.18 81.55 62.58
N GLN I 624 -20.54 82.46 63.48
CA GLN I 624 -20.41 82.22 64.91
C GLN I 624 -21.76 82.26 65.59
N THR I 625 -21.89 81.49 66.65
CA THR I 625 -23.16 81.25 67.30
C THR I 625 -23.01 81.53 68.78
N ASN I 626 -23.97 82.27 69.35
CA ASN I 626 -23.92 82.65 70.75
C ASN I 626 -25.28 82.44 71.39
N LEU I 627 -25.31 82.52 72.72
CA LEU I 627 -26.56 82.56 73.47
C LEU I 627 -26.80 83.98 73.95
N ILE I 628 -28.01 84.49 73.70
CA ILE I 628 -28.44 85.79 74.18
C ILE I 628 -29.78 85.61 74.88
N ASN I 629 -30.33 86.71 75.36
CA ASN I 629 -31.67 86.72 75.93
C ASN I 629 -32.51 87.76 75.23
N TYR I 630 -33.81 87.48 75.13
CA TYR I 630 -34.72 88.34 74.38
C TYR I 630 -34.89 89.69 75.07
N VAL I 631 -35.24 90.70 74.28
CA VAL I 631 -35.52 92.04 74.78
C VAL I 631 -36.91 92.44 74.33
N THR I 632 -37.48 93.41 75.05
CA THR I 632 -38.79 93.95 74.75
C THR I 632 -38.76 95.46 74.93
N SER I 633 -39.37 96.17 73.99
CA SER I 633 -39.45 97.62 74.05
C SER I 633 -40.91 98.04 74.18
N ILE I 634 -41.18 98.88 75.18
CA ILE I 634 -42.53 99.32 75.49
C ILE I 634 -42.58 100.84 75.43
N ARG I 635 -43.66 101.37 74.86
CA ARG I 635 -43.83 102.79 74.69
C ARG I 635 -45.17 103.24 75.23
N PRO I 636 -45.28 104.49 75.67
CA PRO I 636 -46.59 105.10 75.84
C PRO I 636 -47.13 105.55 74.50
N ASN I 637 -48.46 105.54 74.37
CA ASN I 637 -49.11 105.94 73.12
C ASN I 637 -49.23 107.46 73.07
N ILE I 638 -48.06 108.10 72.97
CA ILE I 638 -47.92 109.55 72.97
C ILE I 638 -46.92 109.88 71.86
N PHE I 639 -47.44 110.32 70.72
CA PHE I 639 -46.63 110.57 69.52
C PHE I 639 -46.64 112.06 69.23
N VAL I 640 -45.47 112.68 69.29
CA VAL I 640 -45.34 114.13 69.15
C VAL I 640 -44.20 114.43 68.19
N GLY I 641 -44.46 115.33 67.23
CA GLY I 641 -43.47 115.68 66.24
C GLY I 641 -43.63 117.12 65.78
N ARG I 642 -42.70 117.57 64.94
CA ARG I 642 -42.65 118.93 64.45
C ARG I 642 -42.65 118.91 62.93
N ALA I 643 -43.43 119.81 62.34
CA ALA I 643 -43.38 120.09 60.91
C ALA I 643 -43.79 121.54 60.70
N GLU I 644 -43.78 121.97 59.44
CA GLU I 644 -44.16 123.34 59.10
C GLU I 644 -45.64 123.56 59.42
N GLY I 645 -45.90 124.40 60.42
CA GLY I 645 -47.28 124.69 60.79
C GLY I 645 -47.97 123.60 61.58
N SER I 646 -47.23 122.73 62.25
CA SER I 646 -47.84 121.68 63.03
C SER I 646 -48.58 122.25 64.23
N THR I 647 -49.57 121.50 64.70
CA THR I 647 -50.37 121.88 65.86
C THR I 647 -49.80 121.36 67.16
N GLN I 648 -48.64 120.72 67.14
CA GLN I 648 -48.06 120.11 68.32
C GLN I 648 -46.96 120.98 68.91
N TYR I 649 -46.75 120.82 70.21
CA TYR I 649 -45.65 121.50 70.89
C TYR I 649 -44.36 120.70 70.70
N GLY I 650 -43.24 121.41 70.74
CA GLY I 650 -41.96 120.78 70.50
C GLY I 650 -41.31 120.13 71.71
N LYS I 651 -41.56 120.69 72.89
CA LYS I 651 -40.86 120.29 74.10
C LYS I 651 -41.72 119.34 74.93
N TRP I 652 -41.13 118.23 75.36
CA TRP I 652 -41.80 117.26 76.20
C TRP I 652 -40.80 116.65 77.19
N TYR I 653 -41.34 116.05 78.24
CA TYR I 653 -40.54 115.60 79.37
C TYR I 653 -41.21 114.39 80.00
N PHE I 654 -40.39 113.42 80.42
CA PHE I 654 -40.90 112.23 81.08
C PHE I 654 -39.82 111.64 81.97
N GLU I 655 -40.20 110.65 82.77
CA GLU I 655 -39.27 110.00 83.67
C GLU I 655 -39.52 108.50 83.68
N VAL I 656 -38.49 107.75 84.07
CA VAL I 656 -38.61 106.33 84.39
C VAL I 656 -37.88 106.10 85.71
N MET I 657 -38.48 105.33 86.60
CA MET I 657 -37.81 105.00 87.85
C MET I 657 -37.73 103.48 87.99
N VAL I 658 -36.55 102.99 88.32
CA VAL I 658 -36.33 101.56 88.39
C VAL I 658 -36.80 101.05 89.75
N ASP I 659 -37.66 100.03 89.75
CA ASP I 659 -38.06 99.41 90.99
C ASP I 659 -37.02 98.37 91.41
N GLU I 660 -36.65 97.47 90.51
CA GLU I 660 -35.64 96.47 90.81
C GLU I 660 -35.08 95.92 89.50
N VAL I 661 -33.77 95.72 89.47
CA VAL I 661 -33.09 95.03 88.37
C VAL I 661 -32.34 93.85 88.95
N VAL I 662 -32.18 92.82 88.13
CA VAL I 662 -31.40 91.65 88.52
C VAL I 662 -30.20 91.57 87.57
N PRO I 663 -29.06 92.12 87.95
CA PRO I 663 -27.92 92.13 87.03
C PRO I 663 -27.39 90.73 86.76
N PHE I 664 -26.93 90.51 85.53
CA PHE I 664 -26.38 89.23 85.10
C PHE I 664 -27.37 88.09 85.32
N LEU I 665 -28.64 88.33 85.02
CA LEU I 665 -29.63 87.27 85.09
C LEU I 665 -29.42 86.30 83.94
N THR I 666 -29.41 85.00 84.26
CA THR I 666 -29.20 83.91 83.30
C THR I 666 -27.98 84.16 82.43
N ALA I 667 -26.88 84.53 83.08
CA ALA I 667 -25.56 84.66 82.46
C ALA I 667 -25.54 85.71 81.34
N GLN I 668 -26.34 86.76 81.51
CA GLN I 668 -26.25 87.91 80.63
C GLN I 668 -26.83 89.12 81.35
N ALA I 669 -26.14 90.26 81.21
CA ALA I 669 -26.57 91.47 81.87
C ALA I 669 -27.91 91.94 81.33
N THR I 670 -28.76 92.42 82.22
CA THR I 670 -30.08 92.92 81.85
C THR I 670 -29.92 94.23 81.10
N HIS I 671 -29.97 94.18 79.78
CA HIS I 671 -29.90 95.39 78.97
C HIS I 671 -31.11 96.26 79.27
N LEU I 672 -30.87 97.55 79.49
CA LEU I 672 -31.95 98.47 79.88
C LEU I 672 -31.59 99.86 79.39
N ARG I 673 -32.32 100.34 78.38
CA ARG I 673 -32.13 101.68 77.85
C ARG I 673 -33.48 102.38 77.78
N VAL I 674 -33.46 103.69 77.98
CA VAL I 674 -34.65 104.52 77.88
C VAL I 674 -34.32 105.72 77.01
N GLY I 675 -35.21 106.05 76.07
CA GLY I 675 -34.99 107.19 75.20
C GLY I 675 -36.19 107.54 74.35
N TRP I 676 -35.93 108.07 73.16
CA TRP I 676 -36.98 108.46 72.22
C TRP I 676 -36.83 107.67 70.92
N ALA I 677 -37.96 107.34 70.31
CA ALA I 677 -37.97 106.52 69.11
C ALA I 677 -39.03 107.04 68.15
N LEU I 678 -38.86 106.68 66.88
CA LEU I 678 -39.69 107.15 65.79
C LEU I 678 -40.62 106.02 65.34
N THR I 679 -41.90 106.35 65.12
CA THR I 679 -42.84 105.36 64.61
C THR I 679 -42.44 104.88 63.23
N GLU I 680 -42.00 105.79 62.37
CA GLU I 680 -41.69 105.48 60.97
C GLU I 680 -40.19 105.19 60.86
N GLY I 681 -39.84 103.91 61.00
CA GLY I 681 -38.46 103.50 60.83
C GLY I 681 -37.93 102.60 61.92
N TYR I 682 -38.33 102.83 63.16
CA TYR I 682 -37.88 102.00 64.27
C TYR I 682 -38.86 100.87 64.47
N SER I 683 -38.50 99.69 63.98
CA SER I 683 -39.29 98.47 64.17
C SER I 683 -38.44 97.47 64.94
N PRO I 684 -38.61 97.36 66.24
CA PRO I 684 -37.83 96.40 67.06
C PRO I 684 -38.45 95.00 67.05
N TYR I 685 -38.19 94.28 65.98
CA TYR I 685 -38.74 92.93 65.84
C TYR I 685 -38.01 91.99 66.79
N PRO I 686 -38.73 91.24 67.62
CA PRO I 686 -38.07 90.34 68.56
C PRO I 686 -37.27 89.26 67.85
N GLY I 687 -36.08 88.99 68.39
CA GLY I 687 -35.22 87.96 67.82
C GLY I 687 -34.38 88.48 66.68
N GLY I 688 -33.07 88.30 66.78
CA GLY I 688 -32.18 88.70 65.71
C GLY I 688 -32.08 90.20 65.58
N GLY I 689 -31.42 90.62 64.50
CA GLY I 689 -31.24 92.02 64.20
C GLY I 689 -29.77 92.34 64.05
N GLU I 690 -29.45 93.62 64.18
CA GLU I 690 -28.08 94.08 64.04
C GLU I 690 -27.24 93.62 65.22
N GLY I 691 -25.92 93.65 65.02
CA GLY I 691 -25.00 93.21 66.06
C GLY I 691 -25.23 91.76 66.41
N TRP I 692 -25.32 91.47 67.70
CA TRP I 692 -25.70 90.15 68.19
C TRP I 692 -27.12 90.16 68.73
N GLY I 693 -28.01 90.88 68.07
CA GLY I 693 -29.39 90.85 68.50
C GLY I 693 -29.57 91.60 69.81
N GLY I 694 -30.70 91.32 70.45
CA GLY I 694 -31.06 92.06 71.65
C GLY I 694 -31.19 93.55 71.37
N ASN I 695 -31.72 93.89 70.20
CA ASN I 695 -31.72 95.27 69.74
C ASN I 695 -32.66 96.10 70.62
N GLY I 696 -32.12 97.16 71.23
CA GLY I 696 -32.89 97.98 72.13
C GLY I 696 -33.16 99.38 71.59
N VAL I 697 -33.14 100.38 72.46
CA VAL I 697 -33.38 101.75 72.02
C VAL I 697 -32.27 102.22 71.10
N GLY I 698 -31.02 102.07 71.53
CA GLY I 698 -29.94 102.70 70.80
C GLY I 698 -29.17 101.76 69.89
N ASP I 699 -29.86 100.78 69.32
CA ASP I 699 -29.26 99.89 68.35
C ASP I 699 -29.65 100.23 66.92
N ASP I 700 -30.05 101.49 66.69
CA ASP I 700 -30.45 101.97 65.38
C ASP I 700 -30.35 103.49 65.40
N LEU I 701 -30.34 104.08 64.21
CA LEU I 701 -30.29 105.53 64.10
C LEU I 701 -31.68 106.16 64.19
N TYR I 702 -32.74 105.37 64.29
CA TYR I 702 -34.08 105.89 64.46
C TYR I 702 -34.49 106.01 65.92
N SER I 703 -33.61 105.66 66.86
CA SER I 703 -33.90 105.86 68.28
C SER I 703 -32.61 106.07 69.04
N TYR I 704 -32.70 106.88 70.09
CA TYR I 704 -31.56 107.29 70.89
C TYR I 704 -31.89 107.06 72.35
N GLY I 705 -30.94 106.50 73.10
CA GLY I 705 -31.19 106.10 74.47
C GLY I 705 -29.98 106.29 75.35
N PHE I 706 -30.15 105.93 76.62
CA PHE I 706 -29.11 106.14 77.63
C PHE I 706 -29.31 105.09 78.72
N ASP I 707 -28.38 104.15 78.82
CA ASP I 707 -28.50 103.02 79.74
C ASP I 707 -27.88 103.28 81.10
N GLY I 708 -27.37 104.47 81.35
CA GLY I 708 -26.75 104.77 82.62
C GLY I 708 -25.33 105.25 82.47
N LEU I 709 -24.57 104.63 81.54
CA LEU I 709 -23.20 105.04 81.27
C LEU I 709 -22.94 105.40 79.82
N HIS I 710 -23.80 105.01 78.90
CA HIS I 710 -23.59 105.24 77.48
C HIS I 710 -24.84 105.81 76.84
N LEU I 711 -24.64 106.62 75.82
CA LEU I 711 -25.71 107.08 74.93
C LEU I 711 -25.69 106.16 73.71
N TRP I 712 -26.51 105.12 73.74
CA TRP I 712 -26.52 104.15 72.66
C TRP I 712 -27.16 104.74 71.41
N THR I 713 -26.49 104.53 70.26
CA THR I 713 -27.01 104.93 68.97
C THR I 713 -26.25 104.18 67.89
N GLY I 714 -26.98 103.65 66.91
CA GLY I 714 -26.36 102.89 65.84
C GLY I 714 -25.61 101.67 66.31
N HIS I 715 -26.15 100.98 67.33
CA HIS I 715 -25.55 99.78 67.92
C HIS I 715 -24.17 100.06 68.50
N VAL I 716 -23.88 101.30 68.89
CA VAL I 716 -22.59 101.69 69.42
C VAL I 716 -22.80 102.42 70.74
N ALA I 717 -22.07 101.99 71.77
CA ALA I 717 -22.11 102.66 73.06
C ALA I 717 -21.16 103.86 73.06
N ARG I 718 -21.47 104.83 73.91
CA ARG I 718 -20.71 106.08 74.00
C ARG I 718 -20.59 106.48 75.45
N PRO I 719 -19.45 106.20 76.10
CA PRO I 719 -19.31 106.50 77.52
C PRO I 719 -19.43 108.00 77.78
N VAL I 720 -20.05 108.33 78.91
CA VAL I 720 -20.30 109.72 79.27
C VAL I 720 -20.13 109.86 80.78
N THR I 721 -19.55 110.97 81.21
CA THR I 721 -19.35 111.24 82.62
C THR I 721 -20.64 111.73 83.26
N SER I 722 -20.99 111.17 84.41
CA SER I 722 -22.14 111.59 85.20
C SER I 722 -21.75 111.53 86.67
N PRO I 723 -22.42 112.30 87.52
CA PRO I 723 -22.12 112.22 88.96
C PRO I 723 -22.32 110.83 89.54
N GLY I 724 -23.37 110.13 89.11
CA GLY I 724 -23.57 108.76 89.54
C GLY I 724 -23.54 107.80 88.37
N GLN I 725 -22.50 106.96 88.30
CA GLN I 725 -22.34 106.01 87.21
C GLN I 725 -22.65 104.62 87.77
N HIS I 726 -23.92 104.26 87.75
CA HIS I 726 -24.38 102.99 88.30
C HIS I 726 -25.16 102.15 87.30
N LEU I 727 -25.39 102.65 86.09
CA LEU I 727 -26.02 101.90 85.01
C LEU I 727 -27.44 101.45 85.40
N LEU I 728 -28.23 102.40 85.90
CA LEU I 728 -29.60 102.17 86.36
C LEU I 728 -29.66 101.07 87.43
N ALA I 729 -29.02 101.37 88.56
CA ALA I 729 -29.22 100.60 89.77
C ALA I 729 -30.67 100.76 90.24
N PRO I 730 -31.19 99.82 91.04
CA PRO I 730 -32.59 99.95 91.47
C PRO I 730 -32.81 101.14 92.38
N GLU I 731 -34.07 101.56 92.44
CA GLU I 731 -34.52 102.72 93.22
C GLU I 731 -33.82 104.00 92.76
N ASP I 732 -33.58 104.10 91.45
CA ASP I 732 -33.04 105.30 90.84
C ASP I 732 -34.03 105.84 89.81
N VAL I 733 -34.20 107.16 89.79
CA VAL I 733 -35.13 107.82 88.89
C VAL I 733 -34.31 108.61 87.88
N VAL I 734 -34.60 108.41 86.59
CA VAL I 734 -33.91 109.09 85.51
C VAL I 734 -34.94 109.83 84.67
N SER I 735 -34.73 111.12 84.48
CA SER I 735 -35.58 111.96 83.65
C SER I 735 -35.00 112.07 82.26
N CYS I 736 -35.88 112.31 81.28
CA CYS I 736 -35.44 112.52 79.91
C CYS I 736 -36.39 113.52 79.26
N CYS I 737 -35.81 114.54 78.62
CA CYS I 737 -36.58 115.59 77.97
C CYS I 737 -36.13 115.75 76.53
N LEU I 738 -37.04 116.25 75.71
CA LEU I 738 -36.82 116.35 74.27
C LEU I 738 -37.40 117.67 73.76
N ASP I 739 -36.67 118.30 72.83
CA ASP I 739 -37.11 119.52 72.18
C ASP I 739 -37.10 119.29 70.67
N LEU I 740 -38.21 119.64 70.03
CA LEU I 740 -38.38 119.48 68.58
C LEU I 740 -38.18 120.76 67.81
N SER I 741 -38.50 121.92 68.41
CA SER I 741 -38.30 123.19 67.73
C SER I 741 -36.83 123.41 67.39
N VAL I 742 -35.95 123.08 68.32
CA VAL I 742 -34.54 122.83 68.03
C VAL I 742 -34.26 121.39 68.44
N PRO I 743 -33.76 120.54 67.55
CA PRO I 743 -33.56 119.12 67.88
C PRO I 743 -32.63 118.92 69.06
N SER I 744 -33.14 118.43 70.17
CA SER I 744 -32.33 118.23 71.36
C SER I 744 -32.92 117.11 72.20
N ILE I 745 -32.05 116.25 72.73
CA ILE I 745 -32.43 115.19 73.66
C ILE I 745 -31.49 115.27 74.85
N SER I 746 -32.05 115.34 76.05
CA SER I 746 -31.26 115.47 77.26
C SER I 746 -31.75 114.49 78.31
N PHE I 747 -30.83 114.07 79.18
CA PHE I 747 -31.14 113.14 80.25
C PHE I 747 -30.65 113.71 81.57
N ARG I 748 -31.40 113.40 82.63
CA ARG I 748 -31.10 113.86 83.99
C ARG I 748 -31.14 112.64 84.89
N ILE I 749 -29.98 112.04 85.12
CA ILE I 749 -29.89 110.84 85.95
C ILE I 749 -29.85 111.27 87.41
N ASN I 750 -30.84 110.81 88.19
CA ASN I 750 -30.96 111.15 89.61
C ASN I 750 -31.01 112.66 89.82
N GLY I 751 -31.69 113.36 88.92
CA GLY I 751 -31.78 114.81 89.00
C GLY I 751 -30.59 115.50 88.38
N CYS I 752 -29.40 114.90 88.49
CA CYS I 752 -28.20 115.51 87.94
C CYS I 752 -28.14 115.25 86.44
N PRO I 753 -28.13 116.30 85.61
CA PRO I 753 -28.08 116.09 84.16
C PRO I 753 -26.79 115.45 83.71
N VAL I 754 -26.87 114.65 82.65
CA VAL I 754 -25.69 114.04 82.08
C VAL I 754 -24.96 115.07 81.21
N GLN I 755 -23.69 114.78 80.93
CA GLN I 755 -22.85 115.68 80.16
C GLN I 755 -22.99 115.49 78.66
N GLY I 756 -23.91 114.63 78.21
CA GLY I 756 -24.12 114.37 76.80
C GLY I 756 -25.48 114.88 76.35
N VAL I 757 -25.53 115.33 75.10
CA VAL I 757 -26.75 115.83 74.48
C VAL I 757 -26.80 115.31 73.05
N PHE I 758 -27.97 114.81 72.64
CA PHE I 758 -28.20 114.38 71.27
C PHE I 758 -28.74 115.56 70.47
N GLU I 759 -28.22 115.73 69.26
CA GLU I 759 -28.60 116.91 68.48
C GLU I 759 -28.36 116.62 67.01
N ALA I 760 -28.99 117.44 66.16
CA ALA I 760 -28.82 117.43 64.70
C ALA I 760 -29.39 116.17 64.08
N PHE I 761 -30.44 115.62 64.67
CA PHE I 761 -31.13 114.46 64.13
C PHE I 761 -32.33 114.90 63.31
N ASN I 762 -32.69 114.08 62.33
CA ASN I 762 -33.82 114.40 61.46
C ASN I 762 -35.13 114.41 62.26
N LEU I 763 -36.05 115.25 61.81
CA LEU I 763 -37.29 115.50 62.52
C LEU I 763 -38.50 114.82 61.87
N ASP I 764 -38.27 113.81 61.04
CA ASP I 764 -39.37 113.16 60.35
C ASP I 764 -40.24 112.37 61.33
N GLY I 765 -41.53 112.30 60.99
CA GLY I 765 -42.45 111.46 61.73
C GLY I 765 -42.73 111.97 63.14
N LEU I 766 -43.08 111.03 64.02
CA LEU I 766 -43.48 111.33 65.38
C LEU I 766 -42.59 110.60 66.37
N PHE I 767 -42.22 111.28 67.44
CA PHE I 767 -41.33 110.75 68.46
C PHE I 767 -42.14 110.35 69.70
N PHE I 768 -41.75 109.23 70.30
CA PHE I 768 -42.40 108.70 71.49
C PHE I 768 -41.36 108.17 72.45
N PRO I 769 -41.62 108.21 73.76
CA PRO I 769 -40.69 107.58 74.70
C PRO I 769 -40.69 106.07 74.51
N VAL I 770 -39.54 105.47 74.77
CA VAL I 770 -39.34 104.04 74.61
C VAL I 770 -38.46 103.52 75.74
N VAL I 771 -38.85 102.40 76.33
CA VAL I 771 -38.00 101.68 77.26
C VAL I 771 -37.74 100.29 76.70
N SER I 772 -36.47 99.97 76.45
CA SER I 772 -36.06 98.65 76.00
C SER I 772 -35.40 97.92 77.16
N PHE I 773 -35.86 96.71 77.43
CA PHE I 773 -35.44 95.99 78.62
C PHE I 773 -35.33 94.51 78.33
N SER I 774 -34.36 93.87 78.98
CA SER I 774 -34.30 92.43 79.07
C SER I 774 -35.25 91.97 80.18
N ALA I 775 -35.42 90.65 80.29
CA ALA I 775 -36.30 90.11 81.31
C ALA I 775 -35.71 90.29 82.70
N GLY I 776 -36.52 90.01 83.71
CA GLY I 776 -36.10 90.20 85.09
C GLY I 776 -35.91 91.65 85.48
N VAL I 777 -36.79 92.53 85.05
CA VAL I 777 -36.71 93.96 85.34
C VAL I 777 -38.08 94.47 85.76
N LYS I 778 -38.06 95.54 86.56
CA LYS I 778 -39.27 96.25 86.94
C LYS I 778 -38.98 97.74 86.88
N VAL I 779 -39.78 98.48 86.13
CA VAL I 779 -39.65 99.92 86.00
C VAL I 779 -41.01 100.55 86.17
N ARG I 780 -41.03 101.88 86.27
CA ARG I 780 -42.27 102.65 86.27
C ARG I 780 -42.12 103.83 85.33
N PHE I 781 -43.15 104.05 84.52
CA PHE I 781 -43.20 105.13 83.54
C PHE I 781 -43.91 106.31 84.18
N LEU I 782 -43.16 107.37 84.48
CA LEU I 782 -43.68 108.58 85.09
C LEU I 782 -43.96 109.61 84.01
N LEU I 783 -45.22 110.02 83.89
CA LEU I 783 -45.65 110.99 82.89
C LEU I 783 -46.07 112.31 83.50
N GLY I 784 -46.09 112.41 84.82
CA GLY I 784 -46.41 113.66 85.49
C GLY I 784 -47.89 113.99 85.43
N GLY I 785 -48.28 114.96 86.24
CA GLY I 785 -49.65 115.41 86.27
C GLY I 785 -50.58 114.33 86.78
N ARG I 786 -51.50 113.90 85.92
CA ARG I 786 -52.51 112.92 86.32
C ARG I 786 -51.90 111.53 86.44
N HIS I 787 -51.39 110.99 85.34
CA HIS I 787 -50.86 109.62 85.34
C HIS I 787 -49.45 109.67 85.89
N GLY I 788 -49.31 109.40 87.18
CA GLY I 788 -48.05 109.53 87.86
C GLY I 788 -47.71 110.97 88.15
N GLU I 789 -46.65 111.17 88.93
CA GLU I 789 -46.15 112.50 89.23
C GLU I 789 -44.64 112.52 89.07
N PHE I 790 -44.14 113.60 88.48
CA PHE I 790 -42.70 113.75 88.28
C PHE I 790 -42.00 113.87 89.63
N LYS I 791 -40.99 113.03 89.83
CA LYS I 791 -40.13 113.18 91.00
C LYS I 791 -39.37 114.49 90.94
N PHE I 792 -38.91 114.87 89.75
CA PHE I 792 -38.19 116.11 89.52
C PHE I 792 -38.98 116.96 88.53
N LEU I 793 -39.11 118.24 88.84
CA LEU I 793 -39.87 119.13 87.98
C LEU I 793 -39.15 119.34 86.66
N PRO I 794 -39.87 119.46 85.55
CA PRO I 794 -39.20 119.59 84.26
C PRO I 794 -38.48 120.92 84.15
N PRO I 795 -37.43 121.00 83.34
CA PRO I 795 -36.80 122.29 83.08
C PRO I 795 -37.75 123.20 82.32
N PRO I 796 -37.56 124.52 82.42
CA PRO I 796 -38.51 125.46 81.80
C PRO I 796 -38.62 125.24 80.29
N GLY I 797 -39.86 125.08 79.84
CA GLY I 797 -40.12 124.86 78.42
C GLY I 797 -40.73 123.50 78.14
N TYR I 798 -40.26 122.47 78.82
CA TYR I 798 -40.70 121.11 78.55
C TYR I 798 -41.99 120.79 79.31
N ALA I 799 -42.96 120.19 78.60
CA ALA I 799 -44.28 119.91 79.13
C ALA I 799 -44.44 118.44 79.46
N PRO I 800 -45.29 118.11 80.44
CA PRO I 800 -45.57 116.71 80.74
C PRO I 800 -46.23 116.01 79.56
N CYS I 801 -45.85 114.75 79.35
CA CYS I 801 -46.36 114.00 78.20
C CYS I 801 -47.79 113.52 78.39
N HIS I 802 -48.27 113.46 79.63
CA HIS I 802 -49.62 112.95 79.88
C HIS I 802 -50.68 113.82 79.22
N GLU I 803 -50.40 115.10 79.04
CA GLU I 803 -51.33 116.02 78.40
C GLU I 803 -51.34 115.90 76.89
N ALA I 804 -50.43 115.13 76.30
CA ALA I 804 -50.38 114.96 74.86
C ALA I 804 -51.24 113.79 74.38
N VAL I 805 -51.99 113.15 75.27
CA VAL I 805 -52.82 112.01 74.90
C VAL I 805 -53.96 112.50 74.00
N LEU I 806 -54.23 111.74 72.94
CA LEU I 806 -55.23 112.14 71.96
C LEU I 806 -56.64 112.09 72.56
N PRO I 807 -57.56 112.90 72.03
CA PRO I 807 -58.90 112.98 72.66
C PRO I 807 -59.66 111.67 72.73
N ARG I 808 -59.61 110.84 71.68
CA ARG I 808 -60.32 109.57 71.71
C ARG I 808 -59.45 108.42 72.17
N GLU I 809 -58.19 108.67 72.49
CA GLU I 809 -57.27 107.63 72.93
C GLU I 809 -57.05 107.73 74.43
N ARG I 810 -57.04 106.58 75.09
CA ARG I 810 -56.71 106.48 76.50
C ARG I 810 -55.26 106.04 76.64
N LEU I 811 -54.62 106.49 77.72
CA LEU I 811 -53.21 106.20 77.93
C LEU I 811 -53.02 104.70 78.15
N ARG I 812 -52.37 104.03 77.21
CA ARG I 812 -52.16 102.60 77.26
C ARG I 812 -50.71 102.28 76.91
N LEU I 813 -50.08 101.41 77.70
CA LEU I 813 -48.76 100.90 77.39
C LEU I 813 -48.88 99.68 76.50
N GLU I 814 -48.19 99.70 75.37
CA GLU I 814 -48.34 98.68 74.35
C GLU I 814 -46.97 98.38 73.73
N PRO I 815 -46.80 97.19 73.18
CA PRO I 815 -45.58 96.91 72.41
C PRO I 815 -45.52 97.77 71.16
N ILE I 816 -44.30 98.13 70.76
CA ILE I 816 -44.12 99.10 69.69
C ILE I 816 -44.55 98.52 68.35
N LYS I 817 -43.85 97.50 67.87
CA LYS I 817 -44.14 96.88 66.58
C LYS I 817 -44.33 95.38 66.84
N GLU I 818 -45.57 94.99 67.14
CA GLU I 818 -45.88 93.63 67.52
C GLU I 818 -46.62 92.91 66.41
N TYR I 819 -46.41 91.60 66.33
CA TYR I 819 -47.12 90.74 65.39
C TYR I 819 -47.85 89.61 66.10
N ARG I 820 -47.92 89.64 67.43
CA ARG I 820 -48.57 88.58 68.17
C ARG I 820 -49.07 89.16 69.49
N ARG I 821 -50.22 88.69 69.93
CA ARG I 821 -50.78 89.08 71.22
C ARG I 821 -51.50 87.89 71.83
N GLU I 822 -52.13 88.10 72.97
CA GLU I 822 -52.89 87.09 73.67
C GLU I 822 -54.35 87.52 73.75
N GLY I 823 -55.25 86.57 73.51
CA GLY I 823 -56.67 86.81 73.63
C GLY I 823 -57.35 85.70 74.41
N PRO I 824 -58.66 85.53 74.19
CA PRO I 824 -59.39 84.48 74.91
C PRO I 824 -58.98 83.07 74.51
N ARG I 825 -58.95 82.80 73.20
CA ARG I 825 -58.64 81.46 72.75
C ARG I 825 -57.16 81.13 72.91
N GLY I 826 -56.29 82.13 72.80
CA GLY I 826 -54.87 81.92 72.95
C GLY I 826 -54.05 82.94 72.19
N PRO I 827 -53.00 82.48 71.51
CA PRO I 827 -52.18 83.39 70.70
C PRO I 827 -52.97 83.91 69.51
N HIS I 828 -53.05 85.24 69.41
CA HIS I 828 -53.74 85.91 68.32
C HIS I 828 -52.71 86.61 67.45
N LEU I 829 -52.71 86.29 66.16
CA LEU I 829 -51.83 86.95 65.21
C LEU I 829 -52.44 88.29 64.81
N VAL I 830 -51.66 89.34 64.91
CA VAL I 830 -52.09 90.67 64.47
C VAL I 830 -51.22 91.10 63.30
N GLY I 831 -51.80 91.93 62.44
CA GLY I 831 -51.09 92.44 61.30
C GLY I 831 -50.39 93.73 61.61
N PRO I 832 -50.22 94.58 60.62
CA PRO I 832 -49.64 95.91 60.85
C PRO I 832 -50.60 96.82 61.59
N SER I 833 -50.23 98.09 61.74
CA SER I 833 -51.08 99.05 62.42
C SER I 833 -51.15 100.34 61.61
N ARG I 834 -52.25 101.06 61.78
CA ARG I 834 -52.42 102.37 61.16
C ARG I 834 -51.71 103.40 62.03
N CYS I 835 -50.60 103.92 61.55
CA CYS I 835 -49.77 104.84 62.32
C CYS I 835 -49.94 106.27 61.82
N LEU I 836 -49.77 107.22 62.73
CA LEU I 836 -49.91 108.63 62.43
C LEU I 836 -48.58 109.22 62.00
N SER I 837 -48.59 110.51 61.67
CA SER I 837 -47.39 111.23 61.27
C SER I 837 -47.59 112.70 61.61
N HIS I 838 -46.72 113.55 61.06
CA HIS I 838 -46.94 114.99 61.14
C HIS I 838 -47.92 115.47 60.07
N THR I 839 -48.10 114.71 59.00
CA THR I 839 -48.99 115.13 57.92
C THR I 839 -50.44 115.19 58.39
N ASP I 840 -50.88 114.22 59.18
CA ASP I 840 -52.24 114.26 59.70
C ASP I 840 -52.36 115.07 60.98
N PHE I 841 -51.23 115.50 61.56
CA PHE I 841 -51.23 116.45 62.66
C PHE I 841 -51.17 117.90 62.20
N VAL I 842 -50.89 118.12 60.92
CA VAL I 842 -50.96 119.47 60.35
C VAL I 842 -52.29 119.62 59.63
N PRO I 843 -52.97 120.77 59.74
CA PRO I 843 -54.19 120.99 58.96
C PRO I 843 -53.94 121.72 57.66
N CYS I 844 -54.64 121.31 56.59
CA CYS I 844 -54.54 121.97 55.28
C CYS I 844 -55.95 122.26 54.79
N PRO I 845 -56.48 123.45 55.11
CA PRO I 845 -57.86 123.77 54.73
C PRO I 845 -57.93 124.33 53.31
N VAL I 846 -59.16 124.57 52.86
CA VAL I 846 -59.44 125.14 51.55
C VAL I 846 -59.67 126.63 51.72
N ASP I 847 -58.98 127.43 50.92
CA ASP I 847 -59.15 128.88 50.98
C ASP I 847 -60.50 129.26 50.38
N THR I 848 -61.36 129.89 51.18
CA THR I 848 -62.68 130.30 50.74
C THR I 848 -62.83 131.80 50.57
N VAL I 849 -61.77 132.58 50.77
CA VAL I 849 -61.86 134.02 50.58
C VAL I 849 -61.69 134.42 49.12
N GLN I 850 -61.35 133.48 48.24
CA GLN I 850 -61.17 133.75 46.83
C GLN I 850 -62.38 133.35 45.99
N ILE I 851 -63.53 133.14 46.63
CA ILE I 851 -64.72 132.64 45.96
C ILE I 851 -65.58 133.81 45.53
N VAL I 852 -66.00 133.82 44.26
CA VAL I 852 -66.82 134.92 43.76
C VAL I 852 -68.22 134.84 44.37
N LEU I 853 -68.88 136.00 44.42
CA LEU I 853 -70.18 136.11 45.07
C LEU I 853 -71.27 136.20 44.01
N PRO I 854 -72.12 135.18 43.86
CA PRO I 854 -73.25 135.29 42.94
C PRO I 854 -74.38 136.10 43.57
N PRO I 855 -75.44 136.41 42.82
CA PRO I 855 -76.61 137.03 43.46
C PRO I 855 -77.24 136.15 44.53
N HIS I 856 -77.11 134.83 44.41
CA HIS I 856 -77.69 133.94 45.40
C HIS I 856 -77.02 134.10 46.76
N LEU I 857 -75.75 134.53 46.76
CA LEU I 857 -75.06 134.90 47.99
C LEU I 857 -75.93 135.86 48.81
N GLU I 858 -76.25 137.02 48.23
CA GLU I 858 -77.09 137.98 48.93
C GLU I 858 -78.53 137.51 49.04
N ARG I 859 -78.95 136.55 48.20
CA ARG I 859 -80.30 136.01 48.31
C ARG I 859 -80.53 135.33 49.66
N ILE I 860 -79.59 134.49 50.09
CA ILE I 860 -79.78 133.70 51.30
C ILE I 860 -78.94 134.22 52.48
N ARG I 861 -78.01 135.15 52.25
CA ARG I 861 -77.10 135.61 53.30
C ARG I 861 -77.85 136.23 54.47
N GLU I 862 -79.00 136.83 54.24
CA GLU I 862 -79.75 137.48 55.31
C GLU I 862 -80.95 136.69 55.79
N LYS I 863 -81.53 135.82 54.97
CA LYS I 863 -82.58 134.94 55.48
C LYS I 863 -81.99 133.90 56.43
N LEU I 864 -80.78 133.40 56.11
CA LEU I 864 -80.06 132.56 57.07
C LEU I 864 -79.77 133.33 58.35
N ALA I 865 -79.39 134.61 58.22
CA ALA I 865 -79.11 135.42 59.40
C ALA I 865 -80.36 135.63 60.24
N GLU I 866 -81.52 135.77 59.59
CA GLU I 866 -82.77 135.97 60.33
C GLU I 866 -83.14 134.72 61.11
N ASN I 867 -83.04 133.55 60.48
CA ASN I 867 -83.24 132.31 61.23
C ASN I 867 -82.19 132.13 62.31
N ILE I 868 -80.97 132.63 62.07
CA ILE I 868 -79.92 132.62 63.07
C ILE I 868 -80.34 133.45 64.29
N HIS I 869 -80.95 134.60 64.05
CA HIS I 869 -81.48 135.41 65.14
C HIS I 869 -82.60 134.69 65.88
N GLU I 870 -83.40 133.91 65.14
CA GLU I 870 -84.42 133.09 65.80
C GLU I 870 -83.78 132.07 66.73
N LEU I 871 -82.69 131.43 66.29
CA LEU I 871 -81.97 130.54 67.18
C LEU I 871 -81.31 131.30 68.33
N TRP I 872 -80.94 132.56 68.12
CA TRP I 872 -80.40 133.37 69.21
C TRP I 872 -81.44 133.55 70.31
N ALA I 873 -82.67 133.89 69.91
CA ALA I 873 -83.77 133.96 70.88
C ALA I 873 -84.01 132.60 71.53
N LEU I 874 -83.92 131.53 70.74
CA LEU I 874 -84.12 130.19 71.29
C LEU I 874 -83.06 129.85 72.34
N THR I 875 -81.80 130.20 72.08
CA THR I 875 -80.73 129.89 73.01
C THR I 875 -80.84 130.70 74.29
N ARG I 876 -81.19 131.99 74.19
CA ARG I 876 -81.33 132.77 75.42
C ARG I 876 -82.55 132.33 76.22
N ILE I 877 -83.60 131.84 75.54
CA ILE I 877 -84.74 131.28 76.25
C ILE I 877 -84.35 130.00 76.96
N GLU I 878 -83.65 129.10 76.25
CA GLU I 878 -83.25 127.83 76.84
C GLU I 878 -82.28 128.02 77.99
N GLN I 879 -81.46 129.06 77.95
CA GLN I 879 -80.54 129.37 79.04
C GLN I 879 -81.29 130.10 80.14
N GLY I 880 -80.54 130.63 81.11
CA GLY I 880 -81.13 131.39 82.19
C GLY I 880 -81.46 132.82 81.87
N TRP I 881 -81.24 133.23 80.62
CA TRP I 881 -81.50 134.60 80.21
C TRP I 881 -82.99 134.82 79.95
N THR I 882 -83.36 136.09 79.76
CA THR I 882 -84.75 136.48 79.59
C THR I 882 -84.82 137.56 78.51
N TYR I 883 -85.96 138.24 78.44
CA TYR I 883 -86.22 139.23 77.40
C TYR I 883 -85.82 140.62 77.86
N GLY I 884 -85.22 141.39 76.94
CA GLY I 884 -84.83 142.75 77.21
C GLY I 884 -84.57 143.55 75.95
N PRO I 885 -84.67 144.87 76.05
CA PRO I 885 -84.36 145.71 74.87
C PRO I 885 -82.88 145.98 74.68
N VAL I 886 -82.11 146.00 75.77
CA VAL I 886 -80.75 146.53 75.75
C VAL I 886 -79.79 145.50 75.17
N ARG I 887 -78.56 145.93 74.89
CA ARG I 887 -77.60 145.13 74.12
C ARG I 887 -76.63 144.40 75.05
N ASP I 888 -77.17 143.53 75.90
CA ASP I 888 -76.34 142.75 76.82
C ASP I 888 -77.06 141.46 77.16
N ASP I 889 -76.67 140.36 76.50
CA ASP I 889 -77.28 139.07 76.76
C ASP I 889 -77.01 138.59 78.19
N ASN I 890 -75.86 138.96 78.75
CA ASN I 890 -75.48 138.50 80.08
C ASN I 890 -76.41 139.02 81.16
N LYS I 891 -77.16 140.09 80.88
CA LYS I 891 -78.06 140.68 81.85
C LYS I 891 -79.52 140.46 81.47
N ARG I 892 -79.80 139.38 80.74
CA ARG I 892 -81.16 138.97 80.35
C ARG I 892 -81.79 140.01 79.41
N LEU I 893 -81.00 140.44 78.43
CA LEU I 893 -81.44 141.45 77.46
C LEU I 893 -81.12 140.99 76.04
N HIS I 894 -81.99 141.40 75.11
CA HIS I 894 -81.86 141.07 73.70
C HIS I 894 -81.47 142.31 72.92
N PRO I 895 -80.29 142.33 72.28
CA PRO I 895 -79.84 143.55 71.59
C PRO I 895 -80.75 144.01 70.46
N CYS I 896 -81.31 143.09 69.69
CA CYS I 896 -82.10 143.50 68.52
C CYS I 896 -83.44 144.09 68.94
N LEU I 897 -84.11 143.47 69.92
CA LEU I 897 -85.40 143.88 70.47
C LEU I 897 -86.53 143.88 69.43
N VAL I 898 -86.27 143.36 68.23
CA VAL I 898 -87.29 143.18 67.20
C VAL I 898 -87.05 141.80 66.59
N ASN I 899 -88.10 141.21 66.02
CA ASN I 899 -87.96 139.94 65.31
C ASN I 899 -86.90 140.04 64.22
N PHE I 900 -87.03 141.03 63.35
CA PHE I 900 -85.95 141.35 62.42
C PHE I 900 -84.90 142.13 63.20
N HIS I 901 -83.63 141.78 63.01
CA HIS I 901 -82.56 142.38 63.80
C HIS I 901 -82.44 143.87 63.46
N SER I 902 -82.86 144.71 64.39
CA SER I 902 -82.67 146.16 64.28
C SER I 902 -81.29 146.53 64.82
N LEU I 903 -80.29 145.91 64.24
CA LEU I 903 -78.90 145.75 64.64
C LEU I 903 -78.04 146.86 64.04
N PRO I 904 -77.08 147.39 64.80
CA PRO I 904 -76.25 148.47 64.25
C PRO I 904 -75.15 147.94 63.35
N GLU I 905 -74.25 148.82 62.91
CA GLU I 905 -73.14 148.42 62.06
C GLU I 905 -72.28 147.27 62.60
N PRO I 906 -71.91 147.21 63.90
CA PRO I 906 -71.10 146.07 64.38
C PRO I 906 -71.76 144.71 64.21
N GLU I 907 -72.92 144.49 64.83
CA GLU I 907 -73.49 143.16 64.88
C GLU I 907 -74.16 142.77 63.56
N ARG I 908 -74.65 143.74 62.79
CA ARG I 908 -75.17 143.43 61.46
C ARG I 908 -74.09 142.85 60.58
N ASN I 909 -72.91 143.48 60.57
CA ASN I 909 -71.76 142.96 59.83
C ASN I 909 -71.29 141.64 60.46
N TYR I 910 -71.40 141.53 61.79
CA TYR I 910 -71.05 140.31 62.49
C TYR I 910 -71.77 139.09 61.92
N ASN I 911 -73.09 139.17 61.77
CA ASN I 911 -73.81 138.06 61.16
C ASN I 911 -73.64 138.03 59.64
N LEU I 912 -73.52 139.19 59.01
CA LEU I 912 -73.36 139.28 57.56
C LEU I 912 -72.18 138.46 57.09
N GLN I 913 -71.01 138.69 57.68
CA GLN I 913 -69.77 138.12 57.16
C GLN I 913 -69.72 136.62 57.35
N MET I 914 -70.21 136.11 58.48
CA MET I 914 -70.17 134.66 58.68
C MET I 914 -71.25 133.92 57.89
N SER I 915 -72.43 134.51 57.69
CA SER I 915 -73.38 133.89 56.77
C SER I 915 -72.81 133.81 55.37
N GLY I 916 -72.18 134.91 54.93
CA GLY I 916 -71.51 134.90 53.64
C GLY I 916 -70.40 133.86 53.57
N GLU I 917 -69.60 133.77 54.63
CA GLU I 917 -68.49 132.82 54.65
C GLU I 917 -68.98 131.37 54.61
N THR I 918 -70.12 131.08 55.25
CA THR I 918 -70.72 129.76 55.12
C THR I 918 -71.05 129.48 53.65
N LEU I 919 -71.63 130.45 52.96
CA LEU I 919 -71.88 130.28 51.53
C LEU I 919 -70.58 130.13 50.74
N LYS I 920 -69.51 130.83 51.17
CA LYS I 920 -68.22 130.71 50.49
C LYS I 920 -67.64 129.31 50.61
N THR I 921 -67.72 128.72 51.81
CA THR I 921 -67.24 127.35 51.97
C THR I 921 -68.08 126.37 51.16
N LEU I 922 -69.40 126.60 51.10
CA LEU I 922 -70.26 125.79 50.25
C LEU I 922 -69.79 125.82 48.80
N LEU I 923 -69.62 127.03 48.26
CA LEU I 923 -69.23 127.16 46.86
C LEU I 923 -67.84 126.59 46.61
N ALA I 924 -66.90 126.83 47.53
CA ALA I 924 -65.54 126.34 47.35
C ALA I 924 -65.48 124.83 47.36
N LEU I 925 -66.21 124.18 48.27
CA LEU I 925 -66.12 122.74 48.43
C LEU I 925 -67.08 121.98 47.51
N GLY I 926 -67.95 122.68 46.78
CA GLY I 926 -68.72 122.05 45.71
C GLY I 926 -70.22 122.05 45.88
N CYS I 927 -70.76 122.52 47.01
CA CYS I 927 -72.19 122.65 47.15
C CYS I 927 -72.73 123.70 46.19
N HIS I 928 -73.88 123.41 45.58
CA HIS I 928 -74.51 124.35 44.67
C HIS I 928 -75.12 125.52 45.45
N VAL I 929 -75.47 126.57 44.72
CA VAL I 929 -75.95 127.81 45.33
C VAL I 929 -77.27 128.19 44.67
N GLY I 930 -78.12 128.87 45.44
CA GLY I 930 -79.45 129.27 45.02
C GLY I 930 -80.49 128.51 45.86
N MET I 931 -81.53 129.23 46.27
CA MET I 931 -82.58 128.66 47.12
C MET I 931 -83.94 128.95 46.49
N ALA I 932 -84.37 128.08 45.57
CA ALA I 932 -85.68 128.19 44.95
C ALA I 932 -86.66 127.39 45.80
N ASP I 933 -87.39 128.08 46.68
CA ASP I 933 -88.25 127.38 47.63
C ASP I 933 -89.49 126.79 46.97
N GLU I 934 -90.04 127.45 45.95
CA GLU I 934 -91.29 127.06 45.31
C GLU I 934 -92.41 126.90 46.34
N LYS I 935 -92.74 128.03 46.99
CA LYS I 935 -93.73 128.17 48.05
C LYS I 935 -93.35 127.42 49.32
N ALA I 936 -92.10 126.98 49.45
CA ALA I 936 -91.68 126.37 50.71
C ALA I 936 -91.55 127.42 51.81
N GLU I 937 -91.21 128.66 51.47
CA GLU I 937 -91.20 129.72 52.46
C GLU I 937 -92.60 129.99 52.99
N ASP I 938 -93.61 129.95 52.10
CA ASP I 938 -94.99 130.06 52.55
C ASP I 938 -95.38 128.86 53.40
N ASN I 939 -94.92 127.66 53.02
CA ASN I 939 -95.17 126.47 53.82
C ASN I 939 -94.52 126.58 55.20
N LEU I 940 -93.42 127.32 55.30
CA LEU I 940 -92.69 127.42 56.55
C LEU I 940 -93.55 128.13 57.59
N LYS I 941 -93.78 127.47 58.72
CA LYS I 941 -94.76 127.95 59.71
C LYS I 941 -94.34 129.30 60.30
N LYS I 942 -93.11 129.39 60.80
CA LYS I 942 -92.64 130.56 61.57
C LYS I 942 -93.57 130.84 62.75
N THR I 943 -94.00 129.77 63.44
CA THR I 943 -94.95 129.90 64.54
C THR I 943 -94.50 129.24 65.83
N LYS I 944 -93.32 128.63 65.88
CA LYS I 944 -92.84 127.97 67.09
C LYS I 944 -92.17 129.02 67.97
N LEU I 945 -93.01 129.80 68.66
CA LEU I 945 -92.56 130.91 69.49
C LEU I 945 -92.86 130.62 70.94
N PRO I 946 -91.87 130.66 71.85
CA PRO I 946 -92.16 130.39 73.26
C PRO I 946 -93.06 131.43 73.91
N LYS I 947 -93.18 132.62 73.33
CA LYS I 947 -94.05 133.69 73.81
C LYS I 947 -93.68 134.15 75.22
N THR I 948 -92.44 133.93 75.64
CA THR I 948 -91.99 134.41 76.94
C THR I 948 -91.70 135.91 76.93
N TYR I 949 -91.50 136.49 75.74
CA TYR I 949 -91.21 137.91 75.64
C TYR I 949 -92.38 138.74 76.16
N MET I 950 -92.05 139.78 76.93
CA MET I 950 -93.04 140.64 77.55
C MET I 950 -93.32 141.90 76.74
N MET I 951 -92.47 142.22 75.77
CA MET I 951 -92.61 143.44 74.97
C MET I 951 -92.27 143.08 73.53
N SER I 952 -92.00 144.11 72.71
CA SER I 952 -91.65 143.89 71.32
C SER I 952 -90.30 143.19 71.14
N ASN I 953 -89.53 143.04 72.22
CA ASN I 953 -88.25 142.35 72.14
C ASN I 953 -88.43 140.89 71.72
N GLY I 954 -87.44 140.39 70.99
CA GLY I 954 -87.48 139.02 70.49
C GLY I 954 -88.60 138.75 69.52
N TYR I 955 -89.57 137.94 69.95
CA TYR I 955 -90.72 137.53 69.13
C TYR I 955 -90.26 136.88 67.83
N LYS I 956 -89.20 136.06 67.91
CA LYS I 956 -88.69 135.35 66.75
C LYS I 956 -89.08 133.88 66.84
N PRO I 957 -90.00 133.40 66.01
CA PRO I 957 -90.43 132.00 66.11
C PRO I 957 -89.65 131.08 65.18
N ALA I 958 -89.50 129.84 65.63
CA ALA I 958 -88.87 128.83 64.80
C ALA I 958 -89.83 128.39 63.70
N PRO I 959 -89.34 128.16 62.49
CA PRO I 959 -90.23 127.79 61.37
C PRO I 959 -90.38 126.30 61.11
N LEU I 960 -89.84 125.43 61.99
CA LEU I 960 -89.93 123.98 61.84
C LEU I 960 -89.25 123.51 60.55
N ASP I 961 -88.00 123.94 60.38
CA ASP I 961 -87.25 123.61 59.16
C ASP I 961 -87.06 122.10 59.02
N LEU I 962 -86.62 121.44 60.10
CA LEU I 962 -86.39 120.00 60.04
C LEU I 962 -87.70 119.23 59.83
N SER I 963 -88.76 119.67 60.49
CA SER I 963 -90.05 118.99 60.35
C SER I 963 -90.58 119.12 58.93
N HIS I 964 -90.38 120.27 58.29
CA HIS I 964 -90.84 120.43 56.92
C HIS I 964 -89.95 119.68 55.94
N VAL I 965 -88.64 119.71 56.13
CA VAL I 965 -87.70 119.01 55.26
C VAL I 965 -86.55 118.48 56.11
N ARG I 966 -86.28 117.18 56.00
CA ARG I 966 -85.26 116.51 56.78
C ARG I 966 -83.97 116.37 55.99
N LEU I 967 -82.89 116.10 56.72
CA LEU I 967 -81.57 115.97 56.12
C LEU I 967 -81.40 114.60 55.46
N THR I 968 -80.37 114.50 54.64
CA THR I 968 -79.99 113.28 53.95
C THR I 968 -78.55 112.92 54.29
N PRO I 969 -78.18 111.63 54.25
CA PRO I 969 -76.81 111.26 54.67
C PRO I 969 -75.71 111.93 53.87
N ALA I 970 -75.92 112.17 52.57
CA ALA I 970 -74.94 112.92 51.81
C ALA I 970 -74.77 114.32 52.38
N GLN I 971 -75.88 114.98 52.74
CA GLN I 971 -75.81 116.31 53.32
C GLN I 971 -75.16 116.27 54.71
N THR I 972 -75.36 115.19 55.47
CA THR I 972 -74.71 115.12 56.78
C THR I 972 -73.20 114.98 56.64
N THR I 973 -72.72 114.19 55.66
CA THR I 973 -71.28 114.16 55.42
C THR I 973 -70.78 115.50 54.90
N LEU I 974 -71.60 116.24 54.15
CA LEU I 974 -71.25 117.60 53.78
C LEU I 974 -71.09 118.48 55.02
N VAL I 975 -71.98 118.29 56.00
CA VAL I 975 -71.86 119.02 57.26
C VAL I 975 -70.54 118.69 57.94
N ASP I 976 -70.18 117.40 57.96
CA ASP I 976 -68.95 116.99 58.63
C ASP I 976 -67.73 117.63 57.98
N ARG I 977 -67.65 117.61 56.65
CA ARG I 977 -66.47 118.20 56.02
C ARG I 977 -66.48 119.71 56.05
N LEU I 978 -67.67 120.34 56.09
CA LEU I 978 -67.73 121.78 56.23
C LEU I 978 -67.23 122.22 57.61
N ALA I 979 -67.71 121.55 58.66
CA ALA I 979 -67.19 121.82 60.00
C ALA I 979 -65.72 121.48 60.11
N GLU I 980 -65.26 120.47 59.36
CA GLU I 980 -63.84 120.17 59.29
C GLU I 980 -63.06 121.33 58.69
N ASN I 981 -63.59 121.93 57.61
CA ASN I 981 -62.91 123.06 57.00
C ASN I 981 -62.87 124.26 57.94
N GLY I 982 -63.95 124.52 58.66
CA GLY I 982 -63.93 125.58 59.66
C GLY I 982 -62.94 125.31 60.77
N HIS I 983 -62.90 124.06 61.23
CA HIS I 983 -61.92 123.67 62.23
C HIS I 983 -60.51 123.85 61.72
N ASN I 984 -60.27 123.55 60.44
CA ASN I 984 -58.93 123.62 59.89
C ASN I 984 -58.49 125.06 59.68
N VAL I 985 -59.39 125.94 59.25
CA VAL I 985 -59.00 127.34 59.09
C VAL I 985 -58.75 127.98 60.46
N TRP I 986 -59.57 127.63 61.46
CA TRP I 986 -59.35 128.15 62.80
C TRP I 986 -58.04 127.65 63.37
N ALA I 987 -57.74 126.36 63.17
CA ALA I 987 -56.47 125.80 63.60
C ALA I 987 -55.31 126.44 62.85
N ARG I 988 -55.52 126.74 61.56
CA ARG I 988 -54.47 127.37 60.77
C ARG I 988 -54.09 128.73 61.32
N ASP I 989 -55.09 129.56 61.64
CA ASP I 989 -54.75 130.88 62.17
C ASP I 989 -54.19 130.80 63.58
N ARG I 990 -54.69 129.87 64.40
CA ARG I 990 -54.13 129.70 65.74
C ARG I 990 -52.67 129.27 65.67
N VAL I 991 -52.34 128.38 64.73
CA VAL I 991 -50.96 127.96 64.55
C VAL I 991 -50.12 129.10 64.00
N ALA I 992 -50.69 129.91 63.10
CA ALA I 992 -49.95 131.02 62.52
C ALA I 992 -49.56 132.05 63.58
N GLN I 993 -50.48 132.37 64.49
CA GLN I 993 -50.09 133.22 65.61
C GLN I 993 -49.26 132.45 66.64
N GLY I 994 -49.32 131.13 66.61
CA GLY I 994 -48.52 130.29 67.48
C GLY I 994 -49.31 129.73 68.64
N TRP I 995 -49.79 128.49 68.50
CA TRP I 995 -50.54 127.82 69.53
C TRP I 995 -50.05 126.37 69.62
N SER I 996 -50.34 125.72 70.75
CA SER I 996 -49.89 124.36 71.00
C SER I 996 -51.05 123.51 71.52
N TYR I 997 -51.00 122.22 71.20
CA TYR I 997 -52.01 121.27 71.67
C TYR I 997 -51.62 120.76 73.06
N SER I 998 -52.56 120.83 74.00
CA SER I 998 -52.37 120.30 75.33
C SER I 998 -53.73 120.00 75.94
N ALA I 999 -53.83 118.86 76.65
CA ALA I 999 -55.10 118.43 77.21
C ALA I 999 -55.68 119.43 78.21
N VAL I 1000 -54.84 120.24 78.83
CA VAL I 1000 -55.29 121.34 79.68
C VAL I 1000 -55.17 122.63 78.88
N GLN I 1001 -56.27 123.38 78.80
CA GLN I 1001 -56.33 124.58 77.97
C GLN I 1001 -55.70 125.74 78.74
N ASP I 1002 -54.38 125.91 78.56
CA ASP I 1002 -53.65 127.00 79.19
C ASP I 1002 -53.72 128.20 78.26
N ILE I 1003 -54.73 129.05 78.49
CA ILE I 1003 -54.92 130.22 77.62
C ILE I 1003 -53.71 131.16 77.63
N PRO I 1004 -53.10 131.51 78.77
CA PRO I 1004 -51.88 132.35 78.70
C PRO I 1004 -50.73 131.70 77.97
N ALA I 1005 -50.71 130.37 77.85
CA ALA I 1005 -49.68 129.66 77.11
C ALA I 1005 -50.10 129.31 75.70
N ARG I 1006 -51.27 129.78 75.26
CA ARG I 1006 -51.85 129.46 73.95
C ARG I 1006 -51.99 127.95 73.76
N ARG I 1007 -52.30 127.26 74.85
CA ARG I 1007 -52.47 125.82 74.88
C ARG I 1007 -53.95 125.50 74.82
N ASN I 1008 -54.32 124.52 73.99
CA ASN I 1008 -55.74 124.19 73.83
C ASN I 1008 -55.90 122.77 73.30
N PRO I 1009 -56.75 121.96 73.91
CA PRO I 1009 -56.88 120.55 73.53
C PRO I 1009 -57.71 120.29 72.28
N ARG I 1010 -58.11 121.32 71.54
CA ARG I 1010 -59.00 121.15 70.40
C ARG I 1010 -58.50 121.90 69.16
N LEU I 1011 -57.21 122.15 69.05
CA LEU I 1011 -56.66 122.86 67.90
C LEU I 1011 -55.97 121.93 66.91
N VAL I 1012 -55.88 120.65 67.21
CA VAL I 1012 -55.34 119.67 66.27
C VAL I 1012 -56.37 119.51 65.15
N PRO I 1013 -55.98 119.03 63.95
CA PRO I 1013 -56.95 118.91 62.85
C PRO I 1013 -58.21 118.12 63.19
N TYR I 1014 -59.27 118.36 62.42
CA TYR I 1014 -60.61 117.90 62.79
C TYR I 1014 -60.72 116.39 62.88
N ARG I 1015 -59.83 115.66 62.20
CA ARG I 1015 -59.86 114.20 62.24
C ARG I 1015 -59.37 113.61 63.55
N LEU I 1016 -59.11 114.41 64.58
CA LEU I 1016 -58.59 113.91 65.84
C LEU I 1016 -59.43 114.28 67.06
N LEU I 1017 -60.30 115.27 66.98
CA LEU I 1017 -61.09 115.67 68.14
C LEU I 1017 -62.18 114.65 68.45
N ASP I 1018 -62.51 114.56 69.73
CA ASP I 1018 -63.51 113.62 70.21
C ASP I 1018 -64.89 113.96 69.67
N GLU I 1019 -65.84 113.05 69.91
CA GLU I 1019 -67.19 113.19 69.39
C GLU I 1019 -67.93 114.39 69.97
N ALA I 1020 -67.52 114.87 71.15
CA ALA I 1020 -68.19 116.04 71.74
C ALA I 1020 -67.88 117.30 70.94
N THR I 1021 -66.61 117.54 70.63
CA THR I 1021 -66.24 118.71 69.84
C THR I 1021 -66.82 118.63 68.44
N LYS I 1022 -66.78 117.44 67.83
CA LYS I 1022 -67.32 117.27 66.48
C LYS I 1022 -68.81 117.59 66.45
N ARG I 1023 -69.58 117.00 67.36
CA ARG I 1023 -71.02 117.24 67.40
C ARG I 1023 -71.33 118.69 67.72
N SER I 1024 -70.59 119.28 68.67
CA SER I 1024 -70.82 120.67 69.05
C SER I 1024 -70.44 121.64 67.94
N ASN I 1025 -69.57 121.25 67.02
CA ASN I 1025 -69.22 122.11 65.90
C ASN I 1025 -70.03 121.82 64.64
N ARG I 1026 -70.77 120.71 64.59
CA ARG I 1026 -71.57 120.40 63.42
C ARG I 1026 -73.07 120.48 63.64
N ASP I 1027 -73.54 120.54 64.90
CA ASP I 1027 -74.99 120.57 65.13
C ASP I 1027 -75.62 121.88 64.64
N SER I 1028 -74.98 123.02 64.90
CA SER I 1028 -75.47 124.28 64.39
C SER I 1028 -75.41 124.32 62.87
N LEU I 1029 -74.40 123.67 62.29
CA LEU I 1029 -74.33 123.55 60.83
C LEU I 1029 -75.49 122.72 60.30
N CYS I 1030 -75.85 121.65 61.01
CA CYS I 1030 -77.02 120.86 60.62
C CYS I 1030 -78.29 121.70 60.67
N GLN I 1031 -78.43 122.54 61.70
CA GLN I 1031 -79.58 123.44 61.77
C GLN I 1031 -79.58 124.42 60.60
N ALA I 1032 -78.40 124.92 60.22
CA ALA I 1032 -78.32 125.77 59.04
C ALA I 1032 -78.75 125.02 57.79
N VAL I 1033 -78.41 123.73 57.71
CA VAL I 1033 -78.85 122.91 56.58
C VAL I 1033 -80.37 122.74 56.59
N ARG I 1034 -80.97 122.59 57.77
CA ARG I 1034 -82.43 122.56 57.84
C ARG I 1034 -83.02 123.86 57.31
N THR I 1035 -82.39 124.99 57.66
CA THR I 1035 -82.86 126.28 57.16
C THR I 1035 -82.78 126.35 55.64
N LEU I 1036 -81.68 125.84 55.06
CA LEU I 1036 -81.56 125.80 53.60
C LEU I 1036 -82.65 124.92 52.98
N LEU I 1037 -82.91 123.75 53.57
CA LEU I 1037 -83.94 122.86 53.05
C LEU I 1037 -85.32 123.49 53.14
N GLY I 1038 -85.59 124.21 54.24
CA GLY I 1038 -86.82 124.97 54.33
C GLY I 1038 -86.91 126.06 53.28
N TYR I 1039 -85.77 126.65 52.92
CA TYR I 1039 -85.71 127.62 51.84
C TYR I 1039 -85.64 126.97 50.46
N GLY I 1040 -85.73 125.64 50.40
CA GLY I 1040 -85.73 124.96 49.11
C GLY I 1040 -84.43 125.09 48.35
N TYR I 1041 -83.30 124.92 49.04
CA TYR I 1041 -82.01 125.12 48.42
C TYR I 1041 -81.76 124.08 47.34
N ASN I 1042 -81.17 124.52 46.23
CA ASN I 1042 -80.78 123.63 45.13
C ASN I 1042 -79.38 123.05 45.34
N ILE I 1043 -78.92 122.99 46.59
CA ILE I 1043 -77.60 122.47 46.89
C ILE I 1043 -77.53 120.98 46.54
N GLU I 1044 -76.48 120.59 45.83
CA GLU I 1044 -76.26 119.21 45.44
C GLU I 1044 -74.88 118.79 45.90
N PRO I 1045 -74.74 117.66 46.59
CA PRO I 1045 -73.42 117.18 47.00
C PRO I 1045 -72.53 116.91 45.80
N PRO I 1046 -71.22 117.21 45.90
CA PRO I 1046 -70.21 116.97 44.86
C PRO I 1046 -70.24 115.56 44.29
N ASN I 1055 -41.75 102.49 42.74
CA ASN I 1055 -43.11 102.02 42.98
C ASN I 1055 -43.24 101.49 44.40
N GLN I 1056 -44.34 101.85 45.07
CA GLN I 1056 -44.59 101.42 46.44
C GLN I 1056 -45.86 100.58 46.46
N SER I 1057 -45.70 99.28 46.69
CA SER I 1057 -46.82 98.35 46.74
C SER I 1057 -47.46 98.28 48.12
N ARG I 1058 -46.95 99.07 49.08
CA ARG I 1058 -47.44 99.09 50.46
C ARG I 1058 -47.35 97.69 51.09
N TRP I 1059 -46.13 97.15 51.08
CA TRP I 1059 -45.87 95.91 51.80
C TRP I 1059 -45.92 96.11 53.30
N ASP I 1060 -45.77 97.35 53.77
CA ASP I 1060 -45.78 97.61 55.20
C ASP I 1060 -47.15 97.35 55.81
N ARG I 1061 -48.22 97.54 55.03
CA ARG I 1061 -49.58 97.36 55.53
C ARG I 1061 -50.07 95.93 55.43
N VAL I 1062 -49.27 95.01 54.91
CA VAL I 1062 -49.68 93.63 54.75
C VAL I 1062 -48.65 92.73 55.43
N ARG I 1063 -49.13 91.63 56.00
CA ARG I 1063 -48.27 90.66 56.67
C ARG I 1063 -48.75 89.26 56.32
N ILE I 1064 -47.82 88.43 55.87
CA ILE I 1064 -48.12 87.05 55.48
C ILE I 1064 -47.59 86.13 56.56
N PHE I 1065 -48.43 85.20 57.02
CA PHE I 1065 -48.08 84.22 58.03
C PHE I 1065 -48.28 82.84 57.44
N ARG I 1066 -47.23 82.03 57.45
CA ARG I 1066 -47.27 80.72 56.82
C ARG I 1066 -46.61 79.69 57.73
N ALA I 1067 -47.16 78.49 57.78
CA ALA I 1067 -46.54 77.42 58.55
C ALA I 1067 -45.18 77.04 57.94
N GLU I 1068 -44.28 76.53 58.79
CA GLU I 1068 -42.92 76.24 58.35
C GLU I 1068 -42.91 75.19 57.25
N LYS I 1069 -41.96 75.35 56.31
CA LYS I 1069 -41.88 74.49 55.13
C LYS I 1069 -41.56 73.04 55.46
N SER I 1070 -41.25 72.71 56.71
CA SER I 1070 -41.09 71.31 57.07
C SER I 1070 -42.42 70.61 57.30
N TYR I 1071 -43.52 71.35 57.32
CA TYR I 1071 -44.84 70.78 57.57
C TYR I 1071 -45.68 70.68 56.31
N THR I 1072 -45.05 70.73 55.14
CA THR I 1072 -45.81 70.64 53.89
C THR I 1072 -46.49 69.29 53.79
N VAL I 1073 -47.66 69.29 53.15
CA VAL I 1073 -48.43 68.09 52.91
C VAL I 1073 -48.62 67.95 51.41
N GLN I 1074 -48.30 66.77 50.88
CA GLN I 1074 -48.56 66.45 49.49
C GLN I 1074 -49.60 65.36 49.33
N SER I 1075 -50.13 64.84 50.43
CA SER I 1075 -51.18 63.83 50.37
C SER I 1075 -52.00 63.91 51.65
N GLY I 1076 -53.27 63.55 51.55
CA GLY I 1076 -54.17 63.57 52.67
C GLY I 1076 -55.20 64.69 52.56
N ARG I 1077 -56.06 64.75 53.58
CA ARG I 1077 -57.15 65.71 53.64
C ARG I 1077 -57.04 66.46 54.96
N TRP I 1078 -56.83 67.76 54.89
CA TRP I 1078 -56.49 68.55 56.08
C TRP I 1078 -57.47 69.70 56.26
N TYR I 1079 -57.41 70.31 57.44
CA TYR I 1079 -58.40 71.28 57.90
C TYR I 1079 -57.75 72.17 58.96
N PHE I 1080 -57.79 73.48 58.76
CA PHE I 1080 -57.25 74.43 59.72
C PHE I 1080 -58.15 75.66 59.78
N GLU I 1081 -58.46 76.10 60.99
CA GLU I 1081 -59.39 77.18 61.18
C GLU I 1081 -58.70 78.53 61.26
N PHE I 1082 -59.42 79.55 60.81
CA PHE I 1082 -59.01 80.95 60.99
C PHE I 1082 -60.16 81.69 61.64
N GLU I 1083 -59.96 82.17 62.86
CA GLU I 1083 -60.98 82.90 63.59
C GLU I 1083 -60.77 84.39 63.35
N ALA I 1084 -61.87 85.11 63.15
CA ALA I 1084 -61.84 86.53 62.87
C ALA I 1084 -62.17 87.31 64.15
N VAL I 1085 -61.29 88.23 64.53
CA VAL I 1085 -61.57 89.14 65.63
C VAL I 1085 -62.07 90.48 65.12
N THR I 1086 -61.39 91.03 64.12
CA THR I 1086 -61.83 92.24 63.43
C THR I 1086 -62.25 91.88 62.02
N THR I 1087 -62.89 92.84 61.36
CA THR I 1087 -63.35 92.68 59.99
C THR I 1087 -62.53 93.60 59.10
N GLY I 1088 -61.63 93.01 58.34
CA GLY I 1088 -60.80 93.77 57.42
C GLY I 1088 -60.37 92.89 56.27
N GLU I 1089 -59.28 93.29 55.62
CA GLU I 1089 -58.73 92.53 54.50
C GLU I 1089 -57.97 91.33 55.06
N MET I 1090 -58.71 90.29 55.39
CA MET I 1090 -58.13 89.05 55.91
C MET I 1090 -58.29 87.96 54.88
N ARG I 1091 -57.16 87.39 54.47
CA ARG I 1091 -57.09 86.33 53.48
C ARG I 1091 -56.62 85.06 54.16
N VAL I 1092 -57.15 83.92 53.74
CA VAL I 1092 -56.80 82.66 54.38
C VAL I 1092 -56.86 81.55 53.32
N GLY I 1093 -55.96 80.58 53.43
CA GLY I 1093 -55.99 79.49 52.48
C GLY I 1093 -54.70 78.69 52.51
N TRP I 1094 -54.40 78.05 51.38
CA TRP I 1094 -53.24 77.19 51.26
C TRP I 1094 -52.32 77.74 50.17
N ALA I 1095 -51.03 77.75 50.45
CA ALA I 1095 -50.06 78.32 49.53
C ALA I 1095 -48.92 77.34 49.28
N ARG I 1096 -48.35 77.42 48.08
CA ARG I 1096 -47.15 76.67 47.79
C ARG I 1096 -46.00 77.20 48.65
N PRO I 1097 -45.10 76.32 49.09
CA PRO I 1097 -44.08 76.74 50.07
C PRO I 1097 -43.12 77.78 49.54
N GLU I 1098 -43.03 77.96 48.23
CA GLU I 1098 -42.07 78.87 47.64
C GLU I 1098 -42.71 80.20 47.24
N LEU I 1099 -43.76 80.61 47.95
CA LEU I 1099 -44.46 81.84 47.62
C LEU I 1099 -43.57 83.04 47.87
N ARG I 1100 -43.72 84.05 47.02
CA ARG I 1100 -42.87 85.22 47.11
C ARG I 1100 -43.41 86.18 48.18
N PRO I 1101 -42.58 86.65 49.10
CA PRO I 1101 -43.10 87.49 50.19
C PRO I 1101 -43.51 88.88 49.75
N ASP I 1102 -42.90 89.43 48.71
CA ASP I 1102 -43.21 90.79 48.29
C ASP I 1102 -44.62 90.89 47.71
N VAL I 1103 -44.96 89.98 46.80
CA VAL I 1103 -46.26 90.02 46.14
C VAL I 1103 -47.32 89.43 47.05
N GLU I 1104 -48.52 90.02 47.01
CA GLU I 1104 -49.58 89.64 47.92
C GLU I 1104 -50.18 88.29 47.52
N LEU I 1105 -50.97 87.73 48.44
CA LEU I 1105 -51.59 86.43 48.21
C LEU I 1105 -52.64 86.52 47.11
N GLY I 1106 -52.76 85.44 46.33
CA GLY I 1106 -53.70 85.36 45.26
C GLY I 1106 -53.22 85.94 43.94
N ALA I 1107 -52.41 87.00 44.00
CA ALA I 1107 -51.87 87.57 42.76
C ALA I 1107 -50.96 86.57 42.06
N ASP I 1108 -50.20 85.81 42.82
CA ASP I 1108 -49.34 84.77 42.28
C ASP I 1108 -50.11 83.47 42.13
N GLU I 1109 -49.61 82.60 41.26
CA GLU I 1109 -50.19 81.28 41.12
C GLU I 1109 -49.81 80.34 42.26
N LEU I 1110 -48.89 80.76 43.13
CA LEU I 1110 -48.46 79.95 44.25
C LEU I 1110 -49.32 80.14 45.50
N ALA I 1111 -50.54 80.65 45.35
CA ALA I 1111 -51.39 80.92 46.51
C ALA I 1111 -52.84 80.67 46.13
N TYR I 1112 -53.43 79.62 46.69
CA TYR I 1112 -54.86 79.39 46.63
C TYR I 1112 -55.45 79.96 47.91
N VAL I 1113 -55.84 81.23 47.86
CA VAL I 1113 -56.25 81.96 49.05
C VAL I 1113 -57.64 82.50 48.81
N PHE I 1114 -58.34 82.83 49.89
CA PHE I 1114 -59.68 83.39 49.82
C PHE I 1114 -59.74 84.60 50.74
N ASN I 1115 -60.13 85.74 50.19
CA ASN I 1115 -60.25 86.98 50.94
C ASN I 1115 -61.67 87.08 51.48
N GLY I 1116 -61.82 86.99 52.80
CA GLY I 1116 -63.13 87.02 53.40
C GLY I 1116 -63.69 88.39 53.68
N HIS I 1117 -62.96 89.45 53.34
CA HIS I 1117 -63.51 90.80 53.48
C HIS I 1117 -64.72 90.98 52.58
N ARG I 1118 -64.66 90.45 51.36
CA ARG I 1118 -65.78 90.44 50.44
C ARG I 1118 -66.17 89.03 50.02
N GLY I 1119 -65.53 88.01 50.59
CA GLY I 1119 -65.83 86.63 50.26
C GLY I 1119 -65.13 86.10 49.03
N GLN I 1120 -64.36 86.92 48.34
CA GLN I 1120 -63.88 86.56 47.01
C GLN I 1120 -62.63 85.69 47.08
N ARG I 1121 -62.61 84.65 46.26
CA ARG I 1121 -61.45 83.76 46.21
C ARG I 1121 -60.40 84.31 45.25
N TRP I 1122 -59.21 83.73 45.33
CA TRP I 1122 -58.04 84.25 44.64
C TRP I 1122 -57.10 83.09 44.33
N HIS I 1123 -56.99 82.74 43.06
CA HIS I 1123 -55.92 81.84 42.61
C HIS I 1123 -54.95 82.56 41.68
N LEU I 1124 -55.44 83.16 40.61
CA LEU I 1124 -54.64 84.02 39.77
C LEU I 1124 -55.25 85.40 39.64
N GLY I 1125 -56.35 85.67 40.33
CA GLY I 1125 -56.98 86.97 40.30
C GLY I 1125 -58.20 86.95 41.19
N SER I 1126 -58.89 88.08 41.22
CA SER I 1126 -60.10 88.19 42.01
C SER I 1126 -61.23 87.37 41.39
N GLU I 1127 -61.95 86.63 42.23
CA GLU I 1127 -63.09 85.86 41.76
C GLU I 1127 -64.22 85.93 42.78
N PRO I 1128 -65.38 86.49 42.41
CA PRO I 1128 -66.49 86.54 43.36
C PRO I 1128 -66.91 85.15 43.81
N PHE I 1129 -67.17 85.03 45.10
CA PHE I 1129 -67.44 83.75 45.73
C PHE I 1129 -67.96 84.02 47.13
N GLY I 1130 -68.74 83.08 47.65
CA GLY I 1130 -69.17 83.08 49.05
C GLY I 1130 -69.86 84.37 49.46
N ARG I 1131 -69.70 84.72 50.73
CA ARG I 1131 -70.23 85.95 51.28
C ARG I 1131 -69.19 86.60 52.17
N PRO I 1132 -69.22 87.93 52.29
CA PRO I 1132 -68.35 88.60 53.27
C PRO I 1132 -68.72 88.16 54.67
N TRP I 1133 -67.71 88.15 55.54
CA TRP I 1133 -67.90 87.68 56.90
C TRP I 1133 -67.95 88.86 57.87
N GLN I 1134 -68.06 88.53 59.16
CA GLN I 1134 -68.11 89.52 60.23
C GLN I 1134 -67.16 89.08 61.33
N SER I 1135 -67.09 89.89 62.39
CA SER I 1135 -66.31 89.52 63.55
C SER I 1135 -66.91 88.31 64.24
N GLY I 1136 -66.05 87.42 64.74
CA GLY I 1136 -66.47 86.21 65.39
C GLY I 1136 -66.66 85.03 64.46
N ASP I 1137 -66.51 85.21 63.15
CA ASP I 1137 -66.68 84.12 62.21
C ASP I 1137 -65.39 83.31 62.08
N VAL I 1138 -65.54 81.99 61.99
CA VAL I 1138 -64.43 81.08 61.80
C VAL I 1138 -64.55 80.45 60.42
N VAL I 1139 -63.43 80.37 59.71
CA VAL I 1139 -63.40 79.78 58.37
C VAL I 1139 -62.55 78.52 58.40
N GLY I 1140 -63.09 77.43 57.84
CA GLY I 1140 -62.57 76.10 58.04
C GLY I 1140 -61.46 75.64 57.11
N CYS I 1141 -61.53 76.01 55.84
CA CYS I 1141 -60.42 75.86 54.88
C CYS I 1141 -59.94 74.41 54.77
N MET I 1142 -60.85 73.51 54.41
CA MET I 1142 -60.41 72.14 54.19
C MET I 1142 -59.78 72.01 52.82
N ILE I 1143 -58.77 71.16 52.71
CA ILE I 1143 -58.14 70.83 51.45
C ILE I 1143 -58.05 69.31 51.34
N ASP I 1144 -58.26 68.79 50.14
CA ASP I 1144 -58.08 67.37 49.89
C ASP I 1144 -57.25 67.20 48.62
N LEU I 1145 -56.07 66.60 48.77
CA LEU I 1145 -55.15 66.38 47.66
C LEU I 1145 -55.47 65.10 46.90
N THR I 1146 -56.39 64.28 47.42
CA THR I 1146 -56.85 63.13 46.66
C THR I 1146 -57.79 63.57 45.53
N GLU I 1147 -58.68 64.52 45.82
CA GLU I 1147 -59.57 65.09 44.82
C GLU I 1147 -59.08 66.41 44.26
N ASN I 1148 -57.91 66.88 44.71
CA ASN I 1148 -57.26 68.07 44.16
C ASN I 1148 -58.14 69.32 44.30
N THR I 1149 -58.77 69.50 45.44
CA THR I 1149 -59.65 70.65 45.63
C THR I 1149 -59.48 71.24 47.01
N ILE I 1150 -60.01 72.47 47.15
CA ILE I 1150 -60.06 73.19 48.42
C ILE I 1150 -61.47 73.71 48.61
N ILE I 1151 -62.03 73.49 49.79
CA ILE I 1151 -63.40 73.89 50.11
C ILE I 1151 -63.38 74.70 51.39
N PHE I 1152 -64.02 75.87 51.35
CA PHE I 1152 -64.07 76.77 52.50
C PHE I 1152 -65.43 76.70 53.17
N THR I 1153 -65.43 76.69 54.51
CA THR I 1153 -66.65 76.78 55.29
C THR I 1153 -66.60 78.03 56.15
N LEU I 1154 -67.75 78.70 56.27
CA LEU I 1154 -67.87 79.89 57.10
C LEU I 1154 -68.89 79.59 58.19
N ASN I 1155 -68.41 79.54 59.44
CA ASN I 1155 -69.24 79.22 60.60
C ASN I 1155 -69.92 77.86 60.45
N GLY I 1156 -69.18 76.89 59.93
CA GLY I 1156 -69.68 75.54 59.80
C GLY I 1156 -70.56 75.30 58.60
N GLU I 1157 -70.81 76.30 57.77
CA GLU I 1157 -71.64 76.15 56.58
C GLU I 1157 -70.77 76.39 55.35
N VAL I 1158 -70.87 75.47 54.38
CA VAL I 1158 -70.03 75.51 53.20
C VAL I 1158 -70.33 76.77 52.40
N LEU I 1159 -69.31 77.59 52.17
CA LEU I 1159 -69.47 78.75 51.30
C LEU I 1159 -69.74 78.30 49.87
N MET I 1160 -70.58 79.04 49.17
CA MET I 1160 -71.07 78.66 47.86
C MET I 1160 -70.61 79.66 46.82
N SER I 1161 -70.17 79.16 45.67
CA SER I 1161 -69.72 80.03 44.60
C SER I 1161 -70.91 80.59 43.84
N ASP I 1162 -70.61 81.50 42.91
CA ASP I 1162 -71.66 82.11 42.10
C ASP I 1162 -72.32 81.06 41.20
N SER I 1163 -71.54 80.13 40.67
CA SER I 1163 -72.06 79.06 39.81
C SER I 1163 -72.71 77.94 40.62
N GLY I 1164 -72.58 77.95 41.94
CA GLY I 1164 -73.16 76.91 42.76
C GLY I 1164 -72.25 75.74 43.04
N SER I 1165 -70.95 75.88 42.80
CA SER I 1165 -69.99 74.80 43.03
C SER I 1165 -69.49 74.84 44.47
N GLU I 1166 -69.42 73.66 45.09
CA GLU I 1166 -68.97 73.60 46.48
C GLU I 1166 -67.49 73.93 46.60
N THR I 1167 -66.66 73.31 45.75
CA THR I 1167 -65.22 73.52 45.82
C THR I 1167 -64.87 74.87 45.20
N ALA I 1168 -64.03 75.64 45.90
CA ALA I 1168 -63.62 76.92 45.37
C ALA I 1168 -62.63 76.77 44.23
N PHE I 1169 -61.67 75.85 44.37
CA PHE I 1169 -60.65 75.63 43.36
C PHE I 1169 -60.61 74.14 43.00
N ARG I 1170 -60.35 73.86 41.74
CA ARG I 1170 -60.26 72.49 41.23
C ARG I 1170 -59.02 72.34 40.37
N GLU I 1171 -58.77 71.09 39.95
CA GLU I 1171 -57.69 70.76 39.03
C GLU I 1171 -56.34 71.24 39.55
N ILE I 1172 -56.09 71.03 40.84
CA ILE I 1172 -54.84 71.43 41.46
C ILE I 1172 -53.83 70.30 41.30
N GLU I 1173 -52.70 70.62 40.66
CA GLU I 1173 -51.63 69.65 40.53
C GLU I 1173 -50.99 69.38 41.89
N ILE I 1174 -50.28 68.25 41.97
CA ILE I 1174 -49.71 67.83 43.25
C ILE I 1174 -48.66 68.82 43.73
N GLY I 1175 -47.93 69.46 42.82
CA GLY I 1175 -46.91 70.45 43.09
C GLY I 1175 -45.88 69.97 44.09
N ASP I 1176 -45.31 70.93 44.80
CA ASP I 1176 -44.38 70.63 45.89
C ASP I 1176 -45.08 70.42 47.22
N GLY I 1177 -46.38 70.67 47.29
CA GLY I 1177 -47.12 70.62 48.53
C GLY I 1177 -47.80 71.93 48.81
N PHE I 1178 -48.51 71.98 49.93
CA PHE I 1178 -49.23 73.17 50.30
C PHE I 1178 -49.15 73.38 51.81
N LEU I 1179 -49.20 74.64 52.21
CA LEU I 1179 -48.99 75.07 53.58
C LEU I 1179 -50.10 76.02 54.00
N PRO I 1180 -50.51 75.97 55.26
CA PRO I 1180 -51.48 76.95 55.75
C PRO I 1180 -50.88 78.36 55.72
N VAL I 1181 -51.65 79.28 55.14
CA VAL I 1181 -51.20 80.65 54.96
C VAL I 1181 -52.36 81.60 55.24
N CYS I 1182 -52.02 82.79 55.74
CA CYS I 1182 -53.01 83.82 56.00
C CYS I 1182 -52.35 85.19 55.86
N SER I 1183 -53.09 86.13 55.27
CA SER I 1183 -52.63 87.49 55.08
C SER I 1183 -53.52 88.42 55.88
N LEU I 1184 -52.91 89.32 56.65
CA LEU I 1184 -53.63 90.25 57.50
C LEU I 1184 -53.41 91.68 56.99
N GLY I 1185 -54.51 92.41 56.81
CA GLY I 1185 -54.42 93.81 56.46
C GLY I 1185 -54.11 94.66 57.66
N PRO I 1186 -54.03 95.97 57.42
CA PRO I 1186 -53.64 96.90 58.49
C PRO I 1186 -54.68 96.94 59.59
N GLY I 1187 -54.25 96.67 60.82
CA GLY I 1187 -55.14 96.68 61.96
C GLY I 1187 -56.16 95.56 61.95
N GLN I 1188 -55.70 94.34 61.67
CA GLN I 1188 -56.56 93.16 61.66
C GLN I 1188 -56.04 92.14 62.66
N VAL I 1189 -56.95 91.47 63.35
CA VAL I 1189 -56.62 90.48 64.36
C VAL I 1189 -57.30 89.16 64.01
N GLY I 1190 -56.52 88.08 63.97
CA GLY I 1190 -57.06 86.78 63.68
C GLY I 1190 -56.44 85.73 64.59
N HIS I 1191 -57.03 84.54 64.57
CA HIS I 1191 -56.57 83.41 65.35
C HIS I 1191 -56.40 82.23 64.41
N LEU I 1192 -55.15 81.93 64.03
CA LEU I 1192 -54.86 80.86 63.09
C LEU I 1192 -54.74 79.56 63.88
N ASN I 1193 -55.86 78.89 64.10
CA ASN I 1193 -55.88 77.65 64.85
C ASN I 1193 -55.63 76.51 63.87
N LEU I 1194 -54.39 76.04 63.81
CA LEU I 1194 -54.07 74.97 62.87
C LEU I 1194 -54.79 73.67 63.23
N GLY I 1195 -55.10 73.47 64.50
CA GLY I 1195 -55.82 72.27 64.89
C GLY I 1195 -55.02 71.40 65.82
N GLN I 1196 -54.13 72.02 66.60
CA GLN I 1196 -53.32 71.25 67.55
C GLN I 1196 -54.19 70.57 68.58
N ASP I 1197 -55.21 71.26 69.08
CA ASP I 1197 -56.11 70.72 70.09
C ASP I 1197 -57.53 70.71 69.54
N VAL I 1198 -58.16 69.53 69.61
CA VAL I 1198 -59.47 69.34 68.99
C VAL I 1198 -60.56 70.11 69.74
N SER I 1199 -60.49 70.14 71.07
CA SER I 1199 -61.49 70.85 71.85
C SER I 1199 -61.44 72.34 71.56
N SER I 1200 -60.23 72.88 71.39
CA SER I 1200 -60.10 74.27 70.94
C SER I 1200 -60.57 74.44 69.51
N LEU I 1201 -60.42 73.40 68.69
CA LEU I 1201 -60.87 73.47 67.30
C LEU I 1201 -62.39 73.39 67.22
N ARG I 1202 -63.04 74.54 67.17
CA ARG I 1202 -64.49 74.62 67.08
C ARG I 1202 -64.96 74.28 65.66
N PHE I 1203 -66.20 73.83 65.57
CA PHE I 1203 -66.92 73.61 64.31
C PHE I 1203 -66.30 72.52 63.44
N PHE I 1204 -65.26 71.84 63.93
CA PHE I 1204 -64.67 70.74 63.18
C PHE I 1204 -65.66 69.59 63.03
N ALA I 1205 -66.39 69.29 64.09
CA ALA I 1205 -67.45 68.29 64.00
C ALA I 1205 -68.57 68.77 63.10
N ILE I 1206 -68.81 70.09 63.06
CA ILE I 1206 -69.82 70.63 62.15
C ILE I 1206 -69.43 70.39 60.71
N CYS I 1207 -68.15 70.58 60.38
CA CYS I 1207 -67.68 70.29 59.02
C CYS I 1207 -66.24 69.80 59.10
N GLY I 1208 -66.08 68.48 59.04
CA GLY I 1208 -64.77 67.88 58.86
C GLY I 1208 -64.54 66.59 59.61
N LEU I 1209 -65.26 66.38 60.71
CA LEU I 1209 -65.07 65.16 61.50
C LEU I 1209 -65.55 63.93 60.74
N GLN I 1210 -66.76 63.99 60.19
CA GLN I 1210 -67.30 62.88 59.41
C GLN I 1210 -67.00 62.99 57.94
N GLU I 1211 -66.45 64.13 57.49
CA GLU I 1211 -66.08 64.28 56.09
C GLU I 1211 -64.71 63.68 55.78
N GLY I 1212 -64.03 63.14 56.79
CA GLY I 1212 -62.73 62.52 56.61
C GLY I 1212 -61.56 63.46 56.64
N PHE I 1213 -61.79 64.77 56.78
CA PHE I 1213 -60.69 65.70 56.87
C PHE I 1213 -60.07 65.63 58.27
N GLU I 1214 -58.80 66.05 58.34
CA GLU I 1214 -58.06 65.88 59.57
C GLU I 1214 -57.51 67.23 60.02
N PRO I 1215 -57.45 67.49 61.32
CA PRO I 1215 -56.87 68.75 61.78
C PRO I 1215 -55.41 68.82 61.42
N PHE I 1216 -55.04 69.88 60.69
CA PHE I 1216 -53.65 70.07 60.28
C PHE I 1216 -52.76 70.15 61.50
N ALA I 1217 -51.76 69.29 61.55
CA ALA I 1217 -50.78 69.27 62.63
C ALA I 1217 -51.46 69.08 63.99
N ILE I 1218 -52.07 67.90 64.16
CA ILE I 1218 -52.79 67.58 65.37
C ILE I 1218 -51.96 66.72 66.31
N ASN I 1219 -51.36 65.65 65.81
CA ASN I 1219 -50.60 64.76 66.68
C ASN I 1219 -49.25 65.33 67.08
N MET I 1220 -48.76 66.36 66.39
CA MET I 1220 -47.46 66.91 66.72
C MET I 1220 -47.53 67.60 68.07
N GLN I 1221 -46.64 67.19 68.98
CA GLN I 1221 -46.72 67.63 70.37
C GLN I 1221 -46.35 69.10 70.49
N ARG I 1222 -45.27 69.51 69.86
CA ARG I 1222 -44.87 70.90 69.96
C ARG I 1222 -45.73 71.77 69.03
N PRO I 1223 -45.94 73.03 69.40
CA PRO I 1223 -46.69 73.93 68.51
C PRO I 1223 -45.96 74.16 67.21
N VAL I 1224 -46.73 74.43 66.16
CA VAL I 1224 -46.16 74.61 64.82
C VAL I 1224 -45.50 75.97 64.74
N THR I 1225 -44.23 75.99 64.38
CA THR I 1225 -43.56 77.25 64.13
C THR I 1225 -44.07 77.88 62.84
N THR I 1226 -44.16 79.20 62.83
CA THR I 1226 -44.68 79.94 61.70
C THR I 1226 -43.71 81.04 61.32
N TRP I 1227 -43.85 81.52 60.08
CA TRP I 1227 -42.98 82.51 59.50
C TRP I 1227 -43.81 83.70 59.05
N PHE I 1228 -43.41 84.90 59.46
CA PHE I 1228 -44.09 86.12 59.08
C PHE I 1228 -43.23 86.90 58.11
N SER I 1229 -43.89 87.67 57.25
CA SER I 1229 -43.19 88.50 56.28
C SER I 1229 -42.66 89.74 56.98
N LYS I 1230 -41.41 89.66 57.42
CA LYS I 1230 -40.72 90.82 57.97
C LYS I 1230 -40.67 91.94 56.95
N SER I 1231 -41.11 93.13 57.37
CA SER I 1231 -41.17 94.30 56.50
C SER I 1231 -39.86 95.07 56.44
N LEU I 1232 -38.88 94.69 57.24
CA LEU I 1232 -37.60 95.39 57.23
C LEU I 1232 -36.87 95.08 55.93
N PRO I 1233 -36.58 96.07 55.10
CA PRO I 1233 -35.88 95.78 53.85
C PRO I 1233 -34.46 95.31 54.12
N GLN I 1234 -33.98 94.43 53.24
CA GLN I 1234 -32.66 93.86 53.43
C GLN I 1234 -31.98 93.67 52.09
N PHE I 1235 -30.65 93.80 52.08
CA PHE I 1235 -29.91 93.53 50.86
C PHE I 1235 -29.81 92.03 50.63
N GLU I 1236 -30.13 91.61 49.43
CA GLU I 1236 -29.95 90.22 49.01
C GLU I 1236 -29.19 90.20 47.70
N PRO I 1237 -28.45 89.13 47.41
CA PRO I 1237 -27.68 89.07 46.17
C PRO I 1237 -28.59 89.17 44.96
N VAL I 1238 -28.04 89.70 43.87
CA VAL I 1238 -28.86 89.91 42.67
C VAL I 1238 -29.35 88.57 42.15
N PRO I 1239 -30.61 88.46 41.76
CA PRO I 1239 -31.08 87.21 41.17
C PRO I 1239 -30.85 87.21 39.66
N PRO I 1240 -30.16 86.19 39.14
CA PRO I 1240 -30.10 86.04 37.68
C PRO I 1240 -31.46 85.78 37.06
N GLU I 1241 -32.41 85.28 37.85
CA GLU I 1241 -33.78 85.02 37.41
C GLU I 1241 -34.63 86.27 37.35
N HIS I 1242 -34.10 87.42 37.78
CA HIS I 1242 -34.86 88.66 37.71
C HIS I 1242 -35.11 89.01 36.25
N PRO I 1243 -36.37 89.24 35.85
CA PRO I 1243 -36.66 89.55 34.45
C PRO I 1243 -36.45 91.00 34.07
N HIS I 1244 -36.11 91.86 35.03
CA HIS I 1244 -35.98 93.28 34.75
C HIS I 1244 -34.56 93.81 34.84
N TYR I 1245 -33.72 93.23 35.69
CA TYR I 1245 -32.37 93.73 35.91
C TYR I 1245 -31.36 92.67 35.53
N GLU I 1246 -30.22 93.11 34.98
CA GLU I 1246 -29.15 92.22 34.57
C GLU I 1246 -27.83 92.80 35.02
N VAL I 1247 -26.90 91.92 35.40
CA VAL I 1247 -25.54 92.31 35.75
C VAL I 1247 -24.57 91.51 34.89
N ALA I 1248 -23.62 92.19 34.27
CA ALA I 1248 -22.57 91.56 33.48
C ALA I 1248 -21.24 91.82 34.15
N ARG I 1249 -20.50 90.75 34.45
CA ARG I 1249 -19.21 90.85 35.13
C ARG I 1249 -18.11 90.58 34.11
N MET I 1250 -17.20 91.53 33.96
CA MET I 1250 -16.08 91.39 33.04
C MET I 1250 -14.78 91.69 33.78
N ASP I 1251 -13.81 90.79 33.62
CA ASP I 1251 -12.50 90.89 34.23
C ASP I 1251 -11.40 90.90 33.17
N GLY I 1252 -10.17 91.15 33.61
CA GLY I 1252 -9.05 91.21 32.69
C GLY I 1252 -9.14 92.35 31.70
N THR I 1253 -9.96 93.35 31.98
CA THR I 1253 -10.19 94.43 31.03
C THR I 1253 -8.93 95.29 30.88
N VAL I 1254 -8.68 95.72 29.64
CA VAL I 1254 -7.49 96.50 29.31
C VAL I 1254 -7.87 97.97 29.33
N ASP I 1255 -7.04 98.79 29.99
CA ASP I 1255 -7.26 100.23 30.14
C ASP I 1255 -8.59 100.47 30.87
N THR I 1256 -8.99 99.49 31.68
CA THR I 1256 -10.25 99.51 32.40
C THR I 1256 -10.09 98.60 33.60
N PRO I 1257 -10.56 98.98 34.77
CA PRO I 1257 -10.57 98.04 35.90
C PRO I 1257 -11.63 96.98 35.71
N PRO I 1258 -11.54 95.86 36.42
CA PRO I 1258 -12.64 94.88 36.38
C PRO I 1258 -13.96 95.52 36.80
N CYS I 1259 -15.01 95.18 36.06
CA CYS I 1259 -16.24 95.94 36.13
C CYS I 1259 -17.45 95.03 36.20
N LEU I 1260 -18.51 95.54 36.81
CA LEU I 1260 -19.81 94.89 36.87
C LEU I 1260 -20.85 95.90 36.40
N ARG I 1261 -21.45 95.66 35.25
CA ARG I 1261 -22.40 96.58 34.65
C ARG I 1261 -23.82 96.14 34.96
N LEU I 1262 -24.58 97.01 35.59
CA LEU I 1262 -26.01 96.80 35.79
C LEU I 1262 -26.77 97.48 34.66
N ALA I 1263 -27.59 96.70 33.96
CA ALA I 1263 -28.37 97.19 32.84
C ALA I 1263 -29.81 96.72 32.99
N HIS I 1264 -30.71 97.42 32.32
CA HIS I 1264 -32.13 97.11 32.36
C HIS I 1264 -32.48 96.16 31.22
N ARG I 1265 -32.93 94.95 31.57
CA ARG I 1265 -33.24 93.95 30.57
C ARG I 1265 -34.45 94.32 29.73
N THR I 1266 -35.40 95.06 30.30
CA THR I 1266 -36.64 95.39 29.64
C THR I 1266 -36.96 96.88 29.78
N TRP I 1267 -35.94 97.71 29.56
CA TRP I 1267 -36.13 99.15 29.63
C TRP I 1267 -37.00 99.62 28.47
N GLY I 1268 -37.94 100.51 28.77
CA GLY I 1268 -38.80 101.07 27.75
C GLY I 1268 -39.69 100.04 27.08
N SER I 1269 -40.30 99.15 27.86
CA SER I 1269 -41.18 98.12 27.34
C SER I 1269 -42.45 98.06 28.17
N GLN I 1270 -43.40 97.26 27.72
CA GLN I 1270 -44.66 97.12 28.42
C GLN I 1270 -44.46 96.37 29.73
N ASN I 1271 -45.17 96.82 30.77
CA ASN I 1271 -45.13 96.22 32.11
C ASN I 1271 -43.71 96.17 32.66
N SER I 1272 -42.96 97.25 32.46
CA SER I 1272 -41.59 97.36 32.94
C SER I 1272 -41.60 98.14 34.25
N LEU I 1273 -41.03 97.55 35.30
CA LEU I 1273 -40.98 98.19 36.61
C LEU I 1273 -39.73 99.07 36.70
N VAL I 1274 -39.93 100.35 37.01
CA VAL I 1274 -38.83 101.28 37.20
C VAL I 1274 -39.02 101.93 38.57
N GLU I 1275 -38.07 101.71 39.47
CA GLU I 1275 -38.13 102.23 40.82
C GLU I 1275 -36.71 102.59 41.25
N MET I 1276 -36.56 102.95 42.52
CA MET I 1276 -35.23 103.25 43.04
C MET I 1276 -34.47 101.95 43.26
N LEU I 1277 -33.29 101.84 42.66
CA LEU I 1277 -32.45 100.66 42.76
C LEU I 1277 -31.35 100.94 43.77
N PHE I 1278 -31.31 100.13 44.82
CA PHE I 1278 -30.37 100.29 45.94
C PHE I 1278 -29.34 99.18 45.84
N LEU I 1279 -28.13 99.51 45.40
CA LEU I 1279 -27.07 98.54 45.24
C LEU I 1279 -26.14 98.57 46.45
N ARG I 1280 -25.43 97.47 46.65
CA ARG I 1280 -24.42 97.37 47.69
C ARG I 1280 -23.49 96.22 47.36
N LEU I 1281 -22.20 96.51 47.24
CA LEU I 1281 -21.24 95.43 47.07
C LEU I 1281 -21.20 94.58 48.33
N SER I 1282 -21.11 93.26 48.13
CA SER I 1282 -21.34 92.33 49.24
C SER I 1282 -20.28 92.47 50.34
N LEU I 1283 -19.02 92.60 49.98
CA LEU I 1283 -17.98 92.51 50.99
C LEU I 1283 -17.84 93.81 51.77
N PRO I 1284 -17.53 93.73 53.06
CA PRO I 1284 -17.36 94.94 53.87
C PRO I 1284 -15.98 95.55 53.70
N VAL I 1285 -15.84 96.77 54.21
CA VAL I 1285 -14.54 97.42 54.41
C VAL I 1285 -14.52 97.96 55.83
N GLN I 1286 -13.54 97.50 56.60
CA GLN I 1286 -13.43 97.85 58.01
C GLN I 1286 -12.21 98.73 58.22
N PHE I 1287 -12.36 99.76 59.05
CA PHE I 1287 -11.24 100.60 59.41
C PHE I 1287 -10.29 99.84 60.32
N HIS I 1288 -9.10 100.40 60.51
CA HIS I 1288 -8.19 99.83 61.50
C HIS I 1288 -8.71 100.12 62.90
N GLN I 1289 -8.09 99.47 63.89
CA GLN I 1289 -8.57 99.54 65.27
C GLN I 1289 -8.50 100.95 65.81
N HIS I 1290 -7.45 101.70 65.47
CA HIS I 1290 -7.31 103.07 65.93
C HIS I 1290 -6.61 103.89 64.86
N PHE I 1291 -6.78 105.21 64.95
CA PHE I 1291 -6.22 106.15 63.99
C PHE I 1291 -4.88 106.67 64.50
N ARG I 1292 -3.90 105.77 64.54
CA ARG I 1292 -2.60 106.12 65.10
C ARG I 1292 -1.79 107.01 64.15
N CYS I 1293 -1.83 106.72 62.84
CA CYS I 1293 -1.09 107.49 61.85
C CYS I 1293 -1.85 107.44 60.54
N THR I 1294 -2.05 108.59 59.92
CA THR I 1294 -2.79 108.70 58.67
C THR I 1294 -2.18 107.87 57.55
N ASN I 1410 -0.94 106.77 38.49
CA ASN I 1410 0.04 107.46 37.66
C ASN I 1410 1.42 106.85 37.83
N ARG I 1411 1.49 105.52 37.68
CA ARG I 1411 2.73 104.75 37.86
C ARG I 1411 3.37 105.07 39.21
N ASP I 1412 2.64 104.77 40.27
CA ASP I 1412 3.02 105.19 41.61
C ASP I 1412 4.25 104.42 42.09
N ASP I 1413 4.91 105.00 43.10
CA ASP I 1413 6.07 104.37 43.71
C ASP I 1413 5.63 103.09 44.40
N PRO I 1414 6.28 101.95 44.12
CA PRO I 1414 5.88 100.69 44.78
C PRO I 1414 5.92 100.74 46.30
N GLU I 1415 6.94 101.39 46.88
CA GLU I 1415 7.01 101.47 48.33
C GLU I 1415 5.92 102.37 48.89
N ILE I 1416 5.58 103.45 48.18
CA ILE I 1416 4.50 104.32 48.63
C ILE I 1416 3.16 103.60 48.55
N ILE I 1417 2.98 102.78 47.51
CA ILE I 1417 1.78 101.96 47.40
C ILE I 1417 1.71 100.96 48.55
N LEU I 1418 2.84 100.34 48.87
CA LEU I 1418 2.86 99.40 50.00
C LEU I 1418 2.63 100.12 51.32
N ASN I 1419 2.95 101.41 51.39
CA ASN I 1419 2.75 102.18 52.61
C ASN I 1419 1.41 102.87 52.69
N THR I 1420 0.61 102.85 51.61
CA THR I 1420 -0.61 103.65 51.58
C THR I 1420 -1.66 103.05 52.49
N THR I 1421 -2.69 103.85 52.76
CA THR I 1421 -3.82 103.43 53.59
C THR I 1421 -5.17 103.62 52.91
N THR I 1422 -5.23 104.38 51.82
CA THR I 1422 -6.50 104.69 51.19
C THR I 1422 -6.84 103.68 50.09
N TYR I 1423 -8.13 103.67 49.73
CA TYR I 1423 -8.69 102.81 48.70
C TYR I 1423 -9.73 103.63 47.94
N TYR I 1424 -10.07 103.17 46.73
CA TYR I 1424 -10.84 104.00 45.82
C TYR I 1424 -11.59 103.12 44.84
N TYR I 1425 -12.90 103.27 44.78
CA TYR I 1425 -13.65 102.62 43.71
C TYR I 1425 -14.27 103.69 42.83
N SER I 1426 -14.75 103.28 41.65
CA SER I 1426 -15.35 104.24 40.75
C SER I 1426 -16.60 103.64 40.12
N VAL I 1427 -17.72 104.35 40.24
CA VAL I 1427 -18.93 104.00 39.52
C VAL I 1427 -19.01 104.88 38.28
N ARG I 1428 -19.33 104.27 37.15
CA ARG I 1428 -19.40 104.97 35.88
C ARG I 1428 -20.85 105.06 35.45
N VAL I 1429 -21.32 106.28 35.19
CA VAL I 1429 -22.69 106.53 34.78
C VAL I 1429 -22.73 106.63 33.27
N PHE I 1430 -23.65 105.90 32.65
CA PHE I 1430 -23.72 105.80 31.21
C PHE I 1430 -24.51 106.95 30.59
N ALA I 1431 -24.40 107.07 29.27
CA ALA I 1431 -25.21 108.03 28.53
C ALA I 1431 -26.67 107.64 28.58
N GLY I 1432 -27.54 108.63 28.70
CA GLY I 1432 -28.95 108.39 28.87
C GLY I 1432 -29.40 108.21 30.31
N GLN I 1433 -28.47 108.18 31.26
CA GLN I 1433 -28.79 108.10 32.67
C GLN I 1433 -28.63 109.46 33.31
N GLU I 1434 -29.64 109.90 34.05
CA GLU I 1434 -29.61 111.22 34.67
C GLU I 1434 -28.66 111.23 35.86
N PRO I 1435 -27.64 112.10 35.87
CA PRO I 1435 -26.77 112.20 37.04
C PRO I 1435 -27.49 112.66 38.30
N SER I 1436 -28.64 113.31 38.17
CA SER I 1436 -29.39 113.74 39.34
C SER I 1436 -30.09 112.59 40.05
N CYS I 1437 -30.14 111.41 39.44
CA CYS I 1437 -30.75 110.23 40.04
C CYS I 1437 -29.72 109.24 40.55
N VAL I 1438 -28.46 109.64 40.67
CA VAL I 1438 -27.37 108.75 41.05
C VAL I 1438 -26.81 109.22 42.39
N TRP I 1439 -26.70 108.30 43.33
CA TRP I 1439 -26.19 108.59 44.67
C TRP I 1439 -25.07 107.61 44.99
N VAL I 1440 -23.87 108.14 45.22
CA VAL I 1440 -22.68 107.33 45.42
C VAL I 1440 -22.11 107.59 46.80
N GLY I 1441 -21.83 106.51 47.53
CA GLY I 1441 -21.29 106.67 48.88
C GLY I 1441 -21.00 105.37 49.60
N TRP I 1442 -21.45 105.27 50.85
CA TRP I 1442 -21.00 104.22 51.76
C TRP I 1442 -22.15 103.87 52.69
N VAL I 1443 -22.57 102.62 52.70
CA VAL I 1443 -23.68 102.18 53.53
C VAL I 1443 -23.15 101.32 54.67
N THR I 1444 -23.57 101.65 55.89
CA THR I 1444 -23.37 100.76 57.01
C THR I 1444 -24.30 99.56 56.87
N PRO I 1445 -24.05 98.47 57.62
CA PRO I 1445 -25.03 97.37 57.63
C PRO I 1445 -26.41 97.82 58.05
N ASP I 1446 -26.51 98.83 58.91
CA ASP I 1446 -27.79 99.40 59.29
C ASP I 1446 -28.18 100.42 58.21
N TYR I 1447 -28.75 99.90 57.12
CA TYR I 1447 -29.41 100.74 56.13
C TYR I 1447 -30.67 100.01 55.69
N HIS I 1448 -31.83 100.57 56.01
CA HIS I 1448 -33.10 99.92 55.73
C HIS I 1448 -34.13 100.94 55.22
N GLN I 1449 -33.71 101.79 54.28
CA GLN I 1449 -34.59 102.76 53.66
C GLN I 1449 -34.81 102.38 52.20
N HIS I 1450 -36.06 102.09 51.85
CA HIS I 1450 -36.42 101.59 50.53
C HIS I 1450 -37.30 102.56 49.76
N ASP I 1451 -37.53 103.76 50.28
CA ASP I 1451 -38.43 104.70 49.63
C ASP I 1451 -37.92 105.06 48.23
N MET I 1452 -38.83 105.05 47.27
CA MET I 1452 -38.49 105.18 45.86
C MET I 1452 -38.44 106.62 45.38
N ASN I 1453 -38.92 107.57 46.17
CA ASN I 1453 -38.68 108.98 45.91
C ASN I 1453 -37.52 109.47 46.78
N PHE I 1454 -36.35 108.87 46.54
CA PHE I 1454 -35.22 109.02 47.44
C PHE I 1454 -34.69 110.45 47.40
N ASP I 1455 -34.41 110.97 48.58
CA ASP I 1455 -33.84 112.30 48.74
C ASP I 1455 -32.69 112.23 49.73
N LEU I 1456 -31.61 112.97 49.44
CA LEU I 1456 -30.48 113.01 50.34
C LEU I 1456 -30.84 113.65 51.68
N SER I 1457 -31.93 114.42 51.73
CA SER I 1457 -32.37 114.99 53.00
C SER I 1457 -32.98 113.93 53.91
N LYS I 1458 -33.53 112.86 53.34
CA LYS I 1458 -34.17 111.84 54.15
C LYS I 1458 -33.20 110.97 54.91
N VAL I 1459 -31.90 111.04 54.61
CA VAL I 1459 -30.94 110.18 55.30
C VAL I 1459 -30.85 110.59 56.76
N ARG I 1460 -30.44 109.65 57.60
CA ARG I 1460 -30.37 109.86 59.04
C ARG I 1460 -28.92 110.09 59.45
N ALA I 1461 -28.61 111.32 59.84
CA ALA I 1461 -27.35 111.67 60.47
C ALA I 1461 -27.65 112.31 61.82
N VAL I 1462 -26.92 111.91 62.84
CA VAL I 1462 -27.16 112.35 64.20
C VAL I 1462 -25.82 112.59 64.88
N THR I 1463 -25.75 113.65 65.69
CA THR I 1463 -24.53 114.02 66.39
C THR I 1463 -24.74 113.93 67.89
N VAL I 1464 -23.69 113.56 68.60
CA VAL I 1464 -23.67 113.46 70.06
C VAL I 1464 -22.60 114.39 70.58
N THR I 1465 -22.95 115.20 71.57
CA THR I 1465 -22.03 116.18 72.15
C THR I 1465 -21.88 115.91 73.64
N MET I 1466 -20.65 115.62 74.06
CA MET I 1466 -20.33 115.41 75.47
C MET I 1466 -19.36 116.51 75.91
N GLY I 1467 -19.62 117.10 77.07
CA GLY I 1467 -18.81 118.20 77.53
C GLY I 1467 -18.76 118.35 79.05
N ASP I 1468 -18.39 119.55 79.51
CA ASP I 1468 -18.42 119.83 80.93
C ASP I 1468 -19.85 119.89 81.43
N GLU I 1469 -20.07 119.39 82.65
CA GLU I 1469 -21.41 119.42 83.23
C GLU I 1469 -21.86 120.84 83.53
N GLN I 1470 -20.93 121.74 83.86
CA GLN I 1470 -21.29 123.11 84.18
C GLN I 1470 -21.56 123.95 82.95
N GLY I 1471 -21.34 123.43 81.74
CA GLY I 1471 -21.73 124.15 80.54
C GLY I 1471 -20.62 124.53 79.59
N ASN I 1472 -19.57 123.72 79.49
CA ASN I 1472 -18.47 123.96 78.56
C ASN I 1472 -18.30 122.68 77.74
N VAL I 1473 -19.07 122.56 76.65
CA VAL I 1473 -19.00 121.39 75.80
C VAL I 1473 -17.71 121.40 75.00
N HIS I 1474 -17.04 120.25 74.93
CA HIS I 1474 -15.77 120.13 74.22
C HIS I 1474 -15.78 119.05 73.15
N SER I 1475 -16.38 117.89 73.41
CA SER I 1475 -16.33 116.77 72.49
C SER I 1475 -17.64 116.66 71.71
N SER I 1476 -17.54 116.52 70.39
CA SER I 1476 -18.69 116.28 69.54
C SER I 1476 -18.33 115.22 68.52
N LEU I 1477 -19.32 114.43 68.13
CA LEU I 1477 -19.09 113.31 67.22
C LEU I 1477 -20.35 113.07 66.42
N LYS I 1478 -20.23 113.11 65.10
CA LYS I 1478 -21.36 112.90 64.21
C LYS I 1478 -21.26 111.52 63.56
N CYS I 1479 -22.43 110.93 63.29
CA CYS I 1479 -22.50 109.64 62.63
C CYS I 1479 -23.72 109.61 61.70
N SER I 1480 -23.67 108.70 60.74
CA SER I 1480 -24.77 108.50 59.82
C SER I 1480 -24.80 107.05 59.38
N ASN I 1481 -25.98 106.58 59.01
CA ASN I 1481 -26.17 105.23 58.50
C ASN I 1481 -25.89 105.12 57.01
N CYS I 1482 -25.55 106.22 56.35
CA CYS I 1482 -25.32 106.24 54.92
C CYS I 1482 -24.42 107.43 54.60
N TYR I 1483 -23.71 107.34 53.47
CA TYR I 1483 -22.73 108.35 53.12
C TYR I 1483 -22.74 108.67 51.63
N MET I 1484 -23.90 108.59 50.98
CA MET I 1484 -23.98 109.00 49.58
C MET I 1484 -23.97 110.53 49.46
N VAL I 1485 -23.77 111.00 48.23
CA VAL I 1485 -23.91 112.40 47.89
C VAL I 1485 -24.83 112.48 46.67
N TRP I 1486 -25.44 113.64 46.49
CA TRP I 1486 -26.41 113.82 45.41
C TRP I 1486 -25.67 114.07 44.10
N GLY I 1487 -25.89 113.19 43.12
CA GLY I 1487 -25.19 113.30 41.86
C GLY I 1487 -25.54 114.55 41.08
N GLY I 1488 -26.78 115.03 41.20
CA GLY I 1488 -27.12 116.30 40.60
C GLY I 1488 -26.33 117.45 41.19
N ASP I 1489 -26.15 117.44 42.51
CA ASP I 1489 -25.30 118.42 43.17
C ASP I 1489 -23.88 118.35 42.66
N PHE I 1490 -23.38 117.14 42.43
CA PHE I 1490 -21.99 117.01 41.99
C PHE I 1490 -21.79 117.41 40.53
N VAL I 1491 -22.73 117.05 39.65
CA VAL I 1491 -22.57 117.40 38.24
C VAL I 1491 -22.76 118.90 38.04
N SER I 1492 -23.75 119.50 38.72
CA SER I 1492 -24.04 120.93 38.65
C SER I 1492 -24.23 121.40 37.21
N PRO I 1493 -24.85 120.55 36.38
CA PRO I 1493 -25.07 120.89 34.99
C PRO I 1493 -26.05 122.04 34.84
N GLY I 1494 -27.12 122.03 35.64
CA GLY I 1494 -28.16 123.06 35.63
C GLY I 1494 -28.76 123.29 34.25
N ARG I 1498 -32.07 118.11 27.58
CA ARG I 1498 -30.92 118.23 28.47
C ARG I 1498 -30.28 116.88 28.74
N ILE I 1499 -30.21 116.05 27.69
CA ILE I 1499 -29.61 114.73 27.82
C ILE I 1499 -28.10 114.88 27.91
N SER I 1500 -27.53 114.33 28.99
CA SER I 1500 -26.09 114.41 29.23
C SER I 1500 -25.45 113.11 28.78
N HIS I 1501 -24.75 113.15 27.65
CA HIS I 1501 -24.05 111.97 27.14
C HIS I 1501 -22.70 111.77 27.81
N THR I 1502 -22.23 112.72 28.61
CA THR I 1502 -20.95 112.58 29.29
C THR I 1502 -21.03 111.51 30.37
N ASP I 1503 -19.96 110.73 30.51
CA ASP I 1503 -19.89 109.65 31.48
C ASP I 1503 -19.14 110.13 32.72
N LEU I 1504 -19.82 110.15 33.85
CA LEU I 1504 -19.25 110.59 35.12
C LEU I 1504 -18.74 109.37 35.87
N VAL I 1505 -17.46 109.37 36.20
CA VAL I 1505 -16.86 108.36 37.07
C VAL I 1505 -16.83 108.96 38.46
N ILE I 1506 -17.93 108.78 39.19
CA ILE I 1506 -18.08 109.41 40.52
C ILE I 1506 -17.49 108.44 41.52
N GLY I 1507 -16.18 108.52 41.67
CA GLY I 1507 -15.49 107.60 42.55
C GLY I 1507 -15.40 108.07 43.98
N CYS I 1508 -15.15 107.12 44.88
CA CYS I 1508 -15.10 107.40 46.31
C CYS I 1508 -13.79 106.88 46.90
N LEU I 1509 -13.21 107.71 47.78
CA LEU I 1509 -12.02 107.42 48.55
C LEU I 1509 -12.40 107.01 49.96
N VAL I 1510 -11.58 106.14 50.54
CA VAL I 1510 -11.72 105.78 51.96
C VAL I 1510 -10.36 105.34 52.47
N ASP I 1511 -9.93 105.92 53.59
CA ASP I 1511 -8.66 105.57 54.21
C ASP I 1511 -8.93 104.95 55.57
N LEU I 1512 -8.25 103.84 55.85
CA LEU I 1512 -8.47 103.13 57.11
C LEU I 1512 -7.93 103.90 58.32
N ALA I 1513 -7.19 104.97 58.08
CA ALA I 1513 -6.74 105.86 59.14
C ALA I 1513 -7.38 107.22 58.97
N THR I 1514 -7.67 107.86 60.11
CA THR I 1514 -8.27 109.19 60.28
C THR I 1514 -9.64 109.34 59.63
N GLY I 1515 -10.17 108.27 59.03
CA GLY I 1515 -11.54 108.25 58.56
C GLY I 1515 -11.92 109.31 57.56
N LEU I 1516 -10.95 109.89 56.86
CA LEU I 1516 -11.22 110.99 55.94
C LEU I 1516 -11.67 110.42 54.60
N MET I 1517 -12.97 110.50 54.34
CA MET I 1517 -13.55 110.00 53.08
C MET I 1517 -13.85 111.20 52.19
N THR I 1518 -13.10 111.32 51.10
CA THR I 1518 -13.30 112.33 50.08
C THR I 1518 -13.77 111.67 48.79
N PHE I 1519 -14.27 112.46 47.84
CA PHE I 1519 -14.87 111.90 46.65
C PHE I 1519 -14.17 112.51 45.44
N THR I 1520 -14.46 111.99 44.26
CA THR I 1520 -13.87 112.52 43.02
C THR I 1520 -14.84 112.32 41.88
N ALA I 1521 -15.40 113.40 41.35
CA ALA I 1521 -16.33 113.35 40.23
C ALA I 1521 -15.64 113.83 38.96
N ASN I 1522 -15.76 113.01 37.91
CA ASN I 1522 -15.16 113.25 36.58
C ASN I 1522 -13.75 113.83 36.69
N GLY I 1523 -12.91 113.19 37.50
CA GLY I 1523 -11.54 113.62 37.67
C GLY I 1523 -11.37 114.97 38.31
N LYS I 1524 -12.22 115.29 39.29
CA LYS I 1524 -12.13 116.55 40.02
C LYS I 1524 -12.36 116.27 41.50
N GLU I 1525 -11.50 116.81 42.34
CA GLU I 1525 -11.61 116.60 43.77
C GLU I 1525 -12.90 117.22 44.31
N SER I 1526 -13.47 116.59 45.32
CA SER I 1526 -14.78 116.96 45.84
C SER I 1526 -14.65 117.87 47.05
N ASN I 1527 -15.54 118.85 47.14
CA ASN I 1527 -15.54 119.79 48.25
C ASN I 1527 -16.17 119.23 49.52
N THR I 1528 -16.77 118.04 49.48
CA THR I 1528 -17.40 117.44 50.63
C THR I 1528 -16.56 116.28 51.13
N PHE I 1529 -16.60 116.06 52.44
CA PHE I 1529 -15.81 115.01 53.08
C PHE I 1529 -16.58 114.45 54.26
N PHE I 1530 -16.21 113.24 54.67
CA PHE I 1530 -16.85 112.59 55.80
C PHE I 1530 -15.80 112.03 56.76
N GLN I 1531 -16.19 111.89 58.02
CA GLN I 1531 -15.28 111.50 59.09
C GLN I 1531 -15.99 110.52 59.99
N VAL I 1532 -15.48 109.29 60.07
CA VAL I 1532 -16.09 108.24 60.88
C VAL I 1532 -15.05 107.65 61.83
N GLU I 1533 -15.53 107.14 62.95
CA GLU I 1533 -14.68 106.51 63.95
C GLU I 1533 -14.10 105.21 63.39
N PRO I 1534 -13.03 104.69 64.00
CA PRO I 1534 -12.49 103.41 63.57
C PRO I 1534 -13.50 102.27 63.70
N ASN I 1535 -13.31 101.25 62.87
CA ASN I 1535 -14.14 100.04 62.86
C ASN I 1535 -15.59 100.36 62.52
N THR I 1536 -15.79 100.92 61.33
CA THR I 1536 -17.13 101.29 60.89
C THR I 1536 -17.82 100.21 60.07
N LYS I 1537 -17.05 99.39 59.36
CA LYS I 1537 -17.59 98.30 58.53
C LYS I 1537 -18.58 98.82 57.48
N LEU I 1538 -18.07 99.62 56.56
CA LEU I 1538 -18.89 100.21 55.53
C LEU I 1538 -19.02 99.27 54.33
N PHE I 1539 -19.80 99.69 53.34
CA PHE I 1539 -20.05 98.92 52.13
C PHE I 1539 -20.14 99.85 50.93
N PRO I 1540 -19.50 99.51 49.82
CA PRO I 1540 -19.69 100.29 48.59
C PRO I 1540 -21.15 100.22 48.15
N ALA I 1541 -21.66 101.34 47.65
CA ALA I 1541 -23.06 101.42 47.28
C ALA I 1541 -23.26 102.46 46.20
N VAL I 1542 -24.33 102.29 45.44
CA VAL I 1542 -24.80 103.31 44.51
C VAL I 1542 -26.30 103.10 44.31
N PHE I 1543 -27.02 104.21 44.24
CA PHE I 1543 -28.47 104.22 44.09
C PHE I 1543 -28.79 104.84 42.73
N VAL I 1544 -29.78 104.31 42.03
CA VAL I 1544 -30.06 104.79 40.68
C VAL I 1544 -31.53 104.66 40.36
N LEU I 1545 -32.03 105.59 39.55
CA LEU I 1545 -33.35 105.48 38.94
C LEU I 1545 -33.14 105.15 37.46
N PRO I 1546 -33.48 103.94 37.02
CA PRO I 1546 -33.15 103.54 35.64
C PRO I 1546 -33.87 104.39 34.61
N THR I 1547 -33.08 105.04 33.75
CA THR I 1547 -33.61 105.88 32.67
C THR I 1547 -33.01 105.55 31.32
N HIS I 1548 -32.27 104.45 31.20
CA HIS I 1548 -31.61 104.11 29.95
C HIS I 1548 -31.31 102.62 29.97
N GLN I 1549 -30.98 102.07 28.79
CA GLN I 1549 -30.63 100.66 28.70
C GLN I 1549 -29.40 100.34 29.53
N ASN I 1550 -28.37 101.18 29.45
CA ASN I 1550 -27.20 101.09 30.30
C ASN I 1550 -27.38 102.02 31.49
N VAL I 1551 -27.11 101.52 32.69
CA VAL I 1551 -27.52 102.25 33.89
C VAL I 1551 -26.33 102.51 34.82
N ILE I 1552 -25.61 101.46 35.20
CA ILE I 1552 -24.49 101.58 36.13
C ILE I 1552 -23.35 100.68 35.67
N GLN I 1553 -22.11 101.13 35.90
CA GLN I 1553 -20.96 100.22 35.83
C GLN I 1553 -20.09 100.40 37.06
N PHE I 1554 -20.21 99.47 38.02
CA PHE I 1554 -19.22 99.36 39.07
C PHE I 1554 -17.85 99.10 38.44
N GLU I 1555 -16.83 99.76 38.98
CA GLU I 1555 -15.45 99.58 38.51
C GLU I 1555 -14.54 99.52 39.72
N LEU I 1556 -13.79 98.44 39.83
CA LEU I 1556 -12.90 98.22 40.97
C LEU I 1556 -11.46 98.19 40.46
N GLY I 1557 -10.69 99.22 40.78
CA GLY I 1557 -9.31 99.32 40.35
C GLY I 1557 -8.54 100.29 41.20
N LYS I 1558 -7.29 100.50 40.83
CA LYS I 1558 -6.39 101.39 41.56
C LYS I 1558 -6.30 102.74 40.84
N GLN I 1559 -5.69 103.70 41.53
CA GLN I 1559 -5.49 105.05 41.00
C GLN I 1559 -4.23 105.60 41.65
N LYS I 1560 -4.06 106.92 41.61
CA LYS I 1560 -2.85 107.54 42.15
C LYS I 1560 -2.73 107.32 43.65
N ASN I 1561 -1.63 106.68 44.05
CA ASN I 1561 -1.34 106.35 45.45
C ASN I 1561 -2.52 105.62 46.08
N ILE I 1562 -3.12 104.70 45.33
CA ILE I 1562 -4.38 104.10 45.72
C ILE I 1562 -4.28 102.59 45.59
N MET I 1563 -4.61 101.89 46.66
CA MET I 1563 -4.70 100.46 46.87
C MET I 1563 -6.10 100.01 46.44
N PRO I 1564 -6.24 98.97 45.62
CA PRO I 1564 -7.57 98.61 45.11
C PRO I 1564 -8.52 98.15 46.21
N LEU I 1565 -9.81 98.39 45.96
CA LEU I 1565 -10.83 98.00 46.92
C LEU I 1565 -10.86 96.49 47.12
N SER I 1566 -10.51 95.73 46.09
CA SER I 1566 -10.39 94.28 46.25
C SER I 1566 -9.32 93.94 47.28
N ALA I 1567 -8.18 94.64 47.22
CA ALA I 1567 -7.16 94.47 48.24
C ALA I 1567 -7.65 94.94 49.60
N ALA I 1568 -8.62 95.86 49.63
CA ALA I 1568 -9.21 96.24 50.91
C ALA I 1568 -10.07 95.12 51.49
N MET I 1569 -10.96 94.55 50.67
CA MET I 1569 -11.93 93.61 51.22
C MET I 1569 -11.37 92.21 51.40
N PHE I 1570 -10.25 91.88 50.75
CA PHE I 1570 -9.66 90.55 50.87
C PHE I 1570 -8.29 90.68 51.52
N LEU I 1571 -8.10 89.95 52.62
CA LEU I 1571 -6.85 90.05 53.37
C LEU I 1571 -5.71 89.36 52.65
N SER I 1572 -6.01 88.32 51.85
CA SER I 1572 -4.96 87.55 51.20
C SER I 1572 -4.18 88.40 50.20
N GLU I 1573 -4.87 89.27 49.47
CA GLU I 1573 -4.25 90.09 48.45
C GLU I 1573 -4.07 91.54 48.89
N ARG I 1574 -3.87 91.77 50.19
CA ARG I 1574 -3.71 93.13 50.69
C ARG I 1574 -2.47 93.80 50.14
N LYS I 1575 -1.46 93.03 49.71
CA LYS I 1575 -0.27 93.61 49.13
C LYS I 1575 -0.33 93.66 47.61
N ASN I 1576 -1.24 92.91 47.00
CA ASN I 1576 -1.35 92.88 45.54
C ASN I 1576 -2.03 94.14 45.05
N PRO I 1577 -1.39 94.94 44.19
CA PRO I 1577 -2.06 96.12 43.64
C PRO I 1577 -2.95 95.83 42.45
N ALA I 1578 -2.87 94.64 41.87
CA ALA I 1578 -3.67 94.33 40.70
C ALA I 1578 -5.13 94.19 41.12
N PRO I 1579 -6.05 94.93 40.48
CA PRO I 1579 -7.47 94.76 40.79
C PRO I 1579 -7.97 93.37 40.41
N GLN I 1580 -8.95 92.90 41.16
CA GLN I 1580 -9.47 91.54 40.98
C GLN I 1580 -10.92 91.52 41.40
N CYS I 1581 -11.71 90.68 40.73
CA CYS I 1581 -13.13 90.49 41.04
C CYS I 1581 -13.40 89.01 41.28
N PRO I 1582 -13.10 88.51 42.47
CA PRO I 1582 -13.45 87.14 42.81
C PRO I 1582 -14.94 86.97 42.93
N PRO I 1583 -15.45 85.75 42.84
CA PRO I 1583 -16.91 85.55 42.82
C PRO I 1583 -17.64 85.98 44.08
N ARG I 1584 -16.95 86.15 45.21
CA ARG I 1584 -17.65 86.53 46.42
C ARG I 1584 -18.23 87.94 46.32
N LEU I 1585 -17.45 88.89 45.80
CA LEU I 1585 -17.95 90.25 45.64
C LEU I 1585 -19.02 90.28 44.56
N GLU I 1586 -20.16 90.88 44.88
CA GLU I 1586 -21.27 90.92 43.94
C GLU I 1586 -22.21 92.05 44.33
N VAL I 1587 -23.05 92.41 43.36
CA VAL I 1587 -24.07 93.44 43.57
C VAL I 1587 -25.21 92.84 44.37
N GLN I 1588 -25.59 93.52 45.44
CA GLN I 1588 -26.72 93.13 46.26
C GLN I 1588 -27.77 94.23 46.19
N MET I 1589 -28.98 93.87 45.83
CA MET I 1589 -30.07 94.83 45.74
C MET I 1589 -30.92 94.77 47.01
N LEU I 1590 -31.46 95.92 47.40
CA LEU I 1590 -32.44 95.93 48.47
C LEU I 1590 -33.71 95.21 48.04
N MET I 1591 -34.28 94.46 48.97
CA MET I 1591 -35.57 93.82 48.82
C MET I 1591 -36.51 94.32 49.91
N PRO I 1592 -37.77 94.57 49.58
CA PRO I 1592 -38.69 95.20 50.55
C PRO I 1592 -38.96 94.35 51.78
N VAL I 1593 -39.41 93.11 51.59
CA VAL I 1593 -39.75 92.24 52.71
C VAL I 1593 -39.05 90.90 52.53
N SER I 1594 -38.95 90.17 53.63
CA SER I 1594 -38.35 88.85 53.62
C SER I 1594 -38.94 88.04 54.77
N TRP I 1595 -38.89 86.73 54.63
CA TRP I 1595 -39.47 85.86 55.64
C TRP I 1595 -38.63 85.85 56.92
N SER I 1596 -39.30 85.62 58.04
CA SER I 1596 -38.61 85.52 59.32
C SER I 1596 -39.42 84.66 60.27
N ARG I 1597 -38.72 83.87 61.06
CA ARG I 1597 -39.35 82.93 61.98
C ARG I 1597 -39.93 83.67 63.19
N MET I 1598 -41.09 83.22 63.66
CA MET I 1598 -41.61 83.70 64.92
C MET I 1598 -41.22 82.75 66.03
N PRO I 1599 -40.57 83.23 67.09
CA PRO I 1599 -40.17 82.34 68.18
C PRO I 1599 -41.37 81.66 68.81
N ASN I 1600 -41.17 80.41 69.24
CA ASN I 1600 -42.24 79.64 69.83
C ASN I 1600 -42.67 80.18 71.19
N HIS I 1601 -41.85 81.00 71.83
CA HIS I 1601 -42.20 81.60 73.10
C HIS I 1601 -41.79 83.06 73.12
N PHE I 1602 -42.67 83.90 73.63
CA PHE I 1602 -42.44 85.33 73.74
C PHE I 1602 -42.44 85.75 75.20
N LEU I 1603 -41.73 86.84 75.49
CA LEU I 1603 -41.62 87.35 76.84
C LEU I 1603 -42.98 87.81 77.33
N GLN I 1604 -43.36 87.38 78.53
CA GLN I 1604 -44.56 87.89 79.16
C GLN I 1604 -44.23 89.19 79.88
N VAL I 1605 -45.11 90.17 79.75
CA VAL I 1605 -44.94 91.47 80.39
C VAL I 1605 -46.25 91.85 81.06
N GLU I 1606 -46.17 92.31 82.30
CA GLU I 1606 -47.33 92.82 83.04
C GLU I 1606 -47.16 94.32 83.21
N THR I 1607 -48.05 95.09 82.59
CA THR I 1607 -48.04 96.55 82.68
C THR I 1607 -49.38 97.03 83.22
N ARG I 1608 -49.34 97.87 84.25
CA ARG I 1608 -50.57 98.42 84.80
C ARG I 1608 -50.25 99.66 85.63
N ARG I 1609 -51.25 100.53 85.76
CA ARG I 1609 -51.12 101.69 86.61
C ARG I 1609 -51.58 101.37 88.03
N ALA I 1610 -50.96 102.04 89.00
CA ALA I 1610 -51.25 101.82 90.41
C ALA I 1610 -51.95 102.99 91.08
N GLY I 1611 -51.52 104.23 90.82
CA GLY I 1611 -52.16 105.38 91.42
C GLY I 1611 -51.83 106.64 90.68
N GLU I 1612 -52.43 107.74 91.14
CA GLU I 1612 -52.14 109.05 90.58
C GLU I 1612 -50.71 109.49 90.86
N ARG I 1613 -50.10 108.94 91.91
CA ARG I 1613 -48.72 109.27 92.29
C ARG I 1613 -47.72 108.27 91.74
N LEU I 1614 -48.00 106.97 91.89
CA LEU I 1614 -47.08 105.95 91.41
C LEU I 1614 -47.09 105.86 89.88
N GLY I 1615 -48.28 105.87 89.28
CA GLY I 1615 -48.38 105.82 87.84
C GLY I 1615 -48.32 104.40 87.30
N TRP I 1616 -47.93 104.32 86.03
CA TRP I 1616 -47.82 103.04 85.35
C TRP I 1616 -46.53 102.33 85.70
N ALA I 1617 -46.60 101.00 85.79
CA ALA I 1617 -45.47 100.16 86.10
C ALA I 1617 -45.39 99.03 85.09
N VAL I 1618 -44.16 98.72 84.67
CA VAL I 1618 -43.87 97.67 83.71
C VAL I 1618 -43.02 96.62 84.40
N GLN I 1619 -43.41 95.35 84.28
CA GLN I 1619 -42.72 94.26 84.97
C GLN I 1619 -42.54 93.08 84.03
N CYS I 1620 -41.33 92.54 84.00
CA CYS I 1620 -41.04 91.31 83.27
C CYS I 1620 -40.14 90.44 84.15
N GLN I 1621 -40.50 89.18 84.31
CA GLN I 1621 -39.77 88.30 85.22
C GLN I 1621 -39.18 87.08 84.55
N ASP I 1622 -39.96 86.35 83.77
CA ASP I 1622 -39.50 85.09 83.20
C ASP I 1622 -38.47 85.38 82.11
N PRO I 1623 -37.26 84.84 82.21
CA PRO I 1623 -36.25 85.07 81.17
C PRO I 1623 -36.35 84.08 80.03
N LEU I 1624 -36.14 84.58 78.82
CA LEU I 1624 -36.12 83.77 77.62
C LEU I 1624 -34.78 83.92 76.93
N THR I 1625 -34.17 82.81 76.53
CA THR I 1625 -32.87 82.78 75.91
C THR I 1625 -32.99 82.26 74.49
N MET I 1626 -32.26 82.87 73.56
CA MET I 1626 -32.28 82.50 72.16
C MET I 1626 -30.86 82.31 71.67
N MET I 1627 -30.63 81.27 70.89
CA MET I 1627 -29.36 81.07 70.21
C MET I 1627 -29.34 81.86 68.91
N ALA I 1628 -28.26 82.59 68.68
CA ALA I 1628 -28.16 83.48 67.53
C ALA I 1628 -26.97 83.12 66.67
N LEU I 1629 -27.19 83.07 65.36
CA LEU I 1629 -26.14 82.83 64.38
C LEU I 1629 -25.79 84.16 63.72
N HIS I 1630 -24.57 84.63 63.92
CA HIS I 1630 -24.13 85.93 63.43
C HIS I 1630 -23.33 85.75 62.15
N ILE I 1631 -23.77 86.39 61.07
CA ILE I 1631 -22.99 86.44 59.84
C ILE I 1631 -21.96 87.55 59.98
N PRO I 1632 -20.67 87.25 59.90
CA PRO I 1632 -19.66 88.30 60.15
C PRO I 1632 -19.71 89.46 59.18
N GLU I 1633 -20.00 89.22 57.91
CA GLU I 1633 -19.91 90.30 56.93
C GLU I 1633 -21.04 91.30 57.09
N GLU I 1634 -22.27 90.82 57.27
CA GLU I 1634 -23.42 91.70 57.39
C GLU I 1634 -23.62 92.25 58.79
N ASN I 1635 -22.86 91.74 59.77
CA ASN I 1635 -22.95 92.18 61.16
C ASN I 1635 -24.38 92.06 61.69
N ARG I 1636 -25.08 91.01 61.26
CA ARG I 1636 -26.41 90.73 61.73
C ARG I 1636 -26.50 89.27 62.13
N CYS I 1637 -27.42 88.99 63.06
CA CYS I 1637 -27.63 87.63 63.51
C CYS I 1637 -29.07 87.23 63.27
N MET I 1638 -29.26 85.98 62.86
CA MET I 1638 -30.58 85.37 62.77
C MET I 1638 -30.73 84.38 63.90
N ASP I 1639 -31.96 83.91 64.09
CA ASP I 1639 -32.17 82.80 65.02
C ASP I 1639 -31.56 81.55 64.41
N ILE I 1640 -30.95 80.72 65.24
CA ILE I 1640 -30.32 79.51 64.71
C ILE I 1640 -31.37 78.57 64.13
N LEU I 1641 -32.59 78.60 64.67
CA LEU I 1641 -33.66 77.77 64.16
C LEU I 1641 -34.18 78.25 62.82
N GLU I 1642 -33.84 79.49 62.42
CA GLU I 1642 -34.23 80.01 61.13
C GLU I 1642 -33.55 79.27 59.98
N LEU I 1643 -32.47 78.55 60.26
CA LEU I 1643 -31.79 77.77 59.23
C LEU I 1643 -32.61 76.57 58.78
N SER I 1644 -33.72 76.27 59.46
CA SER I 1644 -34.54 75.12 59.07
C SER I 1644 -35.11 75.24 57.67
N GLU I 1645 -35.19 76.46 57.13
CA GLU I 1645 -35.52 76.63 55.72
C GLU I 1645 -34.37 77.20 54.90
N ARG I 1646 -33.38 77.83 55.52
CA ARG I 1646 -32.18 78.26 54.80
C ARG I 1646 -31.25 77.06 54.73
N LEU I 1647 -31.40 76.29 53.65
CA LEU I 1647 -30.67 75.03 53.56
C LEU I 1647 -29.20 75.23 53.23
N ASP I 1648 -28.85 76.28 52.51
CA ASP I 1648 -27.44 76.52 52.18
C ASP I 1648 -26.64 76.90 53.41
N LEU I 1649 -27.18 77.82 54.23
CA LEU I 1649 -26.52 78.15 55.48
C LEU I 1649 -26.52 76.96 56.43
N GLN I 1650 -27.56 76.13 56.38
CA GLN I 1650 -27.57 74.89 57.15
C GLN I 1650 -26.43 73.98 56.74
N ARG I 1651 -26.22 73.84 55.43
CA ARG I 1651 -25.12 73.02 54.93
C ARG I 1651 -23.79 73.54 55.43
N PHE I 1652 -23.58 74.85 55.31
CA PHE I 1652 -22.29 75.41 55.71
C PHE I 1652 -22.07 75.29 57.20
N HIS I 1653 -23.10 75.49 58.02
CA HIS I 1653 -22.90 75.37 59.46
C HIS I 1653 -22.72 73.94 59.90
N SER I 1654 -23.40 72.99 59.25
CA SER I 1654 -23.15 71.58 59.56
C SER I 1654 -21.71 71.20 59.23
N HIS I 1655 -21.20 71.67 58.09
CA HIS I 1655 -19.82 71.38 57.75
C HIS I 1655 -18.85 72.13 58.64
N THR I 1656 -19.24 73.31 59.14
CA THR I 1656 -18.41 74.00 60.12
C THR I 1656 -18.31 73.22 61.41
N LEU I 1657 -19.41 72.62 61.85
CA LEU I 1657 -19.35 71.76 63.02
C LEU I 1657 -18.48 70.54 62.75
N ARG I 1658 -18.49 70.05 61.52
CA ARG I 1658 -17.60 68.94 61.16
C ARG I 1658 -16.14 69.36 61.25
N LEU I 1659 -15.81 70.55 60.76
CA LEU I 1659 -14.47 71.11 60.91
C LEU I 1659 -14.08 71.22 62.37
N TYR I 1660 -14.98 71.73 63.21
CA TYR I 1660 -14.67 71.88 64.62
C TYR I 1660 -14.45 70.53 65.29
N ARG I 1661 -15.26 69.54 64.94
CA ARG I 1661 -15.07 68.22 65.52
C ARG I 1661 -13.72 67.64 65.15
N ALA I 1662 -13.34 67.75 63.89
CA ALA I 1662 -12.18 67.00 63.45
C ALA I 1662 -10.87 67.78 63.53
N VAL I 1663 -10.90 69.07 63.88
CA VAL I 1663 -9.61 69.70 64.21
C VAL I 1663 -9.17 69.27 65.60
N CYS I 1664 -10.10 69.02 66.50
CA CYS I 1664 -9.78 68.54 67.84
C CYS I 1664 -10.00 67.04 67.98
N ALA I 1665 -10.30 66.34 66.88
CA ALA I 1665 -10.43 64.90 66.94
C ALA I 1665 -9.09 64.25 67.26
N LEU I 1666 -9.17 63.07 67.88
CA LEU I 1666 -8.00 62.24 68.18
C LEU I 1666 -7.07 62.94 69.18
N GLY I 1667 -7.65 63.41 70.28
CA GLY I 1667 -6.90 63.86 71.42
C GLY I 1667 -6.04 65.10 71.23
N ASN I 1668 -6.55 66.12 70.54
CA ASN I 1668 -5.87 67.40 70.46
C ASN I 1668 -6.51 68.34 71.47
N ASN I 1669 -6.14 68.14 72.74
CA ASN I 1669 -6.78 68.88 73.82
C ASN I 1669 -6.46 70.36 73.76
N ARG I 1670 -5.29 70.72 73.23
CA ARG I 1670 -4.96 72.14 73.05
C ARG I 1670 -5.96 72.82 72.12
N VAL I 1671 -6.21 72.21 70.96
CA VAL I 1671 -7.16 72.78 70.01
C VAL I 1671 -8.59 72.68 70.55
N ALA I 1672 -8.89 71.63 71.33
CA ALA I 1672 -10.21 71.55 71.95
C ALA I 1672 -10.45 72.70 72.90
N HIS I 1673 -9.43 73.04 73.71
CA HIS I 1673 -9.52 74.24 74.53
C HIS I 1673 -9.70 75.48 73.67
N ALA I 1674 -8.96 75.57 72.57
CA ALA I 1674 -9.14 76.69 71.66
C ALA I 1674 -10.56 76.77 71.13
N LEU I 1675 -11.21 75.63 70.96
CA LEU I 1675 -12.58 75.60 70.46
C LEU I 1675 -13.59 76.01 71.52
N CYS I 1676 -13.29 75.79 72.80
CA CYS I 1676 -14.27 76.10 73.84
C CYS I 1676 -14.62 77.57 73.87
N SER I 1677 -13.74 78.45 73.39
CA SER I 1677 -14.09 79.86 73.29
C SER I 1677 -15.16 80.08 72.23
N HIS I 1678 -15.02 79.41 71.08
CA HIS I 1678 -16.02 79.52 70.03
C HIS I 1678 -17.35 78.94 70.46
N VAL I 1679 -17.33 77.78 71.09
CA VAL I 1679 -18.52 77.04 71.44
C VAL I 1679 -18.51 76.86 72.95
N ASP I 1680 -19.36 77.61 73.65
CA ASP I 1680 -19.35 77.65 75.09
C ASP I 1680 -20.11 76.46 75.68
N GLN I 1681 -19.91 76.25 76.98
CA GLN I 1681 -20.58 75.15 77.65
C GLN I 1681 -22.09 75.36 77.74
N ALA I 1682 -22.50 76.57 78.15
CA ALA I 1682 -23.93 76.86 78.24
C ALA I 1682 -24.57 76.84 76.85
N GLN I 1683 -23.83 77.34 75.86
CA GLN I 1683 -24.23 77.20 74.46
C GLN I 1683 -24.53 75.75 74.11
N LEU I 1684 -23.61 74.84 74.44
CA LEU I 1684 -23.81 73.44 74.12
C LEU I 1684 -24.99 72.85 74.87
N LEU I 1685 -25.17 73.22 76.13
CA LEU I 1685 -26.28 72.70 76.90
C LEU I 1685 -27.62 73.13 76.32
N HIS I 1686 -27.74 74.38 75.89
CA HIS I 1686 -28.98 74.83 75.29
C HIS I 1686 -29.23 74.14 73.96
N ALA I 1687 -28.18 73.98 73.14
CA ALA I 1687 -28.33 73.26 71.88
C ALA I 1687 -28.69 71.80 72.10
N LEU I 1688 -28.30 71.25 73.24
CA LEU I 1688 -28.72 69.90 73.59
C LEU I 1688 -30.20 69.87 73.98
N GLU I 1689 -30.63 70.83 74.79
CA GLU I 1689 -31.96 70.75 75.38
C GLU I 1689 -33.05 71.07 74.36
N ASP I 1690 -32.83 72.04 73.48
CA ASP I 1690 -33.90 72.52 72.62
C ASP I 1690 -34.32 71.44 71.62
N ALA I 1691 -35.57 71.55 71.15
CA ALA I 1691 -36.13 70.57 70.24
C ALA I 1691 -36.35 71.09 68.83
N HIS I 1692 -36.39 72.40 68.64
CA HIS I 1692 -36.61 72.96 67.32
C HIS I 1692 -35.33 73.08 66.51
N LEU I 1693 -34.20 72.68 67.07
CA LEU I 1693 -32.96 72.64 66.31
C LEU I 1693 -33.10 71.66 65.16
N PRO I 1694 -32.62 72.00 63.97
CA PRO I 1694 -32.70 71.07 62.84
C PRO I 1694 -31.89 69.81 63.08
N GLY I 1695 -32.10 68.82 62.22
CA GLY I 1695 -31.45 67.54 62.33
C GLY I 1695 -29.93 67.59 62.27
N PRO I 1696 -29.39 68.05 61.14
CA PRO I 1696 -27.93 68.08 61.01
C PRO I 1696 -27.24 68.90 62.08
N LEU I 1697 -27.83 70.03 62.47
CA LEU I 1697 -27.23 70.84 63.51
C LEU I 1697 -27.31 70.14 64.86
N ARG I 1698 -28.42 69.43 65.13
CA ARG I 1698 -28.53 68.72 66.40
C ARG I 1698 -27.46 67.64 66.51
N ALA I 1699 -27.33 66.82 65.47
CA ALA I 1699 -26.31 65.78 65.49
C ALA I 1699 -24.92 66.38 65.56
N GLY I 1700 -24.68 67.47 64.82
CA GLY I 1700 -23.38 68.10 64.85
C GLY I 1700 -23.02 68.64 66.22
N TYR I 1701 -23.98 69.25 66.91
CA TYR I 1701 -23.68 69.83 68.21
C TYR I 1701 -23.47 68.76 69.26
N TYR I 1702 -24.25 67.68 69.21
CA TYR I 1702 -24.02 66.58 70.14
C TYR I 1702 -22.64 65.97 69.93
N ASP I 1703 -22.28 65.72 68.68
CA ASP I 1703 -20.98 65.13 68.40
C ASP I 1703 -19.85 66.11 68.68
N LEU I 1704 -20.12 67.41 68.59
CA LEU I 1704 -19.10 68.39 68.95
C LEU I 1704 -18.85 68.42 70.44
N LEU I 1705 -19.92 68.35 71.24
CA LEU I 1705 -19.75 68.24 72.68
C LEU I 1705 -18.94 67.02 73.05
N ILE I 1706 -19.30 65.87 72.48
CA ILE I 1706 -18.57 64.64 72.76
C ILE I 1706 -17.11 64.75 72.32
N SER I 1707 -16.88 65.42 71.18
CA SER I 1707 -15.52 65.47 70.65
C SER I 1707 -14.64 66.42 71.44
N ILE I 1708 -15.15 67.57 71.86
CA ILE I 1708 -14.29 68.54 72.54
C ILE I 1708 -14.26 68.35 74.04
N HIS I 1709 -15.11 67.48 74.60
CA HIS I 1709 -15.09 67.31 76.05
C HIS I 1709 -14.88 65.88 76.50
N LEU I 1710 -15.30 64.88 75.72
CA LEU I 1710 -15.31 63.52 76.21
C LEU I 1710 -14.55 62.52 75.35
N GLU I 1711 -14.06 62.90 74.18
CA GLU I 1711 -13.51 61.91 73.25
C GLU I 1711 -12.24 61.29 73.79
N SER I 1712 -11.29 62.11 74.23
CA SER I 1712 -10.02 61.58 74.70
C SER I 1712 -10.19 60.74 75.96
N ALA I 1713 -11.02 61.21 76.89
CA ALA I 1713 -11.24 60.43 78.11
C ALA I 1713 -11.94 59.12 77.82
N CYS I 1714 -12.94 59.15 76.94
CA CYS I 1714 -13.65 57.92 76.58
C CYS I 1714 -12.73 56.92 75.91
N ARG I 1715 -11.88 57.40 75.00
CA ARG I 1715 -10.92 56.51 74.35
C ARG I 1715 -9.94 55.92 75.36
N SER I 1716 -9.46 56.75 76.29
CA SER I 1716 -8.51 56.27 77.27
C SER I 1716 -9.11 55.19 78.15
N ARG I 1717 -10.35 55.36 78.57
CA ARG I 1717 -11.00 54.32 79.37
C ARG I 1717 -11.29 53.07 78.54
N ARG I 1718 -11.68 53.27 77.28
CA ARG I 1718 -12.03 52.13 76.42
C ARG I 1718 -10.83 51.24 76.18
N SER I 1719 -9.65 51.84 76.00
CA SER I 1719 -8.45 51.02 75.81
C SER I 1719 -8.09 50.19 77.03
N MET I 1720 -8.60 50.52 78.21
CA MET I 1720 -8.33 49.74 79.40
C MET I 1720 -9.44 48.77 79.78
N LEU I 1721 -10.65 48.92 79.24
CA LEU I 1721 -11.71 47.96 79.59
C LEU I 1721 -11.38 46.54 79.15
N SER I 1722 -10.42 46.36 78.25
CA SER I 1722 -10.08 45.01 77.79
C SER I 1722 -9.47 44.16 78.90
N GLU I 1723 -8.71 44.76 79.81
CA GLU I 1723 -8.05 44.03 80.88
C GLU I 1723 -8.88 44.07 82.15
N TYR I 1724 -8.55 43.19 83.08
CA TYR I 1724 -9.29 43.06 84.33
C TYR I 1724 -8.35 42.91 85.52
N ILE I 1725 -7.37 43.80 85.61
CA ILE I 1725 -6.47 43.80 86.76
C ILE I 1725 -7.27 44.11 88.02
N VAL I 1726 -7.34 43.15 88.93
CA VAL I 1726 -8.15 43.26 90.13
C VAL I 1726 -7.25 43.07 91.34
N PRO I 1727 -7.25 43.99 92.31
CA PRO I 1727 -6.42 43.80 93.50
C PRO I 1727 -7.16 43.11 94.63
N LEU I 1728 -6.50 42.87 95.76
CA LEU I 1728 -7.11 42.24 96.93
C LEU I 1728 -7.55 43.33 97.90
N THR I 1729 -8.84 43.58 97.96
CA THR I 1729 -9.43 44.52 98.91
C THR I 1729 -10.63 43.86 99.57
N PRO I 1730 -11.06 44.38 100.74
CA PRO I 1730 -12.33 43.93 101.30
C PRO I 1730 -13.51 44.16 100.37
N GLU I 1731 -13.43 45.15 99.48
CA GLU I 1731 -14.44 45.26 98.44
C GLU I 1731 -14.29 44.18 97.39
N THR I 1732 -13.07 43.67 97.19
CA THR I 1732 -12.84 42.61 96.23
C THR I 1732 -13.42 41.28 96.71
N ARG I 1733 -13.37 41.03 98.02
CA ARG I 1733 -14.04 39.82 98.48
C ARG I 1733 -15.56 39.98 98.56
N ALA I 1734 -16.09 41.17 98.28
CA ALA I 1734 -17.53 41.38 98.35
C ALA I 1734 -18.28 40.80 97.16
N ILE I 1735 -17.69 40.80 95.98
CA ILE I 1735 -18.42 40.37 94.79
C ILE I 1735 -18.65 38.88 94.84
N THR I 1736 -19.90 38.48 94.62
CA THR I 1736 -20.28 37.10 94.37
C THR I 1736 -20.97 37.01 93.02
N LEU I 1737 -20.95 35.82 92.44
CA LEU I 1737 -21.58 35.63 91.13
C LEU I 1737 -23.08 35.88 91.20
N PHE I 1738 -23.76 35.24 92.13
CA PHE I 1738 -25.18 35.47 92.32
C PHE I 1738 -25.39 36.24 93.62
N PRO I 1739 -25.86 37.48 93.55
CA PRO I 1739 -26.18 38.22 94.77
C PRO I 1739 -27.27 37.51 95.55
N PRO I 1740 -27.19 37.50 96.88
CA PRO I 1740 -28.19 36.78 97.69
C PRO I 1740 -29.56 37.43 97.55
N GLY I 1741 -30.50 36.67 96.99
CA GLY I 1741 -31.85 37.17 96.84
C GLY I 1741 -32.56 37.29 98.18
N ARG I 1742 -33.25 38.41 98.37
CA ARG I 1742 -33.99 38.67 99.59
C ARG I 1742 -35.44 38.23 99.52
N LYS I 1743 -35.87 37.65 98.41
CA LYS I 1743 -37.23 37.15 98.26
C LYS I 1743 -37.33 35.64 98.45
N GLY I 1744 -36.27 35.00 98.92
CA GLY I 1744 -36.28 33.56 99.13
C GLY I 1744 -36.05 32.78 97.86
N GLY I 1745 -37.00 32.83 96.94
CA GLY I 1745 -36.89 32.22 95.64
C GLY I 1745 -36.25 33.10 94.59
N ASN I 1746 -35.75 34.28 94.97
CA ASN I 1746 -35.10 35.19 94.04
C ASN I 1746 -33.72 34.73 93.61
N ALA I 1747 -33.20 33.66 94.20
CA ALA I 1747 -31.91 33.13 93.82
C ALA I 1747 -31.94 32.59 92.38
N ARG I 1748 -30.75 32.31 91.86
CA ARG I 1748 -30.56 31.82 90.49
C ARG I 1748 -31.07 32.81 89.45
N ARG I 1749 -31.12 34.09 89.79
CA ARG I 1749 -31.44 35.16 88.87
C ARG I 1749 -30.30 36.16 88.87
N HIS I 1750 -29.85 36.55 87.68
CA HIS I 1750 -28.71 37.45 87.57
C HIS I 1750 -29.04 38.82 88.16
N GLY I 1751 -28.07 39.39 88.87
CA GLY I 1751 -28.14 40.79 89.19
C GLY I 1751 -28.03 41.64 87.94
N LEU I 1752 -28.61 42.84 88.00
CA LEU I 1752 -28.65 43.69 86.82
C LEU I 1752 -27.24 44.12 86.43
N PRO I 1753 -26.91 44.08 85.14
CA PRO I 1753 -25.56 44.45 84.71
C PRO I 1753 -25.28 45.91 84.99
N GLY I 1754 -24.19 46.17 85.71
CA GLY I 1754 -23.76 47.52 86.00
C GLY I 1754 -24.18 48.05 87.36
N VAL I 1755 -24.89 47.26 88.17
CA VAL I 1755 -25.28 47.70 89.50
C VAL I 1755 -24.35 47.18 90.58
N GLY I 1756 -23.44 46.27 90.25
CA GLY I 1756 -22.55 45.71 91.25
C GLY I 1756 -21.35 46.59 91.52
N VAL I 1757 -20.47 46.08 92.37
CA VAL I 1757 -19.24 46.77 92.74
C VAL I 1757 -18.13 46.35 91.79
N THR I 1758 -17.48 47.32 91.19
CA THR I 1758 -16.37 47.07 90.27
C THR I 1758 -15.05 47.42 90.95
N THR I 1759 -14.10 46.49 90.88
CA THR I 1759 -12.81 46.67 91.52
C THR I 1759 -11.65 46.66 90.54
N SER I 1760 -11.90 46.46 89.24
CA SER I 1760 -10.83 46.50 88.27
C SER I 1760 -10.19 47.87 88.23
N LEU I 1761 -8.87 47.90 88.24
CA LEU I 1761 -8.14 49.17 88.33
C LEU I 1761 -8.26 49.94 87.02
N ARG I 1762 -8.85 51.13 87.09
CA ARG I 1762 -9.01 51.99 85.94
C ARG I 1762 -8.32 53.32 86.21
N PRO I 1763 -7.51 53.82 85.28
CA PRO I 1763 -6.91 55.14 85.45
C PRO I 1763 -7.97 56.21 85.50
N PRO I 1764 -8.03 57.00 86.57
CA PRO I 1764 -9.12 57.96 86.73
C PRO I 1764 -9.04 59.08 85.70
N HIS I 1765 -10.19 59.65 85.41
CA HIS I 1765 -10.28 60.69 84.39
C HIS I 1765 -9.61 61.98 84.85
N HIS I 1766 -8.97 62.67 83.92
CA HIS I 1766 -8.33 63.95 84.19
C HIS I 1766 -8.89 65.01 83.26
N PHE I 1767 -9.38 66.11 83.83
CA PHE I 1767 -9.83 67.26 83.07
C PHE I 1767 -9.30 68.53 83.70
N SER I 1768 -8.83 69.44 82.86
CA SER I 1768 -8.41 70.77 83.31
C SER I 1768 -9.47 71.77 82.94
N PRO I 1769 -10.03 72.52 83.89
CA PRO I 1769 -11.08 73.49 83.57
C PRO I 1769 -10.58 74.52 82.57
N PRO I 1770 -11.43 74.92 81.62
CA PRO I 1770 -10.98 75.86 80.60
C PRO I 1770 -10.73 77.25 81.15
N CYS I 1771 -9.47 77.67 81.15
CA CYS I 1771 -9.08 79.00 81.56
C CYS I 1771 -8.20 79.61 80.49
N PHE I 1772 -8.45 80.88 80.17
CA PHE I 1772 -7.77 81.51 79.05
C PHE I 1772 -7.20 82.85 79.47
N VAL I 1773 -7.79 83.45 80.50
CA VAL I 1773 -7.27 84.70 81.05
C VAL I 1773 -5.94 84.48 81.76
N ALA I 1774 -5.59 83.23 82.06
CA ALA I 1774 -4.33 82.94 82.71
C ALA I 1774 -3.15 83.31 81.81
N ALA I 1775 -2.07 83.77 82.44
CA ALA I 1775 -0.86 84.17 81.72
C ALA I 1775 -0.18 82.93 81.17
N LEU I 1776 -0.37 82.66 79.89
CA LEU I 1776 0.21 81.49 79.25
C LEU I 1776 1.72 81.66 79.13
N PRO I 1777 2.53 80.75 79.71
CA PRO I 1777 3.99 80.83 79.62
C PRO I 1777 4.55 80.15 78.37
N GLU I 1783 8.19 69.59 74.83
CA GLU I 1783 8.53 70.70 75.72
C GLU I 1783 7.40 70.98 76.70
N ALA I 1784 6.27 71.47 76.17
CA ALA I 1784 5.12 71.76 77.00
C ALA I 1784 4.50 70.45 77.52
N PRO I 1785 3.98 70.46 78.74
CA PRO I 1785 3.34 69.25 79.27
C PRO I 1785 2.06 68.93 78.50
N ALA I 1786 1.67 67.66 78.58
CA ALA I 1786 0.49 67.18 77.85
C ALA I 1786 -0.76 67.90 78.32
N ARG I 1787 -1.39 68.63 77.40
CA ARG I 1787 -2.58 69.40 77.73
C ARG I 1787 -3.75 68.48 78.05
N LEU I 1788 -4.48 68.80 79.11
CA LEU I 1788 -5.64 68.02 79.47
C LEU I 1788 -6.85 68.46 78.66
N SER I 1789 -7.88 67.62 78.65
CA SER I 1789 -9.11 67.97 77.94
C SER I 1789 -9.90 68.99 78.75
N PRO I 1790 -10.65 69.86 78.07
CA PRO I 1790 -11.50 70.81 78.79
C PRO I 1790 -12.58 70.11 79.60
N ALA I 1791 -12.91 70.70 80.74
CA ALA I 1791 -13.83 70.09 81.68
C ALA I 1791 -15.25 70.58 81.44
N ILE I 1792 -16.19 69.91 82.12
CA ILE I 1792 -17.62 70.19 82.02
C ILE I 1792 -18.27 69.39 83.14
N PRO I 1793 -19.34 69.86 83.77
CA PRO I 1793 -19.95 69.10 84.87
C PRO I 1793 -20.48 67.74 84.44
N LEU I 1794 -19.82 66.67 84.89
CA LEU I 1794 -20.21 65.32 84.47
C LEU I 1794 -21.54 64.91 85.07
N GLU I 1795 -21.76 65.22 86.35
CA GLU I 1795 -23.02 64.86 86.99
C GLU I 1795 -24.20 65.61 86.38
N ALA I 1796 -24.01 66.89 86.05
CA ALA I 1796 -25.06 67.65 85.40
C ALA I 1796 -25.34 67.11 84.00
N LEU I 1797 -24.28 66.80 83.24
CA LEU I 1797 -24.48 66.19 81.93
C LEU I 1797 -25.18 64.85 82.05
N ARG I 1798 -24.85 64.09 83.08
CA ARG I 1798 -25.43 62.77 83.28
C ARG I 1798 -26.94 62.84 83.51
N ASP I 1799 -27.36 63.67 84.47
CA ASP I 1799 -28.78 63.80 84.73
C ASP I 1799 -29.51 64.43 83.55
N LYS I 1800 -28.89 65.41 82.91
CA LYS I 1800 -29.53 66.10 81.79
C LYS I 1800 -29.73 65.15 80.61
N ALA I 1801 -28.74 64.33 80.29
CA ALA I 1801 -28.86 63.40 79.18
C ALA I 1801 -29.83 62.27 79.51
N LEU I 1802 -29.82 61.80 80.76
CA LEU I 1802 -30.79 60.78 81.15
C LEU I 1802 -32.21 61.29 80.98
N ARG I 1803 -32.47 62.52 81.42
CA ARG I 1803 -33.79 63.11 81.25
C ARG I 1803 -34.12 63.30 79.78
N MET I 1804 -33.14 63.70 78.97
CA MET I 1804 -33.39 63.91 77.55
C MET I 1804 -33.81 62.62 76.87
N LEU I 1805 -33.10 61.52 77.15
CA LEU I 1805 -33.48 60.28 76.50
C LEU I 1805 -34.77 59.74 77.08
N GLY I 1806 -35.09 60.08 78.33
CA GLY I 1806 -36.39 59.69 78.87
C GLY I 1806 -37.54 60.35 78.14
N GLU I 1807 -37.43 61.65 77.91
CA GLU I 1807 -38.49 62.33 77.17
C GLU I 1807 -38.49 61.92 75.70
N ALA I 1808 -37.33 61.54 75.16
CA ALA I 1808 -37.30 61.02 73.80
C ALA I 1808 -38.05 59.70 73.70
N VAL I 1809 -37.86 58.81 74.69
CA VAL I 1809 -38.58 57.55 74.72
C VAL I 1809 -40.08 57.79 74.89
N ARG I 1810 -40.44 58.74 75.74
CA ARG I 1810 -41.86 59.06 75.91
C ARG I 1810 -42.47 59.59 74.62
N ASP I 1811 -41.73 60.45 73.90
CA ASP I 1811 -42.22 60.97 72.63
C ASP I 1811 -42.39 59.85 71.61
N GLY I 1812 -41.42 58.93 71.54
CA GLY I 1812 -41.56 57.77 70.68
C GLY I 1812 -42.73 56.90 71.07
N GLY I 1813 -43.08 56.89 72.36
CA GLY I 1813 -44.31 56.23 72.77
C GLY I 1813 -45.55 56.93 72.27
N GLN I 1814 -45.56 58.27 72.33
CA GLN I 1814 -46.73 59.03 71.91
C GLN I 1814 -46.92 59.04 70.40
N HIS I 1815 -45.91 58.64 69.62
CA HIS I 1815 -46.02 58.50 68.16
C HIS I 1815 -46.36 59.83 67.50
N ALA I 1816 -45.62 60.87 67.88
CA ALA I 1816 -45.85 62.18 67.29
C ALA I 1816 -45.40 62.21 65.83
N ARG I 1817 -45.96 63.14 65.08
CA ARG I 1817 -45.56 63.36 63.69
C ARG I 1817 -44.52 64.45 63.56
N ASP I 1818 -43.92 64.87 64.67
CA ASP I 1818 -42.88 65.90 64.69
C ASP I 1818 -41.63 65.49 65.48
N PRO I 1819 -40.95 64.43 65.04
CA PRO I 1819 -39.78 63.94 65.79
C PRO I 1819 -38.72 65.02 65.94
N VAL I 1820 -38.07 65.03 67.10
CA VAL I 1820 -37.13 66.09 67.45
C VAL I 1820 -35.97 66.08 66.47
N GLY I 1821 -35.84 67.15 65.70
CA GLY I 1821 -34.82 67.25 64.69
C GLY I 1821 -35.29 66.91 63.29
N GLY I 1822 -36.41 66.20 63.16
CA GLY I 1822 -36.97 65.92 61.86
C GLY I 1822 -37.30 64.45 61.63
N SER I 1823 -36.49 63.57 62.22
CA SER I 1823 -36.65 62.13 62.01
C SER I 1823 -36.34 61.42 63.31
N VAL I 1824 -36.84 60.18 63.42
CA VAL I 1824 -36.55 59.37 64.60
C VAL I 1824 -35.06 59.12 64.71
N GLU I 1825 -34.38 58.98 63.57
CA GLU I 1825 -32.93 58.83 63.58
C GLU I 1825 -32.25 60.02 64.23
N PHE I 1826 -32.57 61.23 63.77
CA PHE I 1826 -31.94 62.41 64.36
C PHE I 1826 -32.41 62.66 65.78
N GLN I 1827 -33.55 62.10 66.16
CA GLN I 1827 -34.00 62.25 67.54
C GLN I 1827 -33.21 61.34 68.48
N PHE I 1828 -32.86 60.14 68.03
CA PHE I 1828 -32.30 59.15 68.95
C PHE I 1828 -30.79 58.97 68.84
N VAL I 1829 -30.20 58.96 67.64
CA VAL I 1829 -28.77 58.65 67.52
C VAL I 1829 -27.87 59.60 68.29
N PRO I 1830 -28.08 60.93 68.32
CA PRO I 1830 -27.13 61.75 69.08
C PRO I 1830 -27.24 61.52 70.57
N VAL I 1831 -28.46 61.39 71.08
CA VAL I 1831 -28.63 61.13 72.51
C VAL I 1831 -28.06 59.78 72.89
N LEU I 1832 -28.24 58.78 72.04
CA LEU I 1832 -27.68 57.47 72.34
C LEU I 1832 -26.16 57.47 72.27
N LYS I 1833 -25.57 58.29 71.39
CA LYS I 1833 -24.12 58.46 71.45
C LYS I 1833 -23.69 59.04 72.78
N LEU I 1834 -24.44 60.03 73.28
CA LEU I 1834 -24.11 60.60 74.58
C LEU I 1834 -24.20 59.56 75.69
N VAL I 1835 -25.28 58.77 75.69
CA VAL I 1835 -25.46 57.79 76.76
C VAL I 1835 -24.39 56.71 76.68
N SER I 1836 -24.05 56.26 75.47
CA SER I 1836 -23.02 55.25 75.33
C SER I 1836 -21.66 55.76 75.77
N THR I 1837 -21.31 56.98 75.38
CA THR I 1837 -20.02 57.54 75.80
C THR I 1837 -19.95 57.69 77.31
N LEU I 1838 -21.02 58.21 77.92
CA LEU I 1838 -21.02 58.35 79.37
C LEU I 1838 -20.99 57.00 80.07
N LEU I 1839 -21.71 56.02 79.53
CA LEU I 1839 -21.76 54.71 80.15
C LEU I 1839 -20.38 54.05 80.14
N VAL I 1840 -19.69 54.09 79.00
CA VAL I 1840 -18.36 53.50 78.98
C VAL I 1840 -17.36 54.36 79.74
N MET I 1841 -17.69 55.63 79.99
CA MET I 1841 -16.83 56.48 80.79
C MET I 1841 -17.11 56.32 82.28
N GLY I 1842 -18.14 55.55 82.65
CA GLY I 1842 -18.36 55.21 84.04
C GLY I 1842 -18.99 56.29 84.89
N ILE I 1843 -19.58 57.31 84.27
CA ILE I 1843 -20.15 58.41 85.03
C ILE I 1843 -21.40 57.97 85.78
N PHE I 1844 -22.23 57.15 85.15
CA PHE I 1844 -23.53 56.82 85.72
C PHE I 1844 -23.39 55.97 86.98
N GLY I 1845 -24.19 56.30 87.99
CA GLY I 1845 -24.20 55.57 89.24
C GLY I 1845 -25.16 54.39 89.20
N ASP I 1846 -25.30 53.74 90.35
CA ASP I 1846 -26.08 52.51 90.42
C ASP I 1846 -27.55 52.77 90.10
N GLU I 1847 -28.16 53.75 90.78
CA GLU I 1847 -29.56 54.06 90.51
C GLU I 1847 -29.75 54.53 89.08
N ASP I 1848 -28.77 55.26 88.56
CA ASP I 1848 -28.89 55.78 87.20
C ASP I 1848 -28.86 54.67 86.16
N VAL I 1849 -27.94 53.71 86.30
CA VAL I 1849 -27.94 52.63 85.33
C VAL I 1849 -29.16 51.74 85.54
N LYS I 1850 -29.70 51.71 86.76
CA LYS I 1850 -30.98 51.03 86.96
C LYS I 1850 -32.08 51.68 86.12
N GLN I 1851 -32.13 53.01 86.12
CA GLN I 1851 -33.09 53.70 85.26
C GLN I 1851 -32.84 53.40 83.79
N ILE I 1852 -31.56 53.42 83.37
CA ILE I 1852 -31.25 53.18 81.97
C ILE I 1852 -31.68 51.78 81.56
N LEU I 1853 -31.42 50.79 82.42
CA LEU I 1853 -31.81 49.41 82.11
C LEU I 1853 -33.32 49.28 81.99
N LYS I 1854 -34.05 49.78 82.99
CA LYS I 1854 -35.50 49.68 82.97
C LYS I 1854 -36.10 50.44 81.79
N MET I 1855 -35.44 51.51 81.36
CA MET I 1855 -35.97 52.35 80.31
C MET I 1855 -35.49 51.93 78.93
N ILE I 1856 -34.51 51.05 78.84
CA ILE I 1856 -34.33 50.25 77.63
C ILE I 1856 -35.40 49.17 77.55
N GLU I 1857 -35.62 48.44 78.66
CA GLU I 1857 -36.64 47.40 78.65
C GLU I 1857 -37.22 47.20 80.04
N PRO I 1858 -38.46 47.63 80.27
CA PRO I 1858 -39.02 47.64 81.63
C PRO I 1858 -39.30 46.26 82.21
N GLU I 1859 -40.03 45.43 81.46
CA GLU I 1859 -40.56 44.19 82.03
C GLU I 1859 -39.45 43.22 82.39
N VAL I 1860 -38.47 43.04 81.50
CA VAL I 1860 -37.42 42.06 81.74
C VAL I 1860 -36.45 42.55 82.81
N PHE I 1861 -36.20 43.85 82.87
CA PHE I 1861 -35.07 44.37 83.62
C PHE I 1861 -35.47 45.07 84.92
N THR I 1862 -36.73 44.97 85.33
CA THR I 1862 -37.14 45.55 86.60
C THR I 1862 -36.91 44.54 87.73
N GLU I 1863 -36.81 45.07 88.95
CA GLU I 1863 -36.54 44.26 90.12
C GLU I 1863 -37.85 43.72 90.68
N GLU I 1864 -37.78 43.07 91.84
CA GLU I 1864 -38.95 42.52 92.49
C GLU I 1864 -39.72 43.63 93.22
N LEU I 1912 -48.49 49.35 77.77
CA LEU I 1912 -48.03 50.01 78.98
C LEU I 1912 -46.73 50.77 78.75
N GLU I 1913 -45.71 50.46 79.54
CA GLU I 1913 -44.40 51.09 79.38
C GLU I 1913 -43.73 50.52 78.14
N GLU I 1914 -43.56 51.35 77.12
CA GLU I 1914 -42.94 50.93 75.86
C GLU I 1914 -41.43 51.08 75.98
N GLY I 1915 -40.72 49.96 75.90
CA GLY I 1915 -39.28 49.99 75.94
C GLY I 1915 -38.66 50.44 74.64
N LEU I 1916 -37.40 50.88 74.74
CA LEU I 1916 -36.67 51.31 73.55
C LEU I 1916 -36.45 50.14 72.61
N LEU I 1917 -36.17 48.95 73.15
CA LEU I 1917 -36.19 47.74 72.34
C LEU I 1917 -37.59 47.44 71.83
N GLN I 1918 -38.61 47.72 72.65
CA GLN I 1918 -39.97 47.29 72.35
C GLN I 1918 -40.50 47.98 71.08
N MET I 1919 -40.29 49.28 70.95
CA MET I 1919 -40.86 49.98 69.81
C MET I 1919 -39.93 49.89 68.60
N LYS I 1920 -40.53 49.98 67.41
CA LYS I 1920 -39.79 49.77 66.17
C LYS I 1920 -38.80 50.89 65.92
N LEU I 1921 -37.75 50.58 65.16
CA LEU I 1921 -36.60 51.47 65.11
C LEU I 1921 -36.02 51.47 63.70
N PRO I 1922 -35.36 52.55 63.30
CA PRO I 1922 -34.60 52.54 62.06
C PRO I 1922 -33.22 51.91 62.27
N GLU I 1923 -32.41 51.92 61.22
CA GLU I 1923 -31.15 51.18 61.24
C GLU I 1923 -30.13 51.83 62.18
N SER I 1924 -29.93 53.14 62.05
CA SER I 1924 -28.86 53.80 62.80
C SER I 1924 -29.13 53.75 64.30
N VAL I 1925 -30.39 53.90 64.70
CA VAL I 1925 -30.72 53.81 66.11
C VAL I 1925 -30.48 52.40 66.63
N LYS I 1926 -30.75 51.39 65.79
CA LYS I 1926 -30.42 50.02 66.16
C LYS I 1926 -28.92 49.85 66.35
N LEU I 1927 -28.12 50.48 65.49
CA LEU I 1927 -26.66 50.38 65.62
C LEU I 1927 -26.21 50.95 66.95
N GLN I 1928 -26.70 52.13 67.31
CA GLN I 1928 -26.30 52.72 68.59
C GLN I 1928 -26.88 51.94 69.76
N MET I 1929 -28.04 51.32 69.57
CA MET I 1929 -28.60 50.46 70.61
C MET I 1929 -27.71 49.25 70.86
N CYS I 1930 -27.17 48.67 69.79
CA CYS I 1930 -26.24 47.56 69.95
C CYS I 1930 -24.95 48.01 70.63
N ASN I 1931 -24.44 49.19 70.27
CA ASN I 1931 -23.25 49.69 70.95
C ASN I 1931 -23.53 49.98 72.42
N LEU I 1932 -24.77 50.28 72.75
CA LEU I 1932 -25.12 50.45 74.16
C LEU I 1932 -25.21 49.10 74.87
N LEU I 1933 -25.82 48.11 74.23
CA LEU I 1933 -25.98 46.79 74.86
C LEU I 1933 -24.65 46.07 75.00
N GLU I 1934 -23.70 46.36 74.11
CA GLU I 1934 -22.39 45.76 74.23
C GLU I 1934 -21.71 46.16 75.54
N TYR I 1935 -21.96 47.37 76.01
CA TYR I 1935 -21.40 47.78 77.29
C TYR I 1935 -21.96 46.93 78.42
N PHE I 1936 -23.26 46.64 78.40
CA PHE I 1936 -23.84 45.87 79.49
C PHE I 1936 -23.37 44.43 79.46
N CYS I 1937 -23.20 43.85 78.27
CA CYS I 1937 -22.60 42.52 78.19
C CYS I 1937 -21.17 42.54 78.72
N ASP I 1938 -20.42 43.60 78.40
CA ASP I 1938 -19.06 43.72 78.88
C ASP I 1938 -19.01 43.80 80.40
N GLN I 1939 -19.98 44.51 80.99
CA GLN I 1939 -20.05 44.57 82.45
C GLN I 1939 -20.45 43.23 83.05
N GLU I 1940 -21.30 42.47 82.37
CA GLU I 1940 -21.59 41.13 82.84
C GLU I 1940 -20.34 40.26 82.86
N LEU I 1941 -19.55 40.33 81.79
CA LEU I 1941 -18.30 39.56 81.73
C LEU I 1941 -17.32 40.03 82.79
N GLN I 1942 -17.20 41.34 82.99
CA GLN I 1942 -16.31 41.87 84.01
C GLN I 1942 -16.74 41.44 85.39
N HIS I 1943 -18.04 41.42 85.65
CA HIS I 1943 -18.55 40.93 86.92
C HIS I 1943 -18.18 39.46 87.12
N ARG I 1944 -18.29 38.66 86.06
CA ARG I 1944 -17.96 37.24 86.19
C ARG I 1944 -16.48 37.03 86.48
N VAL I 1945 -15.60 37.73 85.78
CA VAL I 1945 -14.16 37.52 86.02
C VAL I 1945 -13.77 38.05 87.40
N GLU I 1946 -14.38 39.16 87.83
CA GLU I 1946 -14.13 39.66 89.17
C GLU I 1946 -14.60 38.67 90.23
N SER I 1947 -15.76 38.05 90.02
CA SER I 1947 -16.23 37.04 90.95
C SER I 1947 -15.31 35.83 90.97
N LEU I 1948 -14.74 35.48 89.80
CA LEU I 1948 -13.78 34.39 89.76
C LEU I 1948 -12.53 34.72 90.56
N ALA I 1949 -12.06 35.97 90.47
CA ALA I 1949 -10.91 36.38 91.28
C ALA I 1949 -11.24 36.35 92.76
N ALA I 1950 -12.47 36.77 93.13
CA ALA I 1950 -12.88 36.73 94.52
C ALA I 1950 -12.90 35.30 95.04
N PHE I 1951 -13.41 34.36 94.24
CA PHE I 1951 -13.34 32.96 94.66
C PHE I 1951 -11.91 32.46 94.69
N ALA I 1952 -11.04 32.98 93.83
CA ALA I 1952 -9.64 32.57 93.86
C ALA I 1952 -9.00 32.95 95.19
N GLU I 1953 -9.25 34.17 95.66
CA GLU I 1953 -8.66 34.58 96.93
C GLU I 1953 -9.32 33.88 98.11
N ARG I 1954 -10.61 33.54 98.00
CA ARG I 1954 -11.23 32.74 99.06
C ARG I 1954 -10.66 31.33 99.09
N TYR I 1955 -10.32 30.78 97.94
CA TYR I 1955 -9.94 29.38 97.85
C TYR I 1955 -8.47 29.15 98.16
N VAL I 1956 -7.60 30.13 97.87
CA VAL I 1956 -6.18 29.93 98.11
C VAL I 1956 -5.92 29.79 99.61
N ASP I 1957 -6.66 30.51 100.44
CA ASP I 1957 -6.48 30.40 101.88
C ASP I 1957 -6.80 28.99 102.37
N LYS I 1958 -7.91 28.42 101.91
CA LYS I 1958 -8.26 27.06 102.28
C LYS I 1958 -7.22 26.08 101.78
N LEU I 1959 -6.74 26.26 100.55
CA LEU I 1959 -5.74 25.35 100.00
C LEU I 1959 -4.44 25.41 100.78
N GLN I 1960 -4.00 26.61 101.15
CA GLN I 1960 -2.79 26.74 101.95
C GLN I 1960 -2.98 26.11 103.32
N ALA I 1961 -4.16 26.26 103.91
CA ALA I 1961 -4.42 25.65 105.22
C ALA I 1961 -4.34 24.12 105.14
N ASN I 1962 -4.96 23.53 104.12
CA ASN I 1962 -4.90 22.08 103.96
C ASN I 1962 -3.47 21.62 103.68
N GLN I 1963 -2.73 22.39 102.89
CA GLN I 1963 -1.34 22.05 102.64
C GLN I 1963 -0.51 22.15 103.93
N ARG I 1964 -0.82 23.12 104.79
CA ARG I 1964 -0.16 23.19 106.09
C ARG I 1964 -0.44 21.95 106.93
N SER I 1965 -1.69 21.49 106.96
CA SER I 1965 -2.01 20.32 107.77
C SER I 1965 -1.30 19.07 107.25
N ARG I 1966 -1.29 18.88 105.93
CA ARG I 1966 -0.58 17.72 105.38
C ARG I 1966 0.92 17.83 105.56
N TYR I 1967 1.46 19.06 105.48
CA TYR I 1967 2.87 19.29 105.72
C TYR I 1967 3.27 18.96 107.16
N ALA I 1968 2.43 19.39 108.11
CA ALA I 1968 2.67 19.08 109.51
C ALA I 1968 2.61 17.57 109.75
N LEU I 1969 1.66 16.89 109.11
CA LEU I 1969 1.58 15.44 109.26
C LEU I 1969 2.80 14.75 108.65
N LEU I 1970 3.30 15.27 107.52
CA LEU I 1970 4.48 14.67 106.89
C LEU I 1970 5.71 14.81 107.77
N MET I 1971 5.92 16.00 108.34
CA MET I 1971 7.04 16.17 109.26
C MET I 1971 6.83 15.44 110.58
N ARG I 1972 5.57 15.15 110.94
CA ARG I 1972 5.29 14.39 112.14
C ARG I 1972 5.60 12.92 111.96
N ALA I 1973 5.25 12.35 110.80
CA ALA I 1973 5.46 10.93 110.55
C ALA I 1973 5.87 10.76 109.09
N PHE I 1974 7.15 10.44 108.87
CA PHE I 1974 7.66 10.18 107.53
C PHE I 1974 8.38 8.84 107.43
N THR I 1975 8.12 7.94 108.38
CA THR I 1975 8.77 6.63 108.36
C THR I 1975 8.34 5.80 107.15
N MET I 1976 7.06 5.86 106.80
CA MET I 1976 6.54 5.13 105.64
C MET I 1976 7.15 5.73 104.38
N SER I 1977 8.04 4.99 103.72
CA SER I 1977 8.80 5.52 102.60
C SER I 1977 7.90 5.84 101.41
N ALA I 1978 6.91 4.98 101.14
CA ALA I 1978 6.04 5.20 99.99
C ALA I 1978 5.24 6.49 100.13
N ALA I 1979 4.59 6.67 101.29
CA ALA I 1979 3.83 7.89 101.52
C ALA I 1979 4.73 9.12 101.60
N GLU I 1980 5.92 8.95 102.18
CA GLU I 1980 6.87 10.06 102.27
C GLU I 1980 7.32 10.51 100.88
N THR I 1981 7.60 9.56 99.98
CA THR I 1981 7.98 9.91 98.62
C THR I 1981 6.81 10.51 97.86
N ALA I 1982 5.59 10.00 98.10
CA ALA I 1982 4.42 10.57 97.45
C ALA I 1982 4.22 12.02 97.86
N ARG I 1983 4.36 12.32 99.15
CA ARG I 1983 4.28 13.70 99.62
C ARG I 1983 5.44 14.53 99.07
N ARG I 1984 6.65 13.96 99.05
CA ARG I 1984 7.83 14.66 98.55
C ARG I 1984 7.78 14.93 97.06
N THR I 1985 6.87 14.28 96.34
CA THR I 1985 6.62 14.62 94.94
C THR I 1985 5.42 15.54 94.77
N ARG I 1986 4.38 15.39 95.58
CA ARG I 1986 3.15 16.16 95.40
C ARG I 1986 3.23 17.54 96.08
N GLU I 1987 3.41 17.56 97.39
CA GLU I 1987 3.45 18.82 98.14
C GLU I 1987 4.85 19.18 98.60
N PHE I 1988 5.87 18.65 97.92
CA PHE I 1988 7.26 19.02 98.10
C PHE I 1988 7.98 18.87 96.77
N ARG I 1989 9.09 19.59 96.65
CA ARG I 1989 10.07 19.38 95.57
C ARG I 1989 9.47 19.50 94.18
N SER I 1990 8.39 20.27 94.06
CA SER I 1990 7.73 20.49 92.80
C SER I 1990 7.48 21.98 92.62
N PRO I 1991 7.43 22.47 91.38
CA PRO I 1991 7.05 23.86 91.14
C PRO I 1991 5.65 24.11 91.67
N PRO I 1992 5.40 25.31 92.21
CA PRO I 1992 4.05 25.61 92.74
C PRO I 1992 2.96 25.45 91.71
N GLN I 1993 3.24 25.73 90.45
CA GLN I 1993 2.26 25.51 89.39
C GLN I 1993 1.88 24.05 89.29
N GLU I 1994 2.88 23.16 89.31
CA GLU I 1994 2.60 21.73 89.26
C GLU I 1994 1.86 21.28 90.52
N GLN I 1995 2.23 21.83 91.67
CA GLN I 1995 1.59 21.45 92.92
C GLN I 1995 0.11 21.81 92.90
N ILE I 1996 -0.20 23.05 92.52
CA ILE I 1996 -1.59 23.48 92.48
C ILE I 1996 -2.35 22.75 91.39
N ASN I 1997 -1.69 22.42 90.27
CA ASN I 1997 -2.34 21.68 89.20
C ASN I 1997 -2.74 20.28 89.68
N MET I 1998 -1.81 19.60 90.35
CA MET I 1998 -2.10 18.26 90.85
C MET I 1998 -3.18 18.29 91.91
N LEU I 1999 -3.15 19.28 92.80
CA LEU I 1999 -4.18 19.36 93.83
C LEU I 1999 -5.53 19.68 93.22
N LEU I 2000 -5.56 20.57 92.23
CA LEU I 2000 -6.82 21.02 91.64
C LEU I 2000 -7.37 20.05 90.60
N HIS I 2001 -6.60 19.04 90.21
CA HIS I 2001 -7.07 18.04 89.25
C HIS I 2001 -7.94 17.01 89.99
N PHE I 2002 -9.21 17.39 90.22
CA PHE I 2002 -10.14 16.46 90.83
C PHE I 2002 -11.55 16.56 90.25
N LYS I 2003 -11.76 17.30 89.16
CA LYS I 2003 -13.13 17.51 88.68
C LYS I 2003 -13.78 16.20 88.26
N ASP I 2004 -13.03 15.34 87.58
CA ASP I 2004 -13.52 14.01 87.26
C ASP I 2004 -13.61 13.17 88.53
N GLU I 2005 -14.62 12.29 88.58
CA GLU I 2005 -14.82 11.47 89.77
C GLU I 2005 -13.66 10.51 90.00
N ALA I 2006 -13.14 9.91 88.94
CA ALA I 2006 -12.02 8.99 89.09
C ALA I 2006 -10.78 9.71 89.60
N ASP I 2007 -10.55 10.93 89.15
CA ASP I 2007 -9.46 11.74 89.69
C ASP I 2007 -9.72 12.09 91.15
N GLU I 2008 -10.96 12.46 91.48
CA GLU I 2008 -11.33 12.84 92.84
C GLU I 2008 -11.29 11.67 93.81
N GLU I 2009 -11.20 10.44 93.29
CA GLU I 2009 -11.09 9.27 94.17
C GLU I 2009 -9.85 9.35 95.06
N ASP I 2010 -8.74 9.85 94.52
CA ASP I 2010 -7.48 9.97 95.26
C ASP I 2010 -6.91 11.37 95.03
N CYS I 2011 -7.27 12.31 95.90
CA CYS I 2011 -6.72 13.65 95.88
C CYS I 2011 -6.51 14.14 97.31
N PRO I 2012 -5.50 14.98 97.53
CA PRO I 2012 -5.22 15.45 98.90
C PRO I 2012 -6.25 16.44 99.44
N LEU I 2013 -7.14 16.96 98.61
CA LEU I 2013 -8.10 17.95 99.08
C LEU I 2013 -9.16 17.29 99.98
N PRO I 2014 -9.69 18.03 100.94
CA PRO I 2014 -10.78 17.52 101.76
C PRO I 2014 -12.13 17.65 101.05
N GLU I 2015 -13.12 16.96 101.61
CA GLU I 2015 -14.44 16.92 100.98
C GLU I 2015 -15.13 18.28 101.02
N ASP I 2016 -14.93 19.04 102.10
CA ASP I 2016 -15.56 20.35 102.21
C ASP I 2016 -15.03 21.31 101.13
N ILE I 2017 -13.71 21.39 101.00
CA ILE I 2017 -13.11 22.27 99.98
C ILE I 2017 -13.48 21.78 98.59
N ARG I 2018 -13.45 20.46 98.38
CA ARG I 2018 -13.88 19.87 97.11
C ARG I 2018 -15.29 20.31 96.74
N GLN I 2019 -16.24 20.14 97.66
CA GLN I 2019 -17.63 20.48 97.37
C GLN I 2019 -17.80 21.98 97.17
N ASP I 2020 -17.02 22.80 97.87
CA ASP I 2020 -17.09 24.25 97.64
C ASP I 2020 -16.71 24.58 96.21
N LEU I 2021 -15.64 23.97 95.69
CA LEU I 2021 -15.25 24.27 94.32
C LEU I 2021 -16.26 23.74 93.32
N GLN I 2022 -16.82 22.54 93.57
CA GLN I 2022 -17.84 22.02 92.66
C GLN I 2022 -19.07 22.93 92.64
N ASP I 2023 -19.47 23.44 93.81
CA ASP I 2023 -20.57 24.38 93.86
C ASP I 2023 -20.27 25.65 93.07
N PHE I 2024 -19.04 26.15 93.19
CA PHE I 2024 -18.69 27.35 92.44
C PHE I 2024 -18.71 27.10 90.94
N HIS I 2025 -18.23 25.94 90.50
CA HIS I 2025 -18.30 25.63 89.08
C HIS I 2025 -19.74 25.55 88.61
N GLN I 2026 -20.61 24.96 89.42
CA GLN I 2026 -22.02 24.87 89.04
C GLN I 2026 -22.66 26.24 88.93
N ASP I 2027 -22.37 27.15 89.87
CA ASP I 2027 -22.97 28.47 89.74
C ASP I 2027 -22.32 29.29 88.64
N LEU I 2028 -21.06 28.99 88.28
CA LEU I 2028 -20.47 29.64 87.12
C LEU I 2028 -21.19 29.23 85.84
N LEU I 2029 -21.50 27.94 85.71
CA LEU I 2029 -22.30 27.49 84.57
C LEU I 2029 -23.69 28.11 84.59
N ALA I 2030 -24.29 28.23 85.77
CA ALA I 2030 -25.61 28.85 85.87
C ALA I 2030 -25.56 30.32 85.43
N HIS I 2031 -24.52 31.03 85.84
CA HIS I 2031 -24.40 32.43 85.45
C HIS I 2031 -24.11 32.58 83.96
N CYS I 2032 -23.38 31.63 83.38
CA CYS I 2032 -23.19 31.65 81.93
C CYS I 2032 -24.38 31.09 81.18
N GLY I 2033 -25.41 30.61 81.89
CA GLY I 2033 -26.59 30.10 81.22
C GLY I 2033 -26.43 28.75 80.59
N ILE I 2034 -25.45 27.97 81.03
CA ILE I 2034 -25.22 26.65 80.46
C ILE I 2034 -26.41 25.73 80.72
N GLN I 2035 -26.92 25.74 81.96
CA GLN I 2035 -28.04 24.90 82.38
C GLN I 2035 -27.78 23.42 82.13
N LYS I 2079 -42.32 33.89 73.77
CA LYS I 2079 -42.42 33.73 75.22
C LYS I 2079 -42.11 35.04 75.94
N LYS I 2080 -41.44 34.95 77.08
CA LYS I 2080 -41.11 36.11 77.89
C LYS I 2080 -39.63 36.04 78.25
N PRO I 2081 -38.83 37.04 77.88
CA PRO I 2081 -37.42 37.04 78.29
C PRO I 2081 -37.29 37.18 79.79
N GLN I 2082 -36.23 36.59 80.33
CA GLN I 2082 -35.97 36.64 81.77
C GLN I 2082 -34.61 37.21 82.10
N SER I 2083 -33.58 36.90 81.33
CA SER I 2083 -32.22 37.31 81.60
C SER I 2083 -31.69 38.12 80.42
N LEU I 2084 -30.53 38.75 80.62
CA LEU I 2084 -29.91 39.54 79.56
C LEU I 2084 -29.58 38.67 78.35
N GLN I 2085 -29.12 37.44 78.58
CA GLN I 2085 -28.74 36.57 77.47
C GLN I 2085 -29.93 36.28 76.57
N GLU I 2086 -31.04 35.83 77.17
CA GLU I 2086 -32.23 35.56 76.37
C GLU I 2086 -32.76 36.83 75.72
N LEU I 2087 -32.67 37.95 76.43
CA LEU I 2087 -33.15 39.22 75.90
C LEU I 2087 -32.41 39.60 74.62
N VAL I 2088 -31.08 39.63 74.67
CA VAL I 2088 -30.31 40.03 73.50
C VAL I 2088 -30.43 39.01 72.38
N SER I 2089 -30.45 37.72 72.72
CA SER I 2089 -30.56 36.70 71.67
C SER I 2089 -31.87 36.82 70.92
N HIS I 2090 -32.99 36.89 71.65
CA HIS I 2090 -34.29 36.99 71.00
C HIS I 2090 -34.43 38.32 70.27
N MET I 2091 -33.87 39.40 70.84
CA MET I 2091 -33.93 40.69 70.18
C MET I 2091 -33.19 40.70 68.86
N VAL I 2092 -31.98 40.13 68.83
CA VAL I 2092 -31.18 40.16 67.62
C VAL I 2092 -31.82 39.29 66.54
N VAL I 2093 -32.33 38.11 66.92
CA VAL I 2093 -33.01 37.27 65.95
C VAL I 2093 -34.25 37.97 65.40
N ARG I 2094 -34.99 38.65 66.27
CA ARG I 2094 -36.19 39.36 65.81
C ARG I 2094 -35.82 40.49 64.85
N TRP I 2095 -34.73 41.20 65.14
CA TRP I 2095 -34.28 42.26 64.25
C TRP I 2095 -33.92 41.71 62.88
N ALA I 2096 -33.26 40.56 62.85
CA ALA I 2096 -32.89 39.98 61.57
C ALA I 2096 -34.11 39.45 60.82
N GLN I 2097 -35.10 38.93 61.53
CA GLN I 2097 -36.29 38.42 60.87
C GLN I 2097 -37.18 39.54 60.35
N GLU I 2098 -37.16 40.70 61.01
CA GLU I 2098 -38.07 41.78 60.63
C GLU I 2098 -37.81 42.29 59.22
N ASP I 2099 -36.54 42.48 58.88
CA ASP I 2099 -36.22 43.06 57.58
C ASP I 2099 -34.79 42.72 57.21
N TYR I 2100 -34.48 42.91 55.93
CA TYR I 2100 -33.16 42.66 55.38
C TYR I 2100 -32.28 43.86 55.68
N VAL I 2101 -31.46 43.76 56.73
CA VAL I 2101 -30.58 44.86 57.12
C VAL I 2101 -29.56 45.11 56.03
N GLN I 2102 -29.19 46.37 55.82
CA GLN I 2102 -28.27 46.74 54.75
C GLN I 2102 -27.12 47.62 55.23
N SER I 2103 -26.97 47.82 56.53
CA SER I 2103 -25.82 48.55 57.03
C SER I 2103 -24.81 47.57 57.60
N PRO I 2104 -23.67 47.37 56.93
CA PRO I 2104 -22.77 46.27 57.32
C PRO I 2104 -22.30 46.34 58.76
N GLU I 2105 -22.05 47.55 59.26
CA GLU I 2105 -21.61 47.69 60.64
C GLU I 2105 -22.69 47.21 61.60
N LEU I 2106 -23.95 47.52 61.29
CA LEU I 2106 -25.04 46.98 62.10
C LEU I 2106 -25.07 45.47 62.04
N VAL I 2107 -24.87 44.90 60.85
CA VAL I 2107 -24.94 43.44 60.71
C VAL I 2107 -23.92 42.77 61.61
N ARG I 2108 -22.66 43.20 61.52
CA ARG I 2108 -21.64 42.57 62.36
C ARG I 2108 -21.86 42.90 63.82
N ALA I 2109 -22.47 44.04 64.12
CA ALA I 2109 -22.78 44.36 65.51
C ALA I 2109 -23.74 43.34 66.10
N MET I 2110 -24.87 43.11 65.43
CA MET I 2110 -25.87 42.21 66.02
C MET I 2110 -25.34 40.80 66.09
N PHE I 2111 -24.57 40.36 65.09
CA PHE I 2111 -24.07 38.99 65.16
C PHE I 2111 -22.94 38.84 66.15
N SER I 2112 -22.14 39.89 66.38
CA SER I 2112 -21.14 39.81 67.43
C SER I 2112 -21.79 39.69 68.80
N LEU I 2113 -22.81 40.51 69.07
CA LEU I 2113 -23.53 40.37 70.33
C LEU I 2113 -24.20 39.02 70.44
N LEU I 2114 -24.77 38.52 69.35
CA LEU I 2114 -25.44 37.22 69.39
C LEU I 2114 -24.45 36.11 69.73
N HIS I 2115 -23.28 36.13 69.11
CA HIS I 2115 -22.28 35.11 69.40
C HIS I 2115 -21.82 35.18 70.85
N ARG I 2116 -21.62 36.40 71.37
CA ARG I 2116 -21.21 36.54 72.76
C ARG I 2116 -22.27 36.02 73.72
N GLN I 2117 -23.54 36.30 73.44
CA GLN I 2117 -24.60 35.83 74.33
C GLN I 2117 -24.71 34.31 74.29
N TYR I 2118 -24.62 33.71 73.11
CA TYR I 2118 -24.80 32.26 73.03
C TYR I 2118 -23.61 31.52 73.62
N ASP I 2119 -22.39 31.97 73.32
CA ASP I 2119 -21.19 31.31 73.81
C ASP I 2119 -20.65 32.20 74.94
N GLY I 2120 -21.11 31.92 76.15
CA GLY I 2120 -20.67 32.72 77.29
C GLY I 2120 -19.37 32.21 77.87
N LEU I 2121 -19.24 30.89 77.96
CA LEU I 2121 -18.05 30.29 78.55
C LEU I 2121 -16.81 30.60 77.74
N GLY I 2122 -16.92 30.56 76.41
CA GLY I 2122 -15.77 30.87 75.58
C GLY I 2122 -15.29 32.29 75.73
N GLU I 2123 -16.21 33.23 75.97
CA GLU I 2123 -15.80 34.61 76.24
C GLU I 2123 -14.99 34.70 77.52
N LEU I 2124 -15.41 33.98 78.55
CA LEU I 2124 -14.63 33.94 79.79
C LEU I 2124 -13.28 33.29 79.56
N LEU I 2125 -13.23 32.26 78.73
CA LEU I 2125 -11.97 31.61 78.39
C LEU I 2125 -11.02 32.57 77.69
N ARG I 2126 -11.55 33.39 76.79
CA ARG I 2126 -10.71 34.38 76.13
C ARG I 2126 -10.36 35.56 77.01
N ALA I 2127 -11.16 35.83 78.03
CA ALA I 2127 -10.89 36.98 78.89
C ALA I 2127 -9.86 36.67 79.97
N LEU I 2128 -9.81 35.43 80.44
CA LEU I 2128 -8.89 35.09 81.52
C LEU I 2128 -7.41 35.32 81.22
N PRO I 2129 -6.91 35.20 79.98
CA PRO I 2129 -5.51 35.59 79.76
C PRO I 2129 -5.20 37.02 80.15
N ARG I 2130 -6.13 37.95 79.95
CA ARG I 2130 -5.90 39.33 80.32
C ARG I 2130 -6.13 39.59 81.80
N ALA I 2131 -6.78 38.67 82.51
CA ALA I 2131 -7.07 38.88 83.92
C ALA I 2131 -5.80 38.68 84.75
N TYR I 2132 -5.54 39.61 85.66
CA TYR I 2132 -4.40 39.52 86.55
C TYR I 2132 -4.81 39.99 87.94
N THR I 2133 -4.13 39.47 88.95
CA THR I 2133 -4.43 39.78 90.34
C THR I 2133 -3.18 40.30 91.01
N ILE I 2134 -3.30 41.43 91.72
CA ILE I 2134 -2.15 42.10 92.34
C ILE I 2134 -2.45 42.40 93.80
N SER I 2135 -1.38 42.49 94.59
CA SER I 2135 -1.53 42.81 95.99
C SER I 2135 -1.96 44.27 96.17
N PRO I 2136 -2.73 44.57 97.22
CA PRO I 2136 -3.16 45.96 97.43
C PRO I 2136 -2.03 46.93 97.66
N SER I 2137 -0.89 46.47 98.19
CA SER I 2137 0.19 47.37 98.53
C SER I 2137 0.87 47.99 97.32
N SER I 2138 0.68 47.41 96.14
CA SER I 2138 1.29 47.93 94.92
C SER I 2138 0.30 48.69 94.04
N VAL I 2139 -0.90 48.96 94.54
CA VAL I 2139 -1.99 49.48 93.71
C VAL I 2139 -1.60 50.81 93.09
N GLU I 2140 -1.05 51.72 93.88
CA GLU I 2140 -0.68 53.04 93.37
C GLU I 2140 0.35 52.94 92.26
N ASP I 2141 1.35 52.07 92.45
CA ASP I 2141 2.40 51.92 91.45
C ASP I 2141 1.81 51.39 90.14
N THR I 2142 0.88 50.44 90.22
CA THR I 2142 0.24 49.98 88.99
C THR I 2142 -0.70 51.02 88.39
N MET I 2143 -1.24 51.94 89.20
CA MET I 2143 -2.03 53.02 88.62
C MET I 2143 -1.15 53.94 87.80
N SER I 2144 0.05 54.26 88.30
CA SER I 2144 1.01 55.01 87.50
C SER I 2144 1.42 54.23 86.26
N LEU I 2145 1.59 52.91 86.41
CA LEU I 2145 1.86 52.02 85.29
C LEU I 2145 0.81 52.16 84.20
N LEU I 2146 -0.46 52.05 84.58
CA LEU I 2146 -1.55 52.14 83.62
C LEU I 2146 -1.66 53.52 83.01
N GLU I 2147 -1.36 54.57 83.78
CA GLU I 2147 -1.39 55.91 83.23
C GLU I 2147 -0.33 56.10 82.16
N CYS I 2148 0.91 55.65 82.44
CA CYS I 2148 1.97 55.76 81.44
C CYS I 2148 1.61 55.00 80.18
N LEU I 2149 1.17 53.75 80.34
CA LEU I 2149 0.67 52.98 79.21
C LEU I 2149 -0.49 53.69 78.53
N GLY I 2150 -1.25 54.47 79.29
CA GLY I 2150 -2.33 55.24 78.72
C GLY I 2150 -1.86 56.18 77.63
N GLN I 2151 -0.88 57.04 77.94
CA GLN I 2151 -0.43 57.92 76.86
C GLN I 2151 0.36 57.18 75.79
N ILE I 2152 1.02 56.06 76.09
CA ILE I 2152 1.65 55.33 74.98
C ILE I 2152 0.60 54.91 73.97
N ARG I 2153 -0.52 54.37 74.44
CA ARG I 2153 -1.60 54.03 73.52
C ARG I 2153 -2.24 55.28 72.91
N SER I 2154 -2.26 56.39 73.65
CA SER I 2154 -2.91 57.60 73.14
C SER I 2154 -2.17 58.17 71.94
N LEU I 2155 -0.86 58.36 72.05
CA LEU I 2155 -0.09 58.82 70.90
C LEU I 2155 0.40 57.66 70.02
N LEU I 2156 -0.09 56.44 70.25
CA LEU I 2156 0.09 55.40 69.25
C LEU I 2156 -0.57 55.77 67.94
N ILE I 2157 -1.81 56.25 67.99
CA ILE I 2157 -2.57 56.57 66.78
C ILE I 2157 -2.22 57.91 66.17
N VAL I 2158 -1.48 58.73 66.89
CA VAL I 2158 -1.10 60.05 66.42
C VAL I 2158 0.22 59.94 65.68
N GLN I 2159 0.37 60.71 64.60
CA GLN I 2159 1.65 60.80 63.91
C GLN I 2159 2.72 61.38 64.84
N MET I 2160 3.94 60.91 64.67
CA MET I 2160 5.02 61.31 65.55
C MET I 2160 5.46 62.74 65.27
N GLY I 2161 5.60 63.53 66.34
CA GLY I 2161 6.14 64.87 66.24
C GLY I 2161 7.15 65.11 67.34
N PRO I 2162 7.68 66.32 67.43
CA PRO I 2162 8.70 66.61 68.44
C PRO I 2162 8.21 66.48 69.88
N GLN I 2163 7.16 67.22 70.23
CA GLN I 2163 6.64 67.15 71.60
C GLN I 2163 6.00 65.80 71.87
N GLU I 2164 5.43 65.16 70.85
CA GLU I 2164 4.90 63.80 71.00
C GLU I 2164 6.02 62.83 71.35
N GLU I 2165 7.14 62.94 70.64
CA GLU I 2165 8.29 62.09 70.91
C GLU I 2165 8.79 62.31 72.33
N ASN I 2166 8.89 63.58 72.74
CA ASN I 2166 9.37 63.89 74.08
C ASN I 2166 8.43 63.33 75.15
N LEU I 2167 7.12 63.43 74.91
CA LEU I 2167 6.15 62.90 75.86
C LEU I 2167 6.33 61.40 76.02
N MET I 2168 6.51 60.68 74.92
CA MET I 2168 6.67 59.24 75.07
C MET I 2168 8.04 58.83 75.57
N ILE I 2169 9.09 59.64 75.35
CA ILE I 2169 10.34 59.40 76.05
C ILE I 2169 10.14 59.49 77.55
N GLN I 2170 9.38 60.50 77.99
CA GLN I 2170 9.11 60.63 79.42
C GLN I 2170 8.31 59.44 79.93
N SER I 2171 7.36 58.95 79.13
CA SER I 2171 6.56 57.81 79.57
C SER I 2171 7.40 56.55 79.67
N ILE I 2172 8.34 56.36 78.75
CA ILE I 2172 9.26 55.23 78.85
C ILE I 2172 10.18 55.39 80.07
N GLY I 2173 10.59 56.62 80.38
CA GLY I 2173 11.37 56.83 81.59
C GLY I 2173 10.60 56.46 82.85
N ASN I 2174 9.34 56.87 82.92
CA ASN I 2174 8.54 56.50 84.08
C ASN I 2174 8.24 55.00 84.08
N ILE I 2175 8.11 54.40 82.91
CA ILE I 2175 7.85 52.96 82.86
C ILE I 2175 9.08 52.21 83.34
N MET I 2176 10.27 52.78 83.18
CA MET I 2176 11.44 52.28 83.89
C MET I 2176 11.24 52.38 85.38
N ASN I 2177 10.88 53.57 85.85
CA ASN I 2177 10.90 53.89 87.27
C ASN I 2177 9.97 52.95 88.04
N ASN I 2178 8.82 52.60 87.45
CA ASN I 2178 7.84 51.77 88.14
C ASN I 2178 8.44 50.44 88.57
N LYS I 2179 8.21 50.07 89.83
CA LYS I 2179 8.76 48.85 90.39
C LYS I 2179 7.99 47.61 89.95
N VAL I 2180 6.69 47.77 89.66
CA VAL I 2180 5.88 46.65 89.21
C VAL I 2180 6.35 46.15 87.85
N PHE I 2181 7.06 46.99 87.10
CA PHE I 2181 7.73 46.53 85.88
C PHE I 2181 8.62 45.33 86.16
N TYR I 2182 9.39 45.38 87.25
CA TYR I 2182 10.24 44.24 87.56
C TYR I 2182 9.49 43.17 88.35
N GLN I 2183 8.67 43.56 89.32
CA GLN I 2183 8.11 42.54 90.21
C GLN I 2183 6.85 41.89 89.65
N HIS I 2184 6.41 42.25 88.43
CA HIS I 2184 5.29 41.58 87.78
C HIS I 2184 5.54 41.55 86.29
N PRO I 2185 6.20 40.52 85.78
CA PRO I 2185 6.37 40.40 84.32
C PRO I 2185 5.19 39.71 83.63
N ASN I 2186 4.48 38.87 84.36
CA ASN I 2186 3.30 38.24 83.78
C ASN I 2186 2.22 39.26 83.46
N LEU I 2187 2.01 40.23 84.36
CA LEU I 2187 1.07 41.30 84.06
C LEU I 2187 1.62 42.22 82.97
N MET I 2188 2.95 42.30 82.86
CA MET I 2188 3.56 43.01 81.73
C MET I 2188 3.11 42.39 80.41
N ARG I 2189 3.16 41.06 80.33
CA ARG I 2189 2.71 40.38 79.11
C ARG I 2189 1.21 40.51 78.92
N ALA I 2190 0.44 40.42 80.02
CA ALA I 2190 -1.01 40.51 79.91
C ALA I 2190 -1.45 41.86 79.38
N LEU I 2191 -0.85 42.95 79.89
CA LEU I 2191 -1.10 44.26 79.31
C LEU I 2191 -0.53 44.34 77.90
N GLY I 2192 0.55 43.62 77.65
CA GLY I 2192 1.12 43.56 76.30
C GLY I 2192 1.63 44.87 75.78
N MET I 2193 2.30 45.68 76.62
CA MET I 2193 2.86 46.91 76.11
C MET I 2193 4.08 46.68 75.22
N HIS I 2194 4.65 45.47 75.23
CA HIS I 2194 5.69 45.18 74.25
C HIS I 2194 5.11 45.21 72.85
N GLU I 2195 3.88 44.72 72.68
CA GLU I 2195 3.20 44.83 71.39
C GLU I 2195 2.99 46.29 71.00
N THR I 2196 2.57 47.11 71.97
CA THR I 2196 2.32 48.52 71.71
C THR I 2196 3.58 49.24 71.27
N VAL I 2197 4.67 49.06 72.02
CA VAL I 2197 5.89 49.77 71.68
C VAL I 2197 6.46 49.22 70.38
N MET I 2198 6.28 47.93 70.12
CA MET I 2198 6.72 47.40 68.84
C MET I 2198 6.00 48.08 67.70
N GLU I 2199 4.69 48.30 67.86
CA GLU I 2199 3.96 48.94 66.78
C GLU I 2199 4.38 50.41 66.66
N VAL I 2200 4.82 51.02 67.76
CA VAL I 2200 5.41 52.36 67.68
C VAL I 2200 6.67 52.34 66.82
N MET I 2201 7.52 51.32 67.04
CA MET I 2201 8.63 51.05 66.12
C MET I 2201 8.19 50.95 64.68
N VAL I 2202 7.10 50.23 64.41
CA VAL I 2202 6.61 50.16 63.03
C VAL I 2202 6.38 51.55 62.45
N ASN I 2203 5.76 52.45 63.23
CA ASN I 2203 5.67 53.84 62.78
C ASN I 2203 7.05 54.44 62.48
N VAL I 2204 7.92 54.52 63.48
CA VAL I 2204 9.13 55.34 63.30
C VAL I 2204 10.05 54.71 62.27
N LEU I 2205 10.29 53.40 62.37
CA LEU I 2205 11.15 52.73 61.40
C LEU I 2205 10.52 52.77 60.01
N GLY I 2206 9.22 52.57 59.91
CA GLY I 2206 8.54 52.65 58.63
C GLY I 2206 7.92 54.01 58.40
N ILE I 2213 15.96 56.62 60.26
CA ILE I 2213 15.34 57.30 59.14
C ILE I 2213 14.62 58.56 59.62
N ARG I 2214 14.22 58.54 60.90
CA ARG I 2214 13.54 59.65 61.55
C ARG I 2214 13.45 59.35 63.04
N PHE I 2215 13.50 60.41 63.84
CA PHE I 2215 13.47 60.33 65.30
C PHE I 2215 14.55 59.38 65.83
N PRO I 2216 15.82 59.74 65.70
CA PRO I 2216 16.87 58.88 66.27
C PRO I 2216 16.76 58.74 67.77
N LYS I 2217 16.16 59.71 68.46
CA LYS I 2217 15.91 59.54 69.88
C LYS I 2217 14.91 58.42 70.14
N MET I 2218 13.89 58.31 69.29
CA MET I 2218 12.95 57.20 69.39
C MET I 2218 13.65 55.86 69.15
N VAL I 2219 14.49 55.80 68.11
CA VAL I 2219 15.19 54.56 67.85
C VAL I 2219 16.20 54.27 68.95
N THR I 2220 16.69 55.30 69.64
CA THR I 2220 17.55 55.09 70.79
C THR I 2220 16.76 54.59 71.99
N SER I 2221 15.51 55.02 72.13
CA SER I 2221 14.69 54.58 73.26
C SER I 2221 14.04 53.23 73.00
N CYS I 2222 14.17 52.67 71.80
CA CYS I 2222 13.54 51.38 71.53
C CYS I 2222 14.11 50.26 72.41
N CYS I 2223 15.41 49.98 72.27
CA CYS I 2223 16.05 48.96 73.10
C CYS I 2223 15.97 49.31 74.57
N ARG I 2224 15.97 50.60 74.91
CA ARG I 2224 16.03 50.97 76.31
C ARG I 2224 14.91 50.34 77.11
N PHE I 2225 13.73 50.18 76.49
CA PHE I 2225 12.64 49.47 77.15
C PHE I 2225 12.51 48.04 76.67
N LEU I 2226 12.61 47.81 75.36
CA LEU I 2226 12.37 46.48 74.81
C LEU I 2226 13.40 45.48 75.35
N CYS I 2227 14.67 45.87 75.36
CA CYS I 2227 15.74 44.95 75.75
C CYS I 2227 15.71 44.69 77.24
N TYR I 2228 15.44 45.73 78.04
CA TYR I 2228 15.28 45.52 79.47
C TYR I 2228 14.09 44.61 79.74
N PHE I 2229 13.04 44.73 78.93
CA PHE I 2229 11.92 43.81 79.03
C PHE I 2229 12.36 42.38 78.73
N CYS I 2230 13.26 42.20 77.77
CA CYS I 2230 13.83 40.87 77.53
C CYS I 2230 14.59 40.37 78.75
N ARG I 2231 15.38 41.24 79.38
CA ARG I 2231 16.15 40.83 80.54
C ARG I 2231 15.28 40.52 81.75
N ILE I 2232 14.04 41.01 81.77
CA ILE I 2232 13.21 40.86 82.96
C ILE I 2232 12.95 39.39 83.28
N SER I 2233 12.57 38.60 82.28
CA SER I 2233 12.25 37.21 82.51
C SER I 2233 12.44 36.44 81.22
N ARG I 2234 12.51 35.11 81.36
CA ARG I 2234 12.73 34.26 80.19
C ARG I 2234 11.52 34.26 79.27
N GLN I 2235 10.31 34.24 79.84
CA GLN I 2235 9.11 34.23 79.01
C GLN I 2235 9.00 35.49 78.18
N ASN I 2236 9.38 36.63 78.75
CA ASN I 2236 9.40 37.87 77.98
C ASN I 2236 10.35 37.76 76.80
N GLN I 2237 11.47 37.06 76.98
CA GLN I 2237 12.42 36.86 75.90
C GLN I 2237 11.81 35.98 74.81
N ARG I 2238 11.03 34.98 75.20
CA ARG I 2238 10.27 34.18 74.24
C ARG I 2238 9.32 35.06 73.44
N SER I 2239 8.58 35.93 74.13
CA SER I 2239 7.62 36.80 73.47
C SER I 2239 8.31 37.70 72.46
N MET I 2240 9.46 38.27 72.83
CA MET I 2240 10.19 39.11 71.90
C MET I 2240 10.85 38.29 70.80
N PHE I 2241 11.13 37.01 71.04
CA PHE I 2241 11.67 36.17 69.98
C PHE I 2241 10.64 35.92 68.90
N ASP I 2242 9.35 35.93 69.27
CA ASP I 2242 8.31 35.74 68.26
C ASP I 2242 8.35 36.78 67.16
N HIS I 2243 8.96 37.94 67.40
CA HIS I 2243 9.04 39.01 66.41
C HIS I 2243 10.42 39.14 65.80
N LEU I 2244 11.27 38.11 65.92
CA LEU I 2244 12.66 38.24 65.51
C LEU I 2244 12.79 38.46 64.01
N SER I 2245 11.82 38.00 63.23
CA SER I 2245 11.91 38.15 61.78
C SER I 2245 11.86 39.62 61.38
N TYR I 2246 11.04 40.42 62.06
CA TYR I 2246 10.85 41.81 61.67
C TYR I 2246 12.07 42.66 62.02
N LEU I 2247 12.65 42.43 63.20
CA LEU I 2247 13.80 43.21 63.64
C LEU I 2247 14.97 43.01 62.68
N LEU I 2248 15.24 41.77 62.30
CA LEU I 2248 16.26 41.52 61.29
C LEU I 2248 15.79 41.92 59.90
N GLU I 2249 14.48 42.03 59.68
CA GLU I 2249 13.98 42.47 58.39
C GLU I 2249 14.41 43.90 58.10
N ASN I 2250 14.30 44.79 59.09
CA ASN I 2250 14.75 46.17 58.91
C ASN I 2250 16.06 46.46 59.63
N SER I 2251 16.78 45.42 60.04
CA SER I 2251 18.03 45.62 60.73
C SER I 2251 19.03 46.33 59.83
N GLY I 2252 19.44 47.52 60.23
CA GLY I 2252 20.38 48.30 59.45
C GLY I 2252 21.26 49.11 60.37
N ILE I 2253 22.47 49.40 59.88
CA ILE I 2253 23.40 50.20 60.68
C ILE I 2253 22.94 51.64 60.75
N GLY I 2254 22.31 52.15 59.68
CA GLY I 2254 21.69 53.46 59.74
C GLY I 2254 20.52 53.53 60.70
N LEU I 2255 19.95 52.40 61.07
CA LEU I 2255 18.91 52.34 62.08
C LEU I 2255 19.56 52.14 63.45
N GLY I 2256 19.32 53.08 64.36
CA GLY I 2256 19.94 53.00 65.67
C GLY I 2256 21.44 53.14 65.62
N MET I 2257 21.92 54.19 64.95
CA MET I 2257 23.36 54.37 64.77
C MET I 2257 24.09 54.56 66.09
N GLN I 2258 23.44 55.17 67.08
CA GLN I 2258 24.06 55.49 68.35
C GLN I 2258 23.38 54.69 69.46
N GLY I 2259 24.20 54.02 70.28
CA GLY I 2259 23.70 53.32 71.43
C GLY I 2259 22.78 52.15 71.12
N SER I 2260 21.50 52.32 71.42
CA SER I 2260 20.53 51.25 71.26
C SER I 2260 20.20 51.01 69.79
N THR I 2261 19.77 49.80 69.47
CA THR I 2261 19.59 49.40 68.08
C THR I 2261 18.55 48.29 67.98
N PRO I 2262 17.81 48.22 66.87
CA PRO I 2262 17.07 46.98 66.57
C PRO I 2262 17.97 45.77 66.52
N LEU I 2263 19.22 45.94 66.08
CA LEU I 2263 20.19 44.87 66.19
C LEU I 2263 20.32 44.42 67.63
N ASP I 2264 20.32 45.38 68.55
CA ASP I 2264 20.52 45.08 69.96
C ASP I 2264 19.33 44.34 70.54
N VAL I 2265 18.11 44.71 70.14
CA VAL I 2265 16.98 43.95 70.68
C VAL I 2265 16.95 42.55 70.08
N ALA I 2266 17.34 42.42 68.81
CA ALA I 2266 17.43 41.08 68.22
C ALA I 2266 18.39 40.20 68.99
N ALA I 2267 19.56 40.72 69.34
CA ALA I 2267 20.53 39.92 70.09
C ALA I 2267 20.06 39.67 71.52
N ALA I 2268 19.44 40.68 72.14
CA ALA I 2268 18.94 40.53 73.50
C ALA I 2268 17.84 39.48 73.59
N SER I 2269 17.15 39.20 72.48
CA SER I 2269 16.16 38.15 72.47
C SER I 2269 16.77 36.75 72.46
N VAL I 2270 18.05 36.62 72.11
CA VAL I 2270 18.71 35.32 72.02
C VAL I 2270 19.77 35.13 73.09
N ILE I 2271 20.08 36.16 73.87
CA ILE I 2271 21.12 36.03 74.90
C ILE I 2271 20.75 34.98 75.92
N ASP I 2272 21.65 34.01 76.10
CA ASP I 2272 21.61 33.07 77.23
C ASP I 2272 20.30 32.28 77.25
N ASN I 2273 19.98 31.67 76.11
CA ASN I 2273 18.79 30.82 76.04
C ASN I 2273 19.05 29.76 74.97
N ASN I 2274 19.36 28.55 75.42
CA ASN I 2274 19.62 27.46 74.48
C ASN I 2274 18.39 27.13 73.66
N GLU I 2275 17.21 27.18 74.28
CA GLU I 2275 15.98 26.81 73.60
C GLU I 2275 15.68 27.76 72.45
N LEU I 2276 15.81 29.08 72.68
CA LEU I 2276 15.62 30.03 71.60
C LEU I 2276 16.76 29.96 70.59
N ALA I 2277 17.96 29.64 71.04
CA ALA I 2277 19.06 29.45 70.09
C ALA I 2277 18.77 28.31 69.14
N LEU I 2278 18.23 27.20 69.66
CA LEU I 2278 17.88 26.07 68.83
C LEU I 2278 16.69 26.39 67.93
N ALA I 2279 15.68 27.06 68.49
CA ALA I 2279 14.49 27.40 67.71
C ALA I 2279 14.78 28.44 66.65
N LEU I 2280 15.91 29.13 66.74
CA LEU I 2280 16.30 30.13 65.75
C LEU I 2280 16.40 29.50 64.36
N GLN I 2281 15.47 29.87 63.48
CA GLN I 2281 15.45 29.31 62.15
C GLN I 2281 16.52 29.96 61.27
N GLU I 2282 16.91 29.24 60.21
CA GLU I 2282 18.14 29.54 59.52
C GLU I 2282 18.00 30.68 58.50
N GLN I 2283 16.77 31.05 58.12
CA GLN I 2283 16.64 32.15 57.17
C GLN I 2283 16.93 33.50 57.80
N ASP I 2284 16.75 33.62 59.12
CA ASP I 2284 17.24 34.81 59.81
C ASP I 2284 18.76 34.90 59.68
N LEU I 2285 19.44 33.77 59.79
CA LEU I 2285 20.88 33.77 59.57
C LEU I 2285 21.21 34.13 58.14
N GLU I 2286 20.35 33.76 57.18
CA GLU I 2286 20.53 34.22 55.81
C GLU I 2286 20.45 35.75 55.74
N LYS I 2287 19.49 36.34 56.44
CA LYS I 2287 19.36 37.79 56.44
C LYS I 2287 20.64 38.45 56.96
N VAL I 2288 21.14 37.98 58.10
CA VAL I 2288 22.27 38.67 58.71
C VAL I 2288 23.56 38.43 57.91
N VAL I 2289 23.73 37.26 57.29
CA VAL I 2289 24.93 37.07 56.48
C VAL I 2289 24.88 37.94 55.24
N SER I 2290 23.68 38.11 54.65
CA SER I 2290 23.56 39.02 53.52
C SER I 2290 23.92 40.45 53.92
N TYR I 2291 23.45 40.89 55.08
CA TYR I 2291 23.78 42.24 55.53
C TYR I 2291 25.27 42.38 55.85
N LEU I 2292 25.88 41.34 56.41
CA LEU I 2292 27.31 41.37 56.67
C LEU I 2292 28.09 41.48 55.36
N ALA I 2293 27.66 40.75 54.33
CA ALA I 2293 28.28 40.86 53.03
C ALA I 2293 28.09 42.27 52.45
N GLY I 2294 26.92 42.86 52.68
CA GLY I 2294 26.70 44.23 52.25
C GLY I 2294 27.69 45.20 52.89
N CYS I 2295 27.97 45.02 54.18
CA CYS I 2295 28.99 45.84 54.82
C CYS I 2295 30.37 45.59 54.23
N GLY I 2296 30.70 44.32 53.99
CA GLY I 2296 31.99 44.01 53.41
C GLY I 2296 32.17 44.48 51.98
N LEU I 2297 31.06 44.76 51.29
CA LEU I 2297 31.14 45.20 49.90
C LEU I 2297 31.61 46.64 49.78
N GLN I 2298 31.13 47.53 50.64
CA GLN I 2298 31.32 48.97 50.48
C GLN I 2298 31.51 49.60 51.86
N SER I 2299 32.29 50.69 51.88
CA SER I 2299 32.53 51.42 53.12
C SER I 2299 31.24 52.08 53.61
N CYS I 2300 31.24 52.45 54.88
CA CYS I 2300 30.02 52.95 55.53
C CYS I 2300 29.59 54.29 54.94
N PRO I 2301 28.37 54.41 54.43
CA PRO I 2301 27.90 55.71 53.93
C PRO I 2301 27.91 56.80 54.98
N MET I 2302 27.60 56.47 56.23
CA MET I 2302 27.68 57.45 57.31
C MET I 2302 29.12 57.90 57.53
N LEU I 2303 30.06 56.96 57.41
CA LEU I 2303 31.48 57.31 57.60
C LEU I 2303 31.97 58.24 56.51
N LEU I 2304 31.66 57.94 55.25
CA LEU I 2304 32.09 58.85 54.19
C LEU I 2304 31.31 60.15 54.19
N ALA I 2305 30.10 60.16 54.76
CA ALA I 2305 29.41 61.42 55.01
C ALA I 2305 30.15 62.24 56.06
N LYS I 2306 30.67 61.58 57.09
CA LYS I 2306 31.56 62.24 58.05
C LYS I 2306 32.84 62.72 57.39
N GLY I 2307 33.22 62.13 56.27
CA GLY I 2307 34.41 62.54 55.55
C GLY I 2307 35.63 61.69 55.81
N TYR I 2308 35.46 60.53 56.44
CA TYR I 2308 36.59 59.64 56.67
C TYR I 2308 37.04 59.04 55.33
N PRO I 2309 38.32 58.68 55.22
CA PRO I 2309 38.83 58.14 53.95
C PRO I 2309 38.05 56.90 53.52
N ASP I 2310 37.85 56.79 52.21
CA ASP I 2310 37.04 55.70 51.67
C ASP I 2310 37.78 54.37 51.81
N ILE I 2311 37.19 53.45 52.56
CA ILE I 2311 37.82 52.15 52.78
C ILE I 2311 37.38 51.12 51.74
N GLY I 2312 36.16 51.24 51.24
CA GLY I 2312 35.59 50.23 50.38
C GLY I 2312 34.94 49.08 51.13
N TRP I 2313 34.89 49.13 52.46
CA TRP I 2313 34.31 48.07 53.28
C TRP I 2313 34.11 48.56 54.71
N ASN I 2314 32.92 48.30 55.27
CA ASN I 2314 32.50 48.90 56.53
C ASN I 2314 32.97 48.03 57.69
N PRO I 2315 33.81 48.54 58.58
CA PRO I 2315 34.18 47.76 59.78
C PRO I 2315 33.11 47.77 60.87
N CYS I 2316 32.50 48.93 61.12
CA CYS I 2316 31.64 49.07 62.29
C CYS I 2316 30.38 48.21 62.15
N GLY I 2317 29.68 48.33 61.03
CA GLY I 2317 28.47 47.55 60.85
C GLY I 2317 28.75 46.06 60.79
N GLY I 2318 29.87 45.68 60.17
CA GLY I 2318 30.28 44.30 60.19
C GLY I 2318 30.47 43.77 61.60
N GLU I 2319 31.08 44.59 62.46
CA GLU I 2319 31.33 44.12 63.82
C GLU I 2319 30.03 44.03 64.63
N ARG I 2320 29.06 44.92 64.36
CA ARG I 2320 27.74 44.77 64.97
C ARG I 2320 27.11 43.44 64.58
N TYR I 2321 27.12 43.13 63.28
CA TYR I 2321 26.52 41.89 62.81
C TYR I 2321 27.24 40.68 63.38
N LEU I 2322 28.57 40.76 63.49
CA LEU I 2322 29.32 39.65 64.08
C LEU I 2322 29.00 39.47 65.55
N ASP I 2323 28.76 40.57 66.28
CA ASP I 2323 28.34 40.42 67.68
C ASP I 2323 27.01 39.69 67.77
N PHE I 2324 26.07 40.03 66.89
CA PHE I 2324 24.79 39.30 66.88
C PHE I 2324 25.00 37.83 66.57
N LEU I 2325 25.86 37.52 65.58
CA LEU I 2325 26.10 36.14 65.22
C LEU I 2325 26.75 35.37 66.35
N ARG I 2326 27.67 35.99 67.08
CA ARG I 2326 28.29 35.34 68.24
C ARG I 2326 27.23 35.02 69.29
N PHE I 2327 26.32 35.96 69.54
CA PHE I 2327 25.28 35.71 70.52
C PHE I 2327 24.34 34.60 70.07
N ALA I 2328 24.14 34.46 68.76
CA ALA I 2328 23.31 33.36 68.27
C ALA I 2328 24.01 32.02 68.42
N VAL I 2329 25.28 31.94 68.02
CA VAL I 2329 25.98 30.66 67.98
C VAL I 2329 26.30 30.16 69.38
N PHE I 2330 26.85 31.04 70.21
CA PHE I 2330 27.45 30.64 71.47
C PHE I 2330 26.51 30.95 72.62
N VAL I 2331 26.45 30.06 73.61
CA VAL I 2331 25.57 30.24 74.75
C VAL I 2331 26.06 29.37 75.90
N ASN I 2332 26.10 29.96 77.10
CA ASN I 2332 26.43 29.26 78.35
C ASN I 2332 27.78 28.56 78.28
N GLY I 2333 28.77 29.22 77.67
CA GLY I 2333 30.07 28.60 77.52
C GLY I 2333 30.09 27.41 76.59
N GLU I 2334 29.12 27.30 75.71
CA GLU I 2334 28.97 26.15 74.84
C GLU I 2334 28.72 26.63 73.42
N SER I 2335 29.04 25.79 72.45
CA SER I 2335 28.77 26.07 71.05
C SER I 2335 27.59 25.23 70.61
N VAL I 2336 26.54 25.89 70.11
CA VAL I 2336 25.41 25.16 69.53
C VAL I 2336 25.82 24.65 68.16
N GLU I 2337 25.72 23.34 67.97
CA GLU I 2337 26.28 22.71 66.78
C GLU I 2337 25.55 23.14 65.52
N GLU I 2338 24.22 23.11 65.55
CA GLU I 2338 23.44 23.41 64.34
C GLU I 2338 23.58 24.88 63.95
N ASN I 2339 23.46 25.79 64.93
CA ASN I 2339 23.65 27.21 64.63
C ASN I 2339 25.06 27.46 64.12
N ALA I 2340 26.06 26.84 64.74
CA ALA I 2340 27.43 26.99 64.27
C ALA I 2340 27.57 26.50 62.84
N ASN I 2341 26.94 25.38 62.52
CA ASN I 2341 27.06 24.79 61.19
C ASN I 2341 26.45 25.69 60.13
N VAL I 2342 25.23 26.18 60.36
CA VAL I 2342 24.60 27.01 59.35
C VAL I 2342 25.33 28.35 59.23
N VAL I 2343 25.84 28.87 60.35
CA VAL I 2343 26.54 30.14 60.31
C VAL I 2343 27.82 30.03 59.50
N VAL I 2344 28.61 28.98 59.76
CA VAL I 2344 29.86 28.84 59.01
C VAL I 2344 29.57 28.53 57.55
N ARG I 2345 28.52 27.75 57.28
CA ARG I 2345 28.18 27.44 55.90
C ARG I 2345 27.80 28.70 55.13
N LEU I 2346 26.99 29.57 55.73
CA LEU I 2346 26.60 30.80 55.04
C LEU I 2346 27.76 31.77 54.90
N LEU I 2347 28.54 31.96 55.98
CA LEU I 2347 29.69 32.85 55.92
C LEU I 2347 30.68 32.38 54.88
N ILE I 2348 30.94 31.08 54.83
CA ILE I 2348 31.89 30.55 53.87
C ILE I 2348 31.28 30.55 52.47
N ARG I 2349 29.96 30.51 52.37
CA ARG I 2349 29.29 30.59 51.07
C ARG I 2349 29.48 31.97 50.45
N LYS I 2350 29.48 33.01 51.27
CA LYS I 2350 29.72 34.36 50.77
C LYS I 2350 31.13 34.81 51.13
N PRO I 2351 32.11 34.58 50.26
CA PRO I 2351 33.51 34.84 50.63
C PRO I 2351 33.82 36.30 50.88
N GLU I 2352 33.00 37.22 50.38
CA GLU I 2352 33.22 38.64 50.56
C GLU I 2352 32.88 39.11 51.96
N CYS I 2353 32.38 38.23 52.83
CA CYS I 2353 32.06 38.62 54.18
C CYS I 2353 33.30 38.89 55.02
N PHE I 2354 34.38 38.14 54.77
CA PHE I 2354 35.56 38.26 55.63
C PHE I 2354 36.33 39.55 55.38
N GLY I 2355 36.18 40.17 54.21
CA GLY I 2355 36.85 41.42 53.92
C GLY I 2355 38.02 41.23 52.98
N PRO I 2356 38.85 42.28 52.82
CA PRO I 2356 40.03 42.15 51.94
C PRO I 2356 40.98 41.05 52.36
N ALA I 2357 41.17 40.85 53.66
CA ALA I 2357 41.93 39.72 54.12
C ALA I 2357 41.10 38.44 54.01
N LEU I 2358 41.78 37.30 54.04
CA LEU I 2358 41.16 35.98 53.97
C LEU I 2358 40.37 35.80 52.68
N ARG I 2359 40.80 36.43 51.59
CA ARG I 2359 40.22 36.18 50.29
C ARG I 2359 41.34 36.14 49.25
N GLY I 2360 41.24 35.20 48.31
CA GLY I 2360 42.29 35.03 47.33
C GLY I 2360 42.43 36.21 46.39
N GLU I 2361 41.30 36.83 46.02
CA GLU I 2361 41.35 38.02 45.20
C GLU I 2361 42.05 39.16 45.92
N GLY I 2362 41.78 39.32 47.22
CA GLY I 2362 42.49 40.32 47.99
C GLY I 2362 43.97 40.04 48.11
N GLY I 2363 44.33 38.77 48.21
CA GLY I 2363 45.73 38.40 48.30
C GLY I 2363 46.40 38.81 49.60
N SER I 2364 45.62 39.00 50.66
CA SER I 2364 46.16 39.41 51.95
C SER I 2364 45.58 38.52 53.04
N GLY I 2365 46.34 38.37 54.12
CA GLY I 2365 45.93 37.57 55.25
C GLY I 2365 45.60 38.41 56.47
N LEU I 2366 45.36 37.69 57.58
CA LEU I 2366 45.08 38.36 58.84
C LEU I 2366 46.27 39.19 59.32
N LEU I 2367 47.49 38.69 59.09
CA LEU I 2367 48.67 39.46 59.44
C LEU I 2367 48.73 40.77 58.68
N ALA I 2368 48.56 40.70 57.35
CA ALA I 2368 48.56 41.92 56.54
C ALA I 2368 47.46 42.87 56.97
N ALA I 2369 46.31 42.32 57.35
CA ALA I 2369 45.21 43.14 57.86
C ALA I 2369 45.63 43.89 59.12
N ILE I 2370 46.30 43.22 60.05
CA ILE I 2370 46.64 43.92 61.29
C ILE I 2370 47.76 44.94 61.04
N GLU I 2371 48.67 44.67 60.11
CA GLU I 2371 49.71 45.67 59.82
C GLU I 2371 49.09 46.93 59.22
N GLU I 2372 48.24 46.77 58.20
CA GLU I 2372 47.64 47.97 57.61
C GLU I 2372 46.73 48.68 58.60
N ALA I 2373 46.04 47.93 59.48
CA ALA I 2373 45.20 48.57 60.49
C ALA I 2373 46.03 49.38 61.49
N ILE I 2374 47.18 48.85 61.89
CA ILE I 2374 48.04 49.59 62.82
C ILE I 2374 48.62 50.82 62.14
N ARG I 2375 48.94 50.74 60.85
CA ARG I 2375 49.40 51.94 60.14
C ARG I 2375 48.30 52.99 60.07
N ILE I 2376 47.05 52.56 59.84
CA ILE I 2376 45.93 53.50 59.82
C ILE I 2376 45.78 54.18 61.18
N SER I 2377 45.87 53.41 62.25
CA SER I 2377 45.81 53.99 63.59
C SER I 2377 47.01 54.89 63.86
N GLU I 2378 48.14 54.59 63.23
CA GLU I 2378 49.36 55.37 63.45
C GLU I 2378 49.24 56.77 62.87
N ASP I 2379 48.81 56.87 61.60
CA ASP I 2379 48.76 58.19 60.96
C ASP I 2379 47.40 58.83 61.16
N PRO I 2380 47.34 60.04 61.73
CA PRO I 2380 46.04 60.72 61.84
C PRO I 2380 45.51 61.26 60.52
N ALA I 2381 46.31 61.22 59.45
CA ALA I 2381 45.81 61.64 58.14
C ALA I 2381 44.69 60.72 57.66
N ARG I 2382 44.87 59.41 57.82
CA ARG I 2382 43.85 58.44 57.43
C ARG I 2382 43.03 57.92 58.60
N ASP I 2383 43.53 58.04 59.83
CA ASP I 2383 42.72 57.68 60.99
C ASP I 2383 41.54 58.64 61.15
N GLY I 2384 41.77 59.93 60.96
CA GLY I 2384 40.73 60.92 61.07
C GLY I 2384 40.05 61.20 59.75
N PRO I 2385 39.02 62.06 59.77
CA PRO I 2385 38.26 62.39 58.56
C PRO I 2385 39.02 63.34 57.64
N ASN I 2404 35.15 62.43 64.89
CA ASN I 2404 36.39 62.57 65.64
C ASN I 2404 36.59 61.38 66.59
N ARG I 2405 35.49 60.91 67.17
CA ARG I 2405 35.55 59.77 68.09
C ARG I 2405 35.68 58.43 67.37
N VAL I 2406 35.44 58.39 66.06
CA VAL I 2406 35.51 57.16 65.29
C VAL I 2406 36.89 57.07 64.66
N HIS I 2407 37.55 55.93 64.83
CA HIS I 2407 38.91 55.73 64.35
C HIS I 2407 38.96 54.49 63.49
N LEU I 2408 39.40 54.67 62.23
CA LEU I 2408 39.24 53.62 61.22
C LEU I 2408 40.08 52.39 61.53
N GLY I 2409 41.32 52.58 61.99
CA GLY I 2409 42.15 51.43 62.30
C GLY I 2409 41.58 50.59 63.43
N HIS I 2410 41.11 51.25 64.49
CA HIS I 2410 40.49 50.54 65.60
C HIS I 2410 39.24 49.80 65.16
N ALA I 2411 38.42 50.45 64.32
CA ALA I 2411 37.22 49.78 63.81
C ALA I 2411 37.60 48.56 62.97
N ILE I 2412 38.65 48.67 62.16
CA ILE I 2412 39.04 47.57 61.28
C ILE I 2412 39.51 46.37 62.11
N MET I 2413 40.43 46.59 63.04
CA MET I 2413 40.92 45.43 63.78
C MET I 2413 39.91 44.94 64.81
N SER I 2414 38.97 45.78 65.24
CA SER I 2414 37.87 45.27 66.05
C SER I 2414 36.94 44.40 65.22
N PHE I 2415 36.74 44.75 63.95
CA PHE I 2415 35.95 43.91 63.06
C PHE I 2415 36.62 42.55 62.88
N TYR I 2416 37.92 42.55 62.61
CA TYR I 2416 38.61 41.27 62.42
C TYR I 2416 38.68 40.47 63.71
N ALA I 2417 38.79 41.16 64.86
CA ALA I 2417 38.75 40.48 66.15
C ALA I 2417 37.40 39.82 66.37
N ALA I 2418 36.31 40.50 65.99
CA ALA I 2418 34.99 39.93 66.11
C ALA I 2418 34.82 38.74 65.18
N LEU I 2419 35.38 38.81 63.97
CA LEU I 2419 35.32 37.69 63.04
C LEU I 2419 36.01 36.47 63.61
N ILE I 2420 37.22 36.67 64.15
CA ILE I 2420 37.97 35.54 64.70
C ILE I 2420 37.27 34.99 65.94
N ASP I 2421 36.72 35.88 66.77
CA ASP I 2421 36.01 35.42 67.96
C ASP I 2421 34.76 34.62 67.57
N LEU I 2422 34.08 35.04 66.51
CA LEU I 2422 32.93 34.28 66.02
C LEU I 2422 33.35 32.90 65.54
N LEU I 2423 34.46 32.81 64.80
CA LEU I 2423 34.92 31.50 64.35
C LEU I 2423 35.31 30.61 65.51
N GLY I 2424 35.96 31.18 66.52
CA GLY I 2424 36.30 30.42 67.71
C GLY I 2424 35.06 29.94 68.46
N ARG I 2425 34.03 30.77 68.50
CA ARG I 2425 32.78 30.36 69.13
C ARG I 2425 31.99 29.39 68.26
N CYS I 2426 32.31 29.30 66.97
CA CYS I 2426 31.75 28.28 66.09
C CYS I 2426 32.61 27.03 66.04
N ALA I 2427 33.74 27.01 66.72
CA ALA I 2427 34.59 25.82 66.76
C ALA I 2427 33.87 24.68 67.46
N PRO I 2428 34.00 23.45 66.96
CA PRO I 2428 33.32 22.32 67.60
C PRO I 2428 33.91 21.99 68.97
N GLU I 2429 33.13 21.24 69.73
CA GLU I 2429 33.52 20.88 71.09
C GLU I 2429 34.60 19.80 71.09
N MET I 2430 35.34 19.77 72.20
CA MET I 2430 36.43 18.82 72.36
C MET I 2430 35.91 17.39 72.33
N HIS I 2431 34.82 17.12 73.07
CA HIS I 2431 34.29 15.77 73.15
C HIS I 2431 33.69 15.32 71.82
N LEU I 2432 33.08 16.25 71.08
CA LEU I 2432 32.59 15.92 69.75
C LEU I 2432 33.74 15.55 68.83
N ILE I 2433 34.84 16.30 68.88
CA ILE I 2433 35.94 16.01 67.97
C ILE I 2433 36.62 14.71 68.36
N GLN I 2434 36.58 14.33 69.66
CA GLN I 2434 37.09 13.02 70.05
C GLN I 2434 36.17 11.91 69.56
N ALA I 2435 34.86 12.08 69.73
CA ALA I 2435 33.91 11.06 69.29
C ALA I 2435 33.90 10.90 67.78
N GLY I 2436 34.36 11.91 67.04
CA GLY I 2436 34.52 11.76 65.61
C GLY I 2436 33.27 12.05 64.80
N LYS I 2437 32.53 13.09 65.18
CA LYS I 2437 31.41 13.53 64.38
C LYS I 2437 31.92 14.06 63.05
N GLY I 2438 31.35 13.57 61.95
CA GLY I 2438 31.84 13.95 60.64
C GLY I 2438 31.71 15.43 60.36
N GLU I 2439 30.54 15.99 60.66
CA GLU I 2439 30.32 17.41 60.42
C GLU I 2439 31.22 18.26 61.31
N ALA I 2440 31.40 17.86 62.57
CA ALA I 2440 32.27 18.62 63.47
C ALA I 2440 33.71 18.60 62.98
N LEU I 2441 34.19 17.43 62.53
CA LEU I 2441 35.54 17.34 61.98
C LEU I 2441 35.69 18.22 60.75
N ARG I 2442 34.69 18.23 59.88
CA ARG I 2442 34.80 19.02 58.66
C ARG I 2442 34.68 20.52 58.94
N ILE I 2443 33.86 20.91 59.91
CA ILE I 2443 33.78 22.32 60.28
C ILE I 2443 35.12 22.80 60.85
N ARG I 2444 35.73 21.98 61.71
CA ARG I 2444 37.05 22.33 62.22
C ARG I 2444 38.07 22.37 61.10
N ALA I 2445 37.94 21.51 60.10
CA ALA I 2445 38.82 21.55 58.94
C ALA I 2445 38.63 22.84 58.15
N ILE I 2446 37.38 23.28 57.98
CA ILE I 2446 37.12 24.52 57.26
C ILE I 2446 37.72 25.70 58.00
N LEU I 2447 37.57 25.73 59.32
CA LEU I 2447 38.17 26.80 60.13
C LEU I 2447 39.69 26.76 60.01
N ARG I 2448 40.27 25.56 60.04
CA ARG I 2448 41.71 25.41 59.91
C ARG I 2448 42.20 25.98 58.58
N SER I 2449 41.49 25.66 57.49
CA SER I 2449 41.86 26.17 56.17
C SER I 2449 41.68 27.68 56.10
N LEU I 2450 40.64 28.20 56.75
CA LEU I 2450 40.34 29.62 56.66
C LEU I 2450 41.40 30.45 57.37
N VAL I 2451 41.76 30.07 58.59
CA VAL I 2451 42.58 30.94 59.43
C VAL I 2451 43.93 30.26 59.67
N PRO I 2452 45.00 30.70 59.01
CA PRO I 2452 46.30 30.05 59.19
C PRO I 2452 46.94 30.41 60.53
N LEU I 2453 47.63 29.42 61.11
CA LEU I 2453 48.15 29.54 62.47
C LEU I 2453 49.19 30.66 62.59
N ASP I 2454 50.04 30.82 61.57
CA ASP I 2454 51.11 31.81 61.62
C ASP I 2454 50.55 33.21 61.78
N ASP I 2455 49.39 33.49 61.19
CA ASP I 2455 48.75 34.79 61.39
C ASP I 2455 48.42 35.01 62.85
N LEU I 2456 47.88 33.99 63.52
CA LEU I 2456 47.53 34.12 64.92
C LEU I 2456 48.74 34.42 65.78
N VAL I 2457 49.81 33.63 65.63
CA VAL I 2457 50.96 33.86 66.49
C VAL I 2457 51.59 35.21 66.20
N GLY I 2458 51.55 35.66 64.95
CA GLY I 2458 52.03 37.00 64.65
C GLY I 2458 51.21 38.08 65.33
N ILE I 2459 49.89 37.97 65.27
CA ILE I 2459 49.02 38.98 65.87
C ILE I 2459 49.19 39.02 67.38
N ILE I 2460 49.40 37.86 68.00
CA ILE I 2460 49.76 37.89 69.41
C ILE I 2460 51.13 38.54 69.62
N SER I 2461 52.06 38.35 68.68
CA SER I 2461 53.41 38.81 68.91
C SER I 2461 53.53 40.32 68.85
N LEU I 2462 52.66 41.02 68.10
CA LEU I 2462 52.73 42.48 68.18
C LEU I 2462 52.16 42.95 69.52
N PRO I 2463 52.93 43.69 70.32
CA PRO I 2463 52.46 44.06 71.67
C PRO I 2463 51.60 45.32 71.71
N LEU I 2464 51.26 45.75 72.93
CA LEU I 2464 50.47 46.96 73.15
C LEU I 2464 51.37 48.19 73.13
N GLN I 2465 50.76 49.35 73.35
CA GLN I 2465 51.48 50.61 73.55
C GLN I 2465 51.32 50.97 75.03
N ILE I 2466 52.36 50.69 75.80
CA ILE I 2466 52.32 50.86 77.27
C ILE I 2466 52.21 52.35 77.58
N PRO I 2467 51.35 52.76 78.52
CA PRO I 2467 51.29 54.17 78.92
C PRO I 2467 52.62 54.63 79.50
N THR I 2468 52.98 55.87 79.20
CA THR I 2468 54.24 56.45 79.61
C THR I 2468 54.01 57.60 80.58
N LEU I 2469 55.08 57.98 81.29
CA LEU I 2469 54.99 59.11 82.21
C LEU I 2469 54.89 60.42 81.45
N GLY I 2470 55.73 60.61 80.44
CA GLY I 2470 55.76 61.86 79.71
C GLY I 2470 56.28 63.01 80.57
N LYS I 2471 55.41 63.99 80.83
CA LYS I 2471 55.76 65.05 81.76
C LYS I 2471 55.77 64.52 83.19
N ASP I 2472 56.64 65.08 84.01
CA ASP I 2472 56.73 64.67 85.41
C ASP I 2472 55.47 65.07 86.16
N GLY I 2473 55.03 64.18 87.06
CA GLY I 2473 53.81 64.40 87.82
C GLY I 2473 52.53 64.06 87.09
N ALA I 2474 52.62 63.58 85.85
CA ALA I 2474 51.45 63.28 85.04
C ALA I 2474 51.63 61.91 84.40
N LEU I 2475 50.51 61.32 83.97
CA LEU I 2475 50.49 60.01 83.34
C LEU I 2475 49.73 60.11 82.02
N VAL I 2476 50.47 60.16 80.92
CA VAL I 2476 49.86 60.17 79.59
C VAL I 2476 49.59 58.73 79.17
N GLN I 2477 48.37 58.48 78.68
CA GLN I 2477 47.94 57.15 78.34
C GLN I 2477 47.59 57.06 76.86
N PRO I 2478 47.75 55.89 76.25
CA PRO I 2478 47.35 55.73 74.85
C PRO I 2478 45.84 55.75 74.71
N LYS I 2479 45.39 56.09 73.51
CA LYS I 2479 43.96 56.11 73.21
C LYS I 2479 43.56 54.69 72.78
N MET I 2480 43.00 53.93 73.72
CA MET I 2480 42.59 52.57 73.42
C MET I 2480 41.48 52.55 72.39
N SER I 2481 40.59 53.54 72.40
CA SER I 2481 39.50 53.59 71.44
C SER I 2481 40.00 53.79 70.01
N ALA I 2482 41.27 54.16 69.83
CA ALA I 2482 41.83 54.35 68.50
C ALA I 2482 42.90 53.32 68.12
N SER I 2483 43.49 52.65 69.09
CA SER I 2483 44.63 51.78 68.85
C SER I 2483 44.29 50.34 69.21
N PHE I 2484 45.30 49.47 69.13
CA PHE I 2484 45.12 48.06 69.38
C PHE I 2484 45.04 47.83 70.89
N VAL I 2485 44.04 47.07 71.31
CA VAL I 2485 43.76 46.85 72.73
C VAL I 2485 43.87 45.36 73.01
N PRO I 2486 44.08 44.97 74.27
CA PRO I 2486 44.19 43.54 74.58
C PRO I 2486 42.92 42.73 74.36
N ASP I 2487 41.77 43.39 74.16
CA ASP I 2487 40.55 42.65 73.85
C ASP I 2487 40.66 41.95 72.50
N HIS I 2488 41.29 42.61 71.53
CA HIS I 2488 41.59 41.95 70.26
C HIS I 2488 42.47 40.73 70.48
N LYS I 2489 43.44 40.84 71.40
CA LYS I 2489 44.29 39.70 71.72
C LYS I 2489 43.49 38.56 72.32
N ALA I 2490 42.54 38.88 73.22
CA ALA I 2490 41.73 37.84 73.84
C ALA I 2490 40.89 37.10 72.81
N SER I 2491 40.23 37.85 71.92
CA SER I 2491 39.46 37.21 70.86
C SER I 2491 40.36 36.43 69.91
N MET I 2492 41.60 36.89 69.72
CA MET I 2492 42.52 36.19 68.83
C MET I 2492 42.95 34.86 69.43
N VAL I 2493 43.33 34.86 70.70
CA VAL I 2493 43.79 33.64 71.34
C VAL I 2493 42.63 32.71 71.64
N LEU I 2494 41.39 33.20 71.59
CA LEU I 2494 40.24 32.31 71.69
C LEU I 2494 40.24 31.31 70.55
N PHE I 2495 40.60 31.75 69.34
CA PHE I 2495 40.73 30.84 68.22
C PHE I 2495 41.80 29.79 68.49
N LEU I 2496 42.91 30.20 69.11
CA LEU I 2496 43.96 29.26 69.47
C LEU I 2496 43.46 28.20 70.44
N ASP I 2497 42.78 28.62 71.51
CA ASP I 2497 42.33 27.64 72.50
C ASP I 2497 41.09 26.88 72.08
N ARG I 2498 40.45 27.26 70.98
CA ARG I 2498 39.23 26.61 70.53
C ARG I 2498 39.45 25.68 69.35
N VAL I 2499 40.14 26.14 68.30
CA VAL I 2499 40.25 25.36 67.08
C VAL I 2499 41.51 24.51 67.10
N TYR I 2500 42.67 25.17 67.12
CA TYR I 2500 43.94 24.46 67.01
C TYR I 2500 44.28 23.71 68.28
N GLY I 2501 44.11 24.36 69.44
CA GLY I 2501 44.50 23.77 70.70
C GLY I 2501 46.00 23.84 70.90
N ILE I 2502 46.44 23.44 72.09
CA ILE I 2502 47.84 23.39 72.45
C ILE I 2502 48.15 21.96 72.88
N GLU I 2503 48.74 21.18 71.97
CA GLU I 2503 49.10 19.80 72.26
C GLU I 2503 50.59 19.53 72.13
N ASN I 2504 51.37 20.51 71.69
CA ASN I 2504 52.80 20.35 71.50
C ASN I 2504 53.55 21.24 72.49
N GLN I 2505 54.53 20.66 73.18
CA GLN I 2505 55.28 21.42 74.16
C GLN I 2505 56.15 22.48 73.51
N ASP I 2506 56.81 22.14 72.39
CA ASP I 2506 57.61 23.12 71.68
C ASP I 2506 56.75 24.27 71.18
N PHE I 2507 55.58 23.95 70.62
CA PHE I 2507 54.65 24.99 70.19
C PHE I 2507 54.19 25.83 71.38
N LEU I 2508 53.99 25.19 72.53
CA LEU I 2508 53.55 25.92 73.72
C LEU I 2508 54.59 26.95 74.14
N LEU I 2509 55.84 26.52 74.32
CA LEU I 2509 56.89 27.46 74.72
C LEU I 2509 57.15 28.52 73.65
N HIS I 2510 57.00 28.17 72.37
CA HIS I 2510 57.13 29.17 71.33
C HIS I 2510 56.04 30.23 71.44
N VAL I 2511 54.81 29.81 71.72
CA VAL I 2511 53.70 30.74 71.87
C VAL I 2511 53.91 31.65 73.07
N LEU I 2512 54.35 31.09 74.20
CA LEU I 2512 54.64 31.93 75.36
C LEU I 2512 55.80 32.87 75.09
N ASP I 2513 56.78 32.45 74.30
CA ASP I 2513 57.90 33.33 73.97
C ASP I 2513 57.45 34.50 73.11
N VAL I 2514 56.59 34.24 72.14
CA VAL I 2514 56.20 35.25 71.14
C VAL I 2514 54.85 35.81 71.55
N GLY I 2515 54.85 37.00 72.15
CA GLY I 2515 53.64 37.76 72.37
C GLY I 2515 52.85 37.43 73.61
N PHE I 2516 53.35 36.55 74.48
CA PHE I 2516 52.67 36.22 75.73
C PHE I 2516 53.47 36.69 76.93
N LEU I 2517 54.70 36.22 77.06
CA LEU I 2517 55.60 36.75 78.08
C LEU I 2517 55.81 38.25 77.99
N PRO I 2518 55.93 38.87 76.81
CA PRO I 2518 55.93 40.35 76.78
C PRO I 2518 54.69 40.96 77.40
N ASP I 2519 53.53 40.35 77.21
CA ASP I 2519 52.31 40.88 77.82
C ASP I 2519 52.36 40.78 79.34
N MET I 2520 52.85 39.66 79.87
CA MET I 2520 52.93 39.54 81.32
C MET I 2520 54.03 40.43 81.90
N ARG I 2521 55.10 40.68 81.14
CA ARG I 2521 56.08 41.68 81.56
C ARG I 2521 55.45 43.06 81.60
N ALA I 2522 54.60 43.38 80.62
CA ALA I 2522 53.89 44.65 80.65
C ALA I 2522 52.98 44.75 81.86
N ALA I 2523 52.35 43.63 82.24
CA ALA I 2523 51.54 43.62 83.46
C ALA I 2523 52.39 43.89 84.69
N ALA I 2524 53.56 43.26 84.77
CA ALA I 2524 54.45 43.50 85.91
C ALA I 2524 54.94 44.94 85.93
N SER I 2525 55.20 45.51 84.75
CA SER I 2525 55.67 46.90 84.68
C SER I 2525 54.57 47.87 85.08
N LEU I 2526 53.33 47.57 84.73
CA LEU I 2526 52.20 48.44 85.08
C LEU I 2526 51.59 48.10 86.44
N ASP I 2527 52.16 47.12 87.15
CA ASP I 2527 51.69 46.77 88.49
C ASP I 2527 51.89 47.89 89.50
N THR I 2528 52.67 48.91 89.18
CA THR I 2528 52.85 50.05 90.08
C THR I 2528 51.52 50.79 90.26
N ALA I 2529 51.36 51.41 91.44
CA ALA I 2529 50.10 52.08 91.77
C ALA I 2529 49.80 53.26 90.88
N THR I 2530 50.82 53.87 90.27
CA THR I 2530 50.58 54.95 89.32
C THR I 2530 49.84 54.45 88.09
N PHE I 2531 50.21 53.27 87.59
CA PHE I 2531 49.59 52.68 86.41
C PHE I 2531 48.56 51.62 86.75
N SER I 2532 48.21 51.46 88.04
CA SER I 2532 47.27 50.41 88.42
C SER I 2532 45.86 50.71 87.93
N THR I 2533 45.43 51.96 88.01
CA THR I 2533 44.09 52.34 87.58
C THR I 2533 44.04 52.83 86.15
N THR I 2534 45.15 52.76 85.42
CA THR I 2534 45.15 53.13 84.01
C THR I 2534 44.24 52.19 83.22
N GLU I 2535 43.46 52.77 82.31
CA GLU I 2535 42.43 51.99 81.62
C GLU I 2535 43.05 50.95 80.70
N MET I 2536 44.17 51.27 80.07
CA MET I 2536 44.89 50.27 79.28
C MET I 2536 45.37 49.13 80.18
N ALA I 2537 45.84 49.47 81.39
CA ALA I 2537 46.26 48.45 82.34
C ALA I 2537 45.10 47.57 82.76
N LEU I 2538 43.92 48.17 82.97
CA LEU I 2538 42.74 47.38 83.30
C LEU I 2538 42.36 46.45 82.15
N ALA I 2539 42.45 46.94 80.91
CA ALA I 2539 42.14 46.12 79.76
C ALA I 2539 43.09 44.93 79.67
N LEU I 2540 44.39 45.18 79.85
CA LEU I 2540 45.37 44.10 79.85
C LEU I 2540 45.14 43.16 81.03
N ASN I 2541 44.72 43.70 82.18
CA ASN I 2541 44.48 42.90 83.37
C ASN I 2541 43.36 41.89 83.12
N ARG I 2542 42.22 42.37 82.62
CA ARG I 2542 41.12 41.46 82.33
C ARG I 2542 41.46 40.54 81.17
N TYR I 2543 42.30 41.01 80.23
CA TYR I 2543 42.79 40.12 79.18
C TYR I 2543 43.54 38.94 79.78
N LEU I 2544 44.44 39.21 80.72
CA LEU I 2544 45.16 38.13 81.40
C LEU I 2544 44.19 37.17 82.05
N CYS I 2545 43.40 37.67 83.01
CA CYS I 2545 42.55 36.81 83.83
C CYS I 2545 41.49 36.08 83.00
N LEU I 2546 41.16 36.57 81.81
CA LEU I 2546 40.11 35.92 81.04
C LEU I 2546 40.66 34.91 80.03
N ALA I 2547 41.72 35.27 79.30
CA ALA I 2547 42.16 34.43 78.19
C ALA I 2547 43.53 33.82 78.40
N VAL I 2548 44.45 34.52 79.05
CA VAL I 2548 45.84 34.07 79.05
C VAL I 2548 46.06 32.94 80.03
N LEU I 2549 45.89 33.20 81.32
CA LEU I 2549 46.16 32.18 82.32
C LEU I 2549 45.14 31.04 82.38
N PRO I 2550 43.85 31.26 82.10
CA PRO I 2550 42.95 30.08 81.99
C PRO I 2550 43.39 29.09 80.92
N LEU I 2551 44.03 29.55 79.84
CA LEU I 2551 44.67 28.64 78.91
C LEU I 2551 45.85 27.92 79.56
N ILE I 2552 46.60 28.65 80.39
CA ILE I 2552 47.78 28.09 81.02
C ILE I 2552 47.41 26.97 82.00
N THR I 2553 46.27 27.11 82.69
CA THR I 2553 45.87 26.08 83.66
C THR I 2553 45.66 24.74 82.98
N LYS I 2554 44.99 24.73 81.82
CA LYS I 2554 44.83 23.47 81.11
C LYS I 2554 46.06 23.06 80.32
N CYS I 2555 47.00 23.98 80.11
CA CYS I 2555 48.29 23.63 79.53
C CYS I 2555 49.33 23.25 80.59
N ALA I 2556 48.94 23.23 81.87
CA ALA I 2556 49.88 22.89 82.94
C ALA I 2556 50.50 21.51 82.82
N PRO I 2557 49.77 20.42 82.50
CA PRO I 2557 50.46 19.12 82.35
C PRO I 2557 51.52 19.12 81.27
N LEU I 2558 51.35 19.91 80.21
CA LEU I 2558 52.37 19.99 79.17
C LEU I 2558 53.67 20.59 79.69
N PHE I 2559 53.61 21.36 80.76
CA PHE I 2559 54.80 22.03 81.30
C PHE I 2559 55.74 21.10 82.04
N ALA I 2560 55.33 19.87 82.33
CA ALA I 2560 56.20 18.94 83.02
C ALA I 2560 57.36 18.53 82.13
N GLY I 2561 58.54 18.39 82.72
CA GLY I 2561 59.72 18.01 81.97
C GLY I 2561 60.32 19.12 81.12
N THR I 2562 60.10 20.38 81.51
CA THR I 2562 60.65 21.52 80.78
C THR I 2562 62.01 21.86 81.38
N GLU I 2563 63.07 21.35 80.77
CA GLU I 2563 64.43 21.68 81.18
C GLU I 2563 65.07 22.72 80.28
N HIS I 2564 64.90 22.58 78.97
CA HIS I 2564 65.35 23.60 78.04
C HIS I 2564 64.52 24.87 78.23
N ARG I 2565 65.19 26.02 78.10
CA ARG I 2565 64.55 27.34 78.28
C ARG I 2565 63.90 27.43 79.65
N ALA I 2566 64.61 26.90 80.66
CA ALA I 2566 64.07 26.84 82.01
C ALA I 2566 63.91 28.23 82.60
N ILE I 2567 64.85 29.14 82.34
CA ILE I 2567 64.75 30.48 82.88
C ILE I 2567 63.59 31.25 82.28
N MET I 2568 63.15 30.90 81.07
CA MET I 2568 61.94 31.53 80.53
C MET I 2568 60.72 31.16 81.38
N VAL I 2569 60.62 29.89 81.78
CA VAL I 2569 59.57 29.48 82.69
C VAL I 2569 59.73 30.16 84.05
N ASP I 2570 60.99 30.37 84.46
CA ASP I 2570 61.25 31.09 85.70
C ASP I 2570 60.71 32.51 85.65
N SER I 2571 60.99 33.23 84.56
CA SER I 2571 60.49 34.59 84.42
C SER I 2571 58.98 34.62 84.32
N MET I 2572 58.40 33.63 83.63
CA MET I 2572 56.94 33.52 83.57
C MET I 2572 56.35 33.38 84.95
N LEU I 2573 56.92 32.49 85.78
CA LEU I 2573 56.37 32.30 87.12
C LEU I 2573 56.66 33.49 88.02
N HIS I 2574 57.74 34.22 87.75
CA HIS I 2574 58.02 35.45 88.49
C HIS I 2574 56.91 36.47 88.24
N THR I 2575 56.53 36.65 86.98
CA THR I 2575 55.45 37.58 86.68
C THR I 2575 54.11 37.05 87.19
N VAL I 2576 53.89 35.73 87.14
CA VAL I 2576 52.68 35.16 87.71
C VAL I 2576 52.60 35.47 89.20
N TYR I 2577 53.72 35.38 89.91
CA TYR I 2577 53.74 35.75 91.32
C TYR I 2577 53.47 37.24 91.50
N ARG I 2578 53.99 38.07 90.60
CA ARG I 2578 53.80 39.51 90.75
C ARG I 2578 52.33 39.90 90.61
N LEU I 2579 51.63 39.32 89.64
CA LEU I 2579 50.19 39.54 89.59
C LEU I 2579 49.42 38.65 90.56
N SER I 2580 50.08 37.67 91.19
CA SER I 2580 49.45 36.97 92.30
C SER I 2580 49.30 37.89 93.50
N ARG I 2581 50.31 38.70 93.75
CA ARG I 2581 50.15 39.81 94.68
C ARG I 2581 49.09 40.76 94.15
N GLY I 2582 48.06 40.99 94.95
CA GLY I 2582 46.90 41.72 94.49
C GLY I 2582 47.00 43.23 94.58
N ARG I 2583 47.26 43.87 93.44
CA ARG I 2583 47.33 45.32 93.33
C ARG I 2583 46.32 45.76 92.29
N SER I 2584 45.22 46.36 92.76
CA SER I 2584 44.09 46.75 91.91
C SER I 2584 43.55 45.56 91.12
N LEU I 2585 43.26 44.47 91.85
CA LEU I 2585 42.75 43.25 91.26
C LEU I 2585 41.40 42.87 91.87
N THR I 2586 40.47 42.48 91.02
CA THR I 2586 39.22 41.90 91.47
C THR I 2586 39.51 40.56 92.13
N LYS I 2587 38.66 40.17 93.07
CA LYS I 2587 38.85 38.91 93.79
C LYS I 2587 38.83 37.72 92.83
N ALA I 2588 37.88 37.71 91.89
CA ALA I 2588 37.81 36.62 90.93
C ALA I 2588 39.04 36.59 90.02
N GLN I 2589 39.48 37.77 89.56
CA GLN I 2589 40.68 37.86 88.74
C GLN I 2589 41.88 37.31 89.49
N ARG I 2590 42.07 37.75 90.73
CA ARG I 2590 43.20 37.31 91.53
C ARG I 2590 43.15 35.81 91.78
N ASP I 2591 41.95 35.27 92.04
CA ASP I 2591 41.82 33.84 92.27
C ASP I 2591 42.17 33.05 91.03
N VAL I 2592 41.82 33.57 89.84
CA VAL I 2592 42.22 32.93 88.59
C VAL I 2592 43.74 32.90 88.48
N ILE I 2593 44.39 34.03 88.79
CA ILE I 2593 45.84 34.08 88.72
C ILE I 2593 46.47 33.09 89.69
N GLU I 2594 45.92 33.02 90.91
CA GLU I 2594 46.49 32.15 91.94
C GLU I 2594 46.31 30.67 91.57
N ASP I 2595 45.15 30.31 91.03
CA ASP I 2595 44.93 28.93 90.63
C ASP I 2595 45.83 28.55 89.45
N CYS I 2596 46.06 29.49 88.52
CA CYS I 2596 47.04 29.25 87.47
C CYS I 2596 48.42 29.03 88.05
N LEU I 2597 48.79 29.81 89.06
CA LEU I 2597 50.09 29.67 89.69
C LEU I 2597 50.24 28.30 90.34
N MET I 2598 49.20 27.83 91.06
CA MET I 2598 49.27 26.51 91.68
C MET I 2598 49.34 25.40 90.65
N ALA I 2599 48.56 25.52 89.58
CA ALA I 2599 48.58 24.50 88.53
C ALA I 2599 49.95 24.43 87.87
N LEU I 2600 50.61 25.58 87.70
CA LEU I 2600 51.99 25.57 87.22
C LEU I 2600 52.90 24.90 88.23
N CYS I 2601 52.76 25.26 89.51
CA CYS I 2601 53.69 24.78 90.53
C CYS I 2601 53.63 23.26 90.68
N ARG I 2602 52.50 22.64 90.37
CA ARG I 2602 52.41 21.20 90.53
C ARG I 2602 52.93 20.44 89.31
N TYR I 2603 53.51 21.12 88.33
CA TYR I 2603 54.11 20.43 87.19
C TYR I 2603 55.54 20.88 86.91
N ILE I 2604 55.87 22.13 87.27
CA ILE I 2604 57.25 22.58 87.10
C ILE I 2604 58.14 21.90 88.13
N ARG I 2605 59.40 21.67 87.76
CA ARG I 2605 60.31 20.94 88.62
C ARG I 2605 60.75 21.79 89.81
N PRO I 2606 60.78 21.23 91.02
CA PRO I 2606 61.32 21.97 92.16
C PRO I 2606 62.78 22.36 91.99
N SER I 2607 63.55 21.55 91.25
CA SER I 2607 64.91 21.93 90.90
C SER I 2607 64.96 23.16 89.99
N MET I 2608 63.84 23.48 89.33
CA MET I 2608 63.73 24.69 88.53
C MET I 2608 63.21 25.87 89.33
N LEU I 2609 62.36 25.63 90.33
CA LEU I 2609 61.66 26.71 91.01
C LEU I 2609 62.51 27.44 92.07
N GLN I 2610 63.83 27.37 92.02
CA GLN I 2610 64.62 27.90 93.14
C GLN I 2610 64.57 29.42 93.23
N HIS I 2611 64.38 30.12 92.11
CA HIS I 2611 64.24 31.58 92.19
C HIS I 2611 62.90 31.96 92.78
N LEU I 2612 61.83 31.28 92.35
CA LEU I 2612 60.51 31.51 92.93
C LEU I 2612 60.52 31.16 94.41
N LEU I 2613 61.22 30.08 94.78
CA LEU I 2613 61.38 29.75 96.18
C LEU I 2613 62.16 30.81 96.93
N ARG I 2614 63.15 31.43 96.28
CA ARG I 2614 63.89 32.51 96.91
C ARG I 2614 62.98 33.69 97.25
N ARG I 2615 62.20 34.14 96.26
CA ARG I 2615 61.24 35.22 96.53
C ARG I 2615 60.22 34.79 97.57
N LEU I 2616 59.82 33.52 97.54
CA LEU I 2616 58.85 33.00 98.50
C LEU I 2616 59.39 33.10 99.92
N VAL I 2617 60.64 32.63 100.13
CA VAL I 2617 61.30 32.75 101.43
C VAL I 2617 61.43 34.21 101.83
N PHE I 2618 61.57 35.11 100.85
CA PHE I 2618 61.63 36.53 101.16
C PHE I 2618 60.29 36.98 101.77
N ASP I 2619 59.18 36.67 101.10
CA ASP I 2619 57.93 37.31 101.50
C ASP I 2619 57.26 36.65 102.70
N VAL I 2620 57.26 35.32 102.78
CA VAL I 2620 56.34 34.65 103.71
C VAL I 2620 56.61 34.88 105.20
N PRO I 2621 57.85 35.05 105.70
CA PRO I 2621 58.01 35.23 107.16
C PRO I 2621 57.34 36.48 107.71
N ILE I 2622 57.08 37.48 106.87
CA ILE I 2622 56.40 38.68 107.35
C ILE I 2622 54.95 38.40 107.70
N LEU I 2623 54.41 37.26 107.25
CA LEU I 2623 53.02 36.88 107.47
C LEU I 2623 52.07 37.97 106.98
N ASN I 2624 52.32 38.43 105.76
CA ASN I 2624 51.41 39.37 105.11
C ASN I 2624 50.04 38.73 104.98
N GLU I 2625 48.99 39.53 105.18
CA GLU I 2625 47.64 39.03 105.01
C GLU I 2625 47.37 38.63 103.56
N PHE I 2626 48.15 39.14 102.62
CA PHE I 2626 48.04 38.76 101.22
C PHE I 2626 48.93 37.57 100.86
N ALA I 2627 49.72 37.08 101.81
CA ALA I 2627 50.60 35.94 101.60
C ALA I 2627 49.91 34.60 101.84
N LYS I 2628 48.58 34.59 101.87
CA LYS I 2628 47.84 33.34 102.05
C LYS I 2628 48.12 32.38 100.90
N MET I 2629 48.05 32.88 99.67
CA MET I 2629 48.35 32.05 98.49
C MET I 2629 49.77 31.53 98.52
N PRO I 2630 50.81 32.34 98.79
CA PRO I 2630 52.14 31.73 98.98
C PRO I 2630 52.18 30.71 100.09
N LEU I 2631 51.37 30.87 101.14
CA LEU I 2631 51.37 29.90 102.23
C LEU I 2631 50.88 28.54 101.75
N LYS I 2632 49.72 28.50 101.08
CA LYS I 2632 49.28 27.23 100.51
C LYS I 2632 50.17 26.79 99.36
N LEU I 2633 50.91 27.71 98.74
CA LEU I 2633 51.90 27.33 97.73
C LEU I 2633 52.99 26.47 98.35
N LEU I 2634 53.53 26.92 99.49
CA LEU I 2634 54.50 26.10 100.21
C LEU I 2634 53.88 24.78 100.64
N THR I 2635 52.63 24.82 101.12
CA THR I 2635 51.96 23.60 101.53
C THR I 2635 51.90 22.58 100.39
N ASN I 2636 51.38 23.02 99.23
CA ASN I 2636 51.23 22.12 98.10
C ASN I 2636 52.57 21.65 97.57
N HIS I 2637 53.55 22.55 97.49
CA HIS I 2637 54.86 22.18 96.98
C HIS I 2637 55.51 21.10 97.83
N TYR I 2638 55.38 21.20 99.15
CA TYR I 2638 56.09 20.28 100.02
C TYR I 2638 55.27 19.06 100.39
N GLU I 2639 53.99 18.99 100.03
CA GLU I 2639 53.36 17.67 100.08
C GLU I 2639 53.59 16.91 98.79
N ARG I 2640 53.55 17.62 97.65
CA ARG I 2640 53.84 16.97 96.37
C ARG I 2640 55.28 16.49 96.33
N CYS I 2641 56.23 17.36 96.62
CA CYS I 2641 57.66 17.07 96.56
C CYS I 2641 58.23 17.09 97.97
N TRP I 2642 58.38 15.91 98.57
CA TRP I 2642 58.99 15.83 99.90
C TRP I 2642 60.12 14.82 99.91
N LYS I 2643 60.00 13.75 99.14
CA LYS I 2643 61.10 12.79 99.04
C LYS I 2643 62.33 13.42 98.43
N TYR I 2644 62.14 14.24 97.39
CA TYR I 2644 63.27 14.88 96.73
C TYR I 2644 64.03 15.80 97.66
N TYR I 2645 63.35 16.41 98.63
CA TYR I 2645 63.99 17.29 99.60
C TYR I 2645 64.59 16.53 100.78
N CYS I 2646 63.92 15.47 101.23
CA CYS I 2646 64.32 14.83 102.48
C CYS I 2646 65.25 13.65 102.27
N LEU I 2647 64.89 12.72 101.39
CA LEU I 2647 65.61 11.47 101.29
C LEU I 2647 66.97 11.69 100.62
N PRO I 2648 68.07 11.22 101.23
CA PRO I 2648 69.36 11.27 100.52
C PRO I 2648 69.33 10.49 99.22
N THR I 2649 68.63 9.37 99.19
CA THR I 2649 68.34 8.70 97.93
C THR I 2649 67.40 9.58 97.11
N GLY I 2650 67.69 9.70 95.83
CA GLY I 2650 66.89 10.56 94.98
C GLY I 2650 65.46 10.06 94.86
N TRP I 2651 64.55 11.02 94.72
CA TRP I 2651 63.15 10.69 94.45
C TRP I 2651 63.02 9.87 93.17
N ALA I 2652 63.38 10.47 92.05
CA ALA I 2652 63.18 9.90 90.73
C ALA I 2652 64.15 10.60 89.79
N ASN I 2653 63.83 10.59 88.50
CA ASN I 2653 64.61 11.31 87.48
C ASN I 2653 64.94 12.74 87.91
N PHE I 2654 64.12 13.36 88.77
CA PHE I 2654 64.43 14.70 89.26
C PHE I 2654 65.77 14.75 89.97
N GLY I 2655 66.00 13.83 90.92
CA GLY I 2655 67.28 13.71 91.60
C GLY I 2655 67.16 14.03 93.08
N VAL I 2656 68.14 14.78 93.58
CA VAL I 2656 68.23 15.14 95.00
C VAL I 2656 68.22 16.66 95.12
N THR I 2657 67.77 17.14 96.28
CA THR I 2657 67.61 18.56 96.51
C THR I 2657 68.97 19.25 96.58
N SER I 2658 68.95 20.58 96.41
CA SER I 2658 70.14 21.40 96.47
C SER I 2658 70.36 21.93 97.87
N GLU I 2659 71.63 22.19 98.20
CA GLU I 2659 71.98 22.72 99.52
C GLU I 2659 71.40 24.12 99.71
N GLU I 2660 71.42 24.94 98.64
CA GLU I 2660 70.88 26.28 98.75
C GLU I 2660 69.38 26.26 99.01
N GLU I 2661 68.64 25.41 98.28
CA GLU I 2661 67.20 25.28 98.53
C GLU I 2661 66.93 24.74 99.92
N LEU I 2662 67.76 23.80 100.38
CA LEU I 2662 67.59 23.25 101.73
C LEU I 2662 67.77 24.33 102.79
N HIS I 2663 68.78 25.18 102.61
CA HIS I 2663 68.94 26.32 103.52
C HIS I 2663 67.77 27.28 103.41
N LEU I 2664 67.21 27.44 102.21
CA LEU I 2664 66.09 28.36 102.03
C LEU I 2664 64.87 27.90 102.82
N THR I 2665 64.50 26.63 102.68
CA THR I 2665 63.36 26.14 103.45
C THR I 2665 63.67 26.08 104.93
N ARG I 2666 64.93 25.87 105.29
CA ARG I 2666 65.34 25.91 106.68
C ARG I 2666 65.09 27.27 107.31
N LYS I 2667 65.62 28.33 106.68
CA LYS I 2667 65.41 29.67 107.20
C LYS I 2667 63.94 30.05 107.13
N LEU I 2668 63.26 29.63 106.07
CA LEU I 2668 61.81 29.78 105.97
C LEU I 2668 61.12 29.23 107.22
N PHE I 2669 61.48 28.02 107.62
CA PHE I 2669 60.59 27.34 108.56
C PHE I 2669 60.85 27.84 109.98
N TRP I 2670 62.12 28.10 110.31
CA TRP I 2670 62.39 28.76 111.58
C TRP I 2670 61.78 30.16 111.62
N GLY I 2671 61.88 30.90 110.51
CA GLY I 2671 61.31 32.24 110.48
C GLY I 2671 59.80 32.24 110.64
N ILE I 2672 59.13 31.33 109.95
CA ILE I 2672 57.68 31.20 110.09
C ILE I 2672 57.31 30.76 111.50
N PHE I 2673 58.13 29.88 112.09
CA PHE I 2673 57.86 29.42 113.45
C PHE I 2673 57.86 30.58 114.43
N ASP I 2674 58.92 31.40 114.39
CA ASP I 2674 59.02 32.50 115.34
C ASP I 2674 58.02 33.61 115.00
N SER I 2675 57.77 33.84 113.72
CA SER I 2675 56.80 34.87 113.33
C SER I 2675 55.40 34.49 113.75
N LEU I 2676 55.06 33.20 113.68
CA LEU I 2676 53.76 32.75 114.19
C LEU I 2676 53.74 32.77 115.72
N ALA I 2677 54.90 32.56 116.35
CA ALA I 2677 54.96 32.63 117.81
C ALA I 2677 54.78 34.05 118.32
N HIS I 2678 55.15 35.06 117.51
CA HIS I 2678 55.10 36.44 117.96
C HIS I 2678 53.92 37.23 117.40
N LYS I 2679 53.35 36.83 116.28
CA LYS I 2679 52.19 37.53 115.73
C LYS I 2679 50.98 37.25 116.61
N LYS I 2680 50.04 38.20 116.63
CA LYS I 2680 48.79 38.00 117.36
C LYS I 2680 48.05 36.79 116.83
N TYR I 2681 47.37 36.08 117.73
CA TYR I 2681 46.65 34.86 117.36
C TYR I 2681 45.51 35.18 116.41
N ASP I 2682 45.65 34.80 115.16
CA ASP I 2682 44.59 34.86 114.17
C ASP I 2682 44.20 33.43 113.82
N GLN I 2683 42.92 33.10 113.97
CA GLN I 2683 42.48 31.73 113.73
C GLN I 2683 42.69 31.34 112.27
N GLU I 2684 42.35 32.24 111.34
CA GLU I 2684 42.46 31.93 109.92
C GLU I 2684 43.92 31.75 109.50
N LEU I 2685 44.77 32.70 109.89
CA LEU I 2685 46.18 32.65 109.50
C LEU I 2685 46.88 31.44 110.11
N TYR I 2686 46.62 31.16 111.40
CA TYR I 2686 47.23 30.01 112.05
C TYR I 2686 46.74 28.70 111.43
N ARG I 2687 45.44 28.62 111.14
CA ARG I 2687 44.89 27.40 110.56
C ARG I 2687 45.46 27.13 109.18
N MET I 2688 45.66 28.18 108.38
CA MET I 2688 46.29 28.00 107.08
C MET I 2688 47.78 27.73 107.22
N ALA I 2689 48.41 28.26 108.27
CA ALA I 2689 49.86 28.14 108.42
C ALA I 2689 50.28 26.75 108.90
N MET I 2690 49.49 26.10 109.76
CA MET I 2690 50.04 24.87 110.35
C MET I 2690 50.16 23.69 109.37
N PRO I 2691 49.34 23.52 108.32
CA PRO I 2691 49.69 22.48 107.35
C PRO I 2691 50.96 22.81 106.60
N CYS I 2692 51.20 24.10 106.35
CA CYS I 2692 52.46 24.52 105.75
C CYS I 2692 53.64 24.15 106.63
N LEU I 2693 53.52 24.40 107.94
CA LEU I 2693 54.59 24.05 108.85
C LEU I 2693 54.83 22.54 108.87
N CYS I 2694 53.76 21.75 108.94
CA CYS I 2694 53.90 20.30 108.97
C CYS I 2694 54.56 19.78 107.69
N ALA I 2695 54.10 20.26 106.53
CA ALA I 2695 54.65 19.81 105.27
C ALA I 2695 56.10 20.24 105.09
N ILE I 2696 56.40 21.49 105.47
CA ILE I 2696 57.75 22.00 105.34
C ILE I 2696 58.71 21.20 106.20
N ALA I 2697 58.32 20.95 107.47
CA ALA I 2697 59.17 20.18 108.37
C ALA I 2697 59.28 18.72 107.93
N GLY I 2698 58.22 18.16 107.36
CA GLY I 2698 58.29 16.79 106.88
C GLY I 2698 59.27 16.64 105.73
N ALA I 2699 59.28 17.59 104.80
CA ALA I 2699 60.21 17.51 103.69
C ALA I 2699 61.62 17.97 104.05
N LEU I 2700 61.77 18.72 105.14
CA LEU I 2700 63.09 19.17 105.56
C LEU I 2700 63.80 18.06 106.33
N PRO I 2701 64.99 17.62 105.90
CA PRO I 2701 65.67 16.54 106.62
C PRO I 2701 66.09 16.99 108.00
N PRO I 2702 66.11 16.07 108.97
CA PRO I 2702 66.50 16.46 110.33
C PRO I 2702 68.00 16.64 110.51
N ASP I 2703 68.79 15.79 109.87
CA ASP I 2703 70.24 15.79 110.05
C ASP I 2703 70.94 16.86 109.24
N TYR I 2704 70.20 17.71 108.53
CA TYR I 2704 70.79 18.77 107.73
C TYR I 2704 71.55 19.75 108.61
N VAL I 2705 72.77 20.10 108.18
CA VAL I 2705 73.60 21.09 108.83
C VAL I 2705 73.76 22.28 107.89
N ASP I 2706 73.62 23.48 108.43
CA ASP I 2706 73.47 24.67 107.61
C ASP I 2706 74.84 25.18 107.13
N ALA I 2707 74.79 26.00 106.08
CA ALA I 2707 76.01 26.55 105.50
C ALA I 2707 76.72 27.45 106.50
N SER I 2708 75.98 28.30 107.21
CA SER I 2708 76.55 29.19 108.22
C SER I 2708 75.59 29.24 109.40
N TYR I 2709 75.97 28.59 110.50
CA TYR I 2709 75.17 28.63 111.71
C TYR I 2709 75.10 30.05 112.26
N SER I 2710 76.23 30.76 112.25
CA SER I 2710 76.31 32.15 112.72
C SER I 2710 76.88 33.00 111.60
N SER I 2711 76.13 34.03 111.20
CA SER I 2711 76.54 34.91 110.10
C SER I 2711 75.93 36.29 110.35
N LYS I 2712 75.89 37.10 109.30
CA LYS I 2712 75.30 38.44 109.41
C LYS I 2712 73.81 38.37 109.75
N ALA I 2713 73.04 37.60 108.98
CA ALA I 2713 71.59 37.49 109.13
C ALA I 2713 70.93 38.87 109.14
N GLU I 2714 71.07 39.56 108.02
CA GLU I 2714 70.56 40.93 107.89
C GLU I 2714 69.04 40.95 107.97
N LYS I 2715 68.51 42.06 108.49
CA LYS I 2715 67.08 42.26 108.70
C LYS I 2715 66.47 41.16 109.56
N ASN I 2724 61.77 47.51 97.26
CA ASN I 2724 61.67 46.16 97.79
C ASN I 2724 62.74 45.89 98.83
N PHE I 2725 64.00 46.09 98.44
CA PHE I 2725 65.14 45.85 99.30
C PHE I 2725 65.96 47.13 99.44
N ASP I 2726 66.35 47.46 100.67
CA ASP I 2726 67.12 48.67 100.98
C ASP I 2726 68.34 48.29 101.82
N PRO I 2727 69.39 47.78 101.18
CA PRO I 2727 70.60 47.43 101.94
C PRO I 2727 71.32 48.69 102.42
N ARG I 2728 71.67 48.70 103.69
CA ARG I 2728 72.27 49.89 104.29
C ARG I 2728 73.67 50.11 103.75
N PRO I 2729 73.97 51.25 103.13
CA PRO I 2729 75.32 51.51 102.65
C PRO I 2729 76.23 52.00 103.77
N VAL I 2730 77.51 52.11 103.46
CA VAL I 2730 78.53 52.51 104.42
C VAL I 2730 79.10 53.85 103.99
N GLU I 2731 78.97 54.85 104.85
CA GLU I 2731 79.58 56.16 104.62
C GLU I 2731 81.00 56.17 105.18
N THR I 2732 81.83 55.27 104.65
CA THR I 2732 83.19 55.16 105.13
C THR I 2732 84.07 56.32 104.67
N LEU I 2733 83.60 57.12 103.70
CA LEU I 2733 84.25 58.39 103.44
C LEU I 2733 84.17 59.29 104.66
N ASN I 2734 83.03 59.31 105.33
CA ASN I 2734 82.88 60.05 106.58
C ASN I 2734 83.55 59.33 107.74
N VAL I 2735 83.58 58.00 107.73
CA VAL I 2735 84.22 57.24 108.80
C VAL I 2735 85.73 57.53 108.78
N ILE I 2736 86.28 57.81 109.97
CA ILE I 2736 87.69 58.16 110.08
C ILE I 2736 88.54 56.94 109.76
N ILE I 2737 89.55 57.14 108.92
CA ILE I 2737 90.45 56.07 108.48
C ILE I 2737 91.86 56.44 108.91
N PRO I 2738 92.52 55.62 109.74
CA PRO I 2738 93.92 55.92 110.09
C PRO I 2738 94.84 55.76 108.88
N GLU I 2739 95.95 56.49 108.92
CA GLU I 2739 96.95 56.45 107.86
C GLU I 2739 98.04 55.43 108.12
N LYS I 2740 97.98 54.70 109.24
CA LYS I 2740 98.92 53.61 109.48
C LYS I 2740 98.67 52.43 108.55
N LEU I 2741 97.50 52.37 107.91
CA LEU I 2741 97.16 51.29 107.00
C LEU I 2741 96.93 51.76 105.56
N ASP I 2742 96.64 53.05 105.35
CA ASP I 2742 96.32 53.55 104.02
C ASP I 2742 97.45 53.35 103.02
N SER I 2743 98.70 53.23 103.50
CA SER I 2743 99.81 52.95 102.60
C SER I 2743 99.63 51.62 101.89
N PHE I 2744 99.36 50.55 102.64
CA PHE I 2744 99.17 49.27 101.98
C PHE I 2744 97.77 49.12 101.39
N ILE I 2745 96.82 49.97 101.78
CA ILE I 2745 95.57 50.02 101.01
C ILE I 2745 95.84 50.55 99.61
N ASN I 2746 96.67 51.59 99.50
CA ASN I 2746 97.06 52.10 98.18
C ASN I 2746 97.88 51.07 97.41
N LYS I 2747 98.78 50.37 98.10
CA LYS I 2747 99.56 49.33 97.44
C LYS I 2747 98.65 48.21 96.95
N PHE I 2748 97.61 47.88 97.71
CA PHE I 2748 96.63 46.89 97.26
C PHE I 2748 95.80 47.41 96.09
N ALA I 2749 95.53 48.71 96.03
CA ALA I 2749 94.84 49.28 94.88
C ALA I 2749 95.67 49.12 93.61
N GLU I 2750 96.96 49.44 93.69
CA GLU I 2750 97.85 49.23 92.55
C GLU I 2750 97.97 47.75 92.23
N TYR I 2751 97.98 46.89 93.26
CA TYR I 2751 98.08 45.45 93.04
C TYR I 2751 96.82 44.89 92.40
N THR I 2752 95.65 45.43 92.73
CA THR I 2752 94.42 44.95 92.10
C THR I 2752 94.31 45.43 90.66
N HIS I 2753 94.78 46.64 90.34
CA HIS I 2753 94.82 47.02 88.94
C HIS I 2753 95.87 46.21 88.16
N GLU I 2754 96.99 45.87 88.81
CA GLU I 2754 97.94 44.96 88.20
C GLU I 2754 97.33 43.59 87.97
N LYS I 2755 96.50 43.13 88.92
CA LYS I 2755 95.81 41.86 88.74
C LYS I 2755 94.74 41.95 87.66
N TRP I 2756 94.19 43.15 87.44
CA TRP I 2756 93.33 43.37 86.28
C TRP I 2756 94.11 43.12 84.99
N ALA I 2757 95.31 43.68 84.90
CA ALA I 2757 96.17 43.43 83.75
C ALA I 2757 96.55 41.95 83.66
N PHE I 2758 96.73 41.29 84.80
CA PHE I 2758 97.01 39.86 84.81
C PHE I 2758 95.83 39.07 84.26
N ASP I 2759 94.61 39.48 84.61
CA ASP I 2759 93.43 38.84 84.05
C ASP I 2759 93.35 39.06 82.54
N LYS I 2760 93.78 40.23 82.08
CA LYS I 2760 93.84 40.48 80.64
C LYS I 2760 94.84 39.55 79.96
N ILE I 2761 96.02 39.37 80.56
CA ILE I 2761 97.02 38.50 79.96
C ILE I 2761 96.61 37.03 80.06
N GLN I 2762 95.76 36.68 81.03
CA GLN I 2762 95.12 35.37 81.01
C GLN I 2762 94.13 35.27 79.86
N ASN I 2763 93.40 36.35 79.59
CA ASN I 2763 92.44 36.44 78.49
C ASN I 2763 93.12 36.64 77.14
N ASN I 2764 94.46 36.60 77.11
CA ASN I 2764 95.25 36.70 75.88
C ASN I 2764 95.09 38.05 75.21
N TRP I 2765 94.88 39.09 76.01
CA TRP I 2765 94.83 40.49 75.58
C TRP I 2765 95.77 41.31 76.43
N SER I 2766 97.03 40.85 76.52
CA SER I 2766 98.08 41.42 77.36
C SER I 2766 98.07 42.95 77.31
N TYR I 2767 98.16 43.56 78.49
CA TYR I 2767 97.87 44.97 78.65
C TYR I 2767 98.80 45.84 77.81
N GLY I 2768 98.20 46.78 77.09
CA GLY I 2768 98.94 47.67 76.20
C GLY I 2768 98.76 49.11 76.61
N GLU I 2769 99.76 49.93 76.28
CA GLU I 2769 99.76 51.32 76.72
C GLU I 2769 98.71 52.15 75.98
N ASN I 2770 98.59 51.94 74.67
CA ASN I 2770 97.69 52.73 73.83
C ASN I 2770 96.39 51.95 73.61
N VAL I 2771 95.45 52.62 72.91
CA VAL I 2771 94.17 51.99 72.60
C VAL I 2771 94.37 50.88 71.59
N ASP I 2772 93.76 49.73 71.85
CA ASP I 2772 93.79 48.60 70.94
C ASP I 2772 92.35 48.18 70.65
N GLU I 2773 91.96 48.26 69.38
CA GLU I 2773 90.58 47.91 69.01
C GLU I 2773 90.32 46.43 69.19
N GLU I 2774 91.27 45.57 68.83
CA GLU I 2774 91.09 44.14 68.99
C GLU I 2774 91.15 43.70 70.44
N LEU I 2775 91.63 44.56 71.34
CA LEU I 2775 91.79 44.16 72.74
C LEU I 2775 90.45 43.84 73.38
N LYS I 2776 89.41 44.63 73.06
CA LYS I 2776 88.03 44.50 73.54
C LYS I 2776 87.93 44.71 75.06
N THR I 2777 89.06 44.99 75.69
CA THR I 2777 89.18 45.21 77.12
C THR I 2777 89.70 46.63 77.36
N HIS I 2778 90.10 46.90 78.61
CA HIS I 2778 90.69 48.16 79.06
C HIS I 2778 91.71 48.69 78.06
N PRO I 2779 91.51 49.89 77.52
CA PRO I 2779 92.38 50.37 76.45
C PRO I 2779 93.53 51.26 76.91
N MET I 2780 93.56 51.63 78.20
CA MET I 2780 94.51 52.61 78.68
C MET I 2780 95.39 52.13 79.82
N LEU I 2781 95.21 50.91 80.32
CA LEU I 2781 95.96 50.46 81.49
C LEU I 2781 97.45 50.38 81.15
N ARG I 2782 98.28 50.96 82.00
CA ARG I 2782 99.70 51.12 81.76
C ARG I 2782 100.45 50.78 83.03
N PRO I 2783 101.76 50.49 82.93
CA PRO I 2783 102.59 50.41 84.14
C PRO I 2783 102.59 51.74 84.86
N TYR I 2784 102.71 51.67 86.20
CA TYR I 2784 102.43 52.81 87.05
C TYR I 2784 103.33 54.01 86.76
N LYS I 2785 104.51 53.80 86.20
CA LYS I 2785 105.41 54.92 85.90
C LYS I 2785 104.80 55.83 84.84
N THR I 2786 104.36 55.27 83.72
CA THR I 2786 103.75 56.04 82.65
C THR I 2786 102.24 56.19 82.81
N PHE I 2787 101.63 55.49 83.76
CA PHE I 2787 100.19 55.55 83.97
C PHE I 2787 99.86 56.84 84.71
N SER I 2788 99.08 57.70 84.07
CA SER I 2788 98.71 58.98 84.69
C SER I 2788 97.93 58.74 85.97
N GLU I 2789 98.28 59.50 87.02
CA GLU I 2789 97.68 59.29 88.33
C GLU I 2789 96.24 59.76 88.41
N LYS I 2790 95.73 60.46 87.38
CA LYS I 2790 94.33 60.87 87.39
C LYS I 2790 93.40 59.66 87.33
N ASP I 2791 93.77 58.65 86.53
CA ASP I 2791 92.99 57.41 86.53
C ASP I 2791 93.40 56.47 87.66
N LYS I 2792 94.65 56.57 88.13
CA LYS I 2792 95.04 55.76 89.27
C LYS I 2792 94.24 56.12 90.50
N GLU I 2793 93.89 57.39 90.67
CA GLU I 2793 93.05 57.78 91.79
C GLU I 2793 91.64 57.19 91.67
N ILE I 2794 91.09 57.14 90.46
CA ILE I 2794 89.71 56.67 90.31
C ILE I 2794 89.60 55.15 90.30
N TYR I 2795 90.71 54.43 90.12
CA TYR I 2795 90.69 53.00 90.42
C TYR I 2795 91.15 52.69 91.84
N ARG I 2796 91.87 53.61 92.48
CA ARG I 2796 92.28 53.44 93.87
C ARG I 2796 91.12 53.69 94.83
N TRP I 2797 90.27 54.67 94.52
CA TRP I 2797 89.19 55.06 95.42
C TRP I 2797 88.19 53.94 95.72
N PRO I 2798 87.72 53.13 94.75
CA PRO I 2798 86.88 51.98 95.13
C PRO I 2798 87.57 51.01 96.08
N ILE I 2799 88.87 50.76 95.91
CA ILE I 2799 89.60 49.91 96.83
C ILE I 2799 89.70 50.58 98.19
N LYS I 2800 89.88 51.91 98.21
CA LYS I 2800 89.88 52.66 99.45
C LYS I 2800 88.56 52.48 100.19
N GLU I 2801 87.44 52.66 99.49
CA GLU I 2801 86.14 52.48 100.12
C GLU I 2801 85.94 51.04 100.60
N SER I 2802 86.43 50.07 99.81
CA SER I 2802 86.32 48.66 100.17
C SER I 2802 86.98 48.38 101.51
N LEU I 2803 88.28 48.63 101.61
CA LEU I 2803 88.99 48.30 102.84
C LEU I 2803 88.68 49.27 103.98
N LYS I 2804 88.27 50.50 103.68
CA LYS I 2804 87.85 51.40 104.75
C LYS I 2804 86.51 50.94 105.34
N ALA I 2805 85.62 50.39 104.51
CA ALA I 2805 84.44 49.75 105.06
C ALA I 2805 84.81 48.50 105.85
N MET I 2806 85.81 47.77 105.38
CA MET I 2806 86.27 46.57 106.10
C MET I 2806 86.77 46.93 107.49
N ILE I 2807 87.49 48.05 107.61
CA ILE I 2807 87.90 48.50 108.94
C ILE I 2807 86.75 49.20 109.67
N ALA I 2808 85.71 49.61 108.94
CA ALA I 2808 84.56 50.27 109.56
C ALA I 2808 83.64 49.30 110.28
N TRP I 2809 83.49 48.06 109.78
CA TRP I 2809 82.64 47.07 110.44
C TRP I 2809 83.40 46.38 111.57
N GLU I 2810 83.79 47.19 112.57
CA GLU I 2810 84.48 46.81 113.79
C GLU I 2810 85.53 45.71 113.61
N TRP I 2811 86.30 45.81 112.53
CA TRP I 2811 87.42 44.91 112.27
C TRP I 2811 88.70 45.74 112.21
N THR I 2812 89.72 45.32 112.94
CA THR I 2812 90.98 46.05 113.03
C THR I 2812 92.04 45.33 112.21
N ILE I 2813 92.66 46.05 111.27
CA ILE I 2813 93.73 45.52 110.43
C ILE I 2813 95.02 46.24 110.76
N GLU I 2814 96.14 45.53 110.55
CA GLU I 2814 97.46 46.09 110.70
C GLU I 2814 98.47 45.13 110.10
N LYS I 2815 99.64 45.65 109.75
CA LYS I 2815 100.74 44.83 109.26
C LYS I 2815 101.13 43.78 110.29
N ALA I 2816 100.93 42.50 109.94
CA ALA I 2816 101.33 41.42 110.84
C ALA I 2816 102.85 41.39 111.00
N ARG I 2817 103.58 41.52 109.91
CA ARG I 2817 105.03 41.66 109.92
C ARG I 2817 105.41 43.08 109.54
N GLU I 2818 106.69 43.40 109.70
CA GLU I 2818 107.16 44.76 109.46
C GLU I 2818 107.03 45.11 107.98
N GLY I 2819 106.51 46.31 107.71
CA GLY I 2819 106.32 46.76 106.35
C GLY I 2819 105.74 48.16 106.26
N GLU I 2820 105.04 48.44 105.15
CA GLU I 2820 104.41 49.74 104.94
C GLU I 2820 103.35 50.03 106.00
N TYR I 2845 103.84 45.52 85.96
CA TYR I 2845 102.43 45.78 86.22
C TYR I 2845 101.61 44.51 86.02
N ASN I 2846 102.24 43.36 86.29
CA ASN I 2846 101.62 42.05 86.06
C ASN I 2846 102.13 41.11 87.13
N PRO I 2847 101.36 40.91 88.21
CA PRO I 2847 101.81 40.01 89.28
C PRO I 2847 101.46 38.56 88.96
N GLN I 2848 102.48 37.73 88.79
CA GLN I 2848 102.24 36.31 88.50
C GLN I 2848 101.56 35.58 89.65
N PRO I 2849 101.98 35.69 90.91
CA PRO I 2849 101.32 34.92 91.98
C PRO I 2849 99.91 35.43 92.23
N PRO I 2850 98.91 34.56 92.10
CA PRO I 2850 97.53 34.98 92.40
C PRO I 2850 97.15 34.70 93.84
N ASP I 2851 95.95 35.12 94.23
CA ASP I 2851 95.42 34.89 95.57
C ASP I 2851 94.29 33.87 95.45
N LEU I 2852 94.59 32.61 95.75
CA LEU I 2852 93.60 31.54 95.65
C LEU I 2852 92.60 31.66 96.79
N SER I 2853 91.35 31.98 96.46
CA SER I 2853 90.30 32.16 97.45
C SER I 2853 89.81 30.84 98.03
N GLY I 2854 90.21 29.71 97.47
CA GLY I 2854 89.72 28.42 97.93
C GLY I 2854 90.66 27.68 98.86
N VAL I 2855 91.63 28.38 99.44
CA VAL I 2855 92.56 27.75 100.38
C VAL I 2855 91.94 27.76 101.76
N THR I 2856 92.50 26.97 102.67
CA THR I 2856 91.93 26.84 104.01
C THR I 2856 92.13 28.12 104.81
N LEU I 2857 91.17 28.39 105.70
CA LEU I 2857 91.20 29.58 106.53
C LEU I 2857 90.32 29.36 107.75
N SER I 2858 90.55 30.18 108.78
CA SER I 2858 89.85 30.04 110.05
C SER I 2858 88.37 30.40 109.90
N ARG I 2859 87.57 29.84 110.81
CA ARG I 2859 86.11 29.99 110.73
C ARG I 2859 85.70 31.44 110.95
N GLU I 2860 86.21 32.08 112.01
CA GLU I 2860 85.81 33.45 112.33
C GLU I 2860 86.24 34.43 111.23
N LEU I 2861 87.46 34.29 110.73
CA LEU I 2861 87.94 35.21 109.71
C LEU I 2861 87.25 34.96 108.37
N GLN I 2862 86.89 33.71 108.07
CA GLN I 2862 86.10 33.44 106.86
C GLN I 2862 84.68 33.98 107.01
N ALA I 2863 84.12 33.93 108.21
CA ALA I 2863 82.83 34.56 108.45
C ALA I 2863 82.93 36.07 108.27
N MET I 2864 84.05 36.66 108.68
CA MET I 2864 84.30 38.06 108.36
C MET I 2864 84.35 38.29 106.85
N ALA I 2865 84.97 37.37 106.12
CA ALA I 2865 85.04 37.51 104.66
C ALA I 2865 83.65 37.46 104.04
N GLU I 2866 82.80 36.56 104.53
CA GLU I 2866 81.41 36.53 104.07
C GLU I 2866 80.67 37.82 104.41
N GLN I 2867 80.89 38.32 105.63
CA GLN I 2867 80.26 39.57 106.04
C GLN I 2867 80.75 40.75 105.20
N LEU I 2868 82.01 40.71 104.78
CA LEU I 2868 82.57 41.77 103.95
C LEU I 2868 82.07 41.68 102.51
N ALA I 2869 81.84 40.47 102.01
CA ALA I 2869 81.17 40.32 100.71
C ALA I 2869 79.75 40.84 100.79
N GLU I 2870 79.07 40.59 101.91
CA GLU I 2870 77.75 41.19 102.13
C GLU I 2870 77.85 42.71 102.19
N ASN I 2871 78.93 43.23 102.78
CA ASN I 2871 79.17 44.67 102.80
C ASN I 2871 79.29 45.22 101.40
N TYR I 2872 80.06 44.54 100.54
CA TYR I 2872 80.15 44.94 99.14
C TYR I 2872 78.78 44.92 98.47
N HIS I 2873 78.00 43.89 98.75
CA HIS I 2873 76.67 43.78 98.16
C HIS I 2873 75.78 44.93 98.59
N ASN I 2874 75.85 45.32 99.86
CA ASN I 2874 75.12 46.51 100.32
C ASN I 2874 75.60 47.76 99.60
N THR I 2875 76.92 47.88 99.43
CA THR I 2875 77.50 49.09 98.83
C THR I 2875 76.98 49.33 97.42
N TRP I 2876 77.04 48.31 96.56
CA TRP I 2876 76.47 48.52 95.24
C TRP I 2876 74.95 48.35 95.23
N GLY I 2877 74.38 47.73 96.27
CA GLY I 2877 72.95 47.51 96.29
C GLY I 2877 72.15 48.75 96.59
N ARG I 2878 72.73 49.69 97.33
CA ARG I 2878 72.03 50.95 97.57
C ARG I 2878 71.84 51.73 96.28
N LYS I 2879 72.89 51.85 95.46
CA LYS I 2879 72.71 52.54 94.18
C LYS I 2879 71.87 51.71 93.23
N LYS I 2880 71.96 50.37 93.30
CA LYS I 2880 71.13 49.52 92.46
C LYS I 2880 69.65 49.69 92.78
N LYS I 2881 69.29 49.80 94.07
CA LYS I 2881 67.90 50.04 94.41
C LYS I 2881 67.50 51.50 94.19
N GLN I 2882 68.46 52.42 94.18
CA GLN I 2882 68.16 53.79 93.76
C GLN I 2882 67.72 53.83 92.30
N GLU I 2883 68.37 53.05 91.45
CA GLU I 2883 67.90 52.92 90.06
C GLU I 2883 66.64 52.07 89.97
N LEU I 2884 66.51 51.06 90.83
CA LEU I 2884 65.35 50.17 90.78
C LEU I 2884 64.06 50.90 91.14
N GLU I 2885 64.09 51.73 92.18
CA GLU I 2885 62.89 52.45 92.60
C GLU I 2885 62.45 53.47 91.57
N ALA I 2886 63.35 53.91 90.69
CA ALA I 2886 62.95 54.74 89.57
C ALA I 2886 62.08 53.96 88.59
N LYS I 2887 62.40 52.68 88.37
CA LYS I 2887 61.61 51.85 87.48
C LYS I 2887 60.23 51.56 88.08
N GLY I 2888 60.19 51.20 89.36
CA GLY I 2888 58.94 50.99 90.06
C GLY I 2888 58.41 49.56 90.04
N GLY I 2889 59.03 48.66 89.28
CA GLY I 2889 58.54 47.31 89.19
C GLY I 2889 59.68 46.33 89.00
N GLY I 2890 59.47 45.11 89.49
CA GLY I 2890 60.47 44.06 89.37
C GLY I 2890 61.65 44.27 90.30
N THR I 2891 62.60 43.35 90.20
CA THR I 2891 63.82 43.43 91.00
C THR I 2891 64.94 42.69 90.27
N HIS I 2892 66.16 43.10 90.54
CA HIS I 2892 67.34 42.45 90.03
C HIS I 2892 67.59 41.16 90.82
N PRO I 2893 68.11 40.11 90.17
CA PRO I 2893 68.37 38.85 90.89
C PRO I 2893 69.35 39.00 92.03
N LEU I 2894 70.27 39.97 91.97
CA LEU I 2894 71.22 40.21 93.04
C LEU I 2894 70.71 41.21 94.07
N LEU I 2895 69.51 41.76 93.88
CA LEU I 2895 68.93 42.70 94.83
C LEU I 2895 68.13 41.98 95.91
N VAL I 2896 68.80 41.04 96.57
CA VAL I 2896 68.24 40.26 97.67
C VAL I 2896 69.31 40.12 98.74
N PRO I 2897 68.91 39.80 99.98
CA PRO I 2897 69.91 39.63 101.05
C PRO I 2897 70.98 38.61 100.68
N TYR I 2898 72.22 38.93 101.04
CA TYR I 2898 73.37 38.19 100.54
C TYR I 2898 73.39 36.76 101.08
N ASP I 2899 72.95 36.55 102.31
CA ASP I 2899 72.91 35.21 102.86
C ASP I 2899 71.82 34.36 102.21
N THR I 2900 70.69 34.96 101.87
CA THR I 2900 69.57 34.21 101.32
C THR I 2900 69.77 33.83 99.86
N LEU I 2901 70.50 34.64 99.10
CA LEU I 2901 70.59 34.44 97.66
C LEU I 2901 71.46 33.22 97.33
N THR I 2902 71.37 32.80 96.07
CA THR I 2902 72.01 31.57 95.63
C THR I 2902 73.53 31.74 95.54
N ALA I 2903 74.22 30.61 95.45
CA ALA I 2903 75.68 30.61 95.39
C ALA I 2903 76.21 31.04 94.03
N LYS I 2904 75.45 30.82 92.96
CA LYS I 2904 75.94 31.09 91.62
C LYS I 2904 76.11 32.59 91.37
N GLU I 2905 75.26 33.42 91.98
CA GLU I 2905 75.28 34.86 91.72
C GLU I 2905 76.21 35.63 92.65
N LYS I 2906 76.48 35.11 93.85
CA LYS I 2906 77.39 35.76 94.78
C LYS I 2906 78.85 35.55 94.43
N ALA I 2907 79.14 35.03 93.24
CA ALA I 2907 80.51 34.64 92.90
C ALA I 2907 81.44 35.85 92.89
N ARG I 2908 80.99 36.97 92.32
CA ARG I 2908 81.86 38.15 92.21
C ARG I 2908 82.20 38.71 93.59
N ASP I 2909 81.19 38.91 94.44
CA ASP I 2909 81.44 39.44 95.78
C ASP I 2909 82.25 38.48 96.62
N ARG I 2910 81.95 37.18 96.54
CA ARG I 2910 82.69 36.18 97.31
C ARG I 2910 84.15 36.13 96.87
N GLU I 2911 84.38 36.13 95.56
CA GLU I 2911 85.76 36.08 95.07
C GLU I 2911 86.52 37.34 95.46
N LYS I 2912 85.87 38.50 95.37
CA LYS I 2912 86.53 39.75 95.73
C LYS I 2912 86.93 39.75 97.21
N ALA I 2913 85.97 39.46 98.10
CA ALA I 2913 86.26 39.49 99.53
C ALA I 2913 87.29 38.44 99.92
N GLN I 2914 87.14 37.21 99.40
CA GLN I 2914 88.07 36.16 99.78
C GLN I 2914 89.45 36.37 99.19
N GLU I 2915 89.53 36.90 97.96
CA GLU I 2915 90.84 37.19 97.38
C GLU I 2915 91.54 38.28 98.19
N LEU I 2916 90.79 39.27 98.66
CA LEU I 2916 91.36 40.26 99.56
C LEU I 2916 91.90 39.61 100.83
N LEU I 2917 91.12 38.69 101.42
CA LEU I 2917 91.54 38.07 102.67
C LEU I 2917 92.75 37.17 102.48
N LYS I 2918 92.81 36.43 101.36
CA LYS I 2918 93.99 35.62 101.07
C LYS I 2918 95.19 36.50 100.77
N PHE I 2919 94.96 37.66 100.15
CA PHE I 2919 96.05 38.63 99.97
C PHE I 2919 96.59 39.08 101.32
N LEU I 2920 95.70 39.34 102.28
CA LEU I 2920 96.15 39.69 103.63
C LEU I 2920 96.97 38.58 104.25
N GLN I 2921 96.44 37.35 104.20
CA GLN I 2921 97.11 36.22 104.86
C GLN I 2921 98.48 35.94 104.22
N MET I 2922 98.56 36.02 102.89
CA MET I 2922 99.82 35.70 102.22
C MET I 2922 100.84 36.82 102.33
N ASN I 2923 100.40 38.08 102.25
CA ASN I 2923 101.31 39.21 102.21
C ASN I 2923 101.60 39.81 103.57
N GLY I 2924 101.02 39.28 104.65
CA GLY I 2924 101.39 39.71 105.97
C GLY I 2924 100.54 40.83 106.55
N TYR I 2925 99.22 40.64 106.54
CA TYR I 2925 98.28 41.57 107.15
C TYR I 2925 97.40 40.80 108.12
N ALA I 2926 97.38 41.21 109.37
CA ALA I 2926 96.59 40.58 110.41
C ALA I 2926 95.37 41.44 110.70
N VAL I 2927 94.19 40.83 110.64
CA VAL I 2927 92.93 41.52 110.93
C VAL I 2927 92.15 40.67 111.92
N THR I 2928 91.60 41.32 112.94
CA THR I 2928 90.79 40.66 113.97
C THR I 2928 89.51 41.47 114.19
N ARG I 2929 88.41 40.76 114.37
CA ARG I 2929 87.11 41.38 114.59
C ARG I 2929 87.09 42.20 115.89
N LEU I 2936 78.59 30.16 116.98
CA LEU I 2936 80.03 30.30 117.07
C LEU I 2936 80.65 29.05 117.71
N ASP I 2937 81.49 28.37 116.94
CA ASP I 2937 82.17 27.14 117.37
C ASP I 2937 81.17 26.08 117.84
N THR I 2938 80.08 25.94 117.10
CA THR I 2938 79.02 24.99 117.43
C THR I 2938 79.33 23.65 116.76
N SER I 2939 79.15 22.57 117.51
CA SER I 2939 79.38 21.23 116.99
C SER I 2939 78.31 20.87 115.96
N SER I 2940 78.60 19.82 115.17
CA SER I 2940 77.69 19.41 114.11
C SER I 2940 76.39 18.86 114.67
N ILE I 2941 76.42 18.23 115.84
CA ILE I 2941 75.20 17.69 116.43
C ILE I 2941 74.22 18.81 116.74
N GLU I 2942 74.69 19.85 117.43
CA GLU I 2942 73.85 21.02 117.69
C GLU I 2942 73.58 21.81 116.42
N LYS I 2943 74.45 21.68 115.41
CA LYS I 2943 74.25 22.35 114.13
C LYS I 2943 73.12 21.71 113.33
N ARG I 2944 72.77 20.46 113.63
CA ARG I 2944 71.66 19.80 112.97
C ARG I 2944 70.34 20.49 113.31
N PHE I 2945 69.40 20.44 112.37
CA PHE I 2945 68.07 20.99 112.64
C PHE I 2945 67.34 20.13 113.65
N ALA I 2946 67.66 18.83 113.73
CA ALA I 2946 67.10 18.02 114.79
C ALA I 2946 67.37 18.66 116.14
N PHE I 2947 68.64 18.99 116.42
CA PHE I 2947 68.99 19.63 117.68
C PHE I 2947 68.39 21.03 117.77
N GLY I 2948 68.37 21.79 116.67
CA GLY I 2948 67.83 23.14 116.74
C GLY I 2948 66.35 23.19 117.07
N PHE I 2949 65.55 22.42 116.32
CA PHE I 2949 64.13 22.33 116.61
C PHE I 2949 63.87 21.76 117.99
N LEU I 2950 64.64 20.75 118.39
CA LEU I 2950 64.47 20.19 119.73
C LEU I 2950 64.84 21.19 120.82
N GLN I 2951 65.79 22.08 120.54
CA GLN I 2951 66.07 23.16 121.48
C GLN I 2951 64.87 24.09 121.63
N GLN I 2952 64.25 24.47 120.52
CA GLN I 2952 63.00 25.24 120.61
C GLN I 2952 61.95 24.47 121.39
N LEU I 2953 61.81 23.18 121.13
CA LEU I 2953 60.80 22.37 121.81
C LEU I 2953 61.05 22.33 123.32
N LEU I 2954 62.30 22.03 123.73
CA LEU I 2954 62.62 22.02 125.15
C LEU I 2954 62.33 23.37 125.79
N ARG I 2955 62.54 24.45 125.05
CA ARG I 2955 62.15 25.76 125.54
C ARG I 2955 60.64 25.88 125.66
N TRP I 2956 59.89 25.28 124.73
CA TRP I 2956 58.44 25.41 124.74
C TRP I 2956 57.81 24.77 125.98
N MET I 2957 58.35 23.65 126.45
CA MET I 2957 57.68 22.96 127.56
C MET I 2957 57.56 23.84 128.82
N ASP I 2958 58.62 24.49 129.25
CA ASP I 2958 58.50 25.30 130.47
C ASP I 2958 57.61 26.52 130.22
N ILE I 2959 57.69 27.13 129.04
CA ILE I 2959 56.80 28.24 128.71
C ILE I 2959 55.34 27.81 128.81
N SER I 2960 55.00 26.66 128.19
CA SER I 2960 53.64 26.15 128.23
C SER I 2960 53.17 25.95 129.65
N GLN I 2961 53.96 25.21 130.44
CA GLN I 2961 53.57 24.93 131.82
C GLN I 2961 53.38 26.21 132.61
N GLU I 2962 54.20 27.23 132.35
CA GLU I 2962 54.05 28.51 133.02
C GLU I 2962 52.65 29.08 132.84
N PHE I 2963 52.22 29.27 131.58
CA PHE I 2963 50.91 29.92 131.51
C PHE I 2963 49.76 28.97 131.85
N ILE I 2964 49.85 27.69 131.52
CA ILE I 2964 48.71 26.81 131.77
C ILE I 2964 48.53 26.56 133.28
N ALA I 2965 49.63 26.55 134.04
CA ALA I 2965 49.51 26.36 135.48
C ALA I 2965 48.78 27.53 136.12
N HIS I 2966 49.20 28.77 135.83
CA HIS I 2966 48.45 29.85 136.45
C HIS I 2966 47.12 30.09 135.76
N LEU I 2967 46.92 29.56 134.54
CA LEU I 2967 45.62 29.66 133.90
C LEU I 2967 44.59 28.77 134.60
N GLU I 2968 44.96 27.53 134.91
CA GLU I 2968 44.05 26.69 135.68
C GLU I 2968 43.87 27.24 137.09
N ALA I 2969 44.91 27.85 137.65
CA ALA I 2969 44.77 28.49 138.96
C ALA I 2969 43.77 29.65 138.91
N VAL I 2970 43.83 30.48 137.85
CA VAL I 2970 42.98 31.65 137.80
C VAL I 2970 41.54 31.28 137.40
N VAL I 2971 41.35 30.18 136.66
CA VAL I 2971 39.99 29.73 136.38
C VAL I 2971 39.41 28.92 137.53
N SER I 2972 40.25 28.36 138.40
CA SER I 2972 39.73 27.78 139.63
C SER I 2972 39.49 28.82 140.71
N SER I 2973 40.06 30.02 140.57
CA SER I 2973 39.80 31.13 141.49
C SER I 2973 39.21 32.31 140.71
N GLY I 2974 37.89 32.30 140.55
CA GLY I 2974 37.18 33.43 139.99
C GLY I 2974 36.95 33.38 138.49
N ARG I 2975 37.60 32.47 137.76
CA ARG I 2975 37.48 32.36 136.32
C ARG I 2975 37.77 33.67 135.60
N VAL I 2976 38.83 34.34 136.02
CA VAL I 2976 39.26 35.58 135.37
C VAL I 2976 39.93 35.24 134.05
N GLU I 2977 39.59 36.00 133.01
CA GLU I 2977 40.07 35.77 131.65
C GLU I 2977 41.47 36.31 131.41
N LYS I 2978 42.21 36.63 132.48
CA LYS I 2978 43.54 37.20 132.34
C LYS I 2978 44.51 36.16 131.79
N SER I 2979 45.26 36.54 130.76
CA SER I 2979 46.31 35.71 130.18
C SER I 2979 47.59 36.52 130.04
N PRO I 2980 48.75 35.88 130.19
CA PRO I 2980 50.02 36.61 130.02
C PRO I 2980 50.25 37.04 128.58
N HIS I 2981 50.09 36.08 127.66
CA HIS I 2981 50.17 36.35 126.23
C HIS I 2981 49.21 35.37 125.56
N GLU I 2982 47.98 35.83 125.32
CA GLU I 2982 46.96 34.97 124.71
C GLU I 2982 47.39 34.50 123.33
N GLN I 2983 48.04 35.37 122.57
CA GLN I 2983 48.53 35.00 121.24
C GLN I 2983 49.46 33.80 121.32
N GLU I 2984 50.36 33.77 122.30
CA GLU I 2984 51.32 32.67 122.42
C GLU I 2984 50.65 31.43 123.00
N ILE I 2985 49.70 31.62 123.92
CA ILE I 2985 48.98 30.50 124.53
C ILE I 2985 48.26 29.70 123.46
N LYS I 2986 47.45 30.39 122.66
CA LYS I 2986 46.71 29.71 121.60
C LYS I 2986 47.59 29.37 120.41
N PHE I 2987 48.75 30.04 120.26
CA PHE I 2987 49.72 29.61 119.28
C PHE I 2987 50.16 28.18 119.56
N PHE I 2988 50.56 27.90 120.82
CA PHE I 2988 50.86 26.52 121.20
C PHE I 2988 49.66 25.62 121.00
N ALA I 2989 48.52 25.98 121.61
CA ALA I 2989 47.38 25.08 121.66
C ALA I 2989 46.78 24.78 120.30
N LYS I 2990 47.05 25.61 119.29
CA LYS I 2990 46.47 25.41 117.97
C LYS I 2990 47.48 25.01 116.90
N ILE I 2991 48.78 25.14 117.16
CA ILE I 2991 49.80 24.88 116.15
C ILE I 2991 50.70 23.72 116.56
N LEU I 2992 51.21 23.74 117.79
CA LEU I 2992 52.32 22.85 118.14
C LEU I 2992 51.88 21.40 118.31
N LEU I 2993 50.65 21.17 118.78
CA LEU I 2993 50.20 19.80 118.98
C LEU I 2993 50.11 19.00 117.68
N PRO I 2994 49.46 19.48 116.60
CA PRO I 2994 49.55 18.74 115.34
C PRO I 2994 50.95 18.66 114.78
N LEU I 2995 51.79 19.67 115.05
CA LEU I 2995 53.14 19.68 114.49
C LEU I 2995 53.98 18.56 115.05
N ILE I 2996 53.99 18.40 116.39
CA ILE I 2996 54.70 17.27 116.98
C ILE I 2996 54.00 15.97 116.62
N ASN I 2997 52.67 15.99 116.50
CA ASN I 2997 51.92 14.80 116.14
C ASN I 2997 52.41 14.22 114.82
N GLN I 2998 52.62 15.07 113.82
CA GLN I 2998 53.09 14.57 112.53
C GLN I 2998 54.59 14.40 112.47
N TYR I 2999 55.36 15.22 113.20
CA TYR I 2999 56.81 15.15 113.11
C TYR I 2999 57.35 13.86 113.74
N PHE I 3000 56.82 13.49 114.90
CA PHE I 3000 57.30 12.29 115.56
C PHE I 3000 56.71 11.02 114.96
N THR I 3001 55.96 11.14 113.88
CA THR I 3001 55.56 10.00 113.05
C THR I 3001 56.28 9.96 111.71
N ASN I 3002 56.60 11.12 111.13
CA ASN I 3002 57.32 11.15 109.86
C ASN I 3002 58.81 10.94 110.06
N HIS I 3003 59.39 11.53 111.10
CA HIS I 3003 60.81 11.37 111.40
C HIS I 3003 61.06 10.48 112.61
N CYS I 3004 60.12 9.60 112.94
CA CYS I 3004 60.33 8.67 114.04
C CYS I 3004 61.47 7.71 113.75
N LEU I 3005 61.63 7.32 112.47
CA LEU I 3005 62.64 6.35 112.11
C LEU I 3005 64.04 6.91 112.28
N TYR I 3006 64.22 8.20 111.95
CA TYR I 3006 65.52 8.83 112.15
C TYR I 3006 65.87 8.92 113.62
N PHE I 3007 64.90 9.26 114.47
CA PHE I 3007 65.15 9.30 115.91
C PHE I 3007 65.51 7.93 116.45
N LEU I 3008 64.80 6.89 116.00
CA LEU I 3008 65.07 5.54 116.47
C LEU I 3008 66.37 4.98 115.89
N SER I 3009 66.86 5.54 114.79
CA SER I 3009 68.05 5.02 114.15
C SER I 3009 69.31 5.39 114.93
N THR I 3010 70.18 4.40 115.12
CA THR I 3010 71.45 4.42 115.85
C THR I 3010 72.61 4.33 114.86
N PRO I 3011 73.74 4.99 115.15
CA PRO I 3011 74.94 4.76 114.32
C PRO I 3011 75.38 3.31 114.32
N ALA I 3012 75.15 2.57 115.40
CA ALA I 3012 75.47 1.16 115.42
C ALA I 3012 74.45 0.38 114.58
N LYS I 3013 73.18 0.42 114.97
CA LYS I 3013 72.10 -0.23 114.23
C LYS I 3013 71.33 0.85 113.47
N VAL I 3014 71.64 1.01 112.19
CA VAL I 3014 71.01 2.05 111.39
C VAL I 3014 69.66 1.57 110.90
N LEU I 3015 68.61 1.84 111.70
CA LEU I 3015 67.26 1.47 111.27
C LEU I 3015 66.80 2.32 110.09
N GLY I 3016 67.18 3.59 110.07
CA GLY I 3016 66.79 4.47 108.98
C GLY I 3016 67.54 4.16 107.70
N SER I 3017 67.04 4.73 106.61
CA SER I 3017 67.65 4.56 105.29
C SER I 3017 68.76 5.59 105.15
N GLY I 3018 69.89 5.30 105.79
CA GLY I 3018 71.05 6.16 105.74
C GLY I 3018 71.02 7.34 106.68
N GLY I 3019 69.99 7.47 107.51
CA GLY I 3019 69.91 8.59 108.42
C GLY I 3019 69.67 8.18 109.87
N HIS I 3020 70.58 8.58 110.76
CA HIS I 3020 70.46 8.28 112.17
C HIS I 3020 70.74 9.53 112.99
N ALA I 3021 70.07 9.63 114.13
CA ALA I 3021 70.28 10.75 115.04
C ALA I 3021 71.53 10.51 115.89
N SER I 3022 71.90 11.53 116.65
CA SER I 3022 73.01 11.40 117.58
C SER I 3022 72.50 10.98 118.95
N ASN I 3023 73.41 10.40 119.74
CA ASN I 3023 73.06 9.96 121.09
C ASN I 3023 72.57 11.13 121.93
N LYS I 3024 73.22 12.30 121.77
CA LYS I 3024 72.77 13.52 122.46
C LYS I 3024 71.32 13.79 122.15
N GLU I 3025 70.97 13.81 120.86
CA GLU I 3025 69.59 14.00 120.43
C GLU I 3025 68.67 12.98 121.08
N LYS I 3026 69.13 11.73 121.20
CA LYS I 3026 68.24 10.70 121.73
C LYS I 3026 67.92 10.91 123.21
N GLU I 3027 68.92 11.25 124.04
CA GLU I 3027 68.55 11.42 125.44
C GLU I 3027 67.72 12.68 125.63
N MET I 3028 67.92 13.72 124.82
CA MET I 3028 67.10 14.89 125.12
C MET I 3028 65.76 14.88 124.38
N ILE I 3029 65.53 13.98 123.42
CA ILE I 3029 64.14 13.71 123.05
C ILE I 3029 63.47 12.91 124.15
N THR I 3030 64.21 12.03 124.83
CA THR I 3030 63.64 11.34 125.98
C THR I 3030 63.26 12.32 127.07
N SER I 3031 64.13 13.30 127.35
CA SER I 3031 63.78 14.33 128.31
C SER I 3031 62.66 15.22 127.79
N LEU I 3032 62.59 15.42 126.47
CA LEU I 3032 61.46 16.15 125.90
C LEU I 3032 60.14 15.45 126.21
N PHE I 3033 60.12 14.13 126.04
CA PHE I 3033 58.93 13.34 126.33
C PHE I 3033 58.60 13.45 127.82
N CYS I 3034 59.62 13.37 128.69
CA CYS I 3034 59.39 13.48 130.13
C CYS I 3034 58.83 14.85 130.50
N LYS I 3035 59.36 15.91 129.89
CA LYS I 3035 58.84 17.25 130.15
C LYS I 3035 57.40 17.39 129.71
N LEU I 3036 57.06 16.87 128.53
CA LEU I 3036 55.67 16.95 128.09
C LEU I 3036 54.74 16.15 129.00
N ALA I 3037 55.21 15.01 129.52
CA ALA I 3037 54.43 14.28 130.50
C ALA I 3037 54.24 15.10 131.77
N ALA I 3038 55.30 15.75 132.24
CA ALA I 3038 55.22 16.56 133.44
C ALA I 3038 54.33 17.79 133.25
N LEU I 3039 54.14 18.23 132.00
CA LEU I 3039 53.23 19.35 131.75
C LEU I 3039 51.80 18.98 132.12
N VAL I 3040 51.40 17.75 131.84
CA VAL I 3040 50.02 17.30 132.03
C VAL I 3040 49.92 16.26 133.14
N ARG I 3041 50.94 16.12 133.98
CA ARG I 3041 50.88 15.19 135.09
C ARG I 3041 49.76 15.58 136.05
N HIS I 3042 48.78 14.68 136.20
CA HIS I 3042 47.60 14.90 137.03
C HIS I 3042 46.84 16.15 136.61
N ARG I 3043 46.85 16.45 135.30
CA ARG I 3043 46.33 17.71 134.81
C ARG I 3043 45.49 17.60 133.56
N VAL I 3044 45.34 16.41 132.97
CA VAL I 3044 44.66 16.29 131.68
C VAL I 3044 43.16 16.52 131.81
N SER I 3045 42.62 16.47 133.03
CA SER I 3045 41.21 16.79 133.21
C SER I 3045 40.93 18.25 132.90
N LEU I 3046 41.90 19.12 133.14
CA LEU I 3046 41.73 20.55 132.84
C LEU I 3046 41.64 20.79 131.33
N PHE I 3047 42.49 20.11 130.56
CA PHE I 3047 42.52 20.28 129.11
C PHE I 3047 41.42 19.45 128.47
N GLY I 3048 40.39 20.12 127.95
CA GLY I 3048 39.30 19.43 127.29
C GLY I 3048 39.32 19.56 125.79
N THR I 3049 39.63 20.77 125.30
CA THR I 3049 39.60 21.02 123.86
C THR I 3049 40.77 20.38 123.13
N ASP I 3050 41.93 20.27 123.79
CA ASP I 3050 43.11 19.69 123.19
C ASP I 3050 43.42 18.29 123.72
N ALA I 3051 42.48 17.69 124.46
CA ALA I 3051 42.75 16.40 125.11
C ALA I 3051 43.08 15.27 124.14
N PRO I 3052 42.32 15.03 123.05
CA PRO I 3052 42.76 14.00 122.11
C PRO I 3052 44.12 14.29 121.50
N ALA I 3053 44.42 15.56 121.25
CA ALA I 3053 45.69 15.93 120.66
C ALA I 3053 46.85 15.60 121.59
N VAL I 3054 46.75 16.00 122.86
CA VAL I 3054 47.86 15.77 123.78
C VAL I 3054 48.04 14.27 124.03
N VAL I 3055 46.95 13.53 124.22
CA VAL I 3055 47.12 12.10 124.51
C VAL I 3055 47.72 11.39 123.32
N ASN I 3056 47.30 11.75 122.10
CA ASN I 3056 47.87 11.14 120.90
C ASN I 3056 49.35 11.44 120.79
N CYS I 3057 49.73 12.71 120.97
CA CYS I 3057 51.15 13.08 120.89
C CYS I 3057 51.96 12.32 121.94
N LEU I 3058 51.38 12.10 123.12
CA LEU I 3058 52.08 11.33 124.14
C LEU I 3058 52.26 9.88 123.73
N HIS I 3059 51.31 9.30 122.99
CA HIS I 3059 51.56 7.97 122.41
C HIS I 3059 52.74 8.01 121.44
N ILE I 3060 52.81 9.04 120.60
CA ILE I 3060 53.87 9.09 119.60
C ILE I 3060 55.23 9.26 120.26
N LEU I 3061 55.31 10.10 121.28
CA LEU I 3061 56.57 10.22 122.01
C LEU I 3061 56.88 8.98 122.84
N ALA I 3062 55.85 8.20 123.22
CA ALA I 3062 56.11 6.91 123.82
C ALA I 3062 56.80 5.99 122.82
N ARG I 3063 56.40 6.06 121.56
CA ARG I 3063 57.16 5.40 120.51
C ARG I 3063 58.39 6.22 120.15
N SER I 3064 59.24 5.63 119.29
CA SER I 3064 60.46 6.26 118.78
C SER I 3064 61.37 6.74 119.91
N LEU I 3065 61.51 5.91 120.94
CA LEU I 3065 62.34 6.23 122.10
C LEU I 3065 63.62 5.41 122.01
N ASP I 3066 64.63 5.96 121.35
CA ASP I 3066 65.93 5.30 121.26
C ASP I 3066 66.63 5.49 122.61
N ALA I 3067 66.35 4.58 123.54
CA ALA I 3067 66.85 4.69 124.90
C ALA I 3067 68.00 3.75 125.20
N ARG I 3068 68.47 2.98 124.21
CA ARG I 3068 69.69 2.19 124.40
C ARG I 3068 70.88 3.09 124.65
N THR I 3069 70.90 4.26 124.00
CA THR I 3069 71.95 5.26 124.19
C THR I 3069 71.51 6.40 125.11
N VAL I 3070 70.69 6.10 126.12
CA VAL I 3070 70.22 7.09 127.07
C VAL I 3070 70.88 6.88 128.44
N MET I 3071 70.85 5.65 128.94
CA MET I 3071 71.68 5.32 130.09
C MET I 3071 73.14 5.17 129.72
N LYS I 3072 73.44 5.00 128.44
CA LYS I 3072 74.80 4.90 127.93
C LYS I 3072 75.18 6.21 127.27
N SER I 3073 76.31 6.77 127.69
CA SER I 3073 76.81 8.07 127.20
C SER I 3073 75.73 9.15 127.31
N GLY I 3074 74.88 9.05 128.33
CA GLY I 3074 73.77 9.95 128.48
C GLY I 3074 73.72 10.58 129.85
N PRO I 3075 73.02 11.71 129.96
CA PRO I 3075 72.95 12.42 131.24
C PRO I 3075 72.05 11.68 132.23
N GLU I 3076 72.61 11.41 133.42
CA GLU I 3076 71.84 10.75 134.46
C GLU I 3076 70.75 11.65 135.02
N ILE I 3077 70.78 12.97 134.76
CA ILE I 3077 69.64 13.80 135.09
C ILE I 3077 68.45 13.42 134.21
N VAL I 3078 68.68 13.18 132.92
CA VAL I 3078 67.62 12.73 132.04
C VAL I 3078 67.16 11.32 132.42
N LYS I 3079 68.11 10.46 132.78
CA LYS I 3079 67.73 9.14 133.28
C LYS I 3079 66.89 9.26 134.56
N ALA I 3080 67.23 10.21 135.42
CA ALA I 3080 66.42 10.47 136.60
C ALA I 3080 65.06 11.02 136.24
N GLY I 3081 64.96 11.75 135.13
CA GLY I 3081 63.65 12.15 134.63
C GLY I 3081 62.81 10.97 134.21
N LEU I 3082 63.44 9.97 133.57
CA LEU I 3082 62.72 8.75 133.25
C LEU I 3082 62.31 7.99 134.51
N ARG I 3083 63.20 7.94 135.51
CA ARG I 3083 62.86 7.30 136.77
C ARG I 3083 61.72 8.03 137.46
N SER I 3084 61.72 9.36 137.40
CA SER I 3084 60.64 10.14 138.01
C SER I 3084 59.33 9.90 137.27
N PHE I 3085 59.39 9.75 135.95
CA PHE I 3085 58.22 9.35 135.18
C PHE I 3085 57.66 8.04 135.71
N PHE I 3086 58.51 7.02 135.84
CA PHE I 3086 58.02 5.72 136.28
C PHE I 3086 57.53 5.75 137.71
N GLU I 3087 58.23 6.45 138.60
CA GLU I 3087 57.82 6.50 140.00
C GLU I 3087 56.53 7.28 140.17
N SER I 3088 56.36 8.38 139.43
CA SER I 3088 55.10 9.12 139.49
C SER I 3088 53.95 8.30 138.93
N ALA I 3089 54.20 7.54 137.87
CA ALA I 3089 53.17 6.65 137.34
C ALA I 3089 52.81 5.58 138.35
N SER I 3090 53.80 5.01 139.04
CA SER I 3090 53.54 3.99 140.05
C SER I 3090 52.77 4.58 141.23
N GLU I 3091 53.13 5.78 141.67
CA GLU I 3091 52.41 6.42 142.77
C GLU I 3091 50.97 6.72 142.37
N ASP I 3092 50.77 7.22 141.15
CA ASP I 3092 49.41 7.57 140.73
C ASP I 3092 48.56 6.33 140.50
N ILE I 3093 49.15 5.25 140.00
CA ILE I 3093 48.37 4.01 139.84
C ILE I 3093 48.06 3.40 141.19
N GLU I 3094 48.96 3.57 142.17
CA GLU I 3094 48.65 3.11 143.53
C GLU I 3094 47.48 3.89 144.11
N LYS I 3095 47.47 5.22 143.91
CA LYS I 3095 46.32 6.02 144.30
C LYS I 3095 45.07 5.57 143.54
N MET I 3096 45.24 5.20 142.28
CA MET I 3096 44.12 4.73 141.48
C MET I 3096 43.52 3.45 142.05
N VAL I 3097 44.37 2.49 142.43
CA VAL I 3097 43.84 1.24 142.96
C VAL I 3097 43.21 1.47 144.33
N GLU I 3098 43.72 2.44 145.11
CA GLU I 3098 43.11 2.76 146.39
C GLU I 3098 41.71 3.34 146.21
N ASN I 3099 41.53 4.24 145.24
CA ASN I 3099 40.19 4.77 144.99
C ASN I 3099 39.30 3.76 144.30
N LEU I 3100 39.88 2.85 143.52
CA LEU I 3100 39.09 1.89 142.75
C LEU I 3100 38.57 0.75 143.62
N ARG I 3101 39.34 0.35 144.64
CA ARG I 3101 39.01 -0.72 145.60
C ARG I 3101 38.20 -1.89 145.03
N GLN I 3117 39.34 14.22 137.71
CA GLN I 3117 40.06 13.77 138.90
C GLN I 3117 41.28 12.95 138.48
N ASN I 3118 42.14 12.61 139.44
CA ASN I 3118 43.34 11.83 139.12
C ASN I 3118 42.97 10.45 138.59
N LEU I 3119 41.83 9.90 139.02
CA LEU I 3119 41.40 8.61 138.52
C LEU I 3119 41.01 8.68 137.05
N THR I 3120 40.29 9.74 136.66
CA THR I 3120 39.98 9.93 135.26
C THR I 3120 41.23 10.24 134.45
N TYR I 3121 42.20 10.93 135.06
CA TYR I 3121 43.50 11.11 134.42
C TYR I 3121 44.16 9.77 134.12
N THR I 3122 44.14 8.86 135.09
CA THR I 3122 44.63 7.51 134.87
C THR I 3122 43.83 6.80 133.78
N THR I 3123 42.54 7.11 133.69
CA THR I 3123 41.68 6.46 132.69
C THR I 3123 42.08 6.87 131.27
N VAL I 3124 42.22 8.18 131.03
CA VAL I 3124 42.39 8.66 129.66
C VAL I 3124 43.86 8.77 129.26
N ALA I 3125 44.71 9.34 130.11
CA ALA I 3125 46.04 9.73 129.70
C ALA I 3125 47.11 8.69 130.06
N LEU I 3126 47.24 8.37 131.34
CA LEU I 3126 48.40 7.59 131.78
C LEU I 3126 48.34 6.17 131.25
N LEU I 3127 47.18 5.51 131.35
CA LEU I 3127 47.09 4.10 130.99
C LEU I 3127 47.43 3.83 129.52
N PRO I 3128 46.83 4.51 128.53
CA PRO I 3128 47.18 4.16 127.14
C PRO I 3128 48.60 4.52 126.76
N VAL I 3129 49.11 5.64 127.25
CA VAL I 3129 50.48 6.05 126.92
C VAL I 3129 51.47 5.09 127.56
N LEU I 3130 51.21 4.64 128.79
CA LEU I 3130 52.11 3.71 129.43
C LEU I 3130 52.06 2.34 128.75
N THR I 3131 50.86 1.95 128.28
CA THR I 3131 50.75 0.74 127.47
C THR I 3131 51.56 0.87 126.18
N THR I 3132 51.54 2.05 125.57
CA THR I 3132 52.35 2.28 124.38
C THR I 3132 53.84 2.20 124.70
N LEU I 3133 54.24 2.70 125.87
CA LEU I 3133 55.63 2.57 126.29
C LEU I 3133 56.03 1.11 126.47
N PHE I 3134 55.17 0.31 127.10
CA PHE I 3134 55.47 -1.11 127.26
C PHE I 3134 55.53 -1.82 125.91
N GLN I 3135 54.62 -1.45 124.99
CA GLN I 3135 54.68 -1.96 123.63
C GLN I 3135 56.01 -1.61 122.96
N HIS I 3136 56.44 -0.36 123.11
CA HIS I 3136 57.68 0.09 122.48
C HIS I 3136 58.89 -0.67 123.03
N ILE I 3137 58.95 -0.82 124.35
CA ILE I 3137 60.07 -1.53 124.97
C ILE I 3137 60.09 -2.98 124.54
N ALA I 3138 58.92 -3.63 124.49
CA ALA I 3138 58.85 -5.01 124.05
C ALA I 3138 59.29 -5.16 122.60
N GLN I 3139 58.86 -4.23 121.75
CA GLN I 3139 59.13 -4.35 120.32
C GLN I 3139 60.60 -4.10 120.01
N HIS I 3140 61.21 -3.08 120.63
CA HIS I 3140 62.59 -2.72 120.33
C HIS I 3140 63.57 -3.22 121.38
N GLN I 3141 63.13 -4.16 122.23
CA GLN I 3141 63.96 -4.81 123.27
C GLN I 3141 64.84 -3.81 124.01
N PHE I 3142 64.19 -2.82 124.60
CA PHE I 3142 64.87 -1.79 125.37
C PHE I 3142 64.69 -1.97 126.88
N GLY I 3143 64.41 -3.20 127.33
CA GLY I 3143 64.25 -3.45 128.75
C GLY I 3143 65.52 -3.25 129.55
N ASP I 3144 66.67 -3.54 128.95
CA ASP I 3144 67.94 -3.43 129.67
C ASP I 3144 68.35 -1.98 129.90
N ASP I 3145 67.75 -1.03 129.19
CA ASP I 3145 68.13 0.38 129.32
C ASP I 3145 67.04 1.26 129.89
N VAL I 3146 65.77 0.92 129.70
CA VAL I 3146 64.67 1.75 130.18
C VAL I 3146 64.36 1.39 131.62
N ILE I 3147 64.01 0.13 131.86
CA ILE I 3147 63.59 -0.33 133.18
C ILE I 3147 64.79 -0.97 133.86
N LEU I 3148 65.33 -0.26 134.86
CA LEU I 3148 66.47 -0.73 135.62
C LEU I 3148 66.59 0.16 136.86
N ASP I 3149 67.30 -0.35 137.86
CA ASP I 3149 67.52 0.32 139.15
C ASP I 3149 66.14 0.55 139.77
N ASP I 3150 65.81 1.78 140.22
CA ASP I 3150 64.55 2.03 140.89
C ASP I 3150 63.35 1.90 139.96
N VAL I 3151 63.56 1.97 138.65
CA VAL I 3151 62.46 1.78 137.70
C VAL I 3151 61.93 0.36 137.82
N GLN I 3152 62.80 -0.61 138.08
CA GLN I 3152 62.35 -1.98 138.29
C GLN I 3152 61.43 -2.09 139.49
N VAL I 3153 61.77 -1.40 140.60
CA VAL I 3153 60.94 -1.45 141.79
C VAL I 3153 59.61 -0.75 141.55
N SER I 3154 59.64 0.39 140.85
CA SER I 3154 58.40 1.10 140.56
C SER I 3154 57.49 0.26 139.67
N CYS I 3155 58.05 -0.42 138.66
CA CYS I 3155 57.26 -1.33 137.85
C CYS I 3155 56.78 -2.53 138.66
N TYR I 3156 57.56 -2.96 139.66
CA TYR I 3156 57.14 -4.06 140.52
C TYR I 3156 55.88 -3.70 141.30
N ARG I 3157 55.87 -2.53 141.92
CA ARG I 3157 54.67 -2.14 142.66
C ARG I 3157 53.53 -1.80 141.71
N THR I 3158 53.84 -1.33 140.50
CA THR I 3158 52.80 -1.10 139.50
C THR I 3158 52.12 -2.40 139.10
N LEU I 3159 52.89 -3.44 138.82
CA LEU I 3159 52.29 -4.71 138.42
C LEU I 3159 51.54 -5.34 139.59
N CYS I 3160 52.05 -5.19 140.81
CA CYS I 3160 51.32 -5.69 141.97
C CYS I 3160 49.98 -4.98 142.12
N SER I 3161 49.96 -3.66 141.96
CA SER I 3161 48.70 -2.92 142.11
C SER I 3161 47.74 -3.20 140.96
N ILE I 3162 48.25 -3.42 139.75
CA ILE I 3162 47.37 -3.76 138.63
C ILE I 3162 46.78 -5.15 138.81
N TYR I 3163 47.57 -6.09 139.35
CA TYR I 3163 46.98 -7.39 139.64
C TYR I 3163 46.02 -7.31 140.82
N SER I 3164 46.21 -6.34 141.71
CA SER I 3164 45.19 -6.08 142.73
C SER I 3164 43.91 -5.55 142.10
N LEU I 3165 44.02 -4.74 141.05
CA LEU I 3165 42.84 -4.34 140.29
C LEU I 3165 42.17 -5.56 139.65
N GLY I 3166 42.97 -6.49 139.14
CA GLY I 3166 42.41 -7.74 138.66
C GLY I 3166 41.69 -8.51 139.75
N THR I 3167 42.20 -8.44 140.97
CA THR I 3167 41.53 -9.08 142.11
C THR I 3167 40.18 -8.40 142.40
N THR I 3168 40.16 -7.08 142.45
CA THR I 3168 38.94 -6.35 142.81
C THR I 3168 37.85 -6.55 141.77
N LYS I 3169 36.60 -6.61 142.24
CA LYS I 3169 35.48 -7.02 141.41
C LYS I 3169 34.44 -5.92 141.21
N ASN I 3170 34.78 -4.66 141.46
CA ASN I 3170 33.79 -3.62 141.31
C ASN I 3170 33.56 -3.28 139.83
N THR I 3171 32.46 -2.58 139.56
CA THR I 3171 32.04 -2.33 138.19
C THR I 3171 32.99 -1.41 137.45
N TYR I 3172 33.54 -0.42 138.15
CA TYR I 3172 34.43 0.54 137.48
C TYR I 3172 35.72 -0.14 137.05
N VAL I 3173 36.33 -0.96 137.91
CA VAL I 3173 37.52 -1.70 137.48
C VAL I 3173 37.14 -2.73 136.41
N GLU I 3174 35.92 -3.28 136.46
CA GLU I 3174 35.51 -4.22 135.43
C GLU I 3174 35.47 -3.54 134.07
N LYS I 3175 34.93 -2.32 134.01
CA LYS I 3175 34.93 -1.56 132.76
C LYS I 3175 36.35 -1.23 132.31
N LEU I 3176 37.23 -0.89 133.25
CA LEU I 3176 38.59 -0.51 132.89
C LEU I 3176 39.49 -1.71 132.61
N ARG I 3177 39.01 -2.93 132.88
CA ARG I 3177 39.85 -4.12 132.73
C ARG I 3177 40.46 -4.34 131.35
N PRO I 3178 39.79 -4.06 130.22
CA PRO I 3178 40.49 -4.22 128.92
C PRO I 3178 41.80 -3.46 128.79
N ALA I 3179 41.81 -2.18 129.18
CA ALA I 3179 43.04 -1.39 129.09
C ALA I 3179 44.09 -1.91 130.07
N LEU I 3180 43.65 -2.36 131.24
CA LEU I 3180 44.59 -2.96 132.19
C LEU I 3180 45.23 -4.22 131.63
N GLY I 3181 44.45 -5.06 130.95
CA GLY I 3181 45.00 -6.25 130.35
C GLY I 3181 45.95 -5.95 129.22
N GLU I 3182 45.63 -4.95 128.40
CA GLU I 3182 46.55 -4.49 127.37
C GLU I 3182 47.87 -4.03 127.99
N CYS I 3183 47.78 -3.22 129.05
CA CYS I 3183 48.97 -2.71 129.71
C CYS I 3183 49.80 -3.84 130.31
N LEU I 3184 49.14 -4.82 130.93
CA LEU I 3184 49.87 -5.89 131.60
C LEU I 3184 50.48 -6.86 130.60
N ALA I 3185 49.79 -7.13 129.49
CA ALA I 3185 50.37 -7.96 128.44
C ALA I 3185 51.60 -7.30 127.85
N ARG I 3186 51.50 -6.00 127.55
CA ARG I 3186 52.65 -5.28 127.02
C ARG I 3186 53.77 -5.20 128.05
N LEU I 3187 53.40 -5.07 129.33
CA LEU I 3187 54.39 -5.08 130.41
C LEU I 3187 55.13 -6.40 130.47
N ALA I 3188 54.40 -7.51 130.37
CA ALA I 3188 55.04 -8.83 130.43
C ALA I 3188 55.91 -9.07 129.21
N ALA I 3189 55.48 -8.56 128.05
CA ALA I 3189 56.31 -8.69 126.85
C ALA I 3189 57.56 -7.83 126.94
N ALA I 3190 57.51 -6.73 127.68
CA ALA I 3190 58.66 -5.87 127.90
C ALA I 3190 59.38 -6.17 129.20
N MET I 3191 59.00 -7.24 129.90
CA MET I 3191 59.47 -7.49 131.25
C MET I 3191 60.68 -8.41 131.20
N PRO I 3192 61.85 -8.00 131.71
CA PRO I 3192 63.03 -8.87 131.68
C PRO I 3192 63.23 -9.74 132.92
N VAL I 3193 62.27 -9.81 133.83
CA VAL I 3193 62.38 -10.58 135.06
C VAL I 3193 61.19 -11.53 135.15
N ALA I 3194 61.46 -12.80 135.47
CA ALA I 3194 60.42 -13.81 135.59
C ALA I 3194 59.68 -13.63 136.91
N PHE I 3195 58.72 -12.71 136.89
CA PHE I 3195 57.89 -12.46 138.07
C PHE I 3195 57.03 -13.68 138.39
N LEU I 3196 56.31 -14.19 137.39
CA LEU I 3196 55.65 -15.47 137.52
C LEU I 3196 56.69 -16.58 137.58
N GLU I 3197 56.34 -17.68 138.25
CA GLU I 3197 57.26 -18.77 138.59
C GLU I 3197 58.47 -18.20 139.29
N PRO I 3198 58.33 -17.78 140.55
CA PRO I 3198 59.48 -17.17 141.24
C PRO I 3198 60.39 -18.21 141.89
N GLN I 3199 60.24 -19.48 141.47
CA GLN I 3199 61.05 -20.54 142.05
C GLN I 3199 62.52 -20.38 141.70
N LEU I 3200 62.82 -20.04 140.44
CA LEU I 3200 64.20 -19.86 139.99
C LEU I 3200 64.46 -18.42 139.55
N ASN I 3201 63.79 -17.47 140.19
CA ASN I 3201 63.95 -16.06 139.84
C ASN I 3201 65.34 -15.53 140.18
N GLU I 3202 66.05 -16.18 141.10
CA GLU I 3202 67.41 -15.75 141.43
C GLU I 3202 68.38 -16.00 140.28
N TYR I 3203 68.07 -16.95 139.39
CA TYR I 3203 68.95 -17.21 138.25
C TYR I 3203 68.84 -16.10 137.21
N ASN I 3204 67.68 -15.46 137.12
CA ASN I 3204 67.52 -14.34 136.20
C ASN I 3204 68.36 -13.17 136.67
N ALA I 3205 69.24 -12.68 135.78
CA ALA I 3205 70.16 -11.62 136.17
C ALA I 3205 69.42 -10.32 136.42
N CYS I 3206 68.41 -10.00 135.62
CA CYS I 3206 67.76 -8.70 135.68
C CYS I 3206 66.97 -8.47 136.95
N SER I 3207 66.76 -9.49 137.78
CA SER I 3207 66.06 -9.27 139.05
C SER I 3207 66.92 -8.46 140.01
N VAL I 3208 66.23 -7.67 140.85
CA VAL I 3208 66.91 -6.80 141.80
C VAL I 3208 67.71 -7.62 142.81
N TYR I 3209 67.21 -8.80 143.19
CA TYR I 3209 67.89 -9.65 144.14
C TYR I 3209 69.04 -10.43 143.52
N THR I 3210 69.31 -10.24 142.24
CA THR I 3210 70.51 -10.76 141.59
C THR I 3210 71.52 -9.67 141.26
N THR I 3211 71.07 -8.53 140.74
CA THR I 3211 71.98 -7.45 140.38
C THR I 3211 72.04 -6.33 141.40
N LYS I 3212 70.89 -5.82 141.84
CA LYS I 3212 70.87 -4.67 142.73
C LYS I 3212 71.42 -5.03 144.11
N SER I 3213 71.84 -3.99 144.85
CA SER I 3213 72.62 -4.17 146.08
C SER I 3213 71.73 -4.55 147.26
N PRO I 3214 72.22 -5.40 148.16
CA PRO I 3214 71.48 -5.66 149.40
C PRO I 3214 71.26 -4.41 150.24
N ARG I 3215 72.21 -3.48 150.22
CA ARG I 3215 72.05 -2.22 150.95
C ARG I 3215 70.89 -1.41 150.39
N GLU I 3216 70.76 -1.35 149.07
CA GLU I 3216 69.66 -0.59 148.50
C GLU I 3216 68.33 -1.30 148.73
N ARG I 3217 68.33 -2.63 148.80
CA ARG I 3217 67.12 -3.33 149.23
C ARG I 3217 66.75 -2.93 150.65
N ALA I 3218 67.74 -2.84 151.53
CA ALA I 3218 67.47 -2.45 152.92
C ALA I 3218 66.90 -1.04 153.01
N ILE I 3219 67.44 -0.11 152.21
CA ILE I 3219 66.96 1.27 152.29
C ILE I 3219 65.67 1.49 151.51
N LEU I 3220 65.34 0.62 150.56
CA LEU I 3220 64.09 0.71 149.81
C LEU I 3220 62.99 -0.14 150.42
N GLY I 3221 63.29 -0.93 151.46
CA GLY I 3221 62.28 -1.76 152.06
C GLY I 3221 62.01 -3.06 151.33
N LEU I 3222 62.87 -3.44 150.40
CA LEU I 3222 62.70 -4.69 149.68
C LEU I 3222 62.88 -5.87 150.64
N PRO I 3223 61.93 -6.81 150.69
CA PRO I 3223 62.03 -7.92 151.63
C PRO I 3223 62.97 -9.03 151.23
N ASN I 3224 63.84 -8.79 150.23
CA ASN I 3224 64.84 -9.76 149.76
C ASN I 3224 64.18 -11.05 149.28
N SER I 3225 62.97 -10.93 148.73
CA SER I 3225 62.23 -12.08 148.23
C SER I 3225 61.13 -11.56 147.31
N VAL I 3226 61.12 -12.01 146.06
CA VAL I 3226 60.14 -11.52 145.09
C VAL I 3226 58.74 -11.94 145.50
N GLU I 3227 58.61 -13.15 146.07
CA GLU I 3227 57.33 -13.59 146.60
C GLU I 3227 56.85 -12.67 147.72
N GLU I 3228 57.77 -12.18 148.55
CA GLU I 3228 57.41 -11.23 149.59
C GLU I 3228 57.15 -9.83 149.06
N MET I 3229 57.73 -9.47 147.91
CA MET I 3229 57.32 -8.25 147.22
C MET I 3229 55.87 -8.35 146.79
N CYS I 3230 55.57 -9.30 145.90
CA CYS I 3230 54.25 -9.42 145.29
C CYS I 3230 53.76 -10.84 145.48
N PRO I 3231 53.22 -11.16 146.66
CA PRO I 3231 52.56 -12.46 146.86
C PRO I 3231 51.19 -12.55 146.20
N ASP I 3232 50.69 -11.44 145.63
CA ASP I 3232 49.40 -11.46 144.97
C ASP I 3232 49.43 -12.39 143.76
N ILE I 3233 50.51 -12.37 142.99
CA ILE I 3233 50.61 -13.21 141.79
C ILE I 3233 50.99 -14.62 142.21
N PRO I 3234 50.12 -15.61 141.98
CA PRO I 3234 50.42 -16.98 142.39
C PRO I 3234 51.23 -17.75 141.35
N VAL I 3235 51.40 -19.05 141.57
CA VAL I 3235 52.25 -19.87 140.70
C VAL I 3235 51.50 -20.25 139.43
N LEU I 3236 52.27 -20.37 138.34
CA LEU I 3236 51.71 -20.75 137.05
C LEU I 3236 51.03 -22.10 137.10
N ASP I 3237 51.50 -22.99 137.97
CA ASP I 3237 50.84 -24.29 138.11
C ASP I 3237 49.43 -24.13 138.66
N ARG I 3238 49.24 -23.21 139.61
CA ARG I 3238 47.90 -22.99 140.13
C ARG I 3238 47.02 -22.28 139.11
N LEU I 3239 47.59 -21.38 138.30
CA LEU I 3239 46.82 -20.82 137.19
C LEU I 3239 46.38 -21.91 136.23
N MET I 3240 47.26 -22.88 135.95
CA MET I 3240 46.90 -24.03 135.14
C MET I 3240 45.74 -24.80 135.77
N ALA I 3241 45.83 -25.06 137.08
CA ALA I 3241 44.77 -25.83 137.74
C ALA I 3241 43.44 -25.09 137.69
N ASP I 3242 43.47 -23.78 137.93
CA ASP I 3242 42.22 -23.00 137.93
C ASP I 3242 41.60 -22.95 136.54
N ILE I 3243 42.41 -22.67 135.51
CA ILE I 3243 41.85 -22.57 134.17
C ILE I 3243 41.40 -23.94 133.68
N GLY I 3244 42.08 -25.02 134.10
CA GLY I 3244 41.62 -26.35 133.74
C GLY I 3244 40.30 -26.69 134.38
N GLY I 3245 40.11 -26.30 135.65
CA GLY I 3245 38.83 -26.50 136.30
C GLY I 3245 37.71 -25.72 135.64
N LEU I 3246 37.99 -24.47 135.26
CA LEU I 3246 36.97 -23.68 134.57
C LEU I 3246 36.63 -24.28 133.21
N ALA I 3247 37.65 -24.76 132.49
CA ALA I 3247 37.41 -25.40 131.20
C ALA I 3247 36.59 -26.66 131.34
N GLU I 3248 36.90 -27.48 132.34
CA GLU I 3248 36.14 -28.71 132.57
C GLU I 3248 34.72 -28.42 133.01
N SER I 3249 34.52 -27.36 133.80
CA SER I 3249 33.19 -26.99 134.26
C SER I 3249 32.37 -26.26 133.20
N GLY I 3250 32.99 -25.82 132.11
CA GLY I 3250 32.27 -25.02 131.14
C GLY I 3250 31.90 -23.66 131.70
N ALA I 3251 32.78 -23.07 132.50
CA ALA I 3251 32.49 -21.85 133.20
C ALA I 3251 32.43 -20.67 132.22
N ARG I 3252 31.77 -19.60 132.66
CA ARG I 3252 31.36 -18.52 131.78
C ARG I 3252 32.27 -17.30 131.91
N TYR I 3253 32.24 -16.47 130.86
CA TYR I 3253 32.94 -15.19 130.89
C TYR I 3253 32.46 -14.31 132.04
N THR I 3254 31.17 -14.39 132.37
CA THR I 3254 30.65 -13.65 133.52
C THR I 3254 31.27 -14.16 134.81
N GLU I 3255 31.56 -15.46 134.89
CA GLU I 3255 32.21 -15.99 136.08
C GLU I 3255 33.67 -15.57 136.16
N MET I 3256 34.35 -15.46 135.01
CA MET I 3256 35.78 -15.18 135.04
C MET I 3256 36.23 -13.92 134.27
N PRO I 3257 35.55 -12.77 134.44
CA PRO I 3257 35.98 -11.58 133.70
C PRO I 3257 37.37 -11.12 134.07
N HIS I 3258 37.80 -11.36 135.32
CA HIS I 3258 39.13 -10.97 135.75
C HIS I 3258 40.22 -11.73 134.99
N VAL I 3259 40.03 -13.04 134.80
CA VAL I 3259 41.02 -13.85 134.10
C VAL I 3259 41.18 -13.36 132.67
N ILE I 3260 40.06 -13.15 131.99
CA ILE I 3260 40.07 -12.82 130.57
C ILE I 3260 40.80 -11.51 130.33
N GLU I 3261 40.53 -10.51 131.15
CA GLU I 3261 41.02 -9.16 130.91
C GLU I 3261 42.24 -8.82 131.75
N ILE I 3262 42.78 -9.76 132.52
CA ILE I 3262 44.00 -9.49 133.27
C ILE I 3262 45.04 -10.58 133.02
N THR I 3263 44.69 -11.83 133.33
CA THR I 3263 45.72 -12.86 133.45
C THR I 3263 45.97 -13.61 132.15
N LEU I 3264 44.95 -13.80 131.32
CA LEU I 3264 45.18 -14.36 129.99
C LEU I 3264 46.11 -13.50 129.14
N PRO I 3265 45.95 -12.16 129.07
CA PRO I 3265 46.97 -11.37 128.34
C PRO I 3265 48.38 -11.55 128.90
N MET I 3266 48.50 -11.58 130.22
CA MET I 3266 49.82 -11.74 130.84
C MET I 3266 50.42 -13.09 130.48
N LEU I 3267 49.63 -14.16 130.55
CA LEU I 3267 50.15 -15.50 130.27
C LEU I 3267 50.53 -15.64 128.80
N CYS I 3268 49.64 -15.23 127.90
CA CYS I 3268 49.91 -15.37 126.47
C CYS I 3268 51.01 -14.43 126.00
N SER I 3269 51.37 -13.42 126.79
CA SER I 3269 52.55 -12.61 126.51
C SER I 3269 53.76 -13.05 127.32
N TYR I 3270 53.59 -13.99 128.26
CA TYR I 3270 54.69 -14.44 129.11
C TYR I 3270 55.37 -15.66 128.51
N LEU I 3271 54.60 -16.64 128.04
CA LEU I 3271 55.22 -17.81 127.42
C LEU I 3271 56.08 -17.47 126.20
N PRO I 3272 55.68 -16.62 125.25
CA PRO I 3272 56.60 -16.30 124.14
C PRO I 3272 57.77 -15.42 124.56
N ARG I 3273 57.55 -14.50 125.51
CA ARG I 3273 58.66 -13.66 125.97
C ARG I 3273 59.71 -14.49 126.69
N TRP I 3274 59.28 -15.48 127.46
CA TRP I 3274 60.19 -16.34 128.21
C TRP I 3274 60.33 -17.72 127.59
N TRP I 3275 60.06 -17.84 126.29
CA TRP I 3275 60.21 -19.13 125.62
C TRP I 3275 61.68 -19.52 125.48
N GLU I 3276 62.58 -18.54 125.48
CA GLU I 3276 64.02 -18.81 125.47
C GLU I 3276 64.59 -18.93 126.88
N ARG I 3277 63.95 -18.29 127.87
CA ARG I 3277 64.37 -18.42 129.25
C ARG I 3277 63.82 -19.67 129.92
N GLY I 3278 62.95 -20.41 129.25
CA GLY I 3278 62.39 -21.62 129.81
C GLY I 3278 62.95 -22.86 129.15
N PRO I 3279 62.48 -24.03 129.57
CA PRO I 3279 62.93 -25.28 128.95
C PRO I 3279 62.42 -25.49 127.54
N GLU I 3280 61.55 -24.61 127.04
CA GLU I 3280 61.14 -24.69 125.64
C GLU I 3280 62.31 -24.50 124.70
N ALA I 3281 63.22 -23.58 125.04
CA ALA I 3281 64.43 -23.34 124.27
C ALA I 3281 65.66 -23.48 125.15
N PRO I 3282 66.31 -24.64 125.17
CA PRO I 3282 67.66 -24.72 125.73
C PRO I 3282 68.57 -23.78 124.96
N PRO I 3283 69.49 -23.11 125.65
CA PRO I 3283 70.30 -22.07 124.99
C PRO I 3283 71.15 -22.64 123.88
N PRO I 3284 70.91 -22.24 122.63
CA PRO I 3284 71.79 -22.70 121.54
C PRO I 3284 73.22 -22.25 121.70
N ALA I 3285 73.44 -21.07 122.27
CA ALA I 3285 74.78 -20.59 122.61
C ALA I 3285 75.11 -21.15 123.99
N LEU I 3286 75.78 -22.30 123.99
CA LEU I 3286 76.07 -23.00 125.25
C LEU I 3286 76.95 -22.19 126.20
N PRO I 3287 78.06 -21.56 125.79
CA PRO I 3287 78.82 -20.77 126.77
C PRO I 3287 78.10 -19.52 127.24
N ALA I 3288 77.38 -18.83 126.35
CA ALA I 3288 76.67 -17.62 126.74
C ALA I 3288 75.54 -17.93 127.70
N GLY I 3289 74.80 -19.00 127.45
CA GLY I 3289 73.71 -19.40 128.32
C GLY I 3289 74.15 -20.31 129.45
N ALA I 3290 75.15 -19.88 130.21
CA ALA I 3290 75.66 -20.68 131.32
C ALA I 3290 74.61 -20.98 132.38
N PRO I 3291 73.82 -20.02 132.90
CA PRO I 3291 72.86 -20.37 133.94
C PRO I 3291 71.76 -21.26 133.40
N PRO I 3292 71.19 -22.13 134.23
CA PRO I 3292 70.06 -22.93 133.78
C PRO I 3292 68.86 -22.04 133.49
N PRO I 3293 67.96 -22.47 132.60
CA PRO I 3293 66.75 -21.68 132.32
C PRO I 3293 65.96 -21.32 133.57
N CYS I 3294 65.91 -20.03 133.89
CA CYS I 3294 65.22 -19.59 135.10
C CYS I 3294 63.72 -19.77 135.00
N THR I 3295 63.15 -19.61 133.81
CA THR I 3295 61.72 -19.78 133.61
C THR I 3295 61.40 -21.25 133.40
N ALA I 3296 60.14 -21.61 133.68
CA ALA I 3296 59.69 -23.00 133.60
C ALA I 3296 58.74 -23.27 132.45
N VAL I 3297 58.44 -22.27 131.61
CA VAL I 3297 57.49 -22.47 130.52
C VAL I 3297 58.16 -23.27 129.41
N THR I 3298 57.49 -24.33 128.96
CA THR I 3298 58.00 -25.22 127.94
C THR I 3298 57.06 -25.20 126.73
N SER I 3299 57.45 -25.94 125.70
CA SER I 3299 56.53 -26.17 124.58
C SER I 3299 55.32 -26.96 125.02
N ASP I 3300 55.50 -27.87 125.98
CA ASP I 3300 54.35 -28.57 126.56
C ASP I 3300 53.43 -27.58 127.28
N HIS I 3301 54.00 -26.64 128.03
CA HIS I 3301 53.20 -25.62 128.71
C HIS I 3301 52.45 -24.77 127.70
N LEU I 3302 53.12 -24.39 126.60
CA LEU I 3302 52.47 -23.59 125.58
C LEU I 3302 51.33 -24.34 124.92
N ASN I 3303 51.55 -25.62 124.60
CA ASN I 3303 50.51 -26.45 124.01
C ASN I 3303 49.32 -26.56 124.95
N SER I 3304 49.59 -26.82 126.23
CA SER I 3304 48.52 -26.99 127.20
C SER I 3304 47.73 -25.71 127.40
N LEU I 3305 48.41 -24.56 127.44
CA LEU I 3305 47.70 -23.29 127.60
C LEU I 3305 46.85 -22.99 126.37
N LEU I 3306 47.36 -23.34 125.18
CA LEU I 3306 46.53 -23.24 123.98
C LEU I 3306 45.31 -24.13 124.07
N GLY I 3307 45.47 -25.31 124.66
CA GLY I 3307 44.33 -26.18 124.89
C GLY I 3307 43.31 -25.55 125.83
N ASN I 3308 43.78 -24.88 126.87
CA ASN I 3308 42.87 -24.17 127.78
C ASN I 3308 42.13 -23.06 127.05
N ILE I 3309 42.81 -22.31 126.21
CA ILE I 3309 42.17 -21.21 125.48
C ILE I 3309 41.11 -21.77 124.53
N LEU I 3310 41.46 -22.82 123.78
CA LEU I 3310 40.49 -23.47 122.92
C LEU I 3310 39.31 -23.99 123.71
N ARG I 3311 39.58 -24.48 124.93
CA ARG I 3311 38.51 -25.00 125.77
C ARG I 3311 37.56 -23.91 126.23
N ILE I 3312 38.07 -22.73 126.57
CA ILE I 3312 37.15 -21.68 127.04
C ILE I 3312 36.30 -21.16 125.87
N ILE I 3313 36.90 -21.02 124.69
CA ILE I 3313 36.10 -20.56 123.54
C ILE I 3313 35.04 -21.61 123.19
N VAL I 3314 35.39 -22.90 123.24
CA VAL I 3314 34.38 -23.91 122.95
C VAL I 3314 33.36 -24.00 124.07
N ASN I 3315 33.71 -23.56 125.28
CA ASN I 3315 32.74 -23.50 126.36
C ASN I 3315 31.66 -22.47 126.08
N ASN I 3316 32.03 -21.30 125.57
CA ASN I 3316 31.01 -20.26 125.40
C ASN I 3316 31.00 -19.68 123.99
N LEU I 3317 30.97 -20.52 122.96
CA LEU I 3317 30.37 -20.03 121.72
C LEU I 3317 28.87 -19.79 121.89
N GLY I 3318 28.23 -20.57 122.77
CA GLY I 3318 26.77 -20.53 122.85
C GLY I 3318 26.22 -19.19 123.30
N ILE I 3319 26.88 -18.57 124.28
CA ILE I 3319 26.42 -17.26 124.75
C ILE I 3319 26.74 -16.20 123.71
N ASP I 3320 25.95 -15.13 123.71
CA ASP I 3320 26.13 -14.04 122.77
C ASP I 3320 26.56 -12.73 123.42
N GLU I 3321 26.57 -12.67 124.75
CA GLU I 3321 26.89 -11.44 125.46
C GLU I 3321 28.38 -11.35 125.80
N ALA I 3322 29.24 -11.52 124.80
CA ALA I 3322 30.68 -11.47 125.01
C ALA I 3322 31.33 -10.87 123.78
N THR I 3323 31.76 -9.62 123.88
CA THR I 3323 32.45 -8.92 122.80
C THR I 3323 33.95 -8.82 123.05
N TRP I 3324 34.48 -9.55 124.02
CA TRP I 3324 35.91 -9.55 124.31
C TRP I 3324 36.67 -10.57 123.49
N MET I 3325 36.00 -11.27 122.58
CA MET I 3325 36.68 -12.25 121.73
C MET I 3325 37.71 -11.59 120.83
N LYS I 3326 37.47 -10.35 120.43
CA LYS I 3326 38.41 -9.64 119.57
C LYS I 3326 39.75 -9.45 120.27
N ARG I 3327 39.74 -8.90 121.49
CA ARG I 3327 40.97 -8.73 122.23
C ARG I 3327 41.56 -10.07 122.65
N LEU I 3328 40.71 -11.06 122.94
CA LEU I 3328 41.22 -12.39 123.28
C LEU I 3328 42.01 -12.98 122.14
N ALA I 3329 41.48 -12.88 120.91
CA ALA I 3329 42.18 -13.40 119.74
C ALA I 3329 43.45 -12.61 119.46
N VAL I 3330 43.40 -11.29 119.62
CA VAL I 3330 44.58 -10.47 119.40
C VAL I 3330 45.69 -10.85 120.36
N PHE I 3331 45.35 -11.04 121.64
CA PHE I 3331 46.35 -11.46 122.62
C PHE I 3331 46.86 -12.87 122.33
N ALA I 3332 45.96 -13.78 121.95
CA ALA I 3332 46.34 -15.17 121.74
C ALA I 3332 47.01 -15.42 120.40
N GLN I 3333 47.09 -14.41 119.53
CA GLN I 3333 47.70 -14.61 118.22
C GLN I 3333 49.14 -15.11 118.29
N PRO I 3334 50.04 -14.55 119.12
CA PRO I 3334 51.37 -15.17 119.22
C PRO I 3334 51.37 -16.50 119.93
N ILE I 3335 50.42 -16.73 120.85
CA ILE I 3335 50.43 -17.96 121.64
C ILE I 3335 49.88 -19.15 120.86
N VAL I 3336 49.24 -18.91 119.71
CA VAL I 3336 48.85 -20.03 118.85
C VAL I 3336 50.00 -20.53 118.00
N SER I 3337 51.12 -19.80 117.98
CA SER I 3337 52.31 -20.27 117.29
C SER I 3337 53.00 -21.36 118.11
N ARG I 3338 53.73 -22.23 117.41
CA ARG I 3338 54.46 -23.35 118.00
C ARG I 3338 53.51 -24.26 118.80
N ALA I 3339 52.55 -24.81 118.08
CA ALA I 3339 51.53 -25.67 118.66
C ALA I 3339 51.72 -27.10 118.17
N ARG I 3340 51.53 -28.06 119.08
CA ARG I 3340 51.79 -29.44 118.77
C ARG I 3340 50.72 -30.00 117.82
N PRO I 3341 51.10 -30.96 116.96
CA PRO I 3341 50.14 -31.44 115.94
C PRO I 3341 48.89 -32.09 116.48
N GLU I 3342 48.97 -32.81 117.61
CA GLU I 3342 47.79 -33.48 118.15
C GLU I 3342 46.75 -32.48 118.66
N LEU I 3343 47.14 -31.22 118.84
CA LEU I 3343 46.19 -30.19 119.23
C LEU I 3343 45.07 -30.04 118.20
N LEU I 3344 45.36 -30.38 116.95
CA LEU I 3344 44.36 -30.33 115.89
C LEU I 3344 43.17 -31.22 116.25
N HIS I 3345 43.38 -32.54 116.32
CA HIS I 3345 42.28 -33.43 116.63
C HIS I 3345 41.77 -33.26 118.05
N SER I 3346 42.58 -32.72 118.96
CA SER I 3346 42.09 -32.53 120.33
C SER I 3346 41.07 -31.40 120.39
N HIS I 3347 41.37 -30.26 119.78
CA HIS I 3347 40.50 -29.10 119.97
C HIS I 3347 40.09 -28.42 118.68
N PHE I 3348 40.98 -28.31 117.70
CA PHE I 3348 40.66 -27.55 116.48
C PHE I 3348 39.60 -28.25 115.65
N ILE I 3349 39.74 -29.57 115.47
CA ILE I 3349 38.71 -30.33 114.76
C ILE I 3349 37.38 -30.34 115.50
N PRO I 3350 37.32 -30.59 116.82
CA PRO I 3350 36.00 -30.50 117.49
C PRO I 3350 35.35 -29.14 117.39
N THR I 3351 36.12 -28.06 117.50
CA THR I 3351 35.53 -26.73 117.41
C THR I 3351 35.02 -26.43 116.00
N ILE I 3352 35.86 -26.69 114.98
CA ILE I 3352 35.44 -26.41 113.62
C ILE I 3352 34.27 -27.30 113.23
N GLY I 3353 34.20 -28.52 113.77
CA GLY I 3353 33.02 -29.34 113.57
C GLY I 3353 31.79 -28.77 114.25
N ARG I 3354 31.99 -28.16 115.43
CA ARG I 3354 30.88 -27.55 116.15
C ARG I 3354 30.26 -26.41 115.35
N LEU I 3355 31.09 -25.49 114.85
CA LEU I 3355 30.52 -24.42 114.04
C LEU I 3355 30.13 -24.89 112.65
N ARG I 3356 30.65 -26.02 112.16
CA ARG I 3356 30.11 -26.59 110.93
C ARG I 3356 28.68 -27.06 111.14
N LYS I 3357 28.44 -27.79 112.23
CA LYS I 3357 27.09 -28.22 112.57
C LYS I 3357 26.18 -27.03 112.81
N ARG I 3358 26.68 -26.02 113.53
CA ARG I 3358 25.88 -24.84 113.81
C ARG I 3358 25.53 -24.10 112.53
N ALA I 3359 26.50 -23.95 111.62
CA ALA I 3359 26.23 -23.29 110.35
C ALA I 3359 25.21 -24.07 109.53
N GLY I 3360 25.34 -25.40 109.49
CA GLY I 3360 24.36 -26.19 108.76
C GLY I 3360 22.95 -26.04 109.32
N LYS I 3361 22.82 -26.09 110.65
CA LYS I 3361 21.51 -25.97 111.27
C LYS I 3361 20.92 -24.57 111.07
N VAL I 3362 21.75 -23.53 111.22
CA VAL I 3362 21.25 -22.16 111.09
C VAL I 3362 20.87 -21.86 109.64
N VAL I 3363 21.64 -22.38 108.69
CA VAL I 3363 21.27 -22.21 107.29
C VAL I 3363 20.02 -23.02 106.95
N ALA I 3364 19.80 -24.16 107.63
CA ALA I 3364 18.53 -24.86 107.46
C ALA I 3364 17.36 -24.02 107.99
N GLU I 3365 17.56 -23.34 109.11
CA GLU I 3365 16.54 -22.41 109.61
C GLU I 3365 16.32 -21.27 108.63
N GLU I 3366 17.40 -20.73 108.07
CA GLU I 3366 17.27 -19.71 107.05
C GLU I 3366 16.64 -20.26 105.77
N GLU I 3367 16.73 -21.57 105.56
CA GLU I 3367 16.05 -22.19 104.42
C GLU I 3367 14.55 -22.19 104.61
N GLN I 3368 14.09 -22.61 105.79
CA GLN I 3368 12.66 -22.53 106.07
C GLN I 3368 12.19 -21.09 106.13
N LEU I 3369 13.09 -20.15 106.44
CA LEU I 3369 12.73 -18.74 106.40
C LEU I 3369 12.58 -18.23 104.97
N ARG I 3370 13.54 -18.54 104.10
CA ARG I 3370 13.50 -18.04 102.74
C ARG I 3370 12.44 -18.76 101.92
N LEU I 3371 11.92 -19.88 102.42
CA LEU I 3371 10.73 -20.49 101.84
C LEU I 3371 9.56 -19.51 101.81
N GLU I 3372 9.50 -18.58 102.76
CA GLU I 3372 8.44 -17.59 102.83
C GLU I 3372 9.03 -16.19 102.70
N ALA I 3373 8.14 -15.20 102.50
CA ALA I 3373 8.57 -13.81 102.42
C ALA I 3373 7.37 -12.93 102.78
N LYS I 3374 7.36 -12.43 104.01
CA LYS I 3374 6.30 -11.56 104.53
C LYS I 3374 6.82 -10.92 105.81
N ALA I 3375 5.92 -10.26 106.57
CA ALA I 3375 6.32 -9.61 107.80
C ALA I 3375 6.78 -10.63 108.85
N GLU I 3376 6.11 -11.79 108.92
CA GLU I 3376 6.58 -12.85 109.80
C GLU I 3376 7.96 -13.33 109.38
N ALA I 3377 8.19 -13.41 108.06
CA ALA I 3377 9.53 -13.69 107.58
C ALA I 3377 10.51 -12.58 107.96
N GLU I 3378 10.01 -11.36 108.11
CA GLU I 3378 10.89 -10.26 108.51
C GLU I 3378 11.31 -10.37 109.98
N GLU I 3379 10.37 -10.69 110.87
CA GLU I 3379 10.75 -10.85 112.28
C GLU I 3379 11.65 -12.08 112.48
N GLY I 3380 11.35 -13.18 111.77
CA GLY I 3380 12.26 -14.30 111.75
C GLY I 3380 13.60 -13.92 111.15
N GLU I 3381 13.60 -13.01 110.17
CA GLU I 3381 14.84 -12.51 109.60
C GLU I 3381 15.66 -11.76 110.62
N LEU I 3382 15.00 -10.97 111.47
CA LEU I 3382 15.70 -10.31 112.58
C LEU I 3382 16.35 -11.34 113.50
N LEU I 3383 15.62 -12.41 113.83
CA LEU I 3383 16.17 -13.43 114.71
C LEU I 3383 17.39 -14.10 114.07
N VAL I 3384 17.26 -14.51 112.80
CA VAL I 3384 18.37 -15.19 112.15
C VAL I 3384 19.50 -14.25 111.77
N ARG I 3385 19.23 -12.94 111.69
CA ARG I 3385 20.30 -11.98 111.47
C ARG I 3385 21.13 -11.78 112.74
N ASP I 3386 20.47 -11.79 113.90
CA ASP I 3386 21.22 -11.86 115.15
C ASP I 3386 22.02 -13.15 115.22
N GLU I 3387 21.41 -14.27 114.79
CA GLU I 3387 22.13 -15.54 114.75
C GLU I 3387 23.33 -15.46 113.81
N PHE I 3388 23.15 -14.81 112.65
CA PHE I 3388 24.25 -14.63 111.71
C PHE I 3388 25.34 -13.74 112.29
N SER I 3389 24.97 -12.73 113.06
CA SER I 3389 25.99 -11.86 113.65
C SER I 3389 26.82 -12.63 114.67
N VAL I 3390 26.19 -13.51 115.46
CA VAL I 3390 26.96 -14.39 116.34
C VAL I 3390 27.84 -15.32 115.51
N LEU I 3391 27.31 -15.83 114.39
CA LEU I 3391 28.10 -16.70 113.52
C LEU I 3391 29.36 -16.00 113.02
N CYS I 3392 29.20 -14.80 112.45
CA CYS I 3392 30.38 -14.05 112.00
C CYS I 3392 31.31 -13.75 113.16
N ARG I 3393 30.75 -13.38 114.31
CA ARG I 3393 31.56 -13.03 115.47
C ARG I 3393 32.49 -14.17 115.86
N ASP I 3394 31.96 -15.39 115.97
CA ASP I 3394 32.87 -16.45 116.41
C ASP I 3394 33.70 -17.02 115.27
N LEU I 3395 33.24 -16.94 114.02
CA LEU I 3395 34.10 -17.34 112.90
C LEU I 3395 35.37 -16.51 112.88
N TYR I 3396 35.26 -15.18 112.87
CA TYR I 3396 36.45 -14.35 112.91
C TYR I 3396 36.91 -14.05 114.32
N ALA I 3397 36.40 -14.78 115.31
CA ALA I 3397 37.07 -14.85 116.60
C ALA I 3397 38.07 -15.99 116.67
N LEU I 3398 37.76 -17.15 116.08
CA LEU I 3398 38.66 -18.30 116.17
C LEU I 3398 39.51 -18.52 114.92
N TYR I 3399 39.08 -18.02 113.76
CA TYR I 3399 39.89 -18.19 112.55
C TYR I 3399 41.30 -17.58 112.63
N PRO I 3400 41.52 -16.38 113.18
CA PRO I 3400 42.90 -15.85 113.20
C PRO I 3400 43.90 -16.75 113.90
N LEU I 3401 43.50 -17.45 114.95
CA LEU I 3401 44.40 -18.45 115.56
C LEU I 3401 44.59 -19.64 114.62
N LEU I 3402 43.52 -20.05 113.95
CA LEU I 3402 43.58 -21.22 113.09
C LEU I 3402 44.55 -21.02 111.93
N ILE I 3403 44.60 -19.81 111.37
CA ILE I 3403 45.45 -19.60 110.20
C ILE I 3403 46.92 -19.76 110.57
N ARG I 3404 47.31 -19.33 111.77
CA ARG I 3404 48.69 -19.52 112.18
C ARG I 3404 48.97 -20.98 112.51
N TYR I 3405 47.98 -21.67 113.09
CA TYR I 3405 48.16 -23.09 113.37
C TYR I 3405 48.38 -23.87 112.08
N VAL I 3406 47.57 -23.61 111.06
CA VAL I 3406 47.71 -24.37 109.83
C VAL I 3406 48.93 -23.89 109.06
N ASP I 3407 49.36 -22.65 109.25
CA ASP I 3407 50.62 -22.21 108.68
C ASP I 3407 51.79 -22.96 109.30
N ASN I 3408 51.72 -23.21 110.61
CA ASN I 3408 52.77 -23.97 111.28
C ASN I 3408 52.82 -25.42 110.79
N ASN I 3409 51.65 -26.06 110.66
CA ASN I 3409 51.60 -27.49 110.39
C ASN I 3409 51.27 -27.83 108.94
N ARG I 3410 51.31 -26.85 108.03
CA ARG I 3410 50.99 -27.13 106.63
C ARG I 3410 52.09 -27.96 105.97
N ALA I 3411 53.34 -27.75 106.37
CA ALA I 3411 54.44 -28.50 105.77
C ALA I 3411 54.31 -30.00 106.06
N HIS I 3412 53.92 -30.35 107.29
CA HIS I 3412 53.75 -31.76 107.63
C HIS I 3412 52.61 -32.38 106.84
N TRP I 3413 51.50 -31.67 106.71
CA TRP I 3413 50.37 -32.22 105.94
C TRP I 3413 50.71 -32.35 104.46
N LEU I 3414 51.49 -31.41 103.92
CA LEU I 3414 51.88 -31.50 102.52
C LEU I 3414 52.89 -32.61 102.28
N THR I 3415 53.76 -32.89 103.24
CA THR I 3415 54.68 -34.01 103.10
C THR I 3415 53.96 -35.34 103.27
N GLU I 3416 53.01 -35.41 104.20
CA GLU I 3416 52.21 -36.61 104.41
C GLU I 3416 50.76 -36.20 104.64
N PRO I 3417 49.83 -36.64 103.79
CA PRO I 3417 48.42 -36.28 103.98
C PRO I 3417 47.88 -36.78 105.31
N ASN I 3418 47.47 -35.85 106.15
CA ASN I 3418 46.94 -36.16 107.48
C ASN I 3418 45.43 -36.04 107.46
N ALA I 3419 44.75 -37.13 107.82
CA ALA I 3419 43.30 -37.20 107.70
C ALA I 3419 42.61 -36.15 108.55
N ASN I 3420 43.22 -35.78 109.68
CA ASN I 3420 42.67 -34.70 110.49
C ASN I 3420 42.65 -33.39 109.72
N ALA I 3421 43.75 -33.08 109.03
CA ALA I 3421 43.80 -31.87 108.21
C ALA I 3421 42.82 -31.94 107.05
N GLU I 3422 42.68 -33.10 106.42
CA GLU I 3422 41.75 -33.20 105.29
C GLU I 3422 40.31 -33.02 105.76
N GLU I 3423 39.97 -33.59 106.93
CA GLU I 3423 38.64 -33.39 107.49
C GLU I 3423 38.43 -31.94 107.87
N LEU I 3424 39.48 -31.27 108.37
CA LEU I 3424 39.38 -29.84 108.67
C LEU I 3424 39.08 -29.04 107.42
N PHE I 3425 39.74 -29.38 106.31
CA PHE I 3425 39.44 -28.71 105.05
C PHE I 3425 38.01 -29.01 104.61
N ARG I 3426 37.54 -30.24 104.83
CA ARG I 3426 36.14 -30.56 104.51
C ARG I 3426 35.19 -29.69 105.31
N MET I 3427 35.46 -29.51 106.60
CA MET I 3427 34.59 -28.71 107.45
C MET I 3427 34.56 -27.26 106.98
N VAL I 3428 35.73 -26.65 106.81
CA VAL I 3428 35.77 -25.25 106.38
C VAL I 3428 35.19 -25.10 104.98
N GLY I 3429 35.30 -26.14 104.15
CA GLY I 3429 34.66 -26.09 102.85
C GLY I 3429 33.15 -26.08 102.94
N GLU I 3430 32.59 -26.88 103.86
CA GLU I 3430 31.14 -26.86 104.05
C GLU I 3430 30.67 -25.49 104.55
N ILE I 3431 31.43 -24.87 105.46
CA ILE I 3431 31.09 -23.51 105.87
C ILE I 3431 31.19 -22.55 104.69
N PHE I 3432 32.16 -22.76 103.81
CA PHE I 3432 32.27 -21.93 102.61
C PHE I 3432 31.04 -22.06 101.73
N ILE I 3433 30.56 -23.30 101.54
CA ILE I 3433 29.36 -23.51 100.74
C ILE I 3433 28.17 -22.82 101.38
N TYR I 3434 28.05 -22.93 102.70
CA TYR I 3434 26.95 -22.28 103.41
C TYR I 3434 27.03 -20.76 103.24
N TRP I 3435 28.24 -20.21 103.34
CA TRP I 3435 28.42 -18.77 103.19
C TRP I 3435 28.04 -18.31 101.78
N SER I 3436 28.39 -19.10 100.78
CA SER I 3436 28.02 -18.74 99.40
C SER I 3436 26.52 -18.85 99.19
N LYS I 3437 25.89 -19.88 99.75
CA LYS I 3437 24.46 -20.09 99.52
C LYS I 3437 23.59 -19.15 100.35
N SER I 3438 24.12 -18.55 101.42
CA SER I 3438 23.35 -17.70 102.31
C SER I 3438 23.68 -16.24 102.02
N HIS I 3439 22.73 -15.51 101.43
CA HIS I 3439 22.96 -14.10 101.13
C HIS I 3439 23.01 -13.26 102.39
N ASN I 3440 22.08 -13.48 103.33
CA ASN I 3440 22.04 -12.68 104.54
C ASN I 3440 23.27 -12.90 105.41
N PHE I 3441 23.89 -14.09 105.29
CA PHE I 3441 25.13 -14.35 105.99
C PHE I 3441 26.21 -13.37 105.53
N LYS I 3442 26.31 -13.17 104.21
CA LYS I 3442 27.31 -12.27 103.66
C LYS I 3442 27.08 -10.82 104.09
N ARG I 3443 25.84 -10.35 104.06
CA ARG I 3443 25.60 -8.96 104.41
C ARG I 3443 25.75 -8.72 105.90
N GLU I 3444 25.40 -9.71 106.73
CA GLU I 3444 25.71 -9.58 108.16
C GLU I 3444 27.20 -9.62 108.41
N GLU I 3445 27.95 -10.40 107.63
CA GLU I 3445 29.40 -10.35 107.70
C GLU I 3445 29.91 -8.95 107.44
N GLN I 3446 29.49 -8.36 106.32
CA GLN I 3446 29.90 -7.01 105.95
C GLN I 3446 29.51 -6.00 107.02
N ASN I 3447 28.26 -6.09 107.50
CA ASN I 3447 27.75 -5.17 108.51
C ASN I 3447 28.61 -5.25 109.76
N PHE I 3448 28.81 -6.46 110.29
CA PHE I 3448 29.51 -6.61 111.55
C PHE I 3448 30.96 -6.14 111.41
N VAL I 3449 31.65 -6.60 110.37
CA VAL I 3449 33.08 -6.34 110.28
C VAL I 3449 33.35 -4.85 110.08
N VAL I 3450 32.55 -4.17 109.26
CA VAL I 3450 32.87 -2.77 108.98
C VAL I 3450 32.35 -1.87 110.09
N GLN I 3451 31.12 -2.09 110.56
CA GLN I 3451 30.57 -1.23 111.60
C GLN I 3451 31.36 -1.35 112.90
N ASN I 3452 31.77 -2.57 113.27
CA ASN I 3452 32.51 -2.77 114.49
C ASN I 3452 34.02 -2.66 114.27
N GLU I 3453 34.44 -2.46 113.02
CA GLU I 3453 35.85 -2.20 112.65
C GLU I 3453 36.75 -3.38 112.97
N ILE I 3454 36.26 -4.59 112.69
CA ILE I 3454 37.11 -5.77 112.67
C ILE I 3454 37.97 -5.81 111.41
N ASN I 3455 37.62 -5.02 110.38
CA ASN I 3455 38.32 -5.11 109.10
C ASN I 3455 39.79 -4.74 109.22
N ASN I 3456 40.12 -3.78 110.09
CA ASN I 3456 41.53 -3.43 110.29
C ASN I 3456 42.30 -4.60 110.90
N MET I 3457 41.70 -5.26 111.90
CA MET I 3457 42.34 -6.43 112.50
C MET I 3457 42.44 -7.56 111.49
N SER I 3458 41.44 -7.69 110.62
CA SER I 3458 41.48 -8.70 109.57
C SER I 3458 42.63 -8.45 108.61
N PHE I 3459 42.83 -7.20 108.20
CA PHE I 3459 43.93 -6.88 107.30
C PHE I 3459 45.28 -7.12 107.99
N LEU I 3460 45.39 -6.74 109.26
CA LEU I 3460 46.63 -6.99 110.00
C LEU I 3460 46.89 -8.49 110.13
N THR I 3461 45.86 -9.27 110.45
CA THR I 3461 46.02 -10.71 110.60
C THR I 3461 46.41 -11.36 109.27
N ALA I 3462 45.80 -10.91 108.18
CA ALA I 3462 46.14 -11.46 106.87
C ALA I 3462 47.54 -11.03 106.43
N ASP I 3463 48.00 -9.87 106.86
CA ASP I 3463 49.35 -9.43 106.49
C ASP I 3463 50.41 -10.18 107.28
N SER I 3464 50.16 -10.46 108.56
CA SER I 3464 51.17 -11.16 109.36
C SER I 3464 51.10 -12.67 109.17
N LYS I 3465 49.94 -13.26 109.47
CA LYS I 3465 49.70 -14.71 109.35
C LYS I 3465 50.75 -15.56 110.06
N SER I 3494 37.02 -6.67 103.30
CA SER I 3494 36.37 -6.93 102.02
C SER I 3494 36.04 -8.41 101.87
N VAL I 3495 35.46 -8.77 100.72
CA VAL I 3495 35.12 -10.16 100.46
C VAL I 3495 36.37 -10.99 100.25
N GLN I 3496 37.34 -10.47 99.49
CA GLN I 3496 38.58 -11.21 99.26
C GLN I 3496 39.37 -11.40 100.55
N THR I 3497 39.36 -10.40 101.42
CA THR I 3497 40.10 -10.46 102.68
C THR I 3497 39.26 -11.03 103.82
N SER I 3498 38.05 -11.49 103.56
CA SER I 3498 37.25 -12.13 104.59
C SER I 3498 37.95 -13.40 105.06
N LEU I 3499 37.89 -13.66 106.36
CA LEU I 3499 38.69 -14.74 106.93
C LEU I 3499 38.20 -16.12 106.54
N ILE I 3500 36.93 -16.28 106.17
CA ILE I 3500 36.47 -17.60 105.73
C ILE I 3500 37.12 -17.96 104.40
N VAL I 3501 37.08 -17.04 103.44
CA VAL I 3501 37.75 -17.32 102.16
C VAL I 3501 39.25 -17.32 102.35
N ALA I 3502 39.75 -16.59 103.34
CA ALA I 3502 41.20 -16.58 103.60
C ALA I 3502 41.68 -17.90 104.15
N THR I 3503 40.94 -18.49 105.09
CA THR I 3503 41.26 -19.84 105.54
C THR I 3503 41.15 -20.83 104.40
N LEU I 3504 40.11 -20.69 103.57
CA LEU I 3504 39.93 -21.62 102.48
C LEU I 3504 41.11 -21.57 101.51
N LYS I 3505 41.55 -20.37 101.13
CA LYS I 3505 42.69 -20.26 100.23
C LYS I 3505 44.00 -20.64 100.93
N LYS I 3506 44.04 -20.58 102.25
CA LYS I 3506 45.20 -21.11 102.96
C LYS I 3506 45.22 -22.63 102.91
N MET I 3507 44.06 -23.26 102.81
CA MET I 3507 43.96 -24.73 102.82
C MET I 3507 43.67 -25.35 101.46
N LEU I 3508 43.66 -24.58 100.36
CA LEU I 3508 43.68 -25.25 99.06
C LEU I 3508 44.87 -26.17 98.80
N PRO I 3509 46.12 -25.86 99.18
CA PRO I 3509 47.16 -26.90 98.99
C PRO I 3509 46.83 -28.19 99.71
N ILE I 3510 46.30 -28.09 100.93
CA ILE I 3510 45.83 -29.27 101.64
C ILE I 3510 44.64 -29.89 100.91
N GLY I 3511 43.73 -29.05 100.42
CA GLY I 3511 42.49 -29.43 99.78
C GLY I 3511 42.61 -29.91 98.36
N LEU I 3512 43.80 -29.85 97.79
CA LEU I 3512 44.12 -30.54 96.55
C LEU I 3512 45.19 -31.59 96.76
N ASN I 3513 45.68 -31.75 97.99
CA ASN I 3513 46.69 -32.77 98.26
C ASN I 3513 46.10 -34.18 98.15
N MET I 3514 44.81 -34.38 98.49
CA MET I 3514 44.27 -35.73 98.44
C MET I 3514 44.15 -36.22 97.00
N CYS I 3515 43.56 -35.40 96.13
CA CYS I 3515 43.13 -35.87 94.82
C CYS I 3515 44.33 -36.14 93.91
N ALA I 3516 44.21 -37.18 93.11
CA ALA I 3516 45.22 -37.51 92.13
C ALA I 3516 45.15 -36.58 90.93
N PRO I 3517 46.28 -36.28 90.29
CA PRO I 3517 46.24 -35.53 89.03
C PRO I 3517 45.45 -36.25 87.93
N THR I 3518 45.48 -37.57 87.89
CA THR I 3518 44.67 -38.30 86.92
C THR I 3518 43.18 -38.14 87.17
N ASP I 3519 42.79 -37.76 88.38
CA ASP I 3519 41.38 -37.55 88.71
C ASP I 3519 40.83 -36.25 88.16
N GLN I 3520 41.68 -35.38 87.58
CA GLN I 3520 41.25 -34.06 87.17
C GLN I 3520 40.24 -34.09 86.02
N ASP I 3521 40.23 -35.17 85.23
CA ASP I 3521 39.16 -35.34 84.24
C ASP I 3521 37.80 -35.46 84.93
N LEU I 3522 37.72 -36.33 85.94
CA LEU I 3522 36.49 -36.43 86.71
C LEU I 3522 36.19 -35.14 87.45
N ILE I 3523 37.24 -34.41 87.84
CA ILE I 3523 37.04 -33.09 88.45
C ILE I 3523 36.32 -32.17 87.50
N MET I 3524 36.73 -32.15 86.23
CA MET I 3524 36.11 -31.25 85.26
C MET I 3524 34.67 -31.66 84.97
N LEU I 3525 34.41 -32.96 84.85
CA LEU I 3525 33.04 -33.41 84.62
C LEU I 3525 32.13 -33.05 85.79
N ALA I 3526 32.60 -33.28 87.02
CA ALA I 3526 31.86 -32.81 88.18
C ALA I 3526 31.80 -31.29 88.24
N LYS I 3527 32.76 -30.60 87.62
CA LYS I 3527 32.77 -29.14 87.64
C LYS I 3527 31.57 -28.61 86.90
N THR I 3528 31.33 -29.13 85.70
CA THR I 3528 30.12 -28.80 84.96
C THR I 3528 28.87 -29.32 85.68
N ARG I 3529 29.00 -30.44 86.40
CA ARG I 3529 27.84 -30.97 87.12
C ARG I 3529 27.36 -30.01 88.20
N TYR I 3530 28.27 -29.43 88.97
CA TYR I 3530 27.88 -28.36 89.89
C TYR I 3530 27.53 -27.07 89.17
N ALA I 3531 28.06 -26.86 87.95
CA ALA I 3531 27.66 -25.68 87.18
C ALA I 3531 26.19 -25.76 86.79
N LEU I 3532 25.63 -26.96 86.67
CA LEU I 3532 24.21 -27.11 86.37
C LEU I 3532 23.30 -26.87 87.57
N LYS I 3533 23.85 -26.45 88.72
CA LYS I 3533 23.07 -26.12 89.92
C LYS I 3533 22.29 -27.33 90.44
N ASP I 3534 22.94 -28.49 90.48
CA ASP I 3534 22.31 -29.69 91.00
C ASP I 3534 22.66 -29.88 92.47
N THR I 3535 21.89 -30.73 93.14
CA THR I 3535 22.11 -31.01 94.54
C THR I 3535 23.29 -31.96 94.72
N ASP I 3536 23.74 -32.10 95.97
CA ASP I 3536 24.93 -32.91 96.26
C ASP I 3536 24.70 -34.37 95.88
N GLU I 3537 23.54 -34.91 96.19
CA GLU I 3537 23.24 -36.29 95.80
C GLU I 3537 23.24 -36.44 94.29
N GLU I 3538 22.62 -35.49 93.57
CA GLU I 3538 22.53 -35.60 92.12
C GLU I 3538 23.90 -35.53 91.46
N VAL I 3539 24.75 -34.60 91.91
CA VAL I 3539 26.07 -34.49 91.30
C VAL I 3539 26.91 -35.71 91.61
N ARG I 3540 26.76 -36.29 92.81
CA ARG I 3540 27.48 -37.52 93.11
C ARG I 3540 26.97 -38.68 92.26
N GLU I 3541 25.67 -38.75 92.01
CA GLU I 3541 25.13 -39.82 91.17
C GLU I 3541 25.67 -39.72 89.75
N PHE I 3542 25.69 -38.51 89.19
CA PHE I 3542 26.27 -38.35 87.86
C PHE I 3542 27.77 -38.56 87.88
N LEU I 3543 28.41 -38.32 89.02
CA LEU I 3543 29.83 -38.65 89.16
C LEU I 3543 30.07 -40.14 89.07
N GLN I 3544 29.20 -40.95 89.71
CA GLN I 3544 29.30 -42.39 89.55
C GLN I 3544 28.99 -42.80 88.12
N ASN I 3545 28.04 -42.10 87.48
CA ASN I 3545 27.72 -42.39 86.09
C ASN I 3545 28.88 -42.06 85.15
N ASN I 3546 29.73 -41.12 85.55
CA ASN I 3546 30.89 -40.72 84.76
C ASN I 3546 32.20 -41.23 85.36
N LEU I 3547 32.12 -42.20 86.27
CA LEU I 3547 33.30 -42.70 86.96
C LEU I 3547 34.29 -43.35 86.00
N HIS I 3548 33.79 -44.10 85.01
CA HIS I 3548 34.67 -44.88 84.14
C HIS I 3548 35.54 -44.02 83.24
N LEU I 3549 35.26 -42.73 83.10
CA LEU I 3549 36.06 -41.84 82.27
C LEU I 3549 37.27 -41.31 83.04
N GLN I 3550 38.02 -42.23 83.65
CA GLN I 3550 39.19 -41.86 84.43
C GLN I 3550 40.34 -41.47 83.51
N GLY I 3551 41.11 -40.47 83.92
CA GLY I 3551 42.28 -40.07 83.16
C GLY I 3551 43.31 -41.17 83.08
N LYS I 3552 44.15 -41.08 82.05
CA LYS I 3552 45.14 -42.10 81.76
C LYS I 3552 46.54 -41.55 81.97
N VAL I 3553 47.36 -42.29 82.71
CA VAL I 3553 48.71 -41.84 83.02
C VAL I 3553 49.55 -41.77 81.76
N GLU I 3554 49.45 -42.79 80.90
CA GLU I 3554 50.23 -42.84 79.67
C GLU I 3554 49.77 -41.83 78.63
N GLY I 3555 48.63 -41.15 78.84
CA GLY I 3555 48.11 -40.24 77.84
C GLY I 3555 49.04 -39.07 77.55
N SER I 3556 49.55 -38.43 78.62
CA SER I 3556 50.42 -37.27 78.44
C SER I 3556 51.57 -37.36 79.43
N PRO I 3557 52.81 -37.14 78.97
CA PRO I 3557 53.94 -37.10 79.91
C PRO I 3557 53.88 -35.96 80.90
N SER I 3558 53.08 -34.92 80.63
CA SER I 3558 52.94 -33.82 81.58
C SER I 3558 52.36 -34.30 82.89
N LEU I 3559 51.38 -35.21 82.83
CA LEU I 3559 50.81 -35.78 84.03
C LEU I 3559 51.51 -37.06 84.47
N ARG I 3560 52.43 -37.58 83.64
CA ARG I 3560 53.17 -38.79 84.01
C ARG I 3560 54.03 -38.56 85.24
N TRP I 3561 54.87 -37.51 85.20
CA TRP I 3561 55.70 -37.22 86.36
C TRP I 3561 54.89 -36.73 87.54
N GLN I 3562 53.76 -36.06 87.29
CA GLN I 3562 52.86 -35.71 88.39
C GLN I 3562 52.34 -36.96 89.08
N MET I 3563 51.98 -37.98 88.30
CA MET I 3563 51.62 -39.26 88.87
C MET I 3563 52.78 -39.88 89.63
N ALA I 3564 54.00 -39.69 89.13
CA ALA I 3564 55.17 -40.18 89.84
C ALA I 3564 55.30 -39.51 91.21
N LEU I 3565 55.09 -38.19 91.28
CA LEU I 3565 55.09 -37.50 92.56
C LEU I 3565 53.99 -38.02 93.47
N TYR I 3566 52.79 -38.20 92.92
CA TYR I 3566 51.63 -38.53 93.73
C TYR I 3566 51.72 -39.95 94.26
N ARG I 3567 52.34 -40.86 93.49
CA ARG I 3567 52.56 -42.21 93.98
C ARG I 3567 53.74 -42.29 94.93
N GLY I 3568 54.79 -41.50 94.69
CA GLY I 3568 55.93 -41.48 95.58
C GLY I 3568 55.76 -40.65 96.82
N LEU I 3569 54.61 -40.00 96.97
CA LEU I 3569 54.33 -39.23 98.17
C LEU I 3569 54.30 -40.17 99.37
N PRO I 3570 55.08 -39.89 100.43
CA PRO I 3570 55.20 -40.86 101.53
C PRO I 3570 53.90 -41.16 102.25
N GLY I 3571 53.01 -40.18 102.40
CA GLY I 3571 51.74 -40.44 103.06
C GLY I 3571 50.74 -41.21 102.25
N ARG I 3572 50.98 -41.36 100.95
CA ARG I 3572 50.09 -42.14 100.11
C ARG I 3572 50.20 -43.62 100.41
N GLU I 3573 49.08 -44.32 100.28
CA GLU I 3573 49.01 -45.76 100.51
C GLU I 3573 48.32 -46.43 99.33
N GLU I 3574 48.63 -47.71 99.13
CA GLU I 3574 48.09 -48.45 98.00
C GLU I 3574 46.63 -48.85 98.19
N ASP I 3575 46.12 -48.81 99.42
CA ASP I 3575 44.73 -49.15 99.67
C ASP I 3575 43.78 -47.97 99.47
N ALA I 3576 44.31 -46.78 99.17
CA ALA I 3576 43.49 -45.60 98.97
C ALA I 3576 42.94 -45.49 97.56
N ASP I 3577 42.94 -46.59 96.80
CA ASP I 3577 42.37 -46.63 95.46
C ASP I 3577 40.88 -46.97 95.47
N ASP I 3578 40.22 -46.81 96.60
CA ASP I 3578 38.79 -47.11 96.68
C ASP I 3578 37.99 -46.08 95.91
N PRO I 3579 37.18 -46.49 94.94
CA PRO I 3579 36.42 -45.51 94.15
C PRO I 3579 35.46 -44.69 94.99
N GLU I 3580 34.99 -45.23 96.12
CA GLU I 3580 34.07 -44.48 96.98
C GLU I 3580 34.78 -43.28 97.62
N LYS I 3581 35.94 -43.50 98.23
CA LYS I 3581 36.71 -42.39 98.78
C LYS I 3581 37.09 -41.41 97.68
N ILE I 3582 37.44 -41.93 96.50
CA ILE I 3582 37.83 -41.07 95.39
C ILE I 3582 36.67 -40.16 94.99
N VAL I 3583 35.46 -40.73 94.85
CA VAL I 3583 34.34 -39.92 94.38
C VAL I 3583 33.92 -38.90 95.43
N ARG I 3584 33.96 -39.29 96.72
CA ARG I 3584 33.63 -38.32 97.77
C ARG I 3584 34.60 -37.15 97.74
N ARG I 3585 35.89 -37.42 97.61
CA ARG I 3585 36.86 -36.33 97.67
C ARG I 3585 36.79 -35.46 96.42
N VAL I 3586 36.52 -36.03 95.25
CA VAL I 3586 36.47 -35.18 94.06
C VAL I 3586 35.23 -34.29 94.10
N GLN I 3587 34.09 -34.83 94.53
CA GLN I 3587 32.89 -33.99 94.59
C GLN I 3587 33.05 -32.89 95.64
N GLU I 3588 33.69 -33.21 96.76
CA GLU I 3588 33.91 -32.20 97.78
C GLU I 3588 34.82 -31.09 97.27
N VAL I 3589 35.92 -31.45 96.62
CA VAL I 3589 36.84 -30.45 96.06
C VAL I 3589 36.13 -29.64 94.99
N SER I 3590 35.28 -30.29 94.20
CA SER I 3590 34.52 -29.59 93.17
C SER I 3590 33.62 -28.53 93.78
N ALA I 3591 32.89 -28.89 94.84
CA ALA I 3591 32.04 -27.92 95.51
C ALA I 3591 32.83 -26.73 96.02
N VAL I 3592 33.93 -27.00 96.73
CA VAL I 3592 34.73 -25.94 97.34
C VAL I 3592 35.25 -24.97 96.27
N LEU I 3593 35.98 -25.50 95.28
CA LEU I 3593 36.65 -24.57 94.38
C LEU I 3593 35.68 -24.00 93.35
N TYR I 3594 34.52 -24.62 93.14
CA TYR I 3594 33.52 -24.02 92.26
C TYR I 3594 32.92 -22.79 92.90
N HIS I 3595 32.51 -22.89 94.17
CA HIS I 3595 32.04 -21.69 94.85
C HIS I 3595 33.17 -20.70 95.05
N LEU I 3596 34.41 -21.18 95.16
CA LEU I 3596 35.56 -20.28 95.27
C LEU I 3596 35.74 -19.47 93.99
N GLU I 3597 35.69 -20.12 92.83
CA GLU I 3597 35.82 -19.38 91.59
C GLU I 3597 34.59 -18.50 91.35
N GLN I 3598 33.44 -18.89 91.90
CA GLN I 3598 32.28 -18.01 91.87
C GLN I 3598 32.55 -16.72 92.63
N THR I 3599 33.22 -16.81 93.78
CA THR I 3599 33.49 -15.60 94.53
C THR I 3599 34.62 -14.77 93.90
N GLU I 3600 35.58 -15.42 93.23
CA GLU I 3600 36.61 -14.64 92.54
C GLU I 3600 36.04 -13.94 91.31
N HIS I 3601 35.15 -14.61 90.57
CA HIS I 3601 34.53 -14.05 89.37
C HIS I 3601 33.02 -14.11 89.54
N PRO I 3602 32.43 -13.15 90.26
CA PRO I 3602 30.98 -13.10 90.46
C PRO I 3602 30.28 -12.28 89.38
N THR I 3629 9.27 26.77 97.75
CA THR I 3629 8.73 25.62 97.04
C THR I 3629 7.31 25.21 97.54
N PRO I 3630 7.06 25.21 98.86
CA PRO I 3630 5.66 25.06 99.29
C PRO I 3630 4.82 26.21 98.79
N LEU I 3631 3.55 25.92 98.48
CA LEU I 3631 2.68 26.94 97.94
C LEU I 3631 2.29 27.99 98.98
N TYR I 3632 2.45 27.68 100.27
CA TYR I 3632 2.00 28.61 101.30
C TYR I 3632 2.90 29.84 101.39
N ASN I 3633 4.21 29.66 101.19
CA ASN I 3633 5.12 30.80 101.31
C ASN I 3633 5.09 31.70 100.08
N LEU I 3634 4.42 31.29 99.02
CA LEU I 3634 4.24 32.14 97.86
C LEU I 3634 3.31 33.30 98.21
N PRO I 3635 3.46 34.45 97.55
CA PRO I 3635 2.55 35.57 97.81
C PRO I 3635 1.12 35.21 97.44
N THR I 3636 0.18 35.83 98.15
CA THR I 3636 -1.23 35.49 97.97
C THR I 3636 -1.71 35.80 96.56
N HIS I 3637 -1.33 36.96 96.03
CA HIS I 3637 -1.77 37.34 94.70
C HIS I 3637 -1.20 36.41 93.64
N ARG I 3638 0.07 36.04 93.77
CA ARG I 3638 0.69 35.13 92.80
C ARG I 3638 0.06 33.75 92.90
N ALA I 3639 -0.27 33.31 94.12
CA ALA I 3639 -0.99 32.06 94.28
C ALA I 3639 -2.34 32.11 93.58
N CYS I 3640 -3.03 33.25 93.67
CA CYS I 3640 -4.29 33.41 92.96
C CYS I 3640 -4.08 33.33 91.45
N ASN I 3641 -2.97 33.88 90.95
CA ASN I 3641 -2.70 33.79 89.52
C ASN I 3641 -2.49 32.34 89.08
N MET I 3642 -1.74 31.57 89.86
CA MET I 3642 -1.57 30.15 89.52
C MET I 3642 -2.89 29.42 89.58
N PHE I 3643 -3.72 29.73 90.58
CA PHE I 3643 -5.03 29.09 90.68
C PHE I 3643 -5.89 29.41 89.47
N LEU I 3644 -5.91 30.68 89.06
CA LEU I 3644 -6.73 31.07 87.91
C LEU I 3644 -6.27 30.38 86.65
N GLU I 3645 -4.95 30.34 86.43
CA GLU I 3645 -4.42 29.72 85.21
C GLU I 3645 -4.76 28.24 85.18
N SER I 3646 -4.51 27.53 86.28
CA SER I 3646 -4.73 26.09 86.26
C SER I 3646 -6.22 25.74 86.25
N TYR I 3647 -7.05 26.55 86.93
CA TYR I 3647 -8.49 26.34 86.86
C TYR I 3647 -9.00 26.54 85.44
N LYS I 3648 -8.51 27.57 84.76
CA LYS I 3648 -8.88 27.79 83.37
C LYS I 3648 -8.49 26.61 82.50
N ALA I 3649 -7.28 26.08 82.70
CA ALA I 3649 -6.81 24.99 81.87
C ALA I 3649 -7.42 23.64 82.22
N ALA I 3650 -7.97 23.48 83.42
CA ALA I 3650 -8.40 22.17 83.88
C ALA I 3650 -9.90 21.99 84.01
N TRP I 3651 -10.67 23.05 84.20
CA TRP I 3651 -12.11 22.90 84.36
C TRP I 3651 -12.90 23.52 83.21
N ILE I 3652 -12.69 24.81 82.94
CA ILE I 3652 -13.51 25.48 81.94
C ILE I 3652 -13.21 24.96 80.55
N LEU I 3653 -11.92 24.77 80.25
CA LEU I 3653 -11.53 24.27 78.92
C LEU I 3653 -12.10 22.89 78.65
N THR I 3654 -12.06 22.00 79.63
CA THR I 3654 -12.63 20.67 79.47
C THR I 3654 -14.14 20.67 79.56
N GLU I 3655 -14.74 21.74 80.06
CA GLU I 3655 -16.19 21.80 80.20
C GLU I 3655 -16.78 22.12 78.84
N ASP I 3656 -17.06 21.07 78.07
CA ASP I 3656 -17.60 21.26 76.73
C ASP I 3656 -19.10 21.58 76.79
N HIS I 3657 -19.59 22.23 75.74
CA HIS I 3657 -20.99 22.63 75.68
C HIS I 3657 -21.37 22.76 74.22
N SER I 3658 -22.50 22.18 73.86
CA SER I 3658 -22.98 22.20 72.48
C SER I 3658 -24.05 23.27 72.34
N PHE I 3659 -23.79 24.24 71.48
CA PHE I 3659 -24.75 25.26 71.14
C PHE I 3659 -24.84 25.51 69.65
N GLU I 3660 -23.96 24.92 68.85
CA GLU I 3660 -23.94 25.19 67.42
C GLU I 3660 -25.22 24.74 66.75
N ASP I 3661 -25.71 23.55 67.07
CA ASP I 3661 -26.94 23.07 66.45
C ASP I 3661 -28.13 23.95 66.84
N ARG I 3662 -28.24 24.32 68.11
CA ARG I 3662 -29.35 25.15 68.54
C ARG I 3662 -29.30 26.52 67.88
N MET I 3663 -28.11 27.11 67.80
CA MET I 3663 -28.01 28.48 67.32
C MET I 3663 -28.14 28.55 65.81
N ILE I 3664 -27.62 27.56 65.08
CA ILE I 3664 -27.86 27.50 63.65
C ILE I 3664 -29.33 27.27 63.35
N ASP I 3665 -30.00 26.42 64.14
CA ASP I 3665 -31.43 26.24 63.94
C ASP I 3665 -32.20 27.53 64.18
N ASP I 3666 -31.85 28.25 65.25
CA ASP I 3666 -32.55 29.50 65.55
C ASP I 3666 -32.28 30.56 64.49
N LEU I 3667 -31.08 30.57 63.91
CA LEU I 3667 -30.82 31.52 62.84
C LEU I 3667 -31.52 31.10 61.55
N SER I 3668 -31.75 29.81 61.35
CA SER I 3668 -32.38 29.35 60.12
C SER I 3668 -33.89 29.51 60.13
N LYS I 3669 -34.51 29.57 61.30
CA LYS I 3669 -35.95 29.86 61.34
C LYS I 3669 -36.22 31.25 60.79
N ALA I 3670 -37.18 31.34 59.88
CA ALA I 3670 -37.43 32.59 59.16
C ALA I 3670 -38.31 33.56 59.92
N GLY I 3671 -38.97 33.12 60.99
CA GLY I 3671 -39.81 34.01 61.77
C GLY I 3671 -41.24 34.09 61.26
N GLU I 3672 -41.76 35.31 61.19
CA GLU I 3672 -43.16 35.54 60.79
C GLU I 3672 -43.27 36.22 59.44
N GLN I 3673 -42.14 36.38 58.72
CA GLN I 3673 -42.14 37.12 57.46
C GLN I 3673 -43.06 36.47 56.42
N GLU I 3674 -43.04 35.15 56.33
CA GLU I 3674 -43.92 34.46 55.39
C GLU I 3674 -45.38 34.58 55.82
N GLU I 3675 -45.63 34.63 57.14
CA GLU I 3675 -46.98 34.82 57.63
C GLU I 3675 -47.53 36.19 57.22
N GLU I 3676 -46.70 37.23 57.30
CA GLU I 3676 -47.17 38.55 56.90
C GLU I 3676 -47.30 38.66 55.38
N GLU I 3677 -46.42 38.00 54.62
CA GLU I 3677 -46.50 38.04 53.16
C GLU I 3677 -46.27 36.62 52.62
N GLU I 3678 -47.35 35.86 52.53
CA GLU I 3678 -47.30 34.58 51.81
C GLU I 3678 -47.13 34.80 50.32
N GLU I 3679 -47.90 35.73 49.75
CA GLU I 3679 -47.97 35.91 48.29
C GLU I 3679 -46.75 36.62 47.71
N VAL I 3680 -45.85 37.12 48.54
CA VAL I 3680 -44.67 37.83 48.06
C VAL I 3680 -43.52 36.84 47.93
N GLU I 3681 -42.97 36.73 46.72
CA GLU I 3681 -41.79 35.91 46.48
C GLU I 3681 -40.52 36.76 46.54
N GLU I 3682 -39.38 36.08 46.47
CA GLU I 3682 -38.07 36.69 46.71
C GLU I 3682 -38.04 37.42 48.04
N LYS I 3683 -38.46 36.70 49.08
CA LYS I 3683 -38.59 37.27 50.41
C LYS I 3683 -37.22 37.65 50.98
N LYS I 3684 -37.25 38.35 52.09
CA LYS I 3684 -36.01 38.72 52.76
C LYS I 3684 -35.29 37.46 53.22
N PRO I 3685 -33.96 37.45 53.18
CA PRO I 3685 -33.22 36.27 53.63
C PRO I 3685 -33.41 35.99 55.10
N ASP I 3686 -33.26 34.73 55.47
CA ASP I 3686 -33.27 34.32 56.87
C ASP I 3686 -32.08 34.95 57.58
N PRO I 3687 -32.09 35.02 58.91
CA PRO I 3687 -30.93 35.58 59.63
C PRO I 3687 -29.62 34.90 59.29
N LEU I 3688 -29.64 33.57 59.17
CA LEU I 3688 -28.44 32.86 58.77
C LEU I 3688 -28.01 33.25 57.37
N HIS I 3689 -28.98 33.40 56.47
CA HIS I 3689 -28.67 33.81 55.10
C HIS I 3689 -28.03 35.19 55.08
N GLN I 3690 -28.54 36.11 55.89
CA GLN I 3690 -27.95 37.45 55.93
C GLN I 3690 -26.53 37.38 56.47
N LEU I 3691 -26.30 36.52 57.47
CA LEU I 3691 -24.97 36.37 58.03
C LEU I 3691 -23.97 35.87 56.98
N VAL I 3692 -24.34 34.82 56.26
CA VAL I 3692 -23.48 34.28 55.22
C VAL I 3692 -23.26 35.31 54.12
N LEU I 3693 -24.31 36.07 53.79
CA LEU I 3693 -24.15 37.12 52.78
C LEU I 3693 -23.17 38.18 53.25
N HIS I 3694 -23.19 38.50 54.54
CA HIS I 3694 -22.25 39.49 55.06
C HIS I 3694 -20.81 39.02 54.90
N PHE I 3695 -20.56 37.75 55.25
CA PHE I 3695 -19.21 37.21 55.10
C PHE I 3695 -18.80 37.16 53.63
N SER I 3696 -19.75 36.83 52.74
CA SER I 3696 -19.46 36.85 51.31
C SER I 3696 -19.10 38.26 50.86
N ARG I 3697 -19.77 39.26 51.42
CA ARG I 3697 -19.50 40.64 51.05
C ARG I 3697 -18.09 41.06 51.45
N THR I 3698 -17.69 40.73 52.70
CA THR I 3698 -16.33 41.03 53.12
C THR I 3698 -15.31 40.22 52.35
N ALA I 3699 -15.69 39.03 51.87
CA ALA I 3699 -14.77 38.23 51.07
C ALA I 3699 -14.58 38.84 49.68
N LEU I 3700 -15.66 39.30 49.06
CA LEU I 3700 -15.59 39.85 47.71
C LEU I 3700 -15.09 41.27 47.66
N THR I 3701 -14.96 41.95 48.79
CA THR I 3701 -14.38 43.28 48.76
C THR I 3701 -12.93 43.23 48.30
N GLU I 3702 -12.46 44.31 47.71
CA GLU I 3702 -11.13 44.37 47.14
C GLU I 3702 -10.14 44.81 48.21
N LYS I 3703 -9.12 43.99 48.45
CA LYS I 3703 -8.14 44.29 49.49
C LYS I 3703 -6.88 43.49 49.21
N SER I 3704 -5.75 44.02 49.68
CA SER I 3704 -4.46 43.36 49.44
C SER I 3704 -4.39 42.01 50.12
N LYS I 3705 -4.90 41.90 51.36
CA LYS I 3705 -4.89 40.66 52.09
C LYS I 3705 -6.13 40.60 52.97
N LEU I 3706 -6.49 39.37 53.36
CA LEU I 3706 -7.65 39.14 54.21
C LEU I 3706 -7.21 39.22 55.66
N ASP I 3707 -7.60 40.30 56.34
CA ASP I 3707 -7.23 40.47 57.74
C ASP I 3707 -7.96 39.46 58.60
N GLU I 3708 -7.25 38.93 59.60
CA GLU I 3708 -7.84 37.94 60.47
C GLU I 3708 -8.90 38.57 61.36
N ASP I 3709 -10.06 37.92 61.49
CA ASP I 3709 -11.06 38.39 62.43
C ASP I 3709 -11.75 37.23 63.12
N TYR I 3710 -11.89 37.36 64.44
CA TYR I 3710 -12.46 36.29 65.25
C TYR I 3710 -13.95 36.14 65.00
N LEU I 3711 -14.60 37.15 64.45
CA LEU I 3711 -16.03 37.03 64.16
C LEU I 3711 -16.28 35.93 63.13
N TYR I 3712 -15.59 36.01 61.99
CA TYR I 3712 -15.76 34.95 61.00
C TYR I 3712 -15.13 33.65 61.46
N MET I 3713 -14.02 33.71 62.20
CA MET I 3713 -13.45 32.47 62.72
C MET I 3713 -14.47 31.71 63.57
N ALA I 3714 -15.11 32.40 64.51
CA ALA I 3714 -16.07 31.75 65.37
C ALA I 3714 -17.26 31.25 64.58
N TYR I 3715 -17.74 32.04 63.62
CA TYR I 3715 -18.95 31.64 62.91
C TYR I 3715 -18.70 30.48 61.96
N ALA I 3716 -17.55 30.46 61.29
CA ALA I 3716 -17.23 29.31 60.45
C ALA I 3716 -17.02 28.06 61.30
N ASP I 3717 -16.44 28.21 62.48
CA ASP I 3717 -16.30 27.07 63.38
C ASP I 3717 -17.68 26.55 63.79
N ILE I 3718 -18.61 27.46 64.09
CA ILE I 3718 -19.96 27.05 64.47
C ILE I 3718 -20.64 26.32 63.33
N MET I 3719 -20.54 26.88 62.13
CA MET I 3719 -21.24 26.30 60.99
C MET I 3719 -20.64 24.96 60.59
N ALA I 3720 -19.36 24.75 60.87
CA ALA I 3720 -18.79 23.42 60.63
C ALA I 3720 -19.25 22.42 61.68
N LYS I 3721 -19.27 22.83 62.95
CA LYS I 3721 -19.69 21.89 63.99
C LYS I 3721 -21.18 21.60 63.94
N SER I 3722 -21.96 22.38 63.21
CA SER I 3722 -23.37 22.03 63.03
C SER I 3722 -23.52 20.81 62.13
N CYS I 3723 -22.77 20.77 61.03
CA CYS I 3723 -22.85 19.63 60.11
C CYS I 3723 -22.10 18.42 60.63
N HIS I 3724 -21.02 18.63 61.40
CA HIS I 3724 -20.24 17.51 61.92
C HIS I 3724 -21.00 16.66 62.94
N LEU I 3725 -22.24 16.99 63.26
CA LEU I 3725 -23.00 16.15 64.18
C LEU I 3725 -23.17 14.75 63.63
N GLU I 3726 -23.57 14.63 62.37
CA GLU I 3726 -23.72 13.32 61.75
C GLU I 3726 -22.41 12.75 61.25
N GLU I 3727 -21.35 13.55 61.19
CA GLU I 3727 -20.04 13.02 60.81
C GLU I 3727 -19.51 12.09 61.88
N GLY I 3728 -19.54 12.53 63.15
CA GLY I 3728 -19.15 11.67 64.25
C GLY I 3728 -20.24 10.73 64.70
N GLY I 3729 -21.49 11.02 64.34
CA GLY I 3729 -22.60 10.18 64.72
C GLY I 3729 -23.61 10.88 65.61
N GLU I 3730 -23.11 11.65 66.57
CA GLU I 3730 -23.98 12.34 67.52
C GLU I 3730 -24.70 13.51 66.88
N GLU I 3737 -15.25 -2.99 67.76
CA GLU I 3737 -16.06 -2.10 68.58
C GLU I 3737 -17.15 -1.43 67.75
N GLU I 3738 -16.86 -1.23 66.46
CA GLU I 3738 -17.84 -0.65 65.53
C GLU I 3738 -18.70 -1.78 65.00
N VAL I 3739 -19.80 -2.06 65.72
CA VAL I 3739 -20.71 -3.15 65.36
C VAL I 3739 -21.44 -2.79 64.08
N GLU I 3740 -22.10 -3.78 63.48
CA GLU I 3740 -22.83 -3.56 62.24
C GLU I 3740 -24.00 -2.62 62.47
N VAL I 3741 -24.33 -1.86 61.43
CA VAL I 3741 -25.38 -0.85 61.50
C VAL I 3741 -26.45 -1.21 60.47
N SER I 3742 -27.71 -1.06 60.84
CA SER I 3742 -28.80 -1.33 59.92
C SER I 3742 -28.70 -0.43 58.70
N PHE I 3743 -29.10 -0.98 57.54
CA PHE I 3743 -29.10 -0.17 56.32
C PHE I 3743 -30.04 1.01 56.47
N GLU I 3744 -31.17 0.80 57.15
CA GLU I 3744 -32.08 1.90 57.44
C GLU I 3744 -31.40 2.99 58.25
N GLU I 3745 -30.67 2.59 59.29
CA GLU I 3745 -29.99 3.58 60.13
C GLU I 3745 -28.91 4.32 59.37
N LYS I 3746 -28.13 3.60 58.56
CA LYS I 3746 -27.07 4.25 57.79
C LYS I 3746 -27.65 5.24 56.80
N GLU I 3747 -28.71 4.86 56.09
CA GLU I 3747 -29.30 5.77 55.13
C GLU I 3747 -29.93 6.98 55.82
N MET I 3748 -30.53 6.77 56.99
CA MET I 3748 -31.10 7.91 57.69
C MET I 3748 -30.03 8.84 58.25
N GLU I 3749 -28.86 8.30 58.60
CA GLU I 3749 -27.74 9.17 58.97
C GLU I 3749 -27.27 9.99 57.78
N LYS I 3750 -27.21 9.39 56.60
CA LYS I 3750 -26.91 10.18 55.41
C LYS I 3750 -27.96 11.24 55.18
N GLN I 3751 -29.23 10.93 55.46
CA GLN I 3751 -30.28 11.94 55.28
C GLN I 3751 -30.13 13.08 56.26
N ARG I 3752 -29.80 12.79 57.53
CA ARG I 3752 -29.58 13.86 58.50
C ARG I 3752 -28.43 14.75 58.06
N LEU I 3753 -27.33 14.13 57.61
CA LEU I 3753 -26.18 14.92 57.17
C LEU I 3753 -26.53 15.75 55.95
N LEU I 3754 -27.32 15.19 55.02
CA LEU I 3754 -27.71 15.96 53.85
C LEU I 3754 -28.58 17.15 54.24
N TYR I 3755 -29.46 16.97 55.22
CA TYR I 3755 -30.27 18.09 55.66
C TYR I 3755 -29.41 19.18 56.29
N GLN I 3756 -28.50 18.79 57.19
CA GLN I 3756 -27.67 19.79 57.86
C GLN I 3756 -26.74 20.47 56.89
N GLN I 3757 -26.35 19.81 55.81
CA GLN I 3757 -25.57 20.47 54.79
C GLN I 3757 -26.43 21.37 53.91
N SER I 3758 -27.69 21.01 53.70
CA SER I 3758 -28.59 21.87 52.94
C SER I 3758 -28.87 23.16 53.68
N ARG I 3759 -28.95 23.08 55.01
CA ARG I 3759 -29.23 24.25 55.82
C ARG I 3759 -28.22 25.35 55.60
N LEU I 3760 -27.02 25.01 55.17
CA LEU I 3760 -25.99 26.00 54.88
C LEU I 3760 -25.77 26.23 53.40
N HIS I 3761 -25.84 25.20 52.56
CA HIS I 3761 -25.51 25.42 51.16
C HIS I 3761 -26.68 25.95 50.36
N THR I 3762 -27.90 25.97 50.90
CA THR I 3762 -28.96 26.73 50.26
C THR I 3762 -28.91 28.20 50.66
N ARG I 3763 -27.94 28.59 51.48
CA ARG I 3763 -27.82 29.94 51.99
C ARG I 3763 -26.49 30.57 51.62
N GLY I 3764 -25.85 30.10 50.56
CA GLY I 3764 -24.67 30.75 50.02
C GLY I 3764 -23.34 30.33 50.62
N ALA I 3765 -23.34 29.37 51.55
CA ALA I 3765 -22.08 28.94 52.16
C ALA I 3765 -21.16 28.30 51.13
N ALA I 3766 -21.74 27.58 50.17
CA ALA I 3766 -20.95 26.91 49.15
C ALA I 3766 -20.17 27.92 48.32
N GLU I 3767 -20.78 29.06 48.04
CA GLU I 3767 -20.04 30.11 47.35
C GLU I 3767 -19.08 30.84 48.27
N MET I 3768 -19.44 31.01 49.54
CA MET I 3768 -18.64 31.85 50.42
C MET I 3768 -17.29 31.20 50.72
N VAL I 3769 -17.25 29.87 50.84
CA VAL I 3769 -15.97 29.21 51.07
C VAL I 3769 -15.04 29.41 49.88
N LEU I 3770 -15.58 29.31 48.66
CA LEU I 3770 -14.76 29.57 47.48
C LEU I 3770 -14.27 31.00 47.48
N GLN I 3771 -15.14 31.95 47.83
CA GLN I 3771 -14.75 33.35 47.79
C GLN I 3771 -13.64 33.64 48.78
N MET I 3772 -13.71 33.06 49.98
CA MET I 3772 -12.68 33.35 50.97
C MET I 3772 -11.38 32.62 50.67
N ILE I 3773 -11.44 31.42 50.10
CA ILE I 3773 -10.21 30.78 49.66
C ILE I 3773 -9.54 31.59 48.57
N SER I 3774 -10.33 32.14 47.65
CA SER I 3774 -9.75 33.00 46.62
C SER I 3774 -9.24 34.31 47.20
N ALA I 3775 -9.86 34.80 48.27
CA ALA I 3775 -9.45 36.08 48.85
C ALA I 3775 -8.17 35.96 49.64
N CYS I 3776 -7.93 34.82 50.30
CA CYS I 3776 -6.72 34.68 51.09
C CYS I 3776 -5.46 34.68 50.23
N LYS I 3777 -5.57 34.36 48.94
CA LYS I 3777 -4.47 34.42 47.99
C LYS I 3777 -3.26 33.61 48.45
N GLY I 3778 -3.53 32.44 49.02
CA GLY I 3778 -2.44 31.57 49.43
C GLY I 3778 -1.72 32.00 50.68
N GLU I 3779 -2.34 32.81 51.52
CA GLU I 3779 -1.76 33.20 52.80
C GLU I 3779 -2.19 32.16 53.83
N THR I 3780 -1.24 31.33 54.26
CA THR I 3780 -1.53 30.35 55.29
C THR I 3780 -1.89 31.05 56.59
N GLY I 3781 -2.98 30.63 57.21
CA GLY I 3781 -3.41 31.26 58.45
C GLY I 3781 -4.68 30.63 58.94
N ALA I 3782 -5.15 31.13 60.09
CA ALA I 3782 -6.36 30.59 60.68
C ALA I 3782 -7.58 30.87 59.82
N MET I 3783 -7.55 31.93 59.00
CA MET I 3783 -8.66 32.21 58.12
C MET I 3783 -8.84 31.13 57.07
N VAL I 3784 -7.77 30.80 56.34
CA VAL I 3784 -7.90 29.75 55.34
C VAL I 3784 -8.12 28.41 56.01
N SER I 3785 -7.61 28.23 57.23
CA SER I 3785 -7.85 26.98 57.95
C SER I 3785 -9.33 26.81 58.27
N SER I 3786 -9.96 27.86 58.79
CA SER I 3786 -11.39 27.78 59.12
C SER I 3786 -12.23 27.62 57.87
N THR I 3787 -11.87 28.31 56.79
CA THR I 3787 -12.61 28.16 55.55
C THR I 3787 -12.52 26.74 55.02
N LEU I 3788 -11.33 26.14 55.05
CA LEU I 3788 -11.18 24.78 54.57
C LEU I 3788 -11.96 23.80 55.44
N LYS I 3789 -11.94 23.99 56.75
CA LYS I 3789 -12.70 23.10 57.62
C LYS I 3789 -14.19 23.20 57.35
N LEU I 3790 -14.68 24.42 57.12
CA LEU I 3790 -16.09 24.57 56.78
C LEU I 3790 -16.41 23.90 55.45
N GLY I 3791 -15.55 24.07 54.45
CA GLY I 3791 -15.80 23.44 53.15
C GLY I 3791 -15.85 21.93 53.25
N ILE I 3792 -14.98 21.35 54.07
CA ILE I 3792 -15.03 19.92 54.32
C ILE I 3792 -16.34 19.55 55.00
N SER I 3793 -16.80 20.38 55.92
CA SER I 3793 -18.06 20.08 56.61
C SER I 3793 -19.24 20.07 55.65
N ILE I 3794 -19.27 21.01 54.70
CA ILE I 3794 -20.35 21.02 53.72
C ILE I 3794 -20.23 19.84 52.76
N LEU I 3795 -19.02 19.51 52.34
CA LEU I 3795 -18.82 18.52 51.29
C LEU I 3795 -18.66 17.11 51.83
N ASN I 3796 -18.83 16.89 53.13
CA ASN I 3796 -18.68 15.56 53.69
C ASN I 3796 -19.66 14.59 53.05
N GLY I 3797 -19.18 13.38 52.76
CA GLY I 3797 -19.99 12.42 52.05
C GLY I 3797 -20.06 12.64 50.56
N GLY I 3798 -19.36 13.64 50.04
CA GLY I 3798 -19.33 13.90 48.61
C GLY I 3798 -20.69 14.21 48.02
N ASN I 3799 -21.50 15.01 48.72
CA ASN I 3799 -22.83 15.32 48.23
C ASN I 3799 -22.74 16.16 46.97
N ALA I 3800 -23.64 15.89 46.02
CA ALA I 3800 -23.49 16.43 44.68
C ALA I 3800 -24.04 17.83 44.53
N GLU I 3801 -24.96 18.25 45.41
CA GLU I 3801 -25.51 19.60 45.28
C GLU I 3801 -24.45 20.65 45.49
N VAL I 3802 -23.65 20.51 46.55
CA VAL I 3802 -22.62 21.50 46.83
C VAL I 3802 -21.53 21.46 45.77
N GLN I 3803 -21.22 20.27 45.28
CA GLN I 3803 -20.25 20.18 44.19
C GLN I 3803 -20.76 20.92 42.96
N GLN I 3804 -22.04 20.77 42.64
CA GLN I 3804 -22.60 21.45 41.48
C GLN I 3804 -22.61 22.96 41.68
N LYS I 3805 -22.95 23.43 42.87
CA LYS I 3805 -22.96 24.87 43.13
C LYS I 3805 -21.56 25.44 43.05
N MET I 3806 -20.57 24.73 43.59
CA MET I 3806 -19.19 25.19 43.53
C MET I 3806 -18.71 25.26 42.08
N LEU I 3807 -19.00 24.21 41.30
CA LEU I 3807 -18.57 24.20 39.90
C LEU I 3807 -19.24 25.29 39.10
N ASP I 3808 -20.54 25.50 39.32
CA ASP I 3808 -21.25 26.55 38.61
C ASP I 3808 -20.70 27.93 38.96
N TYR I 3809 -20.40 28.15 40.24
CA TYR I 3809 -19.85 29.44 40.64
C TYR I 3809 -18.50 29.69 39.98
N LEU I 3810 -17.61 28.70 40.00
CA LEU I 3810 -16.30 28.90 39.40
C LEU I 3810 -16.40 29.10 37.89
N LYS I 3811 -17.21 28.29 37.22
CA LYS I 3811 -17.32 28.41 35.77
C LYS I 3811 -17.96 29.71 35.36
N ASP I 3812 -18.83 30.29 36.19
CA ASP I 3812 -19.50 31.52 35.80
C ASP I 3812 -18.64 32.73 36.11
N LYS I 3813 -18.08 32.80 37.32
CA LYS I 3813 -17.22 33.94 37.65
C LYS I 3813 -15.90 33.91 36.91
N LYS I 3814 -15.51 32.77 36.35
CA LYS I 3814 -14.32 32.65 35.50
C LYS I 3814 -13.04 33.03 36.23
N GLU I 3815 -13.07 33.06 37.56
CA GLU I 3815 -11.95 33.59 38.31
C GLU I 3815 -10.80 32.61 38.36
N VAL I 3816 -9.59 33.14 38.46
CA VAL I 3816 -8.39 32.32 38.65
C VAL I 3816 -7.81 32.46 40.03
N GLY I 3817 -8.34 33.35 40.87
CA GLY I 3817 -7.79 33.55 42.19
C GLY I 3817 -7.91 32.32 43.06
N PHE I 3818 -9.01 31.57 42.91
CA PHE I 3818 -9.23 30.40 43.74
C PHE I 3818 -8.18 29.33 43.47
N PHE I 3819 -7.94 29.02 42.20
CA PHE I 3819 -6.99 27.96 41.90
C PHE I 3819 -5.55 28.40 42.10
N GLN I 3820 -5.25 29.68 41.86
CA GLN I 3820 -3.92 30.18 42.20
C GLN I 3820 -3.69 30.11 43.70
N SER I 3821 -4.71 30.39 44.50
CA SER I 3821 -4.59 30.29 45.94
C SER I 3821 -4.36 28.85 46.38
N ILE I 3822 -5.07 27.91 45.77
CA ILE I 3822 -4.87 26.50 46.11
C ILE I 3822 -3.45 26.06 45.78
N GLN I 3823 -2.96 26.45 44.60
CA GLN I 3823 -1.58 26.10 44.24
C GLN I 3823 -0.58 26.70 45.23
N ALA I 3824 -0.79 27.96 45.62
CA ALA I 3824 0.13 28.60 46.55
C ALA I 3824 0.12 27.90 47.90
N LEU I 3825 -1.06 27.57 48.42
CA LEU I 3825 -1.13 26.89 49.71
C LEU I 3825 -0.44 25.54 49.66
N MET I 3826 -0.65 24.79 48.57
CA MET I 3826 -0.03 23.48 48.47
C MET I 3826 1.49 23.60 48.35
N GLN I 3827 1.98 24.67 47.73
CA GLN I 3827 3.42 24.87 47.69
C GLN I 3827 3.98 25.30 49.04
N THR I 3828 3.17 25.94 49.87
CA THR I 3828 3.62 26.31 51.20
C THR I 3828 3.35 25.25 52.26
N CYS I 3829 2.75 24.12 51.88
CA CYS I 3829 2.68 22.99 52.78
C CYS I 3829 4.06 22.44 53.06
N SER I 3830 4.26 21.98 54.29
CA SER I 3830 5.57 21.55 54.74
C SER I 3830 5.72 20.03 54.67
N VAL I 3831 6.96 19.58 54.79
CA VAL I 3831 7.31 18.16 54.71
C VAL I 3831 8.14 17.80 55.93
N LEU I 3832 8.68 16.58 55.95
CA LEU I 3832 9.53 16.15 57.05
C LEU I 3832 10.89 16.82 56.92
N ASP I 3833 11.28 17.59 57.94
CA ASP I 3833 12.45 18.48 57.82
C ASP I 3833 13.77 17.77 58.09
N LEU I 3834 13.85 17.01 59.18
CA LEU I 3834 15.03 16.27 59.64
C LEU I 3834 16.10 17.20 60.23
N ASN I 3835 15.93 18.51 60.09
CA ASN I 3835 16.77 19.47 60.80
C ASN I 3835 16.07 20.01 62.03
N ALA I 3836 14.83 20.46 61.87
CA ALA I 3836 14.01 20.79 63.01
C ALA I 3836 13.81 19.58 63.92
N PHE I 3837 13.93 18.37 63.39
CA PHE I 3837 13.87 17.19 64.23
C PHE I 3837 15.03 17.14 65.20
N GLU I 3838 16.26 17.30 64.70
CA GLU I 3838 17.42 17.29 65.58
C GLU I 3838 17.36 18.43 66.57
N ARG I 3839 16.95 19.61 66.10
CA ARG I 3839 16.86 20.76 67.00
C ARG I 3839 15.84 20.53 68.10
N GLN I 3840 14.68 19.96 67.75
CA GLN I 3840 13.64 19.73 68.75
C GLN I 3840 14.04 18.62 69.70
N ASN I 3841 14.73 17.58 69.20
CA ASN I 3841 15.19 16.51 70.07
C ASN I 3841 16.20 17.03 71.09
N LYS I 3842 17.14 17.86 70.64
CA LYS I 3842 18.11 18.41 71.58
C LYS I 3842 17.45 19.37 72.55
N ALA I 3843 16.46 20.14 72.08
CA ALA I 3843 15.76 21.05 72.96
C ALA I 3843 14.99 20.32 74.03
N GLU I 3844 14.30 19.23 73.67
CA GLU I 3844 13.57 18.46 74.67
C GLU I 3844 14.51 17.72 75.59
N GLY I 3845 15.67 17.30 75.10
CA GLY I 3845 16.65 16.68 75.97
C GLY I 3845 17.33 17.67 76.90
N LEU I 3846 17.27 18.96 76.57
CA LEU I 3846 17.88 19.98 77.41
C LEU I 3846 17.24 20.00 78.81
N GLY I 3847 15.95 20.32 78.87
CA GLY I 3847 15.20 20.24 80.11
C GLY I 3847 15.65 21.15 81.24
N MET I 3848 15.87 22.43 80.95
CA MET I 3848 16.23 23.38 82.00
C MET I 3848 14.97 23.99 82.62
N VAL I 3849 15.18 24.69 83.73
CA VAL I 3849 14.11 25.34 84.49
C VAL I 3849 14.08 26.80 84.07
N ASN I 3850 12.99 27.21 83.42
CA ASN I 3850 12.77 28.60 83.04
C ASN I 3850 11.89 29.29 84.07
N GLU I 3851 11.43 30.49 83.73
CA GLU I 3851 10.44 31.18 84.55
C GLU I 3851 9.13 30.40 84.57
N ASP I 3852 8.81 29.67 83.51
CA ASP I 3852 7.56 28.92 83.43
C ASP I 3852 7.53 27.70 84.33
N GLY I 3853 8.67 27.31 84.91
CA GLY I 3853 8.76 26.17 85.79
C GLY I 3853 9.88 25.25 85.40
N THR I 3854 9.89 24.06 85.99
CA THR I 3854 10.91 23.07 85.66
C THR I 3854 10.80 22.61 84.21
N VAL I 3855 9.58 22.37 83.75
CA VAL I 3855 9.34 21.96 82.37
C VAL I 3855 9.12 23.21 81.51
N ILE I 3856 9.76 23.26 80.36
CA ILE I 3856 9.65 24.40 79.45
C ILE I 3856 8.35 24.23 78.67
N ASN I 3857 7.30 24.91 79.12
CA ASN I 3857 6.02 24.88 78.41
C ASN I 3857 5.98 25.84 77.22
N ARG I 3858 6.99 26.70 77.07
CA ARG I 3858 7.02 27.68 76.00
C ARG I 3858 7.88 27.23 74.82
N GLN I 3859 8.29 25.96 74.80
CA GLN I 3859 8.96 25.42 73.63
C GLN I 3859 8.02 25.40 72.44
N ASN I 3860 8.59 25.53 71.25
CA ASN I 3860 7.84 25.27 70.04
C ASN I 3860 7.42 23.81 70.03
N GLY I 3861 6.12 23.56 70.08
CA GLY I 3861 5.63 22.21 70.25
C GLY I 3861 6.07 21.26 69.16
N GLU I 3862 5.55 21.44 67.95
CA GLU I 3862 5.89 20.62 66.81
C GLU I 3862 6.51 21.52 65.75
N LYS I 3863 7.84 21.45 65.60
CA LYS I 3863 8.49 22.15 64.51
C LYS I 3863 8.79 21.24 63.33
N VAL I 3864 8.85 19.94 63.56
CA VAL I 3864 9.24 19.00 62.51
C VAL I 3864 8.16 18.87 61.45
N MET I 3865 6.90 18.76 61.87
CA MET I 3865 5.78 18.70 60.94
C MET I 3865 4.71 19.64 61.48
N ALA I 3866 4.80 20.90 61.09
CA ALA I 3866 3.78 21.87 61.44
C ALA I 3866 2.77 21.96 60.30
N ASP I 3867 1.56 22.39 60.65
CA ASP I 3867 0.45 22.49 59.71
C ASP I 3867 0.14 21.14 59.06
N ASP I 3868 0.39 20.04 59.78
CA ASP I 3868 -0.01 18.73 59.30
C ASP I 3868 -1.51 18.66 59.19
N GLU I 3869 -2.21 19.19 60.19
CA GLU I 3869 -3.66 19.17 60.18
C GLU I 3869 -4.19 20.10 59.08
N PHE I 3870 -3.48 21.19 58.80
CA PHE I 3870 -3.84 22.03 57.67
C PHE I 3870 -3.70 21.31 56.34
N THR I 3871 -2.58 20.63 56.12
CA THR I 3871 -2.40 20.01 54.81
C THR I 3871 -3.29 18.79 54.63
N GLN I 3872 -3.59 18.08 55.72
CA GLN I 3872 -4.62 17.04 55.63
C GLN I 3872 -5.95 17.64 55.26
N ASP I 3873 -6.31 18.78 55.84
CA ASP I 3873 -7.59 19.40 55.49
C ASP I 3873 -7.59 19.92 54.07
N LEU I 3874 -6.45 20.42 53.58
CA LEU I 3874 -6.39 20.93 52.22
C LEU I 3874 -6.61 19.81 51.21
N PHE I 3875 -5.91 18.68 51.37
CA PHE I 3875 -6.10 17.60 50.42
C PHE I 3875 -7.42 16.88 50.64
N ARG I 3876 -7.95 16.91 51.86
CA ARG I 3876 -9.30 16.41 52.07
C ARG I 3876 -10.31 17.24 51.29
N PHE I 3877 -10.13 18.55 51.28
CA PHE I 3877 -11.03 19.42 50.52
C PHE I 3877 -10.93 19.14 49.03
N LEU I 3878 -9.71 19.01 48.52
CA LEU I 3878 -9.56 18.69 47.10
C LEU I 3878 -10.12 17.33 46.75
N GLN I 3879 -10.07 16.38 47.68
CA GLN I 3879 -10.69 15.09 47.44
C GLN I 3879 -12.20 15.22 47.38
N LEU I 3880 -12.78 15.90 48.37
CA LEU I 3880 -14.23 16.00 48.44
C LEU I 3880 -14.81 16.79 47.29
N LEU I 3881 -14.00 17.61 46.60
CA LEU I 3881 -14.50 18.24 45.38
C LEU I 3881 -14.84 17.19 44.33
N CYS I 3882 -13.99 16.18 44.17
CA CYS I 3882 -14.18 15.17 43.14
C CYS I 3882 -14.78 13.87 43.67
N GLU I 3883 -15.19 13.83 44.93
CA GLU I 3883 -15.79 12.60 45.44
C GLU I 3883 -17.11 12.33 44.75
N GLY I 3884 -17.50 11.05 44.78
CA GLY I 3884 -18.67 10.64 44.04
C GLY I 3884 -18.45 10.53 42.55
N HIS I 3885 -17.20 10.56 42.09
CA HIS I 3885 -16.86 10.44 40.68
C HIS I 3885 -17.54 11.54 39.85
N ASN I 3886 -17.23 12.78 40.21
CA ASN I 3886 -17.82 13.95 39.56
C ASN I 3886 -16.88 14.35 38.42
N ASN I 3887 -17.14 13.78 37.24
CA ASN I 3887 -16.20 13.91 36.13
C ASN I 3887 -16.01 15.37 35.70
N ASP I 3888 -17.06 16.19 35.86
CA ASP I 3888 -16.93 17.60 35.49
C ASP I 3888 -15.90 18.31 36.36
N PHE I 3889 -15.98 18.10 37.68
CA PHE I 3889 -15.00 18.73 38.56
C PHE I 3889 -13.62 18.13 38.40
N GLN I 3890 -13.54 16.85 38.07
CA GLN I 3890 -12.25 16.23 37.83
C GLN I 3890 -11.55 16.87 36.63
N ASN I 3891 -12.28 17.02 35.53
CA ASN I 3891 -11.72 17.69 34.37
C ASN I 3891 -11.42 19.15 34.67
N TYR I 3892 -12.24 19.79 35.49
CA TYR I 3892 -11.98 21.17 35.87
C TYR I 3892 -10.67 21.30 36.63
N LEU I 3893 -10.40 20.37 37.54
CA LEU I 3893 -9.14 20.40 38.27
C LEU I 3893 -7.96 20.20 37.35
N ARG I 3894 -8.11 19.35 36.33
CA ARG I 3894 -6.99 19.16 35.41
C ARG I 3894 -6.74 20.41 34.59
N THR I 3895 -7.73 20.84 33.81
CA THR I 3895 -7.63 22.08 33.04
C THR I 3895 -8.93 22.84 33.17
N GLN I 3896 -8.82 24.15 33.40
CA GLN I 3896 -9.98 25.03 33.54
C GLN I 3896 -10.10 25.82 32.25
N THR I 3897 -10.79 25.25 31.27
CA THR I 3897 -11.06 25.98 30.04
C THR I 3897 -12.09 27.07 30.31
N GLY I 3898 -11.93 28.19 29.64
CA GLY I 3898 -12.76 29.35 29.91
C GLY I 3898 -11.98 30.44 30.60
N ASN I 3899 -11.14 30.06 31.57
CA ASN I 3899 -10.27 31.02 32.20
C ASN I 3899 -9.07 31.33 31.31
N THR I 3900 -8.40 32.43 31.62
CA THR I 3900 -7.23 32.81 30.85
C THR I 3900 -6.01 31.96 31.21
N THR I 3901 -5.92 31.49 32.45
CA THR I 3901 -4.77 30.74 32.93
C THR I 3901 -5.25 29.44 33.54
N THR I 3902 -4.51 28.36 33.27
CA THR I 3902 -4.85 27.04 33.77
C THR I 3902 -3.80 26.54 34.74
N ILE I 3903 -4.25 26.03 35.88
CA ILE I 3903 -3.37 25.47 36.90
C ILE I 3903 -3.74 24.00 37.08
N ASN I 3904 -2.79 23.11 36.79
CA ASN I 3904 -3.06 21.68 36.82
C ASN I 3904 -2.88 21.21 38.26
N ILE I 3905 -3.99 21.18 39.00
CA ILE I 3905 -3.95 20.79 40.40
C ILE I 3905 -3.50 19.34 40.56
N ILE I 3906 -3.82 18.49 39.60
CA ILE I 3906 -3.40 17.08 39.69
C ILE I 3906 -1.89 16.98 39.69
N ILE I 3907 -1.24 17.67 38.74
CA ILE I 3907 0.21 17.63 38.66
C ILE I 3907 0.83 18.29 39.87
N CYS I 3908 0.23 19.37 40.37
CA CYS I 3908 0.75 20.01 41.57
C CYS I 3908 0.67 19.08 42.78
N THR I 3909 -0.42 18.31 42.88
CA THR I 3909 -0.53 17.32 43.95
C THR I 3909 0.55 16.27 43.83
N VAL I 3910 0.83 15.82 42.60
CA VAL I 3910 1.90 14.85 42.40
C VAL I 3910 3.23 15.43 42.86
N ASP I 3911 3.46 16.71 42.59
CA ASP I 3911 4.72 17.34 43.00
C ASP I 3911 4.84 17.38 44.52
N TYR I 3912 3.76 17.71 45.22
CA TYR I 3912 3.81 17.66 46.68
C TYR I 3912 4.08 16.25 47.16
N LEU I 3913 3.48 15.25 46.51
CA LEU I 3913 3.73 13.87 46.89
C LEU I 3913 5.20 13.51 46.71
N LEU I 3914 5.81 13.98 45.63
CA LEU I 3914 7.21 13.71 45.39
C LEU I 3914 8.08 14.31 46.49
N ARG I 3915 7.76 15.54 46.92
CA ARG I 3915 8.49 16.15 48.02
C ARG I 3915 8.33 15.35 49.30
N LEU I 3916 7.11 14.90 49.59
CA LEU I 3916 6.90 14.12 50.80
C LEU I 3916 7.64 12.79 50.74
N GLN I 3917 7.69 12.18 49.55
CA GLN I 3917 8.42 10.93 49.40
C GLN I 3917 9.90 11.11 49.69
N GLU I 3918 10.50 12.18 49.16
CA GLU I 3918 11.91 12.42 49.43
C GLU I 3918 12.16 12.68 50.91
N SER I 3919 11.26 13.41 51.57
CA SER I 3919 11.45 13.67 52.99
C SER I 3919 11.33 12.40 53.81
N ILE I 3920 10.40 11.51 53.46
CA ILE I 3920 10.29 10.25 54.18
C ILE I 3920 11.51 9.38 53.95
N SER I 3921 12.03 9.36 52.73
CA SER I 3921 13.24 8.60 52.46
C SER I 3921 14.41 9.13 53.29
N ASP I 3922 14.55 10.45 53.38
CA ASP I 3922 15.61 11.02 54.20
C ASP I 3922 15.44 10.65 55.66
N PHE I 3923 14.20 10.66 56.15
CA PHE I 3923 13.96 10.27 57.54
C PHE I 3923 14.35 8.81 57.76
N TYR I 3924 14.01 7.94 56.80
CA TYR I 3924 14.38 6.54 56.94
C TYR I 3924 15.89 6.37 56.94
N TRP I 3925 16.61 7.13 56.10
CA TRP I 3925 18.06 7.05 56.14
C TRP I 3925 18.59 7.53 57.49
N TYR I 3926 17.95 8.53 58.08
CA TYR I 3926 18.38 8.99 59.39
C TYR I 3926 18.28 7.89 60.42
N TYR I 3927 17.23 7.08 60.35
CA TYR I 3927 17.08 5.97 61.29
C TYR I 3927 17.62 4.65 60.75
N SER I 3928 18.27 4.66 59.59
CA SER I 3928 18.72 3.42 58.98
C SER I 3928 19.75 2.71 59.85
N GLY I 3929 20.67 3.45 60.46
CA GLY I 3929 21.67 2.83 61.31
C GLY I 3929 21.17 2.48 62.69
N LYS I 3930 20.20 3.23 63.20
CA LYS I 3930 19.70 2.99 64.56
C LYS I 3930 18.98 1.66 64.64
N ASP I 3931 19.16 0.97 65.76
CA ASP I 3931 18.50 -0.31 65.95
C ASP I 3931 17.01 -0.15 66.20
N VAL I 3932 16.61 0.78 67.05
CA VAL I 3932 15.22 0.95 67.47
C VAL I 3932 14.84 2.42 67.31
N ILE I 3933 13.74 2.67 66.63
CA ILE I 3933 13.22 4.02 66.47
C ILE I 3933 12.57 4.44 67.79
N GLU I 3934 12.98 5.59 68.32
CA GLU I 3934 12.46 6.05 69.60
C GLU I 3934 11.08 6.67 69.42
N GLU I 3935 10.52 7.16 70.53
CA GLU I 3935 9.13 7.55 70.56
C GLU I 3935 8.86 8.77 69.67
N GLN I 3936 9.76 9.74 69.67
CA GLN I 3936 9.59 10.90 68.81
C GLN I 3936 9.66 10.53 67.34
N GLY I 3937 10.57 9.63 66.99
CA GLY I 3937 10.64 9.16 65.62
C GLY I 3937 9.38 8.44 65.19
N LYS I 3938 8.81 7.63 66.07
CA LYS I 3938 7.56 6.96 65.76
C LYS I 3938 6.43 7.96 65.56
N ARG I 3939 6.35 8.99 66.41
CA ARG I 3939 5.30 10.00 66.23
C ARG I 3939 5.47 10.75 64.91
N ASN I 3940 6.71 11.06 64.55
CA ASN I 3940 6.92 11.83 63.32
C ASN I 3940 6.64 11.00 62.08
N PHE I 3941 6.98 9.71 62.11
CA PHE I 3941 6.57 8.83 61.03
C PHE I 3941 5.05 8.73 60.96
N SER I 3942 4.38 8.70 62.11
CA SER I 3942 2.93 8.66 62.09
C SER I 3942 2.33 9.88 61.40
N LYS I 3943 2.85 11.06 61.72
CA LYS I 3943 2.37 12.28 61.08
C LYS I 3943 2.60 12.24 59.57
N ALA I 3944 3.83 11.94 59.16
CA ALA I 3944 4.15 11.96 57.73
C ALA I 3944 3.36 10.91 56.97
N MET I 3945 3.21 9.72 57.56
CA MET I 3945 2.51 8.65 56.87
C MET I 3945 1.02 8.91 56.80
N SER I 3946 0.43 9.53 57.83
CA SER I 3946 -0.97 9.89 57.74
C SER I 3946 -1.22 10.94 56.66
N VAL I 3947 -0.33 11.93 56.57
CA VAL I 3947 -0.46 12.92 55.50
C VAL I 3947 -0.30 12.27 54.14
N ALA I 3948 0.63 11.33 54.03
CA ALA I 3948 0.80 10.61 52.77
C ALA I 3948 -0.43 9.78 52.44
N LYS I 3949 -1.09 9.22 53.46
CA LYS I 3949 -2.33 8.50 53.22
C LYS I 3949 -3.41 9.42 52.67
N GLN I 3950 -3.52 10.63 53.21
CA GLN I 3950 -4.52 11.56 52.71
C GLN I 3950 -4.20 12.01 51.29
N VAL I 3951 -2.93 12.26 51.00
CA VAL I 3951 -2.53 12.65 49.64
C VAL I 3951 -2.83 11.51 48.67
N PHE I 3952 -2.54 10.28 49.07
CA PHE I 3952 -2.82 9.13 48.20
C PHE I 3952 -4.31 8.98 47.95
N ASN I 3953 -5.13 9.18 48.99
CA ASN I 3953 -6.57 9.08 48.80
C ASN I 3953 -7.08 10.13 47.83
N SER I 3954 -6.58 11.36 47.93
CA SER I 3954 -7.04 12.40 47.02
C SER I 3954 -6.57 12.14 45.59
N LEU I 3955 -5.33 11.65 45.44
CA LEU I 3955 -4.86 11.27 44.10
C LEU I 3955 -5.70 10.15 43.52
N THR I 3956 -6.10 9.20 44.37
CA THR I 3956 -7.00 8.15 43.91
C THR I 3956 -8.34 8.73 43.48
N GLU I 3957 -8.87 9.66 44.25
CA GLU I 3957 -10.18 10.20 43.95
C GLU I 3957 -10.16 11.06 42.69
N TYR I 3958 -9.00 11.57 42.29
CA TYR I 3958 -8.92 12.29 41.02
C TYR I 3958 -9.13 11.39 39.82
N ILE I 3959 -8.97 10.07 39.97
CA ILE I 3959 -9.00 9.16 38.84
C ILE I 3959 -9.89 7.94 39.05
N GLN I 3960 -10.60 7.85 40.16
CA GLN I 3960 -11.39 6.65 40.42
C GLN I 3960 -12.50 6.51 39.39
N GLY I 3961 -13.26 7.56 39.16
CA GLY I 3961 -14.08 7.61 37.98
C GLY I 3961 -13.14 7.54 36.81
N PRO I 3962 -13.49 6.77 35.78
CA PRO I 3962 -12.57 6.59 34.65
C PRO I 3962 -12.44 7.84 33.80
N CYS I 3963 -11.73 8.85 34.29
CA CYS I 3963 -11.49 10.08 33.55
C CYS I 3963 -10.17 9.91 32.81
N THR I 3964 -10.26 9.66 31.51
CA THR I 3964 -9.07 9.38 30.73
C THR I 3964 -8.09 10.54 30.76
N GLY I 3965 -8.60 11.77 30.88
CA GLY I 3965 -7.71 12.91 30.94
C GLY I 3965 -6.77 12.87 32.14
N ASN I 3966 -7.33 12.64 33.32
CA ASN I 3966 -6.48 12.58 34.51
C ASN I 3966 -5.64 11.32 34.55
N GLN I 3967 -6.14 10.21 34.00
CA GLN I 3967 -5.31 9.02 33.94
C GLN I 3967 -4.08 9.26 33.06
N GLN I 3968 -4.26 9.87 31.89
CA GLN I 3968 -3.11 10.18 31.05
C GLN I 3968 -2.20 11.21 31.71
N SER I 3969 -2.77 12.21 32.39
CA SER I 3969 -1.95 13.22 33.02
C SER I 3969 -1.07 12.62 34.10
N LEU I 3970 -1.63 11.72 34.92
CA LEU I 3970 -0.80 11.07 35.93
C LEU I 3970 0.18 10.09 35.32
N ALA I 3971 -0.17 9.46 34.21
CA ALA I 3971 0.77 8.57 33.55
C ALA I 3971 1.98 9.32 33.04
N HIS I 3972 1.77 10.52 32.50
CA HIS I 3972 2.87 11.33 31.99
C HIS I 3972 3.53 12.19 33.06
N SER I 3973 2.97 12.25 34.27
CA SER I 3973 3.52 13.10 35.31
C SER I 3973 4.72 12.41 35.96
N ARG I 3974 5.21 12.97 37.06
CA ARG I 3974 6.31 12.38 37.82
C ARG I 3974 5.83 11.43 38.91
N LEU I 3975 4.65 10.85 38.73
CA LEU I 3975 4.11 9.94 39.74
C LEU I 3975 4.96 8.70 39.90
N TRP I 3976 5.53 8.20 38.81
CA TRP I 3976 6.25 6.94 38.85
C TRP I 3976 7.48 7.04 39.75
N ASP I 3977 8.16 8.18 39.73
CA ASP I 3977 9.31 8.37 40.60
C ASP I 3977 8.89 8.33 42.06
N ALA I 3978 7.78 8.97 42.39
CA ALA I 3978 7.28 8.95 43.76
C ALA I 3978 6.91 7.55 44.20
N VAL I 3979 6.30 6.78 43.30
CA VAL I 3979 5.92 5.41 43.64
C VAL I 3979 7.15 4.55 43.87
N VAL I 3980 8.17 4.70 43.02
CA VAL I 3980 9.39 3.92 43.19
C VAL I 3980 10.06 4.25 44.51
N GLY I 3981 10.14 5.53 44.84
CA GLY I 3981 10.70 5.91 46.12
C GLY I 3981 9.93 5.33 47.29
N PHE I 3982 8.60 5.39 47.24
CA PHE I 3982 7.80 4.85 48.31
C PHE I 3982 7.97 3.33 48.41
N LEU I 3983 8.11 2.65 47.27
CA LEU I 3983 8.33 1.21 47.30
C LEU I 3983 9.64 0.89 48.01
N HIS I 3984 10.70 1.65 47.74
CA HIS I 3984 11.96 1.42 48.44
C HIS I 3984 11.81 1.66 49.93
N VAL I 3985 11.15 2.75 50.31
CA VAL I 3985 10.99 3.07 51.72
C VAL I 3985 10.25 1.95 52.43
N PHE I 3986 9.17 1.45 51.83
CA PHE I 3986 8.43 0.37 52.48
C PHE I 3986 9.22 -0.92 52.49
N ALA I 3987 9.93 -1.22 51.39
CA ALA I 3987 10.67 -2.48 51.31
C ALA I 3987 11.71 -2.59 52.40
N HIS I 3988 12.28 -1.46 52.82
CA HIS I 3988 13.23 -1.53 53.92
C HIS I 3988 12.61 -1.28 55.27
N MET I 3989 11.59 -0.43 55.35
CA MET I 3989 11.00 -0.08 56.63
C MET I 3989 10.22 -1.24 57.21
N MET I 3990 9.62 -2.08 56.35
CA MET I 3990 8.89 -3.24 56.83
C MET I 3990 9.80 -4.18 57.60
N MET I 3991 10.95 -4.52 57.03
CA MET I 3991 11.89 -5.37 57.73
C MET I 3991 12.41 -4.68 58.99
N LYS I 3992 12.71 -3.39 58.89
CA LYS I 3992 13.27 -2.67 60.02
C LYS I 3992 12.33 -2.68 61.22
N LEU I 3993 11.03 -2.55 60.97
CA LEU I 3993 10.08 -2.63 62.08
C LEU I 3993 9.74 -4.06 62.46
N ALA I 3994 9.76 -4.99 61.52
CA ALA I 3994 9.42 -6.37 61.84
C ALA I 3994 10.46 -7.02 62.72
N GLN I 3995 11.67 -6.48 62.78
CA GLN I 3995 12.68 -7.01 63.67
C GLN I 3995 12.48 -6.58 65.12
N ASP I 3996 11.31 -6.06 65.48
CA ASP I 3996 11.06 -5.61 66.84
C ASP I 3996 9.57 -5.65 67.10
N SER I 3997 9.19 -5.84 68.37
CA SER I 3997 7.78 -5.96 68.71
C SER I 3997 7.14 -4.66 69.14
N SER I 3998 7.91 -3.74 69.75
CA SER I 3998 7.34 -2.51 70.26
C SER I 3998 6.92 -1.54 69.16
N GLN I 3999 7.28 -1.81 67.90
CA GLN I 3999 6.96 -0.95 66.78
C GLN I 3999 5.81 -1.50 65.95
N ILE I 4000 4.99 -2.38 66.54
CA ILE I 4000 3.95 -3.04 65.76
C ILE I 4000 2.88 -2.06 65.30
N GLU I 4001 2.59 -1.04 66.09
CA GLU I 4001 1.60 -0.06 65.65
C GLU I 4001 2.10 0.75 64.46
N LEU I 4002 3.36 1.15 64.49
CA LEU I 4002 3.94 1.84 63.34
C LEU I 4002 3.95 0.95 62.13
N LEU I 4003 4.20 -0.35 62.31
CA LEU I 4003 4.19 -1.25 61.17
C LEU I 4003 2.78 -1.38 60.58
N LYS I 4004 1.76 -1.46 61.43
CA LYS I 4004 0.39 -1.52 60.93
C LYS I 4004 0.05 -0.28 60.11
N GLU I 4005 0.41 0.90 60.61
CA GLU I 4005 0.13 2.12 59.88
C GLU I 4005 0.91 2.15 58.56
N LEU I 4006 2.15 1.64 58.58
CA LEU I 4006 2.95 1.60 57.36
C LEU I 4006 2.30 0.72 56.31
N LEU I 4007 1.82 -0.46 56.71
CA LEU I 4007 1.17 -1.35 55.77
C LEU I 4007 -0.12 -0.75 55.23
N ASP I 4008 -0.85 -0.02 56.08
CA ASP I 4008 -2.05 0.66 55.60
C ASP I 4008 -1.72 1.68 54.51
N LEU I 4009 -0.64 2.45 54.71
CA LEU I 4009 -0.23 3.40 53.67
C LEU I 4009 0.14 2.69 52.38
N GLN I 4010 0.83 1.56 52.49
CA GLN I 4010 1.20 0.80 51.29
C GLN I 4010 -0.05 0.30 50.57
N LYS I 4011 -1.06 -0.11 51.33
CA LYS I 4011 -2.33 -0.53 50.72
C LYS I 4011 -2.94 0.61 49.93
N ASP I 4012 -2.91 1.82 50.48
CA ASP I 4012 -3.49 2.96 49.77
C ASP I 4012 -2.72 3.28 48.49
N MET I 4013 -1.40 3.10 48.50
CA MET I 4013 -0.68 3.25 47.24
C MET I 4013 -1.15 2.24 46.21
N VAL I 4014 -1.32 0.99 46.62
CA VAL I 4014 -1.73 -0.04 45.67
C VAL I 4014 -3.12 0.24 45.14
N VAL I 4015 -4.01 0.78 45.99
CA VAL I 4015 -5.35 1.15 45.53
C VAL I 4015 -5.27 2.25 44.49
N MET I 4016 -4.37 3.22 44.68
CA MET I 4016 -4.19 4.25 43.68
C MET I 4016 -3.70 3.66 42.36
N LEU I 4017 -2.79 2.70 42.42
CA LEU I 4017 -2.31 2.06 41.20
C LEU I 4017 -3.43 1.33 40.49
N LEU I 4018 -4.29 0.64 41.23
CA LEU I 4018 -5.43 -0.02 40.62
C LEU I 4018 -6.35 0.99 39.95
N SER I 4019 -6.55 2.15 40.58
CA SER I 4019 -7.39 3.18 39.99
C SER I 4019 -6.79 3.69 38.69
N LEU I 4020 -5.47 3.83 38.63
CA LEU I 4020 -4.83 4.13 37.35
C LEU I 4020 -5.11 3.04 36.34
N LEU I 4021 -5.18 1.79 36.80
CA LEU I 4021 -5.37 0.66 35.92
C LEU I 4021 -6.82 0.47 35.48
N GLU I 4022 -7.75 1.25 36.02
CA GLU I 4022 -9.14 1.14 35.61
C GLU I 4022 -9.31 1.46 34.12
N GLY I 4023 -10.24 0.75 33.49
CA GLY I 4023 -10.56 1.01 32.09
C GLY I 4023 -9.40 0.80 31.16
N ASN I 4024 -8.67 -0.29 31.34
CA ASN I 4024 -7.44 -0.54 30.61
C ASN I 4024 -7.68 -1.55 29.50
N VAL I 4025 -7.24 -1.20 28.29
CA VAL I 4025 -7.25 -2.16 27.20
C VAL I 4025 -6.05 -3.10 27.35
N VAL I 4026 -6.10 -4.21 26.62
CA VAL I 4026 -4.98 -5.14 26.64
C VAL I 4026 -3.77 -4.48 26.00
N ASN I 4027 -2.62 -4.60 26.65
CA ASN I 4027 -1.38 -3.94 26.23
C ASN I 4027 -1.57 -2.43 26.18
N GLY I 4028 -2.33 -1.90 27.12
CA GLY I 4028 -2.44 -0.46 27.24
C GLY I 4028 -1.15 0.16 27.73
N MET I 4029 -0.94 1.42 27.33
CA MET I 4029 0.32 2.06 27.66
C MET I 4029 0.48 2.26 29.15
N ILE I 4030 -0.62 2.45 29.88
CA ILE I 4030 -0.51 2.59 31.33
C ILE I 4030 -0.06 1.28 31.96
N ALA I 4031 -0.59 0.15 31.49
CA ALA I 4031 -0.15 -1.13 32.00
C ALA I 4031 1.32 -1.37 31.69
N ARG I 4032 1.76 -1.05 30.47
CA ARG I 4032 3.17 -1.22 30.14
C ARG I 4032 4.05 -0.32 31.00
N GLN I 4033 3.62 0.92 31.24
CA GLN I 4033 4.40 1.81 32.08
C GLN I 4033 4.49 1.30 33.51
N MET I 4034 3.39 0.74 34.03
CA MET I 4034 3.43 0.20 35.38
C MET I 4034 4.36 -1.00 35.46
N VAL I 4035 4.41 -1.82 34.42
CA VAL I 4035 5.35 -2.93 34.40
C VAL I 4035 6.78 -2.40 34.37
N ASP I 4036 7.03 -1.36 33.57
CA ASP I 4036 8.36 -0.77 33.53
C ASP I 4036 8.77 -0.21 34.88
N MET I 4037 7.83 0.41 35.58
CA MET I 4037 8.09 0.91 36.93
C MET I 4037 8.43 -0.23 37.86
N LEU I 4038 7.68 -1.33 37.80
CA LEU I 4038 7.92 -2.46 38.68
C LEU I 4038 9.30 -3.05 38.45
N VAL I 4039 9.67 -3.23 37.17
CA VAL I 4039 10.98 -3.80 36.86
C VAL I 4039 12.10 -2.81 37.06
N GLU I 4040 11.79 -1.53 37.20
CA GLU I 4040 12.84 -0.58 37.59
C GLU I 4040 13.02 -0.57 39.10
N SER I 4041 11.98 -0.93 39.84
CA SER I 4041 12.07 -1.12 41.28
C SER I 4041 12.03 -2.60 41.66
N SER I 4042 12.65 -3.44 40.83
CA SER I 4042 12.61 -4.89 41.01
C SER I 4042 13.02 -5.32 42.41
N SER I 4043 14.15 -4.81 42.90
CA SER I 4043 14.67 -5.31 44.17
C SER I 4043 13.72 -5.02 45.31
N ASN I 4044 13.14 -3.81 45.34
CA ASN I 4044 12.21 -3.44 46.39
C ASN I 4044 10.96 -4.32 46.38
N VAL I 4045 10.41 -4.56 45.19
CA VAL I 4045 9.24 -5.42 45.09
C VAL I 4045 9.58 -6.83 45.52
N GLU I 4046 10.80 -7.29 45.19
CA GLU I 4046 11.21 -8.61 45.63
C GLU I 4046 11.27 -8.70 47.14
N MET I 4047 11.78 -7.66 47.80
CA MET I 4047 11.81 -7.66 49.26
C MET I 4047 10.41 -7.69 49.85
N ILE I 4048 9.48 -6.95 49.25
CA ILE I 4048 8.10 -6.93 49.75
C ILE I 4048 7.47 -8.31 49.60
N LEU I 4049 7.58 -8.89 48.42
CA LEU I 4049 6.96 -10.19 48.16
C LEU I 4049 7.57 -11.27 49.04
N LYS I 4050 8.89 -11.23 49.23
CA LYS I 4050 9.53 -12.17 50.12
C LYS I 4050 9.04 -11.99 51.55
N PHE I 4051 8.85 -10.74 51.97
CA PHE I 4051 8.36 -10.51 53.33
C PHE I 4051 6.98 -11.12 53.54
N PHE I 4052 6.09 -10.98 52.57
CA PHE I 4052 4.76 -11.56 52.73
C PHE I 4052 4.82 -13.09 52.72
N ASP I 4053 5.46 -13.67 51.70
CA ASP I 4053 5.40 -15.11 51.58
C ASP I 4053 6.24 -15.82 52.62
N MET I 4054 7.21 -15.14 53.23
CA MET I 4054 7.99 -15.76 54.29
C MET I 4054 7.13 -16.02 55.52
N PHE I 4055 6.29 -15.06 55.89
CA PHE I 4055 5.41 -15.27 57.03
C PHE I 4055 4.23 -16.16 56.68
N LEU I 4056 3.81 -16.20 55.42
CA LEU I 4056 2.80 -17.18 55.03
C LEU I 4056 3.34 -18.60 55.17
N LYS I 4057 4.56 -18.84 54.68
CA LYS I 4057 5.18 -20.14 54.88
C LYS I 4057 5.46 -20.41 56.35
N LEU I 4058 5.76 -19.36 57.13
CA LEU I 4058 5.98 -19.56 58.55
C LEU I 4058 4.72 -20.05 59.24
N LYS I 4059 3.58 -19.46 58.91
CA LYS I 4059 2.32 -19.95 59.46
C LYS I 4059 2.07 -21.40 59.05
N ASP I 4060 2.35 -21.72 57.80
CA ASP I 4060 2.16 -23.10 57.35
C ASP I 4060 3.08 -24.07 58.08
N ILE I 4061 4.34 -23.68 58.31
CA ILE I 4061 5.27 -24.58 58.97
C ILE I 4061 4.91 -24.75 60.44
N VAL I 4062 4.51 -23.66 61.10
CA VAL I 4062 4.08 -23.77 62.49
C VAL I 4062 2.88 -24.71 62.60
N GLY I 4063 1.96 -24.61 61.64
CA GLY I 4063 0.85 -25.55 61.60
C GLY I 4063 1.27 -26.97 61.24
N SER I 4064 2.39 -27.13 60.55
CA SER I 4064 2.88 -28.44 60.19
C SER I 4064 3.26 -29.22 61.45
N GLU I 4065 3.28 -30.54 61.32
CA GLU I 4065 3.44 -31.38 62.50
C GLU I 4065 4.91 -31.70 62.79
N ALA I 4066 5.79 -31.59 61.79
CA ALA I 4066 7.22 -31.78 62.05
C ALA I 4066 7.75 -30.70 62.98
N PHE I 4067 7.25 -29.47 62.84
CA PHE I 4067 7.61 -28.43 63.78
C PHE I 4067 7.13 -28.77 65.18
N GLN I 4068 5.94 -29.37 65.29
CA GLN I 4068 5.46 -29.85 66.57
C GLN I 4068 6.37 -30.95 67.12
N ASP I 4069 7.00 -31.73 66.23
CA ASP I 4069 7.97 -32.72 66.67
C ASP I 4069 9.15 -32.03 67.33
N TYR I 4070 9.67 -30.97 66.70
CA TYR I 4070 10.83 -30.29 67.30
C TYR I 4070 10.45 -29.54 68.58
N VAL I 4071 9.20 -29.12 68.71
CA VAL I 4071 8.77 -28.48 69.95
C VAL I 4071 8.73 -29.50 71.06
N THR I 4072 9.36 -29.18 72.19
CA THR I 4072 9.50 -30.12 73.30
C THR I 4072 9.14 -29.55 74.66
N ASP I 4073 9.21 -28.24 74.86
CA ASP I 4073 8.90 -27.67 76.17
C ASP I 4073 7.42 -27.85 76.50
N PRO I 4074 7.09 -28.22 77.73
CA PRO I 4074 5.68 -28.46 78.08
C PRO I 4074 4.79 -27.24 77.95
N ARG I 4075 5.31 -26.05 78.24
CA ARG I 4075 4.49 -24.84 78.30
C ARG I 4075 4.35 -24.15 76.96
N GLY I 4076 4.49 -24.89 75.86
CA GLY I 4076 4.64 -24.25 74.57
C GLY I 4076 6.09 -23.86 74.35
N LEU I 4077 6.29 -22.82 73.53
CA LEU I 4077 7.59 -22.19 73.33
C LEU I 4077 8.56 -23.13 72.63
N ILE I 4078 9.73 -22.62 72.25
CA ILE I 4078 10.74 -23.42 71.57
C ILE I 4078 12.07 -22.68 71.68
N SER I 4079 13.14 -23.42 71.93
CA SER I 4079 14.46 -22.82 71.99
C SER I 4079 14.86 -22.26 70.63
N LYS I 4080 15.71 -21.25 70.66
CA LYS I 4080 16.15 -20.63 69.41
C LYS I 4080 16.94 -21.61 68.56
N LYS I 4081 17.76 -22.45 69.19
CA LYS I 4081 18.49 -23.47 68.45
C LYS I 4081 17.54 -24.49 67.82
N ASP I 4082 16.51 -24.91 68.58
CA ASP I 4082 15.54 -25.83 68.02
C ASP I 4082 14.79 -25.21 66.85
N PHE I 4083 14.44 -23.93 66.98
CA PHE I 4083 13.82 -23.21 65.88
C PHE I 4083 14.72 -23.21 64.65
N GLN I 4084 16.01 -22.95 64.86
CA GLN I 4084 16.94 -22.90 63.73
C GLN I 4084 16.98 -24.23 63.00
N LYS I 4085 17.17 -25.32 63.74
CA LYS I 4085 17.32 -26.60 63.05
C LYS I 4085 16.00 -27.10 62.47
N ALA I 4086 14.88 -26.86 63.14
CA ALA I 4086 13.59 -27.29 62.60
C ALA I 4086 13.28 -26.56 61.30
N MET I 4087 13.39 -25.24 61.31
CA MET I 4087 13.12 -24.47 60.11
C MET I 4087 14.18 -24.69 59.04
N ASP I 4088 15.34 -25.22 59.41
CA ASP I 4088 16.30 -25.67 58.40
C ASP I 4088 15.89 -27.01 57.81
N SER I 4089 15.34 -27.90 58.63
CA SER I 4089 14.94 -29.22 58.14
C SER I 4089 13.75 -29.14 57.20
N GLN I 4090 12.87 -28.15 57.38
CA GLN I 4090 11.81 -27.96 56.40
C GLN I 4090 12.36 -27.58 55.02
N LYS I 4091 13.57 -27.04 54.96
CA LYS I 4091 14.28 -26.79 53.71
C LYS I 4091 13.49 -25.91 52.76
N GLN I 4092 12.85 -24.88 53.31
CA GLN I 4092 12.17 -23.88 52.50
C GLN I 4092 12.75 -22.49 52.63
N PHE I 4093 13.49 -22.20 53.69
CA PHE I 4093 14.14 -20.92 53.89
C PHE I 4093 15.65 -21.08 53.81
N THR I 4094 16.31 -20.10 53.21
CA THR I 4094 17.76 -20.08 53.17
C THR I 4094 18.31 -19.59 54.51
N GLY I 4095 19.63 -19.51 54.60
CA GLY I 4095 20.29 -19.05 55.80
C GLY I 4095 19.96 -17.62 56.20
N PRO I 4096 20.04 -16.67 55.26
CA PRO I 4096 19.66 -15.29 55.60
C PRO I 4096 18.22 -15.15 56.07
N GLU I 4097 17.28 -15.81 55.40
CA GLU I 4097 15.89 -15.73 55.86
C GLU I 4097 15.71 -16.43 57.19
N ILE I 4098 16.49 -17.47 57.45
CA ILE I 4098 16.43 -18.14 58.74
C ILE I 4098 16.84 -17.19 59.85
N GLN I 4099 17.96 -16.48 59.64
CA GLN I 4099 18.42 -15.53 60.64
C GLN I 4099 17.46 -14.36 60.76
N PHE I 4100 16.83 -13.95 59.67
CA PHE I 4100 15.88 -12.86 59.72
C PHE I 4100 14.64 -13.24 60.52
N LEU I 4101 14.17 -14.48 60.38
CA LEU I 4101 13.06 -14.95 61.20
C LEU I 4101 13.47 -15.02 62.67
N LEU I 4102 14.70 -15.47 62.94
CA LEU I 4102 15.19 -15.46 64.32
C LEU I 4102 15.20 -14.06 64.89
N SER I 4103 15.61 -13.08 64.09
CA SER I 4103 15.59 -11.69 64.53
C SER I 4103 14.18 -11.19 64.78
N CYS I 4104 13.26 -11.50 63.87
CA CYS I 4104 11.88 -11.05 64.00
C CYS I 4104 11.14 -11.76 65.11
N SER I 4105 11.65 -12.88 65.60
CA SER I 4105 10.99 -13.55 66.70
C SER I 4105 11.05 -12.69 67.95
N GLU I 4106 10.16 -13.01 68.89
CA GLU I 4106 10.15 -12.26 70.14
C GLU I 4106 11.45 -12.43 70.90
N ALA I 4107 12.00 -13.65 70.88
CA ALA I 4107 13.26 -13.98 71.54
C ALA I 4107 13.22 -13.59 73.02
N ASP I 4108 12.19 -14.08 73.70
CA ASP I 4108 12.10 -13.92 75.14
C ASP I 4108 13.33 -14.55 75.79
N GLU I 4109 13.79 -13.94 76.89
CA GLU I 4109 14.98 -14.39 77.60
C GLU I 4109 14.93 -15.89 77.85
N ASN I 4110 16.12 -16.51 77.83
CA ASN I 4110 16.35 -17.94 77.72
C ASN I 4110 16.00 -18.49 76.36
N GLU I 4111 15.97 -17.61 75.34
CA GLU I 4111 15.76 -17.99 73.94
C GLU I 4111 14.45 -18.75 73.76
N MET I 4112 13.41 -18.30 74.44
CA MET I 4112 12.09 -18.92 74.34
C MET I 4112 11.26 -18.13 73.34
N ILE I 4113 10.78 -18.81 72.29
CA ILE I 4113 9.99 -18.19 71.25
C ILE I 4113 8.59 -18.79 71.29
N ASN I 4114 7.59 -17.96 71.55
CA ASN I 4114 6.20 -18.41 71.48
C ASN I 4114 5.81 -18.44 70.02
N PHE I 4115 5.91 -19.61 69.39
CA PHE I 4115 5.75 -19.70 67.95
C PHE I 4115 4.33 -19.39 67.50
N GLU I 4116 3.33 -19.65 68.34
CA GLU I 4116 1.95 -19.37 67.95
C GLU I 4116 1.73 -17.88 67.78
N GLU I 4117 2.08 -17.10 68.79
CA GLU I 4117 1.93 -15.65 68.69
C GLU I 4117 2.89 -15.07 67.67
N PHE I 4118 4.08 -15.66 67.53
CA PHE I 4118 5.01 -15.22 66.50
C PHE I 4118 4.40 -15.39 65.11
N ALA I 4119 3.75 -16.52 64.86
CA ALA I 4119 3.15 -16.73 63.55
C ALA I 4119 1.96 -15.82 63.32
N ASN I 4120 1.19 -15.51 64.35
CA ASN I 4120 0.00 -14.69 64.19
C ASN I 4120 0.25 -13.19 64.30
N ARG I 4121 1.48 -12.77 64.60
CA ARG I 4121 1.76 -11.33 64.70
C ARG I 4121 1.53 -10.61 63.39
N PHE I 4122 1.99 -11.18 62.28
CA PHE I 4122 1.93 -10.52 60.99
C PHE I 4122 0.92 -11.15 60.05
N GLN I 4123 -0.16 -11.69 60.61
CA GLN I 4123 -1.17 -12.29 59.75
C GLN I 4123 -2.28 -11.31 59.40
N GLU I 4124 -2.79 -10.60 60.40
CA GLU I 4124 -3.88 -9.67 60.16
C GLU I 4124 -3.43 -8.33 59.58
N PRO I 4125 -2.40 -7.65 60.12
CA PRO I 4125 -2.01 -6.37 59.54
C PRO I 4125 -1.57 -6.45 58.09
N ALA I 4126 -0.95 -7.55 57.69
CA ALA I 4126 -0.42 -7.67 56.34
C ALA I 4126 -1.42 -8.27 55.36
N ARG I 4127 -2.64 -8.56 55.81
CA ARG I 4127 -3.60 -9.20 54.92
C ARG I 4127 -4.13 -8.23 53.87
N ASP I 4128 -4.49 -7.01 54.29
CA ASP I 4128 -5.10 -6.07 53.35
C ASP I 4128 -4.14 -5.66 52.26
N ILE I 4129 -2.88 -5.41 52.60
CA ILE I 4129 -1.90 -5.05 51.59
C ILE I 4129 -1.57 -6.26 50.72
N GLY I 4130 -1.48 -7.45 51.33
CA GLY I 4130 -1.15 -8.63 50.56
C GLY I 4130 -2.19 -8.93 49.50
N PHE I 4131 -3.47 -8.82 49.85
CA PHE I 4131 -4.53 -9.05 48.87
C PHE I 4131 -4.46 -8.07 47.72
N ASN I 4132 -4.24 -6.79 48.03
CA ASN I 4132 -4.19 -5.80 46.96
C ASN I 4132 -2.96 -5.98 46.09
N VAL I 4133 -1.85 -6.47 46.66
CA VAL I 4133 -0.70 -6.81 45.84
C VAL I 4133 -1.03 -7.96 44.91
N ALA I 4134 -1.75 -8.96 45.41
CA ALA I 4134 -2.18 -10.06 44.56
C ALA I 4134 -3.08 -9.57 43.44
N VAL I 4135 -4.01 -8.66 43.76
CA VAL I 4135 -4.92 -8.14 42.75
C VAL I 4135 -4.15 -7.33 41.71
N LEU I 4136 -3.18 -6.54 42.15
CA LEU I 4136 -2.38 -5.75 41.22
C LEU I 4136 -1.61 -6.63 40.26
N LEU I 4137 -0.98 -7.68 40.78
CA LEU I 4137 -0.17 -8.55 39.92
C LEU I 4137 -1.06 -9.35 38.99
N THR I 4138 -2.22 -9.80 39.46
CA THR I 4138 -3.15 -10.51 38.59
C THR I 4138 -3.67 -9.60 37.49
N ASN I 4139 -4.04 -8.37 37.85
CA ASN I 4139 -4.56 -7.42 36.86
C ASN I 4139 -3.51 -7.13 35.80
N LEU I 4140 -2.26 -6.92 36.21
CA LEU I 4140 -1.20 -6.70 35.25
C LEU I 4140 -0.95 -7.94 34.40
N SER I 4141 -0.94 -9.11 35.00
CA SER I 4141 -0.61 -10.32 34.26
C SER I 4141 -1.68 -10.66 33.24
N GLU I 4142 -2.92 -10.26 33.49
CA GLU I 4142 -3.98 -10.54 32.53
C GLU I 4142 -4.21 -9.41 31.54
N HIS I 4143 -3.72 -8.20 31.81
CA HIS I 4143 -3.91 -7.12 30.85
C HIS I 4143 -2.68 -6.83 30.01
N VAL I 4144 -1.51 -7.30 30.40
CA VAL I 4144 -0.37 -7.26 29.48
C VAL I 4144 0.28 -8.65 29.52
N PRO I 4145 -0.26 -9.62 28.80
CA PRO I 4145 0.32 -10.96 28.79
C PRO I 4145 1.49 -11.01 27.81
N HIS I 4146 2.15 -12.18 27.79
CA HIS I 4146 3.33 -12.41 26.95
C HIS I 4146 4.43 -11.39 27.27
N ASP I 4147 4.54 -11.01 28.54
CA ASP I 4147 5.57 -10.06 28.95
C ASP I 4147 6.70 -10.80 29.62
N PRO I 4148 7.92 -10.75 29.06
CA PRO I 4148 9.04 -11.48 29.68
C PRO I 4148 9.36 -11.06 31.09
N ARG I 4149 9.16 -9.78 31.41
CA ARG I 4149 9.56 -9.28 32.72
C ARG I 4149 8.58 -9.70 33.82
N LEU I 4150 7.29 -9.71 33.52
CA LEU I 4150 6.28 -9.86 34.57
C LEU I 4150 6.16 -11.29 35.08
N ARG I 4151 6.55 -12.28 34.28
CA ARG I 4151 6.46 -13.65 34.77
C ARG I 4151 7.40 -13.89 35.95
N ASN I 4152 8.50 -13.14 36.02
CA ASN I 4152 9.40 -13.26 37.15
C ASN I 4152 8.69 -12.85 38.44
N PHE I 4153 7.97 -11.73 38.41
CA PHE I 4153 7.23 -11.31 39.58
C PHE I 4153 6.13 -12.29 39.93
N LEU I 4154 5.47 -12.84 38.91
CA LEU I 4154 4.41 -13.82 39.16
C LEU I 4154 4.98 -15.04 39.88
N GLU I 4155 6.13 -15.53 39.43
CA GLU I 4155 6.75 -16.68 40.06
C GLU I 4155 7.22 -16.36 41.48
N LEU I 4156 7.74 -15.15 41.68
CA LEU I 4156 8.16 -14.76 43.03
C LEU I 4156 6.98 -14.62 43.98
N ALA I 4157 5.83 -14.21 43.46
CA ALA I 4157 4.63 -14.02 44.27
C ALA I 4157 3.67 -15.20 44.15
N GLU I 4158 4.17 -16.37 43.75
CA GLU I 4158 3.31 -17.54 43.62
C GLU I 4158 2.64 -17.90 44.94
N SER I 4159 3.34 -17.75 46.06
CA SER I 4159 2.76 -18.11 47.34
C SER I 4159 1.60 -17.19 47.70
N ILE I 4160 1.74 -15.90 47.43
CA ILE I 4160 0.68 -14.95 47.74
C ILE I 4160 -0.57 -15.26 46.92
N LEU I 4161 -0.38 -15.49 45.62
CA LEU I 4161 -1.50 -15.76 44.74
C LEU I 4161 -2.20 -17.05 45.12
N GLU I 4162 -1.42 -18.06 45.51
CA GLU I 4162 -2.05 -19.32 45.91
C GLU I 4162 -2.79 -19.18 47.23
N TYR I 4163 -2.30 -18.35 48.14
CA TYR I 4163 -3.03 -18.16 49.40
C TYR I 4163 -4.32 -17.38 49.16
N PHE I 4164 -4.27 -16.36 48.33
CA PHE I 4164 -5.43 -15.53 48.05
C PHE I 4164 -6.21 -15.99 46.83
N ARG I 4165 -5.98 -17.22 46.38
CA ARG I 4165 -6.78 -17.78 45.30
C ARG I 4165 -8.26 -17.87 45.63
N PRO I 4166 -8.69 -18.34 46.80
CA PRO I 4166 -10.13 -18.36 47.06
C PRO I 4166 -10.75 -16.98 47.16
N TYR I 4167 -10.05 -16.00 47.73
CA TYR I 4167 -10.67 -14.73 48.03
C TYR I 4167 -10.65 -13.76 46.86
N LEU I 4168 -9.92 -14.05 45.80
CA LEU I 4168 -9.85 -13.16 44.64
C LEU I 4168 -10.96 -13.55 43.68
N GLY I 4169 -11.95 -12.68 43.51
CA GLY I 4169 -13.05 -12.91 42.61
C GLY I 4169 -12.98 -11.95 41.43
N ARG I 4170 -13.00 -12.50 40.23
CA ARG I 4170 -12.97 -11.71 39.01
C ARG I 4170 -14.27 -11.94 38.25
N ILE I 4171 -14.88 -10.86 37.80
CA ILE I 4171 -16.08 -10.90 36.97
C ILE I 4171 -15.83 -10.00 35.77
N GLU I 4172 -16.78 -10.00 34.84
CA GLU I 4172 -16.68 -9.14 33.68
C GLU I 4172 -17.99 -8.38 33.50
N ILE I 4173 -17.89 -7.08 33.31
CA ILE I 4173 -19.07 -6.24 33.11
C ILE I 4173 -18.98 -5.56 31.77
N MET I 4174 -20.14 -5.15 31.27
CA MET I 4174 -20.21 -4.52 29.96
C MET I 4174 -19.59 -3.12 29.99
N GLY I 4175 -19.80 -2.39 31.07
CA GLY I 4175 -19.13 -1.12 31.27
C GLY I 4175 -19.59 -0.06 30.28
N ALA I 4176 -18.94 1.09 30.36
CA ALA I 4176 -19.20 2.17 29.43
C ALA I 4176 -18.49 1.88 28.09
N SER I 4177 -19.03 2.47 27.03
CA SER I 4177 -18.53 2.31 25.67
C SER I 4177 -18.60 0.89 25.16
N ARG I 4178 -19.39 0.05 25.84
CA ARG I 4178 -19.62 -1.35 25.45
C ARG I 4178 -18.31 -2.13 25.30
N ARG I 4179 -17.39 -1.90 26.21
CA ARG I 4179 -16.15 -2.67 26.27
C ARG I 4179 -16.18 -3.54 27.51
N ILE I 4180 -16.08 -4.86 27.33
CA ILE I 4180 -16.07 -5.76 28.48
C ILE I 4180 -14.84 -5.47 29.33
N GLU I 4181 -15.06 -5.18 30.60
CA GLU I 4181 -13.99 -4.90 31.54
C GLU I 4181 -14.01 -5.94 32.64
N ARG I 4182 -12.83 -6.33 33.11
CA ARG I 4182 -12.73 -7.29 34.19
C ARG I 4182 -12.58 -6.55 35.52
N ILE I 4183 -13.32 -7.02 36.52
CA ILE I 4183 -13.35 -6.41 37.85
C ILE I 4183 -12.87 -7.43 38.86
N TYR I 4184 -11.92 -7.04 39.71
CA TYR I 4184 -11.39 -7.89 40.75
C TYR I 4184 -11.84 -7.36 42.11
N PHE I 4185 -12.13 -8.28 43.02
CA PHE I 4185 -12.61 -7.88 44.34
C PHE I 4185 -12.38 -9.03 45.32
N GLU I 4186 -12.77 -8.80 46.56
CA GLU I 4186 -12.54 -9.73 47.65
C GLU I 4186 -13.84 -10.41 48.07
N ILE I 4187 -13.79 -11.73 48.17
CA ILE I 4187 -14.85 -12.50 48.82
C ILE I 4187 -14.38 -12.83 50.23
N SER I 4188 -15.14 -12.42 51.23
CA SER I 4188 -14.78 -12.75 52.59
C SER I 4188 -14.98 -14.24 52.83
N GLU I 4189 -14.27 -14.75 53.84
CA GLU I 4189 -14.39 -16.16 54.18
C GLU I 4189 -15.80 -16.51 54.61
N THR I 4190 -16.46 -15.61 55.33
CA THR I 4190 -17.84 -15.85 55.73
C THR I 4190 -18.76 -15.96 54.53
N ASN I 4191 -18.59 -15.09 53.54
CA ASN I 4191 -19.42 -15.15 52.35
C ASN I 4191 -19.22 -16.46 51.60
N ARG I 4192 -17.96 -16.86 51.41
CA ARG I 4192 -17.71 -18.10 50.69
C ARG I 4192 -18.23 -19.31 51.44
N ALA I 4193 -18.07 -19.33 52.77
CA ALA I 4193 -18.56 -20.47 53.54
C ALA I 4193 -20.07 -20.57 53.46
N GLN I 4194 -20.77 -19.46 53.71
CA GLN I 4194 -22.22 -19.51 53.69
C GLN I 4194 -22.75 -19.78 52.30
N TRP I 4195 -22.02 -19.41 51.25
CA TRP I 4195 -22.45 -19.76 49.91
C TRP I 4195 -22.23 -21.23 49.60
N GLU I 4196 -21.18 -21.83 50.14
CA GLU I 4196 -20.97 -23.26 49.93
C GLU I 4196 -21.78 -24.12 50.88
N MET I 4197 -22.54 -23.51 51.78
CA MET I 4197 -23.45 -24.27 52.63
C MET I 4197 -24.43 -25.06 51.76
N PRO I 4198 -24.71 -26.33 52.10
CA PRO I 4198 -25.45 -27.20 51.16
C PRO I 4198 -26.87 -26.76 50.84
N GLN I 4199 -27.57 -26.11 51.77
CA GLN I 4199 -28.91 -25.62 51.44
C GLN I 4199 -28.87 -24.60 50.32
N VAL I 4200 -27.87 -23.73 50.33
CA VAL I 4200 -27.72 -22.76 49.24
C VAL I 4200 -27.36 -23.48 47.94
N LYS I 4201 -26.59 -24.56 48.01
CA LYS I 4201 -26.33 -25.35 46.82
C LYS I 4201 -27.62 -25.91 46.23
N GLU I 4202 -28.49 -26.44 47.08
CA GLU I 4202 -29.77 -26.96 46.61
C GLU I 4202 -30.61 -25.85 45.99
N SER I 4203 -30.63 -24.69 46.63
CA SER I 4203 -31.38 -23.57 46.08
C SER I 4203 -30.83 -23.13 44.73
N LYS I 4204 -29.50 -23.15 44.58
CA LYS I 4204 -28.89 -22.78 43.31
C LYS I 4204 -29.28 -23.76 42.21
N ARG I 4205 -29.24 -25.05 42.50
CA ARG I 4205 -29.63 -26.03 41.47
C ARG I 4205 -31.10 -25.89 41.11
N GLN I 4206 -31.96 -25.64 42.10
CA GLN I 4206 -33.37 -25.44 41.81
C GLN I 4206 -33.58 -24.22 40.93
N PHE I 4207 -32.89 -23.11 41.24
CA PHE I 4207 -33.02 -21.91 40.44
C PHE I 4207 -32.53 -22.14 39.01
N ILE I 4208 -31.43 -22.88 38.87
CA ILE I 4208 -30.87 -23.12 37.54
C ILE I 4208 -31.85 -23.93 36.71
N PHE I 4209 -32.48 -24.93 37.31
CA PHE I 4209 -33.51 -25.68 36.60
C PHE I 4209 -34.68 -24.79 36.22
N ASP I 4210 -35.11 -23.93 37.13
CA ASP I 4210 -36.25 -23.06 36.83
C ASP I 4210 -35.95 -22.13 35.67
N VAL I 4211 -34.72 -21.61 35.59
CA VAL I 4211 -34.39 -20.70 34.51
C VAL I 4211 -34.29 -21.44 33.18
N VAL I 4212 -33.51 -22.51 33.15
CA VAL I 4212 -33.23 -23.15 31.86
C VAL I 4212 -34.47 -23.88 31.33
N ASN I 4213 -35.22 -24.51 32.21
CA ASN I 4213 -36.34 -25.33 31.75
C ASN I 4213 -37.59 -24.49 31.52
N GLU I 4214 -38.03 -23.74 32.53
CA GLU I 4214 -39.30 -23.03 32.44
C GLU I 4214 -39.28 -21.89 31.44
N GLY I 4215 -38.12 -21.54 30.90
CA GLY I 4215 -38.03 -20.55 29.85
C GLY I 4215 -37.72 -19.17 30.38
N GLY I 4216 -37.54 -18.26 29.45
CA GLY I 4216 -37.16 -16.90 29.77
C GLY I 4216 -35.75 -16.61 29.31
N GLU I 4217 -35.61 -15.87 28.22
CA GLU I 4217 -34.32 -15.46 27.71
C GLU I 4217 -34.03 -13.99 27.99
N ALA I 4218 -35.00 -13.11 27.71
CA ALA I 4218 -34.82 -11.70 28.02
C ALA I 4218 -34.86 -11.44 29.51
N GLU I 4219 -35.66 -12.21 30.24
CA GLU I 4219 -35.79 -12.03 31.68
C GLU I 4219 -34.85 -12.92 32.46
N LYS I 4220 -33.85 -13.51 31.81
CA LYS I 4220 -32.92 -14.39 32.52
C LYS I 4220 -32.14 -13.62 33.58
N MET I 4221 -31.70 -12.40 33.25
CA MET I 4221 -30.96 -11.62 34.23
C MET I 4221 -31.86 -11.04 35.30
N GLU I 4222 -33.09 -10.68 34.96
CA GLU I 4222 -34.10 -10.39 35.97
C GLU I 4222 -34.21 -11.50 36.98
N LEU I 4223 -34.35 -12.74 36.50
CA LEU I 4223 -34.52 -13.86 37.42
C LEU I 4223 -33.25 -14.13 38.20
N PHE I 4224 -32.09 -13.94 37.56
CA PHE I 4224 -30.83 -14.15 38.26
C PHE I 4224 -30.68 -13.17 39.42
N VAL I 4225 -30.96 -11.89 39.19
CA VAL I 4225 -30.78 -10.91 40.25
C VAL I 4225 -31.82 -11.11 41.35
N SER I 4226 -33.04 -11.52 40.99
CA SER I 4226 -34.01 -11.87 42.02
C SER I 4226 -33.50 -13.03 42.86
N PHE I 4227 -32.89 -14.02 42.21
CA PHE I 4227 -32.26 -15.11 42.95
C PHE I 4227 -31.15 -14.58 43.85
N CYS I 4228 -30.39 -13.60 43.37
CA CYS I 4228 -29.35 -13.02 44.19
C CYS I 4228 -29.93 -12.40 45.46
N GLU I 4229 -31.02 -11.65 45.31
CA GLU I 4229 -31.61 -10.97 46.45
C GLU I 4229 -32.09 -11.95 47.50
N ASP I 4230 -32.89 -12.94 47.10
CA ASP I 4230 -33.43 -13.80 48.14
C ASP I 4230 -32.41 -14.82 48.65
N THR I 4231 -31.37 -15.13 47.87
CA THR I 4231 -30.27 -15.91 48.44
C THR I 4231 -29.54 -15.12 49.52
N ILE I 4232 -29.27 -13.83 49.28
CA ILE I 4232 -28.66 -13.02 50.32
C ILE I 4232 -29.54 -13.00 51.57
N PHE I 4233 -30.85 -12.97 51.38
CA PHE I 4233 -31.74 -13.05 52.53
C PHE I 4233 -31.60 -14.38 53.26
N GLU I 4234 -31.48 -15.49 52.51
CA GLU I 4234 -31.28 -16.79 53.13
C GLU I 4234 -30.02 -16.84 53.97
N MET I 4235 -28.91 -16.35 53.43
CA MET I 4235 -27.67 -16.40 54.20
C MET I 4235 -27.73 -15.48 55.41
N GLN I 4236 -28.46 -14.37 55.32
CA GLN I 4236 -28.70 -13.57 56.52
C GLN I 4236 -29.48 -14.35 57.56
N ILE I 4237 -30.51 -15.09 57.12
CA ILE I 4237 -31.32 -15.88 58.04
C ILE I 4237 -30.47 -16.97 58.71
N ALA I 4238 -29.65 -17.66 57.92
CA ALA I 4238 -28.81 -18.72 58.47
C ALA I 4238 -27.79 -18.16 59.46
N ALA I 4239 -27.20 -17.01 59.15
CA ALA I 4239 -26.29 -16.38 60.09
C ALA I 4239 -27.01 -16.00 61.38
N GLN I 4240 -28.26 -15.57 61.27
CA GLN I 4240 -29.02 -15.25 62.47
C GLN I 4240 -29.28 -16.49 63.32
N ILE I 4241 -29.65 -17.61 62.68
CA ILE I 4241 -29.99 -18.83 63.42
C ILE I 4241 -28.79 -19.66 63.79
N SER I 4242 -27.57 -19.24 63.42
CA SER I 4242 -26.39 -20.01 63.73
C SER I 4242 -26.20 -20.12 65.24
N GLU I 4243 -25.66 -21.25 65.67
CA GLU I 4243 -25.48 -21.54 67.09
C GLU I 4243 -24.50 -20.57 67.75
N PHE I 4530 -36.28 -12.99 84.48
CA PHE I 4530 -37.68 -12.74 84.19
C PHE I 4530 -37.92 -12.51 82.70
N TRP I 4531 -38.10 -11.24 82.30
CA TRP I 4531 -38.41 -10.96 80.91
C TRP I 4531 -37.20 -11.19 80.01
N GLY I 4532 -36.02 -10.74 80.43
CA GLY I 4532 -34.82 -10.99 79.65
C GLY I 4532 -34.49 -12.47 79.56
N GLU I 4533 -34.66 -13.19 80.68
CA GLU I 4533 -34.45 -14.63 80.68
C GLU I 4533 -35.43 -15.32 79.73
N LEU I 4534 -36.70 -14.91 79.76
CA LEU I 4534 -37.68 -15.51 78.86
C LEU I 4534 -37.34 -15.24 77.41
N GLU I 4535 -36.93 -14.01 77.08
CA GLU I 4535 -36.62 -13.69 75.70
C GLU I 4535 -35.40 -14.46 75.20
N VAL I 4536 -34.35 -14.57 76.02
CA VAL I 4536 -33.16 -15.26 75.55
C VAL I 4536 -33.41 -16.76 75.42
N GLN I 4537 -34.16 -17.35 76.37
CA GLN I 4537 -34.50 -18.76 76.24
C GLN I 4537 -35.39 -19.00 75.03
N ARG I 4538 -36.32 -18.08 74.77
CA ARG I 4538 -37.22 -18.23 73.64
C ARG I 4538 -36.45 -18.18 72.32
N VAL I 4539 -35.53 -17.23 72.18
CA VAL I 4539 -34.81 -17.15 70.91
C VAL I 4539 -33.86 -18.33 70.75
N LYS I 4540 -33.32 -18.86 71.85
CA LYS I 4540 -32.57 -20.11 71.73
C LYS I 4540 -33.44 -21.24 71.24
N PHE I 4541 -34.67 -21.33 71.78
CA PHE I 4541 -35.59 -22.39 71.37
C PHE I 4541 -35.92 -22.28 69.88
N LEU I 4542 -36.29 -21.08 69.44
CA LEU I 4542 -36.64 -20.87 68.04
C LEU I 4542 -35.46 -21.14 67.12
N ASN I 4543 -34.26 -20.70 67.52
CA ASN I 4543 -33.09 -20.95 66.68
C ASN I 4543 -32.78 -22.43 66.60
N TYR I 4544 -32.91 -23.16 67.71
CA TYR I 4544 -32.67 -24.60 67.67
C TYR I 4544 -33.67 -25.31 66.77
N LEU I 4545 -34.94 -24.93 66.86
CA LEU I 4545 -35.94 -25.51 65.97
C LEU I 4545 -35.62 -25.21 64.51
N SER I 4546 -35.23 -23.97 64.22
CA SER I 4546 -34.96 -23.59 62.84
C SER I 4546 -33.76 -24.34 62.29
N ARG I 4547 -32.72 -24.53 63.09
CA ARG I 4547 -31.58 -25.32 62.63
C ARG I 4547 -31.98 -26.76 62.37
N ASN I 4548 -32.74 -27.36 63.28
CA ASN I 4548 -33.09 -28.77 63.19
C ASN I 4548 -34.47 -29.00 62.61
N PHE I 4549 -34.92 -28.13 61.70
CA PHE I 4549 -36.23 -28.31 61.08
C PHE I 4549 -36.29 -29.61 60.28
N TYR I 4550 -35.27 -29.86 59.46
CA TYR I 4550 -35.32 -31.05 58.60
C TYR I 4550 -35.24 -32.32 59.42
N THR I 4551 -34.42 -32.33 60.47
CA THR I 4551 -34.33 -33.52 61.30
C THR I 4551 -35.64 -33.78 62.05
N LEU I 4552 -36.36 -32.71 62.41
CA LEU I 4552 -37.68 -32.92 62.99
C LEU I 4552 -38.65 -33.48 61.97
N ARG I 4553 -38.53 -33.09 60.70
CA ARG I 4553 -39.37 -33.67 59.66
C ARG I 4553 -39.09 -35.16 59.49
N PHE I 4554 -37.81 -35.53 59.47
CA PHE I 4554 -37.45 -36.94 59.41
C PHE I 4554 -37.95 -37.68 60.64
N LEU I 4555 -37.84 -37.06 61.81
CA LEU I 4555 -38.29 -37.69 63.04
C LEU I 4555 -39.80 -37.93 63.01
N ALA I 4556 -40.56 -36.97 62.49
CA ALA I 4556 -42.00 -37.15 62.38
C ALA I 4556 -42.34 -38.28 61.43
N LEU I 4557 -41.60 -38.39 60.32
CA LEU I 4557 -41.83 -39.51 59.41
C LEU I 4557 -41.53 -40.84 60.08
N PHE I 4558 -40.42 -40.91 60.81
CA PHE I 4558 -40.07 -42.14 61.51
C PHE I 4558 -41.11 -42.50 62.55
N LEU I 4559 -41.66 -41.50 63.24
CA LEU I 4559 -42.70 -41.76 64.23
C LEU I 4559 -43.99 -42.23 63.56
N ALA I 4560 -44.32 -41.69 62.39
CA ALA I 4560 -45.50 -42.17 61.68
C ALA I 4560 -45.35 -43.63 61.29
N PHE I 4561 -44.15 -44.01 60.83
CA PHE I 4561 -43.91 -45.42 60.52
C PHE I 4561 -44.01 -46.29 61.75
N ALA I 4562 -43.47 -45.83 62.88
CA ALA I 4562 -43.55 -46.63 64.10
C ALA I 4562 -44.99 -46.80 64.57
N ILE I 4563 -45.77 -45.72 64.55
CA ILE I 4563 -47.15 -45.79 65.00
C ILE I 4563 -47.95 -46.73 64.11
N ASN I 4564 -47.73 -46.65 62.79
CA ASN I 4564 -48.48 -47.55 61.91
C ASN I 4564 -48.02 -48.98 62.03
N PHE I 4565 -46.74 -49.20 62.34
CA PHE I 4565 -46.29 -50.57 62.59
C PHE I 4565 -46.95 -51.14 63.83
N ILE I 4566 -47.15 -50.30 64.86
CA ILE I 4566 -47.93 -50.74 66.02
C ILE I 4566 -49.37 -51.02 65.63
N LEU I 4567 -49.96 -50.15 64.81
CA LEU I 4567 -51.34 -50.33 64.40
C LEU I 4567 -51.54 -51.58 63.55
N LEU I 4568 -50.46 -52.12 62.99
CA LEU I 4568 -50.57 -53.38 62.27
C LEU I 4568 -50.97 -54.56 63.15
N PHE I 4569 -51.08 -54.36 64.46
CA PHE I 4569 -51.52 -55.42 65.36
C PHE I 4569 -52.92 -55.19 65.89
N TYR I 4570 -53.66 -54.23 65.34
CA TYR I 4570 -55.02 -54.00 65.79
C TYR I 4570 -55.90 -55.18 65.42
N LYS I 4571 -56.91 -55.42 66.26
CA LYS I 4571 -57.82 -56.53 66.03
C LYS I 4571 -59.17 -56.17 66.62
N VAL I 4572 -60.22 -56.78 66.10
CA VAL I 4572 -61.59 -56.49 66.55
C VAL I 4572 -62.26 -57.78 66.98
N SER I 4573 -62.99 -57.70 68.10
CA SER I 4573 -63.81 -58.80 68.57
C SER I 4573 -65.08 -58.22 69.18
N ASP I 4574 -66.13 -59.04 69.21
CA ASP I 4574 -67.35 -58.63 69.89
C ASP I 4574 -67.22 -58.70 71.40
N SER I 4575 -66.43 -59.64 71.91
CA SER I 4575 -66.21 -59.75 73.33
C SER I 4575 -65.30 -58.61 73.81
N PRO I 4576 -65.41 -58.24 75.08
CA PRO I 4576 -64.49 -57.23 75.63
C PRO I 4576 -63.06 -57.73 75.58
N PRO I 4577 -62.09 -56.81 75.43
CA PRO I 4577 -60.65 -57.08 75.36
C PRO I 4577 -60.13 -58.02 76.44
N ASN I 4616 -73.45 -57.12 69.15
CA ASN I 4616 -73.91 -56.05 68.28
C ASN I 4616 -72.94 -54.88 68.28
N MET I 4617 -72.12 -54.79 69.32
CA MET I 4617 -71.14 -53.73 69.46
C MET I 4617 -69.74 -54.35 69.45
N VAL I 4618 -68.85 -53.76 68.67
CA VAL I 4618 -67.52 -54.31 68.46
C VAL I 4618 -66.53 -53.61 69.39
N TYR I 4619 -65.37 -54.24 69.54
CA TYR I 4619 -64.31 -53.75 70.41
C TYR I 4619 -62.98 -53.87 69.66
N TYR I 4620 -62.25 -52.77 69.58
CA TYR I 4620 -60.94 -52.73 68.96
C TYR I 4620 -59.89 -52.81 70.05
N PHE I 4621 -59.06 -53.84 70.00
CA PHE I 4621 -57.96 -53.96 70.96
C PHE I 4621 -56.68 -54.24 70.21
N LEU I 4622 -55.59 -53.69 70.74
CA LEU I 4622 -54.26 -53.87 70.18
C LEU I 4622 -53.71 -55.20 70.67
N GLU I 4623 -54.11 -56.26 69.97
CA GLU I 4623 -53.66 -57.61 70.32
C GLU I 4623 -52.15 -57.71 70.18
N GLU I 4624 -51.49 -58.22 71.21
CA GLU I 4624 -50.04 -58.24 71.25
C GLU I 4624 -49.57 -59.21 72.33
N SER I 4625 -48.33 -59.66 72.19
CA SER I 4625 -47.72 -60.57 73.14
C SER I 4625 -46.68 -59.90 74.04
N THR I 4626 -46.11 -58.78 73.61
CA THR I 4626 -45.09 -58.11 74.40
C THR I 4626 -45.63 -57.60 75.73
N GLY I 4627 -46.82 -57.01 75.72
CA GLY I 4627 -47.39 -56.42 76.90
C GLY I 4627 -47.10 -54.96 77.10
N TYR I 4628 -46.25 -54.36 76.24
CA TYR I 4628 -45.90 -52.96 76.35
C TYR I 4628 -46.40 -52.14 75.18
N MET I 4629 -47.10 -52.77 74.23
CA MET I 4629 -47.35 -52.11 72.95
C MET I 4629 -48.38 -51.00 73.07
N GLU I 4630 -49.39 -51.16 73.92
CA GLU I 4630 -50.35 -50.07 74.08
C GLU I 4630 -49.70 -48.85 74.74
N PRO I 4631 -48.91 -48.98 75.83
CA PRO I 4631 -48.17 -47.81 76.31
C PRO I 4631 -47.24 -47.21 75.29
N ALA I 4632 -46.60 -48.06 74.47
CA ALA I 4632 -45.76 -47.55 73.39
C ALA I 4632 -46.58 -46.72 72.42
N LEU I 4633 -47.79 -47.19 72.08
CA LEU I 4633 -48.63 -46.43 71.17
C LEU I 4633 -49.01 -45.07 71.74
N TRP I 4634 -49.40 -45.04 73.01
CA TRP I 4634 -49.84 -43.78 73.60
C TRP I 4634 -48.68 -42.79 73.71
N CYS I 4635 -47.52 -43.27 74.15
CA CYS I 4635 -46.34 -42.41 74.23
C CYS I 4635 -45.93 -41.91 72.85
N LEU I 4636 -45.95 -42.79 71.85
CA LEU I 4636 -45.56 -42.41 70.51
C LEU I 4636 -46.54 -41.42 69.90
N SER I 4637 -47.83 -41.54 70.22
CA SER I 4637 -48.81 -40.59 69.72
C SER I 4637 -48.55 -39.20 70.28
N LEU I 4638 -48.29 -39.11 71.59
CA LEU I 4638 -47.97 -37.81 72.19
C LEU I 4638 -46.70 -37.22 71.58
N LEU I 4639 -45.67 -38.06 71.43
CA LEU I 4639 -44.41 -37.58 70.87
C LEU I 4639 -44.60 -37.10 69.44
N HIS I 4640 -45.41 -37.81 68.65
CA HIS I 4640 -45.64 -37.41 67.28
C HIS I 4640 -46.33 -36.06 67.19
N THR I 4641 -47.35 -35.84 68.01
CA THR I 4641 -48.03 -34.55 67.96
C THR I 4641 -47.08 -33.41 68.34
N LEU I 4642 -46.26 -33.62 69.37
CA LEU I 4642 -45.33 -32.58 69.77
C LEU I 4642 -44.29 -32.30 68.69
N VAL I 4643 -43.77 -33.34 68.05
CA VAL I 4643 -42.78 -33.14 67.00
C VAL I 4643 -43.40 -32.40 65.82
N ALA I 4644 -44.65 -32.71 65.49
CA ALA I 4644 -45.32 -31.99 64.41
C ALA I 4644 -45.52 -30.52 64.77
N PHE I 4645 -45.81 -30.23 66.04
CA PHE I 4645 -45.92 -28.84 66.46
C PHE I 4645 -44.60 -28.11 66.31
N LEU I 4646 -43.51 -28.76 66.72
CA LEU I 4646 -42.20 -28.14 66.54
C LEU I 4646 -41.89 -27.95 65.06
N CYS I 4647 -42.39 -28.83 64.20
CA CYS I 4647 -42.19 -28.61 62.77
C CYS I 4647 -42.94 -27.37 62.29
N ILE I 4648 -44.16 -27.16 62.78
CA ILE I 4648 -44.90 -25.94 62.42
C ILE I 4648 -44.12 -24.70 62.86
N ILE I 4649 -43.67 -24.69 64.11
CA ILE I 4649 -42.97 -23.52 64.64
C ILE I 4649 -41.65 -23.30 63.90
N GLY I 4650 -40.91 -24.38 63.66
CA GLY I 4650 -39.65 -24.25 62.93
C GLY I 4650 -39.84 -23.74 61.52
N TYR I 4651 -40.86 -24.23 60.83
CA TYR I 4651 -41.16 -23.70 59.51
C TYR I 4651 -41.50 -22.22 59.58
N ASN I 4652 -42.34 -21.84 60.53
CA ASN I 4652 -42.76 -20.45 60.65
C ASN I 4652 -41.59 -19.52 60.94
N CYS I 4653 -40.58 -20.01 61.63
CA CYS I 4653 -39.43 -19.16 61.96
C CYS I 4653 -38.27 -19.32 60.99
N LEU I 4654 -38.35 -20.26 60.04
CA LEU I 4654 -37.25 -20.46 59.10
C LEU I 4654 -37.61 -20.12 57.67
N LYS I 4655 -38.68 -20.69 57.12
CA LYS I 4655 -38.99 -20.53 55.71
C LYS I 4655 -40.01 -19.44 55.44
N VAL I 4656 -40.81 -19.05 56.44
CA VAL I 4656 -41.80 -18.00 56.24
C VAL I 4656 -41.17 -16.66 55.89
N PRO I 4657 -40.08 -16.21 56.53
CA PRO I 4657 -39.49 -14.93 56.12
C PRO I 4657 -39.13 -14.85 54.66
N LEU I 4658 -38.73 -15.95 54.02
CA LEU I 4658 -38.48 -15.90 52.59
C LEU I 4658 -39.76 -15.61 51.81
N VAL I 4659 -40.87 -16.23 52.20
CA VAL I 4659 -42.13 -16.00 51.50
C VAL I 4659 -42.56 -14.55 51.66
N ILE I 4660 -42.44 -14.01 52.87
CA ILE I 4660 -42.76 -12.61 53.10
C ILE I 4660 -41.83 -11.71 52.29
N PHE I 4661 -40.55 -12.03 52.25
CA PHE I 4661 -39.59 -11.23 51.48
C PHE I 4661 -39.95 -11.22 50.00
N LYS I 4662 -40.30 -12.39 49.45
CA LYS I 4662 -40.68 -12.45 48.06
C LYS I 4662 -41.92 -11.61 47.79
N ARG I 4663 -42.94 -11.73 48.66
CA ARG I 4663 -44.18 -11.01 48.42
C ARG I 4663 -43.98 -9.51 48.50
N GLU I 4664 -43.23 -9.04 49.50
CA GLU I 4664 -43.03 -7.60 49.62
C GLU I 4664 -42.10 -7.08 48.55
N LYS I 4665 -41.13 -7.88 48.11
CA LYS I 4665 -40.28 -7.46 47.00
C LYS I 4665 -41.12 -7.26 45.75
N GLU I 4666 -41.98 -8.21 45.43
CA GLU I 4666 -42.82 -8.08 44.25
C GLU I 4666 -43.76 -6.89 44.37
N LEU I 4667 -44.32 -6.68 45.56
CA LEU I 4667 -45.20 -5.53 45.76
C LEU I 4667 -44.45 -4.22 45.57
N ALA I 4668 -43.24 -4.13 46.09
CA ALA I 4668 -42.46 -2.90 45.96
C ALA I 4668 -42.12 -2.62 44.51
N ARG I 4669 -41.72 -3.64 43.75
CA ARG I 4669 -41.43 -3.44 42.35
C ARG I 4669 -42.67 -3.01 41.59
N LYS I 4670 -43.81 -3.65 41.86
CA LYS I 4670 -45.03 -3.29 41.16
C LYS I 4670 -45.51 -1.90 41.54
N LEU I 4671 -45.26 -1.47 42.77
CA LEU I 4671 -45.65 -0.12 43.16
C LEU I 4671 -44.77 0.91 42.50
N GLU I 4672 -43.45 0.67 42.46
CA GLU I 4672 -42.54 1.71 42.01
C GLU I 4672 -42.46 1.79 40.49
N PHE I 4673 -42.42 0.66 39.80
CA PHE I 4673 -42.19 0.64 38.37
C PHE I 4673 -43.44 0.35 37.55
N ASP I 4674 -44.58 0.09 38.19
CA ASP I 4674 -45.79 -0.18 37.44
C ASP I 4674 -46.94 0.68 37.93
N GLY I 4675 -46.90 1.09 39.19
CA GLY I 4675 -47.99 1.84 39.77
C GLY I 4675 -49.27 1.02 39.78
N LEU I 4676 -49.17 -0.24 40.22
CA LEU I 4676 -50.32 -1.12 40.14
C LEU I 4676 -51.44 -0.72 41.09
N TYR I 4677 -51.15 0.12 42.07
CA TYR I 4677 -52.20 0.68 42.91
C TYR I 4677 -52.29 2.18 42.77
N ILE I 4678 -51.46 2.79 41.93
CA ILE I 4678 -51.46 4.23 41.74
C ILE I 4678 -52.22 4.55 40.47
N THR I 4679 -51.71 4.06 39.34
CA THR I 4679 -52.23 4.40 38.03
C THR I 4679 -52.96 3.28 37.32
N GLU I 4680 -52.66 2.01 37.64
CA GLU I 4680 -53.26 0.88 36.93
C GLU I 4680 -53.74 -0.15 37.94
N GLN I 4681 -54.99 -0.01 38.39
CA GLN I 4681 -55.53 -0.90 39.39
C GLN I 4681 -55.58 -2.34 38.87
N PRO I 4682 -55.40 -3.32 39.75
CA PRO I 4682 -55.38 -4.72 39.32
C PRO I 4682 -56.79 -5.25 39.09
N GLY I 4683 -56.85 -6.44 38.48
CA GLY I 4683 -58.12 -7.05 38.19
C GLY I 4683 -58.86 -7.50 39.43
N ASP I 4684 -60.16 -7.73 39.26
CA ASP I 4684 -61.00 -8.12 40.39
C ASP I 4684 -60.71 -9.55 40.83
N ASP I 4685 -60.47 -10.44 39.88
CA ASP I 4685 -60.24 -11.84 40.22
C ASP I 4685 -58.81 -12.11 40.69
N ASP I 4686 -57.92 -11.13 40.58
CA ASP I 4686 -56.54 -11.29 41.05
C ASP I 4686 -56.59 -11.15 42.56
N VAL I 4687 -56.71 -12.29 43.24
CA VAL I 4687 -56.85 -12.28 44.69
C VAL I 4687 -55.59 -11.76 45.35
N LYS I 4688 -54.42 -12.05 44.78
CA LYS I 4688 -53.17 -11.52 45.32
C LYS I 4688 -53.16 -10.00 45.31
N GLY I 4689 -53.50 -9.41 44.17
CA GLY I 4689 -53.55 -7.96 44.08
C GLY I 4689 -54.60 -7.35 44.98
N GLN I 4690 -55.75 -8.01 45.10
CA GLN I 4690 -56.80 -7.46 45.95
C GLN I 4690 -56.47 -7.62 47.43
N TRP I 4691 -55.66 -8.62 47.77
CA TRP I 4691 -55.28 -8.81 49.17
C TRP I 4691 -54.13 -7.93 49.58
N ASP I 4692 -53.27 -7.53 48.64
CA ASP I 4692 -52.12 -6.72 49.01
C ASP I 4692 -52.50 -5.31 49.45
N ARG I 4693 -53.73 -4.86 49.21
CA ARG I 4693 -54.10 -3.50 49.60
C ARG I 4693 -54.09 -3.31 51.09
N LEU I 4694 -54.18 -4.39 51.87
CA LEU I 4694 -54.19 -4.24 53.31
C LEU I 4694 -52.87 -3.70 53.85
N VAL I 4695 -51.76 -4.02 53.17
CA VAL I 4695 -50.45 -3.73 53.72
C VAL I 4695 -49.88 -2.40 53.24
N LEU I 4696 -50.57 -1.71 52.34
CA LEU I 4696 -50.05 -0.45 51.81
C LEU I 4696 -49.95 0.61 52.90
N ASN I 4697 -51.04 0.84 53.62
CA ASN I 4697 -51.08 1.94 54.57
C ASN I 4697 -50.55 1.55 55.95
N THR I 4698 -50.09 0.32 56.13
CA THR I 4698 -49.54 -0.07 57.41
C THR I 4698 -48.19 0.61 57.62
N PRO I 4699 -47.85 0.98 58.86
CA PRO I 4699 -46.58 1.68 59.10
C PRO I 4699 -45.36 0.79 58.95
N SER I 4700 -45.53 -0.52 58.89
CA SER I 4700 -44.42 -1.47 58.84
C SER I 4700 -44.47 -2.29 57.56
N PHE I 4701 -44.79 -1.66 56.44
CA PHE I 4701 -44.87 -2.39 55.17
C PHE I 4701 -43.55 -3.03 54.76
N PRO I 4702 -42.43 -2.33 54.65
CA PRO I 4702 -41.23 -3.00 54.13
C PRO I 4702 -40.40 -3.64 55.23
N SER I 4703 -41.01 -4.55 55.98
CA SER I 4703 -40.28 -5.36 56.94
C SER I 4703 -39.94 -6.70 56.31
N ASN I 4704 -38.77 -7.24 56.69
CA ASN I 4704 -38.18 -8.37 55.99
C ASN I 4704 -37.93 -8.03 54.53
N TYR I 4705 -37.51 -6.79 54.29
CA TYR I 4705 -37.14 -6.33 52.96
C TYR I 4705 -36.00 -5.34 53.13
N TRP I 4706 -35.08 -5.34 52.16
CA TRP I 4706 -33.81 -4.65 52.41
C TRP I 4706 -33.98 -3.13 52.47
N ASP I 4707 -34.76 -2.55 51.57
CA ASP I 4707 -35.00 -1.11 51.67
C ASP I 4707 -36.25 -0.81 52.46
N LYS I 4708 -36.27 0.37 53.07
CA LYS I 4708 -37.41 0.84 53.83
C LYS I 4708 -37.95 2.15 53.28
N PHE I 4709 -37.41 2.61 52.16
CA PHE I 4709 -37.78 3.90 51.58
C PHE I 4709 -38.57 3.75 50.30
N VAL I 4710 -39.16 2.57 50.08
CA VAL I 4710 -39.98 2.37 48.89
C VAL I 4710 -41.19 3.29 48.92
N LYS I 4711 -41.72 3.57 50.11
CA LYS I 4711 -42.83 4.51 50.22
C LYS I 4711 -42.43 5.89 49.73
N ARG I 4712 -41.25 6.35 50.15
CA ARG I 4712 -40.81 7.67 49.75
C ARG I 4712 -40.47 7.72 48.27
N LYS I 4713 -39.93 6.64 47.71
CA LYS I 4713 -39.66 6.63 46.28
C LYS I 4713 -40.94 6.67 45.47
N VAL I 4714 -41.98 5.95 45.91
CA VAL I 4714 -43.27 6.01 45.21
C VAL I 4714 -43.84 7.42 45.29
N LEU I 4715 -43.76 8.03 46.47
CA LEU I 4715 -44.26 9.40 46.62
C LEU I 4715 -43.51 10.37 45.72
N ASP I 4716 -42.20 10.22 45.60
CA ASP I 4716 -41.44 11.10 44.73
C ASP I 4716 -41.67 10.81 43.26
N LYS I 4717 -42.07 9.60 42.90
CA LYS I 4717 -42.22 9.25 41.50
C LYS I 4717 -43.62 9.57 40.98
N HIS I 4718 -44.66 9.01 41.58
CA HIS I 4718 -46.02 9.21 41.12
C HIS I 4718 -46.77 10.26 41.91
N GLY I 4719 -46.11 10.95 42.83
CA GLY I 4719 -46.81 11.93 43.65
C GLY I 4719 -47.31 13.13 42.87
N ASP I 4720 -46.49 13.64 41.96
CA ASP I 4720 -46.85 14.88 41.28
C ASP I 4720 -47.80 14.68 40.11
N ILE I 4721 -48.03 13.45 39.66
CA ILE I 4721 -49.01 13.19 38.61
C ILE I 4721 -50.37 12.90 39.21
N PHE I 4722 -50.44 11.85 40.03
CA PHE I 4722 -51.73 11.35 40.49
C PHE I 4722 -52.14 11.98 41.82
N GLY I 4723 -51.25 12.72 42.47
CA GLY I 4723 -51.62 13.48 43.66
C GLY I 4723 -50.87 13.10 44.91
N ARG I 4724 -50.07 14.03 45.43
CA ARG I 4724 -49.22 13.73 46.58
C ARG I 4724 -50.04 13.39 47.81
N GLU I 4725 -51.14 14.11 48.04
CA GLU I 4725 -51.96 13.82 49.20
C GLU I 4725 -52.63 12.46 49.07
N ARG I 4726 -53.01 12.08 47.85
CA ARG I 4726 -53.57 10.75 47.63
C ARG I 4726 -52.53 9.67 47.87
N ILE I 4727 -51.28 9.93 47.47
CA ILE I 4727 -50.19 8.99 47.77
C ILE I 4727 -50.04 8.83 49.28
N ALA I 4728 -50.08 9.94 50.01
CA ALA I 4728 -49.94 9.86 51.46
C ALA I 4728 -51.07 9.06 52.07
N GLU I 4729 -52.31 9.30 51.63
CA GLU I 4729 -53.44 8.55 52.16
C GLU I 4729 -53.33 7.06 51.81
N LEU I 4730 -52.92 6.75 50.59
CA LEU I 4730 -52.85 5.36 50.18
C LEU I 4730 -51.76 4.61 50.91
N LEU I 4731 -50.62 5.25 51.13
CA LEU I 4731 -49.47 4.61 51.74
C LEU I 4731 -49.42 4.80 53.24
N GLY I 4732 -50.42 5.43 53.85
CA GLY I 4732 -50.38 5.62 55.29
C GLY I 4732 -49.24 6.51 55.71
N MET I 4733 -48.98 7.56 54.96
CA MET I 4733 -47.82 8.42 55.12
C MET I 4733 -48.24 9.73 55.73
N ASP I 4734 -47.34 10.31 56.52
CA ASP I 4734 -47.57 11.62 57.13
C ASP I 4734 -46.53 12.57 56.54
N LEU I 4735 -47.02 13.51 55.72
CA LEU I 4735 -46.12 14.36 54.94
C LEU I 4735 -45.24 15.22 55.83
N ALA I 4736 -45.83 15.81 56.87
CA ALA I 4736 -45.03 16.62 57.79
C ALA I 4736 -44.07 15.76 58.60
N SER I 4737 -44.55 14.60 59.07
CA SER I 4737 -43.72 13.76 59.94
C SER I 4737 -42.50 13.22 59.21
N LEU I 4738 -42.59 12.96 57.90
CA LEU I 4738 -41.41 12.55 57.18
C LEU I 4738 -40.34 13.64 57.18
N GLU I 4739 -40.75 14.89 56.96
CA GLU I 4739 -39.79 15.96 56.91
C GLU I 4739 -39.21 16.27 58.29
N ILE I 4740 -39.97 16.00 59.36
CA ILE I 4740 -39.40 16.23 60.68
C ILE I 4740 -38.48 15.09 61.10
N THR I 4741 -38.77 13.85 60.67
CA THR I 4741 -37.82 12.76 60.92
C THR I 4741 -36.60 12.88 60.03
N ALA I 4742 -36.69 13.66 58.94
CA ALA I 4742 -35.51 13.94 58.14
C ALA I 4742 -34.47 14.70 58.93
N HIS I 4743 -34.89 15.68 59.72
CA HIS I 4743 -33.93 16.55 60.40
C HIS I 4743 -33.68 16.17 61.85
N ASN I 4744 -34.61 15.48 62.50
CA ASN I 4744 -34.42 15.05 63.88
C ASN I 4744 -35.20 13.77 64.12
N GLU I 4745 -34.52 12.76 64.66
CA GLU I 4745 -35.11 11.44 64.84
C GLU I 4745 -34.66 10.90 66.20
N ARG I 4746 -35.44 11.20 67.23
CA ARG I 4746 -35.17 10.64 68.55
C ARG I 4746 -35.45 9.13 68.52
N LYS I 4747 -34.58 8.37 69.19
CA LYS I 4747 -34.69 6.91 69.21
C LYS I 4747 -34.63 6.41 70.65
N PRO I 4748 -35.67 6.66 71.44
CA PRO I 4748 -35.69 6.13 72.82
C PRO I 4748 -36.38 4.77 72.89
N ASP I 4749 -36.44 4.20 74.09
CA ASP I 4749 -37.22 2.99 74.37
C ASP I 4749 -38.07 3.26 75.61
N PRO I 4750 -39.20 3.94 75.46
CA PRO I 4750 -40.02 4.30 76.64
C PRO I 4750 -40.58 3.08 77.37
N PRO I 4751 -41.33 2.18 76.73
CA PRO I 4751 -41.99 1.11 77.50
C PRO I 4751 -41.09 -0.10 77.64
N PRO I 4752 -40.72 -0.47 78.87
CA PRO I 4752 -39.84 -1.62 79.06
C PRO I 4752 -40.58 -2.94 79.23
N GLY I 4753 -41.86 -2.88 79.57
CA GLY I 4753 -42.60 -4.04 79.98
C GLY I 4753 -43.11 -4.87 78.82
N LEU I 4754 -44.03 -5.78 79.14
CA LEU I 4754 -44.66 -6.61 78.13
C LEU I 4754 -45.70 -5.84 77.33
N LEU I 4755 -46.30 -4.81 77.94
CA LEU I 4755 -47.39 -4.07 77.31
C LEU I 4755 -46.96 -3.42 75.99
N THR I 4756 -45.67 -3.16 75.80
CA THR I 4756 -45.21 -2.62 74.53
C THR I 4756 -45.42 -3.61 73.40
N TRP I 4757 -45.34 -4.91 73.68
CA TRP I 4757 -45.56 -5.89 72.63
C TRP I 4757 -47.04 -6.01 72.26
N LEU I 4758 -47.93 -5.60 73.15
CA LEU I 4758 -49.35 -5.51 72.81
C LEU I 4758 -49.71 -4.19 72.16
N MET I 4759 -48.94 -3.14 72.40
CA MET I 4759 -49.29 -1.83 71.86
C MET I 4759 -48.63 -1.54 70.51
N SER I 4760 -47.34 -1.86 70.38
CA SER I 4760 -46.64 -1.58 69.14
C SER I 4760 -46.97 -2.58 68.03
N ILE I 4761 -47.74 -3.62 68.34
CA ILE I 4761 -48.11 -4.57 67.30
C ILE I 4761 -48.98 -3.88 66.27
N ASP I 4762 -48.86 -4.32 65.02
CA ASP I 4762 -49.58 -3.72 63.90
C ASP I 4762 -50.61 -4.74 63.44
N VAL I 4763 -51.87 -4.50 63.80
CA VAL I 4763 -52.91 -5.49 63.58
C VAL I 4763 -53.13 -5.73 62.10
N LYS I 4764 -53.20 -4.66 61.32
CA LYS I 4764 -53.48 -4.81 59.89
C LYS I 4764 -52.36 -5.56 59.18
N TYR I 4765 -51.11 -5.22 59.50
CA TYR I 4765 -49.99 -5.93 58.89
C TYR I 4765 -49.99 -7.40 59.30
N GLN I 4766 -50.33 -7.68 60.57
CA GLN I 4766 -50.38 -9.07 61.00
C GLN I 4766 -51.47 -9.84 60.26
N ILE I 4767 -52.61 -9.19 60.01
CA ILE I 4767 -53.66 -9.84 59.24
C ILE I 4767 -53.17 -10.15 57.83
N TRP I 4768 -52.49 -9.19 57.21
CA TRP I 4768 -51.94 -9.43 55.88
C TRP I 4768 -50.91 -10.55 55.89
N LYS I 4769 -50.03 -10.56 56.89
CA LYS I 4769 -49.01 -11.60 56.97
C LYS I 4769 -49.64 -12.97 57.12
N PHE I 4770 -50.67 -13.09 57.97
CA PHE I 4770 -51.36 -14.36 58.12
C PHE I 4770 -52.03 -14.76 56.82
N GLY I 4771 -52.61 -13.81 56.11
CA GLY I 4771 -53.18 -14.13 54.81
C GLY I 4771 -52.15 -14.64 53.83
N VAL I 4772 -50.92 -14.13 53.91
CA VAL I 4772 -49.87 -14.59 53.01
C VAL I 4772 -49.45 -16.01 53.37
N ILE I 4773 -49.26 -16.30 54.65
CA ILE I 4773 -48.74 -17.63 54.98
C ILE I 4773 -49.81 -18.69 54.83
N PHE I 4774 -51.04 -18.40 55.28
CA PHE I 4774 -52.11 -19.39 55.25
C PHE I 4774 -52.62 -19.71 53.85
N THR I 4775 -52.02 -19.15 52.80
CA THR I 4775 -52.30 -19.60 51.45
C THR I 4775 -51.13 -20.33 50.83
N ASP I 4776 -49.96 -20.30 51.47
CA ASP I 4776 -48.81 -21.03 50.96
C ASP I 4776 -49.06 -22.53 51.01
N ASN I 4777 -48.63 -23.24 49.96
CA ASN I 4777 -48.89 -24.67 49.88
C ASN I 4777 -48.17 -25.43 50.98
N SER I 4778 -46.91 -25.08 51.25
CA SER I 4778 -46.14 -25.83 52.23
C SER I 4778 -46.72 -25.68 53.62
N PHE I 4779 -47.09 -24.47 54.01
CA PHE I 4779 -47.62 -24.26 55.35
C PHE I 4779 -48.98 -24.90 55.50
N LEU I 4780 -49.80 -24.93 54.44
CA LEU I 4780 -51.07 -25.62 54.52
C LEU I 4780 -50.86 -27.13 54.67
N TYR I 4781 -49.85 -27.68 53.99
CA TYR I 4781 -49.54 -29.09 54.17
C TYR I 4781 -49.13 -29.39 55.61
N LEU I 4782 -48.31 -28.52 56.19
CA LEU I 4782 -47.91 -28.74 57.58
C LEU I 4782 -49.07 -28.54 58.54
N GLY I 4783 -49.98 -27.62 58.23
CA GLY I 4783 -51.17 -27.46 59.05
C GLY I 4783 -52.08 -28.67 58.98
N TRP I 4784 -52.20 -29.27 57.80
CA TRP I 4784 -52.97 -30.50 57.69
C TRP I 4784 -52.26 -31.64 58.40
N TYR I 4785 -50.94 -31.59 58.46
CA TYR I 4785 -50.20 -32.56 59.25
C TYR I 4785 -50.56 -32.41 60.73
N MET I 4786 -50.62 -31.16 61.21
CA MET I 4786 -51.17 -30.88 62.55
C MET I 4786 -52.56 -31.47 62.74
N VAL I 4787 -53.46 -31.20 61.81
CA VAL I 4787 -54.85 -31.60 62.00
C VAL I 4787 -54.96 -33.12 62.09
N MET I 4788 -54.24 -33.83 61.23
CA MET I 4788 -54.27 -35.28 61.29
C MET I 4788 -53.59 -35.81 62.55
N SER I 4789 -52.52 -35.14 63.00
CA SER I 4789 -51.89 -35.58 64.24
C SER I 4789 -52.83 -35.43 65.43
N LEU I 4790 -53.58 -34.33 65.48
CA LEU I 4790 -54.54 -34.16 66.56
C LEU I 4790 -55.68 -35.17 66.46
N LEU I 4791 -56.22 -35.36 65.26
CA LEU I 4791 -57.31 -36.31 65.09
C LEU I 4791 -56.88 -37.74 65.34
N GLY I 4792 -55.58 -38.02 65.26
CA GLY I 4792 -55.09 -39.35 65.59
C GLY I 4792 -55.33 -39.72 67.03
N HIS I 4793 -55.42 -38.71 67.91
CA HIS I 4793 -55.78 -38.98 69.30
C HIS I 4793 -57.25 -39.34 69.42
N TYR I 4794 -58.11 -38.74 68.61
CA TYR I 4794 -59.51 -39.13 68.59
C TYR I 4794 -59.67 -40.56 68.10
N ASN I 4795 -59.02 -40.89 66.98
CA ASN I 4795 -58.98 -42.27 66.49
C ASN I 4795 -57.58 -42.61 66.03
N ASN I 4796 -57.03 -43.70 66.54
CA ASN I 4796 -55.63 -44.00 66.31
C ASN I 4796 -55.33 -44.29 64.85
N PHE I 4797 -56.31 -44.74 64.08
CA PHE I 4797 -56.02 -45.04 62.68
C PHE I 4797 -55.82 -43.80 61.82
N PHE I 4798 -56.15 -42.62 62.33
CA PHE I 4798 -55.90 -41.41 61.56
C PHE I 4798 -54.42 -41.15 61.36
N PHE I 4799 -53.55 -41.82 62.12
CA PHE I 4799 -52.13 -41.67 61.90
C PHE I 4799 -51.66 -42.33 60.62
N ALA I 4800 -52.52 -43.12 59.96
CA ALA I 4800 -52.13 -43.72 58.70
C ALA I 4800 -52.00 -42.67 57.60
N ALA I 4801 -52.73 -41.56 57.71
CA ALA I 4801 -52.64 -40.51 56.71
C ALA I 4801 -51.26 -39.87 56.68
N HIS I 4802 -50.47 -40.02 57.74
CA HIS I 4802 -49.13 -39.45 57.75
C HIS I 4802 -48.14 -40.29 56.98
N LEU I 4803 -48.53 -41.47 56.51
CA LEU I 4803 -47.63 -42.26 55.68
C LEU I 4803 -47.38 -41.59 54.34
N LEU I 4804 -48.31 -40.77 53.87
CA LEU I 4804 -48.15 -40.05 52.62
C LEU I 4804 -47.08 -38.98 52.70
N ASP I 4805 -46.52 -38.73 53.89
CA ASP I 4805 -45.46 -37.76 54.03
C ASP I 4805 -44.22 -38.17 53.25
N ILE I 4806 -44.03 -39.46 52.98
CA ILE I 4806 -42.88 -39.88 52.17
C ILE I 4806 -42.97 -39.30 50.77
N ALA I 4807 -44.20 -39.14 50.25
CA ALA I 4807 -44.39 -38.57 48.93
C ALA I 4807 -43.95 -37.12 48.86
N MET I 4808 -44.05 -36.39 49.97
CA MET I 4808 -43.49 -35.06 50.06
C MET I 4808 -42.10 -35.07 50.67
N GLY I 4809 -41.58 -36.25 50.99
CA GLY I 4809 -40.30 -36.46 51.62
C GLY I 4809 -39.28 -36.90 50.60
N VAL I 4810 -39.06 -38.21 50.46
CA VAL I 4810 -37.96 -38.73 49.66
C VAL I 4810 -38.09 -38.26 48.21
N LYS I 4811 -36.97 -37.82 47.64
CA LYS I 4811 -37.01 -37.08 46.38
C LYS I 4811 -37.45 -37.95 45.21
N THR I 4812 -37.04 -39.22 45.19
CA THR I 4812 -37.39 -40.07 44.05
C THR I 4812 -38.89 -40.32 44.00
N LEU I 4813 -39.54 -40.48 45.16
CA LEU I 4813 -40.99 -40.57 45.15
C LEU I 4813 -41.63 -39.26 44.71
N ARG I 4814 -40.98 -38.14 45.01
CA ARG I 4814 -41.47 -36.86 44.52
C ARG I 4814 -41.44 -36.83 43.00
N THR I 4815 -40.37 -37.38 42.38
CA THR I 4815 -40.30 -37.34 40.93
C THR I 4815 -41.28 -38.31 40.29
N ILE I 4816 -41.51 -39.48 40.91
CA ILE I 4816 -42.50 -40.40 40.38
C ILE I 4816 -43.89 -39.80 40.44
N LEU I 4817 -44.23 -39.20 41.57
CA LEU I 4817 -45.52 -38.51 41.64
C LEU I 4817 -45.56 -37.30 40.72
N SER I 4818 -44.41 -36.68 40.45
CA SER I 4818 -44.42 -35.55 39.52
C SER I 4818 -44.68 -36.02 38.10
N SER I 4819 -44.20 -37.21 37.74
CA SER I 4819 -44.58 -37.76 36.44
C SER I 4819 -46.07 -38.05 36.38
N VAL I 4820 -46.63 -38.60 37.46
CA VAL I 4820 -48.06 -38.88 37.46
C VAL I 4820 -48.87 -37.59 37.36
N THR I 4821 -48.46 -36.55 38.08
CA THR I 4821 -49.21 -35.30 38.15
C THR I 4821 -48.83 -34.30 37.07
N HIS I 4822 -47.88 -34.63 36.20
CA HIS I 4822 -47.51 -33.69 35.15
C HIS I 4822 -48.63 -33.52 34.13
N ASN I 4823 -49.33 -34.60 33.82
CA ASN I 4823 -50.45 -34.58 32.88
C ASN I 4823 -51.77 -34.83 33.61
N GLY I 4824 -51.92 -34.24 34.79
CA GLY I 4824 -53.09 -34.52 35.60
C GLY I 4824 -54.39 -34.06 34.96
N LYS I 4825 -54.36 -32.88 34.33
CA LYS I 4825 -55.55 -32.41 33.62
C LYS I 4825 -55.92 -33.36 32.49
N GLN I 4826 -54.93 -33.84 31.75
CA GLN I 4826 -55.19 -34.80 30.70
C GLN I 4826 -55.81 -36.08 31.26
N LEU I 4827 -55.30 -36.56 32.40
CA LEU I 4827 -55.87 -37.77 32.99
C LEU I 4827 -57.31 -37.56 33.41
N VAL I 4828 -57.61 -36.40 34.01
CA VAL I 4828 -58.97 -36.15 34.46
C VAL I 4828 -59.92 -36.06 33.26
N MET I 4829 -59.51 -35.38 32.20
CA MET I 4829 -60.36 -35.33 31.02
C MET I 4829 -60.49 -36.68 30.35
N THR I 4830 -59.47 -37.53 30.44
CA THR I 4830 -59.59 -38.87 29.88
C THR I 4830 -60.62 -39.71 30.64
N VAL I 4831 -60.61 -39.63 31.97
CA VAL I 4831 -61.63 -40.39 32.69
C VAL I 4831 -63.01 -39.74 32.54
N GLY I 4832 -63.07 -38.45 32.25
CA GLY I 4832 -64.34 -37.85 31.87
C GLY I 4832 -64.87 -38.41 30.57
N LEU I 4833 -63.99 -38.55 29.58
CA LEU I 4833 -64.36 -39.20 28.33
C LEU I 4833 -64.75 -40.64 28.58
N LEU I 4834 -64.09 -41.30 29.54
CA LEU I 4834 -64.47 -42.66 29.89
C LEU I 4834 -65.90 -42.71 30.41
N ALA I 4835 -66.26 -41.77 31.29
CA ALA I 4835 -67.63 -41.74 31.80
C ALA I 4835 -68.63 -41.47 30.68
N VAL I 4836 -68.27 -40.59 29.75
CA VAL I 4836 -69.18 -40.27 28.66
C VAL I 4836 -69.41 -41.48 27.76
N VAL I 4837 -68.33 -42.17 27.38
CA VAL I 4837 -68.51 -43.29 26.46
C VAL I 4837 -69.19 -44.46 27.15
N VAL I 4838 -68.93 -44.67 28.44
CA VAL I 4838 -69.62 -45.74 29.15
C VAL I 4838 -71.10 -45.42 29.28
N TYR I 4839 -71.44 -44.15 29.48
CA TYR I 4839 -72.85 -43.79 29.48
C TYR I 4839 -73.48 -43.97 28.11
N LEU I 4840 -72.73 -43.69 27.05
CA LEU I 4840 -73.24 -43.92 25.70
C LEU I 4840 -73.48 -45.40 25.45
N TYR I 4841 -72.72 -46.26 26.10
CA TYR I 4841 -73.02 -47.68 26.03
C TYR I 4841 -74.21 -48.03 26.90
N THR I 4842 -74.43 -47.28 27.98
CA THR I 4842 -75.56 -47.57 28.85
C THR I 4842 -76.89 -47.24 28.17
N VAL I 4843 -76.95 -46.12 27.44
CA VAL I 4843 -78.20 -45.76 26.79
C VAL I 4843 -78.57 -46.75 25.70
N VAL I 4844 -77.60 -47.48 25.16
CA VAL I 4844 -77.87 -48.46 24.12
C VAL I 4844 -77.96 -49.87 24.67
N ALA I 4845 -77.54 -50.08 25.91
CA ALA I 4845 -77.81 -51.35 26.56
C ALA I 4845 -79.16 -51.38 27.24
N PHE I 4846 -79.64 -50.24 27.72
CA PHE I 4846 -80.94 -50.20 28.38
C PHE I 4846 -82.03 -50.45 27.35
N ASN I 4847 -81.95 -49.76 26.20
CA ASN I 4847 -83.02 -49.82 25.23
C ASN I 4847 -83.13 -51.18 24.56
N PHE I 4848 -82.00 -51.82 24.27
CA PHE I 4848 -82.02 -53.05 23.48
C PHE I 4848 -81.63 -54.27 24.29
N PHE I 4849 -80.44 -54.26 24.88
CA PHE I 4849 -79.89 -55.44 25.54
C PHE I 4849 -80.21 -55.39 27.02
N ARG I 4850 -81.50 -55.45 27.33
CA ARG I 4850 -81.93 -55.24 28.70
C ARG I 4850 -82.07 -56.54 29.47
N LYS I 4851 -82.57 -57.59 28.81
CA LYS I 4851 -82.78 -58.86 29.48
C LYS I 4851 -81.49 -59.56 29.85
N PHE I 4852 -80.38 -59.21 29.19
CA PHE I 4852 -79.14 -59.94 29.41
C PHE I 4852 -78.47 -59.59 30.74
N TYR I 4853 -78.80 -58.44 31.33
CA TYR I 4853 -78.12 -57.98 32.55
C TYR I 4853 -78.75 -58.61 33.79
N ASN I 4854 -78.68 -59.94 33.84
CA ASN I 4854 -79.18 -60.71 34.96
C ASN I 4854 -78.01 -61.13 35.83
N LYS I 4855 -78.12 -60.84 37.13
CA LYS I 4855 -77.08 -61.22 38.08
C LYS I 4855 -77.65 -62.06 39.21
N SER I 4856 -78.70 -62.82 38.93
CA SER I 4856 -79.35 -63.66 39.93
C SER I 4856 -79.58 -65.04 39.34
N GLU I 4857 -78.99 -66.06 39.97
CA GLU I 4857 -79.28 -67.44 39.60
C GLU I 4857 -80.60 -67.93 40.19
N ASP I 4858 -81.19 -67.19 41.13
CA ASP I 4858 -82.48 -67.54 41.69
C ASP I 4858 -83.57 -67.05 40.75
N GLU I 4859 -84.17 -67.99 40.00
CA GLU I 4859 -85.19 -67.63 39.02
C GLU I 4859 -86.43 -67.03 39.66
N ASP I 4860 -86.66 -67.28 40.95
CA ASP I 4860 -87.81 -66.72 41.63
C ASP I 4860 -87.70 -65.20 41.74
N GLU I 4861 -86.50 -64.70 42.02
CA GLU I 4861 -86.26 -63.28 42.22
C GLU I 4861 -85.20 -62.80 41.25
N PRO I 4862 -85.59 -62.38 40.04
CA PRO I 4862 -84.61 -61.81 39.11
C PRO I 4862 -84.04 -60.51 39.64
N ASP I 4863 -82.81 -60.23 39.26
CA ASP I 4863 -82.06 -59.07 39.74
C ASP I 4863 -81.53 -58.25 38.56
N MET I 4864 -82.43 -57.88 37.65
CA MET I 4864 -82.09 -57.04 36.51
C MET I 4864 -81.28 -55.83 36.97
N LYS I 4865 -80.04 -55.75 36.51
CA LYS I 4865 -79.17 -54.63 36.84
C LYS I 4865 -79.22 -53.53 35.81
N CYS I 4866 -80.08 -53.64 34.80
CA CYS I 4866 -80.23 -52.59 33.81
C CYS I 4866 -81.70 -52.35 33.52
N ASP I 4867 -82.52 -52.31 34.57
CA ASP I 4867 -83.90 -51.89 34.44
C ASP I 4867 -84.09 -50.42 34.82
N ASP I 4868 -82.99 -49.72 35.09
CA ASP I 4868 -83.03 -48.33 35.54
C ASP I 4868 -81.73 -47.69 35.09
N MET I 4869 -81.80 -46.44 34.65
CA MET I 4869 -80.61 -45.76 34.17
C MET I 4869 -79.54 -45.68 35.23
N MET I 4870 -79.91 -45.32 36.46
CA MET I 4870 -78.91 -45.11 37.49
C MET I 4870 -78.17 -46.40 37.80
N THR I 4871 -78.89 -47.49 37.99
CA THR I 4871 -78.21 -48.73 38.33
C THR I 4871 -77.53 -49.36 37.12
N CYS I 4872 -78.02 -49.12 35.90
CA CYS I 4872 -77.33 -49.66 34.74
C CYS I 4872 -76.02 -48.93 34.48
N TYR I 4873 -76.03 -47.61 34.58
CA TYR I 4873 -74.79 -46.84 34.46
C TYR I 4873 -73.82 -47.22 35.57
N LEU I 4874 -74.34 -47.41 36.79
CA LEU I 4874 -73.48 -47.85 37.88
C LEU I 4874 -72.90 -49.23 37.60
N PHE I 4875 -73.71 -50.14 37.04
CA PHE I 4875 -73.20 -51.45 36.71
C PHE I 4875 -72.12 -51.37 35.66
N HIS I 4876 -72.30 -50.55 34.63
CA HIS I 4876 -71.31 -50.46 33.57
C HIS I 4876 -70.01 -49.87 34.10
N MET I 4877 -70.09 -48.71 34.76
CA MET I 4877 -68.90 -48.08 35.33
C MET I 4877 -68.20 -48.94 36.37
N TYR I 4878 -68.94 -49.71 37.16
CA TYR I 4878 -68.27 -50.45 38.22
C TYR I 4878 -67.73 -51.79 37.73
N VAL I 4879 -68.50 -52.53 36.95
CA VAL I 4879 -68.08 -53.86 36.55
C VAL I 4879 -67.43 -53.86 35.17
N GLY I 4880 -68.04 -53.20 34.19
CA GLY I 4880 -67.55 -53.32 32.83
C GLY I 4880 -66.18 -52.71 32.63
N VAL I 4881 -65.90 -51.60 33.32
CA VAL I 4881 -64.58 -50.99 33.19
C VAL I 4881 -63.53 -51.87 33.85
N ARG I 4882 -63.84 -52.44 35.01
CA ARG I 4882 -62.87 -53.21 35.76
C ARG I 4882 -62.71 -54.64 35.27
N ALA I 4883 -63.60 -55.12 34.43
CA ALA I 4883 -63.48 -56.49 33.94
C ALA I 4883 -62.27 -56.62 33.04
N GLY I 4884 -61.67 -57.82 33.04
CA GLY I 4884 -60.52 -58.07 32.18
C GLY I 4884 -60.88 -57.98 30.71
N GLY I 4885 -61.98 -58.62 30.33
CA GLY I 4885 -62.61 -58.37 29.05
C GLY I 4885 -63.54 -57.18 29.18
N GLY I 4886 -64.38 -57.01 28.18
CA GLY I 4886 -65.35 -55.94 28.18
C GLY I 4886 -66.51 -56.24 29.13
N ILE I 4887 -67.68 -55.73 28.78
CA ILE I 4887 -68.89 -56.11 29.49
C ILE I 4887 -69.37 -57.50 29.11
N GLY I 4888 -68.82 -58.07 28.05
CA GLY I 4888 -69.32 -59.32 27.53
C GLY I 4888 -69.11 -60.52 28.42
N ASP I 4889 -68.18 -60.42 29.37
CA ASP I 4889 -67.92 -61.52 30.27
C ASP I 4889 -68.67 -61.41 31.59
N GLU I 4890 -69.51 -60.39 31.75
CA GLU I 4890 -70.23 -60.18 32.99
C GLU I 4890 -71.74 -60.23 32.84
N ILE I 4891 -72.25 -60.54 31.65
CA ILE I 4891 -73.68 -60.58 31.38
C ILE I 4891 -74.02 -61.92 30.75
N GLU I 4892 -75.29 -62.07 30.38
CA GLU I 4892 -75.78 -63.32 29.83
C GLU I 4892 -75.13 -63.61 28.48
N ASP I 4893 -74.94 -64.90 28.20
CA ASP I 4893 -74.39 -65.35 26.93
C ASP I 4893 -75.30 -64.92 25.79
N PRO I 4894 -74.80 -64.19 24.80
CA PRO I 4894 -75.67 -63.75 23.69
C PRO I 4894 -75.93 -64.81 22.64
N ALA I 4895 -75.42 -66.03 22.80
CA ALA I 4895 -75.66 -67.06 21.80
C ALA I 4895 -77.12 -67.49 21.82
N GLY I 4896 -77.64 -67.81 20.64
CA GLY I 4896 -79.02 -68.23 20.52
C GLY I 4896 -80.00 -67.11 20.82
N ASP I 4897 -79.96 -66.06 20.00
CA ASP I 4897 -80.82 -64.91 20.18
C ASP I 4897 -80.90 -64.15 18.86
N GLU I 4898 -81.99 -63.40 18.69
CA GLU I 4898 -82.12 -62.59 17.49
C GLU I 4898 -81.19 -61.39 17.51
N TYR I 4899 -80.61 -61.06 18.65
CA TYR I 4899 -79.68 -59.95 18.78
C TYR I 4899 -78.25 -60.43 19.00
N GLU I 4900 -77.93 -61.62 18.48
CA GLU I 4900 -76.61 -62.20 18.71
C GLU I 4900 -75.51 -61.35 18.10
N LEU I 4901 -75.64 -61.01 16.82
CA LEU I 4901 -74.61 -60.24 16.15
C LEU I 4901 -74.54 -58.83 16.72
N TYR I 4902 -75.69 -58.25 17.07
CA TYR I 4902 -75.67 -56.91 17.65
C TYR I 4902 -74.95 -56.90 18.99
N ARG I 4903 -75.18 -57.91 19.82
CA ARG I 4903 -74.48 -57.96 21.10
C ARG I 4903 -72.99 -58.27 20.92
N VAL I 4904 -72.64 -59.06 19.91
CA VAL I 4904 -71.22 -59.30 19.65
C VAL I 4904 -70.52 -58.01 19.27
N VAL I 4905 -71.14 -57.22 18.40
CA VAL I 4905 -70.59 -55.91 18.05
C VAL I 4905 -70.52 -55.04 19.30
N PHE I 4906 -71.54 -55.10 20.14
CA PHE I 4906 -71.60 -54.28 21.35
C PHE I 4906 -70.44 -54.58 22.28
N ASP I 4907 -70.23 -55.85 22.60
CA ASP I 4907 -69.17 -56.22 23.53
C ASP I 4907 -67.80 -55.99 22.93
N ILE I 4908 -67.62 -56.31 21.65
CA ILE I 4908 -66.30 -56.13 21.04
C ILE I 4908 -65.93 -54.65 20.99
N THR I 4909 -66.87 -53.78 20.61
CA THR I 4909 -66.52 -52.37 20.59
C THR I 4909 -66.35 -51.81 21.99
N PHE I 4910 -67.08 -52.34 22.98
CA PHE I 4910 -66.85 -51.93 24.36
C PHE I 4910 -65.43 -52.29 24.79
N PHE I 4911 -65.02 -53.52 24.49
CA PHE I 4911 -63.67 -53.95 24.81
C PHE I 4911 -62.62 -53.13 24.06
N PHE I 4912 -62.88 -52.83 22.80
CA PHE I 4912 -61.88 -52.15 21.99
C PHE I 4912 -61.75 -50.68 22.33
N PHE I 4913 -62.86 -50.01 22.63
CA PHE I 4913 -62.78 -48.59 22.90
C PHE I 4913 -62.57 -48.27 24.38
N VAL I 4914 -63.25 -48.97 25.28
CA VAL I 4914 -63.18 -48.63 26.69
C VAL I 4914 -61.99 -49.30 27.37
N ILE I 4915 -61.70 -50.55 27.03
CA ILE I 4915 -60.71 -51.32 27.77
C ILE I 4915 -59.31 -51.14 27.19
N VAL I 4916 -59.12 -51.50 25.93
CA VAL I 4916 -57.75 -51.51 25.41
C VAL I 4916 -57.33 -50.14 24.92
N ILE I 4917 -58.26 -49.31 24.43
CA ILE I 4917 -57.86 -47.99 23.97
C ILE I 4917 -57.88 -47.00 25.13
N LEU I 4918 -59.02 -46.85 25.79
CA LEU I 4918 -59.17 -45.76 26.75
C LEU I 4918 -58.47 -46.01 28.07
N LEU I 4919 -57.98 -47.21 28.33
CA LEU I 4919 -57.07 -47.37 29.45
C LEU I 4919 -55.62 -47.29 29.00
N ALA I 4920 -55.35 -47.56 27.71
CA ALA I 4920 -54.01 -47.31 27.19
C ALA I 4920 -53.68 -45.84 27.16
N ILE I 4921 -54.68 -44.97 27.00
CA ILE I 4921 -54.43 -43.55 27.13
C ILE I 4921 -54.04 -43.20 28.57
N ILE I 4922 -54.71 -43.80 29.54
CA ILE I 4922 -54.39 -43.56 30.93
C ILE I 4922 -52.98 -44.01 31.25
N GLN I 4923 -52.58 -45.18 30.73
CA GLN I 4923 -51.21 -45.63 30.90
C GLN I 4923 -50.24 -44.77 30.09
N GLY I 4924 -50.66 -44.28 28.93
CA GLY I 4924 -49.76 -43.57 28.06
C GLY I 4924 -49.46 -42.16 28.49
N LEU I 4925 -50.38 -41.54 29.23
CA LEU I 4925 -50.10 -40.20 29.73
C LEU I 4925 -48.93 -40.22 30.69
N ILE I 4926 -48.88 -41.19 31.60
CA ILE I 4926 -47.75 -41.26 32.50
C ILE I 4926 -46.53 -41.87 31.82
N ILE I 4927 -46.74 -42.74 30.83
CA ILE I 4927 -45.63 -43.24 30.03
C ILE I 4927 -44.88 -42.08 29.37
N ASP I 4928 -45.63 -41.15 28.79
CA ASP I 4928 -45.06 -40.00 28.13
C ASP I 4928 -44.56 -38.98 29.14
N ALA I 4929 -45.15 -38.96 30.34
CA ALA I 4929 -44.68 -38.03 31.35
C ALA I 4929 -43.29 -38.40 31.84
N PHE I 4930 -42.95 -39.69 31.85
CA PHE I 4930 -41.58 -40.05 32.18
C PHE I 4930 -40.61 -39.51 31.13
N GLY I 4931 -41.04 -39.46 29.87
CA GLY I 4931 -40.27 -38.76 28.86
C GLY I 4931 -40.20 -37.28 29.09
N GLU I 4932 -41.26 -36.69 29.64
CA GLU I 4932 -41.22 -35.27 30.02
C GLU I 4932 -40.06 -35.00 30.95
N LEU I 4933 -40.05 -35.65 32.11
CA LEU I 4933 -39.01 -35.39 33.09
C LEU I 4933 -37.64 -35.82 32.59
N ARG I 4934 -37.56 -36.94 31.85
CA ARG I 4934 -36.38 -37.25 31.07
C ARG I 4934 -35.80 -36.04 30.37
N ASP I 4935 -36.54 -35.51 29.42
CA ASP I 4935 -36.00 -34.52 28.53
C ASP I 4935 -35.76 -33.21 29.24
N GLN I 4936 -36.49 -32.94 30.32
CA GLN I 4936 -36.21 -31.74 31.10
C GLN I 4936 -34.85 -31.81 31.77
N GLN I 4937 -34.56 -32.91 32.48
CA GLN I 4937 -33.25 -33.02 33.12
C GLN I 4937 -32.14 -33.05 32.08
N GLU I 4938 -32.33 -33.80 30.99
CA GLU I 4938 -31.31 -33.86 29.96
C GLU I 4938 -31.08 -32.51 29.31
N GLN I 4939 -32.15 -31.75 29.06
CA GLN I 4939 -31.99 -30.45 28.45
C GLN I 4939 -31.26 -29.49 29.38
N VAL I 4940 -31.57 -29.51 30.67
CA VAL I 4940 -30.89 -28.63 31.62
C VAL I 4940 -29.41 -28.96 31.69
N LYS I 4941 -29.09 -30.25 31.85
CA LYS I 4941 -27.69 -30.64 31.93
C LYS I 4941 -26.95 -30.35 30.65
N GLU I 4942 -27.58 -30.60 29.51
CA GLU I 4942 -26.94 -30.30 28.23
C GLU I 4942 -26.69 -28.80 28.07
N ASP I 4943 -27.67 -27.98 28.45
CA ASP I 4943 -27.52 -26.53 28.31
C ASP I 4943 -26.41 -26.00 29.18
N MET I 4944 -26.27 -26.52 30.40
CA MET I 4944 -25.11 -26.16 31.21
C MET I 4944 -23.82 -26.61 30.55
N GLU I 4945 -23.82 -27.79 29.94
CA GLU I 4945 -22.58 -28.31 29.36
C GLU I 4945 -22.16 -27.54 28.12
N THR I 4946 -23.10 -27.01 27.33
CA THR I 4946 -22.73 -26.49 26.02
C THR I 4946 -22.61 -24.98 25.96
N LYS I 4947 -23.32 -24.23 26.81
CA LYS I 4947 -23.33 -22.79 26.69
C LYS I 4947 -23.13 -22.15 28.06
N CYS I 4948 -22.52 -20.96 28.06
CA CYS I 4948 -22.32 -20.25 29.31
C CYS I 4948 -23.63 -19.66 29.79
N PHE I 4949 -23.87 -19.75 31.09
CA PHE I 4949 -25.12 -19.27 31.66
C PHE I 4949 -25.24 -17.75 31.56
N ILE I 4950 -24.12 -17.04 31.63
CA ILE I 4950 -24.16 -15.58 31.64
C ILE I 4950 -24.07 -15.02 30.23
N CYS I 4951 -22.95 -15.25 29.55
CA CYS I 4951 -22.75 -14.61 28.26
C CYS I 4951 -23.54 -15.30 27.15
N GLY I 4952 -23.73 -16.61 27.23
CA GLY I 4952 -24.44 -17.32 26.21
C GLY I 4952 -23.59 -17.79 25.05
N ILE I 4953 -22.31 -17.46 25.03
CA ILE I 4953 -21.42 -17.93 23.98
C ILE I 4953 -21.24 -19.43 24.13
N GLY I 4954 -21.36 -20.16 23.01
CA GLY I 4954 -21.27 -21.60 23.06
C GLY I 4954 -19.86 -22.09 23.31
N SER I 4955 -19.77 -23.32 23.81
CA SER I 4955 -18.48 -23.92 24.12
C SER I 4955 -17.69 -24.24 22.86
N ASP I 4956 -18.34 -24.30 21.71
CA ASP I 4956 -17.62 -24.49 20.45
C ASP I 4956 -16.69 -23.32 20.16
N TYR I 4957 -16.88 -22.18 20.80
CA TYR I 4957 -15.97 -21.06 20.70
C TYR I 4957 -14.86 -21.16 21.75
N PHE I 4958 -15.23 -21.42 23.00
CA PHE I 4958 -14.25 -21.39 24.08
C PHE I 4958 -13.28 -22.55 23.99
N ASP I 4959 -13.76 -23.73 23.61
CA ASP I 4959 -12.91 -24.92 23.62
C ASP I 4959 -11.85 -24.90 22.54
N THR I 4960 -11.76 -23.85 21.72
CA THR I 4960 -10.64 -23.71 20.80
C THR I 4960 -9.32 -23.71 21.56
N THR I 4961 -9.25 -22.93 22.61
CA THR I 4961 -8.18 -23.04 23.59
C THR I 4961 -8.44 -24.25 24.48
N PRO I 4962 -7.42 -25.02 24.83
CA PRO I 4962 -7.63 -26.17 25.72
C PRO I 4962 -8.28 -25.77 27.02
N HIS I 4963 -9.30 -26.54 27.43
CA HIS I 4963 -10.09 -26.27 28.63
C HIS I 4963 -10.68 -24.86 28.61
N GLY I 4964 -10.99 -24.37 27.41
CA GLY I 4964 -11.44 -23.00 27.29
C GLY I 4964 -12.75 -22.73 27.99
N PHE I 4965 -13.72 -23.63 27.82
CA PHE I 4965 -15.02 -23.44 28.47
C PHE I 4965 -14.91 -23.64 29.98
N GLU I 4966 -14.08 -24.59 30.41
CA GLU I 4966 -13.85 -24.78 31.83
C GLU I 4966 -13.29 -23.50 32.46
N THR I 4967 -12.30 -22.90 31.80
CA THR I 4967 -11.74 -21.65 32.29
C THR I 4967 -12.78 -20.55 32.28
N HIS I 4968 -13.58 -20.46 31.21
CA HIS I 4968 -14.53 -19.37 31.09
C HIS I 4968 -15.60 -19.43 32.16
N THR I 4969 -16.01 -20.62 32.57
CA THR I 4969 -17.02 -20.73 33.60
C THR I 4969 -16.45 -21.04 34.98
N LEU I 4970 -15.13 -20.98 35.15
CA LEU I 4970 -14.58 -21.02 36.49
C LEU I 4970 -13.86 -19.74 36.89
N GLU I 4971 -13.41 -18.94 35.93
CA GLU I 4971 -12.74 -17.68 36.22
C GLU I 4971 -13.46 -16.48 35.65
N GLU I 4972 -13.73 -16.46 34.35
CA GLU I 4972 -14.21 -15.26 33.69
C GLU I 4972 -15.63 -14.92 34.10
N HIS I 4973 -16.59 -15.78 33.75
CA HIS I 4973 -17.99 -15.59 34.08
C HIS I 4973 -18.38 -16.71 35.03
N ASN I 4974 -18.50 -16.40 36.32
CA ASN I 4974 -18.94 -17.37 37.30
C ASN I 4974 -20.07 -16.77 38.09
N LEU I 4975 -21.23 -17.43 38.10
CA LEU I 4975 -22.39 -16.85 38.76
C LEU I 4975 -22.17 -16.75 40.27
N ALA I 4976 -21.33 -17.61 40.83
CA ALA I 4976 -20.95 -17.43 42.22
C ALA I 4976 -20.17 -16.14 42.41
N ASN I 4977 -19.35 -15.76 41.43
CA ASN I 4977 -18.65 -14.49 41.52
C ASN I 4977 -19.60 -13.31 41.40
N TYR I 4978 -20.69 -13.44 40.64
CA TYR I 4978 -21.65 -12.34 40.59
C TYR I 4978 -22.44 -12.23 41.89
N MET I 4979 -22.81 -13.37 42.50
CA MET I 4979 -23.20 -13.41 43.90
C MET I 4979 -22.31 -12.52 44.76
N PHE I 4980 -21.02 -12.85 44.74
CA PHE I 4980 -20.09 -12.23 45.66
C PHE I 4980 -19.88 -10.76 45.34
N PHE I 4981 -19.98 -10.38 44.07
CA PHE I 4981 -19.88 -8.97 43.73
C PHE I 4981 -21.03 -8.18 44.32
N LEU I 4982 -22.26 -8.69 44.19
CA LEU I 4982 -23.38 -7.98 44.77
C LEU I 4982 -23.23 -7.86 46.27
N MET I 4983 -22.79 -8.93 46.92
CA MET I 4983 -22.58 -8.89 48.36
C MET I 4983 -21.52 -7.87 48.73
N TYR I 4984 -20.46 -7.80 47.94
CA TYR I 4984 -19.34 -6.91 48.22
C TYR I 4984 -19.73 -5.45 48.01
N LEU I 4985 -20.53 -5.16 47.00
CA LEU I 4985 -21.04 -3.80 46.82
C LEU I 4985 -21.90 -3.38 47.98
N ILE I 4986 -22.78 -4.26 48.45
CA ILE I 4986 -23.64 -3.92 49.57
C ILE I 4986 -22.82 -3.66 50.83
N ASN I 4987 -21.82 -4.51 51.07
CA ASN I 4987 -21.02 -4.36 52.28
C ASN I 4987 -20.14 -3.12 52.24
N LYS I 4988 -19.58 -2.81 51.08
CA LYS I 4988 -18.63 -1.71 50.99
C LYS I 4988 -19.30 -0.37 51.19
N ASP I 4989 -18.57 0.55 51.82
CA ASP I 4989 -19.09 1.89 52.08
C ASP I 4989 -19.30 2.61 50.76
N GLU I 4990 -20.44 3.31 50.64
CA GLU I 4990 -20.81 3.93 49.37
C GLU I 4990 -19.78 4.96 48.91
N THR I 4991 -19.12 5.62 49.85
CA THR I 4991 -18.13 6.62 49.46
C THR I 4991 -16.81 5.98 49.03
N GLU I 4992 -16.63 4.69 49.25
CA GLU I 4992 -15.38 4.00 48.95
C GLU I 4992 -15.46 3.18 47.68
N HIS I 4993 -16.58 3.18 46.97
CA HIS I 4993 -16.68 2.42 45.74
C HIS I 4993 -15.69 2.95 44.71
N THR I 4994 -15.10 2.03 43.94
CA THR I 4994 -14.29 2.45 42.82
C THR I 4994 -15.20 2.89 41.67
N GLY I 4995 -14.62 3.33 40.56
CA GLY I 4995 -15.44 3.81 39.47
C GLY I 4995 -16.32 2.74 38.87
N GLN I 4996 -15.74 1.57 38.60
CA GLN I 4996 -16.51 0.47 38.04
C GLN I 4996 -17.57 -0.03 39.00
N GLU I 4997 -17.23 -0.11 40.30
CA GLU I 4997 -18.22 -0.54 41.28
C GLU I 4997 -19.35 0.46 41.41
N SER I 4998 -19.05 1.75 41.31
CA SER I 4998 -20.13 2.74 41.34
C SER I 4998 -21.03 2.62 40.13
N TYR I 4999 -20.45 2.31 38.97
CA TYR I 4999 -21.25 2.07 37.77
C TYR I 4999 -22.20 0.91 37.98
N VAL I 5000 -21.68 -0.23 38.43
CA VAL I 5000 -22.51 -1.40 38.66
C VAL I 5000 -23.54 -1.12 39.75
N TRP I 5001 -23.14 -0.38 40.78
CA TRP I 5001 -24.06 -0.07 41.86
C TRP I 5001 -25.22 0.81 41.38
N LYS I 5002 -24.93 1.81 40.54
CA LYS I 5002 -26.01 2.69 40.13
C LYS I 5002 -27.00 1.96 39.25
N MET I 5003 -26.55 1.02 38.41
CA MET I 5003 -27.58 0.29 37.70
C MET I 5003 -28.16 -0.88 38.49
N TYR I 5004 -27.56 -1.27 39.61
CA TYR I 5004 -28.27 -2.16 40.52
C TYR I 5004 -29.44 -1.46 41.18
N GLN I 5005 -29.25 -0.20 41.58
CA GLN I 5005 -30.35 0.53 42.18
C GLN I 5005 -31.37 0.94 41.14
N GLU I 5006 -30.91 1.33 39.95
CA GLU I 5006 -31.79 1.71 38.86
C GLU I 5006 -32.48 0.50 38.23
N ARG I 5007 -31.96 -0.70 38.47
CA ARG I 5007 -32.50 -1.94 37.91
C ARG I 5007 -32.43 -1.92 36.38
N CYS I 5008 -31.20 -1.80 35.88
CA CYS I 5008 -30.91 -1.84 34.45
C CYS I 5008 -29.79 -2.85 34.25
N TRP I 5009 -30.13 -4.03 33.77
CA TRP I 5009 -29.17 -5.14 33.67
C TRP I 5009 -28.37 -5.09 32.39
N ASP I 5010 -27.77 -3.94 32.11
CA ASP I 5010 -26.92 -3.83 30.94
C ASP I 5010 -25.51 -4.31 31.22
N PHE I 5011 -25.07 -4.27 32.47
CA PHE I 5011 -23.68 -4.57 32.77
C PHE I 5011 -23.37 -6.06 32.70
N PHE I 5012 -24.37 -6.92 32.66
CA PHE I 5012 -24.10 -8.33 32.46
C PHE I 5012 -23.64 -8.53 31.01
N PRO I 5013 -22.50 -9.18 30.78
CA PRO I 5013 -22.03 -9.37 29.41
C PRO I 5013 -22.95 -10.36 28.69
N ALA I 5014 -23.58 -9.90 27.62
CA ALA I 5014 -24.50 -10.72 26.85
C ALA I 5014 -23.97 -10.81 25.42
N GLY I 5015 -23.69 -12.03 24.97
CA GLY I 5015 -23.18 -12.22 23.64
C GLY I 5015 -21.76 -11.78 23.44
N ASP I 5016 -21.02 -11.51 24.50
CA ASP I 5016 -19.65 -11.04 24.38
C ASP I 5016 -18.88 -11.43 25.63
N CYS I 5017 -17.56 -11.44 25.51
CA CYS I 5017 -16.69 -11.74 26.63
C CYS I 5017 -15.34 -11.11 26.37
N PHE I 5018 -14.45 -11.20 27.38
CA PHE I 5018 -13.13 -10.61 27.24
C PHE I 5018 -12.34 -11.28 26.12
N ARG I 5019 -12.43 -12.60 26.03
CA ARG I 5019 -11.70 -13.34 25.00
C ARG I 5019 -12.16 -12.94 23.61
N LYS I 5020 -13.48 -12.82 23.43
CA LYS I 5020 -14.01 -12.39 22.15
C LYS I 5020 -13.67 -10.93 21.88
N GLN I 5021 -13.62 -10.11 22.91
CA GLN I 5021 -13.32 -8.69 22.74
C GLN I 5021 -11.89 -8.49 22.26
N TYR I 5022 -10.94 -9.18 22.88
CA TYR I 5022 -9.53 -9.05 22.52
C TYR I 5022 -9.07 -10.38 21.93
N GLU I 5023 -9.08 -10.47 20.61
CA GLU I 5023 -8.52 -11.61 19.89
C GLU I 5023 -7.23 -11.26 19.16
N ASP I 5024 -7.18 -10.09 18.53
CA ASP I 5024 -5.97 -9.67 17.84
C ASP I 5024 -4.80 -9.52 18.80
N GLN I 5025 -5.09 -9.15 20.04
CA GLN I 5025 -4.06 -9.05 21.08
C GLN I 5025 -3.92 -10.33 21.88
N LEU I 5026 -4.61 -11.39 21.48
CA LEU I 5026 -4.56 -12.70 22.15
C LEU I 5026 -4.91 -12.57 23.62
N SER I 5027 -6.08 -11.99 23.89
CA SER I 5027 -6.64 -11.84 25.22
C SER I 5027 -5.71 -11.08 26.16
N GLN J 1 -70.44 45.60 -134.07
CA GLN J 1 -70.19 44.56 -135.06
C GLN J 1 -70.54 45.11 -136.44
N VAL J 2 -71.43 44.40 -137.14
CA VAL J 2 -72.05 44.93 -138.36
C VAL J 2 -72.92 46.11 -138.00
N GLN J 3 -72.55 47.29 -138.46
CA GLN J 3 -72.76 48.51 -137.72
C GLN J 3 -73.25 49.53 -138.75
N LEU J 4 -74.34 49.17 -139.44
CA LEU J 4 -74.68 49.81 -140.70
C LEU J 4 -75.37 51.15 -140.46
N GLN J 5 -75.31 52.03 -141.45
CA GLN J 5 -75.93 53.34 -141.32
C GLN J 5 -77.34 53.32 -141.90
N GLU J 6 -78.31 53.70 -141.07
CA GLU J 6 -79.71 53.83 -141.49
C GLU J 6 -80.03 55.30 -141.75
N SER J 7 -80.49 55.60 -142.96
CA SER J 7 -80.79 56.96 -143.36
C SER J 7 -81.80 56.93 -144.50
N GLY J 8 -82.11 58.09 -145.03
CA GLY J 8 -83.03 58.20 -146.13
C GLY J 8 -84.37 58.78 -145.71
N GLY J 9 -85.05 59.40 -146.67
CA GLY J 9 -86.31 60.04 -146.36
C GLY J 9 -86.12 61.32 -145.56
N GLY J 10 -87.13 61.69 -144.80
CA GLY J 10 -87.09 62.89 -144.01
C GLY J 10 -88.46 63.54 -143.94
N LEU J 11 -88.46 64.84 -143.71
CA LEU J 11 -89.71 65.60 -143.69
C LEU J 11 -90.21 65.77 -145.12
N MET J 12 -91.50 65.50 -145.32
CA MET J 12 -92.09 65.53 -146.66
C MET J 12 -93.59 65.68 -146.52
N GLN J 13 -94.23 66.09 -147.61
CA GLN J 13 -95.69 66.18 -147.64
C GLN J 13 -96.28 64.82 -148.04
N ALA J 14 -97.60 64.78 -148.13
CA ALA J 14 -98.28 63.54 -148.48
C ALA J 14 -97.94 63.13 -149.91
N GLY J 15 -97.77 61.82 -150.10
CA GLY J 15 -97.39 61.29 -151.41
C GLY J 15 -96.02 61.74 -151.87
N GLY J 16 -95.07 61.84 -150.95
CA GLY J 16 -93.74 62.31 -151.29
C GLY J 16 -92.81 61.21 -151.75
N SER J 17 -92.25 61.36 -152.95
CA SER J 17 -91.33 60.36 -153.50
C SER J 17 -90.00 60.47 -152.77
N LEU J 18 -89.72 59.51 -151.88
CA LEU J 18 -88.52 59.53 -151.09
C LEU J 18 -87.70 58.28 -151.36
N ARG J 19 -86.40 58.47 -151.65
CA ARG J 19 -85.45 57.38 -151.82
C ARG J 19 -84.71 57.21 -150.50
N LEU J 20 -85.11 56.20 -149.74
CA LEU J 20 -84.48 55.88 -148.45
C LEU J 20 -83.28 54.98 -148.73
N SER J 21 -82.11 55.60 -148.90
CA SER J 21 -80.88 54.87 -149.20
C SER J 21 -80.18 54.57 -147.88
N CYS J 22 -80.36 53.35 -147.39
CA CYS J 22 -79.67 52.88 -146.19
C CYS J 22 -78.34 52.27 -146.60
N THR J 23 -77.25 52.80 -146.04
CA THR J 23 -75.92 52.41 -146.47
C THR J 23 -75.34 51.36 -145.52
N ALA J 24 -74.72 50.34 -146.11
CA ALA J 24 -74.07 49.30 -145.33
C ALA J 24 -72.69 49.03 -145.92
N SER J 25 -71.68 49.00 -145.05
CA SER J 25 -70.32 48.68 -145.44
C SER J 25 -69.60 48.11 -144.24
N GLY J 26 -68.35 47.68 -144.46
CA GLY J 26 -67.56 47.11 -143.38
C GLY J 26 -68.10 45.81 -142.84
N SER J 27 -68.84 45.06 -143.65
CA SER J 27 -69.49 43.83 -143.20
C SER J 27 -69.25 42.73 -144.21
N ILE J 28 -68.65 41.63 -143.77
CA ILE J 28 -68.50 40.46 -144.61
C ILE J 28 -69.65 39.47 -144.39
N PHE J 29 -70.15 39.36 -143.17
CA PHE J 29 -71.21 38.44 -142.82
C PHE J 29 -72.57 39.12 -142.98
N SER J 30 -73.62 38.30 -142.95
CA SER J 30 -75.01 38.76 -142.98
C SER J 30 -75.28 39.64 -144.20
N ILE J 31 -74.89 39.14 -145.37
CA ILE J 31 -75.04 39.86 -146.63
C ILE J 31 -76.16 39.28 -147.48
N ASN J 32 -76.94 38.34 -146.94
CA ASN J 32 -77.96 37.68 -147.76
C ASN J 32 -79.22 38.53 -147.86
N SER J 33 -79.86 38.81 -146.72
CA SER J 33 -81.11 39.55 -146.68
C SER J 33 -80.90 40.86 -145.95
N MET J 34 -81.38 41.95 -146.55
CA MET J 34 -81.21 43.30 -146.04
C MET J 34 -82.61 43.87 -145.81
N GLY J 35 -83.12 43.68 -144.60
CA GLY J 35 -84.50 44.03 -144.32
C GLY J 35 -84.68 45.49 -143.91
N TRP J 36 -85.89 45.97 -144.14
CA TRP J 36 -86.34 47.29 -143.72
C TRP J 36 -87.48 47.14 -142.72
N TYR J 37 -87.36 47.85 -141.60
CA TYR J 37 -88.35 47.82 -140.53
C TYR J 37 -88.81 49.24 -140.26
N ARG J 38 -89.90 49.39 -139.51
CA ARG J 38 -90.53 50.69 -139.38
C ARG J 38 -91.35 50.72 -138.10
N GLN J 39 -91.07 51.69 -137.23
CA GLN J 39 -91.89 51.92 -136.05
C GLN J 39 -92.93 52.98 -136.41
N ALA J 40 -94.17 52.53 -136.63
CA ALA J 40 -95.29 53.44 -136.73
C ALA J 40 -95.56 54.05 -135.36
N PRO J 41 -96.23 55.20 -135.31
CA PRO J 41 -96.50 55.85 -134.01
C PRO J 41 -97.30 54.94 -133.09
N GLY J 42 -96.67 54.55 -131.99
CA GLY J 42 -97.27 53.61 -131.06
C GLY J 42 -97.43 52.21 -131.61
N LYS J 43 -96.44 51.72 -132.35
CA LYS J 43 -96.49 50.40 -132.97
C LYS J 43 -95.12 49.74 -132.83
N GLN J 44 -95.10 48.42 -133.02
CA GLN J 44 -93.86 47.66 -132.94
C GLN J 44 -93.10 47.77 -134.27
N ARG J 45 -92.00 47.02 -134.39
CA ARG J 45 -91.16 47.09 -135.58
C ARG J 45 -91.82 46.31 -136.70
N GLU J 46 -92.43 47.01 -137.65
CA GLU J 46 -93.16 46.40 -138.76
C GLU J 46 -92.20 46.31 -139.94
N LEU J 47 -91.94 45.11 -140.44
CA LEU J 47 -91.12 45.06 -141.65
C LEU J 47 -91.93 45.50 -142.86
N VAL J 48 -91.26 46.23 -143.73
CA VAL J 48 -91.87 46.83 -144.89
C VAL J 48 -91.37 46.18 -146.17
N ALA J 49 -90.05 45.96 -146.28
CA ALA J 49 -89.49 45.31 -147.46
C ALA J 49 -88.11 44.75 -147.09
N THR J 50 -87.93 43.44 -147.26
CA THR J 50 -86.64 42.79 -147.02
C THR J 50 -86.05 42.36 -148.36
N ILE J 51 -85.15 43.19 -148.90
CA ILE J 51 -84.45 42.81 -150.12
C ILE J 51 -83.54 41.63 -149.84
N THR J 52 -83.26 40.86 -150.87
CA THR J 52 -82.48 39.64 -150.75
C THR J 52 -81.47 39.64 -151.90
N SER J 53 -80.44 38.80 -151.79
CA SER J 53 -79.38 38.76 -152.79
C SER J 53 -79.97 38.47 -154.16
N GLY J 54 -79.47 39.17 -155.18
CA GLY J 54 -80.11 39.16 -156.47
C GLY J 54 -81.27 40.12 -156.60
N ASN J 55 -81.41 41.07 -155.67
CA ASN J 55 -82.44 42.10 -155.70
C ASN J 55 -83.84 41.46 -155.69
N SER J 56 -84.11 40.72 -154.62
CA SER J 56 -85.37 39.98 -154.45
C SER J 56 -86.18 40.64 -153.34
N ILE J 57 -87.24 41.32 -153.71
CA ILE J 57 -88.09 42.02 -152.75
C ILE J 57 -88.95 41.01 -152.00
N ASN J 58 -89.10 41.20 -150.69
CA ASN J 58 -89.94 40.35 -149.87
C ASN J 58 -91.27 41.05 -149.60
N TYR J 59 -92.35 40.26 -149.60
CA TYR J 59 -93.71 40.74 -149.39
C TYR J 59 -94.33 39.97 -148.23
N ALA J 60 -94.20 40.51 -147.03
CA ALA J 60 -94.83 39.94 -145.84
C ALA J 60 -95.83 40.88 -145.18
N ASP J 61 -95.54 42.18 -145.18
CA ASP J 61 -96.42 43.18 -144.56
C ASP J 61 -96.33 44.46 -145.38
N SER J 62 -97.47 45.11 -145.59
CA SER J 62 -97.58 46.34 -146.36
C SER J 62 -97.09 46.14 -147.79
N VAL J 63 -97.61 45.08 -148.43
CA VAL J 63 -97.26 44.81 -149.81
C VAL J 63 -97.84 45.88 -150.72
N LYS J 64 -98.97 46.48 -150.33
CA LYS J 64 -99.63 47.47 -151.17
C LYS J 64 -98.77 48.70 -151.41
N GLY J 65 -98.05 49.16 -150.37
CA GLY J 65 -97.17 50.30 -150.55
C GLY J 65 -96.11 50.02 -151.60
N ARG J 66 -95.90 51.00 -152.48
CA ARG J 66 -94.87 50.90 -153.51
C ARG J 66 -93.50 51.24 -152.92
N PHE J 67 -93.00 50.25 -152.16
CA PHE J 67 -91.70 50.38 -151.52
C PHE J 67 -90.55 50.34 -152.52
N THR J 68 -90.63 49.42 -153.49
CA THR J 68 -89.64 49.29 -154.55
C THR J 68 -88.21 49.32 -154.00
N ILE J 69 -87.88 48.28 -153.26
CA ILE J 69 -86.57 48.19 -152.62
C ILE J 69 -85.59 47.51 -153.57
N SER J 70 -84.36 48.01 -153.60
CA SER J 70 -83.33 47.46 -154.46
C SER J 70 -81.99 47.53 -153.74
N ARG J 71 -81.08 46.63 -154.13
CA ARG J 71 -79.77 46.58 -153.51
C ARG J 71 -78.83 45.84 -154.44
N ASP J 72 -77.55 46.22 -154.42
CA ASP J 72 -76.50 45.48 -155.08
C ASP J 72 -75.55 44.92 -154.04
N ASN J 73 -75.17 43.65 -154.18
CA ASN J 73 -74.26 43.04 -153.24
C ASN J 73 -72.82 43.52 -153.41
N ALA J 74 -72.53 44.29 -154.46
CA ALA J 74 -71.19 44.82 -154.66
C ALA J 74 -70.79 45.78 -153.54
N LYS J 75 -71.70 46.66 -153.14
CA LYS J 75 -71.44 47.59 -152.06
C LYS J 75 -72.36 47.40 -150.87
N ASN J 76 -73.34 46.50 -150.96
CA ASN J 76 -74.28 46.16 -149.89
C ASN J 76 -75.15 47.33 -149.48
N THR J 77 -75.21 48.40 -150.26
CA THR J 77 -76.02 49.57 -149.95
C THR J 77 -77.41 49.38 -150.53
N VAL J 78 -78.44 49.49 -149.68
CA VAL J 78 -79.82 49.30 -150.10
C VAL J 78 -80.47 50.66 -150.30
N TYR J 79 -81.47 50.70 -151.19
CA TYR J 79 -82.22 51.91 -151.49
C TYR J 79 -83.68 51.56 -151.70
N LEU J 80 -84.55 52.25 -150.96
CA LEU J 80 -85.98 51.95 -150.90
C LEU J 80 -86.72 53.11 -151.55
N GLN J 81 -87.39 52.85 -152.67
CA GLN J 81 -88.11 53.90 -153.40
C GLN J 81 -89.57 54.00 -152.97
N MET J 82 -89.76 54.56 -151.78
CA MET J 82 -91.08 54.72 -151.19
C MET J 82 -91.71 56.05 -151.57
N ASN J 83 -92.75 56.01 -152.39
CA ASN J 83 -93.55 57.21 -152.65
C ASN J 83 -94.77 57.34 -151.78
N SER J 84 -95.54 56.27 -151.61
CA SER J 84 -96.80 56.38 -150.91
C SER J 84 -96.57 56.85 -149.48
N LEU J 85 -97.10 58.02 -149.14
CA LEU J 85 -96.87 58.60 -147.83
C LEU J 85 -98.24 58.76 -147.17
N LYS J 86 -98.70 57.69 -146.54
CA LYS J 86 -99.92 57.68 -145.78
C LYS J 86 -99.70 58.35 -144.42
N PRO J 87 -100.78 58.78 -143.73
CA PRO J 87 -100.59 59.39 -142.40
C PRO J 87 -99.85 58.49 -141.42
N GLU J 88 -100.10 57.18 -141.43
CA GLU J 88 -99.38 56.26 -140.56
C GLU J 88 -97.92 56.12 -140.95
N ASP J 89 -97.52 56.62 -142.13
CA ASP J 89 -96.11 56.68 -142.50
C ASP J 89 -95.37 57.81 -141.77
N THR J 90 -96.08 58.68 -141.05
CA THR J 90 -95.40 59.65 -140.19
C THR J 90 -94.84 58.87 -139.02
N ALA J 91 -93.58 58.46 -139.11
CA ALA J 91 -93.07 57.39 -138.28
C ALA J 91 -91.55 57.32 -138.47
N VAL J 92 -90.93 56.32 -137.86
CA VAL J 92 -89.48 56.17 -137.98
C VAL J 92 -89.16 54.87 -138.70
N TYR J 93 -88.00 54.83 -139.34
CA TYR J 93 -87.57 53.76 -140.21
C TYR J 93 -86.27 53.15 -139.68
N TYR J 94 -86.04 51.88 -140.03
CA TYR J 94 -84.90 51.13 -139.55
C TYR J 94 -84.43 50.18 -140.62
N CYS J 95 -83.17 49.77 -140.51
CA CYS J 95 -82.50 49.00 -141.56
C CYS J 95 -81.68 47.90 -140.89
N ASN J 96 -82.07 46.65 -141.08
CA ASN J 96 -81.40 45.53 -140.44
C ASN J 96 -80.76 44.62 -141.49
N ALA J 97 -79.65 43.99 -141.10
CA ALA J 97 -78.92 43.08 -141.97
C ALA J 97 -78.83 41.71 -141.31
N ASP J 98 -79.11 40.66 -142.07
CA ASP J 98 -79.05 39.29 -141.58
C ASP J 98 -78.82 38.36 -142.76
N ARG J 99 -78.34 37.15 -142.44
CA ARG J 99 -78.05 36.15 -143.45
C ARG J 99 -79.12 35.06 -143.53
N VAL J 100 -80.31 35.34 -143.02
CA VAL J 100 -81.46 34.45 -143.16
C VAL J 100 -82.52 35.15 -143.99
N PRO J 101 -82.73 34.77 -145.25
CA PRO J 101 -83.79 35.40 -146.05
C PRO J 101 -85.16 35.20 -145.40
N ASN J 102 -85.98 36.24 -145.46
CA ASN J 102 -87.28 36.20 -144.82
C ASN J 102 -88.19 35.21 -145.54
N GLY J 103 -88.98 34.47 -144.75
CA GLY J 103 -89.80 33.41 -145.31
C GLY J 103 -89.04 32.15 -145.63
N TYR J 104 -87.86 31.95 -145.03
CA TYR J 104 -87.08 30.73 -145.25
C TYR J 104 -86.19 30.54 -144.02
N ASN J 105 -86.58 29.62 -143.15
CA ASN J 105 -85.80 29.33 -141.94
C ASN J 105 -86.06 27.89 -141.53
N PRO J 106 -85.25 26.95 -142.02
CA PRO J 106 -85.39 25.53 -141.63
C PRO J 106 -84.50 25.08 -140.48
N TRP J 107 -83.69 25.97 -139.91
CA TRP J 107 -82.74 25.58 -138.87
C TRP J 107 -83.33 25.75 -137.46
N GLY J 108 -83.69 26.97 -137.10
CA GLY J 108 -84.16 27.24 -135.77
C GLY J 108 -84.06 28.72 -135.45
N THR J 109 -84.22 29.03 -134.16
CA THR J 109 -84.24 30.40 -133.68
C THR J 109 -82.89 31.12 -133.66
N PRO J 110 -81.74 30.46 -133.42
CA PRO J 110 -80.46 31.22 -133.48
C PRO J 110 -80.21 31.89 -134.82
N ASN J 111 -80.60 31.25 -135.92
CA ASN J 111 -80.40 31.84 -137.24
C ASN J 111 -81.18 33.15 -137.38
N ASP J 112 -82.41 33.18 -136.86
CA ASP J 112 -83.16 34.43 -136.80
C ASP J 112 -82.48 35.42 -135.86
N GLU J 113 -81.91 34.92 -134.76
CA GLU J 113 -81.26 35.80 -133.80
C GLU J 113 -80.09 36.55 -134.41
N TYR J 114 -79.42 35.97 -135.39
CA TYR J 114 -78.35 36.68 -136.10
C TYR J 114 -78.97 37.78 -136.94
N ASP J 115 -78.91 39.03 -136.44
CA ASP J 115 -79.41 40.18 -137.18
C ASP J 115 -78.86 41.45 -136.54
N TYR J 116 -78.67 42.48 -137.37
CA TYR J 116 -77.97 43.71 -136.98
C TYR J 116 -78.86 44.90 -137.33
N TRP J 117 -79.55 45.45 -136.35
CA TRP J 117 -80.49 46.53 -136.60
C TRP J 117 -79.77 47.82 -136.96
N GLY J 118 -80.55 48.85 -137.27
CA GLY J 118 -80.03 50.12 -137.74
C GLY J 118 -80.20 51.26 -136.73
N GLN J 119 -79.79 52.44 -137.18
CA GLN J 119 -79.83 53.64 -136.34
C GLN J 119 -81.27 54.07 -136.06
N GLY J 120 -82.00 54.43 -137.12
CA GLY J 120 -83.34 54.95 -136.97
C GLY J 120 -83.46 56.40 -137.40
N THR J 121 -84.28 56.67 -138.41
CA THR J 121 -84.48 58.02 -138.91
C THR J 121 -85.98 58.26 -139.16
N GLN J 122 -86.38 59.51 -139.06
CA GLN J 122 -87.77 59.89 -139.25
C GLN J 122 -88.09 60.17 -140.70
N VAL J 123 -89.22 59.64 -141.16
CA VAL J 123 -89.86 60.04 -142.41
C VAL J 123 -91.22 60.58 -142.02
N THR J 124 -91.39 61.89 -142.12
CA THR J 124 -92.58 62.57 -141.62
C THR J 124 -93.47 62.95 -142.80
N VAL J 125 -94.77 62.69 -142.66
CA VAL J 125 -95.75 62.95 -143.71
C VAL J 125 -96.61 64.12 -143.25
N SER J 126 -96.69 65.16 -144.08
CA SER J 126 -97.48 66.33 -143.77
C SER J 126 -98.37 66.72 -144.96
N GLY K 1 -67.90 75.75 -76.49
CA GLY K 1 -68.86 75.70 -77.57
C GLY K 1 -69.02 74.31 -78.15
N VAL K 2 -70.24 73.96 -78.52
CA VAL K 2 -70.54 72.62 -79.01
C VAL K 2 -71.05 72.69 -80.44
N GLU K 3 -70.88 71.58 -81.15
CA GLU K 3 -71.48 71.39 -82.47
C GLU K 3 -72.65 70.43 -82.30
N ILE K 4 -73.86 70.97 -82.25
CA ILE K 4 -75.06 70.16 -82.09
C ILE K 4 -75.61 69.82 -83.47
N GLU K 5 -75.76 68.52 -83.74
CA GLU K 5 -76.30 68.05 -85.00
C GLU K 5 -77.48 67.12 -84.72
N THR K 6 -78.64 67.47 -85.27
CA THR K 6 -79.83 66.66 -85.03
C THR K 6 -79.71 65.31 -85.73
N ILE K 7 -80.23 64.27 -85.07
CA ILE K 7 -80.21 62.91 -85.60
C ILE K 7 -81.60 62.50 -86.10
N SER K 8 -82.60 62.53 -85.24
CA SER K 8 -83.98 62.27 -85.62
C SER K 8 -84.84 63.44 -85.13
N PRO K 9 -85.68 64.00 -85.99
CA PRO K 9 -86.50 65.14 -85.58
C PRO K 9 -87.50 64.78 -84.49
N GLY K 10 -87.83 65.77 -83.68
CA GLY K 10 -88.84 65.59 -82.65
C GLY K 10 -89.94 66.62 -82.75
N ASP K 11 -90.32 67.20 -81.60
CA ASP K 11 -91.32 68.26 -81.61
C ASP K 11 -90.76 69.53 -82.26
N GLY K 12 -89.53 69.90 -81.92
CA GLY K 12 -88.90 71.08 -82.48
C GLY K 12 -89.54 72.39 -82.09
N ARG K 13 -90.37 72.39 -81.06
CA ARG K 13 -91.19 73.56 -80.74
C ARG K 13 -91.10 73.97 -79.27
N THR K 14 -90.90 73.02 -78.36
CA THR K 14 -90.69 73.33 -76.94
C THR K 14 -89.22 73.16 -76.61
N PHE K 15 -88.55 74.28 -76.32
CA PHE K 15 -87.15 74.26 -75.90
C PHE K 15 -87.03 74.54 -74.41
N PRO K 16 -86.09 73.90 -73.71
CA PRO K 16 -85.95 74.13 -72.28
C PRO K 16 -85.61 75.58 -71.97
N LYS K 17 -86.24 76.10 -70.92
CA LYS K 17 -85.98 77.47 -70.46
C LYS K 17 -85.10 77.44 -69.22
N LYS K 18 -84.55 78.60 -68.89
CA LYS K 18 -83.66 78.70 -67.73
C LYS K 18 -84.48 78.61 -66.45
N GLY K 19 -84.20 77.59 -65.65
CA GLY K 19 -84.91 77.35 -64.42
C GLY K 19 -85.80 76.11 -64.41
N GLN K 20 -85.53 75.11 -65.25
CA GLN K 20 -86.34 73.91 -65.32
C GLN K 20 -85.43 72.68 -65.28
N THR K 21 -85.76 71.73 -64.42
CA THR K 21 -85.03 70.46 -64.36
C THR K 21 -85.51 69.56 -65.48
N CYS K 22 -84.66 69.36 -66.48
CA CYS K 22 -84.98 68.54 -67.64
C CYS K 22 -84.45 67.12 -67.43
N VAL K 23 -85.18 66.15 -67.97
CA VAL K 23 -84.82 64.74 -67.89
C VAL K 23 -84.37 64.28 -69.28
N VAL K 24 -83.15 63.72 -69.34
CA VAL K 24 -82.56 63.29 -70.59
C VAL K 24 -81.90 61.93 -70.40
N HIS K 25 -81.97 61.08 -71.41
CA HIS K 25 -81.18 59.87 -71.47
C HIS K 25 -80.29 59.93 -72.70
N TYR K 26 -79.07 59.41 -72.56
CA TYR K 26 -78.00 59.72 -73.49
C TYR K 26 -77.02 58.56 -73.54
N THR K 27 -76.17 58.59 -74.55
CA THR K 27 -75.02 57.69 -74.67
C THR K 27 -73.83 58.56 -75.04
N GLY K 28 -72.98 58.85 -74.06
CA GLY K 28 -71.84 59.74 -74.27
C GLY K 28 -70.61 58.98 -74.73
N MET K 29 -69.89 59.57 -75.68
CA MET K 29 -68.67 59.01 -76.21
C MET K 29 -67.56 60.06 -76.23
N LEU K 30 -66.35 59.59 -76.52
CA LEU K 30 -65.24 60.46 -76.87
C LEU K 30 -65.19 60.60 -78.39
N GLN K 31 -64.21 61.35 -78.89
CA GLN K 31 -64.13 61.56 -80.34
C GLN K 31 -63.81 60.25 -81.07
N ASN K 32 -63.20 59.30 -80.38
CA ASN K 32 -62.85 58.03 -81.01
C ASN K 32 -64.11 57.20 -81.29
N GLY K 33 -65.13 57.32 -80.44
CA GLY K 33 -66.32 56.50 -80.58
C GLY K 33 -66.57 55.64 -79.36
N LYS K 34 -66.43 56.25 -78.19
CA LYS K 34 -66.05 55.53 -76.98
C LYS K 34 -67.19 55.58 -75.96
N LYS K 35 -67.98 54.50 -75.90
CA LYS K 35 -69.14 54.41 -75.01
C LYS K 35 -68.65 54.22 -73.58
N PHE K 36 -68.70 55.27 -72.77
CA PHE K 36 -68.37 55.16 -71.36
C PHE K 36 -69.48 55.57 -70.41
N ASP K 37 -70.31 56.54 -70.77
CA ASP K 37 -71.38 57.04 -69.89
C ASP K 37 -72.68 56.86 -70.66
N SER K 38 -73.43 55.80 -70.36
CA SER K 38 -74.67 55.50 -71.07
C SER K 38 -75.80 55.30 -70.07
N SER K 39 -76.59 56.36 -69.86
CA SER K 39 -77.77 56.23 -69.03
C SER K 39 -78.79 55.27 -69.61
N ARG K 40 -78.76 55.05 -70.93
CA ARG K 40 -79.60 54.01 -71.52
C ARG K 40 -79.18 52.62 -71.02
N ASP K 41 -77.88 52.36 -70.98
CA ASP K 41 -77.41 51.08 -70.44
C ASP K 41 -77.73 50.96 -68.96
N ARG K 42 -77.60 52.05 -68.22
CA ARG K 42 -77.94 52.03 -66.80
C ARG K 42 -79.44 52.02 -66.56
N ASN K 43 -80.25 52.22 -67.60
CA ASN K 43 -81.71 52.24 -67.52
C ASN K 43 -82.23 53.34 -66.59
N LYS K 44 -81.44 54.39 -66.37
CA LYS K 44 -81.80 55.47 -65.46
C LYS K 44 -81.54 56.81 -66.12
N PRO K 45 -82.58 57.57 -66.44
CA PRO K 45 -82.36 58.90 -67.03
C PRO K 45 -81.77 59.87 -66.02
N PHE K 46 -81.21 60.96 -66.53
CA PHE K 46 -80.50 61.94 -65.73
C PHE K 46 -81.23 63.27 -65.76
N LYS K 47 -81.30 63.93 -64.61
CA LYS K 47 -82.00 65.20 -64.45
C LYS K 47 -81.00 66.32 -64.24
N PHE K 48 -81.26 67.48 -64.85
CA PHE K 48 -80.36 68.61 -64.73
C PHE K 48 -81.13 69.93 -64.72
N ARG K 49 -80.76 70.81 -63.79
CA ARG K 49 -81.23 72.19 -63.80
C ARG K 49 -80.38 73.01 -64.76
N ILE K 50 -81.04 73.87 -65.53
CA ILE K 50 -80.35 74.87 -66.35
C ILE K 50 -80.34 76.17 -65.56
N GLY K 51 -79.15 76.74 -65.39
CA GLY K 51 -78.97 77.91 -64.56
C GLY K 51 -78.05 77.65 -63.39
N LYS K 52 -78.22 76.48 -62.74
CA LYS K 52 -77.24 76.04 -61.76
C LYS K 52 -76.04 75.37 -62.41
N GLN K 53 -76.20 74.86 -63.63
CA GLN K 53 -75.14 74.14 -64.35
C GLN K 53 -74.61 72.97 -63.53
N GLU K 54 -75.52 72.20 -62.93
CA GLU K 54 -75.12 70.95 -62.29
C GLU K 54 -74.63 69.91 -63.29
N VAL K 55 -75.00 70.07 -64.57
CA VAL K 55 -74.51 69.23 -65.65
C VAL K 55 -73.35 69.96 -66.31
N ILE K 56 -72.55 69.22 -67.08
CA ILE K 56 -71.44 69.82 -67.81
C ILE K 56 -71.98 70.90 -68.75
N LYS K 57 -71.21 71.98 -68.91
CA LYS K 57 -71.75 73.20 -69.50
C LYS K 57 -72.10 73.02 -70.98
N GLY K 58 -71.27 72.30 -71.73
CA GLY K 58 -71.57 72.06 -73.13
C GLY K 58 -72.83 71.25 -73.34
N PHE K 59 -73.01 70.20 -72.53
CA PHE K 59 -74.25 69.44 -72.56
C PHE K 59 -75.43 70.31 -72.19
N GLU K 60 -75.25 71.21 -71.23
CA GLU K 60 -76.32 72.11 -70.84
C GLU K 60 -76.74 73.02 -72.00
N GLU K 61 -75.76 73.58 -72.71
CA GLU K 61 -76.07 74.46 -73.84
C GLU K 61 -76.78 73.69 -74.94
N GLY K 62 -76.24 72.52 -75.32
CA GLY K 62 -76.87 71.73 -76.37
C GLY K 62 -78.26 71.25 -75.99
N ALA K 63 -78.46 70.94 -74.70
CA ALA K 63 -79.76 70.48 -74.25
C ALA K 63 -80.78 71.61 -74.25
N ALA K 64 -80.34 72.82 -73.91
CA ALA K 64 -81.21 73.98 -74.06
C ALA K 64 -81.57 74.19 -75.53
N GLN K 65 -80.62 73.94 -76.43
CA GLN K 65 -80.88 74.17 -77.84
C GLN K 65 -81.71 73.08 -78.52
N MET K 66 -81.81 71.88 -77.94
CA MET K 66 -82.66 70.90 -78.60
C MET K 66 -84.08 70.98 -78.01
N SER K 67 -84.97 70.16 -78.55
CA SER K 67 -86.39 70.16 -78.20
C SER K 67 -86.80 68.78 -77.73
N LEU K 68 -88.01 68.70 -77.16
CA LEU K 68 -88.54 67.44 -76.66
C LEU K 68 -88.81 66.47 -77.81
N GLY K 69 -88.58 65.20 -77.56
CA GLY K 69 -88.78 64.16 -78.55
C GLY K 69 -87.69 64.05 -79.60
N GLN K 70 -86.66 64.88 -79.52
CA GLN K 70 -85.64 64.97 -80.55
C GLN K 70 -84.28 64.60 -79.97
N ARG K 71 -83.46 63.95 -80.80
CA ARG K 71 -82.12 63.52 -80.44
C ARG K 71 -81.09 64.29 -81.25
N ALA K 72 -79.97 64.61 -80.61
CA ALA K 72 -78.90 65.33 -81.27
C ALA K 72 -77.56 64.90 -80.68
N LYS K 73 -76.54 64.88 -81.54
CA LYS K 73 -75.17 64.64 -81.12
C LYS K 73 -74.53 65.98 -80.79
N LEU K 74 -74.13 66.14 -79.54
CA LEU K 74 -73.45 67.34 -79.06
C LEU K 74 -71.96 67.07 -79.10
N THR K 75 -71.25 67.72 -80.02
CA THR K 75 -69.80 67.61 -80.11
C THR K 75 -69.20 68.64 -79.17
N CYS K 76 -68.74 68.19 -78.00
CA CYS K 76 -68.29 69.06 -76.94
C CYS K 76 -66.80 69.31 -77.04
N THR K 77 -66.43 70.57 -77.26
CA THR K 77 -65.06 71.03 -77.26
C THR K 77 -64.47 70.90 -75.85
N PRO K 78 -63.17 70.61 -75.73
CA PRO K 78 -62.57 70.48 -74.39
C PRO K 78 -62.71 71.69 -73.48
N ASP K 79 -63.17 72.85 -73.98
CA ASP K 79 -63.38 73.98 -73.08
C ASP K 79 -64.58 73.79 -72.15
N VAL K 80 -65.38 72.74 -72.33
CA VAL K 80 -66.38 72.39 -71.33
C VAL K 80 -65.63 71.88 -70.10
N ALA K 81 -66.29 71.87 -68.94
CA ALA K 81 -65.56 71.67 -67.69
C ALA K 81 -65.03 70.23 -67.57
N TYR K 82 -64.15 70.06 -66.58
CA TYR K 82 -63.13 69.01 -66.50
C TYR K 82 -62.51 68.73 -67.86
N GLY K 83 -62.31 69.78 -68.65
CA GLY K 83 -61.52 69.66 -69.86
C GLY K 83 -60.04 69.60 -69.61
N ALA K 84 -59.60 70.00 -68.42
CA ALA K 84 -58.28 69.75 -67.90
C ALA K 84 -58.44 69.18 -66.50
N THR K 85 -57.67 68.13 -66.20
CA THR K 85 -57.82 67.36 -64.95
C THR K 85 -59.26 66.87 -64.84
N GLY K 86 -59.57 65.93 -65.74
CA GLY K 86 -60.91 65.39 -65.84
C GLY K 86 -61.25 64.44 -64.71
N HIS K 87 -62.45 63.88 -64.81
CA HIS K 87 -62.95 62.95 -63.81
C HIS K 87 -62.04 61.72 -63.80
N PRO K 88 -61.43 61.38 -62.66
CA PRO K 88 -60.42 60.31 -62.65
C PRO K 88 -61.03 58.95 -62.95
N GLY K 89 -60.26 58.15 -63.71
CA GLY K 89 -60.63 56.78 -63.99
C GLY K 89 -61.56 56.58 -65.17
N VAL K 90 -62.18 57.64 -65.69
CA VAL K 90 -63.13 57.53 -66.78
C VAL K 90 -62.68 58.31 -68.02
N ILE K 91 -62.13 59.50 -67.81
CA ILE K 91 -61.82 60.42 -68.90
C ILE K 91 -60.41 60.94 -68.68
N PRO K 92 -59.49 60.80 -69.64
CA PRO K 92 -58.17 61.41 -69.49
C PRO K 92 -58.29 62.91 -69.41
N PRO K 93 -57.33 63.58 -68.75
CA PRO K 93 -57.56 64.97 -68.33
C PRO K 93 -57.91 65.94 -69.45
N ASN K 94 -57.30 65.78 -70.63
CA ASN K 94 -57.58 66.67 -71.76
C ASN K 94 -58.07 65.82 -72.94
N ALA K 95 -59.35 65.95 -73.26
CA ALA K 95 -59.96 65.21 -74.37
C ALA K 95 -61.30 65.85 -74.71
N THR K 96 -61.87 65.40 -75.83
CA THR K 96 -63.12 65.91 -76.35
C THR K 96 -64.30 65.11 -75.79
N LEU K 97 -65.51 65.45 -76.23
CA LEU K 97 -66.69 64.65 -75.88
C LEU K 97 -67.68 64.69 -77.03
N ILE K 98 -68.58 63.71 -77.04
CA ILE K 98 -69.78 63.72 -77.88
C ILE K 98 -70.90 63.08 -77.09
N PHE K 99 -72.13 63.53 -77.33
CA PHE K 99 -73.29 63.03 -76.58
C PHE K 99 -74.48 62.93 -77.52
N ASP K 100 -74.93 61.72 -77.83
CA ASP K 100 -76.09 61.53 -78.69
C ASP K 100 -77.42 61.63 -77.95
N VAL K 101 -77.59 62.71 -77.20
CA VAL K 101 -78.66 62.79 -76.21
C VAL K 101 -79.97 63.17 -76.89
N GLU K 102 -81.06 62.53 -76.46
CA GLU K 102 -82.40 62.95 -76.80
C GLU K 102 -83.13 63.42 -75.55
N LEU K 103 -84.04 64.37 -75.74
CA LEU K 103 -84.86 64.85 -74.64
C LEU K 103 -86.22 64.19 -74.68
N LEU K 104 -86.72 63.78 -73.52
CA LEU K 104 -88.02 63.12 -73.41
C LEU K 104 -88.77 63.66 -72.20
N ASN K 105 -90.00 64.12 -72.43
CA ASN K 105 -90.92 64.56 -71.37
C ASN K 105 -90.28 65.69 -70.54
N LEU K 106 -90.07 66.80 -71.25
CA LEU K 106 -89.47 67.98 -70.66
C LEU K 106 -90.29 68.50 -69.50
N GLU K 107 -89.63 68.71 -68.36
CA GLU K 107 -90.28 69.28 -67.18
C GLU K 107 -90.07 70.79 -67.13
N VAL L 1 -2.62 -1.25 -32.55
CA VAL L 1 -3.07 -2.15 -33.61
C VAL L 1 -4.47 -1.76 -34.06
N GLN L 2 -4.79 -0.47 -33.98
CA GLN L 2 -6.10 0.00 -34.38
C GLN L 2 -6.28 -0.14 -35.88
N PHE L 3 -7.49 -0.48 -36.30
CA PHE L 3 -7.85 -0.59 -37.70
C PHE L 3 -8.88 0.46 -38.06
N LEU L 4 -8.86 0.90 -39.31
CA LEU L 4 -9.90 1.79 -39.78
C LEU L 4 -11.24 1.06 -39.77
N ARG L 5 -12.29 1.80 -39.42
CA ARG L 5 -13.62 1.23 -39.32
C ARG L 5 -14.59 2.04 -40.17
N THR L 6 -15.74 1.44 -40.44
CA THR L 6 -16.79 2.14 -41.14
C THR L 6 -17.32 3.29 -40.27
N ASP L 7 -17.79 4.34 -40.95
CA ASP L 7 -18.49 5.46 -40.31
C ASP L 7 -17.55 6.26 -39.38
N ASP L 8 -16.36 6.54 -39.88
CA ASP L 8 -15.42 7.43 -39.20
C ASP L 8 -14.91 8.47 -40.19
N GLU L 9 -14.27 9.50 -39.67
CA GLU L 9 -13.75 10.58 -40.49
C GLU L 9 -12.27 10.36 -40.73
N VAL L 10 -11.86 10.45 -41.99
CA VAL L 10 -10.53 10.02 -42.43
C VAL L 10 -10.12 10.89 -43.60
N VAL L 11 -8.80 11.09 -43.74
CA VAL L 11 -8.25 11.93 -44.79
C VAL L 11 -7.35 11.08 -45.68
N LEU L 12 -7.37 11.38 -46.98
CA LEU L 12 -6.58 10.67 -47.97
C LEU L 12 -5.37 11.53 -48.35
N GLN L 13 -4.18 10.96 -48.18
CA GLN L 13 -2.93 11.69 -48.41
C GLN L 13 -2.05 10.89 -49.36
N CYS L 14 -1.13 11.60 -50.00
CA CYS L 14 -0.14 10.98 -50.87
C CYS L 14 1.17 11.74 -50.76
N SER L 15 2.28 11.02 -50.73
CA SER L 15 3.60 11.61 -50.64
C SER L 15 4.30 11.49 -51.99
N ALA L 16 4.71 12.63 -52.54
CA ALA L 16 5.44 12.66 -53.80
C ALA L 16 6.65 13.58 -53.65
N THR L 17 7.77 13.17 -54.24
CA THR L 17 9.02 13.92 -54.15
C THR L 17 9.26 14.62 -55.48
N VAL L 18 9.16 15.94 -55.48
CA VAL L 18 9.41 16.76 -56.65
C VAL L 18 10.44 17.82 -56.31
N LEU L 19 11.42 18.01 -57.20
CA LEU L 19 12.53 18.95 -57.00
C LEU L 19 13.28 18.68 -55.70
N LYS L 20 13.47 17.39 -55.39
CA LYS L 20 14.14 16.93 -54.17
C LYS L 20 13.42 17.42 -52.92
N GLU L 21 12.12 17.64 -53.01
CA GLU L 21 11.29 18.04 -51.88
C GLU L 21 10.16 17.04 -51.73
N GLN L 22 10.05 16.43 -50.55
CA GLN L 22 9.10 15.35 -50.30
C GLN L 22 7.77 15.97 -49.85
N LEU L 23 7.02 16.46 -50.81
CA LEU L 23 5.72 17.05 -50.52
C LEU L 23 4.72 15.97 -50.12
N LYS L 24 3.88 16.29 -49.14
CA LYS L 24 2.77 15.45 -48.74
C LYS L 24 1.50 16.24 -49.01
N LEU L 25 0.68 15.74 -49.93
CA LEU L 25 -0.57 16.40 -50.30
C LEU L 25 -1.74 15.60 -49.75
N CYS L 26 -2.86 16.28 -49.53
CA CYS L 26 -4.10 15.66 -49.12
C CYS L 26 -5.19 16.05 -50.10
N LEU L 27 -6.00 15.06 -50.50
CA LEU L 27 -7.04 15.31 -51.49
C LEU L 27 -8.19 16.10 -50.86
N ALA L 28 -8.81 16.96 -51.66
CA ALA L 28 -9.89 17.80 -51.18
C ALA L 28 -10.71 18.29 -52.36
N ALA L 29 -11.87 18.86 -52.06
CA ALA L 29 -12.75 19.47 -53.06
C ALA L 29 -13.84 20.25 -52.34
N GLU L 30 -14.12 21.46 -52.82
CA GLU L 30 -15.20 22.23 -52.21
C GLU L 30 -16.57 21.67 -52.58
N GLY L 31 -16.67 20.98 -53.71
CA GLY L 31 -17.92 20.38 -54.12
C GLY L 31 -18.86 21.34 -54.82
N PHE L 32 -19.39 22.30 -54.09
CA PHE L 32 -20.42 23.20 -54.62
C PHE L 32 -19.77 24.25 -55.52
N GLY L 33 -20.16 24.25 -56.79
CA GLY L 33 -19.60 25.14 -57.77
C GLY L 33 -18.37 24.60 -58.47
N ASN L 34 -17.70 23.60 -57.89
CA ASN L 34 -16.54 22.98 -58.51
C ASN L 34 -16.54 21.55 -57.97
N ARG L 35 -17.10 20.63 -58.75
CA ARG L 35 -17.14 19.23 -58.34
C ARG L 35 -15.75 18.61 -58.34
N LEU L 36 -14.84 19.13 -59.15
CA LEU L 36 -13.52 18.52 -59.32
C LEU L 36 -12.71 18.60 -58.02
N CYS L 37 -11.87 17.60 -57.82
CA CYS L 37 -11.03 17.52 -56.62
C CYS L 37 -9.59 17.87 -56.95
N PHE L 38 -8.95 18.59 -56.03
CA PHE L 38 -7.55 18.93 -56.12
C PHE L 38 -6.91 18.69 -54.75
N LEU L 39 -5.61 18.54 -54.73
CA LEU L 39 -4.90 18.20 -53.51
C LEU L 39 -4.17 19.43 -52.98
N GLU L 40 -4.40 19.73 -51.72
CA GLU L 40 -3.60 20.81 -51.21
C GLU L 40 -2.45 20.25 -50.36
N PRO L 41 -1.30 20.93 -50.32
CA PRO L 41 -0.18 20.41 -49.52
C PRO L 41 -0.47 20.56 -48.03
N THR L 42 -0.33 19.44 -47.30
CA THR L 42 -0.35 19.48 -45.85
C THR L 42 1.02 19.75 -45.26
N SER L 43 2.08 19.59 -46.06
CA SER L 43 3.42 19.93 -45.61
C SER L 43 3.57 21.45 -45.53
N ASN L 44 4.60 21.88 -44.81
CA ASN L 44 4.89 23.31 -44.59
C ASN L 44 3.70 24.01 -43.93
N ALA L 45 3.11 23.34 -42.94
CA ALA L 45 1.99 23.93 -42.21
C ALA L 45 2.41 25.17 -41.43
N GLN L 46 3.68 25.26 -41.06
CA GLN L 46 4.16 26.39 -40.28
C GLN L 46 4.12 27.68 -41.09
N ASN L 47 4.52 27.62 -42.35
CA ASN L 47 4.48 28.80 -43.21
C ASN L 47 3.10 28.99 -43.82
N VAL L 48 2.62 27.99 -44.53
CA VAL L 48 1.31 28.00 -45.15
C VAL L 48 0.46 26.89 -44.51
N PRO L 49 -0.41 27.24 -43.58
CA PRO L 49 -1.27 26.24 -42.94
C PRO L 49 -2.24 25.65 -43.94
N PRO L 50 -2.51 24.34 -43.84
CA PRO L 50 -3.40 23.69 -44.82
C PRO L 50 -4.87 24.02 -44.59
N ASP L 51 -5.74 23.40 -45.39
CA ASP L 51 -7.19 23.54 -45.25
C ASP L 51 -7.76 22.16 -44.94
N LEU L 52 -8.39 22.03 -43.78
CA LEU L 52 -8.83 20.74 -43.28
C LEU L 52 -10.35 20.55 -43.35
N ALA L 53 -11.11 21.61 -43.59
CA ALA L 53 -12.57 21.49 -43.53
C ALA L 53 -13.13 20.74 -44.73
N ILE L 54 -12.43 20.76 -45.86
CA ILE L 54 -12.92 20.15 -47.10
C ILE L 54 -12.10 18.95 -47.53
N CYS L 55 -11.07 18.58 -46.76
CA CYS L 55 -10.25 17.43 -47.09
C CYS L 55 -10.61 16.18 -46.29
N CYS L 56 -11.60 16.26 -45.41
CA CYS L 56 -11.99 15.14 -44.57
C CYS L 56 -13.17 14.39 -45.16
N PHE L 57 -13.18 13.08 -44.97
CA PHE L 57 -14.08 12.17 -45.67
C PHE L 57 -14.61 11.14 -44.69
N THR L 58 -15.89 10.80 -44.82
CA THR L 58 -16.54 9.81 -43.97
C THR L 58 -16.78 8.54 -44.75
N LEU L 59 -16.32 7.42 -44.19
CA LEU L 59 -16.65 6.13 -44.77
C LEU L 59 -18.13 5.82 -44.56
N GLU L 60 -18.76 5.25 -45.59
CA GLU L 60 -20.16 4.86 -45.52
C GLU L 60 -20.34 3.35 -45.52
N GLN L 61 -19.78 2.67 -46.51
CA GLN L 61 -19.85 1.21 -46.58
C GLN L 61 -18.51 0.67 -47.07
N SER L 62 -18.20 -0.54 -46.63
CA SER L 62 -16.97 -1.25 -47.01
C SER L 62 -17.34 -2.60 -47.59
N LEU L 63 -18.29 -2.58 -48.52
CA LEU L 63 -18.92 -3.80 -48.99
C LEU L 63 -17.97 -4.62 -49.85
N SER L 64 -18.23 -5.93 -49.91
CA SER L 64 -17.46 -6.81 -50.76
C SER L 64 -17.89 -6.65 -52.22
N VAL L 65 -17.11 -7.25 -53.12
CA VAL L 65 -17.33 -7.03 -54.55
C VAL L 65 -18.64 -7.65 -55.00
N ARG L 66 -18.88 -8.92 -54.64
CA ARG L 66 -20.10 -9.59 -55.05
C ARG L 66 -21.33 -8.92 -54.46
N ALA L 67 -21.26 -8.54 -53.18
CA ALA L 67 -22.37 -7.83 -52.56
C ALA L 67 -22.57 -6.48 -53.20
N LEU L 68 -21.50 -5.87 -53.70
CA LEU L 68 -21.64 -4.62 -54.44
C LEU L 68 -22.46 -4.83 -55.71
N GLN L 69 -22.13 -5.88 -56.46
CA GLN L 69 -22.90 -6.15 -57.68
C GLN L 69 -24.36 -6.42 -57.37
N GLU L 70 -24.62 -7.14 -56.27
CA GLU L 70 -26.00 -7.43 -55.91
C GLU L 70 -26.75 -6.17 -55.48
N MET L 71 -26.09 -5.30 -54.71
CA MET L 71 -26.72 -4.06 -54.29
C MET L 71 -27.01 -3.17 -55.50
N LEU L 72 -26.09 -3.14 -56.46
CA LEU L 72 -26.32 -2.39 -57.69
C LEU L 72 -27.51 -2.97 -58.46
N ALA L 73 -27.61 -4.30 -58.53
CA ALA L 73 -28.71 -4.91 -59.25
C ALA L 73 -30.04 -4.68 -58.57
N ASN L 74 -30.04 -4.54 -57.24
CA ASN L 74 -31.27 -4.24 -56.52
C ASN L 74 -31.61 -2.76 -56.60
N GLY L 87 -23.88 -0.76 -37.68
CA GLY L 87 -22.92 -1.38 -38.56
C GLY L 87 -21.51 -1.35 -38.02
N HIS L 88 -20.72 -0.39 -38.49
CA HIS L 88 -19.33 -0.19 -38.08
C HIS L 88 -18.50 -1.45 -38.32
N ARG L 89 -18.45 -1.86 -39.59
CA ARG L 89 -17.65 -3.00 -39.98
C ARG L 89 -16.18 -2.61 -40.02
N THR L 90 -15.33 -3.50 -40.51
CA THR L 90 -13.91 -3.24 -40.65
C THR L 90 -13.50 -3.50 -42.09
N LEU L 91 -12.55 -2.70 -42.57
CA LEU L 91 -12.15 -2.77 -43.96
C LEU L 91 -11.09 -3.85 -44.18
N LEU L 92 -11.19 -4.53 -45.32
CA LEU L 92 -10.23 -5.53 -45.72
C LEU L 92 -9.86 -5.31 -47.18
N TYR L 93 -8.66 -5.75 -47.57
CA TYR L 93 -8.25 -5.61 -48.95
C TYR L 93 -9.18 -6.40 -49.86
N GLY L 94 -9.43 -5.85 -51.04
CA GLY L 94 -10.38 -6.43 -51.96
C GLY L 94 -11.79 -5.89 -51.83
N HIS L 95 -12.09 -5.18 -50.75
CA HIS L 95 -13.39 -4.59 -50.56
C HIS L 95 -13.46 -3.24 -51.27
N ALA L 96 -14.64 -2.92 -51.78
CA ALA L 96 -14.89 -1.62 -52.38
C ALA L 96 -15.63 -0.74 -51.39
N ILE L 97 -15.31 0.55 -51.38
CA ILE L 97 -15.78 1.44 -50.33
C ILE L 97 -16.50 2.63 -50.93
N LEU L 98 -17.28 3.29 -50.09
CA LEU L 98 -18.02 4.50 -50.44
C LEU L 98 -17.60 5.62 -49.52
N LEU L 99 -17.20 6.75 -50.10
CA LEU L 99 -16.70 7.89 -49.36
C LEU L 99 -17.65 9.06 -49.53
N ARG L 100 -18.02 9.69 -48.41
CA ARG L 100 -18.89 10.86 -48.41
C ARG L 100 -18.11 12.07 -47.95
N HIS L 101 -18.38 13.22 -48.58
CA HIS L 101 -17.68 14.43 -48.20
C HIS L 101 -18.23 14.95 -46.88
N ALA L 102 -17.39 15.68 -46.15
CA ALA L 102 -17.82 16.18 -44.85
C ALA L 102 -18.72 17.40 -44.99
N HIS L 103 -18.20 18.47 -45.60
CA HIS L 103 -18.99 19.68 -45.75
C HIS L 103 -20.08 19.51 -46.80
N SER L 104 -19.79 18.77 -47.86
CA SER L 104 -20.68 18.70 -49.01
C SER L 104 -21.76 17.65 -48.90
N ARG L 105 -21.52 16.60 -48.11
CA ARG L 105 -22.42 15.44 -48.01
C ARG L 105 -22.62 14.76 -49.37
N MET L 106 -21.66 14.92 -50.27
CA MET L 106 -21.71 14.32 -51.60
C MET L 106 -20.65 13.23 -51.71
N TYR L 107 -21.01 12.15 -52.39
CA TYR L 107 -20.16 10.98 -52.43
C TYR L 107 -19.09 11.14 -53.51
N LEU L 108 -17.84 10.89 -53.14
CA LEU L 108 -16.73 11.03 -54.08
C LEU L 108 -16.88 10.02 -55.22
N SER L 109 -16.41 10.40 -56.40
CA SER L 109 -16.74 9.66 -57.61
C SER L 109 -15.64 9.82 -58.62
N CYS L 110 -15.68 8.96 -59.64
CA CYS L 110 -14.87 9.10 -60.85
C CYS L 110 -15.79 9.55 -61.97
N LEU L 111 -15.49 10.70 -62.57
CA LEU L 111 -16.34 11.29 -63.58
C LEU L 111 -15.88 10.91 -64.98
N THR L 112 -16.78 11.08 -65.95
CA THR L 112 -16.46 10.82 -67.35
C THR L 112 -15.75 11.98 -68.02
N THR L 113 -15.77 13.17 -67.43
CA THR L 113 -15.05 14.30 -67.97
C THR L 113 -13.55 14.08 -67.87
N SER L 114 -12.80 14.67 -68.79
CA SER L 114 -11.38 14.40 -68.97
C SER L 114 -10.58 15.68 -69.17
N ARG L 115 -10.78 16.67 -68.29
CA ARG L 115 -10.03 17.91 -68.43
C ARG L 115 -8.54 17.75 -68.17
N SER L 116 -8.11 16.60 -67.64
CA SER L 116 -6.69 16.29 -67.54
C SER L 116 -6.14 16.05 -68.95
N MET L 117 -5.40 17.02 -69.46
CA MET L 117 -4.91 16.94 -70.84
C MET L 117 -3.78 15.93 -70.99
N THR L 118 -3.08 15.60 -69.91
CA THR L 118 -1.81 14.87 -70.02
C THR L 118 -1.98 13.49 -70.62
N ASP L 119 -3.04 12.77 -70.24
CA ASP L 119 -3.20 11.39 -70.66
C ASP L 119 -4.65 11.21 -71.09
N LYS L 120 -4.85 10.58 -72.25
CA LYS L 120 -6.20 10.36 -72.76
C LYS L 120 -7.01 9.47 -71.83
N LEU L 121 -6.39 8.41 -71.32
CA LEU L 121 -7.08 7.49 -70.43
C LEU L 121 -7.32 8.07 -69.04
N ALA L 122 -6.62 9.14 -68.68
CA ALA L 122 -6.79 9.75 -67.37
C ALA L 122 -8.16 10.41 -67.29
N PHE L 123 -8.95 10.00 -66.31
CA PHE L 123 -10.28 10.55 -66.10
C PHE L 123 -10.27 11.49 -64.91
N ASP L 124 -11.22 12.40 -64.90
CA ASP L 124 -11.34 13.35 -63.79
C ASP L 124 -11.98 12.69 -62.59
N VAL L 125 -11.56 13.11 -61.40
CA VAL L 125 -12.13 12.66 -60.14
C VAL L 125 -12.89 13.82 -59.54
N GLY L 126 -14.18 13.62 -59.29
CA GLY L 126 -15.01 14.68 -58.74
C GLY L 126 -16.13 14.11 -57.90
N LEU L 127 -16.71 14.97 -57.08
CA LEU L 127 -17.80 14.55 -56.22
C LEU L 127 -19.08 14.36 -57.03
N GLN L 128 -19.96 13.53 -56.50
CA GLN L 128 -21.24 13.20 -57.14
C GLN L 128 -22.36 13.46 -56.14
N GLU L 129 -23.49 13.95 -56.65
CA GLU L 129 -24.59 14.33 -55.78
C GLU L 129 -25.16 13.13 -55.03
N ASP L 130 -25.29 12.00 -55.71
CA ASP L 130 -25.87 10.80 -55.14
C ASP L 130 -24.84 9.68 -55.16
N ALA L 131 -25.29 8.47 -54.83
CA ALA L 131 -24.44 7.29 -54.83
C ALA L 131 -25.09 6.10 -55.51
N THR L 132 -26.23 6.29 -56.19
CA THR L 132 -26.92 5.17 -56.81
C THR L 132 -26.09 4.54 -57.92
N GLY L 133 -25.28 5.33 -58.61
CA GLY L 133 -24.42 4.78 -59.63
C GLY L 133 -23.25 4.03 -59.04
N GLU L 134 -22.57 3.27 -59.89
CA GLU L 134 -21.38 2.54 -59.47
C GLU L 134 -20.13 3.40 -59.51
N ALA L 135 -20.25 4.67 -59.83
CA ALA L 135 -19.09 5.53 -59.99
C ALA L 135 -18.44 5.91 -58.67
N CYS L 136 -19.07 5.61 -57.53
CA CYS L 136 -18.61 6.09 -56.24
C CYS L 136 -18.03 4.97 -55.38
N TRP L 137 -17.52 3.91 -55.99
CA TRP L 137 -17.01 2.76 -55.25
C TRP L 137 -15.57 2.49 -55.64
N TRP L 138 -14.75 2.13 -54.65
CA TRP L 138 -13.30 2.05 -54.83
C TRP L 138 -12.77 0.80 -54.15
N THR L 139 -12.32 -0.16 -54.95
CA THR L 139 -11.78 -1.41 -54.42
C THR L 139 -10.32 -1.20 -54.04
N MET L 140 -10.03 -1.22 -52.74
CA MET L 140 -8.66 -1.11 -52.29
C MET L 140 -7.92 -2.43 -52.49
N HIS L 141 -6.62 -2.33 -52.70
CA HIS L 141 -5.75 -3.48 -52.94
C HIS L 141 -4.49 -3.35 -52.12
N PRO L 142 -3.82 -4.47 -51.86
CA PRO L 142 -2.60 -4.42 -51.05
C PRO L 142 -1.47 -3.69 -51.76
N ALA L 143 -0.64 -3.01 -50.97
CA ALA L 143 0.50 -2.29 -51.53
C ALA L 143 1.68 -3.22 -51.73
N SER L 144 2.04 -3.98 -50.69
CA SER L 144 3.17 -4.89 -50.73
C SER L 144 2.66 -6.34 -50.66
N LYS L 145 3.57 -7.27 -50.93
CA LYS L 145 3.25 -8.69 -50.78
C LYS L 145 3.02 -9.06 -49.32
N GLN L 146 3.60 -8.30 -48.39
CA GLN L 146 3.37 -8.57 -46.96
C GLN L 146 1.90 -8.44 -46.60
N ARG L 147 1.16 -7.57 -47.28
CA ARG L 147 -0.28 -7.47 -47.11
C ARG L 147 -0.96 -8.28 -48.20
N SER L 148 -1.95 -9.08 -47.81
CA SER L 148 -2.66 -9.95 -48.73
C SER L 148 -4.13 -9.56 -48.79
N GLU L 149 -4.77 -9.87 -49.91
CA GLU L 149 -6.19 -9.61 -50.04
C GLU L 149 -6.97 -10.43 -49.03
N GLY L 150 -7.91 -9.77 -48.35
CA GLY L 150 -8.61 -10.38 -47.25
C GLY L 150 -8.01 -10.10 -45.90
N GLU L 151 -7.05 -9.19 -45.80
CA GLU L 151 -6.43 -8.81 -44.55
C GLU L 151 -6.95 -7.46 -44.09
N LYS L 152 -7.10 -7.31 -42.78
CA LYS L 152 -7.56 -6.05 -42.23
C LYS L 152 -6.53 -4.95 -42.47
N VAL L 153 -7.01 -3.73 -42.72
CA VAL L 153 -6.15 -2.58 -42.91
C VAL L 153 -6.12 -1.79 -41.60
N ARG L 154 -4.91 -1.42 -41.17
CA ARG L 154 -4.74 -0.69 -39.92
C ARG L 154 -4.48 0.78 -40.19
N VAL L 155 -4.50 1.56 -39.11
CA VAL L 155 -4.30 3.00 -39.23
C VAL L 155 -2.90 3.27 -39.77
N GLY L 156 -2.81 4.21 -40.70
CA GLY L 156 -1.55 4.53 -41.33
C GLY L 156 -1.00 3.41 -42.20
N ASP L 157 -1.86 2.76 -42.98
CA ASP L 157 -1.44 1.75 -43.93
C ASP L 157 -1.53 2.32 -45.35
N ASP L 158 -0.50 2.07 -46.15
CA ASP L 158 -0.50 2.50 -47.54
C ASP L 158 -1.17 1.48 -48.44
N LEU L 159 -1.95 1.95 -49.40
CA LEU L 159 -2.77 1.06 -50.20
C LEU L 159 -3.06 1.71 -51.54
N ILE L 160 -3.47 0.88 -52.49
CA ILE L 160 -3.73 1.31 -53.86
C ILE L 160 -5.24 1.28 -54.07
N LEU L 161 -5.82 2.46 -54.26
CA LEU L 161 -7.26 2.59 -54.50
C LEU L 161 -7.54 2.45 -55.99
N VAL L 162 -8.13 1.33 -56.37
CA VAL L 162 -8.47 1.05 -57.77
C VAL L 162 -9.96 1.27 -57.95
N SER L 163 -10.33 2.01 -58.99
CA SER L 163 -11.72 2.37 -59.22
C SER L 163 -12.56 1.16 -59.60
N VAL L 164 -13.84 1.23 -59.26
CA VAL L 164 -14.81 0.27 -59.78
C VAL L 164 -15.48 0.81 -61.03
N SER L 165 -15.70 2.13 -61.10
CA SER L 165 -16.32 2.72 -62.28
C SER L 165 -15.44 2.54 -63.51
N SER L 166 -14.18 2.93 -63.41
CA SER L 166 -13.29 3.00 -64.56
C SER L 166 -12.17 1.98 -64.51
N GLU L 167 -12.08 1.19 -63.43
CA GLU L 167 -11.03 0.19 -63.26
C GLU L 167 -9.65 0.83 -63.38
N ARG L 168 -9.50 2.02 -62.78
CA ARG L 168 -8.29 2.82 -62.92
C ARG L 168 -7.83 3.27 -61.55
N TYR L 169 -6.51 3.34 -61.38
CA TYR L 169 -5.95 3.75 -60.10
C TYR L 169 -6.22 5.22 -59.83
N LEU L 170 -6.19 5.58 -58.54
CA LEU L 170 -6.10 6.98 -58.15
C LEU L 170 -4.65 7.41 -58.28
N HIS L 171 -4.38 8.32 -59.21
CA HIS L 171 -3.02 8.69 -59.56
C HIS L 171 -2.76 10.17 -59.34
N LEU L 172 -1.56 10.48 -58.89
CA LEU L 172 -1.07 11.86 -58.74
C LEU L 172 -0.35 12.26 -60.02
N SER L 173 -0.99 13.09 -60.83
CA SER L 173 -0.39 13.63 -62.05
C SER L 173 0.28 14.95 -61.71
N THR L 174 1.61 14.95 -61.68
CA THR L 174 2.39 16.14 -61.41
C THR L 174 3.14 16.66 -62.63
N ALA L 175 2.93 16.04 -63.80
CA ALA L 175 3.58 16.54 -65.01
C ALA L 175 3.10 17.94 -65.37
N SER L 176 1.81 18.20 -65.17
CA SER L 176 1.28 19.55 -65.39
C SER L 176 1.89 20.57 -64.43
N GLY L 177 2.37 20.13 -63.28
CA GLY L 177 2.93 21.02 -62.29
C GLY L 177 1.95 21.55 -61.28
N GLU L 178 0.64 21.40 -61.53
CA GLU L 178 -0.37 21.76 -60.55
C GLU L 178 -0.62 20.66 -59.54
N LEU L 179 -0.04 19.47 -59.74
CA LEU L 179 -0.24 18.31 -58.88
C LEU L 179 -1.72 17.96 -58.79
N GLN L 180 -2.28 17.57 -59.92
CA GLN L 180 -3.68 17.19 -59.99
C GLN L 180 -3.85 15.72 -59.69
N VAL L 181 -5.10 15.31 -59.45
CA VAL L 181 -5.45 13.92 -59.22
C VAL L 181 -6.31 13.45 -60.38
N ASP L 182 -5.98 12.28 -60.93
CA ASP L 182 -6.74 11.73 -62.03
C ASP L 182 -6.72 10.22 -61.94
N ALA L 183 -7.75 9.60 -62.51
CA ALA L 183 -7.84 8.14 -62.59
C ALA L 183 -7.08 7.71 -63.84
N SER L 184 -5.79 7.43 -63.67
CA SER L 184 -4.95 6.94 -64.74
C SER L 184 -4.23 5.69 -64.26
N PHE L 185 -3.44 5.09 -65.14
CA PHE L 185 -2.94 3.75 -64.89
C PHE L 185 -1.57 3.71 -64.23
N MET L 186 -0.93 4.86 -64.06
CA MET L 186 0.27 4.89 -63.23
C MET L 186 -0.16 4.74 -61.79
N GLN L 187 0.05 3.55 -61.22
CA GLN L 187 -0.43 3.26 -59.88
C GLN L 187 0.21 4.19 -58.87
N THR L 188 -0.56 4.61 -57.89
CA THR L 188 -0.11 5.60 -56.92
C THR L 188 -0.57 5.18 -55.53
N LEU L 189 0.36 5.14 -54.60
CA LEU L 189 0.04 4.76 -53.23
C LEU L 189 -0.76 5.86 -52.54
N TRP L 190 -1.49 5.47 -51.51
CA TRP L 190 -2.32 6.41 -50.77
C TRP L 190 -2.33 6.01 -49.30
N ASN L 191 -2.42 7.01 -48.43
CA ASN L 191 -2.45 6.82 -46.99
C ASN L 191 -3.79 7.32 -46.48
N MET L 192 -4.44 6.51 -45.66
CA MET L 192 -5.80 6.79 -45.20
C MET L 192 -5.74 6.96 -43.69
N ASN L 193 -5.71 8.21 -43.22
CA ASN L 193 -5.41 8.52 -41.83
C ASN L 193 -6.67 9.02 -41.13
N PRO L 194 -7.16 8.32 -40.10
CA PRO L 194 -8.38 8.74 -39.41
C PRO L 194 -8.11 9.92 -38.49
N ILE L 195 -8.82 11.02 -38.72
CA ILE L 195 -8.60 12.21 -37.89
C ILE L 195 -9.17 12.01 -36.50
N CYS L 196 -10.26 11.24 -36.37
CA CYS L 196 -10.93 11.05 -35.08
C CYS L 196 -10.22 9.93 -34.32
N SER L 197 -9.08 10.28 -33.74
CA SER L 197 -8.33 9.32 -32.94
C SER L 197 -9.11 8.94 -31.68
N CYS L 198 -9.80 9.90 -31.08
CA CYS L 198 -10.63 9.66 -29.91
C CYS L 198 -12.02 10.23 -30.18
N CYS L 199 -13.04 9.40 -29.97
CA CYS L 199 -14.43 9.77 -30.24
C CYS L 199 -15.18 9.80 -28.91
N GLU L 200 -15.32 11.00 -28.35
CA GLU L 200 -16.00 11.20 -27.08
C GLU L 200 -17.15 12.18 -27.27
N GLU L 201 -18.36 11.75 -26.91
CA GLU L 201 -19.53 12.62 -27.03
C GLU L 201 -19.49 13.70 -25.96
N GLY L 202 -19.85 14.92 -26.35
CA GLY L 202 -19.91 16.03 -25.42
C GLY L 202 -18.58 16.68 -25.11
N TYR L 203 -17.51 16.28 -25.79
CA TYR L 203 -16.20 16.85 -25.57
C TYR L 203 -15.70 17.52 -26.84
N VAL L 204 -14.95 18.61 -26.66
CA VAL L 204 -14.43 19.35 -27.81
C VAL L 204 -13.36 18.51 -28.50
N THR L 205 -13.37 18.53 -29.83
CA THR L 205 -12.44 17.75 -30.62
C THR L 205 -11.91 18.63 -31.75
N GLY L 206 -10.74 18.27 -32.27
CA GLY L 206 -10.14 19.05 -33.32
C GLY L 206 -10.93 18.96 -34.62
N GLY L 207 -10.80 20.01 -35.43
CA GLY L 207 -11.54 20.09 -36.67
C GLY L 207 -13.02 20.31 -36.50
N HIS L 208 -13.44 20.82 -35.34
CA HIS L 208 -14.84 20.98 -35.00
C HIS L 208 -15.15 22.46 -34.94
N VAL L 209 -15.94 22.95 -35.89
CA VAL L 209 -16.38 24.34 -35.81
C VAL L 209 -17.35 24.48 -34.64
N LEU L 210 -17.33 25.65 -34.00
CA LEU L 210 -18.12 25.88 -32.81
C LEU L 210 -18.21 27.38 -32.57
N ARG L 211 -18.74 27.75 -31.41
CA ARG L 211 -18.94 29.13 -31.02
C ARG L 211 -18.40 29.32 -29.60
N LEU L 212 -17.75 30.46 -29.38
CA LEU L 212 -17.07 30.74 -28.11
C LEU L 212 -17.84 31.85 -27.40
N PHE L 213 -18.76 31.48 -26.52
CA PHE L 213 -19.45 32.47 -25.69
C PHE L 213 -18.58 32.75 -24.48
N HIS L 214 -18.02 33.97 -24.41
CA HIS L 214 -17.18 34.35 -23.28
C HIS L 214 -18.04 34.45 -22.03
N GLY L 215 -17.78 33.58 -21.05
CA GLY L 215 -18.48 33.62 -19.79
C GLY L 215 -19.98 33.42 -19.92
N HIS L 216 -20.73 34.50 -19.77
CA HIS L 216 -22.18 34.44 -19.90
C HIS L 216 -22.58 34.05 -21.31
N MET L 217 -23.81 33.55 -21.44
CA MET L 217 -24.34 33.13 -22.72
C MET L 217 -24.57 34.31 -23.67
N ASP L 218 -24.64 35.53 -23.14
CA ASP L 218 -25.12 36.66 -23.92
C ASP L 218 -24.11 37.08 -24.98
N GLU L 219 -22.83 37.05 -24.67
CA GLU L 219 -21.80 37.53 -25.57
C GLU L 219 -20.94 36.38 -26.08
N CYS L 220 -20.26 36.63 -27.20
CA CYS L 220 -19.45 35.62 -27.84
C CYS L 220 -18.37 36.30 -28.67
N LEU L 221 -17.45 35.49 -29.19
CA LEU L 221 -16.37 35.99 -30.04
C LEU L 221 -16.92 36.27 -31.44
N THR L 222 -16.83 37.51 -31.88
CA THR L 222 -17.43 37.95 -33.13
C THR L 222 -16.34 38.46 -34.08
N ILE L 223 -16.78 39.10 -35.16
CA ILE L 223 -15.90 39.68 -36.17
C ILE L 223 -16.52 41.03 -36.52
N SER L 224 -15.81 41.83 -37.31
CA SER L 224 -16.34 43.09 -37.82
C SER L 224 -17.72 42.90 -38.43
N ALA L 225 -18.59 43.89 -38.25
CA ALA L 225 -19.98 43.75 -38.64
C ALA L 225 -20.13 43.55 -40.15
N ALA L 226 -19.75 44.54 -40.93
CA ALA L 226 -19.84 44.48 -42.38
C ALA L 226 -18.50 44.06 -42.95
N ASP L 227 -18.42 44.03 -44.29
CA ASP L 227 -17.17 43.66 -44.95
C ASP L 227 -16.12 44.75 -44.91
N SER L 228 -16.51 46.01 -44.68
CA SER L 228 -15.59 47.12 -44.75
C SER L 228 -15.56 47.97 -43.49
N ASP L 229 -16.39 47.66 -42.48
CA ASP L 229 -16.43 48.48 -41.27
C ASP L 229 -15.09 48.44 -40.55
N ASP L 230 -14.47 47.26 -40.44
CA ASP L 230 -13.12 47.14 -39.92
C ASP L 230 -12.23 46.33 -40.86
N GLN L 231 -12.59 46.28 -42.15
CA GLN L 231 -11.85 45.57 -43.19
C GLN L 231 -11.81 44.06 -42.90
N ARG L 232 -12.77 43.58 -42.09
CA ARG L 232 -12.84 42.17 -41.69
C ARG L 232 -11.56 41.73 -40.99
N ARG L 233 -11.02 42.59 -40.15
CA ARG L 233 -9.80 42.30 -39.42
C ARG L 233 -9.92 42.45 -37.91
N LEU L 234 -10.69 43.43 -37.44
CA LEU L 234 -10.82 43.67 -36.01
C LEU L 234 -11.82 42.70 -35.40
N VAL L 235 -11.39 42.01 -34.35
CA VAL L 235 -12.19 41.01 -33.65
C VAL L 235 -12.77 41.65 -32.40
N TYR L 236 -14.00 41.28 -32.05
CA TYR L 236 -14.70 41.93 -30.95
C TYR L 236 -15.29 40.92 -29.97
N TYR L 237 -16.11 41.40 -29.04
CA TYR L 237 -16.78 40.57 -28.04
C TYR L 237 -18.26 40.88 -28.00
N GLU L 238 -18.85 41.10 -29.17
CA GLU L 238 -20.22 41.60 -29.26
C GLU L 238 -21.21 40.56 -28.72
N GLY L 239 -22.19 41.05 -27.98
CA GLY L 239 -23.23 40.19 -27.44
C GLY L 239 -24.63 40.56 -27.89
N GLY L 240 -25.36 39.60 -28.43
CA GLY L 240 -26.71 39.84 -28.90
C GLY L 240 -27.17 38.83 -29.92
N ALA L 241 -27.85 39.31 -30.97
CA ALA L 241 -28.37 38.42 -32.00
C ALA L 241 -27.27 37.86 -32.88
N VAL L 242 -26.04 38.34 -32.75
CA VAL L 242 -24.92 37.85 -33.57
C VAL L 242 -24.56 36.40 -33.29
N CYS L 243 -25.03 35.83 -32.17
CA CYS L 243 -24.72 34.43 -31.89
C CYS L 243 -25.31 33.51 -32.96
N THR L 244 -26.51 33.84 -33.46
CA THR L 244 -27.10 33.04 -34.51
C THR L 244 -26.38 33.23 -35.84
N HIS L 245 -25.82 34.40 -36.08
CA HIS L 245 -25.23 34.71 -37.38
C HIS L 245 -23.94 33.94 -37.59
N ALA L 246 -23.51 33.90 -38.86
CA ALA L 246 -22.26 33.25 -39.22
C ALA L 246 -21.04 34.01 -38.73
N ARG L 247 -21.22 35.27 -38.29
CA ARG L 247 -20.10 36.03 -37.76
C ARG L 247 -19.55 35.39 -36.49
N SER L 248 -20.44 34.89 -35.64
CA SER L 248 -20.04 34.15 -34.43
C SER L 248 -19.81 32.69 -34.82
N LEU L 249 -18.59 32.39 -35.28
CA LEU L 249 -18.25 31.02 -35.63
C LEU L 249 -16.74 30.90 -35.76
N TRP L 250 -16.16 29.90 -35.10
CA TRP L 250 -14.72 29.67 -35.16
C TRP L 250 -14.44 28.18 -35.20
N ARG L 251 -13.55 27.77 -36.09
CA ARG L 251 -13.09 26.39 -36.20
C ARG L 251 -11.72 26.28 -35.56
N LEU L 252 -11.59 25.38 -34.59
CA LEU L 252 -10.31 25.11 -33.96
C LEU L 252 -9.64 23.98 -34.72
N GLU L 253 -8.66 24.34 -35.55
CA GLU L 253 -7.87 23.34 -36.25
C GLU L 253 -6.59 23.10 -35.46
N PRO L 254 -6.33 21.87 -35.01
CA PRO L 254 -5.05 21.60 -34.33
C PRO L 254 -3.87 21.82 -35.25
N LEU L 255 -3.05 22.83 -34.93
CA LEU L 255 -1.85 23.10 -35.71
C LEU L 255 -0.92 21.90 -35.71
N ARG L 256 -0.82 21.21 -34.58
CA ARG L 256 -0.09 19.96 -34.48
C ARG L 256 -0.62 18.96 -35.51
N ILE L 257 0.21 18.64 -36.51
CA ILE L 257 -0.22 17.73 -37.57
C ILE L 257 -0.43 16.34 -37.01
N SER L 258 0.39 15.93 -36.05
CA SER L 258 0.10 14.74 -35.27
C SER L 258 -1.16 14.98 -34.45
N TRP L 259 -2.01 13.95 -34.37
CA TRP L 259 -3.31 14.04 -33.71
C TRP L 259 -4.15 15.17 -34.29
N SER L 260 -4.09 15.34 -35.61
CA SER L 260 -4.90 16.35 -36.28
C SER L 260 -6.36 15.94 -36.22
N GLY L 261 -7.20 16.80 -35.66
CA GLY L 261 -8.60 16.48 -35.48
C GLY L 261 -8.91 15.58 -34.31
N SER L 262 -7.89 15.18 -33.55
CA SER L 262 -8.09 14.30 -32.40
C SER L 262 -8.56 15.15 -31.22
N HIS L 263 -8.68 14.55 -30.04
CA HIS L 263 -9.07 15.29 -28.85
C HIS L 263 -8.12 16.43 -28.55
N LEU L 264 -8.70 17.58 -28.20
CA LEU L 264 -7.92 18.75 -27.83
C LEU L 264 -7.42 18.54 -26.41
N ARG L 265 -6.10 18.42 -26.26
CA ARG L 265 -5.52 18.30 -24.93
C ARG L 265 -5.31 19.70 -24.33
N TRP L 266 -5.29 19.76 -23.01
CA TRP L 266 -5.12 21.03 -22.32
C TRP L 266 -3.79 21.66 -22.72
N GLY L 267 -3.83 22.95 -23.03
CA GLY L 267 -2.64 23.69 -23.39
C GLY L 267 -1.97 23.24 -24.67
N GLN L 268 -2.75 23.04 -25.73
CA GLN L 268 -2.11 22.56 -26.94
C GLN L 268 -2.14 23.61 -28.03
N PRO L 269 -1.04 23.77 -28.78
CA PRO L 269 -1.05 24.71 -29.90
C PRO L 269 -2.06 24.32 -30.95
N LEU L 270 -2.69 25.34 -31.53
CA LEU L 270 -3.83 25.16 -32.43
C LEU L 270 -4.16 26.52 -33.03
N ARG L 271 -4.98 26.52 -34.07
CA ARG L 271 -5.30 27.71 -34.84
C ARG L 271 -6.80 27.93 -34.85
N ILE L 272 -7.23 29.12 -34.44
CA ILE L 272 -8.62 29.52 -34.58
C ILE L 272 -8.83 30.07 -35.98
N ARG L 273 -9.91 29.66 -36.64
CA ARG L 273 -10.24 30.14 -37.98
C ARG L 273 -11.64 30.71 -37.99
N HIS L 274 -11.84 31.80 -38.72
CA HIS L 274 -13.17 32.41 -38.75
C HIS L 274 -14.15 31.56 -39.55
N VAL L 275 -13.65 30.74 -40.49
CA VAL L 275 -14.42 29.95 -41.46
C VAL L 275 -15.14 30.84 -42.46
N THR L 276 -15.96 31.76 -41.96
CA THR L 276 -16.78 32.61 -42.83
C THR L 276 -15.92 33.44 -43.77
N THR L 277 -14.79 33.95 -43.27
CA THR L 277 -13.87 34.70 -44.10
C THR L 277 -12.58 33.93 -44.40
N GLY L 278 -12.39 32.77 -43.78
CA GLY L 278 -11.18 32.00 -44.00
C GLY L 278 -9.92 32.66 -43.45
N ARG L 279 -10.03 33.33 -42.30
CA ARG L 279 -8.92 34.06 -41.71
C ARG L 279 -8.59 33.46 -40.35
N TYR L 280 -7.33 33.12 -40.15
CA TYR L 280 -6.86 32.59 -38.87
C TYR L 280 -6.68 33.72 -37.87
N LEU L 281 -7.36 33.62 -36.72
CA LEU L 281 -7.15 34.56 -35.64
C LEU L 281 -5.74 34.40 -35.09
N ALA L 282 -5.05 35.53 -34.87
CA ALA L 282 -3.63 35.46 -34.54
C ALA L 282 -3.21 36.71 -33.77
N LEU L 283 -2.04 36.61 -33.16
CA LEU L 283 -1.44 37.74 -32.46
C LEU L 283 -0.89 38.75 -33.46
N THR L 284 -1.18 40.02 -33.24
CA THR L 284 -0.68 41.08 -34.09
C THR L 284 0.13 42.07 -33.26
N GLU L 285 0.93 42.88 -33.96
CA GLU L 285 1.83 43.82 -33.30
C GLU L 285 1.26 45.22 -33.20
N ASP L 286 0.44 45.65 -34.16
CA ASP L 286 -0.16 46.98 -34.10
C ASP L 286 -1.33 47.04 -33.12
N GLN L 287 -1.90 45.90 -32.76
CA GLN L 287 -3.03 45.85 -31.84
C GLN L 287 -2.83 44.61 -30.96
N GLY L 288 -3.85 44.26 -30.18
CA GLY L 288 -3.78 43.07 -29.35
C GLY L 288 -3.70 41.79 -30.15
N LEU L 289 -4.79 41.46 -30.84
CA LEU L 289 -4.80 40.31 -31.74
C LEU L 289 -5.89 40.53 -32.78
N VAL L 290 -5.60 40.14 -34.03
CA VAL L 290 -6.56 40.28 -35.12
C VAL L 290 -6.50 39.02 -35.98
N VAL L 291 -7.52 38.86 -36.82
CA VAL L 291 -7.51 37.79 -37.79
C VAL L 291 -6.55 38.15 -38.92
N VAL L 292 -5.92 37.14 -39.52
CA VAL L 292 -4.98 37.33 -40.60
C VAL L 292 -5.31 36.32 -41.69
N ASP L 293 -4.82 36.60 -42.89
CA ASP L 293 -4.96 35.66 -43.99
C ASP L 293 -4.07 34.44 -43.72
N ALA L 294 -4.38 33.34 -44.41
CA ALA L 294 -3.58 32.13 -44.27
C ALA L 294 -2.15 32.36 -44.74
N CYS L 295 -1.94 33.32 -45.65
CA CYS L 295 -0.58 33.72 -46.02
C CYS L 295 0.16 34.32 -44.83
N LYS L 296 -0.53 35.15 -44.05
CA LYS L 296 0.05 35.77 -42.87
C LYS L 296 -0.05 34.89 -41.63
N ALA L 297 -0.60 33.69 -41.76
CA ALA L 297 -0.81 32.79 -40.63
C ALA L 297 0.43 31.92 -40.44
N HIS L 298 1.11 32.10 -39.31
CA HIS L 298 2.27 31.28 -38.95
C HIS L 298 2.14 30.89 -37.49
N THR L 299 2.93 29.87 -37.10
CA THR L 299 2.82 29.33 -35.75
C THR L 299 3.20 30.35 -34.70
N LYS L 300 4.04 31.33 -35.04
CA LYS L 300 4.40 32.36 -34.08
C LYS L 300 3.25 33.30 -33.76
N ALA L 301 2.20 33.32 -34.57
CA ALA L 301 1.08 34.22 -34.35
C ALA L 301 -0.24 33.51 -34.11
N THR L 302 -0.51 32.42 -34.83
CA THR L 302 -1.81 31.76 -34.76
C THR L 302 -1.92 30.72 -33.64
N SER L 303 -0.84 30.45 -32.92
CA SER L 303 -0.86 29.38 -31.93
C SER L 303 -1.49 29.87 -30.63
N PHE L 304 -2.60 29.26 -30.24
CA PHE L 304 -3.22 29.48 -28.94
C PHE L 304 -3.39 28.14 -28.24
N CYS L 305 -3.80 28.21 -26.98
CA CYS L 305 -3.97 27.01 -26.16
C CYS L 305 -4.94 27.33 -25.04
N PHE L 306 -5.57 26.29 -24.51
CA PHE L 306 -6.61 26.43 -23.51
C PHE L 306 -6.03 26.12 -22.14
N ARG L 307 -6.15 27.07 -21.21
CA ARG L 307 -5.53 26.96 -19.91
C ARG L 307 -6.58 26.71 -18.83
N VAL L 308 -6.28 25.78 -17.92
CA VAL L 308 -7.22 25.42 -16.86
C VAL L 308 -7.40 26.60 -15.90
N SER L 309 -6.29 27.16 -15.43
CA SER L 309 -6.32 28.23 -14.45
C SER L 309 -5.49 29.40 -14.95
N LYS L 310 -5.91 30.62 -14.57
CA LYS L 310 -5.18 31.79 -15.00
C LYS L 310 -3.80 31.87 -14.35
N GLU L 311 -3.67 31.41 -13.11
CA GLU L 311 -2.37 31.25 -12.51
C GLU L 311 -1.61 30.14 -13.22
N LYS L 312 -0.29 30.29 -13.34
CA LYS L 312 0.54 29.28 -13.97
C LYS L 312 0.57 28.05 -13.06
N LEU L 313 0.03 26.93 -13.55
CA LEU L 313 -0.05 25.68 -12.80
C LEU L 313 -0.73 25.86 -11.45
N GLU L 328 -10.66 15.29 -21.81
CA GLU L 328 -10.08 16.43 -21.11
C GLU L 328 -11.04 17.60 -21.09
N ILE L 329 -10.87 18.51 -22.05
CA ILE L 329 -11.73 19.69 -22.13
C ILE L 329 -13.11 19.28 -22.64
N LYS L 330 -14.15 19.68 -21.93
CA LYS L 330 -15.51 19.29 -22.21
C LYS L 330 -16.29 20.47 -22.76
N TYR L 331 -17.23 20.18 -23.66
CA TYR L 331 -18.10 21.21 -24.22
C TYR L 331 -18.90 21.90 -23.12
N GLY L 332 -19.43 21.13 -22.17
CA GLY L 332 -20.13 21.69 -21.04
C GLY L 332 -19.18 22.06 -19.91
N GLU L 333 -19.44 23.20 -19.28
CA GLU L 333 -18.65 23.71 -18.17
C GLU L 333 -17.17 23.85 -18.55
N SER L 334 -16.93 24.43 -19.73
CA SER L 334 -15.57 24.61 -20.21
C SER L 334 -14.78 25.52 -19.28
N LEU L 335 -15.18 26.80 -19.22
CA LEU L 335 -14.57 27.80 -18.34
C LEU L 335 -13.05 27.82 -18.46
N CYS L 336 -12.57 27.81 -19.70
CA CYS L 336 -11.14 27.77 -19.97
C CYS L 336 -10.66 29.16 -20.38
N PHE L 337 -9.66 29.66 -19.68
CA PHE L 337 -8.99 30.91 -20.05
C PHE L 337 -7.97 30.61 -21.14
N VAL L 338 -8.33 30.91 -22.38
CA VAL L 338 -7.43 30.69 -23.51
C VAL L 338 -6.26 31.68 -23.44
N GLN L 339 -5.12 31.26 -23.99
CA GLN L 339 -3.88 32.03 -23.92
C GLN L 339 -3.06 31.76 -25.17
N HIS L 340 -2.34 32.79 -25.62
CA HIS L 340 -1.43 32.61 -26.74
C HIS L 340 -0.26 31.73 -26.33
N VAL L 341 0.36 31.09 -27.33
CA VAL L 341 1.39 30.09 -27.10
C VAL L 341 2.80 30.67 -27.24
N ALA L 342 3.06 31.36 -28.37
CA ALA L 342 4.41 31.88 -28.60
C ALA L 342 4.76 32.98 -27.63
N SER L 343 3.77 33.74 -27.17
CA SER L 343 3.97 34.80 -26.19
C SER L 343 3.09 34.56 -24.98
N GLY L 344 3.42 35.25 -23.89
CA GLY L 344 2.65 35.20 -22.67
C GLY L 344 1.50 36.17 -22.61
N LEU L 345 1.21 36.86 -23.72
CA LEU L 345 0.09 37.80 -23.75
C LEU L 345 -1.22 37.06 -23.56
N TRP L 346 -2.17 37.73 -22.90
CA TRP L 346 -3.43 37.11 -22.53
C TRP L 346 -4.59 37.85 -23.17
N LEU L 347 -5.50 37.09 -23.79
CA LEU L 347 -6.68 37.65 -24.44
C LEU L 347 -7.62 38.22 -23.38
N THR L 348 -7.81 39.54 -23.38
CA THR L 348 -8.69 40.22 -22.47
C THR L 348 -9.54 41.22 -23.23
N TYR L 349 -10.72 41.51 -22.68
CA TYR L 349 -11.61 42.48 -23.30
C TYR L 349 -11.12 43.90 -23.04
N ALA L 350 -11.43 44.80 -23.97
CA ALA L 350 -11.09 46.20 -23.79
C ALA L 350 -12.03 46.90 -22.82
N ALA L 351 -13.29 46.48 -22.77
CA ALA L 351 -14.35 47.07 -21.97
C ALA L 351 -14.49 48.57 -22.23
N PRO L 352 -14.96 48.97 -23.41
CA PRO L 352 -15.08 50.40 -23.69
C PRO L 352 -16.34 51.00 -23.10
N ASP L 353 -16.20 52.17 -22.48
CA ASP L 353 -17.33 52.90 -21.94
C ASP L 353 -17.48 54.25 -22.64
N LYS L 355 -26.06 53.27 -26.20
CA LYS L 355 -25.46 54.44 -25.56
C LYS L 355 -24.72 55.26 -26.61
N ALA L 356 -24.71 56.59 -26.42
CA ALA L 356 -24.08 57.47 -27.40
C ALA L 356 -22.56 57.27 -27.45
N LEU L 357 -21.92 57.14 -26.29
CA LEU L 357 -20.46 57.01 -26.27
C LEU L 357 -20.00 55.74 -26.95
N ARG L 358 -20.66 54.62 -26.67
CA ARG L 358 -20.38 53.36 -27.34
C ARG L 358 -21.68 52.58 -27.45
N LEU L 359 -21.80 51.78 -28.50
CA LEU L 359 -23.04 51.10 -28.84
C LEU L 359 -23.51 50.21 -27.68
N GLY L 360 -24.81 49.89 -27.70
CA GLY L 360 -25.38 49.09 -26.63
C GLY L 360 -24.74 47.72 -26.50
N VAL L 361 -24.42 47.10 -27.64
CA VAL L 361 -23.63 45.88 -27.61
C VAL L 361 -22.24 46.21 -27.08
N LEU L 362 -21.66 45.25 -26.34
CA LEU L 362 -20.43 45.50 -25.61
C LEU L 362 -19.28 45.89 -26.56
N LYS L 363 -19.09 45.12 -27.62
CA LYS L 363 -18.07 45.40 -28.64
C LYS L 363 -16.70 45.56 -28.00
N LYS L 364 -16.43 44.77 -26.97
CA LYS L 364 -15.18 44.84 -26.23
C LYS L 364 -14.09 44.17 -27.05
N LYS L 365 -13.35 44.95 -27.83
CA LYS L 365 -12.33 44.38 -28.69
C LYS L 365 -11.28 43.65 -27.87
N ALA L 366 -10.85 42.50 -28.38
CA ALA L 366 -9.92 41.65 -27.65
C ALA L 366 -8.49 42.13 -27.85
N ILE L 367 -7.73 42.16 -26.76
CA ILE L 367 -6.34 42.58 -26.78
C ILE L 367 -5.51 41.47 -26.15
N LEU L 368 -4.35 41.19 -26.75
CA LEU L 368 -3.39 40.25 -26.21
C LEU L 368 -2.43 41.02 -25.31
N HIS L 369 -2.56 40.82 -24.00
CA HIS L 369 -1.85 41.60 -23.00
C HIS L 369 -1.79 40.73 -21.76
N GLN L 370 -0.59 40.59 -21.18
CA GLN L 370 -0.35 39.55 -20.18
C GLN L 370 -1.11 39.78 -18.88
N GLU L 371 -1.78 40.93 -18.73
CA GLU L 371 -2.61 41.17 -17.56
C GLU L 371 -3.71 40.12 -17.46
N GLY L 372 -4.01 39.70 -16.23
CA GLY L 372 -5.09 38.77 -15.99
C GLY L 372 -6.37 39.46 -15.56
N HIS L 373 -7.32 39.61 -16.47
CA HIS L 373 -8.57 40.28 -16.16
C HIS L 373 -9.48 39.37 -15.34
N MET L 374 -10.65 39.90 -14.98
CA MET L 374 -11.55 39.18 -14.08
C MET L 374 -12.12 37.93 -14.73
N ASP L 375 -12.61 38.05 -15.96
CA ASP L 375 -13.17 36.91 -16.69
C ASP L 375 -12.42 36.73 -18.00
N ASP L 376 -11.61 35.68 -18.08
CA ASP L 376 -11.04 35.22 -19.33
C ASP L 376 -11.56 33.85 -19.73
N ALA L 377 -12.52 33.32 -18.98
CA ALA L 377 -13.09 32.02 -19.30
C ALA L 377 -13.99 32.12 -20.52
N LEU L 378 -14.14 30.99 -21.21
CA LEU L 378 -14.99 30.94 -22.38
C LEU L 378 -15.74 29.62 -22.40
N PHE L 379 -16.85 29.60 -23.13
CA PHE L 379 -17.72 28.44 -23.25
C PHE L 379 -17.71 28.00 -24.70
N LEU L 380 -17.39 26.74 -24.93
CA LEU L 380 -17.33 26.18 -26.28
C LEU L 380 -18.64 25.43 -26.54
N THR L 381 -19.47 25.97 -27.42
CA THR L 381 -20.73 25.34 -27.79
C THR L 381 -20.71 25.09 -29.28
N ARG L 382 -20.82 23.82 -29.68
CA ARG L 382 -20.83 23.49 -31.09
C ARG L 382 -22.09 24.03 -31.77
N CYS L 383 -21.95 24.34 -33.05
CA CYS L 383 -23.09 24.73 -33.87
C CYS L 383 -23.55 23.56 -34.71
N GLN L 384 -24.70 23.72 -35.35
CA GLN L 384 -25.28 22.65 -36.13
C GLN L 384 -24.50 22.44 -37.42
N GLN L 385 -24.60 21.21 -37.95
CA GLN L 385 -24.00 20.91 -39.25
C GLN L 385 -24.63 21.78 -40.34
N GLU L 386 -25.90 22.13 -40.19
CA GLU L 386 -26.53 23.06 -41.12
C GLU L 386 -25.83 24.41 -41.10
N GLU L 387 -25.55 24.92 -39.90
CA GLU L 387 -24.87 26.21 -39.77
C GLU L 387 -23.46 26.14 -40.34
N SER L 388 -22.73 25.08 -40.03
CA SER L 388 -21.37 24.94 -40.54
C SER L 388 -21.35 24.86 -42.06
N GLN L 389 -22.24 24.06 -42.63
CA GLN L 389 -22.31 23.93 -44.07
C GLN L 389 -22.65 25.26 -44.72
N ALA L 390 -23.66 25.96 -44.19
CA ALA L 390 -24.07 27.24 -44.76
C ALA L 390 -22.95 28.26 -44.69
N ALA L 391 -22.24 28.31 -43.55
CA ALA L 391 -21.14 29.25 -43.42
C ALA L 391 -20.02 28.96 -44.41
N ARG L 392 -19.71 27.67 -44.61
CA ARG L 392 -18.67 27.33 -45.56
C ARG L 392 -19.07 27.70 -46.99
N MET L 393 -20.36 27.51 -47.33
CA MET L 393 -20.86 28.02 -48.61
C MET L 393 -20.68 29.52 -48.70
N ILE L 394 -20.98 30.24 -47.62
CA ILE L 394 -20.84 31.69 -47.64
C ILE L 394 -19.40 32.08 -47.95
N HIS L 395 -18.44 31.41 -47.31
CA HIS L 395 -17.04 31.72 -47.53
C HIS L 395 -16.63 31.46 -48.98
N SER L 396 -16.89 30.25 -49.46
CA SER L 396 -16.45 29.88 -50.81
C SER L 396 -17.15 30.74 -51.86
N THR L 397 -18.46 30.94 -51.71
CA THR L 397 -19.21 31.71 -52.70
C THR L 397 -18.80 33.17 -52.71
N ALA L 398 -18.59 33.76 -51.52
CA ALA L 398 -18.15 35.14 -51.46
C ALA L 398 -16.77 35.30 -52.08
N GLY L 399 -15.87 34.36 -51.84
CA GLY L 399 -14.56 34.43 -52.48
C GLY L 399 -14.66 34.36 -53.99
N LEU L 400 -15.48 33.43 -54.49
CA LEU L 400 -15.66 33.29 -55.94
C LEU L 400 -16.19 34.57 -56.56
N TYR L 401 -17.23 35.14 -55.96
CA TYR L 401 -17.85 36.31 -56.57
C TYR L 401 -17.04 37.58 -56.34
N ASN L 402 -16.25 37.65 -55.27
CA ASN L 402 -15.32 38.76 -55.13
C ASN L 402 -14.27 38.73 -56.23
N GLN L 403 -13.71 37.56 -56.52
CA GLN L 403 -12.75 37.46 -57.61
C GLN L 403 -13.41 37.77 -58.94
N PHE L 404 -14.67 37.35 -59.11
CA PHE L 404 -15.41 37.68 -60.33
C PHE L 404 -15.59 39.19 -60.46
N ILE L 405 -15.88 39.87 -59.36
CA ILE L 405 -16.00 41.32 -59.38
C ILE L 405 -14.67 41.96 -59.75
N LYS L 406 -13.57 41.42 -59.22
CA LYS L 406 -12.25 41.95 -59.57
C LYS L 406 -11.96 41.77 -61.06
N GLY L 407 -12.38 40.66 -61.64
CA GLY L 407 -12.25 40.51 -63.08
C GLY L 407 -13.09 41.53 -63.83
N LEU L 408 -14.32 41.77 -63.35
CA LEU L 408 -15.17 42.79 -63.96
C LEU L 408 -14.48 44.15 -63.95
N ASP L 409 -13.81 44.47 -62.85
CA ASP L 409 -13.08 45.73 -62.77
C ASP L 409 -11.82 45.71 -63.62
N SER L 410 -11.22 44.54 -63.82
CA SER L 410 -9.99 44.48 -64.60
C SER L 410 -10.27 44.78 -66.07
N PHE L 411 -11.39 44.30 -66.61
CA PHE L 411 -11.77 44.70 -67.96
C PHE L 411 -12.87 45.75 -67.97
N SER L 412 -13.03 46.50 -66.89
CA SER L 412 -14.04 47.54 -66.80
C SER L 412 -13.71 48.67 -67.78
N GLY L 413 -14.50 48.76 -68.86
CA GLY L 413 -14.40 49.86 -69.78
C GLY L 413 -13.18 49.86 -70.67
N LYS L 414 -12.42 48.78 -70.70
CA LYS L 414 -11.22 48.72 -71.51
C LYS L 414 -11.50 47.88 -72.74
N PRO L 415 -11.58 48.48 -73.94
CA PRO L 415 -11.89 47.69 -75.14
C PRO L 415 -10.83 46.63 -75.42
N ARG L 416 -11.29 45.46 -75.82
CA ARG L 416 -10.40 44.34 -76.13
C ARG L 416 -9.73 44.51 -77.48
N GLY L 417 -10.42 45.09 -78.46
CA GLY L 417 -9.83 45.29 -79.77
C GLY L 417 -9.82 44.03 -80.61
N SER L 418 -8.64 43.41 -80.74
CA SER L 418 -8.50 42.17 -81.48
C SER L 418 -7.73 41.09 -80.72
N GLY L 419 -7.05 41.43 -79.64
CA GLY L 419 -6.29 40.45 -78.88
C GLY L 419 -7.09 39.86 -77.73
N PRO L 420 -6.37 39.40 -76.70
CA PRO L 420 -7.05 38.89 -75.50
C PRO L 420 -7.76 40.00 -74.75
N PRO L 421 -8.69 39.67 -73.86
CA PRO L 421 -9.36 40.71 -73.06
C PRO L 421 -8.38 41.47 -72.18
N ALA L 422 -8.91 42.53 -71.57
CA ALA L 422 -8.06 43.45 -70.80
C ALA L 422 -7.41 42.75 -69.61
N GLY L 423 -8.18 41.95 -68.88
CA GLY L 423 -7.64 41.24 -67.74
C GLY L 423 -7.31 39.80 -68.07
N PRO L 424 -7.14 38.97 -67.04
CA PRO L 424 -6.94 37.54 -67.27
C PRO L 424 -8.27 36.82 -67.47
N ALA L 425 -8.23 35.50 -67.55
CA ALA L 425 -9.45 34.72 -67.71
C ALA L 425 -10.32 34.82 -66.45
N LEU L 426 -11.63 34.76 -66.66
CA LEU L 426 -12.59 34.85 -65.57
C LEU L 426 -13.39 33.56 -65.47
N PRO L 427 -13.70 33.11 -64.26
CA PRO L 427 -14.48 31.88 -64.11
C PRO L 427 -15.95 32.07 -64.46
N ILE L 428 -16.36 31.56 -65.61
CA ILE L 428 -17.77 31.61 -66.00
C ILE L 428 -18.49 30.34 -65.59
N GLU L 429 -17.90 29.18 -65.89
CA GLU L 429 -18.56 27.92 -65.58
C GLU L 429 -18.61 27.67 -64.08
N ALA L 430 -17.57 28.08 -63.36
CA ALA L 430 -17.58 27.94 -61.90
C ALA L 430 -18.71 28.75 -61.28
N VAL L 431 -18.87 29.98 -61.76
CA VAL L 431 -19.97 30.82 -61.29
C VAL L 431 -21.31 30.23 -61.71
N ILE L 432 -21.37 29.59 -62.88
CA ILE L 432 -22.61 28.95 -63.33
C ILE L 432 -23.01 27.84 -62.37
N LEU L 433 -22.07 26.96 -62.03
CA LEU L 433 -22.39 25.86 -61.11
C LEU L 433 -22.74 26.40 -59.72
N SER L 434 -22.00 27.40 -59.25
CA SER L 434 -22.31 27.97 -57.95
C SER L 434 -23.70 28.60 -57.94
N LEU L 435 -24.05 29.28 -59.02
CA LEU L 435 -25.39 29.88 -59.13
C LEU L 435 -26.46 28.80 -59.08
N GLN L 436 -26.25 27.71 -59.84
CA GLN L 436 -27.27 26.68 -59.93
C GLN L 436 -27.47 25.96 -58.59
N ASP L 437 -26.38 25.56 -57.93
CA ASP L 437 -26.60 24.81 -56.70
C ASP L 437 -27.01 25.72 -55.54
N LEU L 438 -26.69 27.02 -55.60
CA LEU L 438 -27.26 27.93 -54.62
C LEU L 438 -28.77 28.09 -54.82
N ILE L 439 -29.21 28.19 -56.07
CA ILE L 439 -30.64 28.28 -56.34
C ILE L 439 -31.35 27.03 -55.84
N GLY L 440 -30.80 25.86 -56.16
CA GLY L 440 -31.36 24.61 -55.67
C GLY L 440 -31.32 24.50 -54.16
N TYR L 441 -30.30 25.08 -53.54
CA TYR L 441 -30.22 25.09 -52.09
C TYR L 441 -31.37 25.90 -51.50
N PHE L 442 -31.67 27.05 -52.08
CA PHE L 442 -32.75 27.89 -51.59
C PHE L 442 -34.07 27.64 -52.30
N GLU L 443 -34.23 26.49 -52.92
CA GLU L 443 -35.52 26.12 -53.50
C GLU L 443 -36.56 26.00 -52.39
N PRO L 444 -37.78 26.50 -52.60
CA PRO L 444 -38.79 26.48 -51.56
C PRO L 444 -39.23 25.06 -51.24
N PRO L 445 -39.76 24.82 -50.05
CA PRO L 445 -40.27 23.49 -49.73
C PRO L 445 -41.39 23.08 -50.66
N SER L 446 -41.43 21.79 -51.01
CA SER L 446 -42.44 21.28 -51.91
C SER L 446 -43.81 21.29 -51.23
N GLU L 447 -44.85 21.62 -52.02
CA GLU L 447 -46.16 21.84 -51.45
C GLU L 447 -46.85 20.56 -51.03
N GLU L 448 -46.58 19.44 -51.73
CA GLU L 448 -47.31 18.21 -51.42
C GLU L 448 -46.88 17.57 -50.11
N LEU L 449 -45.83 18.07 -49.47
CA LEU L 449 -45.45 17.57 -48.17
C LEU L 449 -46.54 17.86 -47.14
N GLN L 450 -46.57 17.05 -46.10
CA GLN L 450 -47.49 17.27 -45.01
C GLN L 450 -47.08 18.50 -44.21
N HIS L 451 -48.00 18.96 -43.36
CA HIS L 451 -47.81 20.23 -42.65
C HIS L 451 -46.50 20.29 -41.90
N GLU L 452 -46.21 19.28 -41.08
CA GLU L 452 -45.02 19.30 -40.25
C GLU L 452 -43.74 19.36 -41.07
N GLU L 453 -43.61 18.53 -42.11
CA GLU L 453 -42.42 18.63 -42.95
C GLU L 453 -42.28 20.02 -43.52
N LYS L 454 -43.34 20.54 -44.16
CA LYS L 454 -43.12 21.76 -44.94
C LYS L 454 -42.89 22.94 -44.01
N GLN L 455 -43.56 22.97 -42.86
CA GLN L 455 -43.31 24.03 -41.89
C GLN L 455 -41.87 23.98 -41.37
N SER L 456 -41.38 22.78 -41.02
CA SER L 456 -40.01 22.69 -40.54
C SER L 456 -39.02 23.11 -41.63
N LYS L 457 -39.30 22.72 -42.87
CA LYS L 457 -38.42 23.12 -43.98
C LYS L 457 -38.51 24.61 -44.25
N LEU L 458 -39.69 25.21 -44.06
CA LEU L 458 -39.81 26.66 -44.17
C LEU L 458 -38.97 27.35 -43.11
N ARG L 459 -38.99 26.81 -41.88
CA ARG L 459 -38.19 27.39 -40.81
C ARG L 459 -36.71 27.31 -41.14
N SER L 460 -36.25 26.14 -41.59
CA SER L 460 -34.84 25.97 -41.94
C SER L 460 -34.45 26.87 -43.10
N LEU L 461 -35.30 26.95 -44.13
CA LEU L 461 -35.03 27.82 -45.25
C LEU L 461 -34.98 29.28 -44.83
N ARG L 462 -35.88 29.68 -43.94
CA ARG L 462 -35.94 31.06 -43.49
C ARG L 462 -34.65 31.45 -42.76
N ASN L 463 -34.19 30.60 -41.85
CA ASN L 463 -32.99 30.97 -41.12
C ASN L 463 -31.75 30.87 -42.01
N ARG L 464 -31.75 29.95 -42.98
CA ARG L 464 -30.63 29.90 -43.92
C ARG L 464 -30.58 31.16 -44.78
N GLN L 465 -31.75 31.64 -45.22
CA GLN L 465 -31.81 32.91 -45.95
C GLN L 465 -31.29 34.05 -45.08
N SER L 466 -31.66 34.04 -43.79
CA SER L 466 -31.18 35.07 -42.89
C SER L 466 -29.67 35.02 -42.74
N LEU L 467 -29.11 33.81 -42.63
CA LEU L 467 -27.66 33.67 -42.50
C LEU L 467 -26.94 34.19 -43.74
N PHE L 468 -27.43 33.83 -44.92
CA PHE L 468 -26.77 34.29 -46.14
C PHE L 468 -26.96 35.78 -46.35
N GLN L 469 -28.09 36.35 -45.93
CA GLN L 469 -28.31 37.78 -46.12
C GLN L 469 -27.46 38.60 -45.16
N GLU L 470 -27.30 38.13 -43.92
CA GLU L 470 -26.60 38.91 -42.92
C GLU L 470 -25.09 38.99 -43.15
N GLU L 471 -24.55 38.26 -44.12
CA GLU L 471 -23.12 38.29 -44.39
C GLU L 471 -22.79 39.07 -45.67
N GLY L 472 -23.69 39.95 -46.10
CA GLY L 472 -23.43 40.78 -47.25
C GLY L 472 -23.49 40.08 -48.58
N MET L 473 -23.94 38.83 -48.62
CA MET L 473 -24.07 38.12 -49.88
C MET L 473 -25.11 38.77 -50.77
N LEU L 474 -26.19 39.28 -50.17
CA LEU L 474 -27.22 39.95 -50.96
C LEU L 474 -26.65 41.15 -51.70
N SER L 475 -25.95 42.02 -50.98
CA SER L 475 -25.31 43.17 -51.62
C SER L 475 -24.26 42.72 -52.63
N LEU L 476 -23.59 41.59 -52.36
CA LEU L 476 -22.60 41.08 -53.30
C LEU L 476 -23.23 40.74 -54.64
N VAL L 477 -24.33 39.99 -54.63
CA VAL L 477 -24.97 39.64 -55.89
C VAL L 477 -25.60 40.86 -56.55
N LEU L 478 -26.05 41.84 -55.74
CA LEU L 478 -26.52 43.09 -56.34
C LEU L 478 -25.40 43.82 -57.06
N ASN L 479 -24.19 43.81 -56.50
CA ASN L 479 -23.05 44.39 -57.20
C ASN L 479 -22.75 43.63 -58.48
N CYS L 480 -22.79 42.30 -58.43
CA CYS L 480 -22.57 41.50 -59.63
C CYS L 480 -23.55 41.86 -60.73
N ILE L 481 -24.83 41.99 -60.38
CA ILE L 481 -25.83 42.21 -61.41
C ILE L 481 -25.70 43.64 -61.97
N ASP L 482 -25.25 44.59 -61.14
CA ASP L 482 -24.99 45.94 -61.62
C ASP L 482 -23.87 45.96 -62.67
N ARG L 483 -22.72 45.39 -62.32
CA ARG L 483 -21.59 45.45 -63.25
C ARG L 483 -21.78 44.54 -64.44
N LEU L 484 -22.75 43.63 -64.40
CA LEU L 484 -23.13 42.94 -65.62
C LEU L 484 -24.14 43.75 -66.43
N ASN L 485 -24.92 44.61 -65.77
CA ASN L 485 -25.82 45.49 -66.49
C ASN L 485 -25.05 46.51 -67.33
N VAL L 486 -23.97 47.06 -66.76
CA VAL L 486 -23.23 48.12 -67.45
C VAL L 486 -22.68 47.69 -68.81
N TYR L 487 -22.67 46.39 -69.10
CA TYR L 487 -22.48 45.90 -70.46
C TYR L 487 -23.89 45.60 -70.98
N THR L 488 -24.40 46.49 -71.81
CA THR L 488 -25.83 46.45 -72.14
C THR L 488 -26.20 45.23 -72.97
N THR L 489 -25.30 44.72 -73.80
CA THR L 489 -25.61 43.62 -74.69
C THR L 489 -24.44 42.65 -74.71
N ALA L 490 -24.72 41.42 -75.17
CA ALA L 490 -23.66 40.44 -75.35
C ALA L 490 -22.62 40.92 -76.34
N ALA L 491 -23.02 41.77 -77.30
CA ALA L 491 -22.04 42.40 -78.18
C ALA L 491 -21.08 43.30 -77.40
N HIS L 492 -21.62 44.08 -76.46
CA HIS L 492 -20.78 44.89 -75.58
C HIS L 492 -19.85 44.01 -74.76
N PHE L 493 -20.38 42.91 -74.22
CA PHE L 493 -19.56 42.01 -73.43
C PHE L 493 -18.43 41.42 -74.26
N ALA L 494 -18.71 41.14 -75.54
CA ALA L 494 -17.66 40.67 -76.44
C ALA L 494 -16.64 41.76 -76.71
N GLU L 495 -17.09 43.00 -76.86
CA GLU L 495 -16.16 44.09 -77.16
C GLU L 495 -15.19 44.34 -76.01
N TYR L 496 -15.67 44.38 -74.78
CA TYR L 496 -14.76 44.64 -73.66
C TYR L 496 -14.17 43.36 -73.09
N ALA L 497 -15.02 42.48 -72.56
CA ALA L 497 -14.52 41.32 -71.82
C ALA L 497 -14.16 40.14 -72.71
N GLY L 498 -14.56 40.16 -73.96
CA GLY L 498 -14.20 39.05 -74.83
C GLY L 498 -15.42 38.24 -75.24
N GLU L 499 -15.34 37.68 -76.44
CA GLU L 499 -16.46 36.92 -76.98
C GLU L 499 -16.71 35.63 -76.18
N GLU L 500 -15.63 34.97 -75.75
CA GLU L 500 -15.79 33.73 -75.00
C GLU L 500 -16.52 33.96 -73.67
N ALA L 501 -16.23 35.06 -73.00
CA ALA L 501 -16.96 35.40 -71.79
C ALA L 501 -18.37 35.89 -72.10
N ALA L 502 -18.55 36.55 -73.25
CA ALA L 502 -19.88 37.00 -73.66
C ALA L 502 -20.79 35.85 -74.05
N GLU L 503 -20.24 34.66 -74.29
CA GLU L 503 -21.06 33.52 -74.65
C GLU L 503 -22.08 33.16 -73.58
N SER L 504 -21.73 33.36 -72.30
CA SER L 504 -22.57 32.93 -71.19
C SER L 504 -23.14 34.10 -70.40
N TRP L 505 -23.05 35.33 -70.92
CA TRP L 505 -23.52 36.49 -70.17
C TRP L 505 -25.02 36.42 -69.89
N LYS L 506 -25.80 36.01 -70.89
CA LYS L 506 -27.25 35.95 -70.72
C LYS L 506 -27.64 34.99 -69.61
N GLU L 507 -27.03 33.80 -69.61
CA GLU L 507 -27.33 32.82 -68.59
C GLU L 507 -26.90 33.32 -67.21
N ILE L 508 -25.72 33.91 -67.11
CA ILE L 508 -25.23 34.35 -65.81
C ILE L 508 -26.15 35.42 -65.22
N VAL L 509 -26.56 36.38 -66.05
CA VAL L 509 -27.45 37.44 -65.56
C VAL L 509 -28.79 36.86 -65.15
N ASN L 510 -29.35 35.96 -65.96
CA ASN L 510 -30.64 35.37 -65.64
C ASN L 510 -30.60 34.64 -64.30
N LEU L 511 -29.66 33.70 -64.15
CA LEU L 511 -29.55 32.97 -62.90
C LEU L 511 -29.21 33.87 -61.72
N LEU L 512 -28.55 35.01 -61.94
CA LEU L 512 -28.40 35.95 -60.84
C LEU L 512 -29.74 36.48 -60.38
N TYR L 513 -30.64 36.79 -61.32
CA TYR L 513 -31.94 37.29 -60.89
C TYR L 513 -32.74 36.23 -60.14
N GLU L 514 -32.74 34.98 -60.61
CA GLU L 514 -33.46 33.98 -59.81
C GLU L 514 -32.76 33.67 -58.50
N LEU L 515 -31.44 33.83 -58.41
CA LEU L 515 -30.78 33.70 -57.12
C LEU L 515 -31.26 34.78 -56.16
N LEU L 516 -31.36 36.02 -56.63
CA LEU L 516 -31.87 37.10 -55.80
C LEU L 516 -33.29 36.81 -55.34
N ALA L 517 -34.14 36.34 -56.27
CA ALA L 517 -35.52 36.03 -55.93
C ALA L 517 -35.58 34.91 -54.90
N SER L 518 -34.74 33.89 -55.04
CA SER L 518 -34.73 32.80 -54.07
C SER L 518 -34.30 33.28 -52.69
N LEU L 519 -33.30 34.16 -52.63
CA LEU L 519 -32.84 34.65 -51.33
C LEU L 519 -33.91 35.47 -50.63
N ILE L 520 -34.64 36.30 -51.35
CA ILE L 520 -35.61 37.17 -50.70
C ILE L 520 -37.00 36.57 -50.54
N ARG L 521 -37.34 35.54 -51.30
CA ARG L 521 -38.71 35.04 -51.28
C ARG L 521 -38.98 34.27 -50.00
N GLY L 522 -40.09 34.61 -49.34
CA GLY L 522 -40.47 33.95 -48.11
C GLY L 522 -39.91 34.57 -46.86
N ASN L 523 -38.98 35.51 -46.97
CA ASN L 523 -38.43 36.23 -45.83
C ASN L 523 -38.88 37.69 -45.90
N ARG L 524 -39.48 38.17 -44.82
CA ARG L 524 -39.94 39.56 -44.82
C ARG L 524 -38.78 40.52 -44.63
N ALA L 525 -37.78 40.15 -43.82
CA ALA L 525 -36.71 41.08 -43.48
C ALA L 525 -35.81 41.36 -44.68
N ASN L 526 -35.40 40.30 -45.40
CA ASN L 526 -34.50 40.48 -46.53
C ASN L 526 -35.14 41.33 -47.61
N CYS L 527 -36.44 41.12 -47.85
CA CYS L 527 -37.16 41.91 -48.84
C CYS L 527 -37.56 43.28 -48.32
N ALA L 528 -37.65 43.47 -46.99
CA ALA L 528 -37.89 44.80 -46.46
C ALA L 528 -36.65 45.66 -46.56
N LEU L 529 -35.48 45.02 -46.59
CA LEU L 529 -34.24 45.74 -46.87
C LEU L 529 -34.26 46.39 -48.25
N PHE L 530 -35.10 45.90 -49.16
CA PHE L 530 -35.16 46.41 -50.52
C PHE L 530 -35.92 47.72 -50.63
N SER L 531 -36.32 48.32 -49.51
CA SER L 531 -37.01 49.61 -49.55
C SER L 531 -36.11 50.69 -50.13
N THR L 532 -34.84 50.70 -49.73
CA THR L 532 -33.91 51.69 -50.27
C THR L 532 -33.57 51.43 -51.73
N ASN L 533 -33.54 50.17 -52.14
CA ASN L 533 -33.25 49.79 -53.52
C ASN L 533 -34.51 49.51 -54.32
N LEU L 534 -35.64 50.11 -53.91
CA LEU L 534 -36.88 49.92 -54.66
C LEU L 534 -36.75 50.46 -56.08
N ASP L 535 -36.18 51.66 -56.22
CA ASP L 535 -35.96 52.22 -57.56
C ASP L 535 -34.94 51.41 -58.33
N TRP L 536 -34.02 50.74 -57.62
CA TRP L 536 -32.99 49.94 -58.27
C TRP L 536 -33.61 48.80 -59.06
N VAL L 537 -34.63 48.15 -58.52
CA VAL L 537 -35.31 47.06 -59.22
C VAL L 537 -36.06 47.60 -60.43
N VAL L 538 -36.82 48.68 -60.22
CA VAL L 538 -37.71 49.19 -61.26
C VAL L 538 -36.92 49.76 -62.43
N SER L 539 -35.70 50.26 -62.17
CA SER L 539 -34.91 50.85 -63.24
C SER L 539 -34.55 49.83 -64.31
N LYS L 540 -34.19 48.62 -63.89
CA LYS L 540 -33.78 47.57 -64.81
C LYS L 540 -34.96 46.77 -65.34
N LEU L 541 -36.19 47.21 -65.04
CA LEU L 541 -37.36 46.39 -65.34
C LEU L 541 -37.59 46.28 -66.85
N ASP L 542 -37.33 47.36 -67.58
CA ASP L 542 -37.57 47.38 -69.01
C ASP L 542 -36.50 46.65 -69.82
N ARG L 543 -35.46 46.14 -69.17
CA ARG L 543 -34.38 45.49 -69.89
C ARG L 543 -34.88 44.24 -70.61
N LEU L 544 -34.30 43.98 -71.79
CA LEU L 544 -34.80 42.91 -72.64
C LEU L 544 -34.40 41.53 -72.16
N GLU L 545 -33.32 41.41 -71.41
CA GLU L 545 -32.81 40.11 -71.01
C GLU L 545 -33.34 39.76 -69.61
N ALA L 546 -33.92 38.55 -69.51
CA ALA L 546 -34.45 38.02 -68.25
C ALA L 546 -35.47 38.97 -67.62
N SER L 547 -36.31 39.56 -68.46
CA SER L 547 -37.32 40.50 -67.98
C SER L 547 -38.25 39.85 -66.96
N SER L 548 -38.62 38.59 -67.21
CA SER L 548 -39.38 37.84 -66.22
C SER L 548 -38.58 37.66 -64.93
N GLY L 549 -37.26 37.60 -65.04
CA GLY L 549 -36.43 37.55 -63.85
C GLY L 549 -36.58 38.78 -62.97
N ILE L 550 -36.39 39.98 -63.55
CA ILE L 550 -36.56 41.19 -62.73
C ILE L 550 -38.00 41.28 -62.24
N LEU L 551 -38.96 40.90 -63.09
CA LEU L 551 -40.36 41.07 -62.71
C LEU L 551 -40.74 40.16 -61.55
N GLU L 552 -40.22 38.92 -61.55
CA GLU L 552 -40.47 38.02 -60.43
C GLU L 552 -39.80 38.54 -59.16
N VAL L 553 -38.58 39.08 -59.29
CA VAL L 553 -37.92 39.67 -58.13
C VAL L 553 -38.78 40.78 -57.55
N LEU L 554 -39.30 41.64 -58.42
CA LEU L 554 -40.18 42.72 -57.98
C LEU L 554 -41.41 42.17 -57.30
N TYR L 555 -42.00 41.12 -57.87
CA TYR L 555 -43.23 40.56 -57.31
C TYR L 555 -43.01 40.08 -55.89
N CYS L 556 -41.90 39.36 -55.67
CA CYS L 556 -41.59 38.90 -54.32
C CYS L 556 -41.40 40.08 -53.38
N VAL L 557 -40.72 41.13 -53.85
CA VAL L 557 -40.50 42.31 -53.01
C VAL L 557 -41.84 42.89 -52.54
N LEU L 558 -42.76 43.11 -53.48
CA LEU L 558 -44.00 43.78 -53.12
C LEU L 558 -44.91 42.89 -52.27
N ILE L 559 -44.96 41.59 -52.55
CA ILE L 559 -45.87 40.75 -51.77
C ILE L 559 -45.35 40.59 -50.35
N GLU L 560 -44.04 40.42 -50.18
CA GLU L 560 -43.51 40.12 -48.85
C GLU L 560 -43.17 41.36 -48.04
N SER L 561 -43.13 42.55 -48.64
CA SER L 561 -42.85 43.77 -47.89
C SER L 561 -44.01 44.73 -48.01
N PRO L 562 -44.61 45.15 -46.91
CA PRO L 562 -45.69 46.16 -46.98
C PRO L 562 -45.16 47.59 -46.93
N GLU L 563 -43.87 47.79 -47.18
CA GLU L 563 -43.26 49.11 -47.13
C GLU L 563 -42.71 49.59 -48.45
N VAL L 564 -42.20 48.71 -49.31
CA VAL L 564 -41.82 49.12 -50.65
C VAL L 564 -43.04 49.66 -51.38
N LEU L 565 -44.18 48.99 -51.21
CA LEU L 565 -45.42 49.48 -51.78
C LEU L 565 -45.88 50.76 -51.11
N ASN L 566 -45.50 50.97 -49.85
CA ASN L 566 -45.79 52.26 -49.21
C ASN L 566 -45.04 53.39 -49.91
N ILE L 567 -43.79 53.13 -50.31
CA ILE L 567 -42.97 54.16 -50.95
C ILE L 567 -43.01 54.05 -52.47
N ILE L 568 -43.93 53.26 -53.03
CA ILE L 568 -44.12 53.21 -54.46
C ILE L 568 -44.62 54.55 -54.96
N GLN L 569 -44.07 55.01 -56.09
CA GLN L 569 -44.41 56.32 -56.65
C GLN L 569 -45.01 56.19 -58.04
N GLU L 570 -45.51 57.34 -58.52
CA GLU L 570 -46.22 57.38 -59.80
C GLU L 570 -45.32 56.95 -60.94
N ASN L 571 -44.07 57.41 -60.96
CA ASN L 571 -43.16 57.03 -62.03
C ASN L 571 -42.90 55.53 -62.03
N HIS L 572 -42.85 54.91 -60.84
CA HIS L 572 -42.73 53.47 -60.77
C HIS L 572 -43.91 52.78 -61.41
N ILE L 573 -45.13 53.27 -61.12
CA ILE L 573 -46.32 52.69 -61.73
C ILE L 573 -46.29 52.87 -63.25
N LYS L 574 -45.78 54.02 -63.71
CA LYS L 574 -45.62 54.20 -65.15
C LYS L 574 -44.65 53.18 -65.73
N SER L 575 -43.61 52.82 -64.98
CA SER L 575 -42.68 51.81 -65.46
C SER L 575 -43.34 50.45 -65.59
N ILE L 576 -44.20 50.08 -64.63
CA ILE L 576 -44.91 48.80 -64.75
C ILE L 576 -45.84 48.81 -65.95
N ILE L 577 -46.56 49.92 -66.15
CA ILE L 577 -47.41 50.02 -67.32
C ILE L 577 -46.58 50.04 -68.60
N SER L 578 -45.33 50.52 -68.52
CA SER L 578 -44.43 50.40 -69.65
C SER L 578 -44.13 48.94 -69.96
N LEU L 579 -43.97 48.11 -68.92
CA LEU L 579 -43.80 46.68 -69.16
C LEU L 579 -45.02 46.11 -69.88
N LEU L 580 -46.22 46.49 -69.43
CA LEU L 580 -47.43 45.99 -70.07
C LEU L 580 -47.55 46.47 -71.52
N ASP L 581 -47.06 47.68 -71.80
CA ASP L 581 -47.17 48.26 -73.14
C ASP L 581 -45.98 47.96 -74.03
N LYS L 582 -44.96 47.27 -73.52
CA LYS L 582 -43.76 46.99 -74.30
C LYS L 582 -43.49 45.51 -74.47
N HIS L 583 -43.69 44.71 -73.43
CA HIS L 583 -43.38 43.29 -73.51
C HIS L 583 -44.57 42.43 -73.91
N GLY L 584 -45.78 42.94 -73.75
CA GLY L 584 -46.96 42.23 -74.18
C GLY L 584 -47.99 42.17 -73.08
N ARG L 585 -48.98 41.31 -73.27
CA ARG L 585 -50.06 41.11 -72.31
C ARG L 585 -49.75 39.89 -71.46
N ASN L 586 -49.46 40.11 -70.18
CA ASN L 586 -49.14 39.03 -69.27
C ASN L 586 -49.97 39.16 -68.01
N HIS L 587 -50.32 38.02 -67.43
CA HIS L 587 -51.02 38.02 -66.16
C HIS L 587 -50.09 38.34 -65.00
N LYS L 588 -48.82 37.96 -65.10
CA LYS L 588 -47.91 38.20 -63.99
C LYS L 588 -47.62 39.68 -63.81
N VAL L 589 -47.68 40.46 -64.90
CA VAL L 589 -47.54 41.90 -64.76
C VAL L 589 -48.72 42.49 -64.02
N LEU L 590 -49.92 41.96 -64.27
CA LEU L 590 -51.10 42.44 -63.55
C LEU L 590 -51.02 42.08 -62.07
N ASP L 591 -50.51 40.89 -61.76
CA ASP L 591 -50.30 40.53 -60.36
C ASP L 591 -49.29 41.46 -59.71
N VAL L 592 -48.21 41.78 -60.42
CA VAL L 592 -47.22 42.72 -59.90
C VAL L 592 -47.85 44.08 -59.67
N LEU L 593 -48.67 44.53 -60.62
CA LEU L 593 -49.34 45.80 -60.49
C LEU L 593 -50.23 45.84 -59.25
N CYS L 594 -51.04 44.82 -59.06
CA CYS L 594 -52.09 45.00 -58.06
C CYS L 594 -51.69 44.34 -56.74
N SER L 595 -50.47 43.85 -56.64
CA SER L 595 -49.91 43.68 -55.30
C SER L 595 -49.86 45.01 -54.57
N LEU L 596 -49.85 46.12 -55.32
CA LEU L 596 -49.98 47.46 -54.77
C LEU L 596 -51.42 47.86 -54.46
N CYS L 597 -52.41 47.06 -54.90
CA CYS L 597 -53.80 47.35 -54.53
C CYS L 597 -53.96 47.43 -53.02
N VAL L 598 -53.51 46.40 -52.31
CA VAL L 598 -53.69 46.28 -50.87
C VAL L 598 -52.47 45.60 -50.27
N CYS L 599 -52.41 45.60 -48.94
CA CYS L 599 -51.37 44.88 -48.22
C CYS L 599 -51.90 44.51 -46.85
N ASN L 600 -51.94 43.20 -46.58
CA ASN L 600 -52.41 42.66 -45.30
C ASN L 600 -53.81 43.17 -44.96
N GLY L 601 -54.65 43.33 -45.98
CA GLY L 601 -55.97 43.84 -45.77
C GLY L 601 -56.05 45.32 -45.48
N VAL L 602 -55.06 46.10 -45.92
CA VAL L 602 -55.04 47.55 -45.74
C VAL L 602 -55.01 48.20 -47.11
N ALA L 603 -55.99 49.03 -47.40
CA ALA L 603 -56.05 49.71 -48.68
C ALA L 603 -55.00 50.81 -48.74
N VAL L 604 -54.43 50.99 -49.93
CA VAL L 604 -53.44 52.04 -50.18
C VAL L 604 -54.06 52.97 -51.21
N ARG L 605 -54.69 54.05 -50.73
CA ARG L 605 -55.43 54.94 -51.63
C ARG L 605 -54.52 55.56 -52.67
N SER L 606 -53.28 55.86 -52.30
CA SER L 606 -52.34 56.50 -53.23
C SER L 606 -52.10 55.61 -54.44
N ASN L 607 -51.70 54.35 -54.20
CA ASN L 607 -51.44 53.45 -55.31
C ASN L 607 -52.72 53.08 -56.05
N GLN L 608 -53.84 52.98 -55.34
CA GLN L 608 -55.10 52.65 -56.00
C GLN L 608 -55.50 53.74 -56.99
N ASP L 609 -55.42 55.01 -56.57
CA ASP L 609 -55.81 56.08 -57.49
C ASP L 609 -54.80 56.24 -58.61
N LEU L 610 -53.51 56.05 -58.33
CA LEU L 610 -52.51 56.18 -59.38
C LEU L 610 -52.69 55.11 -60.44
N ILE L 611 -52.90 53.86 -60.03
CA ILE L 611 -53.11 52.78 -60.99
C ILE L 611 -54.37 53.02 -61.80
N THR L 612 -55.45 53.44 -61.13
CA THR L 612 -56.69 53.72 -61.85
C THR L 612 -56.49 54.82 -62.88
N GLU L 613 -55.92 55.95 -62.47
CA GLU L 613 -55.77 57.09 -63.36
C GLU L 613 -54.79 56.83 -64.49
N ASN L 614 -53.84 55.92 -64.29
CA ASN L 614 -52.80 55.71 -65.29
C ASN L 614 -53.07 54.51 -66.18
N LEU L 615 -54.10 53.71 -65.89
CA LEU L 615 -54.47 52.62 -66.78
C LEU L 615 -55.86 52.76 -67.36
N LEU L 616 -56.85 53.09 -66.54
CA LEU L 616 -58.24 53.08 -66.94
C LEU L 616 -58.65 54.21 -67.88
N PRO L 617 -58.07 55.42 -67.81
CA PRO L 617 -58.37 56.39 -68.88
C PRO L 617 -57.62 56.12 -70.16
N GLY L 618 -56.43 55.54 -70.10
CA GLY L 618 -55.62 55.33 -71.29
C GLY L 618 -56.22 54.36 -72.27
N ARG L 619 -56.44 53.12 -71.84
CA ARG L 619 -57.14 52.09 -72.61
C ARG L 619 -56.55 51.87 -74.00
N GLU L 620 -55.33 51.35 -73.96
CA GLU L 620 -54.73 50.64 -75.09
C GLU L 620 -54.30 49.24 -74.72
N LEU L 621 -54.18 48.94 -73.42
CA LEU L 621 -53.67 47.66 -72.93
C LEU L 621 -54.79 46.71 -72.53
N LEU L 622 -55.61 47.10 -71.56
CA LEU L 622 -56.65 46.21 -71.07
C LEU L 622 -57.75 46.07 -72.11
N LEU L 623 -58.17 44.82 -72.34
CA LEU L 623 -59.28 44.56 -73.25
C LEU L 623 -60.58 45.03 -72.64
N GLN L 624 -61.49 45.50 -73.48
CA GLN L 624 -62.76 46.05 -73.02
C GLN L 624 -63.93 45.26 -73.54
N THR L 625 -64.99 45.21 -72.76
CA THR L 625 -66.11 44.33 -73.02
C THR L 625 -67.39 45.15 -73.00
N ASN L 626 -68.26 44.94 -73.99
CA ASN L 626 -69.49 45.70 -74.11
C ASN L 626 -70.64 44.75 -74.43
N LEU L 627 -71.86 45.28 -74.33
CA LEU L 627 -73.05 44.59 -74.81
C LEU L 627 -73.51 45.22 -76.11
N ILE L 628 -73.74 44.39 -77.12
CA ILE L 628 -74.28 44.81 -78.39
C ILE L 628 -75.47 43.93 -78.72
N ASN L 629 -76.08 44.18 -79.88
CA ASN L 629 -77.14 43.32 -80.38
C ASN L 629 -76.78 42.85 -81.77
N TYR L 630 -77.24 41.64 -82.10
CA TYR L 630 -76.88 41.02 -83.37
C TYR L 630 -77.50 41.75 -84.55
N VAL L 631 -76.86 41.62 -85.71
CA VAL L 631 -77.35 42.20 -86.95
C VAL L 631 -77.49 41.09 -87.98
N THR L 632 -78.32 41.36 -88.98
CA THR L 632 -78.55 40.43 -90.08
C THR L 632 -78.61 41.21 -91.38
N SER L 633 -77.96 40.68 -92.41
CA SER L 633 -77.97 41.30 -93.73
C SER L 633 -78.66 40.37 -94.72
N ILE L 634 -79.64 40.91 -95.45
CA ILE L 634 -80.45 40.15 -96.39
C ILE L 634 -80.32 40.78 -97.77
N ARG L 635 -80.21 39.93 -98.79
CA ARG L 635 -80.04 40.39 -100.15
C ARG L 635 -81.06 39.71 -101.05
N PRO L 636 -81.44 40.37 -102.14
CA PRO L 636 -82.09 39.65 -103.24
C PRO L 636 -81.06 38.90 -104.07
N ASN L 637 -81.49 37.78 -104.65
CA ASN L 637 -80.59 36.96 -105.46
C ASN L 637 -80.50 37.53 -106.88
N ILE L 638 -79.90 38.72 -106.94
CA ILE L 638 -79.75 39.49 -108.18
C ILE L 638 -78.32 40.01 -108.20
N PHE L 639 -77.47 39.35 -108.97
CA PHE L 639 -76.03 39.64 -109.00
C PHE L 639 -75.68 40.20 -110.37
N VAL L 640 -75.23 41.45 -110.41
CA VAL L 640 -74.96 42.15 -111.66
C VAL L 640 -73.60 42.83 -111.56
N GLY L 641 -72.78 42.66 -112.61
CA GLY L 641 -71.45 43.23 -112.63
C GLY L 641 -71.03 43.58 -114.04
N ARG L 642 -69.85 44.19 -114.15
CA ARG L 642 -69.31 44.66 -115.41
C ARG L 642 -67.92 44.07 -115.61
N ALA L 643 -67.66 43.62 -116.83
CA ALA L 643 -66.32 43.23 -117.25
C ALA L 643 -66.20 43.48 -118.75
N GLU L 644 -65.03 43.19 -119.30
CA GLU L 644 -64.79 43.38 -120.73
C GLU L 644 -65.68 42.42 -121.51
N GLY L 645 -66.64 42.97 -122.25
CA GLY L 645 -67.53 42.14 -123.06
C GLY L 645 -68.60 41.40 -122.28
N SER L 646 -68.95 41.86 -121.09
CA SER L 646 -69.97 41.20 -120.31
C SER L 646 -71.34 41.33 -120.98
N THR L 647 -72.21 40.37 -120.67
CA THR L 647 -73.57 40.35 -121.20
C THR L 647 -74.56 41.08 -120.31
N GLN L 648 -74.09 41.71 -119.23
CA GLN L 648 -74.97 42.36 -118.27
C GLN L 648 -75.01 43.86 -118.49
N TYR L 649 -76.12 44.47 -118.08
CA TYR L 649 -76.26 45.91 -118.11
C TYR L 649 -75.60 46.52 -116.86
N GLY L 650 -75.14 47.76 -117.00
CA GLY L 650 -74.43 48.41 -115.92
C GLY L 650 -75.31 49.10 -114.89
N LYS L 651 -76.45 49.61 -115.33
CA LYS L 651 -77.30 50.46 -114.50
C LYS L 651 -78.45 49.67 -113.91
N TRP L 652 -78.67 49.80 -112.61
CA TRP L 652 -79.77 49.15 -111.93
C TRP L 652 -80.29 50.05 -110.81
N TYR L 653 -81.50 49.75 -110.36
CA TYR L 653 -82.23 50.64 -109.46
C TYR L 653 -83.14 49.80 -108.59
N PHE L 654 -83.26 50.17 -107.31
CA PHE L 654 -84.14 49.48 -106.38
C PHE L 654 -84.54 50.43 -105.26
N GLU L 655 -85.48 49.98 -104.43
CA GLU L 655 -85.96 50.78 -103.32
C GLU L 655 -86.15 49.90 -102.10
N VAL L 656 -86.13 50.54 -100.93
CA VAL L 656 -86.55 49.93 -99.68
C VAL L 656 -87.47 50.92 -98.97
N MET L 657 -88.57 50.43 -98.42
CA MET L 657 -89.46 51.30 -97.66
C MET L 657 -89.64 50.73 -96.26
N VAL L 658 -89.48 51.59 -95.26
CA VAL L 658 -89.55 51.15 -93.88
C VAL L 658 -91.01 51.07 -93.44
N ASP L 659 -91.41 49.91 -92.92
CA ASP L 659 -92.74 49.79 -92.36
C ASP L 659 -92.76 50.32 -90.93
N GLU L 660 -91.84 49.86 -90.09
CA GLU L 660 -91.76 50.33 -88.72
C GLU L 660 -90.37 50.03 -88.17
N VAL L 661 -89.82 50.97 -87.42
CA VAL L 661 -88.58 50.78 -86.67
C VAL L 661 -88.86 51.07 -85.21
N VAL L 662 -88.12 50.41 -84.33
CA VAL L 662 -88.22 50.66 -82.90
C VAL L 662 -86.88 51.21 -82.44
N PRO L 663 -86.72 52.53 -82.38
CA PRO L 663 -85.41 53.10 -82.02
C PRO L 663 -85.04 52.77 -80.58
N PHE L 664 -83.74 52.58 -80.36
CA PHE L 664 -83.19 52.26 -79.04
C PHE L 664 -83.86 51.04 -78.43
N LEU L 665 -84.10 50.02 -79.24
CA LEU L 665 -84.62 48.77 -78.71
C LEU L 665 -83.54 48.05 -77.92
N THR L 666 -83.91 47.59 -76.72
CA THR L 666 -83.01 46.89 -75.79
C THR L 666 -81.70 47.65 -75.60
N ALA L 667 -81.83 48.95 -75.36
CA ALA L 667 -80.71 49.83 -74.98
C ALA L 667 -79.63 49.88 -76.06
N GLN L 668 -80.05 49.78 -77.33
CA GLN L 668 -79.14 50.04 -78.43
C GLN L 668 -79.96 50.40 -79.66
N ALA L 669 -79.49 51.41 -80.39
CA ALA L 669 -80.20 51.88 -81.57
C ALA L 669 -80.23 50.80 -82.64
N THR L 670 -81.36 50.69 -83.32
CA THR L 670 -81.53 49.70 -84.39
C THR L 670 -80.71 50.14 -85.58
N HIS L 671 -79.53 49.56 -85.74
CA HIS L 671 -78.69 49.86 -86.90
C HIS L 671 -79.40 49.40 -88.16
N LEU L 672 -79.43 50.26 -89.18
CA LEU L 672 -80.17 49.96 -90.41
C LEU L 672 -79.50 50.69 -91.56
N ARG L 673 -78.86 49.93 -92.44
CA ARG L 673 -78.22 50.48 -93.63
C ARG L 673 -78.66 49.69 -94.85
N VAL L 674 -78.77 50.38 -95.98
CA VAL L 674 -79.10 49.76 -97.25
C VAL L 674 -78.11 50.23 -98.29
N GLY L 675 -77.60 49.31 -99.10
CA GLY L 675 -76.65 49.66 -100.14
C GLY L 675 -76.34 48.52 -101.09
N TRP L 676 -75.12 48.51 -101.62
CA TRP L 676 -74.67 47.48 -102.55
C TRP L 676 -73.48 46.75 -101.96
N ALA L 677 -73.40 45.45 -102.25
CA ALA L 677 -72.36 44.60 -101.69
C ALA L 677 -71.88 43.61 -102.75
N LEU L 678 -70.68 43.10 -102.52
CA LEU L 678 -70.00 42.22 -103.46
C LEU L 678 -70.02 40.79 -102.91
N THR L 679 -70.34 39.83 -103.80
CA THR L 679 -70.31 38.42 -103.40
C THR L 679 -68.91 37.99 -102.99
N GLU L 680 -67.90 38.43 -103.73
CA GLU L 680 -66.52 38.00 -103.51
C GLU L 680 -65.82 39.02 -102.61
N GLY L 681 -65.87 38.77 -101.30
CA GLY L 681 -65.18 39.63 -100.36
C GLY L 681 -66.01 40.07 -99.18
N TYR L 682 -67.30 40.34 -99.39
CA TYR L 682 -68.17 40.75 -98.30
C TYR L 682 -68.82 39.53 -97.69
N SER L 683 -68.29 39.09 -96.55
CA SER L 683 -68.85 37.98 -95.79
C SER L 683 -69.26 38.51 -94.42
N PRO L 684 -70.53 38.83 -94.21
CA PRO L 684 -71.02 39.32 -92.91
C PRO L 684 -71.33 38.20 -91.94
N TYR L 685 -70.30 37.66 -91.33
CA TYR L 685 -70.47 36.56 -90.39
C TYR L 685 -71.09 37.08 -89.10
N PRO L 686 -72.19 36.49 -88.64
CA PRO L 686 -72.83 36.97 -87.41
C PRO L 686 -71.91 36.85 -86.21
N GLY L 687 -71.93 37.89 -85.37
CA GLY L 687 -71.13 37.90 -84.16
C GLY L 687 -69.72 38.37 -84.41
N GLY L 688 -69.28 39.37 -83.67
CA GLY L 688 -67.92 39.85 -83.79
C GLY L 688 -67.68 40.57 -85.10
N GLY L 689 -66.40 40.86 -85.33
CA GLY L 689 -65.97 41.53 -86.54
C GLY L 689 -65.22 42.79 -86.20
N GLU L 690 -65.13 43.68 -87.19
CA GLU L 690 -64.41 44.94 -87.02
C GLU L 690 -65.17 45.86 -86.08
N GLY L 691 -64.46 46.86 -85.56
CA GLY L 691 -65.05 47.80 -84.63
C GLY L 691 -65.55 47.09 -83.39
N TRP L 692 -66.78 47.39 -82.99
CA TRP L 692 -67.45 46.68 -81.91
C TRP L 692 -68.52 45.74 -82.46
N GLY L 693 -68.24 45.10 -83.58
CA GLY L 693 -69.20 44.15 -84.10
C GLY L 693 -70.42 44.85 -84.67
N GLY L 694 -71.48 44.07 -84.81
CA GLY L 694 -72.68 44.58 -85.47
C GLY L 694 -72.40 45.04 -86.88
N ASN L 695 -71.53 44.32 -87.58
CA ASN L 695 -71.03 44.76 -88.88
C ASN L 695 -72.16 44.72 -89.90
N GLY L 696 -72.44 45.87 -90.52
CA GLY L 696 -73.53 45.98 -91.46
C GLY L 696 -73.06 46.19 -92.88
N VAL L 697 -73.79 47.00 -93.65
CA VAL L 697 -73.41 47.25 -95.04
C VAL L 697 -72.09 48.00 -95.10
N GLY L 698 -71.98 49.10 -94.37
CA GLY L 698 -70.84 49.97 -94.56
C GLY L 698 -69.76 49.81 -93.51
N ASP L 699 -69.57 48.59 -93.02
CA ASP L 699 -68.49 48.29 -92.10
C ASP L 699 -67.33 47.58 -92.78
N ASP L 700 -67.21 47.74 -94.10
CA ASP L 700 -66.15 47.13 -94.88
C ASP L 700 -66.05 47.90 -96.19
N LEU L 701 -64.92 47.72 -96.87
CA LEU L 701 -64.72 48.37 -98.16
C LEU L 701 -65.33 47.58 -99.31
N TYR L 702 -65.90 46.41 -99.05
CA TYR L 702 -66.57 45.64 -100.08
C TYR L 702 -68.07 45.92 -100.16
N SER L 703 -68.58 46.84 -99.34
CA SER L 703 -69.98 47.24 -99.45
C SER L 703 -70.13 48.68 -98.97
N TYR L 704 -71.08 49.37 -99.58
CA TYR L 704 -71.32 50.79 -99.33
C TYR L 704 -72.81 51.00 -99.07
N GLY L 705 -73.13 51.79 -98.06
CA GLY L 705 -74.50 51.94 -97.62
C GLY L 705 -74.80 53.33 -97.14
N PHE L 706 -76.05 53.53 -96.72
CA PHE L 706 -76.54 54.84 -96.31
C PHE L 706 -77.67 54.63 -95.31
N ASP L 707 -77.43 55.00 -94.05
CA ASP L 707 -78.38 54.74 -92.97
C ASP L 707 -79.36 55.87 -92.75
N GLY L 708 -79.30 56.93 -93.55
CA GLY L 708 -80.19 58.05 -93.37
C GLY L 708 -79.44 59.35 -93.20
N LEU L 709 -78.33 59.32 -92.45
CA LEU L 709 -77.50 60.50 -92.25
C LEU L 709 -76.05 60.31 -92.66
N HIS L 710 -75.58 59.08 -92.81
CA HIS L 710 -74.20 58.81 -93.13
C HIS L 710 -74.09 57.81 -94.27
N LEU L 711 -73.03 57.95 -95.05
CA LEU L 711 -72.63 56.95 -96.04
C LEU L 711 -71.56 56.08 -95.38
N TRP L 712 -71.98 54.96 -94.81
CA TRP L 712 -71.06 54.09 -94.10
C TRP L 712 -70.14 53.37 -95.08
N THR L 713 -68.84 53.36 -94.76
CA THR L 713 -67.86 52.63 -95.52
C THR L 713 -66.60 52.47 -94.67
N GLY L 714 -66.04 51.27 -94.65
CA GLY L 714 -64.85 51.01 -93.86
C GLY L 714 -65.05 51.23 -92.37
N HIS L 715 -66.23 50.89 -91.86
CA HIS L 715 -66.59 51.06 -90.45
C HIS L 715 -66.55 52.52 -90.01
N VAL L 716 -66.71 53.45 -90.94
CA VAL L 716 -66.65 54.87 -90.65
C VAL L 716 -67.89 55.56 -91.20
N ALA L 717 -68.56 56.34 -90.36
CA ALA L 717 -69.71 57.12 -90.80
C ALA L 717 -69.26 58.41 -91.45
N ARG L 718 -70.10 58.94 -92.34
CA ARG L 718 -69.80 60.15 -93.10
C ARG L 718 -71.05 61.00 -93.20
N PRO L 719 -71.20 62.02 -92.36
CA PRO L 719 -72.41 62.83 -92.38
C PRO L 719 -72.62 63.52 -93.72
N VAL L 720 -73.88 63.60 -94.14
CA VAL L 720 -74.23 64.17 -95.43
C VAL L 720 -75.52 64.96 -95.27
N THR L 721 -75.62 66.10 -95.95
CA THR L 721 -76.81 66.93 -95.90
C THR L 721 -77.89 66.36 -96.82
N SER L 722 -79.11 66.27 -96.31
CA SER L 722 -80.27 65.84 -97.06
C SER L 722 -81.46 66.70 -96.64
N PRO L 723 -82.46 66.84 -97.51
CA PRO L 723 -83.66 67.60 -97.11
C PRO L 723 -84.35 67.04 -95.87
N GLY L 724 -84.42 65.72 -95.76
CA GLY L 724 -84.97 65.10 -94.57
C GLY L 724 -83.95 64.23 -93.87
N GLN L 725 -83.51 64.66 -92.68
CA GLN L 725 -82.50 63.93 -91.91
C GLN L 725 -83.22 63.27 -90.73
N HIS L 726 -83.74 62.07 -90.97
CA HIS L 726 -84.50 61.35 -89.97
C HIS L 726 -83.96 59.96 -89.70
N LEU L 727 -82.92 59.53 -90.41
CA LEU L 727 -82.24 58.26 -90.17
C LEU L 727 -83.20 57.07 -90.33
N LEU L 728 -83.92 57.07 -91.45
CA LEU L 728 -84.91 56.04 -91.78
C LEU L 728 -85.98 55.91 -90.68
N ALA L 729 -86.73 56.99 -90.51
CA ALA L 729 -87.95 56.95 -89.74
C ALA L 729 -88.96 56.05 -90.45
N PRO L 730 -89.96 55.51 -89.73
CA PRO L 730 -90.91 54.61 -90.39
C PRO L 730 -91.77 55.33 -91.43
N GLU L 731 -92.31 54.52 -92.34
CA GLU L 731 -93.13 55.00 -93.46
C GLU L 731 -92.36 55.96 -94.35
N ASP L 732 -91.07 55.69 -94.52
CA ASP L 732 -90.21 56.43 -95.44
C ASP L 732 -89.66 55.48 -96.49
N VAL L 733 -89.63 55.94 -97.74
CA VAL L 733 -89.15 55.14 -98.86
C VAL L 733 -87.85 55.77 -99.35
N VAL L 734 -86.80 54.94 -99.47
CA VAL L 734 -85.50 55.38 -99.93
C VAL L 734 -85.12 54.57 -101.15
N SER L 735 -84.78 55.25 -102.24
CA SER L 735 -84.32 54.63 -103.47
C SER L 735 -82.81 54.59 -103.51
N CYS L 736 -82.26 53.62 -104.23
CA CYS L 736 -80.83 53.54 -104.43
C CYS L 736 -80.56 52.98 -105.82
N CYS L 737 -79.69 53.66 -106.56
CA CYS L 737 -79.35 53.27 -107.92
C CYS L 737 -77.84 53.14 -108.06
N LEU L 738 -77.43 52.31 -109.02
CA LEU L 738 -76.03 51.98 -109.22
C LEU L 738 -75.72 51.92 -110.71
N ASP L 739 -74.55 52.43 -111.08
CA ASP L 739 -74.05 52.38 -112.45
C ASP L 739 -72.69 51.69 -112.45
N LEU L 740 -72.54 50.72 -113.33
CA LEU L 740 -71.30 49.95 -113.46
C LEU L 740 -70.44 50.39 -114.63
N SER L 741 -71.05 50.89 -115.71
CA SER L 741 -70.27 51.36 -116.85
C SER L 741 -69.35 52.51 -116.45
N VAL L 742 -69.86 53.43 -115.65
CA VAL L 742 -69.04 54.33 -114.85
C VAL L 742 -69.38 54.06 -113.39
N PRO L 743 -68.41 53.73 -112.54
CA PRO L 743 -68.71 53.38 -111.15
C PRO L 743 -69.41 54.50 -110.39
N SER L 744 -70.67 54.28 -110.03
CA SER L 744 -71.44 55.31 -109.33
C SER L 744 -72.51 54.65 -108.48
N ILE L 745 -72.68 55.16 -107.26
CA ILE L 745 -73.74 54.75 -106.36
C ILE L 745 -74.44 56.00 -105.85
N SER L 746 -75.76 56.05 -105.99
CA SER L 746 -76.54 57.20 -105.59
C SER L 746 -77.75 56.78 -104.79
N PHE L 747 -78.18 57.66 -103.89
CA PHE L 747 -79.34 57.41 -103.06
C PHE L 747 -80.32 58.57 -103.17
N ARG L 748 -81.61 58.24 -103.07
CA ARG L 748 -82.70 59.21 -103.16
C ARG L 748 -83.60 58.98 -101.96
N ILE L 749 -83.37 59.72 -100.89
CA ILE L 749 -84.16 59.57 -99.67
C ILE L 749 -85.45 60.37 -99.83
N ASN L 750 -86.59 59.67 -99.74
CA ASN L 750 -87.92 60.27 -99.91
C ASN L 750 -88.04 61.01 -101.24
N GLY L 751 -87.46 60.43 -102.28
CA GLY L 751 -87.48 61.04 -103.59
C GLY L 751 -86.39 62.07 -103.79
N CYS L 752 -86.04 62.79 -102.72
CA CYS L 752 -85.02 63.82 -102.81
C CYS L 752 -83.64 63.17 -102.77
N PRO L 753 -82.82 63.33 -103.80
CA PRO L 753 -81.49 62.71 -103.81
C PRO L 753 -80.59 63.29 -102.73
N VAL L 754 -79.71 62.44 -102.21
CA VAL L 754 -78.74 62.90 -101.23
C VAL L 754 -77.59 63.61 -101.94
N GLN L 755 -76.83 64.39 -101.18
CA GLN L 755 -75.73 65.17 -101.72
C GLN L 755 -74.44 64.39 -101.82
N GLY L 756 -74.45 63.09 -101.52
CA GLY L 756 -73.27 62.26 -101.57
C GLY L 756 -73.38 61.23 -102.68
N VAL L 757 -72.24 60.90 -103.27
CA VAL L 757 -72.14 59.91 -104.34
C VAL L 757 -70.89 59.07 -104.10
N PHE L 758 -71.02 57.76 -104.22
CA PHE L 758 -69.90 56.84 -104.13
C PHE L 758 -69.32 56.64 -105.52
N GLU L 759 -67.99 56.66 -105.61
CA GLU L 759 -67.37 56.59 -106.94
C GLU L 759 -65.94 56.08 -106.78
N ALA L 760 -65.38 55.62 -107.90
CA ALA L 760 -63.98 55.18 -108.02
C ALA L 760 -63.71 53.92 -107.22
N PHE L 761 -64.72 53.05 -107.12
CA PHE L 761 -64.58 51.76 -106.47
C PHE L 761 -64.30 50.68 -107.49
N ASN L 762 -63.60 49.64 -107.05
CA ASN L 762 -63.25 48.54 -107.95
C ASN L 762 -64.50 47.80 -108.42
N LEU L 763 -64.42 47.27 -109.63
CA LEU L 763 -65.56 46.66 -110.29
C LEU L 763 -65.50 45.14 -110.31
N ASP L 764 -64.71 44.54 -109.43
CA ASP L 764 -64.57 43.10 -109.42
C ASP L 764 -65.85 42.42 -108.96
N GLY L 765 -66.08 41.22 -109.50
CA GLY L 765 -67.18 40.38 -109.05
C GLY L 765 -68.55 40.94 -109.43
N LEU L 766 -69.54 40.58 -108.63
CA LEU L 766 -70.93 40.92 -108.89
C LEU L 766 -71.51 41.69 -107.71
N PHE L 767 -72.30 42.70 -108.01
CA PHE L 767 -72.90 43.57 -107.00
C PHE L 767 -74.37 43.22 -106.83
N PHE L 768 -74.83 43.26 -105.58
CA PHE L 768 -76.21 42.96 -105.23
C PHE L 768 -76.69 43.92 -104.17
N PRO L 769 -77.99 44.24 -104.13
CA PRO L 769 -78.50 45.07 -103.03
C PRO L 769 -78.41 44.31 -101.72
N VAL L 770 -78.22 45.06 -100.65
CA VAL L 770 -78.07 44.51 -99.31
C VAL L 770 -78.77 45.42 -98.31
N VAL L 771 -79.53 44.83 -97.40
CA VAL L 771 -80.08 45.54 -96.26
C VAL L 771 -79.54 44.90 -94.99
N SER L 772 -78.81 45.68 -94.19
CA SER L 772 -78.31 45.24 -92.90
C SER L 772 -79.14 45.89 -91.80
N PHE L 773 -79.64 45.07 -90.89
CA PHE L 773 -80.60 45.55 -89.90
C PHE L 773 -80.37 44.85 -88.58
N SER L 774 -80.61 45.60 -87.49
CA SER L 774 -80.75 45.02 -86.18
C SER L 774 -82.17 44.48 -86.02
N ALA L 775 -82.42 43.80 -84.91
CA ALA L 775 -83.74 43.23 -84.68
C ALA L 775 -84.75 44.33 -84.37
N GLY L 776 -86.02 43.94 -84.35
CA GLY L 776 -87.10 44.90 -84.14
C GLY L 776 -87.29 45.86 -85.28
N VAL L 777 -87.20 45.38 -86.52
CA VAL L 777 -87.35 46.21 -87.71
C VAL L 777 -88.27 45.51 -88.70
N LYS L 778 -88.93 46.31 -89.53
CA LYS L 778 -89.72 45.81 -90.65
C LYS L 778 -89.47 46.71 -91.85
N VAL L 779 -89.06 46.10 -92.96
CA VAL L 779 -88.81 46.81 -94.20
C VAL L 779 -89.49 46.07 -95.34
N ARG L 780 -89.50 46.70 -96.51
CA ARG L 780 -89.97 46.05 -97.73
C ARG L 780 -88.99 46.34 -98.85
N PHE L 781 -88.66 45.30 -99.61
CA PHE L 781 -87.72 45.36 -100.72
C PHE L 781 -88.53 45.59 -102.00
N LEU L 782 -88.43 46.78 -102.56
CA LEU L 782 -89.13 47.15 -103.79
C LEU L 782 -88.20 46.97 -104.97
N LEU L 783 -88.58 46.10 -105.90
CA LEU L 783 -87.79 45.81 -107.09
C LEU L 783 -88.44 46.30 -108.37
N GLY L 784 -89.65 46.84 -108.28
CA GLY L 784 -90.32 47.41 -109.44
C GLY L 784 -90.85 46.35 -110.38
N GLY L 785 -91.69 46.81 -111.30
CA GLY L 785 -92.25 45.91 -112.30
C GLY L 785 -93.15 44.87 -111.67
N ARG L 786 -92.77 43.60 -111.81
CA ARG L 786 -93.60 42.51 -111.32
C ARG L 786 -93.54 42.42 -109.80
N HIS L 787 -92.36 42.15 -109.25
CA HIS L 787 -92.22 41.95 -107.81
C HIS L 787 -92.15 43.33 -107.16
N GLY L 788 -93.29 43.81 -106.68
CA GLY L 788 -93.38 45.15 -106.14
C GLY L 788 -93.43 46.18 -107.25
N GLU L 789 -93.69 47.43 -106.85
CA GLU L 789 -93.69 48.55 -107.77
C GLU L 789 -92.92 49.71 -107.15
N PHE L 790 -92.12 50.37 -107.99
CA PHE L 790 -91.35 51.51 -107.52
C PHE L 790 -92.27 52.66 -107.13
N LYS L 791 -92.10 53.16 -105.91
CA LYS L 791 -92.80 54.38 -105.51
C LYS L 791 -92.36 55.56 -106.36
N PHE L 792 -91.07 55.64 -106.65
CA PHE L 792 -90.50 56.69 -107.48
C PHE L 792 -89.87 56.06 -108.72
N LEU L 793 -90.13 56.65 -109.87
CA LEU L 793 -89.61 56.11 -111.11
C LEU L 793 -88.09 56.28 -111.17
N PRO L 794 -87.36 55.32 -111.73
CA PRO L 794 -85.91 55.41 -111.75
C PRO L 794 -85.44 56.56 -112.63
N PRO L 795 -84.28 57.12 -112.36
CA PRO L 795 -83.70 58.12 -113.27
C PRO L 795 -83.35 57.47 -114.59
N PRO L 796 -83.29 58.25 -115.67
CA PRO L 796 -83.06 57.67 -117.00
C PRO L 796 -81.74 56.90 -117.07
N GLY L 797 -81.84 55.66 -117.52
CA GLY L 797 -80.67 54.80 -117.64
C GLY L 797 -80.73 53.59 -116.74
N TYR L 798 -81.23 53.75 -115.52
CA TYR L 798 -81.24 52.69 -114.54
C TYR L 798 -82.47 51.80 -114.72
N ALA L 799 -82.26 50.48 -114.70
CA ALA L 799 -83.29 49.49 -114.96
C ALA L 799 -83.75 48.82 -113.67
N PRO L 800 -85.00 48.38 -113.61
CA PRO L 800 -85.47 47.63 -112.44
C PRO L 800 -84.70 46.33 -112.27
N CYS L 801 -84.43 45.98 -111.01
CA CYS L 801 -83.63 44.79 -110.73
C CYS L 801 -84.42 43.49 -110.90
N HIS L 802 -85.75 43.56 -110.88
CA HIS L 802 -86.56 42.34 -110.98
C HIS L 802 -86.33 41.63 -112.31
N GLU L 803 -85.97 42.37 -113.35
CA GLU L 803 -85.73 41.78 -114.66
C GLU L 803 -84.36 41.14 -114.77
N ALA L 804 -83.49 41.29 -113.77
CA ALA L 804 -82.18 40.69 -113.80
C ALA L 804 -82.15 39.30 -113.20
N VAL L 805 -83.31 38.74 -112.83
CA VAL L 805 -83.37 37.42 -112.23
C VAL L 805 -82.99 36.38 -113.28
N LEU L 806 -82.18 35.40 -112.87
CA LEU L 806 -81.67 34.41 -113.80
C LEU L 806 -82.79 33.48 -114.28
N PRO L 807 -82.65 32.90 -115.48
CA PRO L 807 -83.75 32.11 -116.05
C PRO L 807 -84.20 30.93 -115.20
N ARG L 808 -83.28 30.19 -114.60
CA ARG L 808 -83.67 29.05 -113.77
C ARG L 808 -83.80 29.41 -112.30
N GLU L 809 -83.55 30.66 -111.93
CA GLU L 809 -83.64 31.10 -110.55
C GLU L 809 -84.92 31.90 -110.33
N ARG L 810 -85.58 31.64 -109.21
CA ARG L 810 -86.74 32.41 -108.79
C ARG L 810 -86.30 33.43 -107.74
N LEU L 811 -86.99 34.56 -107.71
CA LEU L 811 -86.62 35.65 -106.81
C LEU L 811 -86.84 35.20 -105.37
N ARG L 812 -85.75 35.06 -104.61
CA ARG L 812 -85.79 34.60 -103.24
C ARG L 812 -84.90 35.48 -102.37
N LEU L 813 -85.42 35.89 -101.22
CA LEU L 813 -84.63 36.61 -100.24
C LEU L 813 -83.93 35.61 -99.33
N GLU L 814 -82.62 35.74 -99.20
CA GLU L 814 -81.81 34.77 -98.50
C GLU L 814 -80.70 35.48 -97.73
N PRO L 815 -80.20 34.87 -96.66
CA PRO L 815 -79.02 35.42 -95.99
C PRO L 815 -77.81 35.37 -96.90
N ILE L 816 -76.93 36.36 -96.75
CA ILE L 816 -75.82 36.53 -97.68
C ILE L 816 -74.80 35.39 -97.54
N LYS L 817 -74.14 35.31 -96.39
CA LYS L 817 -73.12 34.30 -96.14
C LYS L 817 -73.52 33.56 -94.86
N GLU L 818 -74.32 32.52 -95.02
CA GLU L 818 -74.88 31.80 -93.89
C GLU L 818 -74.20 30.44 -93.72
N TYR L 819 -74.12 29.99 -92.47
CA TYR L 819 -73.61 28.67 -92.15
C TYR L 819 -74.61 27.85 -91.36
N ARG L 820 -75.85 28.31 -91.24
CA ARG L 820 -76.86 27.60 -90.48
C ARG L 820 -78.22 27.97 -91.03
N ARG L 821 -79.13 26.99 -91.04
CA ARG L 821 -80.50 27.24 -91.46
C ARG L 821 -81.42 26.35 -90.63
N GLU L 822 -82.70 26.39 -90.93
CA GLU L 822 -83.71 25.59 -90.27
C GLU L 822 -84.36 24.64 -91.27
N GLY L 823 -84.56 23.39 -90.85
CA GLY L 823 -85.23 22.41 -91.66
C GLY L 823 -86.28 21.66 -90.87
N PRO L 824 -86.63 20.45 -91.32
CA PRO L 824 -87.64 19.67 -90.60
C PRO L 824 -87.20 19.20 -89.24
N ARG L 825 -86.00 18.60 -89.16
CA ARG L 825 -85.54 18.06 -87.88
C ARG L 825 -85.10 19.16 -86.93
N GLY L 826 -84.59 20.27 -87.45
CA GLY L 826 -84.16 21.37 -86.63
C GLY L 826 -83.08 22.20 -87.28
N PRO L 827 -82.05 22.58 -86.51
CA PRO L 827 -80.93 23.33 -87.08
C PRO L 827 -80.14 22.47 -88.05
N HIS L 828 -80.00 22.97 -89.28
CA HIS L 828 -79.25 22.30 -90.33
C HIS L 828 -77.99 23.10 -90.63
N LEU L 829 -76.84 22.46 -90.52
CA LEU L 829 -75.58 23.09 -90.86
C LEU L 829 -75.39 23.05 -92.37
N VAL L 830 -75.09 24.20 -92.95
CA VAL L 830 -74.80 24.28 -94.37
C VAL L 830 -73.35 24.73 -94.55
N GLY L 831 -72.76 24.31 -95.66
CA GLY L 831 -71.40 24.66 -95.96
C GLY L 831 -71.33 25.94 -96.76
N PRO L 832 -70.30 26.06 -97.58
CA PRO L 832 -70.20 27.23 -98.47
C PRO L 832 -71.21 27.16 -99.60
N SER L 833 -71.12 28.08 -100.55
CA SER L 833 -72.03 28.10 -101.67
C SER L 833 -71.25 28.32 -102.97
N ARG L 834 -71.82 27.82 -104.06
CA ARG L 834 -71.24 28.04 -105.39
C ARG L 834 -71.69 29.41 -105.88
N CYS L 835 -70.76 30.36 -105.92
CA CYS L 835 -71.08 31.74 -106.27
C CYS L 835 -70.61 32.05 -107.69
N LEU L 836 -71.32 32.98 -108.33
CA LEU L 836 -71.02 33.39 -109.69
C LEU L 836 -70.05 34.55 -109.69
N SER L 837 -69.68 35.00 -110.89
CA SER L 837 -68.79 36.14 -111.06
C SER L 837 -69.10 36.79 -112.41
N HIS L 838 -68.19 37.64 -112.87
CA HIS L 838 -68.27 38.15 -114.23
C HIS L 838 -67.67 37.17 -115.23
N THR L 839 -66.80 36.26 -114.78
CA THR L 839 -66.16 35.33 -115.70
C THR L 839 -67.18 34.37 -116.32
N ASP L 840 -68.13 33.88 -115.53
CA ASP L 840 -69.16 33.01 -116.09
C ASP L 840 -70.32 33.79 -116.69
N PHE L 841 -70.37 35.10 -116.49
CA PHE L 841 -71.32 35.96 -117.18
C PHE L 841 -70.79 36.48 -118.51
N VAL L 842 -69.49 36.32 -118.77
CA VAL L 842 -68.93 36.66 -120.08
C VAL L 842 -68.80 35.37 -120.89
N PRO L 843 -69.12 35.40 -122.19
CA PRO L 843 -68.90 34.21 -123.03
C PRO L 843 -67.57 34.23 -123.75
N CYS L 844 -66.90 33.08 -123.84
CA CYS L 844 -65.63 32.95 -124.56
C CYS L 844 -65.74 31.75 -125.51
N PRO L 845 -66.18 31.99 -126.75
CA PRO L 845 -66.37 30.89 -127.69
C PRO L 845 -65.08 30.53 -128.41
N VAL L 846 -65.15 29.47 -129.21
CA VAL L 846 -64.04 29.01 -130.03
C VAL L 846 -64.21 29.56 -131.44
N ASP L 847 -63.15 30.16 -131.97
CA ASP L 847 -63.19 30.71 -133.32
C ASP L 847 -63.18 29.57 -134.33
N THR L 848 -64.22 29.47 -135.15
CA THR L 848 -64.33 28.42 -136.15
C THR L 848 -64.16 28.92 -137.57
N VAL L 849 -63.86 30.21 -137.77
CA VAL L 849 -63.63 30.71 -139.12
C VAL L 849 -62.21 30.47 -139.61
N GLN L 850 -61.33 29.97 -138.75
CA GLN L 850 -59.95 29.69 -139.10
C GLN L 850 -59.71 28.21 -139.39
N ILE L 851 -60.77 27.44 -139.61
CA ILE L 851 -60.67 26.00 -139.78
C ILE L 851 -60.57 25.67 -141.26
N VAL L 852 -59.57 24.84 -141.62
CA VAL L 852 -59.39 24.49 -143.03
C VAL L 852 -60.53 23.57 -143.48
N LEU L 853 -60.77 23.59 -144.80
CA LEU L 853 -61.89 22.84 -145.36
C LEU L 853 -61.37 21.60 -146.07
N PRO L 854 -61.63 20.40 -145.55
CA PRO L 854 -61.25 19.18 -146.27
C PRO L 854 -62.23 18.89 -147.38
N PRO L 855 -61.97 17.88 -148.24
CA PRO L 855 -62.99 17.48 -149.21
C PRO L 855 -64.28 16.99 -148.55
N HIS L 856 -64.19 16.44 -147.34
CA HIS L 856 -65.38 15.96 -146.66
C HIS L 856 -66.33 17.11 -146.32
N LEU L 857 -65.79 18.31 -146.15
CA LEU L 857 -66.61 19.51 -146.01
C LEU L 857 -67.65 19.57 -147.12
N GLU L 858 -67.20 19.61 -148.38
CA GLU L 858 -68.12 19.64 -149.51
C GLU L 858 -68.84 18.31 -149.70
N ARG L 859 -68.30 17.22 -149.15
CA ARG L 859 -68.98 15.93 -149.23
C ARG L 859 -70.33 15.97 -148.54
N ILE L 860 -70.39 16.50 -147.32
CA ILE L 860 -71.62 16.47 -146.54
C ILE L 860 -72.33 17.83 -146.47
N ARG L 861 -71.67 18.91 -146.92
CA ARG L 861 -72.24 20.25 -146.79
C ARG L 861 -73.57 20.39 -147.50
N GLU L 862 -73.80 19.65 -148.58
CA GLU L 862 -75.04 19.76 -149.33
C GLU L 862 -76.01 18.62 -149.08
N LYS L 863 -75.55 17.44 -148.67
CA LYS L 863 -76.50 16.40 -148.28
C LYS L 863 -77.18 16.77 -146.96
N LEU L 864 -76.43 17.38 -146.04
CA LEU L 864 -77.06 17.96 -144.85
C LEU L 864 -78.06 19.04 -145.23
N ALA L 865 -77.71 19.87 -146.21
CA ALA L 865 -78.63 20.92 -146.65
C ALA L 865 -79.89 20.33 -147.26
N GLU L 866 -79.76 19.22 -147.99
CA GLU L 866 -80.93 18.60 -148.61
C GLU L 866 -81.87 18.03 -147.55
N ASN L 867 -81.32 17.33 -146.55
CA ASN L 867 -82.16 16.90 -145.43
C ASN L 867 -82.72 18.09 -144.66
N ILE L 868 -81.98 19.20 -144.61
CA ILE L 868 -82.47 20.42 -144.00
C ILE L 868 -83.70 20.94 -144.75
N HIS L 869 -83.67 20.87 -146.08
CA HIS L 869 -84.83 21.24 -146.87
C HIS L 869 -86.00 20.30 -146.63
N GLU L 870 -85.69 19.02 -146.38
CA GLU L 870 -86.76 18.08 -146.00
C GLU L 870 -87.40 18.50 -144.69
N LEU L 871 -86.59 18.91 -143.71
CA LEU L 871 -87.17 19.43 -142.47
C LEU L 871 -87.90 20.75 -142.70
N TRP L 872 -87.48 21.53 -143.70
CA TRP L 872 -88.21 22.76 -144.02
C TRP L 872 -89.63 22.43 -144.49
N ALA L 873 -89.74 21.44 -145.38
CA ALA L 873 -91.07 20.97 -145.78
C ALA L 873 -91.83 20.42 -144.60
N LEU L 874 -91.15 19.70 -143.71
CA LEU L 874 -91.81 19.14 -142.53
C LEU L 874 -92.35 20.24 -141.62
N THR L 875 -91.57 21.32 -141.43
CA THR L 875 -92.01 22.39 -140.55
C THR L 875 -93.17 23.16 -141.14
N ARG L 876 -93.15 23.43 -142.45
CA ARG L 876 -94.29 24.15 -143.03
C ARG L 876 -95.54 23.28 -143.07
N ILE L 877 -95.37 21.96 -143.18
CA ILE L 877 -96.52 21.05 -143.08
C ILE L 877 -97.08 21.06 -141.67
N GLU L 878 -96.20 20.95 -140.67
CA GLU L 878 -96.65 20.92 -139.28
C GLU L 878 -97.29 22.23 -138.87
N GLN L 879 -96.85 23.35 -139.45
CA GLN L 879 -97.45 24.64 -139.16
C GLN L 879 -98.72 24.80 -139.98
N GLY L 880 -99.27 26.01 -140.00
CA GLY L 880 -100.45 26.31 -140.78
C GLY L 880 -100.21 26.57 -142.24
N TRP L 881 -98.96 26.45 -142.69
CA TRP L 881 -98.61 26.70 -144.08
C TRP L 881 -98.97 25.50 -144.96
N THR L 882 -98.88 25.71 -146.27
CA THR L 882 -99.26 24.70 -147.25
C THR L 882 -98.25 24.72 -148.39
N TYR L 883 -98.61 24.08 -149.50
CA TYR L 883 -97.71 23.92 -150.64
C TYR L 883 -97.88 25.05 -151.64
N GLY L 884 -96.77 25.52 -152.18
CA GLY L 884 -96.77 26.56 -153.19
C GLY L 884 -95.47 26.64 -153.96
N PRO L 885 -95.52 27.20 -155.17
CA PRO L 885 -94.28 27.37 -155.94
C PRO L 885 -93.49 28.61 -155.57
N VAL L 886 -94.16 29.65 -155.10
CA VAL L 886 -93.56 30.98 -154.98
C VAL L 886 -92.70 31.06 -153.72
N ARG L 887 -91.92 32.13 -153.61
CA ARG L 887 -90.88 32.24 -152.59
C ARG L 887 -91.37 33.05 -151.39
N ASP L 888 -92.41 32.55 -150.73
CA ASP L 888 -92.95 33.22 -149.55
C ASP L 888 -93.63 32.19 -148.66
N ASP L 889 -92.92 31.76 -147.61
CA ASP L 889 -93.49 30.77 -146.69
C ASP L 889 -94.71 31.33 -145.95
N ASN L 890 -94.72 32.64 -145.69
CA ASN L 890 -95.81 33.24 -144.94
C ASN L 890 -97.15 33.15 -145.66
N LYS L 891 -97.14 32.93 -146.97
CA LYS L 891 -98.35 32.85 -147.77
C LYS L 891 -98.62 31.43 -148.25
N ARG L 892 -98.14 30.43 -147.51
CA ARG L 892 -98.35 29.02 -147.80
C ARG L 892 -97.69 28.62 -149.13
N LEU L 893 -96.44 29.05 -149.30
CA LEU L 893 -95.68 28.80 -150.53
C LEU L 893 -94.30 28.28 -150.17
N HIS L 894 -93.77 27.41 -151.04
CA HIS L 894 -92.46 26.81 -150.89
C HIS L 894 -91.51 27.40 -151.93
N PRO L 895 -90.45 28.11 -151.52
CA PRO L 895 -89.57 28.75 -152.51
C PRO L 895 -88.87 27.79 -153.47
N CYS L 896 -88.46 26.62 -153.01
CA CYS L 896 -87.70 25.72 -153.87
C CYS L 896 -88.59 25.07 -154.93
N LEU L 897 -89.78 24.63 -154.53
CA LEU L 897 -90.79 24.00 -155.38
C LEU L 897 -90.31 22.69 -156.01
N VAL L 898 -89.14 22.19 -155.60
CA VAL L 898 -88.62 20.90 -156.03
C VAL L 898 -88.05 20.23 -154.78
N ASN L 899 -88.00 18.89 -154.80
CA ASN L 899 -87.37 18.16 -153.70
C ASN L 899 -85.94 18.63 -153.48
N PHE L 900 -85.13 18.64 -154.54
CA PHE L 900 -83.84 19.29 -154.49
C PHE L 900 -84.07 20.79 -154.61
N HIS L 901 -83.40 21.57 -153.78
CA HIS L 901 -83.64 23.01 -153.73
C HIS L 901 -83.20 23.65 -155.05
N SER L 902 -84.17 24.06 -155.86
CA SER L 902 -83.91 24.82 -157.08
C SER L 902 -83.82 26.31 -156.74
N LEU L 903 -82.91 26.60 -155.82
CA LEU L 903 -82.72 27.80 -155.02
C LEU L 903 -81.77 28.76 -155.72
N PRO L 904 -82.03 30.07 -155.67
CA PRO L 904 -81.13 31.02 -156.35
C PRO L 904 -79.89 31.31 -155.51
N GLU L 905 -79.08 32.26 -155.97
CA GLU L 905 -77.86 32.64 -155.25
C GLU L 905 -78.08 33.01 -153.78
N PRO L 906 -79.12 33.79 -153.38
CA PRO L 906 -79.29 34.10 -151.95
C PRO L 906 -79.48 32.89 -151.04
N GLU L 907 -80.53 32.11 -151.28
CA GLU L 907 -80.89 31.06 -150.33
C GLU L 907 -79.98 29.83 -150.45
N ARG L 908 -79.42 29.58 -151.64
CA ARG L 908 -78.44 28.51 -151.77
C ARG L 908 -77.22 28.78 -150.91
N ASN L 909 -76.70 30.01 -150.96
CA ASN L 909 -75.60 30.40 -150.10
C ASN L 909 -76.05 30.42 -148.64
N TYR L 910 -77.30 30.81 -148.40
CA TYR L 910 -77.88 30.81 -147.06
C TYR L 910 -77.72 29.46 -146.37
N ASN L 911 -78.12 28.38 -147.04
CA ASN L 911 -77.92 27.06 -146.45
C ASN L 911 -76.47 26.58 -146.56
N LEU L 912 -75.77 26.97 -147.63
CA LEU L 912 -74.39 26.57 -147.84
C LEU L 912 -73.51 26.97 -146.66
N GLN L 913 -73.57 28.24 -146.28
CA GLN L 913 -72.62 28.78 -145.31
C GLN L 913 -72.86 28.20 -143.91
N MET L 914 -74.12 28.01 -143.52
CA MET L 914 -74.37 27.47 -142.19
C MET L 914 -74.13 25.97 -142.10
N SER L 915 -74.40 25.20 -143.17
CA SER L 915 -73.99 23.81 -143.16
C SER L 915 -72.47 23.70 -143.04
N GLY L 916 -71.75 24.52 -143.81
CA GLY L 916 -70.31 24.55 -143.68
C GLY L 916 -69.85 24.94 -142.29
N GLU L 917 -70.50 25.96 -141.69
CA GLU L 917 -70.12 26.42 -140.37
C GLU L 917 -70.37 25.36 -139.30
N THR L 918 -71.43 24.56 -139.46
CA THR L 918 -71.62 23.43 -138.55
C THR L 918 -70.44 22.46 -138.65
N LEU L 919 -69.99 22.18 -139.87
CA LEU L 919 -68.80 21.34 -140.01
C LEU L 919 -67.55 22.02 -139.44
N LYS L 920 -67.47 23.35 -139.53
CA LYS L 920 -66.34 24.07 -138.96
C LYS L 920 -66.29 23.95 -137.45
N THR L 921 -67.45 24.09 -136.79
CA THR L 921 -67.48 23.91 -135.34
C THR L 921 -67.15 22.47 -134.95
N LEU L 922 -67.61 21.50 -135.74
CA LEU L 922 -67.23 20.11 -135.51
C LEU L 922 -65.72 19.94 -135.53
N LEU L 923 -65.08 20.41 -136.60
CA LEU L 923 -63.64 20.25 -136.75
C LEU L 923 -62.88 21.00 -135.67
N ALA L 924 -63.33 22.23 -135.34
CA ALA L 924 -62.63 23.03 -134.34
C ALA L 924 -62.71 22.39 -132.97
N LEU L 925 -63.87 21.87 -132.58
CA LEU L 925 -64.06 21.34 -131.24
C LEU L 925 -63.65 19.87 -131.11
N GLY L 926 -63.30 19.21 -132.22
CA GLY L 926 -62.68 17.90 -132.14
C GLY L 926 -63.45 16.75 -132.77
N CYS L 927 -64.67 16.98 -133.26
CA CYS L 927 -65.38 15.94 -133.98
C CYS L 927 -64.66 15.60 -135.29
N HIS L 928 -64.59 14.32 -135.61
CA HIS L 928 -63.96 13.89 -136.85
C HIS L 928 -64.85 14.22 -138.04
N VAL L 929 -64.27 14.14 -139.24
CA VAL L 929 -64.95 14.55 -140.46
C VAL L 929 -64.87 13.41 -141.47
N GLY L 930 -65.87 13.33 -142.33
CA GLY L 930 -66.02 12.28 -143.33
C GLY L 930 -67.24 11.44 -142.99
N MET L 931 -68.01 11.08 -144.02
CA MET L 931 -69.24 10.30 -143.86
C MET L 931 -69.20 9.11 -144.79
N ALA L 932 -68.59 8.01 -144.33
CA ALA L 932 -68.56 6.76 -145.09
C ALA L 932 -69.78 5.94 -144.68
N ASP L 933 -70.83 6.02 -145.50
CA ASP L 933 -72.09 5.38 -145.11
C ASP L 933 -72.03 3.86 -145.22
N GLU L 934 -71.28 3.33 -146.19
CA GLU L 934 -71.23 1.89 -146.47
C GLU L 934 -72.64 1.32 -146.67
N LYS L 935 -73.29 1.83 -147.73
CA LYS L 935 -74.66 1.50 -148.14
C LYS L 935 -75.71 1.96 -147.14
N ALA L 936 -75.35 2.81 -146.18
CA ALA L 936 -76.35 3.37 -145.28
C ALA L 936 -77.25 4.37 -146.00
N GLU L 937 -76.72 5.06 -147.01
CA GLU L 937 -77.56 5.94 -147.81
C GLU L 937 -78.60 5.14 -148.59
N ASP L 938 -78.21 3.98 -149.11
CA ASP L 938 -79.17 3.08 -149.75
C ASP L 938 -80.18 2.56 -148.73
N ASN L 939 -79.71 2.24 -147.52
CA ASN L 939 -80.61 1.81 -146.46
C ASN L 939 -81.59 2.91 -146.08
N LEU L 940 -81.19 4.17 -146.24
CA LEU L 940 -82.03 5.29 -145.85
C LEU L 940 -83.28 5.32 -146.71
N LYS L 941 -84.45 5.27 -146.06
CA LYS L 941 -85.71 5.10 -146.78
C LYS L 941 -86.00 6.27 -147.72
N LYS L 942 -85.96 7.50 -147.20
CA LYS L 942 -86.41 8.70 -147.92
C LYS L 942 -87.84 8.54 -148.41
N THR L 943 -88.70 7.99 -147.55
CA THR L 943 -90.08 7.70 -147.92
C THR L 943 -91.12 8.26 -146.96
N LYS L 944 -90.72 8.95 -145.90
CA LYS L 944 -91.66 9.51 -144.94
C LYS L 944 -92.14 10.86 -145.45
N LEU L 945 -93.06 10.80 -146.42
CA LEU L 945 -93.56 12.00 -147.10
C LEU L 945 -95.03 12.18 -146.77
N PRO L 946 -95.45 13.34 -146.25
CA PRO L 946 -96.87 13.54 -145.94
C PRO L 946 -97.77 13.54 -147.16
N LYS L 947 -97.22 13.76 -148.35
CA LYS L 947 -97.96 13.74 -149.62
C LYS L 947 -99.06 14.79 -149.67
N THR L 948 -98.95 15.84 -148.87
CA THR L 948 -99.92 16.93 -148.93
C THR L 948 -99.71 17.84 -150.13
N TYR L 949 -98.51 17.80 -150.72
CA TYR L 949 -98.22 18.63 -151.88
C TYR L 949 -99.12 18.27 -153.05
N MET L 950 -99.63 19.30 -153.72
CA MET L 950 -100.55 19.14 -154.84
C MET L 950 -99.85 19.17 -156.19
N MET L 951 -98.61 19.62 -156.25
CA MET L 951 -97.87 19.76 -157.50
C MET L 951 -96.43 19.31 -157.24
N SER L 952 -95.52 19.67 -158.14
CA SER L 952 -94.11 19.33 -158.00
C SER L 952 -93.45 20.01 -156.80
N ASN L 953 -94.12 20.98 -156.18
CA ASN L 953 -93.56 21.66 -155.03
C ASN L 953 -93.34 20.70 -153.86
N GLY L 954 -92.30 20.98 -153.09
CA GLY L 954 -91.93 20.14 -151.95
C GLY L 954 -91.53 18.74 -152.34
N TYR L 955 -92.37 17.76 -151.98
CA TYR L 955 -92.11 16.33 -152.23
C TYR L 955 -90.77 15.90 -151.63
N LYS L 956 -90.46 16.41 -150.44
CA LYS L 956 -89.24 16.05 -149.74
C LYS L 956 -89.56 15.10 -148.59
N PRO L 957 -89.21 13.83 -148.68
CA PRO L 957 -89.55 12.89 -147.61
C PRO L 957 -88.44 12.74 -146.58
N ALA L 958 -88.86 12.48 -145.35
CA ALA L 958 -87.91 12.19 -144.29
C ALA L 958 -87.32 10.79 -144.47
N PRO L 959 -86.03 10.61 -144.22
CA PRO L 959 -85.40 9.30 -144.43
C PRO L 959 -85.30 8.40 -143.20
N LEU L 960 -85.94 8.78 -142.08
CA LEU L 960 -85.92 7.99 -140.85
C LEU L 960 -84.50 7.83 -140.32
N ASP L 961 -83.81 8.96 -140.17
CA ASP L 961 -82.41 8.94 -139.72
C ASP L 961 -82.28 8.36 -138.32
N LEU L 962 -83.13 8.82 -137.38
CA LEU L 962 -83.06 8.33 -136.01
C LEU L 962 -83.44 6.86 -135.93
N SER L 963 -84.46 6.46 -136.70
CA SER L 963 -84.89 5.07 -136.67
C SER L 963 -83.81 4.14 -137.21
N HIS L 964 -83.08 4.58 -138.24
CA HIS L 964 -82.00 3.76 -138.77
C HIS L 964 -80.80 3.74 -137.85
N VAL L 965 -80.43 4.89 -137.29
CA VAL L 965 -79.30 4.99 -136.37
C VAL L 965 -79.63 5.99 -135.28
N ARG L 966 -79.50 5.57 -134.02
CA ARG L 966 -79.84 6.40 -132.87
C ARG L 966 -78.60 7.06 -132.30
N LEU L 967 -78.84 8.09 -131.49
CA LEU L 967 -77.76 8.85 -130.88
C LEU L 967 -77.18 8.12 -129.67
N THR L 968 -76.00 8.58 -129.25
CA THR L 968 -75.30 8.06 -128.10
C THR L 968 -75.04 9.19 -127.11
N PRO L 969 -74.91 8.89 -125.80
CA PRO L 969 -74.76 9.98 -124.81
C PRO L 969 -73.55 10.86 -125.05
N ALA L 970 -72.44 10.29 -125.53
CA ALA L 970 -71.30 11.13 -125.88
C ALA L 970 -71.67 12.12 -126.97
N GLN L 971 -72.40 11.66 -127.98
CA GLN L 971 -72.84 12.55 -129.06
C GLN L 971 -73.84 13.59 -128.55
N THR L 972 -74.68 13.24 -127.57
CA THR L 972 -75.61 14.23 -127.03
C THR L 972 -74.87 15.33 -126.28
N THR L 973 -73.84 14.97 -125.51
CA THR L 973 -73.03 16.02 -124.89
C THR L 973 -72.27 16.83 -125.93
N LEU L 974 -71.88 16.22 -127.05
CA LEU L 974 -71.32 16.97 -128.16
C LEU L 974 -72.33 17.98 -128.69
N VAL L 975 -73.60 17.56 -128.79
CA VAL L 975 -74.66 18.47 -129.21
C VAL L 975 -74.77 19.65 -128.24
N ASP L 976 -74.71 19.36 -126.94
CA ASP L 976 -74.84 20.42 -125.95
C ASP L 976 -73.71 21.44 -126.06
N ARG L 977 -72.46 20.98 -126.20
CA ARG L 977 -71.38 21.95 -126.30
C ARG L 977 -71.33 22.64 -127.65
N LEU L 978 -71.81 21.98 -128.71
CA LEU L 978 -71.88 22.64 -130.01
C LEU L 978 -72.91 23.78 -129.99
N ALA L 979 -74.10 23.50 -129.45
CA ALA L 979 -75.10 24.55 -129.28
C ALA L 979 -74.62 25.62 -128.32
N GLU L 980 -73.80 25.24 -127.33
CA GLU L 980 -73.18 26.22 -126.46
C GLU L 980 -72.24 27.14 -127.23
N ASN L 981 -71.45 26.57 -128.15
CA ASN L 981 -70.55 27.39 -128.94
C ASN L 981 -71.31 28.34 -129.86
N GLY L 982 -72.40 27.86 -130.46
CA GLY L 982 -73.23 28.75 -131.26
C GLY L 982 -73.87 29.85 -130.43
N HIS L 983 -74.34 29.49 -129.23
CA HIS L 983 -74.88 30.49 -128.32
C HIS L 983 -73.82 31.51 -127.94
N ASN L 984 -72.58 31.06 -127.75
CA ASN L 984 -71.53 31.96 -127.30
C ASN L 984 -71.06 32.88 -128.42
N VAL L 985 -70.99 32.39 -129.66
CA VAL L 985 -70.61 33.28 -130.75
C VAL L 985 -71.72 34.30 -131.02
N TRP L 986 -72.98 33.87 -130.93
CA TRP L 986 -74.09 34.80 -131.11
C TRP L 986 -74.09 35.85 -130.01
N ALA L 987 -73.87 35.42 -128.76
CA ALA L 987 -73.78 36.36 -127.66
C ALA L 987 -72.58 37.29 -127.83
N ARG L 988 -71.47 36.76 -128.36
CA ARG L 988 -70.29 37.58 -128.57
C ARG L 988 -70.56 38.71 -129.54
N ASP L 989 -71.21 38.41 -130.66
CA ASP L 989 -71.48 39.48 -131.62
C ASP L 989 -72.54 40.45 -131.12
N ARG L 990 -73.54 39.94 -130.39
CA ARG L 990 -74.55 40.83 -129.81
C ARG L 990 -73.91 41.78 -128.80
N VAL L 991 -72.97 41.28 -128.00
CA VAL L 991 -72.27 42.13 -127.05
C VAL L 991 -71.36 43.11 -127.77
N ALA L 992 -70.73 42.66 -128.87
CA ALA L 992 -69.83 43.54 -129.61
C ALA L 992 -70.57 44.73 -130.20
N GLN L 993 -71.76 44.49 -130.77
CA GLN L 993 -72.57 45.63 -131.20
C GLN L 993 -73.22 46.34 -130.02
N GLY L 994 -73.30 45.68 -128.86
CA GLY L 994 -73.81 46.27 -127.65
C GLY L 994 -75.22 45.84 -127.33
N TRP L 995 -75.36 44.83 -126.46
CA TRP L 995 -76.65 44.33 -126.03
C TRP L 995 -76.61 44.11 -124.53
N SER L 996 -77.79 44.02 -123.93
CA SER L 996 -77.92 43.85 -122.48
C SER L 996 -78.91 42.75 -122.16
N TYR L 997 -78.68 42.07 -121.04
CA TYR L 997 -79.57 41.02 -120.57
C TYR L 997 -80.71 41.64 -119.75
N SER L 998 -81.94 41.27 -120.09
CA SER L 998 -83.11 41.70 -119.35
C SER L 998 -84.23 40.70 -119.59
N ALA L 999 -84.99 40.39 -118.52
CA ALA L 999 -86.04 39.39 -118.62
C ALA L 999 -87.13 39.77 -119.62
N VAL L 1000 -87.31 41.05 -119.88
CA VAL L 1000 -88.20 41.52 -120.94
C VAL L 1000 -87.35 41.89 -122.15
N GLN L 1001 -87.69 41.31 -123.31
CA GLN L 1001 -86.88 41.49 -124.51
C GLN L 1001 -87.26 42.82 -125.16
N ASP L 1002 -86.55 43.88 -124.76
CA ASP L 1002 -86.76 45.21 -125.34
C ASP L 1002 -85.88 45.34 -126.56
N ILE L 1003 -86.44 45.01 -127.73
CA ILE L 1003 -85.67 45.04 -128.97
C ILE L 1003 -85.13 46.44 -129.27
N PRO L 1004 -85.90 47.53 -129.16
CA PRO L 1004 -85.29 48.86 -129.39
C PRO L 1004 -84.19 49.21 -128.39
N ALA L 1005 -84.15 48.57 -127.23
CA ALA L 1005 -83.10 48.80 -126.25
C ALA L 1005 -82.00 47.76 -126.33
N ARG L 1006 -82.06 46.85 -127.31
CA ARG L 1006 -81.11 45.74 -127.46
C ARG L 1006 -81.09 44.87 -126.21
N ARG L 1007 -82.24 44.73 -125.57
CA ARG L 1007 -82.42 43.95 -124.36
C ARG L 1007 -82.99 42.59 -124.73
N ASN L 1008 -82.44 41.53 -124.14
CA ASN L 1008 -82.89 40.18 -124.47
C ASN L 1008 -82.55 39.20 -123.36
N PRO L 1009 -83.50 38.38 -122.93
CA PRO L 1009 -83.29 37.49 -121.78
C PRO L 1009 -82.51 36.23 -122.09
N ARG L 1010 -81.94 36.09 -123.28
CA ARG L 1010 -81.27 34.86 -123.68
C ARG L 1010 -79.90 35.11 -124.30
N LEU L 1011 -79.25 36.23 -123.97
CA LEU L 1011 -77.94 36.55 -124.53
C LEU L 1011 -76.80 36.29 -123.54
N VAL L 1012 -77.12 35.90 -122.31
CA VAL L 1012 -76.09 35.52 -121.34
C VAL L 1012 -75.51 34.19 -121.80
N PRO L 1013 -74.28 33.82 -121.37
CA PRO L 1013 -73.68 32.55 -121.84
C PRO L 1013 -74.55 31.32 -121.64
N TYR L 1014 -74.27 30.28 -122.42
CA TYR L 1014 -75.18 29.14 -122.55
C TYR L 1014 -75.38 28.40 -121.22
N ARG L 1015 -74.45 28.52 -120.29
CA ARG L 1015 -74.58 27.85 -119.00
C ARG L 1015 -75.61 28.48 -118.08
N LEU L 1016 -76.40 29.46 -118.54
CA LEU L 1016 -77.37 30.13 -117.69
C LEU L 1016 -78.79 30.10 -118.20
N LEU L 1017 -79.02 29.82 -119.49
CA LEU L 1017 -80.37 29.82 -120.03
C LEU L 1017 -81.16 28.60 -119.55
N ASP L 1018 -82.47 28.79 -119.44
CA ASP L 1018 -83.37 27.76 -118.95
C ASP L 1018 -83.42 26.59 -119.95
N GLU L 1019 -84.08 25.51 -119.52
CA GLU L 1019 -84.14 24.29 -120.30
C GLU L 1019 -84.91 24.46 -121.61
N ALA L 1020 -85.79 25.46 -121.70
CA ALA L 1020 -86.53 25.68 -122.94
C ALA L 1020 -85.61 26.19 -124.04
N THR L 1021 -84.79 27.20 -123.74
CA THR L 1021 -83.85 27.72 -124.73
C THR L 1021 -82.81 26.68 -125.11
N LYS L 1022 -82.32 25.94 -124.12
CA LYS L 1022 -81.32 24.90 -124.39
C LYS L 1022 -81.88 23.84 -125.33
N ARG L 1023 -83.05 23.30 -125.01
CA ARG L 1023 -83.66 22.27 -125.85
C ARG L 1023 -84.00 22.81 -127.23
N SER L 1024 -84.53 24.03 -127.30
CA SER L 1024 -84.88 24.62 -128.58
C SER L 1024 -83.67 24.94 -129.44
N ASN L 1025 -82.50 25.10 -128.83
CA ASN L 1025 -81.29 25.34 -129.60
C ASN L 1025 -80.48 24.07 -129.87
N ARG L 1026 -80.80 22.96 -129.22
CA ARG L 1026 -80.08 21.72 -129.45
C ARG L 1026 -80.89 20.64 -130.15
N ASP L 1027 -82.22 20.77 -130.23
CA ASP L 1027 -83.02 19.71 -130.85
C ASP L 1027 -82.76 19.61 -132.36
N SER L 1028 -82.67 20.75 -133.05
CA SER L 1028 -82.33 20.72 -134.47
C SER L 1028 -80.92 20.21 -134.68
N LEU L 1029 -80.01 20.50 -133.75
CA LEU L 1029 -78.67 19.93 -133.81
C LEU L 1029 -78.70 18.42 -133.66
N CYS L 1030 -79.56 17.91 -132.76
CA CYS L 1030 -79.72 16.47 -132.63
C CYS L 1030 -80.23 15.85 -133.91
N GLN L 1031 -81.18 16.52 -134.58
CA GLN L 1031 -81.66 16.03 -135.87
C GLN L 1031 -80.54 16.02 -136.90
N ALA L 1032 -79.69 17.04 -136.89
CA ALA L 1032 -78.52 17.05 -137.78
C ALA L 1032 -77.61 15.87 -137.47
N VAL L 1033 -77.47 15.52 -136.19
CA VAL L 1033 -76.66 14.37 -135.81
C VAL L 1033 -77.30 13.08 -136.31
N ARG L 1034 -78.63 12.98 -136.28
CA ARG L 1034 -79.29 11.82 -136.87
C ARG L 1034 -78.99 11.73 -138.36
N THR L 1035 -78.97 12.89 -139.05
CA THR L 1035 -78.64 12.90 -140.47
C THR L 1035 -77.21 12.41 -140.71
N LEU L 1036 -76.27 12.83 -139.86
CA LEU L 1036 -74.89 12.34 -139.97
C LEU L 1036 -74.82 10.83 -139.75
N LEU L 1037 -75.53 10.33 -138.73
CA LEU L 1037 -75.53 8.89 -138.46
C LEU L 1037 -76.14 8.11 -139.61
N GLY L 1038 -77.21 8.63 -140.22
CA GLY L 1038 -77.75 8.02 -141.42
C GLY L 1038 -76.77 8.04 -142.57
N TYR L 1039 -75.94 9.09 -142.65
CA TYR L 1039 -74.87 9.16 -143.63
C TYR L 1039 -73.63 8.38 -143.22
N GLY L 1040 -73.68 7.69 -142.09
CA GLY L 1040 -72.55 6.88 -141.66
C GLY L 1040 -71.32 7.69 -141.31
N TYR L 1041 -71.49 8.78 -140.57
CA TYR L 1041 -70.39 9.67 -140.27
C TYR L 1041 -69.37 8.97 -139.39
N ASN L 1042 -68.09 9.22 -139.68
CA ASN L 1042 -66.98 8.71 -138.87
C ASN L 1042 -66.64 9.64 -137.72
N ILE L 1043 -67.59 10.47 -137.29
CA ILE L 1043 -67.35 11.41 -136.20
C ILE L 1043 -67.10 10.66 -134.91
N GLU L 1044 -66.04 11.05 -134.20
CA GLU L 1044 -65.68 10.45 -132.93
C GLU L 1044 -65.55 11.54 -131.89
N PRO L 1045 -66.19 11.41 -130.73
CA PRO L 1045 -66.05 12.41 -129.67
C PRO L 1045 -64.62 12.54 -129.21
N PRO L 1046 -64.15 13.76 -128.90
CA PRO L 1046 -62.81 14.06 -128.39
C PRO L 1046 -62.38 13.18 -127.22
N ASN L 1055 -50.10 29.52 -103.41
CA ASN L 1055 -50.90 28.30 -103.55
C ASN L 1055 -52.28 28.51 -102.94
N GLN L 1056 -53.32 28.05 -103.64
CA GLN L 1056 -54.69 28.19 -103.18
C GLN L 1056 -55.27 26.79 -102.98
N SER L 1057 -55.50 26.42 -101.72
CA SER L 1057 -56.05 25.12 -101.38
C SER L 1057 -57.57 25.11 -101.41
N ARG L 1058 -58.19 26.25 -101.75
CA ARG L 1058 -59.66 26.40 -101.79
C ARG L 1058 -60.27 26.09 -100.42
N TRP L 1059 -59.79 26.82 -99.41
CA TRP L 1059 -60.41 26.74 -98.09
C TRP L 1059 -61.79 27.37 -98.08
N ASP L 1060 -62.08 28.25 -99.04
CA ASP L 1060 -63.38 28.90 -99.09
C ASP L 1060 -64.50 27.92 -99.37
N ARG L 1061 -64.22 26.85 -100.11
CA ARG L 1061 -65.24 25.87 -100.48
C ARG L 1061 -65.44 24.79 -99.43
N VAL L 1062 -64.68 24.81 -98.34
CA VAL L 1062 -64.79 23.79 -97.31
C VAL L 1062 -65.04 24.47 -95.97
N ARG L 1063 -65.82 23.81 -95.12
CA ARG L 1063 -66.13 24.32 -93.79
C ARG L 1063 -66.09 23.17 -92.80
N ILE L 1064 -65.35 23.35 -91.72
CA ILE L 1064 -65.19 22.34 -90.68
C ILE L 1064 -66.02 22.78 -89.48
N PHE L 1065 -66.83 21.85 -88.96
CA PHE L 1065 -67.66 22.09 -87.79
C PHE L 1065 -67.28 21.07 -86.73
N ARG L 1066 -66.91 21.55 -85.55
CA ARG L 1066 -66.43 20.68 -84.49
C ARG L 1066 -67.05 21.10 -83.16
N ALA L 1067 -67.39 20.12 -82.33
CA ALA L 1067 -67.89 20.44 -81.00
C ALA L 1067 -66.81 21.12 -80.15
N GLU L 1068 -67.24 21.94 -79.19
CA GLU L 1068 -66.31 22.73 -78.41
C GLU L 1068 -65.36 21.84 -77.62
N LYS L 1069 -64.11 22.30 -77.48
CA LYS L 1069 -63.05 21.52 -76.84
C LYS L 1069 -63.30 21.25 -75.37
N SER L 1070 -64.33 21.83 -74.76
CA SER L 1070 -64.67 21.47 -73.40
C SER L 1070 -65.47 20.18 -73.32
N TYR L 1071 -65.90 19.63 -74.45
CA TYR L 1071 -66.69 18.42 -74.49
C TYR L 1071 -65.89 17.20 -74.94
N THR L 1072 -64.57 17.28 -74.87
CA THR L 1072 -63.74 16.15 -75.30
C THR L 1072 -64.00 14.94 -74.41
N VAL L 1073 -63.90 13.76 -75.01
CA VAL L 1073 -64.06 12.51 -74.30
C VAL L 1073 -62.78 11.71 -74.47
N GLN L 1074 -62.24 11.21 -73.35
CA GLN L 1074 -61.09 10.33 -73.38
C GLN L 1074 -61.43 8.94 -72.88
N SER L 1075 -62.68 8.70 -72.50
CA SER L 1075 -63.12 7.38 -72.06
C SER L 1075 -64.61 7.26 -72.32
N GLY L 1076 -65.06 6.03 -72.56
CA GLY L 1076 -66.45 5.75 -72.81
C GLY L 1076 -66.70 5.40 -74.28
N ARG L 1077 -67.97 5.12 -74.56
CA ARG L 1077 -68.42 4.71 -75.88
C ARG L 1077 -69.54 5.65 -76.31
N TRP L 1078 -69.32 6.38 -77.41
CA TRP L 1078 -70.21 7.47 -77.79
C TRP L 1078 -70.71 7.27 -79.21
N TYR L 1079 -71.73 8.06 -79.56
CA TYR L 1079 -72.50 7.89 -80.78
C TYR L 1079 -73.14 9.22 -81.15
N PHE L 1080 -72.90 9.70 -82.36
CA PHE L 1080 -73.50 10.94 -82.84
C PHE L 1080 -73.85 10.80 -84.31
N GLU L 1081 -75.06 11.22 -84.67
CA GLU L 1081 -75.55 11.04 -86.02
C GLU L 1081 -75.26 12.23 -86.91
N PHE L 1082 -75.09 11.95 -88.20
CA PHE L 1082 -75.00 12.98 -89.22
C PHE L 1082 -76.02 12.63 -90.30
N GLU L 1083 -77.02 13.49 -90.46
CA GLU L 1083 -78.06 13.29 -91.46
C GLU L 1083 -77.67 14.04 -92.73
N ALA L 1084 -77.90 13.40 -93.87
CA ALA L 1084 -77.56 13.97 -95.17
C ALA L 1084 -78.80 14.55 -95.82
N VAL L 1085 -78.74 15.82 -96.21
CA VAL L 1085 -79.81 16.43 -96.98
C VAL L 1085 -79.47 16.45 -98.47
N THR L 1086 -78.25 16.84 -98.80
CA THR L 1086 -77.73 16.78 -100.16
C THR L 1086 -76.64 15.73 -100.22
N THR L 1087 -76.25 15.40 -101.45
CA THR L 1087 -75.19 14.42 -101.70
C THR L 1087 -73.99 15.16 -102.28
N GLY L 1088 -72.96 15.31 -101.47
CA GLY L 1088 -71.75 15.97 -101.91
C GLY L 1088 -70.58 15.47 -101.10
N GLU L 1089 -69.51 16.27 -101.07
CA GLU L 1089 -68.31 15.94 -100.31
C GLU L 1089 -68.58 16.22 -98.83
N MET L 1090 -69.24 15.28 -98.18
CA MET L 1090 -69.56 15.39 -96.76
C MET L 1090 -68.73 14.36 -96.00
N ARG L 1091 -67.94 14.85 -95.06
CA ARG L 1091 -67.07 14.04 -94.22
C ARG L 1091 -67.57 14.11 -92.79
N VAL L 1092 -67.47 13.00 -92.06
CA VAL L 1092 -67.98 12.96 -90.70
C VAL L 1092 -67.10 12.00 -89.89
N GLY L 1093 -66.89 12.33 -88.62
CA GLY L 1093 -66.10 11.44 -87.79
C GLY L 1093 -65.66 12.13 -86.51
N TRP L 1094 -64.55 11.64 -85.98
CA TRP L 1094 -64.00 12.13 -84.72
C TRP L 1094 -62.60 12.69 -84.96
N ALA L 1095 -62.33 13.84 -84.37
CA ALA L 1095 -61.06 14.53 -84.59
C ALA L 1095 -60.43 14.91 -83.25
N ARG L 1096 -59.10 14.93 -83.24
CA ARG L 1096 -58.39 15.44 -82.09
C ARG L 1096 -58.67 16.93 -81.94
N PRO L 1097 -58.75 17.43 -80.71
CA PRO L 1097 -59.20 18.82 -80.50
C PRO L 1097 -58.27 19.85 -81.08
N GLU L 1098 -57.03 19.51 -81.38
CA GLU L 1098 -56.04 20.46 -81.86
C GLU L 1098 -55.86 20.38 -83.37
N LEU L 1099 -56.92 20.01 -84.09
CA LEU L 1099 -56.84 19.87 -85.54
C LEU L 1099 -56.63 21.23 -86.19
N ARG L 1100 -55.86 21.24 -87.27
CA ARG L 1100 -55.53 22.49 -87.93
C ARG L 1100 -56.66 22.90 -88.87
N PRO L 1101 -57.14 24.13 -88.80
CA PRO L 1101 -58.30 24.52 -89.62
C PRO L 1101 -57.98 24.65 -91.10
N ASP L 1102 -56.75 24.99 -91.46
CA ASP L 1102 -56.43 25.20 -92.87
C ASP L 1102 -56.47 23.88 -93.65
N VAL L 1103 -55.83 22.85 -93.11
CA VAL L 1103 -55.75 21.57 -93.81
C VAL L 1103 -57.05 20.80 -93.62
N GLU L 1104 -57.47 20.10 -94.67
CA GLU L 1104 -58.75 19.41 -94.67
C GLU L 1104 -58.72 18.18 -93.78
N LEU L 1105 -59.90 17.64 -93.51
CA LEU L 1105 -60.02 16.46 -92.65
C LEU L 1105 -59.44 15.23 -93.34
N GLY L 1106 -58.84 14.35 -92.54
CA GLY L 1106 -58.25 13.13 -93.02
C GLY L 1106 -56.82 13.28 -93.51
N ALA L 1107 -56.48 14.42 -94.10
CA ALA L 1107 -55.10 14.64 -94.54
C ALA L 1107 -54.15 14.64 -93.35
N ASP L 1108 -54.58 15.21 -92.24
CA ASP L 1108 -53.79 15.21 -91.02
C ASP L 1108 -54.04 13.95 -90.21
N GLU L 1109 -53.09 13.62 -89.34
CA GLU L 1109 -53.28 12.49 -88.44
C GLU L 1109 -54.21 12.82 -87.28
N LEU L 1110 -54.62 14.09 -87.14
CA LEU L 1110 -55.51 14.50 -86.07
C LEU L 1110 -56.98 14.38 -86.44
N ALA L 1111 -57.31 13.58 -87.45
CA ALA L 1111 -58.71 13.46 -87.90
C ALA L 1111 -58.96 12.04 -88.36
N TYR L 1112 -59.77 11.31 -87.60
CA TYR L 1112 -60.32 10.03 -88.03
C TYR L 1112 -61.68 10.32 -88.62
N VAL L 1113 -61.73 10.56 -89.93
CA VAL L 1113 -62.95 11.03 -90.58
C VAL L 1113 -63.26 10.06 -91.71
N PHE L 1114 -64.51 10.06 -92.15
CA PHE L 1114 -64.96 9.22 -93.24
C PHE L 1114 -65.75 10.07 -94.21
N ASN L 1115 -65.35 10.07 -95.48
CA ASN L 1115 -66.01 10.83 -96.53
C ASN L 1115 -67.07 9.94 -97.16
N GLY L 1116 -68.34 10.29 -96.96
CA GLY L 1116 -69.42 9.49 -97.47
C GLY L 1116 -69.82 9.76 -98.90
N HIS L 1117 -69.16 10.69 -99.57
CA HIS L 1117 -69.43 10.92 -100.99
C HIS L 1117 -69.10 9.68 -101.81
N ARG L 1118 -67.99 9.02 -101.48
CA ARG L 1118 -67.61 7.75 -102.09
C ARG L 1118 -67.46 6.64 -101.06
N GLY L 1119 -67.78 6.90 -99.79
CA GLY L 1119 -67.69 5.92 -98.75
C GLY L 1119 -66.30 5.76 -98.13
N GLN L 1120 -65.32 6.49 -98.62
CA GLN L 1120 -63.93 6.19 -98.28
C GLN L 1120 -63.53 6.83 -96.96
N ARG L 1121 -62.84 6.05 -96.13
CA ARG L 1121 -62.37 6.56 -94.85
C ARG L 1121 -61.04 7.28 -95.01
N TRP L 1122 -60.65 8.00 -93.96
CA TRP L 1122 -59.52 8.91 -94.01
C TRP L 1122 -58.92 9.02 -92.62
N HIS L 1123 -57.73 8.46 -92.43
CA HIS L 1123 -56.94 8.73 -91.23
C HIS L 1123 -55.66 9.48 -91.58
N LEU L 1124 -54.85 8.94 -92.47
CA LEU L 1124 -53.71 9.65 -93.01
C LEU L 1124 -53.76 9.74 -94.52
N GLY L 1125 -54.82 9.25 -95.14
CA GLY L 1125 -54.97 9.31 -96.58
C GLY L 1125 -56.28 8.67 -96.96
N SER L 1126 -56.53 8.64 -98.27
CA SER L 1126 -57.74 8.02 -98.78
C SER L 1126 -57.68 6.51 -98.62
N GLU L 1127 -58.78 5.91 -98.17
CA GLU L 1127 -58.86 4.47 -98.05
C GLU L 1127 -60.25 3.99 -98.45
N PRO L 1128 -60.35 3.17 -99.51
CA PRO L 1128 -61.67 2.67 -99.91
C PRO L 1128 -62.33 1.88 -98.79
N PHE L 1129 -63.62 2.12 -98.62
CA PHE L 1129 -64.38 1.55 -97.51
C PHE L 1129 -65.85 1.81 -97.79
N GLY L 1130 -66.70 0.97 -97.21
CA GLY L 1130 -68.14 1.16 -97.21
C GLY L 1130 -68.73 1.35 -98.59
N ARG L 1131 -69.80 2.13 -98.66
CA ARG L 1131 -70.45 2.47 -99.91
C ARG L 1131 -70.79 3.95 -99.91
N PRO L 1132 -70.83 4.58 -101.09
CA PRO L 1132 -71.34 5.95 -101.17
C PRO L 1132 -72.79 6.00 -100.74
N TRP L 1133 -73.17 7.14 -100.17
CA TRP L 1133 -74.52 7.31 -99.65
C TRP L 1133 -75.35 8.18 -100.59
N GLN L 1134 -76.59 8.44 -100.17
CA GLN L 1134 -77.53 9.26 -100.92
C GLN L 1134 -78.18 10.26 -99.96
N SER L 1135 -79.06 11.09 -100.51
CA SER L 1135 -79.82 12.00 -99.68
C SER L 1135 -80.77 11.23 -98.77
N GLY L 1136 -80.92 11.72 -97.53
CA GLY L 1136 -81.75 11.07 -96.55
C GLY L 1136 -81.05 10.03 -95.71
N ASP L 1137 -79.78 9.72 -95.99
CA ASP L 1137 -79.06 8.73 -95.22
C ASP L 1137 -78.47 9.35 -93.95
N VAL L 1138 -78.52 8.59 -92.86
CA VAL L 1138 -77.94 9.00 -91.59
C VAL L 1138 -76.77 8.08 -91.28
N VAL L 1139 -75.67 8.67 -90.82
CA VAL L 1139 -74.47 7.91 -90.46
C VAL L 1139 -74.23 8.03 -88.97
N GLY L 1140 -74.00 6.88 -88.32
CA GLY L 1140 -74.04 6.77 -86.87
C GLY L 1140 -72.78 7.10 -86.12
N CYS L 1141 -71.62 6.72 -86.65
CA CYS L 1141 -70.31 7.17 -86.17
C CYS L 1141 -70.10 6.85 -84.68
N MET L 1142 -70.18 5.58 -84.33
CA MET L 1142 -69.89 5.22 -82.95
C MET L 1142 -68.38 5.14 -82.75
N ILE L 1143 -67.92 5.52 -81.56
CA ILE L 1143 -66.53 5.39 -81.17
C ILE L 1143 -66.49 4.74 -79.80
N ASP L 1144 -65.51 3.86 -79.60
CA ASP L 1144 -65.28 3.26 -78.28
C ASP L 1144 -63.80 3.36 -77.95
N LEU L 1145 -63.50 4.09 -76.89
CA LEU L 1145 -62.12 4.30 -76.44
C LEU L 1145 -61.64 3.16 -75.54
N THR L 1146 -62.52 2.27 -75.14
CA THR L 1146 -62.09 1.07 -74.43
C THR L 1146 -61.42 0.08 -75.38
N GLU L 1147 -61.98 -0.09 -76.58
CA GLU L 1147 -61.40 -0.93 -77.61
C GLU L 1147 -60.62 -0.16 -78.65
N ASN L 1148 -60.52 1.17 -78.50
CA ASN L 1148 -59.69 2.02 -79.35
C ASN L 1148 -60.10 1.93 -80.82
N THR L 1149 -61.40 1.94 -81.10
CA THR L 1149 -61.86 1.83 -82.48
C THR L 1149 -63.02 2.78 -82.74
N ILE L 1150 -63.29 2.97 -84.04
CA ILE L 1150 -64.43 3.74 -84.52
C ILE L 1150 -65.14 2.92 -85.58
N ILE L 1151 -66.46 2.83 -85.47
CA ILE L 1151 -67.28 2.03 -86.37
C ILE L 1151 -68.40 2.91 -86.91
N PHE L 1152 -68.55 2.92 -88.23
CA PHE L 1152 -69.57 3.73 -88.89
C PHE L 1152 -70.75 2.87 -89.33
N THR L 1153 -71.96 3.38 -89.14
CA THR L 1153 -73.17 2.75 -89.64
C THR L 1153 -73.85 3.68 -90.61
N LEU L 1154 -74.39 3.12 -91.69
CA LEU L 1154 -75.14 3.87 -92.70
C LEU L 1154 -76.56 3.35 -92.70
N ASN L 1155 -77.51 4.19 -92.29
CA ASN L 1155 -78.92 3.83 -92.20
C ASN L 1155 -79.13 2.61 -91.30
N GLY L 1156 -78.41 2.56 -90.19
CA GLY L 1156 -78.58 1.50 -89.23
C GLY L 1156 -77.87 0.21 -89.56
N GLU L 1157 -77.15 0.15 -90.68
CA GLU L 1157 -76.41 -1.05 -91.07
C GLU L 1157 -74.92 -0.72 -91.07
N VAL L 1158 -74.14 -1.59 -90.44
CA VAL L 1158 -72.71 -1.35 -90.27
C VAL L 1158 -72.03 -1.33 -91.63
N LEU L 1159 -71.36 -0.23 -91.95
CA LEU L 1159 -70.57 -0.18 -93.17
C LEU L 1159 -69.40 -1.15 -93.08
N MET L 1160 -69.07 -1.76 -94.21
CA MET L 1160 -68.09 -2.84 -94.27
C MET L 1160 -66.89 -2.41 -95.10
N SER L 1161 -65.70 -2.73 -94.62
CA SER L 1161 -64.49 -2.39 -95.35
C SER L 1161 -64.25 -3.39 -96.47
N ASP L 1162 -63.23 -3.10 -97.28
CA ASP L 1162 -62.88 -3.98 -98.39
C ASP L 1162 -62.39 -5.33 -97.87
N SER L 1163 -61.64 -5.33 -96.77
CA SER L 1163 -61.14 -6.56 -96.17
C SER L 1163 -62.20 -7.28 -95.35
N GLY L 1164 -63.35 -6.66 -95.12
CA GLY L 1164 -64.39 -7.28 -94.33
C GLY L 1164 -64.34 -6.97 -92.85
N SER L 1165 -63.59 -5.96 -92.44
CA SER L 1165 -63.47 -5.60 -91.03
C SER L 1165 -64.57 -4.61 -90.65
N GLU L 1166 -65.19 -4.84 -89.49
CA GLU L 1166 -66.26 -3.98 -89.05
C GLU L 1166 -65.75 -2.60 -88.67
N THR L 1167 -64.68 -2.54 -87.88
CA THR L 1167 -64.13 -1.26 -87.43
C THR L 1167 -63.35 -0.61 -88.57
N ALA L 1168 -63.61 0.69 -88.78
CA ALA L 1168 -62.88 1.40 -89.82
C ALA L 1168 -61.45 1.68 -89.41
N PHE L 1169 -61.24 2.08 -88.16
CA PHE L 1169 -59.91 2.41 -87.65
C PHE L 1169 -59.66 1.63 -86.37
N ARG L 1170 -58.41 1.22 -86.18
CA ARG L 1170 -57.99 0.48 -84.99
C ARG L 1170 -56.71 1.07 -84.44
N GLU L 1171 -56.30 0.55 -83.28
CA GLU L 1171 -55.04 0.91 -82.64
C GLU L 1171 -54.93 2.41 -82.41
N ILE L 1172 -56.01 3.01 -81.93
CA ILE L 1172 -56.06 4.44 -81.66
C ILE L 1172 -55.56 4.67 -80.24
N GLU L 1173 -54.50 5.48 -80.11
CA GLU L 1173 -54.00 5.84 -78.80
C GLU L 1173 -54.99 6.76 -78.10
N ILE L 1174 -54.85 6.86 -76.77
CA ILE L 1174 -55.81 7.61 -75.97
C ILE L 1174 -55.76 9.09 -76.33
N GLY L 1175 -54.59 9.61 -76.70
CA GLY L 1175 -54.36 10.98 -77.11
C GLY L 1175 -54.88 11.98 -76.10
N ASP L 1176 -55.24 13.16 -76.60
CA ASP L 1176 -55.86 14.19 -75.78
C ASP L 1176 -57.38 14.04 -75.70
N GLY L 1177 -57.96 13.14 -76.49
CA GLY L 1177 -59.39 13.00 -76.59
C GLY L 1177 -59.85 13.16 -78.02
N PHE L 1178 -61.16 13.05 -78.21
CA PHE L 1178 -61.73 13.16 -79.53
C PHE L 1178 -63.05 13.89 -79.48
N LEU L 1179 -63.36 14.58 -80.57
CA LEU L 1179 -64.51 15.48 -80.67
C LEU L 1179 -65.28 15.18 -81.94
N PRO L 1180 -66.60 15.31 -81.89
CA PRO L 1180 -67.39 15.18 -83.12
C PRO L 1180 -67.04 16.27 -84.11
N VAL L 1181 -66.77 15.86 -85.35
CA VAL L 1181 -66.34 16.78 -86.40
C VAL L 1181 -67.01 16.38 -87.71
N CYS L 1182 -67.26 17.39 -88.55
CA CYS L 1182 -67.84 17.16 -89.87
C CYS L 1182 -67.37 18.25 -90.81
N SER L 1183 -67.08 17.86 -92.06
CA SER L 1183 -66.64 18.77 -93.09
C SER L 1183 -67.68 18.79 -94.20
N LEU L 1184 -68.08 19.98 -94.62
CA LEU L 1184 -69.10 20.16 -95.65
C LEU L 1184 -68.46 20.78 -96.89
N GLY L 1185 -68.70 20.16 -98.04
CA GLY L 1185 -68.26 20.73 -99.29
C GLY L 1185 -69.18 21.84 -99.76
N PRO L 1186 -68.86 22.40 -100.92
CA PRO L 1186 -69.63 23.55 -101.42
C PRO L 1186 -71.05 23.15 -101.76
N GLY L 1187 -72.01 23.86 -101.16
CA GLY L 1187 -73.41 23.59 -101.40
C GLY L 1187 -73.88 22.26 -100.85
N GLN L 1188 -73.50 21.97 -99.60
CA GLN L 1188 -73.92 20.74 -98.93
C GLN L 1188 -74.68 21.08 -97.66
N VAL L 1189 -75.71 20.31 -97.36
CA VAL L 1189 -76.55 20.52 -96.19
C VAL L 1189 -76.59 19.25 -95.37
N GLY L 1190 -76.29 19.37 -94.08
CA GLY L 1190 -76.33 18.23 -93.19
C GLY L 1190 -76.97 18.61 -91.86
N HIS L 1191 -77.25 17.58 -91.07
CA HIS L 1191 -77.85 17.75 -89.75
C HIS L 1191 -76.98 16.98 -88.76
N LEU L 1192 -76.15 17.69 -88.00
CA LEU L 1192 -75.23 17.07 -87.05
C LEU L 1192 -75.97 16.90 -85.73
N ASN L 1193 -76.67 15.78 -85.60
CA ASN L 1193 -77.43 15.49 -84.39
C ASN L 1193 -76.50 14.79 -83.41
N LEU L 1194 -75.97 15.55 -82.46
CA LEU L 1194 -75.04 14.96 -81.49
C LEU L 1194 -75.74 13.93 -80.61
N GLY L 1195 -77.04 14.08 -80.38
CA GLY L 1195 -77.76 13.11 -79.58
C GLY L 1195 -78.32 13.72 -78.32
N GLN L 1196 -78.64 15.02 -78.38
CA GLN L 1196 -79.21 15.69 -77.21
C GLN L 1196 -80.56 15.08 -76.84
N ASP L 1197 -81.38 14.77 -77.83
CA ASP L 1197 -82.70 14.19 -77.60
C ASP L 1197 -82.78 12.83 -78.29
N VAL L 1198 -83.17 11.82 -77.51
CA VAL L 1198 -83.15 10.45 -77.99
C VAL L 1198 -84.22 10.21 -79.05
N SER L 1199 -85.41 10.79 -78.85
CA SER L 1199 -86.49 10.61 -79.82
C SER L 1199 -86.12 11.22 -81.16
N SER L 1200 -85.43 12.37 -81.14
CA SER L 1200 -84.90 12.93 -82.38
C SER L 1200 -83.78 12.08 -82.93
N LEU L 1201 -83.03 11.41 -82.06
CA LEU L 1201 -81.94 10.53 -82.51
C LEU L 1201 -82.49 9.25 -83.11
N ARG L 1202 -82.65 9.23 -84.43
CA ARG L 1202 -83.15 8.06 -85.13
C ARG L 1202 -82.07 6.99 -85.23
N PHE L 1203 -82.52 5.75 -85.40
CA PHE L 1203 -81.68 4.59 -85.68
C PHE L 1203 -80.69 4.25 -84.57
N PHE L 1204 -80.76 4.97 -83.44
CA PHE L 1204 -79.89 4.66 -82.31
C PHE L 1204 -80.22 3.28 -81.74
N ALA L 1205 -81.51 2.97 -81.64
CA ALA L 1205 -81.92 1.63 -81.23
C ALA L 1205 -81.52 0.60 -82.27
N ILE L 1206 -81.51 0.99 -83.55
CA ILE L 1206 -81.06 0.08 -84.59
C ILE L 1206 -79.60 -0.29 -84.41
N CYS L 1207 -78.77 0.70 -84.07
CA CYS L 1207 -77.36 0.42 -83.81
C CYS L 1207 -76.87 1.39 -82.72
N GLY L 1208 -76.82 0.89 -81.49
CA GLY L 1208 -76.16 1.61 -80.41
C GLY L 1208 -76.83 1.49 -79.05
N LEU L 1209 -78.14 1.24 -79.03
CA LEU L 1209 -78.85 1.15 -77.75
C LEU L 1209 -78.42 -0.09 -76.98
N GLN L 1210 -78.41 -1.24 -77.63
CA GLN L 1210 -77.99 -2.47 -76.99
C GLN L 1210 -76.51 -2.76 -77.16
N GLU L 1211 -75.82 -1.99 -77.99
CA GLU L 1211 -74.38 -2.16 -78.16
C GLU L 1211 -73.58 -1.45 -77.08
N GLY L 1212 -74.25 -0.75 -76.16
CA GLY L 1212 -73.59 -0.07 -75.08
C GLY L 1212 -73.08 1.31 -75.39
N PHE L 1213 -73.23 1.77 -76.63
CA PHE L 1213 -72.81 3.13 -76.97
C PHE L 1213 -73.83 4.13 -76.44
N GLU L 1214 -73.36 5.36 -76.26
CA GLU L 1214 -74.19 6.36 -75.61
C GLU L 1214 -74.30 7.58 -76.51
N PRO L 1215 -75.45 8.26 -76.53
CA PRO L 1215 -75.55 9.47 -77.34
C PRO L 1215 -74.62 10.54 -76.81
N PHE L 1216 -73.74 11.03 -77.70
CA PHE L 1216 -72.80 12.07 -77.32
C PHE L 1216 -73.55 13.29 -76.84
N ALA L 1217 -73.23 13.73 -75.62
CA ALA L 1217 -73.81 14.92 -75.02
C ALA L 1217 -75.34 14.82 -74.96
N ILE L 1218 -75.81 13.86 -74.17
CA ILE L 1218 -77.22 13.60 -74.02
C ILE L 1218 -77.80 14.25 -72.77
N ASN L 1219 -77.15 14.05 -71.62
CA ASN L 1219 -77.68 14.59 -70.38
C ASN L 1219 -77.47 16.09 -70.24
N MET L 1220 -76.58 16.68 -71.04
CA MET L 1220 -76.32 18.10 -70.92
C MET L 1220 -77.54 18.89 -71.38
N GLN L 1221 -78.02 19.76 -70.49
CA GLN L 1221 -79.30 20.44 -70.73
C GLN L 1221 -79.17 21.45 -71.86
N ARG L 1222 -78.13 22.26 -71.84
CA ARG L 1222 -77.99 23.25 -72.89
C ARG L 1222 -77.45 22.59 -74.16
N PRO L 1223 -77.79 23.13 -75.33
CA PRO L 1223 -77.23 22.60 -76.58
C PRO L 1223 -75.74 22.79 -76.65
N VAL L 1224 -75.08 21.88 -77.36
CA VAL L 1224 -73.63 21.89 -77.46
C VAL L 1224 -73.20 23.01 -78.40
N THR L 1225 -72.35 23.90 -77.92
CA THR L 1225 -71.77 24.92 -78.78
C THR L 1225 -70.78 24.29 -79.74
N THR L 1226 -70.73 24.82 -80.95
CA THR L 1226 -69.86 24.30 -81.99
C THR L 1226 -69.06 25.42 -82.61
N TRP L 1227 -67.96 25.04 -83.26
CA TRP L 1227 -67.01 25.98 -83.85
C TRP L 1227 -66.88 25.67 -85.33
N PHE L 1228 -67.02 26.69 -86.16
CA PHE L 1228 -66.88 26.55 -87.60
C PHE L 1228 -65.60 27.22 -88.05
N SER L 1229 -65.04 26.71 -89.14
CA SER L 1229 -63.83 27.27 -89.71
C SER L 1229 -64.18 28.53 -90.48
N LYS L 1230 -64.07 29.67 -89.81
CA LYS L 1230 -64.23 30.96 -90.47
C LYS L 1230 -63.22 31.12 -91.58
N SER L 1231 -63.71 31.46 -92.77
CA SER L 1231 -62.88 31.60 -93.96
C SER L 1231 -62.24 32.98 -94.09
N LEU L 1232 -62.59 33.91 -93.21
CA LEU L 1232 -62.01 35.25 -93.28
C LEU L 1232 -60.56 35.19 -92.86
N PRO L 1233 -59.62 35.55 -93.73
CA PRO L 1233 -58.21 35.49 -93.35
C PRO L 1233 -57.91 36.52 -92.28
N GLN L 1234 -56.97 36.17 -91.40
CA GLN L 1234 -56.63 37.05 -90.29
C GLN L 1234 -55.14 36.99 -90.02
N PHE L 1235 -54.58 38.10 -89.55
CA PHE L 1235 -53.19 38.11 -89.16
C PHE L 1235 -53.02 37.42 -87.81
N GLU L 1236 -52.08 36.50 -87.74
CA GLU L 1236 -51.71 35.87 -86.49
C GLU L 1236 -50.20 35.95 -86.32
N PRO L 1237 -49.70 35.96 -85.09
CA PRO L 1237 -48.26 36.06 -84.87
C PRO L 1237 -47.52 34.90 -85.52
N VAL L 1238 -46.27 35.16 -85.91
CA VAL L 1238 -45.50 34.14 -86.62
C VAL L 1238 -45.30 32.93 -85.71
N PRO L 1239 -45.47 31.72 -86.22
CA PRO L 1239 -45.19 30.54 -85.40
C PRO L 1239 -43.73 30.15 -85.50
N PRO L 1240 -43.02 30.04 -84.37
CA PRO L 1240 -41.68 29.45 -84.41
C PRO L 1240 -41.68 28.00 -84.86
N GLU L 1241 -42.82 27.32 -84.71
CA GLU L 1241 -43.00 25.93 -85.14
C GLU L 1241 -43.22 25.80 -86.63
N HIS L 1242 -43.33 26.90 -87.36
CA HIS L 1242 -43.49 26.83 -88.80
C HIS L 1242 -42.25 26.22 -89.44
N PRO L 1243 -42.39 25.16 -90.23
CA PRO L 1243 -41.21 24.52 -90.83
C PRO L 1243 -40.70 25.20 -92.08
N HIS L 1244 -41.38 26.24 -92.57
CA HIS L 1244 -40.99 26.87 -93.82
C HIS L 1244 -40.46 28.29 -93.65
N TYR L 1245 -40.93 29.03 -92.66
CA TYR L 1245 -40.56 30.43 -92.48
C TYR L 1245 -39.85 30.61 -91.15
N GLU L 1246 -38.87 31.51 -91.13
CA GLU L 1246 -38.11 31.81 -89.92
C GLU L 1246 -37.95 33.31 -89.80
N VAL L 1247 -37.96 33.80 -88.56
CA VAL L 1247 -37.70 35.20 -88.26
C VAL L 1247 -36.57 35.28 -87.26
N ALA L 1248 -35.58 36.12 -87.53
CA ALA L 1248 -34.46 36.37 -86.62
C ALA L 1248 -34.52 37.81 -86.17
N ARG L 1249 -34.55 38.03 -84.87
CA ARG L 1249 -34.64 39.37 -84.30
C ARG L 1249 -33.29 39.74 -83.72
N MET L 1250 -32.72 40.86 -84.19
CA MET L 1250 -31.43 41.33 -83.71
C MET L 1250 -31.55 42.80 -83.30
N ASP L 1251 -31.07 43.10 -82.11
CA ASP L 1251 -31.09 44.45 -81.54
C ASP L 1251 -29.66 44.91 -81.22
N GLY L 1252 -29.55 46.18 -80.85
CA GLY L 1252 -28.25 46.75 -80.54
C GLY L 1252 -27.31 46.81 -81.72
N THR L 1253 -27.85 46.72 -82.94
CA THR L 1253 -27.02 46.66 -84.13
C THR L 1253 -26.33 47.99 -84.36
N VAL L 1254 -25.07 47.92 -84.81
CA VAL L 1254 -24.23 49.09 -85.03
C VAL L 1254 -24.32 49.46 -86.50
N ASP L 1255 -24.54 50.75 -86.78
CA ASP L 1255 -24.68 51.29 -88.14
C ASP L 1255 -25.87 50.62 -88.83
N THR L 1256 -26.83 50.16 -88.01
CA THR L 1256 -28.00 49.44 -88.48
C THR L 1256 -29.08 49.62 -87.43
N PRO L 1257 -30.33 49.88 -87.81
CA PRO L 1257 -31.41 49.87 -86.83
C PRO L 1257 -31.72 48.47 -86.37
N PRO L 1258 -32.41 48.30 -85.23
CA PRO L 1258 -32.87 46.97 -84.85
C PRO L 1258 -33.75 46.36 -85.94
N CYS L 1259 -33.53 45.08 -86.19
CA CYS L 1259 -34.05 44.46 -87.40
C CYS L 1259 -34.65 43.10 -87.10
N LEU L 1260 -35.62 42.72 -87.93
CA LEU L 1260 -36.23 41.41 -87.91
C LEU L 1260 -36.17 40.85 -89.32
N ARG L 1261 -35.38 39.81 -89.53
CA ARG L 1261 -35.17 39.24 -90.85
C ARG L 1261 -36.06 38.01 -91.03
N LEU L 1262 -36.89 38.04 -92.06
CA LEU L 1262 -37.68 36.89 -92.46
C LEU L 1262 -36.92 36.14 -93.56
N ALA L 1263 -36.65 34.86 -93.32
CA ALA L 1263 -35.93 34.02 -94.24
C ALA L 1263 -36.68 32.71 -94.43
N HIS L 1264 -36.39 32.04 -95.54
CA HIS L 1264 -37.02 30.78 -95.88
C HIS L 1264 -36.18 29.63 -95.33
N ARG L 1265 -36.75 28.85 -94.42
CA ARG L 1265 -36.02 27.76 -93.79
C ARG L 1265 -35.73 26.63 -94.77
N THR L 1266 -36.59 26.43 -95.76
CA THR L 1266 -36.48 25.32 -96.69
C THR L 1266 -36.65 25.80 -98.13
N TRP L 1267 -35.99 26.90 -98.46
CA TRP L 1267 -36.05 27.43 -99.81
C TRP L 1267 -35.32 26.50 -100.78
N GLY L 1268 -35.92 26.27 -101.93
CA GLY L 1268 -35.32 25.42 -102.94
C GLY L 1268 -35.13 23.99 -102.52
N SER L 1269 -36.14 23.40 -101.86
CA SER L 1269 -36.08 22.02 -101.41
C SER L 1269 -37.36 21.30 -101.80
N GLN L 1270 -37.38 20.00 -101.55
CA GLN L 1270 -38.55 19.20 -101.88
C GLN L 1270 -39.71 19.52 -100.95
N ASN L 1271 -40.91 19.57 -101.52
CA ASN L 1271 -42.15 19.84 -100.78
C ASN L 1271 -42.08 21.18 -100.04
N SER L 1272 -41.52 22.18 -100.70
CA SER L 1272 -41.40 23.53 -100.14
C SER L 1272 -42.55 24.38 -100.66
N LEU L 1273 -43.31 24.98 -99.74
CA LEU L 1273 -44.44 25.81 -100.10
C LEU L 1273 -43.97 27.24 -100.33
N VAL L 1274 -44.26 27.79 -101.50
CA VAL L 1274 -43.93 29.17 -101.83
C VAL L 1274 -45.22 29.84 -102.30
N GLU L 1275 -45.66 30.85 -101.56
CA GLU L 1275 -46.89 31.56 -101.87
C GLU L 1275 -46.68 33.03 -101.51
N MET L 1276 -47.75 33.81 -101.59
CA MET L 1276 -47.67 35.21 -101.20
C MET L 1276 -47.64 35.32 -99.68
N LEU L 1277 -46.61 35.99 -99.16
CA LEU L 1277 -46.43 36.16 -97.72
C LEU L 1277 -46.89 37.56 -97.36
N PHE L 1278 -47.87 37.64 -96.46
CA PHE L 1278 -48.50 38.89 -96.06
C PHE L 1278 -48.05 39.18 -94.63
N LEU L 1279 -47.14 40.13 -94.47
CA LEU L 1279 -46.63 40.48 -93.16
C LEU L 1279 -47.34 41.70 -92.61
N ARG L 1280 -47.29 41.85 -91.29
CA ARG L 1280 -47.84 43.02 -90.62
C ARG L 1280 -47.22 43.12 -89.25
N LEU L 1281 -46.57 44.24 -88.95
CA LEU L 1281 -46.08 44.46 -87.60
C LEU L 1281 -47.26 44.60 -86.65
N SER L 1282 -47.12 43.99 -85.47
CA SER L 1282 -48.29 43.82 -84.59
C SER L 1282 -48.85 45.14 -84.10
N LEU L 1283 -47.99 46.09 -83.72
CA LEU L 1283 -48.49 47.27 -83.03
C LEU L 1283 -49.08 48.27 -84.02
N PRO L 1284 -50.13 48.98 -83.64
CA PRO L 1284 -50.73 49.99 -84.53
C PRO L 1284 -49.97 51.31 -84.49
N VAL L 1285 -50.31 52.17 -85.45
CA VAL L 1285 -49.93 53.57 -85.43
C VAL L 1285 -51.18 54.40 -85.70
N GLN L 1286 -51.51 55.28 -84.77
CA GLN L 1286 -52.73 56.07 -84.83
C GLN L 1286 -52.38 57.53 -85.06
N PHE L 1287 -53.13 58.19 -85.93
CA PHE L 1287 -52.95 59.61 -86.14
C PHE L 1287 -53.45 60.39 -84.91
N HIS L 1288 -53.10 61.66 -84.86
CA HIS L 1288 -53.66 62.52 -83.83
C HIS L 1288 -55.15 62.78 -84.12
N GLN L 1289 -55.82 63.37 -83.13
CA GLN L 1289 -57.27 63.54 -83.21
C GLN L 1289 -57.65 64.46 -84.36
N HIS L 1290 -56.86 65.50 -84.61
CA HIS L 1290 -57.15 66.42 -85.70
C HIS L 1290 -55.84 66.93 -86.28
N PHE L 1291 -55.92 67.43 -87.52
CA PHE L 1291 -54.76 67.93 -88.25
C PHE L 1291 -54.65 69.44 -88.06
N ARG L 1292 -54.34 69.83 -86.83
CA ARG L 1292 -54.30 71.26 -86.49
C ARG L 1292 -53.05 71.94 -87.06
N CYS L 1293 -51.90 71.27 -87.00
CA CYS L 1293 -50.64 71.83 -87.50
C CYS L 1293 -49.77 70.68 -87.96
N THR L 1294 -49.21 70.81 -89.16
CA THR L 1294 -48.38 69.78 -89.77
C THR L 1294 -47.16 69.46 -88.91
N ASN L 1410 -29.34 62.56 -90.04
CA ASN L 1410 -28.15 63.34 -90.35
C ASN L 1410 -27.76 64.24 -89.17
N ARG L 1411 -27.68 63.64 -87.99
CA ARG L 1411 -27.39 64.35 -86.74
C ARG L 1411 -28.33 65.54 -86.55
N ASP L 1412 -29.62 65.23 -86.45
CA ASP L 1412 -30.65 66.24 -86.48
C ASP L 1412 -30.65 67.07 -85.19
N ASP L 1413 -31.25 68.24 -85.28
CA ASP L 1413 -31.38 69.13 -84.13
C ASP L 1413 -32.26 68.47 -83.09
N PRO L 1414 -31.80 68.36 -81.83
CA PRO L 1414 -32.64 67.72 -80.80
C PRO L 1414 -34.00 68.37 -80.60
N GLU L 1415 -34.08 69.71 -80.66
CA GLU L 1415 -35.37 70.35 -80.50
C GLU L 1415 -36.27 70.12 -81.70
N ILE L 1416 -35.70 70.05 -82.91
CA ILE L 1416 -36.50 69.76 -84.09
C ILE L 1416 -37.01 68.32 -84.04
N ILE L 1417 -36.19 67.40 -83.53
CA ILE L 1417 -36.63 66.02 -83.34
C ILE L 1417 -37.76 65.97 -82.32
N LEU L 1418 -37.63 66.71 -81.23
CA LEU L 1418 -38.70 66.74 -80.23
C LEU L 1418 -39.97 67.39 -80.79
N ASN L 1419 -39.82 68.26 -81.79
CA ASN L 1419 -40.97 68.93 -82.39
C ASN L 1419 -41.54 68.19 -83.58
N THR L 1420 -40.88 67.12 -84.06
CA THR L 1420 -41.30 66.49 -85.29
C THR L 1420 -42.61 65.72 -85.10
N THR L 1421 -43.23 65.36 -86.22
CA THR L 1421 -44.46 64.60 -86.21
C THR L 1421 -44.39 63.34 -87.08
N THR L 1422 -43.37 63.21 -87.93
CA THR L 1422 -43.30 62.08 -88.85
C THR L 1422 -42.50 60.92 -88.25
N TYR L 1423 -42.69 59.75 -88.85
CA TYR L 1423 -42.03 58.51 -88.48
C TYR L 1423 -41.71 57.75 -89.76
N TYR L 1424 -40.78 56.81 -89.66
CA TYR L 1424 -40.21 56.21 -90.87
C TYR L 1424 -39.68 54.84 -90.53
N TYR L 1425 -40.14 53.82 -91.26
CA TYR L 1425 -39.52 52.51 -91.16
C TYR L 1425 -38.91 52.14 -92.50
N SER L 1426 -38.06 51.13 -92.51
CA SER L 1426 -37.42 50.73 -93.76
C SER L 1426 -37.40 49.22 -93.85
N VAL L 1427 -37.91 48.68 -94.96
CA VAL L 1427 -37.77 47.27 -95.27
C VAL L 1427 -36.63 47.13 -96.26
N ARG L 1428 -35.77 46.15 -96.01
CA ARG L 1428 -34.59 45.92 -96.84
C ARG L 1428 -34.79 44.62 -97.60
N VAL L 1429 -34.67 44.71 -98.93
CA VAL L 1429 -34.84 43.56 -99.81
C VAL L 1429 -33.47 42.99 -100.13
N PHE L 1430 -33.33 41.68 -99.97
CA PHE L 1430 -32.04 41.02 -100.10
C PHE L 1430 -31.75 40.66 -101.56
N ALA L 1431 -30.49 40.30 -101.80
CA ALA L 1431 -30.08 39.80 -103.10
C ALA L 1431 -30.75 38.47 -103.39
N GLY L 1432 -31.16 38.27 -104.63
CA GLY L 1432 -31.91 37.09 -105.01
C GLY L 1432 -33.40 37.20 -104.85
N GLN L 1433 -33.89 38.31 -104.29
CA GLN L 1433 -35.32 38.56 -104.15
C GLN L 1433 -35.75 39.56 -105.21
N GLU L 1434 -36.81 39.23 -105.93
CA GLU L 1434 -37.29 40.10 -107.00
C GLU L 1434 -37.99 41.32 -106.44
N PRO L 1435 -37.54 42.54 -106.78
CA PRO L 1435 -38.24 43.74 -106.32
C PRO L 1435 -39.65 43.85 -106.86
N SER L 1436 -39.97 43.18 -107.96
CA SER L 1436 -41.32 43.22 -108.51
C SER L 1436 -42.32 42.41 -107.69
N CYS L 1437 -41.84 41.60 -106.75
CA CYS L 1437 -42.71 40.81 -105.88
C CYS L 1437 -42.81 41.39 -104.48
N VAL L 1438 -42.38 42.62 -104.27
CA VAL L 1438 -42.33 43.25 -102.96
C VAL L 1438 -43.30 44.42 -102.95
N TRP L 1439 -44.17 44.46 -101.94
CA TRP L 1439 -45.16 45.52 -101.80
C TRP L 1439 -45.05 46.10 -100.39
N VAL L 1440 -44.74 47.40 -100.31
CA VAL L 1440 -44.48 48.06 -99.03
C VAL L 1440 -45.50 49.17 -98.84
N GLY L 1441 -46.12 49.19 -97.65
CA GLY L 1441 -47.11 50.21 -97.36
C GLY L 1441 -47.72 50.14 -95.98
N TRP L 1442 -49.05 50.21 -95.92
CA TRP L 1442 -49.75 50.46 -94.67
C TRP L 1442 -51.09 49.74 -94.73
N VAL L 1443 -51.34 48.83 -93.79
CA VAL L 1443 -52.59 48.06 -93.77
C VAL L 1443 -53.45 48.54 -92.62
N THR L 1444 -54.71 48.82 -92.92
CA THR L 1444 -55.71 49.02 -91.89
C THR L 1444 -56.03 47.67 -91.25
N PRO L 1445 -56.67 47.67 -90.07
CA PRO L 1445 -57.14 46.39 -89.51
C PRO L 1445 -58.06 45.64 -90.45
N ASP L 1446 -58.83 46.36 -91.27
CA ASP L 1446 -59.67 45.74 -92.29
C ASP L 1446 -58.79 45.47 -93.51
N TYR L 1447 -58.06 44.36 -93.45
CA TYR L 1447 -57.37 43.82 -94.62
C TYR L 1447 -57.52 42.31 -94.58
N HIS L 1448 -58.26 41.75 -95.53
CA HIS L 1448 -58.55 40.33 -95.56
C HIS L 1448 -58.45 39.77 -96.97
N GLN L 1449 -57.39 40.14 -97.68
CA GLN L 1449 -57.12 39.62 -99.02
C GLN L 1449 -55.90 38.71 -98.98
N HIS L 1450 -56.10 37.44 -99.32
CA HIS L 1450 -55.08 36.41 -99.20
C HIS L 1450 -54.68 35.84 -100.56
N ASP L 1451 -55.18 36.41 -101.65
CA ASP L 1451 -54.90 35.85 -102.97
C ASP L 1451 -53.40 35.89 -103.27
N MET L 1452 -52.89 34.78 -103.79
CA MET L 1452 -51.46 34.56 -103.95
C MET L 1452 -50.92 35.07 -105.28
N ASN L 1453 -51.78 35.42 -106.22
CA ASN L 1453 -51.36 36.15 -107.40
C ASN L 1453 -51.66 37.64 -107.21
N PHE L 1454 -51.00 38.21 -106.20
CA PHE L 1454 -51.35 39.54 -105.73
C PHE L 1454 -51.01 40.60 -106.77
N ASP L 1455 -51.94 41.52 -106.95
CA ASP L 1455 -51.78 42.65 -107.86
C ASP L 1455 -52.22 43.92 -107.16
N LEU L 1456 -51.47 45.00 -107.39
CA LEU L 1456 -51.82 46.28 -106.81
C LEU L 1456 -53.15 46.80 -107.34
N SER L 1457 -53.60 46.30 -108.49
CA SER L 1457 -54.91 46.69 -109.02
C SER L 1457 -56.05 46.07 -108.22
N LYS L 1458 -55.81 44.93 -107.58
CA LYS L 1458 -56.87 44.26 -106.85
C LYS L 1458 -57.21 44.94 -105.53
N VAL L 1459 -56.41 45.90 -105.08
CA VAL L 1459 -56.69 46.55 -103.80
C VAL L 1459 -57.97 47.38 -103.92
N ARG L 1460 -58.61 47.60 -102.78
CA ARG L 1460 -59.88 48.31 -102.74
C ARG L 1460 -59.66 49.74 -102.26
N ALA L 1461 -59.82 50.69 -103.17
CA ALA L 1461 -59.86 52.11 -102.85
C ALA L 1461 -61.17 52.68 -103.36
N VAL L 1462 -61.82 53.49 -102.53
CA VAL L 1462 -63.14 54.02 -102.85
C VAL L 1462 -63.20 55.46 -102.39
N THR L 1463 -63.85 56.32 -103.19
CA THR L 1463 -63.97 57.73 -102.88
C THR L 1463 -65.43 58.11 -102.69
N VAL L 1464 -65.66 59.06 -101.80
CA VAL L 1464 -66.98 59.59 -101.49
C VAL L 1464 -66.97 61.08 -101.79
N THR L 1465 -67.97 61.54 -102.53
CA THR L 1465 -68.07 62.95 -102.92
C THR L 1465 -69.39 63.53 -102.41
N MET L 1466 -69.29 64.55 -101.56
CA MET L 1466 -70.45 65.26 -101.03
C MET L 1466 -70.39 66.70 -101.52
N GLY L 1467 -71.52 67.21 -102.00
CA GLY L 1467 -71.55 68.54 -102.56
C GLY L 1467 -72.90 69.24 -102.46
N ASP L 1468 -73.09 70.25 -103.30
CA ASP L 1468 -74.39 70.91 -103.37
C ASP L 1468 -75.43 69.98 -103.99
N GLU L 1469 -76.66 70.05 -103.47
CA GLU L 1469 -77.73 69.22 -103.99
C GLU L 1469 -78.11 69.61 -105.41
N GLN L 1470 -77.98 70.90 -105.76
CA GLN L 1470 -78.34 71.36 -107.09
C GLN L 1470 -77.27 71.04 -108.13
N GLY L 1471 -76.12 70.52 -107.74
CA GLY L 1471 -75.14 70.06 -108.71
C GLY L 1471 -73.80 70.75 -108.70
N ASN L 1472 -73.33 71.20 -107.53
CA ASN L 1472 -72.02 71.82 -107.39
C ASN L 1472 -71.27 71.06 -106.30
N VAL L 1473 -70.60 69.96 -106.69
CA VAL L 1473 -69.86 69.16 -105.72
C VAL L 1473 -68.61 69.90 -105.28
N HIS L 1474 -68.34 69.88 -103.98
CA HIS L 1474 -67.18 70.57 -103.42
C HIS L 1474 -66.27 69.66 -102.62
N SER L 1475 -66.82 68.75 -101.81
CA SER L 1475 -66.02 67.92 -100.91
C SER L 1475 -65.86 66.53 -101.50
N SER L 1476 -64.62 66.03 -101.50
CA SER L 1476 -64.33 64.67 -101.92
C SER L 1476 -63.31 64.08 -100.96
N LEU L 1477 -63.40 62.78 -100.73
CA LEU L 1477 -62.56 62.10 -99.76
C LEU L 1477 -62.35 60.67 -100.22
N LYS L 1478 -61.09 60.27 -100.39
CA LYS L 1478 -60.75 58.93 -100.81
C LYS L 1478 -60.20 58.13 -99.63
N CYS L 1479 -60.46 56.82 -99.66
CA CYS L 1479 -59.97 55.92 -98.63
C CYS L 1479 -59.62 54.57 -99.26
N SER L 1480 -58.77 53.82 -98.55
CA SER L 1480 -58.39 52.49 -98.99
C SER L 1480 -58.09 51.64 -97.78
N ASN L 1481 -58.26 50.33 -97.93
CA ASN L 1481 -57.95 49.38 -96.87
C ASN L 1481 -56.48 48.97 -96.86
N CYS L 1482 -55.69 49.49 -97.79
CA CYS L 1482 -54.29 49.14 -97.90
C CYS L 1482 -53.57 50.27 -98.61
N TYR L 1483 -52.25 50.35 -98.38
CA TYR L 1483 -51.47 51.46 -98.90
C TYR L 1483 -50.09 51.02 -99.40
N MET L 1484 -49.98 49.80 -99.91
CA MET L 1484 -48.72 49.39 -100.52
C MET L 1484 -48.52 50.05 -101.88
N VAL L 1485 -47.29 49.93 -102.39
CA VAL L 1485 -46.95 50.32 -103.74
C VAL L 1485 -46.21 49.15 -104.38
N TRP L 1486 -46.23 49.11 -105.71
CA TRP L 1486 -45.62 48.00 -106.44
C TRP L 1486 -44.12 48.20 -106.52
N GLY L 1487 -43.37 47.25 -105.97
CA GLY L 1487 -41.92 47.37 -105.94
C GLY L 1487 -41.28 47.36 -107.30
N GLY L 1488 -41.86 46.63 -108.25
CA GLY L 1488 -41.39 46.69 -109.63
C GLY L 1488 -41.54 48.08 -110.22
N ASP L 1489 -42.67 48.73 -109.95
CA ASP L 1489 -42.87 50.11 -110.36
C ASP L 1489 -41.82 51.02 -109.75
N PHE L 1490 -41.48 50.78 -108.48
CA PHE L 1490 -40.52 51.67 -107.82
C PHE L 1490 -39.09 51.44 -108.30
N VAL L 1491 -38.69 50.19 -108.51
CA VAL L 1491 -37.33 49.93 -108.95
C VAL L 1491 -37.14 50.37 -110.39
N SER L 1492 -38.12 50.12 -111.26
CA SER L 1492 -38.09 50.51 -112.67
C SER L 1492 -36.83 50.01 -113.37
N PRO L 1493 -36.38 48.81 -113.00
CA PRO L 1493 -35.17 48.24 -113.58
C PRO L 1493 -35.38 47.92 -115.06
N GLY L 1494 -36.54 47.36 -115.41
CA GLY L 1494 -36.90 47.00 -116.78
C GLY L 1494 -35.87 46.08 -117.43
N ARG L 1498 -31.44 38.49 -115.20
CA ARG L 1498 -31.78 39.81 -114.68
C ARG L 1498 -31.83 39.82 -113.15
N ILE L 1499 -30.91 39.09 -112.54
CA ILE L 1499 -30.85 39.02 -111.08
C ILE L 1499 -30.31 40.34 -110.55
N SER L 1500 -31.08 40.97 -109.66
CA SER L 1500 -30.72 42.25 -109.07
C SER L 1500 -30.12 42.00 -107.69
N HIS L 1501 -28.80 42.15 -107.58
CA HIS L 1501 -28.12 41.98 -106.30
C HIS L 1501 -28.18 43.23 -105.44
N THR L 1502 -28.67 44.35 -105.97
CA THR L 1502 -28.78 45.57 -105.19
C THR L 1502 -29.86 45.44 -104.13
N ASP L 1503 -29.60 46.00 -102.96
CA ASP L 1503 -30.52 45.94 -101.83
C ASP L 1503 -31.31 47.25 -101.76
N LEU L 1504 -32.62 47.15 -101.91
CA LEU L 1504 -33.51 48.30 -101.87
C LEU L 1504 -34.07 48.44 -100.47
N VAL L 1505 -33.84 49.60 -99.86
CA VAL L 1505 -34.44 49.96 -98.58
C VAL L 1505 -35.67 50.79 -98.91
N ILE L 1506 -36.79 50.11 -99.13
CA ILE L 1506 -38.03 50.79 -99.57
C ILE L 1506 -38.75 51.21 -98.31
N GLY L 1507 -38.36 52.36 -97.78
CA GLY L 1507 -38.92 52.84 -96.54
C GLY L 1507 -40.17 53.68 -96.73
N CYS L 1508 -40.94 53.79 -95.65
CA CYS L 1508 -42.20 54.51 -95.67
C CYS L 1508 -42.24 55.56 -94.57
N LEU L 1509 -42.76 56.74 -94.93
CA LEU L 1509 -42.99 57.87 -94.05
C LEU L 1509 -44.45 57.92 -93.65
N VAL L 1510 -44.70 58.41 -92.44
CA VAL L 1510 -46.06 58.69 -91.98
C VAL L 1510 -46.00 59.78 -90.93
N ASP L 1511 -46.81 60.82 -91.11
CA ASP L 1511 -46.88 61.92 -90.15
C ASP L 1511 -48.27 61.95 -89.53
N LEU L 1512 -48.31 62.10 -88.21
CA LEU L 1512 -49.59 62.10 -87.50
C LEU L 1512 -50.42 63.34 -87.77
N ALA L 1513 -49.85 64.33 -88.45
CA ALA L 1513 -50.58 65.51 -88.89
C ALA L 1513 -50.61 65.54 -90.40
N THR L 1514 -51.73 66.04 -90.94
CA THR L 1514 -52.05 66.22 -92.36
C THR L 1514 -52.00 64.94 -93.18
N GLY L 1515 -51.73 63.81 -92.54
CA GLY L 1515 -51.88 62.50 -93.18
C GLY L 1515 -51.06 62.30 -94.43
N LEU L 1516 -49.98 63.07 -94.63
CA LEU L 1516 -49.19 62.99 -95.85
C LEU L 1516 -48.19 61.86 -95.72
N MET L 1517 -48.48 60.74 -96.39
CA MET L 1517 -47.59 59.57 -96.38
C MET L 1517 -46.83 59.52 -97.70
N THR L 1518 -45.53 59.75 -97.63
CA THR L 1518 -44.62 59.66 -98.76
C THR L 1518 -43.68 58.47 -98.54
N PHE L 1519 -42.98 58.08 -99.60
CA PHE L 1519 -42.16 56.87 -99.53
C PHE L 1519 -40.74 57.25 -99.93
N THR L 1520 -39.81 56.31 -99.76
CA THR L 1520 -38.41 56.55 -100.16
C THR L 1520 -37.77 55.23 -100.56
N ALA L 1521 -37.46 55.08 -101.83
CA ALA L 1521 -36.83 53.87 -102.35
C ALA L 1521 -35.36 54.15 -102.65
N ASN L 1522 -34.49 53.27 -102.13
CA ASN L 1522 -33.03 53.36 -102.25
C ASN L 1522 -32.51 54.79 -102.15
N GLY L 1523 -32.95 55.48 -101.10
CA GLY L 1523 -32.51 56.84 -100.85
C GLY L 1523 -32.96 57.84 -101.90
N LYS L 1524 -34.18 57.68 -102.42
CA LYS L 1524 -34.73 58.61 -103.40
C LYS L 1524 -36.19 58.88 -103.05
N GLU L 1525 -36.58 60.14 -103.04
CA GLU L 1525 -37.94 60.51 -102.69
C GLU L 1525 -38.92 59.96 -103.74
N SER L 1526 -40.11 59.61 -103.28
CA SER L 1526 -41.09 58.93 -104.10
C SER L 1526 -42.10 59.92 -104.68
N ASN L 1527 -42.48 59.67 -105.94
CA ASN L 1527 -43.45 60.53 -106.62
C ASN L 1527 -44.89 60.26 -106.22
N THR L 1528 -45.16 59.23 -105.44
CA THR L 1528 -46.51 58.90 -105.00
C THR L 1528 -46.68 59.24 -103.53
N PHE L 1529 -47.91 59.61 -103.17
CA PHE L 1529 -48.22 60.02 -101.82
C PHE L 1529 -49.65 59.61 -101.49
N PHE L 1530 -49.94 59.52 -100.20
CA PHE L 1530 -51.27 59.14 -99.74
C PHE L 1530 -51.74 60.11 -98.65
N GLN L 1531 -53.06 60.22 -98.53
CA GLN L 1531 -53.68 61.19 -97.63
C GLN L 1531 -54.86 60.52 -96.94
N VAL L 1532 -54.80 60.41 -95.61
CA VAL L 1532 -55.84 59.75 -94.83
C VAL L 1532 -56.31 60.69 -93.73
N GLU L 1533 -57.56 60.51 -93.33
CA GLU L 1533 -58.15 61.29 -92.25
C GLU L 1533 -57.49 60.95 -90.92
N PRO L 1534 -57.64 61.81 -89.91
CA PRO L 1534 -57.09 61.49 -88.59
C PRO L 1534 -57.69 60.22 -88.01
N ASN L 1535 -56.92 59.58 -87.13
CA ASN L 1535 -57.31 58.37 -86.41
C ASN L 1535 -57.58 57.22 -87.38
N THR L 1536 -56.55 56.85 -88.13
CA THR L 1536 -56.67 55.77 -89.11
C THR L 1536 -56.26 54.41 -88.56
N LYS L 1537 -55.35 54.38 -87.59
CA LYS L 1537 -54.87 53.13 -86.96
C LYS L 1537 -54.30 52.17 -88.01
N LEU L 1538 -53.20 52.58 -88.63
CA LEU L 1538 -52.56 51.79 -89.66
C LEU L 1538 -51.58 50.80 -89.04
N PHE L 1539 -50.97 49.97 -89.90
CA PHE L 1539 -50.01 48.96 -89.47
C PHE L 1539 -48.92 48.85 -90.51
N PRO L 1540 -47.65 48.77 -90.09
CA PRO L 1540 -46.56 48.49 -91.04
C PRO L 1540 -46.76 47.12 -91.67
N ALA L 1541 -46.44 47.03 -92.95
CA ALA L 1541 -46.67 45.79 -93.68
C ALA L 1541 -45.71 45.69 -94.85
N VAL L 1542 -45.46 44.45 -95.27
CA VAL L 1542 -44.76 44.18 -96.52
C VAL L 1542 -45.20 42.80 -97.01
N PHE L 1543 -45.37 42.70 -98.32
CA PHE L 1543 -45.81 41.48 -98.98
C PHE L 1543 -44.67 40.98 -99.86
N VAL L 1544 -44.47 39.67 -99.92
CA VAL L 1544 -43.32 39.15 -100.65
C VAL L 1544 -43.64 37.78 -101.22
N LEU L 1545 -43.05 37.48 -102.38
CA LEU L 1545 -43.04 36.14 -102.94
C LEU L 1545 -41.63 35.59 -102.76
N PRO L 1546 -41.43 34.60 -101.89
CA PRO L 1546 -40.06 34.14 -101.58
C PRO L 1546 -39.37 33.55 -102.80
N THR L 1547 -38.23 34.15 -103.15
CA THR L 1547 -37.41 33.68 -104.29
C THR L 1547 -35.95 33.49 -103.92
N HIS L 1548 -35.61 33.54 -102.63
CA HIS L 1548 -34.22 33.43 -102.21
C HIS L 1548 -34.20 33.00 -100.76
N GLN L 1549 -33.02 32.56 -100.29
CA GLN L 1549 -32.88 32.17 -98.89
C GLN L 1549 -33.15 33.34 -97.95
N ASN L 1550 -32.61 34.51 -98.27
CA ASN L 1550 -32.91 35.74 -97.55
C ASN L 1550 -34.01 36.47 -98.30
N VAL L 1551 -35.02 36.93 -97.57
CA VAL L 1551 -36.25 37.40 -98.23
C VAL L 1551 -36.59 38.82 -97.81
N ILE L 1552 -36.70 39.08 -96.51
CA ILE L 1552 -37.09 40.40 -96.01
C ILE L 1552 -36.26 40.72 -94.77
N GLN L 1553 -35.93 42.01 -94.59
CA GLN L 1553 -35.45 42.49 -93.30
C GLN L 1553 -36.22 43.75 -92.91
N PHE L 1554 -37.18 43.60 -92.01
CA PHE L 1554 -37.74 44.76 -91.33
C PHE L 1554 -36.63 45.50 -90.59
N GLU L 1555 -36.66 46.83 -90.66
CA GLU L 1555 -35.69 47.66 -89.96
C GLU L 1555 -36.42 48.84 -89.35
N LEU L 1556 -36.29 49.01 -88.03
CA LEU L 1556 -36.96 50.06 -87.29
C LEU L 1556 -35.91 51.00 -86.72
N GLY L 1557 -35.84 52.21 -87.25
CA GLY L 1557 -34.87 53.19 -86.80
C GLY L 1557 -35.28 54.58 -87.21
N LYS L 1558 -34.42 55.54 -86.91
CA LYS L 1558 -34.66 56.94 -87.21
C LYS L 1558 -33.90 57.34 -88.47
N GLN L 1559 -34.22 58.54 -88.95
CA GLN L 1559 -33.59 59.10 -90.14
C GLN L 1559 -33.62 60.62 -89.99
N LYS L 1560 -33.45 61.34 -91.10
CA LYS L 1560 -33.41 62.80 -91.05
C LYS L 1560 -34.74 63.38 -90.59
N ASN L 1561 -34.69 64.13 -89.49
CA ASN L 1561 -35.87 64.74 -88.87
C ASN L 1561 -36.97 63.72 -88.65
N ILE L 1562 -36.58 62.53 -88.20
CA ILE L 1562 -37.49 61.39 -88.16
C ILE L 1562 -37.41 60.74 -86.79
N MET L 1563 -38.56 60.58 -86.17
CA MET L 1563 -38.87 59.93 -84.90
C MET L 1563 -39.08 58.44 -85.17
N PRO L 1564 -38.45 57.54 -84.42
CA PRO L 1564 -38.54 56.11 -84.75
C PRO L 1564 -39.95 55.57 -84.60
N LEU L 1565 -40.24 54.54 -85.41
CA LEU L 1565 -41.57 53.91 -85.37
C LEU L 1565 -41.85 53.28 -84.02
N SER L 1566 -40.80 52.83 -83.33
CA SER L 1566 -40.98 52.33 -81.97
C SER L 1566 -41.50 53.43 -81.06
N ALA L 1567 -40.94 54.64 -81.19
CA ALA L 1567 -41.47 55.78 -80.46
C ALA L 1567 -42.88 56.12 -80.89
N ALA L 1568 -43.25 55.78 -82.12
CA ALA L 1568 -44.63 55.97 -82.55
C ALA L 1568 -45.57 55.00 -81.85
N MET L 1569 -45.23 53.71 -81.84
CA MET L 1569 -46.18 52.71 -81.35
C MET L 1569 -46.20 52.60 -79.84
N PHE L 1570 -45.16 53.09 -79.14
CA PHE L 1570 -45.11 53.01 -77.70
C PHE L 1570 -45.14 54.41 -77.11
N LEU L 1571 -46.10 54.67 -76.23
CA LEU L 1571 -46.26 56.01 -75.68
C LEU L 1571 -45.18 56.34 -74.66
N SER L 1572 -44.64 55.31 -73.98
CA SER L 1572 -43.66 55.55 -72.93
C SER L 1572 -42.38 56.16 -73.47
N GLU L 1573 -41.95 55.73 -74.66
CA GLU L 1573 -40.72 56.21 -75.27
C GLU L 1573 -40.97 57.18 -76.41
N ARG L 1574 -42.06 57.95 -76.35
CA ARG L 1574 -42.37 58.89 -77.42
C ARG L 1574 -41.32 59.98 -77.56
N LYS L 1575 -40.57 60.28 -76.49
CA LYS L 1575 -39.51 61.26 -76.56
C LYS L 1575 -38.14 60.65 -76.84
N ASN L 1576 -38.00 59.34 -76.65
CA ASN L 1576 -36.72 58.67 -76.88
C ASN L 1576 -36.48 58.51 -78.37
N PRO L 1577 -35.39 59.05 -78.93
CA PRO L 1577 -35.10 58.83 -80.34
C PRO L 1577 -34.39 57.52 -80.64
N ALA L 1578 -33.90 56.83 -79.62
CA ALA L 1578 -33.19 55.58 -79.86
C ALA L 1578 -34.16 54.52 -80.32
N PRO L 1579 -33.92 53.86 -81.45
CA PRO L 1579 -34.79 52.77 -81.88
C PRO L 1579 -34.72 51.60 -80.92
N GLN L 1580 -35.83 50.88 -80.81
CA GLN L 1580 -35.95 49.79 -79.86
C GLN L 1580 -36.94 48.76 -80.41
N CYS L 1581 -36.69 47.50 -80.10
CA CYS L 1581 -37.56 46.39 -80.51
C CYS L 1581 -37.98 45.59 -79.28
N PRO L 1582 -38.97 46.07 -78.54
CA PRO L 1582 -39.49 45.30 -77.41
C PRO L 1582 -40.24 44.07 -77.91
N PRO L 1583 -40.42 43.07 -77.05
CA PRO L 1583 -41.01 41.80 -77.52
C PRO L 1583 -42.43 41.90 -78.05
N ARG L 1584 -43.18 42.97 -77.73
CA ARG L 1584 -44.54 43.05 -78.21
C ARG L 1584 -44.60 43.19 -79.73
N LEU L 1585 -43.75 44.04 -80.30
CA LEU L 1585 -43.75 44.19 -81.75
C LEU L 1585 -43.19 42.93 -82.40
N GLU L 1586 -43.91 42.41 -83.38
CA GLU L 1586 -43.50 41.18 -84.03
C GLU L 1586 -44.18 41.08 -85.39
N VAL L 1587 -43.62 40.20 -86.22
CA VAL L 1587 -44.15 39.93 -87.54
C VAL L 1587 -45.39 39.05 -87.40
N GLN L 1588 -46.48 39.47 -88.02
CA GLN L 1588 -47.72 38.70 -88.06
C GLN L 1588 -48.01 38.33 -89.49
N MET L 1589 -48.21 37.05 -89.75
CA MET L 1589 -48.51 36.59 -91.09
C MET L 1589 -50.02 36.36 -91.23
N LEU L 1590 -50.52 36.61 -92.44
CA LEU L 1590 -51.90 36.24 -92.73
C LEU L 1590 -52.06 34.73 -92.70
N MET L 1591 -53.20 34.28 -92.15
CA MET L 1591 -53.62 32.91 -92.16
C MET L 1591 -54.97 32.80 -92.86
N PRO L 1592 -55.16 31.77 -93.69
CA PRO L 1592 -56.39 31.69 -94.51
C PRO L 1592 -57.66 31.57 -93.70
N VAL L 1593 -57.74 30.58 -92.82
CA VAL L 1593 -58.95 30.34 -92.04
C VAL L 1593 -58.58 30.22 -90.57
N SER L 1594 -59.59 30.40 -89.72
CA SER L 1594 -59.41 30.28 -88.28
C SER L 1594 -60.74 29.89 -87.66
N TRP L 1595 -60.67 29.28 -86.49
CA TRP L 1595 -61.89 28.81 -85.83
C TRP L 1595 -62.70 29.97 -85.28
N SER L 1596 -64.01 29.77 -85.22
CA SER L 1596 -64.90 30.77 -84.65
C SER L 1596 -66.14 30.10 -84.10
N ARG L 1597 -66.62 30.61 -82.98
CA ARG L 1597 -67.78 30.04 -82.30
C ARG L 1597 -69.07 30.38 -83.04
N MET L 1598 -70.00 29.42 -83.08
CA MET L 1598 -71.34 29.71 -83.57
C MET L 1598 -72.24 30.03 -82.39
N PRO L 1599 -72.91 31.17 -82.39
CA PRO L 1599 -73.80 31.52 -81.27
C PRO L 1599 -74.90 30.48 -81.10
N ASN L 1600 -75.27 30.25 -79.83
CA ASN L 1600 -76.30 29.26 -79.54
C ASN L 1600 -77.68 29.69 -80.02
N HIS L 1601 -77.87 30.98 -80.30
CA HIS L 1601 -79.15 31.46 -80.81
C HIS L 1601 -78.91 32.46 -81.93
N PHE L 1602 -79.69 32.33 -82.99
CA PHE L 1602 -79.61 33.20 -84.14
C PHE L 1602 -80.92 33.96 -84.31
N LEU L 1603 -80.83 35.14 -84.93
CA LEU L 1603 -81.99 35.98 -85.15
C LEU L 1603 -82.96 35.29 -86.08
N GLN L 1604 -84.24 35.26 -85.70
CA GLN L 1604 -85.27 34.76 -86.59
C GLN L 1604 -85.72 35.90 -87.50
N VAL L 1605 -85.90 35.59 -88.79
CA VAL L 1605 -86.34 36.56 -89.77
C VAL L 1605 -87.46 35.94 -90.58
N GLU L 1606 -88.54 36.70 -90.79
CA GLU L 1606 -89.65 36.28 -91.65
C GLU L 1606 -89.65 37.16 -92.88
N THR L 1607 -89.41 36.56 -94.04
CA THR L 1607 -89.40 37.27 -95.32
C THR L 1607 -90.41 36.61 -96.25
N ARG L 1608 -91.29 37.42 -96.84
CA ARG L 1608 -92.26 36.90 -97.79
C ARG L 1608 -92.81 38.04 -98.63
N ARG L 1609 -93.29 37.68 -99.83
CA ARG L 1609 -93.95 38.65 -100.69
C ARG L 1609 -95.44 38.69 -100.41
N ALA L 1610 -96.03 39.86 -100.59
CA ALA L 1610 -97.45 40.08 -100.33
C ALA L 1610 -98.28 40.30 -101.58
N GLY L 1611 -97.80 41.10 -102.53
CA GLY L 1611 -98.54 41.34 -103.75
C GLY L 1611 -97.66 41.89 -104.84
N GLU L 1612 -98.26 42.09 -106.01
CA GLU L 1612 -97.56 42.70 -107.12
C GLU L 1612 -97.20 44.16 -106.86
N ARG L 1613 -97.93 44.81 -105.96
CA ARG L 1613 -97.72 46.20 -105.60
C ARG L 1613 -96.85 46.35 -104.34
N LEU L 1614 -97.17 45.59 -103.29
CA LEU L 1614 -96.42 45.68 -102.05
C LEU L 1614 -95.04 45.04 -102.19
N GLY L 1615 -94.98 43.86 -102.80
CA GLY L 1615 -93.71 43.19 -102.99
C GLY L 1615 -93.27 42.39 -101.78
N TRP L 1616 -91.96 42.17 -101.71
CA TRP L 1616 -91.37 41.41 -100.62
C TRP L 1616 -91.20 42.27 -99.38
N ALA L 1617 -91.39 41.64 -98.22
CA ALA L 1617 -91.27 42.28 -96.93
C ALA L 1617 -90.37 41.45 -96.03
N VAL L 1618 -89.51 42.13 -95.28
CA VAL L 1618 -88.57 41.51 -94.36
C VAL L 1618 -88.92 41.99 -92.95
N GLN L 1619 -89.04 41.05 -92.01
CA GLN L 1619 -89.46 41.38 -90.66
C GLN L 1619 -88.59 40.63 -89.65
N CYS L 1620 -88.10 41.34 -88.64
CA CYS L 1620 -87.38 40.73 -87.52
C CYS L 1620 -87.87 41.40 -86.24
N GLN L 1621 -88.24 40.60 -85.25
CA GLN L 1621 -88.83 41.16 -84.03
C GLN L 1621 -88.04 40.81 -82.77
N ASP L 1622 -87.69 39.54 -82.58
CA ASP L 1622 -87.05 39.12 -81.33
C ASP L 1622 -85.62 39.66 -81.29
N PRO L 1623 -85.25 40.42 -80.27
CA PRO L 1623 -83.88 40.93 -80.19
C PRO L 1623 -82.94 39.96 -79.50
N LEU L 1624 -81.72 39.89 -80.03
CA LEU L 1624 -80.66 39.07 -79.46
C LEU L 1624 -79.48 39.95 -79.11
N THR L 1625 -78.93 39.78 -77.91
CA THR L 1625 -77.83 40.57 -77.41
C THR L 1625 -76.62 39.69 -77.19
N MET L 1626 -75.44 40.19 -77.55
CA MET L 1626 -74.20 39.46 -77.42
C MET L 1626 -73.18 40.33 -76.71
N MET L 1627 -72.43 39.73 -75.78
CA MET L 1627 -71.32 40.41 -75.15
C MET L 1627 -70.07 40.27 -76.02
N ALA L 1628 -69.37 41.38 -76.23
CA ALA L 1628 -68.24 41.42 -77.15
C ALA L 1628 -66.99 41.87 -76.42
N LEU L 1629 -65.90 41.16 -76.65
CA LEU L 1629 -64.58 41.53 -76.12
C LEU L 1629 -63.76 42.15 -77.25
N HIS L 1630 -63.42 43.42 -77.10
CA HIS L 1630 -62.71 44.17 -78.14
C HIS L 1630 -61.23 44.24 -77.80
N ILE L 1631 -60.40 43.77 -78.71
CA ILE L 1631 -58.96 43.92 -78.59
C ILE L 1631 -58.60 45.31 -79.11
N PRO L 1632 -58.02 46.18 -78.29
CA PRO L 1632 -57.77 47.56 -78.75
C PRO L 1632 -56.84 47.68 -79.94
N GLU L 1633 -55.81 46.84 -80.03
CA GLU L 1633 -54.82 47.02 -81.09
C GLU L 1633 -55.38 46.64 -82.45
N GLU L 1634 -56.07 45.49 -82.53
CA GLU L 1634 -56.60 45.02 -83.80
C GLU L 1634 -57.92 45.65 -84.17
N ASN L 1635 -58.53 46.41 -83.26
CA ASN L 1635 -59.81 47.07 -83.50
C ASN L 1635 -60.88 46.09 -83.94
N ARG L 1636 -60.83 44.88 -83.37
CA ARG L 1636 -61.83 43.86 -83.64
C ARG L 1636 -62.31 43.28 -82.33
N CYS L 1637 -63.54 42.78 -82.34
CA CYS L 1637 -64.13 42.17 -81.16
C CYS L 1637 -64.51 40.73 -81.47
N MET L 1638 -64.29 39.86 -80.49
CA MET L 1638 -64.78 38.49 -80.54
C MET L 1638 -65.93 38.35 -79.56
N ASP L 1639 -66.64 37.24 -79.66
CA ASP L 1639 -67.62 36.92 -78.63
C ASP L 1639 -66.89 36.60 -77.34
N ILE L 1640 -67.46 37.04 -76.21
CA ILE L 1640 -66.78 36.79 -74.94
C ILE L 1640 -66.73 35.30 -74.64
N LEU L 1641 -67.72 34.54 -75.13
CA LEU L 1641 -67.74 33.10 -74.93
C LEU L 1641 -66.70 32.39 -75.77
N GLU L 1642 -66.12 33.07 -76.77
CA GLU L 1642 -65.08 32.49 -77.59
C GLU L 1642 -63.80 32.25 -76.79
N LEU L 1643 -63.65 32.91 -75.65
CA LEU L 1643 -62.48 32.70 -74.80
C LEU L 1643 -62.47 31.32 -74.15
N SER L 1644 -63.56 30.56 -74.27
CA SER L 1644 -63.62 29.23 -73.65
C SER L 1644 -62.56 28.29 -74.21
N GLU L 1645 -62.03 28.57 -75.40
CA GLU L 1645 -60.87 27.83 -75.89
C GLU L 1645 -59.62 28.69 -76.01
N ARG L 1646 -59.75 30.01 -76.06
CA ARG L 1646 -58.58 30.89 -76.02
C ARG L 1646 -58.20 31.06 -74.55
N LEU L 1647 -57.33 30.19 -74.07
CA LEU L 1647 -57.02 30.16 -72.66
C LEU L 1647 -56.11 31.29 -72.23
N ASP L 1648 -55.24 31.78 -73.13
CA ASP L 1648 -54.35 32.88 -72.77
C ASP L 1648 -55.13 34.18 -72.59
N LEU L 1649 -56.04 34.49 -73.51
CA LEU L 1649 -56.89 35.65 -73.36
C LEU L 1649 -57.83 35.48 -72.17
N GLN L 1650 -58.25 34.25 -71.89
CA GLN L 1650 -59.03 33.98 -70.69
C GLN L 1650 -58.24 34.32 -69.44
N ARG L 1651 -56.97 33.91 -69.40
CA ARG L 1651 -56.12 34.23 -68.26
C ARG L 1651 -55.99 35.73 -68.07
N PHE L 1652 -55.72 36.45 -69.17
CA PHE L 1652 -55.53 37.89 -69.05
C PHE L 1652 -56.81 38.59 -68.64
N HIS L 1653 -57.97 38.17 -69.15
CA HIS L 1653 -59.20 38.84 -68.76
C HIS L 1653 -59.61 38.50 -67.34
N SER L 1654 -59.36 37.28 -66.88
CA SER L 1654 -59.62 36.97 -65.48
C SER L 1654 -58.75 37.81 -64.57
N HIS L 1655 -57.48 37.99 -64.92
CA HIS L 1655 -56.62 38.83 -64.11
C HIS L 1655 -56.99 40.30 -64.23
N THR L 1656 -57.54 40.71 -65.37
CA THR L 1656 -58.05 42.08 -65.50
C THR L 1656 -59.23 42.30 -64.57
N LEU L 1657 -60.12 41.32 -64.47
CA LEU L 1657 -61.21 41.43 -63.51
C LEU L 1657 -60.68 41.47 -62.08
N ARG L 1658 -59.58 40.76 -61.82
CA ARG L 1658 -58.96 40.83 -60.50
C ARG L 1658 -58.42 42.23 -60.22
N LEU L 1659 -57.78 42.84 -61.21
CA LEU L 1659 -57.33 44.22 -61.09
C LEU L 1659 -58.49 45.16 -60.82
N TYR L 1660 -59.59 45.00 -61.55
CA TYR L 1660 -60.75 45.86 -61.36
C TYR L 1660 -61.35 45.69 -59.97
N ARG L 1661 -61.42 44.45 -59.48
CA ARG L 1661 -61.95 44.22 -58.15
C ARG L 1661 -61.09 44.90 -57.10
N ALA L 1662 -59.77 44.77 -57.21
CA ALA L 1662 -58.95 45.19 -56.10
C ALA L 1662 -58.44 46.63 -56.21
N VAL L 1663 -58.70 47.33 -57.31
CA VAL L 1663 -58.44 48.77 -57.27
C VAL L 1663 -59.55 49.47 -56.50
N CYS L 1664 -60.77 48.95 -56.55
CA CYS L 1664 -61.88 49.51 -55.80
C CYS L 1664 -62.19 48.71 -54.55
N ALA L 1665 -61.34 47.74 -54.21
CA ALA L 1665 -61.54 47.00 -52.97
C ALA L 1665 -61.32 47.91 -51.77
N LEU L 1666 -61.98 47.55 -50.67
CA LEU L 1666 -61.83 48.23 -49.38
C LEU L 1666 -62.32 49.67 -49.46
N GLY L 1667 -63.53 49.85 -49.98
CA GLY L 1667 -64.24 51.10 -49.90
C GLY L 1667 -63.64 52.28 -50.65
N ASN L 1668 -63.16 52.06 -51.87
CA ASN L 1668 -62.74 53.16 -52.73
C ASN L 1668 -63.87 53.46 -53.70
N ASN L 1669 -64.89 54.15 -53.19
CA ASN L 1669 -66.09 54.39 -53.97
C ASN L 1669 -65.82 55.31 -55.16
N ARG L 1670 -64.83 56.20 -55.05
CA ARG L 1670 -64.46 57.04 -56.19
C ARG L 1670 -63.97 56.19 -57.36
N VAL L 1671 -63.06 55.26 -57.08
CA VAL L 1671 -62.55 54.39 -58.14
C VAL L 1671 -63.62 53.40 -58.59
N ALA L 1672 -64.52 52.99 -57.68
CA ALA L 1672 -65.63 52.13 -58.10
C ALA L 1672 -66.53 52.83 -59.09
N HIS L 1673 -66.83 54.11 -58.85
CA HIS L 1673 -67.55 54.91 -59.83
C HIS L 1673 -66.77 54.99 -61.14
N ALA L 1674 -65.45 55.20 -61.05
CA ALA L 1674 -64.63 55.21 -62.25
C ALA L 1674 -64.73 53.90 -63.02
N LEU L 1675 -64.91 52.79 -62.30
CA LEU L 1675 -65.01 51.49 -62.94
C LEU L 1675 -66.36 51.27 -63.61
N CYS L 1676 -67.41 51.91 -63.10
CA CYS L 1676 -68.75 51.67 -63.65
C CYS L 1676 -68.84 52.06 -65.12
N SER L 1677 -67.98 52.99 -65.58
CA SER L 1677 -67.95 53.30 -67.00
C SER L 1677 -67.41 52.13 -67.80
N HIS L 1678 -66.35 51.50 -67.31
CA HIS L 1678 -65.79 50.34 -67.99
C HIS L 1678 -66.76 49.17 -67.99
N VAL L 1679 -67.39 48.91 -66.86
CA VAL L 1679 -68.24 47.75 -66.67
C VAL L 1679 -69.62 48.26 -66.30
N ASP L 1680 -70.56 48.20 -67.24
CA ASP L 1680 -71.87 48.78 -67.07
C ASP L 1680 -72.78 47.86 -66.27
N GLN L 1681 -73.90 48.43 -65.81
CA GLN L 1681 -74.85 47.65 -65.02
C GLN L 1681 -75.53 46.58 -65.86
N ALA L 1682 -76.01 46.94 -67.05
CA ALA L 1682 -76.66 45.96 -67.93
C ALA L 1682 -75.65 44.91 -68.38
N GLN L 1683 -74.42 45.34 -68.64
CA GLN L 1683 -73.31 44.42 -68.88
C GLN L 1683 -73.20 43.38 -67.77
N LEU L 1684 -73.17 43.83 -66.52
CA LEU L 1684 -73.04 42.91 -65.40
C LEU L 1684 -74.24 41.99 -65.29
N LEU L 1685 -75.45 42.51 -65.53
CA LEU L 1685 -76.64 41.67 -65.43
C LEU L 1685 -76.62 40.57 -66.48
N HIS L 1686 -76.20 40.88 -67.71
CA HIS L 1686 -76.14 39.84 -68.73
C HIS L 1686 -75.07 38.82 -68.41
N ALA L 1687 -73.91 39.26 -67.92
CA ALA L 1687 -72.86 38.34 -67.52
C ALA L 1687 -73.28 37.47 -66.35
N LEU L 1688 -74.21 37.97 -65.53
CA LEU L 1688 -74.77 37.17 -64.46
C LEU L 1688 -75.73 36.11 -65.03
N GLU L 1689 -76.58 36.52 -65.96
CA GLU L 1689 -77.67 35.64 -66.38
C GLU L 1689 -77.17 34.51 -67.28
N ASP L 1690 -76.22 34.79 -68.17
CA ASP L 1690 -75.85 33.81 -69.18
C ASP L 1690 -75.17 32.60 -68.54
N ALA L 1691 -75.24 31.47 -69.25
CA ALA L 1691 -74.69 30.22 -68.75
C ALA L 1691 -73.47 29.73 -69.51
N HIS L 1692 -73.24 30.22 -70.71
CA HIS L 1692 -72.09 29.79 -71.50
C HIS L 1692 -70.83 30.56 -71.15
N LEU L 1693 -70.90 31.49 -70.23
CA LEU L 1693 -69.71 32.18 -69.76
C LEU L 1693 -68.77 31.17 -69.11
N PRO L 1694 -67.47 31.25 -69.37
CA PRO L 1694 -66.52 30.33 -68.73
C PRO L 1694 -66.49 30.50 -67.22
N GLY L 1695 -65.85 29.55 -66.56
CA GLY L 1695 -65.76 29.53 -65.12
C GLY L 1695 -65.08 30.75 -64.51
N PRO L 1696 -63.80 30.96 -64.84
CA PRO L 1696 -63.08 32.09 -64.25
C PRO L 1696 -63.73 33.43 -64.53
N LEU L 1697 -64.26 33.62 -65.74
CA LEU L 1697 -64.93 34.87 -66.05
C LEU L 1697 -66.23 35.01 -65.28
N ARG L 1698 -66.96 33.91 -65.09
CA ARG L 1698 -68.20 33.99 -64.33
C ARG L 1698 -67.93 34.40 -62.89
N ALA L 1699 -66.98 33.74 -62.25
CA ALA L 1699 -66.64 34.09 -60.88
C ALA L 1699 -66.10 35.50 -60.79
N GLY L 1700 -65.26 35.90 -61.76
CA GLY L 1700 -64.73 37.24 -61.75
C GLY L 1700 -65.80 38.31 -61.89
N TYR L 1701 -66.78 38.08 -62.75
CA TYR L 1701 -67.81 39.09 -62.96
C TYR L 1701 -68.75 39.18 -61.76
N TYR L 1702 -69.08 38.05 -61.15
CA TYR L 1702 -69.89 38.09 -59.94
C TYR L 1702 -69.18 38.85 -58.83
N ASP L 1703 -67.90 38.53 -58.62
CA ASP L 1703 -67.15 39.20 -57.57
C ASP L 1703 -66.89 40.66 -57.91
N LEU L 1704 -66.84 41.00 -59.20
CA LEU L 1704 -66.70 42.40 -59.58
C LEU L 1704 -67.96 43.19 -59.29
N LEU L 1705 -69.13 42.61 -59.58
CA LEU L 1705 -70.38 43.26 -59.22
C LEU L 1705 -70.45 43.50 -57.71
N ILE L 1706 -70.14 42.47 -56.93
CA ILE L 1706 -70.18 42.60 -55.47
C ILE L 1706 -69.17 43.65 -55.01
N SER L 1707 -68.00 43.70 -55.66
CA SER L 1707 -66.96 44.61 -55.19
C SER L 1707 -67.27 46.05 -55.53
N ILE L 1708 -67.79 46.32 -56.73
CA ILE L 1708 -68.00 47.72 -57.12
C ILE L 1708 -69.38 48.24 -56.72
N HIS L 1709 -70.28 47.39 -56.25
CA HIS L 1709 -71.60 47.88 -55.88
C HIS L 1709 -72.02 47.57 -54.45
N LEU L 1710 -71.52 46.49 -53.86
CA LEU L 1710 -72.06 46.06 -52.58
C LEU L 1710 -71.02 45.87 -51.49
N GLU L 1711 -69.72 45.98 -51.78
CA GLU L 1711 -68.72 45.61 -50.80
C GLU L 1711 -68.73 46.56 -49.61
N SER L 1712 -68.69 47.87 -49.87
CA SER L 1712 -68.63 48.84 -48.77
C SER L 1712 -69.89 48.80 -47.92
N ALA L 1713 -71.06 48.71 -48.57
CA ALA L 1713 -72.31 48.65 -47.81
C ALA L 1713 -72.40 47.37 -46.98
N CYS L 1714 -72.01 46.25 -47.56
CA CYS L 1714 -72.04 44.99 -46.83
C CYS L 1714 -71.10 45.02 -45.64
N ARG L 1715 -69.90 45.56 -45.81
CA ARG L 1715 -68.97 45.67 -44.70
C ARG L 1715 -69.52 46.58 -43.61
N SER L 1716 -70.12 47.71 -44.00
CA SER L 1716 -70.67 48.64 -43.03
C SER L 1716 -71.77 48.00 -42.21
N ARG L 1717 -72.65 47.24 -42.84
CA ARG L 1717 -73.70 46.56 -42.09
C ARG L 1717 -73.13 45.44 -41.22
N ARG L 1718 -72.13 44.73 -41.74
CA ARG L 1718 -71.56 43.60 -41.00
C ARG L 1718 -70.91 44.07 -39.72
N SER L 1719 -70.23 45.22 -39.75
CA SER L 1719 -69.60 45.74 -38.54
C SER L 1719 -70.62 46.12 -37.47
N MET L 1720 -71.89 46.31 -37.83
CA MET L 1720 -72.91 46.64 -36.85
C MET L 1720 -73.75 45.46 -36.41
N LEU L 1721 -73.75 44.35 -37.15
CA LEU L 1721 -74.55 43.20 -36.71
C LEU L 1721 -74.10 42.64 -35.37
N SER L 1722 -72.90 42.99 -34.91
CA SER L 1722 -72.42 42.47 -33.63
C SER L 1722 -73.24 43.01 -32.45
N GLU L 1723 -73.72 44.24 -32.52
CA GLU L 1723 -74.46 44.86 -31.44
C GLU L 1723 -75.96 44.70 -31.67
N TYR L 1724 -76.73 44.92 -30.60
CA TYR L 1724 -78.18 44.74 -30.65
C TYR L 1724 -78.88 45.89 -29.93
N ILE L 1725 -78.51 47.13 -30.28
CA ILE L 1725 -79.20 48.30 -29.74
C ILE L 1725 -80.64 48.28 -30.18
N VAL L 1726 -81.56 48.15 -29.24
CA VAL L 1726 -82.98 48.01 -29.52
C VAL L 1726 -83.73 49.11 -28.78
N PRO L 1727 -84.55 49.91 -29.47
CA PRO L 1727 -85.31 50.95 -28.78
C PRO L 1727 -86.69 50.47 -28.32
N LEU L 1728 -87.46 51.35 -27.67
CA LEU L 1728 -88.81 51.01 -27.22
C LEU L 1728 -89.81 51.54 -28.23
N THR L 1729 -90.39 50.63 -29.02
CA THR L 1729 -91.43 50.96 -29.97
C THR L 1729 -92.56 49.95 -29.82
N PRO L 1730 -93.76 50.29 -30.31
CA PRO L 1730 -94.82 49.28 -30.38
C PRO L 1730 -94.45 48.08 -31.22
N GLU L 1731 -93.55 48.24 -32.20
CA GLU L 1731 -93.00 47.09 -32.89
C GLU L 1731 -92.04 46.31 -32.00
N THR L 1732 -91.40 46.99 -31.05
CA THR L 1732 -90.49 46.31 -30.13
C THR L 1732 -91.24 45.43 -29.14
N ARG L 1733 -92.43 45.86 -28.71
CA ARG L 1733 -93.20 44.95 -27.86
C ARG L 1733 -93.87 43.84 -28.65
N ALA L 1734 -93.76 43.85 -29.98
CA ALA L 1734 -94.41 42.82 -30.78
C ALA L 1734 -93.66 41.50 -30.76
N ILE L 1735 -92.34 41.51 -30.67
CA ILE L 1735 -91.58 40.27 -30.77
C ILE L 1735 -91.81 39.41 -29.53
N THR L 1736 -92.14 38.14 -29.76
CA THR L 1736 -92.15 37.12 -28.73
C THR L 1736 -91.19 36.01 -29.14
N LEU L 1737 -90.73 35.25 -28.15
CA LEU L 1737 -89.80 34.16 -28.44
C LEU L 1737 -90.46 33.10 -29.31
N PHE L 1738 -91.63 32.62 -28.90
CA PHE L 1738 -92.36 31.66 -29.70
C PHE L 1738 -93.59 32.34 -30.30
N PRO L 1739 -93.65 32.50 -31.61
CA PRO L 1739 -94.85 33.05 -32.23
C PRO L 1739 -96.04 32.15 -31.97
N PRO L 1740 -97.23 32.73 -31.75
CA PRO L 1740 -98.41 31.92 -31.43
C PRO L 1740 -98.80 31.06 -32.62
N GLY L 1741 -98.72 29.74 -32.43
CA GLY L 1741 -99.10 28.83 -33.49
C GLY L 1741 -100.61 28.83 -33.72
N ARG L 1742 -101.00 28.86 -34.99
CA ARG L 1742 -102.40 28.86 -35.37
C ARG L 1742 -102.96 27.47 -35.61
N LYS L 1743 -102.15 26.43 -35.44
CA LYS L 1743 -102.59 25.05 -35.61
C LYS L 1743 -102.90 24.36 -34.30
N GLY L 1744 -102.93 25.10 -33.19
CA GLY L 1744 -103.21 24.52 -31.89
C GLY L 1744 -102.00 23.87 -31.26
N GLY L 1745 -101.56 22.76 -31.86
CA GLY L 1745 -100.35 22.08 -31.44
C GLY L 1745 -99.08 22.58 -32.09
N ASN L 1746 -99.16 23.66 -32.87
CA ASN L 1746 -98.00 24.23 -33.54
C ASN L 1746 -97.07 24.96 -32.58
N ALA L 1747 -97.45 25.12 -31.31
CA ALA L 1747 -96.61 25.78 -30.34
C ALA L 1747 -95.35 24.94 -30.07
N ARG L 1748 -94.40 25.58 -29.38
CA ARG L 1748 -93.10 24.98 -29.05
C ARG L 1748 -92.31 24.61 -30.30
N ARG L 1749 -92.58 25.29 -31.40
CA ARG L 1749 -91.79 25.15 -32.63
C ARG L 1749 -91.27 26.52 -33.02
N HIS L 1750 -89.98 26.60 -33.33
CA HIS L 1750 -89.37 27.88 -33.65
C HIS L 1750 -89.96 28.46 -34.93
N GLY L 1751 -90.17 29.78 -34.92
CA GLY L 1751 -90.41 30.48 -36.15
C GLY L 1751 -89.18 30.47 -37.03
N LEU L 1752 -89.41 30.57 -38.33
CA LEU L 1752 -88.31 30.45 -39.28
C LEU L 1752 -87.35 31.63 -39.10
N PRO L 1753 -86.04 31.38 -39.11
CA PRO L 1753 -85.07 32.47 -38.91
C PRO L 1753 -85.13 33.47 -40.05
N GLY L 1754 -85.33 34.75 -39.70
CA GLY L 1754 -85.35 35.82 -40.67
C GLY L 1754 -86.72 36.23 -41.14
N VAL L 1755 -87.79 35.63 -40.63
CA VAL L 1755 -89.14 36.02 -41.02
C VAL L 1755 -89.77 36.96 -39.99
N GLY L 1756 -89.16 37.15 -38.84
CA GLY L 1756 -89.73 38.00 -37.81
C GLY L 1756 -89.44 39.46 -38.04
N VAL L 1757 -89.88 40.26 -37.08
CA VAL L 1757 -89.69 41.71 -37.10
C VAL L 1757 -88.39 42.03 -36.37
N THR L 1758 -87.51 42.77 -37.04
CA THR L 1758 -86.24 43.19 -36.47
C THR L 1758 -86.30 44.67 -36.11
N THR L 1759 -85.91 44.98 -34.88
CA THR L 1759 -85.95 46.36 -34.38
C THR L 1759 -84.58 46.90 -34.01
N SER L 1760 -83.52 46.11 -34.13
CA SER L 1760 -82.18 46.60 -33.82
C SER L 1760 -81.81 47.73 -34.77
N LEU L 1761 -81.28 48.81 -34.22
CA LEU L 1761 -81.00 49.99 -35.02
C LEU L 1761 -79.81 49.74 -35.94
N ARG L 1762 -80.04 49.84 -37.24
CA ARG L 1762 -79.01 49.65 -38.24
C ARG L 1762 -78.89 50.91 -39.08
N PRO L 1763 -77.69 51.42 -39.31
CA PRO L 1763 -77.53 52.58 -40.19
C PRO L 1763 -77.94 52.23 -41.60
N PRO L 1764 -78.90 52.95 -42.18
CA PRO L 1764 -79.43 52.57 -43.49
C PRO L 1764 -78.40 52.75 -44.59
N HIS L 1765 -78.57 51.97 -45.65
CA HIS L 1765 -77.61 51.97 -46.74
C HIS L 1765 -77.70 53.27 -47.53
N HIS L 1766 -76.55 53.74 -48.01
CA HIS L 1766 -76.46 54.94 -48.82
C HIS L 1766 -75.78 54.60 -50.14
N PHE L 1767 -76.43 54.94 -51.25
CA PHE L 1767 -75.85 54.80 -52.58
C PHE L 1767 -76.14 56.04 -53.39
N SER L 1768 -75.13 56.52 -54.11
CA SER L 1768 -75.30 57.62 -55.04
C SER L 1768 -75.34 57.08 -56.46
N PRO L 1769 -76.38 57.34 -57.23
CA PRO L 1769 -76.47 56.82 -58.59
C PRO L 1769 -75.29 57.29 -59.43
N PRO L 1770 -74.75 56.43 -60.29
CA PRO L 1770 -73.58 56.82 -61.08
C PRO L 1770 -73.89 57.86 -62.12
N CYS L 1771 -73.35 59.07 -61.95
CA CYS L 1771 -73.50 60.15 -62.90
C CYS L 1771 -72.13 60.71 -63.21
N PHE L 1772 -71.87 60.96 -64.49
CA PHE L 1772 -70.53 61.35 -64.91
C PHE L 1772 -70.61 62.59 -65.80
N VAL L 1773 -71.76 62.78 -66.45
CA VAL L 1773 -71.97 63.98 -67.25
C VAL L 1773 -72.09 65.22 -66.38
N ALA L 1774 -72.29 65.05 -65.08
CA ALA L 1774 -72.38 66.19 -64.18
C ALA L 1774 -71.06 66.95 -64.12
N ALA L 1775 -71.17 68.27 -63.98
CA ALA L 1775 -70.00 69.14 -63.90
C ALA L 1775 -69.29 68.91 -62.57
N LEU L 1776 -68.21 68.14 -62.60
CA LEU L 1776 -67.46 67.83 -61.39
C LEU L 1776 -66.73 69.07 -60.90
N PRO L 1777 -66.98 69.53 -59.66
CA PRO L 1777 -66.29 70.70 -59.11
C PRO L 1777 -64.97 70.36 -58.43
N GLU L 1783 -60.86 67.13 -47.95
CA GLU L 1783 -61.48 68.25 -48.67
C GLU L 1783 -62.81 67.84 -49.27
N ALA L 1784 -62.76 66.96 -50.27
CA ALA L 1784 -63.97 66.48 -50.91
C ALA L 1784 -64.77 65.60 -49.95
N PRO L 1785 -66.10 65.65 -50.00
CA PRO L 1785 -66.91 64.79 -49.14
C PRO L 1785 -66.75 63.33 -49.52
N ALA L 1786 -67.05 62.47 -48.55
CA ALA L 1786 -66.89 61.02 -48.73
C ALA L 1786 -67.79 60.53 -49.86
N ARG L 1787 -67.17 59.99 -50.91
CA ARG L 1787 -67.91 59.53 -52.06
C ARG L 1787 -68.73 58.29 -51.71
N LEU L 1788 -69.98 58.26 -52.16
CA LEU L 1788 -70.82 57.12 -51.93
C LEU L 1788 -70.55 56.03 -52.96
N SER L 1789 -71.01 54.82 -52.67
CA SER L 1789 -70.85 53.72 -53.60
C SER L 1789 -71.85 53.86 -54.74
N PRO L 1790 -71.48 53.38 -55.94
CA PRO L 1790 -72.43 53.41 -57.06
C PRO L 1790 -73.65 52.55 -56.79
N ALA L 1791 -74.79 52.99 -57.30
CA ALA L 1791 -76.06 52.34 -57.03
C ALA L 1791 -76.39 51.32 -58.12
N ILE L 1792 -77.43 50.53 -57.84
CA ILE L 1792 -77.91 49.47 -58.72
C ILE L 1792 -79.24 49.02 -58.13
N PRO L 1793 -80.22 48.62 -58.94
CA PRO L 1793 -81.52 48.21 -58.36
C PRO L 1793 -81.42 47.00 -57.45
N LEU L 1794 -81.62 47.22 -56.15
CA LEU L 1794 -81.47 46.14 -55.18
C LEU L 1794 -82.58 45.12 -55.31
N GLU L 1795 -83.82 45.57 -55.51
CA GLU L 1795 -84.94 44.65 -55.64
C GLU L 1795 -84.82 43.80 -56.90
N ALA L 1796 -84.38 44.40 -58.00
CA ALA L 1796 -84.17 43.66 -59.23
C ALA L 1796 -83.04 42.64 -59.06
N LEU L 1797 -81.94 43.05 -58.44
CA LEU L 1797 -80.85 42.12 -58.16
C LEU L 1797 -81.32 40.99 -57.26
N ARG L 1798 -82.18 41.31 -56.30
CA ARG L 1798 -82.67 40.32 -55.34
C ARG L 1798 -83.48 39.24 -56.03
N ASP L 1799 -84.48 39.65 -56.82
CA ASP L 1799 -85.30 38.67 -57.52
C ASP L 1799 -84.48 37.91 -58.56
N LYS L 1800 -83.58 38.61 -59.25
CA LYS L 1800 -82.78 37.97 -60.30
C LYS L 1800 -81.86 36.91 -59.71
N ALA L 1801 -81.20 37.23 -58.58
CA ALA L 1801 -80.29 36.27 -57.97
C ALA L 1801 -81.05 35.11 -57.34
N LEU L 1802 -82.21 35.38 -56.74
CA LEU L 1802 -83.03 34.31 -56.20
C LEU L 1802 -83.43 33.33 -57.29
N ARG L 1803 -83.86 33.85 -58.44
CA ARG L 1803 -84.21 33.00 -59.57
C ARG L 1803 -82.99 32.24 -60.08
N MET L 1804 -81.83 32.89 -60.13
CA MET L 1804 -80.63 32.24 -60.62
C MET L 1804 -80.25 31.05 -59.75
N LEU L 1805 -80.28 31.23 -58.43
CA LEU L 1805 -79.91 30.11 -57.58
C LEU L 1805 -81.00 29.05 -57.57
N GLY L 1806 -82.25 29.43 -57.84
CA GLY L 1806 -83.30 28.44 -57.99
C GLY L 1806 -83.06 27.52 -59.18
N GLU L 1807 -82.73 28.11 -60.33
CA GLU L 1807 -82.45 27.28 -61.49
C GLU L 1807 -81.14 26.52 -61.34
N ALA L 1808 -80.19 27.07 -60.57
CA ALA L 1808 -78.97 26.33 -60.28
C ALA L 1808 -79.27 25.09 -59.43
N VAL L 1809 -80.13 25.23 -58.43
CA VAL L 1809 -80.53 24.08 -57.62
C VAL L 1809 -81.27 23.06 -58.46
N ARG L 1810 -82.14 23.53 -59.35
CA ARG L 1810 -82.87 22.60 -60.22
C ARG L 1810 -81.90 21.86 -61.14
N ASP L 1811 -80.90 22.55 -61.68
CA ASP L 1811 -79.91 21.89 -62.53
C ASP L 1811 -79.12 20.86 -61.75
N GLY L 1812 -78.71 21.20 -60.52
CA GLY L 1812 -78.04 20.23 -59.67
C GLY L 1812 -78.94 19.04 -59.34
N GLY L 1813 -80.25 19.26 -59.32
CA GLY L 1813 -81.16 18.13 -59.20
C GLY L 1813 -81.17 17.26 -60.44
N GLN L 1814 -81.16 17.88 -61.62
CA GLN L 1814 -81.20 17.13 -62.87
C GLN L 1814 -79.91 16.39 -63.17
N HIS L 1815 -78.81 16.72 -62.48
CA HIS L 1815 -77.53 16.01 -62.61
C HIS L 1815 -76.99 16.08 -64.04
N ALA L 1816 -76.97 17.29 -64.58
CA ALA L 1816 -76.46 17.47 -65.93
C ALA L 1816 -74.94 17.27 -65.95
N ARG L 1817 -74.43 16.96 -67.14
CA ARG L 1817 -72.99 16.84 -67.34
C ARG L 1817 -72.38 18.13 -67.89
N ASP L 1818 -73.12 19.23 -67.84
CA ASP L 1818 -72.66 20.53 -68.31
C ASP L 1818 -72.89 21.66 -67.29
N PRO L 1819 -72.27 21.56 -66.11
CA PRO L 1819 -72.51 22.56 -65.06
C PRO L 1819 -72.15 23.96 -65.54
N VAL L 1820 -72.94 24.94 -65.10
CA VAL L 1820 -72.82 26.31 -65.59
C VAL L 1820 -71.45 26.85 -65.22
N GLY L 1821 -70.64 27.14 -66.21
CA GLY L 1821 -69.29 27.62 -66.00
C GLY L 1821 -68.23 26.54 -66.09
N GLY L 1822 -68.61 25.27 -65.97
CA GLY L 1822 -67.67 24.19 -66.14
C GLY L 1822 -67.68 23.17 -65.01
N SER L 1823 -67.94 23.64 -63.79
CA SER L 1823 -67.90 22.79 -62.61
C SER L 1823 -69.00 23.22 -61.66
N VAL L 1824 -69.37 22.30 -60.77
CA VAL L 1824 -70.37 22.61 -59.75
C VAL L 1824 -69.88 23.75 -58.86
N GLU L 1825 -68.57 23.78 -58.61
CA GLU L 1825 -67.99 24.88 -57.84
C GLU L 1825 -68.24 26.22 -58.51
N PHE L 1826 -67.88 26.34 -59.79
CA PHE L 1826 -68.10 27.60 -60.49
C PHE L 1826 -69.57 27.89 -60.72
N GLN L 1827 -70.41 26.87 -60.66
CA GLN L 1827 -71.85 27.11 -60.80
C GLN L 1827 -72.43 27.69 -59.52
N PHE L 1828 -71.94 27.26 -58.36
CA PHE L 1828 -72.61 27.62 -57.11
C PHE L 1828 -71.90 28.70 -56.30
N VAL L 1829 -70.57 28.71 -56.21
CA VAL L 1829 -69.91 29.67 -55.32
C VAL L 1829 -70.18 31.13 -55.67
N PRO L 1830 -70.22 31.57 -56.94
CA PRO L 1830 -70.48 33.00 -57.14
C PRO L 1830 -71.89 33.38 -56.78
N VAL L 1831 -72.87 32.55 -57.12
CA VAL L 1831 -74.26 32.84 -56.78
C VAL L 1831 -74.44 32.84 -55.27
N LEU L 1832 -73.79 31.91 -54.58
CA LEU L 1832 -73.91 31.87 -53.13
C LEU L 1832 -73.23 33.07 -52.48
N LYS L 1833 -72.15 33.58 -53.07
CA LYS L 1833 -71.59 34.83 -52.58
C LYS L 1833 -72.60 35.96 -52.73
N LEU L 1834 -73.31 36.00 -53.86
CA LEU L 1834 -74.33 37.04 -54.05
C LEU L 1834 -75.43 36.92 -53.01
N VAL L 1835 -75.92 35.69 -52.78
CA VAL L 1835 -77.02 35.52 -51.84
C VAL L 1835 -76.57 35.85 -50.42
N SER L 1836 -75.35 35.46 -50.04
CA SER L 1836 -74.87 35.76 -48.70
C SER L 1836 -74.70 37.27 -48.51
N THR L 1837 -74.12 37.95 -49.50
CA THR L 1837 -73.94 39.40 -49.39
C THR L 1837 -75.28 40.11 -49.27
N LEU L 1838 -76.24 39.72 -50.11
CA LEU L 1838 -77.56 40.36 -50.04
C LEU L 1838 -78.26 40.04 -48.73
N LEU L 1839 -78.12 38.80 -48.24
CA LEU L 1839 -78.77 38.40 -47.01
C LEU L 1839 -78.25 39.21 -45.84
N VAL L 1840 -76.93 39.34 -45.72
CA VAL L 1840 -76.39 40.14 -44.62
C VAL L 1840 -76.64 41.61 -44.84
N MET L 1841 -76.92 42.03 -46.08
CA MET L 1841 -77.26 43.41 -46.34
C MET L 1841 -78.73 43.69 -46.13
N GLY L 1842 -79.53 42.67 -45.84
CA GLY L 1842 -80.91 42.87 -45.44
C GLY L 1842 -81.87 43.18 -46.55
N ILE L 1843 -81.49 42.93 -47.80
CA ILE L 1843 -82.36 43.26 -48.92
C ILE L 1843 -83.57 42.36 -48.98
N PHE L 1844 -83.39 41.07 -48.69
CA PHE L 1844 -84.45 40.10 -48.89
C PHE L 1844 -85.59 40.32 -47.90
N GLY L 1845 -86.82 40.22 -48.40
CA GLY L 1845 -88.01 40.36 -47.57
C GLY L 1845 -88.42 39.04 -46.95
N ASP L 1846 -89.57 39.08 -46.28
CA ASP L 1846 -90.03 37.92 -45.52
C ASP L 1846 -90.31 36.74 -46.42
N GLU L 1847 -91.12 36.95 -47.47
CA GLU L 1847 -91.44 35.86 -48.38
C GLU L 1847 -90.19 35.38 -49.09
N ASP L 1848 -89.27 36.29 -49.38
CA ASP L 1848 -88.06 35.90 -50.10
C ASP L 1848 -87.16 35.02 -49.24
N VAL L 1849 -86.96 35.37 -47.97
CA VAL L 1849 -86.15 34.50 -47.13
C VAL L 1849 -86.88 33.21 -46.84
N LYS L 1850 -88.22 33.23 -46.88
CA LYS L 1850 -88.96 31.98 -46.82
C LYS L 1850 -88.61 31.07 -47.98
N GLN L 1851 -88.54 31.63 -49.18
CA GLN L 1851 -88.12 30.84 -50.34
C GLN L 1851 -86.69 30.33 -50.17
N ILE L 1852 -85.80 31.19 -49.69
CA ILE L 1852 -84.40 30.80 -49.53
C ILE L 1852 -84.28 29.66 -48.52
N LEU L 1853 -85.01 29.75 -47.41
CA LEU L 1853 -84.96 28.70 -46.40
C LEU L 1853 -85.48 27.38 -46.96
N LYS L 1854 -86.66 27.41 -47.59
CA LYS L 1854 -87.24 26.19 -48.12
C LYS L 1854 -86.37 25.60 -49.23
N MET L 1855 -85.64 26.45 -49.95
CA MET L 1855 -84.86 26.00 -51.08
C MET L 1855 -83.42 25.65 -50.69
N ILE L 1856 -82.99 26.00 -49.49
CA ILE L 1856 -81.86 25.32 -48.87
C ILE L 1856 -82.29 23.94 -48.38
N GLU L 1857 -83.43 23.86 -47.68
CA GLU L 1857 -83.90 22.57 -47.20
C GLU L 1857 -85.42 22.54 -47.09
N PRO L 1858 -86.10 21.83 -47.97
CA PRO L 1858 -87.57 21.91 -48.03
C PRO L 1858 -88.29 21.29 -46.84
N GLU L 1859 -87.96 20.04 -46.52
CA GLU L 1859 -88.76 19.27 -45.58
C GLU L 1859 -88.69 19.86 -44.18
N VAL L 1860 -87.49 20.22 -43.72
CA VAL L 1860 -87.34 20.72 -42.36
C VAL L 1860 -87.88 22.13 -42.22
N PHE L 1861 -87.78 22.95 -43.26
CA PHE L 1861 -87.96 24.38 -43.13
C PHE L 1861 -89.27 24.88 -43.75
N THR L 1862 -90.16 23.99 -44.14
CA THR L 1862 -91.45 24.41 -44.66
C THR L 1862 -92.45 24.58 -43.51
N GLU L 1863 -93.49 25.37 -43.77
CA GLU L 1863 -94.48 25.67 -42.76
C GLU L 1863 -95.57 24.59 -42.78
N GLU L 1864 -96.63 24.81 -42.01
CA GLU L 1864 -97.74 23.87 -41.95
C GLU L 1864 -98.65 24.04 -43.15
N LEU L 1912 -87.82 13.61 -54.21
CA LEU L 1912 -88.71 14.74 -54.43
C LEU L 1912 -87.90 16.04 -54.57
N GLU L 1913 -88.23 17.02 -53.74
CA GLU L 1913 -87.52 18.29 -53.75
C GLU L 1913 -86.14 18.10 -53.12
N GLU L 1914 -85.10 18.21 -53.94
CA GLU L 1914 -83.74 18.03 -53.46
C GLU L 1914 -83.21 19.36 -52.92
N GLY L 1915 -82.90 19.38 -51.63
CA GLY L 1915 -82.36 20.57 -51.02
C GLY L 1915 -80.89 20.77 -51.34
N LEU L 1916 -80.44 22.02 -51.17
CA LEU L 1916 -79.05 22.34 -51.39
C LEU L 1916 -78.16 21.63 -50.39
N LEU L 1917 -78.61 21.51 -49.14
CA LEU L 1917 -77.94 20.64 -48.18
C LEU L 1917 -78.07 19.18 -48.60
N GLN L 1918 -79.21 18.80 -49.17
CA GLN L 1918 -79.52 17.41 -49.42
C GLN L 1918 -78.55 16.80 -50.44
N MET L 1919 -78.26 17.51 -51.53
CA MET L 1919 -77.41 16.93 -52.56
C MET L 1919 -75.93 17.16 -52.24
N LYS L 1920 -75.09 16.26 -52.75
CA LYS L 1920 -73.67 16.27 -52.41
C LYS L 1920 -72.98 17.48 -53.01
N LEU L 1921 -71.88 17.89 -52.39
CA LEU L 1921 -71.30 19.19 -52.68
C LEU L 1921 -69.79 19.11 -52.63
N PRO L 1922 -69.10 19.98 -53.35
CA PRO L 1922 -67.65 20.11 -53.19
C PRO L 1922 -67.33 21.00 -51.99
N GLU L 1923 -66.02 21.25 -51.80
CA GLU L 1923 -65.58 21.94 -50.58
C GLU L 1923 -65.98 23.41 -50.59
N SER L 1924 -65.71 24.12 -51.69
CA SER L 1924 -65.92 25.56 -51.70
C SER L 1924 -67.39 25.91 -51.57
N VAL L 1925 -68.26 25.12 -52.19
CA VAL L 1925 -69.69 25.37 -52.06
C VAL L 1925 -70.14 25.12 -50.63
N LYS L 1926 -69.55 24.12 -49.97
CA LYS L 1926 -69.82 23.91 -48.55
C LYS L 1926 -69.40 25.11 -47.72
N LEU L 1927 -68.25 25.70 -48.05
CA LEU L 1927 -67.79 26.88 -47.32
C LEU L 1927 -68.78 28.02 -47.44
N GLN L 1928 -69.24 28.30 -48.65
CA GLN L 1928 -70.21 29.37 -48.82
C GLN L 1928 -71.55 29.01 -48.22
N MET L 1929 -71.89 27.73 -48.20
CA MET L 1929 -73.11 27.29 -47.54
C MET L 1929 -73.05 27.54 -46.04
N CYS L 1930 -71.89 27.31 -45.43
CA CYS L 1930 -71.72 27.61 -44.02
C CYS L 1930 -71.79 29.12 -43.76
N ASN L 1931 -71.18 29.92 -44.64
CA ASN L 1931 -71.29 31.37 -44.47
C ASN L 1931 -72.72 31.84 -44.65
N LEU L 1932 -73.52 31.11 -45.42
CA LEU L 1932 -74.94 31.46 -45.52
C LEU L 1932 -75.69 31.05 -44.26
N LEU L 1933 -75.42 29.85 -43.73
CA LEU L 1933 -76.13 29.39 -42.54
C LEU L 1933 -75.75 30.17 -41.30
N GLU L 1934 -74.54 30.72 -41.26
CA GLU L 1934 -74.15 31.55 -40.14
C GLU L 1934 -75.05 32.77 -40.02
N TYR L 1935 -75.51 33.32 -41.16
CA TYR L 1935 -76.43 34.44 -41.09
C TYR L 1935 -77.74 34.04 -40.42
N PHE L 1936 -78.26 32.86 -40.74
CA PHE L 1936 -79.53 32.46 -40.15
C PHE L 1936 -79.39 32.19 -38.66
N CYS L 1937 -78.28 31.60 -38.25
CA CYS L 1937 -78.03 31.45 -36.81
C CYS L 1937 -77.93 32.81 -36.13
N ASP L 1938 -77.27 33.76 -36.79
CA ASP L 1938 -77.15 35.10 -36.23
C ASP L 1938 -78.51 35.76 -36.08
N GLN L 1939 -79.41 35.54 -37.05
CA GLN L 1939 -80.76 36.07 -36.93
C GLN L 1939 -81.55 35.38 -35.83
N GLU L 1940 -81.31 34.09 -35.62
CA GLU L 1940 -81.95 33.42 -34.48
C GLU L 1940 -81.50 34.04 -33.17
N LEU L 1941 -80.19 34.30 -33.03
CA LEU L 1941 -79.68 34.93 -31.82
C LEU L 1941 -80.22 36.33 -31.65
N GLN L 1942 -80.27 37.10 -32.74
CA GLN L 1942 -80.81 38.46 -32.69
C GLN L 1942 -82.28 38.45 -32.30
N HIS L 1943 -83.04 37.49 -32.81
CA HIS L 1943 -84.43 37.36 -32.41
C HIS L 1943 -84.54 37.06 -30.92
N ARG L 1944 -83.66 36.20 -30.40
CA ARG L 1944 -83.73 35.87 -28.98
C ARG L 1944 -83.41 37.08 -28.11
N VAL L 1945 -82.37 37.85 -28.44
CA VAL L 1945 -82.03 38.98 -27.60
C VAL L 1945 -83.08 40.08 -27.72
N GLU L 1946 -83.66 40.26 -28.90
CA GLU L 1946 -84.75 41.21 -29.05
C GLU L 1946 -85.96 40.79 -28.23
N SER L 1947 -86.28 39.50 -28.21
CA SER L 1947 -87.39 39.01 -27.39
C SER L 1947 -87.09 39.21 -25.91
N LEU L 1948 -85.83 39.07 -25.52
CA LEU L 1948 -85.44 39.33 -24.13
C LEU L 1948 -85.64 40.79 -23.77
N ALA L 1949 -85.31 41.70 -24.69
CA ALA L 1949 -85.55 43.12 -24.44
C ALA L 1949 -87.04 43.41 -24.35
N ALA L 1950 -87.84 42.76 -25.20
CA ALA L 1950 -89.28 42.95 -25.15
C ALA L 1950 -89.85 42.49 -23.82
N PHE L 1951 -89.38 41.35 -23.32
CA PHE L 1951 -89.81 40.93 -21.99
C PHE L 1951 -89.29 41.86 -20.91
N ALA L 1952 -88.11 42.46 -21.12
CA ALA L 1952 -87.60 43.42 -20.15
C ALA L 1952 -88.52 44.62 -20.02
N GLU L 1953 -88.99 45.15 -21.15
CA GLU L 1953 -89.88 46.30 -21.07
C GLU L 1953 -91.27 45.90 -20.57
N ARG L 1954 -91.72 44.68 -20.84
CA ARG L 1954 -92.97 44.23 -20.26
C ARG L 1954 -92.85 44.06 -18.76
N TYR L 1955 -91.69 43.64 -18.28
CA TYR L 1955 -91.54 43.27 -16.88
C TYR L 1955 -91.23 44.47 -15.99
N VAL L 1956 -90.56 45.49 -16.53
CA VAL L 1956 -90.21 46.64 -15.69
C VAL L 1956 -91.48 47.37 -15.25
N ASP L 1957 -92.51 47.42 -16.10
CA ASP L 1957 -93.76 48.08 -15.73
C ASP L 1957 -94.40 47.37 -14.55
N LYS L 1958 -94.46 46.04 -14.58
CA LYS L 1958 -95.03 45.29 -13.47
C LYS L 1958 -94.20 45.48 -12.21
N LEU L 1959 -92.88 45.48 -12.34
CA LEU L 1959 -92.02 45.64 -11.17
C LEU L 1959 -92.20 47.02 -10.54
N GLN L 1960 -92.28 48.06 -11.37
CA GLN L 1960 -92.51 49.40 -10.85
C GLN L 1960 -93.88 49.51 -10.19
N ALA L 1961 -94.89 48.84 -10.75
CA ALA L 1961 -96.22 48.87 -10.13
C ALA L 1961 -96.20 48.21 -8.76
N ASN L 1962 -95.56 47.05 -8.64
CA ASN L 1962 -95.47 46.39 -7.34
C ASN L 1962 -94.66 47.21 -6.36
N GLN L 1963 -93.59 47.85 -6.82
CA GLN L 1963 -92.82 48.71 -5.95
C GLN L 1963 -93.65 49.91 -5.50
N ARG L 1964 -94.51 50.44 -6.37
CA ARG L 1964 -95.42 51.51 -5.98
C ARG L 1964 -96.37 51.05 -4.88
N SER L 1965 -96.93 49.85 -5.00
CA SER L 1965 -97.87 49.38 -3.99
C SER L 1965 -97.18 49.18 -2.65
N ARG L 1966 -95.98 48.59 -2.65
CA ARG L 1966 -95.26 48.41 -1.39
C ARG L 1966 -94.80 49.75 -0.82
N TYR L 1967 -94.43 50.70 -1.68
CA TYR L 1967 -94.06 52.04 -1.23
C TYR L 1967 -95.24 52.76 -0.58
N ALA L 1968 -96.42 52.65 -1.18
CA ALA L 1968 -97.62 53.25 -0.60
C ALA L 1968 -97.94 52.61 0.74
N LEU L 1969 -97.79 51.29 0.84
CA LEU L 1969 -98.04 50.63 2.12
C LEU L 1969 -97.02 51.05 3.18
N LEU L 1970 -95.76 51.25 2.78
CA LEU L 1970 -94.74 51.69 3.73
C LEU L 1970 -95.03 53.08 4.27
N MET L 1971 -95.40 54.00 3.39
CA MET L 1971 -95.76 55.34 3.85
C MET L 1971 -97.11 55.34 4.58
N ARG L 1972 -97.96 54.35 4.34
CA ARG L 1972 -99.21 54.24 5.06
C ARG L 1972 -99.01 53.75 6.50
N ALA L 1973 -98.13 52.76 6.68
CA ALA L 1973 -97.89 52.19 8.00
C ALA L 1973 -96.40 51.88 8.13
N PHE L 1974 -95.70 52.67 8.94
CA PHE L 1974 -94.28 52.45 9.20
C PHE L 1974 -93.98 52.37 10.70
N THR L 1975 -95.00 52.12 11.52
CA THR L 1975 -94.79 52.05 12.96
C THR L 1975 -93.92 50.86 13.35
N MET L 1976 -94.12 49.72 12.69
CA MET L 1976 -93.30 48.53 12.94
C MET L 1976 -91.87 48.80 12.50
N SER L 1977 -90.96 48.92 13.47
CA SER L 1977 -89.59 49.34 13.16
C SER L 1977 -88.86 48.30 12.33
N ALA L 1978 -89.06 47.02 12.62
CA ALA L 1978 -88.35 45.97 11.88
C ALA L 1978 -88.75 45.96 10.41
N ALA L 1979 -90.04 45.97 10.12
CA ALA L 1979 -90.50 46.00 8.74
C ALA L 1979 -90.14 47.31 8.06
N GLU L 1980 -90.19 48.43 8.80
CA GLU L 1980 -89.81 49.72 8.23
C GLU L 1980 -88.35 49.74 7.83
N THR L 1981 -87.48 49.20 8.68
CA THR L 1981 -86.06 49.14 8.34
C THR L 1981 -85.81 48.16 7.19
N ALA L 1982 -86.54 47.05 7.16
CA ALA L 1982 -86.40 46.11 6.04
C ALA L 1982 -86.77 46.77 4.72
N ARG L 1983 -87.87 47.52 4.70
CA ARG L 1983 -88.24 48.27 3.50
C ARG L 1983 -87.23 49.36 3.20
N ARG L 1984 -86.75 50.07 4.23
CA ARG L 1984 -85.78 51.14 4.05
C ARG L 1984 -84.42 50.63 3.59
N THR L 1985 -84.17 49.33 3.66
CA THR L 1985 -82.99 48.74 3.06
C THR L 1985 -83.26 48.13 1.69
N ARG L 1986 -84.44 47.55 1.48
CA ARG L 1986 -84.74 46.85 0.24
C ARG L 1986 -85.23 47.78 -0.85
N GLU L 1987 -86.36 48.46 -0.62
CA GLU L 1987 -86.95 49.34 -1.61
C GLU L 1987 -86.78 50.82 -1.26
N PHE L 1988 -85.78 51.12 -0.43
CA PHE L 1988 -85.35 52.48 -0.14
C PHE L 1988 -83.85 52.47 0.13
N ARG L 1989 -83.24 53.64 -0.05
CA ARG L 1989 -81.88 53.93 0.41
C ARG L 1989 -80.85 52.94 -0.15
N SER L 1990 -81.14 52.38 -1.31
CA SER L 1990 -80.24 51.46 -1.98
C SER L 1990 -80.09 51.87 -3.45
N PRO L 1991 -78.96 51.57 -4.06
CA PRO L 1991 -78.82 51.80 -5.50
C PRO L 1991 -79.85 51.00 -6.27
N PRO L 1992 -80.38 51.55 -7.36
CA PRO L 1992 -81.40 50.81 -8.14
C PRO L 1992 -80.91 49.46 -8.62
N GLN L 1993 -79.62 49.33 -8.92
CA GLN L 1993 -79.08 48.03 -9.30
C GLN L 1993 -79.22 47.03 -8.18
N GLU L 1994 -78.88 47.43 -6.95
CA GLU L 1994 -79.04 46.54 -5.80
C GLU L 1994 -80.51 46.23 -5.55
N GLN L 1995 -81.38 47.22 -5.73
CA GLN L 1995 -82.81 47.02 -5.50
C GLN L 1995 -83.37 46.00 -6.47
N ILE L 1996 -83.07 46.16 -7.76
CA ILE L 1996 -83.58 45.22 -8.74
C ILE L 1996 -82.93 43.85 -8.57
N ASN L 1997 -81.67 43.81 -8.15
CA ASN L 1997 -81.01 42.52 -7.93
C ASN L 1997 -81.67 41.76 -6.78
N MET L 1998 -81.95 42.46 -5.68
CA MET L 1998 -82.61 41.81 -4.54
C MET L 1998 -84.02 41.36 -4.89
N LEU L 1999 -84.74 42.18 -5.64
CA LEU L 1999 -86.11 41.80 -6.02
C LEU L 1999 -86.08 40.62 -6.98
N LEU L 2000 -85.14 40.61 -7.92
CA LEU L 2000 -85.09 39.59 -8.95
C LEU L 2000 -84.43 38.29 -8.47
N HIS L 2001 -83.80 38.30 -7.28
CA HIS L 2001 -83.18 37.10 -6.73
C HIS L 2001 -84.27 36.22 -6.10
N PHE L 2002 -84.97 35.47 -6.95
CA PHE L 2002 -85.97 34.52 -6.45
C PHE L 2002 -86.01 33.22 -7.23
N LYS L 2003 -85.06 32.96 -8.13
CA LYS L 2003 -85.16 31.78 -8.99
C LYS L 2003 -85.13 30.49 -8.16
N ASP L 2004 -84.24 30.44 -7.16
CA ASP L 2004 -84.23 29.33 -6.23
C ASP L 2004 -85.47 29.36 -5.35
N GLU L 2005 -85.98 28.18 -5.00
CA GLU L 2005 -87.21 28.09 -4.20
C GLU L 2005 -86.99 28.68 -2.80
N ALA L 2006 -85.84 28.42 -2.18
CA ALA L 2006 -85.57 28.96 -0.86
C ALA L 2006 -85.50 30.48 -0.89
N ASP L 2007 -84.92 31.04 -1.95
CA ASP L 2007 -84.93 32.49 -2.11
C ASP L 2007 -86.33 33.01 -2.35
N GLU L 2008 -87.12 32.31 -3.16
CA GLU L 2008 -88.49 32.72 -3.46
C GLU L 2008 -89.43 32.59 -2.27
N GLU L 2009 -88.99 31.90 -1.21
CA GLU L 2009 -89.81 31.80 0.00
C GLU L 2009 -90.11 33.18 0.59
N ASP L 2010 -89.14 34.09 0.56
CA ASP L 2010 -89.28 35.45 1.10
C ASP L 2010 -88.76 36.45 0.07
N CYS L 2011 -89.65 36.92 -0.80
CA CYS L 2011 -89.34 37.96 -1.77
C CYS L 2011 -90.52 38.90 -1.91
N PRO L 2012 -90.26 40.19 -2.19
CA PRO L 2012 -91.38 41.14 -2.28
C PRO L 2012 -92.23 40.99 -3.53
N LEU L 2013 -91.81 40.18 -4.50
CA LEU L 2013 -92.57 40.03 -5.73
C LEU L 2013 -93.85 39.25 -5.49
N PRO L 2014 -94.90 39.53 -6.25
CA PRO L 2014 -96.13 38.73 -6.15
C PRO L 2014 -96.02 37.44 -6.95
N GLU L 2015 -96.98 36.54 -6.69
CA GLU L 2015 -96.95 35.22 -7.32
C GLU L 2015 -97.18 35.31 -8.82
N ASP L 2016 -98.03 36.23 -9.26
CA ASP L 2016 -98.32 36.36 -10.69
C ASP L 2016 -97.07 36.79 -11.46
N ILE L 2017 -96.41 37.85 -10.98
CA ILE L 2017 -95.19 38.32 -11.63
C ILE L 2017 -94.09 37.27 -11.55
N ARG L 2018 -93.97 36.61 -10.40
CA ARG L 2018 -93.03 35.52 -10.23
C ARG L 2018 -93.23 34.44 -11.29
N GLN L 2019 -94.47 33.95 -11.43
CA GLN L 2019 -94.75 32.89 -12.37
C GLN L 2019 -94.55 33.34 -13.81
N ASP L 2020 -94.82 34.61 -14.11
CA ASP L 2020 -94.56 35.13 -15.44
C ASP L 2020 -93.07 35.03 -15.79
N LEU L 2021 -92.21 35.40 -14.86
CA LEU L 2021 -90.78 35.32 -15.13
C LEU L 2021 -90.32 33.87 -15.24
N GLN L 2022 -90.83 32.99 -14.39
CA GLN L 2022 -90.46 31.58 -14.50
C GLN L 2022 -90.88 31.00 -15.84
N ASP L 2023 -92.08 31.36 -16.30
CA ASP L 2023 -92.53 30.92 -17.61
C ASP L 2023 -91.61 31.44 -18.72
N PHE L 2024 -91.18 32.70 -18.61
CA PHE L 2024 -90.30 33.23 -19.64
C PHE L 2024 -88.95 32.52 -19.64
N HIS L 2025 -88.42 32.21 -18.45
CA HIS L 2025 -87.16 31.46 -18.40
C HIS L 2025 -87.33 30.09 -19.02
N GLN L 2026 -88.46 29.43 -18.76
CA GLN L 2026 -88.70 28.12 -19.35
C GLN L 2026 -88.78 28.19 -20.86
N ASP L 2027 -89.47 29.19 -21.41
CA ASP L 2027 -89.52 29.26 -22.87
C ASP L 2027 -88.20 29.73 -23.47
N LEU L 2028 -87.38 30.46 -22.70
CA LEU L 2028 -86.03 30.78 -23.18
C LEU L 2028 -85.19 29.52 -23.31
N LEU L 2029 -85.28 28.63 -22.31
CA LEU L 2029 -84.59 27.35 -22.42
C LEU L 2029 -85.13 26.53 -23.58
N ALA L 2030 -86.45 26.55 -23.78
CA ALA L 2030 -87.04 25.81 -24.89
C ALA L 2030 -86.55 26.34 -26.23
N HIS L 2031 -86.44 27.67 -26.36
CA HIS L 2031 -85.96 28.24 -27.60
C HIS L 2031 -84.48 27.96 -27.82
N CYS L 2032 -83.70 27.90 -26.75
CA CYS L 2032 -82.30 27.50 -26.88
C CYS L 2032 -82.15 25.99 -27.00
N GLY L 2033 -83.23 25.23 -26.92
CA GLY L 2033 -83.14 23.79 -27.09
C GLY L 2033 -82.57 23.05 -25.90
N ILE L 2034 -82.63 23.66 -24.70
CA ILE L 2034 -82.08 23.03 -23.51
C ILE L 2034 -82.86 21.76 -23.17
N GLN L 2035 -84.19 21.83 -23.24
CA GLN L 2035 -85.08 20.72 -22.92
C GLN L 2035 -84.83 20.16 -21.52
N LYS L 2079 -82.54 9.99 -38.32
CA LYS L 2079 -83.91 10.40 -38.02
C LYS L 2079 -84.36 11.52 -38.96
N LYS L 2080 -85.14 12.45 -38.43
CA LYS L 2080 -85.67 13.57 -39.21
C LYS L 2080 -85.40 14.86 -38.45
N PRO L 2081 -84.68 15.82 -39.04
CA PRO L 2081 -84.48 17.11 -38.37
C PRO L 2081 -85.80 17.86 -38.22
N GLN L 2082 -85.88 18.65 -37.17
CA GLN L 2082 -87.08 19.43 -36.91
C GLN L 2082 -86.80 20.92 -36.77
N SER L 2083 -85.69 21.30 -36.15
CA SER L 2083 -85.36 22.69 -35.89
C SER L 2083 -84.02 23.02 -36.54
N LEU L 2084 -83.70 24.32 -36.58
CA LEU L 2084 -82.43 24.76 -37.15
C LEU L 2084 -81.25 24.15 -36.40
N GLN L 2085 -81.34 24.06 -35.07
CA GLN L 2085 -80.23 23.54 -34.29
C GLN L 2085 -79.91 22.10 -34.67
N GLU L 2086 -80.93 21.24 -34.68
CA GLU L 2086 -80.70 19.85 -35.07
C GLU L 2086 -80.25 19.76 -36.51
N LEU L 2087 -80.80 20.62 -37.37
CA LEU L 2087 -80.44 20.59 -38.78
C LEU L 2087 -78.94 20.86 -38.97
N VAL L 2088 -78.44 21.97 -38.41
CA VAL L 2088 -77.04 22.31 -38.60
C VAL L 2088 -76.13 21.32 -37.90
N SER L 2089 -76.52 20.84 -36.71
CA SER L 2089 -75.67 19.89 -36.00
C SER L 2089 -75.52 18.60 -36.79
N HIS L 2090 -76.64 18.01 -37.22
CA HIS L 2090 -76.57 16.77 -37.98
C HIS L 2090 -75.88 16.98 -39.32
N MET L 2091 -76.10 18.13 -39.96
CA MET L 2091 -75.46 18.42 -41.24
C MET L 2091 -73.95 18.50 -41.09
N VAL L 2092 -73.46 19.21 -40.07
CA VAL L 2092 -72.03 19.39 -39.91
C VAL L 2092 -71.36 18.06 -39.57
N VAL L 2093 -71.98 17.27 -38.69
CA VAL L 2093 -71.42 15.97 -38.37
C VAL L 2093 -71.39 15.07 -39.60
N ARG L 2094 -72.45 15.13 -40.42
CA ARG L 2094 -72.47 14.31 -41.64
C ARG L 2094 -71.38 14.74 -42.61
N TRP L 2095 -71.16 16.06 -42.73
CA TRP L 2095 -70.11 16.55 -43.60
C TRP L 2095 -68.75 16.05 -43.14
N ALA L 2096 -68.52 16.06 -41.83
CA ALA L 2096 -67.23 15.59 -41.33
C ALA L 2096 -67.07 14.09 -41.50
N GLN L 2097 -68.16 13.33 -41.37
CA GLN L 2097 -68.07 11.88 -41.53
C GLN L 2097 -67.91 11.48 -42.98
N GLU L 2098 -68.42 12.28 -43.92
CA GLU L 2098 -68.39 11.88 -45.33
C GLU L 2098 -66.97 11.79 -45.85
N ASP L 2099 -66.12 12.76 -45.52
CA ASP L 2099 -64.78 12.77 -46.08
C ASP L 2099 -63.87 13.62 -45.21
N TYR L 2100 -62.57 13.45 -45.42
CA TYR L 2100 -61.54 14.19 -44.69
C TYR L 2100 -61.39 15.56 -45.34
N VAL L 2101 -62.02 16.58 -44.75
CA VAL L 2101 -61.95 17.93 -45.29
C VAL L 2101 -60.53 18.44 -45.21
N GLN L 2102 -60.12 19.23 -46.20
CA GLN L 2102 -58.75 19.71 -46.28
C GLN L 2102 -58.66 21.22 -46.50
N SER L 2103 -59.77 21.95 -46.43
CA SER L 2103 -59.71 23.39 -46.51
C SER L 2103 -59.88 23.97 -45.12
N PRO L 2104 -58.82 24.54 -44.53
CA PRO L 2104 -58.87 24.93 -43.11
C PRO L 2104 -59.99 25.89 -42.77
N GLU L 2105 -60.27 26.83 -43.67
CA GLU L 2105 -61.34 27.78 -43.41
C GLU L 2105 -62.68 27.07 -43.32
N LEU L 2106 -62.90 26.09 -44.19
CA LEU L 2106 -64.11 25.28 -44.07
C LEU L 2106 -64.15 24.55 -42.74
N VAL L 2107 -63.02 23.98 -42.31
CA VAL L 2107 -63.01 23.21 -41.06
C VAL L 2107 -63.46 24.08 -39.90
N ARG L 2108 -62.82 25.24 -39.75
CA ARG L 2108 -63.21 26.10 -38.63
C ARG L 2108 -64.61 26.64 -38.82
N ALA L 2109 -65.07 26.79 -40.06
CA ALA L 2109 -66.44 27.22 -40.28
C ALA L 2109 -67.43 26.21 -39.72
N MET L 2110 -67.29 24.94 -40.09
CA MET L 2110 -68.29 23.96 -39.65
C MET L 2110 -68.23 23.77 -38.14
N PHE L 2111 -67.02 23.81 -37.57
CA PHE L 2111 -66.96 23.61 -36.13
C PHE L 2111 -67.42 24.83 -35.36
N SER L 2112 -67.24 26.04 -35.91
CA SER L 2112 -67.78 27.22 -35.26
C SER L 2112 -69.30 27.17 -35.24
N LEU L 2113 -69.92 26.83 -36.38
CA LEU L 2113 -71.37 26.69 -36.39
C LEU L 2113 -71.83 25.57 -35.46
N LEU L 2114 -71.09 24.46 -35.42
CA LEU L 2114 -71.47 23.36 -34.55
C LEU L 2114 -71.46 23.77 -33.08
N HIS L 2115 -70.41 24.48 -32.68
CA HIS L 2115 -70.32 24.95 -31.30
C HIS L 2115 -71.45 25.91 -30.96
N ARG L 2116 -71.77 26.81 -31.88
CA ARG L 2116 -72.86 27.74 -31.64
C ARG L 2116 -74.20 27.04 -31.50
N GLN L 2117 -74.45 26.03 -32.35
CA GLN L 2117 -75.72 25.31 -32.26
C GLN L 2117 -75.82 24.52 -30.96
N TYR L 2118 -74.74 23.87 -30.56
CA TYR L 2118 -74.82 23.03 -29.36
C TYR L 2118 -74.91 23.87 -28.10
N ASP L 2119 -74.11 24.94 -28.01
CA ASP L 2119 -74.11 25.80 -26.83
C ASP L 2119 -74.87 27.07 -27.22
N GLY L 2120 -76.18 27.06 -27.01
CA GLY L 2120 -76.99 28.20 -27.37
C GLY L 2120 -77.01 29.24 -26.28
N LEU L 2121 -77.12 28.78 -25.03
CA LEU L 2121 -77.21 29.69 -23.90
C LEU L 2121 -75.94 30.52 -23.74
N GLY L 2122 -74.78 29.90 -23.94
CA GLY L 2122 -73.53 30.63 -23.83
C GLY L 2122 -73.40 31.72 -24.88
N GLU L 2123 -73.94 31.50 -26.07
CA GLU L 2123 -73.93 32.56 -27.08
C GLU L 2123 -74.77 33.75 -26.63
N LEU L 2124 -75.93 33.49 -26.03
CA LEU L 2124 -76.73 34.57 -25.48
C LEU L 2124 -76.01 35.28 -24.36
N LEU L 2125 -75.30 34.51 -23.52
CA LEU L 2125 -74.51 35.11 -22.44
C LEU L 2125 -73.44 36.04 -22.98
N ARG L 2126 -72.79 35.64 -24.08
CA ARG L 2126 -71.77 36.50 -24.67
C ARG L 2126 -72.37 37.65 -25.45
N ALA L 2127 -73.61 37.53 -25.90
CA ALA L 2127 -74.21 38.60 -26.68
C ALA L 2127 -74.79 39.70 -25.81
N LEU L 2128 -75.27 39.37 -24.62
CA LEU L 2128 -75.91 40.36 -23.77
C LEU L 2128 -75.02 41.54 -23.37
N PRO L 2129 -73.69 41.41 -23.22
CA PRO L 2129 -72.89 42.63 -22.99
C PRO L 2129 -73.04 43.67 -24.07
N ARG L 2130 -73.19 43.27 -25.32
CA ARG L 2130 -73.35 44.23 -26.40
C ARG L 2130 -74.78 44.73 -26.53
N ALA L 2131 -75.74 44.07 -25.90
CA ALA L 2131 -77.13 44.49 -26.01
C ALA L 2131 -77.38 45.73 -25.16
N TYR L 2132 -78.05 46.72 -25.75
CA TYR L 2132 -78.40 47.94 -25.06
C TYR L 2132 -79.80 48.35 -25.46
N THR L 2133 -80.49 49.06 -24.56
CA THR L 2133 -81.86 49.50 -24.79
C THR L 2133 -81.93 51.00 -24.60
N ILE L 2134 -82.55 51.69 -25.56
CA ILE L 2134 -82.61 53.15 -25.57
C ILE L 2134 -84.04 53.62 -25.76
N SER L 2135 -84.32 54.82 -25.27
CA SER L 2135 -85.65 55.40 -25.42
C SER L 2135 -85.90 55.78 -26.88
N PRO L 2136 -87.15 55.71 -27.34
CA PRO L 2136 -87.45 56.06 -28.73
C PRO L 2136 -87.14 57.51 -29.07
N SER L 2137 -87.18 58.41 -28.09
CA SER L 2137 -87.00 59.83 -28.38
C SER L 2137 -85.58 60.18 -28.80
N SER L 2138 -84.61 59.30 -28.53
CA SER L 2138 -83.22 59.55 -28.89
C SER L 2138 -82.78 58.77 -30.12
N VAL L 2139 -83.72 58.12 -30.82
CA VAL L 2139 -83.37 57.16 -31.87
C VAL L 2139 -82.57 57.83 -32.97
N GLU L 2140 -83.02 59.00 -33.43
CA GLU L 2140 -82.33 59.69 -34.53
C GLU L 2140 -80.90 60.06 -34.13
N ASP L 2141 -80.72 60.53 -32.90
CA ASP L 2141 -79.38 60.90 -32.44
C ASP L 2141 -78.46 59.69 -32.40
N THR L 2142 -78.97 58.55 -31.96
CA THR L 2142 -78.13 57.34 -32.00
C THR L 2142 -77.92 56.84 -33.41
N MET L 2143 -78.82 57.13 -34.35
CA MET L 2143 -78.55 56.76 -35.74
C MET L 2143 -77.38 57.57 -36.30
N SER L 2144 -77.34 58.86 -35.98
CA SER L 2144 -76.17 59.66 -36.35
C SER L 2144 -74.92 59.16 -35.64
N LEU L 2145 -75.07 58.76 -34.39
CA LEU L 2145 -73.98 58.14 -33.62
C LEU L 2145 -73.41 56.93 -34.36
N LEU L 2146 -74.28 56.01 -34.77
CA LEU L 2146 -73.85 54.80 -35.44
C LEU L 2146 -73.26 55.11 -36.81
N GLU L 2147 -73.78 56.13 -37.50
CA GLU L 2147 -73.21 56.49 -38.78
C GLU L 2147 -71.78 57.02 -38.64
N CYS L 2148 -71.56 57.91 -37.67
CA CYS L 2148 -70.22 58.43 -37.43
C CYS L 2148 -69.25 57.30 -37.09
N LEU L 2149 -69.66 56.44 -36.14
CA LEU L 2149 -68.87 55.26 -35.84
C LEU L 2149 -68.68 54.38 -37.07
N GLY L 2150 -69.65 54.43 -37.99
CA GLY L 2150 -69.51 53.68 -39.22
C GLY L 2150 -68.28 54.07 -40.01
N GLN L 2151 -68.12 55.36 -40.29
CA GLN L 2151 -66.90 55.70 -41.04
C GLN L 2151 -65.64 55.59 -40.19
N ILE L 2152 -65.71 55.73 -38.86
CA ILE L 2152 -64.49 55.47 -38.09
C ILE L 2152 -64.02 54.04 -38.31
N ARG L 2153 -64.94 53.08 -38.25
CA ARG L 2153 -64.55 51.71 -38.55
C ARG L 2153 -64.18 51.53 -40.02
N SER L 2154 -64.80 52.30 -40.93
CA SER L 2154 -64.53 52.13 -42.35
C SER L 2154 -63.11 52.51 -42.71
N LEU L 2155 -62.67 53.69 -42.29
CA LEU L 2155 -61.28 54.07 -42.51
C LEU L 2155 -60.34 53.60 -41.40
N LEU L 2156 -60.83 52.74 -40.50
CA LEU L 2156 -59.89 52.03 -39.62
C LEU L 2156 -58.94 51.16 -40.43
N ILE L 2157 -59.48 50.40 -41.39
CA ILE L 2157 -58.67 49.46 -42.17
C ILE L 2157 -57.89 50.12 -43.29
N VAL L 2158 -58.19 51.36 -43.60
CA VAL L 2158 -57.53 52.09 -44.68
C VAL L 2158 -56.33 52.82 -44.11
N GLN L 2159 -55.24 52.86 -44.88
CA GLN L 2159 -54.08 53.66 -44.49
C GLN L 2159 -54.46 55.14 -44.42
N MET L 2160 -53.84 55.85 -43.49
CA MET L 2160 -54.18 57.24 -43.25
C MET L 2160 -53.66 58.13 -44.37
N GLY L 2161 -54.52 59.01 -44.86
CA GLY L 2161 -54.16 60.01 -45.83
C GLY L 2161 -54.72 61.35 -45.45
N PRO L 2162 -54.52 62.37 -46.29
CA PRO L 2162 -55.01 63.72 -45.96
C PRO L 2162 -56.52 63.82 -45.86
N GLN L 2163 -57.23 63.44 -46.93
CA GLN L 2163 -58.69 63.52 -46.90
C GLN L 2163 -59.28 62.50 -45.94
N GLU L 2164 -58.62 61.35 -45.76
CA GLU L 2164 -59.05 60.38 -44.76
C GLU L 2164 -58.97 60.98 -43.36
N GLU L 2165 -57.85 61.64 -43.07
CA GLU L 2165 -57.69 62.29 -41.77
C GLU L 2165 -58.76 63.34 -41.56
N ASN L 2166 -59.02 64.16 -42.59
CA ASN L 2166 -60.03 65.21 -42.46
C ASN L 2166 -61.41 64.60 -42.23
N LEU L 2167 -61.72 63.51 -42.92
CA LEU L 2167 -63.02 62.86 -42.75
C LEU L 2167 -63.18 62.40 -41.31
N MET L 2168 -62.14 61.78 -40.74
CA MET L 2168 -62.30 61.31 -39.37
C MET L 2168 -62.21 62.42 -38.34
N ILE L 2169 -61.54 63.54 -38.64
CA ILE L 2169 -61.68 64.71 -37.78
C ILE L 2169 -63.13 65.17 -37.74
N GLN L 2170 -63.78 65.18 -38.90
CA GLN L 2170 -65.19 65.58 -38.94
C GLN L 2170 -66.04 64.60 -38.16
N SER L 2171 -65.73 63.30 -38.25
CA SER L 2171 -66.54 62.32 -37.52
C SER L 2171 -66.35 62.45 -36.02
N ILE L 2172 -65.13 62.77 -35.57
CA ILE L 2172 -64.92 63.05 -34.15
C ILE L 2172 -65.64 64.31 -33.72
N GLY L 2173 -65.69 65.32 -34.60
CA GLY L 2173 -66.45 66.52 -34.27
C GLY L 2173 -67.94 66.22 -34.11
N ASN L 2174 -68.50 65.42 -35.01
CA ASN L 2174 -69.90 65.06 -34.86
C ASN L 2174 -70.12 64.15 -33.67
N ILE L 2175 -69.13 63.31 -33.34
CA ILE L 2175 -69.27 62.43 -32.19
C ILE L 2175 -69.26 63.25 -30.91
N MET L 2176 -68.58 64.41 -30.93
CA MET L 2176 -68.79 65.40 -29.87
C MET L 2176 -70.23 65.86 -29.84
N ASN L 2177 -70.72 66.30 -31.00
CA ASN L 2177 -72.00 67.01 -31.08
C ASN L 2177 -73.14 66.14 -30.55
N ASN L 2178 -73.08 64.83 -30.81
CA ASN L 2178 -74.16 63.93 -30.40
C ASN L 2178 -74.38 63.97 -28.90
N LYS L 2179 -75.64 64.11 -28.50
CA LYS L 2179 -76.01 64.22 -27.08
C LYS L 2179 -75.98 62.87 -26.39
N VAL L 2180 -76.25 61.79 -27.13
CA VAL L 2180 -76.22 60.44 -26.56
C VAL L 2180 -74.83 60.07 -26.09
N PHE L 2181 -73.80 60.73 -26.63
CA PHE L 2181 -72.45 60.58 -26.10
C PHE L 2181 -72.40 60.87 -24.61
N TYR L 2182 -73.08 61.92 -24.16
CA TYR L 2182 -73.09 62.21 -22.73
C TYR L 2182 -74.17 61.43 -22.00
N GLN L 2183 -75.37 61.34 -22.57
CA GLN L 2183 -76.47 60.76 -21.79
C GLN L 2183 -76.50 59.24 -21.84
N HIS L 2184 -75.56 58.58 -22.51
CA HIS L 2184 -75.45 57.12 -22.50
C HIS L 2184 -74.00 56.73 -22.58
N PRO L 2185 -73.32 56.59 -21.43
CA PRO L 2185 -71.93 56.11 -21.46
C PRO L 2185 -71.82 54.59 -21.46
N ASN L 2186 -72.84 53.91 -20.92
CA ASN L 2186 -72.82 52.45 -20.95
C ASN L 2186 -72.90 51.94 -22.37
N LEU L 2187 -73.75 52.55 -23.20
CA LEU L 2187 -73.79 52.17 -24.60
C LEU L 2187 -72.53 52.60 -25.33
N MET L 2188 -71.88 53.67 -24.84
CA MET L 2188 -70.57 54.04 -25.36
C MET L 2188 -69.58 52.88 -25.19
N ARG L 2189 -69.56 52.29 -23.99
CA ARG L 2189 -68.68 51.16 -23.75
C ARG L 2189 -69.11 49.93 -24.56
N ALA L 2190 -70.42 49.70 -24.66
CA ALA L 2190 -70.91 48.52 -25.38
C ALA L 2190 -70.53 48.58 -26.85
N LEU L 2191 -70.69 49.74 -27.48
CA LEU L 2191 -70.19 49.92 -28.84
C LEU L 2191 -68.67 49.87 -28.86
N GLY L 2192 -68.03 50.32 -27.78
CA GLY L 2192 -66.59 50.23 -27.67
C GLY L 2192 -65.81 51.03 -28.69
N MET L 2193 -66.27 52.25 -28.99
CA MET L 2193 -65.50 53.06 -29.92
C MET L 2193 -64.21 53.58 -29.30
N HIS L 2194 -64.05 53.51 -27.98
CA HIS L 2194 -62.76 53.82 -27.40
C HIS L 2194 -61.71 52.83 -27.88
N GLU L 2195 -62.09 51.56 -28.00
CA GLU L 2195 -61.19 50.57 -28.57
C GLU L 2195 -60.84 50.91 -30.01
N THR L 2196 -61.84 51.32 -30.80
CA THR L 2196 -61.62 51.65 -32.20
C THR L 2196 -60.66 52.82 -32.35
N VAL L 2197 -60.92 53.90 -31.61
CA VAL L 2197 -60.07 55.08 -31.76
C VAL L 2197 -58.69 54.78 -31.20
N MET L 2198 -58.60 53.96 -30.16
CA MET L 2198 -57.28 53.56 -29.68
C MET L 2198 -56.50 52.84 -30.75
N GLU L 2199 -57.15 51.97 -31.50
CA GLU L 2199 -56.43 51.25 -32.54
C GLU L 2199 -56.07 52.21 -33.69
N VAL L 2200 -56.86 53.26 -33.89
CA VAL L 2200 -56.47 54.31 -34.83
C VAL L 2200 -55.18 54.98 -34.37
N MET L 2201 -55.08 55.29 -33.07
CA MET L 2201 -53.82 55.71 -32.47
C MET L 2201 -52.68 54.74 -32.78
N VAL L 2202 -52.92 53.44 -32.65
CA VAL L 2202 -51.86 52.48 -33.00
C VAL L 2202 -51.36 52.69 -34.41
N ASN L 2203 -52.26 52.91 -35.37
CA ASN L 2203 -51.81 53.30 -36.70
C ASN L 2203 -50.94 54.55 -36.68
N VAL L 2204 -51.49 55.68 -36.24
CA VAL L 2204 -50.80 56.95 -36.46
C VAL L 2204 -49.51 57.01 -35.65
N LEU L 2205 -49.58 56.65 -34.37
CA LEU L 2205 -48.38 56.65 -33.53
C LEU L 2205 -47.37 55.63 -34.03
N GLY L 2206 -47.83 54.45 -34.43
CA GLY L 2206 -46.93 53.44 -34.98
C GLY L 2206 -46.89 53.48 -36.49
N ILE L 2213 -45.17 61.84 -35.04
CA ILE L 2213 -44.35 61.22 -36.08
C ILE L 2213 -45.02 61.40 -37.45
N ARG L 2214 -46.34 61.55 -37.43
CA ARG L 2214 -47.15 61.77 -38.62
C ARG L 2214 -48.55 62.14 -38.18
N PHE L 2215 -49.21 62.96 -39.00
CA PHE L 2215 -50.55 63.47 -38.74
C PHE L 2215 -50.65 64.11 -37.35
N PRO L 2216 -49.99 65.24 -37.13
CA PRO L 2216 -50.14 65.92 -35.83
C PRO L 2216 -51.56 66.35 -35.55
N LYS L 2217 -52.37 66.57 -36.58
CA LYS L 2217 -53.78 66.84 -36.33
C LYS L 2217 -54.48 65.64 -35.74
N MET L 2218 -54.13 64.44 -36.21
CA MET L 2218 -54.68 63.22 -35.61
C MET L 2218 -54.25 63.09 -34.15
N VAL L 2219 -52.97 63.32 -33.87
CA VAL L 2219 -52.51 63.23 -32.50
C VAL L 2219 -53.13 64.34 -31.65
N THR L 2220 -53.48 65.46 -32.26
CA THR L 2220 -54.20 66.51 -31.53
C THR L 2220 -55.64 66.11 -31.27
N SER L 2221 -56.25 65.35 -32.18
CA SER L 2221 -57.64 64.93 -31.98
C SER L 2221 -57.76 63.69 -31.10
N CYS L 2222 -56.64 63.08 -30.71
CA CYS L 2222 -56.72 61.88 -29.88
C CYS L 2222 -57.35 62.17 -28.52
N CYS L 2223 -56.71 63.03 -27.72
CA CYS L 2223 -57.26 63.41 -26.42
C CYS L 2223 -58.62 64.07 -26.55
N ARG L 2224 -58.85 64.79 -27.66
CA ARG L 2224 -60.09 65.56 -27.77
C ARG L 2224 -61.31 64.67 -27.58
N PHE L 2225 -61.23 63.42 -28.04
CA PHE L 2225 -62.32 62.48 -27.80
C PHE L 2225 -62.02 61.53 -26.64
N LEU L 2226 -60.79 61.01 -26.58
CA LEU L 2226 -60.47 60.01 -25.57
C LEU L 2226 -60.59 60.58 -24.16
N CYS L 2227 -60.07 61.79 -23.96
CA CYS L 2227 -60.03 62.37 -22.62
C CYS L 2227 -61.42 62.81 -22.20
N TYR L 2228 -62.20 63.37 -23.12
CA TYR L 2228 -63.58 63.71 -22.81
C TYR L 2228 -64.36 62.45 -22.48
N PHE L 2229 -64.05 61.35 -23.16
CA PHE L 2229 -64.65 60.05 -22.80
C PHE L 2229 -64.29 59.65 -21.38
N CYS L 2230 -63.04 59.92 -20.97
CA CYS L 2230 -62.67 59.68 -19.58
C CYS L 2230 -63.51 60.54 -18.63
N ARG L 2231 -63.70 61.80 -18.97
CA ARG L 2231 -64.47 62.70 -18.10
C ARG L 2231 -65.94 62.33 -18.04
N ILE L 2232 -66.44 61.57 -19.01
CA ILE L 2232 -67.88 61.27 -19.08
C ILE L 2232 -68.35 60.54 -17.83
N SER L 2233 -67.64 59.48 -17.45
CA SER L 2233 -68.06 58.69 -16.31
C SER L 2233 -66.86 57.98 -15.72
N ARG L 2234 -67.03 57.50 -14.49
CA ARG L 2234 -65.93 56.83 -13.80
C ARG L 2234 -65.58 55.50 -14.45
N GLN L 2235 -66.59 54.75 -14.90
CA GLN L 2235 -66.33 53.45 -15.51
C GLN L 2235 -65.55 53.61 -16.81
N ASN L 2236 -65.83 54.66 -17.57
CA ASN L 2236 -65.06 54.94 -18.77
C ASN L 2236 -63.60 55.19 -18.42
N GLN L 2237 -63.36 55.85 -17.28
CA GLN L 2237 -61.99 56.10 -16.85
C GLN L 2237 -61.30 54.80 -16.47
N ARG L 2238 -62.03 53.85 -15.87
CA ARG L 2238 -61.50 52.52 -15.63
C ARG L 2238 -61.11 51.84 -16.94
N SER L 2239 -62.01 51.91 -17.93
CA SER L 2239 -61.74 51.28 -19.22
C SER L 2239 -60.48 51.85 -19.86
N MET L 2240 -60.33 53.17 -19.82
CA MET L 2240 -59.13 53.78 -20.37
C MET L 2240 -57.90 53.50 -19.51
N PHE L 2241 -58.08 53.25 -18.21
CA PHE L 2241 -56.94 52.90 -17.38
C PHE L 2241 -56.39 51.53 -17.75
N ASP L 2242 -57.25 50.64 -18.27
CA ASP L 2242 -56.77 49.33 -18.70
C ASP L 2242 -55.69 49.41 -19.77
N HIS L 2243 -55.60 50.52 -20.50
CA HIS L 2243 -54.60 50.69 -21.54
C HIS L 2243 -53.48 51.63 -21.14
N LEU L 2244 -53.30 51.88 -19.84
CA LEU L 2244 -52.35 52.89 -19.41
C LEU L 2244 -50.91 52.52 -19.75
N SER L 2245 -50.62 51.22 -19.88
CA SER L 2245 -49.26 50.80 -20.18
C SER L 2245 -48.82 51.27 -21.56
N TYR L 2246 -49.73 51.24 -22.53
CA TYR L 2246 -49.38 51.57 -23.91
C TYR L 2246 -49.15 53.07 -24.08
N LEU L 2247 -50.01 53.89 -23.46
CA LEU L 2247 -49.88 55.33 -23.59
C LEU L 2247 -48.55 55.81 -23.04
N LEU L 2248 -48.16 55.31 -21.87
CA LEU L 2248 -46.84 55.63 -21.34
C LEU L 2248 -45.74 54.90 -22.10
N GLU L 2249 -46.08 53.81 -22.80
CA GLU L 2249 -45.07 53.10 -23.59
C GLU L 2249 -44.55 53.99 -24.71
N ASN L 2250 -45.45 54.69 -25.41
CA ASN L 2250 -45.03 55.60 -26.48
C ASN L 2250 -45.14 57.05 -26.05
N SER L 2251 -45.27 57.33 -24.77
CA SER L 2251 -45.37 58.70 -24.30
C SER L 2251 -44.10 59.47 -24.62
N GLY L 2252 -44.24 60.49 -25.45
CA GLY L 2252 -43.09 61.30 -25.84
C GLY L 2252 -43.53 62.72 -26.05
N ILE L 2253 -42.58 63.64 -25.85
CA ILE L 2253 -42.88 65.05 -26.04
C ILE L 2253 -43.05 65.37 -27.52
N GLY L 2254 -42.31 64.68 -28.38
CA GLY L 2254 -42.53 64.79 -29.82
C GLY L 2254 -43.87 64.27 -30.26
N LEU L 2255 -44.51 63.44 -29.45
CA LEU L 2255 -45.87 62.96 -29.70
C LEU L 2255 -46.85 63.93 -29.06
N GLY L 2256 -47.73 64.52 -29.87
CA GLY L 2256 -48.68 65.48 -29.35
C GLY L 2256 -48.01 66.73 -28.82
N MET L 2257 -47.15 67.34 -29.64
CA MET L 2257 -46.38 68.50 -29.21
C MET L 2257 -47.27 69.69 -28.87
N GLN L 2258 -48.40 69.83 -29.56
CA GLN L 2258 -49.29 70.96 -29.40
C GLN L 2258 -50.63 70.49 -28.83
N GLY L 2259 -51.08 71.15 -27.76
CA GLY L 2259 -52.38 70.87 -27.19
C GLY L 2259 -52.53 69.49 -26.60
N SER L 2260 -53.32 68.66 -27.26
CA SER L 2260 -53.63 67.33 -26.76
C SER L 2260 -52.44 66.39 -26.90
N THR L 2261 -52.39 65.36 -26.05
CA THR L 2261 -51.22 64.51 -25.97
C THR L 2261 -51.62 63.13 -25.44
N PRO L 2262 -50.92 62.08 -25.86
CA PRO L 2262 -51.01 60.80 -25.12
C PRO L 2262 -50.67 60.95 -23.66
N LEU L 2263 -49.75 61.86 -23.32
CA LEU L 2263 -49.51 62.20 -21.93
C LEU L 2263 -50.80 62.67 -21.27
N ASP L 2264 -51.58 63.46 -22.01
CA ASP L 2264 -52.80 64.02 -21.45
C ASP L 2264 -53.86 62.96 -21.24
N VAL L 2265 -53.98 61.99 -22.15
CA VAL L 2265 -54.97 60.95 -21.89
C VAL L 2265 -54.51 60.05 -20.74
N ALA L 2266 -53.20 59.82 -20.63
CA ALA L 2266 -52.70 59.05 -19.49
C ALA L 2266 -53.07 59.72 -18.17
N ALA L 2267 -52.87 61.04 -18.08
CA ALA L 2267 -53.22 61.74 -16.84
C ALA L 2267 -54.73 61.80 -16.63
N ALA L 2268 -55.49 62.00 -17.71
CA ALA L 2268 -56.94 62.06 -17.60
C ALA L 2268 -57.52 60.74 -17.14
N SER L 2269 -56.81 59.64 -17.35
CA SER L 2269 -57.27 58.35 -16.84
C SER L 2269 -57.09 58.21 -15.33
N VAL L 2270 -56.26 59.05 -14.71
CA VAL L 2270 -55.98 58.95 -13.28
C VAL L 2270 -56.53 60.12 -12.50
N ILE L 2271 -57.06 61.15 -13.17
CA ILE L 2271 -57.57 62.32 -12.46
C ILE L 2271 -58.72 61.94 -11.55
N ASP L 2272 -58.57 62.29 -10.26
CA ASP L 2272 -59.68 62.27 -9.29
C ASP L 2272 -60.27 60.87 -9.15
N ASN L 2273 -59.39 59.90 -8.91
CA ASN L 2273 -59.86 58.53 -8.68
C ASN L 2273 -58.84 57.85 -7.77
N ASN L 2274 -59.20 57.71 -6.50
CA ASN L 2274 -58.31 57.07 -5.55
C ASN L 2274 -58.07 55.61 -5.91
N GLU L 2275 -59.12 54.93 -6.39
CA GLU L 2275 -59.02 53.51 -6.68
C GLU L 2275 -58.03 53.26 -7.81
N LEU L 2276 -58.13 54.05 -8.89
CA LEU L 2276 -57.17 53.90 -9.97
C LEU L 2276 -55.79 54.39 -9.57
N ALA L 2277 -55.71 55.39 -8.68
CA ALA L 2277 -54.42 55.83 -8.17
C ALA L 2277 -53.73 54.69 -7.41
N LEU L 2278 -54.49 53.96 -6.59
CA LEU L 2278 -53.93 52.85 -5.85
C LEU L 2278 -53.59 51.69 -6.77
N ALA L 2279 -54.47 51.39 -7.73
CA ALA L 2279 -54.23 50.30 -8.66
C ALA L 2279 -53.08 50.58 -9.61
N LEU L 2280 -52.66 51.85 -9.72
CA LEU L 2280 -51.55 52.22 -10.58
C LEU L 2280 -50.29 51.48 -10.17
N GLN L 2281 -49.82 50.57 -11.03
CA GLN L 2281 -48.65 49.78 -10.72
C GLN L 2281 -47.39 50.59 -10.95
N GLU L 2282 -46.31 50.17 -10.29
CA GLU L 2282 -45.14 51.03 -10.12
C GLU L 2282 -44.21 51.03 -11.34
N GLN L 2283 -44.34 50.07 -12.26
CA GLN L 2283 -43.46 50.09 -13.42
C GLN L 2283 -43.85 51.18 -14.40
N ASP L 2284 -45.12 51.60 -14.41
CA ASP L 2284 -45.49 52.80 -15.15
C ASP L 2284 -44.74 54.01 -14.61
N LEU L 2285 -44.62 54.09 -13.28
CA LEU L 2285 -43.84 55.15 -12.67
C LEU L 2285 -42.37 55.03 -13.06
N GLU L 2286 -41.88 53.80 -13.23
CA GLU L 2286 -40.53 53.62 -13.76
C GLU L 2286 -40.41 54.22 -15.16
N LYS L 2287 -41.40 53.99 -16.01
CA LYS L 2287 -41.37 54.56 -17.35
C LYS L 2287 -41.28 56.07 -17.31
N VAL L 2288 -42.15 56.71 -16.52
CA VAL L 2288 -42.20 58.16 -16.55
C VAL L 2288 -40.97 58.77 -15.89
N VAL L 2289 -40.40 58.14 -14.86
CA VAL L 2289 -39.19 58.70 -14.28
C VAL L 2289 -38.02 58.57 -15.25
N SER L 2290 -37.96 57.47 -16.01
CA SER L 2290 -36.92 57.35 -17.03
C SER L 2290 -37.07 58.43 -18.09
N TYR L 2291 -38.29 58.72 -18.51
CA TYR L 2291 -38.49 59.76 -19.51
C TYR L 2291 -38.16 61.14 -18.94
N LEU L 2292 -38.48 61.38 -17.67
CA LEU L 2292 -38.13 62.64 -17.04
C LEU L 2292 -36.61 62.81 -16.98
N ALA L 2293 -35.90 61.72 -16.66
CA ALA L 2293 -34.45 61.77 -16.68
C ALA L 2293 -33.93 62.04 -18.08
N GLY L 2294 -34.58 61.45 -19.09
CA GLY L 2294 -34.20 61.74 -20.47
C GLY L 2294 -34.32 63.21 -20.81
N CYS L 2295 -35.38 63.85 -20.35
CA CYS L 2295 -35.51 65.30 -20.55
C CYS L 2295 -34.42 66.05 -19.80
N GLY L 2296 -34.13 65.66 -18.56
CA GLY L 2296 -33.10 66.34 -17.80
C GLY L 2296 -31.70 66.13 -18.35
N LEU L 2297 -31.51 65.10 -19.18
CA LEU L 2297 -30.18 64.82 -19.72
C LEU L 2297 -29.80 65.82 -20.81
N GLN L 2298 -30.73 66.15 -21.70
CA GLN L 2298 -30.43 66.90 -22.91
C GLN L 2298 -31.56 67.88 -23.21
N SER L 2299 -31.21 69.00 -23.84
CA SER L 2299 -32.20 70.00 -24.21
C SER L 2299 -33.13 69.46 -25.29
N CYS L 2300 -34.27 70.11 -25.44
CA CYS L 2300 -35.32 69.62 -26.32
C CYS L 2300 -34.88 69.66 -27.79
N PRO L 2301 -34.92 68.53 -28.49
CA PRO L 2301 -34.58 68.55 -29.93
C PRO L 2301 -35.46 69.46 -30.74
N MET L 2302 -36.76 69.54 -30.40
CA MET L 2302 -37.65 70.47 -31.10
C MET L 2302 -37.24 71.91 -30.83
N LEU L 2303 -36.79 72.21 -29.62
CA LEU L 2303 -36.37 73.56 -29.28
C LEU L 2303 -35.13 73.97 -30.05
N LEU L 2304 -34.12 73.09 -30.09
CA LEU L 2304 -32.93 73.43 -30.85
C LEU L 2304 -33.17 73.40 -32.35
N ALA L 2305 -34.18 72.66 -32.81
CA ALA L 2305 -34.62 72.78 -34.20
C ALA L 2305 -35.22 74.14 -34.46
N LYS L 2306 -35.99 74.66 -33.50
CA LYS L 2306 -36.47 76.04 -33.57
C LYS L 2306 -35.31 77.03 -33.53
N GLY L 2307 -34.17 76.63 -32.99
CA GLY L 2307 -33.02 77.50 -32.94
C GLY L 2307 -32.79 78.18 -31.61
N TYR L 2308 -33.51 77.79 -30.57
CA TYR L 2308 -33.30 78.37 -29.26
C TYR L 2308 -31.93 77.95 -28.71
N PRO L 2309 -31.33 78.76 -27.85
CA PRO L 2309 -30.00 78.43 -27.33
C PRO L 2309 -29.99 77.08 -26.62
N ASP L 2310 -28.89 76.35 -26.79
CA ASP L 2310 -28.79 75.00 -26.25
C ASP L 2310 -28.69 75.06 -24.72
N ILE L 2311 -29.67 74.45 -24.06
CA ILE L 2311 -29.69 74.45 -22.60
C ILE L 2311 -28.98 73.24 -22.02
N GLY L 2312 -29.01 72.11 -22.73
CA GLY L 2312 -28.52 70.86 -22.18
C GLY L 2312 -29.53 70.11 -21.35
N TRP L 2313 -30.76 70.61 -21.23
CA TRP L 2313 -31.81 69.99 -20.43
C TRP L 2313 -33.17 70.59 -20.75
N ASN L 2314 -34.17 69.74 -20.97
CA ASN L 2314 -35.47 70.16 -21.50
C ASN L 2314 -36.38 70.59 -20.36
N PRO L 2315 -36.82 71.84 -20.32
CA PRO L 2315 -37.80 72.25 -19.31
C PRO L 2315 -39.23 71.82 -19.63
N CYS L 2316 -39.64 71.96 -20.89
CA CYS L 2316 -41.05 71.78 -21.22
C CYS L 2316 -41.49 70.34 -21.03
N GLY L 2317 -40.74 69.39 -21.60
CA GLY L 2317 -41.12 67.99 -21.46
C GLY L 2317 -41.04 67.52 -20.01
N GLY L 2318 -40.03 68.01 -19.28
CA GLY L 2318 -39.97 67.71 -17.87
C GLY L 2318 -41.19 68.18 -17.12
N GLU L 2319 -41.70 69.36 -17.46
CA GLU L 2319 -42.86 69.88 -16.75
C GLU L 2319 -44.12 69.11 -17.13
N ARG L 2320 -44.22 68.64 -18.37
CA ARG L 2320 -45.33 67.75 -18.73
C ARG L 2320 -45.31 66.48 -17.87
N TYR L 2321 -44.14 65.86 -17.77
CA TYR L 2321 -44.02 64.62 -17.00
C TYR L 2321 -44.32 64.87 -15.53
N LEU L 2322 -43.87 66.01 -15.00
CA LEU L 2322 -44.16 66.34 -13.61
C LEU L 2322 -45.65 66.59 -13.38
N ASP L 2323 -46.35 67.17 -14.36
CA ASP L 2323 -47.80 67.30 -14.23
C ASP L 2323 -48.47 65.94 -14.14
N PHE L 2324 -48.03 64.99 -14.98
CA PHE L 2324 -48.58 63.64 -14.88
C PHE L 2324 -48.29 63.02 -13.52
N LEU L 2325 -47.07 63.20 -13.02
CA LEU L 2325 -46.72 62.61 -11.73
C LEU L 2325 -47.53 63.22 -10.60
N ARG L 2326 -47.78 64.53 -10.66
CA ARG L 2326 -48.63 65.17 -9.65
C ARG L 2326 -50.03 64.59 -9.68
N PHE L 2327 -50.58 64.39 -10.88
CA PHE L 2327 -51.91 63.81 -10.97
C PHE L 2327 -51.95 62.39 -10.45
N ALA L 2328 -50.84 61.65 -10.60
CA ALA L 2328 -50.79 60.30 -10.05
C ALA L 2328 -50.73 60.31 -8.53
N VAL L 2329 -49.85 61.14 -7.97
CA VAL L 2329 -49.59 61.10 -6.53
C VAL L 2329 -50.76 61.67 -5.75
N PHE L 2330 -51.26 62.83 -6.17
CA PHE L 2330 -52.19 63.63 -5.38
C PHE L 2330 -53.60 63.46 -5.91
N VAL L 2331 -54.57 63.39 -5.00
CA VAL L 2331 -55.96 63.22 -5.39
C VAL L 2331 -56.86 63.65 -4.24
N ASN L 2332 -57.90 64.41 -4.59
CA ASN L 2332 -58.95 64.85 -3.65
C ASN L 2332 -58.36 65.59 -2.44
N GLY L 2333 -57.37 66.44 -2.69
CA GLY L 2333 -56.75 67.14 -1.59
C GLY L 2333 -55.96 66.28 -0.65
N GLU L 2334 -55.55 65.09 -1.10
CA GLU L 2334 -54.89 64.11 -0.26
C GLU L 2334 -53.67 63.57 -1.00
N SER L 2335 -52.71 63.08 -0.24
CA SER L 2335 -51.53 62.44 -0.81
C SER L 2335 -51.65 60.94 -0.63
N VAL L 2336 -51.59 60.20 -1.74
CA VAL L 2336 -51.55 58.75 -1.67
C VAL L 2336 -50.17 58.32 -1.23
N GLU L 2337 -50.11 57.57 -0.13
CA GLU L 2337 -48.84 57.27 0.51
C GLU L 2337 -47.96 56.38 -0.36
N GLU L 2338 -48.53 55.32 -0.93
CA GLU L 2338 -47.74 54.38 -1.69
C GLU L 2338 -47.23 55.00 -2.99
N ASN L 2339 -48.12 55.69 -3.72
CA ASN L 2339 -47.70 56.37 -4.93
C ASN L 2339 -46.65 57.41 -4.62
N ALA L 2340 -46.83 58.17 -3.54
CA ALA L 2340 -45.83 59.16 -3.15
C ALA L 2340 -44.50 58.50 -2.85
N ASN L 2341 -44.54 57.35 -2.17
CA ASN L 2341 -43.31 56.67 -1.78
C ASN L 2341 -42.54 56.18 -3.00
N VAL L 2342 -43.22 55.50 -3.92
CA VAL L 2342 -42.51 54.99 -5.08
C VAL L 2342 -42.03 56.14 -5.96
N VAL L 2343 -42.81 57.21 -6.05
CA VAL L 2343 -42.41 58.34 -6.89
C VAL L 2343 -41.16 59.00 -6.34
N VAL L 2344 -41.13 59.26 -5.03
CA VAL L 2344 -39.94 59.92 -4.47
C VAL L 2344 -38.76 58.97 -4.52
N ARG L 2345 -38.98 57.67 -4.32
CA ARG L 2345 -37.88 56.72 -4.38
C ARG L 2345 -37.26 56.68 -5.77
N LEU L 2346 -38.08 56.67 -6.82
CA LEU L 2346 -37.55 56.63 -8.18
C LEU L 2346 -36.89 57.96 -8.56
N LEU L 2347 -37.54 59.09 -8.24
CA LEU L 2347 -36.97 60.39 -8.53
C LEU L 2347 -35.64 60.59 -7.83
N ILE L 2348 -35.57 60.17 -6.57
CA ILE L 2348 -34.34 60.32 -5.81
C ILE L 2348 -33.31 59.30 -6.26
N ARG L 2349 -33.76 58.17 -6.83
CA ARG L 2349 -32.84 57.18 -7.37
C ARG L 2349 -32.13 57.70 -8.60
N LYS L 2350 -32.82 58.50 -9.41
CA LYS L 2350 -32.18 59.11 -10.58
C LYS L 2350 -31.92 60.58 -10.31
N PRO L 2351 -30.73 60.93 -9.80
CA PRO L 2351 -30.47 62.32 -9.37
C PRO L 2351 -30.50 63.32 -10.51
N GLU L 2352 -30.33 62.88 -11.75
CA GLU L 2352 -30.31 63.78 -12.89
C GLU L 2352 -31.70 64.27 -13.26
N CYS L 2353 -32.74 63.79 -12.58
CA CYS L 2353 -34.10 64.23 -12.87
C CYS L 2353 -34.32 65.69 -12.46
N PHE L 2354 -33.71 66.11 -11.36
CA PHE L 2354 -34.00 67.45 -10.83
C PHE L 2354 -33.39 68.55 -11.68
N GLY L 2355 -32.34 68.26 -12.46
CA GLY L 2355 -31.74 69.25 -13.31
C GLY L 2355 -30.41 69.75 -12.77
N PRO L 2356 -29.88 70.82 -13.36
CA PRO L 2356 -28.60 71.36 -12.86
C PRO L 2356 -28.66 71.79 -11.41
N ALA L 2357 -29.77 72.35 -10.97
CA ALA L 2357 -29.95 72.63 -9.56
C ALA L 2357 -30.26 71.34 -8.80
N LEU L 2358 -30.08 71.40 -7.49
CA LEU L 2358 -30.33 70.27 -6.60
C LEU L 2358 -29.49 69.04 -6.96
N ARG L 2359 -28.29 69.26 -7.48
CA ARG L 2359 -27.35 68.17 -7.70
C ARG L 2359 -25.96 68.65 -7.32
N GLY L 2360 -25.20 67.78 -6.65
CA GLY L 2360 -23.88 68.16 -6.18
C GLY L 2360 -22.90 68.44 -7.30
N GLU L 2361 -22.99 67.67 -8.39
CA GLU L 2361 -22.14 67.94 -9.55
C GLU L 2361 -22.45 69.30 -10.16
N GLY L 2362 -23.74 69.66 -10.23
CA GLY L 2362 -24.09 70.98 -10.71
C GLY L 2362 -23.61 72.09 -9.80
N GLY L 2363 -23.64 71.84 -8.49
CA GLY L 2363 -23.18 72.84 -7.54
C GLY L 2363 -24.06 74.06 -7.43
N SER L 2364 -25.33 73.94 -7.80
CA SER L 2364 -26.26 75.05 -7.75
C SER L 2364 -27.54 74.60 -7.06
N GLY L 2365 -28.22 75.56 -6.45
CA GLY L 2365 -29.46 75.31 -5.76
C GLY L 2365 -30.67 75.90 -6.47
N LEU L 2366 -31.81 75.82 -5.78
CA LEU L 2366 -33.05 76.38 -6.32
C LEU L 2366 -32.94 77.89 -6.48
N LEU L 2367 -32.26 78.55 -5.54
CA LEU L 2367 -32.07 79.99 -5.65
C LEU L 2367 -31.27 80.33 -6.90
N ALA L 2368 -30.13 79.66 -7.11
CA ALA L 2368 -29.32 79.90 -8.29
C ALA L 2368 -30.11 79.61 -9.56
N ALA L 2369 -30.97 78.58 -9.52
CA ALA L 2369 -31.81 78.27 -10.66
C ALA L 2369 -32.76 79.43 -10.97
N ILE L 2370 -33.37 80.03 -9.95
CA ILE L 2370 -34.31 81.10 -10.25
C ILE L 2370 -33.58 82.36 -10.71
N GLU L 2371 -32.36 82.61 -10.20
CA GLU L 2371 -31.62 83.78 -10.68
C GLU L 2371 -31.25 83.63 -12.15
N GLU L 2372 -30.69 82.49 -12.53
CA GLU L 2372 -30.33 82.31 -13.93
C GLU L 2372 -31.57 82.29 -14.82
N ALA L 2373 -32.68 81.74 -14.34
CA ALA L 2373 -33.91 81.74 -15.13
C ALA L 2373 -34.43 83.16 -15.35
N ILE L 2374 -34.37 84.01 -14.31
CA ILE L 2374 -34.82 85.39 -14.48
C ILE L 2374 -33.89 86.16 -15.41
N ARG L 2375 -32.58 85.86 -15.39
CA ARG L 2375 -31.69 86.50 -16.35
C ARG L 2375 -32.01 86.07 -17.77
N ILE L 2376 -32.33 84.79 -17.97
CA ILE L 2376 -32.72 84.31 -19.29
C ILE L 2376 -33.97 85.03 -19.77
N SER L 2377 -34.97 85.15 -18.89
CA SER L 2377 -36.17 85.88 -19.25
C SER L 2377 -35.88 87.36 -19.49
N GLU L 2378 -34.85 87.90 -18.83
CA GLU L 2378 -34.53 89.31 -18.96
C GLU L 2378 -33.95 89.62 -20.34
N ASP L 2379 -32.98 88.84 -20.79
CA ASP L 2379 -32.33 89.15 -22.07
C ASP L 2379 -33.03 88.42 -23.20
N PRO L 2380 -33.51 89.13 -24.23
CA PRO L 2380 -34.11 88.44 -25.39
C PRO L 2380 -33.08 87.75 -26.28
N ALA L 2381 -31.79 87.96 -26.04
CA ALA L 2381 -30.77 87.25 -26.82
C ALA L 2381 -30.83 85.75 -26.56
N ARG L 2382 -31.00 85.36 -25.29
CA ARG L 2382 -31.10 83.95 -24.93
C ARG L 2382 -32.53 83.51 -24.66
N ASP L 2383 -33.46 84.44 -24.37
CA ASP L 2383 -34.86 84.08 -24.24
C ASP L 2383 -35.43 83.62 -25.58
N GLY L 2384 -35.08 84.32 -26.67
CA GLY L 2384 -35.56 83.97 -27.98
C GLY L 2384 -34.61 83.04 -28.71
N PRO L 2385 -35.00 82.62 -29.92
CA PRO L 2385 -34.18 81.69 -30.71
C PRO L 2385 -32.98 82.38 -31.36
N ASN L 2404 -41.23 81.67 -31.23
CA ASN L 2404 -41.40 83.02 -30.70
C ASN L 2404 -42.24 83.01 -29.43
N ARG L 2405 -43.26 82.13 -29.40
CA ARG L 2405 -44.13 82.02 -28.24
C ARG L 2405 -43.50 81.23 -27.09
N VAL L 2406 -42.41 80.52 -27.34
CA VAL L 2406 -41.75 79.72 -26.32
C VAL L 2406 -40.61 80.54 -25.73
N HIS L 2407 -40.56 80.62 -24.41
CA HIS L 2407 -39.58 81.44 -23.70
C HIS L 2407 -38.84 80.58 -22.69
N LEU L 2408 -37.51 80.53 -22.83
CA LEU L 2408 -36.71 79.54 -22.12
C LEU L 2408 -36.73 79.76 -20.61
N GLY L 2409 -36.63 81.02 -20.18
CA GLY L 2409 -36.64 81.29 -18.76
C GLY L 2409 -37.94 80.89 -18.10
N HIS L 2410 -39.07 81.23 -18.74
CA HIS L 2410 -40.37 80.84 -18.22
C HIS L 2410 -40.52 79.33 -18.17
N ALA L 2411 -40.06 78.64 -19.22
CA ALA L 2411 -40.12 77.18 -19.22
C ALA L 2411 -39.27 76.60 -18.09
N ILE L 2412 -38.09 77.18 -17.85
CA ILE L 2412 -37.20 76.65 -16.82
C ILE L 2412 -37.83 76.81 -15.43
N MET L 2413 -38.29 78.02 -15.09
CA MET L 2413 -38.84 78.15 -13.74
C MET L 2413 -40.21 77.52 -13.61
N SER L 2414 -40.95 77.32 -14.70
CA SER L 2414 -42.16 76.52 -14.61
C SER L 2414 -41.84 75.06 -14.35
N PHE L 2415 -40.73 74.56 -14.94
CA PHE L 2415 -40.30 73.20 -14.65
C PHE L 2415 -39.93 73.05 -13.18
N TYR L 2416 -39.16 73.99 -12.64
CA TYR L 2416 -38.78 73.88 -11.23
C TYR L 2416 -39.97 74.10 -10.31
N ALA L 2417 -40.92 74.94 -10.71
CA ALA L 2417 -42.16 75.08 -9.95
C ALA L 2417 -42.94 73.79 -9.93
N ALA L 2418 -43.01 73.09 -11.06
CA ALA L 2418 -43.69 71.80 -11.10
C ALA L 2418 -42.98 70.77 -10.25
N LEU L 2419 -41.64 70.79 -10.25
CA LEU L 2419 -40.88 69.87 -9.41
C LEU L 2419 -41.19 70.10 -7.94
N ILE L 2420 -41.18 71.36 -7.51
CA ILE L 2420 -41.44 71.66 -6.10
C ILE L 2420 -42.88 71.34 -5.75
N ASP L 2421 -43.82 71.62 -6.66
CA ASP L 2421 -45.22 71.29 -6.40
C ASP L 2421 -45.41 69.79 -6.29
N LEU L 2422 -44.70 69.02 -7.10
CA LEU L 2422 -44.77 67.56 -6.99
C LEU L 2422 -44.24 67.08 -5.65
N LEU L 2423 -43.12 67.65 -5.19
CA LEU L 2423 -42.59 67.25 -3.89
C LEU L 2423 -43.54 67.62 -2.77
N GLY L 2424 -44.17 68.78 -2.86
CA GLY L 2424 -45.16 69.16 -1.86
C GLY L 2424 -46.37 68.25 -1.87
N ARG L 2425 -46.79 67.81 -3.04
CA ARG L 2425 -47.89 66.87 -3.14
C ARG L 2425 -47.47 65.45 -2.74
N CYS L 2426 -46.18 65.17 -2.70
CA CYS L 2426 -45.66 63.93 -2.16
C CYS L 2426 -45.33 64.02 -0.68
N ALA L 2427 -45.50 65.20 -0.07
CA ALA L 2427 -45.25 65.35 1.35
C ALA L 2427 -46.26 64.53 2.16
N PRO L 2428 -45.82 63.89 3.24
CA PRO L 2428 -46.73 63.07 4.03
C PRO L 2428 -47.76 63.92 4.77
N GLU L 2429 -48.82 63.25 5.21
CA GLU L 2429 -49.92 63.92 5.89
C GLU L 2429 -49.55 64.30 7.32
N MET L 2430 -50.25 65.31 7.82
CA MET L 2430 -50.01 65.81 9.17
C MET L 2430 -50.29 64.74 10.21
N HIS L 2431 -51.41 64.03 10.07
CA HIS L 2431 -51.77 63.02 11.06
C HIS L 2431 -50.84 61.82 11.01
N LEU L 2432 -50.36 61.47 9.81
CA LEU L 2432 -49.35 60.41 9.71
C LEU L 2432 -48.07 60.81 10.41
N ILE L 2433 -47.64 62.06 10.23
CA ILE L 2433 -46.37 62.45 10.84
C ILE L 2433 -46.53 62.56 12.35
N GLN L 2434 -47.74 62.85 12.84
CA GLN L 2434 -47.96 62.83 14.28
C GLN L 2434 -47.96 61.39 14.81
N ALA L 2435 -48.64 60.48 14.12
CA ALA L 2435 -48.68 59.09 14.54
C ALA L 2435 -47.32 58.42 14.47
N GLY L 2436 -46.40 58.96 13.67
CA GLY L 2436 -45.04 58.47 13.67
C GLY L 2436 -44.79 57.29 12.76
N LYS L 2437 -45.38 57.31 11.56
CA LYS L 2437 -45.08 56.30 10.57
C LYS L 2437 -43.63 56.44 10.14
N GLY L 2438 -42.89 55.33 10.17
CA GLY L 2438 -41.48 55.39 9.88
C GLY L 2438 -41.19 55.84 8.46
N GLU L 2439 -41.92 55.28 7.49
CA GLU L 2439 -41.70 55.65 6.10
C GLU L 2439 -42.09 57.10 5.86
N ALA L 2440 -43.20 57.54 6.47
CA ALA L 2440 -43.61 58.94 6.30
C ALA L 2440 -42.58 59.90 6.87
N LEU L 2441 -42.05 59.59 8.07
CA LEU L 2441 -41.00 60.40 8.65
C LEU L 2441 -39.78 60.45 7.76
N ARG L 2442 -39.39 59.31 7.19
CA ARG L 2442 -38.18 59.29 6.37
C ARG L 2442 -38.39 59.98 5.03
N ILE L 2443 -39.60 59.88 4.46
CA ILE L 2443 -39.87 60.60 3.22
C ILE L 2443 -39.83 62.10 3.46
N ARG L 2444 -40.41 62.56 4.57
CA ARG L 2444 -40.31 63.98 4.90
C ARG L 2444 -38.87 64.39 5.15
N ALA L 2445 -38.07 63.49 5.73
CA ALA L 2445 -36.65 63.77 5.92
C ALA L 2445 -35.92 63.90 4.57
N ILE L 2446 -36.26 63.03 3.61
CA ILE L 2446 -35.64 63.10 2.30
C ILE L 2446 -36.01 64.42 1.61
N LEU L 2447 -37.27 64.81 1.70
CA LEU L 2447 -37.69 66.09 1.12
C LEU L 2447 -36.98 67.25 1.81
N ARG L 2448 -36.82 67.18 3.13
CA ARG L 2448 -36.12 68.22 3.87
C ARG L 2448 -34.69 68.34 3.40
N SER L 2449 -34.00 67.21 3.22
CA SER L 2449 -32.62 67.24 2.74
C SER L 2449 -32.55 67.75 1.31
N LEU L 2450 -33.53 67.39 0.49
CA LEU L 2450 -33.49 67.77 -0.92
C LEU L 2450 -33.65 69.27 -1.10
N VAL L 2451 -34.65 69.85 -0.44
CA VAL L 2451 -35.01 71.24 -0.73
C VAL L 2451 -34.73 72.11 0.49
N PRO L 2452 -33.67 72.90 0.47
CA PRO L 2452 -33.33 73.72 1.64
C PRO L 2452 -34.27 74.92 1.79
N LEU L 2453 -34.58 75.25 3.04
CA LEU L 2453 -35.60 76.26 3.35
C LEU L 2453 -35.22 77.64 2.83
N ASP L 2454 -33.94 77.99 2.92
CA ASP L 2454 -33.49 79.32 2.51
C ASP L 2454 -33.78 79.58 1.04
N ASP L 2455 -33.70 78.55 0.20
CA ASP L 2455 -34.06 78.70 -1.19
C ASP L 2455 -35.53 79.09 -1.34
N LEU L 2456 -36.41 78.45 -0.57
CA LEU L 2456 -37.83 78.77 -0.65
C LEU L 2456 -38.10 80.23 -0.27
N VAL L 2457 -37.57 80.66 0.88
CA VAL L 2457 -37.88 82.03 1.30
C VAL L 2457 -37.27 83.03 0.33
N GLY L 2458 -36.12 82.72 -0.27
CA GLY L 2458 -35.57 83.59 -1.29
C GLY L 2458 -36.47 83.69 -2.51
N ILE L 2459 -36.96 82.55 -3.00
CA ILE L 2459 -37.80 82.55 -4.19
C ILE L 2459 -39.11 83.28 -3.95
N ILE L 2460 -39.66 83.17 -2.73
CA ILE L 2460 -40.80 84.02 -2.40
C ILE L 2460 -40.39 85.49 -2.36
N SER L 2461 -39.16 85.78 -1.91
CA SER L 2461 -38.79 87.18 -1.70
C SER L 2461 -38.59 87.93 -3.01
N LEU L 2462 -38.23 87.26 -4.11
CA LEU L 2462 -38.20 88.00 -5.37
C LEU L 2462 -39.62 88.28 -5.85
N PRO L 2463 -40.00 89.54 -6.06
CA PRO L 2463 -41.40 89.85 -6.40
C PRO L 2463 -41.71 89.76 -7.90
N LEU L 2464 -42.93 90.15 -8.26
CA LEU L 2464 -43.39 90.15 -9.63
C LEU L 2464 -42.93 91.43 -10.35
N GLN L 2465 -43.31 91.54 -11.62
CA GLN L 2465 -43.14 92.77 -12.39
C GLN L 2465 -44.53 93.38 -12.58
N ILE L 2466 -44.82 94.38 -11.77
CA ILE L 2466 -46.16 95.00 -11.74
C ILE L 2466 -46.41 95.71 -13.06
N PRO L 2467 -47.60 95.56 -13.67
CA PRO L 2467 -47.90 96.31 -14.90
C PRO L 2467 -47.86 97.81 -14.65
N THR L 2468 -47.37 98.54 -15.64
CA THR L 2468 -47.19 100.00 -15.54
C THR L 2468 -48.11 100.69 -16.54
N LEU L 2469 -48.30 102.00 -16.31
CA LEU L 2469 -49.11 102.79 -17.22
C LEU L 2469 -48.38 103.02 -18.55
N GLY L 2470 -47.10 103.38 -18.49
CA GLY L 2470 -46.35 103.70 -19.69
C GLY L 2470 -46.86 104.96 -20.37
N LYS L 2471 -47.39 104.81 -21.58
CA LYS L 2471 -48.03 105.94 -22.24
C LYS L 2471 -49.37 106.25 -21.56
N ASP L 2472 -49.73 107.53 -21.57
CA ASP L 2472 -51.00 107.95 -20.97
C ASP L 2472 -52.18 107.41 -21.77
N GLY L 2473 -53.22 107.01 -21.05
CA GLY L 2473 -54.40 106.42 -21.66
C GLY L 2473 -54.27 104.96 -22.02
N ALA L 2474 -53.13 104.33 -21.74
CA ALA L 2474 -52.89 102.95 -22.08
C ALA L 2474 -52.31 102.22 -20.88
N LEU L 2475 -52.41 100.89 -20.91
CA LEU L 2475 -51.92 100.03 -19.83
C LEU L 2475 -51.02 98.97 -20.43
N VAL L 2476 -49.71 99.15 -20.31
CA VAL L 2476 -48.76 98.15 -20.76
C VAL L 2476 -48.56 97.11 -19.66
N GLN L 2477 -48.62 95.84 -20.04
CA GLN L 2477 -48.57 94.75 -19.09
C GLN L 2477 -47.36 93.86 -19.37
N PRO L 2478 -46.81 93.23 -18.34
CA PRO L 2478 -45.71 92.29 -18.57
C PRO L 2478 -46.19 91.03 -19.26
N LYS L 2479 -45.27 90.35 -19.93
CA LYS L 2479 -45.57 89.09 -20.61
C LYS L 2479 -45.42 87.97 -19.58
N MET L 2480 -46.55 87.54 -19.02
CA MET L 2480 -46.52 86.47 -18.03
C MET L 2480 -46.04 85.17 -18.64
N SER L 2481 -46.36 84.91 -19.90
CA SER L 2481 -45.91 83.69 -20.55
C SER L 2481 -44.40 83.63 -20.71
N ALA L 2482 -43.70 84.74 -20.52
CA ALA L 2482 -42.25 84.77 -20.62
C ALA L 2482 -41.54 85.00 -19.30
N SER L 2483 -42.22 85.56 -18.31
CA SER L 2483 -41.57 85.99 -17.08
C SER L 2483 -42.12 85.19 -15.89
N PHE L 2484 -41.69 85.59 -14.69
CA PHE L 2484 -42.08 84.90 -13.46
C PHE L 2484 -43.49 85.30 -13.10
N VAL L 2485 -44.34 84.32 -12.80
CA VAL L 2485 -45.75 84.56 -12.53
C VAL L 2485 -46.04 84.07 -11.12
N PRO L 2486 -47.13 84.54 -10.50
CA PRO L 2486 -47.45 84.12 -9.14
C PRO L 2486 -47.81 82.65 -9.01
N ASP L 2487 -48.06 81.94 -10.12
CA ASP L 2487 -48.31 80.51 -10.03
C ASP L 2487 -47.08 79.76 -9.55
N HIS L 2488 -45.90 80.18 -10.00
CA HIS L 2488 -44.66 79.63 -9.46
C HIS L 2488 -44.58 79.87 -7.95
N LYS L 2489 -45.01 81.05 -7.51
CA LYS L 2489 -45.03 81.34 -6.08
C LYS L 2489 -45.96 80.42 -5.33
N ALA L 2490 -47.14 80.15 -5.90
CA ALA L 2490 -48.10 79.27 -5.24
C ALA L 2490 -47.55 77.86 -5.10
N SER L 2491 -46.96 77.33 -6.18
CA SER L 2491 -46.36 76.01 -6.08
C SER L 2491 -45.16 76.01 -5.14
N MET L 2492 -44.46 77.13 -5.03
CA MET L 2492 -43.31 77.21 -4.13
C MET L 2492 -43.75 77.19 -2.68
N VAL L 2493 -44.76 77.99 -2.34
CA VAL L 2493 -45.24 78.05 -0.95
C VAL L 2493 -46.03 76.81 -0.59
N LEU L 2494 -46.45 76.02 -1.58
CA LEU L 2494 -47.07 74.74 -1.27
C LEU L 2494 -46.08 73.84 -0.54
N PHE L 2495 -44.82 73.87 -0.94
CA PHE L 2495 -43.80 73.11 -0.23
C PHE L 2495 -43.66 73.61 1.20
N LEU L 2496 -43.76 74.91 1.41
CA LEU L 2496 -43.71 75.47 2.75
C LEU L 2496 -44.86 74.96 3.61
N ASP L 2497 -46.08 75.02 3.09
CA ASP L 2497 -47.22 74.62 3.90
C ASP L 2497 -47.38 73.11 3.98
N ARG L 2498 -46.63 72.34 3.21
CA ARG L 2498 -46.76 70.89 3.20
C ARG L 2498 -45.65 70.18 3.95
N VAL L 2499 -44.39 70.54 3.70
CA VAL L 2499 -43.27 69.80 4.28
C VAL L 2499 -42.82 70.45 5.58
N TYR L 2500 -42.32 71.69 5.50
CA TYR L 2500 -41.75 72.32 6.67
C TYR L 2500 -42.82 72.75 7.67
N GLY L 2501 -43.90 73.35 7.17
CA GLY L 2501 -44.92 73.89 8.04
C GLY L 2501 -44.48 75.22 8.66
N ILE L 2502 -45.42 75.83 9.38
CA ILE L 2502 -45.17 77.08 10.07
C ILE L 2502 -45.52 76.85 11.54
N GLU L 2503 -44.51 76.63 12.37
CA GLU L 2503 -44.70 76.39 13.79
C GLU L 2503 -43.97 77.42 14.66
N ASN L 2504 -43.20 78.32 14.07
CA ASN L 2504 -42.45 79.32 14.81
C ASN L 2504 -43.00 80.70 14.48
N GLN L 2505 -43.27 81.50 15.52
CA GLN L 2505 -43.82 82.82 15.31
C GLN L 2505 -42.80 83.76 14.65
N ASP L 2506 -41.54 83.69 15.08
CA ASP L 2506 -40.51 84.50 14.47
C ASP L 2506 -40.33 84.14 13.00
N PHE L 2507 -40.32 82.84 12.69
CA PHE L 2507 -40.25 82.40 11.30
C PHE L 2507 -41.47 82.87 10.53
N LEU L 2508 -42.64 82.87 11.16
CA LEU L 2508 -43.86 83.31 10.49
C LEU L 2508 -43.76 84.77 10.09
N LEU L 2509 -43.43 85.65 11.03
CA LEU L 2509 -43.32 87.07 10.71
C LEU L 2509 -42.18 87.34 9.74
N HIS L 2510 -41.10 86.57 9.81
CA HIS L 2510 -40.03 86.72 8.82
C HIS L 2510 -40.53 86.38 7.43
N VAL L 2511 -41.31 85.30 7.30
CA VAL L 2511 -41.84 84.89 6.01
C VAL L 2511 -42.80 85.94 5.46
N LEU L 2512 -43.68 86.48 6.31
CA LEU L 2512 -44.57 87.54 5.85
C LEU L 2512 -43.79 88.79 5.47
N ASP L 2513 -42.70 89.08 6.18
CA ASP L 2513 -41.89 90.25 5.83
C ASP L 2513 -41.23 90.09 4.47
N VAL L 2514 -40.69 88.90 4.19
CA VAL L 2514 -39.89 88.67 3.00
C VAL L 2514 -40.78 87.99 1.95
N GLY L 2515 -41.26 88.76 0.98
CA GLY L 2515 -41.91 88.23 -0.18
C GLY L 2515 -43.40 87.92 -0.06
N PHE L 2516 -44.02 88.26 1.05
CA PHE L 2516 -45.45 88.05 1.22
C PHE L 2516 -46.20 89.36 1.32
N LEU L 2517 -45.85 90.20 2.30
CA LEU L 2517 -46.38 91.56 2.36
C LEU L 2517 -46.12 92.37 1.10
N PRO L 2518 -44.96 92.29 0.43
CA PRO L 2518 -44.85 92.94 -0.88
C PRO L 2518 -45.89 92.48 -1.88
N ASP L 2519 -46.22 91.18 -1.87
CA ASP L 2519 -47.25 90.68 -2.79
C ASP L 2519 -48.61 91.27 -2.47
N MET L 2520 -48.97 91.36 -1.18
CA MET L 2520 -50.26 91.93 -0.84
C MET L 2520 -50.29 93.44 -1.07
N ARG L 2521 -49.14 94.12 -0.94
CA ARG L 2521 -49.07 95.52 -1.34
C ARG L 2521 -49.28 95.67 -2.84
N ALA L 2522 -48.73 94.74 -3.62
CA ALA L 2522 -48.96 94.76 -5.06
C ALA L 2522 -50.44 94.54 -5.38
N ALA L 2523 -51.10 93.68 -4.61
CA ALA L 2523 -52.54 93.49 -4.78
C ALA L 2523 -53.30 94.77 -4.47
N ALA L 2524 -52.93 95.46 -3.39
CA ALA L 2524 -53.58 96.73 -3.07
C ALA L 2524 -53.32 97.78 -4.13
N SER L 2525 -52.12 97.79 -4.69
CA SER L 2525 -51.78 98.76 -5.72
C SER L 2525 -52.53 98.48 -7.02
N LEU L 2526 -52.74 97.21 -7.34
CA LEU L 2526 -53.47 96.84 -8.55
C LEU L 2526 -54.98 96.73 -8.32
N ASP L 2527 -55.45 97.01 -7.11
CA ASP L 2527 -56.87 97.00 -6.82
C ASP L 2527 -57.66 98.05 -7.58
N THR L 2528 -56.98 99.02 -8.20
CA THR L 2528 -57.67 100.02 -9.01
C THR L 2528 -58.33 99.37 -10.22
N ALA L 2529 -59.43 99.97 -10.68
CA ALA L 2529 -60.22 99.40 -11.77
C ALA L 2529 -59.45 99.35 -13.08
N THR L 2530 -58.45 100.20 -13.26
CA THR L 2530 -57.62 100.13 -14.46
C THR L 2530 -56.83 98.83 -14.51
N PHE L 2531 -56.29 98.41 -13.37
CA PHE L 2531 -55.50 97.18 -13.28
C PHE L 2531 -56.30 96.00 -12.74
N SER L 2532 -57.61 96.15 -12.57
CA SER L 2532 -58.41 95.08 -11.98
C SER L 2532 -58.52 93.89 -12.93
N THR L 2533 -58.69 94.13 -14.23
CA THR L 2533 -58.83 93.07 -15.21
C THR L 2533 -57.51 92.69 -15.86
N THR L 2534 -56.40 93.26 -15.42
CA THR L 2534 -55.10 92.89 -15.95
C THR L 2534 -54.81 91.43 -15.61
N GLU L 2535 -54.26 90.71 -16.59
CA GLU L 2535 -54.09 89.26 -16.45
C GLU L 2535 -53.07 88.93 -15.37
N MET L 2536 -52.01 89.73 -15.26
CA MET L 2536 -51.07 89.55 -14.17
C MET L 2536 -51.75 89.78 -12.82
N ALA L 2537 -52.64 90.76 -12.76
CA ALA L 2537 -53.39 91.01 -11.53
C ALA L 2537 -54.31 89.84 -11.19
N LEU L 2538 -54.93 89.25 -12.21
CA LEU L 2538 -55.77 88.07 -11.98
C LEU L 2538 -54.93 86.90 -11.47
N ALA L 2539 -53.73 86.71 -12.05
CA ALA L 2539 -52.86 85.64 -11.60
C ALA L 2539 -52.46 85.83 -10.14
N LEU L 2540 -52.08 87.07 -9.78
CA LEU L 2540 -51.74 87.35 -8.39
C LEU L 2540 -52.96 87.21 -7.49
N ASN L 2541 -54.15 87.56 -8.00
CA ASN L 2541 -55.37 87.46 -7.23
C ASN L 2541 -55.67 86.01 -6.85
N ARG L 2542 -55.65 85.11 -7.84
CA ARG L 2542 -55.89 83.72 -7.55
C ARG L 2542 -54.74 83.12 -6.75
N TYR L 2543 -53.52 83.63 -6.92
CA TYR L 2543 -52.41 83.23 -6.06
C TYR L 2543 -52.72 83.53 -4.61
N LEU L 2544 -53.19 84.73 -4.33
CA LEU L 2544 -53.58 85.09 -2.96
C LEU L 2544 -54.62 84.12 -2.44
N CYS L 2545 -55.79 84.09 -3.09
CA CYS L 2545 -56.93 83.33 -2.59
C CYS L 2545 -56.65 81.83 -2.51
N LEU L 2546 -55.68 81.32 -3.25
CA LEU L 2546 -55.43 79.89 -3.24
C LEU L 2546 -54.35 79.49 -2.24
N ALA L 2547 -53.23 80.21 -2.21
CA ALA L 2547 -52.09 79.75 -1.42
C ALA L 2547 -51.75 80.66 -0.25
N VAL L 2548 -51.93 81.97 -0.38
CA VAL L 2548 -51.39 82.89 0.62
C VAL L 2548 -52.26 82.92 1.87
N LEU L 2549 -53.49 83.40 1.74
CA LEU L 2549 -54.35 83.54 2.90
C LEU L 2549 -54.88 82.23 3.48
N PRO L 2550 -55.15 81.18 2.68
CA PRO L 2550 -55.48 79.90 3.32
C PRO L 2550 -54.38 79.39 4.25
N LEU L 2551 -53.11 79.69 3.96
CA LEU L 2551 -52.06 79.41 4.93
C LEU L 2551 -52.20 80.29 6.16
N ILE L 2552 -52.62 81.54 5.96
CA ILE L 2552 -52.74 82.49 7.06
C ILE L 2552 -53.84 82.07 8.03
N THR L 2553 -54.94 81.48 7.51
CA THR L 2553 -56.04 81.08 8.38
C THR L 2553 -55.59 80.02 9.40
N LYS L 2554 -54.81 79.04 8.96
CA LYS L 2554 -54.30 78.05 9.90
C LYS L 2554 -53.09 78.56 10.68
N CYS L 2555 -52.47 79.65 10.25
CA CYS L 2555 -51.44 80.30 11.05
C CYS L 2555 -52.00 81.37 11.98
N ALA L 2556 -53.32 81.55 12.01
CA ALA L 2556 -53.92 82.56 12.86
C ALA L 2556 -53.65 82.38 14.35
N PRO L 2557 -53.71 81.18 14.95
CA PRO L 2557 -53.37 81.09 16.38
C PRO L 2557 -51.96 81.51 16.70
N LEU L 2558 -51.01 81.33 15.78
CA LEU L 2558 -49.64 81.78 16.00
C LEU L 2558 -49.56 83.29 16.12
N PHE L 2559 -50.52 84.03 15.55
CA PHE L 2559 -50.49 85.48 15.54
C PHE L 2559 -50.83 86.11 16.89
N ALA L 2560 -51.33 85.33 17.85
CA ALA L 2560 -51.65 85.87 19.14
C ALA L 2560 -50.38 86.27 19.89
N GLY L 2561 -50.46 87.38 20.61
CA GLY L 2561 -49.31 87.87 21.35
C GLY L 2561 -48.24 88.53 20.51
N THR L 2562 -48.61 89.07 19.36
CA THR L 2562 -47.65 89.74 18.47
C THR L 2562 -47.62 91.22 18.84
N GLU L 2563 -46.66 91.61 19.68
CA GLU L 2563 -46.47 93.01 20.04
C GLU L 2563 -45.32 93.64 19.26
N HIS L 2564 -44.21 92.94 19.13
CA HIS L 2564 -43.11 93.40 18.28
C HIS L 2564 -43.55 93.39 16.82
N ARG L 2565 -43.09 94.39 16.07
CA ARG L 2565 -43.45 94.55 14.65
C ARG L 2565 -44.96 94.59 14.48
N ALA L 2566 -45.62 95.31 15.40
CA ALA L 2566 -47.07 95.38 15.40
C ALA L 2566 -47.60 96.10 14.17
N ILE L 2567 -46.92 97.17 13.75
CA ILE L 2567 -47.37 97.92 12.58
C ILE L 2567 -47.25 97.10 11.30
N MET L 2568 -46.35 96.12 11.25
CA MET L 2568 -46.33 95.22 10.10
C MET L 2568 -47.61 94.41 10.01
N VAL L 2569 -48.09 93.90 11.16
CA VAL L 2569 -49.38 93.22 11.19
C VAL L 2569 -50.50 94.19 10.84
N ASP L 2570 -50.36 95.45 11.26
CA ASP L 2570 -51.33 96.47 10.90
C ASP L 2570 -51.44 96.66 9.40
N SER L 2571 -50.28 96.79 8.74
CA SER L 2571 -50.28 96.96 7.29
C SER L 2571 -50.81 95.71 6.59
N MET L 2572 -50.48 94.53 7.12
CA MET L 2572 -51.01 93.29 6.57
C MET L 2572 -52.53 93.29 6.64
N LEU L 2573 -53.09 93.67 7.78
CA LEU L 2573 -54.55 93.66 7.90
C LEU L 2573 -55.18 94.77 7.09
N HIS L 2574 -54.46 95.87 6.88
CA HIS L 2574 -54.95 96.94 6.01
C HIS L 2574 -55.12 96.42 4.59
N THR L 2575 -54.11 95.70 4.08
CA THR L 2575 -54.23 95.14 2.75
C THR L 2575 -55.27 94.02 2.70
N VAL L 2576 -55.38 93.23 3.77
CA VAL L 2576 -56.44 92.22 3.83
C VAL L 2576 -57.81 92.87 3.73
N TYR L 2577 -58.00 94.01 4.40
CA TYR L 2577 -59.26 94.73 4.27
C TYR L 2577 -59.45 95.26 2.86
N ARG L 2578 -58.36 95.71 2.22
CA ARG L 2578 -58.49 96.27 0.87
C ARG L 2578 -58.94 95.22 -0.13
N LEU L 2579 -58.37 94.01 -0.06
CA LEU L 2579 -58.92 92.94 -0.88
C LEU L 2579 -60.16 92.29 -0.29
N SER L 2580 -60.52 92.62 0.95
CA SER L 2580 -61.83 92.23 1.46
C SER L 2580 -62.93 92.99 0.74
N ARG L 2581 -62.71 94.28 0.49
CA ARG L 2581 -63.54 95.00 -0.44
C ARG L 2581 -63.44 94.37 -1.81
N GLY L 2582 -64.58 93.96 -2.36
CA GLY L 2582 -64.59 93.18 -3.58
C GLY L 2582 -64.55 93.98 -4.86
N ARG L 2583 -63.36 94.05 -5.47
CA ARG L 2583 -63.16 94.72 -6.75
C ARG L 2583 -62.59 93.70 -7.73
N SER L 2584 -63.44 93.26 -8.67
CA SER L 2584 -63.10 92.21 -9.63
C SER L 2584 -62.68 90.93 -8.91
N LEU L 2585 -63.51 90.49 -7.98
CA LEU L 2585 -63.25 89.30 -7.19
C LEU L 2585 -64.39 88.29 -7.35
N THR L 2586 -64.00 87.02 -7.53
CA THR L 2586 -64.96 85.93 -7.50
C THR L 2586 -65.52 85.81 -6.08
N LYS L 2587 -66.76 85.32 -5.98
CA LYS L 2587 -67.39 85.18 -4.68
C LYS L 2587 -66.59 84.25 -3.76
N ALA L 2588 -66.13 83.11 -4.30
CA ALA L 2588 -65.34 82.19 -3.49
C ALA L 2588 -64.02 82.82 -3.06
N GLN L 2589 -63.35 83.52 -3.97
CA GLN L 2589 -62.11 84.21 -3.64
C GLN L 2589 -62.34 85.22 -2.53
N ARG L 2590 -63.36 86.05 -2.67
CA ARG L 2590 -63.66 87.07 -1.67
C ARG L 2590 -63.99 86.45 -0.33
N ASP L 2591 -64.75 85.34 -0.33
CA ASP L 2591 -65.09 84.67 0.92
C ASP L 2591 -63.86 84.11 1.60
N VAL L 2592 -62.90 83.61 0.82
CA VAL L 2592 -61.63 83.15 1.38
C VAL L 2592 -60.92 84.31 2.05
N ILE L 2593 -60.87 85.47 1.39
CA ILE L 2593 -60.21 86.64 1.96
C ILE L 2593 -60.90 87.06 3.25
N GLU L 2594 -62.23 87.07 3.24
CA GLU L 2594 -62.99 87.52 4.40
C GLU L 2594 -62.81 86.57 5.59
N ASP L 2595 -62.81 85.26 5.33
CA ASP L 2595 -62.61 84.30 6.41
C ASP L 2595 -61.19 84.40 6.97
N CYS L 2596 -60.21 84.65 6.11
CA CYS L 2596 -58.86 84.92 6.60
C CYS L 2596 -58.83 86.15 7.48
N LEU L 2597 -59.56 87.20 7.07
CA LEU L 2597 -59.62 88.42 7.87
C LEU L 2597 -60.22 88.17 9.25
N MET L 2598 -61.32 87.41 9.30
CA MET L 2598 -61.94 87.11 10.58
C MET L 2598 -61.03 86.26 11.46
N ALA L 2599 -60.37 85.27 10.87
CA ALA L 2599 -59.46 84.42 11.64
C ALA L 2599 -58.30 85.22 12.21
N LEU L 2600 -57.82 86.20 11.46
CA LEU L 2600 -56.82 87.12 12.00
C LEU L 2600 -57.40 87.95 13.13
N CYS L 2601 -58.61 88.49 12.93
CA CYS L 2601 -59.19 89.41 13.90
C CYS L 2601 -59.44 88.74 15.25
N ARG L 2602 -59.65 87.43 15.26
CA ARG L 2602 -59.91 86.76 16.52
C ARG L 2602 -58.64 86.36 17.26
N TYR L 2603 -57.46 86.77 16.77
CA TYR L 2603 -56.22 86.49 17.48
C TYR L 2603 -55.36 87.74 17.67
N ILE L 2604 -55.47 88.71 16.75
CA ILE L 2604 -54.74 89.96 16.92
C ILE L 2604 -55.36 90.76 18.06
N ARG L 2605 -54.52 91.51 18.76
CA ARG L 2605 -54.97 92.25 19.93
C ARG L 2605 -55.82 93.45 19.53
N PRO L 2606 -56.95 93.69 20.21
CA PRO L 2606 -57.73 94.91 19.95
C PRO L 2606 -56.95 96.18 20.21
N SER L 2607 -56.00 96.15 21.16
CA SER L 2607 -55.11 97.29 21.36
C SER L 2607 -54.20 97.51 20.17
N MET L 2608 -54.03 96.51 19.31
CA MET L 2608 -53.27 96.65 18.07
C MET L 2608 -54.15 97.09 16.91
N LEU L 2609 -55.41 96.69 16.89
CA LEU L 2609 -56.26 96.88 15.72
C LEU L 2609 -56.84 98.29 15.59
N GLN L 2610 -56.26 99.31 16.21
CA GLN L 2610 -56.93 100.61 16.25
C GLN L 2610 -56.94 101.31 14.88
N HIS L 2611 -55.96 101.04 14.03
CA HIS L 2611 -56.00 101.61 12.68
C HIS L 2611 -57.06 100.93 11.83
N LEU L 2612 -57.15 99.60 11.91
CA LEU L 2612 -58.21 98.89 11.22
C LEU L 2612 -59.57 99.30 11.73
N LEU L 2613 -59.68 99.51 13.04
CA LEU L 2613 -60.92 100.03 13.62
C LEU L 2613 -61.22 101.43 13.11
N ARG L 2614 -60.19 102.25 12.90
CA ARG L 2614 -60.40 103.59 12.35
C ARG L 2614 -61.01 103.52 10.95
N ARG L 2615 -60.41 102.72 10.08
CA ARG L 2615 -60.98 102.53 8.74
C ARG L 2615 -62.37 101.93 8.82
N LEU L 2616 -62.58 101.01 9.76
CA LEU L 2616 -63.88 100.38 9.94
C LEU L 2616 -64.94 101.41 10.28
N VAL L 2617 -64.65 102.27 11.28
CA VAL L 2617 -65.55 103.37 11.64
C VAL L 2617 -65.78 104.29 10.45
N PHE L 2618 -64.78 104.42 9.57
CA PHE L 2618 -64.96 105.24 8.38
C PHE L 2618 -66.03 104.61 7.48
N ASP L 2619 -65.89 103.32 7.18
CA ASP L 2619 -66.73 102.75 6.11
C ASP L 2619 -68.14 102.38 6.59
N VAL L 2620 -68.29 101.81 7.78
CA VAL L 2620 -69.56 101.12 8.10
C VAL L 2620 -70.79 102.03 8.22
N PRO L 2621 -70.73 103.29 8.67
CA PRO L 2621 -71.99 104.06 8.79
C PRO L 2621 -72.69 104.31 7.47
N ILE L 2622 -71.98 104.23 6.35
CA ILE L 2622 -72.61 104.42 5.05
C ILE L 2622 -73.54 103.27 4.71
N LEU L 2623 -73.41 102.15 5.43
CA LEU L 2623 -74.20 100.93 5.19
C LEU L 2623 -74.08 100.48 3.74
N ASN L 2624 -72.83 100.41 3.27
CA ASN L 2624 -72.56 99.86 1.96
C ASN L 2624 -73.04 98.41 1.91
N GLU L 2625 -73.60 98.02 0.76
CA GLU L 2625 -74.03 96.63 0.59
C GLU L 2625 -72.85 95.67 0.64
N PHE L 2626 -71.64 96.17 0.39
CA PHE L 2626 -70.43 95.36 0.49
C PHE L 2626 -69.81 95.41 1.88
N ALA L 2627 -70.38 96.18 2.80
CA ALA L 2627 -69.89 96.30 4.17
C ALA L 2627 -70.47 95.23 5.09
N LYS L 2628 -71.05 94.16 4.53
CA LYS L 2628 -71.58 93.08 5.34
C LYS L 2628 -70.47 92.41 6.15
N MET L 2629 -69.35 92.10 5.50
CA MET L 2629 -68.21 91.51 6.21
C MET L 2629 -67.67 92.43 7.30
N PRO L 2630 -67.45 93.73 7.07
CA PRO L 2630 -67.12 94.60 8.21
C PRO L 2630 -68.17 94.59 9.30
N LEU L 2631 -69.45 94.43 8.94
CA LEU L 2631 -70.49 94.41 9.96
C LEU L 2631 -70.34 93.21 10.89
N LYS L 2632 -70.20 92.01 10.32
CA LYS L 2632 -69.94 90.86 11.18
C LYS L 2632 -68.55 90.92 11.81
N LEU L 2633 -67.63 91.70 11.22
CA LEU L 2633 -66.35 91.93 11.85
C LEU L 2633 -66.50 92.66 13.17
N LEU L 2634 -67.30 93.73 13.17
CA LEU L 2634 -67.61 94.42 14.43
C LEU L 2634 -68.32 93.49 15.39
N THR L 2635 -69.26 92.70 14.87
CA THR L 2635 -69.99 91.76 15.73
C THR L 2635 -69.03 90.81 16.43
N ASN L 2636 -68.16 90.14 15.67
CA ASN L 2636 -67.24 89.16 16.24
C ASN L 2636 -66.24 89.83 17.18
N HIS L 2637 -65.71 90.99 16.78
CA HIS L 2637 -64.73 91.67 17.62
C HIS L 2637 -65.31 92.04 18.98
N TYR L 2638 -66.56 92.49 19.01
CA TYR L 2638 -67.11 92.98 20.26
C TYR L 2638 -67.86 91.92 21.05
N GLU L 2639 -68.05 90.71 20.50
CA GLU L 2639 -68.43 89.64 21.40
C GLU L 2639 -67.20 88.97 22.00
N ARG L 2640 -66.15 88.82 21.20
CA ARG L 2640 -64.89 88.27 21.72
C ARG L 2640 -64.30 89.18 22.78
N CYS L 2641 -64.12 90.46 22.45
CA CYS L 2641 -63.51 91.44 23.33
C CYS L 2641 -64.57 92.45 23.74
N TRP L 2642 -65.11 92.28 24.95
CA TRP L 2642 -66.08 93.24 25.47
C TRP L 2642 -65.68 93.71 26.86
N LYS L 2643 -65.09 92.82 27.66
CA LYS L 2643 -64.61 93.22 28.98
C LYS L 2643 -63.51 94.27 28.86
N TYR L 2644 -62.60 94.09 27.91
CA TYR L 2644 -61.49 95.02 27.73
C TYR L 2644 -61.98 96.42 27.36
N TYR L 2645 -63.11 96.51 26.67
CA TYR L 2645 -63.67 97.81 26.31
C TYR L 2645 -64.55 98.40 27.40
N CYS L 2646 -65.30 97.56 28.12
CA CYS L 2646 -66.32 98.07 29.03
C CYS L 2646 -65.80 98.21 30.46
N LEU L 2647 -65.21 97.15 31.01
CA LEU L 2647 -64.89 97.13 32.42
C LEU L 2647 -63.72 98.06 32.72
N PRO L 2648 -63.84 98.96 33.70
CA PRO L 2648 -62.68 99.74 34.13
C PRO L 2648 -61.54 98.86 34.62
N THR L 2649 -61.87 97.78 35.32
CA THR L 2649 -60.88 96.75 35.61
C THR L 2649 -60.48 96.08 34.30
N GLY L 2650 -59.16 95.88 34.14
CA GLY L 2650 -58.67 95.29 32.91
C GLY L 2650 -59.17 93.87 32.71
N TRP L 2651 -59.37 93.51 31.45
CA TRP L 2651 -59.70 92.15 31.09
C TRP L 2651 -58.65 91.18 31.60
N ALA L 2652 -57.44 91.29 31.06
CA ALA L 2652 -56.35 90.36 31.30
C ALA L 2652 -55.06 91.10 30.96
N ASN L 2653 -54.01 90.33 30.65
CA ASN L 2653 -52.73 90.89 30.21
C ASN L 2653 -52.90 91.97 29.15
N PHE L 2654 -53.99 91.92 28.35
CA PHE L 2654 -54.23 92.97 27.36
C PHE L 2654 -54.32 94.35 28.00
N GLY L 2655 -55.15 94.48 29.05
CA GLY L 2655 -55.25 95.72 29.81
C GLY L 2655 -56.64 96.34 29.68
N VAL L 2656 -56.66 97.66 29.50
CA VAL L 2656 -57.88 98.44 29.43
C VAL L 2656 -57.92 99.17 28.09
N THR L 2657 -59.12 99.48 27.63
CA THR L 2657 -59.31 100.10 26.32
C THR L 2657 -58.78 101.53 26.31
N SER L 2658 -58.56 102.03 25.10
CA SER L 2658 -58.08 103.39 24.89
C SER L 2658 -59.25 104.36 24.71
N GLU L 2659 -59.01 105.61 25.08
CA GLU L 2659 -60.04 106.64 24.94
C GLU L 2659 -60.37 106.89 23.47
N GLU L 2660 -59.35 106.87 22.61
CA GLU L 2660 -59.58 107.09 21.19
C GLU L 2660 -60.44 105.97 20.59
N GLU L 2661 -60.13 104.71 20.92
CA GLU L 2661 -60.94 103.60 20.44
C GLU L 2661 -62.34 103.67 21.01
N LEU L 2662 -62.49 104.08 22.26
CA LEU L 2662 -63.80 104.23 22.86
C LEU L 2662 -64.64 105.27 22.13
N HIS L 2663 -64.03 106.39 21.78
CA HIS L 2663 -64.72 107.39 20.97
C HIS L 2663 -65.05 106.84 19.59
N LEU L 2664 -64.16 106.01 19.04
CA LEU L 2664 -64.39 105.45 17.71
C LEU L 2664 -65.64 104.58 17.69
N THR L 2665 -65.74 103.64 18.65
CA THR L 2665 -66.94 102.79 18.69
C THR L 2665 -68.16 103.60 19.09
N ARG L 2666 -67.99 104.65 19.87
CA ARG L 2666 -69.09 105.54 20.21
C ARG L 2666 -69.69 106.20 18.97
N LYS L 2667 -68.85 106.86 18.18
CA LYS L 2667 -69.32 107.50 16.97
C LYS L 2667 -69.83 106.47 15.97
N LEU L 2668 -69.17 105.31 15.91
CA LEU L 2668 -69.66 104.18 15.13
C LEU L 2668 -71.10 103.87 15.49
N PHE L 2669 -71.40 103.76 16.78
CA PHE L 2669 -72.66 103.10 17.12
C PHE L 2669 -73.81 104.09 17.00
N TRP L 2670 -73.58 105.36 17.36
CA TRP L 2670 -74.59 106.38 17.07
C TRP L 2670 -74.80 106.53 15.57
N GLY L 2671 -73.71 106.52 14.79
CA GLY L 2671 -73.83 106.65 13.35
C GLY L 2671 -74.59 105.50 12.72
N ILE L 2672 -74.29 104.27 13.13
CA ILE L 2672 -75.01 103.11 12.64
C ILE L 2672 -76.47 103.17 13.07
N PHE L 2673 -76.74 103.65 14.29
CA PHE L 2673 -78.11 103.75 14.76
C PHE L 2673 -78.93 104.66 13.86
N ASP L 2674 -78.43 105.87 13.61
CA ASP L 2674 -79.18 106.81 12.78
C ASP L 2674 -79.21 106.40 11.33
N SER L 2675 -78.13 105.79 10.83
CA SER L 2675 -78.11 105.33 9.44
C SER L 2675 -79.10 104.19 9.23
N LEU L 2676 -79.24 103.31 10.21
CA LEU L 2676 -80.26 102.27 10.13
C LEU L 2676 -81.66 102.85 10.31
N ALA L 2677 -81.78 103.93 11.08
CA ALA L 2677 -83.08 104.57 11.26
C ALA L 2677 -83.53 105.28 9.99
N HIS L 2678 -82.59 105.70 9.14
CA HIS L 2678 -82.95 106.46 7.94
C HIS L 2678 -82.87 105.66 6.65
N LYS L 2679 -82.09 104.59 6.60
CA LYS L 2679 -82.04 103.76 5.41
C LYS L 2679 -83.35 103.01 5.24
N LYS L 2680 -83.69 102.69 4.00
CA LYS L 2680 -84.88 101.89 3.73
C LYS L 2680 -84.76 100.52 4.41
N TYR L 2681 -85.90 100.01 4.87
CA TYR L 2681 -85.93 98.75 5.60
C TYR L 2681 -85.51 97.60 4.68
N ASP L 2682 -84.33 97.06 4.91
CA ASP L 2682 -83.85 95.85 4.25
C ASP L 2682 -83.78 94.76 5.31
N GLN L 2683 -84.46 93.63 5.06
CA GLN L 2683 -84.50 92.57 6.05
C GLN L 2683 -83.10 92.00 6.29
N GLU L 2684 -82.34 91.77 5.21
CA GLU L 2684 -81.02 91.17 5.34
C GLU L 2684 -80.06 92.10 6.08
N LEU L 2685 -80.01 93.36 5.66
CA LEU L 2685 -79.09 94.31 6.26
C LEU L 2685 -79.43 94.55 7.73
N TYR L 2686 -80.71 94.72 8.04
CA TYR L 2686 -81.12 94.95 9.42
C TYR L 2686 -80.84 93.72 10.29
N ARG L 2687 -81.12 92.52 9.76
CA ARG L 2687 -80.88 91.30 10.52
C ARG L 2687 -79.40 91.11 10.81
N MET L 2688 -78.53 91.43 9.86
CA MET L 2688 -77.10 91.35 10.10
C MET L 2688 -76.63 92.49 11.02
N ALA L 2689 -77.31 93.64 10.97
CA ALA L 2689 -76.86 94.80 11.73
C ALA L 2689 -77.20 94.70 13.21
N MET L 2690 -78.34 94.11 13.56
CA MET L 2690 -78.73 94.21 14.97
C MET L 2690 -77.85 93.40 15.94
N PRO L 2691 -77.24 92.26 15.59
CA PRO L 2691 -76.29 91.68 16.54
C PRO L 2691 -75.06 92.55 16.70
N CYS L 2692 -74.66 93.24 15.62
CA CYS L 2692 -73.57 94.20 15.71
C CYS L 2692 -73.92 95.33 16.67
N LEU L 2693 -75.14 95.85 16.58
CA LEU L 2693 -75.56 96.92 17.49
C LEU L 2693 -75.57 96.44 18.93
N CYS L 2694 -76.11 95.24 19.18
CA CYS L 2694 -76.16 94.71 20.54
C CYS L 2694 -74.76 94.49 21.11
N ALA L 2695 -73.87 93.90 20.31
CA ALA L 2695 -72.51 93.64 20.79
C ALA L 2695 -71.75 94.94 21.00
N ILE L 2696 -71.89 95.89 20.08
CA ILE L 2696 -71.19 97.17 20.19
C ILE L 2696 -71.63 97.90 21.45
N ALA L 2697 -72.95 97.97 21.68
CA ALA L 2697 -73.47 98.65 22.85
C ALA L 2697 -73.12 97.92 24.14
N GLY L 2698 -73.05 96.58 24.08
CA GLY L 2698 -72.66 95.83 25.27
C GLY L 2698 -71.23 96.09 25.68
N ALA L 2699 -70.32 96.17 24.71
CA ALA L 2699 -68.93 96.46 25.03
C ALA L 2699 -68.66 97.94 25.28
N LEU L 2700 -69.56 98.82 24.84
CA LEU L 2700 -69.36 100.25 25.07
C LEU L 2700 -69.85 100.61 26.47
N PRO L 2701 -69.00 101.19 27.32
CA PRO L 2701 -69.44 101.53 28.68
C PRO L 2701 -70.50 102.61 28.65
N PRO L 2702 -71.43 102.60 29.60
CA PRO L 2702 -72.49 103.61 29.63
C PRO L 2702 -72.03 104.96 30.14
N ASP L 2703 -71.17 104.96 31.16
CA ASP L 2703 -70.74 106.19 31.81
C ASP L 2703 -69.65 106.93 31.05
N TYR L 2704 -69.26 106.44 29.88
CA TYR L 2704 -68.24 107.09 29.08
C TYR L 2704 -68.66 108.49 28.66
N VAL L 2705 -67.75 109.45 28.82
CA VAL L 2705 -67.95 110.83 28.39
C VAL L 2705 -66.97 111.12 27.27
N ASP L 2706 -67.45 111.76 26.21
CA ASP L 2706 -66.70 111.87 24.99
C ASP L 2706 -65.67 113.00 25.06
N ALA L 2707 -64.68 112.93 24.16
CA ALA L 2707 -63.63 113.94 24.12
C ALA L 2707 -64.20 115.31 23.77
N SER L 2708 -65.09 115.37 22.79
CA SER L 2708 -65.72 116.62 22.38
C SER L 2708 -67.19 116.33 22.08
N TYR L 2709 -68.07 116.77 22.98
CA TYR L 2709 -69.50 116.61 22.76
C TYR L 2709 -69.96 117.42 21.55
N SER L 2710 -69.44 118.64 21.40
CA SER L 2710 -69.76 119.51 20.27
C SER L 2710 -68.45 119.93 19.60
N SER L 2711 -68.33 119.64 18.31
CA SER L 2711 -67.13 119.93 17.55
C SER L 2711 -67.52 120.17 16.10
N LYS L 2712 -66.53 120.10 15.20
CA LYS L 2712 -66.79 120.27 13.78
C LYS L 2712 -67.72 119.19 13.24
N ALA L 2713 -67.37 117.92 13.48
CA ALA L 2713 -68.11 116.76 12.97
C ALA L 2713 -68.31 116.86 11.45
N GLU L 2714 -67.18 116.85 10.74
CA GLU L 2714 -67.20 117.01 9.30
C GLU L 2714 -67.89 115.83 8.62
N LYS L 2715 -68.52 116.11 7.48
CA LYS L 2715 -69.28 115.13 6.70
C LYS L 2715 -70.37 114.48 7.53
N ASN L 2724 -60.72 108.81 -1.87
CA ASN L 2724 -61.32 108.32 -0.63
C ASN L 2724 -61.84 109.48 0.21
N PHE L 2725 -60.96 110.42 0.53
CA PHE L 2725 -61.30 111.57 1.36
C PHE L 2725 -61.02 112.86 0.59
N ASP L 2726 -61.97 113.79 0.65
CA ASP L 2726 -61.87 115.08 -0.05
C ASP L 2726 -62.15 116.21 0.93
N PRO L 2727 -61.18 116.58 1.76
CA PRO L 2727 -61.39 117.69 2.70
C PRO L 2727 -61.45 119.02 1.96
N ARG L 2728 -62.48 119.80 2.27
CA ARG L 2728 -62.70 121.05 1.55
C ARG L 2728 -61.64 122.07 1.91
N PRO L 2729 -60.88 122.57 0.94
CA PRO L 2729 -59.87 123.60 1.22
C PRO L 2729 -60.50 124.97 1.33
N VAL L 2730 -59.68 125.94 1.75
CA VAL L 2730 -60.13 127.31 1.98
C VAL L 2730 -59.42 128.21 0.98
N GLU L 2731 -60.20 128.89 0.14
CA GLU L 2731 -59.67 129.88 -0.79
C GLU L 2731 -59.61 131.25 -0.09
N THR L 2732 -58.83 131.30 0.98
CA THR L 2732 -58.71 132.53 1.74
C THR L 2732 -57.88 133.57 1.03
N LEU L 2733 -57.15 133.19 -0.01
CA LEU L 2733 -56.55 134.19 -0.90
C LEU L 2733 -57.65 135.01 -1.57
N ASN L 2734 -58.74 134.35 -1.99
CA ASN L 2734 -59.89 135.05 -2.53
C ASN L 2734 -60.72 135.73 -1.44
N VAL L 2735 -60.76 135.13 -0.24
CA VAL L 2735 -61.52 135.72 0.85
C VAL L 2735 -60.88 137.05 1.25
N ILE L 2736 -61.71 138.08 1.40
CA ILE L 2736 -61.22 139.42 1.72
C ILE L 2736 -60.65 139.43 3.13
N ILE L 2737 -59.46 140.00 3.28
CA ILE L 2737 -58.76 140.06 4.56
C ILE L 2737 -58.56 141.53 4.91
N PRO L 2738 -59.08 142.01 6.03
CA PRO L 2738 -58.81 143.40 6.44
C PRO L 2738 -57.35 143.60 6.80
N GLU L 2739 -56.90 144.84 6.64
CA GLU L 2739 -55.52 145.21 6.97
C GLU L 2739 -55.37 145.73 8.39
N LYS L 2740 -56.46 145.78 9.16
CA LYS L 2740 -56.36 146.13 10.58
C LYS L 2740 -55.68 145.04 11.39
N LEU L 2741 -55.58 143.84 10.84
CA LEU L 2741 -54.94 142.71 11.53
C LEU L 2741 -53.70 142.17 10.81
N ASP L 2742 -53.55 142.45 9.51
CA ASP L 2742 -52.44 141.90 8.74
C ASP L 2742 -51.08 142.33 9.27
N SER L 2743 -51.02 143.46 9.99
CA SER L 2743 -49.76 143.88 10.59
C SER L 2743 -49.26 142.86 11.60
N PHE L 2744 -50.12 142.45 12.54
CA PHE L 2744 -49.67 141.47 13.50
C PHE L 2744 -49.70 140.05 12.94
N ILE L 2745 -50.41 139.81 11.83
CA ILE L 2745 -50.21 138.54 11.14
C ILE L 2745 -48.79 138.44 10.59
N ASN L 2746 -48.29 139.54 10.00
CA ASN L 2746 -46.90 139.58 9.54
C ASN L 2746 -45.93 139.46 10.71
N LYS L 2747 -46.24 140.15 11.82
CA LYS L 2747 -45.38 140.04 12.99
C LYS L 2747 -45.35 138.62 13.52
N PHE L 2748 -46.49 137.92 13.46
CA PHE L 2748 -46.53 136.52 13.86
C PHE L 2748 -45.79 135.63 12.87
N ALA L 2749 -45.76 135.99 11.59
CA ALA L 2749 -44.97 135.23 10.62
C ALA L 2749 -43.48 135.34 10.95
N GLU L 2750 -43.01 136.56 11.24
CA GLU L 2750 -41.62 136.72 11.66
C GLU L 2750 -41.36 136.02 12.98
N TYR L 2751 -42.34 136.05 13.89
CA TYR L 2751 -42.18 135.39 15.18
C TYR L 2751 -42.15 133.87 15.05
N THR L 2752 -42.89 133.31 14.10
CA THR L 2752 -42.85 131.87 13.90
C THR L 2752 -41.56 131.43 13.23
N HIS L 2753 -41.00 132.23 12.33
CA HIS L 2753 -39.68 131.90 11.80
C HIS L 2753 -38.60 132.06 12.87
N GLU L 2754 -38.75 133.06 13.75
CA GLU L 2754 -37.86 133.19 14.89
C GLU L 2754 -37.98 131.97 15.81
N LYS L 2755 -39.20 131.47 15.98
CA LYS L 2755 -39.40 130.28 16.79
C LYS L 2755 -38.85 129.04 16.09
N TRP L 2756 -38.80 129.05 14.76
CA TRP L 2756 -38.09 128.01 14.03
C TRP L 2756 -36.61 128.03 14.41
N ALA L 2757 -36.00 129.22 14.42
CA ALA L 2757 -34.62 129.34 14.86
C ALA L 2757 -34.45 128.94 16.33
N PHE L 2758 -35.47 129.23 17.16
CA PHE L 2758 -35.44 128.81 18.55
C PHE L 2758 -35.47 127.28 18.67
N ASP L 2759 -36.26 126.62 17.82
CA ASP L 2759 -36.27 125.16 17.80
C ASP L 2759 -34.92 124.63 17.35
N LYS L 2760 -34.24 125.32 16.43
CA LYS L 2760 -32.90 124.92 16.05
C LYS L 2760 -31.93 125.03 17.21
N ILE L 2761 -32.00 126.14 17.96
CA ILE L 2761 -31.09 126.32 19.09
C ILE L 2761 -31.43 125.36 20.23
N GLN L 2762 -32.69 124.89 20.31
CA GLN L 2762 -33.01 123.77 21.19
C GLN L 2762 -32.36 122.49 20.69
N ASN L 2763 -32.36 122.30 19.38
CA ASN L 2763 -31.75 121.15 18.73
C ASN L 2763 -30.22 121.25 18.65
N ASN L 2764 -29.65 122.30 19.27
CA ASN L 2764 -28.20 122.49 19.36
C ASN L 2764 -27.58 122.73 17.98
N TRP L 2765 -28.34 123.33 17.09
CA TRP L 2765 -27.89 123.76 15.76
C TRP L 2765 -28.23 125.23 15.57
N SER L 2766 -27.82 126.05 16.53
CA SER L 2766 -28.13 127.48 16.59
C SER L 2766 -28.00 128.14 15.23
N TYR L 2767 -29.01 128.95 14.89
CA TYR L 2767 -29.19 129.42 13.52
C TYR L 2767 -27.99 130.24 13.04
N GLY L 2768 -27.52 129.91 11.84
CA GLY L 2768 -26.37 130.55 11.25
C GLY L 2768 -26.73 131.23 9.95
N GLU L 2769 -25.98 132.27 9.60
CA GLU L 2769 -26.30 133.07 8.43
C GLU L 2769 -25.99 132.32 7.14
N ASN L 2770 -24.86 131.62 7.08
CA ASN L 2770 -24.43 130.93 5.88
C ASN L 2770 -24.80 129.45 5.96
N VAL L 2771 -24.51 128.73 4.88
CA VAL L 2771 -24.79 127.30 4.83
C VAL L 2771 -23.84 126.56 5.76
N ASP L 2772 -24.39 125.65 6.56
CA ASP L 2772 -23.61 124.80 7.46
C ASP L 2772 -23.96 123.34 7.16
N GLU L 2773 -22.96 122.57 6.73
CA GLU L 2773 -23.20 121.17 6.39
C GLU L 2773 -23.57 120.35 7.63
N GLU L 2774 -22.88 120.59 8.75
CA GLU L 2774 -23.19 119.86 9.97
C GLU L 2774 -24.52 120.27 10.59
N LEU L 2775 -25.10 121.39 10.16
CA LEU L 2775 -26.32 121.89 10.78
C LEU L 2775 -27.48 120.91 10.57
N LYS L 2776 -27.56 120.31 9.37
CA LYS L 2776 -28.57 119.34 8.95
C LYS L 2776 -29.97 119.94 8.92
N THR L 2777 -30.08 121.22 9.26
CA THR L 2777 -31.33 121.97 9.31
C THR L 2777 -31.25 123.12 8.31
N HIS L 2778 -32.21 124.04 8.42
CA HIS L 2778 -32.31 125.26 7.61
C HIS L 2778 -30.94 125.93 7.46
N PRO L 2779 -30.47 126.11 6.23
CA PRO L 2779 -29.10 126.62 6.03
C PRO L 2779 -29.01 128.11 5.80
N MET L 2780 -30.14 128.80 5.67
CA MET L 2780 -30.15 130.20 5.27
C MET L 2780 -30.85 131.14 6.24
N LEU L 2781 -31.45 130.63 7.32
CA LEU L 2781 -32.24 131.49 8.20
C LEU L 2781 -31.33 132.51 8.88
N ARG L 2782 -31.74 133.76 8.84
CA ARG L 2782 -30.93 134.88 9.28
C ARG L 2782 -31.79 135.83 10.10
N PRO L 2783 -31.18 136.70 10.90
CA PRO L 2783 -31.95 137.80 11.50
C PRO L 2783 -32.54 138.69 10.42
N TYR L 2784 -33.70 139.27 10.73
CA TYR L 2784 -34.54 139.89 9.70
C TYR L 2784 -33.84 141.04 8.98
N LYS L 2785 -32.85 141.69 9.61
CA LYS L 2785 -32.15 142.79 8.96
C LYS L 2785 -31.38 142.31 7.73
N THR L 2786 -30.57 141.26 7.89
CA THR L 2786 -29.80 140.71 6.79
C THR L 2786 -30.55 139.63 6.02
N PHE L 2787 -31.71 139.19 6.51
CA PHE L 2787 -32.48 138.15 5.86
C PHE L 2787 -33.22 138.75 4.68
N SER L 2788 -32.91 138.28 3.48
CA SER L 2788 -33.55 138.79 2.27
C SER L 2788 -35.05 138.55 2.32
N GLU L 2789 -35.81 139.57 1.95
CA GLU L 2789 -37.26 139.51 2.06
C GLU L 2789 -37.90 138.61 1.01
N LYS L 2790 -37.13 138.13 0.02
CA LYS L 2790 -37.68 137.19 -0.95
C LYS L 2790 -38.08 135.87 -0.28
N ASP L 2791 -37.27 135.39 0.67
CA ASP L 2791 -37.64 134.20 1.42
C ASP L 2791 -38.55 134.54 2.59
N LYS L 2792 -38.47 135.77 3.12
CA LYS L 2792 -39.40 136.17 4.17
C LYS L 2792 -40.83 136.16 3.68
N GLU L 2793 -41.05 136.52 2.41
CA GLU L 2793 -42.39 136.45 1.85
C GLU L 2793 -42.89 135.01 1.75
N ILE L 2794 -42.02 134.07 1.38
CA ILE L 2794 -42.47 132.70 1.19
C ILE L 2794 -42.59 131.91 2.49
N TYR L 2795 -42.02 132.41 3.59
CA TYR L 2795 -42.38 131.86 4.89
C TYR L 2795 -43.50 132.65 5.56
N ARG L 2796 -43.75 133.88 5.15
CA ARG L 2796 -44.85 134.67 5.67
C ARG L 2796 -46.18 134.23 5.07
N TRP L 2797 -46.19 133.87 3.79
CA TRP L 2797 -47.44 133.54 3.11
C TRP L 2797 -48.18 132.34 3.70
N PRO L 2798 -47.53 131.23 4.08
CA PRO L 2798 -48.29 130.18 4.79
C PRO L 2798 -48.93 130.66 6.08
N ILE L 2799 -48.24 131.52 6.85
CA ILE L 2799 -48.85 132.08 8.06
C ILE L 2799 -50.01 132.99 7.69
N LYS L 2800 -49.86 133.74 6.59
CA LYS L 2800 -50.96 134.56 6.09
C LYS L 2800 -52.18 133.71 5.78
N GLU L 2801 -51.99 132.62 5.04
CA GLU L 2801 -53.11 131.73 4.72
C GLU L 2801 -53.70 131.11 5.98
N SER L 2802 -52.84 130.76 6.95
CA SER L 2802 -53.30 130.18 8.20
C SER L 2802 -54.26 131.10 8.92
N LEU L 2803 -53.81 132.30 9.28
CA LEU L 2803 -54.66 133.19 10.06
C LEU L 2803 -55.77 133.81 9.21
N LYS L 2804 -55.59 133.94 7.90
CA LYS L 2804 -56.68 134.41 7.06
C LYS L 2804 -57.79 133.37 6.99
N ALA L 2805 -57.44 132.09 6.96
CA ALA L 2805 -58.46 131.04 7.09
C ALA L 2805 -59.09 131.09 8.47
N MET L 2806 -58.30 131.38 9.50
CA MET L 2806 -58.84 131.48 10.86
C MET L 2806 -59.88 132.59 10.95
N ILE L 2807 -59.64 133.72 10.29
CA ILE L 2807 -60.66 134.77 10.25
C ILE L 2807 -61.74 134.45 9.22
N ALA L 2808 -61.49 133.51 8.31
CA ALA L 2808 -62.47 133.13 7.30
C ALA L 2808 -63.57 132.22 7.87
N TRP L 2809 -63.23 131.36 8.83
CA TRP L 2809 -64.24 130.48 9.44
C TRP L 2809 -65.01 131.21 10.54
N GLU L 2810 -65.71 132.28 10.12
CA GLU L 2810 -66.57 133.13 10.94
C GLU L 2810 -66.03 133.41 12.34
N TRP L 2811 -64.72 133.66 12.44
CA TRP L 2811 -64.09 134.05 13.69
C TRP L 2811 -63.46 135.42 13.50
N THR L 2812 -63.73 136.34 14.43
CA THR L 2812 -63.27 137.72 14.34
C THR L 2812 -62.13 137.91 15.33
N ILE L 2813 -60.99 138.38 14.83
CA ILE L 2813 -59.81 138.67 15.64
C ILE L 2813 -59.53 140.16 15.61
N GLU L 2814 -58.94 140.66 16.71
CA GLU L 2814 -58.50 142.04 16.80
C GLU L 2814 -57.59 142.17 18.01
N LYS L 2815 -56.76 143.21 18.00
CA LYS L 2815 -55.92 143.54 19.15
C LYS L 2815 -56.76 143.77 20.40
N ALA L 2816 -56.60 142.89 21.40
CA ALA L 2816 -57.31 143.07 22.66
C ALA L 2816 -56.84 144.34 23.38
N ARG L 2817 -55.54 144.56 23.42
CA ARG L 2817 -54.96 145.79 23.93
C ARG L 2817 -54.37 146.60 22.77
N GLU L 2818 -53.98 147.84 23.07
CA GLU L 2818 -53.48 148.73 22.03
C GLU L 2818 -52.17 148.21 21.46
N GLY L 2819 -52.07 148.23 20.13
CA GLY L 2819 -50.87 147.76 19.45
C GLY L 2819 -50.96 147.89 17.95
N GLU L 2820 -50.22 147.03 17.24
CA GLU L 2820 -50.20 147.04 15.78
C GLU L 2820 -51.58 146.71 15.21
N TYR L 2845 -33.38 137.30 16.64
CA TYR L 2845 -34.17 136.38 15.84
C TYR L 2845 -34.40 135.07 16.60
N ASN L 2846 -34.46 135.17 17.92
CA ASN L 2846 -34.57 133.99 18.78
C ASN L 2846 -35.40 134.38 20.00
N PRO L 2847 -36.70 134.10 19.99
CA PRO L 2847 -37.56 134.45 21.13
C PRO L 2847 -37.49 133.39 22.22
N GLN L 2848 -36.96 133.77 23.38
CA GLN L 2848 -36.88 132.82 24.49
C GLN L 2848 -38.25 132.38 25.01
N PRO L 2849 -39.22 133.27 25.27
CA PRO L 2849 -40.50 132.81 25.81
C PRO L 2849 -41.28 132.00 24.79
N PRO L 2850 -41.62 130.75 25.11
CA PRO L 2850 -42.42 129.96 24.17
C PRO L 2850 -43.91 130.08 24.45
N ASP L 2851 -44.74 129.47 23.61
CA ASP L 2851 -46.19 129.44 23.78
C ASP L 2851 -46.60 128.03 24.17
N LEU L 2852 -46.82 127.82 25.47
CA LEU L 2852 -47.19 126.50 25.97
C LEU L 2852 -48.63 126.19 25.59
N SER L 2853 -48.82 125.21 24.71
CA SER L 2853 -50.14 124.83 24.23
C SER L 2853 -50.95 124.07 25.27
N GLY L 2854 -50.34 123.66 26.38
CA GLY L 2854 -51.03 122.85 27.37
C GLY L 2854 -51.53 123.63 28.57
N VAL L 2855 -51.63 124.96 28.45
CA VAL L 2855 -52.14 125.78 29.54
C VAL L 2855 -53.65 125.82 29.45
N THR L 2856 -54.30 126.27 30.53
CA THR L 2856 -55.76 126.28 30.59
C THR L 2856 -56.34 127.32 29.64
N LEU L 2857 -57.52 127.02 29.11
CA LEU L 2857 -58.19 127.91 28.18
C LEU L 2857 -59.68 127.57 28.16
N SER L 2858 -60.48 128.52 27.67
CA SER L 2858 -61.93 128.39 27.67
C SER L 2858 -62.37 127.31 26.69
N ARG L 2859 -63.56 126.76 26.96
CA ARG L 2859 -64.07 125.63 26.18
C ARG L 2859 -64.37 126.04 24.73
N GLU L 2860 -65.08 127.16 24.54
CA GLU L 2860 -65.45 127.58 23.20
C GLU L 2860 -64.24 127.94 22.36
N LEU L 2861 -63.28 128.67 22.95
CA LEU L 2861 -62.10 129.06 22.19
C LEU L 2861 -61.18 127.88 21.93
N GLN L 2862 -61.11 126.91 22.84
CA GLN L 2862 -60.36 125.69 22.57
C GLN L 2862 -61.04 124.85 21.50
N ALA L 2863 -62.37 124.84 21.46
CA ALA L 2863 -63.08 124.18 20.37
C ALA L 2863 -62.78 124.87 19.04
N MET L 2864 -62.66 126.21 19.07
CA MET L 2864 -62.19 126.93 17.89
C MET L 2864 -60.79 126.48 17.50
N ALA L 2865 -59.91 126.28 18.48
CA ALA L 2865 -58.55 125.83 18.19
C ALA L 2865 -58.55 124.45 17.53
N GLU L 2866 -59.40 123.54 18.03
CA GLU L 2866 -59.55 122.24 17.40
C GLU L 2866 -60.09 122.36 15.98
N GLN L 2867 -61.07 123.24 15.79
CA GLN L 2867 -61.64 123.46 14.46
C GLN L 2867 -60.60 124.07 13.52
N LEU L 2868 -59.70 124.90 14.03
CA LEU L 2868 -58.65 125.51 13.22
C LEU L 2868 -57.56 124.50 12.88
N ALA L 2869 -57.26 123.58 13.79
CA ALA L 2869 -56.37 122.48 13.46
C ALA L 2869 -56.99 121.59 12.38
N GLU L 2870 -58.30 121.36 12.46
CA GLU L 2870 -59.01 120.67 11.39
C GLU L 2870 -58.93 121.46 10.09
N ASN L 2871 -58.99 122.79 10.18
CA ASN L 2871 -58.85 123.64 9.01
C ASN L 2871 -57.47 123.45 8.37
N TYR L 2872 -56.42 123.42 9.19
CA TYR L 2872 -55.08 123.14 8.67
C TYR L 2872 -55.03 121.77 8.01
N HIS L 2873 -55.67 120.77 8.63
CA HIS L 2873 -55.68 119.43 8.07
C HIS L 2873 -56.36 119.40 6.71
N ASN L 2874 -57.47 120.14 6.57
CA ASN L 2874 -58.12 120.26 5.26
C ASN L 2874 -57.19 120.94 4.26
N THR L 2875 -56.49 121.99 4.70
CA THR L 2875 -55.65 122.77 3.79
C THR L 2875 -54.56 121.92 3.16
N TRP L 2876 -53.81 121.16 3.97
CA TRP L 2876 -52.83 120.28 3.35
C TRP L 2876 -53.45 118.99 2.84
N GLY L 2877 -54.66 118.65 3.29
CA GLY L 2877 -55.27 117.41 2.88
C GLY L 2877 -55.81 117.45 1.46
N ARG L 2878 -56.19 118.63 0.97
CA ARG L 2878 -56.62 118.73 -0.42
C ARG L 2878 -55.47 118.44 -1.37
N LYS L 2879 -54.29 119.02 -1.14
CA LYS L 2879 -53.17 118.67 -2.01
C LYS L 2879 -52.69 117.26 -1.77
N LYS L 2880 -52.80 116.76 -0.52
CA LYS L 2880 -52.42 115.38 -0.25
C LYS L 2880 -53.30 114.40 -1.00
N LYS L 2881 -54.61 114.65 -1.07
CA LYS L 2881 -55.48 113.78 -1.85
C LYS L 2881 -55.35 114.03 -3.35
N GLN L 2882 -54.90 115.22 -3.75
CA GLN L 2882 -54.56 115.43 -5.16
C GLN L 2882 -53.42 114.52 -5.59
N GLU L 2883 -52.42 114.36 -4.73
CA GLU L 2883 -51.36 113.41 -5.02
C GLU L 2883 -51.83 111.96 -4.81
N LEU L 2884 -52.73 111.73 -3.85
CA LEU L 2884 -53.20 110.38 -3.58
C LEU L 2884 -54.01 109.81 -4.74
N GLU L 2885 -54.91 110.62 -5.32
CA GLU L 2885 -55.74 110.15 -6.42
C GLU L 2885 -54.92 109.85 -7.67
N ALA L 2886 -53.72 110.44 -7.78
CA ALA L 2886 -52.82 110.05 -8.86
C ALA L 2886 -52.33 108.63 -8.68
N LYS L 2887 -52.07 108.23 -7.43
CA LYS L 2887 -51.62 106.86 -7.16
C LYS L 2887 -52.75 105.86 -7.42
N GLY L 2888 -53.95 106.16 -6.94
CA GLY L 2888 -55.12 105.33 -7.19
C GLY L 2888 -55.39 104.25 -6.16
N GLY L 2889 -54.50 104.04 -5.20
CA GLY L 2889 -54.70 103.00 -4.21
C GLY L 2889 -54.12 103.40 -2.87
N GLY L 2890 -54.72 102.88 -1.81
CA GLY L 2890 -54.26 103.15 -0.46
C GLY L 2890 -54.61 104.55 0.00
N THR L 2891 -54.19 104.85 1.22
CA THR L 2891 -54.40 106.19 1.78
C THR L 2891 -53.35 106.47 2.83
N HIS L 2892 -53.06 107.74 3.03
CA HIS L 2892 -52.16 108.20 4.06
C HIS L 2892 -52.84 108.11 5.42
N PRO L 2893 -52.09 107.80 6.48
CA PRO L 2893 -52.71 107.72 7.82
C PRO L 2893 -53.35 109.02 8.28
N LEU L 2894 -52.87 110.16 7.81
CA LEU L 2894 -53.45 111.45 8.16
C LEU L 2894 -54.53 111.89 7.18
N LEU L 2895 -54.81 111.11 6.15
CA LEU L 2895 -55.87 111.44 5.19
C LEU L 2895 -57.22 110.88 5.63
N VAL L 2896 -57.60 111.25 6.85
CA VAL L 2896 -58.87 110.88 7.46
C VAL L 2896 -59.43 112.09 8.20
N PRO L 2897 -60.73 112.11 8.48
CA PRO L 2897 -61.31 113.24 9.21
C PRO L 2897 -60.59 113.50 10.53
N TYR L 2898 -60.40 114.78 10.84
CA TYR L 2898 -59.52 115.17 11.94
C TYR L 2898 -60.07 114.75 13.28
N ASP L 2899 -61.40 114.77 13.45
CA ASP L 2899 -62.00 114.35 14.71
C ASP L 2899 -61.89 112.84 14.90
N THR L 2900 -62.01 112.07 13.81
CA THR L 2900 -62.01 110.61 13.92
C THR L 2900 -60.61 110.05 14.15
N LEU L 2901 -59.57 110.70 13.64
CA LEU L 2901 -58.24 110.13 13.66
C LEU L 2901 -57.65 110.15 15.07
N THR L 2902 -56.56 109.40 15.23
CA THR L 2902 -55.97 109.17 16.54
C THR L 2902 -55.26 110.44 17.04
N ALA L 2903 -54.96 110.44 18.34
CA ALA L 2903 -54.32 111.60 18.96
C ALA L 2903 -52.84 111.70 18.63
N LYS L 2904 -52.19 110.56 18.34
CA LYS L 2904 -50.74 110.57 18.12
C LYS L 2904 -50.36 111.28 16.83
N GLU L 2905 -51.21 111.22 15.80
CA GLU L 2905 -50.89 111.78 14.50
C GLU L 2905 -51.32 113.23 14.35
N LYS L 2906 -52.33 113.68 15.09
CA LYS L 2906 -52.77 115.06 15.04
C LYS L 2906 -51.87 116.01 15.82
N ALA L 2907 -50.69 115.54 16.24
CA ALA L 2907 -49.84 116.34 17.13
C ALA L 2907 -49.38 117.63 16.46
N ARG L 2908 -48.99 117.56 15.18
CA ARG L 2908 -48.47 118.74 14.51
C ARG L 2908 -49.54 119.80 14.34
N ASP L 2909 -50.72 119.41 13.84
CA ASP L 2909 -51.81 120.37 13.66
C ASP L 2909 -52.31 120.92 15.00
N ARG L 2910 -52.44 120.05 16.01
CA ARG L 2910 -52.88 120.49 17.32
C ARG L 2910 -51.90 121.47 17.95
N GLU L 2911 -50.61 121.16 17.87
CA GLU L 2911 -49.59 122.04 18.43
C GLU L 2911 -49.56 123.37 17.70
N LYS L 2912 -49.68 123.34 16.37
CA LYS L 2912 -49.68 124.58 15.60
C LYS L 2912 -50.86 125.47 15.98
N ALA L 2913 -52.07 124.92 15.95
CA ALA L 2913 -53.27 125.71 16.24
C ALA L 2913 -53.26 126.21 17.68
N GLN L 2914 -52.93 125.34 18.64
CA GLN L 2914 -52.95 125.75 20.03
C GLN L 2914 -51.82 126.73 20.35
N GLU L 2915 -50.64 126.56 19.75
CA GLU L 2915 -49.57 127.53 19.99
C GLU L 2915 -49.95 128.89 19.43
N LEU L 2916 -50.63 128.92 18.28
CA LEU L 2916 -51.16 130.18 17.78
C LEU L 2916 -52.14 130.80 18.77
N LEU L 2917 -53.04 129.99 19.33
CA LEU L 2917 -54.05 130.52 20.24
C LEU L 2917 -53.43 131.02 21.54
N LYS L 2918 -52.44 130.29 22.07
CA LYS L 2918 -51.74 130.76 23.26
C LYS L 2918 -50.92 132.02 22.97
N PHE L 2919 -50.39 132.13 21.74
CA PHE L 2919 -49.73 133.35 21.33
C PHE L 2919 -50.71 134.52 21.36
N LEU L 2920 -51.93 134.29 20.87
CA LEU L 2920 -52.95 135.34 20.93
C LEU L 2920 -53.25 135.73 22.37
N GLN L 2921 -53.49 134.73 23.23
CA GLN L 2921 -53.87 135.01 24.61
C GLN L 2921 -52.75 135.74 25.37
N MET L 2922 -51.52 135.32 25.16
CA MET L 2922 -50.40 135.92 25.90
C MET L 2922 -50.02 137.29 25.35
N ASN L 2923 -50.06 137.48 24.03
CA ASN L 2923 -49.57 138.71 23.42
C ASN L 2923 -50.67 139.75 23.20
N GLY L 2924 -51.92 139.44 23.57
CA GLY L 2924 -52.96 140.46 23.53
C GLY L 2924 -53.76 140.50 22.25
N TYR L 2925 -54.30 139.36 21.83
CA TYR L 2925 -55.19 139.26 20.68
C TYR L 2925 -56.47 138.58 21.12
N ALA L 2926 -57.60 139.25 20.92
CA ALA L 2926 -58.90 138.72 21.28
C ALA L 2926 -59.61 138.24 20.02
N VAL L 2927 -60.08 136.99 20.05
CA VAL L 2927 -60.82 136.41 18.93
C VAL L 2927 -62.09 135.78 19.47
N THR L 2928 -63.21 136.04 18.80
CA THR L 2928 -64.50 135.49 19.18
C THR L 2928 -65.17 134.91 17.93
N ARG L 2929 -65.84 133.77 18.11
CA ARG L 2929 -66.53 133.11 17.02
C ARG L 2929 -67.68 133.94 16.46
N LEU L 2936 -72.83 122.09 23.63
CA LEU L 2936 -72.32 123.36 24.15
C LEU L 2936 -72.72 123.53 25.61
N ASP L 2937 -71.71 123.59 26.48
CA ASP L 2937 -71.90 123.76 27.93
C ASP L 2937 -72.79 122.65 28.50
N THR L 2938 -72.57 121.42 28.04
CA THR L 2938 -73.36 120.27 28.48
C THR L 2938 -72.70 119.64 29.70
N SER L 2939 -73.52 119.31 30.70
CA SER L 2939 -73.02 118.69 31.91
C SER L 2939 -72.53 117.27 31.63
N SER L 2940 -71.77 116.73 32.58
CA SER L 2940 -71.20 115.39 32.40
C SER L 2940 -72.27 114.30 32.40
N ILE L 2941 -73.36 114.50 33.13
CA ILE L 2941 -74.43 113.52 33.17
C ILE L 2941 -75.03 113.35 31.78
N GLU L 2942 -75.43 114.46 31.16
CA GLU L 2942 -75.92 114.43 29.79
C GLU L 2942 -74.84 114.07 28.80
N LYS L 2943 -73.57 114.32 29.15
CA LYS L 2943 -72.45 113.96 28.29
C LYS L 2943 -72.21 112.46 28.25
N ARG L 2944 -72.70 111.73 29.25
CA ARG L 2944 -72.59 110.28 29.27
C ARG L 2944 -73.41 109.67 28.13
N PHE L 2945 -72.92 108.53 27.62
CA PHE L 2945 -73.68 107.82 26.60
C PHE L 2945 -74.96 107.23 27.19
N ALA L 2946 -74.97 106.93 28.48
CA ALA L 2946 -76.21 106.52 29.12
C ALA L 2946 -77.29 107.56 28.85
N PHE L 2947 -77.02 108.82 29.16
CA PHE L 2947 -77.99 109.88 28.90
C PHE L 2947 -78.23 110.09 27.41
N GLY L 2948 -77.19 109.98 26.58
CA GLY L 2948 -77.39 110.19 25.15
C GLY L 2948 -78.30 109.16 24.51
N PHE L 2949 -77.99 107.88 24.74
CA PHE L 2949 -78.83 106.79 24.25
C PHE L 2949 -80.23 106.87 24.83
N LEU L 2950 -80.35 107.19 26.12
CA LEU L 2950 -81.66 107.30 26.73
C LEU L 2950 -82.45 108.48 26.16
N GLN L 2951 -81.76 109.54 25.74
CA GLN L 2951 -82.43 110.62 25.02
C GLN L 2951 -83.01 110.13 23.70
N GLN L 2952 -82.22 109.38 22.93
CA GLN L 2952 -82.77 108.77 21.72
C GLN L 2952 -83.96 107.87 22.05
N LEU L 2953 -83.85 107.07 23.11
CA LEU L 2953 -84.93 106.17 23.47
C LEU L 2953 -86.20 106.93 23.83
N LEU L 2954 -86.08 107.95 24.69
CA LEU L 2954 -87.24 108.76 25.05
C LEU L 2954 -87.88 109.39 23.81
N ARG L 2955 -87.04 109.75 22.84
CA ARG L 2955 -87.58 110.22 21.57
C ARG L 2955 -88.31 109.11 20.82
N TRP L 2956 -87.79 107.88 20.90
CA TRP L 2956 -88.39 106.77 20.16
C TRP L 2956 -89.81 106.46 20.62
N MET L 2957 -90.08 106.57 21.92
CA MET L 2957 -91.41 106.16 22.40
C MET L 2957 -92.56 106.93 21.74
N ASP L 2958 -92.48 108.27 21.68
CA ASP L 2958 -93.59 108.99 21.08
C ASP L 2958 -93.66 108.75 19.57
N ILE L 2959 -92.51 108.63 18.90
CA ILE L 2959 -92.51 108.28 17.47
C ILE L 2959 -93.22 106.95 17.23
N SER L 2960 -92.85 105.93 18.02
CA SER L 2960 -93.48 104.61 17.89
C SER L 2960 -94.98 104.69 18.07
N GLN L 2961 -95.42 105.30 19.18
CA GLN L 2961 -96.85 105.40 19.45
C GLN L 2961 -97.58 106.13 18.34
N GLU L 2962 -96.94 107.15 17.75
CA GLU L 2962 -97.55 107.87 16.63
C GLU L 2962 -97.92 106.94 15.50
N PHE L 2963 -96.94 106.20 14.96
CA PHE L 2963 -97.37 105.40 13.80
C PHE L 2963 -98.20 104.19 14.19
N ILE L 2964 -97.94 103.55 15.34
CA ILE L 2964 -98.68 102.33 15.66
C ILE L 2964 -100.14 102.66 16.01
N ALA L 2965 -100.39 103.83 16.59
CA ALA L 2965 -101.76 104.21 16.91
C ALA L 2965 -102.58 104.40 15.63
N HIS L 2966 -102.07 105.19 14.69
CA HIS L 2966 -102.88 105.31 13.49
C HIS L 2966 -102.78 104.08 12.59
N LEU L 2967 -101.79 103.22 12.81
CA LEU L 2967 -101.73 101.96 12.07
C LEU L 2967 -102.82 101.01 12.51
N GLU L 2968 -103.03 100.86 13.82
CA GLU L 2968 -104.15 100.05 14.26
C GLU L 2968 -105.47 100.70 13.90
N ALA L 2969 -105.53 102.04 13.88
CA ALA L 2969 -106.74 102.72 13.43
C ALA L 2969 -107.03 102.42 11.97
N VAL L 2970 -106.00 102.44 11.11
CA VAL L 2970 -106.25 102.26 9.68
C VAL L 2970 -106.47 100.79 9.33
N VAL L 2971 -105.95 99.84 10.13
CA VAL L 2971 -106.27 98.44 9.89
C VAL L 2971 -107.61 98.05 10.52
N SER L 2972 -108.09 98.82 11.51
CA SER L 2972 -109.45 98.62 11.97
C SER L 2972 -110.47 99.31 11.08
N SER L 2973 -110.04 100.25 10.25
CA SER L 2973 -110.92 100.91 9.28
C SER L 2973 -110.38 100.66 7.87
N GLY L 2974 -110.78 99.53 7.28
CA GLY L 2974 -110.49 99.26 5.89
C GLY L 2974 -109.23 98.47 5.61
N ARG L 2975 -108.35 98.32 6.61
CA ARG L 2975 -107.09 97.59 6.46
C ARG L 2975 -106.24 98.15 5.31
N VAL L 2976 -106.15 99.47 5.25
CA VAL L 2976 -105.32 100.12 4.25
C VAL L 2976 -103.85 99.99 4.65
N GLU L 2977 -103.01 99.65 3.68
CA GLU L 2977 -101.59 99.40 3.90
C GLU L 2977 -100.77 100.69 3.99
N LYS L 2978 -101.41 101.84 4.18
CA LYS L 2978 -100.71 103.11 4.24
C LYS L 2978 -99.88 103.20 5.51
N SER L 2979 -98.61 103.58 5.36
CA SER L 2979 -97.70 103.82 6.47
C SER L 2979 -97.00 105.15 6.29
N PRO L 2980 -96.70 105.86 7.38
CA PRO L 2980 -95.99 107.15 7.26
C PRO L 2980 -94.56 106.96 6.78
N HIS L 2981 -93.85 106.05 7.43
CA HIS L 2981 -92.50 105.67 7.03
C HIS L 2981 -92.33 104.20 7.40
N GLU L 2982 -92.59 103.32 6.42
CA GLU L 2982 -92.49 101.89 6.64
C GLU L 2982 -91.09 101.49 7.07
N GLN L 2983 -90.08 102.11 6.47
CA GLN L 2983 -88.70 101.81 6.83
C GLN L 2983 -88.45 102.04 8.31
N GLU L 2984 -88.98 103.14 8.86
CA GLU L 2984 -88.75 103.45 10.27
C GLU L 2984 -89.63 102.58 11.17
N ILE L 2985 -90.85 102.27 10.71
CA ILE L 2985 -91.76 101.42 11.48
C ILE L 2985 -91.12 100.06 11.72
N LYS L 2986 -90.68 99.40 10.65
CA LYS L 2986 -90.06 98.10 10.79
C LYS L 2986 -88.63 98.19 11.31
N PHE L 2987 -88.00 99.36 11.20
CA PHE L 2987 -86.72 99.56 11.87
C PHE L 2987 -86.89 99.39 13.38
N PHE L 2988 -87.89 100.06 13.97
CA PHE L 2988 -88.19 99.83 15.38
C PHE L 2988 -88.55 98.37 15.63
N ALA L 2989 -89.55 97.86 14.90
CA ALA L 2989 -90.11 96.56 15.21
C ALA L 2989 -89.13 95.41 15.03
N LYS L 2990 -88.05 95.61 14.26
CA LYS L 2990 -87.10 94.54 14.01
C LYS L 2990 -85.74 94.76 14.65
N ILE L 2991 -85.43 95.97 15.13
CA ILE L 2991 -84.12 96.28 15.68
C ILE L 2991 -84.18 96.63 17.16
N LEU L 2992 -85.11 97.53 17.53
CA LEU L 2992 -85.02 98.15 18.85
C LEU L 2992 -85.43 97.20 19.97
N LEU L 2993 -86.38 96.29 19.71
CA LEU L 2993 -86.82 95.38 20.76
C LEU L 2993 -85.71 94.45 21.24
N PRO L 2994 -84.97 93.73 20.39
CA PRO L 2994 -83.83 92.97 20.92
C PRO L 2994 -82.75 93.85 21.52
N LEU L 2995 -82.59 95.08 21.02
CA LEU L 2995 -81.54 95.95 21.51
C LEU L 2995 -81.78 96.34 22.97
N ILE L 2996 -82.98 96.80 23.29
CA ILE L 2996 -83.31 97.07 24.69
C ILE L 2996 -83.34 95.79 25.50
N ASN L 2997 -83.76 94.69 24.88
CA ASN L 2997 -83.82 93.39 25.56
C ASN L 2997 -82.45 93.02 26.11
N GLN L 2998 -81.40 93.19 25.31
CA GLN L 2998 -80.07 92.84 25.78
C GLN L 2998 -79.40 93.95 26.57
N TYR L 2999 -79.72 95.21 26.27
CA TYR L 2999 -79.03 96.31 26.96
C TYR L 2999 -79.47 96.40 28.41
N PHE L 3000 -80.76 96.26 28.68
CA PHE L 3000 -81.25 96.35 30.05
C PHE L 3000 -81.00 95.07 30.84
N THR L 3001 -80.31 94.11 30.26
CA THR L 3001 -79.79 92.96 30.98
C THR L 3001 -78.28 93.00 31.14
N ASN L 3002 -77.56 93.55 30.16
CA ASN L 3002 -76.10 93.65 30.28
C ASN L 3002 -75.68 94.83 31.15
N HIS L 3003 -76.37 95.97 31.01
CA HIS L 3003 -76.07 97.15 31.81
C HIS L 3003 -77.11 97.42 32.89
N CYS L 3004 -77.85 96.39 33.31
CA CYS L 3004 -78.83 96.56 34.39
C CYS L 3004 -78.15 96.93 35.69
N LEU L 3005 -76.95 96.38 35.94
CA LEU L 3005 -76.26 96.61 37.19
C LEU L 3005 -75.81 98.06 37.31
N TYR L 3006 -75.36 98.66 36.20
CA TYR L 3006 -74.97 100.07 36.23
C TYR L 3006 -76.17 100.97 36.52
N PHE L 3007 -77.32 100.66 35.91
CA PHE L 3007 -78.53 101.44 36.18
C PHE L 3007 -78.95 101.31 37.63
N LEU L 3008 -78.89 100.10 38.18
CA LEU L 3008 -79.28 99.89 39.57
C LEU L 3008 -78.26 100.45 40.55
N SER L 3009 -77.03 100.68 40.10
CA SER L 3009 -75.98 101.14 41.01
C SER L 3009 -76.16 102.62 41.33
N THR L 3010 -76.05 102.95 42.62
CA THR L 3010 -76.19 104.25 43.26
C THR L 3010 -74.81 104.77 43.70
N PRO L 3011 -74.57 106.08 43.65
CA PRO L 3011 -73.35 106.61 44.26
C PRO L 3011 -73.25 106.31 45.74
N ALA L 3012 -74.37 106.22 46.45
CA ALA L 3012 -74.34 105.83 47.85
C ALA L 3012 -74.04 104.34 47.99
N LYS L 3013 -74.91 103.50 47.44
CA LYS L 3013 -74.71 102.05 47.45
C LYS L 3013 -74.28 101.63 46.05
N VAL L 3014 -72.97 101.45 45.86
CA VAL L 3014 -72.43 101.11 44.55
C VAL L 3014 -72.58 99.61 44.32
N LEU L 3015 -73.70 99.20 43.73
CA LEU L 3015 -73.89 97.79 43.42
C LEU L 3015 -72.95 97.34 42.30
N GLY L 3016 -72.71 98.22 41.32
CA GLY L 3016 -71.82 97.88 40.24
C GLY L 3016 -70.37 97.84 40.65
N SER L 3017 -69.55 97.27 39.77
CA SER L 3017 -68.11 97.18 40.01
C SER L 3017 -67.46 98.48 39.56
N GLY L 3018 -67.59 99.51 40.40
CA GLY L 3018 -67.03 100.81 40.13
C GLY L 3018 -67.84 101.69 39.20
N GLY L 3019 -69.00 101.24 38.75
CA GLY L 3019 -69.81 102.03 37.85
C GLY L 3019 -71.24 102.21 38.31
N HIS L 3020 -71.66 103.47 38.47
CA HIS L 3020 -73.02 103.80 38.88
C HIS L 3020 -73.57 104.90 38.00
N ALA L 3021 -74.88 104.84 37.77
CA ALA L 3021 -75.55 105.88 37.00
C ALA L 3021 -75.83 107.10 37.88
N SER L 3022 -76.32 108.15 37.24
CA SER L 3022 -76.72 109.35 37.97
C SER L 3022 -78.21 109.28 38.31
N ASN L 3023 -78.59 110.05 39.34
CA ASN L 3023 -79.98 110.10 39.75
C ASN L 3023 -80.88 110.56 38.62
N LYS L 3024 -80.42 111.55 37.85
CA LYS L 3024 -81.14 112.00 36.66
C LYS L 3024 -81.45 110.84 35.74
N GLU L 3025 -80.40 110.08 35.39
CA GLU L 3025 -80.57 108.90 34.56
C GLU L 3025 -81.59 107.93 35.15
N LYS L 3026 -81.59 107.78 36.48
CA LYS L 3026 -82.50 106.81 37.10
C LYS L 3026 -83.95 107.22 36.95
N GLU L 3027 -84.28 108.50 37.22
CA GLU L 3027 -85.70 108.82 37.09
C GLU L 3027 -86.15 108.80 35.64
N MET L 3028 -85.27 109.12 34.69
CA MET L 3028 -85.80 109.11 33.33
C MET L 3028 -85.68 107.74 32.66
N ILE L 3029 -84.94 106.78 33.22
CA ILE L 3029 -85.19 105.40 32.81
C ILE L 3029 -86.52 104.92 33.39
N THR L 3030 -86.88 105.39 34.58
CA THR L 3030 -88.20 105.06 35.11
C THR L 3030 -89.30 105.62 34.22
N SER L 3031 -89.13 106.87 33.76
CA SER L 3031 -90.10 107.43 32.83
C SER L 3031 -90.03 106.73 31.48
N LEU L 3032 -88.85 106.24 31.09
CA LEU L 3032 -88.74 105.45 29.87
C LEU L 3032 -89.60 104.21 29.96
N PHE L 3033 -89.54 103.52 31.11
CA PHE L 3033 -90.34 102.33 31.32
C PHE L 3033 -91.82 102.69 31.30
N CYS L 3034 -92.19 103.79 31.93
CA CYS L 3034 -93.60 104.22 31.93
C CYS L 3034 -94.08 104.54 30.52
N LYS L 3035 -93.25 105.21 29.72
CA LYS L 3035 -93.63 105.51 28.34
C LYS L 3035 -93.81 104.23 27.52
N LEU L 3036 -92.90 103.27 27.67
CA LEU L 3036 -93.06 102.01 26.95
C LEU L 3036 -94.31 101.27 27.37
N ALA L 3037 -94.65 101.33 28.66
CA ALA L 3037 -95.91 100.74 29.11
C ALA L 3037 -97.10 101.45 28.48
N ALA L 3038 -97.05 102.79 28.42
CA ALA L 3038 -98.14 103.55 27.82
C ALA L 3038 -98.25 103.32 26.33
N LEU L 3039 -97.17 102.90 25.68
CA LEU L 3039 -97.25 102.57 24.26
C LEU L 3039 -98.20 101.40 24.02
N VAL L 3040 -98.17 100.40 24.90
CA VAL L 3040 -98.93 99.18 24.72
C VAL L 3040 -100.04 99.04 25.75
N ARG L 3041 -100.39 100.14 26.43
CA ARG L 3041 -101.49 100.09 27.39
C ARG L 3041 -102.80 99.75 26.69
N HIS L 3042 -103.39 98.62 27.08
CA HIS L 3042 -104.62 98.08 26.49
C HIS L 3042 -104.46 97.87 24.99
N ARG L 3043 -103.26 97.50 24.55
CA ARG L 3043 -102.95 97.47 23.12
C ARG L 3043 -102.15 96.26 22.69
N VAL L 3044 -101.74 95.38 23.61
CA VAL L 3044 -100.86 94.28 23.24
C VAL L 3044 -101.56 93.23 22.39
N SER L 3045 -102.90 93.23 22.38
CA SER L 3045 -103.63 92.32 21.50
C SER L 3045 -103.37 92.64 20.03
N LEU L 3046 -103.15 93.92 19.70
CA LEU L 3046 -102.87 94.29 18.32
C LEU L 3046 -101.51 93.75 17.87
N PHE L 3047 -100.50 93.83 18.74
CA PHE L 3047 -99.15 93.37 18.39
C PHE L 3047 -99.08 91.86 18.56
N GLY L 3048 -98.99 91.14 17.45
CA GLY L 3048 -98.86 89.69 17.50
C GLY L 3048 -97.47 89.19 17.18
N THR L 3049 -96.83 89.80 16.18
CA THR L 3049 -95.52 89.32 15.74
C THR L 3049 -94.42 89.69 16.72
N ASP L 3050 -94.56 90.82 17.41
CA ASP L 3050 -93.55 91.29 18.36
C ASP L 3050 -93.98 91.10 19.80
N ALA L 3051 -95.08 90.36 20.04
CA ALA L 3051 -95.64 90.25 21.38
C ALA L 3051 -94.68 89.62 22.40
N PRO L 3052 -94.01 88.48 22.13
CA PRO L 3052 -93.03 88.00 23.11
C PRO L 3052 -91.91 89.00 23.37
N ALA L 3053 -91.48 89.71 22.32
CA ALA L 3053 -90.40 90.67 22.47
C ALA L 3053 -90.80 91.81 23.40
N VAL L 3054 -91.99 92.39 23.18
CA VAL L 3054 -92.38 93.54 23.99
C VAL L 3054 -92.62 93.11 25.43
N VAL L 3055 -93.29 91.97 25.65
CA VAL L 3055 -93.56 91.58 27.03
C VAL L 3055 -92.27 91.28 27.77
N ASN L 3056 -91.31 90.63 27.08
CA ASN L 3056 -90.02 90.33 27.70
C ASN L 3056 -89.29 91.62 28.07
N CYS L 3057 -89.22 92.57 27.13
CA CYS L 3057 -88.56 93.84 27.42
C CYS L 3057 -89.22 94.56 28.58
N LEU L 3058 -90.55 94.46 28.69
CA LEU L 3058 -91.24 95.06 29.83
C LEU L 3058 -90.88 94.39 31.14
N HIS L 3059 -90.61 93.08 31.14
CA HIS L 3059 -90.07 92.45 32.34
C HIS L 3059 -88.71 93.04 32.70
N ILE L 3060 -87.85 93.23 31.69
CA ILE L 3060 -86.50 93.72 31.97
C ILE L 3060 -86.53 95.14 32.50
N LEU L 3061 -87.40 95.99 31.93
CA LEU L 3061 -87.54 97.33 32.47
C LEU L 3061 -88.24 97.33 33.82
N ALA L 3062 -89.05 96.32 34.12
CA ALA L 3062 -89.56 96.16 35.48
C ALA L 3062 -88.42 95.92 36.45
N ARG L 3063 -87.43 95.13 36.04
CA ARG L 3063 -86.20 95.03 36.81
C ARG L 3063 -85.32 96.26 36.57
N SER L 3064 -84.23 96.34 37.33
CA SER L 3064 -83.23 97.41 37.24
C SER L 3064 -83.86 98.79 37.37
N LEU L 3065 -84.79 98.93 38.30
CA LEU L 3065 -85.50 100.18 38.54
C LEU L 3065 -84.94 100.81 39.82
N ASP L 3066 -83.88 101.61 39.68
CA ASP L 3066 -83.33 102.33 40.83
C ASP L 3066 -84.25 103.49 41.14
N ALA L 3067 -85.26 103.22 41.96
CA ALA L 3067 -86.30 104.20 42.27
C ALA L 3067 -86.15 104.83 43.65
N ARG L 3068 -85.11 104.46 44.40
CA ARG L 3068 -84.82 105.15 45.65
C ARG L 3068 -84.50 106.62 45.41
N THR L 3069 -83.84 106.91 44.29
CA THR L 3069 -83.53 108.28 43.88
C THR L 3069 -84.48 108.79 42.81
N VAL L 3070 -85.75 108.39 42.86
CA VAL L 3070 -86.76 108.84 41.91
C VAL L 3070 -87.75 109.79 42.57
N MET L 3071 -88.29 109.41 43.72
CA MET L 3071 -89.02 110.38 44.54
C MET L 3071 -88.09 111.35 45.25
N LYS L 3072 -86.82 111.00 45.36
CA LYS L 3072 -85.81 111.85 45.97
C LYS L 3072 -84.97 112.49 44.87
N SER L 3073 -84.85 113.82 44.92
CA SER L 3073 -84.14 114.61 43.92
C SER L 3073 -84.60 114.28 42.51
N GLY L 3074 -85.89 113.95 42.37
CA GLY L 3074 -86.43 113.53 41.10
C GLY L 3074 -87.67 114.30 40.72
N PRO L 3075 -87.98 114.30 39.41
CA PRO L 3075 -89.14 115.06 38.94
C PRO L 3075 -90.45 114.39 39.33
N GLU L 3076 -91.32 115.17 39.97
CA GLU L 3076 -92.62 114.66 40.37
C GLU L 3076 -93.53 114.41 39.18
N ILE L 3077 -93.21 114.93 37.99
CA ILE L 3077 -93.92 114.51 36.79
C ILE L 3077 -93.63 113.04 36.49
N VAL L 3078 -92.36 112.63 36.63
CA VAL L 3078 -92.03 111.22 36.44
C VAL L 3078 -92.63 110.38 37.55
N LYS L 3079 -92.63 110.87 38.78
CA LYS L 3079 -93.32 110.17 39.86
C LYS L 3079 -94.81 110.05 39.56
N ALA L 3080 -95.41 111.09 38.99
CA ALA L 3080 -96.80 111.01 38.57
C ALA L 3080 -96.99 110.02 37.44
N GLY L 3081 -95.97 109.85 36.59
CA GLY L 3081 -96.04 108.79 35.59
C GLY L 3081 -96.06 107.41 36.22
N LEU L 3082 -95.28 107.22 37.28
CA LEU L 3082 -95.35 105.96 38.02
C LEU L 3082 -96.71 105.78 38.69
N ARG L 3083 -97.26 106.86 39.26
CA ARG L 3083 -98.59 106.79 39.86
C ARG L 3083 -99.64 106.47 38.81
N SER L 3084 -99.51 107.04 37.61
CA SER L 3084 -100.46 106.76 36.55
C SER L 3084 -100.33 105.31 36.08
N PHE L 3085 -99.11 104.79 36.05
CA PHE L 3085 -98.91 103.36 35.79
C PHE L 3085 -99.71 102.52 36.78
N PHE L 3086 -99.53 102.80 38.08
CA PHE L 3086 -100.20 101.99 39.10
C PHE L 3086 -101.72 102.16 39.05
N GLU L 3087 -102.19 103.39 38.85
CA GLU L 3087 -103.62 103.63 38.82
C GLU L 3087 -104.28 103.01 37.59
N SER L 3088 -103.59 103.08 36.44
CA SER L 3088 -104.12 102.44 35.24
C SER L 3088 -104.14 100.93 35.40
N ALA L 3089 -103.10 100.37 36.03
CA ALA L 3089 -103.09 98.93 36.30
C ALA L 3089 -104.23 98.54 37.24
N SER L 3090 -104.48 99.36 38.26
CA SER L 3090 -105.56 99.07 39.19
C SER L 3090 -106.93 99.18 38.51
N GLU L 3091 -107.10 100.18 37.65
CA GLU L 3091 -108.36 100.32 36.93
C GLU L 3091 -108.57 99.15 35.98
N ASP L 3092 -107.52 98.73 35.28
CA ASP L 3092 -107.67 97.65 34.32
C ASP L 3092 -107.88 96.32 35.02
N ILE L 3093 -107.24 96.09 36.17
CA ILE L 3093 -107.48 94.85 36.89
C ILE L 3093 -108.87 94.86 37.50
N GLU L 3094 -109.40 96.03 37.87
CA GLU L 3094 -110.78 96.10 38.33
C GLU L 3094 -111.74 95.74 37.20
N LYS L 3095 -111.49 96.26 36.00
CA LYS L 3095 -112.27 95.84 34.84
C LYS L 3095 -112.12 94.35 34.59
N MET L 3096 -110.91 93.83 34.82
CA MET L 3096 -110.67 92.39 34.63
C MET L 3096 -111.51 91.57 35.60
N VAL L 3097 -111.56 91.95 36.87
CA VAL L 3097 -112.33 91.17 37.83
C VAL L 3097 -113.82 91.30 37.53
N GLU L 3098 -114.26 92.45 37.01
CA GLU L 3098 -115.66 92.60 36.64
C GLU L 3098 -116.04 91.67 35.49
N ASN L 3099 -115.18 91.56 34.48
CA ASN L 3099 -115.47 90.64 33.38
C ASN L 3099 -115.26 89.18 33.80
N LEU L 3100 -114.36 88.94 34.75
CA LEU L 3100 -114.04 87.58 35.16
C LEU L 3100 -115.10 86.98 36.06
N ARG L 3101 -115.74 87.80 36.89
CA ARG L 3101 -116.82 87.42 37.84
C ARG L 3101 -116.69 86.03 38.44
N GLN L 3117 -108.64 91.41 23.60
CA GLN L 3117 -109.46 92.23 24.48
C GLN L 3117 -108.61 92.69 25.67
N ASN L 3118 -109.16 93.59 26.49
CA ASN L 3118 -108.43 94.07 27.66
C ASN L 3118 -108.18 92.95 28.66
N LEU L 3119 -109.06 91.95 28.71
CA LEU L 3119 -108.86 90.82 29.60
C LEU L 3119 -107.67 89.98 29.15
N THR L 3120 -107.56 89.73 27.85
CA THR L 3120 -106.38 89.02 27.35
C THR L 3120 -105.12 89.85 27.51
N TYR L 3121 -105.25 91.18 27.41
CA TYR L 3121 -104.12 92.06 27.71
C TYR L 3121 -103.66 91.86 29.15
N THR L 3122 -104.61 91.81 30.09
CA THR L 3122 -104.28 91.50 31.48
C THR L 3122 -103.65 90.12 31.59
N THR L 3123 -104.08 89.18 30.76
CA THR L 3123 -103.55 87.82 30.82
C THR L 3123 -102.07 87.78 30.42
N VAL L 3124 -101.72 88.40 29.30
CA VAL L 3124 -100.37 88.20 28.76
C VAL L 3124 -99.41 89.28 29.23
N ALA L 3125 -99.81 90.55 29.21
CA ALA L 3125 -98.86 91.65 29.40
C ALA L 3125 -98.82 92.16 30.82
N LEU L 3126 -99.95 92.62 31.36
CA LEU L 3126 -99.92 93.37 32.62
C LEU L 3126 -99.55 92.47 33.78
N LEU L 3127 -100.14 91.28 33.87
CA LEU L 3127 -99.93 90.42 35.04
C LEU L 3127 -98.47 90.01 35.22
N PRO L 3128 -97.77 89.46 34.22
CA PRO L 3128 -96.39 89.04 34.49
C PRO L 3128 -95.44 90.20 34.73
N VAL L 3129 -95.61 91.30 34.01
CA VAL L 3129 -94.74 92.45 34.22
C VAL L 3129 -94.96 93.07 35.59
N LEU L 3130 -96.21 93.13 36.04
CA LEU L 3130 -96.49 93.68 37.36
C LEU L 3130 -95.97 92.75 38.45
N THR L 3131 -96.05 91.43 38.22
CA THR L 3131 -95.42 90.48 39.13
C THR L 3131 -93.92 90.69 39.20
N THR L 3132 -93.30 90.98 38.04
CA THR L 3132 -91.87 91.26 38.02
C THR L 3132 -91.56 92.55 38.79
N LEU L 3133 -92.43 93.55 38.68
CA LEU L 3133 -92.25 94.77 39.47
C LEU L 3133 -92.33 94.50 40.96
N PHE L 3134 -93.31 93.70 41.38
CA PHE L 3134 -93.41 93.35 42.80
C PHE L 3134 -92.21 92.56 43.27
N GLN L 3135 -91.72 91.64 42.43
CA GLN L 3135 -90.47 90.92 42.71
C GLN L 3135 -89.31 91.88 42.89
N HIS L 3136 -89.20 92.87 41.99
CA HIS L 3136 -88.09 93.81 42.04
C HIS L 3136 -88.14 94.65 43.31
N ILE L 3137 -89.33 95.14 43.66
CA ILE L 3137 -89.48 95.97 44.85
C ILE L 3137 -89.16 95.15 46.10
N ALA L 3138 -89.63 93.91 46.16
CA ALA L 3138 -89.35 93.05 47.30
C ALA L 3138 -87.85 92.77 47.41
N GLN L 3139 -87.19 92.52 46.28
CA GLN L 3139 -85.78 92.13 46.31
C GLN L 3139 -84.89 93.30 46.69
N HIS L 3140 -85.14 94.49 46.13
CA HIS L 3140 -84.29 95.64 46.37
C HIS L 3140 -84.88 96.61 47.40
N GLN L 3141 -85.88 96.16 48.15
CA GLN L 3141 -86.53 96.93 49.23
C GLN L 3141 -86.78 98.39 48.83
N PHE L 3142 -87.54 98.55 47.74
CA PHE L 3142 -87.91 99.86 47.23
C PHE L 3142 -89.36 100.22 47.53
N GLY L 3143 -89.94 99.61 48.56
CA GLY L 3143 -91.33 99.91 48.91
C GLY L 3143 -91.52 101.33 49.40
N ASP L 3144 -90.53 101.89 50.08
CA ASP L 3144 -90.66 103.24 50.63
C ASP L 3144 -90.62 104.31 49.55
N ASP L 3145 -90.16 103.99 48.34
CA ASP L 3145 -90.04 104.98 47.28
C ASP L 3145 -90.95 104.73 46.08
N VAL L 3146 -91.32 103.48 45.82
CA VAL L 3146 -92.16 103.16 44.67
C VAL L 3146 -93.62 103.32 45.06
N ILE L 3147 -94.05 102.55 46.05
CA ILE L 3147 -95.45 102.52 46.46
C ILE L 3147 -95.61 103.45 47.65
N LEU L 3148 -96.27 104.59 47.40
CA LEU L 3148 -96.53 105.60 48.42
C LEU L 3148 -97.55 106.56 47.85
N ASP L 3149 -98.21 107.31 48.75
CA ASP L 3149 -99.26 108.27 48.42
C ASP L 3149 -100.38 107.52 47.70
N ASP L 3150 -100.84 107.98 46.53
CA ASP L 3150 -101.96 107.34 45.84
C ASP L 3150 -101.61 105.96 45.31
N VAL L 3151 -100.32 105.66 45.16
CA VAL L 3151 -99.92 104.33 44.73
C VAL L 3151 -100.33 103.29 45.77
N GLN L 3152 -100.27 103.66 47.05
CA GLN L 3152 -100.71 102.76 48.09
C GLN L 3152 -102.20 102.44 47.95
N VAL L 3153 -103.01 103.45 47.66
CA VAL L 3153 -104.45 103.22 47.50
C VAL L 3153 -104.74 102.38 46.26
N SER L 3154 -104.02 102.64 45.17
CA SER L 3154 -104.21 101.86 43.96
C SER L 3154 -103.83 100.40 44.18
N CYS L 3155 -102.72 100.15 44.89
CA CYS L 3155 -102.36 98.79 45.24
C CYS L 3155 -103.35 98.18 46.22
N TYR L 3156 -103.97 99.00 47.08
CA TYR L 3156 -104.98 98.49 47.99
C TYR L 3156 -106.19 97.94 47.24
N ARG L 3157 -106.70 98.71 46.28
CA ARG L 3157 -107.83 98.21 45.51
C ARG L 3157 -107.41 97.08 44.58
N THR L 3158 -106.15 97.08 44.12
CA THR L 3158 -105.66 95.96 43.33
C THR L 3158 -105.66 94.66 44.13
N LEU L 3159 -105.13 94.71 45.36
CA LEU L 3159 -105.10 93.49 46.16
C LEU L 3159 -106.49 93.05 46.57
N CYS L 3160 -107.39 94.01 46.82
CA CYS L 3160 -108.78 93.65 47.11
C CYS L 3160 -109.43 92.95 45.92
N SER L 3161 -109.21 93.47 44.71
CA SER L 3161 -109.80 92.86 43.53
C SER L 3161 -109.17 91.51 43.19
N ILE L 3162 -107.87 91.35 43.44
CA ILE L 3162 -107.23 90.06 43.21
C ILE L 3162 -107.72 89.03 44.22
N TYR L 3163 -107.95 89.43 45.46
CA TYR L 3163 -108.52 88.49 46.42
C TYR L 3163 -109.98 88.20 46.09
N SER L 3164 -110.66 89.14 45.43
CA SER L 3164 -111.99 88.85 44.89
C SER L 3164 -111.91 87.80 43.78
N LEU L 3165 -110.85 87.86 42.96
CA LEU L 3165 -110.62 86.80 41.99
C LEU L 3165 -110.38 85.47 42.68
N GLY L 3166 -109.65 85.48 43.80
CA GLY L 3166 -109.51 84.29 44.60
C GLY L 3166 -110.84 83.77 45.12
N THR L 3167 -111.75 84.70 45.45
CA THR L 3167 -113.09 84.30 45.87
C THR L 3167 -113.86 83.64 44.74
N THR L 3168 -113.85 84.25 43.55
CA THR L 3168 -114.63 83.74 42.43
C THR L 3168 -114.13 82.36 41.99
N LYS L 3169 -115.08 81.52 41.55
CA LYS L 3169 -114.81 80.10 41.32
C LYS L 3169 -114.98 79.70 39.86
N ASN L 3170 -114.99 80.64 38.93
CA ASN L 3170 -115.20 80.25 37.54
C ASN L 3170 -113.92 79.66 36.94
N THR L 3171 -114.10 78.99 35.80
CA THR L 3171 -113.00 78.22 35.21
C THR L 3171 -111.89 79.12 34.70
N TYR L 3172 -112.24 80.29 34.14
CA TYR L 3172 -111.21 81.17 33.60
C TYR L 3172 -110.32 81.74 34.70
N VAL L 3173 -110.92 82.18 35.82
CA VAL L 3173 -110.09 82.63 36.93
C VAL L 3173 -109.33 81.46 37.53
N GLU L 3174 -109.89 80.25 37.50
CA GLU L 3174 -109.18 79.08 38.01
C GLU L 3174 -107.92 78.83 37.20
N LYS L 3175 -108.01 78.94 35.87
CA LYS L 3175 -106.83 78.78 35.03
C LYS L 3175 -105.82 79.90 35.29
N LEU L 3176 -106.30 81.13 35.49
CA LEU L 3176 -105.41 82.26 35.70
C LEU L 3176 -104.85 82.33 37.13
N ARG L 3177 -105.35 81.49 38.03
CA ARG L 3177 -104.95 81.56 39.44
C ARG L 3177 -103.45 81.43 39.71
N PRO L 3178 -102.67 80.58 39.01
CA PRO L 3178 -101.22 80.55 39.28
C PRO L 3178 -100.53 81.90 39.15
N ALA L 3179 -100.79 82.64 38.07
CA ALA L 3179 -100.17 83.95 37.90
C ALA L 3179 -100.66 84.94 38.94
N LEU L 3180 -101.93 84.83 39.33
CA LEU L 3180 -102.46 85.69 40.40
C LEU L 3180 -101.75 85.42 41.72
N GLY L 3181 -101.50 84.15 42.02
CA GLY L 3181 -100.79 83.81 43.24
C GLY L 3181 -99.35 84.28 43.23
N GLU L 3182 -98.68 84.15 42.08
CA GLU L 3182 -97.34 84.70 41.95
C GLU L 3182 -97.34 86.21 42.19
N CYS L 3183 -98.30 86.90 41.58
CA CYS L 3183 -98.38 88.36 41.74
C CYS L 3183 -98.66 88.74 43.19
N LEU L 3184 -99.55 88.01 43.86
CA LEU L 3184 -99.93 88.38 45.21
C LEU L 3184 -98.82 88.03 46.21
N ALA L 3185 -98.11 86.92 46.00
CA ALA L 3185 -96.97 86.61 46.83
C ALA L 3185 -95.89 87.67 46.70
N ARG L 3186 -95.58 88.06 45.47
CA ARG L 3186 -94.58 89.10 45.25
C ARG L 3186 -95.07 90.44 45.81
N LEU L 3187 -96.37 90.70 45.71
CA LEU L 3187 -96.95 91.90 46.30
C LEU L 3187 -96.78 91.92 47.81
N ALA L 3188 -97.06 90.79 48.46
CA ALA L 3188 -96.92 90.74 49.92
C ALA L 3188 -95.46 90.85 50.33
N ALA L 3189 -94.55 90.28 49.55
CA ALA L 3189 -93.13 90.42 49.85
C ALA L 3189 -92.65 91.86 49.65
N ALA L 3190 -93.29 92.60 48.75
CA ALA L 3190 -92.96 94.01 48.51
C ALA L 3190 -93.89 94.95 49.27
N MET L 3191 -94.73 94.43 50.16
CA MET L 3191 -95.79 95.21 50.78
C MET L 3191 -95.29 95.75 52.11
N PRO L 3192 -95.26 97.06 52.32
CA PRO L 3192 -94.81 97.61 53.61
C PRO L 3192 -95.90 97.86 54.64
N VAL L 3193 -97.13 97.41 54.40
CA VAL L 3193 -98.24 97.63 55.32
C VAL L 3193 -98.87 96.28 55.66
N ALA L 3194 -99.12 96.05 56.95
CA ALA L 3194 -99.71 94.79 57.41
C ALA L 3194 -101.21 94.80 57.10
N PHE L 3195 -101.54 94.43 55.86
CA PHE L 3195 -102.93 94.34 55.45
C PHE L 3195 -103.64 93.23 56.21
N LEU L 3196 -103.06 92.04 56.21
CA LEU L 3196 -103.52 90.97 57.08
C LEU L 3196 -103.21 91.32 58.52
N GLU L 3197 -104.03 90.80 59.44
CA GLU L 3197 -104.02 91.17 60.85
C GLU L 3197 -104.13 92.68 60.98
N PRO L 3198 -105.32 93.25 60.71
CA PRO L 3198 -105.46 94.71 60.77
C PRO L 3198 -105.72 95.21 62.19
N GLN L 3199 -105.47 94.37 63.18
CA GLN L 3199 -105.72 94.75 64.57
C GLN L 3199 -104.80 95.88 65.02
N LEU L 3200 -103.52 95.79 64.68
CA LEU L 3200 -102.53 96.80 65.05
C LEU L 3200 -101.94 97.49 63.83
N ASN L 3201 -102.74 97.62 62.77
CA ASN L 3201 -102.28 98.26 61.53
C ASN L 3201 -101.99 99.74 61.71
N GLU L 3202 -102.57 100.38 62.73
CA GLU L 3202 -102.30 101.79 63.00
C GLU L 3202 -100.87 102.01 63.48
N TYR L 3203 -100.24 100.99 64.06
CA TYR L 3203 -98.87 101.12 64.51
C TYR L 3203 -97.89 101.16 63.34
N ASN L 3204 -98.23 100.47 62.25
CA ASN L 3204 -97.40 100.48 61.06
C ASN L 3204 -97.42 101.88 60.44
N ALA L 3205 -96.23 102.46 60.28
CA ALA L 3205 -96.14 103.83 59.78
C ALA L 3205 -96.60 103.93 58.33
N CYS L 3206 -96.26 102.94 57.51
CA CYS L 3206 -96.51 103.03 56.08
C CYS L 3206 -97.99 103.01 55.70
N SER L 3207 -98.88 102.69 56.63
CA SER L 3207 -100.31 102.72 56.31
C SER L 3207 -100.79 104.15 56.09
N VAL L 3208 -101.78 104.28 55.21
CA VAL L 3208 -102.32 105.60 54.87
C VAL L 3208 -102.96 106.25 56.08
N TYR L 3209 -103.58 105.47 56.95
CA TYR L 3209 -104.23 106.00 58.15
C TYR L 3209 -103.24 106.32 59.27
N THR L 3210 -101.94 106.13 59.02
CA THR L 3210 -100.90 106.60 59.92
C THR L 3210 -100.12 107.77 59.35
N THR L 3211 -99.77 107.73 58.06
CA THR L 3211 -99.00 108.82 57.45
C THR L 3211 -99.85 109.78 56.62
N LYS L 3212 -100.70 109.25 55.74
CA LYS L 3212 -101.44 110.10 54.82
C LYS L 3212 -102.49 110.91 55.57
N SER L 3213 -102.93 112.01 54.94
CA SER L 3213 -103.74 113.02 55.61
C SER L 3213 -105.20 112.59 55.72
N PRO L 3214 -105.87 112.95 56.81
CA PRO L 3214 -107.32 112.72 56.89
C PRO L 3214 -108.10 113.43 55.79
N ARG L 3215 -107.64 114.61 55.38
CA ARG L 3215 -108.31 115.33 54.30
C ARG L 3215 -108.22 114.55 52.99
N GLU L 3216 -107.06 113.97 52.70
CA GLU L 3216 -106.96 113.20 51.46
C GLU L 3216 -107.75 111.91 51.55
N ARG L 3217 -107.88 111.33 52.75
CA ARG L 3217 -108.82 110.21 52.91
C ARG L 3217 -110.24 110.65 52.58
N ALA L 3218 -110.63 111.83 53.04
CA ALA L 3218 -111.98 112.32 52.78
C ALA L 3218 -112.21 112.53 51.29
N ILE L 3219 -111.22 113.08 50.58
CA ILE L 3219 -111.42 113.35 49.16
C ILE L 3219 -111.21 112.12 48.29
N LEU L 3220 -110.52 111.09 48.79
CA LEU L 3220 -110.35 109.85 48.07
C LEU L 3220 -111.40 108.80 48.43
N GLY L 3221 -112.27 109.09 49.39
CA GLY L 3221 -113.28 108.13 49.80
C GLY L 3221 -112.79 107.05 50.72
N LEU L 3222 -111.62 107.21 51.32
CA LEU L 3222 -111.11 106.21 52.25
C LEU L 3222 -111.98 106.20 53.50
N PRO L 3223 -112.46 105.04 53.93
CA PRO L 3223 -113.35 104.97 55.10
C PRO L 3223 -112.65 105.08 56.44
N ASN L 3224 -111.38 105.51 56.47
CA ASN L 3224 -110.60 105.67 57.69
C ASN L 3224 -110.51 104.37 58.49
N SER L 3225 -110.48 103.25 57.78
CA SER L 3225 -110.40 101.92 58.41
C SER L 3225 -109.98 100.94 57.34
N VAL L 3226 -108.86 100.24 57.56
CA VAL L 3226 -108.36 99.30 56.57
C VAL L 3226 -109.33 98.13 56.39
N GLU L 3227 -109.97 97.71 57.48
CA GLU L 3227 -111.01 96.68 57.39
C GLU L 3227 -112.16 97.15 56.53
N GLU L 3228 -112.52 98.44 56.61
CA GLU L 3228 -113.56 98.97 55.76
C GLU L 3228 -113.10 99.19 54.32
N MET L 3229 -111.80 99.39 54.09
CA MET L 3229 -111.27 99.34 52.73
C MET L 3229 -111.46 97.96 52.11
N CYS L 3230 -110.83 96.95 52.71
CA CYS L 3230 -110.82 95.60 52.17
C CYS L 3230 -111.28 94.63 53.25
N PRO L 3231 -112.59 94.51 53.46
CA PRO L 3231 -113.11 93.47 54.34
C PRO L 3231 -113.08 92.08 53.75
N ASP L 3232 -112.70 91.97 52.47
CA ASP L 3232 -112.61 90.65 51.83
C ASP L 3232 -111.57 89.78 52.49
N ILE L 3233 -110.42 90.35 52.84
CA ILE L 3233 -109.33 89.60 53.46
C ILE L 3233 -109.64 89.42 54.94
N PRO L 3234 -109.83 88.19 55.41
CA PRO L 3234 -110.17 87.96 56.81
C PRO L 3234 -108.95 87.86 57.70
N VAL L 3235 -109.14 87.50 58.97
CA VAL L 3235 -108.06 87.47 59.95
C VAL L 3235 -107.22 86.22 59.79
N LEU L 3236 -105.92 86.34 60.09
CA LEU L 3236 -105.00 85.23 59.98
C LEU L 3236 -105.39 84.08 60.91
N ASP L 3237 -106.05 84.39 62.03
CA ASP L 3237 -106.52 83.34 62.92
C ASP L 3237 -107.59 82.48 62.23
N ARG L 3238 -108.47 83.12 61.46
CA ARG L 3238 -109.49 82.34 60.75
C ARG L 3238 -108.88 81.56 59.59
N LEU L 3239 -107.84 82.12 58.93
CA LEU L 3239 -107.12 81.32 57.95
C LEU L 3239 -106.48 80.10 58.59
N MET L 3240 -105.93 80.26 59.79
CA MET L 3240 -105.41 79.13 60.55
C MET L 3240 -106.49 78.10 60.83
N ALA L 3241 -107.67 78.56 61.28
CA ALA L 3241 -108.75 77.63 61.59
C ALA L 3241 -109.20 76.87 60.35
N ASP L 3242 -109.33 77.57 59.22
CA ASP L 3242 -109.79 76.94 57.98
C ASP L 3242 -108.78 75.92 57.48
N ILE L 3243 -107.50 76.29 57.43
CA ILE L 3243 -106.50 75.36 56.92
C ILE L 3243 -106.31 74.20 57.88
N GLY L 3244 -106.48 74.41 59.19
CA GLY L 3244 -106.42 73.31 60.13
C GLY L 3244 -107.57 72.34 59.93
N GLY L 3245 -108.76 72.86 59.69
CA GLY L 3245 -109.89 71.99 59.40
C GLY L 3245 -109.71 71.19 58.13
N LEU L 3246 -109.18 71.83 57.09
CA LEU L 3246 -108.91 71.11 55.84
C LEU L 3246 -107.85 70.04 56.04
N ALA L 3247 -106.81 70.35 56.80
CA ALA L 3247 -105.76 69.37 57.08
C ALA L 3247 -106.30 68.18 57.87
N GLU L 3248 -107.14 68.47 58.88
CA GLU L 3248 -107.71 67.38 59.67
C GLU L 3248 -108.69 66.55 58.85
N SER L 3249 -109.42 67.17 57.94
CA SER L 3249 -110.36 66.44 57.10
C SER L 3249 -109.70 65.72 55.94
N GLY L 3250 -108.42 65.98 55.68
CA GLY L 3250 -107.79 65.39 54.51
C GLY L 3250 -108.37 65.92 53.22
N ALA L 3251 -108.70 67.21 53.19
CA ALA L 3251 -109.39 67.81 52.06
C ALA L 3251 -108.46 67.90 50.85
N ARG L 3252 -109.06 68.04 49.68
CA ARG L 3252 -108.37 67.86 48.42
C ARG L 3252 -108.04 69.19 47.75
N TYR L 3253 -107.06 69.15 46.85
CA TYR L 3253 -106.71 70.29 46.02
C TYR L 3253 -107.91 70.75 45.20
N THR L 3254 -108.74 69.81 44.74
CA THR L 3254 -109.96 70.17 44.03
C THR L 3254 -110.91 70.94 44.92
N GLU L 3255 -110.94 70.62 46.22
CA GLU L 3255 -111.81 71.36 47.13
C GLU L 3255 -111.25 72.75 47.40
N MET L 3256 -109.91 72.89 47.45
CA MET L 3256 -109.34 74.19 47.82
C MET L 3256 -108.39 74.82 46.79
N PRO L 3257 -108.75 74.86 45.50
CA PRO L 3257 -107.83 75.46 44.52
C PRO L 3257 -107.58 76.94 44.77
N HIS L 3258 -108.55 77.64 45.35
CA HIS L 3258 -108.37 79.06 45.63
C HIS L 3258 -107.30 79.29 46.68
N VAL L 3259 -107.27 78.47 47.74
CA VAL L 3259 -106.28 78.63 48.80
C VAL L 3259 -104.87 78.43 48.23
N ILE L 3260 -104.70 77.35 47.47
CA ILE L 3260 -103.38 76.96 46.97
C ILE L 3260 -102.78 78.05 46.10
N GLU L 3261 -103.59 78.60 45.20
CA GLU L 3261 -103.09 79.52 44.18
C GLU L 3261 -103.35 80.97 44.51
N ILE L 3262 -103.89 81.28 45.70
CA ILE L 3262 -104.05 82.66 46.10
C ILE L 3262 -103.46 82.91 47.48
N THR L 3263 -103.95 82.20 48.49
CA THR L 3263 -103.70 82.60 49.86
C THR L 3263 -102.46 81.95 50.47
N LEU L 3264 -102.13 80.72 50.07
CA LEU L 3264 -100.86 80.14 50.49
C LEU L 3264 -99.66 80.94 50.00
N PRO L 3265 -99.57 81.40 48.74
CA PRO L 3265 -98.46 82.29 48.39
C PRO L 3265 -98.41 83.55 49.23
N MET L 3266 -99.57 84.16 49.50
CA MET L 3266 -99.59 85.37 50.30
C MET L 3266 -99.09 85.12 51.71
N LEU L 3267 -99.55 84.03 52.33
CA LEU L 3267 -99.15 83.72 53.70
C LEU L 3267 -97.67 83.40 53.78
N CYS L 3268 -97.18 82.52 52.91
CA CYS L 3268 -95.79 82.12 52.95
C CYS L 3268 -94.85 83.24 52.53
N SER L 3269 -95.37 84.29 51.89
CA SER L 3269 -94.59 85.50 51.65
C SER L 3269 -94.85 86.59 52.70
N TYR L 3270 -95.83 86.39 53.58
CA TYR L 3270 -96.18 87.39 54.58
C TYR L 3270 -95.43 87.16 55.88
N LEU L 3271 -95.37 85.91 56.35
CA LEU L 3271 -94.61 85.64 57.57
C LEU L 3271 -93.13 86.01 57.48
N PRO L 3272 -92.39 85.71 56.40
CA PRO L 3272 -90.99 86.16 56.38
C PRO L 3272 -90.85 87.66 56.15
N ARG L 3273 -91.73 88.27 55.37
CA ARG L 3273 -91.66 89.71 55.17
C ARG L 3273 -91.93 90.47 56.46
N TRP L 3274 -92.86 89.97 57.27
CA TRP L 3274 -93.24 90.60 58.53
C TRP L 3274 -92.69 89.84 59.73
N TRP L 3275 -91.62 89.07 59.55
CA TRP L 3275 -91.02 88.36 60.67
C TRP L 3275 -90.32 89.30 61.64
N GLU L 3276 -89.89 90.47 61.16
CA GLU L 3276 -89.32 91.49 62.03
C GLU L 3276 -90.36 92.44 62.57
N ARG L 3277 -91.49 92.60 61.86
CA ARG L 3277 -92.59 93.43 62.35
C ARG L 3277 -93.50 92.67 63.32
N GLY L 3278 -93.29 91.37 63.50
CA GLY L 3278 -94.09 90.59 64.41
C GLY L 3278 -93.34 90.22 65.66
N PRO L 3279 -93.98 89.47 66.57
CA PRO L 3279 -93.30 89.03 67.79
C PRO L 3279 -92.24 87.98 67.55
N GLU L 3280 -92.07 87.49 66.32
CA GLU L 3280 -90.99 86.58 66.02
C GLU L 3280 -89.63 87.25 66.22
N ALA L 3281 -89.53 88.53 65.86
CA ALA L 3281 -88.31 89.31 66.07
C ALA L 3281 -88.63 90.57 66.85
N PRO L 3282 -88.43 90.57 68.16
CA PRO L 3282 -88.40 91.83 68.89
C PRO L 3282 -87.27 92.70 68.35
N PRO L 3283 -87.48 94.01 68.25
CA PRO L 3283 -86.50 94.87 67.58
C PRO L 3283 -85.17 94.87 68.32
N PRO L 3284 -84.11 94.36 67.68
CA PRO L 3284 -82.78 94.44 68.32
C PRO L 3284 -82.32 95.86 68.56
N ALA L 3285 -82.68 96.79 67.67
CA ALA L 3285 -82.44 98.22 67.88
C ALA L 3285 -83.57 98.77 68.73
N LEU L 3286 -83.37 98.77 70.04
CA LEU L 3286 -84.43 99.19 70.97
C LEU L 3286 -84.91 100.62 70.76
N PRO L 3287 -84.03 101.63 70.62
CA PRO L 3287 -84.57 102.98 70.39
C PRO L 3287 -85.23 103.15 69.03
N ALA L 3288 -84.66 102.55 67.98
CA ALA L 3288 -85.24 102.68 66.65
C ALA L 3288 -86.60 102.00 66.55
N GLY L 3289 -86.73 100.82 67.16
CA GLY L 3289 -88.00 100.11 67.15
C GLY L 3289 -88.89 100.48 68.32
N ALA L 3290 -89.14 101.79 68.47
CA ALA L 3290 -90.01 102.26 69.56
C ALA L 3290 -91.42 101.69 69.52
N PRO L 3291 -92.15 101.69 68.39
CA PRO L 3291 -93.52 101.17 68.42
C PRO L 3291 -93.52 99.67 68.67
N PRO L 3292 -94.55 99.14 69.31
CA PRO L 3292 -94.66 97.69 69.47
C PRO L 3292 -94.84 97.03 68.11
N PRO L 3293 -94.42 95.76 67.98
CA PRO L 3293 -94.60 95.04 66.71
C PRO L 3293 -96.04 95.05 66.23
N CYS L 3294 -96.29 95.72 65.10
CA CYS L 3294 -97.65 95.84 64.58
C CYS L 3294 -98.17 94.50 64.07
N THR L 3295 -97.31 93.67 63.51
CA THR L 3295 -97.73 92.37 63.02
C THR L 3295 -97.75 91.35 64.15
N ALA L 3296 -98.54 90.30 63.97
CA ALA L 3296 -98.72 89.28 64.99
C ALA L 3296 -98.08 87.95 64.66
N VAL L 3297 -97.38 87.82 63.52
CA VAL L 3297 -96.80 86.55 63.14
C VAL L 3297 -95.55 86.30 63.98
N THR L 3298 -95.48 85.11 64.57
CA THR L 3298 -94.38 84.71 65.44
C THR L 3298 -93.67 83.50 64.85
N SER L 3299 -92.61 83.07 65.54
CA SER L 3299 -91.97 81.81 65.19
C SER L 3299 -92.92 80.64 65.41
N ASP L 3300 -93.77 80.74 66.44
CA ASP L 3300 -94.82 79.74 66.64
C ASP L 3300 -95.79 79.72 65.47
N HIS L 3301 -96.18 80.91 64.98
CA HIS L 3301 -97.07 80.97 63.82
C HIS L 3301 -96.40 80.38 62.59
N LEU L 3302 -95.12 80.66 62.40
CA LEU L 3302 -94.40 80.10 61.25
C LEU L 3302 -94.30 78.58 61.34
N ASN L 3303 -93.99 78.06 62.53
CA ASN L 3303 -93.93 76.62 62.73
C ASN L 3303 -95.28 75.98 62.45
N SER L 3304 -96.36 76.57 62.97
CA SER L 3304 -97.68 76.01 62.79
C SER L 3304 -98.11 76.04 61.32
N LEU L 3305 -97.81 77.13 60.62
CA LEU L 3305 -98.17 77.18 59.20
C LEU L 3305 -97.37 76.16 58.39
N LEU L 3306 -96.11 75.95 58.75
CA LEU L 3306 -95.33 74.87 58.14
C LEU L 3306 -95.98 73.52 58.41
N GLY L 3307 -96.52 73.35 59.62
CA GLY L 3307 -97.25 72.12 59.91
C GLY L 3307 -98.47 71.95 59.05
N ASN L 3308 -99.19 73.05 58.79
CA ASN L 3308 -100.34 72.99 57.90
C ASN L 3308 -99.93 72.61 56.48
N ILE L 3309 -98.83 73.18 56.00
CA ILE L 3309 -98.37 72.87 54.65
C ILE L 3309 -97.96 71.40 54.54
N LEU L 3310 -97.19 70.92 55.53
CA LEU L 3310 -96.84 69.51 55.57
C LEU L 3310 -98.09 68.63 55.63
N ARG L 3311 -99.11 69.09 56.34
CA ARG L 3311 -100.35 68.33 56.47
C ARG L 3311 -101.08 68.24 55.14
N ILE L 3312 -101.12 69.32 54.35
CA ILE L 3312 -101.86 69.23 53.10
C ILE L 3312 -101.12 68.35 52.10
N ILE L 3313 -99.78 68.43 52.07
CA ILE L 3313 -99.05 67.55 51.16
C ILE L 3313 -99.21 66.08 51.57
N VAL L 3314 -99.18 65.80 52.87
CA VAL L 3314 -99.39 64.41 53.30
C VAL L 3314 -100.83 63.99 53.09
N ASN L 3315 -101.77 64.94 53.02
CA ASN L 3315 -103.15 64.61 52.70
C ASN L 3315 -103.27 64.10 51.27
N ASN L 3316 -102.59 64.72 50.32
CA ASN L 3316 -102.80 64.31 48.92
C ASN L 3316 -101.48 64.02 48.21
N LEU L 3317 -100.59 63.22 48.81
CA LEU L 3317 -99.69 62.48 47.92
C LEU L 3317 -100.44 61.45 47.09
N GLY L 3318 -101.55 60.93 47.62
CA GLY L 3318 -102.21 59.81 46.97
C GLY L 3318 -102.77 60.14 45.60
N ILE L 3319 -103.36 61.33 45.46
CA ILE L 3319 -103.90 61.73 44.17
C ILE L 3319 -102.77 62.07 43.23
N ASP L 3320 -103.03 61.92 41.93
CA ASP L 3320 -102.03 62.20 40.90
C ASP L 3320 -102.39 63.39 40.03
N GLU L 3321 -103.58 63.95 40.16
CA GLU L 3321 -104.02 65.04 39.30
C GLU L 3321 -103.72 66.40 39.92
N ALA L 3322 -102.47 66.62 40.30
CA ALA L 3322 -102.07 67.88 40.92
C ALA L 3322 -100.65 68.19 40.50
N THR L 3323 -100.50 69.15 39.59
CA THR L 3323 -99.19 69.60 39.12
C THR L 3323 -98.80 70.95 39.71
N TRP L 3324 -99.51 71.42 40.72
CA TRP L 3324 -99.18 72.68 41.37
C TRP L 3324 -98.19 72.52 42.52
N MET L 3325 -97.68 71.30 42.72
CA MET L 3325 -96.68 71.07 43.77
C MET L 3325 -95.40 71.85 43.51
N LYS L 3326 -95.06 72.07 42.23
CA LYS L 3326 -93.85 72.81 41.89
C LYS L 3326 -93.93 74.24 42.41
N ARG L 3327 -95.02 74.95 42.09
CA ARG L 3327 -95.18 76.31 42.56
C ARG L 3327 -95.40 76.35 44.07
N LEU L 3328 -96.07 75.33 44.63
CA LEU L 3328 -96.26 75.27 46.07
C LEU L 3328 -94.91 75.19 46.79
N ALA L 3329 -94.01 74.33 46.30
CA ALA L 3329 -92.70 74.20 46.92
C ALA L 3329 -91.87 75.46 46.72
N VAL L 3330 -91.97 76.09 45.54
CA VAL L 3330 -91.23 77.33 45.29
C VAL L 3330 -91.68 78.41 46.26
N PHE L 3331 -92.98 78.55 46.45
CA PHE L 3331 -93.50 79.53 47.40
C PHE L 3331 -93.11 79.20 48.82
N ALA L 3332 -93.19 77.92 49.20
CA ALA L 3332 -92.92 77.50 50.57
C ALA L 3332 -91.44 77.41 50.90
N GLN L 3333 -90.55 77.60 49.91
CA GLN L 3333 -89.12 77.50 50.17
C GLN L 3333 -88.62 78.45 51.25
N PRO L 3334 -88.99 79.74 51.27
CA PRO L 3334 -88.56 80.57 52.41
C PRO L 3334 -89.30 80.24 53.69
N ILE L 3335 -90.54 79.74 53.61
CA ILE L 3335 -91.31 79.48 54.82
C ILE L 3335 -90.91 78.20 55.52
N VAL L 3336 -90.09 77.36 54.88
CA VAL L 3336 -89.54 76.20 55.58
C VAL L 3336 -88.32 76.57 56.41
N SER L 3337 -87.80 77.79 56.24
CA SER L 3337 -86.72 78.28 57.09
C SER L 3337 -87.25 78.65 58.47
N ARG L 3338 -86.36 78.56 59.46
CA ARG L 3338 -86.67 78.87 60.86
C ARG L 3338 -87.82 78.01 61.37
N ALA L 3339 -87.60 76.70 61.34
CA ALA L 3339 -88.59 75.72 61.74
C ALA L 3339 -88.15 75.03 63.03
N ARG L 3340 -89.11 74.80 63.92
CA ARG L 3340 -88.79 74.26 65.22
C ARG L 3340 -88.41 72.79 65.13
N PRO L 3341 -87.53 72.31 66.02
CA PRO L 3341 -87.00 70.94 65.89
C PRO L 3341 -88.06 69.85 66.00
N GLU L 3342 -89.09 70.02 66.83
CA GLU L 3342 -90.10 68.99 66.98
C GLU L 3342 -90.92 68.80 65.72
N LEU L 3343 -90.86 69.75 64.79
CA LEU L 3343 -91.55 69.61 63.51
C LEU L 3343 -91.07 68.38 62.76
N LEU L 3344 -89.81 67.97 63.00
CA LEU L 3344 -89.26 66.77 62.38
C LEU L 3344 -90.12 65.56 62.70
N HIS L 3345 -90.18 65.16 63.97
CA HIS L 3345 -90.96 63.99 64.33
C HIS L 3345 -92.46 64.21 64.15
N SER L 3346 -92.93 65.45 64.15
CA SER L 3346 -94.35 65.68 63.96
C SER L 3346 -94.76 65.40 62.52
N HIS L 3347 -94.03 65.93 61.55
CA HIS L 3347 -94.49 65.81 60.17
C HIS L 3347 -93.44 65.29 59.21
N PHE L 3348 -92.17 65.69 59.36
CA PHE L 3348 -91.16 65.30 58.38
C PHE L 3348 -90.87 63.81 58.43
N ILE L 3349 -90.73 63.25 59.62
CA ILE L 3349 -90.53 61.81 59.76
C ILE L 3349 -91.75 61.02 59.29
N PRO L 3350 -93.00 61.36 59.68
CA PRO L 3350 -94.14 60.62 59.12
C PRO L 3350 -94.23 60.67 57.60
N THR L 3351 -93.96 61.83 56.99
CA THR L 3351 -94.04 61.91 55.53
C THR L 3351 -92.94 61.10 54.86
N ILE L 3352 -91.70 61.26 55.31
CA ILE L 3352 -90.61 60.52 54.70
C ILE L 3352 -90.78 59.02 54.92
N GLY L 3353 -91.37 58.62 56.05
CA GLY L 3353 -91.71 57.23 56.23
C GLY L 3353 -92.81 56.78 55.28
N ARG L 3354 -93.76 57.66 55.00
CA ARG L 3354 -94.84 57.32 54.07
C ARG L 3354 -94.29 57.02 52.68
N LEU L 3355 -93.45 57.93 52.14
CA LEU L 3355 -92.87 57.63 50.84
C LEU L 3355 -91.80 56.56 50.90
N ARG L 3356 -91.20 56.28 52.05
CA ARG L 3356 -90.33 55.12 52.16
C ARG L 3356 -91.13 53.84 51.99
N LYS L 3357 -92.27 53.74 52.68
CA LYS L 3357 -93.15 52.59 52.52
C LYS L 3357 -93.68 52.49 51.09
N ARG L 3358 -94.08 53.62 50.52
CA ARG L 3358 -94.59 53.62 49.16
C ARG L 3358 -93.52 53.19 48.17
N ALA L 3359 -92.30 53.68 48.34
CA ALA L 3359 -91.20 53.27 47.46
C ALA L 3359 -90.92 51.78 47.59
N GLY L 3360 -90.91 51.27 48.82
CA GLY L 3360 -90.70 49.84 49.00
C GLY L 3360 -91.76 49.00 48.33
N LYS L 3361 -93.02 49.38 48.51
CA LYS L 3361 -94.12 48.62 47.91
C LYS L 3361 -94.09 48.71 46.38
N VAL L 3362 -93.84 49.91 45.83
CA VAL L 3362 -93.85 50.07 44.39
C VAL L 3362 -92.67 49.34 43.76
N VAL L 3363 -91.50 49.36 44.42
CA VAL L 3363 -90.37 48.59 43.91
C VAL L 3363 -90.62 47.09 44.04
N ALA L 3364 -91.40 46.66 45.04
CA ALA L 3364 -91.81 45.26 45.10
C ALA L 3364 -92.70 44.90 43.91
N GLU L 3365 -93.62 45.81 43.55
CA GLU L 3365 -94.43 45.61 42.36
C GLU L 3365 -93.57 45.56 41.10
N GLU L 3366 -92.58 46.46 41.01
CA GLU L 3366 -91.64 46.42 39.91
C GLU L 3366 -90.77 45.17 39.94
N GLU L 3367 -90.61 44.57 41.12
CA GLU L 3367 -89.88 43.31 41.23
C GLU L 3367 -90.67 42.16 40.59
N GLN L 3368 -91.96 42.07 40.93
CA GLN L 3368 -92.79 41.06 40.27
C GLN L 3368 -92.95 41.37 38.79
N LEU L 3369 -92.82 42.63 38.39
CA LEU L 3369 -92.85 42.97 36.97
C LEU L 3369 -91.58 42.52 36.27
N ARG L 3370 -90.41 42.83 36.85
CA ARG L 3370 -89.16 42.48 36.18
C ARG L 3370 -88.88 40.99 36.24
N LEU L 3371 -89.62 40.25 37.09
CA LEU L 3371 -89.61 38.80 37.04
C LEU L 3371 -90.00 38.29 35.66
N GLU L 3372 -90.83 39.03 34.93
CA GLU L 3372 -91.27 38.67 33.60
C GLU L 3372 -90.83 39.72 32.58
N ALA L 3373 -90.95 39.38 31.29
CA ALA L 3373 -90.63 40.32 30.22
C ALA L 3373 -91.40 39.89 28.98
N LYS L 3374 -92.50 40.59 28.70
CA LYS L 3374 -93.35 40.34 27.53
C LYS L 3374 -94.28 41.54 27.37
N ALA L 3375 -95.28 41.41 26.50
CA ALA L 3375 -96.22 42.51 26.27
C ALA L 3375 -97.04 42.82 27.52
N GLU L 3376 -97.44 41.79 28.26
CA GLU L 3376 -98.11 42.02 29.54
C GLU L 3376 -97.19 42.75 30.50
N ALA L 3377 -95.91 42.39 30.50
CA ALA L 3377 -94.93 43.15 31.27
C ALA L 3377 -94.81 44.58 30.75
N GLU L 3378 -95.09 44.81 29.47
CA GLU L 3378 -95.04 46.16 28.93
C GLU L 3378 -96.20 47.00 29.42
N GLU L 3379 -97.43 46.46 29.42
CA GLU L 3379 -98.55 47.24 29.92
C GLU L 3379 -98.45 47.47 31.43
N GLY L 3380 -97.99 46.46 32.17
CA GLY L 3380 -97.66 46.69 33.57
C GLY L 3380 -96.54 47.70 33.74
N GLU L 3381 -95.61 47.72 32.78
CA GLU L 3381 -94.54 48.73 32.80
C GLU L 3381 -95.11 50.12 32.62
N LEU L 3382 -96.11 50.28 31.76
CA LEU L 3382 -96.78 51.56 31.63
C LEU L 3382 -97.41 51.98 32.96
N LEU L 3383 -98.08 51.04 33.63
CA LEU L 3383 -98.71 51.36 34.90
C LEU L 3383 -97.66 51.78 35.95
N VAL L 3384 -96.60 51.00 36.08
CA VAL L 3384 -95.59 51.33 37.09
C VAL L 3384 -94.73 52.51 36.67
N ARG L 3385 -94.70 52.87 35.38
CA ARG L 3385 -93.99 54.08 34.97
C ARG L 3385 -94.80 55.32 35.32
N ASP L 3386 -96.13 55.24 35.21
CA ASP L 3386 -96.96 56.29 35.77
C ASP L 3386 -96.78 56.37 37.29
N GLU L 3387 -96.69 55.22 37.95
CA GLU L 3387 -96.44 55.19 39.38
C GLU L 3387 -95.09 55.83 39.71
N PHE L 3388 -94.07 55.54 38.89
CA PHE L 3388 -92.75 56.13 39.08
C PHE L 3388 -92.78 57.63 38.85
N SER L 3389 -93.58 58.10 37.88
CA SER L 3389 -93.65 59.53 37.64
C SER L 3389 -94.29 60.25 38.83
N VAL L 3390 -95.31 59.65 39.44
CA VAL L 3390 -95.84 60.22 40.69
C VAL L 3390 -94.78 60.18 41.78
N LEU L 3391 -94.01 59.09 41.84
CA LEU L 3391 -92.95 58.99 42.85
C LEU L 3391 -91.94 60.12 42.70
N CYS L 3392 -91.42 60.32 41.49
CA CYS L 3392 -90.48 61.42 41.28
C CYS L 3392 -91.14 62.77 41.57
N ARG L 3393 -92.41 62.92 41.15
CA ARG L 3393 -93.10 64.18 41.36
C ARG L 3393 -93.14 64.57 42.83
N ASP L 3394 -93.53 63.63 43.70
CA ASP L 3394 -93.63 64.04 45.10
C ASP L 3394 -92.28 64.01 45.81
N LEU L 3395 -91.32 63.20 45.36
CA LEU L 3395 -89.97 63.27 45.94
C LEU L 3395 -89.38 64.66 45.75
N TYR L 3396 -89.35 65.16 44.53
CA TYR L 3396 -88.86 66.51 44.29
C TYR L 3396 -89.94 67.57 44.43
N ALA L 3397 -91.09 67.22 45.01
CA ALA L 3397 -92.01 68.22 45.53
C ALA L 3397 -91.72 68.53 47.00
N LEU L 3398 -91.38 67.53 47.81
CA LEU L 3398 -91.15 67.78 49.23
C LEU L 3398 -89.68 67.87 49.63
N TYR L 3399 -88.77 67.30 48.84
CA TYR L 3399 -87.35 67.40 49.16
C TYR L 3399 -86.81 68.83 49.26
N PRO L 3400 -87.15 69.77 48.36
CA PRO L 3400 -86.58 71.13 48.49
C PRO L 3400 -86.85 71.79 49.83
N LEU L 3401 -88.03 71.56 50.43
CA LEU L 3401 -88.27 72.06 51.77
C LEU L 3401 -87.40 71.33 52.79
N LEU L 3402 -87.24 70.02 52.60
CA LEU L 3402 -86.51 69.19 53.55
C LEU L 3402 -85.05 69.61 53.63
N ILE L 3403 -84.44 69.98 52.50
CA ILE L 3403 -83.02 70.31 52.52
C ILE L 3403 -82.77 71.55 53.36
N ARG L 3404 -83.67 72.54 53.30
CA ARG L 3404 -83.49 73.73 54.13
C ARG L 3404 -83.77 73.40 55.59
N TYR L 3405 -84.74 72.52 55.85
CA TYR L 3405 -85.01 72.13 57.24
C TYR L 3405 -83.79 71.46 57.86
N VAL L 3406 -83.17 70.52 57.13
CA VAL L 3406 -82.03 69.82 57.68
C VAL L 3406 -80.80 70.71 57.69
N ASP L 3407 -80.74 71.70 56.79
CA ASP L 3407 -79.68 72.70 56.87
C ASP L 3407 -79.80 73.52 58.15
N ASN L 3408 -81.04 73.86 58.52
CA ASN L 3408 -81.26 74.62 59.75
C ASN L 3408 -80.89 73.81 60.98
N ASN L 3409 -81.28 72.53 61.03
CA ASN L 3409 -81.13 71.75 62.24
C ASN L 3409 -79.96 70.77 62.20
N ARG L 3410 -79.06 70.89 61.22
CA ARG L 3410 -77.94 69.96 61.14
C ARG L 3410 -76.94 70.20 62.25
N ALA L 3411 -76.77 71.46 62.67
CA ALA L 3411 -75.83 71.77 63.74
C ALA L 3411 -76.23 71.10 65.05
N HIS L 3412 -77.53 71.11 65.37
CA HIS L 3412 -77.99 70.47 66.59
C HIS L 3412 -77.77 68.96 66.55
N TRP L 3413 -78.06 68.34 65.41
CA TRP L 3413 -77.86 66.89 65.29
C TRP L 3413 -76.37 66.54 65.36
N LEU L 3414 -75.51 67.37 64.78
CA LEU L 3414 -74.08 67.10 64.84
C LEU L 3414 -73.51 67.31 66.23
N THR L 3415 -74.06 68.27 66.99
CA THR L 3415 -73.60 68.44 68.37
C THR L 3415 -74.13 67.31 69.26
N GLU L 3416 -75.38 66.89 69.05
CA GLU L 3416 -75.95 65.78 69.79
C GLU L 3416 -76.74 64.89 68.83
N PRO L 3417 -76.37 63.62 68.69
CA PRO L 3417 -77.08 62.72 67.78
C PRO L 3417 -78.55 62.57 68.18
N ASN L 3418 -79.44 63.00 67.29
CA ASN L 3418 -80.88 62.96 67.52
C ASN L 3418 -81.47 61.77 66.75
N ALA L 3419 -82.13 60.88 67.48
CA ALA L 3419 -82.63 59.63 66.89
C ALA L 3419 -83.62 59.89 65.77
N ASN L 3420 -84.38 60.98 65.86
CA ASN L 3420 -85.28 61.34 64.78
C ASN L 3420 -84.51 61.63 63.50
N ALA L 3421 -83.42 62.38 63.60
CA ALA L 3421 -82.58 62.66 62.45
C ALA L 3421 -81.93 61.38 61.90
N GLU L 3422 -81.48 60.50 62.80
CA GLU L 3422 -80.84 59.27 62.32
C GLU L 3422 -81.84 58.38 61.60
N GLU L 3423 -83.06 58.30 62.12
CA GLU L 3423 -84.12 57.55 61.45
C GLU L 3423 -84.47 58.19 60.10
N LEU L 3424 -84.47 59.52 60.04
CA LEU L 3424 -84.69 60.21 58.78
C LEU L 3424 -83.62 59.86 57.76
N PHE L 3425 -82.36 59.78 58.19
CA PHE L 3425 -81.30 59.36 57.29
C PHE L 3425 -81.49 57.91 56.87
N ARG L 3426 -81.96 57.05 57.79
CA ARG L 3426 -82.25 55.67 57.42
C ARG L 3426 -83.33 55.61 56.35
N MET L 3427 -84.39 56.41 56.49
CA MET L 3427 -85.46 56.40 55.51
C MET L 3427 -84.97 56.85 54.14
N VAL L 3428 -84.29 58.00 54.09
CA VAL L 3428 -83.82 58.50 52.80
C VAL L 3428 -82.76 57.56 52.22
N GLY L 3429 -82.01 56.86 53.07
CA GLY L 3429 -81.09 55.86 52.58
C GLY L 3429 -81.79 54.68 51.92
N GLU L 3430 -82.90 54.24 52.51
CA GLU L 3430 -83.66 53.16 51.88
C GLU L 3430 -84.23 53.59 50.54
N ILE L 3431 -84.72 54.83 50.44
CA ILE L 3431 -85.15 55.34 49.14
C ILE L 3431 -83.99 55.40 48.17
N PHE L 3432 -82.79 55.73 48.66
CA PHE L 3432 -81.61 55.74 47.80
C PHE L 3432 -81.31 54.35 47.26
N ILE L 3433 -81.40 53.33 48.12
CA ILE L 3433 -81.18 51.95 47.68
C ILE L 3433 -82.21 51.55 46.64
N TYR L 3434 -83.47 51.94 46.87
CA TYR L 3434 -84.52 51.62 45.90
C TYR L 3434 -84.26 52.31 44.57
N TRP L 3435 -83.81 53.56 44.61
CA TRP L 3435 -83.53 54.29 43.38
C TRP L 3435 -82.37 53.65 42.62
N SER L 3436 -81.35 53.19 43.34
CA SER L 3436 -80.24 52.53 42.67
C SER L 3436 -80.65 51.19 42.08
N LYS L 3437 -81.48 50.43 42.80
CA LYS L 3437 -81.87 49.11 42.32
C LYS L 3437 -82.92 49.16 41.22
N SER L 3438 -83.65 50.27 41.08
CA SER L 3438 -84.74 50.38 40.11
C SER L 3438 -84.25 51.20 38.92
N HIS L 3439 -84.05 50.53 37.77
CA HIS L 3439 -83.60 51.24 36.58
C HIS L 3439 -84.69 52.15 36.02
N ASN L 3440 -85.93 51.66 35.95
CA ASN L 3440 -87.01 52.46 35.38
C ASN L 3440 -87.31 53.68 36.24
N PHE L 3441 -87.02 53.60 37.54
CA PHE L 3441 -87.18 54.76 38.42
C PHE L 3441 -86.25 55.88 37.95
N LYS L 3442 -85.00 55.54 37.62
CA LYS L 3442 -84.04 56.55 37.20
C LYS L 3442 -84.44 57.19 35.87
N ARG L 3443 -84.89 56.38 34.91
CA ARG L 3443 -85.21 56.96 33.61
C ARG L 3443 -86.51 57.77 33.67
N GLU L 3444 -87.47 57.36 34.50
CA GLU L 3444 -88.63 58.22 34.73
C GLU L 3444 -88.26 59.50 35.45
N GLU L 3445 -87.28 59.43 36.36
CA GLU L 3445 -86.75 60.65 36.96
C GLU L 3445 -86.22 61.59 35.90
N GLN L 3446 -85.35 61.08 35.03
CA GLN L 3446 -84.76 61.88 33.96
C GLN L 3446 -85.85 62.45 33.04
N ASN L 3447 -86.79 61.59 32.65
CA ASN L 3447 -87.86 61.99 31.74
C ASN L 3447 -88.66 63.13 32.36
N PHE L 3448 -89.13 62.94 33.60
CA PHE L 3448 -90.01 63.93 34.20
C PHE L 3448 -89.26 65.25 34.41
N VAL L 3449 -88.05 65.19 34.97
CA VAL L 3449 -87.37 66.42 35.35
C VAL L 3449 -87.00 67.24 34.12
N VAL L 3450 -86.54 66.59 33.04
CA VAL L 3450 -86.07 67.36 31.91
C VAL L 3450 -87.24 67.80 31.02
N GLN L 3451 -88.18 66.88 30.75
CA GLN L 3451 -89.30 67.25 29.89
C GLN L 3451 -90.18 68.31 30.53
N ASN L 3452 -90.41 68.24 31.84
CA ASN L 3452 -91.24 69.23 32.51
C ASN L 3452 -90.41 70.40 33.04
N GLU L 3453 -89.08 70.34 32.87
CA GLU L 3453 -88.17 71.44 33.20
C GLU L 3453 -88.16 71.75 34.69
N ILE L 3454 -88.17 70.70 35.51
CA ILE L 3454 -87.87 70.86 36.93
C ILE L 3454 -86.37 71.03 37.16
N ASN L 3455 -85.53 70.71 36.17
CA ASN L 3455 -84.09 70.73 36.36
C ASN L 3455 -83.58 72.13 36.71
N ASN L 3456 -84.17 73.16 36.11
CA ASN L 3456 -83.78 74.52 36.44
C ASN L 3456 -84.09 74.85 37.89
N MET L 3457 -85.27 74.47 38.37
CA MET L 3457 -85.63 74.67 39.76
C MET L 3457 -84.74 73.85 40.67
N SER L 3458 -84.35 72.65 40.23
CA SER L 3458 -83.44 71.82 41.01
C SER L 3458 -82.08 72.48 41.16
N PHE L 3459 -81.55 73.05 40.06
CA PHE L 3459 -80.27 73.74 40.14
C PHE L 3459 -80.36 74.97 41.03
N LEU L 3460 -81.45 75.72 40.93
CA LEU L 3460 -81.63 76.89 41.79
C LEU L 3460 -81.73 76.49 43.26
N THR L 3461 -82.49 75.42 43.54
CA THR L 3461 -82.64 74.96 44.91
C THR L 3461 -81.32 74.46 45.47
N ALA L 3462 -80.53 73.74 44.66
CA ALA L 3462 -79.23 73.27 45.12
C ALA L 3462 -78.24 74.41 45.29
N ASP L 3463 -78.37 75.48 44.51
CA ASP L 3463 -77.47 76.61 44.66
C ASP L 3463 -77.79 77.44 45.90
N SER L 3464 -79.07 77.60 46.21
CA SER L 3464 -79.44 78.41 47.38
C SER L 3464 -79.37 77.59 48.66
N LYS L 3465 -80.15 76.51 48.73
CA LYS L 3465 -80.22 75.61 49.89
C LYS L 3465 -80.49 76.34 51.21
N SER L 3494 -79.42 66.73 36.38
CA SER L 3494 -78.54 65.60 36.17
C SER L 3494 -78.63 64.60 37.31
N VAL L 3495 -77.82 63.53 37.22
CA VAL L 3495 -77.81 62.52 38.27
C VAL L 3495 -77.16 63.07 39.53
N GLN L 3496 -76.05 63.79 39.38
CA GLN L 3496 -75.36 64.36 40.54
C GLN L 3496 -76.23 65.40 41.24
N THR L 3497 -76.97 66.20 40.47
CA THR L 3497 -77.82 67.25 41.01
C THR L 3497 -79.24 66.77 41.31
N SER L 3498 -79.51 65.47 41.16
CA SER L 3498 -80.82 64.94 41.53
C SER L 3498 -81.04 65.10 43.02
N LEU L 3499 -82.27 65.44 43.40
CA LEU L 3499 -82.51 65.83 44.79
C LEU L 3499 -82.43 64.66 45.76
N ILE L 3500 -82.63 63.42 45.30
CA ILE L 3500 -82.49 62.28 46.21
C ILE L 3500 -81.03 62.12 46.63
N VAL L 3501 -80.11 62.13 45.66
CA VAL L 3501 -78.71 62.04 46.02
C VAL L 3501 -78.25 63.32 46.70
N ALA L 3502 -78.91 64.45 46.41
CA ALA L 3502 -78.56 65.71 47.05
C ALA L 3502 -78.94 65.70 48.53
N THR L 3503 -80.14 65.21 48.86
CA THR L 3503 -80.49 65.04 50.27
C THR L 3503 -79.56 64.06 50.93
N LEU L 3504 -79.22 62.97 50.23
CA LEU L 3504 -78.34 61.97 50.84
C LEU L 3504 -76.99 62.57 51.18
N LYS L 3505 -76.38 63.32 50.24
CA LYS L 3505 -75.09 63.94 50.52
C LYS L 3505 -75.22 65.07 51.53
N LYS L 3506 -76.41 65.66 51.68
CA LYS L 3506 -76.61 66.62 52.74
C LYS L 3506 -76.65 65.93 54.10
N MET L 3507 -77.06 64.66 54.15
CA MET L 3507 -77.19 63.93 55.40
C MET L 3507 -76.10 62.89 55.64
N LEU L 3508 -75.06 62.81 54.81
CA LEU L 3508 -73.90 62.01 55.23
C LEU L 3508 -73.23 62.45 56.53
N PRO L 3509 -73.06 63.74 56.85
CA PRO L 3509 -72.53 64.03 58.19
C PRO L 3509 -73.39 63.46 59.31
N ILE L 3510 -74.71 63.55 59.15
CA ILE L 3510 -75.61 62.91 60.09
C ILE L 3510 -75.46 61.40 60.02
N GLY L 3511 -75.35 60.86 58.82
CA GLY L 3511 -75.30 59.44 58.52
C GLY L 3511 -73.98 58.77 58.80
N LEU L 3512 -72.97 59.53 59.19
CA LEU L 3512 -71.75 59.00 59.78
C LEU L 3512 -71.57 59.46 61.21
N ASN L 3513 -72.50 60.26 61.73
CA ASN L 3513 -72.39 60.70 63.12
C ASN L 3513 -72.61 59.55 64.10
N MET L 3514 -73.44 58.56 63.76
CA MET L 3514 -73.71 57.49 64.72
C MET L 3514 -72.47 56.62 64.90
N CYS L 3515 -71.88 56.18 63.79
CA CYS L 3515 -70.88 55.12 63.84
C CYS L 3515 -69.58 55.59 64.47
N ALA L 3516 -68.96 54.71 65.24
CA ALA L 3516 -67.67 55.01 65.84
C ALA L 3516 -66.55 54.90 64.81
N PRO L 3517 -65.49 55.70 64.96
CA PRO L 3517 -64.31 55.51 64.09
C PRO L 3517 -63.68 54.14 64.23
N THR L 3518 -63.71 53.54 65.43
CA THR L 3518 -63.18 52.19 65.58
C THR L 3518 -64.01 51.16 64.82
N ASP L 3519 -65.26 51.49 64.47
CA ASP L 3519 -66.11 50.58 63.73
C ASP L 3519 -65.76 50.51 62.25
N GLN L 3520 -64.84 51.36 61.78
CA GLN L 3520 -64.57 51.46 60.36
C GLN L 3520 -63.94 50.20 59.79
N ASP L 3521 -63.29 49.38 60.62
CA ASP L 3521 -62.83 48.07 60.17
C ASP L 3521 -64.01 47.18 59.79
N LEU L 3522 -65.02 47.12 60.66
CA LEU L 3522 -66.23 46.38 60.33
C LEU L 3522 -66.95 47.02 59.16
N ILE L 3523 -66.84 48.34 59.01
CA ILE L 3523 -67.41 49.02 57.85
C ILE L 3523 -66.78 48.48 56.57
N MET L 3524 -65.45 48.34 56.56
CA MET L 3524 -64.76 47.86 55.36
C MET L 3524 -65.11 46.41 55.05
N LEU L 3525 -65.19 45.56 56.08
CA LEU L 3525 -65.56 44.17 55.85
C LEU L 3525 -66.97 44.07 55.29
N ALA L 3526 -67.91 44.82 55.87
CA ALA L 3526 -69.25 44.89 55.28
C ALA L 3526 -69.24 45.55 53.92
N LYS L 3527 -68.24 46.40 53.65
CA LYS L 3527 -68.18 47.08 52.35
C LYS L 3527 -67.96 46.05 51.25
N THR L 3528 -66.99 45.16 51.45
CA THR L 3528 -66.80 44.05 50.52
C THR L 3528 -67.98 43.10 50.54
N ARG L 3529 -68.67 42.97 51.69
CA ARG L 3529 -69.81 42.08 51.76
C ARG L 3529 -70.94 42.54 50.85
N TYR L 3530 -71.24 43.84 50.83
CA TYR L 3530 -72.17 44.36 49.84
C TYR L 3530 -71.58 44.39 48.44
N ALA L 3531 -70.26 44.44 48.32
CA ALA L 3531 -69.65 44.34 46.99
C ALA L 3531 -69.88 42.98 46.36
N LEU L 3532 -70.09 41.95 47.17
CA LEU L 3532 -70.40 40.62 46.65
C LEU L 3532 -71.85 40.46 46.20
N LYS L 3533 -72.64 41.54 46.22
CA LYS L 3533 -74.03 41.53 45.76
C LYS L 3533 -74.90 40.56 46.56
N ASP L 3534 -74.73 40.57 47.88
CA ASP L 3534 -75.53 39.72 48.76
C ASP L 3534 -76.74 40.49 49.28
N THR L 3535 -77.72 39.74 49.79
CA THR L 3535 -78.92 40.33 50.33
C THR L 3535 -78.64 40.92 51.72
N ASP L 3536 -79.61 41.71 52.21
CA ASP L 3536 -79.44 42.40 53.48
C ASP L 3536 -79.26 41.42 54.63
N GLU L 3537 -80.06 40.35 54.66
CA GLU L 3537 -79.90 39.34 55.69
C GLU L 3537 -78.54 38.68 55.62
N GLU L 3538 -78.08 38.34 54.40
CA GLU L 3538 -76.81 37.65 54.27
C GLU L 3538 -75.64 38.52 54.70
N VAL L 3539 -75.65 39.80 54.31
CA VAL L 3539 -74.55 40.68 54.69
C VAL L 3539 -74.56 40.93 56.20
N ARG L 3540 -75.75 41.00 56.81
CA ARG L 3540 -75.80 41.13 58.26
C ARG L 3540 -75.30 39.88 58.96
N GLU L 3541 -75.61 38.69 58.41
CA GLU L 3541 -75.12 37.46 59.02
C GLU L 3541 -73.60 37.38 58.96
N PHE L 3542 -73.01 37.73 57.81
CA PHE L 3542 -71.56 37.75 57.73
C PHE L 3542 -70.97 38.88 58.59
N LEU L 3543 -71.74 39.94 58.82
CA LEU L 3543 -71.32 40.99 59.73
C LEU L 3543 -71.21 40.46 61.16
N GLN L 3544 -72.19 39.66 61.59
CA GLN L 3544 -72.10 39.01 62.89
C GLN L 3544 -70.94 38.02 62.92
N ASN L 3545 -70.70 37.33 61.80
CA ASN L 3545 -69.58 36.40 61.72
C ASN L 3545 -68.24 37.11 61.80
N ASN L 3546 -68.20 38.39 61.39
CA ASN L 3546 -66.98 39.19 61.44
C ASN L 3546 -67.02 40.24 62.53
N LEU L 3547 -67.94 40.09 63.50
CA LEU L 3547 -68.11 41.08 64.55
C LEU L 3547 -66.87 41.20 65.43
N HIS L 3548 -66.22 40.09 65.73
CA HIS L 3548 -65.12 40.10 66.69
C HIS L 3548 -63.89 40.83 66.19
N LEU L 3549 -63.81 41.14 64.90
CA LEU L 3549 -62.66 41.87 64.33
C LEU L 3549 -62.84 43.38 64.49
N GLN L 3550 -63.15 43.79 65.72
CA GLN L 3550 -63.35 45.21 66.02
C GLN L 3550 -62.03 45.94 66.04
N GLY L 3551 -62.03 47.18 65.54
CA GLY L 3551 -60.85 48.00 65.58
C GLY L 3551 -60.41 48.30 67.01
N LYS L 3552 -59.12 48.63 67.15
CA LYS L 3552 -58.52 48.83 68.45
C LYS L 3552 -58.11 50.29 68.60
N VAL L 3553 -58.49 50.90 69.71
CA VAL L 3553 -58.20 52.31 69.94
C VAL L 3553 -56.69 52.53 70.07
N GLU L 3554 -56.02 51.64 70.81
CA GLU L 3554 -54.58 51.77 71.03
C GLU L 3554 -53.76 51.46 69.78
N GLY L 3555 -54.39 50.94 68.72
CA GLY L 3555 -53.63 50.55 67.55
C GLY L 3555 -52.92 51.71 66.87
N SER L 3556 -53.64 52.81 66.67
CA SER L 3556 -53.06 53.97 66.00
C SER L 3556 -53.49 55.25 66.70
N PRO L 3557 -52.57 56.17 66.98
CA PRO L 3557 -52.96 57.45 67.58
C PRO L 3557 -53.82 58.30 66.67
N SER L 3558 -53.84 58.02 65.36
CA SER L 3558 -54.69 58.78 64.46
C SER L 3558 -56.16 58.60 64.81
N LEU L 3559 -56.55 57.39 65.18
CA LEU L 3559 -57.91 57.13 65.61
C LEU L 3559 -58.09 57.29 67.11
N ARG L 3560 -57.00 57.46 67.86
CA ARG L 3560 -57.10 57.65 69.31
C ARG L 3560 -57.85 58.93 69.65
N TRP L 3561 -57.43 60.05 69.07
CA TRP L 3561 -58.12 61.30 69.35
C TRP L 3561 -59.49 61.34 68.71
N GLN L 3562 -59.69 60.63 67.60
CA GLN L 3562 -61.04 60.50 67.05
C GLN L 3562 -61.96 59.78 68.02
N MET L 3563 -61.44 58.74 68.67
CA MET L 3563 -62.19 58.07 69.73
C MET L 3563 -62.44 59.03 70.89
N ALA L 3564 -61.47 59.90 71.18
CA ALA L 3564 -61.68 60.90 72.23
C ALA L 3564 -62.84 61.83 71.88
N LEU L 3565 -62.91 62.28 70.63
CA LEU L 3565 -64.03 63.10 70.18
C LEU L 3565 -65.34 62.33 70.30
N TYR L 3566 -65.34 61.07 69.86
CA TYR L 3566 -66.57 60.30 69.76
C TYR L 3566 -67.10 59.93 71.14
N ARG L 3567 -66.21 59.72 72.10
CA ARG L 3567 -66.63 59.47 73.48
C ARG L 3567 -67.02 60.76 74.20
N GLY L 3568 -66.33 61.86 73.91
CA GLY L 3568 -66.68 63.13 74.51
C GLY L 3568 -67.82 63.86 73.86
N LEU L 3569 -68.39 63.28 72.81
CA LEU L 3569 -69.56 63.88 72.18
C LEU L 3569 -70.73 63.90 73.17
N PRO L 3570 -71.36 65.05 73.39
CA PRO L 3570 -72.37 65.15 74.46
C PRO L 3570 -73.57 64.25 74.27
N GLY L 3571 -74.00 64.02 73.03
CA GLY L 3571 -75.14 63.15 72.81
C GLY L 3571 -74.85 61.67 72.94
N ARG L 3572 -73.58 61.29 73.00
CA ARG L 3572 -73.21 59.90 73.18
C ARG L 3572 -73.54 59.44 74.60
N GLU L 3573 -73.91 58.16 74.71
CA GLU L 3573 -74.24 57.56 75.99
C GLU L 3573 -73.49 56.24 76.12
N GLU L 3574 -73.24 55.83 77.37
CA GLU L 3574 -72.48 54.62 77.63
C GLU L 3574 -73.27 53.35 77.37
N ASP L 3575 -74.60 53.43 77.30
CA ASP L 3575 -75.41 52.25 77.02
C ASP L 3575 -75.55 51.95 75.54
N ALA L 3576 -74.99 52.79 74.67
CA ALA L 3576 -75.07 52.60 73.23
C ALA L 3576 -74.01 51.66 72.69
N ASP L 3577 -73.38 50.86 73.57
CA ASP L 3577 -72.39 49.88 73.16
C ASP L 3577 -73.02 48.53 72.83
N ASP L 3578 -74.32 48.50 72.54
CA ASP L 3578 -75.00 47.25 72.22
C ASP L 3578 -74.55 46.78 70.84
N PRO L 3579 -74.02 45.56 70.72
CA PRO L 3579 -73.56 45.09 69.40
C PRO L 3579 -74.67 45.02 68.37
N GLU L 3580 -75.92 44.84 68.80
CA GLU L 3580 -77.03 44.78 67.86
C GLU L 3580 -77.26 46.13 67.19
N LYS L 3581 -77.35 47.20 67.98
CA LYS L 3581 -77.48 48.53 67.40
C LYS L 3581 -76.27 48.87 66.54
N ILE L 3582 -75.09 48.46 67.00
CA ILE L 3582 -73.87 48.72 66.24
C ILE L 3582 -73.92 48.05 64.88
N VAL L 3583 -74.31 46.78 64.83
CA VAL L 3583 -74.29 46.05 63.56
C VAL L 3583 -75.37 46.59 62.62
N ARG L 3584 -76.55 46.94 63.15
CA ARG L 3584 -77.59 47.52 62.30
C ARG L 3584 -77.11 48.82 61.67
N ARG L 3585 -76.46 49.69 62.47
CA ARG L 3585 -76.06 50.97 61.92
C ARG L 3585 -74.90 50.83 60.93
N VAL L 3586 -73.97 49.90 61.17
CA VAL L 3586 -72.86 49.78 60.22
C VAL L 3586 -73.35 49.21 58.90
N GLN L 3587 -74.25 48.21 58.94
CA GLN L 3587 -74.73 47.66 57.68
C GLN L 3587 -75.57 48.68 56.92
N GLU L 3588 -76.34 49.50 57.64
CA GLU L 3588 -77.13 50.53 56.97
C GLU L 3588 -76.22 51.56 56.30
N VAL L 3589 -75.21 52.04 57.03
CA VAL L 3589 -74.27 53.00 56.46
C VAL L 3589 -73.53 52.39 55.28
N SER L 3590 -73.19 51.10 55.38
CA SER L 3590 -72.53 50.40 54.29
C SER L 3590 -73.40 50.41 53.03
N ALA L 3591 -74.68 50.07 53.17
CA ALA L 3591 -75.58 50.07 52.03
C ALA L 3591 -75.64 51.46 51.40
N VAL L 3592 -75.86 52.49 52.22
CA VAL L 3592 -76.02 53.85 51.70
C VAL L 3592 -74.80 54.29 50.93
N LEU L 3593 -73.62 54.25 51.57
CA LEU L 3593 -72.48 54.86 50.91
C LEU L 3593 -71.89 53.94 49.84
N TYR L 3594 -72.22 52.64 49.85
CA TYR L 3594 -71.78 51.78 48.77
C TYR L 3594 -72.55 52.10 47.49
N HIS L 3595 -73.87 52.22 47.59
CA HIS L 3595 -74.62 52.65 46.42
C HIS L 3595 -74.28 54.09 46.05
N LEU L 3596 -73.90 54.91 47.03
CA LEU L 3596 -73.48 56.27 46.75
C LEU L 3596 -72.20 56.29 45.92
N GLU L 3597 -71.19 55.51 46.32
CA GLU L 3597 -69.97 55.46 45.53
C GLU L 3597 -70.21 54.78 44.20
N GLN L 3598 -71.20 53.90 44.12
CA GLN L 3598 -71.59 53.35 42.82
C GLN L 3598 -72.09 54.45 41.90
N THR L 3599 -72.88 55.39 42.44
CA THR L 3599 -73.39 56.46 41.58
C THR L 3599 -72.30 57.48 41.25
N GLU L 3600 -71.34 57.70 42.15
CA GLU L 3600 -70.24 58.61 41.80
C GLU L 3600 -69.31 58.00 40.76
N HIS L 3601 -69.04 56.70 40.86
CA HIS L 3601 -68.17 55.99 39.93
C HIS L 3601 -68.94 54.81 39.35
N PRO L 3602 -69.79 55.06 38.34
CA PRO L 3602 -70.56 54.00 37.70
C PRO L 3602 -69.81 53.38 36.51
N THR L 3629 -83.77 57.47 -6.21
CA THR L 3629 -83.41 56.23 -5.52
C THR L 3629 -84.46 55.12 -5.70
N PRO L 3630 -85.76 55.41 -5.63
CA PRO L 3630 -86.75 54.40 -6.04
C PRO L 3630 -86.56 54.04 -7.51
N LEU L 3631 -86.82 52.78 -7.83
CA LEU L 3631 -86.61 52.33 -9.20
C LEU L 3631 -87.66 52.89 -10.16
N TYR L 3632 -88.78 53.38 -9.64
CA TYR L 3632 -89.86 53.84 -10.52
C TYR L 3632 -89.50 55.15 -11.20
N ASN L 3633 -88.80 56.04 -10.50
CA ASN L 3633 -88.47 57.33 -11.10
C ASN L 3633 -87.31 57.26 -12.09
N LEU L 3634 -86.64 56.11 -12.16
CA LEU L 3634 -85.61 55.91 -13.15
C LEU L 3634 -86.25 55.82 -14.55
N PRO L 3635 -85.51 56.21 -15.59
CA PRO L 3635 -86.05 56.08 -16.95
C PRO L 3635 -86.33 54.63 -17.30
N THR L 3636 -87.32 54.43 -18.17
CA THR L 3636 -87.75 53.08 -18.52
C THR L 3636 -86.65 52.30 -19.19
N HIS L 3637 -85.94 52.91 -20.14
CA HIS L 3637 -84.88 52.21 -20.84
C HIS L 3637 -83.74 51.84 -19.91
N ARG L 3638 -83.35 52.75 -19.01
CA ARG L 3638 -82.28 52.45 -18.08
C ARG L 3638 -82.70 51.36 -17.10
N ALA L 3639 -83.97 51.36 -16.68
CA ALA L 3639 -84.48 50.28 -15.86
C ALA L 3639 -84.39 48.95 -16.59
N CYS L 3640 -84.68 48.95 -17.90
CA CYS L 3640 -84.55 47.73 -18.68
C CYS L 3640 -83.09 47.28 -18.73
N ASN L 3641 -82.15 48.23 -18.81
CA ASN L 3641 -80.75 47.87 -18.80
C ASN L 3641 -80.34 47.20 -17.50
N MET L 3642 -80.79 47.75 -16.36
CA MET L 3642 -80.50 47.12 -15.08
C MET L 3642 -81.13 45.74 -15.00
N PHE L 3643 -82.36 45.60 -15.49
CA PHE L 3643 -83.02 44.30 -15.48
C PHE L 3643 -82.26 43.29 -16.32
N LEU L 3644 -81.81 43.68 -17.50
CA LEU L 3644 -81.08 42.77 -18.36
C LEU L 3644 -79.78 42.33 -17.72
N GLU L 3645 -79.04 43.29 -17.15
CA GLU L 3645 -77.75 42.96 -16.53
C GLU L 3645 -77.95 42.00 -15.37
N SER L 3646 -78.89 42.30 -14.48
CA SER L 3646 -79.04 41.46 -13.29
C SER L 3646 -79.66 40.12 -13.63
N TYR L 3647 -80.57 40.07 -14.61
CA TYR L 3647 -81.11 38.79 -15.07
C TYR L 3647 -80.02 37.92 -15.66
N LYS L 3648 -79.13 38.52 -16.46
CA LYS L 3648 -78.00 37.79 -17.01
C LYS L 3648 -77.12 37.23 -15.91
N ALA L 3649 -76.84 38.04 -14.88
CA ALA L 3649 -75.94 37.60 -13.82
C ALA L 3649 -76.59 36.63 -12.84
N ALA L 3650 -77.93 36.58 -12.78
CA ALA L 3650 -78.60 35.83 -11.73
C ALA L 3650 -79.33 34.58 -12.20
N TRP L 3651 -79.77 34.52 -13.46
CA TRP L 3651 -80.51 33.36 -13.93
C TRP L 3651 -79.75 32.56 -14.98
N ILE L 3652 -79.33 33.21 -16.08
CA ILE L 3652 -78.73 32.46 -17.17
C ILE L 3652 -77.36 31.94 -16.77
N LEU L 3653 -76.57 32.76 -16.08
CA LEU L 3653 -75.23 32.34 -15.65
C LEU L 3653 -75.30 31.15 -14.71
N THR L 3654 -76.23 31.17 -13.76
CA THR L 3654 -76.38 30.04 -12.86
C THR L 3654 -77.09 28.86 -13.49
N GLU L 3655 -77.73 29.05 -14.64
CA GLU L 3655 -78.44 27.98 -15.32
C GLU L 3655 -77.42 27.12 -16.03
N ASP L 3656 -76.89 26.12 -15.34
CA ASP L 3656 -75.89 25.26 -15.94
C ASP L 3656 -76.53 24.22 -16.86
N HIS L 3657 -75.74 23.72 -17.78
CA HIS L 3657 -76.22 22.75 -18.76
C HIS L 3657 -75.05 21.93 -19.25
N SER L 3658 -75.21 20.61 -19.27
CA SER L 3658 -74.15 19.72 -19.69
C SER L 3658 -74.40 19.29 -21.12
N PHE L 3659 -73.45 19.60 -21.99
CA PHE L 3659 -73.48 19.15 -23.37
C PHE L 3659 -72.15 18.62 -23.84
N GLU L 3660 -71.09 18.75 -23.03
CA GLU L 3660 -69.75 18.34 -23.47
C GLU L 3660 -69.70 16.84 -23.73
N ASP L 3661 -70.26 16.04 -22.83
CA ASP L 3661 -70.22 14.59 -23.02
C ASP L 3661 -71.01 14.18 -24.27
N ARG L 3662 -72.19 14.77 -24.46
CA ARG L 3662 -73.00 14.42 -25.63
C ARG L 3662 -72.29 14.82 -26.92
N MET L 3663 -71.70 16.01 -26.94
CA MET L 3663 -71.15 16.53 -28.18
C MET L 3663 -69.81 15.87 -28.51
N ILE L 3664 -69.00 15.54 -27.50
CA ILE L 3664 -67.79 14.77 -27.75
C ILE L 3664 -68.13 13.38 -28.23
N ASP L 3665 -69.17 12.76 -27.66
CA ASP L 3665 -69.58 11.45 -28.14
C ASP L 3665 -70.05 11.52 -29.59
N ASP L 3666 -70.83 12.54 -29.94
CA ASP L 3666 -71.32 12.66 -31.31
C ASP L 3666 -70.18 12.95 -32.29
N LEU L 3667 -69.16 13.69 -31.86
CA LEU L 3667 -68.02 13.90 -32.73
C LEU L 3667 -67.17 12.66 -32.84
N SER L 3668 -67.15 11.80 -31.82
CA SER L 3668 -66.31 10.62 -31.85
C SER L 3668 -66.92 9.49 -32.66
N LYS L 3669 -68.25 9.46 -32.83
CA LYS L 3669 -68.86 8.47 -33.70
C LYS L 3669 -68.37 8.66 -35.13
N ALA L 3670 -67.93 7.58 -35.75
CA ALA L 3670 -67.30 7.67 -37.08
C ALA L 3670 -68.30 7.69 -38.21
N GLY L 3671 -69.57 7.38 -37.96
CA GLY L 3671 -70.57 7.41 -39.01
C GLY L 3671 -70.69 6.10 -39.78
N GLU L 3672 -70.78 6.20 -41.10
CA GLU L 3672 -70.96 5.05 -41.96
C GLU L 3672 -69.73 4.73 -42.81
N GLN L 3673 -68.62 5.42 -42.55
CA GLN L 3673 -67.43 5.27 -43.40
C GLN L 3673 -66.88 3.85 -43.37
N GLU L 3674 -66.87 3.23 -42.18
CA GLU L 3674 -66.41 1.84 -42.09
C GLU L 3674 -67.39 0.89 -42.76
N GLU L 3675 -68.69 1.23 -42.74
CA GLU L 3675 -69.69 0.41 -43.42
C GLU L 3675 -69.46 0.43 -44.93
N GLU L 3676 -69.13 1.61 -45.49
CA GLU L 3676 -68.88 1.67 -46.93
C GLU L 3676 -67.54 1.02 -47.29
N GLU L 3677 -66.53 1.15 -46.43
CA GLU L 3677 -65.23 0.53 -46.69
C GLU L 3677 -64.72 -0.14 -45.42
N GLU L 3678 -65.13 -1.40 -45.21
CA GLU L 3678 -64.53 -2.21 -44.16
C GLU L 3678 -63.08 -2.55 -44.49
N GLU L 3679 -62.82 -2.97 -45.73
CA GLU L 3679 -61.51 -3.50 -46.13
C GLU L 3679 -60.44 -2.43 -46.30
N VAL L 3680 -60.80 -1.16 -46.25
CA VAL L 3680 -59.84 -0.07 -46.43
C VAL L 3680 -59.31 0.35 -45.06
N GLU L 3681 -58.00 0.27 -44.90
CA GLU L 3681 -57.35 0.75 -43.68
C GLU L 3681 -56.84 2.17 -43.88
N GLU L 3682 -56.35 2.76 -42.78
CA GLU L 3682 -55.98 4.18 -42.73
C GLU L 3682 -57.15 5.05 -43.18
N LYS L 3683 -58.31 4.79 -42.58
CA LYS L 3683 -59.54 5.46 -42.97
C LYS L 3683 -59.48 6.95 -42.62
N LYS L 3684 -60.47 7.68 -43.11
CA LYS L 3684 -60.55 9.10 -42.79
C LYS L 3684 -60.74 9.29 -41.30
N PRO L 3685 -60.17 10.33 -40.72
CA PRO L 3685 -60.34 10.56 -39.28
C PRO L 3685 -61.79 10.86 -38.92
N ASP L 3686 -62.12 10.55 -37.67
CA ASP L 3686 -63.43 10.90 -37.12
C ASP L 3686 -63.55 12.42 -37.06
N PRO L 3687 -64.77 12.95 -36.94
CA PRO L 3687 -64.92 14.41 -36.84
C PRO L 3687 -64.11 15.02 -35.71
N LEU L 3688 -64.08 14.37 -34.55
CA LEU L 3688 -63.27 14.85 -33.45
C LEU L 3688 -61.79 14.82 -33.81
N HIS L 3689 -61.36 13.77 -34.49
CA HIS L 3689 -59.97 13.68 -34.90
C HIS L 3689 -59.61 14.80 -35.85
N GLN L 3690 -60.50 15.12 -36.79
CA GLN L 3690 -60.22 16.22 -37.72
C GLN L 3690 -60.14 17.54 -36.96
N LEU L 3691 -61.00 17.72 -35.96
CA LEU L 3691 -60.98 18.95 -35.16
C LEU L 3691 -59.65 19.11 -34.43
N VAL L 3692 -59.20 18.05 -33.76
CA VAL L 3692 -57.93 18.10 -33.05
C VAL L 3692 -56.79 18.32 -34.03
N LEU L 3693 -56.86 17.69 -35.20
CA LEU L 3693 -55.83 17.90 -36.21
C LEU L 3693 -55.80 19.35 -36.67
N HIS L 3694 -56.95 19.99 -36.77
CA HIS L 3694 -56.99 21.39 -37.17
C HIS L 3694 -56.28 22.27 -36.14
N PHE L 3695 -56.56 22.03 -34.86
CA PHE L 3695 -55.91 22.81 -33.82
C PHE L 3695 -54.41 22.54 -33.79
N SER L 3696 -54.01 21.29 -34.04
CA SER L 3696 -52.59 20.97 -34.13
C SER L 3696 -51.95 21.72 -35.28
N ARG L 3697 -52.67 21.86 -36.40
CA ARG L 3697 -52.14 22.56 -37.56
C ARG L 3697 -51.92 24.04 -37.25
N THR L 3698 -52.91 24.68 -36.62
CA THR L 3698 -52.72 26.08 -36.23
C THR L 3698 -51.64 26.24 -35.18
N ALA L 3699 -51.43 25.21 -34.35
CA ALA L 3699 -50.37 25.27 -33.35
C ALA L 3699 -49.00 25.16 -34.00
N LEU L 3700 -48.85 24.27 -34.97
CA LEU L 3700 -47.56 24.03 -35.61
C LEU L 3700 -47.22 25.07 -36.67
N THR L 3701 -48.16 25.92 -37.06
CA THR L 3701 -47.82 26.98 -37.99
C THR L 3701 -46.82 27.94 -37.37
N GLU L 3702 -46.02 28.57 -38.22
CA GLU L 3702 -44.95 29.45 -37.77
C GLU L 3702 -45.50 30.86 -37.58
N LYS L 3703 -45.35 31.40 -36.38
CA LYS L 3703 -45.88 32.72 -36.07
C LYS L 3703 -45.16 33.27 -34.85
N SER L 3704 -45.09 34.59 -34.76
CA SER L 3704 -44.39 35.24 -33.65
C SER L 3704 -45.07 34.94 -32.32
N LYS L 3705 -46.39 34.97 -32.28
CA LYS L 3705 -47.14 34.69 -31.06
C LYS L 3705 -48.45 34.02 -31.42
N LEU L 3706 -49.02 33.32 -30.45
CA LEU L 3706 -50.27 32.62 -30.63
C LEU L 3706 -51.42 33.57 -30.31
N ASP L 3707 -52.13 34.01 -31.34
CA ASP L 3707 -53.25 34.93 -31.13
C ASP L 3707 -54.39 34.21 -30.42
N GLU L 3708 -55.03 34.93 -29.51
CA GLU L 3708 -56.13 34.33 -28.76
C GLU L 3708 -57.34 34.14 -29.66
N ASP L 3709 -57.96 32.96 -29.57
CA ASP L 3709 -59.20 32.73 -30.30
C ASP L 3709 -60.19 31.91 -29.47
N TYR L 3710 -61.44 32.37 -29.46
CA TYR L 3710 -62.46 31.74 -28.65
C TYR L 3710 -62.86 30.38 -29.19
N LEU L 3711 -62.57 30.10 -30.46
CA LEU L 3711 -62.88 28.79 -31.01
C LEU L 3711 -62.11 27.69 -30.29
N TYR L 3712 -60.79 27.83 -30.21
CA TYR L 3712 -60.02 26.84 -29.48
C TYR L 3712 -60.25 26.93 -27.99
N MET L 3713 -60.47 28.14 -27.46
CA MET L 3713 -60.78 28.23 -26.03
C MET L 3713 -62.01 27.40 -25.68
N ALA L 3714 -63.09 27.58 -26.44
CA ALA L 3714 -64.31 26.84 -26.16
C ALA L 3714 -64.11 25.34 -26.36
N TYR L 3715 -63.38 24.94 -27.39
CA TYR L 3715 -63.24 23.52 -27.66
C TYR L 3715 -62.34 22.83 -26.65
N ALA L 3716 -61.26 23.48 -26.23
CA ALA L 3716 -60.43 22.90 -25.18
C ALA L 3716 -61.19 22.82 -23.87
N ASP L 3717 -62.03 23.81 -23.58
CA ASP L 3717 -62.86 23.76 -22.39
C ASP L 3717 -63.82 22.57 -22.46
N ILE L 3718 -64.43 22.35 -23.63
CA ILE L 3718 -65.35 21.24 -23.79
C ILE L 3718 -64.62 19.91 -23.61
N MET L 3719 -63.45 19.78 -24.23
CA MET L 3719 -62.74 18.51 -24.18
C MET L 3719 -62.20 18.24 -22.78
N ALA L 3720 -61.95 19.27 -21.99
CA ALA L 3720 -61.57 19.04 -20.60
C ALA L 3720 -62.77 18.63 -19.76
N LYS L 3721 -63.92 19.28 -19.96
CA LYS L 3721 -65.09 18.92 -19.16
C LYS L 3721 -65.67 17.58 -19.56
N SER L 3722 -65.28 17.02 -20.70
CA SER L 3722 -65.71 15.67 -21.02
C SER L 3722 -65.02 14.65 -20.12
N CYS L 3723 -63.71 14.79 -19.92
CA CYS L 3723 -62.97 13.87 -19.06
C CYS L 3723 -63.22 14.12 -17.59
N HIS L 3724 -63.46 15.37 -17.20
CA HIS L 3724 -63.68 15.69 -15.79
C HIS L 3724 -64.97 15.10 -15.22
N LEU L 3725 -65.75 14.37 -16.01
CA LEU L 3725 -66.96 13.74 -15.48
C LEU L 3725 -66.59 12.76 -14.37
N GLU L 3726 -65.61 11.89 -14.62
CA GLU L 3726 -65.19 10.94 -13.61
C GLU L 3726 -64.23 11.54 -12.60
N GLU L 3727 -63.69 12.73 -12.86
CA GLU L 3727 -62.84 13.39 -11.87
C GLU L 3727 -63.65 13.81 -10.65
N GLY L 3728 -64.79 14.48 -10.89
CA GLY L 3728 -65.69 14.82 -9.79
C GLY L 3728 -66.61 13.70 -9.38
N GLY L 3729 -66.77 12.68 -10.22
CA GLY L 3729 -67.62 11.55 -9.91
C GLY L 3729 -68.80 11.41 -10.85
N GLU L 3730 -69.43 12.53 -11.18
CA GLU L 3730 -70.61 12.53 -12.04
C GLU L 3730 -70.25 12.21 -13.49
N GLU L 3737 -68.14 12.66 5.43
CA GLU L 3737 -69.17 12.74 4.39
C GLU L 3737 -68.81 11.85 3.20
N GLU L 3738 -67.51 11.67 2.98
CA GLU L 3738 -67.03 10.79 1.90
C GLU L 3738 -66.97 9.38 2.46
N VAL L 3739 -68.08 8.65 2.34
CA VAL L 3739 -68.19 7.29 2.85
C VAL L 3739 -67.30 6.36 2.05
N GLU L 3740 -67.08 5.15 2.55
CA GLU L 3740 -66.23 4.19 1.87
C GLU L 3740 -66.87 3.77 0.54
N VAL L 3741 -66.02 3.44 -0.42
CA VAL L 3741 -66.44 3.08 -1.76
C VAL L 3741 -65.96 1.66 -2.04
N SER L 3742 -66.81 0.87 -2.68
CA SER L 3742 -66.43 -0.49 -3.03
C SER L 3742 -65.23 -0.48 -3.96
N PHE L 3743 -64.36 -1.48 -3.81
CA PHE L 3743 -63.22 -1.60 -4.69
C PHE L 3743 -63.66 -1.76 -6.14
N GLU L 3744 -64.75 -2.50 -6.36
CA GLU L 3744 -65.31 -2.62 -7.69
C GLU L 3744 -65.72 -1.27 -8.24
N GLU L 3745 -66.39 -0.45 -7.44
CA GLU L 3745 -66.83 0.85 -7.89
C GLU L 3745 -65.65 1.77 -8.19
N LYS L 3746 -64.63 1.76 -7.33
CA LYS L 3746 -63.46 2.59 -7.54
C LYS L 3746 -62.73 2.20 -8.82
N GLU L 3747 -62.54 0.91 -9.04
CA GLU L 3747 -61.86 0.46 -10.25
C GLU L 3747 -62.67 0.77 -11.49
N MET L 3748 -63.99 0.66 -11.41
CA MET L 3748 -64.80 0.99 -12.58
C MET L 3748 -64.82 2.49 -12.85
N GLU L 3749 -64.70 3.32 -11.81
CA GLU L 3749 -64.53 4.74 -12.04
C GLU L 3749 -63.21 5.03 -12.74
N LYS L 3750 -62.14 4.35 -12.34
CA LYS L 3750 -60.89 4.49 -13.07
C LYS L 3750 -61.04 4.04 -14.52
N GLN L 3751 -61.83 2.99 -14.75
CA GLN L 3751 -62.05 2.53 -16.13
C GLN L 3751 -62.82 3.56 -16.95
N ARG L 3752 -63.85 4.18 -16.37
CA ARG L 3752 -64.58 5.21 -17.09
C ARG L 3752 -63.66 6.37 -17.43
N LEU L 3753 -62.84 6.80 -16.47
CA LEU L 3753 -61.93 7.90 -16.73
C LEU L 3753 -60.90 7.53 -17.79
N LEU L 3754 -60.41 6.30 -17.77
CA LEU L 3754 -59.46 5.86 -18.78
C LEU L 3754 -60.10 5.86 -20.17
N TYR L 3755 -61.37 5.45 -20.26
CA TYR L 3755 -62.04 5.48 -21.56
C TYR L 3755 -62.18 6.91 -22.05
N GLN L 3756 -62.67 7.81 -21.18
CA GLN L 3756 -62.88 9.18 -21.61
C GLN L 3756 -61.57 9.87 -21.96
N GLN L 3757 -60.47 9.46 -21.35
CA GLN L 3757 -59.18 10.00 -21.73
C GLN L 3757 -58.68 9.37 -23.03
N SER L 3758 -59.02 8.11 -23.29
CA SER L 3758 -58.64 7.48 -24.55
C SER L 3758 -59.37 8.13 -25.71
N ARG L 3759 -60.61 8.55 -25.50
CA ARG L 3759 -61.41 9.17 -26.55
C ARG L 3759 -60.72 10.39 -27.12
N LEU L 3760 -59.85 11.04 -26.35
CA LEU L 3760 -59.12 12.20 -26.83
C LEU L 3760 -57.66 11.91 -27.14
N HIS L 3761 -56.99 11.06 -26.37
CA HIS L 3761 -55.57 10.88 -26.62
C HIS L 3761 -55.28 9.87 -27.71
N THR L 3762 -56.27 9.11 -28.18
CA THR L 3762 -56.07 8.36 -29.41
C THR L 3762 -56.34 9.22 -30.64
N ARG L 3763 -56.67 10.49 -30.45
CA ARG L 3763 -57.02 11.39 -31.52
C ARG L 3763 -56.09 12.61 -31.55
N GLY L 3764 -54.89 12.50 -31.01
CA GLY L 3764 -53.89 13.53 -31.14
C GLY L 3764 -53.92 14.63 -30.11
N ALA L 3765 -54.81 14.57 -29.13
CA ALA L 3765 -54.88 15.62 -28.12
C ALA L 3765 -53.60 15.67 -27.29
N ALA L 3766 -53.01 14.51 -27.03
CA ALA L 3766 -51.80 14.44 -26.23
C ALA L 3766 -50.66 15.19 -26.91
N GLU L 3767 -50.58 15.12 -28.23
CA GLU L 3767 -49.59 15.92 -28.94
C GLU L 3767 -50.00 17.38 -29.04
N MET L 3768 -51.31 17.65 -29.17
CA MET L 3768 -51.73 19.02 -29.44
C MET L 3768 -51.49 19.92 -28.25
N VAL L 3769 -51.65 19.40 -27.02
CA VAL L 3769 -51.38 20.23 -25.85
C VAL L 3769 -49.91 20.59 -25.78
N LEU L 3770 -49.02 19.64 -26.10
CA LEU L 3770 -47.60 19.95 -26.14
C LEU L 3770 -47.31 21.01 -27.20
N GLN L 3771 -47.93 20.87 -28.37
CA GLN L 3771 -47.66 21.80 -29.45
C GLN L 3771 -48.09 23.22 -29.09
N MET L 3772 -49.24 23.36 -28.45
CA MET L 3772 -49.71 24.69 -28.11
C MET L 3772 -48.95 25.30 -26.94
N ILE L 3773 -48.52 24.48 -25.97
CA ILE L 3773 -47.65 25.01 -24.93
C ILE L 3773 -46.34 25.49 -25.52
N SER L 3774 -45.79 24.75 -26.47
CA SER L 3774 -44.57 25.21 -27.13
C SER L 3774 -44.82 26.44 -27.99
N ALA L 3775 -46.02 26.57 -28.55
CA ALA L 3775 -46.30 27.70 -29.43
C ALA L 3775 -46.51 29.00 -28.65
N CYS L 3776 -47.07 28.92 -27.45
CA CYS L 3776 -47.31 30.13 -26.69
C CYS L 3776 -46.01 30.81 -26.26
N LYS L 3777 -44.91 30.07 -26.20
CA LYS L 3777 -43.58 30.62 -25.91
C LYS L 3777 -43.56 31.39 -24.59
N GLY L 3778 -44.25 30.87 -23.59
CA GLY L 3778 -44.23 31.51 -22.29
C GLY L 3778 -45.05 32.77 -22.18
N GLU L 3779 -46.02 32.97 -23.05
CA GLU L 3779 -46.93 34.10 -22.97
C GLU L 3779 -48.11 33.70 -22.09
N THR L 3780 -48.16 34.24 -20.87
CA THR L 3780 -49.27 33.96 -19.99
C THR L 3780 -50.56 34.49 -20.59
N GLY L 3781 -51.60 33.67 -20.60
CA GLY L 3781 -52.86 34.09 -21.18
C GLY L 3781 -53.87 32.97 -21.10
N ALA L 3782 -55.07 33.27 -21.59
CA ALA L 3782 -56.14 32.28 -21.56
C ALA L 3782 -55.84 31.09 -22.45
N MET L 3783 -55.03 31.29 -23.49
CA MET L 3783 -54.65 30.18 -24.36
C MET L 3783 -53.83 29.13 -23.62
N VAL L 3784 -52.75 29.56 -22.96
CA VAL L 3784 -51.95 28.60 -22.22
C VAL L 3784 -52.72 28.07 -21.03
N SER L 3785 -53.64 28.87 -20.48
CA SER L 3785 -54.46 28.39 -19.38
C SER L 3785 -55.38 27.25 -19.82
N SER L 3786 -56.04 27.41 -20.96
CA SER L 3786 -56.93 26.36 -21.45
C SER L 3786 -56.14 25.13 -21.86
N THR L 3787 -54.97 25.32 -22.47
CA THR L 3787 -54.15 24.18 -22.83
C THR L 3787 -53.72 23.40 -21.60
N LEU L 3788 -53.29 24.10 -20.55
CA LEU L 3788 -52.88 23.41 -19.33
C LEU L 3788 -54.04 22.68 -18.68
N LYS L 3789 -55.22 23.29 -18.66
CA LYS L 3789 -56.37 22.61 -18.08
C LYS L 3789 -56.72 21.36 -18.87
N LEU L 3790 -56.64 21.42 -20.20
CA LEU L 3790 -56.89 20.23 -20.99
C LEU L 3790 -55.86 19.15 -20.71
N GLY L 3791 -54.58 19.53 -20.62
CA GLY L 3791 -53.55 18.55 -20.35
C GLY L 3791 -53.74 17.87 -19.02
N ILE L 3792 -54.16 18.62 -18.02
CA ILE L 3792 -54.49 18.02 -16.72
C ILE L 3792 -55.66 17.07 -16.87
N SER L 3793 -56.65 17.43 -17.68
CA SER L 3793 -57.80 16.55 -17.87
C SER L 3793 -57.40 15.23 -18.50
N ILE L 3794 -56.50 15.26 -19.48
CA ILE L 3794 -56.05 14.01 -20.10
C ILE L 3794 -55.19 13.21 -19.14
N LEU L 3795 -54.34 13.88 -18.37
CA LEU L 3795 -53.36 13.18 -17.55
C LEU L 3795 -53.86 12.87 -16.15
N ASN L 3796 -55.13 13.14 -15.85
CA ASN L 3796 -55.66 12.87 -14.51
C ASN L 3796 -55.52 11.40 -14.18
N GLY L 3797 -55.13 11.12 -12.93
CA GLY L 3797 -54.87 9.76 -12.53
C GLY L 3797 -53.53 9.22 -12.96
N GLY L 3798 -52.71 10.04 -13.62
CA GLY L 3798 -51.39 9.62 -14.03
C GLY L 3798 -51.39 8.44 -14.98
N ASN L 3799 -52.31 8.44 -15.95
CA ASN L 3799 -52.38 7.31 -16.87
C ASN L 3799 -51.15 7.28 -17.76
N ALA L 3800 -50.67 6.07 -18.04
CA ALA L 3800 -49.36 5.90 -18.63
C ALA L 3800 -49.37 6.05 -20.15
N GLU L 3801 -50.51 5.84 -20.81
CA GLU L 3801 -50.55 5.95 -22.25
C GLU L 3801 -50.25 7.37 -22.71
N VAL L 3802 -50.90 8.35 -22.09
CA VAL L 3802 -50.68 9.74 -22.47
C VAL L 3802 -49.26 10.19 -22.11
N GLN L 3803 -48.75 9.71 -20.99
CA GLN L 3803 -47.37 10.01 -20.64
C GLN L 3803 -46.41 9.47 -21.68
N GLN L 3804 -46.67 8.25 -22.16
CA GLN L 3804 -45.79 7.66 -23.16
C GLN L 3804 -45.89 8.42 -24.48
N LYS L 3805 -47.10 8.81 -24.87
CA LYS L 3805 -47.25 9.56 -26.13
C LYS L 3805 -46.56 10.91 -26.04
N MET L 3806 -46.69 11.60 -24.90
CA MET L 3806 -46.04 12.89 -24.72
C MET L 3806 -44.53 12.74 -24.77
N LEU L 3807 -43.99 11.73 -24.08
CA LEU L 3807 -42.56 11.54 -24.07
C LEU L 3807 -42.04 11.18 -25.46
N ASP L 3808 -42.74 10.31 -26.17
CA ASP L 3808 -42.32 9.94 -27.52
C ASP L 3808 -42.34 11.15 -28.45
N TYR L 3809 -43.38 11.98 -28.34
CA TYR L 3809 -43.44 13.16 -29.19
C TYR L 3809 -42.28 14.10 -28.92
N LEU L 3810 -41.99 14.38 -27.64
CA LEU L 3810 -40.89 15.29 -27.34
C LEU L 3810 -39.55 14.71 -27.77
N LYS L 3811 -39.32 13.43 -27.49
CA LYS L 3811 -38.03 12.83 -27.85
C LYS L 3811 -37.84 12.76 -29.35
N ASP L 3812 -38.93 12.63 -30.11
CA ASP L 3812 -38.78 12.51 -31.56
C ASP L 3812 -38.63 13.88 -32.22
N LYS L 3813 -39.50 14.82 -31.87
CA LYS L 3813 -39.40 16.15 -32.46
C LYS L 3813 -38.18 16.91 -31.96
N LYS L 3814 -37.57 16.49 -30.86
CA LYS L 3814 -36.32 17.06 -30.36
C LYS L 3814 -36.45 18.54 -30.03
N GLU L 3815 -37.66 19.06 -29.89
CA GLU L 3815 -37.86 20.49 -29.77
C GLU L 3815 -37.51 20.98 -28.38
N VAL L 3816 -37.07 22.23 -28.31
CA VAL L 3816 -36.79 22.89 -27.04
C VAL L 3816 -37.81 23.97 -26.71
N GLY L 3817 -38.73 24.26 -27.63
CA GLY L 3817 -39.71 25.30 -27.38
C GLY L 3817 -40.62 24.98 -26.21
N PHE L 3818 -40.97 23.71 -26.05
CA PHE L 3818 -41.89 23.32 -24.98
C PHE L 3818 -41.27 23.58 -23.62
N PHE L 3819 -40.04 23.15 -23.41
CA PHE L 3819 -39.44 23.30 -22.10
C PHE L 3819 -39.00 24.74 -21.84
N GLN L 3820 -38.59 25.47 -22.88
CA GLN L 3820 -38.33 26.88 -22.70
C GLN L 3820 -39.60 27.62 -22.32
N SER L 3821 -40.73 27.24 -22.91
CA SER L 3821 -42.00 27.85 -22.57
C SER L 3821 -42.38 27.56 -21.12
N ILE L 3822 -42.18 26.32 -20.68
CA ILE L 3822 -42.49 25.97 -19.29
C ILE L 3822 -41.63 26.79 -18.33
N GLN L 3823 -40.34 26.91 -18.62
CA GLN L 3823 -39.47 27.70 -17.77
C GLN L 3823 -39.92 29.16 -17.73
N ALA L 3824 -40.30 29.71 -18.88
CA ALA L 3824 -40.74 31.10 -18.92
C ALA L 3824 -42.00 31.31 -18.12
N LEU L 3825 -42.97 30.41 -18.27
CA LEU L 3825 -44.22 30.55 -17.51
C LEU L 3825 -43.97 30.47 -16.02
N MET L 3826 -43.11 29.54 -15.59
CA MET L 3826 -42.84 29.41 -14.17
C MET L 3826 -42.10 30.63 -13.63
N GLN L 3827 -41.28 31.27 -14.46
CA GLN L 3827 -40.64 32.51 -14.02
C GLN L 3827 -41.61 33.67 -13.96
N THR L 3828 -42.67 33.63 -14.77
CA THR L 3828 -43.67 34.68 -14.73
C THR L 3828 -44.80 34.39 -13.75
N CYS L 3829 -44.77 33.25 -13.06
CA CYS L 3829 -45.70 33.02 -11.97
C CYS L 3829 -45.43 34.00 -10.83
N SER L 3830 -46.48 34.42 -10.16
CA SER L 3830 -46.38 35.46 -9.14
C SER L 3830 -46.35 34.86 -7.74
N VAL L 3831 -45.97 35.70 -6.78
CA VAL L 3831 -45.84 35.31 -5.38
C VAL L 3831 -46.62 36.28 -4.52
N LEU L 3832 -46.50 36.16 -3.21
CA LEU L 3832 -47.17 37.08 -2.30
C LEU L 3832 -46.47 38.43 -2.33
N ASP L 3833 -47.19 39.49 -2.70
CA ASP L 3833 -46.56 40.77 -2.99
C ASP L 3833 -46.30 41.63 -1.75
N LEU L 3834 -47.31 41.76 -0.88
CA LEU L 3834 -47.29 42.56 0.34
C LEU L 3834 -47.34 44.06 0.07
N ASN L 3835 -47.20 44.47 -1.19
CA ASN L 3835 -47.45 45.84 -1.57
C ASN L 3835 -48.84 46.01 -2.19
N ALA L 3836 -49.17 45.15 -3.16
CA ALA L 3836 -50.53 45.09 -3.64
C ALA L 3836 -51.50 44.74 -2.54
N PHE L 3837 -51.03 44.08 -1.48
CA PHE L 3837 -51.90 43.81 -0.34
C PHE L 3837 -52.31 45.10 0.35
N GLU L 3838 -51.34 45.97 0.67
CA GLU L 3838 -51.67 47.23 1.31
C GLU L 3838 -52.53 48.09 0.40
N ARG L 3839 -52.20 48.11 -0.89
CA ARG L 3839 -52.99 48.92 -1.83
C ARG L 3839 -54.42 48.42 -1.91
N GLN L 3840 -54.61 47.10 -1.97
CA GLN L 3840 -55.95 46.54 -2.07
C GLN L 3840 -56.73 46.72 -0.77
N ASN L 3841 -56.04 46.62 0.37
CA ASN L 3841 -56.71 46.84 1.64
C ASN L 3841 -57.20 48.28 1.77
N LYS L 3842 -56.36 49.23 1.38
CA LYS L 3842 -56.79 50.62 1.44
C LYS L 3842 -57.89 50.90 0.43
N ALA L 3843 -57.82 50.28 -0.74
CA ALA L 3843 -58.85 50.47 -1.74
C ALA L 3843 -60.20 49.93 -1.28
N GLU L 3844 -60.20 48.75 -0.65
CA GLU L 3844 -61.45 48.20 -0.16
C GLU L 3844 -61.96 48.98 1.05
N GLY L 3845 -61.05 49.53 1.86
CA GLY L 3845 -61.49 50.38 2.96
C GLY L 3845 -62.00 51.73 2.51
N LEU L 3846 -61.66 52.14 1.29
CA LEU L 3846 -62.11 53.42 0.76
C LEU L 3846 -63.64 53.46 0.65
N GLY L 3847 -64.20 52.59 -0.19
CA GLY L 3847 -65.64 52.42 -0.27
C GLY L 3847 -66.44 53.63 -0.72
N MET L 3848 -66.01 54.29 -1.80
CA MET L 3848 -66.77 55.40 -2.35
C MET L 3848 -67.82 54.92 -3.35
N VAL L 3849 -68.71 55.84 -3.73
CA VAL L 3849 -69.79 55.56 -4.66
C VAL L 3849 -69.33 56.03 -6.04
N ASN L 3850 -69.17 55.10 -6.97
CA ASN L 3850 -68.82 55.41 -8.35
C ASN L 3850 -70.08 55.42 -9.21
N GLU L 3851 -69.89 55.45 -10.53
CA GLU L 3851 -71.01 55.28 -11.45
C GLU L 3851 -71.61 53.88 -11.33
N ASP L 3852 -70.81 52.89 -10.97
CA ASP L 3852 -71.30 51.52 -10.86
C ASP L 3852 -72.19 51.29 -9.65
N GLY L 3853 -72.28 52.25 -8.73
CA GLY L 3853 -73.12 52.14 -7.56
C GLY L 3853 -72.34 52.48 -6.31
N THR L 3854 -72.95 52.17 -5.16
CA THR L 3854 -72.29 52.42 -3.88
C THR L 3854 -71.04 51.55 -3.72
N VAL L 3855 -71.13 50.29 -4.11
CA VAL L 3855 -70.00 49.38 -4.03
C VAL L 3855 -69.24 49.44 -5.36
N ILE L 3856 -67.91 49.53 -5.28
CA ILE L 3856 -67.07 49.60 -6.47
C ILE L 3856 -66.90 48.19 -7.00
N ASN L 3857 -67.69 47.82 -8.00
CA ASN L 3857 -67.57 46.51 -8.63
C ASN L 3857 -66.45 46.45 -9.66
N ARG L 3858 -65.85 47.59 -10.01
CA ARG L 3858 -64.81 47.65 -11.01
C ARG L 3858 -63.41 47.68 -10.40
N GLN L 3859 -63.30 47.42 -9.11
CA GLN L 3859 -61.99 47.26 -8.49
C GLN L 3859 -61.29 46.03 -9.05
N ASN L 3860 -59.96 46.09 -9.08
CA ASN L 3860 -59.18 44.89 -9.35
C ASN L 3860 -59.43 43.90 -8.23
N GLY L 3861 -60.02 42.75 -8.57
CA GLY L 3861 -60.45 41.81 -7.56
C GLY L 3861 -59.33 41.32 -6.67
N GLU L 3862 -58.44 40.51 -7.23
CA GLU L 3862 -57.29 39.97 -6.50
C GLU L 3862 -56.03 40.47 -7.18
N LYS L 3863 -55.36 41.44 -6.56
CA LYS L 3863 -54.06 41.86 -7.05
C LYS L 3863 -52.91 41.23 -6.28
N VAL L 3864 -53.17 40.78 -5.06
CA VAL L 3864 -52.11 40.27 -4.20
C VAL L 3864 -51.59 38.93 -4.71
N MET L 3865 -52.49 38.03 -5.09
CA MET L 3865 -52.11 36.74 -5.66
C MET L 3865 -52.98 36.52 -6.89
N ALA L 3866 -52.52 37.01 -8.03
CA ALA L 3866 -53.19 36.76 -9.28
C ALA L 3866 -52.57 35.54 -9.96
N ASP L 3867 -53.35 34.91 -10.82
CA ASP L 3867 -52.94 33.69 -11.52
C ASP L 3867 -52.55 32.58 -10.55
N ASP L 3868 -53.17 32.58 -9.36
CA ASP L 3868 -52.96 31.47 -8.44
C ASP L 3868 -53.49 30.19 -9.03
N GLU L 3869 -54.65 30.26 -9.67
CA GLU L 3869 -55.23 29.08 -10.29
C GLU L 3869 -54.40 28.65 -11.49
N PHE L 3870 -53.79 29.61 -12.20
CA PHE L 3870 -52.86 29.26 -13.27
C PHE L 3870 -51.63 28.53 -12.75
N THR L 3871 -51.02 29.04 -11.68
CA THR L 3871 -49.78 28.39 -11.23
C THR L 3871 -50.05 27.05 -10.57
N GLN L 3872 -51.21 26.91 -9.91
CA GLN L 3872 -51.61 25.59 -9.45
C GLN L 3872 -51.78 24.63 -10.61
N ASP L 3873 -52.39 25.09 -11.71
CA ASP L 3873 -52.56 24.21 -12.86
C ASP L 3873 -51.22 23.90 -13.53
N LEU L 3874 -50.29 24.84 -13.53
CA LEU L 3874 -49.00 24.59 -14.15
C LEU L 3874 -48.23 23.53 -13.39
N PHE L 3875 -48.16 23.64 -12.07
CA PHE L 3875 -47.42 22.63 -11.32
C PHE L 3875 -48.20 21.33 -11.22
N ARG L 3876 -49.53 21.38 -11.31
CA ARG L 3876 -50.30 20.15 -11.41
C ARG L 3876 -49.96 19.41 -12.70
N PHE L 3877 -49.80 20.15 -13.80
CA PHE L 3877 -49.43 19.53 -15.06
C PHE L 3877 -48.05 18.90 -14.97
N LEU L 3878 -47.09 19.63 -14.40
CA LEU L 3878 -45.75 19.05 -14.26
C LEU L 3878 -45.74 17.86 -13.33
N GLN L 3879 -46.63 17.83 -12.34
CA GLN L 3879 -46.73 16.65 -11.49
C GLN L 3879 -47.29 15.47 -12.27
N LEU L 3880 -48.38 15.69 -13.00
CA LEU L 3880 -49.03 14.61 -13.71
C LEU L 3880 -48.17 14.06 -14.83
N LEU L 3881 -47.17 14.81 -15.29
CA LEU L 3881 -46.23 14.23 -16.23
C LEU L 3881 -45.47 13.07 -15.60
N CYS L 3882 -45.03 13.23 -14.35
CA CYS L 3882 -44.24 12.21 -13.68
C CYS L 3882 -45.04 11.36 -12.72
N GLU L 3883 -46.36 11.49 -12.68
CA GLU L 3883 -47.13 10.66 -11.78
C GLU L 3883 -47.06 9.20 -12.20
N GLY L 3884 -47.31 8.32 -11.24
CA GLY L 3884 -47.13 6.91 -11.48
C GLY L 3884 -45.70 6.46 -11.49
N HIS L 3885 -44.76 7.29 -11.04
CA HIS L 3885 -43.34 6.97 -10.98
C HIS L 3885 -42.81 6.60 -12.38
N ASN L 3886 -42.94 7.55 -13.29
CA ASN L 3886 -42.52 7.35 -14.68
C ASN L 3886 -41.07 7.84 -14.78
N ASN L 3887 -40.13 6.93 -14.56
CA ASN L 3887 -38.73 7.31 -14.42
C ASN L 3887 -38.19 7.95 -15.68
N ASP L 3888 -38.70 7.55 -16.85
CA ASP L 3888 -38.24 8.15 -18.10
C ASP L 3888 -38.58 9.62 -18.16
N PHE L 3889 -39.81 9.98 -17.83
CA PHE L 3889 -40.19 11.39 -17.85
C PHE L 3889 -39.50 12.17 -16.73
N GLN L 3890 -39.24 11.52 -15.60
CA GLN L 3890 -38.54 12.19 -14.52
C GLN L 3890 -37.13 12.57 -14.95
N ASN L 3891 -36.42 11.63 -15.56
CA ASN L 3891 -35.09 11.93 -16.08
C ASN L 3891 -35.16 12.96 -17.20
N TYR L 3892 -36.21 12.91 -18.01
CA TYR L 3892 -36.36 13.88 -19.07
C TYR L 3892 -36.51 15.29 -18.51
N LEU L 3893 -37.29 15.43 -17.44
CA LEU L 3893 -37.44 16.74 -16.81
C LEU L 3893 -36.12 17.24 -16.25
N ARG L 3894 -35.31 16.35 -15.70
CA ARG L 3894 -34.02 16.80 -15.18
C ARG L 3894 -33.10 17.25 -16.29
N THR L 3895 -32.76 16.35 -17.21
CA THR L 3895 -31.96 16.69 -18.38
C THR L 3895 -32.56 16.05 -19.60
N GLN L 3896 -32.66 16.81 -20.68
CA GLN L 3896 -33.20 16.34 -21.95
C GLN L 3896 -32.03 16.10 -22.90
N THR L 3897 -31.45 14.90 -22.81
CA THR L 3897 -30.41 14.53 -23.75
C THR L 3897 -31.01 14.31 -25.13
N GLY L 3898 -30.26 14.69 -26.16
CA GLY L 3898 -30.78 14.66 -27.52
C GLY L 3898 -31.03 16.05 -28.04
N ASN L 3899 -31.59 16.92 -27.21
CA ASN L 3899 -31.75 18.30 -27.60
C ASN L 3899 -30.44 19.05 -27.47
N THR L 3900 -30.38 20.21 -28.12
CA THR L 3900 -29.18 21.03 -28.05
C THR L 3900 -29.06 21.75 -26.71
N THR L 3901 -30.18 22.10 -26.09
CA THR L 3901 -30.19 22.87 -24.85
C THR L 3901 -31.02 22.14 -23.81
N THR L 3902 -30.55 22.14 -22.57
CA THR L 3902 -31.20 21.45 -21.48
C THR L 3902 -31.69 22.45 -20.45
N ILE L 3903 -32.94 22.30 -20.02
CA ILE L 3903 -33.55 23.15 -19.00
C ILE L 3903 -33.94 22.26 -17.84
N ASN L 3904 -33.34 22.50 -16.67
CA ASN L 3904 -33.56 21.64 -15.51
C ASN L 3904 -34.83 22.12 -14.81
N ILE L 3905 -35.96 21.52 -15.16
CA ILE L 3905 -37.25 21.92 -14.59
C ILE L 3905 -37.29 21.69 -13.10
N ILE L 3906 -36.59 20.67 -12.61
CA ILE L 3906 -36.58 20.40 -11.18
C ILE L 3906 -35.96 21.57 -10.42
N ILE L 3907 -34.80 22.02 -10.89
CA ILE L 3907 -34.13 23.14 -10.24
C ILE L 3907 -34.95 24.42 -10.38
N CYS L 3908 -35.58 24.62 -11.53
CA CYS L 3908 -36.43 25.79 -11.70
C CYS L 3908 -37.62 25.76 -10.74
N THR L 3909 -38.20 24.57 -10.51
CA THR L 3909 -39.29 24.46 -9.54
C THR L 3909 -38.79 24.81 -8.15
N VAL L 3910 -37.58 24.35 -7.80
CA VAL L 3910 -37.02 24.69 -6.51
C VAL L 3910 -36.86 26.20 -6.37
N ASP L 3911 -36.44 26.86 -7.45
CA ASP L 3911 -36.28 28.31 -7.40
C ASP L 3911 -37.61 29.01 -7.17
N TYR L 3912 -38.67 28.56 -7.84
CA TYR L 3912 -39.97 29.16 -7.57
C TYR L 3912 -40.39 28.91 -6.13
N LEU L 3913 -40.09 27.73 -5.60
CA LEU L 3913 -40.42 27.46 -4.21
C LEU L 3913 -39.68 28.40 -3.27
N LEU L 3914 -38.41 28.69 -3.58
CA LEU L 3914 -37.64 29.60 -2.75
C LEU L 3914 -38.27 30.99 -2.77
N ARG L 3915 -38.71 31.45 -3.93
CA ARG L 3915 -39.37 32.74 -4.01
C ARG L 3915 -40.65 32.75 -3.18
N LEU L 3916 -41.44 31.68 -3.28
CA LEU L 3916 -42.68 31.62 -2.50
C LEU L 3916 -42.39 31.60 -1.01
N GLN L 3917 -41.32 30.91 -0.61
CA GLN L 3917 -40.97 30.86 0.81
C GLN L 3917 -40.61 32.24 1.33
N GLU L 3918 -39.82 33.00 0.56
CA GLU L 3918 -39.48 34.35 0.99
C GLU L 3918 -40.71 35.23 1.08
N SER L 3919 -41.64 35.09 0.13
CA SER L 3919 -42.83 35.92 0.18
C SER L 3919 -43.72 35.57 1.38
N ILE L 3920 -43.81 34.28 1.70
CA ILE L 3920 -44.60 33.90 2.88
C ILE L 3920 -43.94 34.40 4.16
N SER L 3921 -42.61 34.33 4.23
CA SER L 3921 -41.91 34.87 5.39
C SER L 3921 -42.17 36.36 5.55
N ASP L 3922 -42.11 37.10 4.45
CA ASP L 3922 -42.40 38.54 4.52
C ASP L 3922 -43.82 38.79 4.97
N PHE L 3923 -44.77 38.00 4.49
CA PHE L 3923 -46.15 38.17 4.93
C PHE L 3923 -46.28 37.90 6.42
N TYR L 3924 -45.60 36.87 6.91
CA TYR L 3924 -45.65 36.58 8.34
C TYR L 3924 -45.04 37.72 9.15
N TRP L 3925 -43.95 38.30 8.68
CA TRP L 3925 -43.40 39.46 9.38
C TRP L 3925 -44.38 40.61 9.38
N TYR L 3926 -45.13 40.78 8.29
CA TYR L 3926 -46.11 41.85 8.25
C TYR L 3926 -47.16 41.66 9.32
N TYR L 3927 -47.58 40.43 9.58
CA TYR L 3927 -48.55 40.17 10.63
C TYR L 3927 -47.91 39.81 11.96
N SER L 3928 -46.59 39.88 12.08
CA SER L 3928 -45.93 39.44 13.30
C SER L 3928 -46.34 40.28 14.50
N GLY L 3929 -46.48 41.59 14.31
CA GLY L 3929 -46.88 42.44 15.43
C GLY L 3929 -48.36 42.41 15.71
N LYS L 3930 -49.18 42.18 14.69
CA LYS L 3930 -50.62 42.20 14.88
C LYS L 3930 -51.07 41.04 15.76
N ASP L 3931 -52.06 41.31 16.60
CA ASP L 3931 -52.58 40.27 17.49
C ASP L 3931 -53.40 39.23 16.73
N VAL L 3932 -54.28 39.68 15.84
CA VAL L 3932 -55.22 38.81 15.14
C VAL L 3932 -55.15 39.10 13.65
N ILE L 3933 -54.96 38.06 12.86
CA ILE L 3933 -54.96 38.20 11.40
C ILE L 3933 -56.39 38.37 10.93
N GLU L 3934 -56.65 39.42 10.16
CA GLU L 3934 -58.00 39.72 9.70
C GLU L 3934 -58.36 38.83 8.52
N GLU L 3935 -59.57 39.04 8.00
CA GLU L 3935 -60.15 38.09 7.05
C GLU L 3935 -59.38 38.09 5.73
N GLN L 3936 -58.95 39.26 5.26
CA GLN L 3936 -58.18 39.32 4.02
C GLN L 3936 -56.84 38.63 4.19
N GLY L 3937 -56.19 38.82 5.34
CA GLY L 3937 -54.94 38.13 5.59
C GLY L 3937 -55.10 36.62 5.62
N LYS L 3938 -56.18 36.14 6.22
CA LYS L 3938 -56.45 34.71 6.23
C LYS L 3938 -56.66 34.18 4.81
N ARG L 3939 -57.41 34.91 3.98
CA ARG L 3939 -57.62 34.46 2.60
C ARG L 3939 -56.31 34.42 1.84
N ASN L 3940 -55.45 35.42 2.04
CA ASN L 3940 -54.21 35.47 1.28
C ASN L 3940 -53.24 34.37 1.73
N PHE L 3941 -53.21 34.08 3.03
CA PHE L 3941 -52.44 32.93 3.47
C PHE L 3941 -52.99 31.64 2.90
N SER L 3942 -54.32 31.53 2.78
CA SER L 3942 -54.90 30.34 2.19
C SER L 3942 -54.44 30.15 0.74
N LYS L 3943 -54.45 31.23 -0.04
CA LYS L 3943 -53.99 31.14 -1.42
C LYS L 3943 -52.54 30.72 -1.49
N ALA L 3944 -51.67 31.41 -0.75
CA ALA L 3944 -50.24 31.13 -0.82
C ALA L 3944 -49.93 29.73 -0.33
N MET L 3945 -50.59 29.29 0.74
CA MET L 3945 -50.31 27.98 1.30
C MET L 3945 -50.84 26.88 0.40
N SER L 3946 -51.98 27.08 -0.26
CA SER L 3946 -52.46 26.08 -1.21
C SER L 3946 -51.51 25.95 -2.40
N VAL L 3947 -51.00 27.07 -2.91
CA VAL L 3947 -50.03 27.00 -4.00
C VAL L 3947 -48.76 26.32 -3.53
N ALA L 3948 -48.33 26.59 -2.30
CA ALA L 3948 -47.16 25.91 -1.77
C ALA L 3948 -47.41 24.42 -1.60
N LYS L 3949 -48.63 24.03 -1.25
CA LYS L 3949 -48.97 22.62 -1.19
C LYS L 3949 -48.85 21.94 -2.55
N GLN L 3950 -49.33 22.62 -3.59
CA GLN L 3950 -49.22 22.04 -4.93
C GLN L 3950 -47.76 21.95 -5.39
N VAL L 3951 -46.97 22.98 -5.10
CA VAL L 3951 -45.55 22.94 -5.46
C VAL L 3951 -44.85 21.82 -4.72
N PHE L 3952 -45.17 21.64 -3.44
CA PHE L 3952 -44.56 20.57 -2.67
C PHE L 3952 -44.94 19.20 -3.21
N ASN L 3953 -46.21 19.03 -3.60
CA ASN L 3953 -46.63 17.76 -4.16
C ASN L 3953 -45.90 17.45 -5.45
N SER L 3954 -45.72 18.45 -6.31
CA SER L 3954 -45.01 18.20 -7.57
C SER L 3954 -43.54 17.91 -7.33
N LEU L 3955 -42.91 18.62 -6.38
CA LEU L 3955 -41.53 18.30 -6.03
C LEU L 3955 -41.41 16.89 -5.47
N THR L 3956 -42.39 16.47 -4.68
CA THR L 3956 -42.40 15.09 -4.20
C THR L 3956 -42.53 14.11 -5.36
N GLU L 3957 -43.41 14.41 -6.32
CA GLU L 3957 -43.62 13.49 -7.42
C GLU L 3957 -42.42 13.40 -8.34
N TYR L 3958 -41.55 14.41 -8.34
CA TYR L 3958 -40.32 14.30 -9.12
C TYR L 3958 -39.35 13.27 -8.58
N ILE L 3959 -39.51 12.86 -7.31
CA ILE L 3959 -38.54 11.98 -6.67
C ILE L 3959 -39.17 10.80 -5.95
N GLN L 3960 -40.49 10.62 -6.02
CA GLN L 3960 -41.11 9.53 -5.27
C GLN L 3960 -40.63 8.18 -5.76
N GLY L 3961 -40.67 7.96 -7.07
CA GLY L 3961 -39.93 6.86 -7.64
C GLY L 3961 -38.47 7.13 -7.32
N PRO L 3962 -37.72 6.12 -6.93
CA PRO L 3962 -36.33 6.33 -6.53
C PRO L 3962 -35.43 6.66 -7.71
N CYS L 3963 -35.53 7.88 -8.22
CA CYS L 3963 -34.68 8.34 -9.31
C CYS L 3963 -33.48 9.04 -8.68
N THR L 3964 -32.35 8.35 -8.70
CA THR L 3964 -31.17 8.87 -8.03
C THR L 3964 -30.73 10.20 -8.63
N GLY L 3965 -30.98 10.40 -9.93
CA GLY L 3965 -30.60 11.66 -10.55
C GLY L 3965 -31.31 12.85 -9.94
N ASN L 3966 -32.64 12.75 -9.81
CA ASN L 3966 -33.37 13.88 -9.22
C ASN L 3966 -33.13 14.00 -7.73
N GLN L 3967 -32.91 12.88 -7.04
CA GLN L 3967 -32.58 12.98 -5.62
C GLN L 3967 -31.27 13.73 -5.42
N GLN L 3968 -30.24 13.42 -6.21
CA GLN L 3968 -28.98 14.15 -6.11
C GLN L 3968 -29.15 15.61 -6.53
N SER L 3969 -29.95 15.85 -7.57
CA SER L 3969 -30.13 17.23 -8.03
C SER L 3969 -30.80 18.08 -6.96
N LEU L 3970 -31.81 17.54 -6.29
CA LEU L 3970 -32.44 18.29 -5.21
C LEU L 3970 -31.54 18.42 -3.99
N ALA L 3971 -30.71 17.40 -3.74
CA ALA L 3971 -29.77 17.50 -2.63
C ALA L 3971 -28.77 18.63 -2.84
N HIS L 3972 -28.29 18.78 -4.08
CA HIS L 3972 -27.34 19.84 -4.38
C HIS L 3972 -27.99 21.18 -4.72
N SER L 3973 -29.32 21.22 -4.85
CA SER L 3973 -29.99 22.46 -5.21
C SER L 3973 -30.14 23.34 -3.99
N ARG L 3974 -30.90 24.43 -4.12
CA ARG L 3974 -31.19 25.34 -3.02
C ARG L 3974 -32.42 24.94 -2.23
N LEU L 3975 -32.78 23.65 -2.25
CA LEU L 3975 -33.97 23.22 -1.54
C LEU L 3975 -33.85 23.39 -0.04
N TRP L 3976 -32.64 23.20 0.50
CA TRP L 3976 -32.46 23.22 1.94
C TRP L 3976 -32.78 24.59 2.51
N ASP L 3977 -32.41 25.65 1.79
CA ASP L 3977 -32.73 27.00 2.25
C ASP L 3977 -34.23 27.22 2.30
N ALA L 3978 -34.95 26.73 1.28
CA ALA L 3978 -36.40 26.86 1.28
C ALA L 3978 -37.03 26.10 2.43
N VAL L 3979 -36.51 24.91 2.72
CA VAL L 3979 -37.05 24.12 3.82
C VAL L 3979 -36.80 24.80 5.15
N VAL L 3980 -35.60 25.36 5.34
CA VAL L 3980 -35.30 26.05 6.59
C VAL L 3980 -36.21 27.26 6.78
N GLY L 3981 -36.41 28.03 5.71
CA GLY L 3981 -37.33 29.14 5.80
C GLY L 3981 -38.75 28.72 6.15
N PHE L 3982 -39.23 27.66 5.50
CA PHE L 3982 -40.58 27.18 5.79
C PHE L 3982 -40.68 26.68 7.23
N LEU L 3983 -39.62 26.04 7.73
CA LEU L 3983 -39.65 25.58 9.11
C LEU L 3983 -39.77 26.75 10.07
N HIS L 3984 -39.06 27.84 9.80
CA HIS L 3984 -39.18 29.01 10.66
C HIS L 3984 -40.60 29.59 10.60
N VAL L 3985 -41.14 29.69 9.39
CA VAL L 3985 -42.48 30.25 9.23
C VAL L 3985 -43.50 29.43 10.00
N PHE L 3986 -43.41 28.10 9.90
CA PHE L 3986 -44.37 27.27 10.62
C PHE L 3986 -44.12 27.33 12.12
N ALA L 3987 -42.86 27.33 12.54
CA ALA L 3987 -42.56 27.32 13.97
C ALA L 3987 -43.12 28.54 14.67
N HIS L 3988 -43.22 29.67 13.98
CA HIS L 3988 -43.83 30.84 14.61
C HIS L 3988 -45.31 30.96 14.31
N MET L 3989 -45.74 30.57 13.10
CA MET L 3989 -47.12 30.75 12.72
C MET L 3989 -48.04 29.81 13.48
N MET L 3990 -47.54 28.62 13.85
CA MET L 3990 -48.35 27.69 14.64
C MET L 3990 -48.73 28.30 15.98
N MET L 3991 -47.76 28.85 16.70
CA MET L 3991 -48.07 29.50 17.97
C MET L 3991 -48.96 30.70 17.75
N LYS L 3992 -48.68 31.49 16.72
CA LYS L 3992 -49.44 32.72 16.49
C LYS L 3992 -50.92 32.41 16.25
N LEU L 3993 -51.22 31.33 15.53
CA LEU L 3993 -52.61 30.96 15.34
C LEU L 3993 -53.18 30.19 16.52
N ALA L 3994 -52.36 29.42 17.23
CA ALA L 3994 -52.88 28.64 18.35
C ALA L 3994 -53.30 29.52 19.50
N GLN L 3995 -52.82 30.76 19.56
CA GLN L 3995 -53.26 31.67 20.60
C GLN L 3995 -54.64 32.28 20.33
N ASP L 3996 -55.41 31.71 19.40
CA ASP L 3996 -56.73 32.25 19.08
C ASP L 3996 -57.57 31.13 18.50
N SER L 3997 -58.89 31.23 18.69
CA SER L 3997 -59.80 30.18 18.24
C SER L 3997 -60.36 30.43 16.85
N SER L 3998 -60.56 31.68 16.46
CA SER L 3998 -61.18 31.99 15.17
C SER L 3998 -60.29 31.67 13.99
N GLN L 3999 -59.02 31.34 14.21
CA GLN L 3999 -58.08 31.03 13.14
C GLN L 3999 -57.83 29.55 13.01
N ILE L 4000 -58.74 28.72 13.52
CA ILE L 4000 -58.49 27.28 13.55
C ILE L 4000 -58.45 26.70 12.16
N GLU L 4001 -59.23 27.23 11.22
CA GLU L 4001 -59.19 26.71 9.86
C GLU L 4001 -57.85 27.01 9.19
N LEU L 4002 -57.34 28.23 9.39
CA LEU L 4002 -56.02 28.56 8.87
C LEU L 4002 -54.95 27.68 9.50
N LEU L 4003 -55.09 27.36 10.79
CA LEU L 4003 -54.10 26.50 11.42
C LEU L 4003 -54.15 25.09 10.85
N LYS L 4004 -55.35 24.56 10.59
CA LYS L 4004 -55.45 23.24 9.98
C LYS L 4004 -54.78 23.21 8.62
N GLU L 4005 -55.02 24.23 7.80
CA GLU L 4005 -54.39 24.28 6.48
C GLU L 4005 -52.87 24.41 6.61
N LEU L 4006 -52.41 25.18 7.59
CA LEU L 4006 -50.98 25.33 7.83
C LEU L 4006 -50.34 23.99 8.18
N LEU L 4007 -50.97 23.24 9.07
CA LEU L 4007 -50.43 21.94 9.45
C LEU L 4007 -50.42 20.98 8.28
N ASP L 4008 -51.45 21.05 7.43
CA ASP L 4008 -51.47 20.20 6.24
C ASP L 4008 -50.28 20.50 5.33
N LEU L 4009 -49.98 21.79 5.14
CA LEU L 4009 -48.82 22.15 4.32
C LEU L 4009 -47.53 21.63 4.94
N GLN L 4010 -47.40 21.72 6.26
CA GLN L 4010 -46.21 21.20 6.93
C GLN L 4010 -46.09 19.70 6.74
N LYS L 4011 -47.22 18.99 6.76
CA LYS L 4011 -47.20 17.56 6.49
C LYS L 4011 -46.67 17.27 5.10
N ASP L 4012 -47.09 18.06 4.12
CA ASP L 4012 -46.61 17.84 2.75
C ASP L 4012 -45.12 18.09 2.63
N MET L 4013 -44.59 19.08 3.36
CA MET L 4013 -43.14 19.24 3.37
C MET L 4013 -42.45 18.00 3.92
N VAL L 4014 -42.97 17.45 5.02
CA VAL L 4014 -42.33 16.30 5.62
C VAL L 4014 -42.40 15.10 4.68
N VAL L 4015 -43.50 14.96 3.94
CA VAL L 4015 -43.61 13.88 2.97
C VAL L 4015 -42.56 14.03 1.88
N MET L 4016 -42.32 15.27 1.44
CA MET L 4016 -41.27 15.49 0.45
C MET L 4016 -39.90 15.11 1.00
N LEU L 4017 -39.65 15.44 2.27
CA LEU L 4017 -38.38 15.05 2.89
C LEU L 4017 -38.21 13.54 2.94
N LEU L 4018 -39.29 12.83 3.27
CA LEU L 4018 -39.24 11.38 3.28
C LEU L 4018 -38.95 10.83 1.90
N SER L 4019 -39.53 11.44 0.87
CA SER L 4019 -39.28 11.00 -0.49
C SER L 4019 -37.82 11.22 -0.88
N LEU L 4020 -37.22 12.31 -0.42
CA LEU L 4020 -35.78 12.48 -0.59
C LEU L 4020 -35.03 11.35 0.12
N LEU L 4021 -35.55 10.91 1.26
CA LEU L 4021 -34.88 9.91 2.06
C LEU L 4021 -35.08 8.49 1.54
N GLU L 4022 -35.92 8.30 0.51
CA GLU L 4022 -36.12 6.97 -0.05
C GLU L 4022 -34.82 6.41 -0.61
N GLY L 4023 -34.66 5.10 -0.48
CA GLY L 4023 -33.50 4.42 -1.04
C GLY L 4023 -32.19 4.89 -0.48
N ASN L 4024 -32.12 5.05 0.84
CA ASN L 4024 -30.96 5.65 1.48
C ASN L 4024 -30.11 4.57 2.13
N VAL L 4025 -28.81 4.61 1.84
CA VAL L 4025 -27.87 3.75 2.55
C VAL L 4025 -27.57 4.34 3.92
N VAL L 4026 -26.99 3.52 4.79
CA VAL L 4026 -26.60 4.00 6.10
C VAL L 4026 -25.49 5.02 5.94
N ASN L 4027 -25.62 6.15 6.65
CA ASN L 4027 -24.70 7.28 6.54
C ASN L 4027 -24.63 7.79 5.11
N GLY L 4028 -25.78 7.78 4.43
CA GLY L 4028 -25.85 8.38 3.13
C GLY L 4028 -25.73 9.89 3.20
N MET L 4029 -25.22 10.48 2.12
CA MET L 4029 -24.96 11.92 2.15
C MET L 4029 -26.24 12.72 2.24
N ILE L 4030 -27.34 12.20 1.70
CA ILE L 4030 -28.62 12.90 1.82
C ILE L 4030 -29.08 12.92 3.27
N ALA L 4031 -28.93 11.80 3.97
CA ALA L 4031 -29.29 11.76 5.39
C ALA L 4031 -28.42 12.72 6.19
N ARG L 4032 -27.11 12.74 5.92
CA ARG L 4032 -26.25 13.67 6.64
C ARG L 4032 -26.62 15.11 6.34
N GLN L 4033 -26.95 15.43 5.10
CA GLN L 4033 -27.34 16.78 4.75
C GLN L 4033 -28.64 17.17 5.45
N MET L 4034 -29.59 16.23 5.54
CA MET L 4034 -30.84 16.55 6.22
C MET L 4034 -30.60 16.79 7.71
N VAL L 4035 -29.68 16.05 8.32
CA VAL L 4035 -29.34 16.30 9.71
C VAL L 4035 -28.70 17.67 9.86
N ASP L 4036 -27.81 18.04 8.93
CA ASP L 4036 -27.19 19.36 8.97
C ASP L 4036 -28.23 20.46 8.85
N MET L 4037 -29.20 20.26 7.97
CA MET L 4037 -30.30 21.22 7.83
C MET L 4037 -31.09 21.34 9.14
N LEU L 4038 -31.39 20.21 9.77
CA LEU L 4038 -32.17 20.24 11.01
C LEU L 4038 -31.42 20.98 12.09
N VAL L 4039 -30.12 20.70 12.24
CA VAL L 4039 -29.35 21.37 13.28
C VAL L 4039 -29.01 22.81 12.92
N GLU L 4040 -29.19 23.20 11.66
CA GLU L 4040 -29.06 24.61 11.33
C GLU L 4040 -30.36 25.35 11.60
N SER L 4041 -31.48 24.65 11.57
CA SER L 4041 -32.77 25.19 11.97
C SER L 4041 -33.21 24.63 13.33
N SER L 4042 -32.24 24.42 14.23
CA SER L 4042 -32.51 23.79 15.53
C SER L 4042 -33.64 24.47 16.29
N SER L 4043 -33.60 25.80 16.40
CA SER L 4043 -34.57 26.50 17.24
C SER L 4043 -36.00 26.30 16.72
N ASN L 4044 -36.18 26.39 15.41
CA ASN L 4044 -37.50 26.23 14.82
C ASN L 4044 -38.04 24.82 15.06
N VAL L 4045 -37.20 23.81 14.86
CA VAL L 4045 -37.63 22.44 15.10
C VAL L 4045 -37.96 22.24 16.56
N GLU L 4046 -37.20 22.87 17.46
CA GLU L 4046 -37.51 22.78 18.88
C GLU L 4046 -38.87 23.38 19.19
N MET L 4047 -39.20 24.51 18.57
CA MET L 4047 -40.52 25.11 18.79
C MET L 4047 -41.63 24.19 18.29
N ILE L 4048 -41.41 23.55 17.14
CA ILE L 4048 -42.44 22.65 16.60
C ILE L 4048 -42.65 21.45 17.53
N LEU L 4049 -41.54 20.81 17.93
CA LEU L 4049 -41.64 19.63 18.78
C LEU L 4049 -42.25 19.98 20.13
N LYS L 4050 -41.88 21.13 20.69
CA LYS L 4050 -42.50 21.56 21.94
C LYS L 4050 -43.98 21.81 21.76
N PHE L 4051 -44.37 22.37 20.62
CA PHE L 4051 -45.79 22.62 20.38
C PHE L 4051 -46.58 21.32 20.37
N PHE L 4052 -46.05 20.28 19.71
CA PHE L 4052 -46.78 19.02 19.68
C PHE L 4052 -46.82 18.37 21.05
N ASP L 4053 -45.68 18.22 21.71
CA ASP L 4053 -45.67 17.47 22.95
C ASP L 4053 -46.33 18.23 24.10
N MET L 4054 -46.44 19.55 23.99
CA MET L 4054 -47.13 20.31 25.03
C MET L 4054 -48.61 19.97 25.06
N PHE L 4055 -49.23 19.88 23.89
CA PHE L 4055 -50.64 19.53 23.85
C PHE L 4055 -50.86 18.04 24.09
N LEU L 4056 -49.88 17.19 23.76
CA LEU L 4056 -50.00 15.78 24.14
C LEU L 4056 -49.99 15.64 25.66
N LYS L 4057 -49.05 16.30 26.33
CA LYS L 4057 -49.06 16.30 27.79
C LYS L 4057 -50.30 16.97 28.35
N LEU L 4058 -50.83 17.98 27.66
CA LEU L 4058 -52.05 18.63 28.14
C LEU L 4058 -53.22 17.66 28.12
N LYS L 4059 -53.35 16.88 27.04
CA LYS L 4059 -54.39 15.87 27.01
C LYS L 4059 -54.21 14.86 28.12
N ASP L 4060 -52.96 14.45 28.37
CA ASP L 4060 -52.70 13.49 29.44
C ASP L 4060 -53.05 14.07 30.81
N ILE L 4061 -52.73 15.34 31.04
CA ILE L 4061 -53.00 15.95 32.34
C ILE L 4061 -54.50 16.15 32.54
N VAL L 4062 -55.21 16.57 31.49
CA VAL L 4062 -56.65 16.72 31.60
C VAL L 4062 -57.28 15.38 31.92
N GLY L 4063 -56.79 14.30 31.30
CA GLY L 4063 -57.26 12.98 31.65
C GLY L 4063 -56.85 12.53 33.04
N SER L 4064 -55.75 13.09 33.57
CA SER L 4064 -55.31 12.75 34.91
C SER L 4064 -56.35 13.18 35.94
N GLU L 4065 -56.29 12.56 37.11
CA GLU L 4065 -57.34 12.76 38.09
C GLU L 4065 -57.03 13.91 39.05
N ALA L 4066 -55.76 14.27 39.20
CA ALA L 4066 -55.43 15.43 40.02
C ALA L 4066 -56.00 16.71 39.43
N PHE L 4067 -56.00 16.82 38.10
CA PHE L 4067 -56.65 17.95 37.45
C PHE L 4067 -58.15 17.94 37.75
N GLN L 4068 -58.76 16.76 37.76
CA GLN L 4068 -60.16 16.66 38.18
C GLN L 4068 -60.34 17.09 39.62
N ASP L 4069 -59.32 16.91 40.45
CA ASP L 4069 -59.38 17.41 41.82
C ASP L 4069 -59.46 18.93 41.82
N TYR L 4070 -58.62 19.59 41.02
CA TYR L 4070 -58.65 21.05 40.99
C TYR L 4070 -59.92 21.58 40.34
N VAL L 4071 -60.54 20.81 39.44
CA VAL L 4071 -61.80 21.24 38.85
C VAL L 4071 -62.90 21.18 39.91
N THR L 4072 -63.64 22.28 40.06
CA THR L 4072 -64.66 22.37 41.09
C THR L 4072 -66.02 22.88 40.62
N ASP L 4073 -66.09 23.60 39.51
CA ASP L 4073 -67.38 24.13 39.06
C ASP L 4073 -68.28 22.99 38.62
N PRO L 4074 -69.57 23.02 38.98
CA PRO L 4074 -70.47 21.92 38.63
C PRO L 4074 -70.66 21.71 37.14
N ARG L 4075 -70.62 22.78 36.34
CA ARG L 4075 -70.95 22.70 34.92
C ARG L 4075 -69.74 22.37 34.05
N GLY L 4076 -68.73 21.73 34.62
CA GLY L 4076 -67.46 21.63 33.94
C GLY L 4076 -66.64 22.89 34.20
N LEU L 4077 -65.76 23.20 33.24
CA LEU L 4077 -65.01 24.45 33.22
C LEU L 4077 -64.03 24.54 34.38
N ILE L 4078 -63.17 25.56 34.39
CA ILE L 4078 -62.19 25.75 35.43
C ILE L 4078 -61.70 27.18 35.37
N SER L 4079 -61.53 27.80 36.54
CA SER L 4079 -61.02 29.16 36.59
C SER L 4079 -59.59 29.21 36.07
N LYS L 4080 -59.20 30.38 35.55
CA LYS L 4080 -57.85 30.53 35.02
C LYS L 4080 -56.82 30.38 36.12
N LYS L 4081 -57.11 30.90 37.30
CA LYS L 4081 -56.19 30.73 38.43
C LYS L 4081 -56.06 29.27 38.82
N ASP L 4082 -57.18 28.55 38.86
CA ASP L 4082 -57.14 27.12 39.19
C ASP L 4082 -56.35 26.36 38.14
N PHE L 4083 -56.53 26.70 36.87
CA PHE L 4083 -55.74 26.10 35.81
C PHE L 4083 -54.25 26.35 36.03
N GLN L 4084 -53.89 27.58 36.39
CA GLN L 4084 -52.49 27.91 36.59
C GLN L 4084 -51.88 27.07 37.69
N LYS L 4085 -52.54 27.00 38.85
CA LYS L 4085 -51.93 26.28 39.96
C LYS L 4085 -51.97 24.77 39.75
N ALA L 4086 -53.01 24.24 39.13
CA ALA L 4086 -53.08 22.80 38.88
C ALA L 4086 -51.98 22.37 37.92
N MET L 4087 -51.87 23.07 36.79
CA MET L 4087 -50.83 22.73 35.82
C MET L 4087 -49.44 23.08 36.32
N ASP L 4088 -49.34 23.91 37.36
CA ASP L 4088 -48.05 24.07 38.03
C ASP L 4088 -47.75 22.91 38.97
N SER L 4089 -48.78 22.38 39.64
CA SER L 4089 -48.57 21.28 40.57
C SER L 4089 -48.18 20.00 39.84
N GLN L 4090 -48.66 19.81 38.61
CA GLN L 4090 -48.19 18.67 37.83
C GLN L 4090 -46.69 18.75 37.55
N LYS L 4091 -46.11 19.94 37.60
CA LYS L 4091 -44.66 20.13 37.50
C LYS L 4091 -44.07 19.53 36.24
N GLN L 4092 -44.77 19.70 35.12
CA GLN L 4092 -44.26 19.29 33.83
C GLN L 4092 -44.05 20.45 32.86
N PHE L 4093 -44.71 21.57 33.08
CA PHE L 4093 -44.54 22.75 32.24
C PHE L 4093 -43.86 23.86 33.03
N THR L 4094 -42.99 24.60 32.36
CA THR L 4094 -42.37 25.76 32.98
C THR L 4094 -43.34 26.94 32.96
N GLY L 4095 -42.88 28.07 33.49
CA GLY L 4095 -43.67 29.27 33.52
C GLY L 4095 -44.09 29.81 32.16
N PRO L 4096 -43.14 29.95 31.22
CA PRO L 4096 -43.53 30.39 29.87
C PRO L 4096 -44.54 29.49 29.20
N GLU L 4097 -44.36 28.18 29.27
CA GLU L 4097 -45.32 27.27 28.66
C GLU L 4097 -46.66 27.32 29.39
N ILE L 4098 -46.63 27.58 30.69
CA ILE L 4098 -47.87 27.73 31.45
C ILE L 4098 -48.66 28.93 30.92
N GLN L 4099 -47.97 30.05 30.75
CA GLN L 4099 -48.64 31.24 30.25
C GLN L 4099 -49.09 31.06 28.80
N PHE L 4100 -48.32 30.31 28.02
CA PHE L 4100 -48.69 30.06 26.63
C PHE L 4100 -49.95 29.21 26.56
N LEU L 4101 -50.08 28.21 27.43
CA LEU L 4101 -51.31 27.43 27.48
C LEU L 4101 -52.49 28.28 27.93
N LEU L 4102 -52.25 29.18 28.88
CA LEU L 4102 -53.31 30.10 29.29
C LEU L 4102 -53.74 30.97 28.13
N SER L 4103 -52.79 31.45 27.32
CA SER L 4103 -53.12 32.24 26.15
C SER L 4103 -53.89 31.41 25.12
N CYS L 4104 -53.46 30.18 24.87
CA CYS L 4104 -54.12 29.33 23.88
C CYS L 4104 -55.47 28.84 24.34
N SER L 4105 -55.77 28.94 25.63
CA SER L 4105 -57.08 28.53 26.10
C SER L 4105 -58.15 29.45 25.53
N GLU L 4106 -59.38 28.97 25.56
CA GLU L 4106 -60.49 29.77 25.05
C GLU L 4106 -60.66 31.03 25.89
N ALA L 4107 -60.49 30.91 27.20
CA ALA L 4107 -60.59 32.04 28.13
C ALA L 4107 -61.92 32.75 27.98
N ASP L 4108 -63.00 31.97 28.06
CA ASP L 4108 -64.34 32.53 28.08
C ASP L 4108 -64.48 33.48 29.26
N GLU L 4109 -65.24 34.55 29.07
CA GLU L 4109 -65.43 35.58 30.09
C GLU L 4109 -65.77 34.95 31.43
N ASN L 4110 -65.29 35.62 32.50
CA ASN L 4110 -65.19 35.11 33.87
C ASN L 4110 -64.11 34.06 34.01
N GLU L 4111 -63.16 34.04 33.08
CA GLU L 4111 -61.99 33.16 33.13
C GLU L 4111 -62.39 31.69 33.21
N MET L 4112 -63.42 31.31 32.45
CA MET L 4112 -63.90 29.94 32.41
C MET L 4112 -63.28 29.24 31.21
N ILE L 4113 -62.57 28.15 31.46
CA ILE L 4113 -61.90 27.39 30.41
C ILE L 4113 -62.55 26.01 30.35
N ASN L 4114 -63.14 25.69 29.21
CA ASN L 4114 -63.68 24.34 29.00
C ASN L 4114 -62.50 23.44 28.65
N PHE L 4115 -61.96 22.75 29.65
CA PHE L 4115 -60.71 22.03 29.46
C PHE L 4115 -60.87 20.86 28.49
N GLU L 4116 -62.05 20.26 28.42
CA GLU L 4116 -62.25 19.12 27.52
C GLU L 4116 -62.09 19.55 26.06
N GLU L 4117 -62.83 20.59 25.66
CA GLU L 4117 -62.71 21.08 24.29
C GLU L 4117 -61.36 21.72 24.05
N PHE L 4118 -60.78 22.35 25.07
CA PHE L 4118 -59.44 22.90 24.95
C PHE L 4118 -58.43 21.80 24.64
N ALA L 4119 -58.53 20.66 25.32
CA ALA L 4119 -57.60 19.57 25.08
C ALA L 4119 -57.80 18.95 23.71
N ASN L 4120 -59.05 18.88 23.25
CA ASN L 4120 -59.34 18.22 21.98
C ASN L 4120 -59.26 19.15 20.77
N ARG L 4121 -59.00 20.44 20.97
CA ARG L 4121 -58.91 21.35 19.83
C ARG L 4121 -57.76 20.98 18.91
N PHE L 4122 -56.59 20.66 19.46
CA PHE L 4122 -55.39 20.42 18.67
C PHE L 4122 -55.00 18.96 18.65
N GLN L 4123 -55.97 18.06 18.74
CA GLN L 4123 -55.64 16.64 18.72
C GLN L 4123 -55.72 16.07 17.32
N GLU L 4124 -56.79 16.36 16.60
CA GLU L 4124 -56.96 15.82 15.26
C GLU L 4124 -56.16 16.57 14.19
N PRO L 4125 -56.21 17.90 14.11
CA PRO L 4125 -55.45 18.58 13.04
C PRO L 4125 -53.95 18.35 13.12
N ALA L 4126 -53.39 18.18 14.31
CA ALA L 4126 -51.96 18.03 14.46
C ALA L 4126 -51.51 16.57 14.42
N ARG L 4127 -52.42 15.63 14.21
CA ARG L 4127 -52.04 14.23 14.23
C ARG L 4127 -51.25 13.83 13.00
N ASP L 4128 -51.71 14.25 11.82
CA ASP L 4128 -51.06 13.83 10.59
C ASP L 4128 -49.64 14.37 10.48
N ILE L 4129 -49.43 15.63 10.86
CA ILE L 4129 -48.08 16.18 10.83
C ILE L 4129 -47.23 15.57 11.93
N GLY L 4130 -47.81 15.32 13.11
CA GLY L 4130 -47.05 14.75 14.19
C GLY L 4130 -46.52 13.37 13.86
N PHE L 4131 -47.35 12.54 13.25
CA PHE L 4131 -46.91 11.21 12.87
C PHE L 4131 -45.78 11.26 11.85
N ASN L 4132 -45.89 12.14 10.86
CA ASN L 4132 -44.84 12.20 9.85
C ASN L 4132 -43.56 12.78 10.43
N VAL L 4133 -43.66 13.67 11.42
CA VAL L 4133 -42.45 14.12 12.11
C VAL L 4133 -41.80 12.97 12.86
N ALA L 4134 -42.61 12.14 13.51
CA ALA L 4134 -42.08 10.96 14.19
C ALA L 4134 -41.40 10.02 13.20
N VAL L 4135 -42.02 9.81 12.04
CA VAL L 4135 -41.43 8.93 11.03
C VAL L 4135 -40.13 9.51 10.51
N LEU L 4136 -40.09 10.82 10.29
CA LEU L 4136 -38.87 11.46 9.80
C LEU L 4136 -37.73 11.31 10.79
N LEU L 4137 -38.01 11.55 12.07
CA LEU L 4137 -36.95 11.46 13.06
C LEU L 4137 -36.50 10.02 13.26
N THR L 4138 -37.43 9.06 13.22
CA THR L 4138 -37.06 7.66 13.33
C THR L 4138 -36.22 7.23 12.14
N ASN L 4139 -36.62 7.63 10.93
CA ASN L 4139 -35.88 7.26 9.73
C ASN L 4139 -34.46 7.83 9.78
N LEU L 4140 -34.32 9.08 10.19
CA LEU L 4140 -33.00 9.67 10.32
C LEU L 4140 -32.19 8.97 11.41
N SER L 4141 -32.81 8.69 12.56
CA SER L 4141 -32.06 8.11 13.67
C SER L 4141 -31.59 6.70 13.36
N GLU L 4142 -32.30 5.99 12.50
CA GLU L 4142 -31.88 4.63 12.15
C GLU L 4142 -31.01 4.57 10.92
N HIS L 4143 -30.98 5.62 10.09
CA HIS L 4143 -30.12 5.59 8.91
C HIS L 4143 -28.84 6.39 9.06
N VAL L 4144 -28.73 7.26 10.05
CA VAL L 4144 -27.44 7.83 10.39
C VAL L 4144 -27.29 7.74 11.91
N PRO L 4145 -26.90 6.59 12.44
CA PRO L 4145 -26.73 6.45 13.88
C PRO L 4145 -25.37 6.99 14.30
N HIS L 4146 -25.14 6.97 15.62
CA HIS L 4146 -23.92 7.49 16.22
C HIS L 4146 -23.69 8.96 15.83
N ASP L 4147 -24.79 9.71 15.73
CA ASP L 4147 -24.70 11.12 15.39
C ASP L 4147 -24.89 11.96 16.64
N PRO L 4148 -23.88 12.75 17.05
CA PRO L 4148 -24.02 13.54 18.27
C PRO L 4148 -25.15 14.54 18.22
N ARG L 4149 -25.46 15.10 17.05
CA ARG L 4149 -26.46 16.14 16.96
C ARG L 4149 -27.88 15.60 17.04
N LEU L 4150 -28.14 14.44 16.46
CA LEU L 4150 -29.51 13.97 16.30
C LEU L 4150 -30.10 13.43 17.59
N ARG L 4151 -29.28 12.98 18.54
CA ARG L 4151 -29.84 12.47 19.78
C ARG L 4151 -30.55 13.57 20.56
N ASN L 4152 -30.11 14.82 20.38
CA ASN L 4152 -30.79 15.93 21.05
C ASN L 4152 -32.22 16.05 20.55
N PHE L 4153 -32.42 15.97 19.23
CA PHE L 4153 -33.78 16.02 18.69
C PHE L 4153 -34.59 14.81 19.14
N LEU L 4154 -33.97 13.64 19.20
CA LEU L 4154 -34.68 12.46 19.65
C LEU L 4154 -35.18 12.63 21.08
N GLU L 4155 -34.32 13.16 21.95
CA GLU L 4155 -34.72 13.38 23.34
C GLU L 4155 -35.79 14.46 23.45
N LEU L 4156 -35.70 15.49 22.63
CA LEU L 4156 -36.73 16.53 22.66
C LEU L 4156 -38.07 16.02 22.14
N ALA L 4157 -38.04 15.08 21.20
CA ALA L 4157 -39.26 14.51 20.64
C ALA L 4157 -39.62 13.17 21.25
N GLU L 4158 -39.12 12.89 22.46
CA GLU L 4158 -39.41 11.62 23.10
C GLU L 4158 -40.91 11.42 23.31
N SER L 4159 -41.63 12.50 23.64
CA SER L 4159 -43.06 12.36 23.88
C SER L 4159 -43.81 11.98 22.61
N ILE L 4160 -43.43 12.57 21.48
CA ILE L 4160 -44.09 12.27 20.21
C ILE L 4160 -43.86 10.81 19.84
N LEU L 4161 -42.61 10.36 19.95
CA LEU L 4161 -42.29 8.99 19.58
C LEU L 4161 -42.99 8.00 20.47
N GLU L 4162 -43.09 8.30 21.77
CA GLU L 4162 -43.79 7.40 22.67
C GLU L 4162 -45.28 7.37 22.40
N TYR L 4163 -45.87 8.50 22.00
CA TYR L 4163 -47.29 8.48 21.69
C TYR L 4163 -47.56 7.70 20.41
N PHE L 4164 -46.72 7.89 19.39
CA PHE L 4164 -46.90 7.22 18.11
C PHE L 4164 -46.13 5.91 18.02
N ARG L 4165 -45.70 5.36 19.15
CA ARG L 4165 -45.06 4.06 19.15
C ARG L 4165 -45.97 2.96 18.63
N PRO L 4166 -47.25 2.84 19.03
CA PRO L 4166 -48.07 1.78 18.44
C PRO L 4166 -48.33 1.95 16.97
N TYR L 4167 -48.52 3.18 16.49
CA TYR L 4167 -48.97 3.38 15.12
C TYR L 4167 -47.85 3.38 14.10
N LEU L 4168 -46.59 3.42 14.53
CA LEU L 4168 -45.46 3.42 13.62
C LEU L 4168 -45.06 1.98 13.34
N GLY L 4169 -45.27 1.53 12.11
CA GLY L 4169 -44.89 0.19 11.71
C GLY L 4169 -43.74 0.23 10.72
N ARG L 4170 -42.69 -0.51 11.05
CA ARG L 4170 -41.52 -0.61 10.19
C ARG L 4170 -41.37 -2.04 9.72
N ILE L 4171 -41.14 -2.21 8.42
CA ILE L 4171 -40.87 -3.51 7.83
C ILE L 4171 -39.63 -3.38 6.97
N GLU L 4172 -39.17 -4.50 6.42
CA GLU L 4172 -38.01 -4.48 5.54
C GLU L 4172 -38.34 -5.25 4.27
N ILE L 4173 -38.06 -4.66 3.12
CA ILE L 4173 -38.31 -5.31 1.85
C ILE L 4173 -37.01 -5.45 1.09
N MET L 4174 -37.01 -6.39 0.15
CA MET L 4174 -35.81 -6.66 -0.62
C MET L 4174 -35.50 -5.53 -1.59
N GLY L 4175 -36.53 -4.94 -2.19
CA GLY L 4175 -36.36 -3.75 -2.99
C GLY L 4175 -35.59 -4.02 -4.27
N ALA L 4176 -35.35 -2.93 -5.01
CA ALA L 4176 -34.52 -3.02 -6.20
C ALA L 4176 -33.05 -3.10 -5.83
N SER L 4177 -32.26 -3.69 -6.73
CA SER L 4177 -30.82 -3.88 -6.58
C SER L 4177 -30.48 -4.78 -5.39
N ARG L 4178 -31.46 -5.53 -4.89
CA ARG L 4178 -31.27 -6.50 -3.81
C ARG L 4178 -30.65 -5.86 -2.57
N ARG L 4179 -31.09 -4.65 -2.24
CA ARG L 4179 -30.68 -3.98 -1.01
C ARG L 4179 -31.88 -3.94 -0.08
N ILE L 4180 -31.74 -4.51 1.11
CA ILE L 4180 -32.84 -4.47 2.07
C ILE L 4180 -33.09 -3.02 2.47
N GLU L 4181 -34.33 -2.59 2.30
CA GLU L 4181 -34.73 -1.23 2.64
C GLU L 4181 -35.80 -1.28 3.72
N ARG L 4182 -35.77 -0.33 4.63
CA ARG L 4182 -36.78 -0.28 5.68
C ARG L 4182 -37.88 0.69 5.28
N ILE L 4183 -39.11 0.28 5.51
CA ILE L 4183 -40.30 1.05 5.14
C ILE L 4183 -41.08 1.36 6.40
N TYR L 4184 -41.45 2.63 6.57
CA TYR L 4184 -42.24 3.07 7.71
C TYR L 4184 -43.62 3.48 7.24
N PHE L 4185 -44.63 3.19 8.04
CA PHE L 4185 -46.00 3.50 7.67
C PHE L 4185 -46.86 3.54 8.93
N GLU L 4186 -48.15 3.80 8.73
CA GLU L 4186 -49.10 3.99 9.81
C GLU L 4186 -50.04 2.80 9.91
N ILE L 4187 -50.19 2.28 11.12
CA ILE L 4187 -51.27 1.35 11.43
C ILE L 4187 -52.37 2.11 12.12
N SER L 4188 -53.57 2.08 11.57
CA SER L 4188 -54.68 2.74 12.21
C SER L 4188 -55.08 1.99 13.48
N GLU L 4189 -55.73 2.73 14.38
CA GLU L 4189 -56.17 2.13 15.63
C GLU L 4189 -57.16 1.00 15.38
N THR L 4190 -58.03 1.16 14.39
CA THR L 4190 -58.98 0.10 14.07
C THR L 4190 -58.26 -1.16 13.60
N ASN L 4191 -57.24 -1.01 12.76
CA ASN L 4191 -56.50 -2.17 12.29
C ASN L 4191 -55.80 -2.88 13.43
N ARG L 4192 -55.15 -2.12 14.32
CA ARG L 4192 -54.45 -2.77 15.42
C ARG L 4192 -55.43 -3.45 16.38
N ALA L 4193 -56.56 -2.82 16.65
CA ALA L 4193 -57.54 -3.41 17.55
C ALA L 4193 -58.10 -4.71 16.98
N GLN L 4194 -58.53 -4.67 15.72
CA GLN L 4194 -59.11 -5.86 15.12
C GLN L 4194 -58.07 -6.96 14.94
N TRP L 4195 -56.80 -6.60 14.80
CA TRP L 4195 -55.77 -7.63 14.72
C TRP L 4195 -55.50 -8.25 16.09
N GLU L 4196 -55.59 -7.47 17.16
CA GLU L 4196 -55.39 -8.02 18.49
C GLU L 4196 -56.64 -8.69 19.04
N MET L 4197 -57.73 -8.69 18.29
CA MET L 4197 -58.92 -9.42 18.69
C MET L 4197 -58.57 -10.90 18.85
N PRO L 4198 -59.06 -11.57 19.89
CA PRO L 4198 -58.57 -12.92 20.22
C PRO L 4198 -58.82 -13.98 19.16
N GLN L 4199 -59.91 -13.89 18.40
CA GLN L 4199 -60.15 -14.88 17.34
C GLN L 4199 -59.04 -14.82 16.30
N VAL L 4200 -58.59 -13.62 15.95
CA VAL L 4200 -57.49 -13.49 15.02
C VAL L 4200 -56.19 -14.02 15.63
N LYS L 4201 -56.00 -13.87 16.94
CA LYS L 4201 -54.85 -14.48 17.58
C LYS L 4201 -54.87 -15.99 17.44
N GLU L 4202 -56.05 -16.61 17.65
CA GLU L 4202 -56.15 -18.05 17.49
C GLU L 4202 -55.88 -18.47 16.06
N SER L 4203 -56.40 -17.70 15.10
CA SER L 4203 -56.15 -18.00 13.69
C SER L 4203 -54.67 -17.90 13.37
N LYS L 4204 -53.99 -16.90 13.94
CA LYS L 4204 -52.56 -16.74 13.69
C LYS L 4204 -51.77 -17.91 14.24
N ARG L 4205 -52.10 -18.36 15.45
CA ARG L 4205 -51.38 -19.51 16.00
C ARG L 4205 -51.64 -20.77 15.20
N GLN L 4206 -52.88 -20.96 14.75
CA GLN L 4206 -53.17 -22.11 13.90
C GLN L 4206 -52.38 -22.06 12.60
N PHE L 4207 -52.32 -20.89 11.97
CA PHE L 4207 -51.57 -20.77 10.72
C PHE L 4207 -50.09 -21.03 10.94
N ILE L 4208 -49.56 -20.54 12.06
CA ILE L 4208 -48.14 -20.71 12.33
C ILE L 4208 -47.82 -22.18 12.50
N PHE L 4209 -48.68 -22.91 13.22
CA PHE L 4209 -48.49 -24.35 13.34
C PHE L 4209 -48.56 -25.03 11.98
N ASP L 4210 -49.53 -24.64 11.15
CA ASP L 4210 -49.68 -25.28 9.85
C ASP L 4210 -48.44 -25.06 8.98
N VAL L 4211 -47.84 -23.88 9.05
CA VAL L 4211 -46.67 -23.62 8.22
C VAL L 4211 -45.46 -24.39 8.74
N VAL L 4212 -45.16 -24.25 10.04
CA VAL L 4212 -43.92 -24.82 10.55
C VAL L 4212 -43.98 -26.34 10.57
N ASN L 4213 -45.13 -26.90 10.94
CA ASN L 4213 -45.22 -28.35 11.11
C ASN L 4213 -45.46 -29.06 9.79
N GLU L 4214 -46.52 -28.67 9.07
CA GLU L 4214 -46.91 -29.42 7.88
C GLU L 4214 -45.92 -29.27 6.73
N GLY L 4215 -44.95 -28.38 6.86
CA GLY L 4215 -43.89 -28.27 5.86
C GLY L 4215 -44.18 -27.20 4.85
N GLY L 4216 -43.20 -27.00 3.98
CA GLY L 4216 -43.26 -25.95 2.99
C GLY L 4216 -42.25 -24.86 3.28
N GLU L 4217 -41.15 -24.85 2.53
CA GLU L 4217 -40.13 -23.81 2.65
C GLU L 4217 -40.18 -22.81 1.51
N ALA L 4218 -40.27 -23.29 0.27
CA ALA L 4218 -40.40 -22.39 -0.87
C ALA L 4218 -41.77 -21.73 -0.90
N GLU L 4219 -42.81 -22.43 -0.48
CA GLU L 4219 -44.16 -21.91 -0.49
C GLU L 4219 -44.55 -21.25 0.83
N LYS L 4220 -43.57 -20.97 1.70
CA LYS L 4220 -43.90 -20.35 2.97
C LYS L 4220 -44.49 -18.96 2.78
N MET L 4221 -43.95 -18.18 1.84
CA MET L 4221 -44.49 -16.84 1.61
C MET L 4221 -45.80 -16.90 0.84
N GLU L 4222 -45.97 -17.86 -0.05
CA GLU L 4222 -47.29 -18.14 -0.62
C GLU L 4222 -48.32 -18.34 0.47
N LEU L 4223 -48.02 -19.21 1.44
CA LEU L 4223 -48.98 -19.49 2.49
C LEU L 4223 -49.18 -18.29 3.40
N PHE L 4224 -48.12 -17.51 3.64
CA PHE L 4224 -48.25 -16.33 4.47
C PHE L 4224 -49.19 -15.32 3.83
N VAL L 4225 -49.01 -15.05 2.54
CA VAL L 4225 -49.85 -14.05 1.89
C VAL L 4225 -51.30 -14.55 1.77
N SER L 4226 -51.49 -15.85 1.55
CA SER L 4226 -52.84 -16.39 1.59
C SER L 4226 -53.46 -16.19 2.95
N PHE L 4227 -52.69 -16.40 4.02
CA PHE L 4227 -53.16 -16.09 5.36
C PHE L 4227 -53.50 -14.62 5.50
N CYS L 4228 -52.70 -13.75 4.89
CA CYS L 4228 -52.99 -12.32 4.94
C CYS L 4228 -54.34 -12.03 4.31
N GLU L 4229 -54.61 -12.63 3.15
CA GLU L 4229 -55.85 -12.34 2.44
C GLU L 4229 -57.06 -12.77 3.25
N ASP L 4230 -57.08 -14.01 3.73
CA ASP L 4230 -58.30 -14.43 4.41
C ASP L 4230 -58.40 -13.86 5.82
N THR L 4231 -57.30 -13.49 6.44
CA THR L 4231 -57.41 -12.74 7.69
C THR L 4231 -58.05 -11.38 7.46
N ILE L 4232 -57.65 -10.67 6.40
CA ILE L 4232 -58.30 -9.40 6.08
C ILE L 4232 -59.78 -9.61 5.86
N PHE L 4233 -60.15 -10.73 5.24
CA PHE L 4233 -61.57 -11.03 5.09
C PHE L 4233 -62.25 -11.23 6.43
N GLU L 4234 -61.58 -11.94 7.36
CA GLU L 4234 -62.14 -12.13 8.69
C GLU L 4234 -62.40 -10.80 9.39
N MET L 4235 -61.43 -9.90 9.38
CA MET L 4235 -61.62 -8.63 10.06
C MET L 4235 -62.69 -7.79 9.39
N GLN L 4236 -62.84 -7.92 8.07
CA GLN L 4236 -63.98 -7.28 7.42
C GLN L 4236 -65.30 -7.86 7.92
N ILE L 4237 -65.36 -9.19 8.07
CA ILE L 4237 -66.57 -9.83 8.55
C ILE L 4237 -66.91 -9.39 9.98
N ALA L 4238 -65.89 -9.35 10.84
CA ALA L 4238 -66.11 -8.95 12.22
C ALA L 4238 -66.56 -7.50 12.31
N ALA L 4239 -65.97 -6.62 11.50
CA ALA L 4239 -66.42 -5.23 11.47
C ALA L 4239 -67.86 -5.14 10.99
N GLN L 4240 -68.26 -6.00 10.05
CA GLN L 4240 -69.64 -6.00 9.60
C GLN L 4240 -70.59 -6.43 10.71
N ILE L 4241 -70.22 -7.48 11.45
CA ILE L 4241 -71.10 -8.02 12.49
C ILE L 4241 -71.00 -7.28 13.81
N SER L 4242 -70.15 -6.27 13.90
CA SER L 4242 -69.99 -5.55 15.16
C SER L 4242 -71.29 -4.86 15.54
N GLU L 4243 -71.53 -4.78 16.85
CA GLU L 4243 -72.77 -4.21 17.38
C GLU L 4243 -72.92 -2.73 17.03
N PHE L 4530 -92.52 -2.26 7.48
CA PHE L 4530 -92.82 -3.39 6.61
C PHE L 4530 -91.54 -4.05 6.10
N TRP L 4531 -91.18 -3.78 4.84
CA TRP L 4531 -90.02 -4.44 4.26
C TRP L 4531 -88.73 -3.92 4.87
N GLY L 4532 -88.61 -2.60 5.03
CA GLY L 4532 -87.43 -2.06 5.67
C GLY L 4532 -87.29 -2.50 7.12
N GLU L 4533 -88.41 -2.52 7.84
CA GLU L 4533 -88.41 -3.01 9.22
C GLU L 4533 -87.98 -4.47 9.27
N LEU L 4534 -88.51 -5.29 8.36
CA LEU L 4534 -88.13 -6.71 8.34
C LEU L 4534 -86.65 -6.86 8.05
N GLU L 4535 -86.12 -6.11 7.09
CA GLU L 4535 -84.70 -6.25 6.74
C GLU L 4535 -83.81 -5.82 7.89
N VAL L 4536 -84.12 -4.71 8.56
CA VAL L 4536 -83.25 -4.25 9.63
C VAL L 4536 -83.32 -5.19 10.84
N GLN L 4537 -84.52 -5.68 11.16
CA GLN L 4537 -84.63 -6.64 12.25
C GLN L 4537 -83.90 -7.93 11.91
N ARG L 4538 -84.00 -8.37 10.65
CA ARG L 4538 -83.33 -9.59 10.24
C ARG L 4538 -81.82 -9.46 10.33
N VAL L 4539 -81.26 -8.35 9.87
CA VAL L 4539 -79.80 -8.22 9.93
C VAL L 4539 -79.34 -8.06 11.38
N LYS L 4540 -80.15 -7.45 12.24
CA LYS L 4540 -79.81 -7.44 13.67
C LYS L 4540 -79.79 -8.86 14.22
N PHE L 4541 -80.77 -9.68 13.85
CA PHE L 4541 -80.84 -11.05 14.32
C PHE L 4541 -79.62 -11.84 13.88
N LEU L 4542 -79.29 -11.77 12.59
CA LEU L 4542 -78.14 -12.50 12.06
C LEU L 4542 -76.85 -12.02 12.68
N ASN L 4543 -76.69 -10.71 12.86
CA ASN L 4543 -75.47 -10.20 13.48
C ASN L 4543 -75.35 -10.66 14.93
N TYR L 4544 -76.46 -10.67 15.67
CA TYR L 4544 -76.41 -11.14 17.05
C TYR L 4544 -76.03 -12.61 17.11
N LEU L 4545 -76.61 -13.43 16.24
CA LEU L 4545 -76.24 -14.85 16.20
C LEU L 4545 -74.77 -15.01 15.87
N SER L 4546 -74.27 -14.25 14.90
CA SER L 4546 -72.89 -14.40 14.48
C SER L 4546 -71.93 -13.99 15.60
N ARG L 4547 -72.25 -12.92 16.33
CA ARG L 4547 -71.41 -12.55 17.47
C ARG L 4547 -71.42 -13.63 18.54
N ASN L 4548 -72.59 -14.16 18.87
CA ASN L 4548 -72.73 -15.10 19.95
C ASN L 4548 -72.78 -16.55 19.47
N PHE L 4549 -72.08 -16.86 18.38
CA PHE L 4549 -72.06 -18.23 17.89
C PHE L 4549 -71.43 -19.18 18.90
N TYR L 4550 -70.28 -18.80 19.46
CA TYR L 4550 -69.59 -19.71 20.37
C TYR L 4550 -70.37 -19.91 21.66
N THR L 4551 -71.00 -18.85 22.17
CA THR L 4551 -71.79 -19.00 23.38
C THR L 4551 -73.01 -19.86 23.13
N LEU L 4552 -73.59 -19.82 21.93
CA LEU L 4552 -74.66 -20.75 21.62
C LEU L 4552 -74.16 -22.19 21.56
N ARG L 4553 -72.93 -22.39 21.09
CA ARG L 4553 -72.37 -23.74 21.09
C ARG L 4553 -72.18 -24.25 22.51
N PHE L 4554 -71.66 -23.40 23.39
CA PHE L 4554 -71.54 -23.78 24.80
C PHE L 4554 -72.90 -24.04 25.42
N LEU L 4555 -73.89 -23.21 25.06
CA LEU L 4555 -75.24 -23.39 25.60
C LEU L 4555 -75.83 -24.71 25.16
N ALA L 4556 -75.61 -25.09 23.89
CA ALA L 4556 -76.11 -26.38 23.42
C ALA L 4556 -75.45 -27.52 24.15
N LEU L 4557 -74.14 -27.41 24.42
CA LEU L 4557 -73.46 -28.45 25.18
C LEU L 4557 -74.02 -28.56 26.59
N PHE L 4558 -74.26 -27.42 27.24
CA PHE L 4558 -74.82 -27.42 28.59
C PHE L 4558 -76.21 -28.02 28.60
N LEU L 4559 -77.00 -27.74 27.56
CA LEU L 4559 -78.33 -28.31 27.47
C LEU L 4559 -78.28 -29.81 27.23
N ALA L 4560 -77.32 -30.29 26.45
CA ALA L 4560 -77.18 -31.72 26.26
C ALA L 4560 -76.84 -32.42 27.57
N PHE L 4561 -75.96 -31.81 28.37
CA PHE L 4561 -75.66 -32.37 29.68
C PHE L 4561 -76.88 -32.38 30.59
N ALA L 4562 -77.66 -31.30 30.57
CA ALA L 4562 -78.85 -31.25 31.42
C ALA L 4562 -79.88 -32.29 31.00
N ILE L 4563 -80.10 -32.44 29.70
CA ILE L 4563 -81.09 -33.41 29.22
C ILE L 4563 -80.65 -34.82 29.58
N ASN L 4564 -79.37 -35.12 29.43
CA ASN L 4564 -78.91 -36.47 29.77
C ASN L 4564 -78.92 -36.71 31.28
N PHE L 4565 -78.69 -35.66 32.07
CA PHE L 4565 -78.82 -35.82 33.52
C PHE L 4565 -80.26 -36.12 33.91
N ILE L 4566 -81.22 -35.51 33.22
CA ILE L 4566 -82.62 -35.87 33.42
C ILE L 4566 -82.87 -37.32 33.00
N LEU L 4567 -82.31 -37.71 31.85
CA LEU L 4567 -82.51 -39.07 31.36
C LEU L 4567 -81.89 -40.12 32.27
N LEU L 4568 -80.97 -39.72 33.14
CA LEU L 4568 -80.43 -40.65 34.11
C LEU L 4568 -81.47 -41.17 35.10
N PHE L 4569 -82.69 -40.65 35.07
CA PHE L 4569 -83.74 -41.14 35.94
C PHE L 4569 -84.79 -41.96 35.19
N TYR L 4570 -84.54 -42.32 33.94
CA TYR L 4570 -85.49 -43.14 33.21
C TYR L 4570 -85.59 -44.53 33.82
N LYS L 4571 -86.76 -45.12 33.72
CA LYS L 4571 -86.99 -46.44 34.28
C LYS L 4571 -88.06 -47.13 33.44
N VAL L 4572 -88.06 -48.46 33.46
CA VAL L 4572 -89.00 -49.23 32.67
C VAL L 4572 -89.75 -50.19 33.58
N SER L 4573 -91.05 -50.31 33.36
CA SER L 4573 -91.89 -51.30 34.03
C SER L 4573 -92.93 -51.81 33.06
N ASP L 4574 -93.43 -53.02 33.33
CA ASP L 4574 -94.52 -53.55 32.52
C ASP L 4574 -95.85 -52.89 32.86
N SER L 4575 -96.04 -52.49 34.11
CA SER L 4575 -97.26 -51.80 34.50
C SER L 4575 -97.26 -50.38 33.95
N PRO L 4576 -98.44 -49.78 33.75
CA PRO L 4576 -98.50 -48.40 33.33
C PRO L 4576 -97.91 -47.49 34.38
N PRO L 4577 -97.32 -46.36 33.98
CA PRO L 4577 -96.68 -45.35 34.83
C PRO L 4577 -97.51 -44.93 36.04
N ASN L 4616 -96.26 -58.04 28.43
CA ASN L 4616 -95.58 -58.27 27.16
C ASN L 4616 -95.11 -56.96 26.54
N MET L 4617 -95.72 -55.85 26.96
CA MET L 4617 -95.40 -54.52 26.46
C MET L 4617 -94.86 -53.70 27.62
N VAL L 4618 -93.73 -53.01 27.37
CA VAL L 4618 -93.04 -52.27 28.41
C VAL L 4618 -93.44 -50.81 28.36
N TYR L 4619 -93.16 -50.10 29.44
CA TYR L 4619 -93.47 -48.69 29.59
C TYR L 4619 -92.27 -47.97 30.16
N TYR L 4620 -91.83 -46.92 29.49
CA TYR L 4620 -90.72 -46.10 29.95
C TYR L 4620 -91.28 -44.85 30.61
N PHE L 4621 -90.97 -44.68 31.89
CA PHE L 4621 -91.40 -43.49 32.61
C PHE L 4621 -90.21 -42.86 33.32
N LEU L 4622 -90.21 -41.54 33.38
CA LEU L 4622 -89.16 -40.76 34.04
C LEU L 4622 -89.46 -40.74 35.53
N GLU L 4623 -89.06 -41.81 36.21
CA GLU L 4623 -89.27 -41.92 37.64
C GLU L 4623 -88.53 -40.81 38.37
N GLU L 4624 -89.23 -40.12 39.26
CA GLU L 4624 -88.68 -38.94 39.91
C GLU L 4624 -89.53 -38.60 41.13
N SER L 4625 -88.91 -37.86 42.05
CA SER L 4625 -89.58 -37.40 43.26
C SER L 4625 -89.94 -35.92 43.24
N THR L 4626 -89.26 -35.12 42.42
CA THR L 4626 -89.51 -33.69 42.38
C THR L 4626 -90.92 -33.39 41.89
N GLY L 4627 -91.36 -34.07 40.83
CA GLY L 4627 -92.65 -33.81 40.22
C GLY L 4627 -92.62 -32.83 39.07
N TYR L 4628 -91.47 -32.21 38.81
CA TYR L 4628 -91.33 -31.25 37.72
C TYR L 4628 -90.42 -31.74 36.61
N MET L 4629 -89.89 -32.96 36.73
CA MET L 4629 -88.78 -33.35 35.87
C MET L 4629 -89.24 -33.62 34.44
N GLU L 4630 -90.44 -34.19 34.26
CA GLU L 4630 -90.91 -34.39 32.90
C GLU L 4630 -91.19 -33.06 32.19
N PRO L 4631 -91.86 -32.07 32.81
CA PRO L 4631 -91.94 -30.76 32.14
C PRO L 4631 -90.58 -30.14 31.89
N ALA L 4632 -89.64 -30.32 32.80
CA ALA L 4632 -88.28 -29.84 32.56
C ALA L 4632 -87.68 -30.50 31.33
N LEU L 4633 -87.88 -31.81 31.17
CA LEU L 4633 -87.36 -32.50 30.00
C LEU L 4633 -87.95 -31.97 28.72
N TRP L 4634 -89.27 -31.78 28.69
CA TRP L 4634 -89.90 -31.32 27.46
C TRP L 4634 -89.48 -29.90 27.10
N CYS L 4635 -89.44 -29.00 28.09
CA CYS L 4635 -88.98 -27.64 27.85
C CYS L 4635 -87.52 -27.63 27.39
N LEU L 4636 -86.67 -28.43 28.04
CA LEU L 4636 -85.26 -28.46 27.67
C LEU L 4636 -85.05 -29.04 26.29
N SER L 4637 -85.89 -30.00 25.88
CA SER L 4637 -85.77 -30.54 24.53
C SER L 4637 -86.10 -29.49 23.48
N LEU L 4638 -87.18 -28.73 23.70
CA LEU L 4638 -87.51 -27.66 22.76
C LEU L 4638 -86.41 -26.62 22.72
N LEU L 4639 -85.90 -26.22 23.88
CA LEU L 4639 -84.86 -25.22 23.92
C LEU L 4639 -83.60 -25.70 23.22
N HIS L 4640 -83.25 -26.97 23.39
CA HIS L 4640 -82.06 -27.51 22.75
C HIS L 4640 -82.18 -27.49 21.23
N THR L 4641 -83.34 -27.89 20.70
CA THR L 4641 -83.50 -27.87 19.25
C THR L 4641 -83.40 -26.45 18.71
N LEU L 4642 -84.01 -25.49 19.40
CA LEU L 4642 -83.95 -24.10 18.94
C LEU L 4642 -82.52 -23.56 18.98
N VAL L 4643 -81.77 -23.87 20.05
CA VAL L 4643 -80.40 -23.39 20.15
C VAL L 4643 -79.54 -24.01 19.05
N ALA L 4644 -79.76 -25.28 18.74
CA ALA L 4644 -79.01 -25.91 17.66
C ALA L 4644 -79.34 -25.25 16.32
N PHE L 4645 -80.60 -24.87 16.11
CA PHE L 4645 -80.96 -24.17 14.88
C PHE L 4645 -80.24 -22.85 14.79
N LEU L 4646 -80.19 -22.10 15.90
CA LEU L 4646 -79.46 -20.84 15.89
C LEU L 4646 -77.97 -21.07 15.66
N CYS L 4647 -77.44 -22.20 16.10
CA CYS L 4647 -76.05 -22.51 15.80
C CYS L 4647 -75.84 -22.73 14.30
N ILE L 4648 -76.77 -23.42 13.65
CA ILE L 4648 -76.68 -23.59 12.20
C ILE L 4648 -76.69 -22.24 11.49
N ILE L 4649 -77.65 -21.39 11.85
CA ILE L 4649 -77.78 -20.10 11.19
C ILE L 4649 -76.56 -19.23 11.46
N GLY L 4650 -76.09 -19.21 12.71
CA GLY L 4650 -74.92 -18.42 13.03
C GLY L 4650 -73.68 -18.88 12.30
N TYR L 4651 -73.49 -20.20 12.20
CA TYR L 4651 -72.37 -20.71 11.42
C TYR L 4651 -72.49 -20.29 9.97
N ASN L 4652 -73.69 -20.42 9.40
CA ASN L 4652 -73.88 -20.08 7.99
C ASN L 4652 -73.61 -18.62 7.72
N CYS L 4653 -73.86 -17.75 8.69
CA CYS L 4653 -73.65 -16.32 8.47
C CYS L 4653 -72.30 -15.83 8.99
N LEU L 4654 -71.52 -16.68 9.65
CA LEU L 4654 -70.23 -16.26 10.18
C LEU L 4654 -69.04 -16.95 9.52
N LYS L 4655 -69.02 -18.29 9.50
CA LYS L 4655 -67.85 -19.00 9.01
C LYS L 4655 -67.96 -19.45 7.56
N VAL L 4656 -69.17 -19.52 7.02
CA VAL L 4656 -69.33 -19.91 5.62
C VAL L 4656 -68.68 -18.93 4.66
N PRO L 4657 -68.79 -17.61 4.82
CA PRO L 4657 -68.11 -16.71 3.88
C PRO L 4657 -66.62 -16.95 3.76
N LEU L 4658 -65.94 -17.38 4.83
CA LEU L 4658 -64.53 -17.71 4.68
C LEU L 4658 -64.33 -18.90 3.77
N VAL L 4659 -65.17 -19.94 3.89
CA VAL L 4659 -65.03 -21.10 3.04
C VAL L 4659 -65.27 -20.74 1.59
N ILE L 4660 -66.29 -19.92 1.33
CA ILE L 4660 -66.55 -19.45 -0.03
C ILE L 4660 -65.38 -18.62 -0.54
N PHE L 4661 -64.84 -17.75 0.30
CA PHE L 4661 -63.72 -16.92 -0.10
C PHE L 4661 -62.51 -17.77 -0.46
N LYS L 4662 -62.21 -18.78 0.34
CA LYS L 4662 -61.10 -19.67 0.03
C LYS L 4662 -61.32 -20.39 -1.29
N ARG L 4663 -62.53 -20.91 -1.50
CA ARG L 4663 -62.79 -21.68 -2.72
C ARG L 4663 -62.67 -20.81 -3.96
N GLU L 4664 -63.25 -19.61 -3.91
CA GLU L 4664 -63.20 -18.75 -5.08
C GLU L 4664 -61.82 -18.18 -5.29
N LYS L 4665 -61.06 -17.94 -4.22
CA LYS L 4665 -59.70 -17.50 -4.38
C LYS L 4665 -58.87 -18.56 -5.10
N GLU L 4666 -58.99 -19.81 -4.67
CA GLU L 4666 -58.25 -20.89 -5.31
C GLU L 4666 -58.67 -21.05 -6.76
N LEU L 4667 -59.97 -20.95 -7.03
CA LEU L 4667 -60.45 -21.05 -8.41
C LEU L 4667 -59.91 -19.93 -9.28
N ALA L 4668 -59.87 -18.71 -8.75
CA ALA L 4668 -59.37 -17.58 -9.54
C ALA L 4668 -57.89 -17.74 -9.83
N ARG L 4669 -57.11 -18.18 -8.84
CA ARG L 4669 -55.68 -18.39 -9.10
C ARG L 4669 -55.47 -19.49 -10.13
N LYS L 4670 -56.22 -20.59 -10.01
CA LYS L 4670 -56.07 -21.68 -10.97
C LYS L 4670 -56.53 -21.29 -12.36
N LEU L 4671 -57.53 -20.42 -12.46
CA LEU L 4671 -57.96 -19.96 -13.78
C LEU L 4671 -56.95 -19.03 -14.41
N GLU L 4672 -56.38 -18.12 -13.63
CA GLU L 4672 -55.54 -17.09 -14.21
C GLU L 4672 -54.11 -17.57 -14.46
N PHE L 4673 -53.55 -18.32 -13.52
CA PHE L 4673 -52.14 -18.71 -13.61
C PHE L 4673 -51.92 -20.15 -14.02
N ASP L 4674 -52.98 -20.94 -14.19
CA ASP L 4674 -52.82 -22.33 -14.58
C ASP L 4674 -53.67 -22.67 -15.79
N GLY L 4675 -54.78 -21.95 -15.95
CA GLY L 4675 -55.71 -22.28 -17.00
C GLY L 4675 -56.29 -23.66 -16.84
N LEU L 4676 -56.72 -23.99 -15.62
CA LEU L 4676 -57.16 -25.34 -15.34
C LEU L 4676 -58.46 -25.69 -16.05
N TYR L 4677 -59.20 -24.70 -16.55
CA TYR L 4677 -60.36 -24.96 -17.38
C TYR L 4677 -60.19 -24.39 -18.78
N ILE L 4678 -59.04 -23.78 -19.06
CA ILE L 4678 -58.78 -23.21 -20.38
C ILE L 4678 -57.91 -24.16 -21.17
N THR L 4679 -56.71 -24.42 -20.66
CA THR L 4679 -55.71 -25.19 -21.37
C THR L 4679 -55.43 -26.56 -20.78
N GLU L 4680 -55.67 -26.77 -19.49
CA GLU L 4680 -55.32 -28.03 -18.85
C GLU L 4680 -56.50 -28.49 -18.00
N GLN L 4681 -57.41 -29.26 -18.60
CA GLN L 4681 -58.61 -29.71 -17.90
C GLN L 4681 -58.23 -30.60 -16.71
N PRO L 4682 -59.02 -30.57 -15.64
CA PRO L 4682 -58.70 -31.36 -14.46
C PRO L 4682 -59.09 -32.82 -14.62
N GLY L 4683 -58.62 -33.63 -13.68
CA GLY L 4683 -58.91 -35.05 -13.73
C GLY L 4683 -60.36 -35.36 -13.48
N ASP L 4684 -60.76 -36.57 -13.87
CA ASP L 4684 -62.15 -36.97 -13.72
C ASP L 4684 -62.52 -37.22 -12.27
N ASP L 4685 -61.61 -37.82 -11.50
CA ASP L 4685 -61.90 -38.13 -10.11
C ASP L 4685 -61.75 -36.92 -9.19
N ASP L 4686 -61.24 -35.80 -9.68
CA ASP L 4686 -61.11 -34.58 -8.88
C ASP L 4686 -62.50 -33.97 -8.81
N VAL L 4687 -63.23 -34.32 -7.75
CA VAL L 4687 -64.62 -33.87 -7.62
C VAL L 4687 -64.67 -32.37 -7.45
N LYS L 4688 -63.69 -31.78 -6.76
CA LYS L 4688 -63.65 -30.34 -6.61
C LYS L 4688 -63.55 -29.64 -7.96
N GLY L 4689 -62.62 -30.10 -8.80
CA GLY L 4689 -62.46 -29.50 -10.11
C GLY L 4689 -63.68 -29.72 -10.99
N GLN L 4690 -64.30 -30.90 -10.89
CA GLN L 4690 -65.47 -31.16 -11.72
C GLN L 4690 -66.68 -30.39 -11.23
N TRP L 4691 -66.74 -30.05 -9.94
CA TRP L 4691 -67.86 -29.30 -9.40
C TRP L 4691 -67.71 -27.82 -9.64
N ASP L 4692 -66.48 -27.32 -9.74
CA ASP L 4692 -66.31 -25.89 -9.92
C ASP L 4692 -66.79 -25.38 -11.27
N ARG L 4693 -67.03 -26.25 -12.23
CA ARG L 4693 -67.46 -25.79 -13.55
C ARG L 4693 -68.81 -25.10 -13.51
N LEU L 4694 -69.62 -25.36 -12.48
CA LEU L 4694 -70.93 -24.75 -12.42
C LEU L 4694 -70.85 -23.25 -12.25
N VAL L 4695 -69.80 -22.76 -11.58
CA VAL L 4695 -69.75 -21.36 -11.18
C VAL L 4695 -69.01 -20.49 -12.20
N LEU L 4696 -68.41 -21.08 -13.23
CA LEU L 4696 -67.65 -20.29 -14.19
C LEU L 4696 -68.54 -19.31 -14.94
N ASN L 4697 -69.63 -19.80 -15.52
CA ASN L 4697 -70.46 -18.96 -16.38
C ASN L 4697 -71.52 -18.19 -15.62
N THR L 4698 -71.57 -18.31 -14.30
CA THR L 4698 -72.53 -17.53 -13.53
C THR L 4698 -72.14 -16.06 -13.53
N PRO L 4699 -73.10 -15.14 -13.55
CA PRO L 4699 -72.76 -13.72 -13.57
C PRO L 4699 -72.17 -13.20 -12.27
N SER L 4700 -72.27 -13.96 -11.18
CA SER L 4700 -71.82 -13.52 -9.86
C SER L 4700 -70.72 -14.43 -9.33
N PHE L 4701 -69.79 -14.82 -10.20
CA PHE L 4701 -68.72 -15.71 -9.76
C PHE L 4701 -67.84 -15.11 -8.66
N PRO L 4702 -67.24 -13.93 -8.82
CA PRO L 4702 -66.31 -13.47 -7.77
C PRO L 4702 -67.02 -12.66 -6.68
N SER L 4703 -67.99 -13.28 -6.03
CA SER L 4703 -68.62 -12.68 -4.87
C SER L 4703 -67.99 -13.26 -3.61
N ASN L 4704 -67.90 -12.44 -2.58
CA ASN L 4704 -67.08 -12.74 -1.40
C ASN L 4704 -65.62 -12.95 -1.80
N TYR L 4705 -65.16 -12.15 -2.75
CA TYR L 4705 -63.78 -12.16 -3.20
C TYR L 4705 -63.40 -10.72 -3.55
N TRP L 4706 -62.15 -10.35 -3.29
CA TRP L 4706 -61.82 -8.93 -3.32
C TRP L 4706 -61.85 -8.36 -4.72
N ASP L 4707 -61.32 -9.07 -5.71
CA ASP L 4707 -61.42 -8.56 -7.08
C ASP L 4707 -62.64 -9.13 -7.78
N LYS L 4708 -63.13 -8.37 -8.75
CA LYS L 4708 -64.27 -8.78 -9.56
C LYS L 4708 -63.91 -8.84 -11.04
N PHE L 4709 -62.64 -8.63 -11.37
CA PHE L 4709 -62.20 -8.56 -12.75
C PHE L 4709 -61.36 -9.77 -13.15
N VAL L 4710 -61.46 -10.86 -12.40
CA VAL L 4710 -60.72 -12.06 -12.74
C VAL L 4710 -61.19 -12.62 -14.06
N LYS L 4711 -62.48 -12.45 -14.39
CA LYS L 4711 -62.98 -12.88 -15.69
C LYS L 4711 -62.28 -12.11 -16.81
N ARG L 4712 -62.16 -10.80 -16.64
CA ARG L 4712 -61.54 -9.99 -17.69
C ARG L 4712 -60.05 -10.27 -17.79
N LYS L 4713 -59.38 -10.54 -16.67
CA LYS L 4713 -57.97 -10.89 -16.73
C LYS L 4713 -57.76 -12.22 -17.44
N VAL L 4714 -58.62 -13.21 -17.19
CA VAL L 4714 -58.50 -14.48 -17.91
C VAL L 4714 -58.73 -14.27 -19.40
N LEU L 4715 -59.73 -13.47 -19.76
CA LEU L 4715 -60.00 -13.20 -21.16
C LEU L 4715 -58.81 -12.50 -21.83
N ASP L 4716 -58.18 -11.57 -21.13
CA ASP L 4716 -57.03 -10.89 -21.71
C ASP L 4716 -55.79 -11.78 -21.76
N LYS L 4717 -55.71 -12.79 -20.90
CA LYS L 4717 -54.51 -13.61 -20.85
C LYS L 4717 -54.58 -14.79 -21.82
N HIS L 4718 -55.59 -15.64 -21.68
CA HIS L 4718 -55.71 -16.83 -22.52
C HIS L 4718 -56.68 -16.64 -23.68
N GLY L 4719 -57.21 -15.45 -23.88
CA GLY L 4719 -58.19 -15.25 -24.93
C GLY L 4719 -57.61 -15.42 -26.32
N ASP L 4720 -56.42 -14.87 -26.55
CA ASP L 4720 -55.87 -14.86 -27.90
C ASP L 4720 -55.21 -16.17 -28.30
N ILE L 4721 -54.96 -17.08 -27.37
CA ILE L 4721 -54.41 -18.39 -27.71
C ILE L 4721 -55.54 -19.39 -27.96
N PHE L 4722 -56.36 -19.60 -26.94
CA PHE L 4722 -57.35 -20.68 -27.01
C PHE L 4722 -58.69 -20.21 -27.56
N GLY L 4723 -58.88 -18.90 -27.74
CA GLY L 4723 -60.07 -18.41 -28.40
C GLY L 4723 -60.92 -17.49 -27.57
N ARG L 4724 -61.02 -16.22 -27.97
CA ARG L 4724 -61.74 -15.23 -27.17
C ARG L 4724 -63.21 -15.56 -27.07
N GLU L 4725 -63.82 -16.03 -28.15
CA GLU L 4725 -65.23 -16.37 -28.09
C GLU L 4725 -65.46 -17.58 -27.18
N ARG L 4726 -64.53 -18.53 -27.19
CA ARG L 4726 -64.63 -19.66 -26.27
C ARG L 4726 -64.49 -19.22 -24.83
N ILE L 4727 -63.60 -18.25 -24.57
CA ILE L 4727 -63.49 -17.70 -23.23
C ILE L 4727 -64.80 -17.06 -22.80
N ALA L 4728 -65.42 -16.30 -23.71
CA ALA L 4728 -66.70 -15.67 -23.37
C ALA L 4728 -67.77 -16.71 -23.07
N GLU L 4729 -67.85 -17.76 -23.87
CA GLU L 4729 -68.84 -18.80 -23.63
C GLU L 4729 -68.57 -19.52 -22.32
N LEU L 4730 -67.30 -19.81 -22.02
CA LEU L 4730 -66.98 -20.55 -20.81
C LEU L 4730 -67.23 -19.72 -19.57
N LEU L 4731 -66.93 -18.43 -19.61
CA LEU L 4731 -67.07 -17.57 -18.45
C LEU L 4731 -68.40 -16.85 -18.39
N GLY L 4732 -69.32 -17.14 -19.30
CA GLY L 4732 -70.61 -16.47 -19.26
C GLY L 4732 -70.48 -14.98 -19.49
N MET L 4733 -69.62 -14.58 -20.42
CA MET L 4733 -69.24 -13.20 -20.66
C MET L 4733 -69.90 -12.70 -21.93
N ASP L 4734 -70.22 -11.41 -21.94
CA ASP L 4734 -70.80 -10.76 -23.11
C ASP L 4734 -69.78 -9.73 -23.60
N LEU L 4735 -69.17 -10.01 -24.75
CA LEU L 4735 -68.05 -9.22 -25.23
C LEU L 4735 -68.46 -7.77 -25.50
N ALA L 4736 -69.61 -7.57 -26.12
CA ALA L 4736 -70.07 -6.21 -26.37
C ALA L 4736 -70.48 -5.52 -25.07
N SER L 4737 -71.15 -6.24 -24.18
CA SER L 4737 -71.66 -5.62 -22.96
C SER L 4737 -70.53 -5.16 -22.05
N LEU L 4738 -69.40 -5.87 -22.03
CA LEU L 4738 -68.27 -5.38 -21.25
C LEU L 4738 -67.78 -4.03 -21.77
N GLU L 4739 -67.68 -3.89 -23.07
CA GLU L 4739 -67.17 -2.64 -23.62
C GLU L 4739 -68.18 -1.50 -23.45
N ILE L 4740 -69.47 -1.82 -23.40
CA ILE L 4740 -70.44 -0.75 -23.17
C ILE L 4740 -70.51 -0.37 -21.69
N THR L 4741 -70.31 -1.32 -20.77
CA THR L 4741 -70.21 -0.95 -19.37
C THR L 4741 -68.89 -0.27 -19.06
N ALA L 4742 -67.89 -0.41 -19.94
CA ALA L 4742 -66.66 0.35 -19.79
C ALA L 4742 -66.91 1.84 -19.91
N HIS L 4743 -67.76 2.26 -20.85
CA HIS L 4743 -67.93 3.68 -21.11
C HIS L 4743 -69.17 4.27 -20.46
N ASN L 4744 -70.19 3.47 -20.16
CA ASN L 4744 -71.39 3.97 -19.50
C ASN L 4744 -72.01 2.85 -18.68
N GLU L 4745 -72.27 3.14 -17.41
CA GLU L 4745 -72.75 2.14 -16.46
C GLU L 4745 -73.84 2.78 -15.59
N ARG L 4746 -75.08 2.70 -16.05
CA ARG L 4746 -76.21 3.16 -15.26
C ARG L 4746 -76.38 2.25 -14.05
N LYS L 4747 -76.67 2.86 -12.90
CA LYS L 4747 -76.82 2.12 -11.65
C LYS L 4747 -78.13 2.50 -10.97
N PRO L 4748 -79.28 2.08 -11.54
CA PRO L 4748 -80.56 2.35 -10.88
C PRO L 4748 -80.98 1.22 -9.96
N ASP L 4749 -82.14 1.38 -9.31
CA ASP L 4749 -82.78 0.31 -8.54
C ASP L 4749 -84.24 0.23 -8.98
N PRO L 4750 -84.53 -0.42 -10.10
CA PRO L 4750 -85.91 -0.46 -10.61
C PRO L 4750 -86.87 -1.18 -9.66
N PRO L 4751 -86.65 -2.44 -9.28
CA PRO L 4751 -87.68 -3.15 -8.52
C PRO L 4751 -87.52 -2.93 -7.03
N PRO L 4752 -88.51 -2.32 -6.37
CA PRO L 4752 -88.38 -2.06 -4.93
C PRO L 4752 -88.92 -3.19 -4.06
N GLY L 4753 -89.75 -4.06 -4.63
CA GLY L 4753 -90.49 -5.03 -3.84
C GLY L 4753 -89.69 -6.25 -3.49
N LEU L 4754 -90.40 -7.28 -3.04
CA LEU L 4754 -89.79 -8.56 -2.72
C LEU L 4754 -89.45 -9.35 -3.97
N LEU L 4755 -90.18 -9.13 -5.06
CA LEU L 4755 -90.00 -9.91 -6.28
C LEU L 4755 -88.60 -9.79 -6.85
N THR L 4756 -87.89 -8.70 -6.56
CA THR L 4756 -86.51 -8.59 -7.02
C THR L 4756 -85.62 -9.64 -6.37
N TRP L 4757 -85.93 -10.07 -5.15
CA TRP L 4757 -85.11 -11.10 -4.51
C TRP L 4757 -85.37 -12.47 -5.10
N LEU L 4758 -86.53 -12.67 -5.74
CA LEU L 4758 -86.79 -13.89 -6.48
C LEU L 4758 -86.27 -13.82 -7.91
N MET L 4759 -86.11 -12.63 -8.47
CA MET L 4759 -85.69 -12.53 -9.87
C MET L 4759 -84.18 -12.40 -10.01
N SER L 4760 -83.55 -11.56 -9.19
CA SER L 4760 -82.11 -11.35 -9.30
C SER L 4760 -81.30 -12.49 -8.71
N ILE L 4761 -81.95 -13.47 -8.07
CA ILE L 4761 -81.22 -14.60 -7.53
C ILE L 4761 -80.59 -15.39 -8.68
N ASP L 4762 -79.44 -15.98 -8.41
CA ASP L 4762 -78.67 -16.71 -9.41
C ASP L 4762 -78.74 -18.18 -9.01
N VAL L 4763 -79.55 -18.94 -9.73
CA VAL L 4763 -79.85 -20.31 -9.32
C VAL L 4763 -78.59 -21.16 -9.41
N LYS L 4764 -77.84 -21.04 -10.50
CA LYS L 4764 -76.67 -21.88 -10.69
C LYS L 4764 -75.61 -21.60 -9.65
N TYR L 4765 -75.36 -20.33 -9.35
CA TYR L 4765 -74.40 -19.99 -8.31
C TYR L 4765 -74.85 -20.48 -6.96
N GLN L 4766 -76.16 -20.40 -6.67
CA GLN L 4766 -76.66 -20.91 -5.41
C GLN L 4766 -76.47 -22.41 -5.30
N ILE L 4767 -76.67 -23.14 -6.39
CA ILE L 4767 -76.44 -24.58 -6.38
C ILE L 4767 -74.97 -24.86 -6.10
N TRP L 4768 -74.07 -24.11 -6.74
CA TRP L 4768 -72.64 -24.30 -6.47
C TRP L 4768 -72.30 -23.98 -5.02
N LYS L 4769 -72.86 -22.90 -4.49
CA LYS L 4769 -72.58 -22.52 -3.11
C LYS L 4769 -73.05 -23.59 -2.15
N PHE L 4770 -74.25 -24.13 -2.38
CA PHE L 4770 -74.74 -25.21 -1.52
C PHE L 4770 -73.85 -26.43 -1.63
N GLY L 4771 -73.38 -26.74 -2.83
CA GLY L 4771 -72.45 -27.84 -2.98
C GLY L 4771 -71.16 -27.63 -2.21
N VAL L 4772 -70.72 -26.38 -2.11
CA VAL L 4772 -69.49 -26.10 -1.37
C VAL L 4772 -69.72 -26.26 0.12
N ILE L 4773 -70.83 -25.74 0.64
CA ILE L 4773 -71.00 -25.79 2.10
C ILE L 4773 -71.36 -27.20 2.54
N PHE L 4774 -72.24 -27.88 1.82
CA PHE L 4774 -72.71 -29.20 2.23
C PHE L 4774 -71.66 -30.29 2.10
N THR L 4775 -70.43 -29.98 1.72
CA THR L 4775 -69.35 -30.92 1.81
C THR L 4775 -68.34 -30.54 2.88
N ASP L 4776 -68.44 -29.35 3.45
CA ASP L 4776 -67.55 -28.96 4.53
C ASP L 4776 -67.79 -29.82 5.76
N ASN L 4777 -66.70 -30.20 6.42
CA ASN L 4777 -66.80 -31.09 7.58
C ASN L 4777 -67.56 -30.42 8.73
N SER L 4778 -67.28 -29.16 9.00
CA SER L 4778 -67.90 -28.50 10.14
C SER L 4778 -69.40 -28.36 9.95
N PHE L 4779 -69.83 -27.94 8.76
CA PHE L 4779 -71.26 -27.77 8.53
C PHE L 4779 -71.99 -29.09 8.53
N LEU L 4780 -71.35 -30.16 8.05
CA LEU L 4780 -71.98 -31.48 8.13
C LEU L 4780 -72.12 -31.93 9.57
N TYR L 4781 -71.13 -31.64 10.41
CA TYR L 4781 -71.25 -31.96 11.82
C TYR L 4781 -72.40 -31.20 12.46
N LEU L 4782 -72.55 -29.93 12.14
CA LEU L 4782 -73.66 -29.17 12.70
C LEU L 4782 -75.00 -29.63 12.14
N GLY L 4783 -75.03 -30.06 10.89
CA GLY L 4783 -76.25 -30.63 10.35
C GLY L 4783 -76.64 -31.93 11.01
N TRP L 4784 -75.64 -32.76 11.33
CA TRP L 4784 -75.92 -33.98 12.07
C TRP L 4784 -76.36 -33.66 13.49
N TYR L 4785 -75.86 -32.55 14.04
CA TYR L 4785 -76.34 -32.09 15.33
C TYR L 4785 -77.82 -31.73 15.24
N MET L 4786 -78.22 -31.04 14.18
CA MET L 4786 -79.63 -30.83 13.88
C MET L 4786 -80.42 -32.12 13.82
N VAL L 4787 -79.93 -33.10 13.05
CA VAL L 4787 -80.69 -34.33 12.83
C VAL L 4787 -80.89 -35.06 14.14
N MET L 4788 -79.85 -35.13 14.97
CA MET L 4788 -80.00 -35.80 16.26
C MET L 4788 -80.91 -35.00 17.19
N SER L 4789 -80.86 -33.67 17.14
CA SER L 4789 -81.75 -32.87 17.97
C SER L 4789 -83.20 -33.10 17.59
N LEU L 4790 -83.49 -33.18 16.30
CA LEU L 4790 -84.86 -33.46 15.88
C LEU L 4790 -85.29 -34.86 16.26
N LEU L 4791 -84.42 -35.85 16.04
CA LEU L 4791 -84.78 -37.23 16.38
C LEU L 4791 -84.90 -37.43 17.88
N GLY L 4792 -84.31 -36.55 18.68
CA GLY L 4792 -84.49 -36.64 20.12
C GLY L 4792 -85.93 -36.42 20.54
N HIS L 4793 -86.71 -35.71 19.73
CA HIS L 4793 -88.13 -35.58 20.01
C HIS L 4793 -88.86 -36.88 19.71
N TYR L 4794 -88.44 -37.61 18.68
CA TYR L 4794 -89.01 -38.92 18.42
C TYR L 4794 -88.72 -39.87 19.56
N ASN L 4795 -87.46 -39.94 19.99
CA ASN L 4795 -87.08 -40.73 21.15
C ASN L 4795 -86.10 -39.93 21.99
N ASN L 4796 -86.41 -39.79 23.28
CA ASN L 4796 -85.64 -38.89 24.13
C ASN L 4796 -84.20 -39.35 24.30
N PHE L 4797 -83.92 -40.64 24.17
CA PHE L 4797 -82.56 -41.09 24.37
C PHE L 4797 -81.63 -40.70 23.24
N PHE L 4798 -82.15 -40.22 22.11
CA PHE L 4798 -81.28 -39.77 21.04
C PHE L 4798 -80.48 -38.54 21.43
N PHE L 4799 -80.85 -37.86 22.50
CA PHE L 4799 -80.05 -36.73 22.96
C PHE L 4799 -78.74 -37.16 23.58
N ALA L 4800 -78.54 -38.45 23.82
CA ALA L 4800 -77.26 -38.91 24.33
C ALA L 4800 -76.14 -38.75 23.31
N ALA L 4801 -76.48 -38.79 22.02
CA ALA L 4801 -75.46 -38.63 20.99
C ALA L 4801 -74.85 -37.25 21.01
N HIS L 4802 -75.49 -36.27 21.63
CA HIS L 4802 -74.94 -34.94 21.71
C HIS L 4802 -73.86 -34.82 22.78
N LEU L 4803 -73.67 -35.85 23.61
CA LEU L 4803 -72.59 -35.80 24.58
C LEU L 4803 -71.22 -35.82 23.91
N LEU L 4804 -71.14 -36.39 22.71
CA LEU L 4804 -69.89 -36.40 21.96
C LEU L 4804 -69.46 -35.03 21.48
N ASP L 4805 -70.31 -34.02 21.67
CA ASP L 4805 -69.94 -32.67 21.29
C ASP L 4805 -68.75 -32.16 22.08
N ILE L 4806 -68.50 -32.69 23.29
CA ILE L 4806 -67.32 -32.27 24.04
C ILE L 4806 -66.05 -32.63 23.30
N ALA L 4807 -66.06 -33.73 22.55
CA ALA L 4807 -64.90 -34.15 21.78
C ALA L 4807 -64.58 -33.16 20.67
N MET L 4808 -65.59 -32.49 20.13
CA MET L 4808 -65.36 -31.40 19.20
C MET L 4808 -65.36 -30.04 19.90
N GLY L 4809 -65.50 -30.05 21.22
CA GLY L 4809 -65.57 -28.87 22.06
C GLY L 4809 -64.24 -28.64 22.75
N VAL L 4810 -64.10 -29.12 23.99
CA VAL L 4810 -62.95 -28.77 24.82
C VAL L 4810 -61.67 -29.23 24.14
N LYS L 4811 -60.66 -28.35 24.16
CA LYS L 4811 -59.49 -28.54 23.30
C LYS L 4811 -58.65 -29.74 23.73
N THR L 4812 -58.53 -29.99 25.03
CA THR L 4812 -57.70 -31.09 25.47
C THR L 4812 -58.27 -32.44 25.05
N LEU L 4813 -59.60 -32.58 25.05
CA LEU L 4813 -60.19 -33.79 24.51
C LEU L 4813 -59.98 -33.88 23.01
N ARG L 4814 -59.92 -32.74 22.33
CA ARG L 4814 -59.59 -32.74 20.91
C ARG L 4814 -58.19 -33.29 20.69
N THR L 4815 -57.24 -32.92 21.55
CA THR L 4815 -55.87 -33.41 21.35
C THR L 4815 -55.75 -34.88 21.70
N ILE L 4816 -56.47 -35.35 22.72
CA ILE L 4816 -56.45 -36.78 23.05
C ILE L 4816 -57.03 -37.59 21.90
N LEU L 4817 -58.17 -37.16 21.37
CA LEU L 4817 -58.73 -37.84 20.21
C LEU L 4817 -57.83 -37.70 19.00
N SER L 4818 -57.07 -36.60 18.90
CA SER L 4818 -56.17 -36.46 17.77
C SER L 4818 -55.00 -37.43 17.87
N SER L 4819 -54.55 -37.72 19.09
CA SER L 4819 -53.55 -38.78 19.24
C SER L 4819 -54.13 -40.13 18.85
N VAL L 4820 -55.37 -40.41 19.23
CA VAL L 4820 -55.99 -41.68 18.85
C VAL L 4820 -56.13 -41.78 17.34
N THR L 4821 -56.56 -40.71 16.70
CA THR L 4821 -56.86 -40.72 15.27
C THR L 4821 -55.66 -40.38 14.40
N HIS L 4822 -54.50 -40.09 14.98
CA HIS L 4822 -53.33 -39.78 14.16
C HIS L 4822 -52.86 -41.00 13.38
N ASN L 4823 -52.93 -42.18 13.98
CA ASN L 4823 -52.53 -43.43 13.35
C ASN L 4823 -53.74 -44.32 13.11
N GLY L 4824 -54.85 -43.71 12.68
CA GLY L 4824 -56.08 -44.45 12.52
C GLY L 4824 -56.00 -45.54 11.46
N LYS L 4825 -55.34 -45.24 10.35
CA LYS L 4825 -55.17 -46.25 9.32
C LYS L 4825 -54.33 -47.42 9.84
N GLN L 4826 -53.28 -47.11 10.59
CA GLN L 4826 -52.48 -48.18 11.19
C GLN L 4826 -53.31 -49.03 12.13
N LEU L 4827 -54.17 -48.40 12.94
CA LEU L 4827 -55.01 -49.17 13.86
C LEU L 4827 -55.98 -50.07 13.10
N VAL L 4828 -56.58 -49.56 12.02
CA VAL L 4828 -57.53 -50.37 11.27
C VAL L 4828 -56.83 -51.55 10.62
N MET L 4829 -55.65 -51.32 10.04
CA MET L 4829 -54.90 -52.44 9.45
C MET L 4829 -54.44 -53.43 10.51
N THR L 4830 -54.15 -52.95 11.72
CA THR L 4830 -53.76 -53.88 12.78
C THR L 4830 -54.92 -54.77 13.18
N VAL L 4831 -56.13 -54.23 13.30
CA VAL L 4831 -57.25 -55.11 13.63
C VAL L 4831 -57.62 -55.98 12.44
N GLY L 4832 -57.31 -55.55 11.21
CA GLY L 4832 -57.47 -56.44 10.08
C GLY L 4832 -56.52 -57.62 10.17
N LEU L 4833 -55.27 -57.36 10.53
CA LEU L 4833 -54.33 -58.45 10.77
C LEU L 4833 -54.78 -59.32 11.93
N LEU L 4834 -55.42 -58.72 12.93
CA LEU L 4834 -55.98 -59.51 14.03
C LEU L 4834 -57.04 -60.48 13.52
N ALA L 4835 -57.93 -60.00 12.65
CA ALA L 4835 -58.96 -60.87 12.09
C ALA L 4835 -58.33 -61.98 11.27
N VAL L 4836 -57.28 -61.67 10.51
CA VAL L 4836 -56.64 -62.68 9.68
C VAL L 4836 -55.98 -63.75 10.53
N VAL L 4837 -55.24 -63.36 11.56
CA VAL L 4837 -54.54 -64.37 12.36
C VAL L 4837 -55.52 -65.17 13.19
N VAL L 4838 -56.59 -64.55 13.67
CA VAL L 4838 -57.58 -65.31 14.42
C VAL L 4838 -58.29 -66.30 13.52
N TYR L 4839 -58.53 -65.93 12.26
CA TYR L 4839 -59.10 -66.89 11.32
C TYR L 4839 -58.11 -68.01 11.02
N LEU L 4840 -56.82 -67.69 10.96
CA LEU L 4840 -55.82 -68.73 10.75
C LEU L 4840 -55.76 -69.69 11.92
N TYR L 4841 -56.09 -69.22 13.11
CA TYR L 4841 -56.23 -70.14 14.23
C TYR L 4841 -57.53 -70.91 14.15
N THR L 4842 -58.56 -70.32 13.54
CA THR L 4842 -59.84 -71.03 13.41
C THR L 4842 -59.74 -72.21 12.46
N VAL L 4843 -59.03 -72.04 11.33
CA VAL L 4843 -58.92 -73.13 10.38
C VAL L 4843 -58.14 -74.29 10.95
N VAL L 4844 -57.29 -74.06 11.95
CA VAL L 4844 -56.51 -75.12 12.55
C VAL L 4844 -57.13 -75.61 13.84
N ALA L 4845 -58.11 -74.90 14.39
CA ALA L 4845 -58.88 -75.43 15.49
C ALA L 4845 -60.05 -76.27 15.02
N PHE L 4846 -60.62 -75.96 13.87
CA PHE L 4846 -61.75 -76.72 13.35
C PHE L 4846 -61.27 -78.11 12.95
N ASN L 4847 -60.16 -78.18 12.22
CA ASN L 4847 -59.70 -79.44 11.66
C ASN L 4847 -59.22 -80.40 12.74
N PHE L 4848 -58.54 -79.91 13.76
CA PHE L 4848 -57.88 -80.78 14.73
C PHE L 4848 -58.54 -80.71 16.10
N PHE L 4849 -58.59 -79.52 16.69
CA PHE L 4849 -59.03 -79.35 18.08
C PHE L 4849 -60.52 -79.01 18.09
N ARG L 4850 -61.32 -79.96 17.64
CA ARG L 4850 -62.73 -79.68 17.45
C ARG L 4850 -63.56 -80.08 18.65
N LYS L 4851 -63.23 -81.21 19.28
CA LYS L 4851 -64.02 -81.70 20.40
C LYS L 4851 -63.85 -80.83 21.64
N PHE L 4852 -62.79 -80.04 21.72
CA PHE L 4852 -62.53 -79.29 22.94
C PHE L 4852 -63.44 -78.09 23.10
N TYR L 4853 -64.04 -77.60 22.03
CA TYR L 4853 -64.85 -76.38 22.08
C TYR L 4853 -66.27 -76.68 22.54
N ASN L 4854 -66.36 -77.21 23.75
CA ASN L 4854 -67.63 -77.52 24.38
C ASN L 4854 -67.98 -76.44 25.38
N LYS L 4855 -69.18 -75.89 25.26
CA LYS L 4855 -69.65 -74.86 26.17
C LYS L 4855 -70.97 -75.26 26.83
N SER L 4856 -71.17 -76.56 27.01
CA SER L 4856 -72.39 -77.07 27.62
C SER L 4856 -72.04 -78.12 28.67
N GLU L 4857 -72.43 -77.86 29.91
CA GLU L 4857 -72.30 -78.86 30.96
C GLU L 4857 -73.38 -79.90 30.91
N ASP L 4858 -74.44 -79.67 30.13
CA ASP L 4858 -75.50 -80.66 29.94
C ASP L 4858 -75.06 -81.68 28.91
N GLU L 4859 -74.69 -82.87 29.38
CA GLU L 4859 -74.18 -83.91 28.49
C GLU L 4859 -75.23 -84.38 27.49
N ASP L 4860 -76.51 -84.19 27.81
CA ASP L 4860 -77.57 -84.59 26.89
C ASP L 4860 -77.54 -83.76 25.61
N GLU L 4861 -77.28 -82.47 25.73
CA GLU L 4861 -77.29 -81.54 24.60
C GLU L 4861 -75.93 -80.86 24.50
N PRO L 4862 -74.97 -81.45 23.79
CA PRO L 4862 -73.70 -80.78 23.57
C PRO L 4862 -73.88 -79.52 22.73
N ASP L 4863 -73.00 -78.55 22.96
CA ASP L 4863 -73.07 -77.25 22.32
C ASP L 4863 -71.75 -76.90 21.67
N MET L 4864 -71.25 -77.81 20.83
CA MET L 4864 -70.03 -77.58 20.06
C MET L 4864 -70.04 -76.21 19.40
N LYS L 4865 -69.10 -75.36 19.81
CA LYS L 4865 -69.00 -74.04 19.24
C LYS L 4865 -68.00 -73.97 18.10
N CYS L 4866 -67.45 -75.10 17.68
CA CYS L 4866 -66.55 -75.14 16.53
C CYS L 4866 -66.88 -76.31 15.64
N ASP L 4867 -68.15 -76.55 15.39
CA ASP L 4867 -68.58 -77.52 14.40
C ASP L 4867 -68.91 -76.85 13.08
N ASP L 4868 -68.67 -75.55 12.95
CA ASP L 4868 -69.02 -74.79 11.78
C ASP L 4868 -68.05 -73.62 11.71
N MET L 4869 -67.60 -73.28 10.50
CA MET L 4869 -66.64 -72.20 10.35
C MET L 4869 -67.17 -70.90 10.90
N MET L 4870 -68.42 -70.56 10.58
CA MET L 4870 -68.94 -69.25 10.98
C MET L 4870 -68.98 -69.12 12.49
N THR L 4871 -69.52 -70.13 13.17
CA THR L 4871 -69.62 -70.01 14.62
C THR L 4871 -68.28 -70.22 15.31
N CYS L 4872 -67.35 -70.97 14.70
CA CYS L 4872 -66.03 -71.11 15.33
C CYS L 4872 -65.23 -69.83 15.22
N TYR L 4873 -65.24 -69.20 14.04
CA TYR L 4873 -64.60 -67.91 13.89
C TYR L 4873 -65.23 -66.87 14.79
N LEU L 4874 -66.57 -66.90 14.91
CA LEU L 4874 -67.24 -65.99 15.84
C LEU L 4874 -66.81 -66.25 17.27
N PHE L 4875 -66.69 -67.53 17.65
CA PHE L 4875 -66.26 -67.86 19.00
C PHE L 4875 -64.85 -67.34 19.25
N HIS L 4876 -63.95 -67.53 18.29
CA HIS L 4876 -62.58 -67.09 18.50
C HIS L 4876 -62.49 -65.58 18.60
N MET L 4877 -63.06 -64.86 17.63
CA MET L 4877 -63.05 -63.41 17.68
C MET L 4877 -63.77 -62.84 18.89
N TYR L 4878 -64.83 -63.47 19.37
CA TYR L 4878 -65.57 -62.85 20.45
C TYR L 4878 -64.97 -63.21 21.81
N VAL L 4879 -64.61 -64.47 22.03
CA VAL L 4879 -64.16 -64.90 23.34
C VAL L 4879 -62.64 -64.91 23.44
N GLY L 4880 -61.96 -65.47 22.45
CA GLY L 4880 -60.53 -65.66 22.57
C GLY L 4880 -59.75 -64.36 22.60
N VAL L 4881 -60.19 -63.37 21.83
CA VAL L 4881 -59.51 -62.09 21.85
C VAL L 4881 -59.73 -61.39 23.18
N ARG L 4882 -60.96 -61.45 23.70
CA ARG L 4882 -61.28 -60.72 24.92
C ARG L 4882 -60.85 -61.43 26.19
N ALA L 4883 -60.48 -62.70 26.12
CA ALA L 4883 -60.06 -63.40 27.32
C ALA L 4883 -58.75 -62.84 27.85
N GLY L 4884 -58.58 -62.91 29.17
CA GLY L 4884 -57.34 -62.43 29.76
C GLY L 4884 -56.14 -63.25 29.33
N GLY L 4885 -56.28 -64.56 29.36
CA GLY L 4885 -55.36 -65.45 28.69
C GLY L 4885 -55.78 -65.61 27.25
N GLY L 4886 -55.21 -66.61 26.59
CA GLY L 4886 -55.55 -66.90 25.21
C GLY L 4886 -56.89 -67.58 25.12
N ILE L 4887 -57.02 -68.43 24.10
CA ILE L 4887 -58.20 -69.30 24.01
C ILE L 4887 -58.12 -70.46 24.97
N GLY L 4888 -56.95 -70.69 25.58
CA GLY L 4888 -56.76 -71.87 26.40
C GLY L 4888 -57.55 -71.89 27.69
N ASP L 4889 -58.03 -70.73 28.14
CA ASP L 4889 -58.82 -70.68 29.36
C ASP L 4889 -60.32 -70.72 29.11
N GLU L 4890 -60.74 -70.86 27.86
CA GLU L 4890 -62.16 -70.87 27.53
C GLU L 4890 -62.64 -72.16 26.90
N ILE L 4891 -61.78 -73.17 26.78
CA ILE L 4891 -62.12 -74.43 26.16
C ILE L 4891 -61.76 -75.56 27.12
N GLU L 4892 -61.95 -76.79 26.64
CA GLU L 4892 -61.73 -77.96 27.48
C GLU L 4892 -60.25 -78.10 27.83
N ASP L 4893 -59.99 -78.65 29.01
CA ASP L 4893 -58.63 -78.89 29.47
C ASP L 4893 -57.94 -79.88 28.55
N PRO L 4894 -56.79 -79.54 27.97
CA PRO L 4894 -56.11 -80.45 27.05
C PRO L 4894 -55.32 -81.56 27.73
N ALA L 4895 -55.32 -81.63 29.05
CA ALA L 4895 -54.57 -82.68 29.74
C ALA L 4895 -55.21 -84.04 29.49
N GLY L 4896 -54.37 -85.06 29.38
CA GLY L 4896 -54.85 -86.40 29.13
C GLY L 4896 -55.44 -86.57 27.75
N ASP L 4897 -54.62 -86.37 26.72
CA ASP L 4897 -55.08 -86.48 25.35
C ASP L 4897 -53.87 -86.69 24.45
N GLU L 4898 -54.11 -87.31 23.30
CA GLU L 4898 -53.03 -87.51 22.34
C GLU L 4898 -52.58 -86.21 21.69
N TYR L 4899 -53.38 -85.15 21.79
CA TYR L 4899 -53.05 -83.86 21.23
C TYR L 4899 -52.69 -82.84 22.32
N GLU L 4900 -52.15 -83.32 23.44
CA GLU L 4900 -51.87 -82.43 24.57
C GLU L 4900 -50.81 -81.41 24.21
N LEU L 4901 -49.68 -81.86 23.67
CA LEU L 4901 -48.61 -80.93 23.34
C LEU L 4901 -49.01 -80.01 22.19
N TYR L 4902 -49.76 -80.54 21.22
CA TYR L 4902 -50.22 -79.70 20.12
C TYR L 4902 -51.14 -78.60 20.62
N ARG L 4903 -52.06 -78.91 21.53
CA ARG L 4903 -52.93 -77.88 22.07
C ARG L 4903 -52.18 -76.90 22.95
N VAL L 4904 -51.16 -77.35 23.67
CA VAL L 4904 -50.36 -76.43 24.48
C VAL L 4904 -49.66 -75.43 23.57
N VAL L 4905 -49.06 -75.91 22.48
CA VAL L 4905 -48.45 -75.00 21.52
C VAL L 4905 -49.50 -74.06 20.94
N PHE L 4906 -50.70 -74.60 20.66
CA PHE L 4906 -51.76 -73.80 20.07
C PHE L 4906 -52.16 -72.65 20.98
N ASP L 4907 -52.45 -72.94 22.24
CA ASP L 4907 -52.88 -71.89 23.16
C ASP L 4907 -51.76 -70.91 23.47
N ILE L 4908 -50.53 -71.41 23.64
CA ILE L 4908 -49.44 -70.51 23.97
C ILE L 4908 -49.15 -69.57 22.83
N THR L 4909 -49.14 -70.07 21.59
CA THR L 4909 -48.90 -69.16 20.47
C THR L 4909 -50.08 -68.22 20.25
N PHE L 4910 -51.30 -68.66 20.53
CA PHE L 4910 -52.44 -67.75 20.47
C PHE L 4910 -52.28 -66.62 21.46
N PHE L 4911 -51.91 -66.95 22.69
CA PHE L 4911 -51.68 -65.94 23.71
C PHE L 4911 -50.52 -65.03 23.33
N PHE L 4912 -49.45 -65.58 22.78
CA PHE L 4912 -48.27 -64.78 22.50
C PHE L 4912 -48.45 -63.89 21.29
N PHE L 4913 -49.14 -64.36 20.25
CA PHE L 4913 -49.26 -63.54 19.05
C PHE L 4913 -50.50 -62.65 19.08
N VAL L 4914 -51.64 -63.17 19.53
CA VAL L 4914 -52.88 -62.41 19.46
C VAL L 4914 -53.04 -61.50 20.67
N ILE L 4915 -52.69 -61.97 21.85
CA ILE L 4915 -53.01 -61.22 23.07
C ILE L 4915 -51.90 -60.25 23.44
N VAL L 4916 -50.69 -60.75 23.66
CA VAL L 4916 -49.67 -59.86 24.20
C VAL L 4916 -48.97 -59.09 23.09
N ILE L 4917 -48.85 -59.65 21.89
CA ILE L 4917 -48.20 -58.91 20.81
C ILE L 4917 -49.21 -58.02 20.10
N LEU L 4918 -50.27 -58.61 19.56
CA LEU L 4918 -51.13 -57.87 18.66
C LEU L 4918 -52.07 -56.92 19.36
N LEU L 4919 -52.18 -56.96 20.69
CA LEU L 4919 -52.82 -55.86 21.38
C LEU L 4919 -51.81 -54.84 21.87
N ALA L 4920 -50.56 -55.24 22.04
CA ALA L 4920 -49.52 -54.25 22.35
C ALA L 4920 -49.28 -53.34 21.17
N ILE L 4921 -49.49 -53.81 19.95
CA ILE L 4921 -49.42 -52.91 18.80
C ILE L 4921 -50.55 -51.89 18.87
N ILE L 4922 -51.75 -52.33 19.25
CA ILE L 4922 -52.88 -51.41 19.36
C ILE L 4922 -52.60 -50.36 20.42
N GLN L 4923 -52.05 -50.78 21.56
CA GLN L 4923 -51.66 -49.81 22.58
C GLN L 4923 -50.49 -48.96 22.13
N GLY L 4924 -49.57 -49.53 21.35
CA GLY L 4924 -48.37 -48.81 20.98
C GLY L 4924 -48.56 -47.77 19.93
N LEU L 4925 -49.57 -47.94 19.07
CA LEU L 4925 -49.84 -46.92 18.07
C LEU L 4925 -50.23 -45.60 18.73
N ILE L 4926 -51.10 -45.66 19.74
CA ILE L 4926 -51.47 -44.43 20.42
C ILE L 4926 -50.38 -44.00 21.40
N ILE L 4927 -49.61 -44.94 21.94
CA ILE L 4927 -48.45 -44.59 22.76
C ILE L 4927 -47.49 -43.72 21.97
N ASP L 4928 -47.21 -44.13 20.74
CA ASP L 4928 -46.30 -43.40 19.87
C ASP L 4928 -46.97 -42.14 19.31
N ALA L 4929 -48.29 -42.14 19.21
CA ALA L 4929 -48.98 -40.95 18.73
C ALA L 4929 -48.88 -39.81 19.73
N PHE L 4930 -48.82 -40.13 21.03
CA PHE L 4930 -48.58 -39.06 21.98
C PHE L 4930 -47.20 -38.44 21.77
N GLY L 4931 -46.23 -39.26 21.37
CA GLY L 4931 -44.95 -38.71 20.96
C GLY L 4931 -45.04 -37.89 19.69
N GLU L 4932 -45.95 -38.26 18.78
CA GLU L 4932 -46.19 -37.44 17.59
C GLU L 4932 -46.55 -36.02 17.98
N LEU L 4933 -47.65 -35.87 18.73
CA LEU L 4933 -48.09 -34.53 19.08
C LEU L 4933 -47.11 -33.82 20.01
N ARG L 4934 -46.48 -34.55 20.92
CA ARG L 4934 -45.29 -34.05 21.61
C ARG L 4934 -44.35 -33.30 20.69
N ASP L 4935 -43.76 -34.04 19.75
CA ASP L 4935 -42.65 -33.48 18.99
C ASP L 4935 -43.14 -32.43 18.03
N GLN L 4936 -44.41 -32.47 17.62
CA GLN L 4936 -44.92 -31.40 16.78
C GLN L 4936 -44.99 -30.08 17.54
N GLN L 4937 -45.59 -30.07 18.73
CA GLN L 4937 -45.63 -28.82 19.49
C GLN L 4937 -44.24 -28.34 19.87
N GLU L 4938 -43.36 -29.26 20.28
CA GLU L 4938 -42.01 -28.87 20.65
C GLU L 4938 -41.24 -28.33 19.45
N GLN L 4939 -41.43 -28.94 18.27
CA GLN L 4939 -40.73 -28.46 17.10
C GLN L 4939 -41.21 -27.08 16.70
N VAL L 4940 -42.52 -26.84 16.76
CA VAL L 4940 -43.05 -25.52 16.41
C VAL L 4940 -42.53 -24.45 17.36
N LYS L 4941 -42.62 -24.71 18.66
CA LYS L 4941 -42.16 -23.73 19.64
C LYS L 4941 -40.65 -23.51 19.51
N GLU L 4942 -39.89 -24.57 19.30
CA GLU L 4942 -38.45 -24.42 19.13
C GLU L 4942 -38.12 -23.61 17.90
N ASP L 4943 -38.83 -23.87 16.78
CA ASP L 4943 -38.55 -23.15 15.55
C ASP L 4943 -38.87 -21.67 15.68
N MET L 4944 -39.94 -21.33 16.37
CA MET L 4944 -40.19 -19.92 16.68
C MET L 4944 -39.08 -19.35 17.54
N GLU L 4945 -38.60 -20.12 18.51
CA GLU L 4945 -37.60 -19.59 19.42
C GLU L 4945 -36.24 -19.37 18.74
N THR L 4946 -35.88 -20.20 17.76
CA THR L 4946 -34.51 -20.16 17.27
C THR L 4946 -34.32 -19.41 15.98
N LYS L 4947 -35.34 -19.31 15.12
CA LYS L 4947 -35.15 -18.70 13.82
C LYS L 4947 -36.28 -17.73 13.52
N CYS L 4948 -35.97 -16.70 12.74
CA CYS L 4948 -36.98 -15.73 12.37
C CYS L 4948 -37.92 -16.33 11.33
N PHE L 4949 -39.20 -16.06 11.49
CA PHE L 4949 -40.20 -16.63 10.59
C PHE L 4949 -40.07 -16.07 9.18
N ILE L 4950 -39.63 -14.83 9.04
CA ILE L 4950 -39.58 -14.19 7.73
C ILE L 4950 -38.22 -14.41 7.07
N CYS L 4951 -37.17 -13.88 7.67
CA CYS L 4951 -35.87 -13.93 7.01
C CYS L 4951 -35.22 -15.30 7.13
N GLY L 4952 -35.46 -16.02 8.22
CA GLY L 4952 -34.86 -17.31 8.41
C GLY L 4952 -33.48 -17.30 9.03
N ILE L 4953 -32.91 -16.12 9.29
CA ILE L 4953 -31.62 -16.04 9.95
C ILE L 4953 -31.77 -16.52 11.39
N GLY L 4954 -30.85 -17.37 11.82
CA GLY L 4954 -30.93 -17.94 13.15
C GLY L 4954 -30.62 -16.91 14.23
N SER L 4955 -31.10 -17.21 15.44
CA SER L 4955 -30.89 -16.33 16.57
C SER L 4955 -29.44 -16.33 17.03
N ASP L 4956 -28.65 -17.32 16.64
CA ASP L 4956 -27.23 -17.32 16.94
C ASP L 4956 -26.51 -16.15 16.28
N TYR L 4957 -27.13 -15.55 15.26
CA TYR L 4957 -26.59 -14.34 14.66
C TYR L 4957 -27.10 -13.10 15.36
N PHE L 4958 -28.41 -13.03 15.61
CA PHE L 4958 -28.98 -11.80 16.16
C PHE L 4958 -28.57 -11.58 17.61
N ASP L 4959 -28.49 -12.66 18.40
CA ASP L 4959 -28.22 -12.51 19.82
C ASP L 4959 -26.80 -12.06 20.12
N THR L 4960 -25.97 -11.83 19.10
CA THR L 4960 -24.66 -11.23 19.35
C THR L 4960 -24.81 -9.87 20.02
N THR L 4961 -25.69 -9.06 19.50
CA THR L 4961 -26.15 -7.87 20.20
C THR L 4961 -27.15 -8.29 21.28
N PRO L 4962 -27.09 -7.68 22.47
CA PRO L 4962 -28.05 -8.03 23.53
C PRO L 4962 -29.49 -7.86 23.06
N HIS L 4963 -30.31 -8.87 23.36
CA HIS L 4963 -31.72 -8.91 22.94
C HIS L 4963 -31.85 -8.75 21.43
N GLY L 4964 -30.87 -9.25 20.69
CA GLY L 4964 -30.86 -9.03 19.25
C GLY L 4964 -32.02 -9.70 18.55
N PHE L 4965 -32.31 -10.95 18.91
CA PHE L 4965 -33.41 -11.64 18.26
C PHE L 4965 -34.76 -11.07 18.70
N GLU L 4966 -34.87 -10.67 19.97
CA GLU L 4966 -36.10 -10.01 20.42
C GLU L 4966 -36.36 -8.74 19.63
N THR L 4967 -35.33 -7.93 19.43
CA THR L 4967 -35.46 -6.73 18.63
C THR L 4967 -35.80 -7.06 17.18
N HIS L 4968 -35.16 -8.07 16.62
CA HIS L 4968 -35.37 -8.40 15.22
C HIS L 4968 -36.79 -8.86 14.95
N THR L 4969 -37.40 -9.57 15.90
CA THR L 4969 -38.76 -10.04 15.70
C THR L 4969 -39.80 -9.18 16.40
N LEU L 4970 -39.41 -8.04 16.96
CA LEU L 4970 -40.40 -7.09 17.41
C LEU L 4970 -40.40 -5.78 16.64
N GLU L 4971 -39.30 -5.42 16.00
CA GLU L 4971 -39.22 -4.21 15.21
C GLU L 4971 -38.93 -4.46 13.74
N GLU L 4972 -37.85 -5.18 13.44
CA GLU L 4972 -37.38 -5.26 12.06
C GLU L 4972 -38.31 -6.10 11.20
N HIS L 4973 -38.42 -7.38 11.49
CA HIS L 4973 -39.29 -8.30 10.77
C HIS L 4973 -40.38 -8.75 11.73
N ASN L 4974 -41.58 -8.21 11.57
CA ASN L 4974 -42.71 -8.63 12.39
C ASN L 4974 -43.87 -8.95 11.46
N LEU L 4975 -44.38 -10.18 11.56
CA LEU L 4975 -45.43 -10.59 10.63
C LEU L 4975 -46.70 -9.78 10.84
N ALA L 4976 -46.92 -9.28 12.05
CA ALA L 4976 -48.02 -8.35 12.24
C ALA L 4976 -47.80 -7.07 11.45
N ASN L 4977 -46.55 -6.62 11.34
CA ASN L 4977 -46.27 -5.45 10.53
C ASN L 4977 -46.49 -5.73 9.06
N TYR L 4978 -46.24 -6.95 8.59
CA TYR L 4978 -46.53 -7.24 7.19
C TYR L 4978 -48.02 -7.31 6.92
N MET L 4979 -48.79 -7.89 7.86
CA MET L 4979 -50.24 -7.68 7.91
C MET L 4979 -50.61 -6.24 7.64
N PHE L 4980 -50.08 -5.36 8.49
CA PHE L 4980 -50.51 -3.98 8.47
C PHE L 4980 -50.05 -3.27 7.21
N PHE L 4981 -48.91 -3.66 6.64
CA PHE L 4981 -48.47 -3.08 5.39
C PHE L 4981 -49.43 -3.41 4.27
N LEU L 4982 -49.84 -4.68 4.17
CA LEU L 4982 -50.79 -5.03 3.13
C LEU L 4982 -52.09 -4.27 3.29
N MET L 4983 -52.56 -4.15 4.54
CA MET L 4983 -53.79 -3.41 4.79
C MET L 4983 -53.64 -1.95 4.38
N TYR L 4984 -52.47 -1.38 4.68
CA TYR L 4984 -52.23 0.03 4.42
C TYR L 4984 -52.12 0.31 2.93
N LEU L 4985 -51.50 -0.60 2.18
CA LEU L 4985 -51.47 -0.45 0.72
C LEU L 4985 -52.87 -0.51 0.13
N ILE L 4986 -53.69 -1.44 0.60
CA ILE L 4986 -55.04 -1.54 0.06
C ILE L 4986 -55.83 -0.28 0.37
N ASN L 4987 -55.70 0.24 1.59
CA ASN L 4987 -56.47 1.41 1.98
C ASN L 4987 -56.00 2.67 1.25
N LYS L 4988 -54.70 2.81 1.06
CA LYS L 4988 -54.16 4.03 0.49
C LYS L 4988 -54.55 4.18 -0.98
N ASP L 4989 -54.77 5.42 -1.38
CA ASP L 4989 -55.14 5.71 -2.76
C ASP L 4989 -53.98 5.36 -3.68
N GLU L 4990 -54.30 4.73 -4.81
CA GLU L 4990 -53.25 4.22 -5.70
C GLU L 4990 -52.36 5.32 -6.24
N THR L 4991 -52.91 6.53 -6.41
CA THR L 4991 -52.09 7.61 -6.91
C THR L 4991 -51.20 8.22 -5.84
N GLU L 4992 -51.40 7.86 -4.57
CA GLU L 4992 -50.66 8.43 -3.47
C GLU L 4992 -49.57 7.52 -2.94
N HIS L 4993 -49.38 6.34 -3.53
CA HIS L 4993 -48.35 5.44 -3.07
C HIS L 4993 -46.98 6.07 -3.25
N THR L 4994 -46.09 5.83 -2.29
CA THR L 4994 -44.70 6.24 -2.47
C THR L 4994 -44.01 5.25 -3.40
N GLY L 4995 -42.74 5.49 -3.69
CA GLY L 4995 -42.04 4.63 -4.64
C GLY L 4995 -41.92 3.20 -4.15
N GLN L 4996 -41.51 3.04 -2.90
CA GLN L 4996 -41.37 1.71 -2.33
C GLN L 4996 -42.71 1.01 -2.22
N GLU L 4997 -43.75 1.74 -1.82
CA GLU L 4997 -45.07 1.13 -1.72
C GLU L 4997 -45.60 0.73 -3.09
N SER L 4998 -45.31 1.51 -4.12
CA SER L 4998 -45.73 1.11 -5.46
C SER L 4998 -45.00 -0.14 -5.91
N TYR L 4999 -43.72 -0.26 -5.55
CA TYR L 4999 -42.98 -1.47 -5.86
C TYR L 4999 -43.62 -2.70 -5.20
N VAL L 5000 -43.87 -2.61 -3.90
CA VAL L 5000 -44.49 -3.72 -3.19
C VAL L 5000 -45.89 -4.00 -3.73
N TRP L 5001 -46.63 -2.95 -4.08
CA TRP L 5001 -47.97 -3.12 -4.61
C TRP L 5001 -47.95 -3.83 -5.96
N LYS L 5002 -47.01 -3.48 -6.83
CA LYS L 5002 -47.03 -4.11 -8.14
C LYS L 5002 -46.67 -5.58 -8.05
N MET L 5003 -45.76 -5.96 -7.13
CA MET L 5003 -45.59 -7.41 -7.03
C MET L 5003 -46.62 -8.08 -6.14
N TYR L 5004 -47.41 -7.34 -5.37
CA TYR L 5004 -48.58 -7.98 -4.76
C TYR L 5004 -49.62 -8.33 -5.81
N GLN L 5005 -49.84 -7.46 -6.78
CA GLN L 5005 -50.79 -7.77 -7.83
C GLN L 5005 -50.23 -8.81 -8.79
N GLU L 5006 -48.94 -8.72 -9.09
CA GLU L 5006 -48.29 -9.68 -9.96
C GLU L 5006 -48.06 -11.02 -9.29
N ARG L 5007 -48.14 -11.07 -7.95
CA ARG L 5007 -47.91 -12.27 -7.16
C ARG L 5007 -46.49 -12.80 -7.36
N CYS L 5008 -45.53 -11.95 -7.01
CA CYS L 5008 -44.11 -12.28 -7.04
C CYS L 5008 -43.52 -11.92 -5.68
N TRP L 5009 -43.29 -12.92 -4.84
CA TRP L 5009 -42.88 -12.69 -3.46
C TRP L 5009 -41.38 -12.53 -3.33
N ASP L 5010 -40.81 -11.64 -4.13
CA ASP L 5010 -39.39 -11.35 -4.02
C ASP L 5010 -39.09 -10.32 -2.94
N PHE L 5011 -40.06 -9.47 -2.62
CA PHE L 5011 -39.78 -8.37 -1.70
C PHE L 5011 -39.69 -8.84 -0.25
N PHE L 5012 -40.10 -10.04 0.08
CA PHE L 5012 -39.88 -10.54 1.42
C PHE L 5012 -38.40 -10.83 1.61
N PRO L 5013 -37.75 -10.29 2.64
CA PRO L 5013 -36.33 -10.54 2.83
C PRO L 5013 -36.10 -11.99 3.21
N ALA L 5014 -35.36 -12.71 2.37
CA ALA L 5014 -35.07 -14.12 2.60
C ALA L 5014 -33.57 -14.29 2.71
N GLY L 5015 -33.12 -14.80 3.84
CA GLY L 5015 -31.70 -14.98 4.05
C GLY L 5015 -30.91 -13.72 4.26
N ASP L 5016 -31.58 -12.59 4.48
CA ASP L 5016 -30.87 -11.33 4.65
C ASP L 5016 -31.72 -10.40 5.51
N CYS L 5017 -31.07 -9.40 6.07
CA CYS L 5017 -31.76 -8.40 6.88
C CYS L 5017 -30.94 -7.12 6.87
N PHE L 5018 -31.49 -6.07 7.47
CA PHE L 5018 -30.79 -4.79 7.50
C PHE L 5018 -29.49 -4.89 8.28
N ARG L 5019 -29.52 -5.60 9.42
CA ARG L 5019 -28.32 -5.75 10.24
C ARG L 5019 -27.23 -6.48 9.50
N LYS L 5020 -27.59 -7.55 8.79
CA LYS L 5020 -26.61 -8.27 7.99
C LYS L 5020 -26.14 -7.45 6.80
N GLN L 5021 -27.02 -6.63 6.24
CA GLN L 5021 -26.65 -5.82 5.09
C GLN L 5021 -25.63 -4.75 5.46
N TYR L 5022 -25.83 -4.07 6.57
CA TYR L 5022 -24.93 -3.03 7.03
C TYR L 5022 -24.28 -3.48 8.33
N GLU L 5023 -23.09 -4.05 8.22
CA GLU L 5023 -22.27 -4.39 9.38
C GLU L 5023 -21.06 -3.50 9.53
N ASP L 5024 -20.40 -3.16 8.42
CA ASP L 5024 -19.25 -2.27 8.48
C ASP L 5024 -19.64 -0.89 8.99
N GLN L 5025 -20.87 -0.46 8.71
CA GLN L 5025 -21.39 0.80 9.20
C GLN L 5025 -22.13 0.64 10.52
N LEU L 5026 -22.11 -0.55 11.11
CA LEU L 5026 -22.77 -0.83 12.38
C LEU L 5026 -24.26 -0.48 12.33
N SER L 5027 -24.94 -1.06 11.33
CA SER L 5027 -26.38 -0.92 11.15
C SER L 5027 -26.81 0.53 11.00
ZN ZN M . -24.90 -30.54 -4.09
PG ATP N . -40.46 -39.84 -6.05
O1G ATP N . -41.11 -39.95 -7.38
O2G ATP N . -39.36 -40.88 -5.82
O3G ATP N . -41.44 -39.88 -4.88
PB ATP N . -40.05 -36.90 -5.94
O1B ATP N . -39.96 -36.34 -7.30
O2B ATP N . -41.39 -36.73 -5.23
O3B ATP N . -39.72 -38.45 -5.91
PA ATP N . -38.56 -34.91 -4.37
O1A ATP N . -39.77 -34.12 -4.07
O2A ATP N . -37.57 -34.26 -5.34
O3A ATP N . -38.93 -36.32 -4.98
O5' ATP N . -37.78 -35.31 -3.06
C5' ATP N . -36.38 -35.62 -3.09
C4' ATP N . -35.67 -34.64 -2.20
O4' ATP N . -34.25 -34.82 -2.34
C3' ATP N . -35.94 -33.17 -2.50
O3' ATP N . -36.82 -32.61 -1.53
C2' ATP N . -34.55 -32.51 -2.44
O2' ATP N . -34.55 -31.41 -1.53
C1' ATP N . -33.64 -33.62 -1.93
N9 ATP N . -32.30 -33.57 -2.49
C8 ATP N . -31.17 -33.07 -1.89
N7 ATP N . -30.10 -33.16 -2.63
C5 ATP N . -30.55 -33.76 -3.79
C6 ATP N . -29.89 -34.12 -4.98
N6 ATP N . -28.59 -33.94 -5.19
N1 ATP N . -30.63 -34.71 -5.95
C2 ATP N . -31.93 -34.88 -5.74
N3 ATP N . -32.65 -34.58 -4.66
C4 ATP N . -31.90 -34.02 -3.72
N1 CFF O . -20.75 -48.77 -17.52
C2 CFF O . -20.06 -48.89 -18.71
C10 CFF O . -20.02 -48.24 -16.37
C6 CFF O . -22.09 -49.11 -17.29
N3 CFF O . -20.75 -49.40 -19.78
O11 CFF O . -18.89 -48.56 -18.79
C12 CFF O . -20.13 -49.58 -21.08
C4 CFF O . -22.04 -49.76 -19.64
C5 CFF O . -22.70 -49.64 -18.45
N9 CFF O . -22.82 -50.27 -20.60
O13 CFF O . -22.58 -48.96 -16.19
N7 CFF O . -23.97 -50.09 -18.70
C8 CFF O . -23.98 -50.45 -19.98
C14 CFF O . -25.08 -50.18 -17.78
CA CA P . -13.08 -36.55 -30.91
N POV Q . -54.76 -89.41 -2.56
P POV Q . -58.12 -86.11 -4.04
C1 POV Q . -56.38 -85.46 -5.92
C2 POV Q . -55.43 -84.31 -6.29
C3 POV Q . -54.28 -84.15 -5.33
C11 POV Q . -57.01 -88.17 -2.86
O11 POV Q . -57.24 -85.04 -4.88
C12 POV Q . -55.91 -88.67 -1.94
O12 POV Q . -56.89 -86.80 -3.18
C13 POV Q . -53.95 -88.51 -3.46
O13 POV Q . -58.63 -87.12 -5.02
C14 POV Q . -53.89 -89.90 -1.47
O14 POV Q . -59.05 -85.42 -3.09
C15 POV Q . -55.21 -90.59 -3.35
C21 POV Q . -56.97 -82.81 -7.32
O21 POV Q . -56.12 -83.06 -6.33
C22 POV Q . -56.27 -82.68 -8.64
O22 POV Q . -58.16 -82.71 -7.15
C23 POV Q . -55.28 -81.52 -8.71
C24 POV Q . -54.52 -81.51 -10.04
C25 POV Q . -53.20 -80.76 -9.97
C26 POV Q . -53.35 -79.32 -9.51
C27 POV Q . -54.19 -78.46 -10.45
C28 POV Q . -53.39 -77.91 -11.62
C29 POV Q . -54.10 -76.80 -12.33
C31 POV Q . -52.49 -82.98 -6.33
O31 POV Q . -53.59 -82.93 -5.62
C32 POV Q . -51.47 -81.99 -5.84
O32 POV Q . -52.33 -83.72 -7.27
C33 POV Q . -50.65 -82.47 -4.66
C34 POV Q . -49.37 -81.65 -4.52
C35 POV Q . -48.31 -82.31 -3.64
C36 POV Q . -46.91 -81.76 -3.91
C37 POV Q . -46.77 -80.26 -3.72
N POV R . -58.96 -86.09 0.47
P POV R . -57.17 -85.45 4.02
C1 POV R . -55.45 -85.52 6.01
C2 POV R . -54.88 -84.11 6.21
C3 POV R . -55.94 -83.05 6.30
C310 POV R . -51.07 -71.66 7.99
C11 POV R . -58.54 -87.30 2.74
O11 POV R . -55.69 -85.70 4.63
C311 POV R . -49.56 -71.42 7.98
C12 POV R . -59.24 -86.22 1.95
O12 POV R . -57.29 -86.90 3.22
C312 POV R . -49.15 -70.24 8.84
C13 POV R . -59.53 -87.23 -0.29
O13 POV R . -57.00 -84.33 3.05
C14 POV R . -59.63 -84.83 0.03
O14 POV R . -58.21 -85.40 5.10
C15 POV R . -57.51 -85.97 0.16
C21 POV R . -52.72 -83.96 5.22
O21 POV R . -54.02 -83.70 5.14
C22 POV R . -51.93 -82.97 4.41
O22 POV R . -52.26 -84.87 5.86
C23 POV R . -50.46 -83.34 4.29
C24 POV R . -49.61 -82.15 3.83
C25 POV R . -48.12 -82.41 3.96
C26 POV R . -47.30 -81.13 3.94
C31 POV R . -54.96 -81.38 7.60
O31 POV R . -55.28 -81.80 6.39
C32 POV R . -54.28 -80.04 7.53
O32 POV R . -55.17 -82.00 8.60
C33 POV R . -55.20 -78.89 7.14
C34 POV R . -54.57 -77.58 7.58
C35 POV R . -55.17 -76.36 6.90
C36 POV R . -54.72 -75.08 7.58
C37 POV R . -53.25 -74.78 7.39
C38 POV R . -52.94 -73.31 7.58
C39 POV R . -51.48 -72.95 7.31
N POV S . -58.87 -84.14 9.25
P POV S . -54.85 -87.00 10.70
C1 POV S . -52.74 -85.71 11.62
C2 POV S . -51.99 -84.41 11.31
C3 POV S . -51.57 -84.33 9.86
C210 POV S . -50.27 -73.27 15.23
C11 POV S . -56.96 -85.66 10.04
O11 POV S . -53.58 -85.99 10.53
C211 POV S . -51.35 -72.83 14.29
C12 POV S . -57.89 -85.23 8.93
O12 POV S . -55.81 -86.30 9.56
C212 POV S . -51.25 -71.34 13.95
C13 POV S . -59.77 -84.55 10.35
O13 POV S . -54.39 -88.34 10.19
C213 POV S . -50.02 -71.01 13.12
C14 POV S . -58.08 -82.96 9.68
O14 POV S . -55.50 -86.85 12.03
C214 POV S . -50.13 -69.68 12.39
C15 POV S . -59.66 -83.74 8.05
C215 POV S . -50.29 -68.48 13.33
C216 POV S . -50.00 -67.15 12.67
C217 POV S . -48.51 -66.82 12.62
C218 POV S . -48.23 -65.50 11.90
C21 POV S . -50.86 -84.16 13.41
O21 POV S . -50.80 -84.29 12.08
C22 POV S . -51.66 -82.95 13.82
O22 POV S . -50.33 -84.93 14.16
C23 POV S . -50.88 -81.65 13.74
C24 POV S . -51.59 -80.49 14.42
C25 POV S . -50.78 -79.20 14.32
C26 POV S . -51.42 -78.01 15.02
C27 POV S . -50.45 -76.84 15.18
C28 POV S . -51.12 -75.60 15.78
C29 POV S . -50.17 -74.44 15.85
C31 POV S . -51.03 -82.39 8.61
O31 POV S . -50.83 -83.13 9.69
C32 POV S . -49.87 -81.46 8.41
O32 POV S . -52.01 -82.47 7.91
C33 POV S . -50.25 -80.02 8.16
C34 POV S . -50.52 -79.30 9.48
C35 POV S . -51.30 -78.01 9.31
C36 POV S . -51.08 -77.02 10.45
C37 POV S . -49.74 -76.32 10.41
C38 POV S . -49.66 -75.15 11.37
C39 POV S . -48.24 -74.65 11.60
C210 POV T . -35.13 -74.99 30.29
C211 POV T . -35.29 -73.63 29.70
C212 POV T . -35.05 -73.69 28.19
C213 POV T . -34.84 -72.33 27.57
C214 POV T . -33.43 -72.13 27.04
C215 POV T . -33.12 -70.68 26.67
C216 POV T . -31.83 -70.51 25.89
C217 POV T . -31.41 -69.06 25.75
C218 POV T . -29.97 -68.94 25.27
C26 POV T . -33.25 -77.67 28.98
C27 POV T . -32.91 -77.75 30.46
C28 POV T . -33.83 -76.89 31.33
C29 POV T . -34.01 -75.53 30.75
N POV U . -33.59 -57.86 11.20
P POV U . -31.57 -61.04 13.43
C1 POV U . -33.10 -63.12 13.99
C2 POV U . -34.36 -63.42 14.80
C3 POV U . -34.26 -64.68 15.63
C210 POV U . -41.74 -64.31 20.59
C11 POV U . -33.43 -60.37 11.70
O11 POV U . -32.93 -61.72 13.97
C211 POV U . -43.08 -63.69 20.85
C12 POV U . -33.76 -58.98 12.19
O12 POV U . -32.07 -60.70 11.89
C13 POV U . -34.28 -58.16 9.92
O13 POV U . -30.54 -62.14 13.37
C14 POV U . -34.21 -56.64 11.81
O14 POV U . -31.28 -59.75 14.13
C15 POV U . -32.15 -57.56 10.93
C21 POV U . -36.13 -62.50 13.49
O21 POV U . -35.52 -63.57 13.97
C22 POV U . -37.29 -62.89 12.63
O22 POV U . -35.80 -61.36 13.74
C23 POV U . -38.62 -62.36 13.13
C24 POV U . -38.80 -62.67 14.61
C25 POV U . -40.11 -62.11 15.16
C26 POV U . -40.24 -62.28 16.67
C27 POV U . -40.36 -63.73 17.12
C28 POV U . -41.53 -63.94 18.08
C29 POV U . -41.09 -64.43 19.43
C31 POV U . -34.87 -66.94 15.36
O31 POV U . -34.59 -65.77 14.80
C32 POV U . -35.97 -67.62 14.59
O32 POV U . -34.32 -67.36 16.34
C33 POV U . -37.08 -66.70 14.12
C34 POV U . -37.90 -67.35 13.02
C35 POV U . -38.99 -66.47 12.42
C36 POV U . -40.23 -66.37 13.30
C37 POV U . -41.33 -65.50 12.69
C38 POV U . -42.44 -65.19 13.68
C39 POV U . -43.37 -64.07 13.24
N POV V . -23.91 -68.11 7.00
P POV V . -24.50 -66.35 2.18
C1 POV V . -25.23 -67.94 0.19
C2 POV V . -26.49 -68.64 -0.29
C3 POV V . -27.38 -68.98 0.87
C11 POV V . -23.97 -67.19 4.58
O11 POV V . -25.62 -67.05 1.22
C12 POV V . -24.24 -68.32 5.55
O12 POV V . -24.97 -67.04 3.60
C13 POV V . -24.18 -66.71 7.43
O13 POV V . -23.17 -66.94 1.80
C14 POV V . -24.79 -69.02 7.79
O14 POV V . -24.71 -64.87 2.26
C15 POV V . -22.50 -68.45 7.31
C21 POV V . -25.83 -69.93 -2.22
O21 POV V . -26.23 -69.88 -0.95
C22 POV V . -25.88 -71.34 -2.75
O22 POV V . -25.48 -68.96 -2.85
C23 POV V . -27.25 -71.98 -2.70
C24 POV V . -27.23 -73.40 -3.24
C25 POV V . -28.61 -73.96 -3.53
C26 POV V . -28.59 -75.19 -4.45
C27 POV V . -29.94 -75.53 -5.05
C28 POV V . -29.84 -76.36 -6.32
C31 POV V . -27.32 -70.48 2.69
O31 POV V . -26.83 -70.13 1.51
C32 POV V . -27.02 -71.91 2.97
O32 POV V . -27.91 -69.71 3.41
C33 POV V . -27.61 -72.89 1.98
N POV W . -65.74 -47.46 63.29
P POV W . -69.66 -44.49 61.76
C1 POV W . -69.38 -43.28 59.43
C2 POV W . -68.27 -42.58 58.66
C3 POV W . -67.59 -41.49 59.45
C210 POV W . -60.86 -44.07 49.41
C11 POV W . -67.79 -46.09 62.56
O11 POV W . -68.95 -43.41 60.76
C211 POV W . -59.82 -44.56 50.37
C12 POV W . -66.72 -46.36 63.59
O12 POV W . -68.33 -44.80 62.69
C212 POV W . -58.41 -44.43 49.82
C13 POV W . -66.44 -48.76 63.12
O13 POV W . -70.65 -43.73 62.58
C213 POV W . -57.96 -42.99 49.68
C14 POV W . -65.08 -47.11 62.00
O14 POV W . -70.03 -45.74 61.03
C214 POV W . -56.45 -42.83 49.58
C15 POV W . -64.68 -47.58 64.33
C215 POV W . -55.84 -43.55 48.38
C216 POV W . -54.43 -43.08 48.04
C217 POV W . -54.41 -41.81 47.20
C218 POV W . -52.99 -41.32 46.93
C21 POV W . -69.25 -42.69 56.47
O21 POV W . -68.74 -41.96 57.46
C22 POV W . -68.25 -43.69 55.95
O22 POV W . -70.37 -42.55 56.06
C23 POV W . -67.24 -43.10 54.98
C24 POV W . -66.43 -44.15 54.24
C25 POV W . -65.44 -43.52 53.29
C26 POV W . -64.63 -44.53 52.48
C27 POV W . -63.87 -43.90 51.33
C28 POV W . -62.96 -44.88 50.58
C29 POV W . -62.18 -44.20 49.49
C31 POV W . -65.43 -40.57 59.12
O31 POV W . -66.61 -40.87 58.62
C32 POV W . -64.75 -39.55 58.26
O32 POV W . -64.99 -41.05 60.14
C33 POV W . -63.32 -39.89 57.88
C34 POV W . -63.28 -40.85 56.70
C35 POV W . -61.93 -41.54 56.55
C36 POV W . -61.66 -42.02 55.13
C37 POV W . -61.30 -40.90 54.17
C38 POV W . -60.77 -41.43 52.84
C39 POV W . -60.72 -40.37 51.75
ZN ZN X . -8.18 -35.42 15.75
PG ATP Y . -13.27 -52.87 16.98
O1G ATP Y . -12.33 -53.97 16.61
O2G ATP Y . -13.08 -52.38 18.41
O3G ATP Y . -14.74 -53.23 16.74
PB ATP Y . -13.04 -51.18 14.56
O1B ATP Y . -11.73 -51.38 13.91
O2B ATP Y . -14.22 -51.90 13.92
O3B ATP Y . -13.02 -51.60 16.07
PA ATP Y . -13.74 -48.48 13.65
O1A ATP Y . -14.47 -48.96 12.47
O2A ATP Y . -12.43 -47.75 13.37
O3A ATP Y . -13.42 -49.64 14.66
O5' ATP Y . -14.65 -47.52 14.53
C5' ATP Y . -14.06 -46.54 15.41
C4' ATP Y . -14.53 -45.18 14.98
O4' ATP Y . -13.83 -44.18 15.73
C3' ATP Y . -14.28 -44.85 13.51
O3' ATP Y . -15.49 -44.93 12.76
C2' ATP Y . -13.74 -43.41 13.52
O2' ATP Y . -14.49 -42.56 12.68
C1' ATP Y . -13.89 -43.00 14.99
N9 ATP Y . -12.83 -42.11 15.45
C8 ATP Y . -12.89 -40.75 15.57
N7 ATP Y . -11.79 -40.21 16.02
C5 ATP Y . -10.94 -41.29 16.20
C6 ATP Y . -9.62 -41.39 16.65
N6 ATP Y . -8.87 -40.35 17.02
N1 ATP Y . -9.06 -42.62 16.71
C2 ATP Y . -9.79 -43.67 16.33
N3 ATP Y . -11.05 -43.70 15.89
C4 ATP Y . -11.57 -42.47 15.85
N1 CFF Z . 4.70 -45.55 31.92
C2 CFF Z . 6.07 -45.52 32.15
C10 CFF Z . 3.99 -44.29 31.90
C6 CFF Z . 3.93 -46.68 31.67
N3 CFF Z . 6.73 -46.72 32.16
O11 CFF Z . 6.64 -44.47 32.36
C12 CFF Z . 8.16 -46.80 32.40
C4 CFF Z . 6.05 -47.86 31.93
C5 CFF Z . 4.70 -47.87 31.70
N9 CFF Z . 6.57 -49.08 31.90
O13 CFF Z . 2.74 -46.60 31.47
N7 CFF Z . 4.39 -49.19 31.51
C8 CFF Z . 5.54 -49.87 31.65
C14 CFF Z . 3.10 -49.76 31.24
CA CA AA . 20.73 -39.04 22.52
N POV BA . -25.11 -85.47 55.33
P POV BA . -24.96 -87.26 50.73
C1 POV BA . -22.50 -86.28 50.66
C2 POV BA . -21.71 -85.15 49.99
C3 POV BA . -22.10 -83.77 50.48
C11 POV BA . -25.71 -86.83 53.21
O11 POV BA . -23.78 -86.38 50.05
C12 POV BA . -26.12 -85.82 54.26
O12 POV BA . -25.28 -86.24 52.00
C13 POV BA . -23.93 -84.77 54.76
O13 POV BA . -24.33 -88.50 51.26
C14 POV BA . -25.80 -84.57 56.30
O14 POV BA . -26.16 -87.32 49.84
C15 POV BA . -24.66 -86.68 56.07
C21 POV BA . -21.31 -86.11 47.83
O21 POV BA . -21.87 -85.15 48.57
C22 POV BA . -19.81 -85.99 47.84
O22 POV BA . -21.94 -86.95 47.25
C23 POV BA . -19.28 -84.70 47.23
C24 POV BA . -17.77 -84.60 47.37
C25 POV BA . -17.24 -83.18 47.28
C26 POV BA . -17.64 -82.47 46.00
C27 POV BA . -17.08 -83.11 44.75
C28 POV BA . -15.64 -82.68 44.44
C29 POV BA . -15.24 -83.01 43.05
C31 POV BA . -20.39 -82.20 50.07
O31 POV BA . -21.49 -82.79 49.64
C32 POV BA . -20.38 -80.75 49.70
O32 POV BA . -19.52 -82.78 50.67
C33 POV BA . -21.13 -79.84 50.66
C34 POV BA . -20.71 -78.39 50.50
C35 POV BA . -21.10 -77.51 51.67
C36 POV BA . -20.26 -76.23 51.76
C37 POV BA . -20.28 -75.37 50.51
N POV CA . -29.41 -86.17 50.96
P POV CA . -31.88 -83.06 51.68
C1 POV CA . -32.99 -80.94 52.76
C2 POV CA . -32.86 -79.77 51.78
C3 POV CA . -33.31 -80.11 50.39
C310 POV CA . -32.22 -70.38 42.62
C11 POV CA . -31.37 -85.50 52.54
O11 POV CA . -31.85 -81.75 52.62
C311 POV CA . -31.58 -69.06 43.05
C12 POV CA . -30.88 -85.88 51.16
O12 POV CA . -31.28 -84.12 52.81
C312 POV CA . -32.12 -67.85 42.30
C13 POV CA . -29.02 -87.43 51.63
O13 POV CA . -30.85 -82.80 50.61
C14 POV CA . -29.21 -86.31 49.50
O14 POV CA . -33.28 -83.46 51.32
C15 POV CA . -28.53 -85.07 51.45
C21 POV CA . -31.07 -78.35 52.45
O21 POV CA . -31.52 -79.31 51.65
C22 POV CA . -29.95 -77.58 51.81
O22 POV CA . -31.51 -78.14 53.55
C23 POV CA . -29.27 -76.61 52.75
C24 POV CA . -28.44 -75.57 52.00
C25 POV CA . -27.95 -74.45 52.90
C26 POV CA . -27.53 -73.21 52.12
C31 POV CA . -34.00 -78.05 49.51
O31 POV CA . -33.06 -78.98 49.58
C32 POV CA . -33.59 -76.94 48.60
O32 POV CA . -35.04 -78.13 50.11
C33 POV CA . -33.55 -77.29 47.14
C34 POV CA . -33.61 -76.03 46.30
C35 POV CA . -33.17 -76.22 44.86
C36 POV CA . -33.52 -75.02 44.01
C37 POV CA . -32.74 -73.77 44.36
C38 POV CA . -32.71 -72.78 43.21
C39 POV CA . -31.84 -71.56 43.49
N POV DA . -37.25 -81.81 50.49
P POV DA . -37.10 -79.32 55.00
C1 POV DA . -37.02 -76.68 54.89
C2 POV DA . -36.35 -75.61 54.02
C3 POV DA . -34.85 -75.80 53.92
C210 POV DA . -38.57 -67.67 45.40
C11 POV DA . -37.29 -80.65 52.78
O11 POV DA . -36.38 -77.90 54.63
C211 POV DA . -38.14 -68.69 44.40
C12 POV DA . -36.63 -81.64 51.85
O12 POV DA . -36.42 -80.21 53.80
C212 POV DA . -37.71 -68.06 43.08
C13 POV DA . -38.65 -82.29 50.62
O13 POV DA . -36.53 -79.76 56.30
C213 POV DA . -36.42 -67.26 43.20
C14 POV DA . -37.26 -80.47 49.84
O14 POV DA . -38.57 -79.26 54.76
C214 POV DA . -35.72 -67.01 41.87
C15 POV DA . -36.46 -82.73 49.63
C215 POV DA . -36.58 -66.24 40.87
C216 POV DA . -35.79 -65.66 39.72
C217 POV DA . -35.12 -64.34 40.05
C218 POV DA . -34.27 -63.78 38.92
C21 POV DA . -37.78 -73.78 54.58
O21 POV DA . -36.56 -74.30 54.53
C22 POV DA . -38.42 -73.71 53.21
O22 POV DA . -38.30 -73.41 55.60
C23 POV DA . -37.94 -72.53 52.38
C24 POV DA . -38.79 -72.30 51.14
C25 POV DA . -38.30 -71.10 50.33
C26 POV DA . -39.13 -70.80 49.09
C27 POV DA . -38.82 -69.44 48.48
C28 POV DA . -39.56 -69.17 47.18
C29 POV DA . -39.18 -67.87 46.57
C31 POV DA . -33.38 -74.97 52.26
O31 POV DA . -34.33 -74.72 53.16
C32 POV DA . -32.66 -73.70 51.91
O32 POV DA . -33.15 -76.06 51.81
C33 POV DA . -32.52 -73.43 50.42
C34 POV DA . -33.79 -72.83 49.86
C35 POV DA . -33.87 -72.93 48.34
C36 POV DA . -34.77 -71.87 47.72
C37 POV DA . -34.15 -70.48 47.68
C38 POV DA . -34.92 -69.52 46.80
C39 POV DA . -34.53 -68.06 47.01
N POV EA . -27.23 -48.85 38.38
P POV EA . -28.61 -47.79 42.41
C1 POV EA . -29.87 -49.76 43.67
C2 POV EA . -31.14 -50.59 43.50
C3 POV EA . -31.93 -50.76 44.78
C210 POV EA . -39.48 -54.67 41.89
C11 POV EA . -27.75 -49.66 40.77
O11 POV EA . -29.70 -49.00 42.49
C211 POV EA . -40.23 -55.36 40.78
C12 POV EA . -28.25 -49.11 39.45
O12 POV EA . -27.39 -48.65 41.68
C13 POV EA . -26.36 -50.04 38.19
O13 POV EA . -28.21 -47.49 43.82
C14 POV EA . -27.96 -48.56 37.12
O14 POV EA . -29.06 -46.71 41.49
C15 POV EA . -26.37 -47.66 38.71
C21 POV EA . -30.62 -52.10 41.72
O21 POV EA . -30.87 -51.91 43.02
C22 POV EA . -30.31 -53.54 41.45
O22 POV EA . -30.63 -51.23 40.90
C23 POV EA . -31.29 -54.17 40.48
C24 POV EA . -32.73 -53.89 40.87
C25 POV EA . -33.73 -54.47 39.89
C26 POV EA . -35.18 -54.06 40.19
C27 POV EA . -35.72 -54.64 41.48
C28 POV EA . -37.08 -55.31 41.30
C29 POV EA . -38.16 -54.66 42.10
C31 POV EA . -32.06 -52.39 46.48
O31 POV EA . -31.36 -51.85 45.49
C32 POV EA . -31.84 -53.88 46.51
O32 POV EA . -32.75 -51.75 47.23
C33 POV EA . -31.81 -54.53 45.14
C34 POV EA . -31.18 -55.91 45.22
C35 POV EA . -31.03 -56.61 43.87
C36 POV EA . -32.33 -57.21 43.36
C37 POV EA . -32.17 -57.94 42.03
C38 POV EA . -33.52 -58.31 41.40
C39 POV EA . -33.42 -58.73 39.94
N POV FA . -20.05 -47.35 51.14
P POV FA . -15.78 -48.90 48.65
C1 POV FA . -14.36 -50.97 49.46
C2 POV FA . -14.47 -52.49 49.47
C3 POV FA . -15.91 -52.91 49.55
C11 POV FA . -17.80 -47.92 49.96
O11 POV FA . -15.40 -50.48 48.65
C12 POV FA . -18.87 -48.28 50.98
O12 POV FA . -17.32 -49.04 49.26
C13 POV FA . -20.45 -46.77 49.84
O13 POV FA . -14.94 -48.24 49.69
C14 POV FA . -21.17 -48.17 51.68
O14 POV FA . -15.85 -48.37 47.25
C15 POV FA . -19.77 -46.25 52.11
C21 POV FA . -12.52 -53.29 50.65
O21 POV FA . -13.83 -53.10 50.60
C22 POV FA . -12.14 -54.17 51.79
O22 POV FA . -11.75 -52.82 49.85
C23 POV FA . -12.77 -55.54 51.78
C24 POV FA . -12.36 -56.38 52.99
C25 POV FA . -12.68 -57.86 52.84
C26 POV FA . -11.92 -58.75 53.81
C27 POV FA . -11.95 -60.22 53.44
C28 POV FA . -10.79 -61.02 54.05
C31 POV FA . -17.63 -52.83 51.15
O31 POV FA . -16.33 -52.74 50.90
C32 POV FA . -17.86 -53.13 52.61
O32 POV FA . -18.49 -52.68 50.32
C33 POV FA . -17.25 -54.44 53.09
ZN ZN GA . -19.79 -16.32 29.78
PG ATP HA . -23.90 -27.84 43.29
O1G ATP HA . -23.24 -27.72 44.61
O2G ATP HA . -25.11 -26.92 43.12
O3G ATP HA . -24.30 -29.28 42.92
PB ATP HA . -21.51 -27.81 41.54
O1B ATP HA . -20.40 -27.09 42.19
O2B ATP HA . -21.43 -29.33 41.57
O3B ATP HA . -22.91 -27.41 42.13
PA ATP HA . -20.82 -27.50 38.69
O1A ATP HA . -20.05 -28.76 38.65
O2A ATP HA . -19.99 -26.22 38.58
O3A ATP HA . -21.68 -27.39 40.01
O5' ATP HA . -21.92 -27.46 37.57
C5' ATP HA . -22.45 -26.22 37.09
C4' ATP HA . -22.16 -26.14 35.60
O4' ATP HA . -22.52 -24.83 35.12
C3' ATP HA . -20.70 -26.35 35.21
O3' ATP HA . -20.52 -27.65 34.66
C2' ATP HA . -20.42 -25.26 34.17
O2' ATP HA . -19.92 -25.80 32.96
C1' ATP HA . -21.80 -24.63 33.94
N9 ATP HA . -21.75 -23.20 33.68
C8 ATP HA . -21.82 -22.59 32.45
N7 ATP HA . -21.75 -21.28 32.51
C5 ATP HA . -21.62 -21.02 33.86
C6 ATP HA . -21.50 -19.82 34.60
N6 ATP HA . -21.50 -18.61 34.04
N1 ATP HA . -21.40 -19.92 35.94
C2 ATP HA . -21.41 -21.12 36.51
N3 ATP HA . -21.52 -22.32 35.91
C4 ATP HA . -21.62 -22.19 34.59
N1 CFF IA . -29.91 -4.34 46.64
C2 CFF IA . -29.58 -3.13 47.23
C10 CFF IA . -30.12 -4.34 45.19
C6 CFF IA . -30.06 -5.57 47.27
N3 CFF IA . -29.38 -3.14 48.59
O11 CFF IA . -29.47 -2.12 46.57
C12 CFF IA . -29.03 -1.94 49.31
C4 CFF IA . -29.51 -4.30 49.27
C5 CFF IA . -29.84 -5.48 48.67
N9 CFF IA . -29.34 -4.44 50.59
O13 CFF IA . -30.36 -6.56 46.65
N7 CFF IA . -29.87 -6.39 49.68
C8 CFF IA . -29.57 -5.72 50.80
C14 CFF IA . -30.17 -7.80 49.59
CA CA JA . -14.52 7.93 46.50
N POV KA . -65.46 -37.49 72.49
P POV KA . -61.29 -39.93 73.50
C1 POV KA . -60.18 -37.53 73.69
C2 POV KA . -59.20 -36.63 72.94
C3 POV KA . -59.72 -36.15 71.61
C11 POV KA . -63.83 -39.39 73.15
O11 POV KA . -60.14 -38.83 73.14
C12 POV KA . -64.91 -38.86 72.21
O12 POV KA . -62.53 -39.24 72.64
C13 POV KA . -64.43 -36.43 72.29
O13 POV KA . -61.61 -39.78 74.96
C14 POV KA . -66.57 -37.26 71.52
O14 POV KA . -60.97 -41.26 72.92
C15 POV KA . -66.02 -37.38 73.86
C21 POV KA . -57.12 -37.57 73.66
O21 POV KA . -57.97 -37.31 72.67
C22 POV KA . -56.52 -36.31 74.20
O22 POV KA . -56.88 -38.69 74.06
C23 POV KA . -55.68 -35.53 73.20
C24 POV KA . -55.18 -34.22 73.80
C25 POV KA . -54.82 -33.18 72.74
C26 POV KA . -53.76 -33.67 71.76
C27 POV KA . -52.42 -33.99 72.41
C28 POV KA . -51.55 -32.75 72.60
C29 POV KA . -50.12 -33.10 72.87
C31 POV KA . -58.58 -34.21 70.90
O31 POV KA . -58.67 -35.53 70.88
C32 POV KA . -58.16 -33.68 69.55
O32 POV KA . -58.81 -33.53 71.86
C33 POV KA . -59.29 -33.52 68.55
C34 POV KA . -58.89 -32.56 67.42
C35 POV KA . -60.07 -32.04 66.62
C36 POV KA . -59.75 -30.75 65.87
C37 POV KA . -58.57 -30.87 64.92
N POV LA . -63.24 -42.93 70.64
P POV LA . -64.72 -43.25 66.90
C1 POV LA . -66.05 -42.77 64.68
C2 POV LA . -65.04 -42.50 63.56
C3 POV LA . -63.97 -43.56 63.47
C310 POV LA . -55.90 -41.24 54.20
C11 POV LA . -65.44 -43.60 69.41
O11 POV LA . -65.51 -42.27 65.88
C311 POV LA . -55.97 -39.96 53.37
C12 POV LA . -64.00 -43.91 69.77
O12 POV LA . -65.56 -42.80 68.26
C312 POV LA . -55.43 -40.15 51.96
C13 POV LA . -63.76 -42.93 72.02
O13 POV LA . -63.32 -42.70 66.96
C14 POV LA . -61.82 -43.39 70.64
O14 POV LA . -64.99 -44.68 66.60
C15 POV LA . -63.27 -41.54 70.11
C21 POV LA . -64.85 -40.17 63.17
O21 POV LA . -64.35 -41.26 63.71
C22 POV LA . -63.77 -39.17 62.86
O22 POV LA . -66.02 -40.00 62.94
C23 POV LA . -64.30 -37.81 62.45
C24 POV LA . -63.23 -36.96 61.77
C25 POV LA . -63.79 -35.71 61.10
C26 POV LA . -62.84 -35.12 60.07
C31 POV LA . -63.33 -43.51 61.22
O31 POV LA . -63.06 -43.15 62.47
C32 POV LA . -62.28 -43.03 60.28
O32 POV LA . -64.30 -44.15 60.92
C33 POV LA . -60.94 -43.70 60.41
C34 POV LA . -60.13 -43.51 59.14
C35 POV LA . -58.65 -43.80 59.31
C36 POV LA . -57.94 -43.86 57.96
C37 POV LA . -57.89 -42.53 57.24
C38 POV LA . -56.76 -42.49 56.21
C39 POV LA . -56.61 -41.13 55.54
C210 POV MA . -72.35 -38.55 32.18
C211 POV MA . -70.87 -38.51 32.00
C212 POV MA . -70.25 -37.53 33.00
C213 POV MA . -68.82 -37.16 32.67
C214 POV MA . -68.67 -35.70 32.28
C215 POV MA . -67.31 -35.38 31.67
C216 POV MA . -67.04 -33.89 31.54
C217 POV MA . -65.80 -33.58 30.70
C218 POV MA . -65.75 -32.12 30.30
C26 POV MA . -74.40 -36.04 33.58
C27 POV MA . -75.22 -36.48 32.38
C28 POV MA . -74.72 -37.79 31.77
C29 POV MA . -73.24 -37.76 31.59
N POV NA . -48.87 -29.09 36.61
P POV NA . -53.05 -28.19 35.64
C1 POV NA . -54.81 -29.61 37.01
C2 POV NA . -55.21 -31.08 37.18
C3 POV NA . -56.71 -31.31 37.16
C210 POV NA . -57.32 -40.26 36.97
C11 POV NA . -51.30 -28.96 37.44
O11 POV NA . -53.63 -29.58 36.24
C211 POV NA . -56.65 -41.60 37.11
C12 POV NA . -50.27 -29.63 36.55
O12 POV NA . -51.93 -27.88 36.82
C13 POV NA . -48.39 -29.00 38.02
O13 POV NA . -54.15 -27.19 35.73
C14 POV NA . -47.99 -30.03 35.86
O14 POV NA . -52.33 -28.42 34.35
C15 POV NA . -48.76 -27.74 35.97
C21 POV NA . -53.46 -32.01 38.50
O21 POV NA . -54.73 -31.63 38.41
C22 POV NA . -53.16 -32.53 39.88
O22 POV NA . -52.67 -31.95 37.60
C23 POV NA . -52.69 -33.98 39.88
C24 POV NA . -53.63 -34.86 39.05
C25 POV NA . -53.17 -36.30 39.00
C26 POV NA . -53.99 -37.17 38.06
C27 POV NA . -55.43 -37.37 38.52
C28 POV NA . -55.85 -38.84 38.49
C29 POV NA . -56.98 -39.10 37.55
C31 POV NA . -58.40 -31.49 38.79
O31 POV NA . -57.19 -31.06 38.47
C32 POV NA . -58.42 -31.98 40.21
O32 POV NA . -59.34 -31.48 38.03
C33 POV NA . -57.19 -32.78 40.62
C34 POV NA . -57.08 -32.86 42.14
C35 POV NA . -55.83 -33.57 42.64
C36 POV NA . -55.91 -35.09 42.53
C37 POV NA . -54.68 -35.80 43.07
C38 POV NA . -54.67 -37.29 42.73
C39 POV NA . -53.31 -37.96 42.93
N POV OA . -57.54 -17.75 40.18
P POV OA . -53.64 -15.97 43.05
C1 POV OA . -53.91 -15.44 45.63
C2 POV OA . -54.06 -16.22 46.93
C3 POV OA . -54.73 -17.54 46.69
C11 POV OA . -55.60 -16.66 41.48
O11 POV OA . -53.57 -16.38 44.63
C12 POV OA . -56.98 -17.28 41.49
O12 POV OA . -54.82 -17.04 42.59
C13 POV OA . -56.49 -18.32 39.29
O13 POV OA . -54.22 -14.59 42.98
C14 POV OA . -58.53 -18.82 40.49
O14 POV OA . -52.36 -16.32 42.35
C15 POV OA . -58.26 -16.66 39.45
C21 POV OA . -54.37 -14.57 48.65
O21 POV OA . -54.86 -15.56 47.90
C22 POV OA . -55.33 -14.22 49.76
O22 POV OA . -53.31 -14.04 48.45
C23 POV OA . -55.64 -15.36 50.71
C24 POV OA . -56.62 -14.94 51.80
C25 POV OA . -56.69 -15.93 52.95
C26 POV OA . -57.32 -15.35 54.21
C27 POV OA . -57.07 -16.17 55.46
C28 POV OA . -57.20 -15.37 56.76
C31 POV OA . -56.89 -18.28 46.09
O31 POV OA . -56.12 -17.30 46.54
C32 POV OA . -58.32 -18.05 46.47
O32 POV OA . -56.46 -19.23 45.48
C33 POV OA . -58.58 -17.97 47.96
C210 POV PA . -46.23 -50.44 55.62
C211 POV PA . -45.68 -50.19 54.25
C212 POV PA . -44.21 -50.61 54.19
C213 POV PA . -43.47 -50.06 52.99
C214 POV PA . -42.40 -49.04 53.35
C215 POV PA . -41.87 -48.28 52.15
C216 POV PA . -40.62 -47.47 52.45
C217 POV PA . -40.23 -46.53 51.33
C218 POV PA . -39.20 -45.51 51.78
C26 POV PA . -44.43 -50.66 58.64
C27 POV PA . -45.64 -49.83 59.05
C28 POV PA . -46.76 -49.87 58.01
C29 POV PA . -46.22 -49.62 56.65
ZN ZN QA . -36.44 -11.63 10.29
PG ATP RA . -51.11 -14.99 20.58
O1G ATP RA . -52.04 -13.90 20.95
O2G ATP RA . -51.39 -15.61 19.21
O3G ATP RA . -51.02 -16.11 21.63
PB ATP RA . -48.54 -13.75 21.36
O1B ATP RA . -48.64 -12.28 21.31
O2B ATP RA . -48.63 -14.38 22.75
O3B ATP RA . -49.62 -14.45 20.47
PA ATP RA . -45.65 -14.15 20.99
O1A ATP RA . -45.37 -14.13 22.44
O2A ATP RA . -45.14 -12.94 20.21
O3A ATP RA . -47.19 -14.27 20.70
O5' ATP RA . -45.07 -15.46 20.32
C5' ATP RA . -44.77 -15.48 18.91
C4' ATP RA . -43.30 -15.79 18.77
O4' ATP RA . -42.93 -15.67 17.38
C3' ATP RA . -42.37 -14.87 19.54
O3' ATP RA . -41.86 -15.53 20.69
C2' ATP RA . -41.24 -14.55 18.55
O2' ATP RA . -39.96 -14.86 19.08
C1' ATP RA . -41.54 -15.45 17.36
N9 ATP RA . -41.20 -14.86 16.06
C8 ATP RA . -40.07 -15.10 15.32
N7 ATP RA . -40.03 -14.43 14.21
C5 ATP RA . -41.20 -13.68 14.22
C6 ATP RA . -41.75 -12.76 13.31
N6 ATP RA . -41.16 -12.41 12.17
N1 ATP RA . -42.94 -12.20 13.63
C2 ATP RA . -43.52 -12.54 14.77
N3 ATP RA . -43.10 -13.41 15.70
C4 ATP RA . -41.93 -13.94 15.36
N1 CFF SA . -55.23 -7.72 -2.43
C2 CFF SA . -55.56 -6.67 -3.28
C10 CFF SA . -54.00 -8.45 -2.73
C6 CFF SA . -55.94 -8.15 -1.33
N3 CFF SA . -56.72 -5.99 -2.99
O11 CFF SA . -54.86 -6.38 -4.22
C12 CFF SA . -57.17 -4.88 -3.81
C4 CFF SA . -57.47 -6.36 -1.93
C5 CFF SA . -57.12 -7.39 -1.12
N9 CFF SA . -58.61 -5.78 -1.55
O13 CFF SA . -55.55 -9.09 -0.66
N7 CFF SA . -58.11 -7.45 -0.18
C8 CFF SA . -58.97 -6.47 -0.49
C14 CFF SA . -58.24 -8.37 0.92
CA CA TA . -48.12 10.17 -6.55
N POV UA . -95.20 -41.39 14.87
P POV UA . -94.57 -38.78 19.02
C1 POV UA . -94.16 -36.72 17.41
C2 POV UA . -93.01 -35.81 16.95
C3 POV UA . -91.99 -36.52 16.09
C11 POV UA . -95.26 -40.70 17.37
O11 POV UA . -93.72 -37.50 18.51
C12 POV UA . -94.81 -41.67 16.31
O12 POV UA . -94.25 -39.79 17.75
C13 POV UA . -94.54 -40.15 14.37
O13 POV UA . -96.02 -38.39 18.96
C14 POV UA . -94.76 -42.54 14.04
O14 POV UA . -93.98 -39.36 20.27
C15 POV UA . -96.68 -41.25 14.73
C21 POV UA . -92.88 -34.30 18.80
O21 POV UA . -92.31 -35.24 18.05
C22 POV UA . -93.06 -33.03 18.02
O22 POV UA . -93.21 -34.47 19.94
C23 POV UA . -91.76 -32.38 17.55
C24 POV UA . -92.02 -31.15 16.69
C25 POV UA . -90.85 -30.79 15.78
C26 POV UA . -89.55 -30.56 16.55
C27 POV UA . -89.63 -29.38 17.51
C28 POV UA . -89.37 -28.04 16.82
C29 POV UA . -89.06 -26.95 17.81
C31 POV UA . -90.75 -34.99 14.78
O31 POV UA . -90.86 -35.67 15.91
C32 POV UA . -89.33 -34.93 14.31
O32 POV UA . -91.70 -34.49 14.22
C33 POV UA . -88.87 -36.15 13.53
C34 POV UA . -87.63 -35.83 12.71
C35 POV UA . -87.35 -36.84 11.60
C36 POV UA . -86.46 -36.28 10.50
C37 POV UA . -85.11 -35.76 10.99
N POV VA . -92.93 -42.83 20.42
P POV VA . -90.15 -45.59 19.53
C1 POV VA . -88.64 -47.29 18.21
C2 POV VA . -87.18 -46.80 18.26
C3 POV VA . -86.72 -46.46 19.66
C310 POV VA . -74.86 -42.53 19.86
C11 POV VA . -92.75 -45.37 19.88
O11 POV VA . -89.47 -46.17 18.17
C311 POV VA . -74.06 -42.32 18.58
C12 POV VA . -92.51 -44.22 20.83
O12 POV VA . -91.70 -45.54 18.96
C312 POV VA . -72.56 -42.51 18.79
C13 POV VA . -94.41 -42.70 20.38
O13 POV VA . -89.60 -44.21 19.67
C14 POV VA . -92.39 -41.91 21.46
O14 POV VA . -90.06 -46.59 20.64
C15 POV VA . -92.38 -42.42 19.10
C21 POV VA . -86.62 -45.72 16.21
O21 POV VA . -86.97 -45.62 17.49
C22 POV VA . -85.84 -44.52 15.77
O22 POV VA . -86.87 -46.68 15.52
C23 POV VA . -85.60 -44.49 14.27
C24 POV VA . -84.50 -43.49 13.89
C25 POV VA . -84.04 -43.64 12.45
C26 POV VA . -82.69 -42.99 12.19
C31 POV VA . -84.42 -46.80 19.58
O31 POV VA . -85.42 -45.94 19.55
C32 POV VA . -83.10 -46.09 19.48
O32 POV VA . -84.57 -47.99 19.67
C33 POV VA . -82.72 -45.29 20.70
C34 POV VA . -81.22 -45.05 20.70
C35 POV VA . -80.79 -43.92 21.63
C36 POV VA . -79.27 -43.91 21.82
C37 POV VA . -78.51 -43.53 20.56
C38 POV VA . -77.13 -43.01 20.87
C39 POV VA . -76.37 -42.53 19.64
N POV WA . -87.52 -49.74 22.30
P POV WA . -87.54 -52.10 17.73
C1 POV WA . -85.23 -52.22 16.45
C2 POV WA . -84.03 -51.31 16.22
C3 POV WA . -84.41 -49.95 15.67
C210 POV WA . -72.68 -49.64 19.51
C11 POV WA . -87.60 -51.03 20.08
O11 POV WA . -86.29 -51.42 16.95
C211 POV WA . -73.17 -48.67 20.54
C12 POV WA . -88.13 -49.90 20.94
O12 POV WA . -87.87 -50.83 18.72
C212 POV WA . -72.08 -47.69 20.98
C13 POV WA . -87.72 -50.96 23.13
O13 POV WA . -88.65 -52.23 16.73
C213 POV WA . -71.68 -46.73 19.87
C14 POV WA . -86.05 -49.55 22.10
O14 POV WA . -87.10 -53.25 18.58
C214 POV WA . -70.96 -45.48 20.38
C15 POV WA . -88.03 -48.54 23.02
C215 POV WA . -69.67 -45.79 21.12
C216 POV WA . -68.76 -44.58 21.29
C217 POV WA . -67.91 -44.30 20.06
C218 POV WA . -67.06 -43.04 20.20
C21 POV WA . -82.45 -53.00 15.58
O21 POV WA . -83.10 -51.87 15.29
C22 POV WA . -81.63 -52.86 16.83
O22 POV WA . -82.52 -53.99 14.90
C23 POV WA . -80.30 -52.15 16.61
C24 POV WA . -79.36 -52.27 17.81
C25 POV WA . -78.04 -51.56 17.55
C26 POV WA . -77.04 -51.67 18.69
C27 POV WA . -75.63 -51.23 18.30
C28 POV WA . -74.64 -51.24 19.47
C29 POV WA . -73.30 -50.73 19.06
C31 POV WA . -83.19 -47.94 15.75
O31 POV WA . -83.23 -49.22 15.43
C32 POV WA . -82.06 -47.27 15.04
O32 POV WA . -83.96 -47.41 16.52
C33 POV WA . -81.16 -46.42 15.91
C34 POV WA . -80.12 -47.28 16.61
C35 POV WA . -79.47 -46.58 17.79
C36 POV WA . -78.09 -47.14 18.14
C37 POV WA . -77.01 -46.71 17.18
C38 POV WA . -75.61 -47.03 17.69
C39 POV WA . -74.54 -46.93 16.62
C210 POV XA . -61.33 -62.96 7.14
C211 POV XA . -60.56 -61.83 7.73
C212 POV XA . -61.16 -60.49 7.29
C213 POV XA . -60.25 -59.30 7.54
C214 POV XA . -59.75 -58.66 6.25
C215 POV XA . -58.62 -57.67 6.49
C216 POV XA . -58.30 -56.82 5.27
C217 POV XA . -57.02 -56.02 5.42
C218 POV XA . -56.54 -55.45 4.09
C26 POV XA . -63.28 -62.90 4.21
C27 POV XA . -62.55 -64.22 4.07
C28 POV XA . -61.87 -64.67 5.37
C29 POV XA . -61.11 -63.54 5.97
N POV YA . -55.25 -38.12 9.74
P POV YA . -56.01 -41.42 6.96
C1 POV YA . -58.07 -42.96 7.63
C2 POV YA . -58.47 -43.89 8.78
C3 POV YA . -59.07 -45.19 8.32
C210 POV YA . -59.68 -49.86 15.96
C11 POV YA . -56.99 -39.69 8.67
O11 POV YA . -56.88 -42.30 8.02
C211 POV YA . -59.60 -49.89 17.46
C12 POV YA . -55.80 -39.51 9.59
O12 POV YA . -56.62 -39.94 7.33
C13 POV YA . -56.34 -37.16 10.06
O13 POV YA . -56.50 -41.81 5.60
C14 POV YA . -54.27 -38.14 10.85
O14 POV YA . -54.55 -41.46 7.30
C15 POV YA . -54.54 -37.66 8.51
C21 POV YA . -59.02 -42.41 10.57
O21 POV YA . -59.43 -43.29 9.65
C22 POV YA . -60.18 -41.88 11.35
O22 POV YA . -57.87 -42.09 10.75
C23 POV YA . -60.08 -42.17 12.83
C24 POV YA . -59.75 -43.63 13.09
C25 POV YA . -59.60 -43.94 14.57
C26 POV YA . -59.13 -45.37 14.84
C27 POV YA . -60.15 -46.43 14.45
C28 POV YA . -60.38 -47.45 15.57
C29 POV YA . -60.00 -48.85 15.17
C31 POV YA . -61.26 -46.01 7.96
O31 POV YA . -60.45 -44.97 8.07
C32 POV YA . -62.59 -45.70 8.59
O32 POV YA . -60.94 -47.04 7.43
C33 POV YA . -62.51 -44.92 9.90
C34 POV YA . -63.84 -44.29 10.23
C35 POV YA . -63.84 -43.42 11.48
C36 POV YA . -63.88 -44.22 12.78
C37 POV YA . -63.90 -43.36 14.02
C38 POV YA . -63.67 -44.16 15.30
C39 POV YA . -63.35 -43.31 16.52
N POV ZA . -61.37 -38.48 -3.64
P POV ZA . -62.29 -33.42 -3.10
C1 POV ZA . -64.73 -32.41 -3.32
C2 POV ZA . -66.02 -32.38 -2.52
C3 POV ZA . -66.15 -33.62 -1.68
C11 POV ZA . -61.70 -35.91 -3.56
O11 POV ZA . -63.73 -32.95 -2.49
C12 POV ZA . -62.31 -37.30 -3.62
O12 POV ZA . -62.42 -35.03 -2.73
C13 POV ZA . -60.16 -38.24 -2.81
O13 POV ZA . -62.39 -33.28 -4.58
C14 POV ZA . -62.12 -39.65 -3.09
O14 POV ZA . -61.16 -32.84 -2.32
C15 POV ZA . -60.93 -38.83 -5.03
C21 POV ZA . -67.62 -31.21 -3.88
O21 POV ZA . -67.19 -32.34 -3.33
C22 POV ZA . -69.00 -31.37 -4.46
O22 POV ZA . -66.98 -30.19 -3.92
C23 POV ZA . -70.05 -31.78 -3.45
C24 POV ZA . -71.43 -31.96 -4.10
C25 POV ZA . -72.57 -32.03 -3.10
C26 POV ZA . -73.94 -31.77 -3.72
C27 POV ZA . -75.02 -31.47 -2.70
C28 POV ZA . -76.21 -30.71 -3.29
C31 POV ZA . -66.53 -35.91 -2.05
O31 POV ZA . -66.57 -34.67 -2.53
C32 POV ZA . -67.44 -36.80 -2.85
O32 POV ZA . -65.85 -36.24 -1.12
C33 POV ZA . -68.90 -36.39 -2.83
#